data_8IP8
#
_entry.id   8IP8
#
loop_
_entity.id
_entity.type
_entity.pdbx_description
1 polymer '18S ribosomal RNA'
2 polymer '40S ribosomal protein eS24'
3 polymer '40S ribosomal protein eS8'
4 polymer '40S ribosomal protein eS10'
5 polymer '40S ribosomal protein uS12'
6 polymer RACK1
7 polymer '40S ribosomal protein uS3'
8 polymer '40S ribosomal protein eS4'
9 polymer '40S ribosomal protein uS7'
10 polymer '40S ribosomal protein uS9'
11 polymer '40S ribosomal protein uS10'
12 polymer '40S ribosomal protein uS11'
13 polymer '40S ribosomal protein uS13'
14 polymer '40S ribosomal protein uS15'
15 polymer '40S ribosomal protein eS17'
16 polymer '40S ribosomal protein eS19'
17 polymer '40S ribosomal protein uS19'
18 polymer '40S ribosomal protein eS25'
19 polymer '40S ribosomal protein eS28'
20 polymer '40S ribosomal protein uS8'
21 polymer '40S ribosomal protein uS14'
22 polymer '40S ribosomal protein eS27'
23 polymer '40S ribosomal protein eS30'
24 polymer '40S ribosomal protein uS2'
25 polymer '40S ribosomal protein eS1'
26 polymer '40S ribosomal protein eS21'
27 polymer '40S ribosomal protein eS26'
28 polymer '40S ribosomal protein uS4'
29 polymer '40S ribosomal protein uS5'
30 polymer '40S ribosomal protein eS6'
31 polymer '40S ribosomal protein eS7'
32 polymer '40S ribosomal protein uS17'
33 polymer '40S ribosomal protein eL8'
34 polymer '60S ribosomal protein eL21'
35 polymer '60S ribosomal protein eL27'
36 polymer '60S ribosomal protein uL2'
37 polymer '60S ribosomal protein uL5'
38 polymer '60S ribosomal protein uL6'
39 polymer '60S ribosomal protein uL14'
40 polymer '60S ribosomal protein eL15'
41 polymer '60S ribosomal protein uL15'
42 polymer '60S ribosomal protein eL18'
43 polymer '60S ribosomal protein uL18'
44 polymer '60S ribosomal protein eL19'
45 polymer '60S ribosomal protein uL22'
46 polymer '60S ribosomal protein uL23'
47 polymer '60S ribosomal protein eL24'
48 polymer '60S ribosomal protein uL24'
49 polymer '60S ribosomal protein eL28'
50 polymer '60S ribosomal protein eL30'
51 polymer '60S ribosomal protein eL31'
52 polymer '60S ribosomal protein eL32'
53 polymer '60S ribosomal protein eL37'
54 polymer '60S ribosomal protein eL39'
55 polymer '60S ribosomal protein eL42'
56 polymer '60S ribosomal protein eL14'
57 polymer '60S ribosomal protein eL20'
58 polymer '60S ribosomal protein eL22'
59 polymer '60S ribosomal protein eL36'
60 polymer '60S ribosomal protein uL29'
61 polymer '60S ribosomal protein uL30'
62 polymer '60S ribosomal protein uL3'
63 polymer '60S ribosomal protein uL4'
64 polymer '60S ribosomal protein uL13'
65 polymer '60S ribosomal protein eL43'
66 polymer '60S ribosomal protein uL16'
67 polymer '60S ribosomal protein eL41'
68 polymer '60S ribosomal protein eL40'
69 polymer '60S ribosomal protein eL13'
70 polymer '60S ribosomal protein eL6'
71 polymer '60S ribosomal protein eL33'
72 polymer '60S ribosomal protein eL38'
73 polymer '60S ribosomal protein eL29'
74 polymer '60S ribosomal protein eL34'
75 polymer '60S ribosomal RNA'
76 polymer '5.8S ribosomal RNA'
77 polymer '5S ribosomal RNA'
78 polymer mRNA
79 polymer 'eukaryotic release factor 1'
80 polymer tRNAi
81 polymer 'CCA end of E-tRNA'
82 non-polymer 'MAGNESIUM ION'
83 non-polymer 'ZINC ION'
#
loop_
_entity_poly.entity_id
_entity_poly.type
_entity_poly.pdbx_seq_one_letter_code
_entity_poly.pdbx_strand_id
1 'polyribonucleotide'
;UACCUGGUUGAUCCUGCCAGUAGUCAUAUGCUUGUCUCAAAGAUUAAGCCAUGCAUGUGCAAGUAUGAACCAAUUUGAAC
UGUGAAACUGCGAAUGGCUCAUUAAAUCAGUUAUAGUUUGUUUGAUGGUACGUGCUACUCGGAUAACCGUAGUAAUUCUA
GAGCUAAUACGUGCAACAAACCCCGACUUCUGGGAGGGGCGCAUUUAUUAGAUAAAAGGCUGACGCGGGCUCUGCUCGCU
GAUCCGAUGAUUCAUGAUAACUCGACGGAUCGCACGGCCUUCGUGCCGGCGACGCAUCAUUCAAAUUUCUGCCCUAUCAA
CUUUCGAUGGUAGGAUAGGGGCCUACCAUGGUGGUGACGGGUGACGGAGAAUUAGGGUUCGAUUCCGGAGAGGGAGCCUG
AGAAACGGCUACCACAUCCAAGGAAGGCAGCAGGCGCGCAAAUUACCCAAUCCUGACACGGGGAGGUAGUGACAAUAAAU
AACAAUACCGGGCGCAUUAGUGUCUGGUAAUUGGAAUGAGUACAAUCUAAAUCCCUUAACGAGGAUCCAUUGGAGGGCAA
GUCUGGUGCCAGCAGCCGCGGUAAUUCCAGCUCCAAUAGCGUAUAUUUAAGUUGUUGCAGUUAAAAAGCUCGUAGUUGGA
CCUUGGGCCGGGUCGGCCGGUCCGCCUCACGGCGAGCACCGACCUACUCGACCCUUCGGCCGGCAUCGCGCUCCUAGCCU
UAAUUGGCCGGGUCGUGUUUCCGGCAUCGUUACUUUGAAGAAAUUAGAGUGCUCAAAGCAAGCCAUCGCUCUGGAUACAU
UAGCAUGGGAUAACAUCAUAGGAUUCCGGUCCUAUUGUGUUGGCCUUCGGGAUCGGAGUAAUGAUUAAUAGGGACAGUCG
GGGGCAUUCGUAUUUCAUAGUCAGAGGUGAAAUUCUUGGAUUUAUGAAAGACGAACAACUGCGAAAGCAUUUGCCAAGGA
UGUUUUCAUUAAUCAAGAACGAAAGUUGGGGGCUCGAAGACGAUCAGAUACCGUCCUAGUCUCAACCAUAAACGAUGCCG
ACCAGGGAUCGGCGGAUGUUGCUUAUAGGACUCCGCCGGCACCUUAUGAGAAAUCAAAGUCUUUGGGUUCCGGGGGGAGU
AUGGUCGCAAGGCUGAAACUUAAAGGAAUUGACGGAAGGGCACCACCAGGCGUGGAGCCUGCGCUUAAUUUGACUCAACA
CGGGGAAACUUACCAGGUCCAGACAUAGCAAGGAUUGACAGACUGAGAGCUCUUUCUUGAUUCUAUGGGUGGUGGUGCAU
GGCCGUUCUUAGUUGGUGGAGCGAUUUGUCUGGUUAAUUCCGUUAACGAACGAGACCUCAGCCUGCUAACUAGCUAUGCG
GAGCCAUCCCUCCGCAGCUAGCUUCUUAGAGGGACUAUGGCCGUUUAGGCCACGGAAGUUUGAGGCAAUAACAGGUCUGU
CAUGCCCUUAGAUGUUCUGGGCCGCACGCGCGCUACACUGAUGUAUUCAACGAGUAUAUAGCCUUGGCCGACAGGCCCGG
GUAAUCUUGGGAAAUUUCAUCGUGAUGGGGAUAGAUCAUUGCAAUUGUUGGUCUUCAACGAGGAAUGCCUAGUAAGCGCG
AGUCAUCAGCUCGCGUUGACUACGUCCCUGCCCUUUGUACACACCGCCCGUCGCUCCUACCGAUUGAAUGGUCCGGUGAA
GUGUUCGGAUCGCGGCGACGGGGGCGGUUCGCCGCCCCCGACGUCGCGAGAAGUCCAUUGAACCUUAUCAUUUAGAGGAA
GCAGAAGUCGUAACAAGGUUUCCGUAGGUGAACCUGCGGAAGGAUCAUUG
;
aa
2 'polypeptide(L)'
;MADAKTAPAVTLRTRKFMTNRLLSRKQFVLEVIHPGRANVSKADLKERLAKIYEVKDSNCIFVFKFRTHFGGGKSTGFGL
IYDNLEAAKKFEPKYRLIRNGLATKVEKSRKQIKERKNRTKKIRGVKKTKAGDAKKK
;
ba
3 'polypeptide(L)'
;MGISRDSMHKRRATGGKQKAWRKKRKYELGRQPANTKLSSNKTVRRVRVRGGNVKWRALRLDTGNFSWGSEAVTRKTRLL
DVVYNSSNNELVRTQTLVKNAIVQVDAAPFKQWYLTHYGVEIGRKKKAAAAAKKEPAEGQEAEVAAAATEEAKKSNNVQR
KLEKRQQGRTLDSHIEEQFSGGRLLACISSRPGQCGRADGYILEGKELEFYMRKLQKKKGKGATA
;
ca
4 'polypeptide(L)'
;MIISKKNRNEICKYLFQEGVLYAKKDYNLAKHPQIDVPNLQVIKLMQSFKSKEYVRETFSWQHYYWYLTNDGIEFLRNFL
NLPSEIVPATLKKSARPPGRPLGSGPPGDRPRGPPRFEGDRPRYGDRDGYRGGPRGAPGDFGGEKGGAPAEFQPSFRSSG
GGGFGRGGGGGFGRGGGGGGGFGASPME
;
da
5 'polypeptide(L)'
;MGKTRGMGAGRKLKTHRRNQRWADKAYKKSHLGNEWKKPFAGSSHAKGIVLEKIGIEAKQPNSAIRKCARVQLVKNGKKI
AAFVPNDGCLNFIEENDEVLIAGFGRKGHAVGDIPGVRFKVVKVSGVSLLALFKEKKEKPRS
;
ga
6 'polypeptide(L)'
;MAGAQESLVYAGVMRGHNDVVTAIATPIDNSPFIVSSSRDKSLLVWDLTNPIQATQDSSSEYGVPFRRLTGHGHFVQDVV
LSSDGQFALSGSWDGELRLWDLSTGVTTRRFVGHEKDVLSVAFSIDNRQIVSASRDRTIKLWNTLGECKYTIGGDLGGGE
GHTGWVSCVRFSPNNFAPTIVSGSWDRSVKVWNLTNCKLRCTLDGHGGYVSAVAVSPDGSLCASGGKDGVTLLWDLTEGK
RLYSLDAGSIINSLCFSPNRYWLCAATQDSIKIWDLESKHIVQDLRPEVPVSTKQMLYCTCLSWSADGSTLYAGYTDGTI
RIYKISGFSYSS
;
ha
7 'polypeptide(L)'
;MATQISKKKKFVSDGVFYAELNEMLTRELAEDGYSGVEVRVTPMRTEIIIRATRTQNVLGEKGRRIRELTSVVQKRFNFL
ENGVELYAEKVVNRGLCAIAQAESLRYKLLGGLAVRRACYGVLRFVMESGAKGCEVIVSGKLRAQRAKSMKFKDGYMISS
GQPVNEYIDAAVRHVLLRQGVLGIKVKIMLDWDPKGKLGPTTPLPDLVTIHPPKEENELRPPALVEV
;
ia
8 'polypeptide(L)'
;MARGLKKHLKRLNAPSHWMLDKLGGAFAPKPSSGPHKARECLPLILILRNRLKYALTYREVQSILMQRHIMVDGKVRTDK
TYPAGFMDIISIPKTGENYRLLYDTKGRFRLHSVRDEDAKFKLCKVRSVQFGQKGIPYLNTYDGRTIRYPDPLIKANDTI
KLDLETNKIVDFIKFDVGNVVMVTGGRNTGRVGVIKNREKHKGTFETIHVEDAQGHQFATRLGNVFTIGKGTKPWVSLPK
GKGIKLTIIEEQRKRDAAAQAAAKA
;
ja
9 'polypeptide(L)'
;MAVVEPVPGGDVKLFNRWTFEDVQVSDISLNDYLAVTSMKHYTFLPHSAGRYSAKRFRKAQCPIIERLTNSLMMHGRNNG
KKIMAVRIIKHTMEIIHLLTDANPIQIIVDAIINSGPREDATRIGSAGVVRRQAVDISPLRRVNQAIYLLTTGARESAFR
NVKTIAECLADELINAAKGSSNSYAIKKKDEIERVAKANR
;
ka
10 'polypeptide(L)'
;MAAVLTRPTPGTVQCFGRKKTAVAVAYCKPGRGLIKVNGAPIELIRPEMLRLKAFEPILLAGRSRFKDIDMRIRVRGGGK
TSQIYSIRQAIAKSLVAYYQKYVDEAAKKEVKEIFARYDRTLLVADPRRCEPKKFGGRGARARFQKSYR
;
la
11 'polypeptide(L)'
;MATELAYAPPMKSGKLGFEGTQEVQHRIRITLSSKSVKNLEKVCSDLVKGAKEKQLKVKGPVRMPTKVLNITTRKSPCGE
GTNTWDRFEMRVHKRVIDLVSSPDVVKQITSITIEPGVEVEVTISDQ
;
ma
12 'polypeptide(L)'
;MSSKRKTREPKEENVTLGPAVREGEHVFGVAHIFASFNDTFIHVTDLSGRETLVRITGGMKVKADRDESSPYAAMLASQD
VATRCKELGITALHIKLRATGGNKTKTPGPGAQSALRALARSGMKIGRIEDVTPVPTDSTRRKGGRRGRRL
;
na
13 'polypeptide(L)'
;MSLIAGEEFQHILRVLNTNVDGKQKIMFALTSIKGVGRRFSNIVCKKADIDMNKRAGELSAEEMDRLMAVVHNPRQFKVP
DWFLNRKKDYKDGRFSQVVSNAVDMKLRDDLERLKKIRNHRGLRHYWGVRVRGQHTKTTGRRGKTVGVSKKR
;
oa
14 'polypeptide(L)'
;MGRMHSRGKGISSSALPYKRTPPSWVKTAVADVDELITKAAKKGQMPSQIGVLLRDQHGIPLVKSVTGSKILRILKAHGL
APEIPEDLYFLIKKAVAIRKHLERNRKDKDSKFRLILVESRIHRLARYYKRTKKLPPTWKYESATASTLVA
;
pa
15 'polypeptide(L)'
;MGRVRTKTVKKTSRQVIEKYYSRMTLDFHTNKKVLEEVSILQSKRLRNKVAGFTTHLMRRIQRGPVRGISLKLQEEERER
RMDFVPEKSALEVDEIRVDKETMDMLAFLGMADLPGVERAPEVTSSAAPYRQPFNGPRGGNRA
;
qa
16 'polypeptide(L)'
;MATVPAPAAETAASTARTVKDVNPHEFVKAYSAHLKRSGKMELPEWVDIVKTARFKELPPSDADWYYIRAASMARKIYLR
QGIGIGGFQKIYGGRQRNGSRPPHFCKSSGAVSRNILQELQKMGIIDVDPKGGRLITSQGRRDLDQVAGTVPAEF
;
ra
17 'polypeptide(L)'
;MADVDVDTEVAAGAQPKKRTFRKFSYRGVDLDALLDMSTDDLVQMFPARARRRFKRGLKRKPMALVKKLRKAKKDAPAGE
KPEPVRTHLRNMIIVPEMIGSLIGVYNGKTFNQVEIKPEMIGHYLAEFSISYKPVKHGRPGIGATHSSRFIPLK
;
sa
18 'polypeptide(L)'
;MAPKKEKAPAASSKPAKSGGGKQKKKKWSKGKQKEKVNNAVLFDQATYDKLLTEVPKYKQITPSVLSERLRINGSLARRA
IKDLMERGLIRMVSIHSSQQIFTRATNT
;
ta
19 'polypeptide(L)'
;RGRLHRCSRSSDPPSPTPQESMDTQVKLAVVVKVMGRTGSRGQVTQVRVKFLDDQNRLIMRNVKGPVREGDILTLLESER
EARRLR
;
ua
20 'polypeptide(L)'
;MGRRILNDALRTMVNAERRGKATAQLQPISGVMISFLNIMKHRGYIKNFEVFDPHRVGKITVELQGRIKDCKALTYRQDL
RATEIEKYRTRMLPTRQWGYVVVTTPNGVLDHEEAIRQNVGGQVLGYFH
;
va
21 'polypeptide(L)' MGHSNVWNSHPKNYGAGSRVCRVCGNSHGLIRKYGLMCCRQCFRSNAKDIGFIKYR wa
22 'polypeptide(L)'
;MVLQNDIDLLNPPAELEKLKHKKKRLVQSPNSFFMDVKCQGCFNITTVFSHSQTVVVCPGCQTVLCQPTGGKARLTEGCS
FRRKGD
;
xa
23 'polypeptide(L)' MGKVHGSLARAGKVRGQTPKVAKQDKKKQPRGRAHKRIQYNRRFVTAVVGFGKKRGPNSSEK ya
24 'polypeptide(L)'
;MAAAAGEAPRALSQKEQDIQMMLAADVHLGTKNCDFQMERYAYKRRSDGIYIINLGKTWEKLQLAARVIVAIENPQDIIV
QSARPYGQRAVLKFAQHTGANAIAGRHTPGTFTNQMQTSFSEPRLLILTDPRTDHQPIKESALGNIPTIAFCDTDSPMRY
VDIGIPANNKGRNSIGCLYWLLARMVLQMRGTILPGHKWDVMVDLFFYRDPEEAKEQEDEAAGAPEYAAITDYGAAAGQW
GGDQWTSDAPAPPPVTGGEWPMAEAPVAGGDGWDAAGAPVAVEGAVPAPVVAATGWDAAVQPPAQGWE
;
za
25 'polypeptide(L)'
;MAVGKNKRISKGRKGSKKKAVDPFTKKQWYDIKAPLLFTSRNVGKTLVSRTQGTKIASEGLKHRVFEVSLADLQNDEDQA
YRKIRLRAEDVQGMNVLTNFWGMDFTTDKLRSLVRKWQTLIEAHVDVKTTDNYMLRMFAIGFTKRRPNQVKRTCYAQASQ
IRQIRRKMVEIMVNQAASCDLKELVNKFIPEVIGKEIEKATSSIFPLQNVYVRKVKILKAPKFDLGKLMEVHGDYKEDVG
VKLDRPADGDEVIPGAEEVAAAE
;
bb
26 'polypeptide(L)'
;MQNEVGDMVDLYVPRKCSATNRIITAKDHASVQINIGHVDENGLYDGRFTTFALSGFVRAQGDADGSLDRLWQKRKAEIK
QL
;
cb
27 'polypeptide(L)'
;MTFKRRNGGRNKHGRGHVKYIRCSNCAKCCPKDKAIKRFLVRNIVEQAAVRDVQEACVHDGYVLPKLYAKVHHCVSCAIH
AHIVRVRSRENRRNREPPQRFRRRDDGPRPGQGGPPRAGGPGAPGGAPAGAGAVPGAPGGAPAGAGAVPGAPAPRV
;
db
28 'polypeptide(L)'
;MVHVNFYRNYGKTFKKPRRPYEKERLDAELKLVGEYGLRCKRELWRVQYALSRIRNAARHLLTLDEKNPRRIFEGAALLR
RMNRYGLLAEGQDKLDYVLALTAENFLARRLQTLVFKAGMAKSIHHARVLIRQRHIRVGRQIVNVPSFMVRVESEKHIDF
SLTSPFGGGPAGRVKRKNQKKASGGGDAGGDEEEE
;
eb
29 'polypeptide(L)'
;MADRGGERGVDRGGFGRGFGRGGRGDRGGRRGGRRGPRQEEEKWVPVTKLGRLVKEGRFTKMEEIYLHSLPVKEHQIVET
LCPGLKDEVMKITPVQKQTRAGQRTRFKAFVVVGDSNGHVGLGVKCAKEVATAIRGAIILAKLSIVPVRRGYWGNKIGLP
HTVPCKVTGKCGSVTVRMVPAPRGSGIVAARVPKKVLQFAGIDDVFTSSRGSTKTLGNFVKATFDCLMKTYGFLTPDFWR
ETTFTKAPYQEFTDILAKPTKALMLDAPAEKVEA
;
fb
30 'polypeptide(L)'
;MKLNIANPTTGCQKKVEIDDDMKLRNLYDKRISQEVVGDLLGEEFEGYIFKIMGGCDKQGFPMKQGVLTPGRVRLLLHRG
TSCFRGHGRRVGERRRKSVRGCIVSQDLSVINLVIVKKGKNDLPGLTDTEKPRMRGPKRASKIKKLFNLGKDDDVRQYVN
TYRRSFTNKKGKTVSKAPKIQRLVTPLTLQRKRARIADKKKRIAKKKSEAAEYQKLLAQRLKEQRDRRSESMAKRRSKLS
AATKAPAASA
;
gb
31 'polypeptide(L)'
;MYTARKKIQKDKGVEPSEFEDTVAQAFFDLENGNQELKSDLKDLYINTAIQMDVVGNRKAVVIHVPYRLRKPFRKIHVRL
VRELEKKFSGKDVVFVATRRIVRPPKKGSAVQRPRTRTLTAVHDGILEDVVYPAEIVGKRVRYRLDGAKVIKIYLDPKER
NNTEYKLETFSAVYRRLCGKDVVFEYPVTETA
;
hb
32 'polypeptide(L)'
;MAEQTEKSFLKQPKVFLSTKKADKAKRPGKAGNRFWKSVGLGFKTPREAIDGTYIDKKCPFTGTVAIRGRIIAGTCHSAK
MNRTIIVRRNYLHFVKKYQRYEKRHSNIPAHISPCFRVKEGDHVIIGQCRPLSKTVRFNVLKVVPAGTTGGGKKAFIAA
;
ib
33 'polypeptide(L)'
;MAPKRGGKAPVPAKKKTDKVTNPLFEKRPKQFGIGGALPPKKDLHRFVKWPKVVRIQRQRRILKQRLKVPPALHQFTRTL
DKNLATNLFKMLLKYRPEDKAAKKERLLKRAQAEAEGKTVEAKKPIVVKYGLNHVTYLIEQSKAQLVVIAHDVDPIELVV
WLPALCRKMEVPYCIVKGKSRLGSIVHKKTASVLCLTTVKNEDKLEFSKILEAIKANFNDKFDEVRKKWGGGVMGSKSQA
KTKARERLIAKEAAQRMN
;
AA
34 'polypeptide(L)'
;MPAGHGLRSRTRDLFARPFRKKGYIPLTTYLRTYKVGEHVDVKVNGAVHKGMPHKFYHGRTGRVWNVTKRAIGVEINKQV
GNRIIKKRIHVRVEHVQPSRCNEEFLQRKLNNDKLKAEAKVRGEVISTKRQPAGPKPGFMVEGTTIETVTPIPYDVVNDL
KGGY
;
BA
35 'polypeptide(L)'
;MVKFLKPGKAVILLQGRFAGRKAVIVRVFEEGTRDRPYGHCLVAGLAKYPKKVIRKDSAKKTAKKSRVKCFLKLVNFTHI
MPTRYTLDVDFKDVASGGPDALATRDKKVASCKAAKARLEERFKTGKNRWFFTKLRF
;
CA
36 'polypeptide(L)'
;MGRVIRAQRKGAGSVFKSHTHHRKGPARFRSLDFGERNGYLKGVVTDVIHDPGRGAPLAKVTFRHPFRYKHQKELFVAAE
GMYTGQFVYCGRRATLSVGNVLPLRSVPEGGVICNVEHHVGDRGVFARASGDYAIVISHNPDNGTSRIKLPSGAKKIVPS
SCRAMIGQVAGGGRTEKPMLKAGNAYHKYRVKRNSWPKVRGVAMNPVEHPHGGGNHQHIGHASTVRRDAPPGQKVGLIAA
RRTGRLRGQAAASAAKADKAT
;
DA
37 'polypeptide(L)'
;MSTEKKQLNPMREIKVQKLVLNISVGESGDRLTRAAKVLEQLSGQSPVFSKARYTVRSFGIRRNEKIACYVTIRGEKAMQ
LLESGLKVKEYELLRRNFSDTGCFGFGIQEHIDLGMKYDPSTGIYGMDFFVVLERAGYRVSRRRRCKARVGIHQRVTKED
AMKWFQVKYEGVILNKSHAS
;
EA
38 'polypeptide(L)'
;MKTILASETMEIPEEVTVKVSAKMISVTGPRGTLTRNFKHLNLDFQLQEGGRKLKVDAWFGTRKTMAAIRTAISHVQNLI
TGVTKGFRYKMRFVYAHFPINASITAANRGIEIRNFLGEKKVRKVDMLDGVTILRSEKVKDEIVLDGNDIELVSRSAALI
NQKCHVKNKDIRKFLDGIYVSDKGAIKEE
;
FA
39 'polypeptide(L)'
;MSKRGRGGSAGNKFRMSLGLPVAATVNCADNTGAKNLYIISVKGIKGRLNRLPSACVGDMVMATVKKGKPDLRKKVMPAV
IVRQRKPWRRKDGVFMYFEDNAGVIVNPKGEMKGSAITGPIGKECADLWPRIASAANAIV
;
GA
40 'polypeptide(L)'
;MGAYKFVSELWRRKQSDVMRFVQRVRCWEYRQQPAIVRITRPTRPDRARRLGFKAKQGYVVYRIRVRRGGRKRPVPKGIV
YGKPKHQGITQLKFQRNKRSVAEERAGRRLGGLRVLNSYWVNEDSTYKYFEVILVDVAHSAVRNDPRINWLCKPVHKHRE
LRGLTSAGKKFRGLRGKGHRHHKNRPSRRATWKRNQTVSLRRYR
;
HA
41 'polypeptide(L)'
;MTTRFKKNRKKRGHVSAGHGRVGKHRKHPGGRGNAGGMHHHRILFDKYHPGYFGKVGMRYFHKLSNRFYTPTVNVERLWS
MVPSDKAAEAGGDKAPVVDVSQFGYFKVLGKGMLPEKPIVVKAKLISKIAEKKIKAAGGAVVLVA
;
IA
42 'polypeptide(L)'
;MGIDLVAGGRNKRTKRTAPKSDDVYLKLLVKLYRFLVRRTKSQFNAVILKRLFMSKTNRPPLSMRRLVRFMEGKEDKIAV
IVGTITDDQRVYEIPAMKVAALRFTETARARIVNAGGECLTFDQLALRAPLGQNTLLLRGPKNAREAVRHFGKAPGVPHS
HTKPYVRSKGRKFEKARGRRNSRGFKV
;
JA
43 'polypeptide(L)'
;MVFVKNQKTRAYSKRFQVKFKRRRQGKTDYRARLRLTNQDKNKYNTPKYRFVVRFTNKDVTAQIVYATIAGDIVMAAAYS
HELPRYGLEVGLTNYAAAYCTGLLLARRVLKCRDLDQEYEGNVEATGEDFSVEPADERRPFRALLDVGLIRTTTGNRVFG
ALKGALDGGLDIPHSDKRFAGFKKDEKQLDAEIHRKYIYGGHVADYMKSLADEEPEKYQSHFSEYIKKGIEADNMEALYK
KVHAAIRADPTMAKSTKEPPKTHKRYNPKKLTYEQRKASLVERLNALNSSAGADVDEDDDE
;
KA
44 'polypeptide(L)'
;MVSLKLQKRLASSVLKCGKGKVWLDPNEVNEISMANSRQNIRKLVKDGFIIRKPQKIHSRSRARRAHEAKQKGRHSGYGK
RRGTREARLPTKILWMRRMRVLRRLLRKYREAKKIDKHMYHDMYLKVKGNMFKNKRVLMESIHKSKAEKAREKTLSDQFE
AKRAKSKASRERKHARREERLAQGPRDHAPAPAAAAPAPAPAAAAPKKAKAKK
;
LA
45 'polypeptide(L)'
;MVKYSTDPANPTKSAKAMGRDLRVHFKNTRETAFALRKMSLNKAKRYLEDVLAHKQAIPFRRYCRGVGRTAQVKNRQPNG
QGRWPAKSAKFVLDLLKNAESNAEVKGLDVDALYISHIQVNQAQKQRRRTYRAHGRINPYMSNPCHIELILSEKEEPVKK
EAESQIARKA
;
MA
46 'polypeptide(L)'
;MAPKVAVAKKGDAKAQAAKVAKAVKSGSIKKTAKKIRTSVTFHRPKTLSKARDPKYPRISTPGRNKLDQYQILKYPLTTE
SAMKKIEDNNTLVFIVDLKADKKKIKAAVKKMYDIQAKKVNTLIRPDGKKKAYVKLTPDYDALDVANKIGII
;
NA
47 'polypeptide(L)'
;MVLKTELCRFSGQKIYPGKGIRFIRSDSQVFLFANSKCKRYFHNRLKPAKLCWTAMYRKQHKKDIHAEAAKKRRRTTKKP
YSRSIVGATLEVIQKKRAEKPEVRDAAREAALREIKERIKKTKDEKKAKKAEVTKSQKSQGGKGAVQKGSKGPKIGGGGG
KR
;
OA
48 'polypeptide(L)'
;MKRNPRVTSSRRKCRKAHFTAPSSVRRVLMSAALSSELRHKYNVRSIPIRKDDEVQVVRGTYKGREGKVVQVYRRRWVIH
VERITREKVNGSTVNVGIHPSKVIVTKLKLDKDRKALLDRKARGRAADKAKGKFTAEDVAAAAGGATATGASLQEID
;
PA
49 'polypeptide(L)'
;MTTVPGSLVWELVKKNNCFLIKQFGNSNAKVQFSKEPNNLYNVHSYKFSGLANSKTVAVQPSAGEDKAVVLSTTKTKKQN
TPAKLQHKTLMRKEFRKMAKSVKNQVCDNYYRPDLTKPALARLSAVYRSLQVSKSGIKKKNRQPTKL
;
QA
50 'polypeptide(L)'
;MAPTKKAKKSGENINNKLQLVMKSGKYTLGYKTVLKTLRSSKGKLIILANNCPPLRKSEIEYYAMLAKISVHHFHGNNVD
LGTACGKYYRVCCLSILDPGDSDIISTTTTTQ
;
RA
51 'polypeptide(L)'
;MSEKKRAPGPRKDEVVTREYTVNLHKRLHGCTFKKKAPNAIKEIRKFAQKAMGTNDVRIDVKLNKHIWSSGIRSVPRRVR
VRIARKRNDEEDAKEELYSLVTVAEVPQEGLKGLGTKVVEDED
;
SA
52 'polypeptide(L)'
;MAVPLLTRKIVKKRVKHFKRAHSDRYIGLKQSWRRPKGIDSRVRRKFKGCTLMPNIGYGSDKKTRHYLPNKFKKFVVHNV
SELELLMMHNRTYCAEIAHNVSTKKRKDIVERAAQLDIVVTNKLARLRSQEDE
;
TA
53 'polypeptide(L)'
;MTKGTGSFGKRRNKTHTLCIRCGRRSFHLQKSTCSSCGYPAARIRKYNWSVKAIRRKTTGTGRMRYMRHVPRRFKSNFRE
GTEAAPRNRAAAN
;
UA
54 'polypeptide(L)' MESHPLLQRFNLPLTRFPRSLLSSSQPSHKTFRIKQKLAKKQRQNRPIPYWIRMRTDNTIRYNAKRRHWRRTKLGF VA
55 'polypeptide(L)'
;MVNVPKTKKTYCKNKECKKHTLHKVTQYKKGKDSLSAQGKRRYDRKQSGYGGQTKPVFHKKAKTTKKIVLKLQCQSCKHY
SQRAIKRCKHFEIGGDKKGKGTSLF
;
WA
56 'polypeptide(L)'
;MPFKRFVEIGRVALVNYGKDYGRLVVIVDVVDQNRALVDAPDMVRCQMNFKRLSLTDIKIDIKRIPKKATLIKAMEEADV
KTKWENSSWGKKLIVQKKRAALNDFDRFKVMLAKIKRGGAIRQELAKLKKEVAAA
;
XA
57 'polypeptide(L)'
;MVAFRFHQYQVVGRALPTPGDEQPKIYRMKLWATNEVRAKSKFWYFLRKLKKVKKSNGQMLAINEIFEKNPTTIKNYGIW
LRYQSRTGYHNMYKEYRDTTLNGAVEQMYTEMASRHRVRSPCIQIIKTATVNFKLCKRDNTKQFHNSKIKFPLVYQKVRP
PTRKLKTTYKATRPNLFM
;
YA
58 'polypeptide(L)'
;MARGTAATAAAAAKGKKKGSVSFVIDCTKPVEDKIMEIASLEKFLQERIKVAGGKAGNLGDSVTVTRDKSKVTVTSDGAF
SKRYLKYLTKKYLKKHNVRDWLRVIAANKERNVYELRYFNIAENEGEEED
;
ZA
59 'polypeptide(L)'
;MAPSQPKSGLFVGINKGHVVTKRELPPRPSDRKGKGTKRVHFVRNLIREVAGFAPYEKRITELLKVGKDKRALKVAKRKL
GTHKRAKKKREEMSSVLRKMRSAGGGAGDKKK
;
AB
60 'polypeptide(L)'
;MSSGKVKAGELWNKSKDDLTKQLAELKTELGQLRIQKVASSGSKLNRIHDIRKSIARVLTVINAKQRAQLRLFYKNKKYA
PLDLRAKQTRAIRRRLSPDEKSRVLEKTKKRTVHFPQRKFAIKA
;
BB
61 'polypeptide(L)'
;MASEAAKVAVPEKVILKRRREEVWAAEKKQKVAAEKIKAAENTKVIYARAEQYAGEYEAQDKELVQLKREARMKGGFYVS
PEAKLLFVVRIRGINAMHPKTKKILQLLRLRQIFNGVFLKVNKATINMLRRVEPYVAYGYPNLKSVRELIYKRGYGKLNK
QRIPLANNKVIEEGLGKHNIICIEDLVHEILTVGPHFKEANNFLWPFKLKAPLGGLKKKRNHYVEGGDAGNRENYINQLV
RRMN
;
CB
62 'polypeptide(L)'
;MSHRKFEHPRHGSLGFLPRKRCSRHRGKVKSFPKDDQQKPCHLTAFLGYKAGMTHIVREVEKPGSKLHKKETCEAVTIIE
TPPLVIVGLVAYVKTPRGLRTLNSVWAQHLSEDVRRRFYKNWCKSKKKAFTKYALKYDSDSGKKEIQLQLEKMKKYATIV
RVIAHTQIRKMKGLKQKKAHLMEIQINGGTIADKVDYGYKFFEKEVPVEAVFQKDEMVDIIGVTKGKGYEGVVTRWGVTR
LPRKTHRGLRKVACIGAWHPARVSYTVARAGQNGYHHRTEMNKKIYKMGKSGQESHEACTEFDRTEKDITPMGGFPHYGV
VKGDYLMIKGCCVGPKKRVVTLRQSLLKQTSRLALEEIKLKFIDTSSKFGHGRFQTTDEKQKFYGKLKA
;
DB
63 'polypeptide(L)'
;MATTARPLVSVKALDGDMATDAAGVPMPHVMKAPIRPDVITFVHRLVSCNSRQPYAVSRKAGHQTSAESWGTGRAVSRIP
RVGGGGTHRAGQGAFGNMCRGGRMFAPTRIWRKWHRRVNVRLRRVAVASALAATAVPAIVTARGHRIESVPEFPLVVSDS
AEGIEKTAQAIKVLKQLGAYADAEKAKDSVGIRPGKGKMRNRRYINRKGPLIVYGTEGSKIVKAFRNLPGVDVANVERLN
LLDLAPGGHLGRFVIWTESAFKKLDEVYGSFEASSSKKKGFVLPRPKMTNADLGRLINSDEVQSVVKPINKEVKRREARK
NPLKNAAAVLKLNPYFGTARRMAVLAEAARVKARKEKINSKRTKLSAEEASKIKAAGKAWYQTMISDSDYTEFDVFSKWL
GVSQ
;
EB
64 'polypeptide(L)'
;MVSGSGVCAKRVVVDARHHMLGRLASIVAKELLNGQRVVVVRCEEICMSGGLVRQKMKYLRFLRKRMNTKPSHGPIHFRA
PAKILWRTIRGMIPHKTARGEAALARLKAYEGVPPPYDRTKRMVIPDALKVLRLQPGHRYCLLGQLSKEVGWNYADTIRE
LEEKRKEKAKVSYDRRKQLAKLRVKAEKAAEEKLGTQLEILAPIKY
;
FB
65 'polypeptide(L)'
;MTKRTKKAGIVGKYGTRYGASLRKQIKKMEVSQHSKYFCEFCGKFAVKRKAVGIWGCKDCGKVKAGGAYTMNTASAVTVR
STIRRLREQTEA
;
GB
66 'polypeptide(L)'
;MGRRPARCYRQIKNKPYPKSRYCRGVPDPKIRIYDVGMKKKGVDEFPSCVHLVSWEKENVSSEALEAARIACNKYMTKNA
GKDAFHLRVRVHPYHVLRINKMLSCAGADRLQTGMRGAFGKPLGTCARVDIGQVLLSVRCKESNAVHADEALRRAKFKFP
GRQKIIRSRKWGFTKFNRADYIKYKSEGRIVPDGVNAKLLGVHGPIAKRAPGQAILA
;
HB
67 'polypeptide(L)' MRAKWKKKRMRRLKRKRRKMRQRSK IB
68 'polypeptide(L)'
;MQIFVKTLTGKTITLEVESSDTIDNVKAKIQDKEGIPPDQQRLIFAGKQLEDGRTLADYNIQKESTLHLVLRLRGGIIEP
SLQALARKYNQEKMICRKCYARLHPRAVNCRKKKCGHSNQLRPKKKIKN
;
JB
69 'polypeptide(L)'
;MVKHNNVIPNGHFKKHWQNYVKTWFNQPARKQRRRIARQKKAVKIFPRPTSGPLRPIVQCQTRKYNMKARAGRGFTLEEL
KSAGIPKKLAPTIGISVDHRRKNRSLEGMQSNIQRLKTYKAKLVIFPRRARKVKAGDSTPEELANATQVQGDYMPIARGE
KRSVEVVKVTEEMKEFKAYGKLRVERMNQRQLGARQKKAAEAEKEEKK
;
KB
70 'polypeptide(L)'
;MAPTSKMALGIKRASRSHTYHRRGLWAIKAKHGGALPKAEKPAAVAEPKFYPADDVKPRTVSTRKPHPTKLRSTITPGTV
LILLAGRYMGKRVVFLKQLQSGLLLITGPFKINGVPIRRVNQAYVIATSTKVDISKVNVQKFDDKYFAREKKTRAKKTEG
ELFESDKEATKNLPDFKKDDQKVIDAELIKAIDAVPDLKNYLGARFSLRDGDKPHEMTF
;
LB
71 'polypeptide(L)'
;MVKGRTGQRVRLYVRGTILGYKRSKSNQYETASLVQIEGVNTREDVAWYGGKRMAYVYKAKTKSNGTHYRCIWGKVSRPH
GNTGVVRAKFTSNLPAEAMGKKVRVFMYPSSI
;
MB
72 'polypeptide(L)' MPKQIHEIKDFLLTARRKDARSVRIKRTKDAVKFKVRCSRYLYTLCVFDADKANKLKQSLPPGLSVQEV NB
73 'polypeptide(L)' MAKSKNHTAHNQSYKAHRNGIKKPKRQRQASTKGMDPKFLRNLRYSRKHNVKAGEGEVEK OB
74 'polypeptide(L)'
;MVQRLTYRKRHSYATKSNQTRVVKTPGGKLVYQYTKKRASGPKCPVTGKKIQGIPHLRPTEYKRSRLSRNRRTVNRPYGG
VLSGPAVRERIIRAFLVEEQKIVKKVLKIQKTKEKTTKS
;
PB
75 'polyribonucleotide'
;GCGCGACCCCAGGUCAGGCGGGACUACCGCUGAGUUUAAGCAUAUAAAUAAGCGGAGGAGAAGAAACUUACAAGGAUUCC
CCUAGUAACGGCGAGCGAACCGGGAGCAGCCCAGCUUGAGAAUCGGGCGGCUGUGCCGUCCGAAUUGUAGUCUGGAGAGG
CGUCCUCAGCGACGGACCGGGCCCAAGUCCCCUGGAAAGGGGCGCCUGGGAGGGUGAGAGCCCCGUCCGGCCCGGACCCU
GUCGCCCCACGAGGCGCCGUCAACGAGUCGGGUUGUUUGGGAAUGCAGCCCAAAUCGGGCGGUAGACUCCGUCCAAGGCU
AAAUACAGGCGAGAGACCGAUAGCGAACAAGUACCGCGAGGGAAAGAUGAAAAGGACUUUGAAAAGAGAGUCAAAGAGUG
CUUGAAAUUGCCGGGAGGGAAGCGGAUGGGGGCCGGCGAUGCGCCCCGGCCGUAUGCGGAACGGCUCUUGCUGGUCCGCC
GCUCGGCUCGGGGCGUGGACUGUUGUCGGCCGCGCCGGCGGCCAAAGCCCGGGGGCUCCGCGCCCCCGGCAGCCGUCGUC
GGCACGGCCGGUACCCGCGCGCCGAAAGGCGUGCCCCUCGGGGCACUGCGCUGCAACGCCCUGCGGGCUCUCCAUCCGAC
CCGUCUUGAAACACGGACCAAGGAGUCUGACAUGCGUGCGAGUCGACGGGUUCUGAAACCUGGGAUGCGCAAGGAAGCUG
ACGAGCGGGAGGCCCUCACGGGCCGCACCGCUGGCCGACCCUGAUCUUCUGUGAAGGGUUCGAGUUGGAGCACGCCUGUC
GGGACCCGAAAGAUGGUGAACUAUGCCUGAGCGGGGCGAAGCCAGAGGAAACUCUGGUGGAGGCUCGAAGCGAUACUGAC
GUGCAAAUCGUUCGUCUGACUUGGGUAUAGGGGCGAAAGACUAAUCGAACCAUCUAGUAGCUGGUUCCCUCCGAAGUUUC
CCUCAGGAUAGCUGGAGCCCAUUACGAGUUCUAUCAGGUAAAGCCAAUGAUUAGAGGCAUUGGGGACGCAACGUCCUCGA
CCUAUUCUCAAACUUUAAAUAGGUAGGAUGGCGCGGCUGCUUCGGUGAGCCGUGCCAUGGAAUCGGGUGCUCCAAGUGGG
CCAUUUUUGGUAAGCAGAACUGGCGAUGCGGGAUGAACCGGAAGCCGGGUUACGGUGCCCAACUGCGCGCUAACCUAGAA
CCCACAAAGGGUGUUGGUCGAUUAAGACAGCAGGACGGUGGUCAUGGAAGUCGAAAUCCGCUAAGGAGUGUGUAACAACU
CACCUGCCGAAUCAACUAGCCCCGAAAAUGGAUGGCGCUGAAGCGCGCGACCCACACCCGGCCAUCUGGGCGAGUGCCAU
GCCCCGAUGAGUAGGAGGGCGCGGCGGCCGAUGCAAAACCCGGGGCGCGAGCCCGGGCGGAGCGGCCGUCGGUGCAGAUC
UUGGUGGUAGUAGCAAAUAUUCAAAUGAGAACUUUGAAGGCCGAAGAGGAGAAAGGUUCCAUGUGAACGGCACUUGCACA
UGGGUAAGCCGAUCCUAAGGGAAGGGGUAACCCCGGCAGAUAGCGCGAUCACGCGCAUCCCCGAAAGGGAAUCGGGUUAA
GAUUUCCCGAGCCGGGAUGUGGCGGUUGACGGCGACGUUAGGAAGUCCGGAGACGCCGGCGGGGGCCUCGGGAAGAGUUA
UCUUUUCUGCUUAACGGCCUGCCAACCCUGGAAACGGUUCAGCCGGAGGUAGGGUCCAGUGGCCGGAAGAGCACACGUCG
CGCGGUGUCCGGUGCGCCCCCGGCGGCCCAUGAAAAUCCGGAGGACCGAGUACCGUUCACGCCCGGUCGUACUCAUAACC
GCAUCAGGUCUCCAAGGUGAACAGCCUCUGGCCAAUGGAACAAUGUAGGCAAGGGAAGUCGGCAAAACGGAUCCGUAACU
UCGGGAAAAGGAUUGGCUCUGAGGACUGGGCUCGGGGGUCCCGGCCCCGAACCCGUCGGCUGUCGGCGGAUUGCUCGAGC
UGCUCACGCGGCGAGAGCGGGUCGCCGCGUGCCGGCCGGGGGACGGACCGGGAAUCGCCCCUUCGGGGGCUUUCCCCGAG
CAUGAAACAGUCGACUCAGAACUGGUACGGACAAGGGGAAUCCGACUGUUUAAUUAAAACAAAGCAUUGCGAUGGUCCUC
GCGGAUGCUGACGCAAUGUGAUUUCUGCCCAGUGCUCUGAAUGUCAAAGUGAAGAAAUUCAACCAAGCGCGGGUAAACGG
CGGGAGUAACUAUGACUCUCUUAAGGUAGCCAAAUGCCUCGUCAUCUAAUUAGUGACGCGCAUGAAUGAAUUAACGAGAU
UCCCACUGUCCCUGUCUACUAUCCAGCGAAACCACAGCCAAGGGAACGGGCUUGGCGGAAUCAGCGGGGAAAGAAGACCC
UGUUGAGCUUGACUCUAGUCCGACUUUGUGAAAUGACUUGAGAGGUGUAGGAUAAGUGGGAGCCCUCACGGGCGCAAGUG
AAAUACCACUACUUUUAACGUUAUUUUACUUAUUCCGUGGGUCGGAAGCGGGGCAUGCCCCUCCUUUUGGCUCCAAGGCC
CGGUCUUACCGGGCCGAUCCGGGCGGAAGACAUUGUCAGGUGGGGAGUUUGGCUGGGGCGGCCAAUCUGUUAAAAGAUAA
CGCAGGUGUCCUAAGAUGAGCUCAACGAGAACAGAAAUCUCGUGUGGAACAAAAGGGUAAAAGCUCGUUUGAUUCUGAUU
UCCAGUACGAAUACGAACCGUGAAAGCGUGGCCUAUCGAUCCUUUAGAUCUUCGGAGUUUGAAGCUAGAGGUGUCAGAAA
AGUUACCACAGGGAUUACUGGCUUGUGGCAGCCAAGCGUUCAUAGCGACGUUGCUUUUUGAUCCUUCGAUGUCGGCUCUU
CCUAUCAUUGCGAAGCAGAAUUCACCAAGUGUUGGAUUGUUCACCCACCAAUAGGGAACGUGAGCUGGGUUUAGACCGUC
GUGAGACAGGUUAGUUUUACCCUACUGAUGACAGUGUCGCGAUAGUAAUUCAACCUAGUACGAGAGGAACCGUUGAUUCA
CACAAUUGGUCAUCGCGCUUGGUUGAAAAGCCAGUGGCGCGAAGCUACCGUGUGCCGGAUUAUGACUGAACGCCUCUAAG
UCAGAAUCCAAGCUAGCAUGCGACGCCUGCGCCCGCCGCCCGCCCCGACCCACGUUAGGGGCGCUUGCGCCCCCAAGGGC
CCGUGCCAUUGGCUAAGCCGGUCCGGCCGAAGUGCCGCGGUCGGCCGCCUCGAAGCUCCCUUCCCAACGGGCGGUGGGCU
GAAUCCUUUGCAGACGACUUAAAUACGCGACGGGGCAUUGUAAGUGGCAGAGUGGCCUUGCUGCCACGAUCCACUGAGAU
CCAGUCCCCGGGUCGCACGGAUUCGU
;
RB
76 'polyribonucleotide'
;CGACUCUCGGCAACGGAUAUCUCGGCUCUCGCAUCGAUGAAGAACGUAGCGAAAUGCGAUACCUGGUGUGAAUUGCAGAA
UCCCGUGAACCAUCGAGUCUUUGAACGCAAGUUGCGCCCGAGGCCAUCCGGCCGAGGGCACGCCUGCCUGGGCGUCACGC
;
SB
77 'polyribonucleotide'
;GGAUGCGAUCAUACCAGCACUAAGGCAUCGGAUCCCGUCAGAACUCCGAAGUUAAGCGUGCUUGGGCGAGAGUAGUACAA
GGAUGGGUGACCUCUUGGGAAGUCCUCGUGUUGCAUUCCC
;
TB
78 'polyribonucleotide' AUGUAAA al
79 'polypeptide(L)'
;MSDSHETDKNIEMWKIKKLIKGLESARGNGTSMISLIMPPRDQVSRVTKMLGDEYGTASNIKSRVNRQSVLGAITSAQQR
LKLYNRVPPNGLVLYTGTIVTDDGKEKKVTIDFEPFKPINASLYLCDNKFHTEALSELLESDDKFGFIIMDGNGTLFGTL
SGNTREVLHKFSVDLPKKHGRGGQSALRFARLRMEKRHNYVRKTAELATQFFINPATSQPNVAGLILAGSADFKTELSQS
DMFDQRLQCKILNVVDVSYGGESGFNQAIELSAEILANVKFIQEKKLIGKYFEEISQDTGKYVFGVDDTLKALEMGAVET
LMVWENLDVNRFVLKHSATGEIIIKHLNKEGEADQSNFRDPSTNAELEVQEKTSLLEWFANEYKKFGCTLEFVTNKSQEG
SQFCRGFGGIGGILRYQLDIRSFDDLDDDEGVYEDSD
;
bl
80 'polyribonucleotide'
;AUCAGAGU(1MG)(2MG)CGCAGCGGAAGCGU(2MG)G(PSU)GGGCCCAU(MIA)ACCCACAG(G7M)(H2U)(5MC)
(5MC)CAGGA(PSU)CG(1MA)AACCUGGCUCUGAUACCA
;
cl
81 'polyribonucleotide' CCA dl
#
loop_
_chem_comp.id
_chem_comp.type
_chem_comp.name
_chem_comp.formula
1MA RNA linking 6-HYDRO-1-METHYLADENOSINE-5'-MONOPHOSPHATE 'C11 H16 N5 O7 P'
1MG RNA linking 1N-METHYLGUANOSINE-5'-MONOPHOSPHATE 'C11 H16 N5 O8 P'
2MG RNA linking 2N-METHYLGUANOSINE-5'-MONOPHOSPHATE 'C11 H16 N5 O8 P'
5MC RNA linking 5-METHYLCYTIDINE-5'-MONOPHOSPHATE 'C10 H16 N3 O8 P'
A RNA linking ADENOSINE-5'-MONOPHOSPHATE 'C10 H14 N5 O7 P'
C RNA linking CYTIDINE-5'-MONOPHOSPHATE 'C9 H14 N3 O8 P'
G RNA linking GUANOSINE-5'-MONOPHOSPHATE 'C10 H14 N5 O8 P'
G7M RNA linking N7-METHYL-GUANOSINE-5'-MONOPHOSPHATE 'C11 H17 N5 O8 P 1'
H2U RNA linking 5,6-DIHYDROURIDINE-5'-MONOPHOSPHATE 'C9 H15 N2 O9 P'
MG non-polymer 'MAGNESIUM ION' 'Mg 2'
MIA RNA linking 2-METHYLTHIO-N6-ISOPENTENYL-ADENOSINE-5'-MONOPHOSPHATE 'C16 H24 N5 O7 P S'
PSU RNA linking PSEUDOURIDINE-5'-MONOPHOSPHATE 'C9 H13 N2 O9 P'
U RNA linking URIDINE-5'-MONOPHOSPHATE 'C9 H13 N2 O9 P'
ZN non-polymer 'ZINC ION' 'Zn 2'
#
# COMPACT_ATOMS: atom_id res chain seq x y z
N ALA B 9 115.57 63.08 14.15
CA ALA B 9 115.24 64.47 13.89
C ALA B 9 113.74 64.63 13.69
N VAL B 10 113.12 65.51 14.48
CA VAL B 10 111.69 65.75 14.42
C VAL B 10 111.44 67.26 14.42
N THR B 11 110.30 67.66 13.85
CA THR B 11 109.93 69.06 13.77
C THR B 11 108.55 69.24 14.39
N LEU B 12 108.40 70.28 15.19
CA LEU B 12 107.19 70.50 15.97
C LEU B 12 106.52 71.76 15.48
N ARG B 13 105.25 71.66 15.08
CA ARG B 13 104.59 72.72 14.33
C ARG B 13 103.22 72.97 14.94
N THR B 14 103.02 74.18 15.47
CA THR B 14 101.79 74.51 16.18
C THR B 14 100.98 75.47 15.32
N ARG B 15 99.75 75.09 15.03
CA ARG B 15 98.86 75.88 14.18
C ARG B 15 97.53 76.02 14.89
N LYS B 16 96.72 76.96 14.43
CA LYS B 16 95.47 77.31 15.11
C LYS B 16 95.72 77.67 16.57
N PHE B 17 96.71 78.52 16.79
CA PHE B 17 97.12 78.88 18.14
C PHE B 17 96.33 80.10 18.58
N MET B 18 95.78 80.04 19.79
CA MET B 18 95.09 81.20 20.34
C MET B 18 95.13 81.13 21.86
N THR B 19 95.45 82.25 22.48
CA THR B 19 95.66 82.35 23.92
C THR B 19 94.44 83.00 24.55
N ASN B 20 93.73 82.26 25.39
CA ASN B 20 92.56 82.79 26.08
C ASN B 20 92.90 83.10 27.53
N ARG B 21 92.52 84.30 27.97
CA ARG B 21 92.65 84.65 29.38
C ARG B 21 91.50 84.10 30.21
N LEU B 22 90.41 83.69 29.56
CA LEU B 22 89.22 83.26 30.27
C LEU B 22 89.49 81.99 31.07
N LEU B 23 90.15 81.01 30.45
CA LEU B 23 90.61 79.83 31.17
C LEU B 23 92.11 79.89 31.42
N SER B 24 92.74 81.02 31.13
CA SER B 24 94.13 81.29 31.47
C SER B 24 95.07 80.21 30.95
N ARG B 25 94.98 79.99 29.65
CA ARG B 25 95.80 79.00 28.97
C ARG B 25 96.10 79.47 27.56
N LYS B 26 96.96 78.74 26.87
CA LYS B 26 97.12 78.91 25.43
C LYS B 26 96.91 77.57 24.74
N GLN B 27 96.17 77.61 23.63
CA GLN B 27 95.65 76.43 22.95
C GLN B 27 96.15 76.41 21.51
N PHE B 28 96.28 75.20 20.97
CA PHE B 28 96.84 75.05 19.63
C PHE B 28 96.65 73.61 19.17
N VAL B 29 96.93 73.39 17.89
CA VAL B 29 97.02 72.04 17.32
C VAL B 29 98.49 71.71 17.10
N LEU B 30 98.93 70.56 17.61
CA LEU B 30 100.30 70.12 17.44
C LEU B 30 100.39 69.22 16.22
N GLU B 31 101.27 69.57 15.30
CA GLU B 31 101.68 68.67 14.24
C GLU B 31 103.12 68.30 14.51
N VAL B 32 103.39 67.00 14.64
CA VAL B 32 104.73 66.49 14.87
C VAL B 32 105.16 65.65 13.68
N ILE B 33 106.33 65.97 13.13
CA ILE B 33 106.90 65.25 12.00
C ILE B 33 108.03 64.39 12.54
N HIS B 34 107.92 63.09 12.34
CA HIS B 34 108.83 62.12 12.98
C HIS B 34 109.31 61.07 11.99
N PRO B 35 110.10 61.46 10.99
CA PRO B 35 110.60 60.49 10.03
C PRO B 35 111.46 59.43 10.69
N GLY B 36 111.34 58.20 10.23
CA GLY B 36 112.05 57.10 10.83
C GLY B 36 111.40 56.60 12.10
N ARG B 37 110.75 57.49 12.85
CA ARG B 37 110.16 57.12 14.12
C ARG B 37 108.77 56.52 13.93
N ALA B 38 108.46 55.54 14.76
CA ALA B 38 107.09 55.03 14.81
C ALA B 38 106.13 56.10 15.28
N ASN B 39 106.46 56.75 16.39
CA ASN B 39 105.64 57.79 16.99
C ASN B 39 106.40 58.39 18.15
N VAL B 40 106.30 59.70 18.32
CA VAL B 40 106.91 60.39 19.46
C VAL B 40 105.98 60.29 20.67
N SER B 41 106.53 59.83 21.79
CA SER B 41 105.74 59.70 23.01
C SER B 41 105.38 61.07 23.58
N LYS B 42 104.26 61.11 24.28
CA LYS B 42 103.78 62.38 24.84
C LYS B 42 104.72 62.89 25.93
N ALA B 43 105.33 61.98 26.70
CA ALA B 43 106.36 62.40 27.64
C ALA B 43 107.53 63.04 26.91
N ASP B 44 107.99 62.40 25.84
CA ASP B 44 109.06 62.99 25.04
C ASP B 44 108.58 64.27 24.38
N LEU B 45 107.34 64.28 23.90
CA LEU B 45 106.76 65.50 23.35
C LEU B 45 106.52 66.53 24.44
N LYS B 46 106.28 66.07 25.67
CA LYS B 46 106.09 66.98 26.80
C LYS B 46 107.30 67.88 26.96
N GLU B 47 108.48 67.29 26.86
CA GLU B 47 109.71 68.02 27.07
C GLU B 47 109.91 69.08 26.00
N ARG B 48 109.68 68.72 24.74
CA ARG B 48 110.02 69.61 23.64
C ARG B 48 109.18 70.89 23.69
N LEU B 49 107.90 70.75 24.04
CA LEU B 49 107.02 71.92 24.17
C LEU B 49 107.43 72.80 25.35
N ALA B 50 107.82 72.19 26.47
CA ALA B 50 108.28 72.99 27.61
C ALA B 50 109.52 73.79 27.25
N LYS B 51 110.34 73.26 26.35
CA LYS B 51 111.53 73.96 25.90
C LYS B 51 111.29 74.85 24.69
N ILE B 52 110.05 75.00 24.23
CA ILE B 52 109.77 75.95 23.16
C ILE B 52 108.91 77.11 23.65
N TYR B 53 108.15 76.89 24.73
CA TYR B 53 107.31 77.95 25.29
C TYR B 53 107.77 78.46 26.64
N GLU B 54 108.95 78.05 27.11
CA GLU B 54 109.61 78.70 28.24
C GLU B 54 108.78 78.62 29.53
N VAL B 55 108.06 77.52 29.72
CA VAL B 55 107.00 77.47 30.73
C VAL B 55 107.47 77.37 32.17
N LYS B 56 108.77 77.16 32.42
CA LYS B 56 109.32 77.19 33.77
C LYS B 56 108.88 75.99 34.61
N ASP B 57 107.92 75.20 34.12
CA ASP B 57 107.41 74.07 34.90
C ASP B 57 106.75 73.11 33.94
N SER B 58 107.22 71.87 33.91
CA SER B 58 106.80 70.92 32.88
C SER B 58 105.40 70.35 33.13
N ASN B 59 104.77 70.61 34.27
CA ASN B 59 103.52 69.94 34.58
C ASN B 59 102.28 70.63 34.04
N CYS B 60 102.37 71.90 33.65
CA CYS B 60 101.22 72.60 33.10
C CYS B 60 101.01 72.33 31.62
N ILE B 61 101.65 71.28 31.10
CA ILE B 61 101.56 70.91 29.69
C ILE B 61 100.68 69.68 29.58
N PHE B 62 99.62 69.79 28.78
CA PHE B 62 98.67 68.71 28.59
C PHE B 62 98.45 68.52 27.10
N VAL B 63 98.71 67.32 26.60
CA VAL B 63 98.50 67.00 25.19
C VAL B 63 97.67 65.72 25.09
N PHE B 64 96.90 65.61 24.00
CA PHE B 64 96.02 64.46 23.83
C PHE B 64 95.61 64.35 22.36
N LYS B 65 94.90 63.26 22.05
CA LYS B 65 94.26 63.02 20.76
C LYS B 65 95.26 62.96 19.60
N PHE B 66 96.28 62.13 19.74
CA PHE B 66 97.26 61.99 18.68
C PHE B 66 96.82 60.96 17.66
N ARG B 67 97.00 61.30 16.37
CA ARG B 67 96.36 60.57 15.29
C ARG B 67 97.31 59.81 14.39
N THR B 68 98.57 60.26 14.26
CA THR B 68 99.60 59.56 13.49
C THR B 68 99.17 59.10 12.11
N HIS B 69 99.10 60.06 11.17
CA HIS B 69 98.56 59.92 9.82
C HIS B 69 98.95 58.65 9.09
N PHE B 70 98.10 58.23 8.15
CA PHE B 70 98.42 57.11 7.28
C PHE B 70 99.78 57.30 6.61
N GLY B 71 100.42 56.18 6.28
CA GLY B 71 101.71 56.19 5.65
C GLY B 71 102.88 56.33 6.59
N GLY B 72 102.65 56.77 7.83
CA GLY B 72 103.72 57.00 8.77
C GLY B 72 104.42 58.32 8.52
N GLY B 73 105.25 58.71 9.48
CA GLY B 73 106.09 59.87 9.30
C GLY B 73 105.47 61.19 9.66
N LYS B 74 104.23 61.22 10.13
CA LYS B 74 103.60 62.45 10.58
C LYS B 74 102.48 62.12 11.55
N SER B 75 102.28 63.00 12.54
CA SER B 75 101.20 62.86 13.50
C SER B 75 100.63 64.23 13.82
N THR B 76 99.33 64.27 14.05
CA THR B 76 98.67 65.41 14.65
C THR B 76 98.38 65.14 16.12
N GLY B 77 97.98 66.19 16.81
CA GLY B 77 97.59 66.10 18.20
C GLY B 77 97.14 67.45 18.66
N PHE B 78 96.78 67.52 19.93
CA PHE B 78 96.27 68.77 20.48
C PHE B 78 96.99 69.06 21.79
N GLY B 79 97.29 70.32 22.02
CA GLY B 79 98.09 70.72 23.17
C GLY B 79 97.46 71.86 23.93
N LEU B 80 97.49 71.74 25.26
CA LEU B 80 97.09 72.80 26.17
C LEU B 80 98.28 73.16 27.03
N ILE B 81 98.59 74.45 27.09
CA ILE B 81 99.57 74.98 28.03
C ILE B 81 98.84 75.92 28.97
N TYR B 82 99.02 75.70 30.27
CA TYR B 82 98.61 76.67 31.26
C TYR B 82 99.84 77.44 31.73
N ASP B 83 99.59 78.60 32.32
CA ASP B 83 100.64 79.41 32.92
C ASP B 83 100.69 79.30 34.44
N ASN B 84 99.68 78.70 35.06
CA ASN B 84 99.65 78.52 36.51
C ASN B 84 99.27 77.09 36.81
N LEU B 85 99.96 76.47 37.77
CA LEU B 85 99.54 75.12 38.16
C LEU B 85 98.20 75.14 38.88
N GLU B 86 97.94 76.19 39.67
CA GLU B 86 96.61 76.31 40.29
C GLU B 86 95.52 76.32 39.23
N ALA B 87 95.73 77.07 38.15
CA ALA B 87 94.79 77.07 37.04
C ALA B 87 94.67 75.70 36.41
N ALA B 88 95.78 74.98 36.30
CA ALA B 88 95.77 73.67 35.67
C ALA B 88 94.96 72.66 36.47
N LYS B 89 94.64 72.94 37.72
CA LYS B 89 93.80 72.03 38.49
C LYS B 89 92.32 72.39 38.39
N LYS B 90 91.97 73.67 38.39
CA LYS B 90 90.55 74.02 38.38
C LYS B 90 89.92 73.79 37.01
N PHE B 91 90.60 74.21 35.94
CA PHE B 91 90.01 74.16 34.61
C PHE B 91 90.38 72.91 33.83
N GLU B 92 90.69 71.80 34.51
CA GLU B 92 91.13 70.61 33.80
C GLU B 92 90.23 69.43 34.13
N PRO B 93 89.95 68.58 33.16
CA PRO B 93 89.28 67.32 33.46
C PRO B 93 90.10 66.48 34.43
N LYS B 94 89.41 65.84 35.37
CA LYS B 94 90.12 65.13 36.43
C LYS B 94 90.92 63.94 35.90
N TYR B 95 90.53 63.37 34.76
CA TYR B 95 91.30 62.28 34.19
C TYR B 95 92.53 62.76 33.46
N ARG B 96 92.48 63.95 32.85
CA ARG B 96 93.68 64.47 32.21
C ARG B 96 94.72 64.86 33.25
N LEU B 97 94.29 65.24 34.45
CA LEU B 97 95.22 65.41 35.56
C LEU B 97 95.90 64.09 35.89
N ILE B 98 95.15 62.99 35.87
CA ILE B 98 95.72 61.68 36.13
C ILE B 98 96.76 61.32 35.06
N ARG B 99 96.46 61.66 33.81
CA ARG B 99 97.40 61.37 32.72
C ARG B 99 98.74 62.05 32.96
N ASN B 100 98.74 63.20 33.63
CA ASN B 100 99.98 63.86 34.03
C ASN B 100 100.39 63.57 35.47
N GLY B 101 99.72 62.65 36.14
CA GLY B 101 100.17 62.22 37.46
C GLY B 101 99.72 63.07 38.61
N LEU B 102 98.87 64.06 38.38
CA LEU B 102 98.44 64.96 39.45
C LEU B 102 97.32 64.38 40.31
N ALA B 103 96.86 63.15 40.05
CA ALA B 103 95.79 62.56 40.84
C ALA B 103 95.79 61.05 40.63
N THR B 104 94.88 60.37 41.34
CA THR B 104 94.69 58.92 41.26
C THR B 104 93.19 58.61 41.34
N LYS B 105 92.81 57.45 40.81
CA LYS B 105 91.42 57.12 40.55
C LYS B 105 90.88 56.06 41.53
N VAL B 106 89.59 55.79 41.40
CA VAL B 106 88.86 54.77 42.17
C VAL B 106 87.81 54.12 41.27
N GLU B 107 87.03 53.19 41.85
CA GLU B 107 86.07 52.35 41.13
C GLU B 107 84.68 52.52 41.73
N LYS B 108 83.74 51.65 41.36
CA LYS B 108 82.45 51.55 42.03
C LYS B 108 82.03 50.11 42.27
N SER B 109 80.95 49.97 43.06
CA SER B 109 80.10 48.77 43.09
C SER B 109 78.66 49.26 42.96
N ARG B 110 78.03 48.94 41.82
CA ARG B 110 76.76 49.56 41.49
C ARG B 110 75.64 49.09 42.41
N LYS B 111 75.66 47.83 42.81
CA LYS B 111 74.68 47.33 43.76
C LYS B 111 74.82 48.06 45.08
N GLN B 112 73.69 48.23 45.78
CA GLN B 112 73.65 48.77 47.14
C GLN B 112 73.94 50.27 47.15
N ILE B 113 74.36 50.81 45.99
CA ILE B 113 74.98 52.13 45.98
C ILE B 113 74.05 53.16 46.58
N LYS B 114 72.76 53.01 46.38
CA LYS B 114 71.77 53.79 47.12
C LYS B 114 70.52 53.03 47.49
N GLU B 115 70.23 51.91 46.85
CA GLU B 115 68.89 51.34 46.88
C GLU B 115 68.50 50.94 48.30
N ARG B 116 69.35 50.21 49.01
CA ARG B 116 68.91 49.89 50.36
C ARG B 116 69.16 51.02 51.36
N LYS B 117 70.03 51.98 51.03
CA LYS B 117 70.12 53.18 51.86
C LYS B 117 68.81 53.95 51.89
N ASN B 118 68.11 54.01 50.76
CA ASN B 118 66.87 54.79 50.69
C ASN B 118 65.79 54.23 51.60
N ARG B 119 65.92 52.98 52.03
CA ARG B 119 64.90 52.30 52.83
C ARG B 119 65.14 52.40 54.34
N THR B 120 66.35 52.77 54.78
CA THR B 120 66.77 52.44 56.14
C THR B 120 66.12 53.31 57.21
N LYS B 121 66.38 54.61 57.19
CA LYS B 121 65.98 55.44 58.33
C LYS B 121 64.50 55.85 58.29
N GLY C 2 35.89 61.62 35.85
CA GLY C 2 34.61 62.18 36.23
C GLY C 2 33.98 62.95 35.10
N ILE C 3 33.14 63.91 35.46
CA ILE C 3 32.45 64.75 34.48
C ILE C 3 33.43 65.29 33.46
N SER C 4 33.01 65.35 32.20
CA SER C 4 33.92 65.77 31.15
C SER C 4 33.21 66.69 30.17
N ARG C 5 34.00 67.58 29.56
CA ARG C 5 33.52 68.53 28.57
C ARG C 5 34.03 68.23 27.17
N ASP C 6 34.43 66.99 26.89
CA ASP C 6 34.90 66.63 25.57
C ASP C 6 33.74 66.42 24.61
N SER C 7 34.05 66.41 23.32
CA SER C 7 33.07 66.15 22.27
C SER C 7 33.08 64.70 21.79
N MET C 8 33.88 63.84 22.42
CA MET C 8 34.06 62.49 21.89
C MET C 8 32.79 61.65 22.04
N HIS C 9 32.13 61.73 23.19
CA HIS C 9 30.93 60.91 23.37
C HIS C 9 29.79 61.35 22.46
N LYS C 10 29.96 62.45 21.75
CA LYS C 10 28.91 62.97 20.91
C LYS C 10 28.88 62.23 19.58
N ARG C 11 27.78 62.39 18.87
CA ARG C 11 27.68 61.90 17.51
C ARG C 11 28.21 62.95 16.55
N ARG C 12 28.86 62.51 15.49
CA ARG C 12 29.29 63.44 14.46
C ARG C 12 28.09 64.17 13.89
N ALA C 13 28.36 65.30 13.24
CA ALA C 13 27.27 66.11 12.70
C ALA C 13 26.48 65.35 11.65
N THR C 14 27.12 64.41 10.95
CA THR C 14 26.38 63.55 10.03
C THR C 14 25.40 62.66 10.77
N GLY C 15 25.61 62.41 12.05
CA GLY C 15 24.85 61.45 12.79
C GLY C 15 25.57 60.15 13.05
N GLY C 16 26.75 59.97 12.48
CA GLY C 16 27.49 58.75 12.68
C GLY C 16 28.13 58.68 14.05
N LYS C 17 28.49 57.46 14.43
CA LYS C 17 29.18 57.25 15.70
C LYS C 17 30.62 57.73 15.60
N GLN C 18 31.20 57.98 16.77
CA GLN C 18 32.58 58.39 16.91
C GLN C 18 33.27 57.39 17.84
N LYS C 19 34.38 56.83 17.38
CA LYS C 19 35.14 55.91 18.21
C LYS C 19 36.01 56.68 19.20
N ALA C 20 36.40 56.02 20.26
CA ALA C 20 37.20 56.63 21.31
C ALA C 20 38.67 56.29 21.09
N TRP C 21 39.45 57.26 20.61
CA TRP C 21 40.87 57.05 20.40
C TRP C 21 41.71 57.57 21.56
N ARG C 22 41.07 58.06 22.62
CA ARG C 22 41.78 58.70 23.72
C ARG C 22 41.02 58.41 25.01
N LYS C 23 41.74 58.50 26.12
CA LYS C 23 41.13 58.48 27.44
C LYS C 23 40.72 59.89 27.85
N LYS C 24 40.09 60.02 29.00
CA LYS C 24 39.64 61.32 29.48
C LYS C 24 40.80 62.06 30.13
N ARG C 25 40.86 63.36 29.86
CA ARG C 25 41.94 64.21 30.34
C ARG C 25 41.45 65.13 31.44
N LYS C 26 42.36 65.46 32.36
CA LYS C 26 41.99 66.40 33.42
C LYS C 26 41.79 67.80 32.87
N TYR C 27 42.42 68.14 31.77
CA TYR C 27 42.21 69.52 31.31
C TYR C 27 40.93 69.70 30.69
N GLU C 28 40.06 68.73 30.87
CA GLU C 28 38.84 68.69 30.11
C GLU C 28 37.66 68.52 31.07
N LEU C 29 37.91 68.57 32.37
CA LEU C 29 36.95 68.10 33.36
C LEU C 29 35.81 69.08 33.53
N GLY C 30 34.75 68.60 34.16
CA GLY C 30 33.73 69.45 34.73
C GLY C 30 33.57 69.11 36.21
N ARG C 31 32.84 69.97 36.91
CA ARG C 31 32.52 69.74 38.30
C ARG C 31 31.01 69.88 38.47
N GLN C 32 30.47 69.25 39.49
CA GLN C 32 29.03 69.31 39.61
C GLN C 32 28.61 70.58 40.33
N PRO C 33 27.43 71.11 40.00
CA PRO C 33 27.07 72.47 40.42
C PRO C 33 27.00 72.65 41.93
N ALA C 34 26.82 73.90 42.31
CA ALA C 34 26.64 74.30 43.69
C ALA C 34 25.22 74.70 44.03
N ASN C 35 24.33 74.76 43.05
CA ASN C 35 22.87 74.90 43.20
C ASN C 35 22.49 75.77 44.41
N THR C 36 22.99 77.01 44.39
CA THR C 36 23.08 77.84 45.58
C THR C 36 21.72 78.14 46.20
N LYS C 37 21.66 78.04 47.52
CA LYS C 37 20.46 78.23 48.31
C LYS C 37 20.30 79.67 48.77
N LEU C 38 19.07 80.02 49.16
CA LEU C 38 18.76 81.29 49.79
C LEU C 38 18.44 80.98 51.24
N SER C 39 19.44 81.10 52.12
CA SER C 39 19.27 80.71 53.51
C SER C 39 20.34 81.36 54.37
N SER C 40 20.01 81.59 55.63
CA SER C 40 20.81 82.41 56.53
C SER C 40 22.06 81.70 57.03
N ASN C 41 22.17 80.39 56.81
CA ASN C 41 23.36 79.64 57.20
C ASN C 41 24.45 79.85 56.15
N LYS C 42 24.98 81.07 56.11
CA LYS C 42 25.91 81.47 55.06
C LYS C 42 27.11 80.54 54.96
N THR C 43 27.48 80.21 53.73
CA THR C 43 28.61 79.34 53.46
C THR C 43 29.05 79.48 52.02
N VAL C 44 30.33 79.80 51.85
CA VAL C 44 31.01 79.77 50.55
C VAL C 44 32.25 78.92 50.73
N ARG C 45 32.57 78.12 49.72
CA ARG C 45 33.66 77.16 49.83
C ARG C 45 34.56 77.25 48.62
N ARG C 46 35.87 77.24 48.87
CA ARG C 46 36.84 77.48 47.81
C ARG C 46 37.07 76.25 46.95
N VAL C 47 37.50 76.49 45.72
CA VAL C 47 37.87 75.44 44.79
C VAL C 47 39.31 75.70 44.34
N ARG C 48 40.11 74.65 44.26
CA ARG C 48 41.43 74.75 43.65
C ARG C 48 41.28 74.38 42.17
N VAL C 49 41.56 75.34 41.29
CA VAL C 49 41.36 75.13 39.86
C VAL C 49 42.68 75.21 39.10
N ARG C 50 42.61 75.23 37.78
CA ARG C 50 43.80 75.18 36.96
C ARG C 50 44.67 76.41 37.18
N GLY C 51 46.00 76.19 37.21
CA GLY C 51 46.95 77.24 37.46
C GLY C 51 47.18 77.54 38.92
N GLY C 52 46.64 76.74 39.82
CA GLY C 52 46.71 77.08 41.23
C GLY C 52 45.85 78.25 41.61
N ASN C 53 44.85 78.58 40.79
CA ASN C 53 43.92 79.64 41.13
C ASN C 53 42.83 79.12 42.05
N VAL C 54 41.92 79.99 42.43
CA VAL C 54 40.87 79.66 43.38
C VAL C 54 39.55 80.25 42.90
N LYS C 55 38.48 79.48 43.07
CA LYS C 55 37.11 79.91 42.83
C LYS C 55 36.30 79.71 44.10
N TRP C 56 35.11 80.31 44.13
CA TRP C 56 34.27 80.27 45.32
C TRP C 56 32.91 79.67 44.97
N ARG C 57 32.62 78.51 45.57
CA ARG C 57 31.29 77.91 45.51
C ARG C 57 30.45 78.49 46.62
N ALA C 58 29.45 79.29 46.28
CA ALA C 58 28.48 79.70 47.27
C ALA C 58 27.42 78.61 47.39
N LEU C 59 27.33 77.97 48.54
CA LEU C 59 26.32 76.96 48.77
C LEU C 59 25.05 77.56 49.38
N ARG C 60 25.20 78.42 50.38
CA ARG C 60 24.09 79.10 51.01
C ARG C 60 24.43 80.57 51.13
N LEU C 61 23.51 81.42 50.71
CA LEU C 61 23.71 82.86 50.65
C LEU C 61 22.50 83.55 51.22
N ASP C 62 22.71 84.65 51.92
CA ASP C 62 21.57 85.34 52.51
C ASP C 62 21.53 86.82 52.16
N THR C 63 22.69 87.46 52.04
CA THR C 63 22.78 88.87 51.74
C THR C 63 23.52 89.10 50.42
N GLY C 64 23.22 90.22 49.78
CA GLY C 64 23.78 90.53 48.48
C GLY C 64 24.14 91.99 48.36
N ASN C 65 24.65 92.34 47.19
CA ASN C 65 25.06 93.70 46.83
C ASN C 65 24.28 94.12 45.60
N PHE C 66 23.41 95.10 45.74
CA PHE C 66 22.46 95.39 44.68
C PHE C 66 22.52 96.84 44.27
N SER C 67 22.40 97.09 42.97
CA SER C 67 22.56 98.40 42.38
C SER C 67 21.22 98.96 41.95
N TRP C 68 21.06 100.27 42.15
CA TRP C 68 19.91 101.00 41.66
C TRP C 68 20.43 101.95 40.58
N GLY C 69 20.32 101.53 39.33
CA GLY C 69 21.06 102.19 38.26
C GLY C 69 20.56 103.58 37.95
N SER C 70 19.23 103.76 37.89
CA SER C 70 18.70 105.09 37.60
C SER C 70 19.18 106.11 38.62
N GLU C 71 19.45 105.66 39.85
CA GLU C 71 19.93 106.53 40.90
C GLU C 71 21.44 106.47 41.06
N ALA C 72 22.10 105.52 40.40
CA ALA C 72 23.53 105.27 40.55
C ALA C 72 23.90 105.08 42.02
N VAL C 73 23.13 104.24 42.70
CA VAL C 73 23.38 103.93 44.09
C VAL C 73 23.44 102.41 44.26
N THR C 74 24.46 101.93 44.98
CA THR C 74 24.61 100.51 45.25
C THR C 74 24.73 100.30 46.76
N ARG C 75 23.84 99.51 47.32
CA ARG C 75 23.86 99.20 48.74
C ARG C 75 23.66 97.72 48.95
N LYS C 76 24.36 97.17 49.94
CA LYS C 76 24.09 95.80 50.36
C LYS C 76 22.71 95.71 51.00
N THR C 77 22.00 94.64 50.67
CA THR C 77 20.73 94.33 51.31
C THR C 77 20.68 92.83 51.57
N ARG C 78 19.57 92.35 52.12
CA ARG C 78 19.38 90.92 52.31
C ARG C 78 18.43 90.37 51.25
N LEU C 79 18.62 89.09 50.95
CA LEU C 79 17.84 88.39 49.95
C LEU C 79 16.59 87.81 50.62
N LEU C 80 15.41 88.14 50.10
CA LEU C 80 14.18 87.70 50.73
C LEU C 80 13.65 86.40 50.14
N ASP C 81 13.34 86.38 48.85
CA ASP C 81 12.98 85.12 48.23
C ASP C 81 13.16 85.21 46.72
N VAL C 82 13.23 84.05 46.10
CA VAL C 82 13.33 83.92 44.64
C VAL C 82 11.92 83.86 44.08
N VAL C 83 11.66 84.62 43.02
CA VAL C 83 10.31 84.74 42.50
C VAL C 83 10.18 84.32 41.04
N TYR C 84 11.25 84.30 40.26
CA TYR C 84 11.16 83.88 38.87
C TYR C 84 12.54 83.39 38.43
N ASN C 85 12.56 82.29 37.68
CA ASN C 85 13.79 81.76 37.12
C ASN C 85 13.51 81.32 35.70
N SER C 86 14.17 81.96 34.74
CA SER C 86 13.79 81.84 33.34
C SER C 86 14.25 80.56 32.69
N SER C 87 14.87 79.65 33.44
CA SER C 87 15.29 78.36 32.91
C SER C 87 14.36 77.25 33.34
N ASN C 88 14.01 77.21 34.63
CA ASN C 88 13.30 76.10 35.21
C ASN C 88 12.48 76.60 36.38
N ASN C 89 11.18 76.29 36.38
CA ASN C 89 10.34 76.67 37.51
C ASN C 89 10.86 76.05 38.81
N GLU C 90 11.42 74.85 38.72
CA GLU C 90 11.81 74.09 39.88
C GLU C 90 12.98 74.74 40.62
N LEU C 91 13.65 75.72 40.02
CA LEU C 91 14.62 76.53 40.76
C LEU C 91 13.92 77.56 41.64
N VAL C 92 12.75 78.04 41.23
CA VAL C 92 11.99 78.93 42.12
C VAL C 92 11.50 78.17 43.34
N ARG C 93 10.90 76.99 43.12
CA ARG C 93 10.31 76.25 44.23
C ARG C 93 11.36 75.92 45.29
N THR C 94 12.57 75.60 44.86
CA THR C 94 13.66 75.25 45.74
C THR C 94 14.48 76.46 46.18
N GLN C 95 14.20 77.63 45.63
CA GLN C 95 14.88 78.88 46.01
C GLN C 95 16.39 78.79 45.77
N THR C 96 16.74 78.63 44.50
CA THR C 96 18.13 78.51 44.07
C THR C 96 18.59 79.81 43.44
N LEU C 97 19.77 80.28 43.85
CA LEU C 97 20.33 81.52 43.34
C LEU C 97 21.29 81.22 42.20
N VAL C 98 20.94 81.68 41.00
CA VAL C 98 21.81 81.59 39.84
C VAL C 98 21.71 82.90 39.08
N LYS C 99 22.64 83.11 38.17
CA LYS C 99 22.63 84.33 37.39
C LYS C 99 21.34 84.45 36.59
N ASN C 100 20.77 85.65 36.57
CA ASN C 100 19.51 86.01 35.92
C ASN C 100 18.28 85.51 36.66
N ALA C 101 18.41 85.07 37.91
CA ALA C 101 17.23 84.82 38.73
C ALA C 101 16.61 86.15 39.16
N ILE C 102 15.31 86.14 39.40
CA ILE C 102 14.57 87.31 39.85
C ILE C 102 14.29 87.16 41.34
N VAL C 103 14.67 88.15 42.11
CA VAL C 103 14.60 88.07 43.56
C VAL C 103 14.06 89.38 44.11
N GLN C 104 13.28 89.29 45.18
CA GLN C 104 12.85 90.46 45.94
C GLN C 104 13.83 90.70 47.09
N VAL C 105 14.16 91.97 47.33
CA VAL C 105 15.14 92.35 48.35
C VAL C 105 14.55 93.38 49.31
N ASP C 106 15.34 93.74 50.32
CA ASP C 106 14.80 94.38 51.52
C ASP C 106 14.18 95.74 51.24
N ALA C 107 14.84 96.54 50.42
CA ALA C 107 14.52 97.95 50.13
C ALA C 107 14.85 98.87 51.31
N ALA C 108 15.28 98.34 52.46
CA ALA C 108 15.54 99.20 53.60
C ALA C 108 16.71 100.15 53.36
N PRO C 109 17.89 99.70 52.89
CA PRO C 109 18.95 100.68 52.61
C PRO C 109 18.59 101.69 51.55
N PHE C 110 17.87 101.29 50.51
CA PHE C 110 17.60 102.22 49.42
C PHE C 110 16.55 103.24 49.77
N LYS C 111 15.62 102.91 50.66
CA LYS C 111 14.67 103.92 51.14
C LYS C 111 15.39 105.04 51.89
N GLN C 112 16.38 104.68 52.71
CA GLN C 112 17.03 105.69 53.53
C GLN C 112 17.95 106.59 52.68
N TRP C 113 18.59 106.02 51.66
CA TRP C 113 19.40 106.85 50.77
C TRP C 113 18.53 107.84 50.02
N TYR C 114 17.34 107.40 49.63
CA TYR C 114 16.36 108.33 49.06
C TYR C 114 15.84 109.35 50.07
N LEU C 115 15.77 108.97 51.35
CA LEU C 115 15.39 109.95 52.37
C LEU C 115 16.39 111.10 52.42
N THR C 116 17.68 110.77 52.47
CA THR C 116 18.70 111.77 52.23
C THR C 116 18.71 112.10 50.73
N HIS C 117 19.62 112.97 50.32
CA HIS C 117 19.82 113.23 48.90
C HIS C 117 18.51 113.60 48.25
N SER C 155 18.81 122.59 56.33
CA SER C 155 18.70 124.05 56.39
C SER C 155 19.66 124.70 55.40
N ASN C 156 20.19 125.87 55.77
CA ASN C 156 20.87 126.78 54.84
C ASN C 156 21.82 126.09 53.86
N ASN C 157 22.87 125.44 54.37
CA ASN C 157 23.82 124.78 53.48
C ASN C 157 23.21 123.52 52.88
N VAL C 158 22.55 122.70 53.70
CA VAL C 158 22.04 121.43 53.23
C VAL C 158 20.83 121.62 52.32
N GLN C 159 19.90 122.49 52.70
CA GLN C 159 18.74 122.68 51.83
C GLN C 159 19.15 123.18 50.47
N ARG C 160 19.98 124.23 50.42
CA ARG C 160 20.26 124.85 49.13
C ARG C 160 20.95 123.89 48.17
N LYS C 161 21.10 122.64 48.59
CA LYS C 161 21.25 121.52 47.68
C LYS C 161 20.00 120.66 47.57
N LEU C 162 19.26 120.48 48.66
CA LEU C 162 18.07 119.63 48.59
C LEU C 162 16.97 120.25 47.72
N GLU C 163 16.98 121.58 47.54
CA GLU C 163 16.15 122.13 46.48
C GLU C 163 16.81 122.07 45.11
N LYS C 164 18.14 121.99 45.04
CA LYS C 164 18.76 121.68 43.75
C LYS C 164 18.33 120.29 43.30
N ARG C 165 18.54 119.31 44.16
CA ARG C 165 17.87 118.02 44.04
C ARG C 165 16.38 118.26 44.29
N GLN C 166 15.58 117.21 44.19
CA GLN C 166 14.12 117.30 44.27
C GLN C 166 13.52 118.04 43.08
N GLN C 167 14.34 118.60 42.19
CA GLN C 167 13.82 119.21 40.97
C GLN C 167 13.65 118.17 39.88
N GLY C 168 14.60 117.24 39.78
CA GLY C 168 14.61 116.17 38.82
C GLY C 168 14.03 114.85 39.28
N ARG C 169 13.38 114.80 40.44
CA ARG C 169 12.77 113.54 40.88
C ARG C 169 11.76 113.09 39.84
N THR C 170 11.84 111.82 39.44
CA THR C 170 10.80 111.25 38.58
C THR C 170 10.06 110.11 39.26
N LEU C 171 10.74 109.03 39.63
CA LEU C 171 10.20 108.01 40.53
C LEU C 171 8.91 107.39 39.97
N ASP C 172 9.10 106.58 38.93
CA ASP C 172 8.01 105.77 38.39
C ASP C 172 7.19 105.14 39.50
N SER C 173 5.87 105.16 39.32
CA SER C 173 4.95 104.65 40.33
C SER C 173 5.15 103.16 40.56
N HIS C 174 5.76 102.46 39.62
CA HIS C 174 6.06 101.05 39.80
C HIS C 174 7.11 100.85 40.89
N ILE C 175 8.21 101.60 40.81
CA ILE C 175 9.23 101.44 41.83
C ILE C 175 8.77 102.08 43.14
N GLU C 176 7.86 103.05 43.07
CA GLU C 176 7.28 103.62 44.28
C GLU C 176 6.42 102.61 45.00
N GLU C 177 5.54 101.91 44.28
CA GLU C 177 4.62 100.97 44.94
C GLU C 177 5.39 99.85 45.63
N GLN C 178 6.48 99.38 45.03
CA GLN C 178 7.25 98.33 45.65
C GLN C 178 7.81 98.78 46.99
N PHE C 179 8.21 100.04 47.09
CA PHE C 179 8.68 100.59 48.35
C PHE C 179 7.60 100.54 49.42
N SER C 180 6.36 100.87 49.03
CA SER C 180 5.25 100.76 49.96
C SER C 180 5.05 99.34 50.43
N GLY C 181 5.37 98.36 49.58
CA GLY C 181 5.36 96.97 50.00
C GLY C 181 6.55 96.54 50.81
N GLY C 182 7.61 97.34 50.84
CA GLY C 182 8.81 97.01 51.58
C GLY C 182 9.80 96.11 50.88
N ARG C 183 9.66 95.88 49.58
CA ARG C 183 10.56 95.00 48.84
C ARG C 183 10.80 95.57 47.45
N LEU C 184 11.91 95.16 46.85
CA LEU C 184 12.24 95.55 45.49
C LEU C 184 12.52 94.32 44.64
N LEU C 185 11.90 94.26 43.46
CA LEU C 185 12.26 93.23 42.49
C LEU C 185 13.66 93.48 41.97
N ALA C 186 14.51 92.46 42.01
CA ALA C 186 15.88 92.60 41.54
C ALA C 186 16.27 91.37 40.74
N CYS C 187 17.31 91.51 39.94
CA CYS C 187 17.83 90.45 39.09
C CYS C 187 19.27 90.19 39.44
N ILE C 188 19.59 88.93 39.78
CA ILE C 188 20.97 88.55 40.02
C ILE C 188 21.77 88.69 38.74
N SER C 189 22.99 89.20 38.86
CA SER C 189 23.85 89.37 37.70
C SER C 189 25.27 88.91 37.99
N SER C 190 25.47 88.16 39.05
CA SER C 190 26.73 87.51 39.34
C SER C 190 26.56 86.02 39.18
N ARG C 191 27.68 85.29 39.24
CA ARG C 191 27.68 83.84 39.15
C ARG C 191 27.98 83.27 40.53
N PRO C 192 26.95 83.04 41.35
CA PRO C 192 27.20 82.65 42.75
C PRO C 192 27.99 81.37 42.92
N GLY C 193 27.77 80.39 42.04
CA GLY C 193 28.60 79.21 42.11
C GLY C 193 30.01 79.39 41.59
N GLN C 194 30.28 80.53 40.97
CA GLN C 194 31.58 80.78 40.38
C GLN C 194 32.42 81.75 41.20
N CYS C 195 31.80 82.77 41.78
CA CYS C 195 32.51 83.79 42.54
C CYS C 195 32.14 83.82 44.01
N GLY C 196 31.02 83.22 44.41
CA GLY C 196 30.63 83.21 45.80
C GLY C 196 29.90 84.46 46.25
N ARG C 197 29.26 85.18 45.33
CA ARG C 197 28.57 86.42 45.67
C ARG C 197 27.26 86.46 44.94
N ALA C 198 26.24 86.99 45.59
CA ALA C 198 24.98 87.30 44.94
C ALA C 198 24.95 88.80 44.70
N ASP C 199 25.07 89.20 43.45
CA ASP C 199 25.05 90.60 43.07
C ASP C 199 24.00 90.82 41.99
N GLY C 200 23.49 92.03 41.91
CA GLY C 200 22.43 92.29 40.95
C GLY C 200 22.03 93.74 40.95
N TYR C 201 20.89 93.98 40.30
CA TYR C 201 20.43 95.34 40.06
C TYR C 201 18.92 95.39 40.16
N ILE C 202 18.42 96.51 40.66
CA ILE C 202 16.98 96.72 40.78
C ILE C 202 16.39 96.80 39.38
N LEU C 203 15.29 96.08 39.16
CA LEU C 203 14.62 96.14 37.87
C LEU C 203 14.02 97.53 37.65
N GLU C 204 14.08 97.99 36.41
CA GLU C 204 13.57 99.30 36.01
C GLU C 204 13.01 99.25 34.60
N GLY C 205 12.09 100.17 34.32
CA GLY C 205 11.69 100.42 32.95
C GLY C 205 11.03 99.22 32.30
N LYS C 206 11.56 98.83 31.15
CA LYS C 206 10.99 97.71 30.42
C LYS C 206 11.22 96.39 31.14
N GLU C 207 12.41 96.19 31.69
CA GLU C 207 12.74 94.91 32.27
C GLU C 207 11.98 94.68 33.56
N LEU C 208 11.74 95.73 34.34
CA LEU C 208 10.83 95.61 35.48
C LEU C 208 9.42 95.29 35.00
N GLU C 209 8.95 96.02 33.99
CA GLU C 209 7.59 95.83 33.51
C GLU C 209 7.39 94.42 32.98
N PHE C 210 8.40 93.86 32.32
CA PHE C 210 8.23 92.57 31.67
C PHE C 210 8.03 91.46 32.70
N TYR C 211 8.88 91.41 33.72
CA TYR C 211 8.74 90.37 34.74
C TYR C 211 7.50 90.57 35.58
N MET C 212 7.09 91.81 35.79
CA MET C 212 5.90 92.08 36.58
C MET C 212 4.68 91.46 35.92
N ARG C 213 4.58 91.56 34.60
CA ARG C 213 3.49 90.88 33.91
C ARG C 213 3.62 89.37 34.04
N LYS C 214 4.85 88.86 34.11
CA LYS C 214 5.02 87.42 34.33
C LYS C 214 4.62 87.04 35.74
N LEU C 215 5.11 87.77 36.75
CA LEU C 215 4.82 87.39 38.11
C LEU C 215 3.35 87.56 38.47
N GLN C 216 2.58 88.22 37.62
CA GLN C 216 1.16 88.31 37.81
C GLN C 216 0.56 86.91 37.76
N MET D 1 100.08 -23.07 -33.28
CA MET D 1 100.59 -23.68 -34.49
C MET D 1 101.99 -24.24 -34.24
N ILE D 2 102.17 -25.51 -34.57
CA ILE D 2 103.45 -26.18 -34.36
C ILE D 2 103.92 -26.64 -35.73
N ILE D 3 104.69 -25.80 -36.39
CA ILE D 3 105.30 -26.14 -37.67
C ILE D 3 106.73 -26.61 -37.42
N SER D 4 107.13 -27.66 -38.12
CA SER D 4 108.49 -28.14 -37.97
C SER D 4 109.47 -27.17 -38.60
N LYS D 5 110.71 -27.21 -38.13
CA LYS D 5 111.75 -26.42 -38.78
C LYS D 5 111.90 -26.81 -40.24
N LYS D 6 111.70 -28.10 -40.55
CA LYS D 6 111.69 -28.53 -41.94
C LYS D 6 110.54 -27.89 -42.71
N ASN D 7 109.33 -28.02 -42.18
CA ASN D 7 108.16 -27.46 -42.84
C ASN D 7 108.21 -25.94 -42.88
N ARG D 8 108.66 -25.31 -41.80
CA ARG D 8 108.92 -23.87 -41.81
C ARG D 8 109.89 -23.50 -42.92
N ASN D 9 111.00 -24.24 -43.03
CA ASN D 9 112.05 -23.88 -43.97
C ASN D 9 111.56 -23.92 -45.42
N GLU D 10 110.65 -24.84 -45.76
CA GLU D 10 110.18 -24.93 -47.13
C GLU D 10 109.22 -23.81 -47.50
N ILE D 11 108.54 -23.21 -46.51
CA ILE D 11 107.68 -22.07 -46.82
C ILE D 11 108.52 -20.93 -47.39
N CYS D 12 109.55 -20.53 -46.65
CA CYS D 12 110.26 -19.30 -46.93
C CYS D 12 111.25 -19.45 -48.08
N LYS D 13 111.62 -20.69 -48.43
CA LYS D 13 112.41 -20.88 -49.65
C LYS D 13 111.66 -20.30 -50.84
N TYR D 14 110.37 -20.63 -50.95
CA TYR D 14 109.57 -20.13 -52.06
C TYR D 14 109.43 -18.61 -51.97
N LEU D 15 109.36 -18.05 -50.77
CA LEU D 15 109.25 -16.61 -50.62
C LEU D 15 110.40 -15.88 -51.32
N PHE D 16 111.65 -16.29 -51.05
CA PHE D 16 112.77 -15.60 -51.69
C PHE D 16 112.75 -15.77 -53.20
N GLN D 17 112.58 -17.00 -53.69
CA GLN D 17 112.72 -17.23 -55.12
C GLN D 17 111.76 -16.39 -55.93
N GLU D 18 110.51 -16.28 -55.47
CA GLU D 18 109.46 -15.61 -56.22
C GLU D 18 109.11 -14.24 -55.69
N GLY D 19 108.84 -14.13 -54.39
CA GLY D 19 108.43 -12.88 -53.78
C GLY D 19 106.95 -12.81 -53.43
N VAL D 20 106.11 -13.57 -54.12
CA VAL D 20 104.67 -13.55 -53.91
C VAL D 20 104.20 -14.94 -53.54
N LEU D 21 102.98 -15.01 -53.01
CA LEU D 21 102.43 -16.29 -52.58
C LEU D 21 100.91 -16.14 -52.53
N TYR D 22 100.20 -17.27 -52.56
CA TYR D 22 98.75 -17.23 -52.60
C TYR D 22 98.18 -18.55 -52.12
N ALA D 23 97.42 -18.52 -51.03
CA ALA D 23 96.63 -19.65 -50.57
C ALA D 23 95.16 -19.36 -50.84
N LYS D 24 94.31 -20.29 -50.44
CA LYS D 24 92.87 -20.12 -50.45
C LYS D 24 92.37 -20.10 -49.01
N LYS D 25 91.07 -19.88 -48.85
CA LYS D 25 90.40 -20.08 -47.58
C LYS D 25 90.27 -21.56 -47.23
N ASP D 26 90.58 -22.45 -48.17
CA ASP D 26 90.31 -23.88 -48.02
C ASP D 26 91.23 -24.43 -46.93
N TYR D 27 90.65 -24.80 -45.80
CA TYR D 27 91.43 -25.25 -44.66
C TYR D 27 91.73 -26.75 -44.71
N ASN D 28 93.02 -27.07 -44.56
CA ASN D 28 93.54 -28.43 -44.48
C ASN D 28 93.38 -29.18 -45.82
N LEU D 29 93.64 -28.48 -46.93
CA LEU D 29 93.63 -29.14 -48.23
C LEU D 29 94.64 -30.27 -48.30
N ALA D 30 95.71 -30.18 -47.51
CA ALA D 30 96.83 -31.10 -47.34
C ALA D 30 97.88 -30.99 -48.45
N LYS D 31 97.64 -30.21 -49.51
CA LYS D 31 98.63 -30.04 -50.58
C LYS D 31 98.44 -28.65 -51.17
N HIS D 32 99.24 -27.69 -50.73
CA HIS D 32 99.23 -26.39 -51.37
C HIS D 32 99.77 -26.55 -52.79
N PRO D 33 99.26 -25.78 -53.74
CA PRO D 33 99.94 -25.71 -55.04
C PRO D 33 101.27 -24.99 -54.88
N GLN D 34 102.20 -25.31 -55.78
CA GLN D 34 103.46 -24.59 -55.92
C GLN D 34 104.44 -24.89 -54.80
N ILE D 35 104.00 -25.53 -53.71
CA ILE D 35 104.84 -25.95 -52.60
C ILE D 35 104.22 -27.16 -51.94
N ASP D 36 104.94 -27.75 -50.98
CA ASP D 36 104.44 -28.88 -50.20
C ASP D 36 104.05 -28.39 -48.81
N VAL D 37 102.75 -28.36 -48.52
CA VAL D 37 102.26 -27.96 -47.20
C VAL D 37 100.75 -28.19 -47.14
N PRO D 38 100.18 -28.44 -45.96
CA PRO D 38 98.71 -28.59 -45.85
C PRO D 38 97.91 -27.30 -45.79
N ASN D 39 98.51 -26.17 -46.19
CA ASN D 39 97.84 -24.88 -46.35
C ASN D 39 97.49 -24.18 -45.06
N LEU D 40 97.59 -24.86 -43.92
CA LEU D 40 97.30 -24.15 -42.69
C LEU D 40 98.57 -23.49 -42.17
N GLN D 41 99.70 -24.20 -42.23
CA GLN D 41 100.95 -23.60 -41.80
C GLN D 41 101.30 -22.37 -42.62
N VAL D 42 101.14 -22.44 -43.95
CA VAL D 42 101.38 -21.27 -44.78
C VAL D 42 100.46 -20.14 -44.39
N ILE D 43 99.16 -20.41 -44.29
CA ILE D 43 98.21 -19.35 -43.96
C ILE D 43 98.54 -18.76 -42.60
N LYS D 44 98.80 -19.61 -41.61
CA LYS D 44 98.98 -19.05 -40.29
C LYS D 44 100.40 -18.60 -39.99
N LEU D 45 101.36 -18.78 -40.90
CA LEU D 45 102.62 -18.08 -40.72
C LEU D 45 102.72 -16.81 -41.56
N MET D 46 102.01 -16.73 -42.69
CA MET D 46 101.74 -15.44 -43.31
C MET D 46 101.13 -14.48 -42.31
N GLN D 47 100.20 -14.96 -41.50
CA GLN D 47 99.68 -14.14 -40.41
C GLN D 47 100.75 -13.78 -39.40
N SER D 48 101.75 -14.65 -39.20
CA SER D 48 102.86 -14.30 -38.33
C SER D 48 103.74 -13.23 -38.96
N PHE D 49 104.02 -13.36 -40.27
CA PHE D 49 104.72 -12.30 -40.97
C PHE D 49 103.89 -11.03 -41.07
N LYS D 50 102.57 -11.17 -41.30
CA LYS D 50 101.69 -10.00 -41.37
C LYS D 50 101.58 -9.31 -40.02
N SER D 51 101.48 -10.09 -38.94
CA SER D 51 101.43 -9.49 -37.60
C SER D 51 102.68 -8.69 -37.33
N LYS D 52 103.84 -9.23 -37.73
CA LYS D 52 105.10 -8.52 -37.61
C LYS D 52 105.43 -7.73 -38.87
N GLU D 53 104.44 -7.53 -39.75
CA GLU D 53 104.56 -6.78 -41.00
C GLU D 53 105.87 -7.07 -41.74
N TYR D 54 106.05 -8.35 -42.11
CA TYR D 54 107.02 -8.73 -43.12
C TYR D 54 106.36 -9.05 -44.46
N VAL D 55 105.11 -9.44 -44.44
CA VAL D 55 104.30 -9.55 -45.65
C VAL D 55 103.22 -8.48 -45.57
N ARG D 56 102.81 -7.99 -46.74
CA ARG D 56 101.64 -7.15 -46.87
C ARG D 56 100.50 -8.07 -47.33
N GLU D 57 99.45 -8.16 -46.55
CA GLU D 57 98.41 -9.13 -46.80
C GLU D 57 97.19 -8.40 -47.35
N THR D 58 96.86 -8.66 -48.61
CA THR D 58 95.56 -8.30 -49.14
C THR D 58 94.71 -9.54 -49.04
N PHE D 59 93.73 -9.50 -48.16
CA PHE D 59 92.95 -10.68 -47.84
C PHE D 59 92.11 -11.11 -49.02
N SER D 60 91.92 -10.21 -49.98
CA SER D 60 91.53 -10.55 -51.35
C SER D 60 90.23 -11.33 -51.37
N TRP D 61 89.34 -11.02 -50.43
CA TRP D 61 88.08 -11.72 -50.29
C TRP D 61 88.34 -13.20 -50.06
N GLN D 62 88.88 -13.49 -48.87
CA GLN D 62 89.18 -14.84 -48.36
C GLN D 62 90.08 -15.65 -49.30
N HIS D 63 90.80 -15.01 -50.22
CA HIS D 63 91.60 -15.74 -51.18
C HIS D 63 93.09 -15.45 -51.10
N TYR D 64 93.54 -14.67 -50.11
CA TYR D 64 94.90 -14.75 -49.57
C TYR D 64 95.98 -14.45 -50.63
N TYR D 65 96.08 -13.18 -50.99
CA TYR D 65 97.21 -12.69 -51.76
C TYR D 65 98.26 -12.08 -50.83
N TRP D 66 99.53 -12.36 -51.10
CA TRP D 66 100.60 -11.88 -50.22
C TRP D 66 101.81 -11.41 -50.99
N TYR D 67 102.36 -10.27 -50.57
CA TYR D 67 103.58 -9.72 -51.13
C TYR D 67 104.57 -9.49 -50.00
N LEU D 68 105.77 -10.06 -50.14
CA LEU D 68 106.82 -9.93 -49.15
C LEU D 68 107.40 -8.53 -49.15
N THR D 69 107.58 -7.97 -47.96
CA THR D 69 107.91 -6.56 -47.80
C THR D 69 109.34 -6.39 -47.30
N ASN D 70 109.95 -5.28 -47.72
CA ASN D 70 111.37 -5.01 -47.44
C ASN D 70 111.67 -5.09 -45.95
N ASP D 71 110.71 -4.71 -45.09
CA ASP D 71 110.95 -4.79 -43.65
C ASP D 71 111.33 -6.20 -43.24
N GLY D 72 110.79 -7.21 -43.91
CA GLY D 72 110.99 -8.58 -43.50
C GLY D 72 111.96 -9.38 -44.33
N ILE D 73 112.37 -8.86 -45.49
CA ILE D 73 113.39 -9.59 -46.26
C ILE D 73 114.70 -9.62 -45.48
N GLU D 74 115.05 -8.51 -44.83
CA GLU D 74 116.25 -8.50 -44.01
C GLU D 74 116.14 -9.47 -42.85
N PHE D 75 114.95 -9.57 -42.25
CA PHE D 75 114.79 -10.49 -41.13
C PHE D 75 114.70 -11.93 -41.61
N LEU D 76 114.01 -12.16 -42.73
CA LEU D 76 113.96 -13.50 -43.30
C LEU D 76 115.26 -13.87 -44.00
N ARG D 77 116.10 -12.89 -44.34
CA ARG D 77 117.42 -13.16 -44.91
C ARG D 77 118.31 -13.90 -43.92
N ASN D 78 118.13 -13.64 -42.62
CA ASN D 78 118.99 -14.23 -41.60
C ASN D 78 118.48 -15.58 -41.15
N PHE D 79 117.76 -16.26 -42.01
CA PHE D 79 117.27 -17.57 -41.62
C PHE D 79 117.58 -18.66 -42.63
N LEU D 80 117.47 -18.36 -43.92
CA LEU D 80 117.83 -19.31 -44.97
C LEU D 80 118.30 -18.48 -46.17
N ASN D 81 119.60 -18.24 -46.25
CA ASN D 81 120.16 -17.47 -47.37
C ASN D 81 121.68 -17.59 -47.42
N GLY E 2 34.76 55.28 -26.76
CA GLY E 2 36.16 55.28 -26.39
C GLY E 2 36.38 55.74 -24.97
N LYS E 3 37.54 56.31 -24.71
CA LYS E 3 37.85 56.81 -23.39
C LYS E 3 37.14 58.12 -23.11
N THR E 4 36.84 58.36 -21.84
CA THR E 4 36.35 59.65 -21.41
C THR E 4 37.54 60.59 -21.26
N ARG E 5 37.46 61.77 -21.85
CA ARG E 5 38.61 62.66 -21.90
C ARG E 5 38.37 64.05 -21.33
N GLY E 6 37.14 64.38 -20.96
CA GLY E 6 36.85 65.75 -20.54
C GLY E 6 37.73 66.18 -19.39
N MET E 7 37.99 67.49 -19.35
CA MET E 7 38.92 68.04 -18.35
C MET E 7 38.39 67.83 -16.93
N GLY E 8 37.08 67.76 -16.76
CA GLY E 8 36.51 67.58 -15.44
C GLY E 8 36.03 66.17 -15.22
N ALA E 9 36.63 65.21 -15.91
CA ALA E 9 36.19 63.83 -15.87
C ALA E 9 37.03 62.98 -14.93
N GLY E 10 37.82 63.61 -14.06
CA GLY E 10 38.77 62.86 -13.25
C GLY E 10 38.10 61.83 -12.36
N ARG E 11 36.88 62.11 -11.91
CA ARG E 11 36.19 61.18 -11.02
C ARG E 11 35.82 59.91 -11.77
N LYS E 12 35.32 60.06 -13.00
CA LYS E 12 34.95 58.92 -13.82
C LYS E 12 36.15 58.04 -14.12
N LEU E 13 37.27 58.65 -14.48
CA LEU E 13 38.46 57.88 -14.85
C LEU E 13 39.05 57.16 -13.65
N LYS E 14 39.14 57.84 -12.51
CA LYS E 14 39.74 57.23 -11.33
C LYS E 14 38.89 56.08 -10.81
N THR E 15 37.57 56.24 -10.82
CA THR E 15 36.69 55.16 -10.42
C THR E 15 36.85 53.95 -11.33
N HIS E 16 36.92 54.19 -12.64
CA HIS E 16 36.90 53.10 -13.60
C HIS E 16 38.11 52.20 -13.44
N ARG E 17 39.29 52.77 -13.27
CA ARG E 17 40.46 51.94 -13.03
C ARG E 17 40.31 51.17 -11.73
N ARG E 18 39.64 51.75 -10.74
CA ARG E 18 39.39 51.05 -9.50
C ARG E 18 38.50 49.83 -9.70
N ASN E 19 37.44 49.95 -10.48
CA ASN E 19 36.61 48.79 -10.77
C ASN E 19 37.38 47.75 -11.57
N GLN E 20 38.08 48.19 -12.62
CA GLN E 20 38.65 47.26 -13.58
C GLN E 20 39.91 46.59 -13.09
N ARG E 21 40.54 47.10 -12.03
CA ARG E 21 41.73 46.42 -11.55
C ARG E 21 41.40 45.08 -10.94
N TRP E 22 40.18 44.89 -10.48
CA TRP E 22 39.78 43.61 -9.92
C TRP E 22 39.75 42.51 -10.97
N ALA E 23 39.74 42.86 -12.25
CA ALA E 23 39.74 41.88 -13.31
C ALA E 23 41.13 41.38 -13.65
N ASP E 24 42.14 41.89 -12.97
CA ASP E 24 43.51 41.45 -13.12
C ASP E 24 43.80 40.45 -12.02
N LYS E 25 44.19 39.22 -12.39
CA LYS E 25 44.34 38.16 -11.40
C LYS E 25 45.44 38.48 -10.40
N ALA E 26 46.53 39.08 -10.84
CA ALA E 26 47.61 39.43 -9.92
C ALA E 26 47.13 40.39 -8.85
N TYR E 27 46.34 41.39 -9.23
CA TYR E 27 45.79 42.34 -8.27
C TYR E 27 44.87 41.65 -7.28
N LYS E 28 43.89 40.91 -7.78
CA LYS E 28 42.88 40.33 -6.91
C LYS E 28 43.48 39.27 -5.99
N LYS E 29 44.55 38.61 -6.44
CA LYS E 29 45.19 37.59 -5.62
C LYS E 29 45.78 38.19 -4.35
N SER E 30 46.42 39.34 -4.46
CA SER E 30 47.06 39.99 -3.33
C SER E 30 46.16 40.97 -2.60
N HIS E 31 44.93 41.20 -3.06
CA HIS E 31 44.04 42.16 -2.44
C HIS E 31 42.72 41.58 -1.97
N LEU E 32 42.51 40.28 -2.12
CA LEU E 32 41.24 39.68 -1.74
C LEU E 32 41.25 39.10 -0.34
N GLY E 33 42.43 38.84 0.22
CA GLY E 33 42.56 38.38 1.59
C GLY E 33 42.81 36.90 1.76
N ASN E 34 42.61 36.09 0.73
CA ASN E 34 42.69 34.65 0.88
C ASN E 34 44.11 34.13 0.95
N GLU E 35 45.11 34.98 0.75
CA GLU E 35 46.48 34.52 0.96
C GLU E 35 46.75 34.18 2.42
N TRP E 36 45.98 34.77 3.34
CA TRP E 36 46.12 34.42 4.74
C TRP E 36 45.39 33.13 5.09
N LYS E 37 44.49 32.67 4.22
CA LYS E 37 43.86 31.37 4.40
C LYS E 37 44.63 30.24 3.74
N LYS E 38 45.68 30.57 2.98
CA LYS E 38 46.58 29.56 2.45
C LYS E 38 47.36 28.94 3.60
N PRO E 39 47.92 27.74 3.41
CA PRO E 39 48.56 27.05 4.54
C PRO E 39 49.68 27.83 5.21
N PHE E 40 50.56 28.48 4.43
CA PHE E 40 51.68 29.19 5.04
C PHE E 40 51.27 30.47 5.74
N ALA E 41 50.14 31.07 5.34
CA ALA E 41 49.70 32.36 5.88
C ALA E 41 50.76 33.44 5.68
N GLY E 42 51.26 33.55 4.45
CA GLY E 42 52.19 34.60 4.11
C GLY E 42 53.56 34.49 4.74
N SER E 43 54.15 33.29 4.71
CA SER E 43 55.50 33.09 5.21
C SER E 43 56.36 32.46 4.11
N SER E 44 57.65 32.76 4.16
CA SER E 44 58.58 32.21 3.19
C SER E 44 58.92 30.75 3.46
N HIS E 45 59.05 30.36 4.73
CA HIS E 45 59.25 28.98 5.11
C HIS E 45 58.28 28.66 6.25
N ALA E 46 58.22 27.38 6.62
CA ALA E 46 57.37 26.98 7.72
C ALA E 46 57.89 25.68 8.30
N LYS E 47 57.81 25.55 9.62
CA LYS E 47 58.24 24.34 10.30
C LYS E 47 57.09 23.36 10.43
N GLY E 48 57.41 22.08 10.34
CA GLY E 48 56.39 21.05 10.37
C GLY E 48 56.93 19.76 10.95
N ILE E 49 56.02 18.81 11.13
CA ILE E 49 56.36 17.49 11.65
C ILE E 49 55.87 16.46 10.65
N VAL E 50 56.72 15.50 10.32
CA VAL E 50 56.40 14.53 9.29
C VAL E 50 55.39 13.51 9.79
N LEU E 51 54.33 13.28 9.00
CA LEU E 51 53.31 12.31 9.33
C LEU E 51 53.54 10.97 8.65
N GLU E 52 53.93 10.95 7.37
CA GLU E 52 54.39 9.74 6.73
C GLU E 52 55.09 10.07 5.43
N LYS E 53 55.92 9.14 4.98
CA LYS E 53 56.59 9.21 3.69
C LYS E 53 55.71 8.54 2.66
N ILE E 54 55.45 9.21 1.54
CA ILE E 54 54.36 8.78 0.67
C ILE E 54 54.77 8.40 -0.76
N GLY E 55 55.25 9.33 -1.57
CA GLY E 55 55.52 9.00 -2.95
C GLY E 55 54.30 9.11 -3.85
N ILE E 56 54.39 9.90 -4.92
CA ILE E 56 53.25 10.24 -5.76
C ILE E 56 53.64 10.05 -7.22
N GLU E 57 52.70 9.58 -8.04
CA GLU E 57 52.99 9.31 -9.44
C GLU E 57 53.16 10.61 -10.23
N ALA E 58 54.06 10.58 -11.21
CA ALA E 58 54.23 11.71 -12.09
C ALA E 58 53.17 11.73 -13.18
N LYS E 59 52.88 12.92 -13.69
CA LYS E 59 51.84 13.08 -14.68
C LYS E 59 52.24 12.45 -16.01
N GLN E 60 51.23 12.15 -16.83
CA GLN E 60 51.25 11.23 -17.96
C GLN E 60 52.52 11.18 -18.79
N PRO E 61 53.02 12.29 -19.34
CA PRO E 61 54.17 12.14 -20.25
C PRO E 61 55.36 11.50 -19.59
N ASN E 62 55.53 11.72 -18.28
CA ASN E 62 56.59 11.12 -17.49
C ASN E 62 56.08 9.87 -16.78
N SER E 63 57.00 9.16 -16.15
CA SER E 63 56.67 7.95 -15.42
C SER E 63 57.74 7.78 -14.33
N ALA E 64 57.39 8.13 -13.10
CA ALA E 64 58.33 8.02 -12.00
C ALA E 64 57.53 8.04 -10.71
N ILE E 65 58.19 7.66 -9.62
CA ILE E 65 57.65 7.81 -8.28
C ILE E 65 58.30 9.04 -7.69
N ARG E 66 57.54 10.13 -7.58
CA ARG E 66 58.01 11.36 -6.99
C ARG E 66 57.76 11.29 -5.49
N LYS E 67 58.83 11.29 -4.71
CA LYS E 67 58.74 10.96 -3.30
C LYS E 67 58.52 12.21 -2.47
N CYS E 68 57.51 12.17 -1.62
CA CYS E 68 57.10 13.31 -0.82
C CYS E 68 56.91 12.85 0.63
N ALA E 69 56.51 13.77 1.48
CA ALA E 69 56.17 13.47 2.85
C ALA E 69 54.95 14.30 3.23
N ARG E 70 53.99 13.72 3.94
CA ARG E 70 52.94 14.55 4.50
C ARG E 70 53.44 15.12 5.81
N VAL E 71 53.50 16.45 5.89
CA VAL E 71 53.94 17.12 7.09
C VAL E 71 52.76 17.89 7.65
N GLN E 72 52.80 18.15 8.96
CA GLN E 72 51.74 18.90 9.61
C GLN E 72 52.31 20.21 10.12
N LEU E 73 51.65 21.31 9.80
CA LEU E 73 52.19 22.62 10.12
C LEU E 73 51.94 22.96 11.59
N VAL E 74 53.01 23.40 12.26
CA VAL E 74 52.91 23.68 13.70
C VAL E 74 52.06 24.92 13.97
N LYS E 75 52.16 25.94 13.13
CA LYS E 75 51.50 27.21 13.46
C LYS E 75 49.99 27.11 13.38
N ASN E 76 49.47 26.25 12.52
CA ASN E 76 48.03 26.23 12.32
C ASN E 76 47.46 24.82 12.15
N GLY E 77 48.24 23.77 12.38
CA GLY E 77 47.73 22.43 12.28
C GLY E 77 47.57 21.91 10.87
N LYS E 78 48.01 22.66 9.87
CA LYS E 78 47.77 22.29 8.49
C LYS E 78 48.54 21.04 8.13
N LYS E 79 47.99 20.27 7.18
CA LYS E 79 48.65 19.09 6.65
C LYS E 79 48.84 19.29 5.16
N ILE E 80 50.08 19.18 4.70
CA ILE E 80 50.43 19.39 3.30
C ILE E 80 51.37 18.27 2.88
N ALA E 81 51.56 18.13 1.57
CA ALA E 81 52.51 17.19 1.01
C ALA E 81 53.72 17.96 0.48
N ALA E 82 54.91 17.53 0.87
CA ALA E 82 56.14 18.25 0.57
C ALA E 82 57.10 17.34 -0.15
N PHE E 83 57.63 17.81 -1.26
CA PHE E 83 58.59 17.04 -2.04
C PHE E 83 59.94 16.98 -1.34
N VAL E 84 60.59 15.83 -1.42
CA VAL E 84 61.95 15.68 -0.87
C VAL E 84 62.91 15.64 -2.05
N PRO E 85 63.49 16.76 -2.41
CA PRO E 85 64.12 16.92 -3.72
C PRO E 85 65.61 16.60 -3.87
N ASN E 86 65.93 15.31 -3.95
CA ASN E 86 67.23 14.80 -4.39
C ASN E 86 67.13 13.29 -4.55
N ASP E 87 68.23 12.70 -4.97
CA ASP E 87 68.29 11.26 -5.26
C ASP E 87 68.53 10.52 -3.95
N GLY E 88 67.56 9.72 -3.55
CA GLY E 88 67.65 8.97 -2.30
C GLY E 88 67.51 9.81 -1.06
N CYS E 89 67.10 11.06 -1.19
CA CYS E 89 67.08 11.94 -0.03
C CYS E 89 65.89 11.70 0.87
N LEU E 90 64.93 10.88 0.45
CA LEU E 90 63.81 10.53 1.31
C LEU E 90 64.26 9.70 2.51
N ASN E 91 65.36 8.96 2.35
CA ASN E 91 65.88 8.16 3.45
C ASN E 91 66.26 9.03 4.63
N PHE E 92 66.86 10.20 4.36
CA PHE E 92 67.22 11.12 5.42
C PHE E 92 66.00 11.57 6.21
N ILE E 93 64.82 11.53 5.57
CA ILE E 93 63.57 11.92 6.20
C ILE E 93 62.99 10.71 6.92
N GLU E 94 62.43 10.94 8.11
CA GLU E 94 61.92 9.85 8.92
C GLU E 94 60.46 10.21 9.23
N GLU E 95 59.81 9.57 10.19
CA GLU E 95 58.51 10.03 10.66
C GLU E 95 58.61 10.58 12.09
N ASN E 96 57.72 11.53 12.38
CA ASN E 96 57.71 12.30 13.62
C ASN E 96 58.98 13.12 13.79
N ASP E 97 59.52 13.63 12.69
CA ASP E 97 60.72 14.45 12.75
C ASP E 97 60.37 15.88 12.37
N GLU E 98 61.05 16.82 13.02
CA GLU E 98 60.88 18.21 12.70
C GLU E 98 61.40 18.48 11.30
N VAL E 99 60.76 19.40 10.59
CA VAL E 99 61.14 19.63 9.19
C VAL E 99 60.83 21.08 8.85
N LEU E 100 61.68 21.67 8.01
CA LEU E 100 61.46 23.03 7.53
C LEU E 100 60.94 22.98 6.11
N ILE E 101 59.79 23.60 5.87
CA ILE E 101 59.11 23.55 4.59
C ILE E 101 59.29 24.90 3.92
N ALA E 102 59.66 24.89 2.65
CA ALA E 102 59.74 26.10 1.86
C ALA E 102 58.74 26.03 0.72
N GLY E 103 58.61 27.15 0.01
CA GLY E 103 57.94 27.10 -1.28
C GLY E 103 58.74 26.30 -2.28
N PHE E 104 58.04 25.71 -3.24
CA PHE E 104 58.67 24.83 -4.21
C PHE E 104 58.91 25.56 -5.52
N GLY E 105 58.49 26.81 -5.60
CA GLY E 105 58.50 27.62 -6.80
C GLY E 105 57.09 27.92 -7.28
N ARG E 106 57.00 28.89 -8.18
CA ARG E 106 55.76 29.28 -8.85
C ARG E 106 54.69 29.78 -7.88
N LYS E 107 55.04 30.08 -6.64
CA LYS E 107 54.20 30.86 -5.73
C LYS E 107 52.84 30.21 -5.52
N GLY E 108 52.86 29.00 -4.97
CA GLY E 108 51.65 28.29 -4.63
C GLY E 108 51.01 27.53 -5.77
N HIS E 109 51.70 27.37 -6.89
CA HIS E 109 51.19 26.66 -8.05
C HIS E 109 52.05 25.41 -8.22
N ALA E 110 51.43 24.32 -8.65
CA ALA E 110 52.14 23.04 -8.78
C ALA E 110 53.26 23.13 -9.80
N VAL E 111 54.34 22.39 -9.55
CA VAL E 111 55.61 22.58 -10.25
C VAL E 111 56.06 21.27 -10.87
N GLY E 112 56.46 21.33 -12.14
CA GLY E 112 56.93 20.16 -12.83
C GLY E 112 55.80 19.19 -13.16
N ASP E 113 56.16 17.93 -13.28
CA ASP E 113 55.19 16.88 -13.57
C ASP E 113 54.42 16.43 -12.34
N ILE E 114 54.69 17.01 -11.17
CA ILE E 114 54.15 16.48 -9.92
C ILE E 114 52.75 17.02 -9.72
N PRO E 115 51.73 16.16 -9.67
CA PRO E 115 50.37 16.65 -9.45
C PRO E 115 50.14 17.06 -8.00
N GLY E 116 49.90 18.34 -7.79
CA GLY E 116 49.38 18.83 -6.53
C GLY E 116 50.39 19.09 -5.44
N VAL E 117 51.67 19.19 -5.76
CA VAL E 117 52.68 19.48 -4.75
C VAL E 117 53.29 20.85 -5.05
N ARG E 118 53.29 21.71 -4.05
CA ARG E 118 53.86 23.05 -4.20
C ARG E 118 54.73 23.42 -3.02
N PHE E 119 55.16 22.46 -2.22
CA PHE E 119 56.07 22.69 -1.11
C PHE E 119 57.24 21.73 -1.23
N LYS E 120 58.42 22.20 -0.83
CA LYS E 120 59.60 21.35 -0.80
C LYS E 120 60.17 21.34 0.61
N VAL E 121 60.73 20.20 0.99
CA VAL E 121 61.40 20.09 2.26
C VAL E 121 62.82 20.66 2.09
N VAL E 122 63.21 21.56 3.00
CA VAL E 122 64.51 22.21 2.88
C VAL E 122 65.41 21.95 4.08
N LYS E 123 64.85 21.61 5.25
CA LYS E 123 65.70 21.25 6.38
C LYS E 123 65.03 20.15 7.20
N VAL E 124 65.85 19.27 7.75
CA VAL E 124 65.40 18.19 8.63
C VAL E 124 66.27 18.19 9.87
N SER E 125 65.62 18.22 11.04
CA SER E 125 66.29 18.16 12.34
C SER E 125 67.32 19.27 12.51
N GLY E 126 67.11 20.41 11.84
CA GLY E 126 68.06 21.48 11.94
C GLY E 126 69.37 21.22 11.26
N VAL E 127 69.37 20.34 10.26
CA VAL E 127 70.53 20.05 9.44
C VAL E 127 70.16 20.31 8.00
N SER E 128 70.98 21.08 7.30
CA SER E 128 70.64 21.44 5.94
C SER E 128 70.50 20.19 5.09
N LEU E 129 69.42 20.14 4.30
CA LEU E 129 69.15 18.92 3.54
C LEU E 129 70.12 18.80 2.37
N LEU E 130 70.54 19.93 1.79
CA LEU E 130 71.65 19.93 0.86
C LEU E 130 72.92 19.47 1.55
N ALA E 131 73.12 19.88 2.80
CA ALA E 131 74.30 19.46 3.54
C ALA E 131 74.30 17.96 3.78
N LEU E 132 73.13 17.36 3.97
CA LEU E 132 73.05 15.92 4.12
C LEU E 132 73.32 15.22 2.80
N PHE E 133 72.75 15.73 1.70
CA PHE E 133 73.00 15.14 0.40
C PHE E 133 74.41 15.40 -0.08
N LYS E 134 75.11 16.33 0.56
CA LYS E 134 76.50 16.63 0.21
C LYS E 134 77.46 16.30 1.34
N GLU E 135 77.02 15.55 2.35
CA GLU E 135 77.87 14.98 3.39
C GLU E 135 78.54 16.00 4.28
N LYS E 136 78.34 17.30 4.06
CA LYS E 136 79.07 18.31 4.83
C LYS E 136 78.72 18.22 6.31
N LYS E 137 77.42 18.11 6.62
CA LYS E 137 76.96 17.99 8.00
C LYS E 137 76.03 16.80 8.12
N GLU E 138 76.31 15.94 9.10
CA GLU E 138 75.48 14.78 9.40
C GLU E 138 74.41 15.17 10.41
N LYS E 139 73.32 14.42 10.43
CA LYS E 139 72.25 14.72 11.39
C LYS E 139 72.49 14.02 12.73
N GLU F 6 44.92 20.29 -136.30
CA GLU F 6 44.07 19.29 -135.65
C GLU F 6 44.34 19.24 -134.14
N SER F 7 44.15 18.06 -133.56
CA SER F 7 44.48 17.77 -132.18
C SER F 7 44.48 16.25 -132.00
N LEU F 8 44.52 15.79 -130.76
CA LEU F 8 44.56 14.38 -130.42
C LEU F 8 43.30 13.98 -129.66
N VAL F 9 43.13 12.67 -129.46
CA VAL F 9 41.90 12.10 -128.93
C VAL F 9 42.22 11.08 -127.84
N TYR F 10 41.36 11.03 -126.82
CA TYR F 10 41.51 10.09 -125.72
C TYR F 10 40.95 8.73 -126.11
N ALA F 11 41.83 7.73 -126.19
CA ALA F 11 41.42 6.40 -126.65
C ALA F 11 41.23 5.41 -125.50
N GLY F 12 42.28 5.15 -124.72
CA GLY F 12 42.19 4.08 -123.73
C GLY F 12 43.07 4.31 -122.52
N VAL F 13 42.89 3.43 -121.53
CA VAL F 13 43.56 3.52 -120.23
C VAL F 13 44.00 2.13 -119.79
N MET F 14 45.17 2.06 -119.15
CA MET F 14 45.76 0.80 -118.68
C MET F 14 45.96 0.85 -117.17
N ARG F 15 45.64 -0.26 -116.50
CA ARG F 15 45.76 -0.34 -115.03
C ARG F 15 46.39 -1.69 -114.69
N GLY F 16 47.71 -1.69 -114.50
CA GLY F 16 48.41 -2.92 -114.16
C GLY F 16 49.50 -2.78 -113.12
N HIS F 17 49.78 -1.55 -112.71
CA HIS F 17 50.78 -1.28 -111.67
C HIS F 17 50.03 -0.72 -110.48
N ASN F 18 50.17 -1.37 -109.33
CA ASN F 18 49.38 -0.95 -108.17
C ASN F 18 49.75 0.47 -107.77
N ASP F 19 51.04 0.82 -107.80
CA ASP F 19 51.47 2.15 -107.39
C ASP F 19 51.92 2.95 -108.63
N VAL F 20 52.39 4.17 -108.38
CA VAL F 20 52.58 5.19 -109.41
C VAL F 20 53.38 4.63 -110.59
N VAL F 21 52.84 4.80 -111.79
CA VAL F 21 53.60 4.51 -113.00
C VAL F 21 54.75 5.50 -113.10
N THR F 22 55.91 5.03 -113.53
CA THR F 22 57.08 5.88 -113.57
C THR F 22 57.66 6.08 -114.96
N ALA F 23 57.48 5.14 -115.88
CA ALA F 23 58.07 5.31 -117.21
C ALA F 23 57.26 4.55 -118.25
N ILE F 24 57.41 4.98 -119.51
CA ILE F 24 56.84 4.31 -120.68
C ILE F 24 57.91 4.32 -121.77
N ALA F 25 58.05 3.21 -122.49
CA ALA F 25 59.05 3.09 -123.54
C ALA F 25 58.57 2.10 -124.58
N THR F 26 58.81 2.40 -125.86
CA THR F 26 58.37 1.53 -126.94
C THR F 26 59.55 1.20 -127.85
N PRO F 27 59.77 -0.09 -128.16
CA PRO F 27 60.83 -0.44 -129.12
C PRO F 27 60.30 -0.51 -130.54
N ILE F 28 60.96 0.20 -131.46
CA ILE F 28 60.45 0.29 -132.83
C ILE F 28 60.53 -1.04 -133.56
N ASP F 29 61.29 -2.01 -133.02
CA ASP F 29 61.48 -3.30 -133.66
C ASP F 29 60.26 -4.22 -133.51
N ASN F 30 59.54 -4.10 -132.39
CA ASN F 30 58.41 -4.99 -132.07
C ASN F 30 57.24 -4.19 -131.48
N SER F 31 56.84 -3.13 -132.18
CA SER F 31 56.02 -2.01 -131.70
C SER F 31 54.93 -2.33 -130.66
N PRO F 32 54.06 -3.33 -130.85
CA PRO F 32 52.94 -3.49 -129.91
C PRO F 32 53.35 -3.82 -128.48
N PHE F 33 54.57 -4.30 -128.25
CA PHE F 33 55.02 -4.64 -126.90
C PHE F 33 55.50 -3.40 -126.15
N ILE F 34 54.58 -2.78 -125.42
CA ILE F 34 54.88 -1.63 -124.57
C ILE F 34 55.43 -2.10 -123.23
N VAL F 35 56.40 -1.35 -122.69
CA VAL F 35 57.02 -1.65 -121.41
C VAL F 35 56.78 -0.48 -120.46
N SER F 36 56.63 -0.77 -119.17
CA SER F 36 56.32 0.26 -118.18
C SER F 36 56.95 -0.10 -116.84
N SER F 37 57.68 0.85 -116.27
CA SER F 37 58.16 0.77 -114.90
C SER F 37 57.17 1.46 -113.96
N SER F 38 57.27 1.14 -112.67
CA SER F 38 56.39 1.78 -111.69
C SER F 38 57.01 1.64 -110.31
N ARG F 39 56.37 2.30 -109.34
CA ARG F 39 56.88 2.22 -107.97
C ARG F 39 56.66 0.85 -107.36
N ASP F 40 55.64 0.10 -107.77
CA ASP F 40 55.68 -1.31 -107.42
C ASP F 40 56.93 -1.92 -108.06
N LYS F 41 57.55 -2.86 -107.36
CA LYS F 41 58.86 -3.33 -107.80
C LYS F 41 58.79 -4.06 -109.15
N SER F 42 57.60 -4.15 -109.73
CA SER F 42 57.40 -4.86 -110.98
C SER F 42 57.76 -3.99 -112.18
N LEU F 43 57.96 -4.66 -113.32
CA LEU F 43 58.14 -4.00 -114.62
C LEU F 43 57.21 -4.69 -115.61
N LEU F 44 56.05 -4.08 -115.88
CA LEU F 44 55.06 -4.69 -116.76
C LEU F 44 55.35 -4.48 -118.24
N VAL F 45 54.94 -5.47 -119.03
CA VAL F 45 54.86 -5.40 -120.49
C VAL F 45 53.44 -5.74 -120.90
N TRP F 46 52.81 -4.87 -121.68
CA TRP F 46 51.53 -5.27 -122.26
C TRP F 46 51.71 -5.88 -123.64
N ASP F 47 50.59 -6.32 -124.19
CA ASP F 47 50.46 -6.65 -125.60
C ASP F 47 49.27 -5.89 -126.15
N LEU F 48 49.37 -5.46 -127.40
CA LEU F 48 48.34 -4.60 -127.99
C LEU F 48 47.69 -5.30 -129.19
N THR F 49 46.45 -5.74 -128.99
CA THR F 49 45.52 -6.00 -130.08
C THR F 49 44.63 -4.79 -130.32
N ASN F 50 44.84 -3.72 -129.56
CA ASN F 50 44.33 -2.38 -129.81
C ASN F 50 42.80 -2.36 -129.73
N PRO F 51 42.22 -2.67 -128.58
CA PRO F 51 40.76 -2.83 -128.49
C PRO F 51 40.02 -1.58 -128.08
N ILE F 52 38.73 -1.56 -128.41
CA ILE F 52 37.74 -0.67 -127.84
C ILE F 52 36.50 -1.51 -127.63
N GLN F 53 36.02 -1.60 -126.39
CA GLN F 53 34.84 -2.41 -126.06
C GLN F 53 33.62 -1.51 -125.98
N ALA F 54 33.05 -1.20 -127.14
CA ALA F 54 31.81 -0.43 -127.22
C ALA F 54 30.61 -1.36 -126.97
N THR F 55 30.65 -2.03 -125.82
CA THR F 55 29.64 -3.01 -125.47
C THR F 55 29.13 -2.82 -124.05
N GLN F 56 29.94 -2.23 -123.18
CA GLN F 56 29.54 -1.99 -121.78
C GLN F 56 29.82 -0.52 -121.46
N ASP F 57 28.86 0.34 -121.83
CA ASP F 57 28.97 1.79 -121.60
C ASP F 57 30.34 2.31 -122.04
N SER F 58 30.78 1.87 -123.21
CA SER F 58 32.16 2.06 -123.67
C SER F 58 33.15 1.43 -122.68
N SER F 59 33.04 0.11 -122.53
CA SER F 59 33.94 -0.61 -121.63
C SER F 59 35.38 -0.29 -121.97
N SER F 60 36.07 0.36 -121.05
CA SER F 60 37.39 0.92 -121.31
C SER F 60 38.45 -0.13 -120.96
N GLU F 61 39.09 -0.69 -121.98
CA GLU F 61 40.28 -1.52 -121.85
C GLU F 61 41.08 -1.38 -123.12
N TYR F 62 42.35 -0.99 -123.01
CA TYR F 62 43.22 -0.89 -124.17
C TYR F 62 44.31 -1.94 -124.23
N GLY F 63 44.54 -2.67 -123.15
CA GLY F 63 45.65 -3.60 -123.17
C GLY F 63 45.35 -4.83 -122.34
N VAL F 64 46.26 -5.80 -122.45
CA VAL F 64 46.26 -7.00 -121.64
C VAL F 64 47.70 -7.25 -121.23
N PRO F 65 48.04 -7.08 -119.95
CA PRO F 65 49.45 -7.23 -119.55
C PRO F 65 49.96 -8.64 -119.83
N PHE F 66 51.25 -8.73 -120.13
CA PHE F 66 51.85 -9.99 -120.55
C PHE F 66 52.87 -10.52 -119.57
N ARG F 67 53.75 -9.67 -119.04
CA ARG F 67 54.74 -10.11 -118.04
C ARG F 67 55.07 -8.98 -117.08
N ARG F 68 55.05 -9.27 -115.77
CA ARG F 68 55.86 -8.50 -114.83
C ARG F 68 57.30 -8.96 -114.95
N LEU F 69 58.23 -8.02 -114.79
CA LEU F 69 59.61 -8.38 -114.50
C LEU F 69 59.83 -8.13 -113.01
N THR F 70 60.27 -9.13 -112.29
CA THR F 70 60.37 -9.06 -110.84
C THR F 70 61.83 -9.28 -110.44
N GLY F 71 62.21 -8.65 -109.33
CA GLY F 71 63.57 -8.78 -108.84
C GLY F 71 64.20 -7.48 -108.40
N HIS F 72 63.40 -6.43 -108.27
CA HIS F 72 63.92 -5.13 -107.89
C HIS F 72 63.65 -4.90 -106.41
N GLY F 73 64.66 -4.41 -105.70
CA GLY F 73 64.59 -4.25 -104.26
C GLY F 73 63.87 -3.03 -103.74
N HIS F 74 63.38 -2.16 -104.63
CA HIS F 74 62.69 -0.92 -104.26
C HIS F 74 61.94 -0.45 -105.51
N PHE F 75 61.49 0.80 -105.53
CA PHE F 75 60.79 1.32 -106.69
C PHE F 75 61.71 1.38 -107.90
N VAL F 76 61.19 0.97 -109.06
CA VAL F 76 61.95 0.98 -110.30
C VAL F 76 61.83 2.36 -110.92
N GLN F 77 62.95 3.11 -110.91
CA GLN F 77 62.91 4.50 -111.37
C GLN F 77 62.93 4.60 -112.90
N ASP F 78 64.04 4.22 -113.52
CA ASP F 78 64.23 4.45 -114.95
C ASP F 78 64.29 3.11 -115.66
N VAL F 79 63.66 3.05 -116.83
CA VAL F 79 63.66 1.87 -117.68
C VAL F 79 63.96 2.34 -119.09
N VAL F 80 64.58 1.48 -119.88
CA VAL F 80 64.96 1.80 -121.25
C VAL F 80 65.13 0.50 -122.01
N LEU F 81 65.05 0.58 -123.33
CA LEU F 81 65.02 -0.59 -124.19
C LEU F 81 66.25 -0.59 -125.07
N SER F 82 66.71 -1.79 -125.42
CA SER F 82 67.79 -1.90 -126.37
C SER F 82 67.39 -1.26 -127.68
N SER F 83 68.24 -0.41 -128.21
CA SER F 83 68.01 0.05 -129.57
C SER F 83 68.50 -0.95 -130.59
N ASP F 84 68.21 -2.23 -130.34
CA ASP F 84 68.43 -3.32 -131.29
C ASP F 84 67.32 -4.35 -131.29
N GLY F 85 66.60 -4.55 -130.19
CA GLY F 85 65.83 -5.76 -130.01
C GLY F 85 65.27 -5.93 -128.61
N GLN F 86 65.49 -7.10 -128.01
CA GLN F 86 64.66 -7.56 -126.91
C GLN F 86 65.13 -7.06 -125.54
N PHE F 87 66.43 -7.10 -125.25
CA PHE F 87 66.90 -6.80 -123.90
C PHE F 87 66.51 -5.40 -123.46
N ALA F 88 66.16 -5.26 -122.18
CA ALA F 88 65.74 -3.99 -121.60
C ALA F 88 66.49 -3.73 -120.30
N LEU F 89 66.95 -2.50 -120.11
CA LEU F 89 67.72 -2.14 -118.93
C LEU F 89 66.91 -1.19 -118.07
N SER F 90 66.91 -1.43 -116.76
CA SER F 90 66.28 -0.53 -115.80
C SER F 90 67.11 -0.46 -114.52
N GLY F 91 67.21 0.75 -113.97
CA GLY F 91 67.77 0.95 -112.64
C GLY F 91 66.70 1.52 -111.73
N SER F 92 66.84 1.25 -110.43
CA SER F 92 65.76 1.50 -109.49
C SER F 92 66.24 2.24 -108.26
N TRP F 93 65.26 2.57 -107.40
CA TRP F 93 65.57 3.12 -106.08
C TRP F 93 66.43 2.17 -105.26
N ASP F 94 66.44 0.89 -105.61
CA ASP F 94 67.28 -0.07 -104.93
C ASP F 94 68.76 0.14 -105.17
N GLY F 95 69.16 1.05 -106.05
CA GLY F 95 70.55 1.29 -106.34
C GLY F 95 71.18 0.29 -107.28
N GLU F 96 70.42 -0.65 -107.81
CA GLU F 96 70.89 -1.65 -108.74
C GLU F 96 70.66 -1.19 -110.17
N LEU F 97 71.31 -1.86 -111.11
CA LEU F 97 70.91 -1.84 -112.50
C LEU F 97 70.84 -3.26 -113.01
N ARG F 98 69.80 -3.55 -113.79
CA ARG F 98 69.53 -4.91 -114.26
C ARG F 98 69.17 -4.86 -115.74
N LEU F 99 69.50 -5.93 -116.45
CA LEU F 99 69.14 -6.04 -117.86
C LEU F 99 68.24 -7.26 -118.03
N TRP F 100 66.96 -7.01 -118.30
CA TRP F 100 65.99 -8.06 -118.51
C TRP F 100 66.12 -8.70 -119.89
N ASP F 101 65.68 -9.94 -119.98
CA ASP F 101 65.36 -10.59 -121.25
C ASP F 101 63.85 -10.68 -121.36
N LEU F 102 63.28 -10.00 -122.34
CA LEU F 102 61.83 -10.02 -122.49
C LEU F 102 61.33 -11.20 -123.31
N SER F 103 62.24 -11.99 -123.90
CA SER F 103 61.83 -13.20 -124.59
C SER F 103 61.51 -14.33 -123.63
N THR F 104 61.79 -14.15 -122.35
CA THR F 104 61.38 -15.06 -121.29
C THR F 104 60.71 -14.34 -120.13
N GLY F 105 61.21 -13.18 -119.74
CA GLY F 105 60.78 -12.52 -118.53
C GLY F 105 61.70 -12.67 -117.32
N VAL F 106 63.01 -12.81 -117.52
CA VAL F 106 63.95 -12.97 -116.42
C VAL F 106 65.12 -12.01 -116.61
N THR F 107 65.99 -11.98 -115.60
CA THR F 107 67.22 -11.21 -115.64
C THR F 107 68.31 -11.94 -116.39
N THR F 108 69.29 -11.18 -116.87
CA THR F 108 70.51 -11.75 -117.46
C THR F 108 71.77 -11.15 -116.87
N ARG F 109 71.78 -9.85 -116.60
CA ARG F 109 73.00 -9.17 -116.21
C ARG F 109 72.63 -8.01 -115.32
N ARG F 110 73.20 -7.97 -114.12
CA ARG F 110 72.91 -6.90 -113.17
C ARG F 110 74.12 -5.97 -113.08
N PHE F 111 73.87 -4.68 -113.35
CA PHE F 111 74.90 -3.66 -113.48
C PHE F 111 75.09 -2.87 -112.19
N VAL F 112 75.00 -3.52 -111.04
CA VAL F 112 75.11 -2.85 -109.76
C VAL F 112 76.50 -2.24 -109.59
N GLY F 113 76.63 -1.29 -108.67
CA GLY F 113 77.90 -0.66 -108.39
C GLY F 113 77.85 0.80 -107.96
N HIS F 114 76.65 1.40 -107.93
CA HIS F 114 76.47 2.72 -107.32
C HIS F 114 76.51 2.66 -105.81
N GLU F 115 76.98 3.76 -105.22
CA GLU F 115 77.04 3.89 -103.77
C GLU F 115 75.66 3.97 -103.15
N LYS F 116 74.69 4.55 -103.87
CA LYS F 116 73.38 4.82 -103.31
C LYS F 116 72.39 4.73 -104.48
N ASP F 117 71.19 5.30 -104.29
CA ASP F 117 70.08 5.15 -105.21
C ASP F 117 70.44 5.67 -106.61
N VAL F 118 69.69 5.17 -107.60
CA VAL F 118 69.93 5.40 -109.02
C VAL F 118 68.64 5.90 -109.68
N LEU F 119 68.69 7.08 -110.30
CA LEU F 119 67.48 7.71 -110.82
C LEU F 119 67.32 7.70 -112.34
N SER F 120 68.38 7.53 -113.12
CA SER F 120 68.17 7.53 -114.56
C SER F 120 69.22 6.69 -115.26
N VAL F 121 68.82 6.12 -116.41
CA VAL F 121 69.66 5.23 -117.20
C VAL F 121 69.44 5.52 -118.68
N ALA F 122 70.41 5.13 -119.50
CA ALA F 122 70.30 5.34 -120.94
C ALA F 122 71.30 4.44 -121.68
N PHE F 123 70.82 3.81 -122.76
CA PHE F 123 71.66 3.11 -123.71
C PHE F 123 72.34 4.08 -124.67
N SER F 124 72.96 3.55 -125.72
CA SER F 124 73.63 4.36 -126.73
C SER F 124 73.52 3.65 -128.07
N ILE F 125 74.20 4.22 -129.07
CA ILE F 125 74.05 3.75 -130.44
C ILE F 125 74.36 2.26 -130.55
N ASP F 126 75.62 1.90 -130.32
CA ASP F 126 76.01 0.50 -130.37
C ASP F 126 75.50 -0.31 -129.17
N ASN F 127 75.03 0.37 -128.12
CA ASN F 127 74.55 -0.25 -126.89
C ASN F 127 75.66 -0.93 -126.11
N ARG F 128 76.88 -0.40 -126.21
CA ARG F 128 78.01 -0.84 -125.41
C ARG F 128 78.26 0.06 -124.21
N GLN F 129 78.29 1.37 -124.41
CA GLN F 129 78.54 2.31 -123.34
C GLN F 129 77.19 2.86 -122.86
N ILE F 130 76.91 2.66 -121.58
CA ILE F 130 75.61 2.98 -120.99
C ILE F 130 75.84 3.83 -119.76
N VAL F 131 74.96 4.79 -119.54
CA VAL F 131 75.15 5.82 -118.53
C VAL F 131 74.04 5.72 -117.50
N SER F 132 74.41 5.79 -116.22
CA SER F 132 73.46 5.73 -115.12
C SER F 132 73.57 6.98 -114.28
N ALA F 133 72.42 7.52 -113.88
CA ALA F 133 72.35 8.65 -112.97
C ALA F 133 72.11 8.13 -111.56
N SER F 134 72.11 9.05 -110.60
CA SER F 134 71.93 8.64 -109.21
C SER F 134 71.61 9.83 -108.33
N ARG F 135 71.18 9.51 -107.10
CA ARG F 135 71.27 10.46 -106.00
C ARG F 135 72.68 10.47 -105.41
N ASP F 136 73.58 9.64 -105.94
CA ASP F 136 75.00 9.75 -105.59
C ASP F 136 75.54 11.13 -105.90
N ARG F 137 74.92 11.84 -106.84
CA ARG F 137 75.45 13.05 -107.47
C ARG F 137 76.67 12.75 -108.33
N THR F 138 76.93 11.48 -108.63
CA THR F 138 78.08 11.06 -109.41
C THR F 138 77.64 10.09 -110.48
N ILE F 139 77.89 10.45 -111.74
CA ILE F 139 77.50 9.61 -112.87
C ILE F 139 78.55 8.53 -113.08
N LYS F 140 78.11 7.34 -113.47
CA LYS F 140 79.00 6.23 -113.79
C LYS F 140 78.54 5.59 -115.09
N LEU F 141 79.51 5.25 -115.93
CA LEU F 141 79.27 4.59 -117.21
C LEU F 141 79.60 3.12 -117.08
N TRP F 142 78.82 2.27 -117.75
CA TRP F 142 78.98 0.84 -117.64
C TRP F 142 79.16 0.27 -119.04
N ASN F 143 79.96 -0.80 -119.14
CA ASN F 143 80.15 -1.50 -120.40
C ASN F 143 78.98 -2.42 -120.65
N THR F 144 79.14 -3.37 -121.57
CA THR F 144 78.13 -4.42 -121.71
C THR F 144 78.07 -5.33 -120.49
N LEU F 145 79.20 -5.52 -119.81
CA LEU F 145 79.34 -6.59 -118.83
C LEU F 145 79.32 -6.08 -117.39
N GLY F 146 78.65 -4.95 -117.14
CA GLY F 146 78.54 -4.47 -115.77
C GLY F 146 79.87 -4.16 -115.12
N GLU F 147 80.77 -3.50 -115.85
CA GLU F 147 82.09 -3.15 -115.37
C GLU F 147 82.29 -1.65 -115.53
N CYS F 148 83.26 -1.11 -114.81
CA CYS F 148 83.53 0.31 -114.86
C CYS F 148 84.58 0.63 -115.92
N LYS F 149 84.44 1.81 -116.53
CA LYS F 149 85.46 2.39 -117.38
C LYS F 149 85.74 3.83 -117.04
N TYR F 150 85.04 4.37 -116.05
CA TYR F 150 85.34 5.63 -115.38
C TYR F 150 84.30 5.80 -114.29
N THR F 151 84.49 6.83 -113.46
CA THR F 151 83.47 7.20 -112.48
C THR F 151 83.63 8.71 -112.27
N ILE F 152 82.84 9.48 -113.02
CA ILE F 152 82.98 10.94 -113.04
C ILE F 152 82.34 11.50 -111.78
N GLY F 153 83.09 12.34 -111.07
CA GLY F 153 82.66 12.81 -109.76
C GLY F 153 83.83 13.36 -108.99
N GLY F 154 83.58 13.62 -107.71
CA GLY F 154 84.46 14.43 -106.91
C GLY F 154 83.89 15.82 -106.70
N ASP F 155 84.29 16.45 -105.59
CA ASP F 155 83.73 17.74 -105.22
C ASP F 155 84.36 18.84 -106.06
N LEU F 156 84.21 20.10 -105.63
CA LEU F 156 84.79 21.20 -106.40
C LEU F 156 86.30 21.08 -106.53
N GLY F 157 86.93 20.34 -105.61
CA GLY F 157 88.31 19.94 -105.81
C GLY F 157 88.39 18.74 -106.72
N GLY F 158 87.56 17.73 -106.48
CA GLY F 158 87.65 16.49 -107.22
C GLY F 158 87.40 16.66 -108.72
N GLY F 159 86.39 17.44 -109.08
CA GLY F 159 86.06 17.56 -110.48
C GLY F 159 84.88 18.47 -110.71
N GLU F 160 84.42 18.50 -111.96
CA GLU F 160 83.29 19.33 -112.37
C GLU F 160 81.95 18.68 -112.12
N GLY F 161 81.92 17.39 -111.78
CA GLY F 161 80.70 16.68 -111.48
C GLY F 161 79.78 17.40 -110.51
N HIS F 162 78.48 17.12 -110.62
CA HIS F 162 77.45 17.83 -109.87
C HIS F 162 77.69 17.86 -108.37
N THR F 163 77.04 18.81 -107.69
CA THR F 163 77.04 18.90 -106.24
C THR F 163 75.75 18.37 -105.62
N GLY F 164 74.65 18.37 -106.35
CA GLY F 164 73.39 17.82 -105.89
C GLY F 164 72.95 16.63 -106.73
N TRP F 165 71.80 16.10 -106.36
CA TRP F 165 71.28 14.86 -106.95
C TRP F 165 71.12 15.04 -108.45
N VAL F 166 71.70 14.11 -109.22
CA VAL F 166 71.38 14.04 -110.63
C VAL F 166 69.97 13.49 -110.78
N SER F 167 69.17 14.11 -111.62
CA SER F 167 67.78 13.70 -111.79
C SER F 167 67.48 13.11 -113.15
N CYS F 168 68.43 13.14 -114.09
CA CYS F 168 68.18 12.66 -115.43
C CYS F 168 69.48 12.69 -116.22
N VAL F 169 69.60 11.79 -117.19
CA VAL F 169 70.63 11.83 -118.21
C VAL F 169 70.01 11.43 -119.53
N ARG F 170 70.72 11.73 -120.61
CA ARG F 170 70.38 11.21 -121.93
C ARG F 170 71.52 11.53 -122.87
N PHE F 171 71.82 10.61 -123.78
CA PHE F 171 72.94 10.75 -124.70
C PHE F 171 72.69 11.84 -125.73
N SER F 172 73.61 11.96 -126.69
CA SER F 172 73.40 12.86 -127.82
C SER F 172 72.93 12.08 -129.03
N PRO F 173 71.82 12.48 -129.66
CA PRO F 173 71.29 11.70 -130.79
C PRO F 173 72.00 11.95 -132.10
N ASN F 174 72.98 12.85 -132.16
CA ASN F 174 73.82 12.97 -133.33
C ASN F 174 74.92 11.91 -133.28
N ASN F 175 75.40 11.53 -134.47
CA ASN F 175 76.49 10.55 -134.51
C ASN F 175 77.85 11.22 -134.40
N PHE F 176 77.97 12.49 -134.77
CA PHE F 176 79.25 13.18 -134.81
C PHE F 176 79.47 14.10 -133.61
N ALA F 177 78.69 13.93 -132.54
CA ALA F 177 79.08 14.43 -131.23
C ALA F 177 78.37 13.71 -130.09
N PRO F 178 78.43 12.38 -130.00
CA PRO F 178 77.74 11.69 -128.91
C PRO F 178 78.31 12.07 -127.55
N THR F 179 77.45 12.61 -126.70
CA THR F 179 77.78 12.98 -125.33
C THR F 179 76.61 12.59 -124.44
N ILE F 180 76.57 13.13 -123.24
CA ILE F 180 75.47 12.90 -122.29
C ILE F 180 75.09 14.22 -121.63
N VAL F 181 73.79 14.51 -121.60
CA VAL F 181 73.27 15.72 -120.98
C VAL F 181 72.57 15.33 -119.69
N SER F 182 72.93 15.99 -118.58
CA SER F 182 72.40 15.65 -117.26
C SER F 182 71.82 16.88 -116.60
N GLY F 183 70.53 16.83 -116.28
CA GLY F 183 69.86 17.88 -115.52
C GLY F 183 69.59 17.40 -114.11
N SER F 184 69.67 18.32 -113.15
CA SER F 184 69.87 17.90 -111.77
C SER F 184 69.10 18.77 -110.78
N TRP F 185 69.01 18.26 -109.55
CA TRP F 185 68.39 18.95 -108.42
C TRP F 185 69.26 20.07 -107.86
N ASP F 186 70.59 20.02 -108.04
CA ASP F 186 71.43 21.11 -107.56
C ASP F 186 71.26 22.37 -108.37
N ARG F 187 70.38 22.34 -109.37
CA ARG F 187 70.18 23.45 -110.29
C ARG F 187 71.48 23.83 -111.00
N SER F 188 71.91 22.86 -111.81
CA SER F 188 73.05 23.04 -112.71
C SER F 188 72.97 21.94 -113.75
N VAL F 189 72.83 22.30 -115.02
CA VAL F 189 72.75 21.34 -116.12
C VAL F 189 74.11 21.30 -116.82
N LYS F 190 74.64 20.10 -117.00
CA LYS F 190 75.90 19.89 -117.69
C LYS F 190 75.71 19.00 -118.90
N VAL F 191 76.28 19.41 -120.02
CA VAL F 191 76.54 18.52 -121.15
C VAL F 191 77.98 18.06 -121.07
N TRP F 192 78.16 16.74 -120.94
CA TRP F 192 79.47 16.12 -120.75
C TRP F 192 80.01 15.70 -122.11
N ASN F 193 81.07 14.89 -122.12
CA ASN F 193 81.46 14.19 -123.34
C ASN F 193 81.93 12.79 -122.98
N LEU F 194 81.41 11.79 -123.69
CA LEU F 194 81.96 10.44 -123.50
C LEU F 194 83.39 10.37 -123.99
N THR F 195 83.80 11.32 -124.84
CA THR F 195 85.11 11.24 -125.47
C THR F 195 86.24 11.30 -124.46
N ASN F 196 86.15 12.18 -123.47
CA ASN F 196 87.26 12.32 -122.53
C ASN F 196 86.80 12.56 -121.10
N CYS F 197 85.58 12.16 -120.75
CA CYS F 197 85.04 12.24 -119.39
C CYS F 197 84.99 13.68 -118.85
N LYS F 198 85.09 14.68 -119.73
CA LYS F 198 84.93 16.07 -119.34
C LYS F 198 83.58 16.59 -119.86
N LEU F 199 83.35 17.90 -119.74
CA LEU F 199 82.09 18.48 -120.15
C LEU F 199 82.33 19.73 -121.00
N ARG F 200 81.44 19.95 -121.96
CA ARG F 200 81.55 21.12 -122.82
C ARG F 200 81.32 22.42 -122.06
N CYS F 201 80.07 22.66 -121.64
CA CYS F 201 79.70 23.89 -120.94
C CYS F 201 78.47 23.62 -120.09
N THR F 202 78.35 24.37 -118.99
CA THR F 202 77.23 24.21 -118.07
C THR F 202 76.12 25.18 -118.46
N LEU F 203 74.95 24.64 -118.82
CA LEU F 203 73.84 25.45 -119.29
C LEU F 203 73.10 26.03 -118.08
N ASP F 204 73.77 26.98 -117.43
CA ASP F 204 73.29 27.52 -116.17
C ASP F 204 72.04 28.35 -116.41
N GLY F 205 70.89 27.73 -116.21
CA GLY F 205 69.59 28.29 -116.57
C GLY F 205 68.69 28.62 -115.40
N HIS F 206 67.84 27.67 -115.03
CA HIS F 206 66.75 27.85 -114.07
C HIS F 206 67.25 28.33 -112.72
N GLY F 207 66.31 28.63 -111.82
CA GLY F 207 66.63 28.79 -110.41
C GLY F 207 66.10 27.64 -109.57
N GLY F 208 65.35 26.72 -110.19
CA GLY F 208 64.75 25.62 -109.48
C GLY F 208 65.08 24.29 -110.12
N TYR F 209 64.91 23.22 -109.33
CA TYR F 209 65.55 21.95 -109.62
C TYR F 209 65.06 21.34 -110.93
N VAL F 210 65.97 20.67 -111.63
CA VAL F 210 65.63 19.95 -112.85
C VAL F 210 65.02 18.61 -112.51
N SER F 211 63.98 18.24 -113.23
CA SER F 211 63.49 16.87 -113.22
C SER F 211 63.53 16.22 -114.59
N ALA F 212 63.96 16.93 -115.64
CA ALA F 212 63.86 16.40 -116.98
C ALA F 212 64.92 17.00 -117.90
N VAL F 213 65.36 16.18 -118.85
CA VAL F 213 66.15 16.63 -120.01
C VAL F 213 65.57 15.94 -121.24
N ALA F 214 65.20 16.73 -122.24
CA ALA F 214 64.71 16.19 -123.51
C ALA F 214 65.58 16.75 -124.63
N VAL F 215 66.20 15.87 -125.39
CA VAL F 215 67.18 16.25 -126.39
C VAL F 215 66.59 16.02 -127.77
N SER F 216 66.81 17.00 -128.65
CA SER F 216 66.28 17.12 -130.01
C SER F 216 66.24 15.78 -130.73
N PRO F 217 65.14 15.48 -131.43
CA PRO F 217 65.08 14.24 -132.21
C PRO F 217 66.12 14.18 -133.31
N ASP F 218 66.74 15.31 -133.66
CA ASP F 218 67.74 15.35 -134.73
C ASP F 218 69.05 15.96 -134.26
N GLY F 219 69.27 16.05 -132.95
CA GLY F 219 70.51 16.56 -132.40
C GLY F 219 70.73 18.04 -132.65
N SER F 220 69.85 18.88 -132.11
CA SER F 220 69.96 20.33 -132.31
C SER F 220 69.73 21.16 -131.06
N LEU F 221 69.00 20.69 -130.06
CA LEU F 221 68.59 21.54 -128.95
C LEU F 221 68.16 20.68 -127.77
N CYS F 222 68.06 21.30 -126.61
CA CYS F 222 68.08 20.62 -125.30
C CYS F 222 66.96 21.12 -124.40
N ALA F 223 65.73 21.12 -124.89
CA ALA F 223 64.59 21.61 -124.12
C ALA F 223 64.48 20.90 -122.78
N SER F 224 64.33 21.68 -121.71
CA SER F 224 64.31 21.14 -120.35
C SER F 224 63.41 21.97 -119.46
N GLY F 225 62.66 21.28 -118.59
CA GLY F 225 61.80 21.92 -117.61
C GLY F 225 62.20 21.59 -116.18
N GLY F 226 61.25 21.48 -115.27
CA GLY F 226 61.57 21.08 -113.92
C GLY F 226 60.62 21.74 -112.92
N LYS F 227 61.21 22.14 -111.79
CA LYS F 227 60.42 22.63 -110.66
C LYS F 227 59.60 23.86 -111.02
N ASP F 228 60.23 24.84 -111.68
CA ASP F 228 59.68 26.19 -111.72
C ASP F 228 58.47 26.32 -112.64
N GLY F 229 58.28 25.39 -113.56
CA GLY F 229 57.33 25.56 -114.63
C GLY F 229 57.89 26.22 -115.85
N VAL F 230 59.13 26.72 -115.79
CA VAL F 230 59.74 27.41 -116.92
C VAL F 230 60.60 26.40 -117.68
N THR F 231 60.02 25.81 -118.73
CA THR F 231 60.75 24.93 -119.62
C THR F 231 61.70 25.78 -120.47
N LEU F 232 62.96 25.36 -120.52
CA LEU F 232 64.00 26.09 -121.24
C LEU F 232 64.48 25.25 -122.43
N LEU F 233 64.39 25.81 -123.62
CA LEU F 233 65.03 25.25 -124.80
C LEU F 233 66.39 25.90 -125.00
N TRP F 234 67.38 25.09 -125.34
CA TRP F 234 68.75 25.58 -125.47
C TRP F 234 69.36 25.13 -126.79
N ASP F 235 70.29 25.93 -127.31
CA ASP F 235 71.14 25.49 -128.41
C ASP F 235 72.16 24.50 -127.86
N LEU F 236 72.07 23.24 -128.30
CA LEU F 236 73.00 22.23 -127.82
C LEU F 236 74.42 22.48 -128.31
N THR F 237 74.56 23.06 -129.51
CA THR F 237 75.87 23.16 -130.15
C THR F 237 76.90 23.81 -129.24
N GLU F 238 76.58 24.99 -128.70
CA GLU F 238 77.45 25.61 -127.70
C GLU F 238 76.60 26.50 -126.80
N GLY F 239 76.13 25.92 -125.69
CA GLY F 239 75.61 26.68 -124.56
C GLY F 239 74.86 27.97 -124.83
N LYS F 240 73.74 27.91 -125.57
CA LYS F 240 72.97 29.10 -125.89
C LYS F 240 71.49 28.87 -125.63
N ARG F 241 70.86 29.87 -125.01
CA ARG F 241 69.47 29.80 -124.57
C ARG F 241 68.58 30.45 -125.63
N LEU F 242 67.77 29.65 -126.30
CA LEU F 242 66.90 30.18 -127.35
C LEU F 242 65.83 31.09 -126.77
N TYR F 243 65.02 30.57 -125.86
CA TYR F 243 63.87 31.22 -125.28
C TYR F 243 63.24 30.29 -124.25
N SER F 244 62.44 30.88 -123.37
CA SER F 244 61.86 30.20 -122.23
C SER F 244 60.33 30.20 -122.31
N LEU F 245 59.71 29.09 -121.95
CA LEU F 245 58.26 28.96 -121.92
C LEU F 245 57.78 28.75 -120.49
N ASP F 246 56.55 29.17 -120.23
CA ASP F 246 55.97 29.21 -118.90
C ASP F 246 54.87 28.16 -118.80
N ALA F 247 55.24 26.96 -118.35
CA ALA F 247 54.24 25.98 -117.95
C ALA F 247 53.69 26.24 -116.57
N GLY F 248 54.33 27.12 -115.80
CA GLY F 248 53.79 27.62 -114.55
C GLY F 248 53.77 26.60 -113.43
N SER F 249 52.93 25.59 -113.56
CA SER F 249 52.81 24.55 -112.54
C SER F 249 54.01 23.61 -112.65
N ILE F 250 53.93 22.46 -111.97
CA ILE F 250 55.08 21.59 -111.86
C ILE F 250 55.39 20.93 -113.21
N ILE F 251 56.65 20.54 -113.38
CA ILE F 251 57.13 19.79 -114.53
C ILE F 251 57.97 18.63 -114.05
N ASN F 252 57.60 17.42 -114.46
CA ASN F 252 58.43 16.24 -114.22
C ASN F 252 58.92 15.60 -115.51
N SER F 253 58.04 15.37 -116.47
CA SER F 253 58.43 14.71 -117.71
C SER F 253 58.45 15.68 -118.88
N LEU F 254 59.08 15.22 -119.96
CA LEU F 254 59.17 15.92 -121.23
C LEU F 254 59.31 14.88 -122.33
N CYS F 255 59.08 15.32 -123.56
CA CYS F 255 59.46 14.51 -124.71
C CYS F 255 59.31 15.36 -125.96
N PHE F 256 59.98 14.92 -127.01
CA PHE F 256 59.88 15.51 -128.34
C PHE F 256 59.07 14.57 -129.22
N SER F 257 58.07 15.10 -129.91
CA SER F 257 57.40 14.28 -130.91
C SER F 257 58.44 13.76 -131.89
N PRO F 258 58.39 12.49 -132.25
CA PRO F 258 59.54 11.87 -132.93
C PRO F 258 60.00 12.64 -134.15
N ASN F 259 59.08 13.20 -134.91
CA ASN F 259 59.45 13.99 -136.07
C ASN F 259 58.76 15.36 -136.11
N ARG F 260 57.51 15.46 -135.65
CA ARG F 260 56.91 16.78 -135.53
C ARG F 260 57.60 17.59 -134.44
N TYR F 261 57.47 18.91 -134.53
CA TYR F 261 58.16 19.83 -133.62
C TYR F 261 57.22 20.18 -132.45
N TRP F 262 56.97 19.18 -131.61
CA TRP F 262 56.05 19.34 -130.49
C TRP F 262 56.72 18.93 -129.19
N LEU F 263 56.74 19.84 -128.23
CA LEU F 263 57.28 19.61 -126.91
C LEU F 263 56.14 19.46 -125.92
N CYS F 264 56.07 18.30 -125.28
CA CYS F 264 54.94 17.91 -124.45
C CYS F 264 55.41 17.82 -123.00
N ALA F 265 54.62 18.40 -122.09
CA ALA F 265 55.08 18.57 -120.71
C ALA F 265 53.96 18.29 -119.72
N ALA F 266 54.35 17.80 -118.54
CA ALA F 266 53.42 17.42 -117.49
C ALA F 266 53.22 18.58 -116.52
N THR F 267 51.96 18.96 -116.27
CA THR F 267 51.69 20.22 -115.60
C THR F 267 50.55 20.18 -114.56
N GLN F 268 50.40 19.06 -113.85
CA GLN F 268 49.67 19.02 -112.57
C GLN F 268 48.16 19.13 -112.68
N ASP F 269 47.66 19.58 -113.81
CA ASP F 269 46.24 19.60 -114.06
C ASP F 269 45.94 19.18 -115.47
N SER F 270 46.97 18.88 -116.26
CA SER F 270 46.89 18.60 -117.67
C SER F 270 48.27 18.22 -118.17
N ILE F 271 48.38 17.94 -119.46
CA ILE F 271 49.66 17.86 -120.14
C ILE F 271 49.68 18.98 -121.19
N LYS F 272 50.79 19.70 -121.27
CA LYS F 272 50.89 20.82 -122.19
C LYS F 272 51.88 20.50 -123.30
N ILE F 273 51.44 20.66 -124.55
CA ILE F 273 52.26 20.45 -125.73
C ILE F 273 52.54 21.80 -126.36
N TRP F 274 53.83 22.11 -126.55
CA TRP F 274 54.20 23.31 -127.27
C TRP F 274 54.42 22.98 -128.74
N ASP F 275 55.06 23.90 -129.45
CA ASP F 275 55.28 23.77 -130.89
C ASP F 275 56.48 24.62 -131.26
N LEU F 276 57.09 24.30 -132.39
CA LEU F 276 58.21 25.10 -132.89
C LEU F 276 57.89 25.95 -134.09
N GLU F 277 56.90 25.56 -134.91
CA GLU F 277 56.45 26.48 -135.95
C GLU F 277 55.81 27.72 -135.35
N SER F 278 55.20 27.57 -134.17
CA SER F 278 54.70 28.68 -133.38
C SER F 278 54.97 28.38 -131.91
N LYS F 279 55.58 29.33 -131.22
CA LYS F 279 56.01 29.11 -129.84
C LYS F 279 54.91 29.54 -128.87
N HIS F 280 53.76 28.89 -129.04
CA HIS F 280 52.53 29.22 -128.36
C HIS F 280 51.75 27.93 -128.17
N ILE F 281 51.10 27.80 -127.02
CA ILE F 281 50.47 26.53 -126.64
C ILE F 281 49.15 26.37 -127.39
N VAL F 282 49.00 25.25 -128.08
CA VAL F 282 47.82 24.99 -128.91
C VAL F 282 47.25 23.60 -128.63
N GLN F 283 47.60 22.99 -127.49
CA GLN F 283 47.19 21.61 -127.25
C GLN F 283 47.17 21.34 -125.75
N ASP F 284 45.97 21.24 -125.18
CA ASP F 284 45.79 20.98 -123.76
C ASP F 284 45.28 19.56 -123.55
N LEU F 285 45.76 18.90 -122.49
CA LEU F 285 45.60 17.45 -122.32
C LEU F 285 45.08 17.17 -120.90
N ARG F 286 43.76 17.28 -120.71
CA ARG F 286 43.13 17.22 -119.40
C ARG F 286 42.78 15.77 -119.02
N PRO F 287 43.01 15.37 -117.77
CA PRO F 287 42.52 14.06 -117.33
C PRO F 287 41.00 14.02 -117.29
N GLU F 288 40.45 12.86 -117.63
CA GLU F 288 39.02 12.71 -117.88
C GLU F 288 38.12 12.99 -116.68
N VAL F 289 38.15 12.13 -115.66
CA VAL F 289 37.10 12.09 -114.64
C VAL F 289 37.45 13.08 -113.53
N PRO F 290 36.57 14.06 -113.24
CA PRO F 290 36.93 15.18 -112.34
C PRO F 290 36.55 15.03 -110.87
N VAL F 291 36.30 13.80 -110.38
CA VAL F 291 35.71 13.53 -109.07
C VAL F 291 36.21 14.46 -107.96
N SER F 292 35.31 14.86 -107.06
CA SER F 292 35.61 15.92 -106.09
C SER F 292 36.69 15.60 -105.06
N THR F 293 37.39 14.48 -105.15
CA THR F 293 38.49 14.28 -104.23
C THR F 293 39.50 15.41 -104.37
N LYS F 294 40.44 15.48 -103.44
CA LYS F 294 41.44 16.53 -103.49
C LYS F 294 42.31 16.29 -104.73
N GLN F 295 43.36 17.11 -104.88
CA GLN F 295 44.07 17.30 -106.16
C GLN F 295 44.16 16.03 -106.98
N MET F 296 43.73 16.12 -108.24
CA MET F 296 43.45 14.96 -109.05
C MET F 296 44.74 14.39 -109.66
N LEU F 297 44.69 13.10 -110.01
CA LEU F 297 45.86 12.33 -110.40
C LEU F 297 46.72 13.11 -111.38
N TYR F 298 47.96 13.32 -110.99
CA TYR F 298 48.94 13.97 -111.85
C TYR F 298 49.38 12.99 -112.92
N CYS F 299 49.93 13.51 -113.99
CA CYS F 299 50.68 12.69 -114.92
C CYS F 299 52.16 12.95 -114.69
N THR F 300 52.91 11.88 -114.43
CA THR F 300 54.31 12.03 -114.09
C THR F 300 55.24 11.77 -115.28
N CYS F 301 54.92 10.77 -116.10
CA CYS F 301 55.79 10.35 -117.18
C CYS F 301 54.97 10.10 -118.43
N LEU F 302 55.61 10.25 -119.59
CA LEU F 302 54.90 10.04 -120.84
C LEU F 302 55.92 9.89 -121.96
N SER F 303 55.44 9.35 -123.08
CA SER F 303 56.30 9.09 -124.23
C SER F 303 55.42 8.90 -125.47
N TRP F 304 56.09 8.72 -126.62
CA TRP F 304 55.45 8.63 -127.92
C TRP F 304 55.67 7.27 -128.53
N SER F 305 54.77 6.87 -129.42
CA SER F 305 55.05 5.73 -130.28
C SER F 305 55.92 6.15 -131.46
N ALA F 306 56.46 5.15 -132.16
CA ALA F 306 57.41 5.41 -133.23
C ALA F 306 56.76 6.21 -134.37
N ASP F 307 55.57 5.77 -134.81
CA ASP F 307 54.91 6.50 -135.89
C ASP F 307 54.43 7.87 -135.44
N GLY F 308 54.44 8.14 -134.14
CA GLY F 308 53.88 9.37 -133.63
C GLY F 308 52.38 9.39 -133.57
N SER F 309 51.72 8.26 -133.85
CA SER F 309 50.27 8.19 -133.80
C SER F 309 49.75 7.99 -132.39
N THR F 310 50.60 7.62 -131.44
CA THR F 310 50.15 7.33 -130.08
C THR F 310 51.12 7.92 -129.08
N LEU F 311 50.64 8.87 -128.28
CA LEU F 311 51.29 9.27 -127.05
C LEU F 311 50.78 8.41 -125.89
N TYR F 312 51.68 8.10 -124.98
CA TYR F 312 51.33 7.39 -123.76
C TYR F 312 51.61 8.31 -122.59
N ALA F 313 50.82 8.21 -121.52
CA ALA F 313 51.03 9.04 -120.35
C ALA F 313 50.77 8.23 -119.09
N GLY F 314 51.77 8.15 -118.22
CA GLY F 314 51.64 7.45 -116.95
C GLY F 314 51.42 8.41 -115.80
N TYR F 315 50.62 7.98 -114.83
CA TYR F 315 50.08 8.87 -113.82
C TYR F 315 50.48 8.41 -112.42
N THR F 316 49.91 9.08 -111.41
CA THR F 316 50.24 8.84 -110.01
C THR F 316 49.45 7.70 -109.38
N ASP F 317 48.56 7.05 -110.12
CA ASP F 317 47.81 5.91 -109.61
C ASP F 317 47.97 4.72 -110.52
N GLY F 318 49.17 4.54 -111.06
CA GLY F 318 49.50 3.37 -111.83
C GLY F 318 48.79 3.22 -113.16
N THR F 319 48.04 4.22 -113.59
CA THR F 319 47.30 4.12 -114.85
C THR F 319 48.04 4.86 -115.96
N ILE F 320 48.08 4.25 -117.14
CA ILE F 320 48.58 4.89 -118.34
C ILE F 320 47.44 5.07 -119.33
N ARG F 321 47.33 6.28 -119.87
CA ARG F 321 46.28 6.64 -120.81
C ARG F 321 46.91 7.04 -122.14
N ILE F 322 46.47 6.40 -123.21
CA ILE F 322 47.02 6.58 -124.55
C ILE F 322 46.30 7.71 -125.24
N TYR F 323 47.04 8.49 -126.03
CA TYR F 323 46.46 9.58 -126.81
C TYR F 323 46.74 9.28 -128.28
N LYS F 324 45.70 8.99 -129.05
CA LYS F 324 45.83 8.88 -130.49
C LYS F 324 45.36 10.18 -131.14
N ILE F 325 45.23 10.17 -132.47
CA ILE F 325 45.05 11.41 -133.22
C ILE F 325 43.68 11.47 -133.89
N SER F 326 43.47 12.51 -134.69
CA SER F 326 42.25 12.65 -135.46
C SER F 326 42.47 12.46 -136.96
N GLY F 327 43.28 13.31 -137.60
CA GLY F 327 43.48 13.21 -139.02
C GLY F 327 44.06 14.43 -139.71
N GLN G 4 90.42 -30.13 -73.99
CA GLN G 4 89.65 -29.30 -74.91
C GLN G 4 88.39 -28.78 -74.21
N ILE G 5 88.04 -27.52 -74.48
CA ILE G 5 86.95 -26.85 -73.80
C ILE G 5 86.04 -26.24 -74.86
N SER G 6 84.74 -26.25 -74.57
CA SER G 6 83.73 -25.79 -75.53
C SER G 6 83.62 -24.28 -75.51
N LYS G 7 82.78 -23.75 -76.40
CA LYS G 7 82.64 -22.31 -76.52
C LYS G 7 81.88 -21.71 -75.34
N LYS G 8 80.82 -22.38 -74.88
CA LYS G 8 80.09 -21.84 -73.73
C LYS G 8 80.98 -21.74 -72.50
N LYS G 9 81.62 -22.85 -72.13
CA LYS G 9 82.54 -22.80 -70.98
C LYS G 9 83.69 -21.84 -71.23
N LYS G 10 84.12 -21.69 -72.47
CA LYS G 10 85.18 -20.73 -72.76
C LYS G 10 84.76 -19.32 -72.45
N PHE G 11 83.64 -18.87 -73.02
CA PHE G 11 83.28 -17.46 -72.89
C PHE G 11 83.00 -17.10 -71.43
N VAL G 12 82.42 -18.02 -70.68
CA VAL G 12 82.21 -17.82 -69.25
C VAL G 12 83.55 -17.78 -68.52
N SER G 13 84.50 -18.60 -68.95
CA SER G 13 85.81 -18.62 -68.30
C SER G 13 86.51 -17.28 -68.42
N ASP G 14 86.48 -16.68 -69.61
CA ASP G 14 87.04 -15.35 -69.81
C ASP G 14 86.30 -14.32 -68.96
N GLY G 15 84.98 -14.40 -68.91
CA GLY G 15 84.22 -13.41 -68.19
C GLY G 15 84.47 -13.44 -66.70
N VAL G 16 84.53 -14.64 -66.11
CA VAL G 16 84.80 -14.75 -64.69
C VAL G 16 86.23 -14.27 -64.37
N PHE G 17 87.17 -14.54 -65.27
CA PHE G 17 88.55 -14.09 -65.05
C PHE G 17 88.63 -12.58 -64.96
N TYR G 18 87.88 -11.89 -65.82
CA TYR G 18 87.85 -10.43 -65.77
C TYR G 18 87.36 -9.94 -64.41
N ALA G 19 86.28 -10.53 -63.91
CA ALA G 19 85.68 -10.06 -62.67
C ALA G 19 86.61 -10.29 -61.48
N GLU G 20 87.15 -11.49 -61.36
CA GLU G 20 88.08 -11.76 -60.26
C GLU G 20 89.28 -10.84 -60.34
N LEU G 21 89.79 -10.62 -61.55
CA LEU G 21 90.89 -9.69 -61.75
C LEU G 21 90.49 -8.27 -61.34
N ASN G 22 89.36 -7.77 -61.87
CA ASN G 22 88.98 -6.39 -61.63
C ASN G 22 88.62 -6.16 -60.17
N GLU G 23 87.97 -7.15 -59.55
CA GLU G 23 87.68 -7.08 -58.12
C GLU G 23 88.88 -7.45 -57.27
N MET G 24 89.98 -7.89 -57.88
CA MET G 24 91.26 -8.01 -57.20
C MET G 24 92.12 -6.76 -57.37
N LEU G 25 91.95 -6.05 -58.47
CA LEU G 25 92.69 -4.81 -58.68
C LEU G 25 92.12 -3.67 -57.86
N THR G 26 91.10 -3.91 -57.06
CA THR G 26 90.56 -2.91 -56.15
C THR G 26 91.01 -3.11 -54.71
N ARG G 27 91.31 -4.34 -54.31
CA ARG G 27 91.83 -4.56 -52.96
C ARG G 27 93.15 -3.83 -52.74
N GLU G 28 94.02 -3.84 -53.74
CA GLU G 28 95.35 -3.27 -53.60
C GLU G 28 95.39 -1.82 -54.06
N LEU G 29 95.06 -1.59 -55.33
CA LEU G 29 95.18 -0.25 -55.89
C LEU G 29 93.98 0.59 -55.48
N ALA G 30 93.71 0.60 -54.18
CA ALA G 30 92.65 1.44 -53.62
C ALA G 30 93.13 2.88 -53.50
N GLU G 31 94.18 3.10 -52.70
CA GLU G 31 94.78 4.42 -52.59
C GLU G 31 95.82 4.64 -53.70
N ASP G 32 95.42 4.36 -54.94
CA ASP G 32 96.25 4.62 -56.11
C ASP G 32 95.49 5.22 -57.27
N GLY G 33 94.16 5.29 -57.20
CA GLY G 33 93.39 5.81 -58.31
C GLY G 33 93.15 4.81 -59.41
N TYR G 34 93.07 3.54 -59.07
CA TYR G 34 92.74 2.51 -60.05
C TYR G 34 91.36 2.79 -60.63
N SER G 35 91.23 2.63 -61.95
CA SER G 35 89.98 2.91 -62.63
C SER G 35 89.44 1.78 -63.48
N GLY G 36 90.26 0.81 -63.87
CA GLY G 36 89.79 -0.27 -64.72
C GLY G 36 90.95 -1.03 -65.30
N VAL G 37 90.60 -2.13 -65.96
CA VAL G 37 91.60 -3.06 -66.50
C VAL G 37 91.14 -3.52 -67.87
N GLU G 38 92.07 -3.58 -68.81
CA GLU G 38 91.82 -4.07 -70.15
C GLU G 38 92.56 -5.39 -70.32
N VAL G 39 91.82 -6.48 -70.39
CA VAL G 39 92.39 -7.82 -70.53
C VAL G 39 92.36 -8.17 -72.01
N ARG G 40 93.47 -7.92 -72.70
CA ARG G 40 93.60 -8.31 -74.10
C ARG G 40 94.34 -9.63 -74.18
N VAL G 41 94.10 -10.36 -75.28
CA VAL G 41 94.76 -11.63 -75.54
C VAL G 41 95.35 -11.54 -76.94
N THR G 42 96.66 -11.35 -77.03
CA THR G 42 97.39 -11.35 -78.29
C THR G 42 97.91 -12.74 -78.59
N PRO G 43 98.40 -12.97 -79.79
CA PRO G 43 99.19 -14.18 -80.03
C PRO G 43 100.46 -14.16 -79.17
N MET G 44 100.75 -15.32 -78.58
CA MET G 44 101.87 -15.58 -77.66
C MET G 44 101.92 -14.63 -76.47
N ARG G 45 100.87 -13.84 -76.22
CA ARG G 45 100.94 -12.90 -75.10
C ARG G 45 99.52 -12.49 -74.73
N THR G 46 99.27 -12.28 -73.44
CA THR G 46 97.95 -11.87 -72.97
C THR G 46 98.08 -10.59 -72.15
N GLU G 47 97.41 -9.53 -72.58
CA GLU G 47 97.57 -8.21 -71.98
C GLU G 47 96.65 -8.02 -70.79
N ILE G 48 97.16 -7.34 -69.77
CA ILE G 48 96.36 -6.85 -68.65
C ILE G 48 96.70 -5.36 -68.52
N ILE G 49 95.95 -4.52 -69.23
CA ILE G 49 96.24 -3.09 -69.26
C ILE G 49 95.54 -2.44 -68.07
N ILE G 50 96.20 -2.50 -66.92
CA ILE G 50 95.75 -1.70 -65.79
C ILE G 50 95.82 -0.24 -66.19
N ARG G 51 94.90 0.55 -65.68
CA ARG G 51 94.94 1.98 -65.94
C ARG G 51 94.51 2.71 -64.68
N ALA G 52 95.22 3.80 -64.38
CA ALA G 52 94.99 4.51 -63.14
C ALA G 52 95.20 6.00 -63.38
N THR G 53 94.91 6.77 -62.35
CA THR G 53 95.17 8.20 -62.36
C THR G 53 96.44 8.58 -61.61
N ARG G 54 97.14 7.60 -61.00
CA ARG G 54 98.45 7.80 -60.36
C ARG G 54 99.35 6.62 -60.72
N THR G 55 100.08 6.75 -61.82
CA THR G 55 100.82 5.61 -62.36
C THR G 55 102.09 5.29 -61.57
N GLN G 56 102.79 6.29 -61.05
CA GLN G 56 104.01 6.02 -60.32
C GLN G 56 103.74 5.20 -59.07
N ASN G 57 102.52 5.26 -58.53
CA ASN G 57 102.19 4.52 -57.33
C ASN G 57 102.07 3.03 -57.61
N VAL G 58 101.39 2.66 -58.70
CA VAL G 58 101.17 1.24 -58.98
C VAL G 58 102.48 0.57 -59.38
N LEU G 59 103.34 1.28 -60.11
CA LEU G 59 104.64 0.72 -60.45
C LEU G 59 105.51 0.51 -59.23
N GLY G 60 105.20 1.19 -58.11
CA GLY G 60 106.12 1.13 -57.00
C GLY G 60 107.43 1.82 -57.39
N GLU G 61 108.52 1.30 -56.85
CA GLU G 61 109.84 1.83 -57.14
C GLU G 61 110.51 0.96 -58.19
N LYS G 62 110.83 1.57 -59.34
CA LYS G 62 111.55 0.89 -60.41
C LYS G 62 110.86 -0.40 -60.84
N GLY G 63 109.53 -0.36 -60.88
CA GLY G 63 108.79 -1.55 -61.26
C GLY G 63 108.92 -2.70 -60.29
N ARG G 64 108.90 -2.42 -58.99
CA ARG G 64 108.88 -3.51 -58.02
C ARG G 64 107.47 -4.02 -57.81
N ARG G 65 106.51 -3.13 -57.58
CA ARG G 65 105.14 -3.56 -57.36
C ARG G 65 104.57 -4.26 -58.58
N ILE G 66 104.86 -3.76 -59.78
CA ILE G 66 104.34 -4.41 -60.97
C ILE G 66 104.94 -5.80 -61.14
N ARG G 67 106.20 -5.98 -60.69
CA ARG G 67 106.75 -7.33 -60.62
C ARG G 67 105.89 -8.20 -59.72
N GLU G 68 105.57 -7.69 -58.54
CA GLU G 68 104.72 -8.40 -57.58
C GLU G 68 103.44 -8.85 -58.25
N LEU G 69 102.79 -7.91 -58.95
CA LEU G 69 101.45 -8.12 -59.49
C LEU G 69 101.44 -9.12 -60.64
N THR G 70 102.37 -8.98 -61.60
CA THR G 70 102.37 -9.88 -62.74
C THR G 70 102.67 -11.32 -62.34
N SER G 71 103.55 -11.51 -61.35
CA SER G 71 103.96 -12.87 -61.01
C SER G 71 102.87 -13.60 -60.24
N VAL G 72 102.20 -12.92 -59.31
CA VAL G 72 101.18 -13.60 -58.54
C VAL G 72 99.93 -13.84 -59.41
N VAL G 73 99.64 -12.95 -60.36
CA VAL G 73 98.62 -13.24 -61.36
C VAL G 73 99.05 -14.44 -62.20
N GLN G 74 100.30 -14.44 -62.64
CA GLN G 74 100.90 -15.59 -63.32
C GLN G 74 100.58 -16.88 -62.59
N LYS G 75 100.93 -16.94 -61.30
CA LYS G 75 100.84 -18.17 -60.54
C LYS G 75 99.40 -18.55 -60.25
N ARG G 76 98.56 -17.57 -59.88
CA ARG G 76 97.22 -17.87 -59.39
C ARG G 76 96.33 -18.48 -60.46
N PHE G 77 96.27 -17.87 -61.64
CA PHE G 77 95.34 -18.30 -62.67
C PHE G 77 95.97 -19.24 -63.69
N ASN G 78 97.05 -19.92 -63.31
CA ASN G 78 97.66 -20.99 -64.10
C ASN G 78 97.91 -20.57 -65.55
N PHE G 79 98.79 -19.60 -65.71
CA PHE G 79 99.34 -19.27 -67.01
C PHE G 79 100.75 -19.86 -67.14
N LEU G 80 101.12 -20.20 -68.37
CA LEU G 80 102.51 -20.54 -68.62
C LEU G 80 103.38 -19.37 -68.21
N GLU G 81 104.44 -19.66 -67.45
CA GLU G 81 105.30 -18.59 -66.94
C GLU G 81 105.95 -17.83 -68.08
N ASN G 82 106.00 -16.50 -67.94
CA ASN G 82 106.39 -15.51 -68.94
C ASN G 82 105.27 -15.30 -69.93
N GLY G 83 104.10 -15.88 -69.67
CA GLY G 83 102.94 -15.70 -70.53
C GLY G 83 102.30 -14.34 -70.41
N VAL G 84 101.74 -14.03 -69.24
CA VAL G 84 100.89 -12.86 -69.05
C VAL G 84 101.72 -11.67 -68.60
N GLU G 85 101.24 -10.47 -68.92
CA GLU G 85 101.91 -9.22 -68.58
C GLU G 85 100.90 -8.22 -68.04
N LEU G 86 101.40 -7.29 -67.23
CA LEU G 86 100.59 -6.19 -66.72
C LEU G 86 101.21 -4.86 -67.12
N TYR G 87 100.34 -3.88 -67.42
CA TYR G 87 100.79 -2.57 -67.88
C TYR G 87 100.01 -1.51 -67.14
N ALA G 88 100.56 -0.29 -67.08
CA ALA G 88 100.00 0.78 -66.27
C ALA G 88 99.84 2.05 -67.10
N GLU G 89 98.65 2.23 -67.69
CA GLU G 89 98.36 3.48 -68.40
C GLU G 89 97.79 4.53 -67.45
N LYS G 90 97.70 5.75 -67.96
CA LYS G 90 97.09 6.87 -67.26
C LYS G 90 95.80 7.25 -67.96
N VAL G 91 94.79 7.62 -67.18
CA VAL G 91 93.46 7.89 -67.71
C VAL G 91 93.44 9.28 -68.35
N VAL G 92 92.95 9.36 -69.58
CA VAL G 92 93.09 10.60 -70.35
C VAL G 92 92.34 11.75 -69.67
N ASN G 93 91.23 11.45 -69.00
CA ASN G 93 90.52 12.40 -68.17
C ASN G 93 90.26 11.76 -66.82
N ARG G 94 90.28 12.57 -65.77
CA ARG G 94 90.03 12.02 -64.45
C ARG G 94 88.58 12.18 -64.02
N GLY G 95 87.93 13.28 -64.43
CA GLY G 95 86.60 13.57 -63.97
C GLY G 95 85.52 12.71 -64.59
N LEU G 96 85.80 12.09 -65.73
CA LEU G 96 84.79 11.34 -66.45
C LEU G 96 84.66 9.90 -65.99
N CYS G 97 85.48 9.48 -65.03
CA CYS G 97 85.49 8.09 -64.55
C CYS G 97 85.03 8.08 -63.10
N ALA G 98 83.84 7.55 -62.86
CA ALA G 98 83.24 7.58 -61.53
C ALA G 98 84.02 6.72 -60.54
N ILE G 99 84.70 5.69 -61.02
CA ILE G 99 85.54 4.86 -60.15
C ILE G 99 86.61 5.71 -59.49
N ALA G 100 87.31 6.52 -60.29
CA ALA G 100 88.33 7.41 -59.74
C ALA G 100 87.71 8.45 -58.82
N GLN G 101 86.54 8.98 -59.20
CA GLN G 101 85.94 10.06 -58.42
C GLN G 101 85.32 9.53 -57.14
N ALA G 102 84.71 8.34 -57.18
CA ALA G 102 84.19 7.75 -55.97
C ALA G 102 85.30 7.46 -54.96
N GLU G 103 86.44 6.94 -55.43
CA GLU G 103 87.52 6.61 -54.51
C GLU G 103 88.17 7.88 -53.95
N SER G 104 88.31 8.91 -54.78
CA SER G 104 88.75 10.21 -54.28
C SER G 104 87.82 10.74 -53.20
N LEU G 105 86.51 10.63 -53.43
CA LEU G 105 85.55 11.11 -52.44
C LEU G 105 85.60 10.26 -51.18
N ARG G 106 85.78 8.95 -51.33
CA ARG G 106 85.94 8.08 -50.17
C ARG G 106 87.12 8.49 -49.31
N TYR G 107 88.27 8.76 -49.92
CA TYR G 107 89.46 9.04 -49.14
C TYR G 107 89.36 10.40 -48.44
N LYS G 108 88.62 11.34 -49.02
CA LYS G 108 88.40 12.61 -48.34
C LYS G 108 87.58 12.42 -47.06
N LEU G 109 86.48 11.68 -47.16
CA LEU G 109 85.61 11.46 -46.01
C LEU G 109 86.32 10.67 -44.94
N LEU G 110 87.11 9.68 -45.33
CA LEU G 110 87.87 8.91 -44.35
C LEU G 110 88.84 9.80 -43.60
N GLY G 111 89.56 10.66 -44.32
CA GLY G 111 90.58 11.47 -43.70
C GLY G 111 90.05 12.44 -42.67
N GLY G 112 88.85 12.97 -42.90
CA GLY G 112 88.27 13.89 -41.94
C GLY G 112 87.91 15.23 -42.52
N LEU G 113 87.94 15.35 -43.85
CA LEU G 113 87.33 16.50 -44.49
C LEU G 113 85.84 16.50 -44.20
N ALA G 114 85.28 17.69 -44.03
CA ALA G 114 83.84 17.81 -43.82
C ALA G 114 83.11 17.21 -45.01
N VAL G 115 81.95 16.60 -44.74
CA VAL G 115 81.29 15.79 -45.76
C VAL G 115 80.87 16.64 -46.94
N ARG G 116 80.19 17.75 -46.68
CA ARG G 116 79.68 18.60 -47.74
C ARG G 116 80.81 19.31 -48.50
N ARG G 117 81.92 19.61 -47.83
CA ARG G 117 83.09 20.12 -48.52
C ARG G 117 83.57 19.15 -49.59
N ALA G 118 83.52 17.86 -49.27
CA ALA G 118 84.00 16.85 -50.20
C ALA G 118 83.09 16.69 -51.41
N CYS G 119 81.77 16.65 -51.18
CA CYS G 119 80.85 16.34 -52.27
C CYS G 119 80.79 17.45 -53.31
N TYR G 120 80.74 18.70 -52.86
CA TYR G 120 80.79 19.80 -53.82
C TYR G 120 82.15 19.88 -54.50
N GLY G 121 83.22 19.59 -53.76
CA GLY G 121 84.54 19.55 -54.37
C GLY G 121 84.61 18.53 -55.50
N VAL G 122 84.06 17.34 -55.27
CA VAL G 122 83.98 16.34 -56.33
C VAL G 122 83.13 16.86 -57.47
N LEU G 123 81.99 17.45 -57.14
CA LEU G 123 80.99 17.81 -58.13
C LEU G 123 81.53 18.85 -59.12
N ARG G 124 82.12 19.92 -58.60
CA ARG G 124 82.69 20.94 -59.49
C ARG G 124 83.91 20.44 -60.25
N PHE G 125 84.70 19.53 -59.68
CA PHE G 125 85.82 18.96 -60.42
C PHE G 125 85.32 18.24 -61.67
N VAL G 126 84.34 17.37 -61.49
CA VAL G 126 83.81 16.58 -62.61
C VAL G 126 83.23 17.49 -63.68
N MET G 127 82.50 18.52 -63.25
CA MET G 127 81.93 19.47 -64.20
C MET G 127 83.03 20.28 -64.88
N GLU G 128 84.05 20.71 -64.13
CA GLU G 128 85.18 21.41 -64.72
C GLU G 128 86.02 20.50 -65.60
N SER G 129 85.88 19.18 -65.45
CA SER G 129 86.54 18.24 -66.33
C SER G 129 85.83 18.08 -67.66
N GLY G 130 84.61 18.58 -67.80
CA GLY G 130 83.95 18.58 -69.09
C GLY G 130 82.67 17.75 -69.18
N ALA G 131 82.19 17.26 -68.04
CA ALA G 131 81.03 16.38 -68.03
C ALA G 131 79.75 17.13 -68.35
N LYS G 132 78.83 16.45 -69.03
CA LYS G 132 77.51 17.02 -69.25
C LYS G 132 76.75 17.18 -67.93
N GLY G 133 77.06 16.36 -66.94
CA GLY G 133 76.44 16.48 -65.65
C GLY G 133 77.01 15.47 -64.69
N CYS G 134 76.76 15.70 -63.41
CA CYS G 134 77.21 14.82 -62.36
C CYS G 134 76.11 14.71 -61.31
N GLU G 135 76.11 13.59 -60.59
CA GLU G 135 75.18 13.41 -59.48
C GLU G 135 75.87 12.58 -58.42
N VAL G 136 75.79 13.04 -57.17
CA VAL G 136 76.47 12.40 -56.06
C VAL G 136 75.46 12.16 -54.94
N ILE G 137 75.52 10.96 -54.35
CA ILE G 137 74.64 10.58 -53.26
C ILE G 137 75.49 10.02 -52.13
N VAL G 138 75.25 10.47 -50.92
CA VAL G 138 75.89 9.94 -49.72
C VAL G 138 74.79 9.50 -48.78
N SER G 139 74.91 8.30 -48.22
CA SER G 139 73.88 7.76 -47.34
C SER G 139 74.52 7.07 -46.15
N GLY G 140 74.11 7.46 -44.96
CA GLY G 140 74.62 6.88 -43.74
C GLY G 140 74.24 7.73 -42.54
N LYS G 141 74.94 7.51 -41.44
CA LYS G 141 74.69 8.25 -40.20
C LYS G 141 75.70 9.38 -40.08
N LEU G 142 75.24 10.61 -40.32
CA LEU G 142 76.10 11.79 -40.20
C LEU G 142 75.66 12.60 -38.99
N ARG G 143 76.48 12.58 -37.94
CA ARG G 143 76.33 13.39 -36.73
C ARG G 143 75.18 12.91 -35.84
N ALA G 144 74.34 12.02 -36.36
CA ALA G 144 73.12 11.66 -35.66
C ALA G 144 72.77 10.21 -35.96
N GLN G 145 72.19 9.55 -34.96
CA GLN G 145 72.00 8.11 -35.04
C GLN G 145 71.04 7.72 -36.15
N ARG G 146 70.03 8.54 -36.43
CA ARG G 146 69.12 8.23 -37.53
C ARG G 146 69.79 8.50 -38.87
N ALA G 147 69.71 7.53 -39.78
CA ALA G 147 70.38 7.65 -41.07
C ALA G 147 69.63 8.60 -42.00
N LYS G 148 70.40 9.29 -42.83
CA LYS G 148 69.86 10.22 -43.79
C LYS G 148 70.76 10.24 -45.02
N SER G 149 70.23 10.73 -46.13
CA SER G 149 70.92 10.72 -47.40
C SER G 149 70.95 12.12 -48.01
N MET G 150 72.11 12.49 -48.52
CA MET G 150 72.33 13.78 -49.16
C MET G 150 72.61 13.58 -50.64
N LYS G 151 72.05 14.43 -51.48
CA LYS G 151 72.19 14.30 -52.92
C LYS G 151 72.66 15.62 -53.51
N PHE G 152 73.78 15.57 -54.23
CA PHE G 152 74.38 16.73 -54.88
C PHE G 152 74.35 16.48 -56.38
N LYS G 153 73.76 17.41 -57.12
CA LYS G 153 73.50 17.23 -58.53
C LYS G 153 73.93 18.47 -59.30
N ASP G 154 74.30 18.27 -60.57
CA ASP G 154 74.74 19.39 -61.39
C ASP G 154 74.62 19.01 -62.86
N GLY G 155 74.29 19.99 -63.68
CA GLY G 155 74.22 19.76 -65.11
C GLY G 155 73.08 18.84 -65.52
N TYR G 156 73.28 18.19 -66.66
CA TYR G 156 72.30 17.28 -67.22
C TYR G 156 72.42 15.89 -66.62
N MET G 157 71.33 15.11 -66.71
CA MET G 157 71.32 13.75 -66.20
C MET G 157 70.10 13.02 -66.73
N ILE G 158 70.30 11.86 -67.34
CA ILE G 158 69.21 10.99 -67.78
C ILE G 158 69.15 9.79 -66.85
N SER G 159 68.01 9.10 -66.86
CA SER G 159 67.87 7.90 -66.05
C SER G 159 67.22 6.71 -66.73
N SER G 160 66.57 6.86 -67.87
CA SER G 160 65.84 5.76 -68.47
C SER G 160 66.32 5.49 -69.89
N GLY G 161 65.84 4.38 -70.44
CA GLY G 161 66.11 4.02 -71.82
C GLY G 161 67.43 3.33 -72.03
N GLN G 162 67.68 2.98 -73.29
CA GLN G 162 68.96 2.39 -73.69
C GLN G 162 70.14 3.35 -73.50
N PRO G 163 70.08 4.62 -73.92
CA PRO G 163 71.27 5.47 -73.85
C PRO G 163 71.85 5.63 -72.46
N VAL G 164 71.18 5.14 -71.42
CA VAL G 164 71.77 5.15 -70.09
C VAL G 164 73.07 4.38 -70.08
N ASN G 165 73.11 3.23 -70.74
CA ASN G 165 74.30 2.37 -70.70
C ASN G 165 75.50 3.05 -71.34
N GLU G 166 75.29 3.75 -72.45
CA GLU G 166 76.39 4.27 -73.25
C GLU G 166 76.75 5.73 -72.92
N TYR G 167 76.13 6.33 -71.92
CA TYR G 167 76.41 7.73 -71.59
C TYR G 167 76.66 7.99 -70.12
N ILE G 168 76.41 7.04 -69.23
CA ILE G 168 76.52 7.24 -67.79
C ILE G 168 77.65 6.38 -67.26
N ASP G 169 78.55 6.98 -66.49
CA ASP G 169 79.59 6.25 -65.78
C ASP G 169 79.28 6.37 -64.29
N ALA G 170 78.92 5.26 -63.67
CA ALA G 170 78.45 5.27 -62.29
C ALA G 170 79.28 4.32 -61.46
N ALA G 171 79.51 4.69 -60.21
CA ALA G 171 80.24 3.85 -59.27
C ALA G 171 79.54 3.88 -57.92
N VAL G 172 79.71 2.80 -57.17
CA VAL G 172 79.26 2.69 -55.80
C VAL G 172 80.45 2.23 -54.96
N ARG G 173 80.72 2.92 -53.85
CA ARG G 173 81.79 2.53 -52.95
C ARG G 173 81.33 2.69 -51.53
N HIS G 174 81.60 1.68 -50.70
CA HIS G 174 81.36 1.80 -49.28
C HIS G 174 82.50 2.55 -48.61
N VAL G 175 82.19 3.22 -47.51
CA VAL G 175 83.16 3.91 -46.68
C VAL G 175 82.91 3.47 -45.25
N LEU G 176 83.97 3.26 -44.49
CA LEU G 176 83.81 2.63 -43.19
C LEU G 176 84.12 3.63 -42.09
N LEU G 177 83.55 4.83 -42.22
CA LEU G 177 83.64 5.82 -41.16
C LEU G 177 83.18 5.22 -39.84
N ARG G 178 83.88 5.59 -38.77
CA ARG G 178 83.58 5.05 -37.46
C ARG G 178 82.13 5.33 -37.12
N GLN G 179 81.49 4.36 -36.46
CA GLN G 179 80.08 4.42 -36.07
C GLN G 179 79.14 4.27 -37.25
N GLY G 180 79.52 3.53 -38.29
CA GLY G 180 78.57 3.19 -39.33
C GLY G 180 79.26 2.94 -40.66
N VAL G 181 78.46 2.98 -41.72
CA VAL G 181 78.93 2.87 -43.09
C VAL G 181 78.22 3.94 -43.91
N LEU G 182 78.98 4.78 -44.58
CA LEU G 182 78.44 5.72 -45.55
C LEU G 182 78.74 5.20 -46.94
N GLY G 183 77.69 4.88 -47.70
CA GLY G 183 77.85 4.46 -49.07
C GLY G 183 77.89 5.67 -49.99
N ILE G 184 78.75 5.58 -50.99
CA ILE G 184 78.99 6.66 -51.94
C ILE G 184 78.49 6.22 -53.30
N LYS G 185 77.63 7.02 -53.92
CA LYS G 185 77.20 6.80 -55.28
C LYS G 185 77.61 8.00 -56.11
N VAL G 186 78.40 7.77 -57.15
CA VAL G 186 78.81 8.83 -58.06
C VAL G 186 78.28 8.49 -59.44
N LYS G 187 77.32 9.28 -59.90
CA LYS G 187 76.69 9.11 -61.22
C LYS G 187 77.14 10.26 -62.10
N ILE G 188 77.92 9.96 -63.13
CA ILE G 188 78.54 10.96 -63.99
C ILE G 188 78.02 10.78 -65.41
N MET G 189 77.55 11.86 -66.00
CA MET G 189 77.02 11.81 -67.36
C MET G 189 78.08 12.29 -68.34
N LEU G 190 78.27 11.52 -69.41
CA LEU G 190 79.26 11.84 -70.43
C LEU G 190 78.66 12.71 -71.51
N ASP G 191 79.54 13.25 -72.35
CA ASP G 191 79.12 14.04 -73.49
C ASP G 191 79.53 13.38 -74.79
N TRP G 192 78.72 13.61 -75.82
CA TRP G 192 78.95 13.13 -77.17
C TRP G 192 80.30 13.54 -77.71
N ASP G 193 81.21 12.59 -77.89
CA ASP G 193 82.57 12.86 -78.35
C ASP G 193 82.87 12.00 -79.56
N PRO G 194 82.80 12.56 -80.77
CA PRO G 194 83.00 11.71 -81.97
C PRO G 194 84.37 11.07 -82.03
N LYS G 195 85.38 11.70 -81.42
CA LYS G 195 86.71 11.09 -81.36
C LYS G 195 86.66 9.78 -80.59
N GLY G 196 85.87 9.73 -79.53
CA GLY G 196 85.64 8.52 -78.77
C GLY G 196 86.48 8.38 -77.52
N LYS G 197 87.52 9.21 -77.37
CA LYS G 197 88.49 9.00 -76.31
C LYS G 197 87.95 9.45 -74.96
N LEU G 198 87.14 10.50 -74.93
CA LEU G 198 86.54 10.99 -73.69
C LEU G 198 85.11 10.49 -73.51
N GLY G 199 84.22 10.78 -74.46
CA GLY G 199 82.84 10.37 -74.37
C GLY G 199 82.44 9.42 -75.48
N PRO G 200 81.19 8.98 -75.48
CA PRO G 200 80.73 8.02 -76.49
C PRO G 200 80.77 8.61 -77.87
N THR G 201 80.43 7.79 -78.86
CA THR G 201 80.44 8.20 -80.25
C THR G 201 79.06 8.53 -80.82
N THR G 202 78.04 7.67 -80.59
CA THR G 202 76.74 8.08 -81.09
C THR G 202 76.13 9.14 -80.18
N PRO G 203 75.25 9.98 -80.71
CA PRO G 203 74.61 11.00 -79.87
C PRO G 203 73.45 10.39 -79.07
N LEU G 204 72.77 11.27 -78.34
CA LEU G 204 71.53 10.92 -77.67
C LEU G 204 70.47 10.59 -78.74
N PRO G 205 69.59 9.63 -78.47
CA PRO G 205 68.65 9.20 -79.53
C PRO G 205 67.72 10.30 -80.02
N ASP G 206 67.48 11.33 -79.22
CA ASP G 206 66.59 12.41 -79.65
C ASP G 206 67.35 13.73 -79.71
N LEU G 207 68.53 13.69 -80.33
CA LEU G 207 69.34 14.86 -80.61
C LEU G 207 69.44 14.98 -82.12
N VAL G 208 69.18 16.17 -82.65
CA VAL G 208 69.17 16.39 -84.09
C VAL G 208 70.06 17.55 -84.44
N THR G 209 70.57 17.54 -85.66
CA THR G 209 71.40 18.63 -86.18
C THR G 209 70.99 18.88 -87.61
N ILE G 210 70.29 19.99 -87.84
CA ILE G 210 69.86 20.38 -89.18
C ILE G 210 70.96 21.22 -89.78
N HIS G 211 71.68 20.67 -90.76
CA HIS G 211 72.86 21.34 -91.31
C HIS G 211 72.47 22.69 -91.90
N PRO G 212 73.31 23.71 -91.74
CA PRO G 212 72.98 25.05 -92.27
C PRO G 212 72.82 25.02 -93.78
N PRO G 213 71.82 25.73 -94.31
CA PRO G 213 71.59 25.75 -95.76
C PRO G 213 72.56 26.64 -96.51
N LYS G 214 73.72 26.08 -96.90
CA LYS G 214 74.70 26.85 -97.66
C LYS G 214 74.06 27.44 -98.91
N GLU G 215 74.56 28.61 -99.31
CA GLU G 215 73.98 29.36 -100.43
C GLU G 215 74.94 29.38 -101.60
N GLU G 216 74.46 28.97 -102.77
CA GLU G 216 75.18 29.18 -104.01
C GLU G 216 74.19 29.56 -105.13
N ALA H 2 52.21 65.43 25.18
CA ALA H 2 52.90 65.26 26.45
C ALA H 2 52.05 65.80 27.58
N ARG H 3 52.56 65.66 28.80
CA ARG H 3 51.89 66.13 30.01
C ARG H 3 52.65 67.29 30.65
N GLY H 4 53.35 68.07 29.85
CA GLY H 4 54.10 69.20 30.36
C GLY H 4 55.10 69.69 29.34
N LEU H 5 55.98 70.58 29.79
CA LEU H 5 56.94 71.17 28.87
C LEU H 5 57.93 70.12 28.40
N LYS H 6 58.73 70.53 27.41
CA LYS H 6 59.77 69.70 26.83
C LYS H 6 61.12 70.33 27.14
N LYS H 7 62.04 69.57 27.71
CA LYS H 7 63.31 70.12 28.16
C LYS H 7 64.50 69.71 27.30
N HIS H 8 64.30 68.88 26.30
CA HIS H 8 65.36 68.41 25.43
C HIS H 8 65.22 68.95 24.03
N LEU H 9 66.36 69.18 23.38
CA LEU H 9 66.42 69.53 21.98
C LEU H 9 67.37 68.56 21.29
N LYS H 10 66.82 67.61 20.56
CA LYS H 10 67.66 66.72 19.77
C LYS H 10 68.24 67.47 18.58
N ARG H 11 69.47 67.10 18.20
CA ARG H 11 70.26 67.95 17.33
C ARG H 11 69.59 68.19 15.98
N LEU H 12 69.02 67.14 15.38
CA LEU H 12 68.40 67.30 14.07
C LEU H 12 67.25 68.28 14.09
N ASN H 13 66.69 68.56 15.26
CA ASN H 13 65.53 69.43 15.40
C ASN H 13 65.93 70.87 15.70
N ALA H 14 67.21 71.16 15.86
CA ALA H 14 67.67 72.50 16.21
C ALA H 14 67.55 73.44 15.01
N PRO H 15 67.48 74.75 15.26
CA PRO H 15 67.43 75.71 14.15
C PRO H 15 68.61 75.53 13.20
N SER H 16 68.31 75.59 11.90
CA SER H 16 69.32 75.26 10.91
C SER H 16 70.49 76.24 10.94
N HIS H 17 70.26 77.46 11.40
CA HIS H 17 71.28 78.49 11.32
C HIS H 17 72.32 78.37 12.43
N TRP H 18 72.24 77.35 13.28
CA TRP H 18 73.30 77.11 14.25
C TRP H 18 74.48 76.35 13.65
N MET H 19 74.28 75.69 12.51
CA MET H 19 75.31 74.90 11.84
C MET H 19 75.91 73.83 12.73
N LEU H 20 75.11 73.31 13.66
CA LEU H 20 75.50 72.11 14.38
C LEU H 20 75.57 70.94 13.42
N ASP H 21 76.45 70.00 13.73
CA ASP H 21 76.75 68.87 12.85
C ASP H 21 76.01 67.62 13.32
N LYS H 22 75.36 66.93 12.39
CA LYS H 22 74.38 65.91 12.75
C LYS H 22 74.99 64.68 13.42
N LEU H 23 76.30 64.51 13.42
CA LEU H 23 76.91 63.40 14.13
C LEU H 23 77.65 63.81 15.40
N GLY H 24 77.58 65.06 15.81
CA GLY H 24 78.33 65.49 16.96
C GLY H 24 77.65 65.18 18.28
N GLY H 25 76.59 64.39 18.24
CA GLY H 25 75.85 64.07 19.43
C GLY H 25 74.36 63.95 19.19
N ALA H 26 73.63 63.42 20.15
CA ALA H 26 72.21 63.16 19.97
C ALA H 26 71.35 64.37 20.27
N PHE H 27 71.80 65.27 21.13
CA PHE H 27 71.01 66.42 21.53
C PHE H 27 71.71 67.71 21.16
N ALA H 28 71.00 68.80 21.33
CA ALA H 28 71.49 70.16 21.12
C ALA H 28 71.25 70.94 22.39
N PRO H 29 71.80 72.14 22.51
CA PRO H 29 71.45 73.01 23.65
C PRO H 29 70.02 73.52 23.50
N LYS H 30 69.20 73.24 24.51
CA LYS H 30 67.84 73.72 24.52
C LYS H 30 67.81 75.16 25.01
N PRO H 31 67.37 76.12 24.20
CA PRO H 31 67.42 77.53 24.62
C PRO H 31 66.47 77.77 25.78
N SER H 32 67.01 78.33 26.86
CA SER H 32 66.19 78.63 28.01
C SER H 32 65.18 79.71 27.68
N SER H 33 64.13 79.79 28.48
CA SER H 33 63.22 80.91 28.38
C SER H 33 63.95 82.22 28.62
N GLY H 34 63.70 83.20 27.77
CA GLY H 34 64.40 84.45 27.86
C GLY H 34 63.82 85.55 27.00
N PRO H 35 64.62 86.59 26.75
CA PRO H 35 64.12 87.75 26.01
C PRO H 35 63.97 87.53 24.52
N HIS H 36 64.37 86.38 23.99
CA HIS H 36 64.32 86.10 22.56
C HIS H 36 63.69 84.75 22.31
N LYS H 37 63.11 84.60 21.12
CA LYS H 37 62.07 83.61 20.86
C LYS H 37 62.62 82.26 20.41
N ALA H 38 63.85 81.92 20.81
CA ALA H 38 64.37 80.55 20.88
C ALA H 38 64.47 79.87 19.53
N ARG H 39 63.99 80.53 18.49
CA ARG H 39 64.20 80.13 17.12
C ARG H 39 64.86 81.25 16.34
N GLU H 40 64.83 82.46 16.88
CA GLU H 40 65.58 83.60 16.40
C GLU H 40 66.61 84.01 17.43
N CYS H 41 67.24 83.04 18.07
CA CYS H 41 68.25 83.33 19.08
C CYS H 41 69.52 82.56 18.76
N LEU H 42 70.54 82.88 19.56
CA LEU H 42 71.75 82.11 19.64
C LEU H 42 72.06 81.99 21.13
N PRO H 43 72.11 80.79 21.69
CA PRO H 43 72.47 80.64 23.10
C PRO H 43 73.94 81.01 23.35
N LEU H 44 74.29 81.09 24.63
CA LEU H 44 75.67 81.40 24.98
C LEU H 44 76.62 80.24 24.72
N ILE H 45 76.15 78.99 24.88
CA ILE H 45 77.03 77.84 24.70
C ILE H 45 77.64 77.86 23.31
N LEU H 46 76.81 78.12 22.30
CA LEU H 46 77.29 78.13 20.92
C LEU H 46 78.34 79.22 20.72
N ILE H 47 78.09 80.40 21.27
CA ILE H 47 78.97 81.53 21.03
C ILE H 47 80.36 81.24 21.55
N LEU H 48 80.45 80.60 22.71
CA LEU H 48 81.77 80.37 23.30
C LEU H 48 82.47 79.20 22.64
N ARG H 49 81.90 78.00 22.74
CA ARG H 49 82.59 76.81 22.28
C ARG H 49 82.63 76.73 20.77
N ASN H 50 81.51 76.99 20.10
CA ASN H 50 81.46 76.77 18.66
C ASN H 50 82.22 77.86 17.91
N ARG H 51 81.80 79.11 18.06
CA ARG H 51 82.39 80.19 17.27
C ARG H 51 83.75 80.62 17.82
N LEU H 52 83.77 81.10 19.06
CA LEU H 52 85.00 81.69 19.58
C LEU H 52 86.05 80.65 19.94
N LYS H 53 85.63 79.42 20.24
CA LYS H 53 86.54 78.34 20.61
C LYS H 53 87.36 78.69 21.84
N TYR H 54 86.80 79.51 22.73
CA TYR H 54 87.39 79.65 24.06
C TYR H 54 87.23 78.41 24.92
N ALA H 55 86.52 77.39 24.42
CA ALA H 55 86.25 76.19 25.19
C ALA H 55 86.20 75.01 24.23
N LEU H 56 86.34 73.81 24.79
CA LEU H 56 86.30 72.60 23.99
C LEU H 56 85.13 71.70 24.33
N THR H 57 84.43 71.92 25.44
CA THR H 57 83.36 71.05 25.89
C THR H 57 82.23 71.86 26.48
N TYR H 58 81.11 71.18 26.71
CA TYR H 58 79.99 71.73 27.47
C TYR H 58 80.39 72.14 28.88
N ARG H 59 81.25 71.36 29.52
CA ARG H 59 81.67 71.69 30.89
C ARG H 59 82.58 72.90 30.93
N GLU H 60 83.40 73.11 29.88
CA GLU H 60 84.35 74.22 29.91
C GLU H 60 83.64 75.56 29.79
N VAL H 61 82.65 75.65 28.91
CA VAL H 61 81.85 76.88 28.86
C VAL H 61 81.12 77.10 30.17
N GLN H 62 80.74 76.03 30.86
CA GLN H 62 80.14 76.18 32.17
C GLN H 62 81.07 76.90 33.13
N SER H 63 82.34 76.49 33.17
CA SER H 63 83.30 77.10 34.08
C SER H 63 83.50 78.58 33.78
N ILE H 64 83.62 78.92 32.49
CA ILE H 64 83.88 80.31 32.11
C ILE H 64 82.83 81.23 32.69
N LEU H 65 81.56 80.89 32.51
CA LEU H 65 80.47 81.69 33.08
C LEU H 65 80.52 81.70 34.60
N MET H 66 80.98 80.61 35.20
CA MET H 66 81.09 80.59 36.66
C MET H 66 82.27 81.41 37.17
N GLN H 67 83.22 81.79 36.31
CA GLN H 67 84.11 82.87 36.68
C GLN H 67 83.50 84.25 36.43
N ARG H 68 82.44 84.31 35.63
CA ARG H 68 81.71 85.56 35.33
C ARG H 68 82.45 86.47 34.36
N HIS H 69 83.26 85.91 33.47
CA HIS H 69 83.90 86.75 32.46
C HIS H 69 82.91 87.34 31.47
N ILE H 70 81.77 86.71 31.26
CA ILE H 70 80.90 87.02 30.13
C ILE H 70 79.76 87.90 30.63
N MET H 71 79.47 88.95 29.88
CA MET H 71 78.37 89.85 30.18
C MET H 71 77.53 90.01 28.93
N VAL H 72 76.20 90.05 29.08
CA VAL H 72 75.29 90.15 27.96
C VAL H 72 74.36 91.34 28.18
N ASP H 73 74.25 92.20 27.17
CA ASP H 73 73.27 93.27 27.14
C ASP H 73 73.40 94.22 28.35
N GLY H 74 74.58 94.27 28.96
CA GLY H 74 74.83 95.12 30.10
C GLY H 74 74.93 94.39 31.44
N LYS H 75 74.44 93.15 31.52
CA LYS H 75 74.38 92.46 32.80
C LYS H 75 75.04 91.10 32.70
N VAL H 76 75.63 90.68 33.81
CA VAL H 76 76.37 89.43 33.88
C VAL H 76 75.40 88.26 33.94
N ARG H 77 75.59 87.30 33.05
CA ARG H 77 74.69 86.16 32.91
C ARG H 77 75.45 84.87 33.17
N THR H 78 74.96 84.09 34.13
CA THR H 78 75.55 82.80 34.46
C THR H 78 74.93 81.66 33.66
N ASP H 79 73.74 81.87 33.10
CA ASP H 79 73.02 80.80 32.43
C ASP H 79 73.80 80.27 31.23
N LYS H 80 73.82 78.96 31.08
CA LYS H 80 74.57 78.36 29.97
C LYS H 80 73.86 78.58 28.64
N THR H 81 72.55 78.37 28.60
CA THR H 81 71.78 78.41 27.37
C THR H 81 70.94 79.68 27.27
N TYR H 82 71.50 80.80 27.71
CA TYR H 82 70.78 82.07 27.68
C TYR H 82 70.52 82.48 26.23
N PRO H 83 69.30 82.87 25.89
CA PRO H 83 68.95 83.14 24.48
C PRO H 83 69.32 84.53 23.97
N ALA H 84 70.59 84.71 23.63
CA ALA H 84 71.04 85.94 23.01
C ALA H 84 70.40 86.11 21.64
N GLY H 85 70.25 87.36 21.20
CA GLY H 85 69.43 87.58 20.02
C GLY H 85 69.92 88.65 19.07
N PHE H 86 68.99 89.25 18.34
CA PHE H 86 69.37 90.30 17.40
C PHE H 86 69.59 91.61 18.15
N MET H 87 70.77 92.20 17.93
CA MET H 87 71.21 93.48 18.46
C MET H 87 71.61 93.42 19.93
N ASP H 88 71.83 92.24 20.48
CA ASP H 88 72.45 92.15 21.79
C ASP H 88 73.91 92.57 21.72
N ILE H 89 74.49 92.83 22.89
CA ILE H 89 75.91 93.09 23.02
C ILE H 89 76.53 92.04 23.93
N ILE H 90 77.58 91.39 23.44
CA ILE H 90 78.32 90.40 24.20
C ILE H 90 79.70 90.98 24.47
N SER H 91 80.04 91.11 25.74
CA SER H 91 81.24 91.80 26.13
C SER H 91 82.00 91.00 27.16
N ILE H 92 83.31 90.86 26.96
CA ILE H 92 84.19 90.13 27.85
C ILE H 92 85.26 91.09 28.35
N PRO H 93 85.05 91.72 29.50
CA PRO H 93 86.03 92.70 29.99
C PRO H 93 87.41 92.12 30.24
N LYS H 94 87.51 90.82 30.56
CA LYS H 94 88.82 90.23 30.74
C LYS H 94 89.65 90.33 29.47
N THR H 95 89.08 89.92 28.34
CA THR H 95 89.72 90.18 27.06
C THR H 95 89.54 91.61 26.61
N GLY H 96 88.57 92.32 27.17
CA GLY H 96 88.22 93.64 26.70
C GLY H 96 87.71 93.65 25.27
N GLU H 97 86.66 92.87 24.99
CA GLU H 97 86.09 92.80 23.66
C GLU H 97 84.57 92.92 23.72
N ASN H 98 84.00 93.44 22.63
CA ASN H 98 82.58 93.74 22.48
C ASN H 98 82.08 93.18 21.16
N TYR H 99 80.82 92.75 21.13
CA TYR H 99 80.19 92.23 19.93
C TYR H 99 78.73 92.66 19.84
N ARG H 100 78.29 93.03 18.65
CA ARG H 100 76.87 93.05 18.30
C ARG H 100 76.54 91.74 17.60
N LEU H 101 75.31 91.30 17.75
CA LEU H 101 74.85 90.09 17.07
C LEU H 101 73.97 90.50 15.90
N LEU H 102 74.47 90.31 14.68
CA LEU H 102 73.76 90.60 13.46
C LEU H 102 74.00 89.49 12.44
N TYR H 103 73.19 89.52 11.39
CA TYR H 103 73.11 88.43 10.43
C TYR H 103 74.10 88.54 9.27
N ASP H 104 74.67 87.40 8.88
CA ASP H 104 75.17 87.23 7.52
C ASP H 104 74.09 87.51 6.49
N THR H 105 74.55 87.78 5.26
CA THR H 105 73.64 87.72 4.13
C THR H 105 73.04 86.34 3.98
N LYS H 106 73.75 85.30 4.45
CA LYS H 106 73.25 83.94 4.47
C LYS H 106 72.39 83.65 5.69
N GLY H 107 72.04 84.67 6.46
CA GLY H 107 71.04 84.51 7.48
C GLY H 107 71.49 83.86 8.76
N ARG H 108 72.74 84.03 9.14
CA ARG H 108 73.30 83.40 10.32
C ARG H 108 73.92 84.47 11.21
N PHE H 109 73.81 84.28 12.51
CA PHE H 109 74.31 85.28 13.45
C PHE H 109 75.81 85.45 13.31
N ARG H 110 76.25 86.69 13.41
CA ARG H 110 77.68 86.99 13.50
C ARG H 110 77.95 87.78 14.76
N LEU H 111 79.09 87.53 15.37
CA LEU H 111 79.60 88.36 16.44
C LEU H 111 80.40 89.47 15.80
N HIS H 112 79.82 90.66 15.75
CA HIS H 112 80.44 91.80 15.08
C HIS H 112 81.26 92.58 16.09
N SER H 113 82.59 92.55 15.95
CA SER H 113 83.48 93.17 16.91
C SER H 113 83.33 94.69 16.87
N VAL H 114 83.23 95.31 18.04
CA VAL H 114 83.05 96.75 18.15
C VAL H 114 83.82 97.31 19.35
N ARG H 115 83.95 98.62 19.35
CA ARG H 115 84.54 99.45 20.39
C ARG H 115 83.68 99.46 21.64
N ASP H 116 84.06 100.30 22.60
CA ASP H 116 83.21 100.50 23.77
C ASP H 116 82.02 101.42 23.46
N GLU H 117 82.23 102.48 22.67
CA GLU H 117 81.19 103.49 22.48
C GLU H 117 79.96 102.95 21.77
N ASP H 118 80.08 101.84 21.08
CA ASP H 118 78.90 101.20 20.50
C ASP H 118 78.29 100.18 21.45
N ALA H 119 79.03 99.79 22.50
CA ALA H 119 78.49 98.91 23.52
C ALA H 119 77.52 99.62 24.45
N LYS H 120 77.51 100.95 24.44
CA LYS H 120 76.69 101.69 25.40
C LYS H 120 75.22 101.58 25.09
N PHE H 121 74.86 101.19 23.88
CA PHE H 121 73.50 101.30 23.41
C PHE H 121 73.15 100.09 22.57
N LYS H 122 71.87 99.81 22.46
CA LYS H 122 71.35 98.85 21.50
C LYS H 122 70.17 99.48 20.78
N LEU H 123 69.61 98.74 19.83
CA LEU H 123 68.39 99.14 19.14
C LEU H 123 67.33 98.10 19.41
N CYS H 124 66.09 98.56 19.51
CA CYS H 124 64.95 97.69 19.75
C CYS H 124 63.77 98.25 18.98
N LYS H 125 62.97 97.38 18.40
CA LYS H 125 61.72 97.83 17.82
C LYS H 125 60.60 97.56 18.81
N VAL H 126 59.67 98.51 18.89
CA VAL H 126 58.59 98.43 19.85
C VAL H 126 57.56 97.43 19.33
N ARG H 127 57.09 96.56 20.22
CA ARG H 127 55.98 95.70 19.86
C ARG H 127 54.67 96.46 19.88
N SER H 128 54.43 97.24 20.93
CA SER H 128 53.21 98.05 21.03
C SER H 128 53.41 99.09 22.12
N VAL H 129 52.60 100.14 22.06
CA VAL H 129 52.55 101.17 23.09
C VAL H 129 51.10 101.25 23.57
N GLN H 130 50.92 101.23 24.89
CA GLN H 130 49.58 101.19 25.44
C GLN H 130 49.63 101.70 26.88
N PHE H 131 48.45 102.02 27.41
CA PHE H 131 48.34 102.43 28.80
C PHE H 131 48.50 101.23 29.72
N GLY H 132 48.62 101.51 31.00
CA GLY H 132 48.79 100.46 32.00
C GLY H 132 48.17 100.83 33.31
N GLN H 133 48.82 100.45 34.41
CA GLN H 133 48.30 100.76 35.74
C GLN H 133 48.17 102.26 35.91
N LYS H 134 46.95 102.71 36.22
CA LYS H 134 46.66 104.12 36.46
C LYS H 134 46.95 104.98 35.23
N GLY H 135 46.84 104.38 34.05
CA GLY H 135 47.01 105.14 32.82
C GLY H 135 48.43 105.56 32.51
N ILE H 136 49.42 104.83 33.00
CA ILE H 136 50.82 105.21 32.87
C ILE H 136 51.36 104.61 31.57
N PRO H 137 51.63 105.42 30.55
CA PRO H 137 51.97 104.85 29.25
C PRO H 137 53.26 104.06 29.29
N TYR H 138 53.28 102.98 28.52
CA TYR H 138 54.45 102.12 28.45
C TYR H 138 54.46 101.43 27.11
N LEU H 139 55.58 100.81 26.79
CA LEU H 139 55.74 100.18 25.49
C LEU H 139 56.36 98.79 25.63
N ASN H 140 55.92 97.88 24.77
CA ASN H 140 56.54 96.59 24.59
C ASN H 140 57.58 96.68 23.49
N THR H 141 58.75 96.07 23.72
CA THR H 141 59.68 95.84 22.63
C THR H 141 59.59 94.38 22.19
N TYR H 142 60.30 94.08 21.11
CA TYR H 142 60.46 92.69 20.70
C TYR H 142 61.63 92.03 21.40
N ASP H 143 62.19 92.70 22.40
CA ASP H 143 63.26 92.18 23.24
C ASP H 143 62.77 91.89 24.65
N GLY H 144 61.46 91.75 24.82
CA GLY H 144 60.87 91.53 26.13
C GLY H 144 60.80 92.75 27.01
N ARG H 145 61.61 93.76 26.74
CA ARG H 145 61.71 94.93 27.60
C ARG H 145 60.41 95.73 27.59
N THR H 146 60.10 96.32 28.73
CA THR H 146 58.97 97.24 28.86
C THR H 146 59.46 98.54 29.47
N ILE H 147 59.38 99.61 28.69
CA ILE H 147 59.82 100.94 29.09
C ILE H 147 58.58 101.77 29.38
N ARG H 148 58.52 102.33 30.58
CA ARG H 148 57.43 103.21 30.94
C ARG H 148 57.85 104.65 30.75
N TYR H 149 56.88 105.48 30.39
CA TYR H 149 57.06 106.90 30.08
C TYR H 149 57.96 107.10 28.86
N PRO H 150 57.48 106.77 27.66
CA PRO H 150 58.24 107.05 26.44
C PRO H 150 57.81 108.37 25.80
N ASP H 151 58.49 108.81 24.75
CA ASP H 151 57.95 109.90 23.96
C ASP H 151 56.57 109.52 23.45
N PRO H 152 55.59 110.42 23.52
CA PRO H 152 54.30 110.16 22.87
C PRO H 152 54.41 110.02 21.36
N LEU H 153 55.60 110.19 20.79
CA LEU H 153 55.79 110.03 19.36
C LEU H 153 56.08 108.58 18.96
N ILE H 154 56.66 107.78 19.85
CA ILE H 154 57.00 106.41 19.53
C ILE H 154 55.74 105.57 19.40
N LYS H 155 55.34 105.27 18.16
CA LYS H 155 54.19 104.42 17.90
C LYS H 155 54.66 103.00 17.58
N ALA H 156 53.72 102.13 17.23
CA ALA H 156 54.04 100.74 16.98
C ALA H 156 54.90 100.59 15.73
N ASN H 157 55.78 99.58 15.76
CA ASN H 157 56.73 99.18 14.72
C ASN H 157 57.96 100.07 14.69
N ASP H 158 58.00 101.19 15.43
CA ASP H 158 59.14 102.09 15.43
C ASP H 158 60.33 101.43 16.11
N THR H 159 61.48 102.09 16.02
CA THR H 159 62.73 101.59 16.59
C THR H 159 63.31 102.63 17.54
N ILE H 160 64.01 102.17 18.57
CA ILE H 160 64.47 103.03 19.65
C ILE H 160 65.95 102.80 19.91
N LYS H 161 66.66 103.87 20.23
CA LYS H 161 67.99 103.74 20.80
C LYS H 161 67.85 103.63 22.31
N LEU H 162 68.70 102.80 22.91
CA LEU H 162 68.50 102.39 24.30
C LEU H 162 69.84 102.37 25.00
N ASP H 163 70.12 103.39 25.79
CA ASP H 163 71.37 103.41 26.55
C ASP H 163 71.32 102.32 27.62
N LEU H 164 72.37 101.50 27.68
CA LEU H 164 72.40 100.43 28.66
C LEU H 164 72.75 100.90 30.05
N GLU H 165 73.20 102.14 30.20
CA GLU H 165 73.59 102.66 31.50
C GLU H 165 72.41 103.34 32.20
N THR H 166 71.78 104.31 31.54
CA THR H 166 70.59 104.95 32.09
C THR H 166 69.30 104.23 31.76
N ASN H 167 69.31 103.34 30.76
CA ASN H 167 68.26 102.36 30.47
C ASN H 167 66.99 102.92 29.86
N LYS H 168 66.92 104.21 29.54
CA LYS H 168 65.70 104.75 28.93
C LYS H 168 65.97 105.15 27.49
N ILE H 169 64.89 105.54 26.80
CA ILE H 169 65.00 105.91 25.40
C ILE H 169 65.89 107.13 25.27
N VAL H 170 66.94 107.01 24.45
CA VAL H 170 67.80 108.15 24.14
C VAL H 170 67.64 108.62 22.71
N ASP H 171 66.79 107.98 21.91
CA ASP H 171 66.54 108.32 20.51
C ASP H 171 65.53 107.33 19.96
N PHE H 172 64.90 107.69 18.85
CA PHE H 172 63.97 106.74 18.23
C PHE H 172 63.80 107.07 16.75
N ILE H 173 63.61 106.03 15.96
CA ILE H 173 63.36 106.14 14.52
C ILE H 173 61.90 105.85 14.29
N LYS H 174 61.22 106.73 13.56
CA LYS H 174 59.84 106.46 13.20
C LYS H 174 59.87 105.61 11.95
N PHE H 175 59.61 104.32 12.11
CA PHE H 175 59.49 103.38 11.00
C PHE H 175 58.60 103.93 9.91
N ASP H 176 59.16 104.19 8.73
CA ASP H 176 58.40 104.64 7.57
C ASP H 176 59.30 104.53 6.34
N VAL H 177 58.78 104.97 5.20
CA VAL H 177 59.44 104.77 3.91
C VAL H 177 60.62 105.70 3.78
N GLY H 178 61.76 105.16 3.36
CA GLY H 178 62.95 105.93 3.10
C GLY H 178 64.12 105.65 4.00
N ASN H 179 63.98 104.75 4.97
CA ASN H 179 65.06 104.41 5.90
C ASN H 179 65.65 103.06 5.55
N VAL H 180 66.82 102.78 6.13
CA VAL H 180 67.52 101.53 5.88
C VAL H 180 67.08 100.51 6.92
N VAL H 181 66.95 99.26 6.49
CA VAL H 181 66.38 98.19 7.31
C VAL H 181 67.20 96.94 7.13
N MET H 182 67.31 96.14 8.19
CA MET H 182 67.88 94.80 8.09
C MET H 182 66.79 93.78 8.39
N VAL H 183 66.72 92.73 7.57
CA VAL H 183 65.66 91.75 7.67
C VAL H 183 66.09 90.63 8.60
N THR H 184 65.19 90.24 9.50
CA THR H 184 65.53 89.30 10.57
C THR H 184 64.73 88.00 10.48
N GLY H 185 64.23 87.66 9.31
CA GLY H 185 63.65 86.34 9.13
C GLY H 185 63.54 86.00 7.66
N GLY H 186 63.09 84.78 7.40
CA GLY H 186 62.89 84.33 6.05
C GLY H 186 64.19 84.03 5.32
N ARG H 187 64.04 83.84 4.01
CA ARG H 187 65.19 83.67 3.13
C ARG H 187 65.91 84.98 2.84
N ASN H 188 65.28 86.11 3.13
CA ASN H 188 65.91 87.41 2.91
C ASN H 188 66.57 87.97 4.16
N THR H 189 66.71 87.18 5.22
CA THR H 189 67.21 87.72 6.47
C THR H 189 68.66 88.15 6.34
N GLY H 190 68.97 89.31 6.91
CA GLY H 190 70.24 89.98 6.76
C GLY H 190 70.26 91.06 5.70
N ARG H 191 69.66 90.78 4.55
CA ARG H 191 69.65 91.72 3.43
C ARG H 191 69.18 93.10 3.84
N VAL H 192 70.07 94.09 3.81
CA VAL H 192 69.69 95.45 4.13
C VAL H 192 69.26 96.18 2.87
N GLY H 193 68.57 97.29 3.07
CA GLY H 193 68.03 98.05 1.96
C GLY H 193 67.10 99.11 2.50
N VAL H 194 66.32 99.71 1.61
CA VAL H 194 65.54 100.89 1.93
C VAL H 194 64.09 100.67 1.56
N ILE H 195 63.18 100.94 2.51
CA ILE H 195 61.77 100.80 2.24
C ILE H 195 61.41 101.65 1.04
N LYS H 196 60.88 101.01 0.00
CA LYS H 196 60.42 101.73 -1.17
C LYS H 196 58.92 101.84 -1.23
N ASN H 197 58.21 100.92 -0.59
CA ASN H 197 56.76 100.92 -0.56
C ASN H 197 56.32 99.96 0.54
N ARG H 198 55.15 100.24 1.10
CA ARG H 198 54.47 99.34 2.02
C ARG H 198 53.03 99.24 1.56
N GLU H 199 52.59 98.04 1.18
CA GLU H 199 51.18 97.83 0.85
C GLU H 199 50.56 96.99 1.94
N LYS H 200 49.50 97.51 2.54
CA LYS H 200 48.80 96.83 3.61
C LYS H 200 47.64 96.02 3.05
N HIS H 201 47.18 95.08 3.86
CA HIS H 201 46.04 94.24 3.50
C HIS H 201 45.18 94.07 4.75
N LYS H 202 43.97 94.64 4.72
CA LYS H 202 43.10 94.63 5.89
C LYS H 202 42.85 93.22 6.37
N GLY H 203 43.33 92.91 7.57
CA GLY H 203 43.12 91.60 8.15
C GLY H 203 44.23 90.62 7.89
N THR H 204 45.40 91.08 7.45
CA THR H 204 46.50 90.18 7.14
C THR H 204 47.79 90.91 7.55
N PHE H 205 48.93 90.37 7.14
CA PHE H 205 50.21 91.02 7.31
C PHE H 205 50.45 92.01 6.17
N GLU H 206 51.27 93.02 6.46
CA GLU H 206 51.64 94.02 5.47
C GLU H 206 53.00 93.69 4.89
N THR H 207 53.18 94.00 3.61
CA THR H 207 54.40 93.66 2.88
C THR H 207 55.28 94.89 2.72
N ILE H 208 56.57 94.72 3.01
CA ILE H 208 57.56 95.77 2.87
C ILE H 208 58.38 95.48 1.63
N HIS H 209 58.68 96.52 0.87
CA HIS H 209 59.50 96.42 -0.34
C HIS H 209 60.83 97.09 -0.08
N VAL H 210 61.92 96.32 -0.22
CA VAL H 210 63.24 96.74 0.22
C VAL H 210 64.23 96.49 -0.92
N GLU H 211 65.08 97.48 -1.21
CA GLU H 211 65.97 97.41 -2.36
C GLU H 211 67.43 97.56 -1.92
N ASP H 212 68.26 96.59 -2.29
CA ASP H 212 69.69 96.66 -2.00
C ASP H 212 70.28 97.94 -2.55
N ALA H 213 71.41 98.37 -1.99
CA ALA H 213 72.07 99.56 -2.51
C ALA H 213 72.43 99.41 -3.98
N GLN H 214 72.64 98.18 -4.44
CA GLN H 214 73.06 97.91 -5.81
C GLN H 214 71.92 97.36 -6.67
N GLY H 215 70.70 97.85 -6.45
CA GLY H 215 69.60 97.62 -7.36
C GLY H 215 68.64 96.50 -7.00
N HIS H 216 69.16 95.39 -6.49
CA HIS H 216 68.35 94.20 -6.29
C HIS H 216 67.20 94.49 -5.34
N GLN H 217 66.00 94.06 -5.75
CA GLN H 217 64.76 94.37 -5.06
C GLN H 217 64.19 93.11 -4.43
N PHE H 218 63.67 93.23 -3.22
CA PHE H 218 63.10 92.07 -2.55
C PHE H 218 62.02 92.53 -1.57
N ALA H 219 61.26 91.57 -1.08
CA ALA H 219 60.12 91.85 -0.22
C ALA H 219 60.09 90.88 0.94
N THR H 220 59.61 91.37 2.07
CA THR H 220 59.31 90.54 3.23
C THR H 220 57.96 90.97 3.77
N ARG H 221 57.57 90.36 4.87
CA ARG H 221 56.42 90.81 5.64
C ARG H 221 56.90 91.65 6.80
N LEU H 222 55.99 92.49 7.32
CA LEU H 222 56.39 93.51 8.29
C LEU H 222 57.02 92.92 9.54
N GLY H 223 56.77 91.65 9.84
CA GLY H 223 57.33 91.06 11.04
C GLY H 223 58.84 91.01 11.04
N ASN H 224 59.43 90.68 9.90
CA ASN H 224 60.86 90.44 9.76
C ASN H 224 61.66 91.69 9.41
N VAL H 225 61.12 92.88 9.67
CA VAL H 225 61.76 94.14 9.31
C VAL H 225 62.25 94.83 10.58
N PHE H 226 63.35 95.56 10.46
CA PHE H 226 63.99 96.18 11.64
C PHE H 226 64.81 97.36 11.14
N THR H 227 64.27 98.57 11.27
CA THR H 227 65.01 99.74 10.84
C THR H 227 66.29 99.89 11.65
N ILE H 228 67.37 100.26 10.96
CA ILE H 228 68.63 100.56 11.60
C ILE H 228 68.85 102.06 11.76
N GLY H 229 68.72 102.82 10.68
CA GLY H 229 69.03 104.22 10.73
C GLY H 229 67.97 105.06 10.03
N LYS H 230 67.98 106.35 10.36
CA LYS H 230 67.14 107.29 9.64
C LYS H 230 67.77 107.59 8.29
N GLY H 231 66.98 107.44 7.24
CA GLY H 231 67.52 107.62 5.92
C GLY H 231 68.48 106.49 5.55
N THR H 232 69.24 106.75 4.49
CA THR H 232 70.15 105.74 3.96
C THR H 232 71.21 105.33 4.97
N LYS H 233 71.62 106.23 5.83
CA LYS H 233 72.74 105.92 6.70
C LYS H 233 72.30 105.03 7.87
N PRO H 234 73.12 104.05 8.25
CA PRO H 234 72.81 103.25 9.43
C PRO H 234 73.27 103.91 10.72
N TRP H 235 72.60 103.54 11.81
CA TRP H 235 73.03 103.90 13.16
C TRP H 235 73.83 102.81 13.83
N VAL H 236 74.11 101.70 13.13
CA VAL H 236 74.96 100.65 13.66
C VAL H 236 75.93 100.24 12.57
N SER H 237 76.95 99.48 12.99
CA SER H 237 78.00 99.03 12.09
C SER H 237 77.54 97.76 11.40
N LEU H 238 77.33 97.82 10.09
CA LEU H 238 76.91 96.65 9.34
C LEU H 238 78.03 95.60 9.31
N PRO H 239 77.69 94.32 9.13
CA PRO H 239 78.68 93.26 9.23
C PRO H 239 79.64 93.15 8.05
N LYS H 240 80.39 92.04 8.02
CA LYS H 240 81.49 91.87 7.06
C LYS H 240 81.05 92.06 5.61
N GLY H 241 79.78 91.75 5.31
CA GLY H 241 79.18 92.08 4.03
C GLY H 241 78.08 93.09 4.28
N LYS H 242 77.99 94.10 3.42
CA LYS H 242 77.11 95.23 3.74
C LYS H 242 75.66 94.91 3.43
N GLY H 243 75.17 93.79 3.95
CA GLY H 243 73.77 93.43 3.81
C GLY H 243 73.32 93.22 2.38
N ILE H 244 74.24 93.01 1.45
CA ILE H 244 73.89 92.89 0.04
C ILE H 244 74.00 91.42 -0.33
N LYS H 245 72.86 90.82 -0.66
CA LYS H 245 72.82 89.41 -1.04
C LYS H 245 72.99 89.29 -2.54
N LEU H 246 73.32 88.09 -2.99
CA LEU H 246 73.94 87.93 -4.28
C LEU H 246 73.65 86.54 -4.84
N THR H 247 73.83 86.41 -6.15
CA THR H 247 73.67 85.13 -6.81
C THR H 247 74.84 84.21 -6.46
N ILE H 248 74.61 82.90 -6.67
CA ILE H 248 75.65 81.91 -6.43
C ILE H 248 76.79 82.07 -7.41
N ILE H 249 76.51 82.54 -8.62
CA ILE H 249 77.56 82.79 -9.60
C ILE H 249 78.54 83.84 -9.08
N GLU H 250 78.02 84.84 -8.39
CA GLU H 250 78.86 85.97 -8.01
C GLU H 250 79.94 85.57 -7.01
N GLU H 251 79.58 84.76 -6.01
CA GLU H 251 80.60 84.33 -5.06
C GLU H 251 81.53 83.29 -5.67
N GLN H 252 81.04 82.52 -6.65
CA GLN H 252 81.95 81.69 -7.43
C GLN H 252 82.97 82.54 -8.16
N ARG H 253 82.52 83.64 -8.77
CA ARG H 253 83.45 84.54 -9.44
C ARG H 253 84.43 85.14 -8.46
N LYS H 254 83.96 85.50 -7.26
CA LYS H 254 84.82 86.15 -6.28
C LYS H 254 85.97 85.25 -5.83
N ARG H 255 85.71 83.97 -5.60
CA ARG H 255 86.82 83.10 -5.20
C ARG H 255 87.88 83.01 -6.28
N ASP H 256 87.47 82.68 -7.50
CA ASP H 256 88.45 82.58 -8.59
C ASP H 256 89.11 83.93 -8.84
N ALA H 257 88.39 85.02 -8.60
CA ALA H 257 89.01 86.34 -8.62
C ALA H 257 90.00 86.52 -7.48
N ALA H 258 89.70 85.93 -6.32
CA ALA H 258 90.70 85.83 -5.27
C ALA H 258 91.69 84.71 -5.56
N ALA H 259 91.31 83.76 -6.41
CA ALA H 259 92.19 82.69 -6.85
C ALA H 259 92.95 83.02 -8.13
N GLN H 260 92.75 84.21 -8.71
CA GLN H 260 93.70 84.63 -9.74
C GLN H 260 94.85 85.43 -9.14
N ALA H 261 94.58 86.14 -8.04
CA ALA H 261 95.62 86.74 -7.21
C ALA H 261 96.24 85.72 -6.26
N ALA H 262 95.70 84.51 -6.20
CA ALA H 262 96.23 83.45 -5.38
C ALA H 262 95.87 82.11 -5.99
N PRO I 8 21.95 -16.91 -104.89
CA PRO I 8 23.37 -16.56 -105.01
C PRO I 8 24.19 -17.67 -105.67
N GLY I 9 25.16 -17.29 -106.50
CA GLY I 9 25.85 -18.25 -107.35
C GLY I 9 27.00 -18.96 -106.67
N GLY I 10 27.12 -20.25 -106.96
CA GLY I 10 28.25 -21.08 -106.55
C GLY I 10 27.81 -22.45 -106.07
N ASP I 11 28.28 -23.49 -106.75
CA ASP I 11 27.94 -24.87 -106.41
C ASP I 11 29.03 -25.51 -105.55
N VAL I 12 29.27 -24.89 -104.40
CA VAL I 12 30.23 -25.32 -103.39
C VAL I 12 29.48 -25.74 -102.13
N LYS I 13 29.84 -26.89 -101.57
CA LYS I 13 29.00 -27.54 -100.56
C LYS I 13 29.81 -28.01 -99.37
N LEU I 14 29.19 -27.93 -98.18
CA LEU I 14 29.82 -28.34 -96.93
C LEU I 14 30.12 -29.83 -96.93
N PHE I 15 31.35 -30.18 -96.53
CA PHE I 15 31.87 -31.54 -96.59
C PHE I 15 31.78 -32.13 -97.99
N ASN I 16 31.43 -31.31 -98.96
CA ASN I 16 31.15 -31.70 -100.34
C ASN I 16 29.87 -32.51 -100.45
N ARG I 17 28.85 -32.18 -99.64
CA ARG I 17 27.55 -32.84 -99.83
C ARG I 17 26.32 -31.93 -99.80
N TRP I 18 26.30 -30.81 -99.07
CA TRP I 18 25.05 -30.11 -98.81
C TRP I 18 25.05 -28.72 -99.43
N THR I 19 24.03 -28.46 -100.24
CA THR I 19 23.93 -27.22 -101.00
C THR I 19 23.61 -26.04 -100.09
N PHE I 20 24.24 -24.91 -100.37
CA PHE I 20 23.88 -23.67 -99.69
C PHE I 20 22.79 -22.90 -100.39
N GLU I 21 22.59 -23.11 -101.68
CA GLU I 21 21.42 -22.51 -102.27
C GLU I 21 20.20 -23.33 -101.85
N ASP I 22 19.04 -22.67 -101.86
CA ASP I 22 17.76 -23.20 -101.38
C ASP I 22 17.69 -23.23 -99.86
N VAL I 23 18.49 -22.42 -99.17
CA VAL I 23 18.27 -22.11 -97.77
C VAL I 23 17.76 -20.68 -97.70
N GLN I 24 16.59 -20.51 -97.09
CA GLN I 24 15.95 -19.21 -96.94
C GLN I 24 15.80 -18.90 -95.47
N VAL I 25 16.34 -17.76 -95.05
CA VAL I 25 16.22 -17.28 -93.67
C VAL I 25 15.05 -16.30 -93.62
N SER I 26 14.04 -16.62 -92.82
CA SER I 26 12.81 -15.85 -92.85
C SER I 26 12.99 -14.47 -92.23
N ASP I 27 13.27 -14.42 -90.93
CA ASP I 27 13.22 -13.16 -90.19
C ASP I 27 14.32 -12.24 -90.71
N ILE I 28 13.92 -11.18 -91.42
CA ILE I 28 14.87 -10.23 -91.97
C ILE I 28 15.62 -9.48 -90.90
N SER I 29 15.21 -9.60 -89.64
CA SER I 29 15.92 -8.93 -88.55
C SER I 29 17.37 -9.35 -88.49
N LEU I 30 17.61 -10.66 -88.46
CA LEU I 30 18.97 -11.20 -88.33
C LEU I 30 19.43 -11.88 -89.61
N ASN I 31 18.73 -11.62 -90.72
CA ASN I 31 19.25 -11.99 -92.04
C ASN I 31 20.58 -11.32 -92.32
N ASP I 32 20.86 -10.23 -91.62
CA ASP I 32 22.12 -9.51 -91.82
C ASP I 32 23.29 -10.24 -91.17
N TYR I 33 23.04 -11.02 -90.11
CA TYR I 33 24.09 -11.68 -89.36
C TYR I 33 24.07 -13.21 -89.40
N LEU I 34 23.12 -13.82 -90.12
CA LEU I 34 23.32 -15.21 -90.52
C LEU I 34 24.22 -15.30 -91.73
N ALA I 35 25.51 -15.55 -91.50
CA ALA I 35 26.49 -15.64 -92.57
C ALA I 35 26.35 -16.99 -93.27
N VAL I 36 25.22 -17.12 -93.98
CA VAL I 36 24.91 -18.34 -94.71
C VAL I 36 24.50 -18.03 -96.16
N THR I 37 23.61 -17.05 -96.34
CA THR I 37 22.87 -16.95 -97.59
C THR I 37 23.73 -16.46 -98.75
N SER I 38 24.58 -15.46 -98.52
CA SER I 38 25.36 -14.91 -99.61
C SER I 38 26.45 -15.89 -100.02
N MET I 39 26.84 -15.82 -101.30
CA MET I 39 27.87 -16.71 -101.83
C MET I 39 29.24 -16.43 -101.24
N LYS I 40 29.42 -15.32 -100.54
CA LYS I 40 30.67 -15.08 -99.83
C LYS I 40 30.83 -16.06 -98.67
N HIS I 41 29.73 -16.47 -98.06
CA HIS I 41 29.75 -17.28 -96.85
C HIS I 41 29.84 -18.77 -97.10
N TYR I 42 29.68 -19.24 -98.33
CA TYR I 42 29.77 -20.66 -98.58
C TYR I 42 31.18 -21.16 -98.35
N THR I 43 31.32 -22.29 -97.69
CA THR I 43 32.63 -22.85 -97.35
C THR I 43 32.54 -24.37 -97.36
N PHE I 44 33.64 -25.01 -97.75
CA PHE I 44 33.69 -26.47 -97.77
C PHE I 44 33.59 -27.03 -96.35
N LEU I 45 34.29 -26.43 -95.40
CA LEU I 45 34.37 -26.93 -94.03
C LEU I 45 34.04 -25.84 -93.02
N PRO I 46 33.36 -26.20 -91.94
CA PRO I 46 33.12 -25.22 -90.87
C PRO I 46 34.38 -24.90 -90.09
N HIS I 47 35.54 -25.27 -90.59
CA HIS I 47 36.80 -24.98 -89.93
C HIS I 47 37.54 -23.96 -90.77
N SER I 48 37.62 -22.74 -90.27
CA SER I 48 38.50 -21.74 -90.85
C SER I 48 39.22 -21.03 -89.73
N ALA I 49 40.53 -20.86 -89.88
CA ALA I 49 41.29 -20.08 -88.91
C ALA I 49 41.25 -18.59 -89.24
N GLY I 50 40.03 -18.05 -89.37
CA GLY I 50 39.88 -16.64 -89.67
C GLY I 50 40.08 -15.79 -88.43
N ARG I 51 40.63 -14.59 -88.64
CA ARG I 51 40.96 -13.70 -87.54
C ARG I 51 39.72 -12.92 -87.10
N TYR I 52 38.67 -13.67 -86.82
CA TYR I 52 37.48 -13.08 -86.24
C TYR I 52 37.76 -12.67 -84.80
N SER I 53 36.89 -11.81 -84.27
CA SER I 53 37.01 -11.15 -82.98
C SER I 53 38.02 -10.02 -83.02
N ALA I 54 38.71 -9.82 -84.13
CA ALA I 54 39.71 -8.77 -84.23
C ALA I 54 39.08 -7.39 -84.12
N LYS I 55 37.89 -7.22 -84.69
CA LYS I 55 37.18 -5.97 -84.61
C LYS I 55 35.73 -6.27 -84.25
N ARG I 56 35.05 -5.22 -83.80
CA ARG I 56 33.64 -5.35 -83.44
C ARG I 56 32.83 -5.73 -84.68
N PHE I 57 31.81 -6.55 -84.47
CA PHE I 57 30.91 -7.04 -85.52
C PHE I 57 31.58 -7.88 -86.59
N ARG I 58 32.88 -8.14 -86.48
CA ARG I 58 33.53 -8.96 -87.49
C ARG I 58 33.07 -10.40 -87.41
N LYS I 59 32.79 -10.91 -86.21
CA LYS I 59 32.34 -12.29 -86.07
C LYS I 59 30.95 -12.51 -86.64
N ALA I 60 30.24 -11.44 -86.98
CA ALA I 60 29.04 -11.57 -87.79
C ALA I 60 29.36 -12.08 -89.20
N GLN I 61 30.60 -11.97 -89.63
CA GLN I 61 30.99 -12.44 -90.96
C GLN I 61 31.45 -13.88 -90.96
N CYS I 62 31.77 -14.42 -89.80
CA CYS I 62 32.15 -15.83 -89.71
C CYS I 62 31.00 -16.70 -90.20
N PRO I 63 31.26 -17.69 -91.05
CA PRO I 63 30.18 -18.58 -91.49
C PRO I 63 29.53 -19.25 -90.30
N ILE I 64 28.20 -19.33 -90.34
CA ILE I 64 27.45 -19.64 -89.12
C ILE I 64 27.73 -21.06 -88.65
N ILE I 65 27.85 -22.01 -89.58
CA ILE I 65 28.12 -23.38 -89.18
C ILE I 65 29.44 -23.46 -88.43
N GLU I 66 30.36 -22.53 -88.66
CA GLU I 66 31.55 -22.48 -87.82
C GLU I 66 31.24 -21.94 -86.43
N ARG I 67 30.39 -20.91 -86.35
CA ARG I 67 30.06 -20.37 -85.03
C ARG I 67 29.44 -21.43 -84.14
N LEU I 68 28.50 -22.20 -84.70
CA LEU I 68 28.00 -23.38 -84.00
C LEU I 68 29.13 -24.29 -83.56
N THR I 69 30.06 -24.57 -84.47
CA THR I 69 31.15 -25.48 -84.16
C THR I 69 32.03 -24.96 -83.04
N ASN I 70 32.33 -23.66 -83.05
CA ASN I 70 33.25 -23.10 -82.07
C ASN I 70 32.74 -23.30 -80.66
N SER I 71 31.41 -23.26 -80.48
CA SER I 71 30.83 -23.35 -79.15
C SER I 71 30.78 -24.77 -78.61
N LEU I 72 31.17 -25.78 -79.38
CA LEU I 72 31.10 -27.15 -78.90
C LEU I 72 32.26 -27.53 -77.98
N MET I 73 33.25 -26.66 -77.83
CA MET I 73 34.54 -27.04 -77.25
C MET I 73 34.68 -26.64 -75.80
N MET I 74 33.65 -26.75 -74.97
CA MET I 74 33.69 -26.11 -73.66
C MET I 74 33.87 -27.10 -72.51
N HIS I 75 34.10 -26.51 -71.33
CA HIS I 75 34.31 -27.19 -70.06
C HIS I 75 35.68 -27.85 -69.97
N GLY I 76 36.70 -27.17 -70.50
CA GLY I 76 38.07 -27.54 -70.20
C GLY I 76 38.56 -28.74 -70.96
N ARG I 77 37.97 -29.89 -70.68
CA ARG I 77 38.39 -31.07 -71.40
C ARG I 77 37.96 -31.08 -72.82
N ASN I 78 37.39 -30.01 -73.38
CA ASN I 78 37.12 -29.94 -74.80
C ASN I 78 37.74 -28.71 -75.46
N ASN I 79 38.46 -27.87 -74.72
CA ASN I 79 38.89 -26.58 -75.25
C ASN I 79 39.88 -26.77 -76.38
N GLY I 80 39.55 -26.19 -77.52
CA GLY I 80 40.44 -26.19 -78.67
C GLY I 80 40.44 -27.46 -79.49
N LYS I 81 39.64 -28.46 -79.12
CA LYS I 81 39.67 -29.75 -79.81
C LYS I 81 38.75 -29.67 -81.03
N LYS I 82 39.13 -28.83 -81.99
CA LYS I 82 38.18 -28.45 -83.03
C LYS I 82 37.98 -29.53 -84.07
N ILE I 83 38.97 -30.37 -84.34
CA ILE I 83 38.73 -31.47 -85.27
C ILE I 83 37.66 -32.39 -84.69
N MET I 84 37.75 -32.69 -83.39
CA MET I 84 36.69 -33.46 -82.74
C MET I 84 35.36 -32.74 -82.85
N ALA I 85 35.34 -31.43 -82.64
CA ALA I 85 34.09 -30.68 -82.65
C ALA I 85 33.45 -30.69 -84.03
N VAL I 86 34.26 -30.54 -85.07
CA VAL I 86 33.72 -30.49 -86.43
C VAL I 86 33.22 -31.87 -86.84
N ARG I 87 33.94 -32.92 -86.43
CA ARG I 87 33.51 -34.28 -86.70
C ARG I 87 32.14 -34.56 -86.10
N ILE I 88 31.88 -33.99 -84.91
CA ILE I 88 30.55 -34.07 -84.31
C ILE I 88 29.53 -33.40 -85.21
N ILE I 89 29.90 -32.27 -85.82
CA ILE I 89 28.98 -31.55 -86.70
C ILE I 89 28.61 -32.40 -87.90
N LYS I 90 29.60 -33.07 -88.51
CA LYS I 90 29.29 -33.88 -89.68
C LYS I 90 28.29 -34.98 -89.34
N HIS I 91 28.58 -35.76 -88.29
CA HIS I 91 27.64 -36.79 -87.86
C HIS I 91 26.28 -36.19 -87.55
N THR I 92 26.27 -34.99 -86.96
CA THR I 92 25.01 -34.36 -86.59
C THR I 92 24.15 -34.11 -87.80
N MET I 93 24.74 -33.57 -88.87
CA MET I 93 23.93 -33.27 -90.05
C MET I 93 23.59 -34.52 -90.83
N GLU I 94 24.43 -35.55 -90.78
CA GLU I 94 24.02 -36.87 -91.24
C GLU I 94 22.70 -37.26 -90.59
N ILE I 95 22.62 -37.09 -89.27
CA ILE I 95 21.43 -37.50 -88.53
C ILE I 95 20.24 -36.61 -88.88
N ILE I 96 20.47 -35.31 -89.09
CA ILE I 96 19.36 -34.41 -89.37
C ILE I 96 18.70 -34.76 -90.70
N HIS I 97 19.50 -34.90 -91.75
CA HIS I 97 18.96 -35.34 -93.04
C HIS I 97 18.44 -36.76 -92.95
N LEU I 98 19.03 -37.57 -92.07
CA LEU I 98 18.54 -38.93 -91.85
C LEU I 98 17.12 -38.88 -91.30
N LEU I 99 16.87 -38.00 -90.34
CA LEU I 99 15.58 -37.92 -89.68
C LEU I 99 14.59 -37.00 -90.35
N THR I 100 15.06 -36.04 -91.15
CA THR I 100 14.16 -35.06 -91.76
C THR I 100 14.16 -35.10 -93.28
N ASP I 101 15.24 -35.57 -93.91
CA ASP I 101 15.33 -35.61 -95.37
C ASP I 101 15.05 -34.23 -95.98
N ALA I 102 15.50 -33.20 -95.29
CA ALA I 102 15.43 -31.83 -95.79
C ALA I 102 16.85 -31.28 -95.79
N ASN I 103 17.01 -30.00 -96.06
CA ASN I 103 18.35 -29.42 -96.07
C ASN I 103 18.81 -29.23 -94.64
N PRO I 104 19.84 -29.95 -94.18
CA PRO I 104 20.29 -29.76 -92.80
C PRO I 104 20.78 -28.36 -92.51
N ILE I 105 21.24 -27.63 -93.54
CA ILE I 105 21.58 -26.23 -93.34
C ILE I 105 20.34 -25.44 -92.96
N GLN I 106 19.21 -25.70 -93.63
CA GLN I 106 17.96 -25.03 -93.29
C GLN I 106 17.57 -25.32 -91.84
N ILE I 107 17.77 -26.55 -91.38
CA ILE I 107 17.37 -26.91 -90.03
C ILE I 107 18.11 -26.06 -89.01
N ILE I 108 19.43 -25.94 -89.16
CA ILE I 108 20.22 -25.21 -88.18
C ILE I 108 19.81 -23.74 -88.18
N VAL I 109 19.73 -23.13 -89.36
CA VAL I 109 19.42 -21.70 -89.41
C VAL I 109 17.99 -21.46 -88.95
N ASP I 110 17.10 -22.43 -89.12
CA ASP I 110 15.77 -22.29 -88.52
C ASP I 110 15.86 -22.54 -87.02
N ALA I 111 16.79 -23.38 -86.58
CA ALA I 111 16.99 -23.59 -85.15
C ALA I 111 17.67 -22.40 -84.49
N ILE I 112 18.48 -21.64 -85.25
CA ILE I 112 19.01 -20.39 -84.73
C ILE I 112 17.91 -19.35 -84.60
N ILE I 113 16.97 -19.33 -85.55
CA ILE I 113 16.00 -18.24 -85.63
C ILE I 113 14.88 -18.42 -84.62
N ASN I 114 14.50 -19.66 -84.30
CA ASN I 114 13.40 -19.87 -83.37
C ASN I 114 13.82 -19.78 -81.90
N SER I 115 15.11 -19.92 -81.60
CA SER I 115 15.57 -20.05 -80.22
C SER I 115 16.50 -18.91 -79.83
N GLY I 116 16.15 -17.69 -80.21
CA GLY I 116 16.90 -16.53 -79.80
C GLY I 116 16.01 -15.51 -79.15
N PRO I 117 16.23 -15.24 -77.86
CA PRO I 117 15.32 -14.35 -77.13
C PRO I 117 15.30 -12.95 -77.72
N ARG I 118 14.10 -12.37 -77.80
CA ARG I 118 13.95 -11.03 -78.33
C ARG I 118 13.98 -9.95 -77.27
N GLU I 119 14.05 -10.31 -76.00
CA GLU I 119 13.97 -9.33 -74.92
C GLU I 119 14.66 -9.88 -73.69
N ASP I 120 15.05 -8.99 -72.78
CA ASP I 120 15.71 -9.41 -71.55
C ASP I 120 15.58 -8.29 -70.53
N ALA I 121 15.87 -8.62 -69.27
CA ALA I 121 15.83 -7.67 -68.17
C ALA I 121 17.25 -7.29 -67.75
N THR I 122 17.54 -5.99 -67.69
CA THR I 122 18.82 -5.47 -67.27
C THR I 122 18.60 -4.47 -66.14
N ARG I 123 19.54 -4.43 -65.19
CA ARG I 123 19.46 -3.44 -64.12
C ARG I 123 19.85 -2.05 -64.59
N ILE I 124 18.86 -1.26 -65.01
CA ILE I 124 19.04 0.13 -65.41
C ILE I 124 18.49 1.00 -64.29
N GLY I 125 18.98 2.24 -64.21
CA GLY I 125 18.41 3.17 -63.26
C GLY I 125 17.87 4.44 -63.87
N SER I 126 16.55 4.62 -63.82
CA SER I 126 15.93 5.89 -64.14
C SER I 126 15.56 6.63 -62.86
N ALA I 127 15.63 7.96 -62.92
CA ALA I 127 15.30 8.91 -61.86
C ALA I 127 16.27 8.90 -60.70
N GLY I 128 17.26 8.01 -60.70
CA GLY I 128 18.22 7.91 -59.61
C GLY I 128 18.18 6.60 -58.85
N VAL I 129 17.22 5.73 -59.12
CA VAL I 129 17.14 4.42 -58.46
C VAL I 129 17.24 3.33 -59.51
N VAL I 130 18.09 2.32 -59.24
CA VAL I 130 18.38 1.23 -60.16
C VAL I 130 17.46 0.06 -59.84
N ARG I 131 17.21 -0.79 -60.84
CA ARG I 131 16.51 -2.06 -60.70
C ARG I 131 16.59 -2.69 -62.09
N ARG I 132 16.21 -3.96 -62.21
CA ARG I 132 16.14 -4.56 -63.54
C ARG I 132 14.89 -4.06 -64.27
N GLN I 133 15.07 -3.67 -65.52
CA GLN I 133 14.00 -3.16 -66.37
C GLN I 133 14.09 -3.87 -67.71
N ALA I 134 12.99 -3.86 -68.46
CA ALA I 134 12.89 -4.61 -69.70
C ALA I 134 13.47 -3.83 -70.88
N VAL I 135 14.18 -4.55 -71.75
CA VAL I 135 14.93 -3.95 -72.86
C VAL I 135 14.84 -4.84 -74.09
N ASP I 136 15.15 -4.25 -75.24
CA ASP I 136 15.28 -5.01 -76.47
C ASP I 136 16.64 -5.73 -76.50
N ILE I 137 16.82 -6.60 -77.49
CA ILE I 137 18.08 -7.31 -77.70
C ILE I 137 18.55 -7.10 -79.13
N SER I 138 19.82 -6.72 -79.27
CA SER I 138 20.40 -6.51 -80.58
C SER I 138 20.48 -7.83 -81.34
N PRO I 139 20.41 -7.79 -82.67
CA PRO I 139 20.40 -9.04 -83.44
C PRO I 139 21.63 -9.89 -83.24
N LEU I 140 22.79 -9.29 -83.03
CA LEU I 140 24.02 -10.07 -82.99
C LEU I 140 24.13 -10.85 -81.68
N ARG I 141 23.79 -10.22 -80.56
CA ARG I 141 23.68 -10.97 -79.32
C ARG I 141 22.56 -12.00 -79.38
N ARG I 142 21.52 -11.74 -80.17
CA ARG I 142 20.45 -12.72 -80.32
C ARG I 142 20.96 -13.97 -81.02
N VAL I 143 21.72 -13.79 -82.10
CA VAL I 143 22.35 -14.94 -82.75
C VAL I 143 23.31 -15.62 -81.78
N ASN I 144 24.17 -14.83 -81.13
CA ASN I 144 25.08 -15.35 -80.13
C ASN I 144 24.35 -16.13 -79.06
N GLN I 145 23.19 -15.63 -78.63
CA GLN I 145 22.40 -16.30 -77.60
C GLN I 145 21.72 -17.54 -78.16
N ALA I 146 21.25 -17.48 -79.40
CA ALA I 146 20.60 -18.65 -79.98
C ALA I 146 21.56 -19.81 -80.09
N ILE I 147 22.79 -19.54 -80.53
CA ILE I 147 23.81 -20.58 -80.55
C ILE I 147 24.07 -21.10 -79.14
N TYR I 148 24.18 -20.19 -78.19
CA TYR I 148 24.58 -20.58 -76.83
C TYR I 148 23.58 -21.55 -76.23
N LEU I 149 22.29 -21.27 -76.37
CA LEU I 149 21.28 -22.11 -75.76
C LEU I 149 21.30 -23.52 -76.34
N LEU I 150 21.38 -23.62 -77.66
CA LEU I 150 21.35 -24.92 -78.31
C LEU I 150 22.52 -25.79 -77.86
N THR I 151 23.73 -25.24 -77.90
CA THR I 151 24.91 -26.03 -77.62
C THR I 151 24.95 -26.49 -76.17
N THR I 152 24.54 -25.62 -75.25
CA THR I 152 24.53 -26.02 -73.84
C THR I 152 23.51 -27.11 -73.59
N GLY I 153 22.32 -26.98 -74.18
CA GLY I 153 21.29 -27.99 -73.99
C GLY I 153 21.69 -29.35 -74.51
N ALA I 154 22.26 -29.39 -75.71
CA ALA I 154 22.81 -30.64 -76.21
C ALA I 154 23.93 -31.16 -75.30
N ARG I 155 24.74 -30.25 -74.77
CA ARG I 155 25.83 -30.66 -73.90
C ARG I 155 25.32 -31.33 -72.64
N GLU I 156 24.37 -30.70 -71.96
CA GLU I 156 23.93 -31.19 -70.65
C GLU I 156 23.32 -32.59 -70.76
N SER I 157 22.49 -32.81 -71.78
CA SER I 157 21.84 -34.10 -71.94
C SER I 157 22.85 -35.22 -72.21
N ALA I 158 23.85 -34.94 -73.05
CA ALA I 158 24.80 -36.00 -73.40
C ALA I 158 25.62 -36.46 -72.21
N PHE I 159 25.73 -35.63 -71.18
CA PHE I 159 26.58 -35.92 -70.04
C PHE I 159 25.97 -37.05 -69.19
N ARG I 160 26.77 -38.07 -68.89
CA ARG I 160 26.32 -39.27 -68.18
C ARG I 160 25.11 -39.90 -68.88
N ASN I 161 25.20 -39.97 -70.19
CA ASN I 161 24.18 -40.54 -71.05
C ASN I 161 24.88 -41.44 -72.06
N VAL I 162 24.30 -42.61 -72.34
CA VAL I 162 24.90 -43.46 -73.37
C VAL I 162 24.76 -42.75 -74.72
N LYS I 163 23.70 -41.97 -74.90
CA LYS I 163 23.50 -41.22 -76.12
C LYS I 163 24.75 -40.43 -76.49
N THR I 164 24.95 -40.26 -77.79
CA THR I 164 26.13 -39.55 -78.27
C THR I 164 25.85 -38.06 -78.33
N ILE I 165 26.92 -37.28 -78.24
CA ILE I 165 26.79 -35.83 -78.33
C ILE I 165 26.31 -35.41 -79.71
N ALA I 166 26.75 -36.10 -80.76
CA ALA I 166 26.37 -35.74 -82.11
C ALA I 166 24.86 -35.81 -82.29
N GLU I 167 24.25 -36.76 -81.63
CA GLU I 167 22.83 -37.02 -81.69
C GLU I 167 22.04 -36.30 -80.62
N CYS I 168 22.64 -36.03 -79.46
CA CYS I 168 22.04 -35.07 -78.56
C CYS I 168 21.91 -33.71 -79.24
N LEU I 169 22.97 -33.29 -79.93
CA LEU I 169 22.91 -32.07 -80.72
C LEU I 169 21.84 -32.16 -81.79
N ALA I 170 21.68 -33.34 -82.39
CA ALA I 170 20.76 -33.48 -83.51
C ALA I 170 19.30 -33.40 -83.07
N ASP I 171 18.95 -34.09 -81.98
CA ASP I 171 17.62 -33.95 -81.42
C ASP I 171 17.35 -32.51 -81.02
N GLU I 172 18.34 -31.87 -80.42
CA GLU I 172 18.21 -30.49 -79.99
C GLU I 172 17.82 -29.59 -81.14
N LEU I 173 18.54 -29.68 -82.26
CA LEU I 173 18.31 -28.80 -83.39
C LEU I 173 16.98 -29.09 -84.06
N ILE I 174 16.63 -30.36 -84.23
CA ILE I 174 15.36 -30.71 -84.87
C ILE I 174 14.20 -30.17 -84.06
N ASN I 175 14.21 -30.41 -82.74
CA ASN I 175 13.14 -29.91 -81.90
C ASN I 175 13.10 -28.39 -81.90
N ALA I 176 14.27 -27.76 -81.86
CA ALA I 176 14.32 -26.30 -81.83
C ALA I 176 13.81 -25.70 -83.13
N ALA I 177 14.18 -26.26 -84.28
CA ALA I 177 13.73 -25.72 -85.55
C ALA I 177 12.23 -25.88 -85.71
N LYS I 178 11.67 -26.98 -85.20
CA LYS I 178 10.23 -27.13 -85.17
C LYS I 178 9.59 -26.05 -84.29
N GLY I 179 10.22 -25.76 -83.16
CA GLY I 179 9.68 -24.84 -82.20
C GLY I 179 8.93 -25.48 -81.07
N SER I 180 9.02 -26.81 -80.92
CA SER I 180 8.34 -27.48 -79.83
C SER I 180 8.97 -27.11 -78.49
N SER I 181 8.14 -27.14 -77.45
CA SER I 181 8.64 -26.84 -76.12
C SER I 181 9.39 -28.05 -75.56
N ASN I 182 10.36 -28.55 -76.32
CA ASN I 182 11.06 -29.78 -75.97
C ASN I 182 12.56 -29.58 -75.83
N SER I 183 13.10 -28.47 -76.30
CA SER I 183 14.53 -28.21 -76.30
C SER I 183 14.90 -27.38 -75.07
N TYR I 184 16.14 -27.56 -74.62
CA TYR I 184 16.70 -26.65 -73.64
C TYR I 184 16.60 -25.22 -74.14
N ALA I 185 16.96 -25.01 -75.41
CA ALA I 185 16.95 -23.66 -75.98
C ALA I 185 15.57 -23.04 -75.92
N ILE I 186 14.54 -23.81 -76.27
CA ILE I 186 13.19 -23.24 -76.34
C ILE I 186 12.70 -22.83 -74.95
N LYS I 187 12.85 -23.71 -73.96
CA LYS I 187 12.38 -23.38 -72.63
C LYS I 187 13.20 -22.25 -72.00
N LYS I 188 14.49 -22.19 -72.30
CA LYS I 188 15.27 -21.07 -71.78
C LYS I 188 14.91 -19.77 -72.47
N LYS I 189 14.61 -19.82 -73.77
CA LYS I 189 14.14 -18.63 -74.47
C LYS I 189 12.88 -18.07 -73.84
N ASP I 190 11.88 -18.93 -73.61
CA ASP I 190 10.58 -18.42 -73.19
C ASP I 190 10.59 -17.95 -71.74
N GLU I 191 11.45 -18.52 -70.89
CA GLU I 191 11.52 -18.01 -69.53
C GLU I 191 12.16 -16.64 -69.51
N ILE I 192 13.09 -16.37 -70.43
CA ILE I 192 13.69 -15.05 -70.51
C ILE I 192 12.64 -14.03 -70.91
N GLU I 193 11.85 -14.33 -71.94
CA GLU I 193 10.82 -13.42 -72.38
C GLU I 193 9.79 -13.18 -71.29
N ARG I 194 9.37 -14.23 -70.59
CA ARG I 194 8.34 -14.08 -69.56
C ARG I 194 8.81 -13.20 -68.41
N VAL I 195 10.05 -13.39 -67.97
CA VAL I 195 10.61 -12.49 -66.95
C VAL I 195 10.64 -11.07 -67.49
N ALA I 196 11.21 -10.88 -68.68
CA ALA I 196 11.34 -9.55 -69.24
C ALA I 196 9.99 -8.89 -69.42
N LYS I 197 9.00 -9.67 -69.84
CA LYS I 197 7.64 -9.15 -69.96
C LYS I 197 7.12 -8.66 -68.62
N ALA I 198 7.36 -9.42 -67.56
CA ALA I 198 6.84 -9.04 -66.25
C ALA I 198 7.44 -7.73 -65.76
N ASN I 199 8.76 -7.57 -65.91
CA ASN I 199 9.45 -6.39 -65.43
C ASN I 199 9.41 -5.22 -66.40
N ARG I 200 8.50 -5.23 -67.36
CA ARG I 200 8.31 -4.06 -68.20
C ARG I 200 7.78 -2.91 -67.37
N PRO J 10 60.54 -25.17 -119.83
CA PRO J 10 61.35 -24.74 -118.69
C PRO J 10 60.55 -24.61 -117.41
N GLY J 11 59.29 -25.06 -117.44
CA GLY J 11 58.40 -24.81 -116.33
C GLY J 11 58.88 -25.39 -115.02
N THR J 12 59.32 -24.52 -114.13
CA THR J 12 59.83 -24.94 -112.83
C THR J 12 59.69 -23.78 -111.86
N VAL J 13 58.88 -23.98 -110.82
CA VAL J 13 58.67 -22.98 -109.78
C VAL J 13 58.76 -23.68 -108.43
N GLN J 14 59.32 -22.98 -107.45
CA GLN J 14 59.44 -23.48 -106.08
C GLN J 14 58.84 -22.43 -105.17
N CYS J 15 57.54 -22.55 -104.92
CA CYS J 15 56.82 -21.54 -104.14
C CYS J 15 56.39 -22.14 -102.81
N PHE J 16 56.55 -21.38 -101.74
CA PHE J 16 56.24 -21.87 -100.40
C PHE J 16 54.95 -21.28 -99.85
N GLY J 17 54.51 -21.87 -98.74
CA GLY J 17 53.45 -21.30 -97.93
C GLY J 17 53.74 -21.56 -96.47
N ARG J 18 53.24 -20.66 -95.61
CA ARG J 18 53.52 -20.75 -94.19
C ARG J 18 52.26 -20.59 -93.35
N LYS J 19 52.26 -21.33 -92.24
CA LYS J 19 51.40 -21.14 -91.10
C LYS J 19 52.34 -21.17 -89.90
N LYS J 20 51.82 -21.36 -88.68
CA LYS J 20 52.54 -21.04 -87.46
C LYS J 20 54.03 -21.40 -87.50
N THR J 21 54.33 -22.68 -87.68
CA THR J 21 55.69 -23.15 -87.94
C THR J 21 55.76 -24.09 -89.14
N ALA J 22 54.63 -24.62 -89.59
CA ALA J 22 54.56 -25.46 -90.78
C ALA J 22 54.98 -24.68 -92.01
N VAL J 23 56.08 -25.10 -92.62
CA VAL J 23 56.56 -24.53 -93.87
C VAL J 23 56.47 -25.59 -94.95
N ALA J 24 55.86 -25.24 -96.07
CA ALA J 24 55.66 -26.16 -97.19
C ALA J 24 56.29 -25.56 -98.44
N VAL J 25 57.00 -26.38 -99.20
CA VAL J 25 57.69 -25.93 -100.41
C VAL J 25 57.23 -26.81 -101.55
N ALA J 26 56.57 -26.21 -102.53
CA ALA J 26 55.88 -26.96 -103.60
C ALA J 26 56.65 -26.80 -104.91
N TYR J 27 57.65 -27.65 -105.10
CA TYR J 27 58.40 -27.69 -106.35
C TYR J 27 57.51 -28.22 -107.46
N CYS J 28 57.69 -27.67 -108.66
CA CYS J 28 56.79 -27.97 -109.77
C CYS J 28 57.57 -28.28 -111.04
N LYS J 29 56.99 -29.12 -111.88
CA LYS J 29 57.52 -29.47 -113.18
C LYS J 29 56.35 -29.46 -114.17
N PRO J 30 56.62 -29.44 -115.47
CA PRO J 30 55.48 -29.48 -116.41
C PRO J 30 54.96 -30.88 -116.76
N GLY J 31 54.15 -31.45 -115.87
CA GLY J 31 53.75 -32.83 -116.05
C GLY J 31 52.31 -33.05 -116.48
N ARG J 32 51.61 -34.01 -115.88
CA ARG J 32 50.21 -34.25 -116.21
C ARG J 32 49.27 -33.99 -115.03
N GLY J 33 49.41 -34.70 -113.91
CA GLY J 33 48.48 -34.45 -112.82
C GLY J 33 48.99 -34.66 -111.41
N LEU J 34 50.27 -34.93 -111.24
CA LEU J 34 50.76 -35.43 -109.97
C LEU J 34 50.75 -34.34 -108.90
N ILE J 35 50.32 -34.71 -107.70
CA ILE J 35 50.41 -33.85 -106.51
C ILE J 35 50.76 -34.75 -105.34
N LYS J 36 52.01 -34.70 -104.87
CA LYS J 36 52.48 -35.62 -103.85
C LYS J 36 53.16 -34.85 -102.73
N VAL J 37 52.79 -35.17 -101.49
CA VAL J 37 53.31 -34.49 -100.31
C VAL J 37 54.32 -35.43 -99.66
N ASN J 38 55.60 -35.07 -99.74
CA ASN J 38 56.70 -35.93 -99.30
C ASN J 38 56.64 -37.29 -99.99
N GLY J 39 56.16 -37.30 -101.24
CA GLY J 39 56.06 -38.49 -102.05
C GLY J 39 54.71 -39.17 -102.00
N ALA J 40 53.91 -38.91 -100.96
CA ALA J 40 52.61 -39.52 -100.77
C ALA J 40 51.53 -38.71 -101.47
N PRO J 41 50.53 -39.38 -102.04
CA PRO J 41 49.48 -38.68 -102.78
C PRO J 41 48.75 -37.66 -101.92
N ILE J 42 48.37 -36.54 -102.55
CA ILE J 42 47.60 -35.51 -101.85
C ILE J 42 46.24 -36.05 -101.42
N GLU J 43 45.71 -37.04 -102.14
CA GLU J 43 44.42 -37.57 -101.77
C GLU J 43 44.43 -38.33 -100.46
N LEU J 44 45.55 -38.36 -99.74
CA LEU J 44 45.69 -39.26 -98.60
C LEU J 44 46.16 -38.59 -97.32
N ILE J 45 46.37 -37.27 -97.30
CA ILE J 45 46.91 -36.60 -96.10
C ILE J 45 45.98 -36.87 -94.91
N ARG J 46 46.54 -36.76 -93.68
CA ARG J 46 45.87 -37.55 -92.66
C ARG J 46 45.24 -36.78 -91.51
N PRO J 47 44.75 -35.57 -91.72
CA PRO J 47 43.45 -35.21 -91.15
C PRO J 47 42.36 -35.56 -92.14
N GLU J 48 41.58 -36.61 -91.94
CA GLU J 48 40.56 -36.84 -92.94
C GLU J 48 39.32 -36.00 -92.71
N MET J 49 39.30 -35.20 -91.65
CA MET J 49 38.32 -34.13 -91.66
C MET J 49 38.89 -32.89 -92.34
N LEU J 50 40.12 -32.50 -91.97
CA LEU J 50 40.77 -31.39 -92.64
C LEU J 50 41.46 -31.87 -93.91
N ARG J 51 40.73 -32.53 -94.79
CA ARG J 51 41.22 -32.90 -96.11
C ARG J 51 40.72 -31.97 -97.19
N LEU J 52 39.53 -31.42 -97.03
CA LEU J 52 39.04 -30.45 -97.99
C LEU J 52 39.90 -29.20 -97.98
N LYS J 53 40.52 -28.89 -96.84
CA LYS J 53 41.38 -27.72 -96.74
C LYS J 53 42.61 -27.87 -97.64
N ALA J 54 43.23 -29.05 -97.64
CA ALA J 54 44.30 -29.30 -98.60
C ALA J 54 43.75 -29.32 -100.02
N PHE J 55 42.58 -29.93 -100.21
CA PHE J 55 41.96 -29.99 -101.52
C PHE J 55 41.39 -28.66 -101.96
N GLU J 56 41.27 -27.71 -101.04
CA GLU J 56 40.57 -26.45 -101.30
C GLU J 56 41.08 -25.67 -102.50
N PRO J 57 42.40 -25.46 -102.69
CA PRO J 57 42.83 -24.82 -103.94
C PRO J 57 42.40 -25.58 -105.19
N ILE J 58 42.41 -26.91 -105.14
CA ILE J 58 42.19 -27.71 -106.33
C ILE J 58 40.74 -27.62 -106.77
N LEU J 59 39.80 -27.74 -105.83
CA LEU J 59 38.39 -27.56 -106.18
C LEU J 59 38.06 -26.11 -106.48
N LEU J 60 38.94 -25.18 -106.11
CA LEU J 60 38.70 -23.79 -106.45
C LEU J 60 39.05 -23.53 -107.91
N ALA J 61 40.27 -23.85 -108.32
CA ALA J 61 40.68 -23.64 -109.70
C ALA J 61 40.17 -24.76 -110.60
N GLY J 62 40.65 -25.96 -110.38
CA GLY J 62 40.24 -27.11 -111.15
C GLY J 62 41.40 -28.08 -111.31
N ARG J 63 41.06 -29.36 -111.44
CA ARG J 63 42.07 -30.31 -111.88
C ARG J 63 42.55 -29.97 -113.28
N SER J 64 41.68 -29.34 -114.08
CA SER J 64 42.04 -28.93 -115.43
C SER J 64 43.16 -27.91 -115.41
N ARG J 65 43.13 -26.97 -114.46
CA ARG J 65 44.19 -25.97 -114.40
C ARG J 65 45.54 -26.60 -114.15
N PHE J 66 45.57 -27.79 -113.56
CA PHE J 66 46.78 -28.51 -113.22
C PHE J 66 47.14 -29.57 -114.26
N LYS J 67 46.51 -29.54 -115.43
CA LYS J 67 46.65 -30.64 -116.38
C LYS J 67 48.04 -30.76 -116.96
N ASP J 68 48.89 -29.73 -116.83
CA ASP J 68 50.23 -29.81 -117.38
C ASP J 68 51.32 -29.59 -116.34
N ILE J 69 51.04 -29.79 -115.05
CA ILE J 69 52.02 -29.55 -114.00
C ILE J 69 51.96 -30.71 -113.02
N ASP J 70 53.08 -30.95 -112.35
CA ASP J 70 53.11 -31.89 -111.24
C ASP J 70 53.76 -31.26 -110.01
N MET J 71 53.32 -31.73 -108.85
CA MET J 71 53.49 -31.05 -107.58
C MET J 71 54.19 -32.00 -106.62
N ARG J 72 55.26 -31.55 -105.98
CA ARG J 72 55.87 -32.30 -104.90
C ARG J 72 56.05 -31.35 -103.72
N ILE J 73 55.20 -31.48 -102.71
CA ILE J 73 55.03 -30.46 -101.69
C ILE J 73 55.63 -30.96 -100.38
N ARG J 74 56.89 -30.68 -100.13
CA ARG J 74 57.57 -31.16 -98.94
C ARG J 74 57.27 -30.26 -97.74
N VAL J 75 56.95 -30.86 -96.60
CA VAL J 75 56.53 -30.13 -95.42
C VAL J 75 57.43 -30.47 -94.25
N ARG J 76 57.49 -29.54 -93.30
CA ARG J 76 58.34 -29.61 -92.11
C ARG J 76 57.78 -28.66 -91.07
N GLY J 77 57.71 -29.11 -89.83
CA GLY J 77 57.36 -28.25 -88.72
C GLY J 77 55.87 -27.98 -88.61
N GLY J 78 55.52 -27.24 -87.55
CA GLY J 78 54.14 -26.92 -87.28
C GLY J 78 53.47 -28.03 -86.52
N GLY J 79 52.24 -28.34 -86.90
CA GLY J 79 51.50 -29.42 -86.28
C GLY J 79 50.79 -30.28 -87.29
N LYS J 80 49.49 -30.50 -87.09
CA LYS J 80 48.66 -31.16 -88.10
C LYS J 80 47.79 -30.14 -88.82
N THR J 81 47.04 -29.35 -88.06
CA THR J 81 46.16 -28.38 -88.67
C THR J 81 46.94 -27.29 -89.39
N SER J 82 48.03 -26.82 -88.79
CA SER J 82 48.78 -25.73 -89.40
C SER J 82 49.32 -26.14 -90.76
N GLN J 83 49.72 -27.41 -90.89
CA GLN J 83 50.28 -27.89 -92.15
C GLN J 83 49.23 -27.88 -93.25
N ILE J 84 48.00 -28.26 -92.94
CA ILE J 84 46.96 -28.26 -93.97
C ILE J 84 46.68 -26.85 -94.46
N TYR J 85 46.60 -25.88 -93.54
CA TYR J 85 46.57 -24.47 -93.95
C TYR J 85 47.83 -24.05 -94.67
N SER J 86 48.95 -24.73 -94.43
CA SER J 86 50.15 -24.38 -95.16
C SER J 86 50.09 -24.89 -96.60
N ILE J 87 49.77 -26.17 -96.78
CA ILE J 87 49.78 -26.75 -98.12
C ILE J 87 48.80 -26.03 -99.01
N ARG J 88 47.68 -25.60 -98.44
CA ARG J 88 46.72 -24.74 -99.12
C ARG J 88 47.40 -23.56 -99.81
N GLN J 89 48.19 -22.76 -99.07
CA GLN J 89 48.91 -21.67 -99.72
C GLN J 89 49.97 -22.16 -100.69
N ALA J 90 50.68 -23.22 -100.33
CA ALA J 90 51.72 -23.70 -101.23
C ALA J 90 51.12 -24.09 -102.56
N ILE J 91 50.01 -24.81 -102.54
CA ILE J 91 49.34 -25.15 -103.80
C ILE J 91 48.82 -23.89 -104.49
N ALA J 92 48.12 -23.03 -103.75
CA ALA J 92 47.49 -21.86 -104.36
C ALA J 92 48.52 -20.89 -104.91
N LYS J 93 49.50 -20.52 -104.09
CA LYS J 93 50.56 -19.62 -104.54
C LYS J 93 51.36 -20.21 -105.68
N SER J 94 51.74 -21.49 -105.58
CA SER J 94 52.62 -22.09 -106.58
C SER J 94 51.99 -22.04 -107.96
N LEU J 95 50.66 -22.11 -108.03
CA LEU J 95 49.97 -22.04 -109.31
C LEU J 95 50.19 -20.68 -109.95
N VAL J 96 49.92 -19.59 -109.21
CA VAL J 96 49.98 -18.27 -109.81
C VAL J 96 51.42 -17.91 -110.15
N ALA J 97 52.38 -18.33 -109.33
CA ALA J 97 53.78 -18.07 -109.67
C ALA J 97 54.16 -18.79 -110.96
N TYR J 98 53.71 -20.02 -111.13
CA TYR J 98 53.87 -20.70 -112.41
C TYR J 98 53.14 -19.96 -113.52
N TYR J 99 51.90 -19.52 -113.27
CA TYR J 99 51.16 -18.78 -114.29
C TYR J 99 51.82 -17.45 -114.59
N GLN J 100 52.32 -16.76 -113.56
CA GLN J 100 52.98 -15.48 -113.77
C GLN J 100 54.20 -15.64 -114.65
N LYS J 101 54.96 -16.70 -114.44
CA LYS J 101 56.23 -16.87 -115.11
C LYS J 101 56.13 -17.62 -116.44
N TYR J 102 55.07 -18.38 -116.66
CA TYR J 102 55.07 -19.31 -117.79
C TYR J 102 53.82 -19.32 -118.64
N VAL J 103 52.68 -18.83 -118.17
CA VAL J 103 51.46 -18.91 -118.98
C VAL J 103 51.08 -17.54 -119.54
N ASP J 104 50.79 -16.60 -118.66
CA ASP J 104 50.34 -15.27 -119.03
C ASP J 104 50.28 -14.47 -117.74
N GLU J 105 50.50 -13.16 -117.85
CA GLU J 105 50.30 -12.37 -116.65
C GLU J 105 48.82 -12.06 -116.41
N ALA J 106 48.04 -11.89 -117.47
CA ALA J 106 46.63 -11.59 -117.30
C ALA J 106 45.76 -12.83 -117.31
N ALA J 107 46.33 -14.03 -117.49
CA ALA J 107 45.59 -15.26 -117.28
C ALA J 107 45.69 -15.75 -115.84
N LYS J 108 46.46 -15.05 -115.01
CA LYS J 108 46.54 -15.32 -113.59
C LYS J 108 45.73 -14.33 -112.77
N LYS J 109 45.38 -13.18 -113.36
CA LYS J 109 44.45 -12.26 -112.71
C LYS J 109 43.10 -12.91 -112.48
N GLU J 110 42.67 -13.77 -113.41
CA GLU J 110 41.45 -14.53 -113.17
C GLU J 110 41.65 -15.51 -112.02
N VAL J 111 42.78 -16.21 -112.02
CA VAL J 111 43.05 -17.22 -111.00
C VAL J 111 43.08 -16.59 -109.62
N LYS J 112 43.80 -15.47 -109.49
CA LYS J 112 43.94 -14.85 -108.18
C LYS J 112 42.59 -14.46 -107.59
N GLU J 113 41.73 -13.85 -108.40
CA GLU J 113 40.44 -13.41 -107.87
C GLU J 113 39.53 -14.60 -107.56
N ILE J 114 39.77 -15.79 -108.10
CA ILE J 114 39.11 -16.98 -107.56
C ILE J 114 39.59 -17.23 -106.13
N PHE J 115 40.91 -17.28 -105.92
CA PHE J 115 41.44 -17.55 -104.59
C PHE J 115 41.07 -16.45 -103.60
N ALA J 116 41.14 -15.18 -104.02
CA ALA J 116 40.96 -14.08 -103.09
C ALA J 116 39.49 -13.87 -102.70
N ARG J 117 38.55 -14.08 -103.63
CA ARG J 117 37.15 -13.94 -103.28
C ARG J 117 36.65 -15.04 -102.37
N TYR J 118 37.41 -16.13 -102.23
CA TYR J 118 37.01 -17.19 -101.32
C TYR J 118 37.62 -16.98 -99.94
N ASP J 119 38.95 -16.93 -99.86
CA ASP J 119 39.67 -16.73 -98.62
C ASP J 119 40.94 -15.94 -98.93
N ARG J 120 41.24 -14.97 -98.08
CA ARG J 120 42.39 -14.11 -98.35
C ARG J 120 43.71 -14.74 -97.92
N THR J 121 43.67 -15.85 -97.20
CA THR J 121 44.85 -16.46 -96.61
C THR J 121 45.37 -17.65 -97.38
N LEU J 122 44.99 -17.78 -98.65
CA LEU J 122 45.62 -18.72 -99.56
C LEU J 122 46.77 -18.11 -100.33
N LEU J 123 47.08 -16.84 -100.08
CA LEU J 123 48.20 -16.19 -100.75
C LEU J 123 49.10 -15.51 -99.73
N VAL J 124 48.53 -15.06 -98.62
CA VAL J 124 49.23 -14.27 -97.62
C VAL J 124 49.04 -14.91 -96.25
N ALA J 125 50.14 -15.10 -95.53
CA ALA J 125 50.17 -15.87 -94.30
C ALA J 125 49.55 -15.09 -93.14
N ASP J 126 49.36 -15.80 -92.02
CA ASP J 126 49.06 -15.17 -90.74
C ASP J 126 50.34 -14.79 -90.02
N PRO J 127 50.49 -13.53 -89.60
CA PRO J 127 51.63 -13.14 -88.76
C PRO J 127 51.55 -13.64 -87.33
N ARG J 128 50.46 -14.32 -86.98
CA ARG J 128 50.21 -14.67 -85.59
C ARG J 128 51.20 -15.72 -85.12
N ARG J 129 51.76 -15.52 -83.93
CA ARG J 129 52.74 -16.41 -83.35
C ARG J 129 52.53 -16.54 -81.86
N CYS J 130 53.30 -17.45 -81.26
CA CYS J 130 53.19 -17.77 -79.83
C CYS J 130 53.78 -16.64 -79.00
N GLU J 131 52.91 -15.87 -78.34
CA GLU J 131 53.38 -14.78 -77.50
C GLU J 131 54.21 -15.34 -76.34
N PRO J 132 55.34 -14.72 -76.03
CA PRO J 132 56.23 -15.29 -75.00
C PRO J 132 55.56 -15.34 -73.63
N LYS J 133 55.99 -16.30 -72.83
CA LYS J 133 55.57 -16.38 -71.45
C LYS J 133 56.34 -15.36 -70.62
N LYS J 134 55.63 -14.70 -69.71
CA LYS J 134 56.26 -13.82 -68.73
C LYS J 134 56.00 -14.34 -67.32
N PHE J 135 56.91 -13.98 -66.42
CA PHE J 135 56.88 -14.47 -65.06
C PHE J 135 55.72 -13.88 -64.29
N GLY J 136 55.54 -14.36 -63.07
CA GLY J 136 54.36 -14.03 -62.30
C GLY J 136 53.13 -14.79 -62.73
N GLY J 137 53.28 -15.75 -63.63
CA GLY J 137 52.19 -16.58 -64.06
C GLY J 137 52.72 -17.55 -65.09
N ARG J 138 51.92 -18.57 -65.36
CA ARG J 138 52.28 -19.63 -66.30
C ARG J 138 51.53 -19.51 -67.62
N GLY J 139 51.38 -18.29 -68.13
CA GLY J 139 50.82 -18.08 -69.44
C GLY J 139 51.29 -16.75 -70.01
N ALA J 140 50.83 -16.46 -71.23
CA ALA J 140 51.08 -15.14 -71.80
C ALA J 140 50.36 -14.06 -71.02
N ARG J 141 49.10 -14.26 -70.72
CA ARG J 141 48.36 -13.31 -69.91
C ARG J 141 48.02 -13.81 -68.52
N ALA J 142 47.80 -15.11 -68.35
CA ALA J 142 47.32 -15.64 -67.08
C ALA J 142 48.35 -15.43 -65.97
N ARG J 143 47.86 -15.05 -64.80
CA ARG J 143 48.68 -14.80 -63.63
C ARG J 143 48.29 -15.77 -62.53
N PHE J 144 49.22 -16.03 -61.63
CA PHE J 144 48.96 -16.95 -60.53
C PHE J 144 47.81 -16.43 -59.68
N GLN J 145 47.04 -17.35 -59.12
CA GLN J 145 45.86 -16.97 -58.37
C GLN J 145 46.24 -16.21 -57.10
N LYS J 146 45.47 -15.18 -56.79
CA LYS J 146 45.79 -14.23 -55.74
C LYS J 146 44.99 -14.54 -54.47
N SER J 147 45.66 -14.48 -53.34
CA SER J 147 45.02 -14.72 -52.05
C SER J 147 45.39 -13.62 -51.08
N TYR J 148 44.41 -13.14 -50.34
CA TYR J 148 44.60 -12.03 -49.41
C TYR J 148 44.70 -12.47 -47.96
N ARG J 149 43.86 -13.41 -47.56
CA ARG J 149 43.93 -13.97 -46.22
C ARG J 149 44.34 -15.44 -46.31
N VAL K 24 100.49 -29.06 -101.76
CA VAL K 24 100.69 -27.64 -102.04
C VAL K 24 99.50 -26.79 -101.63
N GLN K 25 98.29 -27.25 -101.94
CA GLN K 25 97.07 -26.50 -101.71
C GLN K 25 96.19 -27.31 -100.78
N HIS K 26 96.08 -26.86 -99.53
CA HIS K 26 95.50 -27.63 -98.45
C HIS K 26 94.10 -27.15 -98.14
N ARG K 27 93.56 -27.63 -97.02
CA ARG K 27 92.26 -27.23 -96.52
C ARG K 27 92.49 -26.69 -95.11
N ILE K 28 92.57 -25.36 -95.00
CA ILE K 28 92.84 -24.68 -93.73
C ILE K 28 91.61 -23.88 -93.35
N ARG K 29 91.05 -24.17 -92.18
CA ARG K 29 89.81 -23.59 -91.70
C ARG K 29 90.10 -22.66 -90.54
N ILE K 30 89.60 -21.43 -90.63
CA ILE K 30 89.73 -20.45 -89.55
C ILE K 30 88.36 -20.32 -88.89
N THR K 31 88.33 -20.48 -87.57
CA THR K 31 87.10 -20.43 -86.79
C THR K 31 87.10 -19.19 -85.92
N LEU K 32 86.01 -18.44 -85.95
CA LEU K 32 85.90 -17.17 -85.24
C LEU K 32 84.69 -17.20 -84.33
N SER K 33 84.90 -16.88 -83.06
CA SER K 33 83.80 -16.71 -82.11
C SER K 33 84.00 -15.40 -81.37
N SER K 34 82.90 -14.83 -80.89
CA SER K 34 82.96 -13.58 -80.15
C SER K 34 81.62 -13.30 -79.52
N LYS K 35 81.59 -12.31 -78.65
CA LYS K 35 80.38 -11.76 -78.07
C LYS K 35 79.84 -10.57 -78.84
N SER K 36 80.49 -10.18 -79.94
CA SER K 36 80.22 -8.89 -80.59
C SER K 36 79.92 -9.09 -82.07
N VAL K 37 78.73 -8.64 -82.50
CA VAL K 37 78.38 -8.69 -83.91
C VAL K 37 79.32 -7.82 -84.74
N LYS K 38 79.34 -6.51 -84.46
CA LYS K 38 80.09 -5.58 -85.29
C LYS K 38 81.57 -5.91 -85.29
N ASN K 39 82.13 -6.17 -84.11
CA ASN K 39 83.56 -6.36 -83.98
C ASN K 39 84.02 -7.59 -84.76
N LEU K 40 83.27 -8.68 -84.69
CA LEU K 40 83.68 -9.92 -85.34
C LEU K 40 83.63 -9.79 -86.85
N GLU K 41 82.61 -9.12 -87.41
CA GLU K 41 82.56 -8.95 -88.85
C GLU K 41 83.59 -7.95 -89.36
N LYS K 42 84.15 -7.12 -88.48
CA LYS K 42 85.34 -6.37 -88.86
C LYS K 42 86.47 -7.33 -89.22
N VAL K 43 86.79 -8.25 -88.31
CA VAL K 43 87.86 -9.20 -88.57
C VAL K 43 87.50 -10.14 -89.71
N CYS K 44 86.27 -10.65 -89.69
CA CYS K 44 85.84 -11.64 -90.68
C CYS K 44 86.06 -11.11 -92.09
N SER K 45 85.53 -9.92 -92.39
CA SER K 45 85.63 -9.37 -93.74
C SER K 45 87.07 -9.02 -94.10
N ASP K 46 87.85 -8.54 -93.12
CA ASP K 46 89.25 -8.22 -93.39
C ASP K 46 90.03 -9.45 -93.82
N LEU K 47 89.83 -10.58 -93.12
CA LEU K 47 90.47 -11.82 -93.55
C LEU K 47 90.04 -12.20 -94.96
N VAL K 48 88.75 -12.07 -95.25
CA VAL K 48 88.27 -12.39 -96.58
C VAL K 48 88.90 -11.46 -97.61
N LYS K 49 88.79 -10.14 -97.39
CA LYS K 49 89.47 -9.21 -98.28
C LYS K 49 90.98 -9.28 -98.18
N GLY K 50 91.52 -9.74 -97.04
CA GLY K 50 92.95 -10.00 -97.01
C GLY K 50 93.38 -10.98 -98.08
N ALA K 51 92.69 -12.12 -98.14
CA ALA K 51 93.11 -13.18 -99.06
C ALA K 51 92.55 -13.00 -100.47
N LYS K 52 91.46 -12.24 -100.62
CA LYS K 52 90.96 -11.95 -101.97
C LYS K 52 91.97 -11.11 -102.75
N GLU K 53 92.76 -10.30 -102.04
CA GLU K 53 93.85 -9.57 -102.66
C GLU K 53 94.98 -10.49 -103.09
N LYS K 54 94.99 -11.73 -102.60
CA LYS K 54 95.92 -12.76 -103.05
C LYS K 54 95.26 -13.74 -104.00
N GLN K 55 93.99 -13.52 -104.37
CA GLN K 55 93.24 -14.38 -105.27
C GLN K 55 93.25 -15.83 -104.79
N LEU K 56 93.14 -16.01 -103.47
CA LEU K 56 93.06 -17.35 -102.90
C LEU K 56 91.66 -17.92 -103.05
N LYS K 57 91.57 -19.24 -102.91
CA LYS K 57 90.27 -19.90 -102.90
C LYS K 57 89.70 -19.71 -101.51
N VAL K 58 88.85 -18.69 -101.35
CA VAL K 58 88.34 -18.32 -100.04
C VAL K 58 86.86 -18.63 -100.03
N LYS K 59 86.48 -19.61 -99.24
CA LYS K 59 85.12 -20.10 -99.18
C LYS K 59 84.55 -19.69 -97.83
N GLY K 60 83.92 -18.53 -97.78
CA GLY K 60 83.38 -17.99 -96.55
C GLY K 60 82.63 -16.69 -96.76
N PRO K 61 81.95 -16.20 -95.71
CA PRO K 61 81.89 -16.88 -94.42
C PRO K 61 80.64 -17.72 -94.26
N VAL K 62 80.81 -18.95 -93.80
CA VAL K 62 79.66 -19.77 -93.44
C VAL K 62 79.20 -19.33 -92.06
N ARG K 63 77.91 -19.00 -91.94
CA ARG K 63 77.40 -18.28 -90.78
C ARG K 63 76.63 -19.26 -89.91
N MET K 64 77.01 -19.37 -88.64
CA MET K 64 76.55 -20.51 -87.87
C MET K 64 75.49 -20.06 -86.86
N PRO K 65 74.54 -20.93 -86.47
CA PRO K 65 73.48 -20.51 -85.55
C PRO K 65 74.02 -19.87 -84.28
N THR K 66 73.49 -18.70 -83.95
CA THR K 66 73.99 -17.97 -82.80
C THR K 66 73.57 -18.66 -81.51
N LYS K 67 74.54 -18.93 -80.65
CA LYS K 67 74.29 -19.50 -79.34
C LYS K 67 73.95 -18.38 -78.39
N VAL K 68 73.03 -18.65 -77.47
CA VAL K 68 72.52 -17.64 -76.54
C VAL K 68 72.51 -18.25 -75.16
N LEU K 69 73.60 -18.07 -74.42
CA LEU K 69 73.66 -18.48 -73.03
C LEU K 69 72.69 -17.66 -72.21
N ASN K 70 72.11 -18.28 -71.19
CA ASN K 70 71.03 -17.63 -70.46
C ASN K 70 71.08 -18.00 -69.00
N ILE K 71 70.76 -17.00 -68.16
CA ILE K 71 70.55 -17.20 -66.73
C ILE K 71 69.35 -16.35 -66.32
N THR K 72 68.38 -16.96 -65.66
CA THR K 72 67.35 -16.22 -64.95
C THR K 72 67.60 -16.34 -63.45
N THR K 73 67.61 -15.20 -62.77
CA THR K 73 67.86 -15.14 -61.34
C THR K 73 66.82 -14.22 -60.72
N ARG K 74 66.44 -14.53 -59.48
CA ARG K 74 65.53 -13.65 -58.75
C ARG K 74 66.25 -12.35 -58.40
N LYS K 75 65.58 -11.22 -58.63
CA LYS K 75 66.22 -9.93 -58.42
C LYS K 75 66.53 -9.67 -56.95
N SER K 76 65.77 -10.25 -56.05
CA SER K 76 65.95 -9.93 -54.64
C SER K 76 67.07 -10.75 -54.02
N PRO K 77 67.75 -10.21 -53.01
CA PRO K 77 68.64 -11.02 -52.17
C PRO K 77 67.96 -11.65 -50.97
N CYS K 78 66.64 -11.52 -50.82
CA CYS K 78 65.96 -12.01 -49.64
C CYS K 78 64.66 -12.75 -49.93
N GLY K 79 64.26 -12.91 -51.18
CA GLY K 79 63.03 -13.63 -51.48
C GLY K 79 61.78 -12.99 -50.93
N GLU K 80 61.68 -11.67 -51.02
CA GLU K 80 60.55 -10.92 -50.50
C GLU K 80 60.05 -9.96 -51.57
N GLY K 81 58.78 -9.61 -51.48
CA GLY K 81 58.18 -8.76 -52.48
C GLY K 81 57.66 -9.57 -53.62
N THR K 82 57.05 -8.87 -54.58
CA THR K 82 56.63 -9.53 -55.81
C THR K 82 57.81 -10.22 -56.44
N ASN K 83 57.73 -11.54 -56.59
CA ASN K 83 58.85 -12.26 -57.17
C ASN K 83 59.08 -11.79 -58.59
N THR K 84 60.25 -11.21 -58.82
CA THR K 84 60.57 -10.60 -60.10
C THR K 84 61.86 -11.21 -60.62
N TRP K 85 61.88 -11.52 -61.90
CA TRP K 85 62.96 -12.28 -62.50
C TRP K 85 63.63 -11.43 -63.56
N ASP K 86 64.96 -11.47 -63.60
CA ASP K 86 65.69 -10.84 -64.69
C ASP K 86 66.37 -11.92 -65.53
N ARG K 87 66.16 -11.84 -66.84
CA ARG K 87 66.75 -12.80 -67.76
C ARG K 87 68.04 -12.19 -68.30
N PHE K 88 69.16 -12.61 -67.73
CA PHE K 88 70.43 -12.32 -68.35
C PHE K 88 70.57 -13.20 -69.59
N GLU K 89 71.43 -12.78 -70.51
CA GLU K 89 71.79 -13.68 -71.58
C GLU K 89 73.07 -13.19 -72.24
N MET K 90 73.64 -14.05 -73.08
CA MET K 90 74.84 -13.75 -73.83
C MET K 90 74.64 -14.26 -75.24
N ARG K 91 74.78 -13.40 -76.24
CA ARG K 91 74.88 -13.89 -77.60
C ARG K 91 76.30 -14.35 -77.89
N VAL K 92 76.41 -15.49 -78.60
CA VAL K 92 77.68 -15.99 -79.11
C VAL K 92 77.53 -16.26 -80.60
N HIS K 93 78.43 -15.70 -81.40
CA HIS K 93 78.36 -15.77 -82.85
C HIS K 93 79.51 -16.63 -83.37
N LYS K 94 79.22 -17.43 -84.37
CA LYS K 94 80.12 -18.47 -84.83
C LYS K 94 80.34 -18.28 -86.32
N ARG K 95 81.59 -18.08 -86.73
CA ARG K 95 81.88 -17.77 -88.12
C ARG K 95 82.94 -18.75 -88.59
N VAL K 96 82.91 -19.11 -89.88
CA VAL K 96 83.86 -20.06 -90.45
C VAL K 96 84.34 -19.55 -91.80
N ILE K 97 85.65 -19.66 -92.05
CA ILE K 97 86.27 -19.33 -93.33
C ILE K 97 87.06 -20.54 -93.80
N ASP K 98 86.98 -20.84 -95.10
CA ASP K 98 87.81 -21.84 -95.75
C ASP K 98 88.87 -21.16 -96.61
N LEU K 99 90.10 -21.63 -96.49
CA LEU K 99 91.20 -21.18 -97.34
C LEU K 99 91.88 -22.40 -97.95
N VAL K 100 92.04 -22.39 -99.27
CA VAL K 100 92.86 -23.36 -99.98
C VAL K 100 94.23 -22.72 -100.11
N SER K 101 95.13 -23.09 -99.20
CA SER K 101 96.40 -22.39 -99.05
C SER K 101 97.34 -23.27 -98.23
N SER K 102 98.43 -22.68 -97.77
CA SER K 102 99.50 -23.33 -97.06
C SER K 102 99.46 -22.98 -95.58
N PRO K 103 100.22 -23.69 -94.73
CA PRO K 103 100.31 -23.28 -93.32
C PRO K 103 101.07 -21.99 -93.10
N ASP K 104 101.82 -21.50 -94.08
CA ASP K 104 102.43 -20.18 -93.96
C ASP K 104 101.61 -19.09 -94.66
N VAL K 105 100.89 -19.43 -95.74
CA VAL K 105 100.04 -18.44 -96.39
C VAL K 105 98.89 -18.06 -95.47
N VAL K 106 98.38 -19.03 -94.71
CA VAL K 106 97.36 -18.72 -93.71
C VAL K 106 97.91 -17.79 -92.64
N LYS K 107 99.13 -18.03 -92.18
CA LYS K 107 99.71 -17.17 -91.15
C LYS K 107 100.22 -15.86 -91.72
N GLN K 108 100.66 -15.87 -92.97
CA GLN K 108 101.07 -14.62 -93.61
C GLN K 108 99.92 -13.63 -93.68
N ILE K 109 98.70 -14.14 -93.92
CA ILE K 109 97.52 -13.29 -93.90
C ILE K 109 97.12 -12.97 -92.47
N THR K 110 96.82 -14.00 -91.68
CA THR K 110 96.28 -13.79 -90.34
C THR K 110 97.35 -13.27 -89.40
N SER K 111 97.84 -12.07 -89.69
CA SER K 111 98.71 -11.35 -88.79
C SER K 111 98.25 -9.92 -88.60
N ILE K 112 97.12 -9.53 -89.21
CA ILE K 112 96.57 -8.21 -89.00
C ILE K 112 96.08 -8.09 -87.55
N THR K 113 95.96 -6.85 -87.10
CA THR K 113 95.56 -6.58 -85.73
C THR K 113 94.22 -7.23 -85.42
N ILE K 114 94.22 -8.25 -84.58
CA ILE K 114 92.95 -8.85 -84.16
C ILE K 114 92.29 -7.92 -83.15
N GLU K 115 91.07 -7.52 -83.45
CA GLU K 115 90.36 -6.55 -82.64
C GLU K 115 90.04 -7.15 -81.28
N PRO K 116 89.82 -6.31 -80.26
CA PRO K 116 89.73 -6.81 -78.88
C PRO K 116 88.76 -7.97 -78.66
N GLY K 117 89.28 -9.08 -78.15
CA GLY K 117 88.47 -10.17 -77.68
C GLY K 117 88.14 -11.24 -78.68
N VAL K 118 88.27 -10.96 -79.98
CA VAL K 118 87.78 -11.91 -80.99
C VAL K 118 88.69 -13.14 -81.01
N GLU K 119 88.07 -14.32 -81.04
CA GLU K 119 88.77 -15.58 -80.88
C GLU K 119 89.08 -16.19 -82.25
N VAL K 120 90.37 -16.43 -82.51
CA VAL K 120 90.83 -17.12 -83.71
C VAL K 120 91.48 -18.43 -83.30
N GLU K 121 91.10 -19.52 -83.97
CA GLU K 121 91.57 -20.86 -83.64
C GLU K 121 91.82 -21.68 -84.90
N VAL K 122 92.52 -21.10 -85.87
CA VAL K 122 92.79 -21.79 -87.14
C VAL K 122 93.40 -23.17 -86.88
N THR K 123 92.85 -24.18 -87.57
CA THR K 123 93.34 -25.54 -87.51
C THR K 123 93.35 -26.11 -88.93
N ILE K 124 93.97 -27.28 -89.08
CA ILE K 124 94.16 -27.91 -90.38
C ILE K 124 93.11 -29.00 -90.55
N SER K 125 92.18 -28.79 -91.47
CA SER K 125 91.02 -29.67 -91.61
C SER K 125 91.40 -30.92 -92.40
N ASP K 126 90.40 -31.71 -92.79
CA ASP K 126 90.63 -32.98 -93.46
C ASP K 126 90.44 -32.86 -94.97
N VAL L 27 -18.62 12.46 -79.69
CA VAL L 27 -19.23 12.80 -78.41
C VAL L 27 -18.09 12.89 -77.39
N PHE L 28 -18.17 13.84 -76.47
CA PHE L 28 -17.09 14.15 -75.55
C PHE L 28 -17.37 13.66 -74.14
N GLY L 29 -16.38 13.00 -73.55
CA GLY L 29 -16.31 12.79 -72.13
C GLY L 29 -15.11 13.53 -71.54
N VAL L 30 -14.99 13.45 -70.22
CA VAL L 30 -13.97 14.20 -69.50
C VAL L 30 -13.13 13.23 -68.70
N ALA L 31 -11.85 13.19 -68.97
CA ALA L 31 -10.93 12.27 -68.31
C ALA L 31 -10.26 13.01 -67.15
N HIS L 32 -10.87 12.95 -65.97
CA HIS L 32 -10.29 13.55 -64.77
C HIS L 32 -9.08 12.72 -64.37
N ILE L 33 -7.96 13.01 -65.01
CA ILE L 33 -6.71 12.30 -64.75
C ILE L 33 -6.08 12.88 -63.48
N PHE L 34 -5.88 12.02 -62.49
CA PHE L 34 -5.15 12.37 -61.26
C PHE L 34 -3.83 11.63 -61.29
N ALA L 35 -2.76 12.34 -61.58
CA ALA L 35 -1.44 11.77 -61.65
C ALA L 35 -0.61 12.36 -60.52
N SER L 36 -0.62 11.69 -59.38
CA SER L 36 0.23 12.06 -58.27
C SER L 36 1.44 11.16 -58.27
N PHE L 37 2.29 11.33 -57.27
CA PHE L 37 3.24 10.29 -56.96
C PHE L 37 2.50 9.23 -56.17
N ASN L 38 2.98 7.99 -56.29
CA ASN L 38 2.50 6.79 -55.61
C ASN L 38 1.26 6.17 -56.27
N ASP L 39 0.66 6.77 -57.30
CA ASP L 39 -0.44 6.11 -58.01
C ASP L 39 -0.79 6.96 -59.23
N THR L 40 -1.89 6.62 -59.91
CA THR L 40 -2.51 7.48 -60.92
C THR L 40 -3.97 7.05 -61.10
N PHE L 41 -4.86 8.03 -61.33
CA PHE L 41 -6.28 7.77 -61.56
C PHE L 41 -6.69 8.28 -62.93
N ILE L 42 -7.10 7.37 -63.81
CA ILE L 42 -7.71 7.74 -65.07
C ILE L 42 -9.22 7.61 -64.89
N HIS L 43 -9.89 8.74 -64.74
CA HIS L 43 -11.29 8.76 -64.36
C HIS L 43 -12.08 9.55 -65.39
N VAL L 44 -12.93 8.86 -66.14
CA VAL L 44 -13.73 9.45 -67.20
C VAL L 44 -15.15 9.68 -66.69
N THR L 45 -15.67 10.88 -66.92
CA THR L 45 -17.03 11.22 -66.55
C THR L 45 -17.72 11.93 -67.71
N ASP L 46 -19.01 12.16 -67.56
CA ASP L 46 -19.76 12.90 -68.55
C ASP L 46 -19.32 14.36 -68.55
N LEU L 47 -19.96 15.15 -69.41
CA LEU L 47 -19.63 16.57 -69.54
C LEU L 47 -20.15 17.40 -68.38
N SER L 48 -20.81 16.79 -67.41
CA SER L 48 -21.27 17.51 -66.22
C SER L 48 -20.49 17.13 -64.96
N GLY L 49 -19.68 16.07 -65.01
CA GLY L 49 -18.97 15.57 -63.86
C GLY L 49 -19.82 14.77 -62.90
N ARG L 50 -21.14 14.78 -63.06
CA ARG L 50 -22.08 14.13 -62.15
C ARG L 50 -22.34 12.68 -62.48
N GLU L 51 -21.87 12.18 -63.63
CA GLU L 51 -21.98 10.77 -63.97
C GLU L 51 -20.59 10.22 -64.23
N THR L 52 -20.19 9.23 -63.44
CA THR L 52 -18.98 8.49 -63.74
C THR L 52 -19.25 7.56 -64.92
N LEU L 53 -18.21 7.33 -65.71
CA LEU L 53 -18.32 6.41 -66.85
C LEU L 53 -17.34 5.25 -66.74
N VAL L 54 -16.07 5.53 -66.48
CA VAL L 54 -15.08 4.48 -66.26
C VAL L 54 -13.94 5.07 -65.44
N ARG L 55 -13.48 4.30 -64.45
CA ARG L 55 -12.47 4.76 -63.51
C ARG L 55 -11.48 3.62 -63.28
N ILE L 56 -10.44 3.60 -64.09
CA ILE L 56 -9.33 2.68 -63.92
C ILE L 56 -8.21 3.44 -63.26
N THR L 57 -7.47 2.76 -62.38
CA THR L 57 -6.34 3.36 -61.69
C THR L 57 -5.08 2.56 -62.00
N GLY L 58 -3.93 3.17 -61.75
CA GLY L 58 -2.69 2.48 -62.01
C GLY L 58 -2.51 1.24 -61.17
N GLY L 59 -3.02 1.27 -59.94
CA GLY L 59 -2.83 0.16 -59.01
C GLY L 59 -3.68 -1.05 -59.27
N MET L 60 -4.64 -0.99 -60.17
CA MET L 60 -5.36 -2.20 -60.54
C MET L 60 -4.60 -3.04 -61.54
N LYS L 61 -3.52 -2.53 -62.11
CA LYS L 61 -2.88 -3.19 -63.23
C LYS L 61 -1.52 -3.79 -62.88
N VAL L 62 -1.03 -3.60 -61.65
CA VAL L 62 0.24 -4.19 -61.21
C VAL L 62 0.04 -4.81 -59.83
N LYS L 63 1.05 -5.57 -59.39
CA LYS L 63 0.99 -6.25 -58.11
C LYS L 63 1.67 -5.49 -56.99
N ALA L 64 2.76 -4.77 -57.28
CA ALA L 64 3.55 -4.11 -56.26
C ALA L 64 3.07 -2.69 -56.02
N ASP L 65 3.10 -2.25 -54.76
CA ASP L 65 2.73 -0.89 -54.41
C ASP L 65 3.66 0.12 -55.05
N ARG L 66 4.93 -0.26 -55.26
CA ARG L 66 5.91 0.67 -55.80
C ARG L 66 5.66 0.97 -57.28
N ASP L 67 5.11 0.02 -58.02
CA ASP L 67 4.91 0.18 -59.44
C ASP L 67 3.54 0.78 -59.78
N GLU L 68 2.77 1.19 -58.77
CA GLU L 68 1.46 1.78 -59.03
C GLU L 68 1.58 3.12 -59.73
N SER L 69 2.68 3.84 -59.50
CA SER L 69 2.90 5.14 -60.14
C SER L 69 3.77 5.03 -61.38
N SER L 70 4.13 3.82 -61.78
CA SER L 70 5.03 3.65 -62.91
C SER L 70 4.35 4.10 -64.20
N PRO L 71 5.13 4.56 -65.19
CA PRO L 71 4.52 4.91 -66.48
C PRO L 71 3.87 3.74 -67.20
N TYR L 72 4.39 2.53 -67.03
CA TYR L 72 3.80 1.38 -67.70
C TYR L 72 2.40 1.12 -67.17
N ALA L 73 2.27 0.99 -65.85
CA ALA L 73 0.95 0.81 -65.26
C ALA L 73 0.04 1.97 -65.64
N ALA L 74 0.61 3.16 -65.77
CA ALA L 74 -0.17 4.29 -66.27
C ALA L 74 -0.65 4.04 -67.70
N MET L 75 0.21 3.48 -68.55
CA MET L 75 -0.20 3.24 -69.93
C MET L 75 -1.18 2.07 -70.02
N LEU L 76 -0.99 1.03 -69.21
CA LEU L 76 -1.94 -0.07 -69.21
C LEU L 76 -3.33 0.40 -68.81
N ALA L 77 -3.40 1.26 -67.80
CA ALA L 77 -4.70 1.73 -67.33
C ALA L 77 -5.44 2.49 -68.42
N SER L 78 -4.73 3.34 -69.18
CA SER L 78 -5.38 4.18 -70.17
C SER L 78 -5.96 3.37 -71.33
N GLN L 79 -5.25 2.34 -71.79
CA GLN L 79 -5.78 1.50 -72.85
C GLN L 79 -7.04 0.78 -72.36
N ASP L 80 -7.03 0.33 -71.11
CA ASP L 80 -8.23 -0.25 -70.51
C ASP L 80 -9.35 0.78 -70.46
N VAL L 81 -9.02 2.03 -70.17
CA VAL L 81 -10.02 3.09 -70.22
C VAL L 81 -10.55 3.26 -71.63
N ALA L 82 -9.66 3.26 -72.62
CA ALA L 82 -10.09 3.57 -73.99
C ALA L 82 -11.02 2.49 -74.53
N THR L 83 -10.72 1.22 -74.26
CA THR L 83 -11.60 0.15 -74.71
C THR L 83 -12.99 0.32 -74.11
N ARG L 84 -13.06 0.50 -72.80
CA ARG L 84 -14.33 0.71 -72.13
C ARG L 84 -15.02 2.00 -72.58
N CYS L 85 -14.27 2.94 -73.15
CA CYS L 85 -14.86 4.16 -73.67
C CYS L 85 -15.36 3.96 -75.10
N LYS L 86 -14.58 3.27 -75.92
CA LYS L 86 -14.98 2.91 -77.27
C LYS L 86 -16.05 1.83 -77.30
N GLU L 87 -16.38 1.26 -76.15
CA GLU L 87 -17.50 0.35 -75.99
C GLU L 87 -18.79 1.09 -75.63
N LEU L 88 -18.75 2.41 -75.54
CA LEU L 88 -19.83 3.15 -74.95
C LEU L 88 -20.23 4.35 -75.81
N GLY L 89 -19.51 4.62 -76.89
CA GLY L 89 -19.95 5.56 -77.89
C GLY L 89 -19.31 6.92 -77.83
N ILE L 90 -18.75 7.31 -76.69
CA ILE L 90 -18.02 8.57 -76.62
C ILE L 90 -16.81 8.48 -77.53
N THR L 91 -16.63 9.50 -78.38
CA THR L 91 -15.68 9.45 -79.48
C THR L 91 -14.44 10.30 -79.25
N ALA L 92 -14.55 11.36 -78.46
CA ALA L 92 -13.44 12.23 -78.13
C ALA L 92 -13.59 12.65 -76.68
N LEU L 93 -12.53 13.21 -76.11
CA LEU L 93 -12.58 13.53 -74.70
C LEU L 93 -11.78 14.79 -74.38
N HIS L 94 -12.03 15.32 -73.18
CA HIS L 94 -11.30 16.47 -72.65
C HIS L 94 -10.42 16.03 -71.49
N ILE L 95 -9.21 16.56 -71.44
CA ILE L 95 -8.25 16.22 -70.40
C ILE L 95 -8.36 17.22 -69.26
N LYS L 96 -8.22 16.74 -68.02
CA LYS L 96 -7.99 17.60 -66.86
C LYS L 96 -6.90 16.95 -66.00
N LEU L 97 -5.65 17.26 -66.33
CA LEU L 97 -4.52 16.77 -65.56
C LEU L 97 -4.55 17.37 -64.16
N ARG L 98 -4.08 16.61 -63.19
CA ARG L 98 -4.17 17.01 -61.80
C ARG L 98 -2.99 16.41 -61.05
N ALA L 99 -2.25 17.25 -60.34
CA ALA L 99 -1.29 16.76 -59.37
C ALA L 99 -1.96 16.72 -57.99
N THR L 100 -1.16 16.40 -56.96
CA THR L 100 -1.70 16.41 -55.60
C THR L 100 -2.21 17.80 -55.22
N GLY L 101 -1.39 18.82 -55.47
CA GLY L 101 -1.83 20.17 -55.21
C GLY L 101 -2.04 20.45 -53.73
N GLY L 102 -2.98 21.34 -53.46
CA GLY L 102 -3.24 21.72 -52.08
C GLY L 102 -2.01 22.31 -51.46
N ASN L 103 -1.65 21.81 -50.28
CA ASN L 103 -0.42 22.16 -49.60
C ASN L 103 0.67 21.12 -49.81
N LYS L 104 0.64 20.41 -50.93
CA LYS L 104 1.71 19.52 -51.34
C LYS L 104 2.09 19.81 -52.78
N THR L 105 2.82 18.90 -53.42
CA THR L 105 3.39 19.15 -54.73
C THR L 105 2.37 19.62 -55.75
N LYS L 106 2.82 20.44 -56.69
CA LYS L 106 2.06 20.89 -57.83
C LYS L 106 2.47 20.20 -59.13
N THR L 107 3.56 19.46 -59.13
CA THR L 107 4.02 18.75 -60.32
C THR L 107 3.24 17.46 -60.48
N PRO L 108 2.67 17.19 -61.65
CA PRO L 108 2.00 15.91 -61.86
C PRO L 108 2.99 14.75 -61.79
N GLY L 109 2.49 13.59 -61.38
CA GLY L 109 3.34 12.48 -61.05
C GLY L 109 3.91 11.79 -62.28
N PRO L 110 4.71 10.73 -62.04
CA PRO L 110 5.44 10.06 -63.11
C PRO L 110 4.56 9.37 -64.14
N GLY L 111 3.24 9.40 -63.99
CA GLY L 111 2.38 8.69 -64.91
C GLY L 111 1.60 9.62 -65.80
N ALA L 112 1.80 10.93 -65.64
CA ALA L 112 0.96 11.91 -66.31
C ALA L 112 1.10 11.83 -67.83
N GLN L 113 2.28 12.13 -68.36
CA GLN L 113 2.45 12.12 -69.81
C GLN L 113 2.27 10.74 -70.39
N SER L 114 2.77 9.71 -69.70
CA SER L 114 2.70 8.36 -70.24
C SER L 114 1.26 7.91 -70.42
N ALA L 115 0.40 8.24 -69.45
CA ALA L 115 -1.02 7.92 -69.57
C ALA L 115 -1.68 8.73 -70.67
N LEU L 116 -1.33 10.02 -70.76
CA LEU L 116 -1.93 10.87 -71.79
C LEU L 116 -1.50 10.41 -73.18
N ARG L 117 -0.23 10.06 -73.33
CA ARG L 117 0.28 9.52 -74.59
C ARG L 117 -0.46 8.25 -74.99
N ALA L 118 -1.05 7.54 -74.03
CA ALA L 118 -1.72 6.28 -74.33
C ALA L 118 -3.09 6.50 -74.97
N LEU L 119 -3.96 7.30 -74.34
CA LEU L 119 -5.28 7.44 -74.95
C LEU L 119 -5.24 8.25 -76.24
N ALA L 120 -4.12 8.90 -76.53
CA ALA L 120 -3.93 9.48 -77.85
C ALA L 120 -3.47 8.42 -78.84
N ARG L 121 -2.47 7.62 -78.45
CA ARG L 121 -2.05 6.51 -79.29
C ARG L 121 -3.04 5.36 -79.29
N SER L 122 -3.99 5.33 -78.36
CA SER L 122 -5.03 4.31 -78.38
C SER L 122 -6.09 4.55 -79.45
N GLY L 123 -6.18 5.75 -80.00
CA GLY L 123 -7.09 6.04 -81.09
C GLY L 123 -8.25 6.95 -80.77
N MET L 124 -8.51 7.24 -79.50
CA MET L 124 -9.58 8.14 -79.16
C MET L 124 -9.02 9.56 -79.08
N LYS L 125 -9.86 10.55 -79.35
CA LYS L 125 -9.39 11.89 -79.62
C LYS L 125 -9.50 12.79 -78.39
N ILE L 126 -8.66 13.82 -78.38
CA ILE L 126 -8.55 14.78 -77.28
C ILE L 126 -9.14 16.11 -77.70
N GLY L 127 -9.80 16.78 -76.77
CA GLY L 127 -10.32 18.11 -76.98
C GLY L 127 -9.38 19.16 -76.42
N ARG L 128 -9.69 19.70 -75.25
CA ARG L 128 -8.90 20.75 -74.65
C ARG L 128 -8.28 20.26 -73.34
N ILE L 129 -7.08 20.71 -73.06
CA ILE L 129 -6.24 20.15 -71.99
C ILE L 129 -5.96 21.23 -70.96
N GLU L 130 -6.25 20.94 -69.71
CA GLU L 130 -6.11 21.92 -68.64
C GLU L 130 -5.54 21.28 -67.39
N ASP L 131 -4.67 22.01 -66.69
CA ASP L 131 -4.13 21.57 -65.41
C ASP L 131 -4.97 22.15 -64.28
N VAL L 132 -5.64 21.28 -63.54
CA VAL L 132 -6.58 21.72 -62.51
C VAL L 132 -6.05 21.43 -61.11
N THR L 133 -4.73 21.42 -60.95
CA THR L 133 -4.12 21.13 -59.66
C THR L 133 -4.56 22.18 -58.63
N PRO L 134 -5.02 21.76 -57.44
CA PRO L 134 -5.54 22.72 -56.45
C PRO L 134 -4.48 23.68 -55.94
N VAL L 135 -4.69 24.97 -56.15
CA VAL L 135 -3.72 25.99 -55.81
C VAL L 135 -4.29 26.88 -54.71
N PRO L 136 -3.69 26.93 -53.53
CA PRO L 136 -4.18 27.83 -52.49
C PRO L 136 -3.83 29.28 -52.77
N THR L 137 -4.67 30.18 -52.25
CA THR L 137 -4.25 31.57 -52.14
C THR L 137 -3.30 31.76 -50.97
N ASP L 138 -3.40 30.91 -49.94
CA ASP L 138 -2.26 30.45 -49.16
C ASP L 138 -2.69 29.38 -48.19
N SER L 139 -1.81 28.40 -48.03
CA SER L 139 -2.15 27.09 -47.50
C SER L 139 -2.28 27.11 -45.99
N THR L 140 -3.02 26.12 -45.49
CA THR L 140 -2.88 25.67 -44.12
C THR L 140 -1.49 25.09 -43.95
N ARG L 141 -1.08 24.93 -42.70
CA ARG L 141 0.28 24.48 -42.46
C ARG L 141 0.52 23.13 -43.11
N ARG L 142 1.67 23.01 -43.74
CA ARG L 142 2.06 21.78 -44.41
C ARG L 142 2.66 20.79 -43.41
N LYS L 143 2.46 19.51 -43.70
CA LYS L 143 3.04 18.44 -42.92
C LYS L 143 4.55 18.52 -42.88
N GLY L 144 5.13 17.99 -41.80
CA GLY L 144 6.55 17.73 -41.74
C GLY L 144 7.30 18.50 -40.68
N GLY L 145 6.75 19.59 -40.16
CA GLY L 145 7.44 20.39 -39.19
C GLY L 145 8.34 21.43 -39.81
N ARG L 146 8.90 22.25 -38.93
CA ARG L 146 9.73 23.37 -39.35
C ARG L 146 10.99 22.93 -40.06
N ARG L 147 11.60 21.83 -39.61
CA ARG L 147 12.83 21.31 -40.18
C ARG L 147 12.60 20.40 -41.38
N GLY L 148 11.36 20.07 -41.71
CA GLY L 148 11.04 19.36 -42.92
C GLY L 148 11.35 17.87 -42.84
N ARG L 149 10.98 17.15 -43.89
CA ARG L 149 11.38 15.76 -43.98
C ARG L 149 12.88 15.70 -44.18
N ARG L 150 13.60 15.39 -43.12
CA ARG L 150 15.02 15.09 -43.22
C ARG L 150 15.13 13.60 -42.99
N LEU L 151 15.71 12.91 -43.96
CA LEU L 151 15.71 11.46 -43.94
C LEU L 151 17.14 10.91 -44.05
N ALA M 5 21.94 -67.94 -77.88
CA ALA M 5 20.97 -67.81 -76.79
C ALA M 5 21.38 -68.66 -75.59
N GLY M 6 21.49 -68.01 -74.42
CA GLY M 6 21.91 -68.68 -73.21
C GLY M 6 20.76 -69.28 -72.43
N GLU M 7 20.15 -70.35 -72.96
CA GLU M 7 18.88 -70.84 -72.44
C GLU M 7 18.95 -71.19 -70.96
N GLU M 8 20.14 -71.53 -70.45
CA GLU M 8 20.31 -71.88 -69.06
C GLU M 8 20.88 -70.73 -68.23
N PHE M 9 20.84 -69.51 -68.74
CA PHE M 9 21.70 -68.43 -68.29
C PHE M 9 21.62 -68.22 -66.78
N GLN M 10 22.80 -68.11 -66.14
CA GLN M 10 22.92 -67.92 -64.71
C GLN M 10 23.20 -66.46 -64.40
N HIS M 11 22.56 -65.92 -63.37
CA HIS M 11 22.77 -64.53 -63.01
C HIS M 11 23.88 -64.33 -62.00
N ILE M 12 24.31 -65.40 -61.32
CA ILE M 12 25.37 -65.30 -60.33
C ILE M 12 26.07 -66.64 -60.30
N LEU M 13 27.35 -66.65 -59.94
CA LEU M 13 28.20 -67.80 -60.14
C LEU M 13 28.88 -68.31 -58.88
N ARG M 14 29.02 -67.48 -57.84
CA ARG M 14 29.42 -67.90 -56.50
C ARG M 14 30.86 -68.42 -56.45
N VAL M 15 31.63 -68.28 -57.53
CA VAL M 15 33.01 -68.72 -57.58
C VAL M 15 33.81 -68.30 -56.34
N LEU M 16 34.47 -69.26 -55.70
CA LEU M 16 35.37 -68.99 -54.57
C LEU M 16 34.71 -68.14 -53.50
N ASN M 17 33.41 -68.33 -53.29
CA ASN M 17 32.68 -67.63 -52.23
C ASN M 17 32.67 -66.12 -52.48
N THR M 18 32.41 -65.69 -53.72
CA THR M 18 32.46 -64.27 -54.05
C THR M 18 31.26 -63.76 -54.83
N ASN M 19 30.29 -64.61 -55.15
CA ASN M 19 29.05 -64.14 -55.78
C ASN M 19 29.34 -63.40 -57.09
N VAL M 20 29.99 -64.09 -58.02
CA VAL M 20 30.48 -63.46 -59.24
C VAL M 20 29.31 -63.09 -60.15
N ASP M 21 29.23 -61.81 -60.51
CA ASP M 21 28.14 -61.35 -61.36
C ASP M 21 28.27 -61.97 -62.74
N GLY M 22 27.33 -62.86 -63.07
CA GLY M 22 27.42 -63.59 -64.32
C GLY M 22 27.12 -62.77 -65.55
N LYS M 23 26.44 -61.64 -65.40
CA LYS M 23 26.14 -60.85 -66.59
C LYS M 23 27.28 -59.89 -66.95
N GLN M 24 28.33 -59.84 -66.15
CA GLN M 24 29.55 -59.18 -66.60
C GLN M 24 30.24 -60.03 -67.66
N LYS M 25 31.25 -59.43 -68.29
CA LYS M 25 32.12 -60.16 -69.19
C LYS M 25 33.16 -60.89 -68.35
N ILE M 26 33.68 -62.01 -68.88
CA ILE M 26 34.36 -62.99 -68.03
C ILE M 26 35.47 -62.30 -67.25
N MET M 27 36.43 -61.77 -67.99
CA MET M 27 37.63 -61.17 -67.43
C MET M 27 37.30 -60.06 -66.45
N PHE M 28 36.13 -59.44 -66.59
CA PHE M 28 35.71 -58.38 -65.70
C PHE M 28 34.69 -58.87 -64.67
N ALA M 29 34.32 -60.14 -64.72
CA ALA M 29 33.55 -60.71 -63.63
C ALA M 29 34.45 -61.46 -62.66
N LEU M 30 35.55 -62.03 -63.16
CA LEU M 30 36.46 -62.78 -62.30
C LEU M 30 37.22 -61.86 -61.35
N THR M 31 37.39 -60.60 -61.71
CA THR M 31 38.13 -59.66 -60.88
C THR M 31 37.44 -59.43 -59.54
N SER M 32 36.16 -59.81 -59.42
CA SER M 32 35.43 -59.66 -58.17
C SER M 32 36.02 -60.49 -57.04
N ILE M 33 36.87 -61.46 -57.35
CA ILE M 33 37.56 -62.24 -56.34
C ILE M 33 38.70 -61.41 -55.74
N LYS M 34 38.86 -61.50 -54.43
CA LYS M 34 39.89 -60.72 -53.74
C LYS M 34 41.26 -61.33 -54.00
N GLY M 35 41.95 -60.84 -55.02
CA GLY M 35 43.25 -61.38 -55.36
C GLY M 35 43.42 -61.51 -56.84
N VAL M 36 42.34 -61.31 -57.58
CA VAL M 36 42.34 -61.36 -59.03
C VAL M 36 42.09 -59.94 -59.55
N GLY M 37 43.09 -59.36 -60.17
CA GLY M 37 42.95 -58.09 -60.85
C GLY M 37 42.57 -58.30 -62.30
N ARG M 38 42.61 -57.21 -63.06
CA ARG M 38 42.24 -57.27 -64.46
C ARG M 38 43.31 -57.98 -65.29
N ARG M 39 44.58 -57.69 -65.00
CA ARG M 39 45.68 -58.37 -65.69
C ARG M 39 45.61 -59.87 -65.47
N PHE M 40 45.60 -60.28 -64.20
CA PHE M 40 45.64 -61.70 -63.87
C PHE M 40 44.35 -62.40 -64.29
N SER M 41 43.23 -61.69 -64.25
CA SER M 41 42.00 -62.24 -64.80
C SER M 41 42.14 -62.56 -66.29
N ASN M 42 42.79 -61.67 -67.04
CA ASN M 42 42.98 -61.90 -68.46
C ASN M 42 43.75 -63.17 -68.72
N ILE M 43 44.90 -63.33 -68.06
CA ILE M 43 45.81 -64.41 -68.41
C ILE M 43 45.21 -65.76 -68.05
N VAL M 44 44.47 -65.82 -66.95
CA VAL M 44 43.75 -67.04 -66.58
C VAL M 44 42.85 -67.47 -67.71
N CYS M 45 42.12 -66.52 -68.30
CA CYS M 45 41.22 -66.84 -69.41
C CYS M 45 42.00 -67.37 -70.62
N LYS M 46 43.16 -66.78 -70.90
CA LYS M 46 43.96 -67.26 -72.03
C LYS M 46 44.39 -68.70 -71.84
N LYS M 47 45.01 -68.99 -70.70
CA LYS M 47 45.55 -70.33 -70.48
C LYS M 47 44.46 -71.37 -70.34
N ALA M 48 43.31 -70.99 -69.77
CA ALA M 48 42.18 -71.91 -69.80
C ALA M 48 41.56 -72.02 -71.19
N ASP M 49 41.92 -71.14 -72.11
CA ASP M 49 41.43 -71.15 -73.49
C ASP M 49 39.90 -70.99 -73.56
N ILE M 50 39.43 -69.84 -73.09
CA ILE M 50 38.01 -69.52 -73.07
C ILE M 50 37.77 -68.21 -73.81
N ASP M 51 36.74 -68.20 -74.66
CA ASP M 51 36.43 -67.02 -75.46
C ASP M 51 35.98 -65.87 -74.56
N MET M 52 36.51 -64.69 -74.84
CA MET M 52 36.26 -63.50 -74.04
C MET M 52 34.98 -62.78 -74.39
N ASN M 53 34.51 -62.91 -75.64
CA ASN M 53 33.29 -62.23 -76.05
C ASN M 53 32.10 -63.03 -75.53
N LYS M 54 32.05 -63.23 -74.22
CA LYS M 54 31.07 -64.09 -73.58
C LYS M 54 30.64 -63.44 -72.28
N ARG M 55 29.36 -63.54 -71.93
CA ARG M 55 28.95 -63.14 -70.60
C ARG M 55 28.93 -64.34 -69.66
N ALA M 56 29.45 -64.12 -68.46
CA ALA M 56 29.82 -65.22 -67.59
C ALA M 56 28.64 -66.07 -67.16
N GLY M 57 27.42 -65.58 -67.32
CA GLY M 57 26.26 -66.39 -66.98
C GLY M 57 25.88 -67.28 -68.14
N GLU M 58 26.43 -66.96 -69.30
CA GLU M 58 26.31 -67.79 -70.49
C GLU M 58 27.34 -68.91 -70.50
N LEU M 59 28.39 -68.80 -69.69
CA LEU M 59 29.52 -69.71 -69.76
C LEU M 59 29.18 -71.05 -69.09
N SER M 60 29.86 -72.10 -69.51
CA SER M 60 29.55 -73.47 -69.16
C SER M 60 30.23 -73.91 -67.86
N ALA M 61 29.69 -74.96 -67.25
CA ALA M 61 30.17 -75.41 -65.95
C ALA M 61 31.59 -75.97 -66.04
N GLU M 62 31.89 -76.71 -67.10
CA GLU M 62 33.24 -77.25 -67.26
C GLU M 62 34.27 -76.14 -67.37
N GLU M 63 33.92 -75.04 -68.05
CA GLU M 63 34.88 -73.96 -68.24
C GLU M 63 35.25 -73.31 -66.91
N MET M 64 34.28 -73.13 -66.01
CA MET M 64 34.59 -72.66 -64.67
C MET M 64 35.56 -73.58 -63.96
N ASP M 65 35.48 -74.89 -64.22
CA ASP M 65 36.38 -75.82 -63.59
C ASP M 65 37.83 -75.54 -63.99
N ARG M 66 38.07 -75.32 -65.28
CA ARG M 66 39.41 -75.03 -65.75
C ARG M 66 39.93 -73.71 -65.21
N LEU M 67 39.08 -72.69 -65.16
CA LEU M 67 39.48 -71.41 -64.61
C LEU M 67 39.95 -71.56 -63.18
N MET M 68 39.22 -72.34 -62.39
CA MET M 68 39.58 -72.48 -60.98
C MET M 68 40.86 -73.28 -60.82
N ALA M 69 41.11 -74.23 -61.72
CA ALA M 69 42.35 -75.00 -61.65
C ALA M 69 43.57 -74.10 -61.76
N VAL M 70 43.60 -73.25 -62.79
CA VAL M 70 44.79 -72.46 -63.08
C VAL M 70 44.99 -71.35 -62.07
N VAL M 71 43.94 -70.97 -61.32
CA VAL M 71 44.12 -69.94 -60.31
C VAL M 71 44.58 -70.53 -58.99
N HIS M 72 44.07 -71.73 -58.66
CA HIS M 72 44.61 -72.46 -57.53
C HIS M 72 45.96 -73.07 -57.86
N ASN M 73 46.24 -73.29 -59.14
CA ASN M 73 47.45 -73.94 -59.59
C ASN M 73 48.00 -73.10 -60.75
N PRO M 74 48.58 -71.95 -60.46
CA PRO M 74 49.10 -71.11 -61.56
C PRO M 74 50.50 -71.51 -62.00
N ARG M 75 51.33 -71.96 -61.07
CA ARG M 75 52.70 -72.31 -61.40
C ARG M 75 52.80 -73.54 -62.29
N GLN M 76 51.72 -74.30 -62.45
CA GLN M 76 51.78 -75.48 -63.31
C GLN M 76 51.28 -75.21 -64.72
N PHE M 77 50.69 -74.05 -64.95
CA PHE M 77 50.30 -73.63 -66.29
C PHE M 77 51.26 -72.58 -66.83
N LYS M 78 52.52 -72.65 -66.40
CA LYS M 78 53.61 -71.84 -66.93
C LYS M 78 53.38 -70.35 -66.74
N VAL M 79 52.48 -69.98 -65.83
CA VAL M 79 52.29 -68.58 -65.46
C VAL M 79 53.61 -68.13 -64.88
N PRO M 80 54.27 -67.13 -65.46
CA PRO M 80 55.58 -66.73 -64.96
C PRO M 80 55.50 -66.20 -63.55
N ASP M 81 56.63 -66.30 -62.86
CA ASP M 81 56.69 -66.09 -61.43
C ASP M 81 56.19 -64.71 -61.03
N TRP M 82 56.26 -63.74 -61.95
CA TRP M 82 56.03 -62.34 -61.67
C TRP M 82 54.58 -61.89 -61.78
N PHE M 83 53.66 -62.72 -62.26
CA PHE M 83 52.26 -62.37 -62.06
C PHE M 83 51.75 -62.64 -60.66
N LEU M 84 52.45 -63.44 -59.86
CA LEU M 84 51.86 -63.82 -58.59
C LEU M 84 52.01 -62.69 -57.57
N ASN M 85 51.25 -62.78 -56.48
CA ASN M 85 51.11 -61.67 -55.56
C ASN M 85 51.57 -61.98 -54.15
N ARG M 86 52.09 -63.16 -53.89
CA ARG M 86 52.70 -63.48 -52.62
C ARG M 86 54.17 -63.84 -52.80
N LYS M 87 54.80 -63.23 -53.81
CA LYS M 87 56.16 -63.56 -54.22
C LYS M 87 57.10 -63.66 -53.03
N LYS M 88 57.77 -64.81 -52.92
CA LYS M 88 58.81 -65.04 -51.93
C LYS M 88 58.29 -64.80 -50.52
N ASP M 89 57.32 -65.63 -50.15
CA ASP M 89 56.65 -65.52 -48.88
C ASP M 89 57.67 -65.77 -47.74
N TYR M 90 57.28 -65.39 -46.54
CA TYR M 90 58.15 -65.44 -45.37
C TYR M 90 57.91 -66.69 -44.53
N LYS M 91 56.69 -67.23 -44.56
CA LYS M 91 56.38 -68.43 -43.77
C LYS M 91 56.99 -69.67 -44.40
N ASP M 92 56.53 -70.02 -45.61
CA ASP M 92 57.01 -71.20 -46.30
C ASP M 92 58.17 -70.89 -47.23
N GLY M 93 58.20 -69.69 -47.80
CA GLY M 93 59.14 -69.36 -48.85
C GLY M 93 58.62 -69.58 -50.23
N ARG M 94 57.41 -70.12 -50.37
CA ARG M 94 56.84 -70.44 -51.67
C ARG M 94 56.34 -69.19 -52.38
N PHE M 95 56.03 -69.36 -53.65
CA PHE M 95 55.54 -68.31 -54.53
C PHE M 95 54.08 -68.61 -54.81
N SER M 96 53.18 -67.95 -54.09
CA SER M 96 51.76 -68.26 -54.21
C SER M 96 50.98 -67.05 -54.73
N GLN M 97 49.78 -67.32 -55.24
CA GLN M 97 48.85 -66.32 -55.73
C GLN M 97 47.61 -66.40 -54.85
N VAL M 98 47.62 -65.64 -53.77
CA VAL M 98 46.55 -65.70 -52.78
C VAL M 98 45.21 -65.31 -53.39
N VAL M 99 44.12 -65.83 -52.81
CA VAL M 99 42.77 -65.65 -53.33
C VAL M 99 41.85 -65.11 -52.24
N SER M 100 40.55 -65.06 -52.54
CA SER M 100 39.56 -64.20 -51.90
C SER M 100 39.73 -64.00 -50.40
N ASN M 101 39.59 -65.06 -49.63
CA ASN M 101 39.58 -64.91 -48.18
C ASN M 101 40.93 -65.16 -47.52
N ALA M 102 41.89 -65.72 -48.25
CA ALA M 102 43.24 -65.79 -47.72
C ALA M 102 43.93 -64.45 -47.74
N VAL M 103 43.49 -63.53 -48.60
CA VAL M 103 44.04 -62.16 -48.59
C VAL M 103 43.74 -61.50 -47.25
N ASP M 104 42.48 -61.55 -46.82
CA ASP M 104 42.09 -60.96 -45.55
C ASP M 104 42.96 -61.47 -44.40
N MET M 105 43.36 -62.75 -44.44
CA MET M 105 44.22 -63.27 -43.37
C MET M 105 45.63 -62.71 -43.46
N LYS M 106 46.35 -63.02 -44.55
CA LYS M 106 47.78 -62.77 -44.58
C LYS M 106 48.11 -61.31 -44.34
N LEU M 107 47.19 -60.41 -44.67
CA LEU M 107 47.43 -59.00 -44.38
C LEU M 107 47.64 -58.81 -42.88
N ARG M 108 46.72 -59.29 -42.05
CA ARG M 108 46.93 -59.23 -40.61
C ARG M 108 48.11 -60.08 -40.18
N ASP M 109 48.34 -61.20 -40.89
CA ASP M 109 49.44 -62.06 -40.53
C ASP M 109 50.78 -61.33 -40.71
N ASP M 110 50.90 -60.56 -41.80
CA ASP M 110 52.01 -59.62 -41.91
C ASP M 110 51.97 -58.60 -40.79
N LEU M 111 50.82 -57.95 -40.60
CA LEU M 111 50.68 -56.99 -39.51
C LEU M 111 51.04 -57.62 -38.18
N GLU M 112 50.55 -58.84 -37.93
CA GLU M 112 50.77 -59.47 -36.63
C GLU M 112 52.26 -59.65 -36.37
N ARG M 113 53.01 -60.05 -37.39
CA ARG M 113 54.47 -60.10 -37.27
C ARG M 113 55.02 -58.76 -36.78
N LEU M 114 54.82 -57.71 -37.55
CA LEU M 114 55.45 -56.43 -37.24
C LEU M 114 54.99 -55.87 -35.91
N LYS M 115 53.73 -56.12 -35.55
CA LYS M 115 53.27 -55.71 -34.23
C LYS M 115 54.02 -56.44 -33.13
N LYS M 116 54.22 -57.75 -33.29
CA LYS M 116 55.07 -58.47 -32.35
C LYS M 116 56.52 -58.06 -32.48
N ILE M 117 56.91 -57.58 -33.66
CA ILE M 117 58.30 -57.25 -33.93
C ILE M 117 58.76 -56.10 -33.04
N ARG M 118 57.86 -55.14 -32.78
CA ARG M 118 58.20 -53.77 -32.37
C ARG M 118 58.77 -52.98 -33.54
N ASN M 119 58.35 -53.33 -34.75
CA ASN M 119 58.77 -52.61 -35.95
C ASN M 119 58.13 -51.22 -35.93
N HIS M 120 58.84 -50.27 -36.55
CA HIS M 120 58.26 -48.96 -36.78
C HIS M 120 56.99 -49.06 -37.60
N ARG M 121 57.03 -49.85 -38.68
CA ARG M 121 55.87 -49.96 -39.53
C ARG M 121 54.73 -50.69 -38.85
N GLY M 122 55.06 -51.53 -37.86
CA GLY M 122 54.01 -52.14 -37.05
C GLY M 122 53.35 -51.15 -36.12
N LEU M 123 54.14 -50.47 -35.29
CA LEU M 123 53.60 -49.47 -34.38
C LEU M 123 52.98 -48.29 -35.13
N ARG M 124 53.39 -48.09 -36.38
CA ARG M 124 52.74 -47.08 -37.20
C ARG M 124 51.31 -47.48 -37.53
N HIS M 125 51.10 -48.74 -37.94
CA HIS M 125 49.75 -49.27 -38.12
C HIS M 125 48.99 -49.30 -36.81
N TYR M 126 49.68 -49.62 -35.72
CA TYR M 126 49.00 -49.74 -34.43
C TYR M 126 48.40 -48.41 -34.01
N TRP M 127 49.10 -47.32 -34.28
CA TRP M 127 48.58 -45.99 -33.98
C TRP M 127 47.59 -45.49 -35.01
N GLY M 128 47.54 -46.11 -36.20
CA GLY M 128 46.59 -45.74 -37.22
C GLY M 128 47.03 -44.63 -38.16
N VAL M 129 48.15 -43.96 -37.87
CA VAL M 129 48.63 -42.87 -38.72
C VAL M 129 49.31 -43.41 -39.97
N ARG M 130 49.57 -42.53 -40.94
CA ARG M 130 50.04 -42.96 -42.25
C ARG M 130 51.39 -43.64 -42.15
N VAL M 131 51.61 -44.63 -43.02
CA VAL M 131 52.64 -45.65 -42.82
C VAL M 131 53.85 -45.47 -43.73
N ARG M 132 53.76 -44.67 -44.78
CA ARG M 132 54.74 -44.74 -45.86
C ARG M 132 55.52 -43.44 -46.03
N GLY M 133 55.61 -42.63 -44.97
CA GLY M 133 56.38 -41.42 -45.02
C GLY M 133 55.66 -40.22 -45.62
N GLN M 134 54.39 -40.35 -45.99
CA GLN M 134 53.63 -39.20 -46.44
C GLN M 134 53.49 -38.21 -45.29
N HIS M 135 53.50 -36.92 -45.62
CA HIS M 135 53.33 -35.90 -44.62
C HIS M 135 51.95 -36.03 -43.98
N THR M 136 51.83 -35.60 -42.73
CA THR M 136 50.55 -35.77 -42.03
C THR M 136 50.14 -34.52 -41.26
N LYS M 137 50.29 -33.33 -41.87
CA LYS M 137 49.76 -32.14 -41.23
C LYS M 137 48.27 -31.97 -41.52
N THR M 138 47.93 -31.75 -42.78
CA THR M 138 46.57 -31.41 -43.18
C THR M 138 46.13 -32.23 -44.36
N THR M 139 46.34 -33.54 -44.27
CA THR M 139 45.90 -34.42 -45.33
C THR M 139 45.49 -35.75 -44.71
N GLY M 140 44.35 -36.28 -45.16
CA GLY M 140 43.81 -37.48 -44.56
C GLY M 140 43.15 -37.20 -43.23
N GLY N 2 21.66 64.96 -35.98
CA GLY N 2 20.44 64.87 -36.77
C GLY N 2 19.21 65.14 -35.94
N ARG N 3 18.15 64.40 -36.21
CA ARG N 3 16.93 64.58 -35.45
C ARG N 3 17.13 64.17 -34.00
N MET N 4 16.45 64.89 -33.11
CA MET N 4 16.52 64.59 -31.69
C MET N 4 15.80 63.30 -31.35
N HIS N 5 14.62 63.08 -31.91
CA HIS N 5 13.78 61.96 -31.57
C HIS N 5 13.40 61.14 -32.80
N SER N 6 14.40 60.86 -33.63
CA SER N 6 14.31 60.01 -34.80
C SER N 6 15.74 59.82 -35.28
N ARG N 7 15.93 58.96 -36.27
CA ARG N 7 17.26 58.81 -36.85
C ARG N 7 17.42 59.51 -38.18
N GLY N 8 16.45 60.32 -38.58
CA GLY N 8 16.57 61.06 -39.83
C GLY N 8 17.63 62.13 -39.73
N LYS N 9 18.34 62.34 -40.83
CA LYS N 9 19.41 63.34 -40.88
C LYS N 9 19.20 64.31 -42.03
N GLY N 10 17.95 64.63 -42.33
CA GLY N 10 17.67 65.55 -43.41
C GLY N 10 18.04 66.97 -43.06
N ILE N 11 18.42 67.73 -44.09
CA ILE N 11 18.92 69.08 -43.91
C ILE N 11 18.02 70.11 -44.59
N SER N 12 16.80 69.74 -44.95
CA SER N 12 15.81 70.66 -45.49
C SER N 12 15.62 71.86 -44.57
N SER N 13 15.74 73.06 -45.12
CA SER N 13 15.65 74.27 -44.33
C SER N 13 15.62 75.48 -45.26
N SER N 14 15.50 76.66 -44.66
CA SER N 14 15.50 77.93 -45.38
C SER N 14 16.91 78.48 -45.50
N ALA N 15 17.10 79.36 -46.49
CA ALA N 15 18.37 80.04 -46.70
C ALA N 15 18.11 81.53 -46.94
N LEU N 16 18.21 82.32 -45.89
CA LEU N 16 18.05 83.76 -46.03
C LEU N 16 19.19 84.34 -46.87
N PRO N 17 18.91 85.38 -47.65
CA PRO N 17 19.92 85.93 -48.53
C PRO N 17 21.00 86.69 -47.78
N TYR N 18 22.02 87.09 -48.55
CA TYR N 18 23.14 87.85 -48.02
C TYR N 18 22.74 89.26 -47.61
N LYS N 19 21.74 89.82 -48.26
CA LYS N 19 21.43 91.23 -48.14
C LYS N 19 20.49 91.45 -46.97
N ARG N 20 20.96 92.17 -45.95
CA ARG N 20 20.11 92.43 -44.79
C ARG N 20 18.98 93.38 -45.14
N THR N 21 19.23 94.37 -45.98
CA THR N 21 18.24 95.36 -46.31
C THR N 21 17.14 94.73 -47.15
N PRO N 22 15.94 95.34 -47.17
CA PRO N 22 14.88 94.81 -48.03
C PRO N 22 15.26 94.98 -49.49
N PRO N 23 14.72 94.13 -50.37
CA PRO N 23 14.90 94.38 -51.80
C PRO N 23 14.31 95.73 -52.18
N SER N 24 14.81 96.27 -53.29
CA SER N 24 14.44 97.63 -53.67
C SER N 24 12.93 97.81 -53.77
N TRP N 25 12.20 96.78 -54.17
CA TRP N 25 10.78 96.91 -54.47
C TRP N 25 9.86 96.82 -53.26
N VAL N 26 10.39 96.60 -52.05
CA VAL N 26 9.55 96.56 -50.85
C VAL N 26 9.27 98.01 -50.49
N LYS N 27 8.10 98.52 -50.87
CA LYS N 27 7.80 99.94 -50.75
C LYS N 27 6.80 100.21 -49.63
N THR N 28 6.79 99.37 -48.61
CA THR N 28 5.89 99.51 -47.48
C THR N 28 6.36 100.60 -46.52
N ALA N 29 5.63 100.75 -45.43
CA ALA N 29 6.04 101.58 -44.31
C ALA N 29 6.14 100.72 -43.07
N VAL N 30 7.18 100.98 -42.26
CA VAL N 30 7.45 100.14 -41.09
C VAL N 30 6.35 100.28 -40.07
N ALA N 31 5.72 101.45 -39.98
CA ALA N 31 4.54 101.60 -39.13
C ALA N 31 3.36 100.80 -39.66
N ASP N 32 3.18 100.80 -40.99
CA ASP N 32 2.01 100.15 -41.57
C ASP N 32 2.06 98.64 -41.40
N VAL N 33 3.23 98.04 -41.56
CA VAL N 33 3.32 96.59 -41.40
C VAL N 33 3.04 96.21 -39.96
N ASP N 34 3.44 97.04 -39.00
CA ASP N 34 3.12 96.77 -37.61
C ASP N 34 1.63 96.60 -37.41
N GLU N 35 0.84 97.38 -38.14
CA GLU N 35 -0.60 97.16 -38.14
C GLU N 35 -0.93 95.78 -38.71
N LEU N 36 -0.25 95.38 -39.79
CA LEU N 36 -0.48 94.06 -40.37
C LEU N 36 -0.14 92.96 -39.39
N ILE N 37 0.97 93.09 -38.67
CA ILE N 37 1.29 92.12 -37.63
C ILE N 37 0.28 92.19 -36.50
N THR N 38 -0.04 93.40 -36.06
CA THR N 38 -0.93 93.55 -34.90
C THR N 38 -2.32 92.99 -35.20
N LYS N 39 -2.86 93.27 -36.39
CA LYS N 39 -4.18 92.74 -36.72
C LYS N 39 -4.17 91.22 -36.74
N ALA N 40 -3.14 90.61 -37.33
CA ALA N 40 -3.05 89.16 -37.39
C ALA N 40 -3.03 88.54 -35.99
N ALA N 41 -2.27 89.14 -35.08
CA ALA N 41 -2.24 88.66 -33.70
C ALA N 41 -3.63 88.78 -33.05
N LYS N 42 -4.24 89.95 -33.14
CA LYS N 42 -5.57 90.10 -32.56
C LYS N 42 -6.59 89.18 -33.22
N LYS N 43 -6.29 88.68 -34.40
CA LYS N 43 -7.08 87.62 -35.00
C LYS N 43 -6.67 86.25 -34.47
N GLY N 44 -5.68 86.19 -33.59
CA GLY N 44 -5.32 84.96 -32.91
C GLY N 44 -4.23 84.16 -33.56
N GLN N 45 -3.68 84.63 -34.68
CA GLN N 45 -2.64 83.90 -35.38
C GLN N 45 -1.31 84.03 -34.65
N MET N 46 -0.52 82.97 -34.71
CA MET N 46 0.78 82.90 -34.05
C MET N 46 1.87 83.49 -34.95
N PRO N 47 3.05 83.79 -34.38
CA PRO N 47 4.09 84.44 -35.18
C PRO N 47 4.53 83.66 -36.40
N SER N 48 4.68 82.35 -36.30
CA SER N 48 5.16 81.59 -37.45
C SER N 48 4.19 81.68 -38.61
N GLN N 49 2.90 81.71 -38.31
CA GLN N 49 1.92 81.84 -39.38
C GLN N 49 1.86 83.26 -39.92
N ILE N 50 2.09 84.27 -39.06
CA ILE N 50 2.04 85.66 -39.53
C ILE N 50 3.14 85.90 -40.55
N GLY N 51 4.36 85.43 -40.29
CA GLY N 51 5.43 85.62 -41.24
C GLY N 51 5.13 84.98 -42.58
N VAL N 52 4.53 83.80 -42.56
CA VAL N 52 4.08 83.16 -43.80
C VAL N 52 3.07 84.04 -44.51
N LEU N 53 2.15 84.65 -43.76
CA LEU N 53 1.13 85.48 -44.38
C LEU N 53 1.75 86.68 -45.08
N LEU N 54 2.65 87.39 -44.40
CA LEU N 54 3.27 88.56 -44.99
C LEU N 54 3.99 88.19 -46.28
N ARG N 55 4.78 87.12 -46.23
CA ARG N 55 5.59 86.69 -47.37
C ARG N 55 4.72 86.29 -48.56
N ASP N 56 3.49 85.88 -48.30
CA ASP N 56 2.69 85.22 -49.33
C ASP N 56 1.66 86.14 -49.96
N GLN N 57 1.03 87.03 -49.18
CA GLN N 57 0.06 87.98 -49.72
C GLN N 57 0.64 89.39 -49.83
N HIS N 58 1.20 89.91 -48.75
CA HIS N 58 1.67 91.28 -48.65
C HIS N 58 3.11 91.45 -49.13
N GLY N 59 3.73 90.39 -49.62
CA GLY N 59 5.03 90.52 -50.27
C GLY N 59 6.14 91.06 -49.40
N ILE N 60 6.20 90.63 -48.14
CA ILE N 60 7.29 91.00 -47.24
C ILE N 60 8.22 89.80 -47.14
N PRO N 61 9.43 89.86 -47.69
CA PRO N 61 10.33 88.71 -47.58
C PRO N 61 10.71 88.38 -46.14
N LEU N 62 11.24 89.34 -45.40
CA LEU N 62 11.64 89.14 -44.01
C LEU N 62 11.29 90.37 -43.20
N VAL N 63 10.73 90.16 -42.02
CA VAL N 63 10.36 91.26 -41.14
C VAL N 63 11.60 91.94 -40.56
N LYS N 64 12.62 91.15 -40.19
CA LYS N 64 13.82 91.74 -39.61
C LYS N 64 14.52 92.67 -40.58
N SER N 65 14.33 92.47 -41.88
CA SER N 65 14.88 93.39 -42.88
C SER N 65 14.09 94.68 -42.91
N VAL N 66 12.77 94.60 -43.15
CA VAL N 66 11.95 95.79 -43.37
C VAL N 66 11.87 96.63 -42.10
N THR N 67 11.54 96.00 -40.98
CA THR N 67 11.27 96.72 -39.75
C THR N 67 12.46 96.82 -38.82
N GLY N 68 13.45 95.96 -38.99
CA GLY N 68 14.54 95.88 -38.05
C GLY N 68 14.23 95.09 -36.81
N SER N 69 12.98 94.67 -36.61
CA SER N 69 12.58 93.93 -35.43
C SER N 69 12.04 92.56 -35.81
N LYS N 70 12.27 91.61 -34.92
CA LYS N 70 11.71 90.28 -35.04
C LYS N 70 10.23 90.33 -34.67
N ILE N 71 9.44 89.42 -35.25
CA ILE N 71 7.99 89.52 -35.11
C ILE N 71 7.58 89.40 -33.65
N LEU N 72 8.12 88.43 -32.94
CA LEU N 72 7.66 88.21 -31.57
C LEU N 72 7.97 89.41 -30.70
N ARG N 73 9.09 90.09 -30.95
CA ARG N 73 9.40 91.30 -30.21
C ARG N 73 8.51 92.47 -30.63
N ILE N 74 8.01 92.46 -31.86
CA ILE N 74 7.01 93.45 -32.27
C ILE N 74 5.70 93.23 -31.49
N LEU N 75 5.26 91.98 -31.40
CA LEU N 75 4.06 91.65 -30.63
C LEU N 75 4.24 92.00 -29.17
N LYS N 76 5.39 91.67 -28.60
CA LYS N 76 5.60 91.80 -27.17
C LYS N 76 5.58 93.26 -26.73
N ALA N 77 6.15 94.15 -27.56
CA ALA N 77 6.08 95.58 -27.24
C ALA N 77 4.65 96.10 -27.25
N HIS N 78 3.75 95.42 -27.95
CA HIS N 78 2.36 95.84 -28.01
C HIS N 78 1.47 95.11 -27.01
N GLY N 79 2.04 94.23 -26.20
CA GLY N 79 1.23 93.42 -25.29
C GLY N 79 0.36 92.40 -25.99
N LEU N 80 0.89 91.75 -27.03
CA LEU N 80 0.17 90.70 -27.73
C LEU N 80 0.99 89.41 -27.86
N ALA N 81 2.12 89.32 -27.16
CA ALA N 81 2.91 88.11 -27.22
C ALA N 81 2.13 86.95 -26.60
N PRO N 82 2.20 85.76 -27.19
CA PRO N 82 1.47 84.62 -26.62
C PRO N 82 2.00 84.24 -25.24
N GLU N 83 1.08 83.83 -24.37
CA GLU N 83 1.42 83.56 -22.97
C GLU N 83 2.29 82.32 -22.86
N ILE N 84 1.88 81.24 -23.52
CA ILE N 84 2.73 80.08 -23.72
C ILE N 84 3.42 80.25 -25.06
N PRO N 85 4.75 80.15 -25.13
CA PRO N 85 5.45 80.35 -26.40
C PRO N 85 4.88 79.49 -27.51
N GLU N 86 5.02 79.92 -28.76
CA GLU N 86 4.36 79.22 -29.85
C GLU N 86 4.76 77.76 -29.91
N ASP N 87 6.05 77.49 -29.90
CA ASP N 87 6.53 76.13 -30.01
C ASP N 87 6.08 75.25 -28.84
N LEU N 88 6.16 75.76 -27.61
CA LEU N 88 5.68 74.98 -26.47
C LEU N 88 4.21 74.66 -26.60
N TYR N 89 3.41 75.66 -27.01
CA TYR N 89 1.99 75.47 -27.22
C TYR N 89 1.71 74.36 -28.22
N PHE N 90 2.40 74.37 -29.34
CA PHE N 90 2.12 73.39 -30.39
C PHE N 90 2.46 71.97 -29.97
N LEU N 91 3.49 71.81 -29.14
CA LEU N 91 3.73 70.50 -28.54
C LEU N 91 2.62 70.12 -27.58
N ILE N 92 2.22 71.04 -26.71
CA ILE N 92 1.18 70.73 -25.73
C ILE N 92 -0.12 70.37 -26.44
N LYS N 93 -0.37 71.00 -27.58
CA LYS N 93 -1.52 70.62 -28.38
C LYS N 93 -1.41 69.17 -28.84
N LYS N 94 -0.21 68.79 -29.31
CA LYS N 94 -0.03 67.44 -29.86
C LYS N 94 -0.17 66.36 -28.80
N ALA N 95 0.46 66.54 -27.65
CA ALA N 95 0.36 65.54 -26.59
C ALA N 95 -1.09 65.38 -26.14
N VAL N 96 -1.86 66.47 -26.12
CA VAL N 96 -3.28 66.35 -25.83
C VAL N 96 -3.98 65.54 -26.91
N ALA N 97 -3.62 65.76 -28.17
CA ALA N 97 -4.24 65.02 -29.26
C ALA N 97 -3.94 63.54 -29.15
N ILE N 98 -2.71 63.18 -28.78
CA ILE N 98 -2.37 61.77 -28.67
C ILE N 98 -3.10 61.12 -27.51
N ARG N 99 -3.20 61.81 -26.38
CA ARG N 99 -3.83 61.19 -25.22
C ARG N 99 -5.30 60.89 -25.49
N LYS N 100 -5.99 61.79 -26.19
CA LYS N 100 -7.39 61.56 -26.50
C LYS N 100 -7.55 60.35 -27.41
N HIS N 101 -6.65 60.18 -28.38
CA HIS N 101 -6.71 59.02 -29.26
C HIS N 101 -6.49 57.72 -28.50
N LEU N 102 -5.58 57.71 -27.53
CA LEU N 102 -5.34 56.50 -26.74
C LEU N 102 -6.55 56.13 -25.90
N GLU N 103 -7.22 57.11 -25.31
CA GLU N 103 -8.33 56.84 -24.40
C GLU N 103 -9.48 56.11 -25.09
N ARG N 104 -9.30 55.82 -26.38
CA ARG N 104 -10.11 54.83 -27.07
C ARG N 104 -9.30 53.64 -27.58
N ASN N 105 -7.98 53.75 -27.71
CA ASN N 105 -7.14 52.70 -28.28
C ASN N 105 -5.99 52.43 -27.32
N ARG N 106 -6.21 51.60 -26.30
CA ARG N 106 -5.13 51.42 -25.34
C ARG N 106 -4.17 50.30 -25.74
N LYS N 107 -4.49 49.51 -26.77
CA LYS N 107 -3.54 48.59 -27.37
C LYS N 107 -2.91 49.18 -28.64
N ASP N 108 -2.77 50.50 -28.69
CA ASP N 108 -1.97 51.17 -29.71
C ASP N 108 -0.61 51.47 -29.10
N LYS N 109 0.23 50.45 -29.07
CA LYS N 109 1.49 50.59 -28.35
C LYS N 109 2.46 51.50 -29.08
N ASP N 110 2.28 51.68 -30.39
CA ASP N 110 3.08 52.67 -31.10
C ASP N 110 2.69 54.09 -30.69
N SER N 111 1.39 54.35 -30.56
CA SER N 111 0.95 55.68 -30.17
C SER N 111 1.33 56.00 -28.73
N LYS N 112 1.42 54.97 -27.88
CA LYS N 112 1.97 55.18 -26.55
C LYS N 112 3.44 55.56 -26.60
N PHE N 113 4.19 54.96 -27.52
CA PHE N 113 5.59 55.31 -27.72
C PHE N 113 5.74 56.76 -28.15
N ARG N 114 4.93 57.20 -29.11
CA ARG N 114 4.99 58.58 -29.57
C ARG N 114 4.59 59.56 -28.49
N LEU N 115 3.67 59.17 -27.61
CA LEU N 115 3.32 60.06 -26.52
C LEU N 115 4.53 60.36 -25.65
N ILE N 116 5.26 59.31 -25.24
CA ILE N 116 6.42 59.50 -24.37
C ILE N 116 7.41 60.48 -24.99
N LEU N 117 7.57 60.41 -26.31
CA LEU N 117 8.50 61.30 -26.98
C LEU N 117 8.03 62.75 -26.91
N VAL N 118 6.72 62.98 -26.93
CA VAL N 118 6.23 64.35 -26.95
C VAL N 118 6.43 65.03 -25.60
N GLU N 119 6.04 64.39 -24.49
CA GLU N 119 6.29 65.05 -23.21
C GLU N 119 7.76 65.15 -22.87
N SER N 120 8.57 64.20 -23.33
CA SER N 120 10.00 64.38 -23.22
C SER N 120 10.42 65.66 -23.93
N ARG N 121 9.82 65.93 -25.09
CA ARG N 121 10.08 67.17 -25.80
C ARG N 121 9.46 68.38 -25.09
N ILE N 122 8.28 68.21 -24.52
CA ILE N 122 7.64 69.31 -23.81
C ILE N 122 8.45 69.70 -22.58
N HIS N 123 8.92 68.70 -21.82
CA HIS N 123 9.59 68.99 -20.57
C HIS N 123 10.98 69.57 -20.78
N ARG N 124 11.69 69.11 -21.82
CA ARG N 124 13.00 69.68 -22.12
C ARG N 124 12.89 71.15 -22.47
N LEU N 125 11.86 71.50 -23.21
CA LEU N 125 11.67 72.88 -23.65
C LEU N 125 11.22 73.78 -22.52
N ALA N 126 10.33 73.28 -21.66
CA ALA N 126 9.90 74.07 -20.50
C ALA N 126 11.05 74.28 -19.53
N ARG N 127 11.95 73.30 -19.39
CA ARG N 127 13.17 73.51 -18.63
C ARG N 127 13.93 74.74 -19.13
N TYR N 128 13.98 74.89 -20.45
CA TYR N 128 14.63 76.06 -21.04
C TYR N 128 13.85 77.35 -20.74
N TYR N 129 12.54 77.35 -20.98
CA TYR N 129 11.76 78.59 -20.86
C TYR N 129 11.62 79.09 -19.43
N LYS N 130 11.58 78.19 -18.46
CA LYS N 130 11.62 78.63 -17.07
C LYS N 130 12.96 79.29 -16.75
N ARG N 131 14.04 78.76 -17.30
CA ARG N 131 15.37 79.31 -17.06
C ARG N 131 15.49 80.74 -17.58
N THR N 132 14.87 81.03 -18.72
CA THR N 132 14.92 82.35 -19.32
C THR N 132 13.66 83.18 -19.04
N LYS N 133 12.83 82.74 -18.09
CA LYS N 133 11.72 83.53 -17.56
C LYS N 133 10.71 83.89 -18.64
N LYS N 134 10.48 82.99 -19.59
CA LYS N 134 9.33 83.11 -20.47
C LYS N 134 8.12 82.36 -19.94
N LEU N 135 8.29 81.57 -18.90
CA LEU N 135 7.21 80.92 -18.19
C LEU N 135 7.35 81.22 -16.71
N PRO N 136 6.26 81.29 -15.98
CA PRO N 136 6.33 81.50 -14.54
C PRO N 136 7.14 80.40 -13.88
N PRO N 137 7.93 80.72 -12.85
CA PRO N 137 8.80 79.70 -12.25
C PRO N 137 8.05 78.58 -11.57
N THR N 138 6.72 78.63 -11.55
CA THR N 138 5.92 77.57 -10.94
C THR N 138 5.10 76.85 -12.00
N TRP N 139 5.15 77.31 -13.26
CA TRP N 139 4.32 76.72 -14.30
C TRP N 139 4.72 75.27 -14.49
N LYS N 140 3.74 74.39 -14.54
CA LYS N 140 4.03 72.98 -14.58
C LYS N 140 3.17 72.31 -15.64
N TYR N 141 3.76 71.44 -16.43
CA TYR N 141 2.96 70.72 -17.42
C TYR N 141 2.23 69.59 -16.70
N GLU N 142 0.91 69.69 -16.66
CA GLU N 142 0.08 68.67 -16.04
C GLU N 142 -0.63 67.88 -17.12
N SER N 143 -0.48 66.56 -17.09
CA SER N 143 -1.08 65.71 -18.11
C SER N 143 -2.59 65.91 -18.19
N ALA N 144 -3.25 65.93 -17.03
CA ALA N 144 -4.71 66.01 -17.02
C ALA N 144 -5.19 67.39 -17.45
N THR N 145 -4.87 68.42 -16.67
CA THR N 145 -5.33 69.77 -16.95
C THR N 145 -4.41 70.44 -17.97
N ALA N 146 -4.46 69.90 -19.20
CA ALA N 146 -3.82 70.55 -20.34
C ALA N 146 -4.76 70.75 -21.52
N SER N 147 -5.84 70.00 -21.62
CA SER N 147 -6.80 70.23 -22.70
C SER N 147 -7.53 71.56 -22.50
N THR N 148 -7.64 72.03 -21.26
CA THR N 148 -8.25 73.33 -21.00
C THR N 148 -7.38 74.46 -21.53
N LEU N 149 -6.06 74.31 -21.39
CA LEU N 149 -5.14 75.41 -21.71
C LEU N 149 -5.15 75.74 -23.19
N VAL N 150 -5.31 74.74 -24.05
CA VAL N 150 -5.19 74.92 -25.49
C VAL N 150 -6.54 74.68 -26.15
N ALA N 151 -6.60 75.00 -27.44
CA ALA N 151 -7.68 74.61 -28.34
C ALA N 151 -9.09 74.72 -27.76
N GLY O 2 46.67 7.90 -80.66
CA GLY O 2 47.92 7.56 -80.00
C GLY O 2 49.13 8.04 -80.75
N ARG O 3 48.93 8.41 -82.02
CA ARG O 3 50.01 8.85 -82.89
C ARG O 3 50.20 10.36 -82.86
N VAL O 4 49.90 10.99 -81.73
CA VAL O 4 50.18 12.41 -81.57
C VAL O 4 51.68 12.63 -81.69
N ARG O 5 52.07 13.48 -82.63
CA ARG O 5 53.48 13.78 -82.83
C ARG O 5 53.98 14.68 -81.70
N THR O 6 55.14 14.33 -81.15
CA THR O 6 55.67 14.99 -79.96
C THR O 6 56.45 16.24 -80.38
N LYS O 7 57.17 16.83 -79.43
CA LYS O 7 57.85 18.10 -79.67
C LYS O 7 58.97 17.95 -80.68
N THR O 8 59.78 16.90 -80.54
CA THR O 8 60.93 16.72 -81.43
C THR O 8 60.50 16.62 -82.87
N VAL O 9 59.53 15.75 -83.15
CA VAL O 9 59.03 15.62 -84.52
C VAL O 9 58.38 16.92 -84.99
N LYS O 10 57.58 17.54 -84.13
CA LYS O 10 56.93 18.79 -84.51
C LYS O 10 57.94 19.91 -84.70
N LYS O 11 58.88 20.07 -83.75
CA LYS O 11 59.82 21.19 -83.82
C LYS O 11 60.78 21.04 -84.99
N THR O 12 61.35 19.83 -85.17
CA THR O 12 62.25 19.62 -86.29
C THR O 12 61.52 19.83 -87.61
N SER O 13 60.28 19.36 -87.69
CA SER O 13 59.55 19.46 -88.95
C SER O 13 59.39 20.90 -89.40
N ARG O 14 58.99 21.79 -88.48
CA ARG O 14 58.93 23.20 -88.82
C ARG O 14 60.32 23.73 -89.17
N GLN O 15 61.31 23.41 -88.33
CA GLN O 15 62.63 23.98 -88.52
C GLN O 15 63.26 23.51 -89.83
N VAL O 16 63.03 22.25 -90.20
CA VAL O 16 63.68 21.72 -91.39
C VAL O 16 63.06 22.33 -92.63
N ILE O 17 61.77 22.65 -92.59
CA ILE O 17 61.16 23.34 -93.72
C ILE O 17 61.77 24.72 -93.89
N GLU O 18 61.99 25.44 -92.77
CA GLU O 18 62.53 26.79 -92.85
C GLU O 18 63.81 26.85 -93.65
N LYS O 19 64.78 26.01 -93.29
CA LYS O 19 66.08 26.06 -93.94
C LYS O 19 65.99 25.61 -95.40
N TYR O 20 65.06 24.70 -95.71
CA TYR O 20 64.95 24.14 -97.06
C TYR O 20 63.48 24.04 -97.42
N TYR O 21 62.93 25.09 -98.04
CA TYR O 21 61.52 25.07 -98.45
C TYR O 21 61.38 24.63 -99.90
N SER O 22 62.05 25.33 -100.83
CA SER O 22 61.92 25.02 -102.24
C SER O 22 62.44 23.63 -102.57
N ARG O 23 63.43 23.16 -101.82
CA ARG O 23 64.05 21.86 -102.01
C ARG O 23 63.13 20.70 -101.68
N MET O 24 62.04 20.96 -100.98
CA MET O 24 61.10 19.92 -100.55
C MET O 24 60.03 19.72 -101.63
N THR O 25 59.06 18.85 -101.35
CA THR O 25 57.99 18.52 -102.28
C THR O 25 56.84 17.90 -101.50
N LEU O 26 55.95 17.20 -102.20
CA LEU O 26 54.84 16.50 -101.56
C LEU O 26 55.09 15.01 -101.39
N ASP O 27 56.09 14.45 -102.08
CA ASP O 27 56.42 13.04 -101.96
C ASP O 27 56.98 12.74 -100.58
N PHE O 28 56.36 11.81 -99.87
CA PHE O 28 56.89 11.39 -98.58
C PHE O 28 58.26 10.75 -98.72
N HIS O 29 58.45 9.92 -99.75
CA HIS O 29 59.70 9.19 -99.86
C HIS O 29 60.85 10.09 -100.32
N THR O 30 60.59 10.98 -101.28
CA THR O 30 61.59 11.99 -101.60
C THR O 30 61.86 12.88 -100.39
N ASN O 31 60.80 13.27 -99.68
CA ASN O 31 60.99 14.04 -98.46
C ASN O 31 61.77 13.25 -97.42
N LYS O 32 61.52 11.93 -97.34
CA LYS O 32 62.33 11.09 -96.47
C LYS O 32 63.79 11.12 -96.91
N LYS O 33 64.04 11.00 -98.22
CA LYS O 33 65.41 11.05 -98.72
C LYS O 33 66.03 12.43 -98.57
N VAL O 34 65.27 13.49 -98.87
CA VAL O 34 65.78 14.83 -98.69
C VAL O 34 66.17 15.04 -97.24
N LEU O 35 65.29 14.65 -96.34
CA LEU O 35 65.56 14.77 -94.92
C LEU O 35 66.80 13.97 -94.51
N GLU O 36 67.15 12.97 -95.32
CA GLU O 36 68.29 12.11 -94.99
C GLU O 36 69.60 12.86 -95.13
N GLU O 37 69.69 13.77 -96.09
CA GLU O 37 70.94 14.46 -96.41
C GLU O 37 70.96 15.91 -95.98
N VAL O 38 70.11 16.32 -95.04
CA VAL O 38 70.20 17.64 -94.43
C VAL O 38 70.30 17.54 -92.91
N SER O 39 70.61 16.37 -92.38
CA SER O 39 70.59 16.16 -90.93
C SER O 39 71.34 14.88 -90.59
N ILE O 40 71.60 14.69 -89.29
CA ILE O 40 72.13 13.44 -88.77
C ILE O 40 71.21 12.94 -87.66
N LEU O 41 70.63 11.76 -87.86
CA LEU O 41 69.63 11.20 -86.95
C LEU O 41 70.03 9.78 -86.56
N GLN O 42 69.32 9.25 -85.57
CA GLN O 42 69.74 8.02 -84.91
C GLN O 42 68.71 6.91 -85.01
N SER O 43 67.66 7.09 -85.80
CA SER O 43 66.65 6.06 -85.98
C SER O 43 65.81 6.38 -87.21
N LYS O 44 65.56 5.36 -88.04
CA LYS O 44 64.77 5.57 -89.26
C LYS O 44 63.28 5.70 -88.94
N ARG O 45 62.83 5.09 -87.85
CA ARG O 45 61.47 5.32 -87.41
C ARG O 45 61.24 6.79 -87.12
N LEU O 46 62.19 7.43 -86.46
CA LEU O 46 62.04 8.86 -86.18
C LEU O 46 62.15 9.68 -87.46
N ARG O 47 62.96 9.23 -88.42
CA ARG O 47 63.08 9.96 -89.67
C ARG O 47 61.74 10.00 -90.41
N ASN O 48 61.06 8.86 -90.52
CA ASN O 48 59.76 8.83 -91.16
C ASN O 48 58.75 9.66 -90.40
N LYS O 49 58.83 9.66 -89.08
CA LYS O 49 57.93 10.49 -88.29
C LYS O 49 58.15 11.96 -88.62
N VAL O 50 59.41 12.40 -88.70
CA VAL O 50 59.69 13.78 -89.04
C VAL O 50 59.31 14.07 -90.48
N ALA O 51 59.66 13.18 -91.41
CA ALA O 51 59.24 13.34 -92.78
C ALA O 51 57.74 13.22 -92.93
N GLY O 52 57.10 12.48 -92.04
CA GLY O 52 55.64 12.45 -92.03
C GLY O 52 55.03 13.77 -91.61
N PHE O 53 55.67 14.48 -90.69
CA PHE O 53 55.19 15.79 -90.28
C PHE O 53 55.75 16.92 -91.11
N THR O 54 56.52 16.63 -92.16
CA THR O 54 56.84 17.66 -93.13
C THR O 54 56.02 17.52 -94.41
N THR O 55 55.42 16.36 -94.64
CA THR O 55 54.72 16.17 -95.90
C THR O 55 53.35 16.86 -95.88
N HIS O 56 52.46 16.53 -94.93
CA HIS O 56 51.15 17.17 -95.04
C HIS O 56 51.23 18.60 -94.55
N LEU O 57 52.14 18.86 -93.60
CA LEU O 57 52.41 20.23 -93.18
C LEU O 57 52.69 21.10 -94.37
N MET O 58 53.33 20.55 -95.39
CA MET O 58 53.60 21.35 -96.57
C MET O 58 52.41 21.41 -97.52
N ARG O 59 51.39 20.57 -97.36
CA ARG O 59 50.10 20.92 -97.97
C ARG O 59 49.50 22.15 -97.29
N ARG O 60 49.41 22.13 -95.96
CA ARG O 60 48.77 23.28 -95.30
C ARG O 60 49.61 24.54 -95.50
N ILE O 61 50.92 24.40 -95.68
CA ILE O 61 51.72 25.55 -96.12
C ILE O 61 51.43 25.89 -97.57
N GLN O 62 51.42 24.88 -98.44
CA GLN O 62 51.10 25.12 -99.85
C GLN O 62 49.66 25.58 -100.01
N ARG O 63 48.77 25.23 -99.08
CA ARG O 63 47.39 25.69 -99.17
C ARG O 63 47.27 27.13 -98.67
N GLY O 64 47.59 27.37 -97.40
CA GLY O 64 47.42 28.68 -96.82
C GLY O 64 48.63 29.18 -96.06
N PRO O 65 48.40 30.06 -95.07
CA PRO O 65 49.49 30.51 -94.20
C PRO O 65 49.82 29.45 -93.13
N VAL O 66 50.69 29.79 -92.18
CA VAL O 66 51.18 28.81 -91.22
C VAL O 66 51.86 29.53 -90.07
N ARG O 67 51.96 28.84 -88.92
CA ARG O 67 52.44 29.38 -87.65
C ARG O 67 53.96 29.48 -87.70
N GLY O 68 54.62 29.48 -86.54
CA GLY O 68 55.94 30.05 -86.33
C GLY O 68 56.90 30.00 -87.49
N ILE O 69 56.91 28.90 -88.25
CA ILE O 69 57.70 28.80 -89.47
C ILE O 69 57.51 30.04 -90.34
N SER O 70 58.62 30.71 -90.66
CA SER O 70 58.64 31.96 -91.40
C SER O 70 59.24 31.69 -92.78
N LEU O 71 58.37 31.66 -93.80
CA LEU O 71 58.81 31.40 -95.17
C LEU O 71 59.17 32.71 -95.86
N LYS O 72 60.37 32.75 -96.44
CA LYS O 72 60.85 33.99 -97.05
C LYS O 72 59.95 34.43 -98.19
N LEU O 73 59.67 33.53 -99.14
CA LEU O 73 58.81 33.89 -100.26
C LEU O 73 57.42 34.30 -99.80
N GLN O 74 56.98 33.80 -98.64
CA GLN O 74 55.70 34.23 -98.10
C GLN O 74 55.85 35.51 -97.28
N GLU O 75 56.88 35.59 -96.44
CA GLU O 75 56.98 36.69 -95.49
C GLU O 75 57.48 37.97 -96.13
N GLU O 76 58.27 37.89 -97.21
CA GLU O 76 58.56 39.12 -97.95
C GLU O 76 57.31 39.66 -98.61
N GLU O 77 56.49 38.79 -99.19
CA GLU O 77 55.41 39.26 -100.04
C GLU O 77 54.24 39.78 -99.23
N ARG O 78 54.08 39.29 -98.00
CA ARG O 78 53.17 39.96 -97.09
C ARG O 78 53.67 41.37 -96.77
N GLU O 79 54.98 41.52 -96.57
CA GLU O 79 55.55 42.84 -96.33
C GLU O 79 55.48 43.70 -97.59
N ARG O 80 55.78 43.14 -98.76
CA ARG O 80 55.74 43.92 -99.99
C ARG O 80 54.35 44.44 -100.28
N ARG O 81 53.33 43.60 -100.09
CA ARG O 81 51.96 44.05 -100.31
C ARG O 81 51.48 44.95 -99.18
N MET O 82 52.04 44.80 -97.98
CA MET O 82 51.65 45.67 -96.88
C MET O 82 52.19 47.08 -97.06
N ASP O 83 53.43 47.21 -97.53
CA ASP O 83 54.01 48.53 -97.77
C ASP O 83 53.38 49.17 -99.00
N PHE O 84 52.10 49.50 -98.90
CA PHE O 84 51.28 49.92 -100.03
C PHE O 84 50.46 51.14 -99.66
N VAL O 85 50.25 52.01 -100.64
CA VAL O 85 49.38 53.18 -100.46
C VAL O 85 48.47 53.32 -101.66
N PRO O 86 47.29 53.88 -101.44
CA PRO O 86 46.36 54.09 -102.56
C PRO O 86 46.82 55.22 -103.47
N GLU O 87 45.98 55.57 -104.45
CA GLU O 87 46.33 56.64 -105.38
C GLU O 87 46.34 58.02 -104.73
N LYS O 88 45.76 58.14 -103.54
CA LYS O 88 45.98 59.29 -102.66
C LYS O 88 45.26 58.97 -101.35
N SER O 89 45.31 59.90 -100.41
CA SER O 89 44.78 59.68 -99.07
C SER O 89 43.26 59.55 -99.09
N ALA O 90 42.76 58.36 -98.75
CA ALA O 90 41.34 58.13 -98.59
C ALA O 90 40.75 58.91 -97.43
N LEU O 91 41.58 59.33 -96.48
CA LEU O 91 41.14 60.26 -95.46
C LEU O 91 41.12 61.64 -96.11
N GLU O 92 39.97 61.98 -96.67
CA GLU O 92 39.81 63.24 -97.39
C GLU O 92 39.00 64.20 -96.53
N VAL O 93 39.19 65.49 -96.79
CA VAL O 93 38.58 66.54 -95.97
C VAL O 93 37.63 67.40 -96.80
N ASP O 94 37.02 66.82 -97.83
CA ASP O 94 36.07 67.58 -98.64
C ASP O 94 34.75 67.82 -97.90
N GLU O 95 34.21 66.78 -97.28
CA GLU O 95 32.92 66.88 -96.59
C GLU O 95 33.06 66.23 -95.23
N ILE O 96 33.03 67.04 -94.19
CA ILE O 96 33.12 66.57 -92.80
C ILE O 96 31.80 66.97 -92.16
N ARG O 97 30.86 66.06 -92.14
CA ARG O 97 29.54 66.37 -91.57
C ARG O 97 29.58 66.06 -90.08
N VAL O 98 29.35 67.09 -89.27
CA VAL O 98 29.51 67.00 -87.82
C VAL O 98 28.27 67.55 -87.14
N ASP O 99 28.04 67.08 -85.92
CA ASP O 99 26.87 67.51 -85.18
C ASP O 99 27.08 68.90 -84.59
N LYS O 100 25.97 69.55 -84.25
CA LYS O 100 26.01 70.92 -83.74
C LYS O 100 26.95 71.06 -82.55
N GLU O 101 26.88 70.14 -81.59
CA GLU O 101 27.74 70.19 -80.43
C GLU O 101 29.19 69.88 -80.77
N THR O 102 29.45 69.25 -81.92
CA THR O 102 30.81 69.24 -82.43
C THR O 102 31.20 70.62 -82.97
N MET O 103 30.30 71.25 -83.73
CA MET O 103 30.54 72.63 -84.17
C MET O 103 30.68 73.55 -82.97
N ASP O 104 29.91 73.31 -81.92
CA ASP O 104 30.03 74.11 -80.72
C ASP O 104 31.43 74.05 -80.16
N MET O 105 32.05 72.86 -80.20
CA MET O 105 33.46 72.74 -79.84
C MET O 105 34.34 73.54 -80.79
N LEU O 106 34.06 73.44 -82.09
CA LEU O 106 34.85 74.21 -83.06
C LEU O 106 34.74 75.70 -82.79
N ALA O 107 33.54 76.17 -82.41
CA ALA O 107 33.38 77.56 -82.03
C ALA O 107 34.18 77.90 -80.79
N PHE O 108 34.14 77.03 -79.77
CA PHE O 108 34.88 77.29 -78.55
C PHE O 108 36.38 77.39 -78.84
N LEU O 109 36.85 76.61 -79.82
CA LEU O 109 38.19 76.75 -80.33
C LEU O 109 38.37 77.98 -81.20
N GLY O 110 37.27 78.68 -81.53
CA GLY O 110 37.32 79.81 -82.42
C GLY O 110 37.18 79.50 -83.88
N MET O 111 36.89 78.24 -84.23
CA MET O 111 36.90 77.78 -85.62
C MET O 111 35.51 77.45 -86.11
N ALA O 112 34.53 78.32 -85.82
CA ALA O 112 33.16 78.05 -86.28
C ALA O 112 33.07 77.96 -87.79
N ASP O 113 33.86 78.74 -88.50
CA ASP O 113 33.91 78.69 -89.96
C ASP O 113 35.19 78.00 -90.38
N LEU O 114 35.05 76.93 -91.15
CA LEU O 114 36.19 76.08 -91.48
C LEU O 114 35.83 75.30 -92.73
N PRO O 115 36.80 74.95 -93.57
CA PRO O 115 36.48 74.24 -94.82
C PRO O 115 35.77 72.91 -94.61
N GLY O 116 34.58 72.79 -95.20
CA GLY O 116 33.91 71.51 -95.36
C GLY O 116 33.17 70.96 -94.17
N VAL O 117 32.91 71.76 -93.14
CA VAL O 117 32.17 71.32 -91.97
C VAL O 117 30.75 71.89 -92.04
N GLU O 118 29.74 71.01 -91.92
CA GLU O 118 28.35 71.45 -92.04
C GLU O 118 27.47 70.74 -91.03
N ARG O 119 26.56 71.49 -90.42
CA ARG O 119 25.59 70.86 -89.55
C ARG O 119 24.69 69.91 -90.33
N ALA O 120 24.19 68.90 -89.63
CA ALA O 120 23.42 67.84 -90.26
C ALA O 120 21.94 68.23 -90.41
N THR P 18 52.62 -48.08 -105.20
CA THR P 18 53.16 -49.01 -104.21
C THR P 18 52.76 -48.60 -102.80
N VAL P 19 53.77 -48.51 -101.93
CA VAL P 19 53.56 -48.36 -100.48
C VAL P 19 52.89 -47.02 -100.15
N LYS P 20 53.29 -45.94 -100.80
CA LYS P 20 52.75 -44.64 -100.44
C LYS P 20 51.41 -44.33 -101.10
N ASP P 21 51.07 -44.99 -102.20
CA ASP P 21 49.76 -44.75 -102.78
C ASP P 21 48.65 -45.46 -102.00
N VAL P 22 49.00 -46.32 -101.06
CA VAL P 22 48.01 -47.11 -100.35
C VAL P 22 47.96 -46.67 -98.89
N ASN P 23 46.76 -46.78 -98.32
CA ASN P 23 46.50 -46.22 -97.01
C ASN P 23 47.41 -46.90 -95.98
N PRO P 24 48.15 -46.13 -95.17
CA PRO P 24 49.11 -46.75 -94.25
C PRO P 24 48.43 -47.56 -93.17
N HIS P 25 47.11 -47.57 -93.17
CA HIS P 25 46.32 -48.37 -92.24
C HIS P 25 45.74 -49.60 -92.90
N GLU P 26 44.93 -49.41 -93.95
CA GLU P 26 44.30 -50.52 -94.64
C GLU P 26 45.35 -51.43 -95.25
N PHE P 27 46.46 -50.86 -95.68
CA PHE P 27 47.54 -51.68 -96.23
C PHE P 27 48.08 -52.62 -95.16
N VAL P 28 48.30 -52.12 -93.95
CA VAL P 28 48.95 -52.93 -92.92
C VAL P 28 48.03 -54.04 -92.46
N LYS P 29 46.71 -53.84 -92.59
CA LYS P 29 45.79 -54.96 -92.44
C LYS P 29 46.10 -56.05 -93.46
N ALA P 30 46.36 -55.65 -94.70
CA ALA P 30 46.72 -56.63 -95.72
C ALA P 30 48.02 -57.33 -95.37
N TYR P 31 49.02 -56.58 -94.92
CA TYR P 31 50.30 -57.19 -94.59
C TYR P 31 50.25 -57.92 -93.27
N SER P 32 49.28 -57.62 -92.42
CA SER P 32 49.08 -58.42 -91.21
C SER P 32 48.40 -59.74 -91.54
N ALA P 33 47.59 -59.77 -92.60
CA ALA P 33 47.04 -61.01 -93.07
C ALA P 33 48.03 -61.80 -93.92
N HIS P 34 49.14 -61.16 -94.29
CA HIS P 34 50.16 -61.79 -95.12
C HIS P 34 51.18 -62.54 -94.28
N LEU P 35 51.61 -61.99 -93.14
CA LEU P 35 52.56 -62.72 -92.32
C LEU P 35 51.92 -63.85 -91.54
N LYS P 36 50.59 -63.92 -91.47
CA LYS P 36 49.96 -65.18 -91.10
C LYS P 36 50.31 -66.25 -92.11
N ARG P 37 49.83 -66.09 -93.33
CA ARG P 37 49.81 -67.12 -94.35
C ARG P 37 51.05 -67.11 -95.24
N SER P 38 52.04 -66.28 -94.95
CA SER P 38 53.33 -66.36 -95.63
C SER P 38 54.16 -67.43 -94.95
N GLY P 39 53.80 -68.68 -95.24
CA GLY P 39 54.35 -69.75 -94.45
C GLY P 39 54.11 -69.44 -93.00
N LYS P 40 55.18 -69.39 -92.24
CA LYS P 40 55.14 -69.07 -90.82
C LYS P 40 56.58 -68.85 -90.35
N MET P 41 56.75 -68.72 -89.04
CA MET P 41 58.02 -68.41 -88.41
C MET P 41 57.98 -69.00 -87.00
N GLU P 42 58.87 -68.53 -86.13
CA GLU P 42 58.77 -68.85 -84.72
C GLU P 42 57.91 -67.81 -83.99
N LEU P 43 57.60 -68.09 -82.74
CA LEU P 43 56.76 -67.19 -81.97
C LEU P 43 56.97 -67.40 -80.48
N PRO P 44 57.26 -66.35 -79.72
CA PRO P 44 57.71 -66.51 -78.34
C PRO P 44 56.72 -67.27 -77.48
N GLU P 45 57.26 -67.93 -76.45
CA GLU P 45 56.48 -68.49 -75.36
C GLU P 45 56.38 -67.50 -74.21
N TRP P 46 56.43 -66.22 -74.54
CA TRP P 46 56.01 -65.09 -73.73
C TRP P 46 55.10 -64.12 -74.48
N VAL P 47 54.54 -64.54 -75.61
CA VAL P 47 53.84 -63.59 -76.48
C VAL P 47 52.54 -63.11 -75.85
N ASP P 48 51.77 -64.01 -75.25
CA ASP P 48 50.39 -63.70 -74.89
C ASP P 48 50.25 -63.06 -73.53
N ILE P 49 51.33 -62.79 -72.82
CA ILE P 49 51.26 -62.17 -71.51
C ILE P 49 51.67 -60.70 -71.53
N VAL P 50 52.51 -60.30 -72.47
CA VAL P 50 53.27 -59.06 -72.32
C VAL P 50 52.43 -57.85 -72.66
N LYS P 51 52.69 -56.76 -71.92
CA LYS P 51 51.98 -55.51 -72.05
C LYS P 51 52.62 -54.56 -73.06
N THR P 52 53.79 -54.91 -73.61
CA THR P 52 54.64 -54.23 -74.59
C THR P 52 55.22 -52.91 -74.11
N ALA P 53 54.90 -52.47 -72.89
CA ALA P 53 55.45 -51.22 -72.40
C ALA P 53 55.31 -51.17 -70.90
N ARG P 54 56.13 -50.34 -70.27
CA ARG P 54 56.02 -50.15 -68.83
C ARG P 54 54.69 -49.51 -68.46
N PHE P 55 54.22 -48.56 -69.27
CA PHE P 55 53.08 -47.74 -68.91
C PHE P 55 51.75 -48.33 -69.34
N LYS P 56 51.75 -49.45 -70.06
CA LYS P 56 50.47 -49.99 -70.48
C LYS P 56 49.69 -50.54 -69.29
N GLU P 57 48.39 -50.60 -69.47
CA GLU P 57 47.46 -51.10 -68.47
C GLU P 57 47.12 -52.58 -68.66
N LEU P 58 46.89 -53.00 -69.89
CA LEU P 58 46.61 -54.38 -70.24
C LEU P 58 47.43 -54.78 -71.45
N PRO P 59 47.69 -56.07 -71.63
CA PRO P 59 48.36 -56.53 -72.84
C PRO P 59 47.48 -56.26 -74.05
N PRO P 60 48.06 -56.28 -75.25
CA PRO P 60 47.27 -55.98 -76.45
C PRO P 60 46.04 -56.85 -76.53
N SER P 61 44.91 -56.22 -76.86
CA SER P 61 43.63 -56.92 -76.89
C SER P 61 43.63 -58.01 -77.94
N ASP P 62 44.12 -57.70 -79.13
CA ASP P 62 43.98 -58.61 -80.26
C ASP P 62 44.88 -59.82 -80.11
N ALA P 63 44.35 -60.99 -80.50
CA ALA P 63 45.16 -62.20 -80.49
C ALA P 63 46.26 -62.13 -81.53
N ASP P 64 45.92 -61.79 -82.77
CA ASP P 64 46.93 -61.66 -83.82
C ASP P 64 47.42 -60.22 -83.90
N TRP P 65 47.93 -59.75 -82.75
CA TRP P 65 48.61 -58.46 -82.67
C TRP P 65 50.07 -58.55 -83.04
N TYR P 66 50.67 -59.73 -82.86
CA TYR P 66 52.12 -59.85 -83.00
C TYR P 66 52.53 -59.61 -84.46
N TYR P 67 51.72 -60.08 -85.39
CA TYR P 67 51.98 -59.84 -86.81
C TYR P 67 51.59 -58.43 -87.22
N ILE P 68 50.59 -57.85 -86.58
CA ILE P 68 50.25 -56.45 -86.85
C ILE P 68 51.38 -55.54 -86.37
N ARG P 69 51.96 -55.84 -85.22
CA ARG P 69 53.13 -55.09 -84.79
C ARG P 69 54.26 -55.29 -85.79
N ALA P 70 54.40 -56.51 -86.32
CA ALA P 70 55.39 -56.74 -87.36
C ALA P 70 55.07 -55.94 -88.62
N ALA P 71 53.83 -56.03 -89.10
CA ALA P 71 53.47 -55.36 -90.33
C ALA P 71 53.60 -53.85 -90.20
N SER P 72 53.20 -53.32 -89.06
CA SER P 72 53.35 -51.89 -88.82
C SER P 72 54.82 -51.49 -88.77
N MET P 73 55.68 -52.37 -88.28
CA MET P 73 57.09 -52.08 -88.09
C MET P 73 57.95 -52.60 -89.24
N ALA P 74 57.36 -53.35 -90.16
CA ALA P 74 58.01 -53.66 -91.43
C ALA P 74 57.93 -52.51 -92.43
N ARG P 75 57.03 -51.56 -92.22
CA ARG P 75 57.04 -50.33 -92.99
C ARG P 75 57.99 -49.29 -92.44
N LYS P 76 58.29 -49.36 -91.14
CA LYS P 76 59.22 -48.39 -90.57
C LYS P 76 60.55 -48.43 -91.28
N ILE P 77 61.16 -49.61 -91.37
CA ILE P 77 62.43 -49.71 -92.07
C ILE P 77 62.26 -49.45 -93.55
N TYR P 78 61.09 -49.80 -94.10
CA TYR P 78 60.84 -49.51 -95.51
C TYR P 78 60.87 -48.01 -95.78
N LEU P 79 60.38 -47.21 -94.84
CA LEU P 79 60.19 -45.78 -95.03
C LEU P 79 61.20 -44.94 -94.25
N ARG P 80 62.29 -45.56 -93.82
CA ARG P 80 63.30 -44.92 -93.01
C ARG P 80 64.56 -45.76 -93.20
N GLN P 81 65.53 -45.60 -92.31
CA GLN P 81 66.70 -46.47 -92.29
C GLN P 81 67.54 -46.12 -91.09
N GLY P 82 68.17 -47.14 -90.52
CA GLY P 82 68.97 -46.93 -89.33
C GLY P 82 68.12 -46.63 -88.13
N ILE P 83 67.30 -47.59 -87.71
CA ILE P 83 66.55 -47.51 -86.46
C ILE P 83 67.01 -48.65 -85.57
N GLY P 84 67.51 -48.32 -84.39
CA GLY P 84 67.88 -49.31 -83.41
C GLY P 84 66.72 -49.67 -82.52
N ILE P 85 67.02 -50.41 -81.46
CA ILE P 85 65.98 -50.74 -80.51
C ILE P 85 65.70 -49.57 -79.58
N GLY P 86 66.70 -48.78 -79.25
CA GLY P 86 66.48 -47.63 -78.40
C GLY P 86 65.72 -46.51 -79.06
N GLY P 87 65.43 -46.65 -80.35
CA GLY P 87 64.60 -45.71 -81.05
C GLY P 87 63.26 -46.32 -81.37
N PHE P 88 63.25 -47.63 -81.63
CA PHE P 88 61.97 -48.31 -81.84
C PHE P 88 61.11 -48.29 -80.60
N GLN P 89 61.72 -48.22 -79.42
CA GLN P 89 60.94 -48.08 -78.20
C GLN P 89 60.14 -46.79 -78.21
N LYS P 90 60.76 -45.69 -78.65
CA LYS P 90 60.08 -44.40 -78.72
C LYS P 90 58.91 -44.43 -79.69
N ILE P 91 59.07 -45.09 -80.83
CA ILE P 91 58.08 -45.02 -81.90
C ILE P 91 56.72 -45.53 -81.44
N TYR P 92 56.71 -46.48 -80.51
CA TYR P 92 55.46 -47.06 -80.02
C TYR P 92 55.11 -46.64 -78.62
N GLY P 93 56.00 -45.93 -77.93
CA GLY P 93 55.65 -45.33 -76.65
C GLY P 93 54.53 -44.33 -76.78
N GLY P 94 54.11 -43.83 -75.62
CA GLY P 94 52.99 -42.92 -75.59
C GLY P 94 52.91 -42.21 -74.26
N ARG P 95 51.79 -41.55 -74.04
CA ARG P 95 51.57 -40.89 -72.78
C ARG P 95 51.45 -41.91 -71.66
N GLN P 96 51.85 -41.51 -70.46
CA GLN P 96 51.73 -42.34 -69.28
C GLN P 96 51.00 -41.56 -68.21
N ARG P 97 49.87 -42.07 -67.73
CA ARG P 97 49.18 -41.45 -66.61
C ARG P 97 49.69 -42.06 -65.32
N ASN P 98 50.20 -41.20 -64.42
CA ASN P 98 50.81 -41.62 -63.18
C ASN P 98 49.86 -41.49 -61.99
N GLY P 99 48.56 -41.45 -62.24
CA GLY P 99 47.61 -41.33 -61.15
C GLY P 99 47.58 -39.92 -60.60
N SER P 100 48.20 -39.73 -59.44
CA SER P 100 48.18 -38.43 -58.78
C SER P 100 49.08 -37.43 -59.49
N ARG P 101 50.32 -37.84 -59.80
CA ARG P 101 51.32 -36.95 -60.37
C ARG P 101 51.08 -36.74 -61.86
N PRO P 102 51.64 -35.67 -62.43
CA PRO P 102 51.32 -35.32 -63.79
C PRO P 102 51.79 -36.41 -64.77
N PRO P 103 51.09 -36.54 -65.89
CA PRO P 103 51.49 -37.54 -66.89
C PRO P 103 52.64 -37.05 -67.75
N HIS P 104 53.37 -38.02 -68.30
CA HIS P 104 54.57 -37.74 -69.06
C HIS P 104 54.55 -38.59 -70.31
N PHE P 105 55.63 -38.51 -71.08
CA PHE P 105 55.91 -39.45 -72.14
C PHE P 105 56.55 -40.69 -71.56
N CYS P 106 56.21 -41.85 -72.13
CA CYS P 106 56.81 -43.09 -71.70
C CYS P 106 57.26 -43.92 -72.89
N LYS P 107 58.47 -44.45 -72.79
CA LYS P 107 59.07 -45.24 -73.85
C LYS P 107 58.65 -46.70 -73.71
N SER P 108 58.19 -47.30 -74.79
CA SER P 108 57.68 -48.67 -74.74
C SER P 108 58.84 -49.67 -74.63
N SER P 109 58.50 -50.95 -74.70
CA SER P 109 59.47 -52.02 -74.42
C SER P 109 60.21 -52.43 -75.68
N GLY P 110 61.44 -52.90 -75.49
CA GLY P 110 62.31 -53.29 -76.58
C GLY P 110 62.38 -54.77 -76.87
N ALA P 111 61.92 -55.60 -75.92
CA ALA P 111 61.90 -57.03 -76.17
C ALA P 111 60.95 -57.37 -77.31
N VAL P 112 59.78 -56.75 -77.31
CA VAL P 112 58.83 -56.95 -78.41
C VAL P 112 59.41 -56.42 -79.71
N SER P 113 59.95 -55.19 -79.66
CA SER P 113 60.49 -54.57 -80.86
C SER P 113 61.70 -55.33 -81.40
N ARG P 114 62.60 -55.74 -80.51
CA ARG P 114 63.78 -56.47 -80.97
C ARG P 114 63.39 -57.75 -81.68
N ASN P 115 62.40 -58.47 -81.13
CA ASN P 115 62.09 -59.79 -81.63
C ASN P 115 61.38 -59.72 -82.98
N ILE P 116 60.46 -58.76 -83.15
CA ILE P 116 59.86 -58.53 -84.47
C ILE P 116 60.94 -58.39 -85.52
N LEU P 117 61.99 -57.62 -85.22
CA LEU P 117 63.12 -57.51 -86.12
C LEU P 117 63.74 -58.88 -86.37
N GLN P 118 63.92 -59.65 -85.30
CA GLN P 118 64.57 -60.96 -85.42
C GLN P 118 63.82 -61.83 -86.42
N GLU P 119 62.49 -61.86 -86.32
CA GLU P 119 61.68 -62.71 -87.20
C GLU P 119 61.78 -62.28 -88.65
N LEU P 120 61.56 -60.99 -88.92
CA LEU P 120 61.63 -60.49 -90.29
C LEU P 120 63.05 -60.58 -90.83
N GLN P 121 64.06 -60.55 -89.96
CA GLN P 121 65.42 -60.86 -90.39
C GLN P 121 65.52 -62.27 -90.93
N LYS P 122 64.96 -63.24 -90.20
CA LYS P 122 65.00 -64.63 -90.61
C LYS P 122 64.19 -64.87 -91.87
N MET P 123 63.33 -63.93 -92.23
CA MET P 123 62.37 -64.11 -93.30
C MET P 123 62.71 -63.29 -94.55
N GLY P 124 63.72 -62.43 -94.47
CA GLY P 124 64.13 -61.68 -95.64
C GLY P 124 63.25 -60.51 -96.02
N ILE P 125 62.76 -59.77 -95.03
CA ILE P 125 62.17 -58.47 -95.27
C ILE P 125 63.08 -57.34 -94.82
N ILE P 126 63.79 -57.52 -93.70
CA ILE P 126 64.75 -56.55 -93.19
C ILE P 126 66.03 -57.28 -92.84
N ASP P 127 67.11 -56.51 -92.75
CA ASP P 127 68.40 -57.02 -92.29
C ASP P 127 68.99 -56.04 -91.29
N VAL P 128 70.03 -56.49 -90.60
CA VAL P 128 70.86 -55.57 -89.82
C VAL P 128 71.56 -54.63 -90.78
N ASP P 129 71.80 -53.40 -90.32
CA ASP P 129 72.32 -52.35 -91.16
C ASP P 129 73.73 -51.95 -90.75
N PRO P 130 74.64 -51.76 -91.70
CA PRO P 130 75.90 -51.09 -91.40
C PRO P 130 75.64 -49.63 -91.06
N LYS P 131 76.66 -48.98 -90.52
CA LYS P 131 76.52 -47.64 -89.94
C LYS P 131 75.53 -47.63 -88.80
N GLY P 132 75.21 -48.80 -88.25
CA GLY P 132 74.23 -48.93 -87.19
C GLY P 132 72.80 -48.95 -87.70
N GLY P 133 71.95 -49.72 -87.03
CA GLY P 133 70.53 -49.74 -87.33
C GLY P 133 70.06 -51.02 -87.98
N ARG P 134 68.89 -50.93 -88.61
CA ARG P 134 68.25 -52.05 -89.29
C ARG P 134 67.78 -51.57 -90.66
N LEU P 135 68.22 -52.25 -91.72
CA LEU P 135 67.98 -51.78 -93.07
C LEU P 135 67.22 -52.83 -93.89
N ILE P 136 66.39 -52.33 -94.82
CA ILE P 136 65.50 -53.19 -95.58
C ILE P 136 66.29 -54.02 -96.59
N THR P 137 65.75 -55.16 -96.96
CA THR P 137 66.43 -56.07 -97.87
C THR P 137 66.11 -55.67 -99.31
N SER P 138 66.94 -56.14 -100.24
CA SER P 138 66.66 -55.90 -101.65
C SER P 138 65.36 -56.56 -102.07
N GLN P 139 65.15 -57.80 -101.66
CA GLN P 139 63.98 -58.55 -102.10
C GLN P 139 62.79 -58.40 -101.17
N GLY P 140 63.02 -58.00 -99.92
CA GLY P 140 61.91 -57.66 -99.06
C GLY P 140 61.17 -56.43 -99.53
N ARG P 141 61.90 -55.46 -100.10
CA ARG P 141 61.26 -54.31 -100.74
C ARG P 141 60.25 -54.77 -101.78
N ARG P 142 60.51 -55.91 -102.43
CA ARG P 142 59.61 -56.41 -103.47
C ARG P 142 58.23 -56.72 -102.91
N ASP P 143 58.16 -57.53 -101.85
CA ASP P 143 56.85 -57.97 -101.39
C ASP P 143 56.08 -56.84 -100.73
N LEU P 144 56.77 -56.00 -99.96
CA LEU P 144 56.12 -54.82 -99.42
C LEU P 144 55.64 -53.90 -100.53
N ASP P 145 56.18 -54.03 -101.73
CA ASP P 145 55.59 -53.36 -102.88
C ASP P 145 54.61 -54.24 -103.65
N GLN P 146 54.78 -55.56 -103.60
CA GLN P 146 53.83 -56.44 -104.29
C GLN P 146 52.49 -56.48 -103.56
N VAL P 147 52.52 -56.78 -102.26
CA VAL P 147 51.29 -56.79 -101.48
C VAL P 147 50.69 -55.39 -101.44
N ALA P 148 51.54 -54.36 -101.57
CA ALA P 148 51.03 -53.00 -101.69
C ALA P 148 50.14 -52.89 -102.92
N GLY P 149 50.57 -53.48 -104.04
CA GLY P 149 49.72 -53.50 -105.22
C GLY P 149 48.43 -54.26 -105.04
N THR P 150 48.38 -55.18 -104.07
CA THR P 150 47.20 -55.98 -103.82
C THR P 150 46.19 -55.29 -102.91
N VAL P 151 46.28 -53.99 -102.73
CA VAL P 151 45.32 -53.24 -101.92
C VAL P 151 44.52 -52.33 -102.84
N PRO P 152 43.18 -52.28 -102.68
CA PRO P 152 42.25 -51.40 -103.38
C PRO P 152 42.80 -49.99 -103.60
N SER Q 38 77.10 -69.63 -43.83
CA SER Q 38 77.20 -69.52 -45.27
C SER Q 38 76.56 -68.23 -45.76
N THR Q 39 77.40 -67.24 -46.08
CA THR Q 39 76.88 -65.92 -46.44
C THR Q 39 76.21 -65.91 -47.81
N ASP Q 40 76.46 -66.92 -48.63
CA ASP Q 40 76.07 -66.83 -50.05
C ASP Q 40 74.56 -66.98 -50.23
N ASP Q 41 74.00 -68.13 -49.83
CA ASP Q 41 72.56 -68.30 -49.92
C ASP Q 41 71.82 -67.47 -48.89
N LEU Q 42 72.53 -66.96 -47.88
CA LEU Q 42 71.88 -66.16 -46.86
C LEU Q 42 71.37 -64.84 -47.42
N VAL Q 43 72.13 -64.20 -48.33
CA VAL Q 43 71.67 -62.93 -48.87
C VAL Q 43 70.43 -63.13 -49.73
N GLN Q 44 70.34 -64.27 -50.41
CA GLN Q 44 69.17 -64.53 -51.24
C GLN Q 44 67.91 -64.63 -50.37
N MET Q 45 68.07 -65.02 -49.11
CA MET Q 45 66.94 -65.00 -48.19
C MET Q 45 66.59 -63.57 -47.78
N PHE Q 46 67.61 -62.74 -47.53
CA PHE Q 46 67.36 -61.32 -47.32
C PHE Q 46 66.70 -60.71 -48.55
N PRO Q 47 65.92 -59.63 -48.37
CA PRO Q 47 65.22 -59.03 -49.51
C PRO Q 47 66.07 -58.05 -50.32
N ALA Q 48 65.42 -57.39 -51.29
CA ALA Q 48 66.13 -56.70 -52.36
C ALA Q 48 67.04 -55.61 -51.83
N ARG Q 49 66.53 -54.78 -50.90
CA ARG Q 49 67.37 -53.76 -50.30
C ARG Q 49 68.55 -54.36 -49.55
N ALA Q 50 68.39 -55.59 -49.06
CA ALA Q 50 69.29 -56.08 -48.03
C ALA Q 50 70.62 -56.58 -48.60
N ARG Q 51 70.59 -57.35 -49.69
CA ARG Q 51 71.84 -57.86 -50.22
C ARG Q 51 72.64 -56.79 -50.95
N ARG Q 52 71.98 -55.75 -51.46
CA ARG Q 52 72.72 -54.62 -52.01
C ARG Q 52 73.65 -54.03 -50.96
N ARG Q 53 73.17 -53.87 -49.74
CA ARG Q 53 74.00 -53.38 -48.66
C ARG Q 53 75.20 -54.29 -48.45
N PHE Q 54 75.00 -55.60 -48.61
CA PHE Q 54 76.08 -56.56 -48.47
C PHE Q 54 76.95 -56.61 -49.73
N LYS Q 55 76.34 -56.52 -50.90
CA LYS Q 55 77.10 -56.51 -52.14
C LYS Q 55 78.00 -55.30 -52.24
N ARG Q 56 77.75 -54.26 -51.45
CA ARG Q 56 78.56 -53.05 -51.46
C ARG Q 56 79.70 -53.09 -50.46
N GLY Q 57 79.93 -54.23 -49.81
CA GLY Q 57 81.10 -54.40 -48.97
C GLY Q 57 81.09 -53.61 -47.69
N LEU Q 58 80.25 -54.03 -46.74
CA LEU Q 58 80.14 -53.42 -45.41
C LEU Q 58 81.51 -53.02 -44.91
N LYS Q 59 81.67 -51.75 -44.55
CA LYS Q 59 82.98 -51.25 -44.17
C LYS Q 59 83.22 -51.45 -42.67
N ARG Q 60 84.24 -50.75 -42.15
CA ARG Q 60 84.74 -50.93 -40.80
C ARG Q 60 83.64 -51.05 -39.75
N LYS Q 61 82.87 -49.97 -39.54
CA LYS Q 61 81.94 -49.94 -38.42
C LYS Q 61 80.88 -51.03 -38.47
N PRO Q 62 80.26 -51.35 -39.62
CA PRO Q 62 79.41 -52.55 -39.65
C PRO Q 62 80.12 -53.81 -39.20
N MET Q 63 81.40 -53.97 -39.59
CA MET Q 63 82.17 -55.11 -39.12
C MET Q 63 82.46 -55.03 -37.63
N ALA Q 64 82.41 -53.84 -37.05
CA ALA Q 64 82.68 -53.72 -35.61
C ALA Q 64 81.54 -54.31 -34.78
N LEU Q 65 80.29 -53.98 -35.13
CA LEU Q 65 79.15 -54.35 -34.29
C LEU Q 65 79.09 -55.86 -34.07
N VAL Q 66 79.40 -56.65 -35.10
CA VAL Q 66 79.34 -58.09 -34.96
C VAL Q 66 80.41 -58.60 -34.00
N LYS Q 67 81.61 -58.02 -34.05
CA LYS Q 67 82.66 -58.43 -33.13
C LYS Q 67 82.28 -58.18 -31.68
N LYS Q 68 81.59 -57.08 -31.42
CA LYS Q 68 81.13 -56.78 -30.06
C LYS Q 68 80.05 -57.74 -29.60
N LEU Q 69 79.34 -58.38 -30.53
CA LEU Q 69 78.44 -59.46 -30.15
C LEU Q 69 79.21 -60.65 -29.59
N ARG Q 70 80.21 -61.13 -30.34
CA ARG Q 70 80.95 -62.32 -29.94
C ARG Q 70 81.60 -62.11 -28.58
N LYS Q 71 82.13 -60.91 -28.33
CA LYS Q 71 82.53 -60.56 -26.98
C LYS Q 71 81.38 -60.79 -26.01
N ALA Q 72 80.23 -60.16 -26.29
CA ALA Q 72 79.08 -60.25 -25.40
C ALA Q 72 78.57 -61.69 -25.29
N LYS Q 73 78.51 -62.39 -26.42
CA LYS Q 73 78.05 -63.77 -26.40
C LYS Q 73 78.87 -64.62 -25.45
N LYS Q 74 80.20 -64.49 -25.54
CA LYS Q 74 81.06 -65.39 -24.77
C LYS Q 74 81.32 -64.88 -23.36
N ASP Q 75 81.09 -63.58 -23.11
CA ASP Q 75 81.13 -63.09 -21.74
C ASP Q 75 79.96 -63.60 -20.91
N ALA Q 76 78.87 -63.97 -21.57
CA ALA Q 76 77.66 -64.32 -20.86
C ALA Q 76 77.88 -65.58 -20.02
N PRO Q 77 77.45 -65.58 -18.76
CA PRO Q 77 77.54 -66.80 -17.95
C PRO Q 77 76.86 -68.00 -18.59
N ALA Q 78 77.02 -69.16 -17.98
CA ALA Q 78 76.47 -70.41 -18.53
C ALA Q 78 74.96 -70.38 -18.40
N GLY Q 79 74.28 -70.04 -19.49
CA GLY Q 79 72.83 -69.90 -19.47
C GLY Q 79 72.38 -68.76 -18.58
N GLU Q 80 72.69 -67.53 -18.97
CA GLU Q 80 72.28 -66.33 -18.24
C GLU Q 80 72.02 -65.22 -19.26
N LYS Q 81 71.97 -63.97 -18.79
CA LYS Q 81 71.67 -62.80 -19.62
C LYS Q 81 72.92 -62.32 -20.34
N PRO Q 82 72.77 -61.85 -21.58
CA PRO Q 82 73.91 -61.34 -22.34
C PRO Q 82 74.14 -59.86 -22.14
N GLU Q 83 75.40 -59.46 -22.26
CA GLU Q 83 75.81 -58.10 -21.91
C GLU Q 83 75.29 -57.10 -22.93
N PRO Q 84 74.60 -56.03 -22.49
CA PRO Q 84 74.04 -55.05 -23.44
C PRO Q 84 75.13 -54.24 -24.14
N VAL Q 85 75.00 -54.12 -25.46
CA VAL Q 85 75.99 -53.43 -26.29
C VAL Q 85 75.37 -52.16 -26.85
N ARG Q 86 76.04 -51.02 -26.61
CA ARG Q 86 75.53 -49.71 -26.98
C ARG Q 86 76.16 -49.24 -28.29
N THR Q 87 75.32 -48.74 -29.19
CA THR Q 87 75.74 -48.46 -30.56
C THR Q 87 75.05 -47.20 -31.09
N HIS Q 88 75.83 -46.27 -31.68
CA HIS Q 88 75.20 -45.19 -32.43
C HIS Q 88 74.74 -45.61 -33.82
N LEU Q 89 75.21 -46.73 -34.35
CA LEU Q 89 74.75 -47.11 -35.67
C LEU Q 89 73.31 -47.59 -35.62
N ARG Q 90 72.57 -47.26 -36.69
CA ARG Q 90 71.22 -47.76 -36.89
C ARG Q 90 71.04 -48.20 -38.34
N ASN Q 91 72.12 -48.28 -39.11
CA ASN Q 91 72.10 -48.69 -40.50
C ASN Q 91 72.73 -50.06 -40.70
N MET Q 92 72.80 -50.89 -39.67
CA MET Q 92 73.30 -52.25 -39.80
C MET Q 92 72.14 -53.23 -39.83
N ILE Q 93 72.08 -54.05 -40.87
CA ILE Q 93 70.97 -55.00 -41.02
C ILE Q 93 71.07 -56.08 -39.95
N ILE Q 94 69.92 -56.62 -39.56
CA ILE Q 94 69.86 -57.72 -38.60
C ILE Q 94 70.27 -59.01 -39.30
N VAL Q 95 71.47 -59.50 -39.01
CA VAL Q 95 71.93 -60.77 -39.55
C VAL Q 95 71.65 -61.84 -38.53
N PRO Q 96 71.49 -63.12 -38.93
CA PRO Q 96 71.18 -64.16 -37.94
C PRO Q 96 72.23 -64.32 -36.84
N GLU Q 97 73.50 -63.97 -37.11
CA GLU Q 97 74.50 -64.03 -36.05
C GLU Q 97 74.20 -63.06 -34.92
N MET Q 98 73.37 -62.04 -35.16
CA MET Q 98 73.04 -61.07 -34.12
C MET Q 98 72.37 -61.73 -32.93
N ILE Q 99 71.44 -62.66 -33.19
CA ILE Q 99 70.51 -63.10 -32.14
C ILE Q 99 71.28 -63.64 -30.95
N GLY Q 100 70.78 -63.35 -29.75
CA GLY Q 100 71.47 -63.57 -28.51
C GLY Q 100 71.99 -62.31 -27.89
N SER Q 101 71.99 -61.21 -28.65
CA SER Q 101 72.60 -59.95 -28.25
C SER Q 101 71.64 -59.12 -27.42
N LEU Q 102 72.13 -57.98 -26.94
CA LEU Q 102 71.28 -56.91 -26.41
C LEU Q 102 71.83 -55.59 -26.93
N ILE Q 103 71.26 -55.11 -28.04
CA ILE Q 103 71.72 -53.86 -28.61
C ILE Q 103 71.22 -52.70 -27.75
N GLY Q 104 71.89 -51.56 -27.86
CA GLY Q 104 71.51 -50.35 -27.17
C GLY Q 104 71.20 -49.22 -28.13
N VAL Q 105 70.44 -49.50 -29.18
CA VAL Q 105 70.34 -48.60 -30.32
C VAL Q 105 70.06 -47.17 -29.84
N TYR Q 106 70.95 -46.26 -30.24
CA TYR Q 106 70.83 -44.85 -29.90
C TYR Q 106 69.69 -44.23 -30.70
N ASN Q 107 69.05 -43.20 -30.13
CA ASN Q 107 67.91 -42.57 -30.79
C ASN Q 107 68.06 -41.07 -30.97
N GLY Q 108 69.28 -40.55 -30.91
CA GLY Q 108 69.55 -39.14 -30.93
C GLY Q 108 69.75 -38.55 -29.55
N LYS Q 109 69.11 -39.11 -28.54
CA LYS Q 109 69.29 -38.72 -27.15
C LYS Q 109 69.60 -39.90 -26.23
N THR Q 110 68.97 -41.05 -26.46
CA THR Q 110 69.02 -42.17 -25.52
C THR Q 110 69.38 -43.46 -26.23
N PHE Q 111 69.92 -44.42 -25.47
CA PHE Q 111 70.23 -45.75 -25.96
C PHE Q 111 69.09 -46.70 -25.59
N ASN Q 112 68.07 -46.76 -26.44
CA ASN Q 112 66.95 -47.67 -26.21
C ASN Q 112 67.37 -49.12 -26.44
N GLN Q 113 67.38 -49.92 -25.37
CA GLN Q 113 67.79 -51.31 -25.45
C GLN Q 113 66.73 -52.14 -26.15
N VAL Q 114 67.19 -53.18 -26.85
CA VAL Q 114 66.30 -54.06 -27.60
C VAL Q 114 66.68 -55.51 -27.31
N GLU Q 115 65.83 -56.41 -27.80
CA GLU Q 115 66.09 -57.84 -27.85
C GLU Q 115 66.00 -58.26 -29.31
N ILE Q 116 66.76 -59.27 -29.69
CA ILE Q 116 66.75 -59.79 -31.06
C ILE Q 116 65.90 -61.05 -31.11
N LYS Q 117 65.06 -61.13 -32.13
CA LYS Q 117 64.11 -62.21 -32.28
C LYS Q 117 64.11 -62.65 -33.74
N PRO Q 118 63.69 -63.89 -34.04
CA PRO Q 118 63.85 -64.40 -35.40
C PRO Q 118 63.10 -63.60 -36.44
N GLU Q 119 62.02 -62.89 -36.06
CA GLU Q 119 61.22 -62.07 -36.95
C GLU Q 119 61.92 -60.81 -37.38
N MET Q 120 63.21 -60.66 -37.06
CA MET Q 120 63.97 -59.46 -37.38
C MET Q 120 64.88 -59.64 -38.59
N ILE Q 121 64.84 -60.79 -39.26
CA ILE Q 121 65.56 -61.02 -40.50
C ILE Q 121 65.30 -59.93 -41.53
N GLY Q 122 66.35 -59.20 -41.90
CA GLY Q 122 66.31 -58.23 -42.97
C GLY Q 122 66.32 -56.78 -42.49
N HIS Q 123 65.74 -56.52 -41.32
CA HIS Q 123 65.47 -55.16 -40.89
C HIS Q 123 66.75 -54.48 -40.41
N TYR Q 124 66.58 -53.26 -39.94
CA TYR Q 124 67.67 -52.40 -39.54
C TYR Q 124 67.65 -52.28 -38.01
N LEU Q 125 68.67 -51.65 -37.46
CA LEU Q 125 68.52 -51.24 -36.07
C LEU Q 125 67.67 -50.00 -35.92
N ALA Q 126 67.28 -49.38 -37.04
CA ALA Q 126 66.47 -48.17 -37.00
C ALA Q 126 65.13 -48.43 -36.34
N GLU Q 127 64.39 -49.43 -36.81
CA GLU Q 127 62.99 -49.58 -36.42
C GLU Q 127 62.82 -49.97 -34.97
N PHE Q 128 63.90 -50.05 -34.19
CA PHE Q 128 63.81 -50.54 -32.82
C PHE Q 128 64.32 -49.53 -31.81
N SER Q 129 64.57 -48.31 -32.24
CA SER Q 129 64.72 -47.17 -31.33
C SER Q 129 64.03 -45.99 -32.02
N ILE Q 130 62.76 -45.77 -31.64
CA ILE Q 130 62.02 -44.65 -32.19
C ILE Q 130 62.73 -43.37 -31.79
N SER Q 131 62.97 -42.49 -32.78
CA SER Q 131 63.73 -41.28 -32.52
C SER Q 131 62.88 -40.16 -31.94
N TYR Q 132 61.56 -40.20 -32.14
CA TYR Q 132 60.67 -39.19 -31.59
C TYR Q 132 59.79 -39.82 -30.51
N LYS Q 133 58.89 -39.00 -29.97
CA LYS Q 133 57.86 -39.44 -29.05
C LYS Q 133 56.50 -39.32 -29.72
N PRO Q 134 55.65 -40.34 -29.63
CA PRO Q 134 54.38 -40.30 -30.35
C PRO Q 134 53.51 -39.14 -29.88
N VAL Q 135 52.72 -38.60 -30.81
CA VAL Q 135 52.02 -37.34 -30.58
C VAL Q 135 50.73 -37.62 -29.82
N LYS Q 136 50.58 -37.00 -28.66
CA LYS Q 136 49.33 -36.99 -27.90
C LYS Q 136 48.87 -35.56 -27.72
N HIS Q 137 47.70 -35.24 -28.26
CA HIS Q 137 47.21 -33.86 -28.24
C HIS Q 137 46.23 -33.62 -27.09
N GLY R 31 17.93 -48.70 -69.43
CA GLY R 31 18.25 -49.60 -70.53
C GLY R 31 19.31 -50.61 -70.19
N LYS R 32 18.90 -51.72 -69.58
CA LYS R 32 19.85 -52.73 -69.13
C LYS R 32 20.27 -53.56 -70.34
N GLN R 33 20.66 -52.87 -71.40
CA GLN R 33 20.83 -53.45 -72.73
C GLN R 33 22.25 -53.90 -73.01
N LYS R 34 23.09 -53.97 -72.01
CA LYS R 34 24.06 -55.04 -72.06
C LYS R 34 23.79 -56.07 -70.96
N GLU R 35 23.01 -55.71 -69.96
CA GLU R 35 22.51 -56.67 -68.98
C GLU R 35 21.44 -57.59 -69.59
N LYS R 36 20.90 -57.23 -70.76
CA LYS R 36 19.84 -58.01 -71.39
C LYS R 36 20.34 -58.84 -72.59
N VAL R 37 21.65 -58.87 -72.84
CA VAL R 37 22.12 -59.41 -74.11
C VAL R 37 21.92 -60.93 -74.19
N ASN R 38 21.74 -61.63 -73.06
CA ASN R 38 21.56 -63.07 -73.12
C ASN R 38 20.16 -63.54 -72.75
N ASN R 39 19.27 -62.65 -72.34
CA ASN R 39 17.90 -63.06 -72.04
C ASN R 39 17.25 -63.60 -73.30
N ALA R 40 16.71 -64.82 -73.21
CA ALA R 40 16.48 -65.64 -74.40
C ALA R 40 15.55 -64.97 -75.41
N VAL R 41 14.74 -64.01 -74.96
CA VAL R 41 13.88 -63.25 -75.85
C VAL R 41 14.70 -62.61 -76.97
N LEU R 42 15.88 -62.07 -76.62
CA LEU R 42 16.70 -61.37 -77.60
C LEU R 42 17.07 -62.28 -78.76
N PHE R 43 17.86 -63.33 -78.47
CA PHE R 43 18.35 -64.19 -79.53
C PHE R 43 17.25 -65.06 -80.15
N ASP R 44 16.14 -65.28 -79.45
CA ASP R 44 15.00 -65.89 -80.13
C ASP R 44 14.52 -64.99 -81.25
N GLN R 45 13.97 -63.82 -80.91
CA GLN R 45 13.44 -62.91 -81.92
C GLN R 45 13.64 -61.42 -81.63
N ALA R 46 13.83 -61.00 -80.39
CA ALA R 46 13.53 -59.63 -79.93
C ALA R 46 13.86 -58.54 -80.93
N THR R 47 15.04 -58.62 -81.56
CA THR R 47 15.49 -57.61 -82.48
C THR R 47 15.69 -58.13 -83.90
N TYR R 48 15.26 -59.37 -84.17
CA TYR R 48 15.28 -59.93 -85.52
C TYR R 48 13.98 -59.60 -86.26
N ASP R 49 13.69 -58.29 -86.33
CA ASP R 49 12.41 -57.72 -86.77
C ASP R 49 11.27 -57.93 -85.78
N LYS R 50 11.51 -58.55 -84.62
CA LYS R 50 10.44 -58.61 -83.62
C LYS R 50 10.01 -57.22 -83.23
N LEU R 51 10.98 -56.31 -83.05
CA LEU R 51 10.69 -54.92 -82.77
C LEU R 51 11.27 -53.96 -83.80
N LEU R 52 12.57 -54.12 -84.18
CA LEU R 52 13.29 -53.12 -84.98
C LEU R 52 12.80 -52.99 -86.38
N THR R 53 11.69 -53.56 -86.83
CA THR R 53 11.00 -52.91 -87.93
C THR R 53 10.68 -51.47 -87.55
N GLU R 54 10.13 -51.29 -86.35
CA GLU R 54 9.42 -50.10 -85.94
C GLU R 54 10.38 -48.96 -85.59
N VAL R 55 11.40 -49.28 -84.81
CA VAL R 55 12.21 -48.31 -84.10
C VAL R 55 13.06 -47.47 -85.06
N PRO R 56 13.34 -47.90 -86.29
CA PRO R 56 13.71 -46.92 -87.33
C PRO R 56 12.53 -46.12 -87.87
N LYS R 57 11.33 -46.72 -87.96
CA LYS R 57 10.20 -46.07 -88.63
C LYS R 57 9.61 -44.89 -87.84
N TYR R 58 10.16 -44.53 -86.68
CA TYR R 58 9.63 -43.39 -85.95
C TYR R 58 9.79 -42.11 -86.76
N LYS R 59 10.98 -41.91 -87.33
CA LYS R 59 11.25 -40.98 -88.43
C LYS R 59 11.94 -41.72 -89.57
N GLN R 60 11.53 -42.97 -89.75
CA GLN R 60 11.65 -43.80 -90.95
C GLN R 60 13.04 -44.38 -91.20
N ILE R 61 14.09 -43.77 -90.67
CA ILE R 61 15.42 -44.39 -90.65
C ILE R 61 16.14 -44.04 -89.36
N THR R 62 15.39 -43.79 -88.28
CA THR R 62 15.99 -43.27 -87.06
C THR R 62 17.26 -44.03 -86.72
N PRO R 63 18.31 -43.33 -86.28
CA PRO R 63 19.67 -43.91 -86.26
C PRO R 63 19.82 -45.16 -85.42
N SER R 64 20.99 -45.76 -85.56
CA SER R 64 21.35 -46.89 -84.72
C SER R 64 21.42 -46.49 -83.24
N VAL R 65 21.72 -45.23 -82.96
CA VAL R 65 21.77 -44.84 -81.55
C VAL R 65 20.43 -44.23 -81.10
N LEU R 66 19.69 -43.53 -81.97
CA LEU R 66 18.31 -43.18 -81.58
C LEU R 66 17.50 -44.42 -81.27
N SER R 67 17.62 -45.44 -82.10
CA SER R 67 17.03 -46.73 -81.73
C SER R 67 17.60 -47.20 -80.40
N GLU R 68 18.89 -47.00 -80.22
CA GLU R 68 19.57 -47.29 -78.97
C GLU R 68 19.02 -46.54 -77.77
N ARG R 69 18.28 -45.44 -77.95
CA ARG R 69 17.60 -44.87 -76.79
C ARG R 69 16.14 -44.47 -77.01
N LEU R 70 15.65 -44.36 -78.25
CA LEU R 70 14.21 -44.23 -78.43
C LEU R 70 13.52 -45.55 -78.08
N ARG R 71 14.19 -46.67 -78.29
CA ARG R 71 13.93 -47.86 -77.49
C ARG R 71 14.71 -47.72 -76.19
N ILE R 72 14.02 -47.90 -75.06
CA ILE R 72 14.63 -47.64 -73.76
C ILE R 72 15.91 -48.43 -73.58
N ASN R 73 16.00 -49.60 -74.23
CA ASN R 73 17.22 -50.38 -74.20
C ASN R 73 18.35 -49.70 -74.99
N GLY R 74 19.54 -49.69 -74.40
CA GLY R 74 20.73 -49.05 -74.94
C GLY R 74 21.58 -49.87 -75.88
N SER R 75 22.87 -50.06 -75.55
CA SER R 75 23.88 -50.49 -76.52
C SER R 75 24.43 -51.87 -76.23
N LEU R 76 25.08 -52.41 -77.26
CA LEU R 76 26.02 -53.52 -77.25
C LEU R 76 25.33 -54.89 -77.12
N ALA R 77 24.05 -54.92 -76.80
CA ALA R 77 23.24 -55.91 -77.47
C ALA R 77 22.94 -55.42 -78.86
N ARG R 78 22.83 -54.09 -79.00
CA ARG R 78 22.62 -53.47 -80.29
C ARG R 78 23.89 -53.46 -81.13
N ARG R 79 25.04 -53.17 -80.50
CA ARG R 79 26.23 -53.00 -81.31
C ARG R 79 26.69 -54.33 -81.91
N ALA R 80 26.28 -55.45 -81.32
CA ALA R 80 26.44 -56.72 -82.02
C ALA R 80 25.42 -56.86 -83.14
N ILE R 81 24.15 -56.48 -82.89
CA ILE R 81 23.14 -56.64 -83.93
C ILE R 81 23.24 -55.58 -85.03
N LYS R 82 23.87 -54.44 -84.76
CA LYS R 82 24.15 -53.51 -85.85
C LYS R 82 24.87 -54.22 -86.99
N ASP R 83 25.70 -55.23 -86.66
CA ASP R 83 26.23 -56.11 -87.69
C ASP R 83 25.19 -57.14 -88.12
N LEU R 84 24.43 -57.68 -87.16
CA LEU R 84 23.59 -58.84 -87.42
C LEU R 84 22.52 -58.52 -88.46
N MET R 85 21.84 -57.38 -88.31
CA MET R 85 20.86 -57.01 -89.33
C MET R 85 21.54 -56.64 -90.64
N GLU R 86 22.80 -56.20 -90.56
CA GLU R 86 23.53 -55.88 -91.78
C GLU R 86 23.87 -57.13 -92.58
N ARG R 87 24.22 -58.23 -91.91
CA ARG R 87 24.49 -59.43 -92.69
C ARG R 87 23.19 -60.05 -93.19
N GLY R 88 22.08 -59.76 -92.52
CA GLY R 88 20.76 -60.19 -92.93
C GLY R 88 20.16 -59.38 -94.06
N LEU R 89 20.82 -58.30 -94.48
CA LEU R 89 20.42 -57.51 -95.66
C LEU R 89 19.07 -56.83 -95.49
N ILE R 90 18.84 -56.22 -94.33
CA ILE R 90 17.63 -55.44 -94.12
C ILE R 90 17.91 -53.93 -94.09
N ARG R 91 19.17 -53.53 -93.96
CA ARG R 91 19.50 -52.12 -93.75
C ARG R 91 20.96 -51.90 -94.16
N MET R 92 21.33 -50.63 -94.31
CA MET R 92 22.72 -50.26 -94.56
C MET R 92 23.23 -49.33 -93.48
N VAL R 93 24.54 -49.43 -93.19
CA VAL R 93 25.10 -48.97 -91.94
C VAL R 93 26.40 -48.21 -92.21
N SER R 94 26.86 -47.48 -91.20
CA SER R 94 28.10 -46.72 -91.23
C SER R 94 28.97 -47.10 -90.05
N ILE R 95 30.26 -46.80 -90.16
CA ILE R 95 31.21 -46.89 -89.06
C ILE R 95 32.03 -45.60 -89.05
N HIS R 96 32.29 -45.07 -87.85
CA HIS R 96 33.25 -43.99 -87.79
C HIS R 96 33.74 -43.84 -86.34
N SER R 97 34.28 -42.67 -86.04
CA SER R 97 35.16 -42.34 -84.93
C SER R 97 34.56 -42.68 -83.58
N SER R 98 33.51 -41.97 -83.22
CA SER R 98 32.85 -42.10 -81.92
C SER R 98 32.00 -43.33 -81.83
N GLN R 99 32.19 -44.27 -82.75
CA GLN R 99 31.27 -45.38 -82.94
C GLN R 99 29.87 -44.88 -83.32
N GLN R 100 29.82 -43.72 -83.98
CA GLN R 100 28.63 -43.34 -84.71
C GLN R 100 28.30 -44.39 -85.75
N ILE R 101 27.04 -44.79 -85.78
CA ILE R 101 26.56 -45.90 -86.61
C ILE R 101 25.11 -45.59 -86.99
N PHE R 102 24.72 -45.98 -88.20
CA PHE R 102 23.42 -45.55 -88.74
C PHE R 102 22.59 -46.74 -89.23
N THR R 103 21.36 -46.43 -89.62
CA THR R 103 20.29 -47.42 -89.78
C THR R 103 19.30 -46.92 -90.83
N ARG R 104 18.69 -47.86 -91.56
CA ARG R 104 17.69 -47.49 -92.56
C ARG R 104 16.64 -48.59 -92.63
N ALA R 105 15.42 -48.22 -93.03
CA ALA R 105 14.27 -49.11 -92.87
C ALA R 105 14.12 -50.11 -94.02
N THR R 106 14.08 -49.63 -95.25
CA THR R 106 13.43 -50.35 -96.34
C THR R 106 14.15 -50.04 -97.65
N ASN R 107 13.44 -50.24 -98.77
CA ASN R 107 13.88 -49.82 -100.10
C ASN R 107 15.05 -50.64 -100.60
N ASP S 23 -3.33 -7.72 -77.09
CA ASP S 23 -2.49 -8.52 -77.97
C ASP S 23 -1.51 -7.64 -78.75
N THR S 24 -0.24 -7.71 -78.34
CA THR S 24 0.82 -7.01 -79.05
C THR S 24 1.25 -7.81 -80.27
N GLN S 25 1.54 -7.09 -81.35
CA GLN S 25 2.06 -7.68 -82.57
C GLN S 25 3.52 -7.28 -82.72
N VAL S 26 4.40 -8.27 -82.86
CA VAL S 26 5.84 -8.00 -82.97
C VAL S 26 6.08 -7.08 -84.16
N LYS S 27 6.61 -5.89 -83.87
CA LYS S 27 6.82 -4.87 -84.88
C LYS S 27 8.33 -4.69 -85.08
N LEU S 28 8.75 -4.45 -86.30
CA LEU S 28 10.17 -4.31 -86.61
C LEU S 28 10.53 -2.84 -86.74
N ALA S 29 11.72 -2.49 -86.30
CA ALA S 29 12.27 -1.16 -86.47
C ALA S 29 13.74 -1.26 -86.82
N VAL S 30 14.29 -0.18 -87.36
CA VAL S 30 15.69 -0.12 -87.77
C VAL S 30 16.39 0.97 -86.97
N VAL S 31 17.60 0.67 -86.50
CA VAL S 31 18.39 1.65 -85.78
C VAL S 31 18.92 2.69 -86.75
N VAL S 32 18.33 3.88 -86.74
CA VAL S 32 18.87 4.97 -87.54
C VAL S 32 20.19 5.46 -86.96
N LYS S 33 20.29 5.55 -85.63
CA LYS S 33 21.44 6.18 -85.01
C LYS S 33 21.58 5.67 -83.58
N VAL S 34 22.75 5.91 -83.01
CA VAL S 34 23.09 5.46 -81.67
C VAL S 34 23.39 6.68 -80.82
N MET S 35 22.88 6.69 -79.59
CA MET S 35 22.91 7.88 -78.76
C MET S 35 24.02 7.83 -77.71
N GLY S 36 24.03 6.80 -76.88
CA GLY S 36 25.04 6.71 -75.84
C GLY S 36 25.11 5.31 -75.32
N ARG S 37 25.68 5.17 -74.12
CA ARG S 37 25.75 3.88 -73.44
C ARG S 37 25.26 4.09 -72.02
N THR S 38 23.95 3.92 -71.81
CA THR S 38 23.37 4.15 -70.50
C THR S 38 23.41 2.88 -69.65
N GLY S 39 22.87 2.98 -68.44
CA GLY S 39 22.97 1.91 -67.46
C GLY S 39 24.13 2.14 -66.51
N SER S 40 24.01 1.54 -65.32
CA SER S 40 25.04 1.72 -64.30
C SER S 40 26.39 1.22 -64.77
N ARG S 41 26.41 0.03 -65.37
CA ARG S 41 27.63 -0.56 -65.91
C ARG S 41 27.85 -0.19 -67.36
N GLY S 42 26.97 0.64 -67.94
CA GLY S 42 27.02 0.98 -69.34
C GLY S 42 26.49 -0.08 -70.26
N GLN S 43 25.84 -1.09 -69.74
CA GLN S 43 25.48 -2.26 -70.52
C GLN S 43 24.35 -2.01 -71.48
N VAL S 44 23.86 -0.79 -71.67
CA VAL S 44 22.68 -0.55 -72.49
C VAL S 44 23.01 0.54 -73.50
N THR S 45 23.11 0.16 -74.76
CA THR S 45 23.22 1.13 -75.84
C THR S 45 21.84 1.72 -76.12
N GLN S 46 21.71 3.04 -76.06
CA GLN S 46 20.44 3.68 -76.39
C GLN S 46 20.45 4.10 -77.85
N VAL S 47 19.38 3.78 -78.57
CA VAL S 47 19.30 3.98 -80.00
C VAL S 47 17.99 4.63 -80.38
N ARG S 48 17.95 5.20 -81.57
CA ARG S 48 16.74 5.71 -82.18
C ARG S 48 16.27 4.73 -83.25
N VAL S 49 15.00 4.36 -83.21
CA VAL S 49 14.50 3.30 -84.06
C VAL S 49 13.53 3.87 -85.09
N LYS S 50 13.42 3.17 -86.20
CA LYS S 50 12.63 3.57 -87.36
C LYS S 50 11.62 2.46 -87.65
N PHE S 51 10.34 2.72 -87.40
CA PHE S 51 9.34 1.68 -87.67
C PHE S 51 9.10 1.49 -89.16
N LEU S 52 9.07 0.22 -89.56
CA LEU S 52 9.02 -0.15 -90.96
C LEU S 52 7.61 -0.08 -91.52
N ASP S 53 6.58 -0.31 -90.70
CA ASP S 53 5.22 -0.15 -91.16
C ASP S 53 4.92 1.31 -91.48
N ASP S 54 5.39 2.22 -90.64
CA ASP S 54 5.24 3.66 -90.83
C ASP S 54 6.61 4.30 -90.69
N GLN S 55 7.22 4.68 -91.81
CA GLN S 55 8.59 5.17 -91.76
C GLN S 55 8.62 6.61 -91.29
N ASN S 56 7.95 6.88 -90.18
CA ASN S 56 7.86 8.20 -89.60
C ASN S 56 8.04 8.23 -88.10
N ARG S 57 7.94 7.09 -87.40
CA ARG S 57 7.90 7.08 -85.95
C ARG S 57 9.32 6.85 -85.46
N LEU S 58 9.96 7.91 -85.01
CA LEU S 58 11.32 7.85 -84.45
C LEU S 58 11.22 7.90 -82.93
N ILE S 59 11.36 6.75 -82.28
CA ILE S 59 11.27 6.70 -80.83
C ILE S 59 12.52 6.06 -80.26
N MET S 60 12.81 6.42 -79.01
CA MET S 60 13.98 5.90 -78.32
C MET S 60 13.70 4.50 -77.80
N ARG S 61 14.68 3.61 -77.92
CA ARG S 61 14.56 2.29 -77.33
C ARG S 61 15.92 1.95 -76.71
N ASN S 62 15.93 0.94 -75.84
CA ASN S 62 17.13 0.57 -75.10
C ASN S 62 17.53 -0.85 -75.49
N VAL S 63 18.64 -0.98 -76.17
CA VAL S 63 19.11 -2.25 -76.71
C VAL S 63 20.20 -2.82 -75.81
N LYS S 64 20.18 -4.14 -75.64
CA LYS S 64 21.28 -4.88 -75.05
C LYS S 64 22.04 -5.62 -76.14
N GLY S 65 23.37 -5.54 -76.09
CA GLY S 65 24.21 -6.19 -77.06
C GLY S 65 24.70 -5.22 -78.12
N PRO S 66 25.73 -5.62 -78.86
CA PRO S 66 26.34 -4.71 -79.83
C PRO S 66 25.39 -4.40 -80.98
N VAL S 67 25.19 -3.10 -81.25
CA VAL S 67 24.15 -2.65 -82.16
C VAL S 67 24.62 -1.38 -82.89
N ARG S 68 24.58 -1.42 -84.21
CA ARG S 68 24.97 -0.32 -85.07
C ARG S 68 23.79 0.09 -85.94
N GLU S 69 23.94 1.21 -86.67
CA GLU S 69 22.86 1.65 -87.53
C GLU S 69 22.77 0.76 -88.76
N GLY S 70 21.55 0.38 -89.11
CA GLY S 70 21.31 -0.64 -90.10
C GLY S 70 20.94 -1.99 -89.52
N ASP S 71 21.10 -2.16 -88.21
CA ASP S 71 20.55 -3.33 -87.55
C ASP S 71 19.05 -3.18 -87.39
N ILE S 72 18.36 -4.30 -87.27
CA ILE S 72 16.91 -4.33 -87.16
C ILE S 72 16.55 -4.98 -85.83
N LEU S 73 15.85 -4.24 -84.98
CA LEU S 73 15.44 -4.71 -83.68
C LEU S 73 14.03 -5.27 -83.72
N THR S 74 13.86 -6.48 -83.20
CA THR S 74 12.54 -7.02 -82.93
C THR S 74 12.01 -6.39 -81.65
N LEU S 75 10.78 -5.90 -81.69
CA LEU S 75 10.17 -5.23 -80.55
C LEU S 75 8.84 -5.91 -80.26
N LEU S 76 8.66 -6.37 -79.04
CA LEU S 76 7.36 -6.94 -78.67
C LEU S 76 6.33 -5.83 -78.48
N GLU S 77 6.61 -4.90 -77.59
CA GLU S 77 5.81 -3.70 -77.43
C GLU S 77 6.51 -2.53 -78.09
N SER S 78 5.79 -1.42 -78.23
CA SER S 78 6.39 -0.24 -78.80
C SER S 78 6.12 0.96 -77.90
N GLU S 79 5.00 0.93 -77.18
CA GLU S 79 4.63 2.05 -76.31
C GLU S 79 5.71 2.33 -75.27
N ARG S 80 6.43 1.30 -74.83
CA ARG S 80 7.50 1.51 -73.88
C ARG S 80 8.60 2.30 -74.55
N GLU S 81 8.70 3.58 -74.20
CA GLU S 81 9.62 4.50 -74.83
C GLU S 81 10.67 4.93 -73.83
N ALA S 82 11.93 4.84 -74.23
CA ALA S 82 13.02 5.25 -73.36
C ALA S 82 13.06 6.78 -73.26
N ARG S 83 13.43 7.26 -72.08
CA ARG S 83 13.61 8.69 -71.90
C ARG S 83 15.05 9.08 -72.19
N ARG S 84 15.28 10.39 -72.26
CA ARG S 84 16.63 10.90 -72.47
C ARG S 84 17.54 10.48 -71.32
N LEU S 85 18.68 9.88 -71.66
CA LEU S 85 19.68 9.45 -70.67
C LEU S 85 19.05 8.50 -69.65
N ARG S 86 18.20 7.59 -70.14
CA ARG S 86 17.36 6.76 -69.29
C ARG S 86 18.14 5.75 -68.47
N GLY T 2 27.04 68.39 -31.77
CA GLY T 2 28.21 67.53 -31.85
C GLY T 2 29.44 68.13 -32.52
N ARG T 3 29.70 69.42 -32.31
CA ARG T 3 30.85 70.11 -32.88
C ARG T 3 31.80 70.55 -31.78
N ARG T 4 33.11 70.44 -32.06
CA ARG T 4 34.16 71.02 -31.24
C ARG T 4 35.27 71.46 -32.22
N ILE T 5 35.19 72.70 -32.71
CA ILE T 5 35.98 73.14 -33.85
C ILE T 5 37.46 73.26 -33.50
N LEU T 6 38.28 73.52 -34.53
CA LEU T 6 39.74 73.49 -34.51
C LEU T 6 40.26 72.06 -34.48
N ASN T 7 39.38 71.10 -34.23
CA ASN T 7 39.69 69.74 -34.65
C ASN T 7 39.24 69.53 -36.07
N ASP T 8 38.06 70.02 -36.40
CA ASP T 8 37.55 69.91 -37.76
C ASP T 8 38.44 70.66 -38.73
N ALA T 9 38.95 71.82 -38.31
CA ALA T 9 39.81 72.61 -39.17
C ALA T 9 41.14 71.92 -39.43
N LEU T 10 41.82 71.49 -38.36
CA LEU T 10 43.17 70.95 -38.53
C LEU T 10 43.16 69.58 -39.19
N ARG T 11 42.13 68.77 -38.93
CA ARG T 11 42.06 67.47 -39.57
C ARG T 11 41.74 67.60 -41.04
N THR T 12 41.00 68.64 -41.41
CA THR T 12 40.75 68.90 -42.82
C THR T 12 42.04 69.24 -43.56
N MET T 13 42.91 70.04 -42.95
CA MET T 13 44.18 70.37 -43.59
C MET T 13 45.08 69.15 -43.73
N VAL T 14 45.16 68.30 -42.71
CA VAL T 14 46.02 67.11 -42.83
C VAL T 14 45.49 66.20 -43.92
N ASN T 15 44.18 65.96 -43.93
CA ASN T 15 43.59 65.11 -44.97
C ASN T 15 43.76 65.72 -46.36
N ALA T 16 43.65 67.04 -46.47
CA ALA T 16 43.92 67.69 -47.75
C ALA T 16 45.38 67.55 -48.13
N GLU T 17 46.28 67.76 -47.17
CA GLU T 17 47.70 67.64 -47.42
C GLU T 17 48.11 66.22 -47.78
N ARG T 18 47.62 65.22 -47.03
CA ARG T 18 48.03 63.84 -47.33
C ARG T 18 47.68 63.47 -48.76
N ARG T 19 46.53 63.93 -49.25
CA ARG T 19 46.17 63.67 -50.64
C ARG T 19 47.05 64.47 -51.60
N GLY T 20 47.52 65.63 -51.18
CA GLY T 20 48.29 66.51 -52.02
C GLY T 20 47.50 67.60 -52.71
N LYS T 21 46.39 68.04 -52.12
CA LYS T 21 45.54 69.04 -52.74
C LYS T 21 46.17 70.43 -52.67
N ALA T 22 45.63 71.34 -53.47
CA ALA T 22 46.15 72.70 -53.54
C ALA T 22 45.50 73.64 -52.53
N THR T 23 44.22 73.46 -52.24
CA THR T 23 43.51 74.33 -51.31
C THR T 23 42.62 73.49 -50.40
N ALA T 24 42.31 74.03 -49.24
CA ALA T 24 41.35 73.42 -48.32
C ALA T 24 40.30 74.45 -47.93
N GLN T 25 39.08 73.98 -47.69
CA GLN T 25 37.98 74.81 -47.21
C GLN T 25 37.65 74.40 -45.79
N LEU T 26 37.40 75.39 -44.93
CA LEU T 26 37.09 75.16 -43.52
C LEU T 26 35.75 75.79 -43.22
N GLN T 27 34.70 74.98 -43.05
CA GLN T 27 33.36 75.56 -43.06
C GLN T 27 33.09 76.40 -41.81
N PRO T 28 33.17 75.88 -40.59
CA PRO T 28 33.12 76.79 -39.44
C PRO T 28 34.50 77.39 -39.20
N ILE T 29 34.55 78.70 -39.00
CA ILE T 29 35.81 79.35 -38.65
C ILE T 29 35.60 80.12 -37.36
N SER T 30 36.70 80.65 -36.84
CA SER T 30 36.67 81.36 -35.57
C SER T 30 37.97 82.13 -35.41
N GLY T 31 37.97 83.05 -34.46
CA GLY T 31 39.19 83.79 -34.17
C GLY T 31 40.32 82.89 -33.70
N VAL T 32 39.98 81.86 -32.91
CA VAL T 32 41.00 80.93 -32.44
C VAL T 32 41.62 80.19 -33.61
N MET T 33 40.78 79.76 -34.56
CA MET T 33 41.30 79.02 -35.70
C MET T 33 42.18 79.91 -36.57
N ILE T 34 41.77 81.17 -36.77
CA ILE T 34 42.58 82.10 -37.56
C ILE T 34 43.93 82.36 -36.90
N SER T 35 43.95 82.58 -35.59
CA SER T 35 45.21 82.85 -34.92
C SER T 35 46.15 81.65 -35.01
N PHE T 36 45.59 80.45 -35.04
CA PHE T 36 46.41 79.26 -35.25
C PHE T 36 47.03 79.25 -36.64
N LEU T 37 46.27 79.66 -37.66
CA LEU T 37 46.81 79.71 -39.02
C LEU T 37 47.87 80.80 -39.16
N ASN T 38 47.73 81.92 -38.45
CA ASN T 38 48.79 82.93 -38.48
C ASN T 38 50.10 82.34 -37.97
N ILE T 39 50.05 81.56 -36.90
CA ILE T 39 51.25 80.98 -36.34
C ILE T 39 51.87 79.98 -37.32
N MET T 40 51.02 79.18 -37.95
CA MET T 40 51.49 78.25 -38.97
C MET T 40 52.15 79.00 -40.12
N LYS T 41 51.53 80.10 -40.55
CA LYS T 41 51.98 80.82 -41.73
C LYS T 41 53.27 81.58 -41.47
N HIS T 42 53.38 82.27 -40.35
CA HIS T 42 54.61 83.02 -40.07
C HIS T 42 55.80 82.08 -39.92
N ARG T 43 55.56 80.84 -39.54
CA ARG T 43 56.64 79.86 -39.46
C ARG T 43 56.91 79.19 -40.79
N GLY T 44 56.06 79.39 -41.78
CA GLY T 44 56.32 78.92 -43.13
C GLY T 44 55.68 77.62 -43.53
N TYR T 45 54.66 77.14 -42.81
CA TYR T 45 54.09 75.84 -43.12
C TYR T 45 52.82 75.92 -43.97
N ILE T 46 52.24 77.11 -44.16
CA ILE T 46 51.12 77.29 -45.06
C ILE T 46 51.33 78.56 -45.85
N LYS T 47 50.66 78.66 -46.99
CA LYS T 47 50.61 79.93 -47.72
C LYS T 47 49.54 80.81 -47.10
N ASN T 48 49.15 81.85 -47.82
CA ASN T 48 48.07 82.72 -47.38
C ASN T 48 46.74 81.98 -47.32
N PHE T 49 45.73 82.68 -46.80
CA PHE T 49 44.39 82.14 -46.66
C PHE T 49 43.41 83.30 -46.63
N GLU T 50 42.14 82.99 -46.87
CA GLU T 50 41.15 84.00 -47.21
C GLU T 50 39.82 83.72 -46.51
N VAL T 51 39.31 84.72 -45.78
CA VAL T 51 38.07 84.61 -45.03
C VAL T 51 36.87 84.86 -45.95
N PHE T 52 35.78 84.16 -45.69
CA PHE T 52 34.55 84.30 -46.44
C PHE T 52 33.45 84.73 -45.49
N ASP T 53 32.80 85.84 -45.80
CA ASP T 53 31.75 86.35 -44.93
C ASP T 53 30.42 86.38 -45.67
N PRO T 54 29.60 85.33 -45.62
CA PRO T 54 28.27 85.51 -46.21
C PRO T 54 27.26 85.92 -45.17
N HIS T 55 27.60 85.53 -43.96
CA HIS T 55 27.41 85.97 -42.60
C HIS T 55 27.61 84.58 -42.05
N ARG T 56 27.89 84.36 -40.78
CA ARG T 56 27.67 83.08 -40.11
C ARG T 56 28.90 82.92 -39.23
N VAL T 57 29.12 81.72 -38.73
CA VAL T 57 30.46 81.34 -38.35
C VAL T 57 31.48 81.74 -39.42
N GLY T 58 31.15 81.59 -40.70
CA GLY T 58 32.01 82.03 -41.79
C GLY T 58 32.96 80.94 -42.26
N LYS T 59 33.43 81.08 -43.49
CA LYS T 59 34.27 80.09 -44.15
C LYS T 59 35.65 80.66 -44.39
N ILE T 60 36.65 79.78 -44.47
CA ILE T 60 38.01 80.16 -44.86
C ILE T 60 38.61 79.12 -45.79
N THR T 61 39.24 79.59 -46.86
CA THR T 61 39.98 78.76 -47.80
C THR T 61 41.46 78.99 -47.57
N VAL T 62 42.21 77.90 -47.41
CA VAL T 62 43.65 77.93 -47.16
C VAL T 62 44.36 77.37 -48.36
N GLU T 63 45.47 77.99 -48.74
CA GLU T 63 46.34 77.51 -49.80
C GLU T 63 47.56 76.80 -49.22
N LEU T 64 47.71 75.53 -49.58
CA LEU T 64 48.71 74.65 -48.99
C LEU T 64 49.91 74.54 -49.90
N GLN T 65 51.09 74.49 -49.30
CA GLN T 65 52.36 74.50 -50.01
C GLN T 65 53.10 73.17 -49.90
N GLY T 66 52.42 72.12 -49.46
CA GLY T 66 52.98 70.79 -49.52
C GLY T 66 54.08 70.50 -48.54
N ARG T 67 54.23 71.31 -47.49
CA ARG T 67 55.36 71.13 -46.59
C ARG T 67 54.95 71.17 -45.12
N ILE T 68 53.64 71.03 -44.83
CA ILE T 68 53.18 70.66 -43.50
C ILE T 68 53.09 69.14 -43.43
N LYS T 69 53.66 68.56 -42.39
CA LYS T 69 53.66 67.12 -42.27
C LYS T 69 52.48 66.62 -41.45
N ASP T 70 52.23 67.25 -40.31
CA ASP T 70 51.08 66.91 -39.48
C ASP T 70 50.72 68.14 -38.66
N CYS T 71 49.42 68.33 -38.44
CA CYS T 71 48.96 69.35 -37.51
C CYS T 71 47.78 68.78 -36.74
N LYS T 72 47.83 68.89 -35.41
CA LYS T 72 46.89 68.22 -34.54
C LYS T 72 46.32 69.20 -33.53
N ALA T 73 45.19 68.83 -32.96
CA ALA T 73 44.61 69.53 -31.82
C ALA T 73 44.71 68.67 -30.59
N LEU T 74 44.99 69.30 -29.45
CA LEU T 74 45.01 68.62 -28.16
C LEU T 74 43.73 68.98 -27.42
N THR T 75 42.63 68.34 -27.80
CA THR T 75 41.40 68.59 -27.06
C THR T 75 41.55 67.97 -25.69
N TYR T 76 40.79 68.47 -24.72
CA TYR T 76 41.22 68.41 -23.33
C TYR T 76 42.51 69.21 -23.16
N ARG T 77 42.30 70.53 -23.24
CA ARG T 77 43.34 71.56 -23.23
C ARG T 77 43.99 71.68 -21.86
N GLN T 78 45.20 71.18 -21.69
CA GLN T 78 45.85 71.27 -20.40
C GLN T 78 46.28 72.68 -20.09
N ASP T 79 46.38 72.95 -18.79
CA ASP T 79 47.14 74.10 -18.32
C ASP T 79 48.62 73.76 -18.39
N LEU T 80 49.42 74.75 -18.77
CA LEU T 80 50.83 74.53 -19.07
C LEU T 80 51.69 75.66 -18.51
N ARG T 81 52.23 75.45 -17.32
CA ARG T 81 53.27 76.32 -16.81
C ARG T 81 54.39 76.45 -17.82
N ALA T 82 55.11 77.55 -17.75
CA ALA T 82 56.23 77.74 -18.64
C ALA T 82 57.45 76.91 -18.23
N THR T 83 57.22 75.98 -17.30
CA THR T 83 58.25 75.10 -16.78
C THR T 83 58.18 73.68 -17.34
N GLU T 84 56.98 73.17 -17.61
CA GLU T 84 56.84 71.86 -18.21
C GLU T 84 56.64 71.95 -19.72
N ILE T 85 56.92 73.14 -20.30
CA ILE T 85 57.01 73.26 -21.75
C ILE T 85 57.90 72.17 -22.32
N GLU T 86 58.99 71.87 -21.61
CA GLU T 86 60.00 70.97 -22.12
C GLU T 86 59.48 69.55 -22.25
N LYS T 87 58.60 69.14 -21.33
CA LYS T 87 58.10 67.77 -21.34
C LYS T 87 57.02 67.58 -22.41
N TYR T 88 56.17 68.57 -22.63
CA TYR T 88 55.22 68.53 -23.75
C TYR T 88 55.92 68.70 -25.09
N ARG T 89 57.07 69.38 -25.11
CA ARG T 89 57.85 69.48 -26.34
C ARG T 89 58.32 68.12 -26.80
N THR T 90 58.91 67.34 -25.90
CA THR T 90 59.51 66.07 -26.31
C THR T 90 58.45 65.06 -26.69
N ARG T 91 57.38 64.97 -25.92
CA ARG T 91 56.38 63.95 -26.21
C ARG T 91 55.74 64.17 -27.56
N MET T 92 55.47 65.42 -27.93
CA MET T 92 54.55 65.68 -29.02
C MET T 92 55.22 66.11 -30.31
N LEU T 93 56.50 66.46 -30.26
CA LEU T 93 57.13 67.01 -31.45
C LEU T 93 58.15 66.06 -32.03
N PRO T 94 58.36 66.09 -33.35
CA PRO T 94 59.25 65.10 -33.97
C PRO T 94 60.68 65.16 -33.48
N THR T 95 61.20 66.33 -33.11
CA THR T 95 62.55 66.43 -32.56
C THR T 95 62.71 67.77 -31.88
N ARG T 96 63.93 68.02 -31.41
CA ARG T 96 64.30 69.27 -30.76
C ARG T 96 64.71 70.36 -31.75
N GLN T 97 64.42 70.18 -33.04
CA GLN T 97 64.89 71.10 -34.06
C GLN T 97 63.76 71.79 -34.81
N TRP T 98 62.72 71.06 -35.20
CA TRP T 98 61.58 71.68 -35.87
C TRP T 98 60.31 71.34 -35.10
N GLY T 99 59.21 71.96 -35.52
CA GLY T 99 57.94 71.69 -34.89
C GLY T 99 57.62 72.67 -33.79
N TYR T 100 56.33 72.96 -33.63
CA TYR T 100 55.90 73.96 -32.67
C TYR T 100 54.65 73.47 -31.96
N VAL T 101 54.55 73.79 -30.68
CA VAL T 101 53.34 73.59 -29.90
C VAL T 101 52.69 74.95 -29.71
N VAL T 102 51.45 75.10 -30.14
CA VAL T 102 50.71 76.33 -29.97
C VAL T 102 50.01 76.30 -28.63
N VAL T 103 50.21 77.34 -27.84
CA VAL T 103 49.58 77.46 -26.53
C VAL T 103 48.87 78.81 -26.45
N THR T 104 47.62 78.80 -25.98
CA THR T 104 46.87 80.02 -25.76
C THR T 104 47.15 80.55 -24.36
N THR T 105 47.55 81.81 -24.29
CA THR T 105 48.17 82.41 -23.13
C THR T 105 47.62 83.82 -23.00
N PRO T 106 47.69 84.43 -21.80
CA PRO T 106 47.06 85.75 -21.67
C PRO T 106 47.81 86.87 -22.38
N ASN T 107 48.89 86.58 -23.10
CA ASN T 107 49.46 87.52 -24.06
C ASN T 107 49.17 87.03 -25.48
N GLY T 108 48.08 86.31 -25.65
CA GLY T 108 47.63 85.87 -26.96
C GLY T 108 48.02 84.44 -27.28
N VAL T 109 47.49 83.97 -28.39
CA VAL T 109 47.84 82.67 -28.95
C VAL T 109 49.22 82.78 -29.58
N LEU T 110 50.05 81.77 -29.35
CA LEU T 110 51.43 81.81 -29.80
C LEU T 110 52.02 80.41 -29.68
N ASP T 111 53.19 80.23 -30.27
CA ASP T 111 53.89 78.96 -30.23
C ASP T 111 54.81 78.90 -29.01
N HIS T 112 55.20 77.68 -28.65
CA HIS T 112 55.87 77.49 -27.37
C HIS T 112 57.21 78.22 -27.32
N GLU T 113 57.77 78.53 -28.48
CA GLU T 113 59.02 79.27 -28.53
C GLU T 113 58.82 80.71 -28.05
N GLU T 114 57.80 81.37 -28.59
CA GLU T 114 57.45 82.70 -28.12
C GLU T 114 57.08 82.68 -26.64
N ALA T 115 56.44 81.60 -26.19
CA ALA T 115 56.02 81.50 -24.80
C ALA T 115 57.22 81.56 -23.86
N ILE T 116 58.31 80.89 -24.20
CA ILE T 116 59.47 80.92 -23.31
C ILE T 116 60.08 82.32 -23.26
N ARG T 117 60.24 82.97 -24.41
CA ARG T 117 60.85 84.30 -24.44
C ARG T 117 60.07 85.28 -23.59
N GLN T 118 58.74 85.26 -23.71
CA GLN T 118 57.86 86.15 -22.97
C GLN T 118 57.53 85.64 -21.58
N ASN T 119 58.03 84.45 -21.22
CA ASN T 119 57.84 83.84 -19.90
C ASN T 119 56.37 83.80 -19.49
N VAL T 120 55.55 83.21 -20.37
CA VAL T 120 54.15 82.97 -20.04
C VAL T 120 53.83 81.51 -20.31
N GLY T 121 53.10 80.90 -19.39
CA GLY T 121 52.44 79.65 -19.64
C GLY T 121 50.99 79.89 -20.01
N GLY T 122 50.33 78.81 -20.40
CA GLY T 122 48.95 78.91 -20.86
C GLY T 122 48.36 77.54 -21.11
N GLN T 123 47.34 77.50 -21.95
CA GLN T 123 46.63 76.25 -22.25
C GLN T 123 46.90 75.80 -23.68
N VAL T 124 47.29 74.54 -23.82
CA VAL T 124 47.72 73.97 -25.10
C VAL T 124 46.54 73.88 -26.05
N LEU T 125 46.77 74.25 -27.31
CA LEU T 125 45.78 74.14 -28.37
C LEU T 125 46.10 73.06 -29.38
N GLY T 126 47.36 72.94 -29.80
CA GLY T 126 47.70 72.00 -30.84
C GLY T 126 49.17 72.04 -31.12
N TYR T 127 49.55 71.48 -32.27
CA TYR T 127 50.94 71.54 -32.71
C TYR T 127 50.98 71.28 -34.20
N PHE T 128 52.08 71.67 -34.82
CA PHE T 128 52.32 71.36 -36.22
C PHE T 128 53.81 71.15 -36.45
N HIS T 129 54.14 70.38 -37.46
CA HIS T 129 55.52 70.13 -37.83
C HIS T 129 55.64 69.51 -39.21
N SER U 18 79.12 -29.34 -50.37
CA SER U 18 80.54 -29.14 -50.64
C SER U 18 80.74 -28.41 -51.95
N ARG U 19 79.85 -27.45 -52.21
CA ARG U 19 79.95 -26.56 -53.37
C ARG U 19 79.51 -25.19 -52.90
N VAL U 20 80.41 -24.21 -52.99
CA VAL U 20 80.14 -22.86 -52.54
C VAL U 20 80.46 -21.88 -53.66
N CYS U 21 80.08 -20.62 -53.43
CA CYS U 21 80.32 -19.56 -54.38
C CYS U 21 81.81 -19.27 -54.50
N ARG U 22 82.30 -19.10 -55.74
CA ARG U 22 83.70 -18.74 -55.87
C ARG U 22 83.99 -17.34 -55.35
N VAL U 23 82.97 -16.53 -55.09
CA VAL U 23 83.17 -15.16 -54.67
C VAL U 23 83.09 -15.02 -53.16
N CYS U 24 82.05 -15.61 -52.54
CA CYS U 24 81.80 -15.40 -51.13
C CYS U 24 81.86 -16.67 -50.28
N GLY U 25 81.68 -17.84 -50.88
CA GLY U 25 81.63 -19.05 -50.09
C GLY U 25 80.29 -19.33 -49.46
N ASN U 26 79.20 -19.04 -50.15
CA ASN U 26 77.85 -19.28 -49.65
C ASN U 26 77.35 -20.60 -50.20
N SER U 27 76.54 -21.28 -49.40
CA SER U 27 76.08 -22.62 -49.71
C SER U 27 74.73 -22.66 -50.41
N HIS U 28 74.07 -21.51 -50.55
CA HIS U 28 72.69 -21.49 -51.02
C HIS U 28 72.56 -20.67 -52.29
N GLY U 29 71.49 -20.94 -53.04
CA GLY U 29 71.17 -20.21 -54.25
C GLY U 29 72.25 -20.24 -55.30
N LEU U 30 72.94 -21.36 -55.45
CA LEU U 30 74.17 -21.39 -56.23
C LEU U 30 73.86 -21.70 -57.69
N ILE U 31 74.68 -21.15 -58.59
CA ILE U 31 74.48 -21.30 -60.02
C ILE U 31 75.67 -22.09 -60.57
N ARG U 32 75.50 -23.40 -60.73
CA ARG U 32 76.51 -24.20 -61.41
C ARG U 32 76.37 -24.16 -62.92
N LYS U 33 75.26 -23.62 -63.45
CA LYS U 33 75.00 -23.61 -64.88
C LYS U 33 76.13 -22.91 -65.62
N TYR U 34 76.63 -23.56 -66.67
CA TYR U 34 77.81 -23.15 -67.44
C TYR U 34 79.08 -23.11 -66.62
N GLY U 35 79.05 -23.61 -65.38
CA GLY U 35 80.25 -23.61 -64.58
C GLY U 35 80.65 -22.28 -64.01
N LEU U 36 79.69 -21.41 -63.69
CA LEU U 36 80.02 -20.19 -62.98
C LEU U 36 80.33 -20.46 -61.52
N MET U 37 79.55 -21.31 -60.87
CA MET U 37 79.64 -21.53 -59.43
C MET U 37 79.62 -20.22 -58.68
N CYS U 38 78.59 -19.43 -58.95
CA CYS U 38 78.29 -18.20 -58.22
C CYS U 38 76.96 -18.37 -57.52
N CYS U 39 76.83 -17.70 -56.37
CA CYS U 39 75.51 -17.65 -55.76
C CYS U 39 74.62 -16.66 -56.52
N ARG U 40 73.30 -16.79 -56.33
CA ARG U 40 72.39 -16.00 -57.13
C ARG U 40 72.56 -14.51 -56.89
N GLN U 41 73.24 -14.12 -55.81
CA GLN U 41 73.43 -12.72 -55.47
C GLN U 41 74.78 -12.17 -55.92
N CYS U 42 75.87 -12.88 -55.64
CA CYS U 42 77.17 -12.43 -56.12
C CYS U 42 77.23 -12.40 -57.64
N PHE U 43 76.51 -13.29 -58.30
CA PHE U 43 76.45 -13.24 -59.76
C PHE U 43 75.81 -11.95 -60.25
N ARG U 44 74.59 -11.68 -59.81
CA ARG U 44 73.91 -10.41 -60.05
C ARG U 44 74.79 -9.21 -59.80
N SER U 45 75.68 -9.31 -58.81
CA SER U 45 76.63 -8.22 -58.54
C SER U 45 77.72 -8.14 -59.60
N ASN U 46 78.07 -9.26 -60.22
CA ASN U 46 79.13 -9.31 -61.21
C ASN U 46 78.62 -9.64 -62.61
N ALA U 47 77.31 -9.57 -62.84
CA ALA U 47 76.74 -10.15 -64.05
C ALA U 47 77.20 -9.43 -65.31
N LYS U 48 77.15 -8.09 -65.31
CA LYS U 48 77.54 -7.34 -66.51
C LYS U 48 79.04 -7.45 -66.78
N ASP U 49 79.84 -7.54 -65.72
CA ASP U 49 81.29 -7.67 -65.87
C ASP U 49 81.66 -8.96 -66.60
N ILE U 50 81.04 -10.07 -66.21
CA ILE U 50 81.25 -11.33 -66.93
C ILE U 50 80.84 -11.18 -68.37
N GLY U 51 79.74 -10.49 -68.63
CA GLY U 51 79.30 -10.24 -69.99
C GLY U 51 77.93 -10.77 -70.28
N PHE U 52 77.14 -11.01 -69.24
CA PHE U 52 75.73 -11.38 -69.37
C PHE U 52 74.91 -10.10 -69.48
N ILE U 53 74.56 -9.72 -70.70
CA ILE U 53 73.78 -8.52 -70.92
C ILE U 53 72.31 -8.82 -70.71
N LYS U 54 71.65 -7.95 -69.95
CA LYS U 54 70.22 -8.05 -69.73
C LYS U 54 69.49 -7.37 -70.89
N TYR U 55 69.50 -8.04 -72.03
CA TYR U 55 68.80 -7.51 -73.18
C TYR U 55 67.29 -7.46 -72.98
N ARG U 56 66.76 -8.31 -72.11
CA ARG U 56 65.33 -8.48 -72.00
C ARG U 56 65.01 -9.24 -70.73
N GLU V 15 28.32 78.39 -65.09
CA GLU V 15 28.86 77.83 -63.86
C GLU V 15 28.14 76.59 -63.36
N LEU V 16 28.50 76.24 -62.14
CA LEU V 16 27.96 75.09 -61.44
C LEU V 16 27.57 75.43 -60.01
N GLU V 17 27.84 76.65 -59.54
CA GLU V 17 27.34 77.09 -58.25
C GLU V 17 25.82 77.08 -58.23
N LYS V 18 25.18 77.27 -59.38
CA LYS V 18 23.74 77.07 -59.50
C LYS V 18 23.36 75.60 -59.45
N LEU V 19 24.34 74.69 -59.54
CA LEU V 19 24.06 73.26 -59.42
C LEU V 19 24.19 72.78 -57.98
N LYS V 20 25.17 73.28 -57.24
CA LYS V 20 25.35 72.78 -55.89
C LYS V 20 24.16 73.14 -55.02
N HIS V 21 24.00 72.38 -53.94
CA HIS V 21 22.84 72.53 -53.09
C HIS V 21 22.82 73.91 -52.45
N LYS V 22 21.60 74.42 -52.28
CA LYS V 22 21.34 75.75 -51.76
C LYS V 22 22.35 76.24 -50.71
N LYS V 23 22.64 75.41 -49.71
CA LYS V 23 23.59 75.82 -48.68
C LYS V 23 25.00 75.35 -48.93
N LYS V 24 25.21 74.32 -49.75
CA LYS V 24 26.58 73.86 -49.99
C LYS V 24 27.34 74.80 -50.91
N ARG V 25 26.66 75.81 -51.48
CA ARG V 25 27.34 76.83 -52.25
C ARG V 25 28.38 77.52 -51.39
N LEU V 26 29.33 78.20 -52.04
CA LEU V 26 30.33 78.97 -51.32
C LEU V 26 29.68 80.01 -50.42
N VAL V 27 28.69 80.72 -50.94
CA VAL V 27 27.86 81.62 -50.15
C VAL V 27 26.42 81.17 -50.28
N GLN V 28 25.74 80.99 -49.15
CA GLN V 28 24.37 80.53 -49.18
C GLN V 28 23.48 81.53 -49.88
N SER V 29 22.57 81.03 -50.70
CA SER V 29 21.66 81.91 -51.40
C SER V 29 20.38 81.12 -51.66
N PRO V 30 19.22 81.75 -51.57
CA PRO V 30 17.97 81.02 -51.82
C PRO V 30 17.72 80.81 -53.30
N ASN V 31 17.14 79.65 -53.62
CA ASN V 31 16.69 79.38 -54.97
C ASN V 31 15.42 80.13 -55.32
N SER V 32 14.67 80.55 -54.31
CA SER V 32 13.36 81.16 -54.52
C SER V 32 13.50 82.64 -54.85
N PHE V 33 12.39 83.22 -55.25
CA PHE V 33 12.33 84.57 -55.76
C PHE V 33 10.90 85.07 -55.60
N PHE V 34 10.67 86.33 -55.97
CA PHE V 34 9.35 86.93 -55.96
C PHE V 34 8.98 87.41 -57.36
N MET V 35 7.70 87.34 -57.68
CA MET V 35 7.24 87.37 -59.05
C MET V 35 5.87 88.02 -59.17
N ASP V 36 5.70 88.84 -60.20
CA ASP V 36 4.50 89.64 -60.44
C ASP V 36 3.59 88.96 -61.46
N VAL V 37 2.36 88.67 -61.06
CA VAL V 37 1.46 87.84 -61.85
C VAL V 37 0.22 88.65 -62.23
N LYS V 38 -0.20 88.54 -63.49
CA LYS V 38 -1.39 89.21 -64.00
C LYS V 38 -2.37 88.18 -64.54
N CYS V 39 -3.63 88.28 -64.15
CA CYS V 39 -4.67 87.39 -64.63
C CYS V 39 -5.27 87.98 -65.91
N GLN V 40 -6.43 87.49 -66.34
CA GLN V 40 -7.12 88.04 -67.50
C GLN V 40 -8.36 88.83 -67.15
N GLY V 41 -9.09 88.46 -66.09
CA GLY V 41 -10.28 89.19 -65.70
C GLY V 41 -10.05 90.43 -64.85
N CYS V 42 -8.80 90.68 -64.46
CA CYS V 42 -8.46 91.87 -63.68
C CYS V 42 -6.99 92.18 -63.94
N PHE V 43 -6.73 93.14 -64.83
CA PHE V 43 -5.36 93.48 -65.18
C PHE V 43 -4.73 94.35 -64.08
N ASN V 44 -4.75 93.79 -62.87
CA ASN V 44 -3.95 94.30 -61.77
C ASN V 44 -2.63 93.54 -61.73
N ILE V 45 -1.78 93.85 -60.75
CA ILE V 45 -0.47 93.23 -60.62
C ILE V 45 -0.28 92.76 -59.20
N THR V 46 0.10 91.49 -59.04
CA THR V 46 0.15 90.82 -57.74
C THR V 46 1.55 90.31 -57.46
N THR V 47 2.07 90.60 -56.28
CA THR V 47 3.28 89.98 -55.81
C THR V 47 2.97 88.63 -55.18
N VAL V 48 3.70 87.60 -55.62
CA VAL V 48 3.58 86.27 -55.04
C VAL V 48 4.98 85.74 -54.80
N PHE V 49 5.06 84.69 -54.00
CA PHE V 49 6.31 84.03 -53.69
C PHE V 49 6.39 82.73 -54.48
N SER V 50 7.58 82.43 -55.01
CA SER V 50 7.74 81.27 -55.87
C SER V 50 7.33 79.98 -55.19
N HIS V 51 7.49 79.90 -53.87
CA HIS V 51 7.13 78.73 -53.08
C HIS V 51 6.11 79.20 -52.04
N SER V 52 4.86 79.34 -52.44
CA SER V 52 3.93 80.15 -51.66
C SER V 52 3.38 79.42 -50.44
N GLN V 53 2.92 78.18 -50.63
CA GLN V 53 2.25 77.37 -49.61
C GLN V 53 0.83 77.84 -49.33
N THR V 54 0.44 78.98 -49.88
CA THR V 54 -0.90 79.49 -49.66
C THR V 54 -1.57 79.75 -51.00
N VAL V 55 -2.83 79.35 -51.11
CA VAL V 55 -3.62 79.75 -52.26
C VAL V 55 -3.80 81.26 -52.19
N VAL V 56 -3.42 81.96 -53.25
CA VAL V 56 -3.54 83.42 -53.30
C VAL V 56 -4.55 83.78 -54.38
N VAL V 57 -5.57 84.53 -53.98
CA VAL V 57 -6.54 85.10 -54.92
C VAL V 57 -6.25 86.58 -55.06
N CYS V 58 -6.12 87.04 -56.29
CA CYS V 58 -5.93 88.48 -56.51
C CYS V 58 -7.12 89.22 -55.89
N PRO V 59 -6.87 90.25 -55.09
CA PRO V 59 -7.97 90.86 -54.34
C PRO V 59 -9.08 91.42 -55.22
N GLY V 60 -8.78 91.76 -56.46
CA GLY V 60 -9.77 92.37 -57.33
C GLY V 60 -10.87 91.46 -57.82
N CYS V 61 -10.54 90.52 -58.70
CA CYS V 61 -11.54 89.67 -59.33
C CYS V 61 -11.88 88.44 -58.52
N GLN V 62 -11.06 88.12 -57.51
CA GLN V 62 -11.21 86.99 -56.58
C GLN V 62 -10.81 85.67 -57.22
N THR V 63 -10.21 85.69 -58.41
CA THR V 63 -9.74 84.46 -59.02
C THR V 63 -8.55 83.88 -58.28
N VAL V 64 -8.53 82.55 -58.16
CA VAL V 64 -7.37 81.87 -57.61
C VAL V 64 -6.20 82.05 -58.56
N LEU V 65 -5.03 82.32 -58.00
CA LEU V 65 -3.88 82.71 -58.81
C LEU V 65 -2.71 81.75 -58.71
N CYS V 66 -2.50 81.11 -57.56
CA CYS V 66 -1.45 80.13 -57.37
C CYS V 66 -2.03 78.88 -56.74
N GLN V 67 -1.31 77.77 -56.92
CA GLN V 67 -1.63 76.50 -56.29
C GLN V 67 -0.39 75.99 -55.59
N PRO V 68 -0.40 75.86 -54.26
CA PRO V 68 0.77 75.32 -53.58
C PRO V 68 0.97 73.84 -53.88
N THR V 69 2.23 73.45 -54.00
CA THR V 69 2.62 72.05 -54.05
C THR V 69 3.83 71.88 -53.15
N GLY V 70 4.50 70.74 -53.28
CA GLY V 70 5.71 70.52 -52.51
C GLY V 70 6.92 71.26 -53.01
N GLY V 71 6.75 72.07 -54.05
CA GLY V 71 7.82 72.87 -54.60
C GLY V 71 7.37 74.28 -54.91
N LYS V 72 7.58 74.70 -56.15
CA LYS V 72 7.16 76.02 -56.58
C LYS V 72 5.64 76.12 -56.65
N ALA V 73 5.10 77.30 -56.31
CA ALA V 73 3.68 77.51 -56.46
C ALA V 73 3.28 77.39 -57.92
N ARG V 74 2.13 76.77 -58.16
CA ARG V 74 1.67 76.47 -59.50
C ARG V 74 0.77 77.59 -60.00
N LEU V 75 1.21 78.27 -61.05
CA LEU V 75 0.32 79.20 -61.74
C LEU V 75 -0.58 78.44 -62.69
N THR V 76 -1.69 79.06 -63.06
CA THR V 76 -2.76 78.39 -63.77
C THR V 76 -2.97 79.01 -65.16
N GLU V 77 -4.09 78.63 -65.80
CA GLU V 77 -4.47 79.18 -67.09
C GLU V 77 -4.63 80.68 -67.00
N GLY V 78 -3.90 81.41 -67.83
CA GLY V 78 -3.92 82.85 -67.81
C GLY V 78 -3.18 83.46 -66.63
N CYS V 79 -1.86 83.25 -66.57
CA CYS V 79 -1.04 83.87 -65.53
C CYS V 79 0.34 84.17 -66.12
N SER V 80 0.49 85.37 -66.65
CA SER V 80 1.81 85.87 -67.02
C SER V 80 2.51 86.37 -65.77
N PHE V 81 3.84 86.18 -65.72
CA PHE V 81 4.58 86.59 -64.54
C PHE V 81 5.95 87.11 -64.96
N ARG V 82 6.55 87.90 -64.07
CA ARG V 82 7.89 88.41 -64.29
C ARG V 82 8.64 88.45 -62.97
N ARG V 83 9.83 87.87 -62.94
CA ARG V 83 10.64 87.90 -61.74
C ARG V 83 11.09 89.32 -61.45
N LYS V 84 11.11 89.68 -60.18
CA LYS V 84 11.39 91.05 -59.78
C LYS V 84 12.00 91.10 -58.39
N LEU W 8 58.26 3.10 -2.77
CA LEU W 8 59.22 3.81 -1.94
C LEU W 8 60.48 3.00 -1.68
N ALA W 9 60.45 1.75 -2.13
CA ALA W 9 61.55 0.85 -1.87
C ALA W 9 62.76 1.15 -2.72
N ARG W 10 62.59 1.80 -3.86
CA ARG W 10 63.67 1.96 -4.82
C ARG W 10 64.45 3.26 -4.61
N ALA W 11 64.11 4.06 -3.60
CA ALA W 11 64.78 5.33 -3.37
C ALA W 11 66.27 5.11 -3.14
N GLY W 12 67.08 5.94 -3.79
CA GLY W 12 68.52 5.86 -3.66
C GLY W 12 69.20 4.82 -4.51
N LYS W 13 68.46 4.11 -5.36
CA LYS W 13 69.02 3.05 -6.18
C LYS W 13 70.24 3.52 -6.95
N VAL W 14 70.05 4.46 -7.88
CA VAL W 14 71.12 4.82 -8.80
C VAL W 14 72.23 5.57 -8.10
N ARG W 15 71.93 6.23 -6.98
CA ARG W 15 73.01 6.84 -6.22
C ARG W 15 73.97 5.78 -5.71
N GLY W 16 73.45 4.64 -5.26
CA GLY W 16 74.30 3.58 -4.76
C GLY W 16 74.98 2.78 -5.86
N GLN W 17 74.33 2.66 -7.02
CA GLN W 17 74.92 1.89 -8.12
C GLN W 17 76.23 2.47 -8.58
N THR W 18 76.30 3.79 -8.69
CA THR W 18 77.42 4.45 -9.36
C THR W 18 78.74 4.08 -8.69
N PRO W 19 79.73 3.64 -9.46
CA PRO W 19 81.01 3.23 -8.87
C PRO W 19 81.72 4.39 -8.19
N LYS W 20 82.26 4.13 -7.01
CA LYS W 20 83.02 5.16 -6.31
C LYS W 20 84.37 5.36 -6.99
N VAL W 21 84.77 6.63 -7.09
CA VAL W 21 86.07 7.01 -7.63
C VAL W 21 86.51 8.23 -6.82
N ALA W 22 87.64 8.84 -7.17
CA ALA W 22 88.14 10.00 -6.43
C ALA W 22 88.52 11.11 -7.40
N LYS W 23 88.51 12.33 -6.88
CA LYS W 23 88.99 13.46 -7.66
C LYS W 23 90.51 13.44 -7.74
N GLN W 24 91.05 14.25 -8.63
CA GLN W 24 92.49 14.38 -8.77
C GLN W 24 92.98 15.46 -7.79
N ASP W 25 94.24 15.87 -7.94
CA ASP W 25 94.79 16.87 -7.04
C ASP W 25 95.21 18.09 -7.88
N LYS W 26 94.27 18.55 -8.70
CA LYS W 26 94.50 19.67 -9.60
C LYS W 26 95.07 20.87 -8.85
N LYS W 27 96.10 21.47 -9.43
CA LYS W 27 96.72 22.64 -8.83
C LYS W 27 95.76 23.82 -8.88
N LYS W 28 95.63 24.52 -7.75
CA LYS W 28 94.91 25.78 -7.65
C LYS W 28 95.08 26.64 -8.89
N GLN W 29 93.96 27.07 -9.44
CA GLN W 29 93.99 28.09 -10.47
C GLN W 29 94.05 29.47 -9.81
N PRO W 30 95.01 30.32 -10.18
CA PRO W 30 95.19 31.57 -9.44
C PRO W 30 93.92 32.41 -9.37
N ARG W 31 93.73 33.05 -8.22
CA ARG W 31 92.48 33.72 -7.89
C ARG W 31 92.62 35.21 -8.10
N GLY W 32 91.58 35.84 -8.65
CA GLY W 32 91.49 37.29 -8.66
C GLY W 32 92.00 37.92 -9.94
N ARG W 33 92.70 39.04 -9.82
CA ARG W 33 93.30 39.66 -11.00
C ARG W 33 94.12 38.67 -11.80
N ALA W 34 94.85 37.80 -11.11
CA ALA W 34 95.65 36.78 -11.76
C ALA W 34 94.80 35.78 -12.51
N HIS W 35 93.51 35.69 -12.18
CA HIS W 35 92.60 34.80 -12.90
C HIS W 35 92.10 35.47 -14.17
N LYS W 36 91.59 36.70 -14.03
CA LYS W 36 91.05 37.43 -15.18
C LYS W 36 92.15 37.76 -16.18
N ARG W 37 93.39 37.83 -15.73
CA ARG W 37 94.51 37.96 -16.67
C ARG W 37 94.49 36.81 -17.66
N ILE W 38 94.43 35.58 -17.14
CA ILE W 38 94.55 34.40 -18.00
C ILE W 38 93.40 34.31 -18.97
N GLN W 39 92.19 34.63 -18.53
CA GLN W 39 91.07 34.64 -19.46
C GLN W 39 91.30 35.63 -20.58
N TYR W 40 91.77 36.83 -20.23
CA TYR W 40 92.04 37.86 -21.24
C TYR W 40 93.05 37.37 -22.27
N ASN W 41 94.14 36.80 -21.81
CA ASN W 41 95.20 36.35 -22.70
C ASN W 41 94.91 35.02 -23.37
N ARG W 42 93.83 34.34 -22.96
CA ARG W 42 93.44 33.08 -23.56
C ARG W 42 92.29 33.20 -24.55
N ARG W 43 91.34 34.11 -24.32
CA ARG W 43 90.25 34.26 -25.26
C ARG W 43 90.74 34.85 -26.58
N PHE W 44 91.50 35.93 -26.51
CA PHE W 44 91.91 36.66 -27.69
C PHE W 44 93.36 37.18 -27.59
N VAL W 45 94.25 36.36 -27.02
CA VAL W 45 95.69 36.52 -27.23
C VAL W 45 96.23 35.15 -27.62
N THR W 46 95.39 34.13 -27.45
CA THR W 46 95.69 32.78 -27.92
C THR W 46 95.97 32.78 -29.42
N ARG X 10 44.08 84.52 -96.21
CA ARG X 10 45.05 83.65 -95.55
C ARG X 10 44.66 82.20 -95.70
N ALA X 11 45.59 81.31 -95.36
CA ALA X 11 45.38 79.87 -95.38
C ALA X 11 45.38 79.33 -93.94
N LEU X 12 45.38 78.01 -93.84
CA LEU X 12 45.25 77.34 -92.56
C LEU X 12 46.61 77.11 -91.91
N SER X 13 46.68 77.28 -90.60
CA SER X 13 47.89 76.96 -89.86
C SER X 13 48.01 75.46 -89.69
N GLN X 14 49.17 75.02 -89.20
CA GLN X 14 49.39 73.60 -88.94
C GLN X 14 48.33 73.03 -88.02
N LYS X 15 47.95 73.79 -86.98
CA LYS X 15 46.92 73.33 -86.05
C LYS X 15 45.62 73.07 -86.78
N GLU X 16 45.25 73.95 -87.70
CA GLU X 16 43.94 73.85 -88.31
C GLU X 16 43.87 72.70 -89.29
N GLN X 17 44.94 72.51 -90.06
CA GLN X 17 45.05 71.32 -90.89
C GLN X 17 45.00 70.06 -90.04
N ASP X 18 45.58 70.11 -88.83
CA ASP X 18 45.51 68.97 -87.94
C ASP X 18 44.08 68.75 -87.44
N ILE X 19 43.42 69.81 -87.02
CA ILE X 19 42.05 69.67 -86.54
C ILE X 19 41.17 69.16 -87.65
N GLN X 20 41.39 69.64 -88.87
CA GLN X 20 40.64 69.15 -90.02
C GLN X 20 40.89 67.66 -90.21
N MET X 21 42.14 67.23 -90.09
CA MET X 21 42.46 65.81 -90.25
C MET X 21 41.90 64.98 -89.11
N MET X 22 42.14 65.41 -87.87
CA MET X 22 41.59 64.68 -86.73
C MET X 22 40.07 64.63 -86.78
N LEU X 23 39.43 65.73 -87.16
CA LEU X 23 37.99 65.74 -87.28
C LEU X 23 37.52 64.83 -88.42
N ALA X 24 38.39 64.56 -89.39
CA ALA X 24 38.07 63.59 -90.44
C ALA X 24 38.30 62.16 -89.97
N ALA X 25 39.16 61.95 -88.98
CA ALA X 25 39.45 60.61 -88.48
C ALA X 25 38.52 60.19 -87.36
N ASP X 26 37.52 61.00 -87.03
CA ASP X 26 36.59 60.75 -85.94
C ASP X 26 37.26 60.73 -84.58
N VAL X 27 38.45 61.33 -84.48
CA VAL X 27 39.23 61.32 -83.25
C VAL X 27 38.47 61.98 -82.10
N HIS X 28 37.59 62.93 -82.41
CA HIS X 28 36.81 63.61 -81.39
C HIS X 28 35.80 62.71 -80.70
N LEU X 29 35.44 61.58 -81.29
CA LEU X 29 34.33 60.78 -80.77
C LEU X 29 34.78 59.95 -79.58
N GLY X 30 34.41 60.41 -78.38
CA GLY X 30 34.59 59.63 -77.18
C GLY X 30 33.50 58.58 -77.05
N THR X 31 33.59 57.83 -75.96
CA THR X 31 32.66 56.74 -75.72
C THR X 31 31.49 57.20 -74.85
N LYS X 32 30.77 56.23 -74.31
CA LYS X 32 29.59 56.54 -73.52
C LYS X 32 29.96 57.04 -72.13
N ASN X 33 30.97 56.44 -71.51
CA ASN X 33 31.42 56.86 -70.19
C ASN X 33 32.45 57.98 -70.31
N CYS X 34 32.67 58.67 -69.20
CA CYS X 34 33.83 59.54 -69.04
C CYS X 34 34.45 59.29 -67.68
N ASP X 35 35.70 58.85 -67.66
CA ASP X 35 36.45 58.74 -66.43
C ASP X 35 36.60 60.11 -65.78
N PHE X 36 36.59 60.14 -64.45
CA PHE X 36 36.71 61.40 -63.73
C PHE X 36 38.03 62.10 -64.02
N GLN X 37 39.08 61.34 -64.30
CA GLN X 37 40.35 61.94 -64.69
C GLN X 37 40.33 62.45 -66.13
N MET X 38 39.56 61.81 -66.99
CA MET X 38 39.40 62.23 -68.38
C MET X 38 38.42 63.37 -68.56
N GLU X 39 37.65 63.74 -67.53
CA GLU X 39 36.62 64.75 -67.71
C GLU X 39 37.19 66.13 -68.01
N ARG X 40 38.44 66.38 -67.65
CA ARG X 40 39.03 67.68 -67.93
C ARG X 40 39.24 67.92 -69.42
N TYR X 41 38.96 66.93 -70.27
CA TYR X 41 39.03 67.11 -71.71
C TYR X 41 37.70 66.93 -72.41
N ALA X 42 36.73 66.25 -71.80
CA ALA X 42 35.43 66.06 -72.43
C ALA X 42 34.75 67.41 -72.55
N TYR X 43 34.59 67.89 -73.78
CA TYR X 43 34.00 69.21 -73.99
C TYR X 43 32.52 69.22 -73.61
N LYS X 44 31.76 68.23 -74.06
CA LYS X 44 30.33 68.17 -73.79
C LYS X 44 29.85 66.75 -74.05
N ARG X 45 28.56 66.51 -73.85
CA ARG X 45 27.94 65.21 -74.08
C ARG X 45 26.74 65.35 -75.00
N ARG X 46 26.56 64.39 -75.90
CA ARG X 46 25.47 64.43 -76.85
C ARG X 46 24.17 63.88 -76.26
N SER X 47 23.08 64.12 -76.98
CA SER X 47 21.80 63.52 -76.62
C SER X 47 21.84 62.01 -76.75
N ASP X 48 22.62 61.49 -77.69
CA ASP X 48 22.87 60.06 -77.78
C ASP X 48 23.65 59.57 -76.55
N GLY X 49 24.20 60.49 -75.76
CA GLY X 49 24.96 60.13 -74.59
C GLY X 49 26.43 59.96 -74.83
N ILE X 50 26.88 59.97 -76.08
CA ILE X 50 28.29 59.81 -76.38
C ILE X 50 28.99 61.15 -76.22
N TYR X 51 30.08 61.14 -75.46
CA TYR X 51 30.85 62.35 -75.19
C TYR X 51 31.61 62.80 -76.41
N ILE X 52 32.05 64.04 -76.38
CA ILE X 52 32.83 64.65 -77.44
C ILE X 52 34.16 65.09 -76.83
N ILE X 53 35.24 64.72 -77.46
CA ILE X 53 36.58 65.05 -76.97
C ILE X 53 36.95 66.42 -77.51
N ASN X 54 37.55 67.24 -76.67
CA ASN X 54 37.92 68.60 -77.08
C ASN X 54 39.16 68.49 -77.94
N LEU X 55 38.99 68.61 -79.26
CA LEU X 55 40.13 68.48 -80.17
C LEU X 55 41.15 69.58 -79.95
N GLY X 56 40.75 70.70 -79.37
CA GLY X 56 41.70 71.72 -79.01
C GLY X 56 42.72 71.16 -78.06
N LYS X 57 42.27 70.61 -76.94
CA LYS X 57 43.19 70.05 -75.95
C LYS X 57 44.02 68.90 -76.51
N THR X 58 43.46 68.17 -77.48
CA THR X 58 44.22 67.08 -78.10
C THR X 58 45.52 67.58 -78.71
N TRP X 59 45.50 68.78 -79.28
CA TRP X 59 46.62 69.26 -80.09
C TRP X 59 47.86 69.54 -79.24
N GLU X 60 47.70 70.24 -78.12
CA GLU X 60 48.88 70.55 -77.32
C GLU X 60 49.44 69.32 -76.64
N LYS X 61 48.58 68.36 -76.31
CA LYS X 61 49.11 67.13 -75.74
C LYS X 61 49.93 66.36 -76.77
N LEU X 62 49.53 66.41 -78.04
CA LEU X 62 50.41 65.92 -79.09
C LEU X 62 51.68 66.74 -79.17
N GLN X 63 51.57 68.06 -79.05
CA GLN X 63 52.78 68.88 -78.97
C GLN X 63 53.55 68.60 -77.70
N LEU X 64 52.86 68.46 -76.58
CA LEU X 64 53.55 68.14 -75.35
C LEU X 64 54.22 66.78 -75.45
N ALA X 65 53.53 65.80 -76.04
CA ALA X 65 54.14 64.49 -76.24
C ALA X 65 55.33 64.59 -77.18
N ALA X 66 55.24 65.45 -78.19
CA ALA X 66 56.31 65.56 -79.16
C ALA X 66 57.58 66.14 -78.54
N ARG X 67 57.44 67.15 -77.68
CA ARG X 67 58.62 67.73 -77.04
C ARG X 67 59.29 66.73 -76.11
N VAL X 68 58.51 65.86 -75.48
CA VAL X 68 59.10 64.82 -74.65
C VAL X 68 59.85 63.82 -75.53
N ILE X 69 59.27 63.46 -76.67
CA ILE X 69 59.88 62.47 -77.55
C ILE X 69 61.20 62.98 -78.11
N VAL X 70 61.24 64.23 -78.57
CA VAL X 70 62.42 64.71 -79.27
C VAL X 70 63.61 64.85 -78.34
N ALA X 71 63.37 65.15 -77.06
CA ALA X 71 64.48 65.25 -76.13
C ALA X 71 65.13 63.90 -75.84
N ILE X 72 64.51 62.80 -76.27
CA ILE X 72 65.15 61.50 -76.18
C ILE X 72 66.20 61.41 -77.27
N GLU X 73 67.47 61.44 -76.88
CA GLU X 73 68.55 61.58 -77.84
C GLU X 73 68.76 60.33 -78.69
N ASN X 74 68.49 59.16 -78.14
CA ASN X 74 68.69 57.90 -78.85
C ASN X 74 67.36 57.19 -79.04
N PRO X 75 66.72 57.33 -80.20
CA PRO X 75 65.34 56.83 -80.36
C PRO X 75 65.15 55.34 -80.13
N GLN X 76 66.12 54.51 -80.46
CA GLN X 76 66.02 53.07 -80.26
C GLN X 76 65.69 52.73 -78.82
N ASP X 77 65.74 53.74 -77.96
CA ASP X 77 65.50 53.63 -76.54
C ASP X 77 64.08 54.10 -76.17
N ILE X 78 63.23 54.36 -77.16
CA ILE X 78 61.78 54.54 -76.98
C ILE X 78 61.07 53.30 -77.49
N ILE X 79 59.99 52.91 -76.82
CA ILE X 79 59.20 51.75 -77.20
C ILE X 79 57.76 52.17 -77.45
N VAL X 80 57.15 51.64 -78.50
CA VAL X 80 55.76 51.89 -78.87
C VAL X 80 55.03 50.56 -79.03
N GLN X 81 53.80 50.48 -78.53
CA GLN X 81 53.10 49.20 -78.43
C GLN X 81 51.63 49.34 -78.79
N SER X 82 51.03 48.21 -79.20
CA SER X 82 49.60 48.11 -79.43
C SER X 82 49.14 46.69 -79.17
N ALA X 83 48.17 46.53 -78.27
CA ALA X 83 47.54 45.24 -78.08
C ALA X 83 46.55 44.95 -79.19
N ARG X 84 45.71 45.93 -79.51
CA ARG X 84 44.65 45.73 -80.49
C ARG X 84 45.22 45.58 -81.89
N PRO X 85 44.47 44.92 -82.78
CA PRO X 85 44.96 44.72 -84.16
C PRO X 85 44.96 45.98 -85.01
N TYR X 86 44.17 47.00 -84.65
CA TYR X 86 44.10 48.19 -85.50
C TYR X 86 45.38 49.00 -85.42
N GLY X 87 46.01 49.05 -84.25
CA GLY X 87 47.21 49.82 -84.10
C GLY X 87 48.48 49.14 -84.56
N GLN X 88 48.41 47.90 -85.05
CA GLN X 88 49.60 47.18 -85.47
C GLN X 88 50.35 47.94 -86.55
N ARG X 89 49.72 48.10 -87.72
CA ARG X 89 50.39 48.75 -88.83
C ARG X 89 50.72 50.20 -88.51
N ALA X 90 49.86 50.87 -87.74
CA ALA X 90 50.11 52.27 -87.40
C ALA X 90 51.39 52.41 -86.59
N VAL X 91 51.56 51.62 -85.53
CA VAL X 91 52.73 51.82 -84.68
C VAL X 91 53.98 51.26 -85.32
N LEU X 92 53.85 50.26 -86.18
CA LEU X 92 55.03 49.74 -86.86
C LEU X 92 55.67 50.80 -87.75
N LYS X 93 54.85 51.55 -88.48
CA LYS X 93 55.38 52.60 -89.33
C LYS X 93 55.87 53.78 -88.50
N PHE X 94 55.19 54.10 -87.40
CA PHE X 94 55.63 55.19 -86.54
C PHE X 94 57.03 54.95 -86.03
N ALA X 95 57.34 53.71 -85.64
CA ALA X 95 58.69 53.37 -85.21
C ALA X 95 59.69 53.45 -86.35
N GLN X 96 59.27 53.03 -87.55
CA GLN X 96 60.17 53.05 -88.70
C GLN X 96 60.67 54.46 -89.01
N HIS X 97 59.90 55.48 -88.65
CA HIS X 97 60.21 56.84 -89.05
C HIS X 97 60.85 57.66 -87.94
N THR X 98 60.61 57.32 -86.68
CA THR X 98 61.29 58.02 -85.60
C THR X 98 62.52 57.29 -85.12
N GLY X 99 62.69 56.03 -85.51
CA GLY X 99 63.78 55.23 -85.00
C GLY X 99 63.47 54.48 -83.73
N ALA X 100 62.22 54.52 -83.27
CA ALA X 100 61.84 53.88 -82.02
C ALA X 100 61.87 52.36 -82.17
N ASN X 101 61.51 51.67 -81.11
CA ASN X 101 61.42 50.21 -81.08
C ASN X 101 59.96 49.81 -81.01
N ALA X 102 59.50 49.03 -81.98
CA ALA X 102 58.10 48.64 -82.06
C ALA X 102 57.91 47.25 -81.49
N ILE X 103 56.93 47.10 -80.60
CA ILE X 103 56.59 45.82 -80.01
C ILE X 103 55.09 45.64 -80.23
N ALA X 104 54.72 44.92 -81.28
CA ALA X 104 53.34 44.79 -81.70
C ALA X 104 52.79 43.43 -81.30
N GLY X 105 51.60 43.43 -80.69
CA GLY X 105 50.94 42.19 -80.31
C GLY X 105 50.88 41.99 -78.82
N ARG X 106 50.92 40.74 -78.38
CA ARG X 106 51.00 40.46 -76.95
C ARG X 106 52.36 40.88 -76.41
N HIS X 107 52.35 41.51 -75.25
CA HIS X 107 53.56 41.86 -74.52
C HIS X 107 53.96 40.71 -73.61
N THR X 108 55.20 40.26 -73.72
CA THR X 108 55.65 39.19 -72.85
C THR X 108 55.80 39.72 -71.43
N PRO X 109 55.05 39.22 -70.45
CA PRO X 109 55.12 39.78 -69.10
C PRO X 109 56.49 39.53 -68.49
N GLY X 110 57.20 40.60 -68.16
CA GLY X 110 58.55 40.53 -67.65
C GLY X 110 59.60 41.17 -68.51
N THR X 111 59.22 41.83 -69.62
CA THR X 111 60.21 42.38 -70.54
C THR X 111 60.84 43.66 -70.03
N PHE X 112 60.26 44.30 -69.02
CA PHE X 112 60.90 45.44 -68.38
C PHE X 112 61.46 45.13 -67.01
N THR X 113 60.99 44.07 -66.36
CA THR X 113 61.43 43.74 -65.01
C THR X 113 62.46 42.64 -64.95
N ASN X 114 62.47 41.71 -65.90
CA ASN X 114 63.23 40.46 -65.79
C ASN X 114 64.47 40.59 -66.67
N GLN X 115 65.65 40.62 -66.03
CA GLN X 115 66.91 40.92 -66.71
C GLN X 115 67.55 39.71 -67.36
N MET X 116 67.13 38.50 -67.02
CA MET X 116 67.65 37.31 -67.67
C MET X 116 66.81 36.88 -68.86
N GLN X 117 65.64 37.47 -69.04
CA GLN X 117 64.77 37.11 -70.15
C GLN X 117 65.44 37.49 -71.47
N THR X 118 65.24 36.64 -72.49
CA THR X 118 65.83 36.92 -73.79
C THR X 118 65.35 38.25 -74.34
N SER X 119 64.03 38.45 -74.38
CA SER X 119 63.47 39.77 -74.61
C SER X 119 63.56 40.56 -73.31
N PHE X 120 64.18 41.72 -73.37
CA PHE X 120 64.34 42.56 -72.20
C PHE X 120 64.80 43.92 -72.70
N SER X 121 64.55 44.94 -71.89
CA SER X 121 64.80 46.30 -72.35
C SER X 121 64.88 47.22 -71.14
N GLU X 122 65.46 48.39 -71.36
CA GLU X 122 65.50 49.46 -70.37
C GLU X 122 65.07 50.76 -71.04
N PRO X 123 63.82 50.84 -71.49
CA PRO X 123 63.39 52.03 -72.22
C PRO X 123 63.37 53.26 -71.34
N ARG X 124 63.64 54.40 -71.96
CA ARG X 124 63.46 55.69 -71.31
C ARG X 124 62.07 56.27 -71.49
N LEU X 125 61.32 55.78 -72.46
CA LEU X 125 59.99 56.32 -72.73
C LEU X 125 59.17 55.23 -73.36
N LEU X 126 57.87 55.22 -73.08
CA LEU X 126 56.99 54.16 -73.52
C LEU X 126 55.70 54.77 -74.04
N ILE X 127 55.34 54.47 -75.29
CA ILE X 127 54.14 55.01 -75.90
C ILE X 127 53.15 53.89 -76.13
N LEU X 128 51.94 54.05 -75.61
CA LEU X 128 50.94 52.99 -75.62
C LEU X 128 49.68 53.45 -76.33
N THR X 129 49.06 52.52 -77.05
CA THR X 129 47.89 52.86 -77.84
C THR X 129 46.65 53.03 -76.97
N ASP X 130 46.48 52.19 -75.96
CA ASP X 130 45.32 52.27 -75.09
C ASP X 130 45.67 51.69 -73.72
N PRO X 131 45.55 52.46 -72.65
CA PRO X 131 45.81 51.90 -71.32
C PRO X 131 44.93 50.73 -70.95
N ARG X 132 43.69 50.69 -71.43
CA ARG X 132 42.78 49.63 -71.01
C ARG X 132 43.16 48.29 -71.61
N THR X 133 43.57 48.27 -72.88
CA THR X 133 44.01 47.02 -73.48
C THR X 133 45.50 46.76 -73.27
N ASP X 134 46.31 47.81 -73.26
CA ASP X 134 47.73 47.69 -72.91
C ASP X 134 47.96 47.96 -71.43
N HIS X 135 47.30 47.19 -70.56
CA HIS X 135 47.48 47.39 -69.13
C HIS X 135 48.80 46.82 -68.64
N GLN X 136 49.20 45.67 -69.17
CA GLN X 136 50.37 44.98 -68.61
C GLN X 136 51.66 45.79 -68.73
N PRO X 137 52.01 46.38 -69.87
CA PRO X 137 53.20 47.25 -69.88
C PRO X 137 53.11 48.46 -68.98
N ILE X 138 51.91 49.03 -68.78
CA ILE X 138 51.76 50.13 -67.83
C ILE X 138 52.15 49.69 -66.43
N LYS X 139 51.63 48.53 -66.00
CA LYS X 139 51.95 48.00 -64.70
C LYS X 139 53.44 47.68 -64.57
N GLU X 140 54.07 47.26 -65.67
CA GLU X 140 55.49 46.93 -65.64
C GLU X 140 56.36 48.18 -65.56
N SER X 141 56.00 49.22 -66.31
CA SER X 141 56.78 50.45 -66.30
C SER X 141 56.73 51.12 -64.93
N ALA X 142 55.71 50.85 -64.14
CA ALA X 142 55.63 51.34 -62.78
C ALA X 142 56.66 50.70 -61.85
N LEU X 143 57.40 49.70 -62.33
CA LEU X 143 58.44 49.07 -61.55
C LEU X 143 59.84 49.43 -62.03
N GLY X 144 59.96 50.32 -63.02
CA GLY X 144 61.26 50.60 -63.58
C GLY X 144 61.56 52.06 -63.85
N ASN X 145 60.80 52.95 -63.21
CA ASN X 145 60.98 54.40 -63.37
C ASN X 145 60.85 54.82 -64.82
N ILE X 146 60.01 54.13 -65.56
CA ILE X 146 59.81 54.40 -66.99
C ILE X 146 58.60 55.32 -67.11
N PRO X 147 58.75 56.53 -67.64
CA PRO X 147 57.59 57.36 -67.93
C PRO X 147 56.80 56.83 -69.11
N THR X 148 55.54 57.24 -69.17
CA THR X 148 54.56 56.63 -70.06
C THR X 148 53.79 57.68 -70.85
N ILE X 149 53.58 57.41 -72.12
CA ILE X 149 52.75 58.23 -73.01
C ILE X 149 51.63 57.35 -73.55
N ALA X 150 50.40 57.80 -73.44
CA ALA X 150 49.27 56.96 -73.84
C ALA X 150 48.18 57.77 -74.51
N PHE X 151 47.55 57.19 -75.52
CA PHE X 151 46.34 57.76 -76.13
C PHE X 151 45.12 57.30 -75.35
N CYS X 152 44.43 58.23 -74.70
CA CYS X 152 43.41 57.91 -73.72
C CYS X 152 42.05 58.31 -74.27
N ASP X 153 41.13 57.36 -74.34
CA ASP X 153 39.75 57.65 -74.68
C ASP X 153 39.04 58.20 -73.45
N THR X 154 37.75 58.54 -73.61
CA THR X 154 37.06 59.17 -72.49
C THR X 154 36.87 58.23 -71.31
N ASP X 155 37.15 56.94 -71.48
CA ASP X 155 37.08 55.99 -70.36
C ASP X 155 38.38 55.20 -70.17
N SER X 156 39.52 55.80 -70.46
CA SER X 156 40.80 55.15 -70.18
C SER X 156 41.21 55.38 -68.74
N PRO X 157 41.57 54.34 -67.99
CA PRO X 157 42.02 54.52 -66.60
C PRO X 157 43.44 55.06 -66.58
N MET X 158 43.61 56.23 -65.96
CA MET X 158 44.80 57.04 -66.15
C MET X 158 45.85 56.84 -65.06
N ARG X 159 45.82 55.68 -64.39
CA ARG X 159 46.83 55.32 -63.41
C ARG X 159 48.17 55.03 -64.09
N TYR X 160 49.24 55.59 -63.54
CA TYR X 160 50.61 55.48 -64.07
C TYR X 160 50.71 55.93 -65.52
N VAL X 161 50.01 56.99 -65.88
CA VAL X 161 50.09 57.55 -67.22
C VAL X 161 50.47 59.02 -67.09
N ASP X 162 51.63 59.37 -67.64
CA ASP X 162 52.12 60.75 -67.51
C ASP X 162 51.45 61.69 -68.50
N ILE X 163 51.51 61.38 -69.78
CA ILE X 163 50.92 62.23 -70.81
C ILE X 163 49.83 61.42 -71.49
N GLY X 164 48.58 61.76 -71.19
CA GLY X 164 47.46 61.11 -71.84
C GLY X 164 46.81 61.98 -72.88
N ILE X 165 46.98 61.64 -74.14
CA ILE X 165 46.40 62.41 -75.23
C ILE X 165 44.93 62.03 -75.34
N PRO X 166 44.00 62.97 -75.11
CA PRO X 166 42.58 62.65 -75.27
C PRO X 166 42.25 62.48 -76.73
N ALA X 167 41.81 61.29 -77.11
CA ALA X 167 41.61 60.98 -78.51
C ALA X 167 40.89 59.64 -78.63
N ASN X 168 40.12 59.49 -79.69
CA ASN X 168 39.56 58.19 -80.03
C ASN X 168 40.68 57.23 -80.33
N ASN X 169 40.76 56.14 -79.56
CA ASN X 169 41.73 55.10 -79.81
C ASN X 169 41.06 53.75 -80.09
N LYS X 170 39.79 53.77 -80.48
CA LYS X 170 39.05 52.58 -80.85
C LYS X 170 38.83 52.44 -82.35
N GLY X 171 39.18 53.46 -83.14
CA GLY X 171 38.84 53.51 -84.55
C GLY X 171 40.00 53.14 -85.44
N ARG X 172 39.69 52.51 -86.56
CA ARG X 172 40.70 52.20 -87.58
C ARG X 172 41.38 53.46 -88.09
N ASN X 173 40.63 54.49 -88.38
CA ASN X 173 41.23 55.72 -88.89
C ASN X 173 41.88 56.53 -87.79
N SER X 174 41.28 56.53 -86.59
CA SER X 174 41.77 57.40 -85.54
C SER X 174 43.17 57.01 -85.10
N ILE X 175 43.41 55.72 -84.87
CA ILE X 175 44.71 55.28 -84.37
C ILE X 175 45.82 55.61 -85.34
N GLY X 176 45.63 55.28 -86.62
CA GLY X 176 46.64 55.60 -87.62
C GLY X 176 46.79 57.09 -87.83
N CYS X 177 45.69 57.83 -87.73
CA CYS X 177 45.77 59.27 -87.89
C CYS X 177 46.60 59.91 -86.80
N LEU X 178 46.41 59.46 -85.55
CA LEU X 178 47.12 60.06 -84.43
C LEU X 178 48.62 59.84 -84.54
N TYR X 179 49.02 58.61 -84.84
CA TYR X 179 50.43 58.29 -84.96
C TYR X 179 51.07 59.02 -86.13
N TRP X 180 50.40 59.07 -87.27
CA TRP X 180 50.91 59.87 -88.38
C TRP X 180 51.08 61.32 -87.95
N LEU X 181 50.06 61.87 -87.30
CA LEU X 181 50.11 63.25 -86.84
C LEU X 181 51.20 63.46 -85.79
N LEU X 182 51.37 62.47 -84.91
CA LEU X 182 52.44 62.55 -83.90
C LEU X 182 53.81 62.45 -84.53
N ALA X 183 53.99 61.50 -85.45
CA ALA X 183 55.30 61.32 -86.08
C ALA X 183 55.71 62.56 -86.86
N ARG X 184 54.74 63.23 -87.48
CA ARG X 184 55.04 64.48 -88.17
C ARG X 184 55.66 65.49 -87.23
N MET X 185 55.01 65.72 -86.07
CA MET X 185 55.47 66.76 -85.15
C MET X 185 56.88 66.48 -84.65
N VAL X 186 57.22 65.22 -84.40
CA VAL X 186 58.56 64.89 -83.94
C VAL X 186 59.60 65.19 -85.01
N LEU X 187 59.33 64.79 -86.26
CA LEU X 187 60.31 64.96 -87.31
C LEU X 187 60.60 66.43 -87.55
N GLN X 188 59.58 67.29 -87.40
CA GLN X 188 59.80 68.72 -87.53
C GLN X 188 60.79 69.22 -86.49
N MET X 189 60.60 68.83 -85.25
CA MET X 189 61.47 69.28 -84.17
C MET X 189 62.89 68.77 -84.35
N ARG X 190 63.05 67.56 -84.87
CA ARG X 190 64.39 67.03 -85.07
C ARG X 190 65.08 67.72 -86.25
N GLY X 191 64.32 68.31 -87.16
CA GLY X 191 64.87 68.98 -88.31
C GLY X 191 65.03 68.12 -89.55
N THR X 192 64.70 66.83 -89.47
CA THR X 192 64.78 65.98 -90.64
C THR X 192 63.79 66.41 -91.70
N ILE X 193 62.72 67.08 -91.30
CA ILE X 193 61.76 67.68 -92.21
C ILE X 193 61.82 69.20 -92.02
N LEU X 194 61.93 69.92 -93.12
CA LEU X 194 62.09 71.36 -93.05
C LEU X 194 60.78 72.00 -92.58
N PRO X 195 60.82 73.27 -92.17
CA PRO X 195 59.58 74.04 -92.06
C PRO X 195 58.86 74.03 -93.40
N GLY X 196 57.54 73.93 -93.33
CA GLY X 196 56.74 73.69 -94.53
C GLY X 196 56.13 72.31 -94.45
N HIS X 197 54.82 72.25 -94.18
CA HIS X 197 54.16 71.04 -93.71
C HIS X 197 54.17 69.90 -94.73
N LYS X 198 54.71 70.14 -95.92
CA LYS X 198 54.71 69.11 -96.95
C LYS X 198 55.55 67.94 -96.47
N TRP X 199 54.89 66.87 -96.03
CA TRP X 199 55.55 65.62 -95.68
C TRP X 199 54.97 64.55 -96.60
N ASP X 200 55.74 64.13 -97.59
CA ASP X 200 55.15 63.31 -98.65
C ASP X 200 54.84 61.89 -98.20
N VAL X 201 54.83 61.60 -96.90
CA VAL X 201 54.40 60.30 -96.40
C VAL X 201 52.88 60.33 -96.24
N MET X 202 52.18 59.59 -97.08
CA MET X 202 50.73 59.65 -97.12
C MET X 202 50.13 59.06 -95.84
N VAL X 203 49.05 59.67 -95.37
CA VAL X 203 48.46 59.29 -94.10
C VAL X 203 47.85 57.90 -94.16
N ASP X 204 47.37 57.46 -95.34
CA ASP X 204 46.74 56.15 -95.38
C ASP X 204 47.71 55.02 -95.13
N LEU X 205 49.02 55.28 -95.16
CA LEU X 205 49.98 54.22 -94.91
C LEU X 205 49.79 53.62 -93.53
N PHE X 206 49.35 54.43 -92.57
CA PHE X 206 49.25 53.99 -91.19
C PHE X 206 48.04 53.12 -90.89
N PHE X 207 46.93 53.27 -91.63
CA PHE X 207 45.78 52.41 -91.36
C PHE X 207 46.09 50.99 -91.80
N TYR X 208 45.75 50.02 -90.96
CA TYR X 208 46.18 48.66 -91.22
C TYR X 208 45.40 48.13 -92.41
N ARG X 209 45.86 47.02 -92.96
CA ARG X 209 45.12 46.37 -94.03
C ARG X 209 44.57 45.04 -93.55
N ASP X 210 43.29 44.82 -93.77
CA ASP X 210 42.67 43.52 -93.51
C ASP X 210 42.96 42.58 -94.67
N PRO X 211 43.61 41.44 -94.43
CA PRO X 211 43.93 40.52 -95.52
C PRO X 211 42.68 39.92 -96.18
N PRO Y 23 -25.17 -2.20 -66.04
CA PRO Y 23 -25.51 -1.01 -65.25
C PRO Y 23 -25.82 0.18 -66.14
N PHE Y 24 -25.16 0.22 -67.30
CA PHE Y 24 -25.27 1.32 -68.22
C PHE Y 24 -26.39 1.13 -69.25
N THR Y 25 -27.11 0.01 -69.17
CA THR Y 25 -28.25 -0.22 -70.03
C THR Y 25 -29.52 0.46 -69.55
N LYS Y 26 -29.53 0.96 -68.32
CA LYS Y 26 -30.67 1.67 -67.77
C LYS Y 26 -30.51 3.19 -67.83
N LYS Y 27 -29.58 3.69 -68.63
CA LYS Y 27 -29.23 5.10 -68.67
C LYS Y 27 -29.63 5.71 -70.00
N GLN Y 28 -30.28 6.87 -69.95
CA GLN Y 28 -30.74 7.58 -71.14
C GLN Y 28 -30.03 8.93 -71.26
N TRP Y 29 -29.53 9.23 -72.45
CA TRP Y 29 -28.78 10.44 -72.74
C TRP Y 29 -29.71 11.62 -72.98
N TYR Y 30 -29.14 12.82 -72.95
CA TYR Y 30 -29.87 14.05 -73.20
C TYR Y 30 -29.02 15.00 -74.01
N ASP Y 31 -29.68 15.95 -74.67
CA ASP Y 31 -28.99 17.03 -75.38
C ASP Y 31 -28.87 18.25 -74.47
N ILE Y 32 -27.65 18.72 -74.28
CA ILE Y 32 -27.41 19.95 -73.53
C ILE Y 32 -27.30 21.11 -74.51
N LYS Y 33 -28.14 22.13 -74.34
CA LYS Y 33 -28.16 23.27 -75.23
C LYS Y 33 -27.96 24.57 -74.45
N ALA Y 34 -27.05 25.40 -74.93
CA ALA Y 34 -26.81 26.74 -74.42
C ALA Y 34 -27.89 27.68 -74.91
N PRO Y 35 -28.09 28.82 -74.23
CA PRO Y 35 -29.12 29.77 -74.66
C PRO Y 35 -28.68 30.57 -75.87
N LEU Y 36 -29.65 31.26 -76.48
CA LEU Y 36 -29.49 31.73 -77.85
C LEU Y 36 -28.46 32.83 -78.01
N LEU Y 37 -28.04 33.50 -76.94
CA LEU Y 37 -27.05 34.55 -77.06
C LEU Y 37 -25.64 34.01 -77.22
N PHE Y 38 -25.49 32.70 -77.19
CA PHE Y 38 -24.29 31.98 -77.58
C PHE Y 38 -24.44 31.49 -79.00
N THR Y 39 -23.46 31.80 -79.86
CA THR Y 39 -23.61 31.53 -81.28
C THR Y 39 -23.84 30.04 -81.54
N SER Y 40 -22.86 29.20 -81.21
CA SER Y 40 -23.08 27.78 -81.35
C SER Y 40 -23.84 27.26 -80.13
N ARG Y 41 -24.43 26.08 -80.30
CA ARG Y 41 -25.24 25.47 -79.25
C ARG Y 41 -24.76 24.03 -79.16
N ASN Y 42 -25.47 23.18 -78.42
CA ASN Y 42 -25.13 21.76 -78.36
C ASN Y 42 -23.68 21.58 -77.90
N VAL Y 43 -23.45 21.96 -76.63
CA VAL Y 43 -22.13 21.75 -76.06
C VAL Y 43 -21.78 20.27 -75.94
N GLY Y 44 -22.77 19.40 -75.84
CA GLY Y 44 -22.47 17.98 -75.74
C GLY Y 44 -23.67 17.21 -75.23
N LYS Y 45 -23.39 15.98 -74.78
CA LYS Y 45 -24.41 15.04 -74.36
C LYS Y 45 -24.19 14.69 -72.89
N THR Y 46 -25.27 14.63 -72.12
CA THR Y 46 -25.22 14.10 -70.77
C THR Y 46 -26.10 12.86 -70.71
N LEU Y 47 -25.90 12.04 -69.68
CA LEU Y 47 -26.70 10.85 -69.51
C LEU Y 47 -27.27 10.82 -68.10
N VAL Y 48 -28.49 10.32 -67.96
CA VAL Y 48 -29.14 10.20 -66.67
C VAL Y 48 -29.84 8.86 -66.61
N SER Y 49 -29.79 8.19 -65.45
CA SER Y 49 -30.53 6.95 -65.27
C SER Y 49 -32.02 7.20 -65.42
N ARG Y 50 -32.71 6.26 -66.08
CA ARG Y 50 -34.13 6.42 -66.35
C ARG Y 50 -34.95 6.41 -65.07
N THR Y 51 -36.07 7.12 -65.13
CA THR Y 51 -36.88 7.38 -63.94
C THR Y 51 -37.37 6.09 -63.30
N GLN Y 52 -37.23 6.02 -61.98
CA GLN Y 52 -37.74 4.94 -61.14
C GLN Y 52 -38.64 5.56 -60.08
N GLY Y 53 -38.98 4.77 -59.08
CA GLY Y 53 -39.55 5.33 -57.88
C GLY Y 53 -38.57 6.22 -57.14
N THR Y 54 -38.96 7.47 -56.88
CA THR Y 54 -38.25 8.40 -56.00
C THR Y 54 -36.94 8.86 -56.63
N LYS Y 55 -36.60 8.31 -57.79
CA LYS Y 55 -35.42 8.73 -58.56
C LYS Y 55 -35.93 9.09 -59.95
N ILE Y 56 -36.46 10.30 -60.11
CA ILE Y 56 -36.98 10.75 -61.39
C ILE Y 56 -35.91 11.55 -62.10
N ALA Y 57 -35.69 11.23 -63.37
CA ALA Y 57 -34.66 11.93 -64.14
C ALA Y 57 -34.99 13.40 -64.31
N SER Y 58 -36.24 13.70 -64.63
CA SER Y 58 -36.66 15.04 -65.05
C SER Y 58 -36.40 16.09 -63.98
N GLU Y 59 -37.10 16.01 -62.86
CA GLU Y 59 -36.96 17.00 -61.80
C GLU Y 59 -35.93 16.59 -60.76
N GLY Y 60 -35.48 15.33 -60.78
CA GLY Y 60 -34.62 14.84 -59.73
C GLY Y 60 -33.27 15.52 -59.71
N LEU Y 61 -32.65 15.71 -60.87
CA LEU Y 61 -31.34 16.35 -60.86
C LEU Y 61 -31.44 17.83 -61.18
N LYS Y 62 -31.74 18.16 -62.43
CA LYS Y 62 -32.14 19.48 -62.91
C LYS Y 62 -31.09 20.58 -62.79
N HIS Y 63 -30.21 20.52 -61.80
CA HIS Y 63 -29.13 21.51 -61.69
C HIS Y 63 -27.77 20.92 -62.03
N ARG Y 64 -27.63 20.37 -63.22
CA ARG Y 64 -26.28 20.00 -63.63
C ARG Y 64 -25.55 21.31 -63.86
N VAL Y 65 -24.25 21.35 -63.56
CA VAL Y 65 -23.42 22.49 -63.88
C VAL Y 65 -22.43 22.05 -64.95
N PHE Y 66 -22.31 22.85 -65.99
CA PHE Y 66 -21.49 22.51 -67.14
C PHE Y 66 -20.43 23.58 -67.31
N GLU Y 67 -19.25 23.15 -67.75
CA GLU Y 67 -18.10 24.04 -67.87
C GLU Y 67 -17.48 23.79 -69.23
N VAL Y 68 -17.69 24.72 -70.17
CA VAL Y 68 -17.31 24.55 -71.56
C VAL Y 68 -16.60 25.80 -72.04
N SER Y 69 -15.63 25.60 -72.93
CA SER Y 69 -14.83 26.70 -73.43
C SER Y 69 -15.68 27.71 -74.18
N LEU Y 70 -15.30 28.97 -74.09
CA LEU Y 70 -15.96 29.99 -74.89
C LEU Y 70 -15.61 29.86 -76.37
N ALA Y 71 -14.49 29.22 -76.70
CA ALA Y 71 -14.16 28.97 -78.09
C ALA Y 71 -15.06 27.91 -78.71
N ASP Y 72 -15.34 26.84 -77.97
CA ASP Y 72 -16.27 25.83 -78.46
C ASP Y 72 -17.67 26.38 -78.64
N LEU Y 73 -17.96 27.47 -77.94
CA LEU Y 73 -19.30 27.99 -77.79
C LEU Y 73 -19.65 29.13 -78.73
N GLN Y 74 -18.65 29.76 -79.35
CA GLN Y 74 -18.93 30.83 -80.30
C GLN Y 74 -18.06 30.67 -81.55
N ASN Y 75 -17.56 29.47 -81.79
CA ASN Y 75 -16.79 29.16 -82.99
C ASN Y 75 -15.66 30.16 -83.22
N ASP Y 76 -15.09 30.66 -82.13
CA ASP Y 76 -14.05 31.68 -82.15
C ASP Y 76 -12.92 31.23 -81.23
N GLU Y 77 -11.85 30.68 -81.80
CA GLU Y 77 -10.68 30.33 -81.01
C GLU Y 77 -10.01 31.56 -80.40
N ASP Y 78 -10.31 32.75 -80.92
CA ASP Y 78 -9.74 34.00 -80.44
C ASP Y 78 -10.17 34.28 -79.00
N GLN Y 79 -11.00 33.41 -78.45
CA GLN Y 79 -11.44 33.48 -77.06
C GLN Y 79 -11.28 32.12 -76.40
N ALA Y 80 -10.15 31.45 -76.68
CA ALA Y 80 -9.91 30.10 -76.19
C ALA Y 80 -9.84 30.03 -74.68
N TYR Y 81 -9.53 31.14 -74.02
CA TYR Y 81 -9.65 31.25 -72.58
C TYR Y 81 -11.11 31.47 -72.21
N ARG Y 82 -11.36 31.94 -71.00
CA ARG Y 82 -12.72 32.25 -70.56
C ARG Y 82 -13.60 31.00 -70.58
N LYS Y 83 -13.29 30.12 -69.63
CA LYS Y 83 -14.09 28.94 -69.34
C LYS Y 83 -15.48 29.36 -68.90
N ILE Y 84 -16.50 29.10 -69.72
CA ILE Y 84 -17.88 29.46 -69.36
C ILE Y 84 -18.49 28.35 -68.52
N ARG Y 85 -19.06 28.72 -67.39
CA ARG Y 85 -19.78 27.78 -66.53
C ARG Y 85 -21.27 27.92 -66.80
N LEU Y 86 -21.92 26.79 -67.04
CA LEU Y 86 -23.31 26.75 -67.47
C LEU Y 86 -24.14 25.87 -66.55
N ARG Y 87 -25.40 26.25 -66.35
CA ARG Y 87 -26.26 25.59 -65.38
C ARG Y 87 -27.59 25.26 -66.02
N ALA Y 88 -28.10 24.07 -65.71
CA ALA Y 88 -29.37 23.59 -66.27
C ALA Y 88 -30.52 24.14 -65.42
N GLU Y 89 -31.38 24.95 -66.01
CA GLU Y 89 -32.52 25.46 -65.26
C GLU Y 89 -33.72 24.53 -65.39
N ASP Y 90 -33.96 23.98 -66.59
CA ASP Y 90 -35.10 23.10 -66.81
C ASP Y 90 -34.75 22.10 -67.89
N VAL Y 91 -35.51 21.01 -67.93
CA VAL Y 91 -35.40 19.98 -68.95
C VAL Y 91 -36.74 19.82 -69.62
N GLN Y 92 -36.74 19.76 -70.94
CA GLN Y 92 -37.97 19.59 -71.72
C GLN Y 92 -37.75 18.50 -72.75
N GLY Y 93 -38.35 17.34 -72.52
CA GLY Y 93 -38.42 16.27 -73.49
C GLY Y 93 -37.16 15.96 -74.25
N MET Y 94 -36.14 15.46 -73.55
CA MET Y 94 -34.88 14.98 -74.13
C MET Y 94 -34.01 16.12 -74.64
N ASN Y 95 -34.12 17.32 -74.07
CA ASN Y 95 -33.16 18.40 -74.28
C ASN Y 95 -32.94 19.11 -72.96
N VAL Y 96 -31.69 19.17 -72.51
CA VAL Y 96 -31.35 19.85 -71.26
C VAL Y 96 -31.11 21.33 -71.55
N LEU Y 97 -32.02 22.18 -71.05
CA LEU Y 97 -31.98 23.60 -71.34
C LEU Y 97 -31.10 24.28 -70.31
N THR Y 98 -30.07 25.00 -70.77
CA THR Y 98 -29.01 25.47 -69.92
C THR Y 98 -28.95 27.01 -69.92
N ASN Y 99 -28.54 27.57 -68.79
CA ASN Y 99 -28.44 29.01 -68.59
C ASN Y 99 -27.07 29.40 -68.06
N PHE Y 100 -26.63 30.60 -68.44
CA PHE Y 100 -25.29 31.10 -68.10
C PHE Y 100 -25.08 31.14 -66.59
N TRP Y 101 -24.01 30.51 -66.13
CA TRP Y 101 -23.82 30.43 -64.68
C TRP Y 101 -22.55 31.08 -64.17
N GLY Y 102 -21.55 31.32 -65.00
CA GLY Y 102 -20.33 31.90 -64.49
C GLY Y 102 -19.29 32.11 -65.57
N MET Y 103 -18.15 32.61 -65.14
CA MET Y 103 -17.09 33.12 -66.00
C MET Y 103 -15.76 32.92 -65.30
N ASP Y 104 -14.76 32.38 -66.00
CA ASP Y 104 -13.47 32.14 -65.37
C ASP Y 104 -12.42 31.95 -66.45
N PHE Y 105 -11.16 32.11 -66.04
CA PHE Y 105 -10.01 31.88 -66.91
C PHE Y 105 -9.42 30.49 -66.70
N THR Y 106 -8.76 29.99 -67.74
CA THR Y 106 -7.95 28.80 -67.59
C THR Y 106 -6.80 29.07 -66.63
N THR Y 107 -6.31 28.02 -65.99
CA THR Y 107 -5.12 28.17 -65.16
C THR Y 107 -3.98 28.76 -65.97
N ASP Y 108 -3.81 28.32 -67.21
CA ASP Y 108 -2.67 28.76 -68.00
C ASP Y 108 -2.78 30.23 -68.40
N LYS Y 109 -3.99 30.66 -68.76
CA LYS Y 109 -4.13 32.04 -69.24
C LYS Y 109 -3.85 33.04 -68.12
N LEU Y 110 -4.49 32.85 -66.96
CA LEU Y 110 -4.20 33.73 -65.84
C LEU Y 110 -2.73 33.65 -65.44
N ARG Y 111 -2.17 32.45 -65.41
CA ARG Y 111 -0.76 32.33 -65.04
C ARG Y 111 0.17 32.71 -66.17
N SER Y 112 -0.34 32.88 -67.39
CA SER Y 112 0.48 33.44 -68.46
C SER Y 112 0.69 34.94 -68.23
N LEU Y 113 -0.29 35.60 -67.63
CA LEU Y 113 -0.27 37.05 -67.59
C LEU Y 113 0.69 37.60 -66.55
N VAL Y 114 0.93 36.87 -65.47
CA VAL Y 114 1.47 37.46 -64.25
C VAL Y 114 2.97 37.15 -64.19
N ARG Y 115 3.78 38.21 -64.20
CA ARG Y 115 5.23 38.07 -64.26
C ARG Y 115 5.89 39.06 -63.32
N LYS Y 116 7.16 38.83 -63.04
CA LYS Y 116 7.93 39.72 -62.18
C LYS Y 116 8.20 41.04 -62.90
N TRP Y 117 8.69 42.00 -62.12
CA TRP Y 117 9.06 43.34 -62.56
C TRP Y 117 7.84 44.14 -63.02
N GLN Y 118 6.65 43.65 -62.75
CA GLN Y 118 5.39 44.33 -63.04
C GLN Y 118 4.63 44.53 -61.75
N THR Y 119 3.43 45.09 -61.85
CA THR Y 119 2.52 45.13 -60.72
C THR Y 119 1.13 44.71 -61.15
N LEU Y 120 0.38 44.17 -60.20
CA LEU Y 120 -0.91 43.54 -60.43
C LEU Y 120 -1.97 44.24 -59.58
N ILE Y 121 -3.07 44.63 -60.22
CA ILE Y 121 -4.16 45.32 -59.54
C ILE Y 121 -5.40 44.44 -59.61
N GLU Y 122 -6.08 44.28 -58.47
CA GLU Y 122 -7.29 43.51 -58.35
C GLU Y 122 -8.41 44.36 -57.78
N ALA Y 123 -9.63 44.08 -58.21
CA ALA Y 123 -10.80 44.74 -57.66
C ALA Y 123 -11.99 43.81 -57.82
N HIS Y 124 -12.98 44.02 -56.97
CA HIS Y 124 -14.22 43.26 -57.05
C HIS Y 124 -15.34 44.11 -56.49
N VAL Y 125 -16.55 43.80 -56.91
CA VAL Y 125 -17.76 44.45 -56.38
C VAL Y 125 -18.93 43.51 -56.54
N ASP Y 126 -19.84 43.53 -55.57
CA ASP Y 126 -21.10 42.82 -55.66
C ASP Y 126 -22.08 43.67 -56.45
N VAL Y 127 -22.89 43.04 -57.30
CA VAL Y 127 -23.75 43.77 -58.23
C VAL Y 127 -25.13 43.14 -58.32
N LYS Y 128 -26.15 43.99 -58.42
CA LYS Y 128 -27.51 43.61 -58.80
C LYS Y 128 -27.76 43.96 -60.26
N THR Y 129 -28.26 43.01 -61.03
CA THR Y 129 -28.88 43.35 -62.30
C THR Y 129 -30.36 43.65 -62.08
N THR Y 130 -31.04 44.13 -63.12
CA THR Y 130 -32.43 44.51 -62.95
C THR Y 130 -33.29 43.30 -62.62
N ASP Y 131 -33.04 42.17 -63.28
CA ASP Y 131 -33.45 40.90 -62.73
C ASP Y 131 -32.47 40.49 -61.64
N ASN Y 132 -32.98 39.89 -60.57
CA ASN Y 132 -32.22 39.82 -59.34
C ASN Y 132 -31.19 38.71 -59.28
N TYR Y 133 -30.32 38.65 -60.27
CA TYR Y 133 -29.05 37.94 -60.12
C TYR Y 133 -28.09 38.77 -59.30
N MET Y 134 -27.68 38.24 -58.14
CA MET Y 134 -26.57 38.80 -57.40
C MET Y 134 -25.28 38.13 -57.88
N LEU Y 135 -24.30 38.92 -58.26
CA LEU Y 135 -23.08 38.35 -58.80
C LEU Y 135 -21.88 39.18 -58.38
N ARG Y 136 -20.74 38.51 -58.27
CA ARG Y 136 -19.45 39.17 -58.19
C ARG Y 136 -18.83 39.26 -59.58
N MET Y 137 -18.05 40.31 -59.79
CA MET Y 137 -17.11 40.36 -60.90
C MET Y 137 -15.74 40.74 -60.36
N PHE Y 138 -14.73 40.02 -60.84
CA PHE Y 138 -13.34 40.31 -60.55
C PHE Y 138 -12.66 40.78 -61.83
N ALA Y 139 -11.95 41.91 -61.74
CA ALA Y 139 -11.10 42.36 -62.81
C ALA Y 139 -9.65 42.28 -62.39
N ILE Y 140 -8.77 42.12 -63.36
CA ILE Y 140 -7.34 42.16 -63.15
C ILE Y 140 -6.70 42.98 -64.26
N GLY Y 141 -5.68 43.73 -63.90
CA GLY Y 141 -4.93 44.50 -64.88
C GLY Y 141 -3.47 44.46 -64.53
N PHE Y 142 -2.65 44.77 -65.53
CA PHE Y 142 -1.19 44.75 -65.37
C PHE Y 142 -0.60 45.99 -66.02
N THR Y 143 0.31 46.62 -65.32
CA THR Y 143 0.91 47.85 -65.80
C THR Y 143 1.80 47.61 -67.03
N LYS Y 144 1.73 48.52 -67.99
CA LYS Y 144 2.41 48.35 -69.27
C LYS Y 144 3.69 49.17 -69.33
N ARG Y 145 4.77 48.52 -69.77
CA ARG Y 145 6.00 49.22 -70.10
C ARG Y 145 5.80 50.11 -71.30
N ARG Y 146 6.20 51.35 -71.21
CA ARG Y 146 6.05 52.11 -72.42
C ARG Y 146 7.22 51.81 -73.36
N PRO Y 147 7.01 51.96 -74.67
CA PRO Y 147 8.14 51.82 -75.60
C PRO Y 147 9.05 53.01 -75.49
N ASN Y 148 10.35 52.74 -75.55
CA ASN Y 148 11.56 53.48 -75.20
C ASN Y 148 11.94 53.34 -73.73
N GLN Y 149 11.20 52.59 -72.91
CA GLN Y 149 11.69 52.42 -71.55
C GLN Y 149 13.02 51.72 -71.54
N VAL Y 150 13.92 52.26 -70.74
CA VAL Y 150 15.13 51.58 -70.34
C VAL Y 150 15.07 51.11 -68.90
N LYS Y 151 14.07 51.55 -68.14
CA LYS Y 151 13.91 51.10 -66.77
C LYS Y 151 13.67 49.60 -66.73
N ARG Y 152 14.20 48.95 -65.70
CA ARG Y 152 14.17 47.50 -65.64
C ARG Y 152 12.87 46.97 -65.05
N THR Y 153 12.06 47.82 -64.43
CA THR Y 153 10.83 47.40 -63.76
C THR Y 153 9.72 48.41 -64.06
N CYS Y 154 8.48 47.96 -63.90
CA CYS Y 154 7.30 48.76 -64.27
C CYS Y 154 6.29 48.77 -63.11
N TYR Y 155 6.55 49.61 -62.10
CA TYR Y 155 5.72 49.66 -60.90
C TYR Y 155 5.02 51.00 -60.76
N ALA Y 156 3.74 50.94 -60.42
CA ALA Y 156 2.98 52.10 -59.99
C ALA Y 156 3.16 52.29 -58.50
N GLN Y 157 2.80 53.47 -58.02
CA GLN Y 157 2.91 53.71 -56.59
C GLN Y 157 1.60 53.33 -55.92
N ALA Y 158 1.66 53.13 -54.61
CA ALA Y 158 0.51 52.63 -53.88
C ALA Y 158 -0.67 53.58 -53.99
N SER Y 159 -0.40 54.88 -53.96
CA SER Y 159 -1.47 55.84 -54.14
C SER Y 159 -2.05 55.74 -55.55
N GLN Y 160 -1.19 55.56 -56.55
CA GLN Y 160 -1.67 55.26 -57.90
C GLN Y 160 -2.37 53.91 -57.96
N ILE Y 161 -1.83 52.91 -57.26
CA ILE Y 161 -2.45 51.59 -57.27
C ILE Y 161 -3.86 51.65 -56.70
N ARG Y 162 -4.07 52.46 -55.67
CA ARG Y 162 -5.41 52.61 -55.14
C ARG Y 162 -6.32 53.30 -56.14
N GLN Y 163 -5.82 54.36 -56.79
CA GLN Y 163 -6.65 55.13 -57.70
C GLN Y 163 -7.16 54.28 -58.85
N ILE Y 164 -6.29 53.43 -59.40
CA ILE Y 164 -6.73 52.55 -60.47
C ILE Y 164 -7.75 51.56 -59.96
N ARG Y 165 -7.53 50.99 -58.77
CA ARG Y 165 -8.50 50.05 -58.22
C ARG Y 165 -9.85 50.74 -58.02
N ARG Y 166 -9.85 51.97 -57.52
CA ARG Y 166 -11.12 52.68 -57.36
C ARG Y 166 -11.81 52.91 -58.68
N LYS Y 167 -11.06 53.26 -59.73
CA LYS Y 167 -11.66 53.37 -61.05
C LYS Y 167 -12.20 52.03 -61.52
N MET Y 168 -11.43 50.95 -61.30
CA MET Y 168 -11.87 49.61 -61.67
C MET Y 168 -13.23 49.29 -61.05
N VAL Y 169 -13.36 49.56 -59.75
CA VAL Y 169 -14.61 49.23 -59.06
C VAL Y 169 -15.76 50.08 -59.60
N GLU Y 170 -15.55 51.39 -59.75
CA GLU Y 170 -16.64 52.27 -60.16
C GLU Y 170 -17.17 51.88 -61.53
N ILE Y 171 -16.28 51.59 -62.46
CA ILE Y 171 -16.70 51.19 -63.80
C ILE Y 171 -17.51 49.92 -63.75
N MET Y 172 -17.05 48.94 -62.97
CA MET Y 172 -17.84 47.72 -62.78
C MET Y 172 -19.25 48.07 -62.36
N VAL Y 173 -19.39 48.99 -61.42
CA VAL Y 173 -20.71 49.31 -60.88
C VAL Y 173 -21.61 49.89 -61.96
N ASN Y 174 -21.12 50.88 -62.70
CA ASN Y 174 -21.98 51.56 -63.66
C ASN Y 174 -22.02 50.89 -65.02
N GLN Y 175 -20.96 50.20 -65.43
CA GLN Y 175 -21.05 49.46 -66.67
C GLN Y 175 -21.89 48.22 -66.48
N ALA Y 176 -21.93 47.69 -65.27
CA ALA Y 176 -23.03 46.84 -64.80
C ALA Y 176 -24.19 47.73 -64.38
N ALA Y 177 -25.10 47.22 -63.57
CA ALA Y 177 -26.35 47.93 -63.26
C ALA Y 177 -27.12 48.14 -64.55
N SER Y 178 -26.93 47.20 -65.47
CA SER Y 178 -27.59 47.12 -66.76
C SER Y 178 -28.38 45.82 -66.77
N CYS Y 179 -29.43 45.78 -67.60
CA CYS Y 179 -30.63 45.03 -67.30
C CYS Y 179 -30.39 43.63 -66.73
N ASP Y 180 -29.70 42.77 -67.49
CA ASP Y 180 -29.71 41.36 -67.14
C ASP Y 180 -28.47 40.69 -67.71
N LEU Y 181 -28.20 39.47 -67.23
CA LEU Y 181 -27.10 38.68 -67.77
C LEU Y 181 -27.29 38.39 -69.25
N LYS Y 182 -28.51 38.51 -69.77
CA LYS Y 182 -28.68 38.37 -71.21
C LYS Y 182 -27.77 39.37 -71.91
N GLU Y 183 -27.98 40.67 -71.67
CA GLU Y 183 -27.12 41.68 -72.25
C GLU Y 183 -25.83 41.90 -71.48
N LEU Y 184 -25.81 41.58 -70.18
CA LEU Y 184 -24.58 41.74 -69.42
C LEU Y 184 -23.51 40.76 -69.90
N VAL Y 185 -23.89 39.53 -70.21
CA VAL Y 185 -22.95 38.59 -70.81
C VAL Y 185 -22.52 39.08 -72.18
N ASN Y 186 -23.43 39.74 -72.90
CA ASN Y 186 -23.04 40.34 -74.18
C ASN Y 186 -21.93 41.36 -74.02
N LYS Y 187 -21.75 41.91 -72.81
CA LYS Y 187 -20.57 42.73 -72.56
C LYS Y 187 -19.36 41.88 -72.23
N PHE Y 188 -19.55 40.78 -71.48
CA PHE Y 188 -18.41 39.98 -71.07
C PHE Y 188 -17.73 39.32 -72.25
N ILE Y 189 -18.48 38.96 -73.28
CA ILE Y 189 -17.94 38.19 -74.41
C ILE Y 189 -16.87 38.97 -75.17
N PRO Y 190 -17.16 40.18 -75.68
CA PRO Y 190 -16.15 40.87 -76.49
C PRO Y 190 -15.26 41.76 -75.65
N GLU Y 191 -15.32 41.56 -74.33
CA GLU Y 191 -14.54 42.34 -73.35
C GLU Y 191 -14.95 43.81 -73.37
N VAL Y 192 -16.26 44.08 -73.38
CA VAL Y 192 -16.76 45.45 -73.31
C VAL Y 192 -16.28 46.13 -72.04
N ILE Y 193 -16.01 45.35 -70.99
CA ILE Y 193 -15.59 45.94 -69.72
C ILE Y 193 -14.10 46.26 -69.76
N GLY Y 194 -13.29 45.27 -70.15
CA GLY Y 194 -11.86 45.39 -69.94
C GLY Y 194 -11.21 46.44 -70.81
N LYS Y 195 -11.50 46.41 -72.12
CA LYS Y 195 -10.95 47.44 -72.99
C LYS Y 195 -11.39 48.82 -72.55
N GLU Y 196 -12.59 48.92 -71.97
CA GLU Y 196 -13.11 50.20 -71.51
C GLU Y 196 -12.48 50.61 -70.19
N ILE Y 197 -11.94 49.68 -69.43
CA ILE Y 197 -11.16 50.03 -68.24
C ILE Y 197 -9.95 50.85 -68.62
N GLU Y 198 -9.23 50.44 -69.67
CA GLU Y 198 -8.04 51.18 -70.07
C GLU Y 198 -8.39 52.57 -70.54
N LYS Y 199 -9.32 52.68 -71.48
CA LYS Y 199 -9.68 53.98 -72.00
C LYS Y 199 -10.35 54.83 -70.93
N ALA Y 200 -10.94 54.20 -69.92
CA ALA Y 200 -11.46 54.95 -68.80
C ALA Y 200 -10.34 55.62 -68.03
N THR Y 201 -9.30 54.86 -67.66
CA THR Y 201 -8.16 55.39 -66.91
C THR Y 201 -6.87 55.02 -67.64
N SER Y 202 -6.53 55.84 -68.63
CA SER Y 202 -5.24 55.79 -69.27
C SER Y 202 -4.32 56.90 -68.77
N SER Y 203 -4.88 57.85 -68.03
CA SER Y 203 -4.18 59.02 -67.54
C SER Y 203 -3.62 58.82 -66.15
N ILE Y 204 -3.86 57.67 -65.53
CA ILE Y 204 -3.24 57.33 -64.26
C ILE Y 204 -2.08 56.36 -64.46
N PHE Y 205 -2.27 55.32 -65.26
CA PHE Y 205 -1.06 54.60 -65.61
C PHE Y 205 -1.51 53.75 -66.81
N PRO Y 206 -0.61 53.38 -67.75
CA PRO Y 206 -1.03 52.62 -68.95
C PRO Y 206 -2.00 51.44 -68.81
N LEU Y 207 -1.70 50.40 -68.02
CA LEU Y 207 -2.59 49.25 -67.81
C LEU Y 207 -2.90 48.32 -68.99
N GLN Y 208 -1.95 47.50 -69.40
CA GLN Y 208 -2.19 46.43 -70.38
C GLN Y 208 -2.75 45.14 -69.74
N ASN Y 209 -3.38 44.32 -70.58
CA ASN Y 209 -4.00 43.04 -70.18
C ASN Y 209 -5.13 43.22 -69.18
N VAL Y 210 -6.04 44.14 -69.43
CA VAL Y 210 -7.19 44.29 -68.56
C VAL Y 210 -8.30 43.35 -69.04
N TYR Y 211 -8.96 42.69 -68.09
CA TYR Y 211 -10.04 41.76 -68.36
C TYR Y 211 -11.11 41.94 -67.29
N VAL Y 212 -12.06 41.01 -67.29
CA VAL Y 212 -12.90 40.72 -66.14
C VAL Y 212 -12.65 39.24 -65.87
N ARG Y 213 -11.87 38.95 -64.84
CA ARG Y 213 -11.28 37.63 -64.71
C ARG Y 213 -12.32 36.59 -64.30
N LYS Y 214 -13.27 36.97 -63.44
CA LYS Y 214 -14.23 36.01 -62.93
C LYS Y 214 -15.59 36.67 -62.73
N VAL Y 215 -16.64 35.88 -62.92
CA VAL Y 215 -18.00 36.24 -62.53
C VAL Y 215 -18.58 35.06 -61.75
N LYS Y 216 -18.94 35.29 -60.50
CA LYS Y 216 -19.58 34.31 -59.63
C LYS Y 216 -20.97 34.81 -59.27
N ILE Y 217 -21.99 34.00 -59.52
CA ILE Y 217 -23.37 34.39 -59.27
C ILE Y 217 -23.69 34.08 -57.82
N LEU Y 218 -23.90 35.12 -57.01
CA LEU Y 218 -24.13 34.93 -55.58
C LEU Y 218 -25.45 34.23 -55.32
N LYS Y 219 -26.52 34.72 -55.93
CA LYS Y 219 -27.84 34.11 -55.79
C LYS Y 219 -28.68 34.52 -56.98
N ALA Y 220 -29.64 33.68 -57.34
CA ALA Y 220 -30.56 33.93 -58.43
C ALA Y 220 -31.98 34.01 -57.90
N PRO Y 221 -32.87 34.72 -58.59
CA PRO Y 221 -34.28 34.74 -58.17
C PRO Y 221 -34.96 33.41 -58.44
N LYS Y 222 -36.28 33.36 -58.22
CA LYS Y 222 -37.02 32.13 -58.39
C LYS Y 222 -37.12 31.76 -59.87
N PHE Y 223 -37.56 30.53 -60.12
CA PHE Y 223 -37.47 29.89 -61.42
C PHE Y 223 -38.02 30.76 -62.55
N ASP Y 224 -39.31 31.09 -62.48
CA ASP Y 224 -39.96 32.06 -63.35
C ASP Y 224 -39.84 31.64 -64.82
N LEU Y 225 -40.44 30.48 -65.10
CA LEU Y 225 -40.30 29.74 -66.36
C LEU Y 225 -40.40 30.59 -67.62
N GLY Y 226 -41.14 31.70 -67.58
CA GLY Y 226 -41.19 32.59 -68.73
C GLY Y 226 -39.82 33.09 -69.13
N LYS Y 227 -38.95 33.33 -68.13
CA LYS Y 227 -37.62 33.88 -68.40
C LYS Y 227 -36.79 33.00 -69.30
N LEU Y 228 -36.86 31.68 -69.11
CA LEU Y 228 -35.90 30.79 -69.76
C LEU Y 228 -36.06 30.81 -71.28
N MET Y 229 -37.22 30.42 -71.80
CA MET Y 229 -37.31 30.17 -73.23
C MET Y 229 -37.11 31.45 -74.03
N GLU Y 230 -37.35 32.61 -73.40
CA GLU Y 230 -37.15 33.87 -74.10
C GLU Y 230 -35.69 34.09 -74.47
N VAL Y 231 -34.77 33.54 -73.69
CA VAL Y 231 -33.35 33.65 -74.00
C VAL Y 231 -32.79 32.35 -74.57
N HIS Y 232 -33.60 31.30 -74.67
CA HIS Y 232 -33.08 29.97 -74.93
C HIS Y 232 -33.76 29.38 -76.16
N GLY Y 233 -33.01 28.54 -76.88
CA GLY Y 233 -33.52 27.93 -78.10
C GLY Y 233 -33.75 26.42 -78.05
N MET Z 1 71.96 68.25 -41.45
CA MET Z 1 72.17 68.89 -42.74
C MET Z 1 73.51 69.61 -42.76
N GLN Z 2 73.59 70.79 -42.14
CA GLN Z 2 74.87 71.47 -41.98
C GLN Z 2 75.33 71.33 -40.54
N ASN Z 3 76.56 70.87 -40.37
CA ASN Z 3 77.22 70.99 -39.08
C ASN Z 3 77.27 72.46 -38.69
N GLU Z 4 77.23 72.73 -37.39
CA GLU Z 4 77.38 74.09 -36.91
C GLU Z 4 78.87 74.52 -36.92
N VAL Z 5 79.69 73.76 -37.64
CA VAL Z 5 81.03 74.20 -38.01
C VAL Z 5 81.08 74.70 -39.45
N GLY Z 6 80.15 74.29 -40.30
CA GLY Z 6 80.14 74.73 -41.68
C GLY Z 6 79.93 73.59 -42.65
N ASP Z 7 80.50 72.42 -42.36
CA ASP Z 7 80.39 71.29 -43.27
C ASP Z 7 78.95 70.83 -43.40
N MET Z 8 78.61 70.33 -44.58
CA MET Z 8 77.31 69.72 -44.83
C MET Z 8 77.46 68.21 -44.64
N VAL Z 9 76.58 67.63 -43.83
CA VAL Z 9 76.78 66.27 -43.34
C VAL Z 9 75.86 65.25 -43.97
N ASP Z 10 74.83 65.67 -44.71
CA ASP Z 10 74.06 64.71 -45.46
C ASP Z 10 74.83 64.19 -46.66
N LEU Z 11 74.65 62.92 -46.93
CA LEU Z 11 74.90 62.33 -48.23
C LEU Z 11 73.56 62.26 -48.93
N TYR Z 12 73.53 62.56 -50.24
CA TYR Z 12 72.24 62.46 -50.92
C TYR Z 12 71.15 63.41 -50.47
N VAL Z 13 71.22 64.68 -50.85
CA VAL Z 13 70.03 65.52 -50.80
C VAL Z 13 69.00 64.98 -51.78
N PRO Z 14 67.82 64.56 -51.34
CA PRO Z 14 66.88 63.89 -52.23
C PRO Z 14 66.18 64.85 -53.18
N ARG Z 15 65.57 64.27 -54.20
CA ARG Z 15 64.63 65.01 -55.04
C ARG Z 15 63.30 65.16 -54.33
N LYS Z 16 62.55 66.17 -54.75
CA LYS Z 16 61.20 66.35 -54.27
C LYS Z 16 60.26 66.32 -55.46
N CYS Z 17 59.09 65.72 -55.27
CA CYS Z 17 58.08 65.73 -56.32
C CYS Z 17 57.73 67.16 -56.68
N SER Z 18 57.65 67.42 -57.99
CA SER Z 18 57.34 68.76 -58.45
C SER Z 18 55.85 69.09 -58.36
N ALA Z 19 55.00 68.10 -58.13
CA ALA Z 19 53.56 68.32 -58.03
C ALA Z 19 53.06 68.35 -56.60
N THR Z 20 53.74 67.68 -55.66
CA THR Z 20 53.25 67.58 -54.30
C THR Z 20 54.30 67.89 -53.24
N ASN Z 21 55.55 68.18 -53.63
CA ASN Z 21 56.63 68.54 -52.73
C ASN Z 21 57.05 67.38 -51.85
N ARG Z 22 56.51 66.18 -52.09
CA ARG Z 22 56.93 65.00 -51.37
C ARG Z 22 58.35 64.60 -51.73
N ILE Z 23 59.07 64.06 -50.76
CA ILE Z 23 60.41 63.55 -50.98
C ILE Z 23 60.34 62.27 -51.80
N ILE Z 24 61.19 62.17 -52.82
CA ILE Z 24 61.27 60.98 -53.65
C ILE Z 24 62.48 60.18 -53.21
N THR Z 25 62.23 58.98 -52.68
CA THR Z 25 63.25 58.21 -51.99
C THR Z 25 63.94 57.23 -52.92
N ALA Z 26 64.88 56.47 -52.37
CA ALA Z 26 65.79 55.69 -53.19
C ALA Z 26 65.11 54.47 -53.81
N LYS Z 27 64.05 53.98 -53.19
CA LYS Z 27 63.39 52.78 -53.67
C LYS Z 27 62.03 53.05 -54.29
N ASP Z 28 61.68 54.31 -54.51
CA ASP Z 28 60.43 54.67 -55.17
C ASP Z 28 60.62 54.49 -56.67
N HIS Z 29 60.43 53.26 -57.13
CA HIS Z 29 60.63 52.91 -58.52
C HIS Z 29 59.45 53.27 -59.41
N ALA Z 30 58.37 53.77 -58.83
CA ALA Z 30 57.31 54.31 -59.67
C ALA Z 30 57.53 55.76 -60.04
N SER Z 31 58.51 56.42 -59.43
CA SER Z 31 58.76 57.82 -59.73
C SER Z 31 59.39 57.98 -61.11
N VAL Z 32 59.01 59.06 -61.80
CA VAL Z 32 59.55 59.34 -63.13
C VAL Z 32 60.00 60.79 -63.21
N GLN Z 33 60.99 61.03 -64.06
CA GLN Z 33 61.53 62.36 -64.31
C GLN Z 33 61.38 62.67 -65.79
N ILE Z 34 60.69 63.76 -66.12
CA ILE Z 34 60.34 64.11 -67.48
C ILE Z 34 61.20 65.26 -67.96
N ASN Z 35 61.67 65.18 -69.19
CA ASN Z 35 62.37 66.28 -69.86
C ASN Z 35 61.50 66.76 -71.01
N ILE Z 36 61.06 68.01 -70.95
CA ILE Z 36 60.21 68.60 -71.96
C ILE Z 36 61.05 69.50 -72.84
N GLY Z 37 61.13 69.17 -74.13
CA GLY Z 37 62.02 69.87 -75.03
C GLY Z 37 61.57 71.29 -75.30
N HIS Z 38 62.55 72.17 -75.48
CA HIS Z 38 62.32 73.57 -75.83
C HIS Z 38 62.43 73.71 -77.34
N VAL Z 39 61.39 74.26 -77.97
CA VAL Z 39 61.45 74.64 -79.39
C VAL Z 39 61.68 76.14 -79.43
N ASP Z 40 62.61 76.56 -80.29
CA ASP Z 40 63.03 77.95 -80.25
C ASP Z 40 62.67 78.71 -81.52
N GLU Z 41 63.11 78.24 -82.69
CA GLU Z 41 62.90 78.94 -83.96
C GLU Z 41 62.98 77.91 -85.07
N ASN Z 42 63.22 78.38 -86.29
CA ASN Z 42 63.37 77.53 -87.47
C ASN Z 42 64.13 76.25 -87.12
N GLY Z 43 63.54 75.11 -87.46
CA GLY Z 43 64.04 73.82 -87.02
C GLY Z 43 63.34 73.31 -85.77
N LEU Z 44 63.20 74.16 -84.76
CA LEU Z 44 62.38 73.92 -83.58
C LEU Z 44 62.96 72.93 -82.56
N TYR Z 45 64.27 72.85 -82.40
CA TYR Z 45 64.79 72.17 -81.21
C TYR Z 45 66.27 72.46 -81.02
N ASP Z 46 66.63 72.76 -79.78
CA ASP Z 46 67.99 72.69 -79.30
C ASP Z 46 68.00 72.03 -77.93
N GLY Z 47 69.19 71.70 -77.44
CA GLY Z 47 69.31 70.92 -76.23
C GLY Z 47 68.97 71.68 -74.97
N ARG Z 48 67.86 72.42 -74.99
CA ARG Z 48 67.30 73.03 -73.79
C ARG Z 48 65.97 72.36 -73.48
N PHE Z 49 65.78 72.02 -72.21
CA PHE Z 49 64.60 71.31 -71.78
C PHE Z 49 64.30 71.65 -70.34
N THR Z 50 63.06 71.41 -69.94
CA THR Z 50 62.62 71.57 -68.57
C THR Z 50 62.48 70.19 -67.94
N THR Z 51 62.91 70.06 -66.70
CA THR Z 51 62.88 68.80 -66.00
C THR Z 51 61.88 68.86 -64.85
N PHE Z 52 60.94 67.94 -64.83
CA PHE Z 52 60.02 67.75 -63.71
C PHE Z 52 60.14 66.32 -63.20
N ALA Z 53 60.00 66.16 -61.89
CA ALA Z 53 59.97 64.85 -61.27
C ALA Z 53 58.57 64.60 -60.72
N LEU Z 54 58.10 63.37 -60.85
CA LEU Z 54 56.77 62.99 -60.40
C LEU Z 54 56.91 61.87 -59.37
N SER Z 55 56.19 61.99 -58.26
CA SER Z 55 56.28 60.98 -57.22
C SER Z 55 55.50 59.74 -57.64
N GLY Z 56 55.96 58.58 -57.16
CA GLY Z 56 55.21 57.37 -57.37
C GLY Z 56 53.83 57.45 -56.75
N PHE Z 57 53.69 58.27 -55.70
CA PHE Z 57 52.38 58.56 -55.14
C PHE Z 57 51.47 59.23 -56.15
N VAL Z 58 52.01 60.19 -56.92
CA VAL Z 58 51.16 60.95 -57.84
C VAL Z 58 50.69 60.08 -59.00
N ARG Z 59 51.60 59.27 -59.58
CA ARG Z 59 51.21 58.41 -60.68
C ARG Z 59 50.18 57.37 -60.27
N ALA Z 60 50.33 56.79 -59.08
CA ALA Z 60 49.36 55.80 -58.64
C ALA Z 60 47.98 56.43 -58.48
N GLN Z 61 47.93 57.70 -58.09
CA GLN Z 61 46.65 58.37 -57.90
C GLN Z 61 45.93 58.54 -59.23
N GLY Z 62 46.68 58.66 -60.32
CA GLY Z 62 46.13 58.99 -61.62
C GLY Z 62 46.25 60.44 -62.01
N ASP Z 63 46.49 61.33 -61.05
CA ASP Z 63 46.62 62.74 -61.37
C ASP Z 63 48.05 63.13 -61.75
N ALA Z 64 48.87 62.17 -62.17
CA ALA Z 64 50.12 62.53 -62.82
C ALA Z 64 49.85 63.33 -64.08
N ASP Z 65 48.89 62.88 -64.89
CA ASP Z 65 48.62 63.54 -66.16
C ASP Z 65 48.16 64.97 -65.96
N GLY Z 66 47.20 65.19 -65.05
CA GLY Z 66 46.72 66.53 -64.83
C GLY Z 66 47.78 67.43 -64.24
N SER Z 67 48.66 66.88 -63.41
CA SER Z 67 49.70 67.70 -62.83
C SER Z 67 50.71 68.15 -63.88
N LEU Z 68 51.16 67.25 -64.76
CA LEU Z 68 52.08 67.67 -65.81
C LEU Z 68 51.47 68.75 -66.69
N ASP Z 69 50.20 68.60 -67.02
CA ASP Z 69 49.55 69.61 -67.85
C ASP Z 69 49.55 70.95 -67.13
N ARG Z 70 49.16 70.96 -65.86
CA ARG Z 70 49.07 72.21 -65.11
C ARG Z 70 50.46 72.73 -64.74
N LEU Z 71 51.48 71.88 -64.75
CA LEU Z 71 52.84 72.32 -64.50
C LEU Z 71 53.51 72.86 -65.76
N TRP Z 72 53.21 72.27 -66.91
CA TRP Z 72 53.76 72.78 -68.15
C TRP Z 72 53.18 74.14 -68.52
N GLN Z 73 52.02 74.49 -67.98
CA GLN Z 73 51.53 75.85 -68.10
C GLN Z 73 52.31 76.75 -67.16
N LYS Z 74 53.54 77.08 -67.57
CA LYS Z 74 54.30 78.17 -67.00
C LYS Z 74 55.03 78.82 -68.17
N ARG Z 75 55.09 80.15 -68.17
CA ARG Z 75 55.61 80.87 -69.31
C ARG Z 75 56.96 81.52 -69.01
N LYS Z 76 57.89 81.33 -69.95
CA LYS Z 76 59.23 81.89 -69.89
C LYS Z 76 59.78 81.94 -71.30
N THR AA 2 35.27 32.83 -39.76
CA THR AA 2 35.34 33.22 -41.15
C THR AA 2 33.97 33.54 -41.67
N PHE AA 3 33.86 34.62 -42.44
CA PHE AA 3 32.60 35.00 -43.06
C PHE AA 3 32.64 34.61 -44.53
N LYS AA 4 31.92 33.54 -44.86
CA LYS AA 4 31.97 32.99 -46.21
C LYS AA 4 31.47 33.99 -47.23
N ARG AA 5 30.35 34.63 -46.94
CA ARG AA 5 29.68 35.51 -47.88
C ARG AA 5 29.54 36.90 -47.27
N ARG AA 6 29.43 37.90 -48.13
CA ARG AA 6 29.13 39.25 -47.65
C ARG AA 6 27.65 39.45 -47.37
N ASN AA 7 26.76 38.87 -48.16
CA ASN AA 7 25.34 39.03 -47.93
C ASN AA 7 24.81 38.13 -46.83
N GLY AA 8 25.63 37.23 -46.29
CA GLY AA 8 25.20 36.31 -45.26
C GLY AA 8 24.42 35.12 -45.75
N GLY AA 9 24.26 34.96 -47.06
CA GLY AA 9 23.47 33.87 -47.62
C GLY AA 9 22.08 34.25 -48.04
N ARG AA 10 21.65 35.49 -47.82
CA ARG AA 10 20.33 35.94 -48.21
C ARG AA 10 20.39 37.40 -48.62
N ASN AA 11 19.32 37.87 -49.24
CA ASN AA 11 19.15 39.28 -49.56
C ASN AA 11 18.25 39.91 -48.50
N LYS AA 12 18.85 40.63 -47.55
CA LYS AA 12 18.05 41.27 -46.51
C LYS AA 12 18.79 42.51 -46.05
N HIS AA 13 18.35 43.66 -46.52
CA HIS AA 13 18.90 44.94 -46.12
C HIS AA 13 17.75 45.87 -45.78
N GLY AA 14 17.89 46.61 -44.68
CA GLY AA 14 16.84 47.52 -44.24
C GLY AA 14 15.70 46.83 -43.52
N ARG AA 15 15.49 45.57 -43.83
CA ARG AA 15 14.49 44.73 -43.19
C ARG AA 15 14.98 44.21 -41.85
N GLY AA 16 14.03 43.83 -41.01
CA GLY AA 16 14.36 43.09 -39.81
C GLY AA 16 13.92 41.65 -39.88
N HIS AA 17 12.73 41.42 -40.43
CA HIS AA 17 12.16 40.09 -40.51
C HIS AA 17 11.56 39.86 -41.88
N VAL AA 18 11.72 38.64 -42.39
CA VAL AA 18 11.17 38.23 -43.67
C VAL AA 18 10.45 36.91 -43.46
N LYS AA 19 9.24 36.80 -44.03
CA LYS AA 19 8.41 35.62 -43.82
C LYS AA 19 8.96 34.41 -44.55
N TYR AA 20 8.90 33.26 -43.90
CA TYR AA 20 9.43 32.02 -44.46
C TYR AA 20 8.48 31.40 -45.48
N ILE AA 21 9.00 30.39 -46.17
CA ILE AA 21 8.26 29.57 -47.13
C ILE AA 21 8.59 28.12 -46.89
N ARG AA 22 7.79 27.23 -47.48
CA ARG AA 22 7.98 25.79 -47.33
C ARG AA 22 8.67 25.22 -48.56
N CYS AA 23 9.78 24.52 -48.33
CA CYS AA 23 10.49 23.87 -49.42
C CYS AA 23 9.56 22.91 -50.15
N SER AA 24 9.64 22.90 -51.47
CA SER AA 24 8.83 21.97 -52.25
C SER AA 24 9.20 20.52 -51.97
N ASN AA 25 10.50 20.25 -51.83
CA ASN AA 25 10.92 18.86 -51.70
C ASN AA 25 10.68 18.33 -50.30
N CYS AA 26 11.21 18.99 -49.28
CA CYS AA 26 11.18 18.44 -47.94
C CYS AA 26 10.32 19.22 -46.97
N ALA AA 27 9.85 20.40 -47.34
CA ALA AA 27 9.01 21.27 -46.51
C ALA AA 27 9.75 21.88 -45.34
N LYS AA 28 11.09 21.93 -45.38
CA LYS AA 28 11.83 22.71 -44.40
C LYS AA 28 11.52 24.19 -44.57
N CYS AA 29 11.33 24.88 -43.45
CA CYS AA 29 11.05 26.31 -43.49
C CYS AA 29 12.33 27.09 -43.75
N CYS AA 30 12.30 27.96 -44.76
CA CYS AA 30 13.40 28.85 -45.05
C CYS AA 30 12.85 30.20 -45.48
N PRO AA 31 13.53 31.29 -45.11
CA PRO AA 31 13.02 32.62 -45.44
C PRO AA 31 12.94 32.84 -46.94
N LYS AA 32 11.96 33.64 -47.36
CA LYS AA 32 11.69 33.82 -48.78
C LYS AA 32 12.85 34.44 -49.53
N ASP AA 33 13.66 35.25 -48.85
CA ASP AA 33 14.82 35.89 -49.45
C ASP AA 33 16.07 35.02 -49.44
N LYS AA 34 16.03 33.85 -48.80
CA LYS AA 34 17.17 32.94 -48.83
C LYS AA 34 16.94 31.74 -49.73
N ALA AA 35 15.70 31.44 -50.07
CA ALA AA 35 15.40 30.23 -50.83
C ALA AA 35 15.91 30.34 -52.26
N ILE AA 36 16.11 29.18 -52.88
CA ILE AA 36 16.40 29.10 -54.30
C ILE AA 36 15.09 28.99 -55.05
N LYS AA 37 14.80 29.98 -55.89
CA LYS AA 37 13.48 30.18 -56.48
C LYS AA 37 13.59 30.13 -58.00
N ARG AA 38 13.05 29.09 -58.60
CA ARG AA 38 13.09 28.90 -60.04
C ARG AA 38 11.66 28.93 -60.56
N PHE AA 39 11.42 29.71 -61.60
CA PHE AA 39 10.12 29.72 -62.25
C PHE AA 39 10.21 28.77 -63.44
N LEU AA 40 9.53 27.63 -63.33
CA LEU AA 40 9.63 26.57 -64.31
C LEU AA 40 8.48 26.69 -65.30
N VAL AA 41 8.81 26.68 -66.58
CA VAL AA 41 7.83 26.75 -67.66
C VAL AA 41 8.00 25.51 -68.52
N ARG AA 42 7.09 24.55 -68.36
CA ARG AA 42 7.24 23.24 -68.99
C ARG AA 42 6.01 22.92 -69.82
N ASN AA 43 6.13 21.88 -70.64
CA ASN AA 43 5.06 21.42 -71.51
C ASN AA 43 4.34 20.24 -70.88
N ILE AA 44 3.05 20.10 -71.19
CA ILE AA 44 2.28 18.96 -70.69
C ILE AA 44 2.88 17.65 -71.14
N VAL AA 45 3.50 17.64 -72.33
CA VAL AA 45 4.16 16.46 -72.87
C VAL AA 45 5.48 16.88 -73.49
N GLU AA 46 6.52 16.07 -73.28
CA GLU AA 46 7.78 16.25 -73.98
C GLU AA 46 7.59 15.98 -75.47
N GLN AA 47 8.43 16.62 -76.29
CA GLN AA 47 8.32 16.56 -77.74
C GLN AA 47 8.30 15.13 -78.29
N ALA AA 48 8.54 14.12 -77.44
CA ALA AA 48 8.34 12.75 -77.88
C ALA AA 48 6.88 12.48 -78.22
N ALA AA 49 5.95 13.08 -77.48
CA ALA AA 49 4.53 12.82 -77.67
C ALA AA 49 3.75 14.09 -77.91
N VAL AA 50 4.22 14.95 -78.81
CA VAL AA 50 3.43 16.11 -79.22
C VAL AA 50 2.71 15.88 -80.54
N ARG AA 51 3.35 15.20 -81.50
CA ARG AA 51 2.66 14.95 -82.74
C ARG AA 51 1.52 13.96 -82.53
N ASP AA 52 1.77 12.87 -81.82
CA ASP AA 52 0.70 11.90 -81.65
C ASP AA 52 -0.32 12.32 -80.61
N VAL AA 53 -0.24 13.56 -80.13
CA VAL AA 53 -1.34 14.16 -79.40
C VAL AA 53 -1.99 15.31 -80.18
N GLN AA 54 -1.26 15.95 -81.10
CA GLN AA 54 -1.90 16.84 -82.06
C GLN AA 54 -2.62 16.09 -83.18
N GLU AA 55 -2.27 14.82 -83.40
CA GLU AA 55 -3.06 14.03 -84.35
C GLU AA 55 -4.45 13.77 -83.81
N ALA AA 56 -4.64 13.85 -82.49
CA ALA AA 56 -5.91 13.55 -81.85
C ALA AA 56 -6.75 14.77 -81.55
N CYS AA 57 -6.20 15.97 -81.64
CA CYS AA 57 -6.98 17.17 -81.36
C CYS AA 57 -8.04 17.34 -82.44
N VAL AA 58 -9.30 17.43 -82.03
CA VAL AA 58 -10.39 17.57 -83.00
C VAL AA 58 -10.42 18.98 -83.60
N HIS AA 59 -10.17 20.02 -82.80
CA HIS AA 59 -10.21 21.38 -83.29
C HIS AA 59 -8.84 21.78 -83.81
N ASP AA 60 -8.79 22.24 -85.06
CA ASP AA 60 -7.52 22.60 -85.68
C ASP AA 60 -6.91 23.84 -85.02
N GLY AA 61 -5.60 23.80 -84.81
CA GLY AA 61 -4.89 24.94 -84.28
C GLY AA 61 -4.69 24.95 -82.78
N TYR AA 62 -5.02 23.88 -82.08
CA TYR AA 62 -4.88 23.85 -80.63
C TYR AA 62 -3.41 23.75 -80.26
N VAL AA 63 -2.89 24.79 -79.61
CA VAL AA 63 -1.55 24.79 -79.06
C VAL AA 63 -1.61 24.20 -77.66
N LEU AA 64 -0.71 23.29 -77.38
CA LEU AA 64 -0.74 22.58 -76.11
C LEU AA 64 -0.35 23.53 -74.99
N PRO AA 65 -1.18 23.71 -73.96
CA PRO AA 65 -0.82 24.60 -72.86
C PRO AA 65 0.40 24.12 -72.09
N LYS AA 66 0.98 25.06 -71.35
CA LYS AA 66 2.23 24.86 -70.62
C LYS AA 66 1.96 24.94 -69.12
N LEU AA 67 2.60 24.07 -68.34
CA LEU AA 67 2.41 24.10 -66.90
C LEU AA 67 3.31 25.16 -66.30
N TYR AA 68 2.73 26.10 -65.57
CA TYR AA 68 3.50 27.17 -64.96
C TYR AA 68 3.61 26.90 -63.46
N ALA AA 69 4.81 26.99 -62.93
CA ALA AA 69 4.99 26.83 -61.49
C ALA AA 69 6.19 27.63 -61.03
N LYS AA 70 6.18 27.99 -59.76
CA LYS AA 70 7.29 28.66 -59.08
C LYS AA 70 7.72 27.79 -57.93
N VAL AA 71 8.85 27.13 -58.08
CA VAL AA 71 9.27 26.08 -57.17
C VAL AA 71 10.32 26.63 -56.23
N HIS AA 72 10.18 26.33 -54.95
CA HIS AA 72 11.05 26.82 -53.90
C HIS AA 72 11.87 25.66 -53.36
N HIS AA 73 13.11 25.93 -52.99
CA HIS AA 73 13.97 24.90 -52.44
C HIS AA 73 14.74 25.44 -51.25
N CYS AA 74 15.07 24.57 -50.32
CA CYS AA 74 16.03 24.91 -49.30
C CYS AA 74 17.44 24.66 -49.82
N VAL AA 75 18.43 25.07 -49.04
CA VAL AA 75 19.81 24.97 -49.51
C VAL AA 75 20.21 23.51 -49.69
N SER AA 76 19.87 22.64 -48.74
CA SER AA 76 20.27 21.24 -48.84
C SER AA 76 19.59 20.54 -50.01
N CYS AA 77 18.30 20.78 -50.21
CA CYS AA 77 17.60 20.18 -51.35
C CYS AA 77 18.07 20.77 -52.67
N ALA AA 78 18.39 22.06 -52.70
CA ALA AA 78 18.92 22.65 -53.92
C ALA AA 78 20.28 22.05 -54.29
N ILE AA 79 21.14 21.85 -53.30
CA ILE AA 79 22.44 21.23 -53.56
C ILE AA 79 22.29 19.78 -53.97
N HIS AA 80 21.45 19.02 -53.25
CA HIS AA 80 21.38 17.59 -53.50
C HIS AA 80 20.81 17.28 -54.86
N ALA AA 81 19.90 18.10 -55.36
CA ALA AA 81 19.30 17.88 -56.65
C ALA AA 81 20.13 18.47 -57.79
N HIS AA 82 21.19 19.20 -57.48
CA HIS AA 82 22.07 19.84 -58.44
C HIS AA 82 21.45 21.05 -59.11
N ILE AA 83 20.48 21.70 -58.47
CA ILE AA 83 19.96 22.96 -58.99
C ILE AA 83 21.01 24.05 -58.84
N VAL AA 84 21.80 24.00 -57.79
CA VAL AA 84 22.96 24.87 -57.62
C VAL AA 84 24.13 24.02 -57.14
N ARG AA 85 25.34 24.42 -57.52
CA ARG AA 85 26.52 23.65 -57.20
C ARG AA 85 27.45 24.43 -56.27
N VAL AA 86 28.30 23.69 -55.57
CA VAL AA 86 29.41 24.33 -54.87
C VAL AA 86 30.33 24.95 -55.91
N ARG AA 87 30.51 26.26 -55.84
CA ARG AA 87 31.36 26.98 -56.78
C ARG AA 87 32.70 27.32 -56.14
N SER AA 88 33.64 27.71 -56.98
CA SER AA 88 34.94 28.10 -56.48
C SER AA 88 34.81 29.38 -55.68
N ARG AA 89 35.82 29.65 -54.85
CA ARG AA 89 35.81 30.88 -54.08
C ARG AA 89 35.70 32.09 -55.01
N GLU AA 90 36.44 32.06 -56.12
CA GLU AA 90 36.42 33.17 -57.06
C GLU AA 90 35.11 33.27 -57.83
N ASN AA 91 34.47 32.14 -58.14
CA ASN AA 91 33.20 32.17 -58.86
C ASN AA 91 32.00 32.39 -57.95
N ARG AA 92 32.18 32.32 -56.64
CA ARG AA 92 31.07 32.52 -55.72
C ARG AA 92 30.46 33.90 -55.89
N ARG AA 93 31.18 34.84 -56.47
CA ARG AA 93 30.74 36.22 -56.54
C ARG AA 93 30.01 36.57 -57.84
N ASN AA 94 29.74 35.59 -58.70
CA ASN AA 94 29.04 35.85 -59.96
C ASN AA 94 27.55 35.63 -59.78
N ARG AA 95 26.76 36.67 -60.03
CA ARG AA 95 25.33 36.61 -59.81
C ARG AA 95 24.53 36.46 -61.11
N GLU AA 96 25.18 36.31 -62.24
CA GLU AA 96 24.49 36.14 -63.50
C GLU AA 96 24.10 34.69 -63.71
N HIS BA 3 69.87 56.33 19.22
CA HIS BA 3 71.19 55.93 18.76
C HIS BA 3 71.67 56.79 17.61
N VAL BA 4 72.65 57.64 17.88
CA VAL BA 4 73.25 58.44 16.82
C VAL BA 4 74.17 57.47 16.09
N ASN BA 5 74.74 57.90 14.96
CA ASN BA 5 75.51 57.12 14.01
C ASN BA 5 74.59 56.27 13.16
N PHE BA 6 73.31 56.19 13.50
CA PHE BA 6 72.34 55.71 12.54
C PHE BA 6 72.23 56.68 11.37
N TYR BA 7 72.45 57.97 11.64
CA TYR BA 7 72.25 59.02 10.65
C TYR BA 7 73.31 59.03 9.57
N ARG BA 8 74.44 58.35 9.77
CA ARG BA 8 75.48 58.34 8.75
C ARG BA 8 74.97 57.71 7.47
N ASN BA 9 75.34 58.29 6.34
CA ASN BA 9 74.91 57.76 5.06
C ASN BA 9 75.83 56.65 4.58
N TYR BA 10 75.30 55.83 3.70
CA TYR BA 10 76.05 54.89 2.89
C TYR BA 10 75.28 54.69 1.61
N GLY BA 11 75.99 54.31 0.55
CA GLY BA 11 75.38 54.23 -0.76
C GLY BA 11 75.96 53.06 -1.54
N LYS BA 12 75.36 52.83 -2.70
CA LYS BA 12 75.79 51.78 -3.62
C LYS BA 12 76.58 52.39 -4.76
N THR BA 13 77.58 51.65 -5.24
CA THR BA 13 78.50 52.19 -6.22
C THR BA 13 78.45 51.53 -7.58
N PHE BA 14 77.75 50.40 -7.73
CA PHE BA 14 77.68 49.72 -9.01
C PHE BA 14 76.35 49.02 -9.16
N LYS BA 15 76.03 48.66 -10.39
CA LYS BA 15 74.79 47.98 -10.73
C LYS BA 15 75.07 46.80 -11.65
N LYS BA 16 74.48 45.64 -11.34
CA LYS BA 16 74.70 44.45 -12.14
C LYS BA 16 73.98 44.58 -13.49
N PRO BA 17 74.50 43.97 -14.55
CA PRO BA 17 73.89 44.14 -15.87
C PRO BA 17 72.58 43.39 -16.01
N ARG BA 18 71.69 43.93 -16.84
CA ARG BA 18 70.37 43.33 -17.00
C ARG BA 18 70.44 41.97 -17.67
N ARG BA 19 71.15 41.88 -18.80
CA ARG BA 19 71.16 40.65 -19.57
C ARG BA 19 72.42 39.88 -19.22
N PRO BA 20 72.35 38.87 -18.38
CA PRO BA 20 73.57 38.29 -17.83
C PRO BA 20 74.52 37.71 -18.86
N TYR BA 21 74.01 37.06 -19.90
CA TYR BA 21 74.87 36.17 -20.66
C TYR BA 21 74.73 36.53 -22.13
N GLU BA 22 75.49 37.51 -22.60
CA GLU BA 22 75.52 37.80 -24.02
C GLU BA 22 76.95 38.03 -24.46
N LYS BA 23 77.34 37.37 -25.55
CA LYS BA 23 78.76 37.30 -25.93
C LYS BA 23 79.34 38.68 -26.21
N GLU BA 24 78.63 39.51 -26.96
CA GLU BA 24 79.22 40.78 -27.41
C GLU BA 24 79.50 41.71 -26.24
N ARG BA 25 78.53 41.87 -25.33
CA ARG BA 25 78.80 42.61 -24.10
C ARG BA 25 79.91 41.94 -23.30
N LEU BA 26 79.94 40.62 -23.31
CA LEU BA 26 80.78 39.90 -22.36
C LEU BA 26 82.24 39.95 -22.76
N ASP BA 27 82.54 39.86 -24.06
CA ASP BA 27 83.93 39.95 -24.52
C ASP BA 27 84.45 41.37 -24.44
N ALA BA 28 83.59 42.36 -24.70
CA ALA BA 28 83.99 43.75 -24.55
C ALA BA 28 84.41 44.05 -23.13
N GLU BA 29 83.73 43.43 -22.16
CA GLU BA 29 84.10 43.60 -20.77
C GLU BA 29 85.47 43.01 -20.48
N LEU BA 30 85.76 41.82 -21.03
CA LEU BA 30 87.06 41.22 -20.78
C LEU BA 30 88.17 42.02 -21.45
N LYS BA 31 87.83 42.71 -22.55
CA LYS BA 31 88.77 43.64 -23.16
C LYS BA 31 89.28 44.64 -22.14
N LEU BA 32 88.35 45.33 -21.47
CA LEU BA 32 88.70 46.33 -20.47
C LEU BA 32 89.38 45.72 -19.26
N VAL BA 33 88.86 44.60 -18.77
CA VAL BA 33 89.38 44.03 -17.52
C VAL BA 33 90.82 43.59 -17.69
N GLY BA 34 91.09 42.85 -18.76
CA GLY BA 34 92.46 42.39 -18.99
C GLY BA 34 93.41 43.51 -19.35
N GLU BA 35 92.96 44.44 -20.18
CA GLU BA 35 93.87 45.45 -20.72
C GLU BA 35 94.22 46.50 -19.67
N TYR BA 36 93.35 46.71 -18.69
CA TYR BA 36 93.63 47.63 -17.60
C TYR BA 36 94.01 46.92 -16.32
N GLY BA 37 94.15 45.60 -16.36
CA GLY BA 37 94.56 44.83 -15.20
C GLY BA 37 93.63 44.95 -14.02
N LEU BA 38 92.39 44.51 -14.18
CA LEU BA 38 91.39 44.59 -13.13
C LEU BA 38 91.21 43.23 -12.45
N ARG BA 39 90.64 43.27 -11.25
CA ARG BA 39 90.39 42.05 -10.49
C ARG BA 39 89.06 41.38 -10.81
N CYS BA 40 88.02 42.15 -11.13
CA CYS BA 40 86.71 41.58 -11.33
C CYS BA 40 85.83 42.59 -12.05
N LYS BA 41 84.69 42.11 -12.52
CA LYS BA 41 83.82 42.96 -13.33
C LYS BA 41 83.22 44.09 -12.51
N ARG BA 42 83.25 43.99 -11.19
CA ARG BA 42 82.74 45.04 -10.32
C ARG BA 42 83.52 46.33 -10.50
N GLU BA 43 84.83 46.23 -10.71
CA GLU BA 43 85.66 47.41 -10.92
C GLU BA 43 85.15 48.22 -12.11
N LEU BA 44 84.79 47.55 -13.19
CA LEU BA 44 84.37 48.25 -14.38
C LEU BA 44 82.94 48.76 -14.27
N TRP BA 45 82.06 48.03 -13.58
CA TRP BA 45 80.67 48.45 -13.49
C TRP BA 45 80.50 49.74 -12.69
N ARG BA 46 81.28 49.91 -11.63
CA ARG BA 46 81.16 51.13 -10.85
C ARG BA 46 81.59 52.35 -11.67
N VAL BA 47 82.61 52.20 -12.51
CA VAL BA 47 83.01 53.30 -13.38
C VAL BA 47 81.87 53.68 -14.31
N GLN BA 48 81.22 52.69 -14.92
CA GLN BA 48 80.12 53.01 -15.82
C GLN BA 48 78.93 53.60 -15.08
N TYR BA 49 78.72 53.20 -13.83
CA TYR BA 49 77.64 53.76 -13.04
C TYR BA 49 77.92 55.22 -12.72
N ALA BA 50 79.18 55.55 -12.40
CA ALA BA 50 79.56 56.94 -12.18
C ALA BA 50 79.52 57.74 -13.47
N LEU BA 51 79.93 57.14 -14.59
CA LEU BA 51 79.80 57.82 -15.88
C LEU BA 51 78.35 58.17 -16.17
N SER BA 52 77.44 57.23 -15.93
CA SER BA 52 76.03 57.48 -16.22
C SER BA 52 75.49 58.61 -15.35
N ARG BA 53 76.06 58.77 -14.15
CA ARG BA 53 75.59 59.84 -13.26
C ARG BA 53 75.85 61.21 -13.85
N ILE BA 54 77.07 61.46 -14.34
CA ILE BA 54 77.35 62.78 -14.88
C ILE BA 54 76.66 62.99 -16.21
N ARG BA 55 76.54 61.93 -17.02
CA ARG BA 55 75.85 62.06 -18.30
C ARG BA 55 74.39 62.42 -18.10
N ASN BA 56 73.76 61.84 -17.09
CA ASN BA 56 72.41 62.28 -16.73
C ASN BA 56 72.44 63.73 -16.25
N ALA BA 57 73.44 64.08 -15.45
CA ALA BA 57 73.59 65.46 -15.02
C ALA BA 57 73.82 66.38 -16.23
N ALA BA 58 74.79 66.04 -17.07
CA ALA BA 58 75.08 66.86 -18.24
C ALA BA 58 73.90 66.90 -19.20
N ARG BA 59 73.24 65.76 -19.41
CA ARG BA 59 72.05 65.76 -20.28
C ARG BA 59 70.97 66.66 -19.73
N HIS BA 60 70.81 66.68 -18.41
CA HIS BA 60 69.73 67.48 -17.84
C HIS BA 60 69.97 68.97 -18.07
N LEU BA 61 71.21 69.43 -17.89
CA LEU BA 61 71.51 70.83 -18.14
C LEU BA 61 71.32 71.18 -19.62
N LEU BA 62 71.66 70.26 -20.50
CA LEU BA 62 71.54 70.51 -21.93
C LEU BA 62 70.10 70.63 -22.37
N THR BA 63 69.16 70.13 -21.57
CA THR BA 63 67.76 70.43 -21.81
C THR BA 63 67.40 71.84 -21.36
N LEU BA 64 68.05 72.33 -20.30
CA LEU BA 64 67.88 73.72 -19.95
C LEU BA 64 68.49 74.60 -21.04
N ASP BA 65 68.30 75.90 -20.91
CA ASP BA 65 68.74 76.80 -21.95
C ASP BA 65 69.94 77.61 -21.46
N GLU BA 66 70.66 78.16 -22.41
CA GLU BA 66 71.56 79.25 -22.08
C GLU BA 66 70.74 80.39 -21.50
N LYS BA 67 71.40 81.23 -20.68
CA LYS BA 67 70.81 82.28 -19.87
C LYS BA 67 70.20 81.71 -18.59
N ASN BA 68 70.27 80.40 -18.37
CA ASN BA 68 69.75 79.79 -17.16
C ASN BA 68 70.82 79.83 -16.07
N PRO BA 69 70.56 80.44 -14.92
CA PRO BA 69 71.58 80.45 -13.87
C PRO BA 69 72.03 79.07 -13.46
N ARG BA 70 71.12 78.10 -13.42
CA ARG BA 70 71.53 76.73 -13.09
C ARG BA 70 72.40 76.14 -14.19
N ARG BA 71 71.98 76.30 -15.44
CA ARG BA 71 72.84 75.98 -16.58
C ARG BA 71 74.25 76.53 -16.42
N ILE BA 72 74.37 77.84 -16.18
CA ILE BA 72 75.67 78.49 -16.14
C ILE BA 72 76.49 78.00 -14.96
N PHE BA 73 75.89 77.99 -13.77
CA PHE BA 73 76.65 77.64 -12.58
C PHE BA 73 76.98 76.15 -12.55
N GLU BA 74 75.98 75.30 -12.78
CA GLU BA 74 76.20 73.86 -12.71
C GLU BA 74 77.11 73.38 -13.83
N GLY BA 75 76.95 73.94 -15.03
CA GLY BA 75 77.76 73.49 -16.16
C GLY BA 75 79.23 73.73 -15.95
N ALA BA 76 79.59 74.94 -15.49
CA ALA BA 76 81.00 75.27 -15.28
C ALA BA 76 81.61 74.38 -14.21
N ALA BA 77 80.87 74.13 -13.12
CA ALA BA 77 81.40 73.28 -12.07
C ALA BA 77 81.64 71.87 -12.56
N LEU BA 78 80.73 71.34 -13.37
CA LEU BA 78 80.94 70.03 -13.98
C LEU BA 78 82.14 70.07 -14.93
N LEU BA 79 82.22 71.12 -15.75
CA LEU BA 79 83.33 71.23 -16.69
C LEU BA 79 84.66 71.40 -15.98
N ARG BA 80 84.67 72.15 -14.87
CA ARG BA 80 85.89 72.22 -14.08
C ARG BA 80 86.27 70.86 -13.54
N ARG BA 81 85.30 70.12 -13.01
CA ARG BA 81 85.58 68.80 -12.44
C ARG BA 81 86.18 67.87 -13.49
N MET BA 82 85.67 67.92 -14.72
CA MET BA 82 86.19 67.08 -15.79
C MET BA 82 87.60 67.50 -16.19
N ASN BA 83 87.81 68.79 -16.43
CA ASN BA 83 89.14 69.27 -16.77
C ASN BA 83 90.13 69.07 -15.64
N ARG BA 84 89.66 69.12 -14.39
CA ARG BA 84 90.54 68.97 -13.24
C ARG BA 84 91.15 67.58 -13.17
N TYR BA 85 90.37 66.56 -13.52
CA TYR BA 85 90.89 65.20 -13.57
C TYR BA 85 91.45 64.84 -14.93
N GLY BA 86 91.47 65.79 -15.88
CA GLY BA 86 91.96 65.54 -17.20
C GLY BA 86 91.03 64.77 -18.10
N LEU BA 87 89.79 64.56 -17.69
CA LEU BA 87 88.90 63.68 -18.41
C LEU BA 87 88.26 64.37 -19.60
N LEU BA 88 88.85 65.47 -20.05
CA LEU BA 88 88.26 66.29 -21.10
C LEU BA 88 89.39 67.14 -21.65
N ALA BA 89 89.61 67.08 -22.96
CA ALA BA 89 90.78 67.71 -23.58
C ALA BA 89 90.63 69.22 -23.56
N GLU BA 90 91.53 69.90 -24.25
CA GLU BA 90 91.56 71.36 -24.26
C GLU BA 90 90.80 71.93 -25.44
N GLY BA 91 90.08 73.02 -25.20
CA GLY BA 91 89.08 73.49 -26.12
C GLY BA 91 87.79 72.71 -26.04
N GLN BA 92 87.71 71.72 -25.15
CA GLN BA 92 86.57 70.83 -25.07
C GLN BA 92 85.47 71.36 -24.15
N ASP BA 93 85.47 72.67 -23.90
CA ASP BA 93 84.63 73.26 -22.85
C ASP BA 93 83.28 73.71 -23.43
N LYS BA 94 82.48 72.73 -23.83
CA LYS BA 94 81.17 72.99 -24.40
C LYS BA 94 80.04 72.26 -23.69
N LEU BA 95 80.35 71.27 -22.84
CA LEU BA 95 79.35 70.47 -22.13
C LEU BA 95 78.48 69.66 -23.10
N ASP BA 96 78.91 69.52 -24.34
CA ASP BA 96 78.45 68.46 -25.22
C ASP BA 96 79.47 67.35 -25.35
N TYR BA 97 80.70 67.61 -24.91
CA TYR BA 97 81.78 66.63 -25.00
C TYR BA 97 81.88 65.80 -23.73
N VAL BA 98 81.24 66.25 -22.66
CA VAL BA 98 81.02 65.37 -21.51
C VAL BA 98 80.16 64.18 -21.92
N LEU BA 99 79.19 64.41 -22.80
CA LEU BA 99 78.33 63.33 -23.26
C LEU BA 99 79.15 62.28 -24.02
N ALA BA 100 80.09 62.73 -24.84
CA ALA BA 100 80.93 61.83 -25.61
C ALA BA 100 81.87 61.00 -24.76
N LEU BA 101 82.04 61.37 -23.49
CA LEU BA 101 83.05 60.72 -22.65
C LEU BA 101 82.76 59.24 -22.51
N THR BA 102 83.82 58.44 -22.29
CA THR BA 102 83.76 56.99 -22.40
C THR BA 102 84.22 56.39 -21.08
N ALA BA 103 84.19 55.06 -20.97
CA ALA BA 103 84.75 54.38 -19.81
C ALA BA 103 86.26 54.20 -19.90
N GLU BA 104 86.84 54.30 -21.10
CA GLU BA 104 88.29 54.22 -21.21
C GLU BA 104 88.95 55.33 -20.43
N ASN BA 105 88.44 56.57 -20.55
CA ASN BA 105 89.11 57.74 -20.00
C ASN BA 105 89.25 57.65 -18.49
N PHE BA 106 88.17 57.25 -17.81
CA PHE BA 106 88.24 57.09 -16.37
C PHE BA 106 89.23 56.02 -15.99
N LEU BA 107 89.34 54.98 -16.82
CA LEU BA 107 90.26 53.89 -16.55
C LEU BA 107 91.69 54.21 -16.96
N ALA BA 108 91.93 55.36 -17.58
CA ALA BA 108 93.27 55.83 -17.85
C ALA BA 108 93.74 56.91 -16.89
N ARG BA 109 92.91 57.28 -15.91
CA ARG BA 109 93.30 58.21 -14.87
C ARG BA 109 93.52 57.52 -13.54
N ARG BA 110 93.30 56.21 -13.48
CA ARG BA 110 93.51 55.46 -12.25
C ARG BA 110 94.99 55.50 -11.88
N LEU BA 111 95.27 55.33 -10.59
CA LEU BA 111 96.66 55.34 -10.15
C LEU BA 111 97.42 54.15 -10.73
N GLN BA 112 96.76 53.01 -10.84
CA GLN BA 112 97.38 51.83 -11.45
C GLN BA 112 97.83 52.11 -12.87
N THR BA 113 96.93 52.62 -13.71
CA THR BA 113 97.25 52.80 -15.11
C THR BA 113 98.27 53.90 -15.33
N LEU BA 114 98.20 54.99 -14.58
CA LEU BA 114 99.16 56.07 -14.76
C LEU BA 114 100.55 55.65 -14.33
N VAL BA 115 100.66 54.81 -13.29
CA VAL BA 115 101.96 54.32 -12.87
C VAL BA 115 102.63 53.55 -14.00
N PHE BA 116 101.87 52.69 -14.67
CA PHE BA 116 102.43 51.94 -15.79
C PHE BA 116 102.77 52.86 -16.96
N LYS BA 117 101.91 53.83 -17.26
CA LYS BA 117 102.18 54.71 -18.39
C LYS BA 117 103.39 55.59 -18.15
N ALA BA 118 103.78 55.80 -16.89
CA ALA BA 118 104.94 56.60 -16.57
C ALA BA 118 106.23 55.80 -16.52
N GLY BA 119 106.15 54.47 -16.61
CA GLY BA 119 107.31 53.63 -16.38
C GLY BA 119 107.18 52.92 -15.06
N MET BA 120 108.29 52.75 -14.34
CA MET BA 120 108.27 52.35 -12.95
C MET BA 120 107.74 50.94 -12.69
N ALA BA 121 107.17 50.29 -13.71
CA ALA BA 121 106.43 49.08 -13.35
C ALA BA 121 106.75 47.86 -14.19
N LYS BA 122 106.92 48.00 -15.50
CA LYS BA 122 107.16 46.94 -16.48
C LYS BA 122 105.91 46.16 -16.86
N SER BA 123 104.73 46.50 -16.33
CA SER BA 123 103.46 45.90 -16.71
C SER BA 123 102.35 46.61 -15.97
N ILE BA 124 101.12 46.42 -16.43
CA ILE BA 124 99.98 46.92 -15.68
C ILE BA 124 99.80 46.11 -14.40
N HIS BA 125 99.99 44.80 -14.47
CA HIS BA 125 99.77 43.95 -13.31
C HIS BA 125 100.88 44.09 -12.27
N HIS BA 126 102.10 44.40 -12.71
CA HIS BA 126 103.14 44.77 -11.73
C HIS BA 126 102.75 46.03 -10.99
N ALA BA 127 102.25 47.03 -11.72
CA ALA BA 127 101.93 48.31 -11.10
C ALA BA 127 101.05 48.14 -9.87
N ARG BA 128 99.98 47.33 -10.00
CA ARG BA 128 99.02 47.21 -8.91
C ARG BA 128 99.66 46.63 -7.65
N VAL BA 129 100.34 45.49 -7.77
CA VAL BA 129 100.97 44.93 -6.58
C VAL BA 129 102.05 45.88 -6.07
N LEU BA 130 102.67 46.65 -6.97
CA LEU BA 130 103.58 47.70 -6.57
C LEU BA 130 102.85 48.83 -5.86
N ILE BA 131 101.54 49.00 -6.09
CA ILE BA 131 100.82 50.04 -5.35
C ILE BA 131 100.39 49.53 -3.98
N ARG BA 132 99.92 48.29 -3.90
CA ARG BA 132 99.42 47.78 -2.64
C ARG BA 132 100.52 47.39 -1.66
N GLN BA 133 101.77 47.33 -2.09
CA GLN BA 133 102.88 46.98 -1.22
C GLN BA 133 103.62 48.21 -0.71
N ARG BA 134 102.90 49.33 -0.54
CA ARG BA 134 103.41 50.55 0.10
C ARG BA 134 104.53 51.20 -0.70
N HIS BA 135 104.61 50.91 -1.99
CA HIS BA 135 105.78 51.21 -2.78
C HIS BA 135 105.71 52.52 -3.55
N ILE BA 136 104.58 53.22 -3.48
CA ILE BA 136 104.37 54.41 -4.31
C ILE BA 136 103.62 55.44 -3.49
N ARG BA 137 104.21 56.62 -3.34
CA ARG BA 137 103.49 57.77 -2.80
C ARG BA 137 102.88 58.57 -3.94
N VAL BA 138 102.19 59.66 -3.62
CA VAL BA 138 101.67 60.51 -4.68
C VAL BA 138 102.23 61.92 -4.56
N GLY BA 139 101.86 62.65 -3.52
CA GLY BA 139 102.55 63.91 -3.32
C GLY BA 139 103.52 63.83 -2.17
N ARG BA 140 103.00 63.41 -1.03
CA ARG BA 140 103.79 63.19 0.15
C ARG BA 140 103.21 62.02 0.95
N GLN BA 141 102.17 61.38 0.44
CA GLN BA 141 101.42 60.35 1.15
C GLN BA 141 101.44 59.05 0.38
N ILE BA 142 101.55 57.94 1.11
CA ILE BA 142 101.64 56.61 0.53
C ILE BA 142 100.24 56.17 0.16
N VAL BA 143 99.82 56.46 -1.07
CA VAL BA 143 98.52 56.06 -1.57
C VAL BA 143 98.57 54.60 -2.01
N ASN BA 144 97.77 53.75 -1.39
CA ASN BA 144 97.81 52.32 -1.67
C ASN BA 144 96.48 51.79 -2.19
N VAL BA 145 95.77 52.59 -2.97
CA VAL BA 145 94.55 52.14 -3.64
C VAL BA 145 94.80 52.20 -5.15
N PRO BA 146 94.71 51.08 -5.86
CA PRO BA 146 94.97 51.11 -7.31
C PRO BA 146 94.02 52.00 -8.09
N SER BA 147 92.91 52.41 -7.50
CA SER BA 147 91.86 53.16 -8.19
C SER BA 147 91.82 54.62 -7.76
N PHE BA 148 92.97 55.21 -7.47
CA PHE BA 148 93.03 56.50 -6.80
C PHE BA 148 92.47 57.65 -7.63
N MET BA 149 92.42 57.52 -8.96
CA MET BA 149 91.82 58.54 -9.83
C MET BA 149 92.59 59.87 -9.72
N VAL BA 150 93.82 59.84 -10.25
CA VAL BA 150 94.78 60.93 -10.11
C VAL BA 150 94.30 62.18 -10.84
N ARG BA 151 94.47 63.34 -10.20
CA ARG BA 151 94.19 64.62 -10.85
C ARG BA 151 95.40 65.08 -11.65
N VAL BA 152 95.19 66.09 -12.49
CA VAL BA 152 96.27 66.59 -13.35
C VAL BA 152 97.38 67.20 -12.52
N GLU BA 153 97.03 68.03 -11.54
CA GLU BA 153 98.05 68.76 -10.79
C GLU BA 153 98.92 67.81 -9.99
N SER BA 154 98.38 66.69 -9.54
CA SER BA 154 99.15 65.70 -8.80
C SER BA 154 99.82 64.70 -9.71
N GLU BA 155 99.64 64.82 -11.02
CA GLU BA 155 100.23 63.85 -11.93
C GLU BA 155 101.76 63.96 -11.94
N LYS BA 156 102.31 65.16 -11.74
CA LYS BA 156 103.76 65.31 -11.82
C LYS BA 156 104.47 64.65 -10.64
N HIS BA 157 103.86 64.68 -9.46
CA HIS BA 157 104.55 64.24 -8.26
C HIS BA 157 104.39 62.75 -7.98
N ILE BA 158 103.56 62.05 -8.73
CA ILE BA 158 103.51 60.59 -8.61
C ILE BA 158 104.93 60.04 -8.74
N ASP BA 159 105.34 59.26 -7.76
CA ASP BA 159 106.70 58.75 -7.72
C ASP BA 159 106.80 57.65 -6.67
N PHE BA 160 108.01 57.16 -6.47
CA PHE BA 160 108.25 56.13 -5.47
C PHE BA 160 108.14 56.73 -4.07
N SER BA 161 108.09 55.85 -3.07
CA SER BA 161 108.07 56.30 -1.70
C SER BA 161 109.43 56.81 -1.29
N LEU BA 162 109.49 57.33 -0.06
CA LEU BA 162 110.75 57.65 0.58
C LEU BA 162 111.20 56.54 1.53
N THR BA 163 110.57 55.36 1.43
CA THR BA 163 110.87 54.23 2.29
C THR BA 163 111.02 52.95 1.47
N SER BA 164 110.37 52.90 0.33
CA SER BA 164 110.27 51.63 -0.41
C SER BA 164 111.60 51.29 -1.05
N PRO BA 165 112.11 50.06 -0.83
CA PRO BA 165 113.44 49.68 -1.32
C PRO BA 165 113.73 50.09 -2.75
N PHE BA 166 112.72 50.13 -3.61
CA PHE BA 166 112.98 50.50 -4.99
C PHE BA 166 112.99 52.00 -5.24
N GLY BA 167 112.53 52.81 -4.30
CA GLY BA 167 112.67 54.24 -4.45
C GLY BA 167 112.89 54.98 -3.14
N GLY BA 168 113.01 54.24 -2.06
CA GLY BA 168 113.14 54.86 -0.75
C GLY BA 168 114.42 54.56 0.00
N GLY BA 169 114.30 53.70 1.02
CA GLY BA 169 115.35 53.50 1.98
C GLY BA 169 115.86 52.08 2.05
N PRO BA 170 115.62 51.42 3.19
CA PRO BA 170 116.26 50.14 3.46
C PRO BA 170 115.57 48.97 2.77
N ALA BA 171 116.29 47.85 2.77
CA ALA BA 171 115.87 46.69 1.99
C ALA BA 171 114.71 45.96 2.67
N GLY BA 172 114.17 44.98 1.96
CA GLY BA 172 113.00 44.25 2.41
C GLY BA 172 113.35 43.00 3.20
N ARG BA 173 112.31 42.28 3.59
CA ARG BA 173 112.49 41.12 4.46
C ARG BA 173 113.33 40.05 3.77
N VAL BA 174 112.96 39.68 2.55
CA VAL BA 174 113.72 38.66 1.85
C VAL BA 174 115.13 39.13 1.55
N LYS BA 175 115.31 40.41 1.26
CA LYS BA 175 116.64 40.94 0.99
C LYS BA 175 117.54 40.87 2.22
N ARG BA 176 117.02 41.30 3.38
CA ARG BA 176 117.78 41.21 4.61
C ARG BA 176 118.02 39.76 5.01
N LYS BA 177 117.04 38.89 4.73
CA LYS BA 177 117.18 37.48 5.07
C LYS BA 177 118.35 36.85 4.33
N ASN BA 178 118.49 37.16 3.05
CA ASN BA 178 119.58 36.60 2.26
C ASN BA 178 120.93 37.16 2.70
N GLN BA 179 120.95 38.42 3.12
CA GLN BA 179 122.21 39.01 3.57
C GLN BA 179 122.66 38.40 4.88
N LYS BA 180 121.73 38.11 5.79
CA LYS BA 180 122.09 37.52 7.08
C LYS BA 180 122.50 36.07 6.94
N LYS BA 181 121.88 35.33 6.02
CA LYS BA 181 122.30 33.94 5.79
C LYS BA 181 123.65 33.88 5.11
N ALA BA 182 124.01 34.90 4.34
CA ALA BA 182 125.36 34.98 3.80
C ALA BA 182 126.35 35.33 4.90
N SER BA 183 125.94 36.18 5.83
CA SER BA 183 126.72 36.51 7.01
C SER BA 183 126.25 35.66 8.19
N LYS CA 43 83.19 36.44 -65.85
CA LYS CA 43 83.44 37.31 -64.71
C LYS CA 43 82.15 37.99 -64.28
N TRP CA 44 81.83 39.09 -64.95
CA TRP CA 44 80.58 39.79 -64.72
C TRP CA 44 79.66 39.71 -65.94
N VAL CA 45 80.06 40.26 -67.08
CA VAL CA 45 79.22 40.34 -68.27
C VAL CA 45 77.86 40.93 -67.89
N PRO CA 46 77.76 42.25 -67.69
CA PRO CA 46 76.50 42.84 -67.22
C PRO CA 46 75.39 42.72 -68.24
N VAL CA 47 74.16 42.72 -67.74
CA VAL CA 47 72.97 42.60 -68.56
C VAL CA 47 72.02 43.78 -68.40
N THR CA 48 72.38 44.77 -67.61
CA THR CA 48 71.58 45.98 -67.45
C THR CA 48 72.41 47.19 -67.82
N LYS CA 49 71.71 48.26 -68.23
CA LYS CA 49 72.38 49.52 -68.56
C LYS CA 49 73.26 50.00 -67.42
N LEU CA 50 72.73 49.93 -66.20
CA LEU CA 50 73.47 50.43 -65.04
C LEU CA 50 74.68 49.57 -64.74
N GLY CA 51 74.53 48.24 -64.80
CA GLY CA 51 75.67 47.38 -64.64
C GLY CA 51 76.75 47.64 -65.67
N ARG CA 52 76.33 47.93 -66.89
CA ARG CA 52 77.30 48.31 -67.92
C ARG CA 52 78.04 49.58 -67.52
N LEU CA 53 77.29 50.64 -67.19
CA LEU CA 53 77.92 51.92 -66.87
C LEU CA 53 78.80 51.83 -65.63
N VAL CA 54 78.44 50.98 -64.68
CA VAL CA 54 79.29 50.78 -63.51
C VAL CA 54 80.58 50.09 -63.91
N LYS CA 55 80.50 49.15 -64.86
CA LYS CA 55 81.70 48.38 -65.24
C LYS CA 55 82.70 49.25 -65.98
N GLU CA 56 82.25 50.21 -66.80
CA GLU CA 56 83.24 51.11 -67.40
C GLU CA 56 83.92 52.00 -66.38
N GLY CA 57 83.43 52.08 -65.15
CA GLY CA 57 84.03 52.94 -64.16
C GLY CA 57 83.52 54.37 -64.21
N ARG CA 58 82.22 54.53 -64.43
CA ARG CA 58 81.58 55.84 -64.56
C ARG CA 58 80.61 56.13 -63.42
N PHE CA 59 80.94 55.68 -62.22
CA PHE CA 59 80.27 56.13 -61.00
C PHE CA 59 81.28 56.10 -59.87
N THR CA 60 81.00 56.87 -58.83
CA THR CA 60 81.82 56.89 -57.63
C THR CA 60 81.16 56.25 -56.44
N LYS CA 61 79.84 56.36 -56.32
CA LYS CA 61 79.13 55.89 -55.13
C LYS CA 61 77.68 55.64 -55.46
N MET CA 62 76.99 54.97 -54.53
CA MET CA 62 75.59 54.62 -54.74
C MET CA 62 74.66 55.82 -54.75
N GLU CA 63 75.13 57.00 -54.36
CA GLU CA 63 74.22 58.10 -54.14
C GLU CA 63 73.75 58.70 -55.45
N GLU CA 64 74.55 58.62 -56.51
CA GLU CA 64 74.06 58.99 -57.82
C GLU CA 64 72.92 58.09 -58.27
N ILE CA 65 73.00 56.79 -57.97
CA ILE CA 65 71.89 55.91 -58.27
C ILE CA 65 70.72 56.20 -57.35
N TYR CA 66 70.98 56.39 -56.06
CA TYR CA 66 69.91 56.69 -55.12
C TYR CA 66 69.19 57.96 -55.50
N LEU CA 67 69.91 58.90 -56.13
CA LEU CA 67 69.32 60.20 -56.43
C LEU CA 67 68.17 60.06 -57.40
N HIS CA 68 68.29 59.15 -58.36
CA HIS CA 68 67.27 58.98 -59.39
C HIS CA 68 66.49 57.69 -59.23
N SER CA 69 66.64 57.00 -58.11
CA SER CA 69 65.78 55.88 -57.75
C SER CA 69 65.83 54.74 -58.77
N LEU CA 70 67.01 54.47 -59.30
CA LEU CA 70 67.15 53.35 -60.21
C LEU CA 70 67.11 52.03 -59.43
N PRO CA 71 66.39 51.04 -59.95
CA PRO CA 71 66.45 49.71 -59.32
C PRO CA 71 67.77 49.03 -59.61
N VAL CA 72 68.32 48.40 -58.60
CA VAL CA 72 69.60 47.72 -58.69
C VAL CA 72 69.32 46.23 -58.86
N LYS CA 73 69.62 45.70 -60.04
CA LYS CA 73 69.29 44.32 -60.36
C LYS CA 73 70.50 43.41 -60.40
N GLU CA 74 71.71 43.93 -60.25
CA GLU CA 74 72.92 43.13 -60.26
C GLU CA 74 73.76 43.48 -59.05
N HIS CA 75 74.00 42.50 -58.18
CA HIS CA 75 74.75 42.75 -56.96
C HIS CA 75 76.20 43.13 -57.23
N GLN CA 76 76.68 42.94 -58.44
CA GLN CA 76 78.02 43.42 -58.77
C GLN CA 76 78.11 44.94 -58.67
N ILE CA 77 77.01 45.63 -58.96
CA ILE CA 77 77.01 47.09 -58.90
C ILE CA 77 77.36 47.58 -57.51
N VAL CA 78 76.66 47.07 -56.50
CA VAL CA 78 76.82 47.60 -55.15
C VAL CA 78 78.18 47.20 -54.59
N GLU CA 79 78.69 46.04 -54.97
CA GLU CA 79 79.89 45.54 -54.35
C GLU CA 79 81.15 46.27 -54.81
N THR CA 80 81.11 46.95 -55.96
CA THR CA 80 82.21 47.83 -56.30
C THR CA 80 82.00 49.23 -55.71
N LEU CA 81 80.78 49.75 -55.75
CA LEU CA 81 80.53 51.11 -55.30
C LEU CA 81 80.67 51.27 -53.79
N CYS CA 82 80.28 50.27 -53.01
CA CYS CA 82 80.48 50.34 -51.57
C CYS CA 82 81.63 49.42 -51.22
N PRO CA 83 82.82 49.93 -50.93
CA PRO CA 83 83.96 49.05 -50.66
C PRO CA 83 83.83 48.29 -49.35
N GLY CA 84 83.59 49.00 -48.25
CA GLY CA 84 83.63 48.38 -46.94
C GLY CA 84 82.30 47.85 -46.48
N LEU CA 85 81.75 46.90 -47.24
CA LEU CA 85 80.40 46.41 -47.00
C LEU CA 85 80.51 45.08 -46.27
N LYS CA 86 79.87 44.98 -45.12
CA LYS CA 86 79.97 43.81 -44.26
C LYS CA 86 78.61 43.13 -44.15
N ASP CA 87 78.60 41.82 -44.34
CA ASP CA 87 77.40 41.01 -44.21
C ASP CA 87 77.44 40.21 -42.92
N GLU CA 88 76.28 39.65 -42.57
CA GLU CA 88 76.21 38.76 -41.41
C GLU CA 88 74.89 38.00 -41.38
N VAL CA 89 74.97 36.69 -41.15
CA VAL CA 89 73.78 35.90 -40.87
C VAL CA 89 73.38 36.12 -39.42
N MET CA 90 72.10 36.43 -39.21
CA MET CA 90 71.57 36.52 -37.86
C MET CA 90 70.75 35.29 -37.49
N LYS CA 91 69.92 34.80 -38.40
CA LYS CA 91 69.00 33.72 -38.12
C LYS CA 91 68.98 32.74 -39.27
N ILE CA 92 68.93 31.45 -38.95
CA ILE CA 92 68.66 30.39 -39.91
C ILE CA 92 67.41 29.67 -39.42
N THR CA 93 66.36 29.66 -40.23
CA THR CA 93 65.08 29.11 -39.84
C THR CA 93 64.67 27.99 -40.78
N PRO CA 94 64.20 26.86 -40.28
CA PRO CA 94 63.60 25.86 -41.15
C PRO CA 94 62.09 26.00 -41.27
N VAL CA 95 61.55 26.04 -42.49
CA VAL CA 95 60.10 25.99 -42.71
C VAL CA 95 59.77 24.74 -43.50
N GLN CA 96 58.54 24.27 -43.36
CA GLN CA 96 58.16 22.96 -43.87
C GLN CA 96 56.82 23.04 -44.58
N LYS CA 97 56.66 22.28 -45.67
CA LYS CA 97 55.35 22.02 -46.23
C LYS CA 97 55.11 20.52 -46.24
N GLN CA 98 53.85 20.14 -46.07
CA GLN CA 98 53.47 18.76 -45.92
C GLN CA 98 53.24 18.14 -47.30
N THR CA 99 53.75 16.93 -47.47
CA THR CA 99 53.62 16.18 -48.72
C THR CA 99 53.08 14.79 -48.39
N ARG CA 100 52.48 14.14 -49.38
CA ARG CA 100 51.98 12.78 -49.16
C ARG CA 100 53.08 11.87 -48.62
N ALA CA 101 54.31 12.05 -49.10
CA ALA CA 101 55.41 11.21 -48.62
C ALA CA 101 55.81 11.59 -47.20
N GLY CA 102 55.92 12.88 -46.93
CA GLY CA 102 56.28 13.37 -45.62
C GLY CA 102 56.29 14.87 -45.61
N GLN CA 103 57.32 15.47 -45.01
CA GLN CA 103 57.44 16.92 -44.95
C GLN CA 103 58.80 17.33 -45.49
N ARG CA 104 58.80 18.25 -46.45
CA ARG CA 104 60.05 18.73 -47.04
C ARG CA 104 60.48 20.00 -46.33
N THR CA 105 61.54 19.91 -45.54
CA THR CA 105 62.12 21.06 -44.88
C THR CA 105 62.79 21.98 -45.89
N ARG CA 106 62.83 23.27 -45.56
CA ARG CA 106 63.60 24.25 -46.31
C ARG CA 106 64.15 25.27 -45.33
N PHE CA 107 65.37 25.72 -45.57
CA PHE CA 107 66.04 26.63 -44.65
C PHE CA 107 66.00 28.05 -45.20
N LYS CA 108 65.50 28.98 -44.41
CA LYS CA 108 65.36 30.38 -44.79
C LYS CA 108 66.34 31.21 -43.99
N ALA CA 109 67.17 31.98 -44.68
CA ALA CA 109 68.28 32.70 -44.07
C ALA CA 109 67.98 34.19 -44.05
N PHE CA 110 68.31 34.85 -42.95
CA PHE CA 110 68.21 36.29 -42.82
C PHE CA 110 69.61 36.86 -42.71
N VAL CA 111 69.99 37.69 -43.68
CA VAL CA 111 71.32 38.28 -43.73
C VAL CA 111 71.20 39.79 -43.70
N VAL CA 112 71.93 40.42 -42.79
CA VAL CA 112 72.05 41.87 -42.74
C VAL CA 112 73.42 42.24 -43.29
N VAL CA 113 73.44 43.22 -44.18
CA VAL CA 113 74.68 43.71 -44.78
C VAL CA 113 74.70 45.23 -44.62
N GLY CA 114 75.90 45.78 -44.60
CA GLY CA 114 76.02 47.22 -44.64
C GLY CA 114 77.32 47.71 -44.07
N ASP CA 115 77.72 48.89 -44.53
CA ASP CA 115 78.85 49.62 -43.97
C ASP CA 115 78.32 50.56 -42.91
N SER CA 116 79.12 50.78 -41.87
CA SER CA 116 78.65 51.46 -40.68
C SER CA 116 78.70 52.97 -40.82
N ASN CA 117 78.55 53.48 -42.03
CA ASN CA 117 78.38 54.91 -42.26
C ASN CA 117 77.22 55.17 -43.22
N GLY CA 118 76.08 54.55 -42.96
CA GLY CA 118 74.84 54.99 -43.57
C GLY CA 118 74.19 54.07 -44.57
N HIS CA 119 74.72 52.87 -44.82
CA HIS CA 119 74.12 51.92 -45.74
C HIS CA 119 73.84 50.61 -45.02
N VAL CA 120 72.64 50.09 -45.18
CA VAL CA 120 72.30 48.73 -44.77
C VAL CA 120 71.42 48.07 -45.81
N GLY CA 121 71.50 46.75 -45.86
CA GLY CA 121 70.56 45.97 -46.64
C GLY CA 121 70.16 44.74 -45.85
N LEU CA 122 69.03 44.17 -46.22
CA LEU CA 122 68.52 42.99 -45.57
C LEU CA 122 68.11 41.98 -46.62
N GLY CA 123 68.58 40.75 -46.48
CA GLY CA 123 68.27 39.70 -47.43
C GLY CA 123 67.64 38.52 -46.73
N VAL CA 124 66.66 37.91 -47.38
CA VAL CA 124 66.00 36.71 -46.89
C VAL CA 124 65.71 35.83 -48.09
N LYS CA 125 65.98 34.54 -47.96
CA LYS CA 125 65.88 33.63 -49.10
C LYS CA 125 65.72 32.22 -48.58
N CYS CA 126 64.80 31.46 -49.18
CA CYS CA 126 64.56 30.09 -48.76
C CYS CA 126 65.01 29.13 -49.84
N ALA CA 127 65.90 28.21 -49.47
CA ALA CA 127 66.43 27.20 -50.39
C ALA CA 127 66.68 25.91 -49.63
N LYS CA 128 66.81 24.82 -50.38
CA LYS CA 128 66.82 23.47 -49.81
C LYS CA 128 68.03 23.21 -48.92
N GLU CA 129 69.11 23.94 -49.09
CA GLU CA 129 70.32 23.69 -48.32
C GLU CA 129 70.79 25.00 -47.67
N VAL CA 130 71.30 24.90 -46.45
CA VAL CA 130 71.62 26.09 -45.66
C VAL CA 130 72.65 26.96 -46.36
N ALA CA 131 73.72 26.36 -46.88
CA ALA CA 131 74.79 27.14 -47.49
C ALA CA 131 74.30 27.92 -48.70
N THR CA 132 73.48 27.29 -49.53
CA THR CA 132 72.95 28.00 -50.69
C THR CA 132 71.87 29.00 -50.30
N ALA CA 133 71.19 28.76 -49.18
CA ALA CA 133 70.24 29.76 -48.69
C ALA CA 133 70.96 31.04 -48.30
N ILE CA 134 72.12 30.92 -47.65
CA ILE CA 134 72.89 32.10 -47.27
C ILE CA 134 73.44 32.81 -48.49
N ARG CA 135 73.88 32.05 -49.50
CA ARG CA 135 74.46 32.67 -50.69
C ARG CA 135 73.45 33.55 -51.40
N GLY CA 136 72.23 33.05 -51.59
CA GLY CA 136 71.18 33.88 -52.15
C GLY CA 136 70.83 35.03 -51.23
N ALA CA 137 70.93 34.82 -49.92
CA ALA CA 137 70.61 35.87 -48.97
C ALA CA 137 71.58 37.04 -49.07
N ILE CA 138 72.85 36.76 -49.29
CA ILE CA 138 73.85 37.82 -49.41
C ILE CA 138 73.53 38.69 -50.61
N ILE CA 139 73.24 38.06 -51.75
CA ILE CA 139 72.97 38.77 -52.99
C ILE CA 139 71.70 39.59 -52.89
N LEU CA 140 70.66 39.03 -52.26
CA LEU CA 140 69.44 39.79 -52.08
C LEU CA 140 69.65 40.97 -51.15
N ALA CA 141 70.49 40.80 -50.12
CA ALA CA 141 70.76 41.90 -49.20
C ALA CA 141 71.49 43.03 -49.91
N LYS CA 142 72.56 42.69 -50.63
CA LYS CA 142 73.35 43.72 -51.31
C LYS CA 142 72.52 44.47 -52.33
N LEU CA 143 71.54 43.82 -52.92
CA LEU CA 143 70.67 44.49 -53.88
C LEU CA 143 69.78 45.53 -53.21
N SER CA 144 69.49 45.35 -51.93
CA SER CA 144 68.50 46.15 -51.25
C SER CA 144 69.08 47.34 -50.50
N ILE CA 145 70.40 47.58 -50.58
CA ILE CA 145 71.05 48.66 -49.84
C ILE CA 145 70.26 49.95 -49.99
N VAL CA 146 69.99 50.62 -48.87
CA VAL CA 146 69.31 51.90 -48.89
C VAL CA 146 70.12 52.88 -48.06
N PRO CA 147 69.99 54.17 -48.31
CA PRO CA 147 70.68 55.15 -47.48
C PRO CA 147 69.89 55.49 -46.23
N VAL CA 148 70.65 55.80 -45.18
CA VAL CA 148 70.07 56.12 -43.87
C VAL CA 148 70.61 57.48 -43.46
N ARG CA 149 69.73 58.45 -43.30
CA ARG CA 149 70.17 59.74 -42.82
C ARG CA 149 70.22 59.76 -41.31
N ARG CA 150 71.05 60.66 -40.81
CA ARG CA 150 71.29 60.82 -39.39
C ARG CA 150 71.04 62.27 -39.02
N GLY CA 151 71.01 62.50 -37.72
CA GLY CA 151 70.89 63.83 -37.20
C GLY CA 151 71.68 63.96 -35.92
N TYR CA 152 71.47 65.06 -35.23
CA TYR CA 152 72.07 65.30 -33.94
C TYR CA 152 70.95 65.36 -32.91
N TRP CA 153 71.27 65.00 -31.67
CA TRP CA 153 70.26 65.03 -30.63
C TRP CA 153 69.71 66.43 -30.45
N GLY CA 154 70.53 67.35 -29.98
CA GLY CA 154 70.07 68.72 -29.89
C GLY CA 154 70.92 69.75 -30.60
N ASN CA 155 72.23 69.54 -30.67
CA ASN CA 155 73.13 70.61 -31.05
C ASN CA 155 74.03 70.13 -32.18
N LYS CA 156 73.84 70.72 -33.36
CA LYS CA 156 74.41 70.20 -34.59
C LYS CA 156 75.92 70.35 -34.60
N ILE CA 157 76.60 69.56 -33.79
CA ILE CA 157 78.03 69.65 -33.58
C ILE CA 157 78.67 68.32 -33.91
N GLY CA 158 79.76 68.34 -34.67
CA GLY CA 158 80.51 67.14 -34.96
C GLY CA 158 79.84 66.25 -35.99
N LEU CA 159 80.20 64.98 -35.95
CA LEU CA 159 79.62 64.02 -36.87
C LEU CA 159 78.19 63.65 -36.43
N PRO CA 160 77.26 63.51 -37.36
CA PRO CA 160 75.90 63.09 -36.97
C PRO CA 160 75.88 61.66 -36.48
N HIS CA 161 75.13 61.43 -35.42
CA HIS CA 161 75.20 60.19 -34.65
C HIS CA 161 73.87 59.48 -34.43
N THR CA 162 72.79 60.19 -34.17
CA THR CA 162 71.51 59.51 -34.01
C THR CA 162 70.73 59.50 -35.30
N VAL CA 163 69.52 58.94 -35.23
CA VAL CA 163 68.50 59.17 -36.25
C VAL CA 163 68.11 60.63 -36.11
N PRO CA 164 67.66 61.30 -37.17
CA PRO CA 164 67.43 62.74 -37.03
C PRO CA 164 66.24 63.05 -36.17
N CYS CA 165 65.18 62.25 -36.28
CA CYS CA 165 63.91 62.53 -35.65
C CYS CA 165 63.23 61.20 -35.35
N LYS CA 166 62.07 61.26 -34.70
CA LYS CA 166 61.28 60.07 -34.44
C LYS CA 166 60.85 59.43 -35.74
N VAL CA 167 61.07 58.12 -35.86
CA VAL CA 167 60.72 57.38 -37.06
C VAL CA 167 60.26 55.99 -36.63
N THR CA 168 59.27 55.45 -37.34
CA THR CA 168 58.68 54.16 -37.01
C THR CA 168 58.45 53.35 -38.28
N GLY CA 169 58.54 52.03 -38.14
CA GLY CA 169 58.29 51.13 -39.25
C GLY CA 169 57.48 49.94 -38.78
N LYS CA 170 56.70 49.38 -39.69
CA LYS CA 170 55.76 48.31 -39.37
C LYS CA 170 55.86 47.17 -40.37
N CYS CA 171 55.97 45.95 -39.85
CA CYS CA 171 55.92 44.75 -40.69
C CYS CA 171 55.14 43.68 -39.94
N GLY CA 172 53.95 43.37 -40.41
CA GLY CA 172 53.13 42.40 -39.72
C GLY CA 172 52.49 43.05 -38.51
N SER CA 173 52.62 42.41 -37.35
CA SER CA 173 52.13 43.03 -36.14
C SER CA 173 53.18 43.81 -35.40
N VAL CA 174 54.43 43.73 -35.79
CA VAL CA 174 55.50 44.37 -35.03
C VAL CA 174 55.76 45.76 -35.57
N THR CA 175 55.90 46.71 -34.64
CA THR CA 175 56.23 48.10 -34.95
C THR CA 175 57.43 48.49 -34.11
N VAL CA 176 58.41 49.13 -34.73
CA VAL CA 176 59.62 49.58 -34.06
C VAL CA 176 59.65 51.10 -34.10
N ARG CA 177 59.88 51.72 -32.94
CA ARG CA 177 60.03 53.17 -32.85
C ARG CA 177 61.47 53.51 -32.53
N MET CA 178 61.94 54.62 -33.09
CA MET CA 178 63.31 55.06 -32.84
C MET CA 178 63.25 56.55 -32.47
N VAL CA 179 63.88 56.90 -31.36
CA VAL CA 179 63.87 58.27 -30.86
C VAL CA 179 65.31 58.76 -30.81
N PRO CA 180 65.58 60.02 -31.16
CA PRO CA 180 66.93 60.54 -31.01
C PRO CA 180 67.39 60.50 -29.58
N ALA CA 181 68.68 60.31 -29.39
CA ALA CA 181 69.26 60.18 -28.06
C ALA CA 181 70.47 61.08 -27.93
N PRO CA 182 70.73 61.59 -26.74
CA PRO CA 182 71.94 62.40 -26.55
C PRO CA 182 73.18 61.60 -26.88
N ARG CA 183 74.20 62.29 -27.36
CA ARG CA 183 75.43 61.63 -27.78
C ARG CA 183 75.94 60.73 -26.68
N GLY CA 184 76.22 59.48 -27.03
CA GLY CA 184 76.68 58.54 -26.04
C GLY CA 184 75.62 57.96 -25.14
N SER CA 185 74.40 57.80 -25.62
CA SER CA 185 73.45 57.01 -24.88
C SER CA 185 73.58 55.53 -25.21
N GLY CA 186 74.35 55.19 -26.24
CA GLY CA 186 74.38 53.83 -26.72
C GLY CA 186 73.10 53.53 -27.47
N ILE CA 187 73.06 52.34 -28.05
CA ILE CA 187 71.85 51.84 -28.70
C ILE CA 187 71.16 50.96 -27.68
N VAL CA 188 70.08 51.48 -27.11
CA VAL CA 188 69.25 50.72 -26.19
C VAL CA 188 68.12 50.10 -27.00
N ALA CA 189 68.32 48.85 -27.39
CA ALA CA 189 67.36 48.12 -28.20
C ALA CA 189 67.63 46.63 -28.04
N ALA CA 190 66.66 45.83 -28.46
CA ALA CA 190 66.82 44.38 -28.42
C ALA CA 190 67.94 43.96 -29.38
N ARG CA 191 68.33 42.69 -29.26
CA ARG CA 191 69.51 42.22 -30.00
C ARG CA 191 69.32 42.35 -31.50
N VAL CA 192 68.12 42.06 -32.00
CA VAL CA 192 67.88 42.06 -33.44
C VAL CA 192 67.98 43.47 -34.00
N PRO CA 193 67.21 44.46 -33.52
CA PRO CA 193 67.34 45.80 -34.09
C PRO CA 193 68.69 46.45 -33.82
N LYS CA 194 69.33 46.10 -32.72
CA LYS CA 194 70.65 46.66 -32.41
C LYS CA 194 71.67 46.26 -33.46
N LYS CA 195 71.63 45.01 -33.91
CA LYS CA 195 72.52 44.55 -34.96
C LYS CA 195 72.34 45.37 -36.24
N VAL CA 196 71.08 45.60 -36.63
CA VAL CA 196 70.82 46.35 -37.86
C VAL CA 196 71.37 47.76 -37.76
N LEU CA 197 71.27 48.36 -36.57
CA LEU CA 197 71.67 49.75 -36.40
C LEU CA 197 73.16 49.93 -36.35
N GLN CA 198 73.90 48.94 -35.84
CA GLN CA 198 75.35 49.03 -35.89
C GLN CA 198 75.85 49.02 -37.32
N PHE CA 199 75.22 48.23 -38.19
CA PHE CA 199 75.57 48.26 -39.61
C PHE CA 199 75.17 49.58 -40.26
N ALA CA 200 74.14 50.23 -39.73
CA ALA CA 200 73.70 51.51 -40.27
C ALA CA 200 74.57 52.67 -39.84
N GLY CA 201 75.46 52.46 -38.89
CA GLY CA 201 76.32 53.52 -38.40
C GLY CA 201 75.72 54.43 -37.37
N ILE CA 202 74.52 54.14 -36.90
CA ILE CA 202 73.91 54.90 -35.82
C ILE CA 202 74.56 54.50 -34.51
N ASP CA 203 74.97 55.50 -33.72
CA ASP CA 203 75.68 55.24 -32.48
C ASP CA 203 74.79 55.33 -31.25
N ASP CA 204 73.74 56.15 -31.29
CA ASP CA 204 72.83 56.33 -30.17
C ASP CA 204 71.41 56.42 -30.68
N VAL CA 205 70.48 55.72 -30.02
CA VAL CA 205 69.06 55.83 -30.34
C VAL CA 205 68.23 55.19 -29.22
N PHE CA 206 67.08 55.76 -28.92
CA PHE CA 206 66.12 55.15 -28.02
C PHE CA 206 65.09 54.38 -28.85
N THR CA 207 64.87 53.13 -28.46
CA THR CA 207 64.02 52.22 -29.21
C THR CA 207 62.82 51.81 -28.38
N SER CA 208 61.72 51.54 -29.08
CA SER CA 208 60.56 50.90 -28.50
C SER CA 208 60.09 49.83 -29.47
N SER CA 209 59.17 48.99 -29.01
CA SER CA 209 58.60 47.98 -29.89
C SER CA 209 57.18 47.67 -29.46
N ARG CA 210 56.43 47.09 -30.38
CA ARG CA 210 55.10 46.60 -30.08
C ARG CA 210 54.88 45.40 -30.98
N GLY CA 211 53.99 44.51 -30.56
CA GLY CA 211 53.68 43.35 -31.35
C GLY CA 211 54.51 42.15 -30.94
N SER CA 212 54.56 41.18 -31.84
CA SER CA 212 55.26 39.93 -31.59
C SER CA 212 56.68 40.05 -32.12
N THR CA 213 57.60 40.52 -31.28
CA THR CA 213 58.96 40.65 -31.76
C THR CA 213 59.64 39.30 -31.88
N LYS CA 214 59.08 38.25 -31.29
CA LYS CA 214 59.67 36.93 -31.39
C LYS CA 214 59.58 36.34 -32.80
N THR CA 215 58.78 36.92 -33.67
CA THR CA 215 58.87 36.56 -35.09
C THR CA 215 60.01 37.39 -35.67
N LEU CA 216 61.19 36.77 -35.72
CA LEU CA 216 62.39 37.51 -36.05
C LEU CA 216 62.34 38.05 -37.47
N GLY CA 217 61.61 37.38 -38.36
CA GLY CA 217 61.45 37.86 -39.71
C GLY CA 217 60.79 39.22 -39.77
N ASN CA 218 59.61 39.35 -39.17
CA ASN CA 218 58.90 40.63 -39.17
C ASN CA 218 59.62 41.67 -38.35
N PHE CA 219 60.39 41.24 -37.35
CA PHE CA 219 61.01 42.18 -36.42
C PHE CA 219 62.25 42.81 -37.04
N VAL CA 220 63.10 42.02 -37.69
CA VAL CA 220 64.25 42.58 -38.39
C VAL CA 220 63.79 43.45 -39.56
N LYS CA 221 62.72 43.02 -40.24
CA LYS CA 221 62.30 43.73 -41.43
C LYS CA 221 61.67 45.07 -41.10
N ALA CA 222 60.93 45.16 -39.98
CA ALA CA 222 60.28 46.41 -39.62
C ALA CA 222 61.29 47.45 -39.18
N THR CA 223 62.41 47.01 -38.57
CA THR CA 223 63.51 47.92 -38.31
C THR CA 223 64.08 48.46 -39.62
N PHE CA 224 64.21 47.60 -40.62
CA PHE CA 224 64.71 48.04 -41.92
C PHE CA 224 63.77 49.04 -42.57
N ASP CA 225 62.47 48.83 -42.42
CA ASP CA 225 61.51 49.83 -42.86
C ASP CA 225 61.69 51.14 -42.10
N CYS CA 226 61.94 51.05 -40.79
CA CYS CA 226 62.19 52.25 -40.00
C CYS CA 226 63.41 53.01 -40.51
N LEU CA 227 64.50 52.30 -40.75
CA LEU CA 227 65.72 52.94 -41.22
C LEU CA 227 65.64 53.37 -42.66
N MET CA 228 64.80 52.72 -43.46
CA MET CA 228 64.69 53.10 -44.86
C MET CA 228 64.11 54.48 -45.01
N LYS CA 229 63.00 54.76 -44.31
CA LYS CA 229 62.17 55.93 -44.51
C LYS CA 229 62.62 57.14 -43.69
N THR CA 230 63.89 57.17 -43.25
CA THR CA 230 64.40 58.34 -42.55
C THR CA 230 64.66 59.51 -43.51
N TYR CA 231 64.96 59.22 -44.78
CA TYR CA 231 64.72 60.09 -45.93
C TYR CA 231 63.28 60.26 -46.33
N GLY CA 232 62.32 59.69 -45.64
CA GLY CA 232 60.97 59.99 -46.06
C GLY CA 232 60.43 61.27 -45.51
N PHE CA 233 61.11 61.82 -44.51
CA PHE CA 233 60.55 62.85 -43.66
C PHE CA 233 61.00 64.22 -44.15
N LEU CA 234 60.05 65.05 -44.55
CA LEU CA 234 60.36 66.37 -45.10
C LEU CA 234 60.64 67.32 -43.95
N THR CA 235 61.90 67.55 -43.68
CA THR CA 235 62.40 68.46 -42.67
C THR CA 235 62.43 69.88 -43.24
N PRO CA 236 62.37 70.91 -42.39
CA PRO CA 236 62.57 72.27 -42.88
C PRO CA 236 63.87 72.49 -43.63
N ASP CA 237 64.93 71.76 -43.28
CA ASP CA 237 66.19 71.93 -44.01
C ASP CA 237 66.14 71.37 -45.42
N PHE CA 238 65.09 70.64 -45.79
CA PHE CA 238 64.91 70.16 -47.15
C PHE CA 238 63.88 70.97 -47.92
N TRP CA 239 63.45 72.12 -47.40
CA TRP CA 239 62.34 72.85 -48.02
C TRP CA 239 62.72 73.51 -49.34
N ARG CA 240 64.00 73.60 -49.67
CA ARG CA 240 64.40 74.35 -50.84
C ARG CA 240 64.01 73.60 -52.11
N GLU CA 241 63.67 74.37 -53.15
CA GLU CA 241 63.39 73.75 -54.45
C GLU CA 241 64.58 72.92 -54.92
N THR CA 242 64.28 71.78 -55.51
CA THR CA 242 65.33 70.87 -55.95
C THR CA 242 65.80 71.26 -57.35
N THR CA 243 67.10 71.14 -57.57
CA THR CA 243 67.68 71.36 -58.88
C THR CA 243 67.90 70.01 -59.54
N PHE CA 244 67.28 69.80 -60.68
CA PHE CA 244 67.32 68.50 -61.31
C PHE CA 244 68.58 68.31 -62.15
N THR CA 245 68.97 67.06 -62.28
CA THR CA 245 70.06 66.69 -63.16
C THR CA 245 69.61 65.47 -63.97
N LYS CA 246 70.11 65.39 -65.19
CA LYS CA 246 69.83 64.26 -66.05
C LYS CA 246 70.26 62.95 -65.38
N ALA CA 247 69.43 61.91 -65.56
CA ALA CA 247 69.73 60.60 -65.03
C ALA CA 247 70.89 59.96 -65.80
N PRO CA 248 71.43 58.84 -65.31
CA PRO CA 248 72.44 58.12 -66.12
C PRO CA 248 71.93 57.69 -67.48
N TYR CA 249 70.68 57.23 -67.58
CA TYR CA 249 70.18 56.78 -68.88
C TYR CA 249 70.02 57.93 -69.86
N GLN CA 250 70.00 59.18 -69.39
CA GLN CA 250 70.07 60.32 -70.29
C GLN CA 250 71.45 60.93 -70.38
N GLU CA 251 72.29 60.73 -69.38
CA GLU CA 251 73.62 61.33 -69.42
C GLU CA 251 74.52 60.58 -70.39
N PHE CA 252 74.70 59.28 -70.17
CA PHE CA 252 75.54 58.47 -71.03
C PHE CA 252 74.73 57.83 -72.16
N THR CA 253 73.95 58.62 -72.88
CA THR CA 253 73.20 58.06 -74.01
C THR CA 253 74.14 57.61 -75.12
N ASP CA 254 75.12 58.45 -75.46
CA ASP CA 254 76.01 58.14 -76.57
C ASP CA 254 76.78 56.84 -76.34
N ILE CA 255 77.16 56.59 -75.09
CA ILE CA 255 77.87 55.35 -74.74
C ILE CA 255 76.96 54.14 -74.92
N LEU CA 256 75.66 54.32 -74.76
CA LEU CA 256 74.70 53.23 -74.86
C LEU CA 256 74.27 53.01 -76.31
N MET DA 1 47.40 43.43 77.01
CA MET DA 1 47.81 42.30 77.82
C MET DA 1 49.21 42.57 78.37
N LYS DA 2 50.16 42.82 77.47
CA LYS DA 2 51.43 43.43 77.82
C LYS DA 2 51.22 44.94 77.82
N LEU DA 3 51.66 45.61 78.87
CA LEU DA 3 51.37 47.03 79.03
C LEU DA 3 52.66 47.83 79.09
N ASN DA 4 52.71 48.91 78.32
CA ASN DA 4 53.86 49.79 78.21
C ASN DA 4 53.50 51.12 78.88
N ILE DA 5 54.10 51.40 80.02
CA ILE DA 5 53.77 52.58 80.80
C ILE DA 5 54.74 53.70 80.43
N ALA DA 6 54.31 54.94 80.64
CA ALA DA 6 55.17 56.10 80.49
C ALA DA 6 54.63 57.21 81.39
N ASN DA 7 55.47 58.20 81.66
CA ASN DA 7 55.04 59.37 82.39
C ASN DA 7 55.69 60.61 81.79
N PRO DA 8 54.92 61.67 81.53
CA PRO DA 8 55.54 62.91 81.07
C PRO DA 8 56.11 63.74 82.19
N THR DA 9 55.62 63.56 83.42
CA THR DA 9 56.06 64.36 84.55
C THR DA 9 57.54 64.16 84.84
N THR DA 10 58.04 62.93 84.69
CA THR DA 10 59.46 62.65 84.83
C THR DA 10 60.13 62.36 83.50
N GLY DA 11 59.61 61.40 82.73
CA GLY DA 11 60.19 61.07 81.45
C GLY DA 11 60.72 59.65 81.38
N CYS DA 12 60.06 58.72 82.07
CA CYS DA 12 60.53 57.36 82.21
C CYS DA 12 59.42 56.42 81.77
N GLN DA 13 59.78 55.37 81.03
CA GLN DA 13 58.78 54.42 80.56
C GLN DA 13 59.28 52.98 80.68
N LYS DA 14 58.33 52.05 80.79
CA LYS DA 14 58.59 50.70 81.26
C LYS DA 14 57.49 49.76 80.80
N LYS DA 15 57.86 48.53 80.44
CA LYS DA 15 56.92 47.51 79.96
C LYS DA 15 56.76 46.40 81.01
N VAL DA 16 55.51 46.00 81.24
CA VAL DA 16 55.13 45.02 82.25
C VAL DA 16 54.25 43.97 81.58
N GLU DA 17 54.10 42.82 82.24
CA GLU DA 17 53.23 41.76 81.76
C GLU DA 17 52.17 41.45 82.81
N ILE DA 18 50.89 41.44 82.41
CA ILE DA 18 49.78 41.03 83.26
C ILE DA 18 48.86 40.11 82.46
N ASP DA 19 48.18 39.17 83.14
CA ASP DA 19 47.28 38.26 82.45
C ASP DA 19 46.03 37.88 83.25
N ASP DA 20 45.49 38.78 84.07
CA ASP DA 20 44.36 38.46 84.93
C ASP DA 20 43.11 39.22 84.47
N ASP DA 21 42.02 38.49 84.18
CA ASP DA 21 40.79 39.10 83.68
C ASP DA 21 40.25 40.17 84.61
N MET DA 22 40.04 39.81 85.89
CA MET DA 22 39.44 40.76 86.82
C MET DA 22 40.32 41.97 87.08
N LYS DA 23 41.62 41.88 86.78
CA LYS DA 23 42.46 43.06 86.86
C LYS DA 23 42.30 43.95 85.64
N LEU DA 24 41.59 43.49 84.62
CA LEU DA 24 41.42 44.22 83.38
C LEU DA 24 39.96 44.33 82.90
N ARG DA 25 38.98 43.95 83.72
CA ARG DA 25 37.59 44.09 83.31
C ARG DA 25 37.23 45.54 83.06
N ASN DA 26 37.63 46.43 83.97
CA ASN DA 26 37.50 47.87 83.76
C ASN DA 26 38.59 48.42 82.85
N LEU DA 27 39.40 47.55 82.25
CA LEU DA 27 40.32 47.97 81.20
C LEU DA 27 39.73 47.70 79.82
N TYR DA 28 39.24 46.48 79.60
CA TYR DA 28 38.42 46.20 78.43
C TYR DA 28 37.22 47.15 78.39
N ASP DA 29 36.71 47.36 77.18
CA ASP DA 29 35.54 48.21 76.94
C ASP DA 29 35.79 49.65 77.39
N LYS DA 30 36.73 50.29 76.69
CA LYS DA 30 36.85 51.74 76.68
C LYS DA 30 37.77 52.14 75.54
N ARG DA 31 38.20 53.38 75.56
CA ARG DA 31 38.69 54.11 74.41
C ARG DA 31 39.87 54.99 74.79
N ILE DA 32 40.60 55.40 73.75
CA ILE DA 32 41.86 56.12 73.93
C ILE DA 32 41.60 57.48 74.55
N SER DA 33 42.51 57.90 75.44
CA SER DA 33 42.61 59.24 76.02
C SER DA 33 41.50 59.54 77.03
N GLN DA 34 40.55 58.64 77.23
CA GLN DA 34 39.55 58.81 78.27
C GLN DA 34 40.04 58.12 79.54
N GLU DA 35 40.10 58.89 80.63
CA GLU DA 35 40.80 58.48 81.83
C GLU DA 35 40.25 57.16 82.39
N VAL DA 36 41.14 56.38 82.99
CA VAL DA 36 40.81 55.12 83.64
C VAL DA 36 41.19 55.20 85.11
N VAL DA 37 40.34 54.64 85.98
CA VAL DA 37 40.69 54.49 87.39
C VAL DA 37 41.85 53.50 87.52
N GLY DA 38 42.83 53.84 88.35
CA GLY DA 38 44.01 53.01 88.47
C GLY DA 38 43.87 51.83 89.40
N ASP DA 39 42.90 51.87 90.33
CA ASP DA 39 42.86 50.89 91.40
C ASP DA 39 42.55 49.49 90.87
N LEU DA 40 41.75 49.38 89.81
CA LEU DA 40 41.44 48.05 89.30
C LEU DA 40 42.68 47.32 88.85
N LEU DA 41 43.61 48.04 88.21
CA LEU DA 41 44.81 47.41 87.66
C LEU DA 41 45.62 46.69 88.74
N GLY DA 42 45.49 47.10 89.99
CA GLY DA 42 46.09 46.36 91.07
C GLY DA 42 46.18 47.22 92.31
N GLU DA 43 46.81 46.64 93.34
CA GLU DA 43 47.02 47.30 94.62
C GLU DA 43 48.29 48.15 94.63
N GLU DA 44 49.10 48.09 93.57
CA GLU DA 44 50.33 48.87 93.48
C GLU DA 44 50.25 49.94 92.39
N PHE DA 45 49.05 50.44 92.14
CA PHE DA 45 48.85 51.58 91.24
C PHE DA 45 47.93 52.62 91.86
N GLU DA 46 47.65 52.52 93.16
CA GLU DA 46 46.70 53.40 93.80
C GLU DA 46 47.19 54.84 93.76
N GLY DA 47 46.25 55.76 93.60
CA GLY DA 47 46.59 57.16 93.49
C GLY DA 47 47.09 57.51 92.10
N TYR DA 48 47.84 56.60 91.50
CA TYR DA 48 48.20 56.74 90.09
C TYR DA 48 46.94 56.65 89.24
N ILE DA 49 46.81 57.56 88.28
CA ILE DA 49 45.75 57.50 87.30
C ILE DA 49 46.36 57.48 85.92
N PHE DA 50 45.95 56.52 85.09
CA PHE DA 50 46.41 56.44 83.72
C PHE DA 50 45.40 57.07 82.76
N LYS DA 51 45.91 57.76 81.76
CA LYS DA 51 45.14 58.14 80.59
C LYS DA 51 45.44 57.09 79.53
N ILE DA 52 44.49 56.20 79.29
CA ILE DA 52 44.69 55.13 78.32
C ILE DA 52 44.61 55.69 76.91
N MET DA 53 45.67 55.48 76.13
CA MET DA 53 45.77 56.12 74.83
C MET DA 53 46.82 55.41 73.99
N GLY DA 54 46.38 54.74 72.93
CA GLY DA 54 47.26 54.03 72.03
C GLY DA 54 47.40 52.56 72.37
N GLY DA 55 47.87 51.81 71.39
CA GLY DA 55 48.12 50.39 71.59
C GLY DA 55 48.10 49.64 70.28
N CYS DA 56 48.87 48.55 70.25
CA CYS DA 56 48.96 47.70 69.08
C CYS DA 56 48.70 46.27 69.51
N ASP DA 57 48.64 45.35 68.54
CA ASP DA 57 48.07 44.03 68.80
C ASP DA 57 48.84 42.97 68.04
N LYS DA 58 48.44 41.71 68.23
CA LYS DA 58 48.78 40.68 67.27
C LYS DA 58 48.24 41.13 65.92
N GLN DA 59 49.07 41.01 64.88
CA GLN DA 59 48.94 41.64 63.57
C GLN DA 59 49.39 43.09 63.63
N GLY DA 60 49.72 43.63 64.80
CA GLY DA 60 50.44 44.88 64.89
C GLY DA 60 49.72 46.10 64.39
N PHE DA 61 48.41 46.04 64.28
CA PHE DA 61 47.64 47.15 63.71
C PHE DA 61 47.25 48.10 64.82
N PRO DA 62 47.76 49.32 64.82
CA PRO DA 62 47.54 50.22 65.97
C PRO DA 62 46.08 50.62 66.09
N MET DA 63 45.71 50.96 67.32
CA MET DA 63 44.45 51.66 67.52
C MET DA 63 44.50 53.00 66.81
N LYS DA 64 43.36 53.43 66.30
CA LYS DA 64 43.21 54.78 65.80
C LYS DA 64 42.10 55.46 66.58
N GLN DA 65 42.37 56.64 67.11
CA GLN DA 65 41.33 57.38 67.80
C GLN DA 65 40.22 57.75 66.82
N GLY DA 66 38.98 57.64 67.29
CA GLY DA 66 37.84 58.08 66.52
C GLY DA 66 37.09 57.00 65.76
N VAL DA 67 37.55 55.76 65.77
CA VAL DA 67 36.87 54.65 65.12
C VAL DA 67 36.35 53.70 66.19
N LEU DA 68 35.02 53.57 66.25
CA LEU DA 68 34.35 53.04 67.43
C LEU DA 68 33.97 51.57 67.21
N THR DA 69 34.98 50.69 67.30
CA THR DA 69 34.74 49.25 67.22
C THR DA 69 35.98 48.50 67.65
N PRO DA 70 35.84 47.42 68.41
CA PRO DA 70 36.96 46.47 68.53
C PRO DA 70 37.15 45.69 67.24
N GLY DA 71 37.32 46.39 66.13
CA GLY DA 71 37.45 45.77 64.83
C GLY DA 71 38.78 46.10 64.19
N ARG DA 72 38.91 45.68 62.94
CA ARG DA 72 40.10 45.94 62.12
C ARG DA 72 39.61 46.44 60.76
N VAL DA 73 39.39 47.75 60.65
CA VAL DA 73 38.80 48.35 59.45
C VAL DA 73 39.91 48.78 58.49
N ARG DA 74 39.50 49.02 57.25
CA ARG DA 74 40.40 49.43 56.16
C ARG DA 74 40.14 50.90 55.86
N LEU DA 75 41.00 51.80 56.36
CA LEU DA 75 40.81 53.23 56.16
C LEU DA 75 41.77 53.79 55.12
N LEU DA 76 41.33 54.84 54.43
CA LEU DA 76 42.16 55.57 53.48
C LEU DA 76 42.83 56.73 54.21
N LEU DA 77 44.15 56.64 54.39
CA LEU DA 77 44.88 57.46 55.34
C LEU DA 77 45.89 58.33 54.61
N HIS DA 78 45.92 59.62 54.96
CA HIS DA 78 46.89 60.54 54.39
C HIS DA 78 48.24 60.40 55.09
N ARG DA 79 49.31 60.55 54.31
CA ARG DA 79 50.66 60.47 54.85
C ARG DA 79 50.90 61.68 55.74
N GLY DA 80 50.74 61.49 57.05
CA GLY DA 80 50.91 62.58 57.98
C GLY DA 80 49.97 62.47 59.17
N THR DA 81 48.92 61.66 59.04
CA THR DA 81 48.01 61.40 60.13
C THR DA 81 48.40 60.09 60.79
N SER DA 82 47.94 59.91 62.03
CA SER DA 82 48.30 58.73 62.81
C SER DA 82 47.93 57.46 62.04
N CYS DA 83 48.78 56.44 62.21
CA CYS DA 83 48.67 55.13 61.59
C CYS DA 83 49.00 55.15 60.10
N PHE DA 84 49.68 56.20 59.64
CA PHE DA 84 50.28 56.20 58.30
C PHE DA 84 51.43 57.21 58.32
N ARG DA 85 52.66 56.70 58.25
CA ARG DA 85 53.85 57.51 58.35
C ARG DA 85 54.83 57.16 57.25
N GLY DA 86 54.32 57.05 56.03
CA GLY DA 86 55.17 56.71 54.90
C GLY DA 86 56.31 57.71 54.74
N HIS DA 87 57.45 57.20 54.31
CA HIS DA 87 58.62 58.01 54.07
C HIS DA 87 58.99 57.87 52.61
N GLY DA 88 59.25 59.00 51.94
CA GLY DA 88 59.51 58.96 50.52
C GLY DA 88 58.32 58.45 49.72
N ARG DA 89 57.15 58.97 50.00
CA ARG DA 89 55.90 58.50 49.41
C ARG DA 89 55.21 59.56 48.57
N ARG DA 90 55.95 60.51 48.00
CA ARG DA 90 55.36 61.36 46.96
C ARG DA 90 54.09 62.08 47.40
N VAL DA 91 54.25 63.15 48.17
CA VAL DA 91 53.16 63.90 48.81
C VAL DA 91 51.93 64.00 47.93
N GLY DA 92 50.76 63.82 48.54
CA GLY DA 92 49.53 63.58 47.82
C GLY DA 92 49.17 62.11 47.74
N GLU DA 93 50.13 61.22 48.02
CA GLU DA 93 49.83 59.80 48.07
C GLU DA 93 49.07 59.45 49.33
N ARG DA 94 48.15 58.50 49.17
CA ARG DA 94 47.32 57.96 50.24
C ARG DA 94 47.44 56.45 50.16
N ARG DA 95 46.97 55.78 51.20
CA ARG DA 95 46.82 54.33 51.17
C ARG DA 95 45.53 53.94 51.89
N ARG DA 96 45.06 52.75 51.56
CA ARG DA 96 44.05 52.09 52.38
C ARG DA 96 44.79 51.11 53.29
N LYS DA 97 44.84 51.44 54.57
CA LYS DA 97 45.57 50.66 55.56
C LYS DA 97 44.61 49.94 56.47
N SER DA 98 45.14 49.02 57.27
CA SER DA 98 44.34 48.24 58.20
C SER DA 98 44.72 48.63 59.62
N VAL DA 99 43.74 49.10 60.39
CA VAL DA 99 43.96 49.61 61.73
C VAL DA 99 42.91 49.06 62.67
N ARG DA 100 43.36 48.62 63.84
CA ARG DA 100 42.46 48.21 64.91
C ARG DA 100 41.77 49.42 65.51
N GLY DA 101 40.54 49.21 65.99
CA GLY DA 101 39.75 50.29 66.53
C GLY DA 101 40.16 50.69 67.93
N CYS DA 102 39.65 51.84 68.36
CA CYS DA 102 40.05 52.42 69.64
C CYS DA 102 39.30 51.87 70.83
N ILE DA 103 38.46 50.87 70.65
CA ILE DA 103 37.77 50.26 71.78
C ILE DA 103 38.67 49.19 72.37
N VAL DA 104 39.07 49.42 73.63
CA VAL DA 104 39.99 48.49 74.26
C VAL DA 104 39.27 47.18 74.51
N SER DA 105 39.81 46.10 73.97
CA SER DA 105 39.09 44.82 73.98
C SER DA 105 40.10 43.69 74.02
N GLN DA 106 39.57 42.47 73.94
CA GLN DA 106 40.36 41.25 74.11
C GLN DA 106 41.48 41.15 73.09
N ASP DA 107 41.29 41.69 71.90
CA ASP DA 107 42.14 41.35 70.77
C ASP DA 107 43.42 42.18 70.68
N LEU DA 108 43.67 43.11 71.60
CA LEU DA 108 44.95 43.81 71.61
C LEU DA 108 46.05 42.90 72.13
N SER DA 109 47.29 43.37 71.99
CA SER DA 109 48.44 42.71 72.56
C SER DA 109 49.29 43.62 73.42
N VAL DA 110 49.37 44.90 73.09
CA VAL DA 110 50.07 45.87 73.92
C VAL DA 110 49.20 47.12 74.05
N ILE DA 111 49.11 47.64 75.26
CA ILE DA 111 48.36 48.84 75.55
C ILE DA 111 49.34 49.93 75.95
N ASN DA 112 49.11 51.15 75.45
CA ASN DA 112 49.95 52.29 75.76
C ASN DA 112 49.30 53.13 76.85
N LEU DA 113 50.07 53.49 77.85
CA LEU DA 113 49.54 54.10 79.05
C LEU DA 113 50.45 55.25 79.50
N VAL DA 114 49.84 56.33 79.94
CA VAL DA 114 50.53 57.49 80.50
C VAL DA 114 49.92 57.78 81.86
N ILE DA 115 50.68 58.47 82.70
CA ILE DA 115 50.25 58.78 84.06
C ILE DA 115 49.74 60.21 84.12
N VAL DA 116 48.52 60.39 84.62
CA VAL DA 116 47.94 61.73 84.76
C VAL DA 116 48.22 62.30 86.15
N LYS DA 117 47.71 61.63 87.19
CA LYS DA 117 48.00 61.99 88.56
C LYS DA 117 48.87 60.90 89.19
N LYS DA 118 50.01 61.30 89.73
CA LYS DA 118 50.84 60.35 90.48
C LYS DA 118 50.21 60.03 91.83
N GLY DA 119 50.36 58.78 92.26
CA GLY DA 119 49.89 58.37 93.56
C GLY DA 119 50.54 59.08 94.73
N THR DA 185 69.12 93.70 67.03
CA THR DA 185 70.42 93.26 66.54
C THR DA 185 70.74 93.97 65.24
N PRO DA 186 72.01 94.36 65.05
CA PRO DA 186 72.34 95.24 63.92
C PRO DA 186 71.92 94.68 62.57
N LEU DA 187 71.96 93.36 62.41
CA LEU DA 187 71.51 92.75 61.17
C LEU DA 187 70.06 93.09 60.90
N THR DA 188 69.17 92.85 61.87
CA THR DA 188 67.78 93.22 61.66
C THR DA 188 67.66 94.72 61.48
N LEU DA 189 68.42 95.51 62.25
CA LEU DA 189 68.40 96.96 62.07
C LEU DA 189 68.93 97.35 60.70
N GLN DA 190 70.10 96.84 60.31
CA GLN DA 190 70.61 97.15 58.98
C GLN DA 190 69.62 96.73 57.91
N ARG DA 191 69.07 95.53 58.04
CA ARG DA 191 68.25 94.96 56.97
C ARG DA 191 66.88 95.60 56.97
N LYS DA 192 66.40 96.02 58.16
CA LYS DA 192 65.12 96.72 58.25
C LYS DA 192 65.18 98.08 57.56
N ARG DA 193 66.18 98.89 57.92
CA ARG DA 193 66.24 100.23 57.33
C ARG DA 193 66.72 100.18 55.89
N ALA DA 194 67.32 99.07 55.45
CA ALA DA 194 67.61 98.90 54.04
C ALA DA 194 66.32 98.89 53.23
N ARG DA 195 65.32 98.11 53.67
CA ARG DA 195 64.04 98.08 52.97
C ARG DA 195 63.36 99.44 53.02
N ILE DA 196 63.38 100.09 54.17
CA ILE DA 196 62.64 101.35 54.32
C ILE DA 196 63.22 102.42 53.41
N ALA DA 197 64.55 102.50 53.33
CA ALA DA 197 65.17 103.38 52.35
C ALA DA 197 64.85 102.96 50.94
N ASP DA 198 64.65 101.66 50.72
CA ASP DA 198 64.34 101.16 49.39
C ASP DA 198 62.86 101.23 49.06
N LYS DA 199 61.97 101.29 50.05
CA LYS DA 199 60.59 101.65 49.76
C LYS DA 199 60.45 103.13 49.46
N LYS DA 200 61.19 103.97 50.18
CA LYS DA 200 61.06 105.41 49.95
C LYS DA 200 61.63 105.81 48.60
N LYS DA 201 62.58 105.06 48.05
CA LYS DA 201 63.09 105.44 46.74
C LYS DA 201 62.15 105.08 45.59
N ARG DA 202 61.33 104.04 45.74
CA ARG DA 202 60.44 103.69 44.63
C ARG DA 202 59.44 104.82 44.39
N ILE DA 203 59.06 105.53 45.44
CA ILE DA 203 58.29 106.75 45.26
C ILE DA 203 59.21 107.94 44.92
N ALA DA 204 60.48 107.88 45.31
CA ALA DA 204 61.44 108.85 44.81
C ALA DA 204 61.61 108.71 43.31
N LYS DA 205 61.81 107.48 42.83
CA LYS DA 205 61.85 107.24 41.40
C LYS DA 205 60.53 107.57 40.75
N LYS DA 206 59.41 107.23 41.41
CA LYS DA 206 58.11 107.54 40.83
C LYS DA 206 58.00 109.01 40.46
N LYS DA 207 58.23 109.89 41.43
CA LYS DA 207 58.05 111.31 41.15
C LYS DA 207 59.11 111.84 40.21
N SER DA 208 60.27 111.17 40.12
CA SER DA 208 61.34 111.64 39.25
C SER DA 208 61.01 111.53 37.77
N GLU DA 209 60.22 110.54 37.36
CA GLU DA 209 59.75 110.43 35.98
C GLU DA 209 58.27 110.72 35.79
N ALA DA 210 57.46 110.69 36.86
CA ALA DA 210 56.05 110.88 36.64
C ALA DA 210 55.70 112.34 36.33
N ALA DA 211 56.60 113.28 36.61
CA ALA DA 211 56.36 114.66 36.25
C ALA DA 211 57.22 115.14 35.08
N GLU DA 212 58.32 114.47 34.78
CA GLU DA 212 59.07 114.80 33.57
C GLU DA 212 58.20 114.58 32.34
N TYR DA 213 57.43 113.49 32.31
CA TYR DA 213 56.49 113.29 31.23
C TYR DA 213 55.34 114.28 31.31
N GLN DA 214 55.08 114.82 32.49
CA GLN DA 214 53.96 115.73 32.68
C GLN DA 214 54.16 117.03 31.89
N LYS DA 215 55.39 117.54 31.88
CA LYS DA 215 55.64 118.79 31.15
C LYS DA 215 55.45 118.62 29.65
N LEU DA 216 55.52 117.39 29.14
CA LEU DA 216 55.49 117.16 27.71
C LEU DA 216 54.07 117.23 27.16
N PHE EA 19 38.83 125.00 -43.62
CA PHE EA 19 38.05 124.19 -44.55
C PHE EA 19 36.64 124.00 -43.98
N GLU EA 20 36.46 124.45 -42.75
CA GLU EA 20 35.19 124.23 -42.05
C GLU EA 20 34.07 125.10 -42.62
N ASP EA 21 34.34 126.39 -42.83
CA ASP EA 21 33.28 127.28 -43.28
C ASP EA 21 32.97 127.12 -44.76
N THR EA 22 33.98 126.79 -45.57
CA THR EA 22 33.77 126.73 -47.01
C THR EA 22 32.82 125.60 -47.39
N VAL EA 23 32.89 124.48 -46.68
CA VAL EA 23 31.87 123.45 -46.85
C VAL EA 23 30.58 123.85 -46.14
N ALA EA 24 30.68 124.58 -45.04
CA ALA EA 24 29.48 125.00 -44.32
C ALA EA 24 28.65 125.96 -45.16
N GLN EA 25 29.29 126.96 -45.79
CA GLN EA 25 28.50 127.88 -46.61
C GLN EA 25 27.99 127.20 -47.87
N ALA EA 26 28.82 126.34 -48.49
CA ALA EA 26 28.35 125.58 -49.63
C ALA EA 26 27.09 124.80 -49.28
N PHE EA 27 27.02 124.29 -48.05
CA PHE EA 27 25.81 123.63 -47.57
C PHE EA 27 24.73 124.64 -47.20
N PHE EA 28 25.12 125.87 -46.92
CA PHE EA 28 24.22 126.91 -46.42
C PHE EA 28 23.58 127.74 -47.53
N ASP EA 29 23.97 127.54 -48.78
CA ASP EA 29 23.53 128.43 -49.86
C ASP EA 29 22.82 127.74 -51.00
N LEU EA 30 21.84 126.87 -50.71
CA LEU EA 30 21.23 126.07 -51.76
C LEU EA 30 19.71 125.91 -51.71
N GLU EA 31 19.05 126.18 -50.58
CA GLU EA 31 17.58 126.14 -50.59
C GLU EA 31 16.96 127.26 -51.41
N ASN EA 32 17.72 128.29 -51.76
CA ASN EA 32 17.29 129.20 -52.81
C ASN EA 32 17.37 128.49 -54.16
N GLY EA 33 16.38 128.76 -55.01
CA GLY EA 33 16.29 127.97 -56.22
C GLY EA 33 15.97 126.54 -55.87
N ASN EA 34 16.44 125.62 -56.73
CA ASN EA 34 16.42 124.19 -56.47
C ASN EA 34 15.07 123.72 -55.95
N GLN EA 35 14.03 123.98 -56.76
CA GLN EA 35 12.68 123.57 -56.40
C GLN EA 35 12.60 122.06 -56.14
N GLU EA 36 13.29 121.27 -56.95
CA GLU EA 36 13.26 119.83 -56.75
C GLU EA 36 13.98 119.43 -55.47
N LEU EA 37 15.05 120.14 -55.12
CA LEU EA 37 15.89 119.85 -53.98
C LEU EA 37 15.44 120.59 -52.71
N LYS EA 38 14.41 121.42 -52.81
CA LYS EA 38 13.95 122.20 -51.67
C LYS EA 38 13.17 121.31 -50.69
N SER EA 39 13.03 121.80 -49.46
CA SER EA 39 12.45 121.07 -48.33
C SER EA 39 13.31 119.86 -47.95
N ASP EA 40 14.60 119.92 -48.24
CA ASP EA 40 15.49 118.78 -48.07
C ASP EA 40 16.79 119.09 -47.35
N LEU EA 41 17.19 120.37 -47.22
CA LEU EA 41 18.43 120.67 -46.51
C LEU EA 41 18.24 121.69 -45.41
N LYS EA 42 17.00 121.99 -45.02
CA LYS EA 42 16.72 123.05 -44.08
C LYS EA 42 16.66 122.54 -42.63
N ASP EA 43 17.19 121.34 -42.37
CA ASP EA 43 17.12 120.75 -41.05
C ASP EA 43 18.35 119.91 -40.66
N LEU EA 44 19.35 119.84 -41.52
CA LEU EA 44 20.29 118.72 -41.52
C LEU EA 44 21.76 119.18 -41.64
N TYR EA 45 22.15 120.07 -40.74
CA TYR EA 45 23.52 120.57 -40.67
C TYR EA 45 24.53 119.46 -40.34
N ILE EA 46 25.69 119.53 -41.00
CA ILE EA 46 26.73 118.52 -40.82
C ILE EA 46 27.49 118.75 -39.51
N ASN EA 47 28.33 117.78 -39.15
CA ASN EA 47 29.02 117.81 -37.86
C ASN EA 47 30.49 118.18 -37.98
N THR EA 48 31.20 117.66 -38.98
CA THR EA 48 32.62 117.88 -39.13
C THR EA 48 32.97 117.71 -40.61
N ALA EA 49 34.09 118.30 -41.02
CA ALA EA 49 34.52 118.14 -42.41
C ALA EA 49 36.03 118.27 -42.51
N ILE EA 50 36.63 117.41 -43.32
CA ILE EA 50 38.06 117.40 -43.58
C ILE EA 50 38.29 117.10 -45.06
N GLN EA 51 39.25 117.79 -45.65
CA GLN EA 51 39.75 117.47 -46.98
C GLN EA 51 40.99 116.59 -46.85
N MET EA 52 41.21 115.75 -47.86
CA MET EA 52 42.19 114.69 -47.72
C MET EA 52 42.90 114.46 -49.05
N ASP EA 53 44.12 113.92 -48.96
CA ASP EA 53 44.98 113.66 -50.10
C ASP EA 53 44.83 112.20 -50.48
N VAL EA 54 44.20 111.93 -51.63
CA VAL EA 54 43.96 110.54 -52.04
C VAL EA 54 45.06 110.16 -53.02
N VAL EA 55 45.17 108.86 -53.31
CA VAL EA 55 46.23 108.32 -54.14
C VAL EA 55 46.36 109.11 -55.43
N GLY EA 56 47.58 109.53 -55.74
CA GLY EA 56 47.88 110.21 -56.98
C GLY EA 56 47.99 111.72 -56.91
N ASN EA 57 47.97 112.30 -55.71
CA ASN EA 57 47.86 113.74 -55.42
C ASN EA 57 46.46 114.29 -55.67
N ARG EA 58 45.54 113.48 -56.16
CA ARG EA 58 44.14 113.89 -56.17
C ARG EA 58 43.69 114.06 -54.72
N LYS EA 59 42.67 114.87 -54.52
CA LYS EA 59 42.18 115.11 -53.17
C LYS EA 59 40.68 114.81 -53.08
N ALA EA 60 40.17 114.88 -51.86
CA ALA EA 60 38.79 114.50 -51.57
C ALA EA 60 38.33 115.26 -50.33
N VAL EA 61 37.10 114.96 -49.90
CA VAL EA 61 36.53 115.55 -48.70
C VAL EA 61 35.80 114.44 -47.94
N VAL EA 62 35.87 114.49 -46.61
CA VAL EA 62 35.06 113.62 -45.76
C VAL EA 62 34.09 114.49 -44.97
N ILE EA 63 32.81 114.15 -45.02
CA ILE EA 63 31.77 114.85 -44.27
C ILE EA 63 31.24 113.91 -43.21
N HIS EA 64 31.03 114.43 -42.00
CA HIS EA 64 30.50 113.66 -40.89
C HIS EA 64 29.09 114.17 -40.53
N VAL EA 65 28.08 113.35 -40.79
CA VAL EA 65 26.72 113.63 -40.31
C VAL EA 65 26.64 112.98 -38.93
N PRO EA 66 26.01 113.62 -37.92
CA PRO EA 66 26.14 113.07 -36.56
C PRO EA 66 25.54 111.67 -36.34
N TYR EA 67 24.23 111.53 -36.17
CA TYR EA 67 23.53 110.28 -36.47
C TYR EA 67 22.06 110.49 -36.81
N ARG EA 68 21.45 111.50 -36.19
CA ARG EA 68 19.99 111.65 -36.21
C ARG EA 68 19.46 111.77 -37.62
N LEU EA 69 20.27 112.31 -38.52
CA LEU EA 69 19.86 112.72 -39.85
C LEU EA 69 20.24 111.71 -40.92
N ARG EA 70 20.82 110.58 -40.54
CA ARG EA 70 21.36 109.62 -41.48
C ARG EA 70 20.31 109.09 -42.45
N LYS EA 71 19.04 109.14 -42.08
CA LYS EA 71 18.04 108.61 -42.99
C LYS EA 71 17.78 109.63 -44.10
N PRO EA 72 17.49 110.91 -43.79
CA PRO EA 72 17.38 111.89 -44.89
C PRO EA 72 18.60 111.97 -45.77
N PHE EA 73 19.80 111.89 -45.18
CA PHE EA 73 21.01 112.03 -45.96
C PHE EA 73 21.14 110.91 -46.99
N ARG EA 74 20.89 109.67 -46.57
CA ARG EA 74 21.07 108.57 -47.50
C ARG EA 74 19.92 108.43 -48.49
N LYS EA 75 18.83 109.21 -48.36
CA LYS EA 75 17.87 109.33 -49.44
C LYS EA 75 18.05 110.62 -50.25
N ILE EA 76 18.95 111.50 -49.83
CA ILE EA 76 19.33 112.65 -50.65
C ILE EA 76 20.79 112.53 -51.11
N HIS EA 77 21.50 111.50 -50.67
CA HIS EA 77 22.95 111.41 -50.88
C HIS EA 77 23.32 111.58 -52.35
N VAL EA 78 22.47 111.07 -53.25
CA VAL EA 78 22.80 111.07 -54.68
C VAL EA 78 22.93 112.48 -55.24
N ARG EA 79 22.32 113.47 -54.58
CA ARG EA 79 22.38 114.82 -55.12
C ARG EA 79 23.46 115.66 -54.45
N LEU EA 80 23.61 115.56 -53.14
CA LEU EA 80 24.68 116.31 -52.47
C LEU EA 80 26.04 115.95 -53.04
N VAL EA 81 26.31 114.65 -53.21
CA VAL EA 81 27.62 114.23 -53.70
C VAL EA 81 27.87 114.79 -55.09
N ARG EA 82 26.82 114.86 -55.92
CA ARG EA 82 26.93 115.56 -57.18
C ARG EA 82 27.02 117.06 -56.98
N GLU EA 83 26.26 117.59 -56.02
CA GLU EA 83 26.22 119.02 -55.75
C GLU EA 83 27.59 119.52 -55.28
N LEU EA 84 28.24 118.78 -54.38
CA LEU EA 84 29.60 119.15 -53.96
C LEU EA 84 30.60 118.98 -55.08
N GLU EA 85 30.27 118.17 -56.08
CA GLU EA 85 31.08 118.01 -57.28
C GLU EA 85 30.64 118.93 -58.41
N LYS EA 86 29.63 119.77 -58.19
CA LYS EA 86 29.13 120.64 -59.26
C LYS EA 86 29.02 122.09 -58.84
N LYS EA 87 28.68 122.37 -57.59
CA LYS EA 87 28.68 123.73 -57.05
C LYS EA 87 29.94 124.03 -56.25
N PHE EA 88 30.31 123.14 -55.32
CA PHE EA 88 31.65 123.13 -54.76
C PHE EA 88 32.65 122.66 -55.80
N SER EA 89 32.42 121.49 -56.39
CA SER EA 89 33.07 121.02 -57.61
C SER EA 89 34.61 121.03 -57.52
N GLY EA 90 35.17 120.80 -56.34
CA GLY EA 90 36.61 120.74 -56.21
C GLY EA 90 37.19 119.34 -56.24
N LYS EA 91 36.67 118.45 -55.39
CA LYS EA 91 37.31 117.16 -55.13
C LYS EA 91 36.27 116.22 -54.54
N ASP EA 92 36.48 114.91 -54.75
CA ASP EA 92 35.45 113.93 -54.42
C ASP EA 92 35.03 114.04 -52.95
N VAL EA 93 33.74 113.80 -52.68
CA VAL EA 93 33.24 113.92 -51.31
C VAL EA 93 32.57 112.61 -50.91
N VAL EA 94 32.55 112.36 -49.60
CA VAL EA 94 31.87 111.22 -49.01
C VAL EA 94 30.93 111.74 -47.93
N PHE EA 95 30.05 110.87 -47.45
CA PHE EA 95 29.26 111.14 -46.27
C PHE EA 95 29.26 109.93 -45.35
N VAL EA 96 29.64 110.14 -44.09
CA VAL EA 96 29.67 109.08 -43.08
C VAL EA 96 29.09 109.63 -41.79
N ALA EA 97 28.62 108.73 -40.93
CA ALA EA 97 28.01 109.10 -39.66
C ALA EA 97 28.99 108.88 -38.51
N THR EA 98 29.02 109.84 -37.58
CA THR EA 98 29.94 109.77 -36.45
C THR EA 98 29.38 108.88 -35.33
N ARG EA 99 29.29 107.60 -35.64
CA ARG EA 99 29.00 106.59 -34.63
C ARG EA 99 30.12 106.52 -33.60
N ARG EA 100 29.76 106.73 -32.33
CA ARG EA 100 30.72 106.64 -31.24
C ARG EA 100 31.14 105.19 -31.01
N ILE EA 101 32.39 105.01 -30.65
CA ILE EA 101 32.94 103.73 -30.22
C ILE EA 101 33.17 103.77 -28.72
N VAL EA 102 32.75 102.72 -28.04
CA VAL EA 102 33.05 102.55 -26.63
C VAL EA 102 34.19 101.56 -26.51
N ARG EA 103 35.20 101.89 -25.71
CA ARG EA 103 36.25 100.93 -25.41
C ARG EA 103 35.65 99.74 -24.66
N PRO EA 104 36.26 98.56 -24.77
CA PRO EA 104 35.62 97.35 -24.25
C PRO EA 104 35.33 97.49 -22.77
N PRO EA 105 34.18 96.98 -22.32
CA PRO EA 105 33.94 96.95 -20.88
C PRO EA 105 35.10 96.23 -20.25
N LYS EA 106 35.65 96.81 -19.19
CA LYS EA 106 36.73 96.14 -18.52
C LYS EA 106 36.20 94.79 -18.01
N LYS EA 107 37.11 93.93 -17.54
CA LYS EA 107 36.73 92.60 -17.07
C LYS EA 107 35.48 92.68 -16.22
N GLY EA 108 34.69 91.61 -16.17
CA GLY EA 108 33.31 91.65 -15.76
C GLY EA 108 33.06 92.65 -14.65
N SER EA 109 32.21 93.63 -14.97
CA SER EA 109 32.17 94.87 -14.22
C SER EA 109 30.76 95.37 -13.98
N ALA EA 110 29.74 94.58 -14.33
CA ALA EA 110 28.35 95.05 -14.42
C ALA EA 110 28.26 96.22 -15.39
N VAL EA 111 28.75 95.98 -16.61
CA VAL EA 111 28.68 96.90 -17.74
C VAL EA 111 28.61 96.03 -18.99
N GLN EA 112 27.75 96.39 -19.95
CA GLN EA 112 27.54 95.52 -21.09
C GLN EA 112 28.21 95.96 -22.38
N ARG EA 113 28.31 97.28 -22.65
CA ARG EA 113 28.75 97.77 -23.97
C ARG EA 113 27.86 97.20 -25.06
N PRO EA 114 26.74 97.86 -25.38
CA PRO EA 114 25.85 97.40 -26.46
C PRO EA 114 26.60 96.96 -27.71
N ARG EA 115 26.00 96.10 -28.53
CA ARG EA 115 26.77 95.48 -29.60
C ARG EA 115 27.15 96.46 -30.69
N THR EA 116 26.42 97.56 -30.82
CA THR EA 116 26.88 98.68 -31.63
C THR EA 116 27.96 99.40 -30.83
N ARG EA 117 28.32 100.61 -31.23
CA ARG EA 117 29.41 101.38 -30.60
C ARG EA 117 30.58 100.45 -30.27
N THR EA 118 30.92 99.63 -31.25
CA THR EA 118 31.89 98.56 -31.10
C THR EA 118 32.70 98.52 -32.38
N LEU EA 119 34.03 98.45 -32.26
CA LEU EA 119 34.92 98.59 -33.42
C LEU EA 119 34.39 97.86 -34.64
N THR EA 120 34.11 96.57 -34.48
CA THR EA 120 33.61 95.77 -35.60
C THR EA 120 32.29 96.32 -36.11
N ALA EA 121 31.39 96.71 -35.21
CA ALA EA 121 30.12 97.29 -35.64
C ALA EA 121 30.33 98.62 -36.35
N VAL EA 122 31.14 99.51 -35.74
CA VAL EA 122 31.33 100.84 -36.32
C VAL EA 122 32.06 100.76 -37.65
N HIS EA 123 33.14 99.98 -37.72
CA HIS EA 123 33.91 99.91 -38.96
C HIS EA 123 33.07 99.33 -40.09
N ASP EA 124 32.31 98.27 -39.81
CA ASP EA 124 31.38 97.76 -40.80
C ASP EA 124 30.34 98.80 -41.18
N GLY EA 125 29.92 99.62 -40.22
CA GLY EA 125 28.92 100.63 -40.52
C GLY EA 125 29.44 101.70 -41.46
N ILE EA 126 30.61 102.27 -41.14
CA ILE EA 126 31.13 103.34 -41.99
C ILE EA 126 31.77 102.81 -43.26
N LEU EA 127 31.99 101.50 -43.37
CA LEU EA 127 32.29 100.92 -44.67
C LEU EA 127 31.11 101.05 -45.61
N GLU EA 128 29.91 100.79 -45.10
CA GLU EA 128 28.73 100.67 -45.95
C GLU EA 128 28.24 102.03 -46.47
N ASP EA 129 28.44 103.10 -45.70
CA ASP EA 129 27.99 104.42 -46.13
C ASP EA 129 29.04 105.18 -46.93
N VAL EA 130 30.34 104.87 -46.75
CA VAL EA 130 31.35 105.41 -47.66
C VAL EA 130 31.02 105.06 -49.10
N VAL EA 131 30.66 103.81 -49.33
CA VAL EA 131 30.39 103.34 -50.68
C VAL EA 131 28.90 103.49 -50.96
N TYR EA 132 28.22 104.33 -50.16
CA TYR EA 132 26.77 104.26 -49.97
C TYR EA 132 25.95 103.87 -51.19
N PRO EA 133 26.01 104.61 -52.31
CA PRO EA 133 25.08 104.29 -53.40
C PRO EA 133 25.14 102.82 -53.78
N ALA EA 134 26.34 102.27 -53.82
CA ALA EA 134 26.52 100.84 -54.07
C ALA EA 134 26.36 100.05 -52.79
N GLU EA 135 25.81 98.85 -52.92
CA GLU EA 135 25.71 97.90 -51.81
C GLU EA 135 26.88 96.93 -51.83
N ILE EA 136 27.29 96.52 -50.63
CA ILE EA 136 28.28 95.47 -50.47
C ILE EA 136 27.58 94.13 -50.62
N VAL EA 137 27.98 93.34 -51.61
CA VAL EA 137 27.38 92.04 -51.85
C VAL EA 137 28.33 90.90 -51.51
N GLY EA 138 29.44 91.18 -50.85
CA GLY EA 138 30.39 90.14 -50.47
C GLY EA 138 31.64 90.70 -49.82
N LYS EA 139 32.27 89.95 -48.93
CA LYS EA 139 33.53 90.34 -48.33
C LYS EA 139 34.52 89.17 -48.30
N ARG EA 140 35.79 89.50 -48.46
CA ARG EA 140 36.91 88.58 -48.30
C ARG EA 140 37.98 89.27 -47.49
N VAL EA 141 38.68 88.51 -46.65
CA VAL EA 141 39.85 89.00 -45.93
C VAL EA 141 41.01 88.07 -46.25
N ARG EA 142 41.91 88.53 -47.10
CA ARG EA 142 43.07 87.74 -47.47
C ARG EA 142 44.22 88.05 -46.52
N TYR EA 143 44.73 87.03 -45.85
CA TYR EA 143 45.84 87.20 -44.93
C TYR EA 143 47.13 86.92 -45.68
N ARG EA 144 47.80 88.00 -46.11
CA ARG EA 144 49.01 87.88 -46.89
C ARG EA 144 50.14 87.28 -46.05
N LEU EA 145 51.13 86.72 -46.74
CA LEU EA 145 52.21 86.01 -46.05
C LEU EA 145 52.94 86.92 -45.05
N ASP EA 146 53.19 88.17 -45.43
CA ASP EA 146 53.86 89.10 -44.54
C ASP EA 146 53.02 89.47 -43.32
N GLY EA 147 51.73 89.12 -43.30
CA GLY EA 147 50.87 89.44 -42.19
C GLY EA 147 49.94 90.62 -42.41
N ALA EA 148 50.03 91.28 -43.56
CA ALA EA 148 49.03 92.28 -43.89
C ALA EA 148 47.71 91.59 -44.21
N LYS EA 149 46.62 92.35 -44.09
CA LYS EA 149 45.29 91.89 -44.45
C LYS EA 149 44.72 92.80 -45.53
N VAL EA 150 43.98 92.20 -46.45
CA VAL EA 150 43.31 92.92 -47.53
C VAL EA 150 41.83 92.56 -47.49
N ILE EA 151 40.98 93.56 -47.51
CA ILE EA 151 39.52 93.34 -47.46
C ILE EA 151 38.96 93.61 -48.84
N LYS EA 152 38.69 92.55 -49.58
CA LYS EA 152 38.05 92.70 -50.88
C LYS EA 152 36.55 92.86 -50.71
N ILE EA 153 35.98 93.84 -51.38
CA ILE EA 153 34.56 94.14 -51.32
C ILE EA 153 33.97 93.98 -52.71
N TYR EA 154 32.93 93.17 -52.81
CA TYR EA 154 32.23 92.97 -54.07
C TYR EA 154 31.01 93.89 -54.06
N LEU EA 155 30.78 94.57 -55.18
CA LEU EA 155 29.73 95.58 -55.26
C LEU EA 155 28.64 95.11 -56.20
N ASP EA 156 27.42 95.61 -56.00
CA ASP EA 156 26.30 95.11 -56.78
C ASP EA 156 26.44 95.55 -58.24
N PRO EA 157 26.17 94.68 -59.20
CA PRO EA 157 26.39 95.02 -60.61
C PRO EA 157 25.35 95.98 -61.16
N LYS EA 158 24.49 96.51 -60.31
CA LYS EA 158 23.63 97.62 -60.65
C LYS EA 158 24.01 98.80 -59.77
N GLU EA 159 23.62 99.99 -60.20
CA GLU EA 159 24.09 101.23 -59.59
C GLU EA 159 25.62 101.21 -59.56
N ARG EA 160 26.20 100.75 -60.66
CA ARG EA 160 27.63 100.49 -60.76
C ARG EA 160 28.38 101.52 -61.59
N ASN EA 161 27.86 101.98 -62.72
CA ASN EA 161 28.47 103.18 -63.31
C ASN EA 161 28.37 104.41 -62.42
N ASN EA 162 27.70 104.31 -61.28
CA ASN EA 162 27.60 105.45 -60.38
C ASN EA 162 28.84 105.57 -59.51
N THR EA 163 29.65 104.50 -59.39
CA THR EA 163 30.78 104.50 -58.47
C THR EA 163 32.06 103.85 -59.01
N GLU EA 164 32.10 103.37 -60.25
CA GLU EA 164 33.28 102.67 -60.74
C GLU EA 164 34.51 103.55 -60.87
N TYR EA 165 34.39 104.83 -60.48
CA TYR EA 165 35.50 105.77 -60.50
C TYR EA 165 35.70 106.44 -59.15
N LYS EA 166 35.03 105.95 -58.12
CA LYS EA 166 35.22 106.34 -56.74
C LYS EA 166 36.18 105.43 -56.00
N LEU EA 167 36.66 104.38 -56.66
CA LEU EA 167 37.20 103.23 -55.94
C LEU EA 167 38.52 103.54 -55.24
N GLU EA 168 39.41 104.28 -55.90
CA GLU EA 168 40.63 104.70 -55.21
C GLU EA 168 40.32 105.65 -54.06
N THR EA 169 39.26 106.45 -54.19
CA THR EA 169 38.90 107.35 -53.11
C THR EA 169 38.42 106.59 -51.88
N PHE EA 170 37.68 105.50 -52.08
CA PHE EA 170 37.20 104.71 -50.96
C PHE EA 170 38.35 104.10 -50.18
N SER EA 171 39.27 103.43 -50.87
CA SER EA 171 40.42 102.85 -50.19
C SER EA 171 41.21 103.92 -49.45
N ALA EA 172 41.32 105.10 -50.06
CA ALA EA 172 41.95 106.24 -49.40
C ALA EA 172 41.19 106.65 -48.15
N VAL EA 173 39.86 106.77 -48.26
CA VAL EA 173 39.08 107.26 -47.13
C VAL EA 173 39.02 106.21 -46.02
N TYR EA 174 38.78 104.95 -46.37
CA TYR EA 174 38.59 103.94 -45.34
C TYR EA 174 39.88 103.67 -44.56
N ARG EA 175 41.04 103.85 -45.19
CA ARG EA 175 42.28 103.83 -44.44
C ARG EA 175 42.32 104.95 -43.43
N ARG EA 176 41.71 106.10 -43.76
CA ARG EA 176 41.75 107.24 -42.86
C ARG EA 176 40.89 107.02 -41.62
N LEU EA 177 39.66 106.53 -41.82
CA LEU EA 177 38.74 106.40 -40.69
C LEU EA 177 39.09 105.21 -39.80
N CYS EA 178 39.67 104.16 -40.36
CA CYS EA 178 39.83 102.89 -39.65
C CYS EA 178 41.20 102.27 -39.75
N GLY EA 179 42.00 102.61 -40.75
CA GLY EA 179 43.19 101.82 -40.99
C GLY EA 179 42.82 100.43 -41.47
N LYS EA 180 42.16 100.34 -42.63
CA LYS EA 180 41.86 99.06 -43.23
C LYS EA 180 42.11 99.18 -44.74
N ASP EA 181 42.63 98.11 -45.33
CA ASP EA 181 43.03 98.11 -46.74
C ASP EA 181 41.95 97.43 -47.57
N VAL EA 182 40.94 98.19 -47.96
CA VAL EA 182 39.85 97.64 -48.76
C VAL EA 182 40.12 97.88 -50.24
N VAL EA 183 39.90 96.85 -51.04
CA VAL EA 183 39.94 96.92 -52.48
C VAL EA 183 38.56 96.50 -52.98
N PHE EA 184 38.23 96.91 -54.19
CA PHE EA 184 36.87 96.83 -54.68
C PHE EA 184 36.83 96.11 -56.02
N GLU EA 185 35.67 95.56 -56.33
CA GLU EA 185 35.52 94.66 -57.47
C GLU EA 185 34.04 94.49 -57.76
N TYR EA 186 33.75 93.99 -58.95
CA TYR EA 186 32.39 93.63 -59.36
C TYR EA 186 32.43 92.19 -59.88
N PRO EA 187 31.86 91.22 -59.15
CA PRO EA 187 31.99 89.79 -59.44
C PRO EA 187 31.76 89.43 -60.91
N MET FA 1 8.64 93.97 23.84
CA MET FA 1 8.22 94.15 22.47
C MET FA 1 8.40 92.88 21.66
N ALA FA 2 8.32 93.01 20.32
CA ALA FA 2 8.37 91.84 19.46
C ALA FA 2 9.62 91.02 19.71
N GLU FA 3 10.73 91.67 20.05
CA GLU FA 3 11.93 90.94 20.43
C GLU FA 3 11.66 90.03 21.62
N GLN FA 4 10.90 90.54 22.58
CA GLN FA 4 10.72 89.89 23.88
C GLN FA 4 9.71 88.77 23.67
N THR FA 5 10.21 87.58 23.38
CA THR FA 5 9.34 86.46 23.05
C THR FA 5 9.67 85.21 23.86
N GLU FA 6 10.34 85.36 24.99
CA GLU FA 6 10.94 84.23 25.66
C GLU FA 6 10.63 84.25 27.14
N LYS FA 7 11.17 83.26 27.86
CA LYS FA 7 11.00 83.18 29.30
C LYS FA 7 11.92 84.13 30.05
N SER FA 8 12.88 84.72 29.38
CA SER FA 8 13.65 85.82 29.93
C SER FA 8 13.46 87.04 29.05
N PHE FA 9 13.53 88.22 29.67
CA PHE FA 9 13.52 89.47 28.92
C PHE FA 9 14.88 89.66 28.26
N LEU FA 10 14.87 89.97 26.97
CA LEU FA 10 16.09 90.02 26.17
C LEU FA 10 16.62 91.45 26.12
N LYS FA 11 17.90 91.61 26.38
CA LYS FA 11 18.52 92.92 26.34
C LYS FA 11 19.97 92.78 25.95
N GLN FA 12 20.50 93.85 25.41
CA GLN FA 12 21.92 93.92 25.10
C GLN FA 12 22.72 94.18 26.39
N PRO FA 13 23.90 93.59 26.51
CA PRO FA 13 24.74 93.91 27.67
C PRO FA 13 25.19 95.36 27.65
N LYS FA 14 25.27 95.94 28.84
CA LYS FA 14 25.84 97.25 29.11
C LYS FA 14 25.12 98.40 28.42
N VAL FA 15 23.97 98.16 27.83
CA VAL FA 15 23.07 99.23 27.41
C VAL FA 15 22.00 99.40 28.48
N PHE FA 16 21.94 100.59 29.07
CA PHE FA 16 21.07 100.84 30.22
C PHE FA 16 19.83 101.59 29.74
N LEU FA 17 18.70 100.88 29.64
CA LEU FA 17 17.49 101.44 29.00
C LEU FA 17 16.84 102.53 29.84
N SER FA 18 16.90 102.43 31.15
CA SER FA 18 16.17 103.33 32.05
C SER FA 18 17.03 104.48 32.53
N THR FA 19 17.93 104.98 31.68
CA THR FA 19 18.89 105.98 32.09
C THR FA 19 18.21 107.26 32.56
N LYS FA 20 18.79 107.86 33.59
CA LYS FA 20 18.31 109.16 34.06
C LYS FA 20 18.54 110.24 33.01
N LYS FA 21 19.76 110.34 32.52
CA LYS FA 21 20.10 111.30 31.47
C LYS FA 21 20.36 110.57 30.18
N ALA FA 22 19.72 111.02 29.11
CA ALA FA 22 19.76 110.35 27.82
C ALA FA 22 20.11 111.36 26.74
N ASP FA 23 20.70 110.87 25.65
CA ASP FA 23 20.96 111.70 24.48
C ASP FA 23 21.20 110.80 23.29
N LYS FA 24 20.36 110.92 22.27
CA LYS FA 24 20.53 110.18 21.03
C LYS FA 24 21.83 110.55 20.33
N ALA FA 25 22.38 111.72 20.63
CA ALA FA 25 23.57 112.21 19.93
C ALA FA 25 24.86 111.50 20.34
N LYS FA 26 24.82 110.63 21.33
CA LYS FA 26 26.04 110.02 21.83
C LYS FA 26 26.35 108.72 21.08
N ARG FA 27 27.53 108.15 21.36
CA ARG FA 27 27.97 106.91 20.73
C ARG FA 27 26.98 105.78 21.00
N PRO FA 28 26.89 104.81 20.10
CA PRO FA 28 26.00 103.67 20.31
C PRO FA 28 26.35 102.89 21.56
N GLY FA 29 25.31 102.42 22.24
CA GLY FA 29 25.51 101.77 23.52
C GLY FA 29 25.73 102.71 24.67
N LYS FA 30 25.39 103.99 24.50
CA LYS FA 30 25.42 104.97 25.57
C LYS FA 30 24.14 105.77 25.56
N ALA FA 31 23.71 106.18 26.76
CA ALA FA 31 22.53 107.01 26.91
C ALA FA 31 21.28 106.37 26.33
N GLY FA 32 21.22 105.03 26.38
CA GLY FA 32 20.08 104.29 25.89
C GLY FA 32 20.11 103.97 24.41
N ASN FA 33 21.13 104.38 23.68
CA ASN FA 33 21.20 104.12 22.26
C ASN FA 33 21.60 102.67 21.99
N ARG FA 34 20.88 102.03 21.08
CA ARG FA 34 21.22 100.70 20.60
C ARG FA 34 22.70 100.60 20.22
N PHE FA 35 23.37 99.59 20.77
CA PHE FA 35 24.73 99.30 20.39
C PHE FA 35 24.78 98.71 18.99
N TRP FA 36 25.80 99.09 18.24
CA TRP FA 36 26.05 98.55 16.91
C TRP FA 36 27.50 98.86 16.60
N LYS FA 37 28.08 98.05 15.72
CA LYS FA 37 29.53 97.93 15.66
C LYS FA 37 29.98 97.84 14.21
N SER FA 38 31.23 98.22 13.98
CA SER FA 38 31.87 98.04 12.68
C SER FA 38 32.62 96.72 12.68
N VAL FA 39 32.30 95.85 11.72
CA VAL FA 39 32.94 94.54 11.71
C VAL FA 39 34.35 94.64 11.11
N GLY FA 40 34.58 95.60 10.24
CA GLY FA 40 35.86 95.73 9.60
C GLY FA 40 35.91 94.98 8.28
N LEU FA 41 37.12 94.90 7.73
CA LEU FA 41 37.45 94.15 6.52
C LEU FA 41 36.68 94.63 5.30
N GLY FA 42 35.98 95.75 5.38
CA GLY FA 42 35.31 96.30 4.23
C GLY FA 42 33.82 96.03 4.12
N PHE FA 43 33.21 95.37 5.10
CA PHE FA 43 31.78 95.16 5.05
C PHE FA 43 31.03 96.33 5.68
N LYS FA 44 29.79 96.51 5.24
CA LYS FA 44 28.94 97.59 5.69
C LYS FA 44 27.83 97.06 6.56
N THR FA 45 27.58 97.71 7.68
CA THR FA 45 26.49 97.32 8.55
C THR FA 45 25.19 97.71 7.88
N PRO FA 46 24.25 96.79 7.68
CA PRO FA 46 22.99 97.18 7.05
C PRO FA 46 22.15 98.04 7.98
N ARG FA 47 21.30 98.87 7.35
CA ARG FA 47 20.47 99.82 8.10
C ARG FA 47 19.57 99.10 9.08
N GLU FA 48 19.02 97.95 8.68
CA GLU FA 48 18.15 97.20 9.57
C GLU FA 48 18.90 96.68 10.78
N ALA FA 49 20.21 96.45 10.66
CA ALA FA 49 21.00 96.13 11.84
C ALA FA 49 21.15 97.36 12.74
N ILE FA 50 21.47 98.51 12.14
CA ILE FA 50 21.70 99.72 12.93
C ILE FA 50 20.43 100.13 13.66
N ASP FA 51 19.39 100.47 12.92
CA ASP FA 51 18.11 100.84 13.54
C ASP FA 51 17.18 99.64 13.64
N GLY FA 52 17.70 98.56 14.20
CA GLY FA 52 16.89 97.40 14.48
C GLY FA 52 16.37 97.41 15.89
N THR FA 53 15.45 96.50 16.15
CA THR FA 53 14.96 96.27 17.50
C THR FA 53 15.18 94.85 17.97
N TYR FA 54 15.59 93.94 17.09
CA TYR FA 54 15.89 92.58 17.48
C TYR FA 54 17.07 92.53 18.44
N ILE FA 55 17.08 91.53 19.28
CA ILE FA 55 18.20 91.22 20.13
C ILE FA 55 18.77 89.90 19.67
N ASP FA 56 20.09 89.86 19.48
CA ASP FA 56 20.77 88.65 19.03
C ASP FA 56 22.22 88.75 19.50
N LYS FA 57 22.57 87.96 20.50
CA LYS FA 57 23.91 87.98 21.07
C LYS FA 57 24.96 87.53 20.06
N LYS FA 58 24.55 86.87 18.99
CA LYS FA 58 25.45 86.27 18.03
C LYS FA 58 25.59 87.08 16.76
N CYS FA 59 24.93 88.23 16.66
CA CYS FA 59 25.00 89.05 15.46
C CYS FA 59 26.36 89.71 15.34
N PRO FA 60 26.92 89.80 14.13
CA PRO FA 60 28.21 90.50 13.97
C PRO FA 60 28.15 91.98 14.29
N PHE FA 61 27.05 92.64 13.94
CA PHE FA 61 26.93 94.08 14.03
C PHE FA 61 26.46 94.57 15.38
N THR FA 62 25.81 93.72 16.17
CA THR FA 62 25.26 94.12 17.45
C THR FA 62 25.63 93.19 18.58
N GLY FA 63 25.98 91.95 18.30
CA GLY FA 63 26.25 90.99 19.34
C GLY FA 63 27.64 91.11 19.89
N THR FA 64 28.08 90.04 20.53
CA THR FA 64 29.34 90.01 21.26
C THR FA 64 30.43 89.30 20.45
N VAL FA 65 30.16 89.00 19.18
CA VAL FA 65 31.05 88.18 18.37
C VAL FA 65 32.01 89.08 17.59
N ALA FA 66 33.22 88.59 17.38
CA ALA FA 66 34.23 89.28 16.60
C ALA FA 66 34.59 88.41 15.40
N ILE FA 67 34.53 88.98 14.20
CA ILE FA 67 34.92 88.25 12.99
C ILE FA 67 36.43 88.25 12.86
N ARG FA 68 37.02 87.06 12.77
CA ARG FA 68 38.46 86.90 12.61
C ARG FA 68 38.76 85.48 12.18
N GLY FA 69 39.84 85.32 11.42
CA GLY FA 69 40.15 84.04 10.80
C GLY FA 69 40.01 84.05 9.30
N ARG FA 70 39.04 83.32 8.77
CA ARG FA 70 38.88 83.14 7.33
C ARG FA 70 37.56 83.71 6.85
N ILE FA 71 37.50 84.02 5.56
CA ILE FA 71 36.35 84.62 4.92
C ILE FA 71 36.02 83.76 3.70
N ILE FA 72 34.87 83.12 3.71
CA ILE FA 72 34.46 82.21 2.65
C ILE FA 72 33.20 82.74 1.97
N ALA FA 73 33.05 82.38 0.71
CA ALA FA 73 31.82 82.64 -0.03
C ALA FA 73 31.20 81.31 -0.43
N GLY FA 74 29.89 81.31 -0.56
CA GLY FA 74 29.21 80.09 -0.94
C GLY FA 74 27.76 80.36 -1.21
N THR FA 75 27.02 79.28 -1.46
CA THR FA 75 25.61 79.35 -1.76
C THR FA 75 24.82 78.81 -0.58
N CYS FA 76 23.74 79.50 -0.23
CA CYS FA 76 22.83 78.98 0.78
C CYS FA 76 22.23 77.68 0.31
N HIS FA 77 22.31 76.66 1.13
CA HIS FA 77 21.75 75.35 0.80
C HIS FA 77 20.46 75.04 1.54
N SER FA 78 20.32 75.50 2.78
CA SER FA 78 19.09 75.29 3.52
C SER FA 78 18.97 76.38 4.58
N ALA FA 79 17.76 76.90 4.72
CA ALA FA 79 17.44 78.00 5.64
C ALA FA 79 16.29 77.62 6.55
N LYS FA 80 16.35 76.42 7.12
CA LYS FA 80 15.25 75.89 7.91
C LYS FA 80 15.57 75.77 9.40
N MET FA 81 16.63 76.40 9.87
CA MET FA 81 16.94 76.44 11.30
C MET FA 81 16.73 77.84 11.83
N ASN FA 82 16.58 77.95 13.14
CA ASN FA 82 16.43 79.23 13.79
C ASN FA 82 17.74 79.99 13.72
N ARG FA 83 17.81 80.98 12.84
CA ARG FA 83 18.96 81.88 12.74
C ARG FA 83 20.25 81.16 12.38
N THR FA 84 20.17 80.12 11.57
CA THR FA 84 21.35 79.42 11.08
C THR FA 84 21.04 78.88 9.69
N ILE FA 85 22.05 78.87 8.82
CA ILE FA 85 21.91 78.30 7.49
C ILE FA 85 23.06 77.34 7.24
N ILE FA 86 22.87 76.48 6.25
CA ILE FA 86 23.95 75.65 5.72
C ILE FA 86 24.30 76.21 4.36
N VAL FA 87 25.56 76.55 4.17
CA VAL FA 87 26.02 77.14 2.93
C VAL FA 87 26.88 76.10 2.23
N ARG FA 88 26.59 75.84 0.96
CA ARG FA 88 27.37 74.88 0.19
C ARG FA 88 28.55 75.60 -0.46
N ARG FA 89 29.73 75.06 -0.25
CA ARG FA 89 30.92 75.53 -0.97
C ARG FA 89 31.18 74.55 -2.11
N ASN FA 90 31.33 75.08 -3.31
CA ASN FA 90 31.64 74.28 -4.48
C ASN FA 90 33.06 74.57 -4.92
N TYR FA 91 33.81 73.52 -5.23
CA TYR FA 91 35.19 73.68 -5.64
C TYR FA 91 35.61 72.48 -6.45
N LEU FA 92 36.77 72.60 -7.08
CA LEU FA 92 37.32 71.56 -7.94
C LEU FA 92 38.53 70.96 -7.26
N HIS FA 93 38.62 69.63 -7.28
CA HIS FA 93 39.74 68.92 -6.70
C HIS FA 93 40.58 68.29 -7.80
N PHE FA 94 41.86 68.56 -7.79
CA PHE FA 94 42.74 68.06 -8.84
C PHE FA 94 43.05 66.59 -8.60
N VAL FA 95 42.83 65.76 -9.61
CA VAL FA 95 43.24 64.36 -9.61
C VAL FA 95 44.57 64.29 -10.34
N LYS FA 96 45.66 64.04 -9.61
CA LYS FA 96 46.98 64.16 -10.20
C LYS FA 96 47.22 63.15 -11.31
N LYS FA 97 46.88 61.88 -11.06
CA LYS FA 97 47.20 60.83 -12.02
C LYS FA 97 46.56 61.08 -13.37
N TYR FA 98 45.32 61.53 -13.39
CA TYR FA 98 44.60 61.70 -14.63
C TYR FA 98 44.67 63.12 -15.15
N GLN FA 99 45.37 64.01 -14.46
CA GLN FA 99 45.55 65.40 -14.88
C GLN FA 99 44.21 66.07 -15.17
N ARG FA 100 43.20 65.71 -14.40
CA ARG FA 100 41.88 66.28 -14.57
C ARG FA 100 41.31 66.65 -13.21
N TYR FA 101 40.09 67.16 -13.22
CA TYR FA 101 39.44 67.72 -12.04
C TYR FA 101 38.16 66.95 -11.74
N GLU FA 102 37.72 67.05 -10.50
CA GLU FA 102 36.42 66.54 -10.10
C GLU FA 102 35.77 67.57 -9.21
N LYS FA 103 34.44 67.57 -9.20
CA LYS FA 103 33.68 68.54 -8.42
C LYS FA 103 33.44 67.96 -7.04
N ARG FA 104 34.15 68.50 -6.04
CA ARG FA 104 33.89 68.16 -4.65
C ARG FA 104 33.14 69.32 -4.01
N HIS FA 105 32.84 69.20 -2.72
CA HIS FA 105 32.04 70.22 -2.05
C HIS FA 105 32.20 70.06 -0.54
N SER FA 106 31.77 71.10 0.17
CA SER FA 106 31.73 71.08 1.62
C SER FA 106 30.51 71.87 2.08
N ASN FA 107 29.88 71.38 3.14
CA ASN FA 107 28.75 72.07 3.75
C ASN FA 107 29.22 72.71 5.05
N ILE FA 108 29.00 74.00 5.18
CA ILE FA 108 29.51 74.75 6.33
C ILE FA 108 28.34 75.45 7.02
N PRO FA 109 28.02 75.10 8.26
CA PRO FA 109 27.00 75.85 9.00
C PRO FA 109 27.49 77.23 9.41
N ALA FA 110 26.66 78.23 9.18
CA ALA FA 110 27.00 79.59 9.57
C ALA FA 110 25.78 80.27 10.19
N HIS FA 111 26.02 81.05 11.24
CA HIS FA 111 24.96 81.81 11.88
C HIS FA 111 24.54 82.98 11.02
N ILE FA 112 23.24 83.22 10.96
CA ILE FA 112 22.69 84.35 10.22
C ILE FA 112 22.04 85.32 11.21
N SER FA 113 22.37 86.60 11.06
CA SER FA 113 21.74 87.61 11.89
C SER FA 113 20.30 87.84 11.44
N PRO FA 114 19.44 88.31 12.34
CA PRO FA 114 18.08 88.69 11.92
C PRO FA 114 18.05 89.82 10.90
N CYS FA 115 19.14 90.58 10.77
CA CYS FA 115 19.13 91.72 9.86
C CYS FA 115 19.11 91.29 8.38
N PHE FA 116 19.71 90.15 8.05
CA PHE FA 116 19.67 89.68 6.67
C PHE FA 116 18.38 88.93 6.37
N ARG FA 117 18.30 88.42 5.13
CA ARG FA 117 17.21 87.56 4.70
C ARG FA 117 17.75 86.67 3.58
N VAL FA 118 17.65 85.36 3.75
CA VAL FA 118 18.19 84.41 2.78
C VAL FA 118 17.10 83.42 2.37
N LYS FA 119 17.01 83.17 1.06
CA LYS FA 119 16.21 82.11 0.47
C LYS FA 119 17.11 81.00 -0.06
N GLU FA 120 16.48 79.96 -0.58
CA GLU FA 120 17.21 78.79 -1.08
C GLU FA 120 18.06 79.19 -2.29
N GLY FA 121 19.37 79.08 -2.15
CA GLY FA 121 20.27 79.36 -3.24
C GLY FA 121 20.55 80.82 -3.46
N ASP FA 122 21.02 81.50 -2.42
CA ASP FA 122 21.42 82.89 -2.49
C ASP FA 122 22.90 82.99 -2.17
N HIS FA 123 23.59 83.92 -2.82
CA HIS FA 123 25.02 84.04 -2.64
C HIS FA 123 25.32 84.70 -1.31
N VAL FA 124 26.08 84.02 -0.45
CA VAL FA 124 26.39 84.53 0.88
C VAL FA 124 27.90 84.56 1.06
N ILE FA 125 28.37 85.55 1.79
CA ILE FA 125 29.75 85.60 2.28
C ILE FA 125 29.71 85.45 3.78
N ILE FA 126 30.51 84.54 4.31
CA ILE FA 126 30.51 84.23 5.73
C ILE FA 126 31.90 84.54 6.28
N GLY FA 127 31.95 84.79 7.58
CA GLY FA 127 33.20 85.08 8.24
C GLY FA 127 33.35 84.25 9.49
N GLN FA 128 34.59 83.92 9.80
CA GLN FA 128 34.86 83.02 10.92
C GLN FA 128 34.82 83.76 12.25
N CYS FA 129 34.19 83.13 13.23
CA CYS FA 129 34.11 83.63 14.58
C CYS FA 129 34.45 82.51 15.56
N ARG FA 130 34.27 82.72 16.85
CA ARG FA 130 34.44 81.64 17.79
C ARG FA 130 33.32 80.64 17.59
N PRO FA 131 33.50 79.39 18.00
CA PRO FA 131 32.41 78.42 17.90
C PRO FA 131 31.15 78.93 18.59
N LEU FA 132 30.05 78.90 17.85
CA LEU FA 132 28.78 79.41 18.34
C LEU FA 132 27.82 78.30 18.72
N SER FA 133 28.12 77.07 18.35
CA SER FA 133 27.32 75.89 18.66
C SER FA 133 28.20 74.68 18.32
N LYS FA 134 27.59 73.51 18.28
CA LYS FA 134 28.35 72.29 18.01
C LYS FA 134 29.06 72.35 16.67
N THR FA 135 28.46 72.97 15.66
CA THR FA 135 29.00 72.95 14.32
C THR FA 135 29.18 74.31 13.69
N VAL FA 136 28.79 75.39 14.34
CA VAL FA 136 28.77 76.70 13.73
C VAL FA 136 30.00 77.47 14.15
N ARG FA 137 30.76 77.94 13.17
CA ARG FA 137 31.95 78.74 13.39
C ARG FA 137 32.01 79.92 12.44
N PHE FA 138 30.92 80.22 11.74
CA PHE FA 138 30.95 81.24 10.70
C PHE FA 138 29.70 82.10 10.84
N ASN FA 139 29.79 83.31 10.31
CA ASN FA 139 28.72 84.27 10.48
C ASN FA 139 28.49 84.99 9.15
N VAL FA 140 27.22 85.05 8.75
CA VAL FA 140 26.87 85.63 7.46
C VAL FA 140 27.03 87.13 7.50
N LEU FA 141 27.77 87.68 6.54
CA LEU FA 141 28.05 89.10 6.45
C LEU FA 141 27.37 89.80 5.28
N LYS FA 142 27.22 89.13 4.14
CA LYS FA 142 26.53 89.69 2.99
C LYS FA 142 25.65 88.63 2.39
N VAL FA 143 24.55 89.06 1.79
CA VAL FA 143 23.65 88.16 1.07
C VAL FA 143 23.30 88.80 -0.26
N VAL FA 144 23.80 88.23 -1.35
CA VAL FA 144 23.47 88.66 -2.70
C VAL FA 144 22.42 87.69 -3.23
N PRO FA 145 21.17 88.11 -3.39
CA PRO FA 145 20.08 87.21 -3.80
C PRO FA 145 20.01 87.00 -5.31
N ASN GA 22 -72.35 79.59 -34.19
CA ASN GA 22 -71.93 79.12 -35.50
C ASN GA 22 -70.40 79.09 -35.66
N PRO GA 23 -69.71 80.22 -35.43
CA PRO GA 23 -68.26 80.19 -35.59
C PRO GA 23 -67.57 79.41 -34.49
N LEU GA 24 -68.27 79.13 -33.39
CA LEU GA 24 -67.74 78.27 -32.36
C LEU GA 24 -67.77 76.81 -32.76
N PHE GA 25 -68.86 76.38 -33.40
CA PHE GA 25 -69.01 74.98 -33.77
C PHE GA 25 -67.87 74.57 -34.70
N GLU GA 26 -67.19 73.48 -34.35
CA GLU GA 26 -65.94 73.14 -34.99
C GLU GA 26 -65.78 71.62 -34.94
N LYS GA 27 -64.76 71.13 -35.63
CA LYS GA 27 -64.59 69.72 -35.90
C LYS GA 27 -63.23 69.26 -35.39
N ARG GA 28 -63.21 68.15 -34.65
CA ARG GA 28 -61.98 67.60 -34.09
C ARG GA 28 -61.83 66.17 -34.56
N PRO GA 29 -61.48 65.95 -35.82
CA PRO GA 29 -61.39 64.59 -36.34
C PRO GA 29 -60.34 63.79 -35.60
N LYS GA 30 -60.68 62.55 -35.28
CA LYS GA 30 -59.82 61.68 -34.49
C LYS GA 30 -58.97 60.82 -35.40
N GLN GA 31 -57.68 60.75 -35.13
CA GLN GA 31 -56.77 59.94 -35.93
C GLN GA 31 -56.79 58.52 -35.38
N PHE GA 32 -57.78 57.75 -35.83
CA PHE GA 32 -58.06 56.43 -35.27
C PHE GA 32 -57.04 55.42 -35.77
N GLY GA 33 -55.75 55.73 -35.60
CA GLY GA 33 -54.69 54.91 -36.15
C GLY GA 33 -54.33 53.75 -35.25
N ILE GA 34 -53.25 53.06 -35.65
CA ILE GA 34 -52.74 51.94 -34.88
C ILE GA 34 -51.89 52.37 -33.69
N GLY GA 35 -51.77 53.67 -33.47
CA GLY GA 35 -51.14 54.14 -32.25
C GLY GA 35 -51.76 55.44 -31.76
N GLY GA 36 -52.86 55.84 -32.39
CA GLY GA 36 -53.47 57.10 -32.08
C GLY GA 36 -54.61 57.02 -31.09
N ALA GA 37 -55.73 57.66 -31.42
CA ALA GA 37 -56.82 57.81 -30.47
C ALA GA 37 -57.54 56.48 -30.24
N LEU GA 38 -58.21 56.41 -29.09
CA LEU GA 38 -58.94 55.21 -28.71
C LEU GA 38 -60.09 54.97 -29.69
N PRO GA 39 -60.27 53.74 -30.18
CA PRO GA 39 -61.31 53.49 -31.17
C PRO GA 39 -62.69 53.45 -30.54
N PRO GA 40 -63.74 53.64 -31.34
CA PRO GA 40 -65.11 53.67 -30.78
C PRO GA 40 -65.70 52.29 -30.59
N LYS GA 41 -67.00 52.23 -30.28
CA LYS GA 41 -67.67 50.98 -29.94
C LYS GA 41 -68.23 50.35 -31.22
N LYS GA 42 -67.38 49.61 -31.93
CA LYS GA 42 -67.78 48.89 -33.13
C LYS GA 42 -68.30 47.51 -32.71
N ASP GA 43 -68.70 46.70 -33.69
CA ASP GA 43 -69.33 45.41 -33.41
C ASP GA 43 -68.28 44.30 -33.44
N LEU GA 44 -68.07 43.65 -32.30
CA LEU GA 44 -67.16 42.52 -32.19
C LEU GA 44 -67.91 41.22 -32.00
N HIS GA 45 -69.10 41.13 -32.60
CA HIS GA 45 -69.97 39.96 -32.45
C HIS GA 45 -69.28 38.69 -32.92
N ARG GA 46 -68.25 38.83 -33.76
CA ARG GA 46 -67.54 37.67 -34.28
C ARG GA 46 -66.63 37.02 -33.25
N PHE GA 47 -66.03 37.81 -32.36
CA PHE GA 47 -65.02 37.30 -31.45
C PHE GA 47 -65.53 37.00 -30.06
N VAL GA 48 -66.84 37.12 -29.80
CA VAL GA 48 -67.35 36.90 -28.46
C VAL GA 48 -67.15 35.44 -28.09
N LYS GA 49 -66.69 35.20 -26.86
CA LYS GA 49 -66.50 33.85 -26.33
C LYS GA 49 -67.80 33.43 -25.64
N TRP GA 50 -68.54 32.52 -26.26
CA TRP GA 50 -69.88 32.20 -25.83
C TRP GA 50 -69.86 31.13 -24.73
N PRO GA 51 -71.00 30.89 -24.08
CA PRO GA 51 -71.09 29.75 -23.16
C PRO GA 51 -70.89 28.44 -23.91
N LYS GA 52 -70.68 27.37 -23.12
CA LYS GA 52 -70.39 26.07 -23.72
C LYS GA 52 -71.54 25.56 -24.55
N VAL GA 53 -72.78 25.75 -24.08
CA VAL GA 53 -73.93 25.25 -24.81
C VAL GA 53 -73.97 25.86 -26.21
N VAL GA 54 -73.69 27.16 -26.32
CA VAL GA 54 -73.56 27.80 -27.63
C VAL GA 54 -72.33 27.30 -28.36
N ARG GA 55 -71.21 27.17 -27.65
CA ARG GA 55 -69.96 26.77 -28.28
C ARG GA 55 -70.07 25.39 -28.93
N ILE GA 56 -70.61 24.42 -28.21
CA ILE GA 56 -70.68 23.05 -28.72
C ILE GA 56 -71.64 22.95 -29.88
N GLN GA 57 -72.80 23.61 -29.80
CA GLN GA 57 -73.78 23.49 -30.87
C GLN GA 57 -73.25 24.06 -32.19
N ARG GA 58 -72.54 25.18 -32.14
CA ARG GA 58 -71.98 25.73 -33.37
C ARG GA 58 -70.94 24.81 -33.97
N GLN GA 59 -70.08 24.20 -33.14
CA GLN GA 59 -69.10 23.26 -33.67
C GLN GA 59 -69.77 22.00 -34.19
N ARG GA 60 -70.94 21.66 -33.65
CA ARG GA 60 -71.64 20.46 -34.08
C ARG GA 60 -72.05 20.56 -35.54
N ARG GA 61 -72.58 21.72 -35.95
CA ARG GA 61 -72.92 21.88 -37.35
C ARG GA 61 -71.67 21.93 -38.20
N ILE GA 62 -70.59 22.51 -37.69
CA ILE GA 62 -69.35 22.62 -38.46
C ILE GA 62 -68.73 21.24 -38.69
N LEU GA 63 -68.67 20.42 -37.63
CA LEU GA 63 -68.12 19.07 -37.76
C LEU GA 63 -68.96 18.22 -38.71
N LYS GA 64 -70.28 18.38 -38.65
CA LYS GA 64 -71.15 17.73 -39.62
C LYS GA 64 -70.72 18.08 -41.04
N GLN GA 65 -70.42 19.37 -41.26
CA GLN GA 65 -70.05 19.83 -42.59
C GLN GA 65 -68.84 19.09 -43.09
N ARG GA 66 -67.81 19.03 -42.25
CA ARG GA 66 -66.50 18.52 -42.67
C ARG GA 66 -66.57 17.05 -43.01
N LEU GA 67 -67.25 16.27 -42.19
CA LEU GA 67 -67.25 14.83 -42.40
C LEU GA 67 -68.09 14.47 -43.62
N LYS GA 68 -67.77 13.32 -44.22
CA LYS GA 68 -68.53 12.83 -45.35
C LYS GA 68 -69.84 12.21 -44.84
N VAL GA 69 -70.95 12.84 -45.19
CA VAL GA 69 -72.27 12.32 -44.82
C VAL GA 69 -72.63 11.18 -45.77
N PRO GA 70 -72.97 10.00 -45.28
CA PRO GA 70 -73.32 8.91 -46.16
C PRO GA 70 -74.66 9.16 -46.82
N PRO GA 71 -74.98 8.45 -47.91
CA PRO GA 71 -76.17 8.79 -48.69
C PRO GA 71 -77.45 8.78 -47.89
N ALA GA 72 -77.64 7.79 -47.02
CA ALA GA 72 -78.90 7.66 -46.31
C ALA GA 72 -79.18 8.89 -45.46
N LEU GA 73 -78.15 9.48 -44.89
CA LEU GA 73 -78.30 10.69 -44.10
C LEU GA 73 -78.27 11.94 -44.96
N HIS GA 74 -77.58 11.91 -46.08
CA HIS GA 74 -77.62 13.03 -47.00
C HIS GA 74 -78.82 12.96 -47.92
N GLN GA 75 -79.68 11.96 -47.79
CA GLN GA 75 -80.95 11.99 -48.50
C GLN GA 75 -81.85 13.09 -47.98
N PHE GA 76 -81.62 13.53 -46.74
CA PHE GA 76 -82.15 14.78 -46.24
C PHE GA 76 -81.24 15.84 -46.85
N THR GA 77 -81.20 17.06 -46.34
CA THR GA 77 -80.37 18.09 -46.95
C THR GA 77 -80.86 18.39 -48.36
N ARG GA 78 -81.89 17.67 -48.84
CA ARG GA 78 -82.60 17.92 -50.09
C ARG GA 78 -84.07 17.97 -49.74
N THR GA 79 -84.53 19.14 -49.32
CA THR GA 79 -85.89 19.30 -48.81
C THR GA 79 -86.81 19.77 -49.92
N LEU GA 80 -88.10 19.74 -49.62
CA LEU GA 80 -89.09 20.27 -50.55
C LEU GA 80 -88.92 21.79 -50.62
N ASP GA 81 -89.33 22.36 -51.74
CA ASP GA 81 -89.10 23.79 -51.97
C ASP GA 81 -89.99 24.62 -51.04
N LYS GA 82 -89.68 25.91 -50.99
CA LYS GA 82 -90.60 26.85 -50.36
C LYS GA 82 -91.90 26.99 -51.14
N ASN GA 83 -91.79 27.02 -52.47
CA ASN GA 83 -92.98 27.18 -53.29
C ASN GA 83 -93.94 26.01 -53.11
N LEU GA 84 -93.41 24.78 -53.09
CA LEU GA 84 -94.27 23.62 -52.92
C LEU GA 84 -94.73 23.47 -51.49
N ALA GA 85 -93.90 23.85 -50.51
CA ALA GA 85 -94.30 23.71 -49.11
C ALA GA 85 -95.50 24.58 -48.79
N THR GA 86 -95.50 25.82 -49.27
CA THR GA 86 -96.67 26.68 -49.08
C THR GA 86 -97.88 26.04 -49.74
N ASN GA 87 -97.68 25.39 -50.88
CA ASN GA 87 -98.77 24.65 -51.50
C ASN GA 87 -99.20 23.48 -50.63
N LEU GA 88 -98.23 22.67 -50.19
CA LEU GA 88 -98.55 21.50 -49.39
C LEU GA 88 -99.11 21.89 -48.03
N PHE GA 89 -98.47 22.85 -47.36
CA PHE GA 89 -98.92 23.23 -46.02
C PHE GA 89 -100.25 23.96 -46.06
N LYS GA 90 -100.65 24.49 -47.21
CA LYS GA 90 -102.02 24.98 -47.33
C LYS GA 90 -103.01 23.84 -47.20
N MET GA 91 -102.72 22.69 -47.83
CA MET GA 91 -103.59 21.53 -47.73
C MET GA 91 -103.61 20.98 -46.30
N LEU GA 92 -102.44 20.82 -45.69
CA LEU GA 92 -102.38 20.24 -44.36
C LEU GA 92 -103.16 21.09 -43.36
N LEU GA 93 -103.04 22.41 -43.48
CA LEU GA 93 -103.81 23.31 -42.62
C LEU GA 93 -105.31 23.10 -42.78
N LYS GA 94 -105.76 22.65 -43.95
CA LYS GA 94 -107.17 22.35 -44.10
C LYS GA 94 -107.56 21.15 -43.25
N TYR GA 95 -106.72 20.12 -43.23
CA TYR GA 95 -107.00 18.86 -42.54
C TYR GA 95 -106.39 18.78 -41.14
N ARG GA 96 -106.25 19.90 -40.43
CA ARG GA 96 -105.84 19.85 -39.04
C ARG GA 96 -106.79 18.97 -38.24
N PRO GA 97 -106.28 18.17 -37.29
CA PRO GA 97 -107.17 17.37 -36.44
C PRO GA 97 -108.04 18.22 -35.52
N GLU GA 98 -108.96 17.59 -34.81
CA GLU GA 98 -109.86 18.35 -33.96
C GLU GA 98 -109.13 18.88 -32.75
N ASP GA 99 -109.24 20.18 -32.52
CA ASP GA 99 -108.61 20.82 -31.38
C ASP GA 99 -109.17 20.26 -30.08
N LYS GA 100 -108.42 20.47 -29.00
CA LYS GA 100 -108.88 20.04 -27.67
C LYS GA 100 -110.25 20.62 -27.34
N ALA GA 101 -110.41 21.94 -27.51
CA ALA GA 101 -111.71 22.56 -27.32
C ALA GA 101 -112.70 22.08 -28.38
N ALA GA 102 -112.25 21.96 -29.62
CA ALA GA 102 -113.07 21.51 -30.74
C ALA GA 102 -113.57 20.07 -30.58
N LYS GA 103 -113.34 19.45 -29.43
CA LYS GA 103 -113.61 18.04 -29.26
C LYS GA 103 -114.58 17.73 -28.13
N LYS GA 104 -114.81 18.66 -27.22
CA LYS GA 104 -115.63 18.34 -26.05
C LYS GA 104 -117.10 18.69 -26.25
N GLU GA 105 -117.42 19.66 -27.11
CA GLU GA 105 -118.83 20.02 -27.32
C GLU GA 105 -119.56 18.94 -28.13
N ARG GA 106 -118.89 18.38 -29.13
CA ARG GA 106 -119.50 17.31 -29.91
C ARG GA 106 -119.79 16.10 -29.05
N LEU GA 107 -118.88 15.73 -28.15
CA LEU GA 107 -119.19 14.68 -27.19
C LEU GA 107 -120.31 15.11 -26.25
N LEU GA 108 -120.36 16.40 -25.92
CA LEU GA 108 -121.51 16.94 -25.21
C LEU GA 108 -122.77 16.85 -26.06
N LYS GA 109 -122.65 17.17 -27.36
CA LYS GA 109 -123.81 17.18 -28.24
C LYS GA 109 -124.33 15.78 -28.49
N ARG GA 110 -123.43 14.82 -28.75
CA ARG GA 110 -123.86 13.45 -29.00
C ARG GA 110 -124.46 12.79 -27.76
N ALA GA 111 -124.32 13.40 -26.59
CA ALA GA 111 -125.06 12.92 -25.42
C ALA GA 111 -126.57 12.96 -25.67
N GLN GA 112 -127.09 14.10 -26.14
CA GLN GA 112 -128.53 14.18 -26.41
C GLN GA 112 -128.95 13.23 -27.53
N ALA GA 113 -128.13 13.10 -28.57
CA ALA GA 113 -128.49 12.21 -29.66
C ALA GA 113 -128.60 10.77 -29.18
N GLU GA 114 -127.77 10.38 -28.22
CA GLU GA 114 -127.87 9.05 -27.64
C GLU GA 114 -128.98 8.99 -26.59
N ALA GA 115 -129.12 10.04 -25.78
CA ALA GA 115 -130.01 9.99 -24.62
C ALA GA 115 -131.48 10.08 -25.01
N GLU GA 116 -131.80 10.76 -26.10
CA GLU GA 116 -133.17 10.85 -26.57
C GLU GA 116 -133.35 10.21 -27.94
N GLY GA 117 -132.60 10.67 -28.95
CA GLY GA 117 -132.74 10.09 -30.28
C GLY GA 117 -132.38 8.63 -30.33
N LYS GA 118 -131.51 8.18 -29.43
CA LYS GA 118 -131.05 6.80 -29.34
C LYS GA 118 -130.38 6.34 -30.63
N THR GA 119 -129.64 7.24 -31.26
CA THR GA 119 -128.76 6.93 -32.39
C THR GA 119 -127.54 7.82 -32.31
N VAL GA 120 -126.36 7.25 -32.61
CA VAL GA 120 -125.20 8.04 -32.99
C VAL GA 120 -125.24 8.21 -34.50
N GLU GA 121 -125.20 9.45 -34.96
CA GLU GA 121 -125.29 9.74 -36.39
C GLU GA 121 -124.09 10.45 -36.99
N ALA GA 122 -123.12 10.87 -36.18
CA ALA GA 122 -121.94 11.56 -36.70
C ALA GA 122 -121.20 10.69 -37.71
N LYS GA 123 -120.84 11.28 -38.85
CA LYS GA 123 -120.18 10.57 -39.94
C LYS GA 123 -118.66 10.83 -39.93
N LYS GA 124 -117.94 10.02 -40.71
CA LYS GA 124 -116.48 9.86 -40.63
C LYS GA 124 -115.74 11.17 -40.84
N PRO GA 125 -115.19 11.77 -39.79
CA PRO GA 125 -114.40 12.98 -39.97
C PRO GA 125 -113.03 12.64 -40.53
N ILE GA 126 -112.59 13.42 -41.50
CA ILE GA 126 -111.43 13.09 -42.32
C ILE GA 126 -110.36 14.15 -42.04
N VAL GA 127 -109.20 13.69 -41.58
CA VAL GA 127 -108.12 14.56 -41.12
C VAL GA 127 -106.79 13.84 -41.38
N VAL GA 128 -105.69 14.58 -41.18
CA VAL GA 128 -104.37 14.00 -41.35
C VAL GA 128 -104.09 13.01 -40.23
N LYS GA 129 -103.11 12.13 -40.48
CA LYS GA 129 -102.67 11.14 -39.52
C LYS GA 129 -101.21 11.40 -39.18
N TYR GA 130 -100.85 11.17 -37.92
CA TYR GA 130 -99.50 11.46 -37.45
C TYR GA 130 -99.09 10.40 -36.43
N GLY GA 131 -97.96 10.63 -35.79
CA GLY GA 131 -97.41 9.64 -34.88
C GLY GA 131 -96.61 8.63 -35.66
N LEU GA 132 -95.36 8.40 -35.29
CA LEU GA 132 -94.49 7.59 -36.14
C LEU GA 132 -95.01 6.18 -36.30
N ASN GA 133 -95.38 5.53 -35.19
CA ASN GA 133 -95.82 4.15 -35.28
C ASN GA 133 -97.11 4.03 -36.09
N HIS GA 134 -98.02 4.98 -35.92
CA HIS GA 134 -99.25 4.94 -36.71
C HIS GA 134 -98.97 5.09 -38.20
N VAL GA 135 -98.11 6.04 -38.57
CA VAL GA 135 -97.83 6.27 -39.98
C VAL GA 135 -97.12 5.07 -40.59
N THR GA 136 -96.19 4.45 -39.85
CA THR GA 136 -95.53 3.27 -40.37
C THR GA 136 -96.52 2.15 -40.61
N TYR GA 137 -97.51 2.01 -39.73
CA TYR GA 137 -98.56 1.02 -39.91
C TYR GA 137 -99.37 1.31 -41.16
N LEU GA 138 -99.77 2.56 -41.36
CA LEU GA 138 -100.58 2.90 -42.53
C LEU GA 138 -99.79 2.68 -43.81
N ILE GA 139 -98.48 2.91 -43.76
CA ILE GA 139 -97.64 2.74 -44.93
C ILE GA 139 -97.62 1.28 -45.37
N GLU GA 140 -97.40 0.38 -44.41
CA GLU GA 140 -97.20 -1.02 -44.76
C GLU GA 140 -98.51 -1.70 -45.17
N GLN GA 141 -99.64 -1.24 -44.66
CA GLN GA 141 -100.92 -1.66 -45.21
C GLN GA 141 -101.29 -0.99 -46.52
N SER GA 142 -100.55 0.04 -46.95
CA SER GA 142 -100.79 0.78 -48.18
C SER GA 142 -102.02 1.67 -48.10
N LYS GA 143 -102.41 2.08 -46.89
CA LYS GA 143 -103.44 3.07 -46.73
C LYS GA 143 -102.90 4.50 -46.79
N ALA GA 144 -101.59 4.65 -46.97
CA ALA GA 144 -100.96 5.95 -47.01
C ALA GA 144 -100.81 6.41 -48.46
N GLN GA 145 -101.06 7.69 -48.70
CA GLN GA 145 -100.93 8.27 -50.02
C GLN GA 145 -99.88 9.37 -50.12
N LEU GA 146 -99.54 10.03 -49.02
CA LEU GA 146 -98.50 11.05 -49.01
C LEU GA 146 -97.82 11.03 -47.66
N VAL GA 147 -96.51 10.87 -47.64
CA VAL GA 147 -95.74 10.88 -46.40
C VAL GA 147 -94.93 12.17 -46.35
N VAL GA 148 -94.84 12.76 -45.17
CA VAL GA 148 -94.20 14.06 -44.96
C VAL GA 148 -93.21 13.93 -43.81
N ILE GA 149 -91.91 13.87 -44.12
CA ILE GA 149 -90.87 13.57 -43.15
C ILE GA 149 -90.05 14.82 -42.87
N ALA GA 150 -89.87 15.14 -41.59
CA ALA GA 150 -89.12 16.32 -41.19
C ALA GA 150 -87.63 16.07 -41.33
N HIS GA 151 -86.90 17.10 -41.75
CA HIS GA 151 -85.48 16.90 -42.01
C HIS GA 151 -84.69 16.80 -40.73
N ASP GA 152 -85.22 17.34 -39.64
CA ASP GA 152 -84.43 17.60 -38.44
C ASP GA 152 -84.85 16.76 -37.25
N VAL GA 153 -85.07 15.47 -37.47
CA VAL GA 153 -85.35 14.54 -36.39
C VAL GA 153 -84.04 14.14 -35.72
N ASP GA 154 -84.02 14.18 -34.40
CA ASP GA 154 -82.87 13.77 -33.61
C ASP GA 154 -83.41 12.97 -32.44
N PRO GA 155 -83.03 11.69 -32.29
CA PRO GA 155 -82.03 10.99 -33.11
C PRO GA 155 -82.55 10.63 -34.50
N ILE GA 156 -81.68 10.73 -35.50
CA ILE GA 156 -82.13 10.64 -36.88
C ILE GA 156 -82.65 9.25 -37.22
N GLU GA 157 -82.12 8.21 -36.56
CA GLU GA 157 -82.49 6.83 -36.85
C GLU GA 157 -83.99 6.59 -36.82
N LEU GA 158 -84.77 7.50 -36.24
CA LEU GA 158 -86.20 7.31 -36.19
C LEU GA 158 -86.82 7.35 -37.59
N VAL GA 159 -86.22 8.08 -38.52
CA VAL GA 159 -86.83 8.30 -39.83
C VAL GA 159 -85.90 7.98 -41.00
N VAL GA 160 -84.64 7.62 -40.74
CA VAL GA 160 -83.66 7.44 -41.82
C VAL GA 160 -84.17 6.44 -42.85
N TRP GA 161 -84.83 5.39 -42.38
CA TRP GA 161 -85.33 4.30 -43.19
C TRP GA 161 -86.70 4.59 -43.81
N LEU GA 162 -87.41 5.64 -43.40
CA LEU GA 162 -88.69 5.94 -44.04
C LEU GA 162 -88.59 6.17 -45.54
N PRO GA 163 -87.63 6.95 -46.06
CA PRO GA 163 -87.55 7.09 -47.52
C PRO GA 163 -87.48 5.76 -48.25
N ALA GA 164 -86.73 4.80 -47.71
CA ALA GA 164 -86.65 3.49 -48.35
C ALA GA 164 -87.96 2.74 -48.24
N LEU GA 165 -88.62 2.80 -47.10
CA LEU GA 165 -89.88 2.07 -46.93
C LEU GA 165 -90.98 2.65 -47.81
N CYS GA 166 -91.07 3.98 -47.88
CA CYS GA 166 -92.07 4.59 -48.74
C CYS GA 166 -91.75 4.37 -50.21
N ARG GA 167 -90.48 4.35 -50.57
CA ARG GA 167 -90.12 4.06 -51.95
C ARG GA 167 -90.41 2.61 -52.30
N LYS GA 168 -90.09 1.68 -51.41
CA LYS GA 168 -90.39 0.28 -51.65
C LYS GA 168 -91.88 0.02 -51.70
N MET GA 169 -92.66 0.66 -50.82
CA MET GA 169 -94.10 0.46 -50.82
C MET GA 169 -94.83 1.33 -51.83
N GLU GA 170 -94.12 2.21 -52.53
CA GLU GA 170 -94.65 2.94 -53.69
C GLU GA 170 -95.68 3.98 -53.28
N VAL GA 171 -95.42 4.68 -52.19
CA VAL GA 171 -96.24 5.81 -51.74
C VAL GA 171 -95.41 7.07 -51.92
N PRO GA 172 -95.96 8.14 -52.49
CA PRO GA 172 -95.19 9.38 -52.59
C PRO GA 172 -94.83 9.92 -51.22
N TYR GA 173 -93.61 10.42 -51.11
CA TYR GA 173 -93.09 10.95 -49.85
C TYR GA 173 -92.33 12.23 -50.13
N CYS GA 174 -92.42 13.17 -49.20
CA CYS GA 174 -91.69 14.42 -49.28
C CYS GA 174 -90.94 14.64 -47.98
N ILE GA 175 -89.85 15.39 -48.06
CA ILE GA 175 -89.09 15.80 -46.90
C ILE GA 175 -89.23 17.32 -46.78
N VAL GA 176 -90.16 17.76 -45.94
CA VAL GA 176 -90.32 19.17 -45.64
C VAL GA 176 -89.30 19.59 -44.62
N LYS GA 177 -89.20 20.89 -44.36
CA LYS GA 177 -88.17 21.45 -43.49
C LYS GA 177 -88.80 21.97 -42.21
N GLY GA 178 -88.49 21.31 -41.09
CA GLY GA 178 -88.88 21.74 -39.77
C GLY GA 178 -89.87 20.83 -39.06
N LYS GA 179 -89.39 20.00 -38.15
CA LYS GA 179 -90.28 19.14 -37.36
C LYS GA 179 -91.18 19.97 -36.46
N SER GA 180 -90.70 21.14 -36.03
CA SER GA 180 -91.53 22.01 -35.22
C SER GA 180 -92.74 22.50 -36.00
N ARG GA 181 -92.62 22.60 -37.32
CA ARG GA 181 -93.73 23.04 -38.15
C ARG GA 181 -94.79 21.97 -38.32
N LEU GA 182 -94.37 20.71 -38.52
CA LEU GA 182 -95.33 19.62 -38.57
C LEU GA 182 -96.11 19.52 -37.27
N GLY GA 183 -95.43 19.63 -36.13
CA GLY GA 183 -96.11 19.59 -34.85
C GLY GA 183 -97.14 20.70 -34.70
N SER GA 184 -96.88 21.85 -35.30
CA SER GA 184 -97.83 22.96 -35.26
C SER GA 184 -99.16 22.59 -35.89
N ILE GA 185 -99.13 21.82 -36.99
CA ILE GA 185 -100.37 21.45 -37.67
C ILE GA 185 -101.26 20.62 -36.75
N VAL GA 186 -100.67 19.64 -36.05
CA VAL GA 186 -101.46 18.71 -35.26
C VAL GA 186 -101.68 19.20 -33.84
N HIS GA 187 -101.21 20.40 -33.50
CA HIS GA 187 -101.32 20.99 -32.17
C HIS GA 187 -100.40 20.33 -31.16
N LYS GA 188 -99.24 19.87 -31.60
CA LYS GA 188 -98.17 19.39 -30.75
C LYS GA 188 -96.97 20.32 -30.89
N LYS GA 189 -95.89 20.01 -30.17
CA LYS GA 189 -94.68 20.82 -30.29
C LYS GA 189 -93.85 20.40 -31.50
N THR GA 190 -93.63 19.11 -31.68
CA THR GA 190 -92.94 18.57 -32.85
C THR GA 190 -93.69 17.33 -33.31
N ALA GA 191 -93.50 16.96 -34.57
CA ALA GA 191 -94.28 15.81 -35.04
C ALA GA 191 -93.46 14.74 -35.75
N SER GA 192 -92.49 15.12 -36.57
CA SER GA 192 -91.52 14.23 -37.23
C SER GA 192 -92.07 13.38 -38.38
N VAL GA 193 -93.38 13.30 -38.55
CA VAL GA 193 -93.93 12.63 -39.72
C VAL GA 193 -95.43 12.90 -39.82
N LEU GA 194 -95.95 12.97 -41.04
CA LEU GA 194 -97.37 13.10 -41.29
C LEU GA 194 -97.72 12.30 -42.52
N CYS GA 195 -98.98 11.89 -42.63
CA CYS GA 195 -99.41 11.26 -43.86
C CYS GA 195 -100.90 11.47 -44.06
N LEU GA 196 -101.29 11.74 -45.30
CA LEU GA 196 -102.69 11.95 -45.67
C LEU GA 196 -103.23 10.68 -46.30
N THR GA 197 -104.22 10.06 -45.64
CA THR GA 197 -104.74 8.80 -46.16
C THR GA 197 -105.82 9.03 -47.21
N THR GA 198 -106.68 10.02 -47.02
CA THR GA 198 -107.79 10.22 -47.95
C THR GA 198 -108.22 11.68 -47.90
N VAL GA 199 -108.44 12.26 -49.07
CA VAL GA 199 -108.82 13.66 -49.23
C VAL GA 199 -110.30 13.70 -49.59
N LYS GA 200 -110.94 14.85 -49.37
CA LYS GA 200 -112.33 14.95 -49.79
C LYS GA 200 -112.45 15.03 -51.31
N ASN GA 201 -113.66 14.73 -51.79
CA ASN GA 201 -113.93 14.67 -53.22
C ASN GA 201 -113.92 16.05 -53.86
N GLU GA 202 -113.85 17.10 -53.05
CA GLU GA 202 -113.68 18.45 -53.55
C GLU GA 202 -112.24 18.81 -53.92
N ASP GA 203 -111.24 18.09 -53.39
CA ASP GA 203 -109.84 18.45 -53.61
C ASP GA 203 -109.04 17.44 -54.43
N LYS GA 204 -109.69 16.57 -55.19
CA LYS GA 204 -108.93 15.59 -55.97
C LYS GA 204 -107.93 16.25 -56.90
N LEU GA 205 -108.33 17.31 -57.60
CA LEU GA 205 -107.42 17.96 -58.53
C LEU GA 205 -106.25 18.61 -57.82
N GLU GA 206 -106.52 19.43 -56.80
CA GLU GA 206 -105.44 20.12 -56.10
C GLU GA 206 -104.51 19.12 -55.43
N PHE GA 207 -105.07 18.08 -54.79
CA PHE GA 207 -104.25 17.03 -54.22
C PHE GA 207 -103.41 16.33 -55.27
N SER GA 208 -104.01 16.00 -56.43
CA SER GA 208 -103.27 15.24 -57.43
C SER GA 208 -102.08 16.04 -57.95
N LYS GA 209 -102.26 17.32 -58.23
CA LYS GA 209 -101.17 18.13 -58.79
C LYS GA 209 -100.02 18.23 -57.81
N ILE GA 210 -100.33 18.36 -56.52
CA ILE GA 210 -99.28 18.44 -55.50
C ILE GA 210 -98.42 17.19 -55.55
N LEU GA 211 -99.05 16.02 -55.50
CA LEU GA 211 -98.30 14.78 -55.38
C LEU GA 211 -97.62 14.36 -56.68
N GLU GA 212 -97.99 14.93 -57.83
CA GLU GA 212 -97.26 14.60 -59.06
C GLU GA 212 -95.80 15.04 -58.96
N ALA GA 213 -95.57 16.29 -58.55
CA ALA GA 213 -94.20 16.79 -58.42
C ALA GA 213 -93.45 16.06 -57.32
N ILE GA 214 -94.15 15.72 -56.23
CA ILE GA 214 -93.50 15.09 -55.08
C ILE GA 214 -92.93 13.73 -55.49
N LYS GA 215 -93.70 12.93 -56.22
CA LYS GA 215 -93.17 11.67 -56.73
C LYS GA 215 -91.98 11.90 -57.64
N ALA GA 216 -92.10 12.89 -58.53
CA ALA GA 216 -90.98 13.23 -59.40
C ALA GA 216 -89.79 13.75 -58.59
N ASN GA 217 -90.05 14.61 -57.61
CA ASN GA 217 -88.97 15.22 -56.86
C ASN GA 217 -88.26 14.21 -55.98
N PHE GA 218 -89.01 13.26 -55.41
CA PHE GA 218 -88.47 12.37 -54.39
C PHE GA 218 -88.41 10.91 -54.81
N ASN GA 219 -89.54 10.34 -55.20
CA ASN GA 219 -89.61 8.92 -55.55
C ASN GA 219 -89.03 8.61 -56.91
N ASP GA 220 -88.55 9.59 -57.66
CA ASP GA 220 -87.93 9.33 -58.94
C ASP GA 220 -86.41 9.33 -58.87
N LYS GA 221 -85.83 10.18 -58.04
CA LYS GA 221 -84.38 10.27 -57.91
C LYS GA 221 -83.81 9.32 -56.88
N PHE GA 222 -84.67 8.56 -56.18
CA PHE GA 222 -84.22 7.74 -55.07
C PHE GA 222 -83.09 6.80 -55.46
N ASP GA 223 -83.18 6.19 -56.64
CA ASP GA 223 -82.18 5.23 -57.06
C ASP GA 223 -80.98 5.89 -57.73
N GLU GA 224 -80.79 7.18 -57.54
CA GLU GA 224 -79.51 7.82 -57.82
C GLU GA 224 -79.09 8.74 -56.69
N VAL GA 225 -79.95 8.97 -55.69
CA VAL GA 225 -79.54 9.71 -54.51
C VAL GA 225 -79.02 8.77 -53.42
N ARG GA 226 -79.27 7.46 -53.54
CA ARG GA 226 -78.72 6.51 -52.58
C ARG GA 226 -77.22 6.36 -52.73
N LYS GA 227 -76.65 6.92 -53.78
CA LYS GA 227 -75.23 6.83 -54.06
C LYS GA 227 -74.62 8.22 -54.15
N LYS GA 228 -75.11 9.14 -53.34
CA LYS GA 228 -74.58 10.49 -53.29
C LYS GA 228 -74.12 10.77 -51.87
N TRP GA 229 -72.85 11.10 -51.71
CA TRP GA 229 -72.25 11.34 -50.41
C TRP GA 229 -72.17 12.83 -50.17
N GLY GA 230 -72.83 13.30 -49.12
CA GLY GA 230 -72.77 14.69 -48.75
C GLY GA 230 -71.51 15.01 -47.97
N GLY GA 231 -71.51 16.19 -47.37
CA GLY GA 231 -70.41 16.57 -46.53
C GLY GA 231 -69.09 16.69 -47.29
N GLY GA 232 -68.04 16.85 -46.51
CA GLY GA 232 -66.73 17.09 -47.08
C GLY GA 232 -66.45 18.53 -47.41
N VAL GA 233 -67.37 19.44 -47.12
CA VAL GA 233 -67.14 20.86 -47.36
C VAL GA 233 -66.19 21.38 -46.28
N MET GA 234 -65.04 21.90 -46.70
CA MET GA 234 -64.10 22.46 -45.75
C MET GA 234 -64.47 23.90 -45.42
N GLY GA 235 -63.70 24.52 -44.55
CA GLY GA 235 -64.03 25.83 -44.05
C GLY GA 235 -63.71 26.94 -45.01
N SER GA 236 -64.28 28.11 -44.71
CA SER GA 236 -64.13 29.26 -45.59
C SER GA 236 -62.67 29.59 -45.83
N LYS GA 237 -61.90 29.74 -44.76
CA LYS GA 237 -60.49 30.07 -44.92
C LYS GA 237 -59.72 28.94 -45.59
N SER GA 238 -60.17 27.69 -45.39
CA SER GA 238 -59.54 26.58 -46.08
C SER GA 238 -59.79 26.64 -47.58
N GLN GA 239 -61.01 26.93 -47.98
CA GLN GA 239 -61.31 27.01 -49.41
C GLN GA 239 -60.56 28.17 -50.06
N ALA GA 240 -60.53 29.32 -49.41
CA ALA GA 240 -59.75 30.44 -49.94
C ALA GA 240 -58.28 30.07 -50.06
N LYS GA 241 -57.78 29.20 -49.19
CA LYS GA 241 -56.42 28.69 -49.35
C LYS GA 241 -56.35 27.63 -50.44
N THR GA 242 -57.40 26.82 -50.59
CA THR GA 242 -57.41 25.79 -51.62
C THR GA 242 -57.29 26.40 -53.01
N LYS GA 243 -58.08 27.44 -53.28
CA LYS GA 243 -58.08 28.06 -54.60
C LYS GA 243 -56.72 28.63 -54.94
N ALA GA 244 -56.07 29.30 -53.99
CA ALA GA 244 -54.76 29.87 -54.25
C ALA GA 244 -53.75 28.78 -54.63
N ARG GA 245 -53.77 27.67 -53.89
CA ARG GA 245 -52.82 26.60 -54.15
C ARG GA 245 -53.00 26.00 -55.54
N GLU GA 246 -54.26 25.75 -55.93
CA GLU GA 246 -54.53 25.13 -57.22
C GLU GA 246 -54.38 26.12 -58.38
N ARG GA 247 -54.55 27.41 -58.13
CA ARG GA 247 -54.31 28.39 -59.19
C ARG GA 247 -52.84 28.42 -59.58
N LEU GA 248 -51.94 28.35 -58.60
CA LEU GA 248 -50.52 28.29 -58.91
C LEU GA 248 -50.18 27.04 -59.72
N ILE GA 249 -50.92 25.96 -59.51
CA ILE GA 249 -50.80 24.78 -60.38
C ILE GA 249 -51.18 25.14 -61.81
N ALA GA 250 -52.19 25.99 -61.98
CA ALA GA 250 -52.62 26.43 -63.31
C ALA GA 250 -51.77 27.58 -63.83
N PRO HA 2 -24.97 -54.99 1.33
CA PRO HA 2 -24.84 -53.54 1.22
C PRO HA 2 -24.67 -52.86 2.58
N ALA HA 3 -24.93 -51.56 2.63
CA ALA HA 3 -24.96 -50.79 3.87
C ALA HA 3 -23.67 -50.93 4.67
N GLY HA 4 -22.54 -50.93 3.99
CA GLY HA 4 -21.24 -50.95 4.63
C GLY HA 4 -20.44 -52.21 4.42
N HIS HA 5 -21.08 -53.31 4.01
CA HIS HA 5 -20.36 -54.56 3.79
C HIS HA 5 -20.99 -55.30 2.63
N GLY HA 6 -20.15 -55.98 1.85
CA GLY HA 6 -20.60 -56.74 0.71
C GLY HA 6 -21.02 -58.14 1.08
N LEU HA 7 -21.40 -58.89 0.05
CA LEU HA 7 -21.83 -60.27 0.27
C LEU HA 7 -20.70 -61.11 0.84
N ARG HA 8 -19.53 -61.04 0.23
CA ARG HA 8 -18.39 -61.84 0.66
C ARG HA 8 -17.40 -61.05 1.50
N SER HA 9 -17.90 -60.07 2.23
CA SER HA 9 -17.05 -59.33 3.15
C SER HA 9 -16.51 -60.26 4.23
N ARG HA 10 -15.25 -60.05 4.61
CA ARG HA 10 -14.64 -60.74 5.73
C ARG HA 10 -14.49 -62.23 5.47
N THR HA 11 -14.56 -62.65 4.22
CA THR HA 11 -14.50 -64.07 3.87
C THR HA 11 -13.17 -64.45 3.27
N ARG HA 12 -12.11 -63.72 3.63
CA ARG HA 12 -10.77 -64.06 3.15
C ARG HA 12 -10.39 -65.48 3.54
N ASP HA 13 -10.50 -65.80 4.83
CA ASP HA 13 -10.10 -67.10 5.31
C ASP HA 13 -11.24 -68.10 5.27
N LEU HA 14 -12.47 -67.63 5.36
CA LEU HA 14 -13.60 -68.55 5.45
C LEU HA 14 -13.83 -69.28 4.15
N PHE HA 15 -13.64 -68.60 3.02
CA PHE HA 15 -13.98 -69.16 1.73
C PHE HA 15 -12.80 -69.77 1.00
N ALA HA 16 -11.59 -69.63 1.53
CA ALA HA 16 -10.42 -70.21 0.90
C ALA HA 16 -10.47 -71.73 0.95
N ARG HA 17 -9.87 -72.37 -0.04
CA ARG HA 17 -9.71 -73.80 -0.01
C ARG HA 17 -8.61 -74.19 0.96
N PRO HA 18 -8.62 -75.43 1.46
CA PRO HA 18 -7.56 -75.85 2.37
C PRO HA 18 -6.23 -76.11 1.66
N PHE HA 19 -5.17 -76.13 2.44
CA PHE HA 19 -3.82 -76.21 1.87
C PHE HA 19 -3.57 -77.55 1.18
N ARG HA 20 -3.09 -77.48 -0.05
CA ARG HA 20 -2.87 -78.64 -0.93
C ARG HA 20 -4.17 -79.37 -1.27
N LYS HA 21 -5.31 -78.73 -1.08
CA LYS HA 21 -6.60 -79.36 -1.40
C LYS HA 21 -7.42 -78.44 -2.28
N LYS HA 22 -6.79 -77.93 -3.33
CA LYS HA 22 -7.43 -77.07 -4.31
C LYS HA 22 -7.57 -77.82 -5.62
N GLY HA 23 -8.19 -77.17 -6.58
CA GLY HA 23 -8.28 -77.74 -7.92
C GLY HA 23 -9.49 -78.62 -8.17
N TYR HA 24 -9.27 -79.93 -8.17
CA TYR HA 24 -10.30 -80.87 -8.57
C TYR HA 24 -11.25 -81.18 -7.43
N ILE HA 25 -12.54 -81.28 -7.75
CA ILE HA 25 -13.57 -81.65 -6.80
C ILE HA 25 -13.85 -83.14 -6.95
N PRO HA 26 -13.71 -83.95 -5.91
CA PRO HA 26 -13.87 -85.39 -6.06
C PRO HA 26 -15.30 -85.76 -6.38
N LEU HA 27 -15.46 -86.91 -7.03
CA LEU HA 27 -16.77 -87.31 -7.51
C LEU HA 27 -17.71 -87.75 -6.40
N THR HA 28 -17.20 -87.99 -5.19
CA THR HA 28 -18.09 -88.42 -4.11
C THR HA 28 -19.11 -87.36 -3.77
N THR HA 29 -18.77 -86.07 -3.93
CA THR HA 29 -19.70 -85.01 -3.58
C THR HA 29 -20.94 -85.05 -4.46
N TYR HA 30 -20.75 -85.35 -5.74
CA TYR HA 30 -21.85 -85.42 -6.69
C TYR HA 30 -22.67 -86.68 -6.60
N LEU HA 31 -22.13 -87.76 -6.04
CA LEU HA 31 -22.86 -89.02 -6.00
C LEU HA 31 -23.74 -89.16 -4.77
N ARG HA 32 -23.54 -88.35 -3.75
CA ARG HA 32 -24.35 -88.44 -2.55
C ARG HA 32 -25.75 -87.91 -2.83
N THR HA 33 -26.76 -88.68 -2.45
CA THR HA 33 -28.15 -88.33 -2.73
C THR HA 33 -28.84 -87.83 -1.46
N TYR HA 34 -29.61 -86.77 -1.60
CA TYR HA 34 -30.24 -86.10 -0.48
C TYR HA 34 -31.76 -86.21 -0.59
N LYS HA 35 -32.41 -86.35 0.54
CA LYS HA 35 -33.85 -86.53 0.62
C LYS HA 35 -34.42 -85.53 1.60
N VAL HA 36 -35.65 -85.11 1.35
CA VAL HA 36 -36.31 -84.15 2.22
C VAL HA 36 -36.42 -84.73 3.62
N GLY HA 37 -35.74 -84.10 4.57
CA GLY HA 37 -35.73 -84.55 5.95
C GLY HA 37 -34.37 -84.93 6.48
N GLU HA 38 -33.40 -85.22 5.61
CA GLU HA 38 -32.06 -85.51 6.09
C GLU HA 38 -31.45 -84.26 6.72
N HIS HA 39 -30.33 -84.47 7.40
CA HIS HA 39 -29.56 -83.38 7.97
C HIS HA 39 -28.31 -83.15 7.12
N VAL HA 40 -27.97 -81.89 6.90
CA VAL HA 40 -26.84 -81.53 6.05
C VAL HA 40 -26.05 -80.43 6.73
N ASP HA 41 -24.73 -80.54 6.70
CA ASP HA 41 -23.85 -79.48 7.18
C ASP HA 41 -23.38 -78.66 6.00
N VAL HA 42 -23.51 -77.35 6.12
CA VAL HA 42 -23.13 -76.42 5.06
C VAL HA 42 -21.68 -76.04 5.27
N LYS HA 43 -20.87 -76.21 4.22
CA LYS HA 43 -19.55 -75.63 4.19
C LYS HA 43 -19.23 -75.24 2.76
N VAL HA 44 -18.93 -73.96 2.56
CA VAL HA 44 -18.78 -73.44 1.22
C VAL HA 44 -17.49 -73.96 0.59
N ASN HA 45 -17.55 -74.10 -0.73
CA ASN HA 45 -16.39 -74.40 -1.55
C ASN HA 45 -16.02 -73.15 -2.32
N GLY HA 46 -14.76 -72.73 -2.22
CA GLY HA 46 -14.35 -71.50 -2.87
C GLY HA 46 -14.51 -71.53 -4.38
N ALA HA 47 -14.25 -72.69 -4.98
CA ALA HA 47 -14.23 -72.78 -6.43
C ALA HA 47 -15.60 -72.53 -7.04
N VAL HA 48 -16.66 -73.02 -6.41
CA VAL HA 48 -17.99 -73.00 -7.00
C VAL HA 48 -18.67 -71.70 -6.63
N HIS HA 49 -18.77 -70.78 -7.58
CA HIS HA 49 -19.27 -69.46 -7.28
C HIS HA 49 -20.76 -69.33 -7.53
N LYS HA 50 -21.43 -70.41 -7.90
CA LYS HA 50 -22.87 -70.43 -8.07
C LYS HA 50 -23.49 -71.27 -6.97
N GLY HA 51 -24.66 -70.86 -6.50
CA GLY HA 51 -25.33 -71.57 -5.44
C GLY HA 51 -24.74 -71.33 -4.07
N MET HA 52 -23.78 -70.42 -3.94
CA MET HA 52 -23.08 -70.21 -2.68
C MET HA 52 -24.04 -69.70 -1.61
N PRO HA 53 -23.91 -70.19 -0.38
CA PRO HA 53 -24.63 -69.56 0.72
C PRO HA 53 -23.86 -68.37 1.25
N HIS HA 54 -24.60 -67.46 1.89
CA HIS HA 54 -23.99 -66.34 2.57
C HIS HA 54 -23.15 -66.85 3.73
N LYS HA 55 -22.16 -66.07 4.13
CA LYS HA 55 -21.14 -66.59 5.04
C LYS HA 55 -21.68 -66.96 6.42
N PHE HA 56 -22.89 -66.56 6.76
CA PHE HA 56 -23.43 -66.95 8.06
C PHE HA 56 -23.81 -68.43 8.08
N TYR HA 57 -24.10 -69.00 6.93
CA TYR HA 57 -24.59 -70.37 6.88
C TYR HA 57 -23.47 -71.39 6.85
N HIS HA 58 -22.24 -70.94 6.68
CA HIS HA 58 -21.09 -71.84 6.71
C HIS HA 58 -20.89 -72.37 8.12
N GLY HA 59 -20.64 -73.67 8.23
CA GLY HA 59 -20.42 -74.27 9.52
C GLY HA 59 -21.67 -74.48 10.35
N ARG HA 60 -22.84 -74.51 9.70
CA ARG HA 60 -24.11 -74.69 10.39
C ARG HA 60 -24.83 -75.90 9.81
N THR HA 61 -25.64 -76.55 10.65
CA THR HA 61 -26.31 -77.79 10.28
C THR HA 61 -27.80 -77.55 10.17
N GLY HA 62 -28.38 -77.88 9.02
CA GLY HA 62 -29.80 -77.74 8.80
C GLY HA 62 -30.39 -79.02 8.26
N ARG HA 63 -31.70 -78.99 8.06
CA ARG HA 63 -32.44 -80.10 7.51
C ARG HA 63 -32.75 -79.84 6.05
N VAL HA 64 -32.76 -80.90 5.24
CA VAL HA 64 -33.17 -80.76 3.85
C VAL HA 64 -34.68 -80.56 3.81
N TRP HA 65 -35.12 -79.56 3.06
CA TRP HA 65 -36.54 -79.33 2.88
C TRP HA 65 -36.98 -79.31 1.43
N ASN HA 66 -36.05 -79.27 0.48
CA ASN HA 66 -36.40 -79.24 -0.93
C ASN HA 66 -35.24 -79.80 -1.73
N VAL HA 67 -35.55 -80.37 -2.89
CA VAL HA 67 -34.51 -80.86 -3.78
C VAL HA 67 -34.91 -80.57 -5.22
N THR HA 68 -34.09 -79.78 -5.91
CA THR HA 68 -34.19 -79.55 -7.34
C THR HA 68 -33.01 -80.23 -8.01
N LYS HA 69 -32.88 -80.04 -9.32
CA LYS HA 69 -31.65 -80.43 -9.98
C LYS HA 69 -30.52 -79.50 -9.54
N ARG HA 70 -29.36 -80.07 -9.26
CA ARG HA 70 -28.15 -79.34 -8.88
C ARG HA 70 -28.21 -78.59 -7.56
N ALA HA 71 -29.33 -78.59 -6.84
CA ALA HA 71 -29.39 -77.82 -5.60
C ALA HA 71 -30.23 -78.51 -4.55
N ILE HA 72 -29.91 -78.24 -3.30
CA ILE HA 72 -30.66 -78.71 -2.13
C ILE HA 72 -31.19 -77.51 -1.37
N GLY HA 73 -32.43 -77.58 -0.92
CA GLY HA 73 -32.93 -76.60 0.02
C GLY HA 73 -32.62 -76.96 1.45
N VAL HA 74 -31.80 -76.15 2.13
CA VAL HA 74 -31.39 -76.44 3.49
C VAL HA 74 -32.17 -75.50 4.41
N GLU HA 75 -32.19 -75.81 5.71
CA GLU HA 75 -33.13 -75.22 6.66
C GLU HA 75 -32.40 -74.84 7.93
N ILE HA 76 -31.89 -73.60 8.02
CA ILE HA 76 -31.06 -73.19 9.14
C ILE HA 76 -31.83 -72.20 10.01
N ASN HA 77 -31.75 -72.40 11.32
CA ASN HA 77 -32.22 -71.42 12.29
C ASN HA 77 -31.21 -70.28 12.45
N LYS HA 78 -31.72 -69.06 12.51
CA LYS HA 78 -30.88 -67.88 12.66
C LYS HA 78 -31.50 -66.98 13.71
N GLN HA 79 -30.74 -66.65 14.75
CA GLN HA 79 -31.25 -65.81 15.83
C GLN HA 79 -31.23 -64.34 15.41
N VAL HA 80 -32.36 -63.67 15.52
CA VAL HA 80 -32.51 -62.27 15.12
C VAL HA 80 -33.31 -61.59 16.21
N GLY HA 81 -32.63 -60.93 17.14
CA GLY HA 81 -33.32 -60.31 18.26
C GLY HA 81 -33.64 -61.33 19.31
N ASN HA 82 -34.90 -61.39 19.72
CA ASN HA 82 -35.35 -62.30 20.75
C ASN HA 82 -36.09 -63.51 20.19
N ARG HA 83 -35.83 -63.87 18.94
CA ARG HA 83 -36.51 -64.97 18.30
C ARG HA 83 -35.50 -65.77 17.48
N ILE HA 84 -35.99 -66.83 16.87
CA ILE HA 84 -35.20 -67.66 15.98
C ILE HA 84 -35.95 -67.73 14.66
N ILE HA 85 -35.36 -67.21 13.61
CA ILE HA 85 -35.95 -67.28 12.28
C ILE HA 85 -35.38 -68.51 11.58
N LYS HA 86 -36.28 -69.35 11.05
CA LYS HA 86 -35.85 -70.54 10.32
C LYS HA 86 -35.65 -70.15 8.87
N LYS HA 87 -34.41 -69.85 8.51
CA LYS HA 87 -34.10 -69.42 7.17
C LYS HA 87 -34.10 -70.61 6.21
N ARG HA 88 -34.63 -70.38 5.02
CA ARG HA 88 -34.71 -71.40 3.97
C ARG HA 88 -33.84 -70.96 2.80
N ILE HA 89 -32.81 -71.73 2.49
CA ILE HA 89 -31.93 -71.38 1.40
C ILE HA 89 -31.75 -72.58 0.49
N HIS HA 90 -31.37 -72.29 -0.76
CA HIS HA 90 -30.91 -73.29 -1.70
C HIS HA 90 -29.43 -73.12 -1.95
N VAL HA 91 -28.69 -74.20 -1.77
CA VAL HA 91 -27.27 -74.21 -2.06
C VAL HA 91 -26.98 -75.36 -3.02
N ARG HA 92 -26.02 -75.14 -3.91
CA ARG HA 92 -25.58 -76.20 -4.78
C ARG HA 92 -24.94 -77.32 -3.98
N VAL HA 93 -24.95 -78.51 -4.57
CA VAL HA 93 -24.51 -79.72 -3.89
C VAL HA 93 -23.06 -79.60 -3.43
N GLU HA 94 -22.23 -78.85 -4.14
CA GLU HA 94 -20.82 -78.74 -3.77
C GLU HA 94 -20.62 -78.11 -2.40
N HIS HA 95 -21.61 -77.37 -1.89
CA HIS HA 95 -21.47 -76.62 -0.66
C HIS HA 95 -22.01 -77.34 0.57
N VAL HA 96 -22.63 -78.51 0.41
CA VAL HA 96 -23.16 -79.26 1.54
C VAL HA 96 -22.45 -80.59 1.63
N GLN HA 97 -22.48 -81.16 2.83
CA GLN HA 97 -22.05 -82.51 3.08
C GLN HA 97 -23.06 -83.16 4.02
N PRO HA 98 -23.26 -84.46 3.91
CA PRO HA 98 -24.14 -85.14 4.87
C PRO HA 98 -23.55 -85.10 6.27
N SER HA 99 -24.43 -84.94 7.25
CA SER HA 99 -23.99 -84.82 8.63
C SER HA 99 -24.06 -86.15 9.34
N ARG HA 100 -23.31 -86.24 10.43
CA ARG HA 100 -23.33 -87.40 11.30
C ARG HA 100 -23.81 -87.00 12.69
N CYS HA 101 -24.69 -85.99 12.74
CA CYS HA 101 -25.21 -85.47 13.99
C CYS HA 101 -26.20 -86.42 14.65
N ASN HA 102 -26.72 -87.36 13.89
CA ASN HA 102 -27.59 -88.39 14.42
C ASN HA 102 -27.18 -89.79 13.96
N GLU HA 103 -25.96 -89.94 13.43
CA GLU HA 103 -25.38 -91.26 13.21
C GLU HA 103 -25.70 -92.18 14.39
N GLU HA 104 -25.25 -91.78 15.59
CA GLU HA 104 -25.43 -92.60 16.78
C GLU HA 104 -26.90 -92.90 17.05
N PHE HA 105 -27.78 -91.93 16.82
CA PHE HA 105 -29.17 -92.10 17.22
C PHE HA 105 -29.80 -93.28 16.50
N LEU HA 106 -29.54 -93.42 15.20
CA LEU HA 106 -30.17 -94.50 14.44
C LEU HA 106 -29.62 -95.86 14.86
N GLN HA 107 -28.31 -95.96 15.07
CA GLN HA 107 -27.74 -97.21 15.57
C GLN HA 107 -28.27 -97.55 16.96
N ARG HA 108 -28.42 -96.54 17.81
CA ARG HA 108 -29.01 -96.76 19.12
C ARG HA 108 -30.51 -97.02 19.03
N LYS HA 109 -31.20 -96.39 18.08
CA LYS HA 109 -32.64 -96.60 17.94
C LYS HA 109 -32.95 -98.03 17.56
N LEU HA 110 -32.23 -98.58 16.58
CA LEU HA 110 -32.49 -99.96 16.16
C LEU HA 110 -32.00 -100.94 17.20
N ASN HA 111 -30.93 -100.59 17.90
CA ASN HA 111 -30.50 -101.37 19.04
C ASN HA 111 -31.56 -101.38 20.13
N ASN HA 112 -32.17 -100.22 20.41
CA ASN HA 112 -33.20 -100.15 21.44
C ASN HA 112 -34.36 -101.07 21.12
N ASP HA 113 -34.84 -101.03 19.88
CA ASP HA 113 -36.02 -101.81 19.51
C ASP HA 113 -35.76 -103.30 19.66
N LYS HA 114 -34.56 -103.75 19.28
CA LYS HA 114 -34.25 -105.16 19.38
C LYS HA 114 -34.29 -105.64 20.83
N LEU HA 115 -33.55 -104.97 21.72
CA LEU HA 115 -33.55 -105.36 23.13
C LEU HA 115 -34.94 -105.27 23.73
N LYS HA 116 -35.70 -104.25 23.35
CA LYS HA 116 -37.03 -104.07 23.91
C LYS HA 116 -37.92 -105.26 23.56
N ALA HA 117 -37.93 -105.67 22.29
CA ALA HA 117 -38.65 -106.87 21.90
C ALA HA 117 -37.97 -108.12 22.45
N GLU HA 118 -36.64 -108.13 22.51
CA GLU HA 118 -35.92 -109.32 22.95
C GLU HA 118 -36.25 -109.66 24.40
N ALA HA 119 -36.10 -108.69 25.31
CA ALA HA 119 -36.43 -108.94 26.69
C ALA HA 119 -37.93 -109.17 26.89
N LYS HA 120 -38.75 -108.77 25.91
CA LYS HA 120 -40.18 -109.06 25.97
C LYS HA 120 -40.46 -110.53 25.68
N VAL HA 121 -39.59 -111.19 24.93
CA VAL HA 121 -39.63 -112.65 24.83
C VAL HA 121 -39.40 -113.28 26.20
N ARG HA 122 -38.52 -112.67 27.00
CA ARG HA 122 -38.38 -113.00 28.41
C ARG HA 122 -39.38 -112.17 29.21
N GLY HA 123 -39.17 -112.05 30.52
CA GLY HA 123 -39.88 -111.08 31.31
C GLY HA 123 -39.66 -109.67 30.77
N GLU HA 124 -40.76 -108.97 30.51
CA GLU HA 124 -40.77 -107.84 29.58
C GLU HA 124 -40.69 -106.49 30.28
N VAL HA 125 -39.62 -106.26 31.05
CA VAL HA 125 -39.36 -104.94 31.62
C VAL HA 125 -37.84 -104.73 31.65
N ILE HA 126 -37.36 -103.73 30.92
CA ILE HA 126 -35.97 -103.28 30.96
C ILE HA 126 -36.01 -101.77 30.69
N SER HA 127 -34.86 -101.10 30.74
CA SER HA 127 -34.81 -99.67 30.43
C SER HA 127 -33.66 -99.40 29.48
N THR HA 128 -33.98 -99.05 28.23
CA THR HA 128 -32.98 -98.66 27.25
C THR HA 128 -32.77 -97.15 27.30
N LYS HA 129 -32.10 -96.71 28.36
CA LYS HA 129 -31.69 -95.34 28.53
C LYS HA 129 -30.19 -95.32 28.79
N ARG HA 130 -29.48 -94.41 28.12
CA ARG HA 130 -28.09 -94.21 28.46
C ARG HA 130 -28.00 -93.52 29.80
N GLN HA 131 -26.84 -93.66 30.44
CA GLN HA 131 -26.64 -93.07 31.74
C GLN HA 131 -25.32 -92.32 31.75
N PRO HA 132 -25.28 -91.12 32.32
CA PRO HA 132 -24.02 -90.39 32.41
C PRO HA 132 -23.04 -91.15 33.28
N ALA HA 133 -21.75 -90.93 33.03
CA ALA HA 133 -20.73 -91.61 33.81
C ALA HA 133 -20.88 -91.27 35.29
N GLY HA 134 -20.97 -92.30 36.12
CA GLY HA 134 -21.12 -92.13 37.54
C GLY HA 134 -19.86 -92.50 38.29
N PRO HA 135 -20.01 -92.81 39.58
CA PRO HA 135 -18.83 -93.08 40.42
C PRO HA 135 -18.45 -94.55 40.46
N LYS HA 136 -17.14 -94.79 40.49
CA LYS HA 136 -16.55 -96.11 40.40
C LYS HA 136 -16.73 -96.89 41.70
N PRO HA 137 -16.95 -98.20 41.61
CA PRO HA 137 -17.08 -99.03 42.82
C PRO HA 137 -15.71 -99.30 43.43
N GLY HA 138 -15.72 -99.98 44.56
CA GLY HA 138 -14.48 -100.28 45.25
C GLY HA 138 -13.76 -101.47 44.66
N PHE HA 139 -12.44 -101.47 44.83
CA PHE HA 139 -11.61 -102.50 44.22
C PHE HA 139 -10.24 -102.49 44.91
N MET HA 140 -9.56 -103.63 44.83
CA MET HA 140 -8.29 -103.80 45.51
C MET HA 140 -7.13 -103.74 44.52
N VAL HA 141 -6.07 -103.02 44.91
CA VAL HA 141 -4.91 -102.80 44.05
C VAL HA 141 -3.77 -103.67 44.54
N GLU HA 142 -3.15 -104.40 43.62
CA GLU HA 142 -2.04 -105.27 43.97
C GLU HA 142 -0.80 -104.48 44.36
N GLY HA 143 -0.25 -104.79 45.52
CA GLY HA 143 0.99 -104.18 45.97
C GLY HA 143 2.15 -104.45 45.02
N THR HA 144 2.73 -103.39 44.49
CA THR HA 144 3.75 -103.48 43.44
C THR HA 144 4.75 -102.35 43.67
N THR HA 145 5.51 -102.04 42.63
CA THR HA 145 6.49 -100.96 42.70
C THR HA 145 5.78 -99.62 42.87
N ILE HA 146 6.21 -98.85 43.86
CA ILE HA 146 5.70 -97.51 44.12
C ILE HA 146 6.85 -96.53 43.95
N GLU HA 147 6.70 -95.56 43.06
CA GLU HA 147 7.73 -94.57 42.83
C GLU HA 147 7.37 -93.28 43.55
N THR HA 148 8.22 -92.88 44.48
CA THR HA 148 8.08 -91.59 45.13
C THR HA 148 8.43 -90.48 44.15
N VAL HA 149 7.72 -89.36 44.24
CA VAL HA 149 8.09 -88.16 43.52
C VAL HA 149 8.13 -87.01 44.50
N THR HA 150 9.06 -86.08 44.30
CA THR HA 150 9.26 -84.98 45.21
C THR HA 150 9.46 -83.69 44.43
N PRO HA 151 9.20 -82.54 45.05
CA PRO HA 151 9.50 -81.27 44.40
C PRO HA 151 10.97 -81.16 44.04
N ILE HA 152 11.23 -80.52 42.91
CA ILE HA 152 12.58 -80.41 42.35
C ILE HA 152 13.19 -79.07 42.76
N PRO HA 153 14.44 -79.03 43.18
CA PRO HA 153 15.07 -77.75 43.53
C PRO HA 153 15.17 -76.85 42.31
N TYR HA 154 15.08 -75.55 42.56
CA TYR HA 154 15.02 -74.60 41.46
C TYR HA 154 16.39 -74.45 40.80
N ASP HA 155 16.44 -74.70 39.50
CA ASP HA 155 17.64 -74.48 38.70
C ASP HA 155 17.58 -73.11 38.06
N VAL HA 156 18.62 -72.31 38.31
CA VAL HA 156 18.66 -70.95 37.79
C VAL HA 156 18.69 -70.92 36.27
N VAL HA 157 19.04 -72.03 35.63
CA VAL HA 157 19.04 -72.11 34.18
C VAL HA 157 18.93 -73.54 33.70
N VAL IA 2 -35.14 89.53 -31.41
CA VAL IA 2 -36.27 90.44 -31.37
C VAL IA 2 -36.94 90.36 -30.00
N LYS IA 3 -37.88 91.27 -29.72
CA LYS IA 3 -38.60 91.26 -28.46
C LYS IA 3 -39.84 90.39 -28.59
N PHE IA 4 -39.87 89.28 -27.85
CA PHE IA 4 -41.04 88.44 -27.72
C PHE IA 4 -41.74 88.59 -26.39
N LEU IA 5 -41.25 89.42 -25.49
CA LEU IA 5 -41.97 89.75 -24.26
C LEU IA 5 -42.49 91.16 -24.42
N LYS IA 6 -43.79 91.28 -24.65
CA LYS IA 6 -44.40 92.54 -25.08
C LYS IA 6 -45.92 92.43 -25.15
N PRO IA 7 -46.63 93.52 -24.88
CA PRO IA 7 -48.09 93.44 -24.78
C PRO IA 7 -48.75 92.83 -26.01
N GLY IA 8 -49.52 91.77 -25.78
CA GLY IA 8 -50.29 91.13 -26.82
C GLY IA 8 -49.96 89.67 -27.07
N LYS IA 9 -48.79 89.20 -26.66
CA LYS IA 9 -48.42 87.82 -27.00
C LYS IA 9 -48.75 86.85 -25.88
N ALA IA 10 -49.12 85.64 -26.27
CA ALA IA 10 -49.57 84.65 -25.32
C ALA IA 10 -48.40 84.07 -24.54
N VAL IA 11 -48.64 83.84 -23.26
CA VAL IA 11 -47.68 83.18 -22.40
C VAL IA 11 -48.39 82.09 -21.60
N ILE IA 12 -47.61 81.10 -21.19
CA ILE IA 12 -48.08 80.04 -20.32
C ILE IA 12 -47.44 80.24 -18.96
N LEU IA 13 -48.26 80.34 -17.92
CA LEU IA 13 -47.71 80.40 -16.58
C LEU IA 13 -47.16 79.05 -16.19
N LEU IA 14 -45.96 79.04 -15.60
CA LEU IA 14 -45.25 77.82 -15.31
C LEU IA 14 -45.30 77.44 -13.84
N GLN IA 15 -45.80 78.30 -12.98
CA GLN IA 15 -45.55 78.12 -11.56
C GLN IA 15 -46.56 78.96 -10.78
N GLY IA 16 -46.93 78.48 -9.61
CA GLY IA 16 -47.92 79.15 -8.80
C GLY IA 16 -49.32 78.62 -8.97
N ARG IA 17 -50.26 79.32 -8.34
CA ARG IA 17 -51.66 78.86 -8.30
C ARG IA 17 -52.23 78.70 -9.70
N PHE IA 18 -51.94 79.63 -10.60
CA PHE IA 18 -52.48 79.55 -11.95
C PHE IA 18 -51.54 78.84 -12.92
N ALA IA 19 -50.69 77.96 -12.43
CA ALA IA 19 -49.77 77.25 -13.32
C ALA IA 19 -50.53 76.49 -14.39
N GLY IA 20 -49.99 76.54 -15.61
CA GLY IA 20 -50.55 75.80 -16.71
C GLY IA 20 -51.54 76.54 -17.57
N ARG IA 21 -51.94 77.74 -17.18
CA ARG IA 21 -52.98 78.46 -17.88
C ARG IA 21 -52.42 79.47 -18.88
N LYS IA 22 -53.24 79.78 -19.87
CA LYS IA 22 -52.89 80.72 -20.93
C LYS IA 22 -53.27 82.14 -20.53
N ALA IA 23 -52.41 83.09 -20.89
CA ALA IA 23 -52.64 84.47 -20.55
C ALA IA 23 -51.98 85.33 -21.61
N VAL IA 24 -52.33 86.61 -21.61
CA VAL IA 24 -51.76 87.56 -22.55
C VAL IA 24 -51.15 88.71 -21.78
N ILE IA 25 -49.92 89.06 -22.13
CA ILE IA 25 -49.21 90.14 -21.46
C ILE IA 25 -49.91 91.45 -21.75
N VAL IA 26 -50.13 92.24 -20.71
CA VAL IA 26 -50.72 93.56 -20.84
C VAL IA 26 -49.68 94.66 -20.75
N ARG IA 27 -48.82 94.61 -19.74
CA ARG IA 27 -47.75 95.58 -19.59
C ARG IA 27 -46.49 94.90 -19.08
N VAL IA 28 -45.35 95.25 -19.67
CA VAL IA 28 -44.08 94.57 -19.43
C VAL IA 28 -43.11 95.53 -18.77
N PHE IA 29 -42.58 95.14 -17.61
CA PHE IA 29 -41.61 95.94 -16.87
C PHE IA 29 -40.24 95.26 -16.97
N GLU IA 30 -39.57 95.42 -18.11
CA GLU IA 30 -38.30 94.73 -18.29
C GLU IA 30 -37.22 95.23 -17.33
N GLU IA 31 -37.05 96.54 -17.23
CA GLU IA 31 -36.02 97.10 -16.36
C GLU IA 31 -36.60 97.34 -14.98
N GLY IA 32 -37.13 96.27 -14.41
CA GLY IA 32 -37.47 96.18 -13.02
C GLY IA 32 -38.49 97.20 -12.53
N THR IA 33 -38.43 97.41 -11.23
CA THR IA 33 -39.32 98.29 -10.49
C THR IA 33 -38.77 98.40 -9.08
N ARG IA 34 -39.10 99.52 -8.40
CA ARG IA 34 -38.70 99.75 -7.03
C ARG IA 34 -38.81 98.51 -6.15
N ASP IA 35 -40.00 97.92 -6.09
CA ASP IA 35 -40.26 96.79 -5.22
C ASP IA 35 -40.11 95.45 -5.90
N ARG IA 36 -40.03 95.41 -7.23
CA ARG IA 36 -39.90 94.17 -7.98
C ARG IA 36 -38.74 94.31 -8.96
N PRO IA 37 -37.50 94.31 -8.46
CA PRO IA 37 -36.38 94.69 -9.32
C PRO IA 37 -36.19 93.78 -10.52
N TYR IA 38 -36.58 92.52 -10.42
CA TYR IA 38 -36.44 91.60 -11.53
C TYR IA 38 -37.38 91.99 -12.66
N GLY IA 39 -37.33 91.23 -13.75
CA GLY IA 39 -38.21 91.48 -14.87
C GLY IA 39 -39.55 90.80 -14.70
N HIS IA 40 -40.64 91.56 -14.78
CA HIS IA 40 -41.95 90.97 -14.63
C HIS IA 40 -42.85 91.51 -15.72
N CYS IA 41 -44.13 91.21 -15.63
CA CYS IA 41 -45.13 91.68 -16.60
C CYS IA 41 -46.53 91.39 -16.09
N LEU IA 42 -47.37 92.41 -16.06
CA LEU IA 42 -48.80 92.21 -15.76
C LEU IA 42 -49.46 91.41 -16.88
N VAL IA 43 -50.05 90.28 -16.51
CA VAL IA 43 -50.75 89.41 -17.46
C VAL IA 43 -52.20 89.25 -17.03
N ALA IA 44 -53.07 89.03 -18.01
CA ALA IA 44 -54.47 88.72 -17.80
C ALA IA 44 -54.75 87.35 -18.40
N GLY IA 45 -55.28 86.44 -17.59
CA GLY IA 45 -55.34 85.05 -17.97
C GLY IA 45 -56.74 84.47 -17.84
N LEU IA 46 -56.84 83.20 -18.18
CA LEU IA 46 -58.07 82.43 -18.05
C LEU IA 46 -58.00 81.63 -16.76
N ALA IA 47 -58.71 82.07 -15.73
CA ALA IA 47 -58.91 81.22 -14.58
C ALA IA 47 -59.76 80.01 -14.94
N LYS IA 48 -60.79 80.22 -15.73
CA LYS IA 48 -61.69 79.18 -16.19
C LYS IA 48 -61.72 79.22 -17.71
N TYR IA 49 -61.56 78.06 -18.33
CA TYR IA 49 -61.71 77.98 -19.77
C TYR IA 49 -63.17 77.84 -20.15
N PRO IA 50 -63.52 78.18 -21.39
CA PRO IA 50 -64.85 77.81 -21.89
C PRO IA 50 -64.97 76.31 -22.03
N LYS IA 51 -66.20 75.82 -21.89
CA LYS IA 51 -66.45 74.42 -22.15
C LYS IA 51 -66.64 74.19 -23.65
N LYS IA 52 -66.70 72.92 -24.04
CA LYS IA 52 -66.90 72.59 -25.44
C LYS IA 52 -68.34 72.91 -25.85
N VAL IA 53 -68.49 73.68 -26.93
CA VAL IA 53 -69.81 74.07 -27.45
C VAL IA 53 -70.06 73.31 -28.74
N ILE IA 54 -71.19 72.62 -28.80
CA ILE IA 54 -71.52 71.72 -29.88
C ILE IA 54 -72.96 71.97 -30.30
N ARG IA 55 -73.33 71.42 -31.46
CA ARG IA 55 -74.61 71.77 -32.06
C ARG IA 55 -75.80 71.32 -31.22
N LYS IA 56 -75.72 70.15 -30.61
CA LYS IA 56 -76.91 69.56 -30.00
C LYS IA 56 -77.29 70.23 -28.70
N ASP IA 57 -76.37 70.92 -28.04
CA ASP IA 57 -76.65 71.57 -26.78
C ASP IA 57 -77.68 72.66 -26.97
N SER IA 58 -78.46 72.93 -25.92
CA SER IA 58 -79.43 74.00 -26.00
C SER IA 58 -78.72 75.35 -26.13
N ALA IA 59 -79.45 76.31 -26.70
CA ALA IA 59 -78.91 77.66 -26.78
C ALA IA 59 -78.68 78.23 -25.39
N LYS IA 60 -79.58 77.95 -24.47
CA LYS IA 60 -79.41 78.41 -23.09
C LYS IA 60 -78.20 77.79 -22.42
N LYS IA 61 -77.96 76.50 -22.66
CA LYS IA 61 -76.80 75.83 -22.06
C LYS IA 61 -75.49 76.24 -22.73
N THR IA 62 -75.52 76.52 -24.03
CA THR IA 62 -74.32 77.02 -24.70
C THR IA 62 -73.94 78.41 -24.21
N ALA IA 63 -74.94 79.25 -23.90
CA ALA IA 63 -74.63 80.55 -23.31
C ALA IA 63 -73.92 80.39 -21.97
N LYS IA 64 -74.32 79.40 -21.18
CA LYS IA 64 -73.59 79.09 -19.96
C LYS IA 64 -72.17 78.65 -20.27
N LYS IA 65 -72.01 77.80 -21.29
CA LYS IA 65 -70.71 77.18 -21.54
C LYS IA 65 -69.71 78.14 -22.16
N SER IA 66 -70.16 79.26 -22.73
CA SER IA 66 -69.29 80.20 -23.43
C SER IA 66 -68.69 81.24 -22.49
N ARG IA 67 -68.61 80.95 -21.20
CA ARG IA 67 -68.12 81.87 -20.19
C ARG IA 67 -66.66 81.59 -19.85
N VAL IA 68 -65.97 82.63 -19.38
CA VAL IA 68 -64.62 82.51 -18.85
C VAL IA 68 -64.57 83.23 -17.52
N LYS IA 69 -63.55 82.90 -16.73
CA LYS IA 69 -63.19 83.67 -15.55
C LYS IA 69 -61.77 84.15 -15.73
N CYS IA 70 -61.55 85.44 -15.54
CA CYS IA 70 -60.25 86.04 -15.81
C CYS IA 70 -59.55 86.45 -14.51
N PHE IA 71 -58.23 86.46 -14.54
CA PHE IA 71 -57.43 86.88 -13.40
C PHE IA 71 -56.38 87.88 -13.88
N LEU IA 72 -55.80 88.61 -12.92
CA LEU IA 72 -54.72 89.55 -13.18
C LEU IA 72 -53.57 89.26 -12.23
N LYS IA 73 -52.38 89.04 -12.78
CA LYS IA 73 -51.25 88.61 -11.98
C LYS IA 73 -49.98 89.29 -12.47
N LEU IA 74 -49.12 89.67 -11.54
CA LEU IA 74 -47.80 90.18 -11.86
C LEU IA 74 -46.82 89.03 -11.78
N VAL IA 75 -46.16 88.72 -12.88
CA VAL IA 75 -45.43 87.46 -12.98
C VAL IA 75 -44.02 87.69 -13.53
N ASN IA 76 -43.06 87.06 -12.87
CA ASN IA 76 -41.65 87.09 -13.28
C ASN IA 76 -41.47 86.41 -14.62
N PHE IA 77 -40.55 86.95 -15.43
CA PHE IA 77 -40.24 86.33 -16.73
C PHE IA 77 -39.87 84.86 -16.58
N THR IA 78 -39.11 84.51 -15.54
CA THR IA 78 -38.68 83.13 -15.37
C THR IA 78 -39.81 82.19 -14.96
N HIS IA 79 -41.02 82.70 -14.74
CA HIS IA 79 -42.17 81.87 -14.43
C HIS IA 79 -43.19 81.82 -15.55
N ILE IA 80 -42.87 82.34 -16.72
CA ILE IA 80 -43.76 82.27 -17.87
C ILE IA 80 -43.03 81.57 -18.99
N MET IA 81 -43.81 81.00 -19.92
CA MET IA 81 -43.30 80.42 -21.15
C MET IA 81 -43.85 81.22 -22.31
N PRO IA 82 -43.02 81.94 -23.05
CA PRO IA 82 -43.55 82.72 -24.18
C PRO IA 82 -43.95 81.81 -25.33
N THR IA 83 -44.85 82.33 -26.15
CA THR IA 83 -45.48 81.50 -27.15
C THR IA 83 -45.57 82.33 -28.43
N ARG IA 84 -45.63 81.67 -29.58
CA ARG IA 84 -45.62 82.42 -30.83
C ARG IA 84 -46.97 83.06 -31.11
N TYR IA 85 -48.04 82.52 -30.53
CA TYR IA 85 -49.36 83.10 -30.75
C TYR IA 85 -49.50 84.43 -30.00
N THR IA 86 -50.29 85.32 -30.59
CA THR IA 86 -50.66 86.59 -29.99
C THR IA 86 -52.17 86.63 -29.86
N LEU IA 87 -52.65 87.39 -28.88
CA LEU IA 87 -54.07 87.67 -28.74
C LEU IA 87 -54.27 89.13 -29.11
N ASP IA 88 -54.96 89.38 -30.21
CA ASP IA 88 -55.03 90.74 -30.74
C ASP IA 88 -55.86 91.67 -29.92
N VAL IA 89 -56.37 91.40 -28.72
CA VAL IA 89 -57.38 92.28 -28.16
C VAL IA 89 -56.69 93.47 -27.49
N ASP IA 90 -56.29 94.45 -28.31
CA ASP IA 90 -55.73 95.69 -27.81
C ASP IA 90 -56.81 96.66 -27.32
N PHE IA 91 -58.09 96.32 -27.51
CA PHE IA 91 -59.14 97.08 -26.85
C PHE IA 91 -59.04 96.98 -25.34
N LYS IA 92 -58.26 96.02 -24.82
CA LYS IA 92 -57.99 95.90 -23.40
C LYS IA 92 -56.85 96.80 -22.95
N ASP IA 93 -56.25 97.55 -23.88
CA ASP IA 93 -55.12 98.42 -23.55
C ASP IA 93 -55.42 99.33 -22.38
N VAL IA 94 -56.56 100.03 -22.42
CA VAL IA 94 -56.85 101.02 -21.39
C VAL IA 94 -57.02 100.35 -20.03
N ALA IA 95 -57.84 99.31 -19.97
CA ALA IA 95 -58.39 98.89 -18.68
C ALA IA 95 -57.33 98.24 -17.79
N SER IA 96 -56.85 97.07 -18.19
CA SER IA 96 -55.79 96.44 -17.41
C SER IA 96 -54.48 97.22 -17.54
N GLY IA 97 -54.39 98.10 -18.51
CA GLY IA 97 -53.30 99.05 -18.56
C GLY IA 97 -53.43 100.06 -17.43
N GLY IA 98 -52.62 101.10 -17.53
CA GLY IA 98 -52.54 102.10 -16.49
C GLY IA 98 -51.71 101.60 -15.31
N PRO IA 99 -50.86 102.48 -14.78
CA PRO IA 99 -50.12 102.16 -13.55
C PRO IA 99 -50.95 102.18 -12.28
N ASP IA 100 -52.28 102.09 -12.38
CA ASP IA 100 -53.14 102.23 -11.21
C ASP IA 100 -54.21 101.16 -11.08
N ALA IA 101 -54.62 100.51 -12.17
CA ALA IA 101 -55.87 99.75 -12.18
C ALA IA 101 -55.84 98.51 -11.29
N LEU IA 102 -54.66 98.12 -10.79
CA LEU IA 102 -54.54 96.94 -9.96
C LEU IA 102 -54.45 97.26 -8.48
N ALA IA 103 -54.51 98.55 -8.12
CA ALA IA 103 -54.18 98.98 -6.76
C ALA IA 103 -55.03 98.27 -5.71
N THR IA 104 -56.35 98.48 -5.73
CA THR IA 104 -57.21 97.96 -4.69
C THR IA 104 -58.08 96.82 -5.21
N ARG IA 105 -58.75 96.15 -4.28
CA ARG IA 105 -59.42 94.89 -4.61
C ARG IA 105 -60.72 95.16 -5.39
N ASP IA 106 -61.42 96.24 -5.06
CA ASP IA 106 -62.58 96.61 -5.86
C ASP IA 106 -62.18 97.02 -7.26
N LYS IA 107 -61.09 97.78 -7.41
CA LYS IA 107 -60.62 98.13 -8.73
C LYS IA 107 -60.04 96.93 -9.46
N LYS IA 108 -59.44 95.99 -8.72
CA LYS IA 108 -58.89 94.81 -9.38
C LYS IA 108 -60.00 93.95 -9.98
N VAL IA 109 -61.08 93.72 -9.23
CA VAL IA 109 -62.18 92.92 -9.76
C VAL IA 109 -62.81 93.61 -10.95
N ALA IA 110 -62.96 94.93 -10.88
CA ALA IA 110 -63.46 95.68 -12.02
C ALA IA 110 -62.62 95.44 -13.26
N SER IA 111 -61.29 95.45 -13.10
CA SER IA 111 -60.42 95.16 -14.23
C SER IA 111 -60.61 93.74 -14.71
N CYS IA 112 -60.74 92.77 -13.79
CA CYS IA 112 -60.99 91.40 -14.18
C CYS IA 112 -62.35 91.26 -14.85
N LYS IA 113 -63.36 91.93 -14.31
CA LYS IA 113 -64.66 91.95 -14.97
C LYS IA 113 -64.58 92.70 -16.29
N ALA IA 114 -63.75 93.75 -16.35
CA ALA IA 114 -63.53 94.43 -17.61
C ALA IA 114 -62.92 93.50 -18.63
N ALA IA 115 -61.93 92.71 -18.24
CA ALA IA 115 -61.25 91.85 -19.20
C ALA IA 115 -62.21 90.79 -19.72
N LYS IA 116 -63.08 90.28 -18.86
CA LYS IA 116 -64.00 89.23 -19.26
C LYS IA 116 -64.83 89.64 -20.46
N ALA IA 117 -65.20 90.93 -20.53
CA ALA IA 117 -66.05 91.40 -21.62
C ALA IA 117 -65.39 91.17 -22.97
N ARG IA 118 -64.15 91.64 -23.14
CA ARG IA 118 -63.45 91.43 -24.41
C ARG IA 118 -63.14 89.97 -24.67
N LEU IA 119 -62.77 89.20 -23.66
CA LEU IA 119 -62.42 87.81 -23.94
C LEU IA 119 -63.66 86.96 -24.23
N GLU IA 120 -64.78 87.26 -23.57
CA GLU IA 120 -66.00 86.53 -23.90
C GLU IA 120 -66.50 86.88 -25.30
N GLU IA 121 -66.50 88.16 -25.66
CA GLU IA 121 -66.97 88.52 -26.99
C GLU IA 121 -66.05 87.97 -28.06
N ARG IA 122 -64.74 87.99 -27.81
CA ARG IA 122 -63.76 87.55 -28.80
C ARG IA 122 -63.90 86.07 -29.09
N PHE IA 123 -64.12 85.28 -28.04
CA PHE IA 123 -64.24 83.84 -28.21
C PHE IA 123 -65.47 83.47 -29.02
N LYS IA 124 -66.59 84.16 -28.79
CA LYS IA 124 -67.80 83.89 -29.56
C LYS IA 124 -67.58 84.14 -31.05
N THR IA 125 -66.76 85.14 -31.39
CA THR IA 125 -66.48 85.42 -32.79
C THR IA 125 -65.78 84.24 -33.45
N GLY IA 126 -64.88 83.57 -32.74
CA GLY IA 126 -64.31 82.31 -33.21
C GLY IA 126 -62.83 82.30 -33.49
N LYS IA 127 -62.07 83.36 -33.24
CA LYS IA 127 -60.65 83.37 -33.56
C LYS IA 127 -59.83 82.99 -32.33
N ASN IA 128 -58.51 82.88 -32.52
CA ASN IA 128 -57.59 82.58 -31.43
C ASN IA 128 -57.97 81.30 -30.71
N ARG IA 129 -58.34 80.26 -31.47
CA ARG IA 129 -58.80 79.02 -30.85
C ARG IA 129 -57.77 78.44 -29.90
N TRP IA 130 -56.48 78.55 -30.23
CA TRP IA 130 -55.46 78.04 -29.34
C TRP IA 130 -55.55 78.69 -27.98
N PHE IA 131 -55.94 79.96 -27.92
CA PHE IA 131 -55.93 80.64 -26.63
C PHE IA 131 -57.01 80.12 -25.71
N PHE IA 132 -58.15 79.73 -26.24
CA PHE IA 132 -59.26 79.37 -25.38
C PHE IA 132 -59.30 77.89 -25.05
N THR IA 133 -58.52 77.06 -25.73
CA THR IA 133 -58.44 75.65 -25.39
C THR IA 133 -57.40 75.47 -24.29
N LYS IA 134 -57.70 74.65 -23.30
CA LYS IA 134 -56.79 74.50 -22.17
C LYS IA 134 -55.60 73.60 -22.53
N LEU IA 135 -54.45 73.93 -21.97
CA LEU IA 135 -53.24 73.15 -22.20
C LEU IA 135 -53.38 71.82 -21.50
N ARG IA 136 -53.56 70.75 -22.28
CA ARG IA 136 -53.88 69.45 -21.72
C ARG IA 136 -52.58 68.76 -21.34
N PHE IA 137 -52.14 69.01 -20.11
CA PHE IA 137 -50.86 68.51 -19.64
C PHE IA 137 -50.98 67.53 -18.47
N GLY JA 2 -34.12 -0.28 1.50
CA GLY JA 2 -33.63 1.06 1.72
C GLY JA 2 -34.71 2.07 1.97
N ARG JA 3 -34.36 3.35 1.92
CA ARG JA 3 -35.30 4.43 2.08
C ARG JA 3 -35.20 5.39 0.90
N VAL JA 4 -36.23 6.21 0.76
CA VAL JA 4 -36.36 7.13 -0.36
C VAL JA 4 -35.24 8.15 -0.31
N ILE JA 5 -34.43 8.22 -1.37
CA ILE JA 5 -33.20 8.99 -1.41
C ILE JA 5 -33.50 10.46 -1.66
N ARG JA 6 -32.48 11.31 -1.51
CA ARG JA 6 -32.71 12.75 -1.56
C ARG JA 6 -33.20 13.20 -2.93
N ALA JA 7 -32.67 12.62 -3.99
CA ALA JA 7 -33.11 13.01 -5.34
C ALA JA 7 -34.58 12.71 -5.55
N GLN JA 8 -35.09 11.64 -4.94
CA GLN JA 8 -36.50 11.30 -5.07
C GLN JA 8 -37.39 12.21 -4.25
N ARG JA 9 -36.87 12.79 -3.17
CA ARG JA 9 -37.68 13.57 -2.26
C ARG JA 9 -38.06 14.94 -2.82
N LYS JA 10 -37.36 15.39 -3.86
CA LYS JA 10 -37.60 16.74 -4.35
C LYS JA 10 -38.88 16.88 -5.15
N GLY JA 11 -39.37 15.81 -5.75
CA GLY JA 11 -40.56 15.90 -6.56
C GLY JA 11 -41.84 16.06 -5.78
N ALA JA 12 -41.81 15.84 -4.47
CA ALA JA 12 -43.01 16.00 -3.67
C ALA JA 12 -43.29 17.45 -3.33
N GLY JA 13 -42.30 18.32 -3.48
CA GLY JA 13 -42.46 19.74 -3.22
C GLY JA 13 -42.10 20.21 -1.83
N SER JA 14 -42.37 19.39 -0.82
CA SER JA 14 -42.63 19.87 0.53
C SER JA 14 -41.70 20.99 1.00
N VAL JA 15 -40.43 20.67 1.22
CA VAL JA 15 -39.47 21.70 1.61
C VAL JA 15 -38.60 22.11 0.46
N PHE JA 16 -38.87 21.60 -0.73
CA PHE JA 16 -38.02 21.83 -1.88
C PHE JA 16 -38.66 22.75 -2.89
N LYS JA 17 -39.76 23.40 -2.53
CA LYS JA 17 -40.38 24.38 -3.40
C LYS JA 17 -39.53 25.62 -3.52
N SER JA 18 -39.83 26.40 -4.54
CA SER JA 18 -39.09 27.62 -4.83
C SER JA 18 -39.38 28.68 -3.77
N HIS JA 19 -38.35 29.46 -3.43
CA HIS JA 19 -38.44 30.50 -2.40
C HIS JA 19 -38.80 31.83 -3.06
N THR JA 20 -40.09 32.13 -3.18
CA THR JA 20 -40.53 33.23 -4.03
C THR JA 20 -41.38 34.24 -3.29
N HIS JA 21 -41.09 34.54 -2.02
CA HIS JA 21 -41.93 35.53 -1.35
C HIS JA 21 -41.62 36.94 -1.80
N HIS JA 22 -40.37 37.25 -2.12
CA HIS JA 22 -39.95 38.60 -2.44
C HIS JA 22 -39.77 38.83 -3.93
N ARG JA 23 -40.26 37.94 -4.77
CA ARG JA 23 -40.09 38.11 -6.20
C ARG JA 23 -41.11 39.11 -6.74
N LYS JA 24 -40.80 39.67 -7.91
CA LYS JA 24 -41.52 40.83 -8.41
C LYS JA 24 -42.52 40.49 -9.51
N GLY JA 25 -42.86 39.23 -9.68
CA GLY JA 25 -43.77 38.84 -10.73
C GLY JA 25 -43.01 38.24 -11.90
N PRO JA 26 -43.73 37.61 -12.83
CA PRO JA 26 -43.06 37.02 -13.99
C PRO JA 26 -42.52 38.08 -14.94
N ALA JA 27 -41.47 37.69 -15.66
CA ALA JA 27 -40.83 38.56 -16.64
C ALA JA 27 -41.05 38.00 -18.02
N ARG JA 28 -41.58 38.82 -18.93
CA ARG JA 28 -42.05 38.34 -20.22
C ARG JA 28 -42.39 39.54 -21.07
N PHE JA 29 -42.71 39.28 -22.33
CA PHE JA 29 -43.21 40.31 -23.22
C PHE JA 29 -44.65 40.61 -22.87
N ARG JA 30 -45.31 41.43 -23.66
CA ARG JA 30 -46.74 41.69 -23.53
C ARG JA 30 -47.51 40.90 -24.57
N SER JA 31 -48.68 40.43 -24.19
CA SER JA 31 -49.50 39.60 -25.06
C SER JA 31 -49.63 40.21 -26.45
N LEU JA 32 -49.27 39.42 -27.46
CA LEU JA 32 -49.15 39.91 -28.83
C LEU JA 32 -50.53 40.22 -29.41
N ASP JA 33 -50.67 41.39 -30.03
CA ASP JA 33 -51.97 41.89 -30.45
C ASP JA 33 -51.82 42.55 -31.82
N PHE JA 34 -52.92 43.15 -32.29
CA PHE JA 34 -52.97 43.78 -33.59
C PHE JA 34 -51.96 44.91 -33.69
N GLY JA 35 -51.74 45.64 -32.60
CA GLY JA 35 -50.77 46.71 -32.61
C GLY JA 35 -49.38 46.24 -32.94
N GLU JA 36 -48.94 45.14 -32.32
CA GLU JA 36 -47.57 44.66 -32.52
C GLU JA 36 -47.42 43.85 -33.80
N ARG JA 37 -48.49 43.27 -34.33
CA ARG JA 37 -48.40 42.55 -35.59
C ARG JA 37 -48.18 43.48 -36.77
N ASN JA 38 -48.78 44.67 -36.74
CA ASN JA 38 -48.90 45.49 -37.94
C ASN JA 38 -48.31 46.88 -37.80
N GLY JA 39 -47.42 47.10 -36.83
CA GLY JA 39 -46.89 48.43 -36.61
C GLY JA 39 -46.03 48.47 -35.39
N TYR JA 40 -46.14 49.51 -34.57
CA TYR JA 40 -45.34 49.53 -33.36
C TYR JA 40 -46.08 50.26 -32.24
N LEU JA 41 -45.90 49.77 -31.03
CA LEU JA 41 -46.43 50.37 -29.81
C LEU JA 41 -45.29 50.94 -28.98
N LYS JA 42 -45.46 52.16 -28.50
CA LYS JA 42 -44.42 52.89 -27.82
C LYS JA 42 -44.56 52.70 -26.31
N GLY JA 43 -43.46 52.30 -25.67
CA GLY JA 43 -43.45 52.16 -24.23
C GLY JA 43 -42.32 52.97 -23.63
N VAL JA 44 -42.50 53.33 -22.37
CA VAL JA 44 -41.50 54.08 -21.62
C VAL JA 44 -41.03 53.22 -20.45
N VAL JA 45 -39.72 53.13 -20.29
CA VAL JA 45 -39.12 52.42 -19.16
C VAL JA 45 -39.16 53.33 -17.95
N THR JA 46 -39.70 52.83 -16.84
CA THR JA 46 -39.90 53.62 -15.65
C THR JA 46 -38.95 53.28 -14.51
N ASP JA 47 -38.57 52.01 -14.37
CA ASP JA 47 -37.66 51.64 -13.31
C ASP JA 47 -36.84 50.44 -13.77
N VAL JA 48 -35.64 50.34 -13.23
CA VAL JA 48 -34.80 49.17 -13.38
C VAL JA 48 -34.64 48.58 -11.99
N ILE JA 49 -35.10 47.36 -11.81
CA ILE JA 49 -35.27 46.78 -10.47
C ILE JA 49 -34.57 45.43 -10.41
N HIS JA 50 -34.07 45.12 -9.23
CA HIS JA 50 -33.42 43.83 -8.96
C HIS JA 50 -34.47 42.82 -8.56
N ASP JA 51 -34.45 41.66 -9.21
CA ASP JA 51 -35.44 40.62 -8.95
C ASP JA 51 -34.78 39.52 -8.12
N PRO JA 52 -35.21 39.30 -6.88
CA PRO JA 52 -34.56 38.29 -6.05
C PRO JA 52 -34.63 36.91 -6.68
N GLY JA 53 -33.55 36.16 -6.56
CA GLY JA 53 -33.49 34.87 -7.19
C GLY JA 53 -33.14 34.90 -8.66
N ARG JA 54 -32.69 36.03 -9.19
CA ARG JA 54 -32.41 36.15 -10.61
C ARG JA 54 -31.29 37.16 -10.81
N GLY JA 55 -30.36 36.84 -11.70
CA GLY JA 55 -29.24 37.73 -11.95
C GLY JA 55 -29.54 38.85 -12.92
N ALA JA 56 -30.46 38.64 -13.83
CA ALA JA 56 -30.83 39.68 -14.76
C ALA JA 56 -31.67 40.73 -14.04
N PRO JA 57 -31.37 42.01 -14.18
CA PRO JA 57 -32.29 43.04 -13.71
C PRO JA 57 -33.56 43.05 -14.53
N LEU JA 58 -34.59 43.66 -13.96
CA LEU JA 58 -35.89 43.74 -14.60
C LEU JA 58 -36.22 45.19 -14.91
N ALA JA 59 -36.87 45.43 -16.04
CA ALA JA 59 -37.27 46.76 -16.43
C ALA JA 59 -38.79 46.87 -16.37
N LYS JA 60 -39.28 47.86 -15.64
CA LYS JA 60 -40.71 48.17 -15.62
C LYS JA 60 -41.02 49.08 -16.80
N VAL JA 61 -41.69 48.57 -17.82
CA VAL JA 61 -42.10 49.38 -18.95
C VAL JA 61 -43.59 49.65 -18.85
N THR JA 62 -43.97 50.91 -18.99
CA THR JA 62 -45.36 51.31 -18.95
C THR JA 62 -45.83 51.64 -20.36
N PHE JA 63 -46.77 50.86 -20.86
CA PHE JA 63 -47.42 51.13 -22.12
C PHE JA 63 -48.76 51.79 -21.88
N ARG JA 64 -49.27 52.37 -22.94
CA ARG JA 64 -50.64 52.88 -22.98
C ARG JA 64 -51.53 51.84 -23.64
N HIS JA 65 -52.69 51.58 -23.04
CA HIS JA 65 -53.55 50.52 -23.54
C HIS JA 65 -54.01 50.82 -24.96
N PRO JA 66 -54.11 49.80 -25.83
CA PRO JA 66 -54.64 50.04 -27.17
C PRO JA 66 -56.06 50.56 -27.22
N PHE JA 67 -57.01 49.91 -26.52
CA PHE JA 67 -58.41 50.30 -26.66
C PHE JA 67 -59.13 50.60 -25.35
N ARG JA 68 -58.45 50.61 -24.22
CA ARG JA 68 -59.05 51.03 -22.97
C ARG JA 68 -58.34 52.26 -22.44
N TYR JA 69 -59.09 53.08 -21.71
CA TYR JA 69 -58.56 54.32 -21.13
C TYR JA 69 -57.89 53.99 -19.80
N LYS JA 70 -56.70 53.40 -19.87
CA LYS JA 70 -55.92 53.01 -18.71
C LYS JA 70 -54.49 52.67 -19.14
N HIS JA 71 -53.59 52.57 -18.15
CA HIS JA 71 -52.24 52.11 -18.42
C HIS JA 71 -52.17 50.60 -18.48
N GLN JA 72 -51.05 50.11 -19.01
CA GLN JA 72 -50.69 48.69 -19.03
C GLN JA 72 -49.24 48.58 -18.59
N LYS JA 73 -48.99 47.93 -17.46
CA LYS JA 73 -47.70 47.96 -16.79
C LYS JA 73 -47.01 46.61 -16.94
N GLU JA 74 -46.08 46.51 -17.88
CA GLU JA 74 -45.44 45.23 -18.14
C GLU JA 74 -44.08 45.17 -17.44
N LEU JA 75 -43.42 44.02 -17.55
CA LEU JA 75 -42.17 43.77 -16.84
C LEU JA 75 -41.26 42.94 -17.73
N PHE JA 76 -40.15 43.52 -18.17
CA PHE JA 76 -39.23 42.86 -19.10
C PHE JA 76 -37.97 42.42 -18.38
N VAL JA 77 -37.27 41.47 -19.00
CA VAL JA 77 -35.88 41.21 -18.67
C VAL JA 77 -35.04 42.27 -19.36
N ALA JA 78 -34.37 43.11 -18.58
CA ALA JA 78 -33.73 44.27 -19.15
C ALA JA 78 -32.54 43.86 -20.01
N ALA JA 79 -32.45 44.43 -21.20
CA ALA JA 79 -31.26 44.29 -22.02
C ALA JA 79 -30.22 45.28 -21.57
N GLU JA 80 -28.95 44.90 -21.71
CA GLU JA 80 -27.87 45.79 -21.31
C GLU JA 80 -27.92 47.06 -22.15
N GLY JA 81 -28.03 48.20 -21.46
CA GLY JA 81 -28.10 49.49 -22.10
C GLY JA 81 -29.36 50.27 -21.76
N MET JA 82 -30.45 49.55 -21.46
CA MET JA 82 -31.72 50.20 -21.15
C MET JA 82 -31.59 51.08 -19.92
N TYR JA 83 -32.37 52.15 -19.90
CA TYR JA 83 -32.30 53.11 -18.81
C TYR JA 83 -33.68 53.72 -18.61
N THR JA 84 -33.88 54.31 -17.43
CA THR JA 84 -35.17 54.90 -17.14
C THR JA 84 -35.38 56.13 -18.00
N GLY JA 85 -36.60 56.31 -18.46
CA GLY JA 85 -36.92 57.38 -19.37
C GLY JA 85 -36.76 57.02 -20.82
N GLN JA 86 -36.14 55.89 -21.13
CA GLN JA 86 -36.04 55.44 -22.50
C GLN JA 86 -37.42 55.10 -23.04
N PHE JA 87 -37.63 55.43 -24.31
CA PHE JA 87 -38.79 54.94 -25.04
C PHE JA 87 -38.41 53.67 -25.77
N VAL JA 88 -38.95 52.55 -25.33
CA VAL JA 88 -38.85 51.32 -26.09
C VAL JA 88 -40.05 51.20 -27.01
N TYR JA 89 -39.88 50.46 -28.09
CA TYR JA 89 -40.90 50.30 -29.11
C TYR JA 89 -41.08 48.81 -29.35
N CYS JA 90 -42.33 48.40 -29.47
CA CYS JA 90 -42.65 47.01 -29.69
C CYS JA 90 -43.46 46.90 -30.97
N GLY JA 91 -43.22 45.86 -31.74
CA GLY JA 91 -44.05 45.67 -32.89
C GLY JA 91 -43.29 45.18 -34.09
N ARG JA 92 -43.95 45.27 -35.23
CA ARG JA 92 -43.48 44.71 -36.49
C ARG JA 92 -42.68 45.72 -37.29
N ARG JA 93 -42.95 47.00 -37.09
CA ARG JA 93 -42.32 48.10 -37.81
C ARG JA 93 -41.35 48.85 -36.92
N ALA JA 94 -41.00 48.27 -35.78
CA ALA JA 94 -40.10 48.94 -34.86
C ALA JA 94 -38.68 48.94 -35.40
N THR JA 95 -37.94 50.00 -35.05
CA THR JA 95 -36.57 50.09 -35.47
C THR JA 95 -35.72 49.05 -34.78
N LEU JA 96 -34.55 48.79 -35.35
CA LEU JA 96 -33.63 47.78 -34.83
C LEU JA 96 -32.75 48.47 -33.79
N SER JA 97 -33.28 48.64 -32.60
CA SER JA 97 -32.55 49.29 -31.52
C SER JA 97 -32.55 48.39 -30.29
N VAL JA 98 -31.48 48.52 -29.49
CA VAL JA 98 -31.41 47.73 -28.27
C VAL JA 98 -32.58 48.08 -27.36
N GLY JA 99 -33.24 47.06 -26.84
CA GLY JA 99 -34.41 47.22 -26.01
C GLY JA 99 -35.71 47.14 -26.75
N ASN JA 100 -35.70 47.21 -28.08
CA ASN JA 100 -36.92 47.06 -28.86
C ASN JA 100 -37.26 45.59 -29.00
N VAL JA 101 -38.54 45.30 -29.16
CA VAL JA 101 -39.02 43.94 -29.38
C VAL JA 101 -39.57 43.87 -30.79
N LEU JA 102 -38.92 43.08 -31.63
CA LEU JA 102 -39.27 42.86 -33.02
C LEU JA 102 -39.41 41.38 -33.31
N PRO JA 103 -40.18 41.01 -34.32
CA PRO JA 103 -40.20 39.62 -34.75
C PRO JA 103 -38.94 39.30 -35.54
N LEU JA 104 -38.57 38.02 -35.54
CA LEU JA 104 -37.29 37.63 -36.12
C LEU JA 104 -37.22 37.88 -37.62
N ARG JA 105 -38.35 37.97 -38.31
CA ARG JA 105 -38.31 38.32 -39.72
C ARG JA 105 -37.79 39.73 -39.94
N SER JA 106 -37.71 40.54 -38.88
CA SER JA 106 -37.25 41.92 -38.95
C SER JA 106 -35.81 42.09 -38.46
N VAL JA 107 -35.07 41.01 -38.31
CA VAL JA 107 -33.74 41.05 -37.71
C VAL JA 107 -32.72 40.47 -38.70
N PRO JA 108 -31.72 41.23 -39.14
CA PRO JA 108 -30.69 40.69 -40.02
C PRO JA 108 -29.84 39.59 -39.39
N GLU JA 109 -29.28 38.74 -40.25
CA GLU JA 109 -28.42 37.65 -39.79
C GLU JA 109 -27.17 38.20 -39.14
N GLY JA 110 -26.80 37.61 -38.00
CA GLY JA 110 -25.75 38.15 -37.18
C GLY JA 110 -26.25 38.99 -36.02
N GLY JA 111 -27.51 39.38 -36.02
CA GLY JA 111 -28.03 40.18 -34.94
C GLY JA 111 -27.99 39.43 -33.62
N VAL JA 112 -27.90 40.18 -32.55
CA VAL JA 112 -27.94 39.65 -31.20
C VAL JA 112 -29.31 39.93 -30.60
N ILE JA 113 -29.89 38.92 -29.98
CA ILE JA 113 -31.29 38.94 -29.56
C ILE JA 113 -31.41 38.23 -28.22
N CYS JA 114 -32.45 38.61 -27.48
CA CYS JA 114 -32.69 37.99 -26.18
C CYS JA 114 -34.19 37.87 -25.97
N ASN JA 115 -34.55 36.99 -25.03
CA ASN JA 115 -35.94 36.75 -24.67
C ASN JA 115 -36.75 36.27 -25.87
N VAL JA 116 -36.15 35.42 -26.68
CA VAL JA 116 -36.74 35.01 -27.95
C VAL JA 116 -37.91 34.06 -27.69
N GLU JA 117 -39.01 34.28 -28.40
CA GLU JA 117 -40.09 33.34 -28.29
C GLU JA 117 -39.76 32.07 -29.06
N HIS JA 118 -40.53 31.02 -28.78
CA HIS JA 118 -40.41 29.74 -29.49
C HIS JA 118 -41.68 29.42 -30.26
N HIS JA 119 -42.81 29.49 -29.59
CA HIS JA 119 -44.10 29.61 -30.26
C HIS JA 119 -44.47 31.08 -30.30
N VAL JA 120 -45.17 31.47 -31.36
CA VAL JA 120 -45.52 32.87 -31.55
C VAL JA 120 -46.47 33.28 -30.42
N GLY JA 121 -45.99 34.13 -29.53
CA GLY JA 121 -46.79 34.55 -28.40
C GLY JA 121 -46.50 33.88 -27.07
N ASP JA 122 -45.44 33.07 -26.98
CA ASP JA 122 -45.11 32.47 -25.68
C ASP JA 122 -44.44 33.46 -24.74
N ARG JA 123 -44.11 34.66 -25.22
CA ARG JA 123 -43.66 35.79 -24.42
C ARG JA 123 -42.26 35.60 -23.83
N GLY JA 124 -41.44 34.74 -24.43
CA GLY JA 124 -40.04 34.65 -24.10
C GLY JA 124 -39.56 33.38 -23.43
N VAL JA 125 -38.70 32.61 -24.09
CA VAL JA 125 -38.19 31.39 -23.47
C VAL JA 125 -36.67 31.26 -23.56
N PHE JA 126 -36.05 31.90 -24.54
CA PHE JA 126 -34.63 31.72 -24.79
C PHE JA 126 -33.81 32.90 -24.31
N ALA JA 127 -32.54 32.64 -23.98
CA ALA JA 127 -31.55 33.66 -23.65
C ALA JA 127 -32.10 34.69 -22.66
N ARG JA 128 -32.43 34.20 -21.46
CA ARG JA 128 -33.00 35.05 -20.41
C ARG JA 128 -32.12 35.17 -19.18
N ALA JA 129 -31.06 34.39 -19.07
CA ALA JA 129 -30.19 34.60 -17.94
C ALA JA 129 -29.26 35.78 -18.23
N SER JA 130 -28.64 36.28 -17.17
CA SER JA 130 -27.79 37.47 -17.28
C SER JA 130 -26.69 37.26 -18.31
N GLY JA 131 -26.46 38.28 -19.13
CA GLY JA 131 -25.41 38.26 -20.12
C GLY JA 131 -25.52 37.17 -21.16
N ASP JA 132 -26.73 36.81 -21.55
CA ASP JA 132 -26.95 35.76 -22.53
C ASP JA 132 -27.68 36.33 -23.74
N TYR JA 133 -27.43 35.74 -24.90
CA TYR JA 133 -28.02 36.25 -26.12
C TYR JA 133 -28.12 35.09 -27.11
N ALA JA 134 -28.91 35.30 -28.15
CA ALA JA 134 -28.93 34.42 -29.29
C ALA JA 134 -28.52 35.21 -30.52
N ILE JA 135 -28.16 34.48 -31.58
CA ILE JA 135 -27.71 35.08 -32.84
C ILE JA 135 -28.59 34.56 -33.94
N VAL JA 136 -29.06 35.44 -34.80
CA VAL JA 136 -29.84 35.04 -35.96
C VAL JA 136 -28.87 34.56 -37.03
N ILE JA 137 -29.03 33.32 -37.45
CA ILE JA 137 -28.12 32.75 -38.45
C ILE JA 137 -28.66 32.90 -39.85
N SER JA 138 -29.91 32.50 -40.08
CA SER JA 138 -30.43 32.53 -41.43
C SER JA 138 -31.94 32.69 -41.40
N HIS JA 139 -32.48 33.10 -42.54
CA HIS JA 139 -33.91 33.14 -42.78
C HIS JA 139 -34.24 32.20 -43.93
N ASN JA 140 -35.43 31.60 -43.88
CA ASN JA 140 -35.93 30.78 -44.97
C ASN JA 140 -37.32 31.32 -45.29
N PRO JA 141 -37.44 32.14 -46.33
CA PRO JA 141 -38.71 32.84 -46.58
C PRO JA 141 -39.81 31.98 -47.19
N ASP JA 142 -39.52 30.75 -47.62
CA ASP JA 142 -40.53 29.84 -48.13
C ASP JA 142 -41.13 28.95 -47.04
N ASN JA 143 -40.83 29.24 -45.79
CA ASN JA 143 -41.38 28.52 -44.65
C ASN JA 143 -41.91 29.43 -43.58
N GLY JA 144 -41.49 30.69 -43.54
CA GLY JA 144 -41.74 31.53 -42.39
C GLY JA 144 -40.98 31.11 -41.14
N THR JA 145 -39.75 30.61 -41.29
CA THR JA 145 -38.94 30.15 -40.17
C THR JA 145 -37.53 30.68 -40.26
N SER JA 146 -36.85 30.71 -39.12
CA SER JA 146 -35.50 31.22 -39.00
C SER JA 146 -34.68 30.29 -38.12
N ARG JA 147 -33.38 30.27 -38.35
CA ARG JA 147 -32.45 29.50 -37.54
C ARG JA 147 -31.65 30.44 -36.65
N ILE JA 148 -31.69 30.19 -35.35
CA ILE JA 148 -30.93 30.96 -34.38
C ILE JA 148 -30.01 30.00 -33.63
N LYS JA 149 -28.92 30.55 -33.11
CA LYS JA 149 -28.03 29.84 -32.21
C LYS JA 149 -28.34 30.23 -30.78
N LEU JA 150 -28.59 29.25 -29.94
CA LEU JA 150 -28.91 29.47 -28.54
C LEU JA 150 -27.64 29.59 -27.71
N PRO JA 151 -27.75 30.05 -26.47
CA PRO JA 151 -26.56 30.10 -25.59
C PRO JA 151 -25.82 28.77 -25.48
N SER JA 152 -26.52 27.65 -25.53
CA SER JA 152 -25.84 26.37 -25.44
C SER JA 152 -25.04 26.03 -26.70
N GLY JA 153 -25.25 26.75 -27.79
CA GLY JA 153 -24.62 26.43 -29.06
C GLY JA 153 -25.53 25.72 -30.03
N ALA JA 154 -26.67 25.24 -29.59
CA ALA JA 154 -27.58 24.52 -30.47
C ALA JA 154 -28.27 25.47 -31.43
N LYS JA 155 -28.66 24.95 -32.59
CA LYS JA 155 -29.26 25.75 -33.65
C LYS JA 155 -30.73 25.35 -33.79
N LYS JA 156 -31.62 26.23 -33.37
CA LYS JA 156 -33.05 25.95 -33.37
C LYS JA 156 -33.75 26.69 -34.49
N ILE JA 157 -34.60 25.97 -35.20
CA ILE JA 157 -35.49 26.58 -36.18
C ILE JA 157 -36.75 27.06 -35.47
N VAL JA 158 -37.02 28.36 -35.57
CA VAL JA 158 -38.18 28.95 -34.93
C VAL JA 158 -38.93 29.77 -35.97
N PRO JA 159 -40.23 29.96 -35.76
CA PRO JA 159 -41.01 30.80 -36.69
C PRO JA 159 -40.42 32.18 -36.94
N SER JA 160 -40.81 32.81 -38.04
CA SER JA 160 -40.38 34.16 -38.35
C SER JA 160 -41.22 35.22 -37.64
N SER JA 161 -42.20 34.81 -36.85
CA SER JA 161 -42.96 35.76 -36.06
C SER JA 161 -42.56 35.76 -34.60
N CYS JA 162 -41.74 34.81 -34.16
CA CYS JA 162 -41.25 34.84 -32.79
C CYS JA 162 -40.60 36.18 -32.50
N ARG JA 163 -40.99 36.76 -31.38
CA ARG JA 163 -40.50 38.08 -31.00
C ARG JA 163 -39.23 37.92 -30.18
N ALA JA 164 -38.38 38.94 -30.24
CA ALA JA 164 -37.17 38.96 -29.46
C ALA JA 164 -36.80 40.40 -29.16
N MET JA 165 -36.01 40.58 -28.12
CA MET JA 165 -35.52 41.89 -27.74
C MET JA 165 -34.10 42.03 -28.23
N ILE JA 166 -33.78 43.16 -28.81
CA ILE JA 166 -32.48 43.37 -29.42
C ILE JA 166 -31.44 43.61 -28.33
N GLY JA 167 -30.28 42.98 -28.49
CA GLY JA 167 -29.19 43.19 -27.57
C GLY JA 167 -28.84 41.94 -26.79
N GLN JA 168 -28.42 42.11 -25.56
CA GLN JA 168 -28.20 40.98 -24.68
C GLN JA 168 -28.80 41.32 -23.33
N VAL JA 169 -29.08 40.28 -22.55
CA VAL JA 169 -29.59 40.47 -21.20
C VAL JA 169 -28.51 41.12 -20.33
N ALA JA 170 -28.91 42.10 -19.52
CA ALA JA 170 -27.96 42.84 -18.71
C ALA JA 170 -27.45 41.98 -17.56
N GLY JA 171 -26.57 42.57 -16.76
CA GLY JA 171 -26.02 41.88 -15.61
C GLY JA 171 -25.00 40.82 -15.94
N GLY JA 172 -24.42 40.86 -17.12
CA GLY JA 172 -23.48 39.83 -17.52
C GLY JA 172 -22.16 39.89 -16.75
N GLY JA 173 -21.46 38.77 -16.77
CA GLY JA 173 -20.21 38.63 -16.06
C GLY JA 173 -20.32 38.21 -14.62
N ARG JA 174 -21.53 37.90 -14.16
CA ARG JA 174 -21.77 37.69 -12.73
C ARG JA 174 -21.01 36.48 -12.18
N THR JA 175 -20.96 35.39 -12.94
CA THR JA 175 -20.41 34.15 -12.44
C THR JA 175 -18.90 34.07 -12.53
N GLU JA 176 -18.23 35.13 -12.98
CA GLU JA 176 -16.79 35.14 -13.00
C GLU JA 176 -16.19 35.47 -11.63
N LYS JA 177 -16.99 35.99 -10.72
CA LYS JA 177 -16.48 36.38 -9.41
C LYS JA 177 -16.48 35.18 -8.47
N PRO JA 178 -15.36 34.86 -7.84
CA PRO JA 178 -15.38 33.81 -6.82
C PRO JA 178 -16.27 34.19 -5.65
N MET JA 179 -16.84 33.19 -5.01
CA MET JA 179 -17.73 33.42 -3.89
C MET JA 179 -16.98 33.40 -2.56
N LEU JA 180 -15.93 32.60 -2.45
CA LEU JA 180 -14.97 32.59 -1.35
C LEU JA 180 -15.51 32.06 -0.04
N LYS JA 181 -16.83 31.93 0.10
CA LYS JA 181 -17.39 31.69 1.41
C LYS JA 181 -18.61 30.80 1.31
N ALA JA 182 -18.72 29.88 2.27
CA ALA JA 182 -19.96 29.15 2.45
C ALA JA 182 -21.11 30.11 2.68
N GLY JA 183 -20.85 31.21 3.38
CA GLY JA 183 -21.91 32.16 3.67
C GLY JA 183 -22.50 32.80 2.43
N ASN JA 184 -21.65 33.13 1.46
CA ASN JA 184 -22.15 33.76 0.24
C ASN JA 184 -22.99 32.79 -0.58
N ALA JA 185 -22.62 31.51 -0.63
CA ALA JA 185 -23.47 30.52 -1.25
C ALA JA 185 -24.79 30.38 -0.50
N TYR JA 186 -24.75 30.54 0.82
CA TYR JA 186 -25.95 30.42 1.63
C TYR JA 186 -26.97 31.50 1.28
N HIS JA 187 -26.52 32.75 1.11
CA HIS JA 187 -27.47 33.82 0.80
C HIS JA 187 -27.97 33.73 -0.63
N LYS JA 188 -27.16 33.19 -1.54
CA LYS JA 188 -27.60 33.01 -2.91
C LYS JA 188 -28.77 32.04 -2.99
N TYR JA 189 -28.69 30.94 -2.26
CA TYR JA 189 -29.73 29.92 -2.34
C TYR JA 189 -30.91 30.18 -1.43
N ARG JA 190 -30.75 31.04 -0.42
CA ARG JA 190 -31.88 31.36 0.44
C ARG JA 190 -33.03 31.95 -0.34
N VAL JA 191 -32.73 32.62 -1.45
CA VAL JA 191 -33.75 33.28 -2.25
C VAL JA 191 -34.05 32.50 -3.52
N LYS JA 192 -33.53 31.29 -3.67
CA LYS JA 192 -33.82 30.46 -4.82
C LYS JA 192 -34.59 29.20 -4.46
N ARG JA 193 -34.01 28.30 -3.67
CA ARG JA 193 -34.62 27.02 -3.34
C ARG JA 193 -33.68 26.24 -2.44
N ASN JA 194 -34.23 25.26 -1.73
CA ASN JA 194 -33.51 24.50 -0.71
C ASN JA 194 -32.71 23.38 -1.36
N SER JA 195 -31.56 23.76 -1.93
CA SER JA 195 -30.70 22.78 -2.59
C SER JA 195 -29.27 22.86 -2.10
N TRP JA 196 -29.04 23.48 -0.95
CA TRP JA 196 -27.69 23.75 -0.53
C TRP JA 196 -27.64 23.70 0.99
N PRO JA 197 -26.62 23.08 1.59
CA PRO JA 197 -25.49 22.39 0.98
C PRO JA 197 -25.85 21.01 0.48
N LYS JA 198 -24.87 20.27 -0.03
CA LYS JA 198 -25.07 18.93 -0.56
C LYS JA 198 -24.15 17.95 0.13
N VAL JA 199 -24.72 16.88 0.66
CA VAL JA 199 -23.93 15.81 1.24
C VAL JA 199 -23.61 14.80 0.14
N ARG JA 200 -22.36 14.43 0.02
CA ARG JA 200 -21.97 13.43 -0.96
C ARG JA 200 -22.57 12.08 -0.62
N GLY JA 201 -23.11 11.42 -1.66
CA GLY JA 201 -23.73 10.12 -1.46
C GLY JA 201 -22.79 9.10 -0.87
N VAL JA 202 -21.51 9.16 -1.21
CA VAL JA 202 -20.52 8.25 -0.66
C VAL JA 202 -20.39 8.41 0.85
N ALA JA 203 -20.77 9.56 1.39
CA ALA JA 203 -20.74 9.80 2.82
C ALA JA 203 -22.03 9.40 3.53
N MET JA 204 -22.99 8.81 2.82
CA MET JA 204 -24.25 8.39 3.40
C MET JA 204 -24.19 6.92 3.76
N ASN JA 205 -25.24 6.43 4.38
CA ASN JA 205 -25.34 5.01 4.63
C ASN JA 205 -26.01 4.32 3.45
N PRO JA 206 -25.81 3.00 3.31
CA PRO JA 206 -26.40 2.31 2.15
C PRO JA 206 -27.90 2.43 2.07
N VAL JA 207 -28.57 2.63 3.21
CA VAL JA 207 -30.04 2.66 3.19
C VAL JA 207 -30.56 3.87 2.44
N GLU JA 208 -29.80 4.95 2.34
CA GLU JA 208 -30.32 6.16 1.70
C GLU JA 208 -29.59 6.59 0.43
N HIS JA 209 -28.68 5.77 -0.10
CA HIS JA 209 -28.05 6.18 -1.36
C HIS JA 209 -27.30 5.01 -1.95
N PRO JA 210 -27.34 4.82 -3.27
CA PRO JA 210 -26.59 3.72 -3.88
C PRO JA 210 -25.11 3.76 -3.61
N HIS JA 211 -24.52 4.95 -3.49
CA HIS JA 211 -23.11 5.08 -3.23
C HIS JA 211 -22.74 4.87 -1.76
N GLY JA 212 -23.71 4.80 -0.86
CA GLY JA 212 -23.41 4.80 0.55
C GLY JA 212 -22.79 3.51 1.03
N GLY JA 213 -22.10 3.62 2.17
CA GLY JA 213 -21.59 2.46 2.88
C GLY JA 213 -20.19 2.07 2.47
N GLY JA 214 -19.67 1.08 3.17
CA GLY JA 214 -18.34 0.58 2.92
C GLY JA 214 -17.35 1.03 3.97
N ASN JA 215 -16.30 0.23 4.16
CA ASN JA 215 -15.30 0.59 5.14
C ASN JA 215 -14.39 1.72 4.67
N HIS JA 216 -14.29 1.95 3.36
CA HIS JA 216 -13.75 3.19 2.82
C HIS JA 216 -14.83 3.85 1.98
N GLN JA 217 -14.78 5.18 1.91
CA GLN JA 217 -15.71 5.89 1.04
C GLN JA 217 -15.32 5.69 -0.41
N HIS JA 218 -16.13 4.94 -1.15
CA HIS JA 218 -15.92 4.72 -2.56
C HIS JA 218 -17.26 4.32 -3.15
N ILE JA 219 -17.36 4.37 -4.48
CA ILE JA 219 -18.63 4.04 -5.11
C ILE JA 219 -18.81 2.53 -5.22
N GLY JA 220 -17.79 1.82 -5.68
CA GLY JA 220 -17.84 0.38 -5.78
C GLY JA 220 -18.51 -0.16 -7.03
N HIS JA 221 -19.20 0.68 -7.78
CA HIS JA 221 -19.77 0.31 -9.06
C HIS JA 221 -19.60 1.49 -9.99
N ALA JA 222 -19.76 1.26 -11.29
CA ALA JA 222 -19.63 2.34 -12.25
C ALA JA 222 -20.61 3.45 -11.90
N SER JA 223 -20.12 4.68 -11.90
CA SER JA 223 -20.97 5.81 -11.55
C SER JA 223 -21.86 6.27 -12.69
N THR JA 224 -21.63 5.76 -13.90
CA THR JA 224 -22.51 6.05 -15.03
C THR JA 224 -23.66 5.07 -15.01
N VAL JA 225 -24.88 5.59 -14.97
CA VAL JA 225 -26.07 4.76 -14.90
C VAL JA 225 -26.86 4.94 -16.18
N ARG JA 226 -27.60 3.91 -16.58
CA ARG JA 226 -28.26 3.96 -17.86
C ARG JA 226 -29.46 4.89 -17.82
N ARG JA 227 -29.89 5.31 -19.00
CA ARG JA 227 -31.00 6.25 -19.10
C ARG JA 227 -32.28 5.67 -18.52
N ASP JA 228 -32.53 4.39 -18.75
CA ASP JA 228 -33.79 3.77 -18.34
C ASP JA 228 -33.74 3.21 -16.92
N ALA JA 229 -32.85 3.71 -16.07
CA ALA JA 229 -32.79 3.22 -14.71
C ALA JA 229 -33.97 3.73 -13.89
N PRO JA 230 -34.50 2.92 -12.98
CA PRO JA 230 -35.60 3.36 -12.15
C PRO JA 230 -35.22 4.56 -11.31
N PRO JA 231 -36.19 5.41 -10.98
CA PRO JA 231 -35.93 6.45 -9.99
C PRO JA 231 -35.52 5.84 -8.67
N GLY JA 232 -34.61 6.49 -7.97
CA GLY JA 232 -33.95 5.90 -6.83
C GLY JA 232 -32.73 5.10 -7.19
N GLN JA 233 -32.56 4.77 -8.46
CA GLN JA 233 -31.38 4.11 -8.95
C GLN JA 233 -30.55 5.00 -9.85
N LYS JA 234 -31.16 6.01 -10.45
CA LYS JA 234 -30.49 6.90 -11.40
C LYS JA 234 -29.82 8.04 -10.66
N VAL JA 235 -28.66 7.74 -10.07
CA VAL JA 235 -27.84 8.75 -9.41
C VAL JA 235 -26.42 8.60 -9.92
N GLY JA 236 -25.75 9.73 -10.08
CA GLY JA 236 -24.41 9.70 -10.64
C GLY JA 236 -24.37 10.44 -11.96
N LEU JA 237 -23.83 9.81 -12.98
CA LEU JA 237 -23.71 10.41 -14.31
C LEU JA 237 -24.72 9.72 -15.21
N ILE JA 238 -25.86 10.38 -15.40
CA ILE JA 238 -27.00 9.77 -16.08
C ILE JA 238 -26.75 9.69 -17.57
N ALA JA 239 -26.85 8.48 -18.13
CA ALA JA 239 -26.81 8.24 -19.57
C ALA JA 239 -25.61 8.91 -20.21
N ALA JA 240 -24.50 8.91 -19.49
CA ALA JA 240 -23.33 9.65 -19.92
C ALA JA 240 -22.74 9.02 -21.17
N ARG JA 241 -22.40 9.86 -22.15
CA ARG JA 241 -21.77 9.35 -23.36
C ARG JA 241 -20.28 9.15 -23.20
N ARG JA 242 -19.66 9.90 -22.29
CA ARG JA 242 -18.23 9.81 -22.04
C ARG JA 242 -17.99 10.40 -20.67
N THR JA 243 -16.84 10.11 -20.09
CA THR JA 243 -16.44 10.73 -18.85
C THR JA 243 -15.02 11.24 -18.98
N GLY JA 244 -14.46 11.74 -17.89
CA GLY JA 244 -13.07 12.17 -17.88
C GLY JA 244 -12.90 13.59 -18.35
N ARG JA 245 -11.66 14.04 -18.33
CA ARG JA 245 -11.38 15.44 -18.60
C ARG JA 245 -11.55 15.71 -20.10
N LEU JA 246 -12.13 16.85 -20.43
CA LEU JA 246 -12.39 17.16 -21.83
C LEU JA 246 -11.15 17.73 -22.52
N ARG JA 247 -10.77 17.10 -23.63
CA ARG JA 247 -9.58 17.45 -24.40
C ARG JA 247 -9.87 17.42 -25.89
N GLY JA 248 -9.26 18.35 -26.61
CA GLY JA 248 -9.25 18.27 -28.07
C GLY JA 248 -10.62 18.49 -28.68
N GLN JA 249 -11.04 17.55 -29.52
CA GLN JA 249 -12.28 17.72 -30.27
C GLN JA 249 -13.50 17.71 -29.35
N ALA JA 250 -13.52 16.81 -28.37
CA ALA JA 250 -14.70 16.70 -27.50
C ALA JA 250 -14.87 17.90 -26.60
N ALA JA 251 -13.83 18.71 -26.43
CA ALA JA 251 -13.98 19.97 -25.70
C ALA JA 251 -14.53 21.07 -26.59
N ALA JA 252 -14.50 20.88 -27.90
CA ALA JA 252 -14.92 21.90 -28.84
C ALA JA 252 -16.44 22.06 -28.79
N GLN KA 7 23.54 -100.75 -24.73
CA GLN KA 7 23.17 -101.97 -25.44
C GLN KA 7 22.73 -101.62 -26.85
N LEU KA 8 22.90 -102.55 -27.79
CA LEU KA 8 22.66 -102.28 -29.20
C LEU KA 8 21.33 -102.89 -29.67
N ASN KA 9 20.25 -102.38 -29.09
CA ASN KA 9 18.90 -102.77 -29.51
C ASN KA 9 18.50 -101.98 -30.76
N PRO KA 10 17.83 -102.63 -31.72
CA PRO KA 10 17.53 -101.94 -32.99
C PRO KA 10 16.52 -100.82 -32.88
N MET KA 11 15.70 -100.78 -31.83
CA MET KA 11 14.80 -99.64 -31.67
C MET KA 11 15.54 -98.36 -31.36
N ARG KA 12 16.83 -98.43 -31.04
CA ARG KA 12 17.60 -97.30 -30.56
C ARG KA 12 18.27 -96.52 -31.68
N GLU KA 13 17.99 -96.82 -32.94
CA GLU KA 13 18.68 -96.16 -34.03
C GLU KA 13 18.27 -94.69 -34.10
N ILE KA 14 19.26 -93.80 -34.15
CA ILE KA 14 19.01 -92.37 -34.11
C ILE KA 14 18.56 -91.89 -35.48
N LYS KA 15 17.57 -90.99 -35.47
CA LYS KA 15 17.00 -90.52 -36.72
C LYS KA 15 16.48 -89.10 -36.53
N VAL KA 16 16.57 -88.31 -37.60
CA VAL KA 16 16.09 -86.94 -37.57
C VAL KA 16 14.56 -86.93 -37.54
N GLN KA 17 13.98 -86.19 -36.59
CA GLN KA 17 12.54 -86.06 -36.68
C GLN KA 17 12.14 -84.88 -37.53
N LYS KA 18 12.87 -83.77 -37.46
CA LYS KA 18 12.56 -82.63 -38.29
C LYS KA 18 13.82 -81.81 -38.53
N LEU KA 19 13.80 -81.05 -39.61
CA LEU KA 19 14.76 -79.99 -39.87
C LEU KA 19 13.99 -78.69 -39.99
N VAL KA 20 14.39 -77.69 -39.21
CA VAL KA 20 13.74 -76.39 -39.19
C VAL KA 20 14.67 -75.36 -39.82
N LEU KA 21 14.15 -74.59 -40.76
CA LEU KA 21 14.88 -73.50 -41.40
C LEU KA 21 14.30 -72.18 -40.94
N ASN KA 22 15.13 -71.32 -40.39
CA ASN KA 22 14.68 -70.03 -39.87
C ASN KA 22 15.37 -68.91 -40.61
N ILE KA 23 14.60 -67.89 -40.98
CA ILE KA 23 15.14 -66.67 -41.57
C ILE KA 23 14.49 -65.51 -40.83
N SER KA 24 15.29 -64.76 -40.08
CA SER KA 24 14.80 -63.56 -39.42
C SER KA 24 15.26 -62.33 -40.20
N VAL KA 25 14.36 -61.39 -40.38
CA VAL KA 25 14.64 -60.21 -41.18
C VAL KA 25 14.50 -58.94 -40.34
N GLY KA 26 13.31 -58.72 -39.81
CA GLY KA 26 13.02 -57.52 -39.07
C GLY KA 26 12.28 -56.46 -39.86
N GLU KA 27 11.47 -56.85 -40.83
CA GLU KA 27 10.74 -55.91 -41.67
C GLU KA 27 9.40 -56.53 -42.03
N SER KA 28 8.74 -55.97 -43.03
CA SER KA 28 7.57 -56.60 -43.63
C SER KA 28 7.51 -56.15 -45.09
N GLY KA 29 6.36 -56.36 -45.72
CA GLY KA 29 6.19 -55.88 -47.07
C GLY KA 29 6.74 -56.80 -48.12
N ASP KA 30 7.91 -56.44 -48.67
CA ASP KA 30 8.53 -57.19 -49.75
C ASP KA 30 9.81 -57.90 -49.34
N ARG KA 31 10.58 -57.32 -48.41
CA ARG KA 31 11.80 -57.98 -47.97
C ARG KA 31 11.50 -59.34 -47.35
N LEU KA 32 10.55 -59.38 -46.41
CA LEU KA 32 10.18 -60.65 -45.79
C LEU KA 32 9.38 -61.53 -46.74
N THR KA 33 8.60 -60.94 -47.64
CA THR KA 33 7.85 -61.74 -48.59
C THR KA 33 8.76 -62.54 -49.51
N ARG KA 34 9.86 -61.93 -49.95
CA ARG KA 34 10.79 -62.66 -50.80
C ARG KA 34 11.62 -63.67 -50.01
N ALA KA 35 11.85 -63.41 -48.72
CA ALA KA 35 12.41 -64.44 -47.86
C ALA KA 35 11.48 -65.64 -47.75
N ALA KA 36 10.17 -65.40 -47.82
CA ALA KA 36 9.22 -66.51 -47.83
C ALA KA 36 9.41 -67.38 -49.06
N LYS KA 37 9.62 -66.76 -50.22
CA LYS KA 37 9.70 -67.54 -51.45
C LYS KA 37 10.97 -68.40 -51.49
N VAL KA 38 12.10 -67.84 -51.06
CA VAL KA 38 13.31 -68.65 -51.04
C VAL KA 38 13.15 -69.80 -50.06
N LEU KA 39 12.44 -69.56 -48.96
CA LEU KA 39 12.25 -70.62 -47.97
C LEU KA 39 11.24 -71.64 -48.47
N GLU KA 40 10.20 -71.17 -49.15
CA GLU KA 40 9.22 -72.08 -49.75
C GLU KA 40 9.87 -72.93 -50.84
N GLN KA 41 10.57 -72.30 -51.77
CA GLN KA 41 11.20 -73.02 -52.87
C GLN KA 41 12.30 -73.96 -52.39
N LEU KA 42 12.86 -73.70 -51.22
CA LEU KA 42 13.83 -74.60 -50.64
C LEU KA 42 13.16 -75.79 -49.96
N SER KA 43 12.01 -75.54 -49.34
CA SER KA 43 11.26 -76.54 -48.59
C SER KA 43 10.35 -77.38 -49.47
N GLY KA 44 9.61 -76.73 -50.36
CA GLY KA 44 8.56 -77.40 -51.09
C GLY KA 44 7.21 -77.33 -50.44
N GLN KA 45 7.03 -76.44 -49.46
CA GLN KA 45 5.80 -76.36 -48.68
C GLN KA 45 5.63 -74.93 -48.17
N SER KA 46 4.38 -74.53 -47.98
CA SER KA 46 4.05 -73.13 -47.70
C SER KA 46 4.58 -72.70 -46.34
N PRO KA 47 5.42 -71.66 -46.27
CA PRO KA 47 6.05 -71.32 -44.99
C PRO KA 47 5.09 -70.62 -44.04
N VAL KA 48 5.59 -70.30 -42.85
CA VAL KA 48 4.81 -69.60 -41.83
C VAL KA 48 5.62 -68.42 -41.32
N PHE KA 49 4.92 -67.31 -41.08
CA PHE KA 49 5.52 -66.08 -40.61
C PHE KA 49 5.50 -66.02 -39.09
N SER KA 50 6.39 -65.22 -38.53
CA SER KA 50 6.59 -65.17 -37.09
C SER KA 50 6.55 -63.71 -36.64
N LYS KA 51 5.43 -63.31 -36.04
CA LYS KA 51 5.25 -61.94 -35.60
C LYS KA 51 6.04 -61.66 -34.34
N ALA KA 52 6.45 -60.40 -34.18
CA ALA KA 52 7.41 -60.01 -33.17
C ALA KA 52 6.77 -59.85 -31.80
N ARG KA 53 7.59 -59.46 -30.83
CA ARG KA 53 7.15 -59.22 -29.47
C ARG KA 53 8.15 -58.31 -28.78
N TYR KA 54 7.65 -57.50 -27.84
CA TYR KA 54 8.34 -56.54 -26.99
C TYR KA 54 8.70 -55.22 -27.66
N THR KA 55 8.55 -55.05 -28.97
CA THR KA 55 8.76 -53.76 -29.63
C THR KA 55 10.07 -53.11 -29.19
N VAL KA 56 11.17 -53.73 -29.63
CA VAL KA 56 12.51 -53.23 -29.30
C VAL KA 56 12.88 -52.22 -30.37
N ARG KA 57 12.86 -50.92 -30.00
CA ARG KA 57 12.98 -49.87 -30.99
C ARG KA 57 14.38 -49.79 -31.59
N SER KA 58 15.39 -50.33 -30.89
CA SER KA 58 16.74 -50.33 -31.44
C SER KA 58 16.82 -51.15 -32.72
N PHE KA 59 16.03 -52.21 -32.83
CA PHE KA 59 15.88 -52.94 -34.08
C PHE KA 59 14.69 -52.46 -34.91
N GLY KA 60 13.96 -51.47 -34.43
CA GLY KA 60 12.87 -50.91 -35.22
C GLY KA 60 11.76 -51.90 -35.52
N ILE KA 61 11.33 -52.66 -34.52
CA ILE KA 61 10.26 -53.64 -34.68
C ILE KA 61 9.16 -53.28 -33.68
N ARG KA 62 7.91 -53.32 -34.13
CA ARG KA 62 6.76 -53.08 -33.28
C ARG KA 62 6.24 -54.41 -32.73
N ARG KA 63 5.13 -54.36 -32.02
CA ARG KA 63 4.50 -55.55 -31.49
C ARG KA 63 3.52 -56.09 -32.50
N ASN KA 64 3.44 -57.41 -32.62
CA ASN KA 64 2.51 -58.12 -33.49
C ASN KA 64 2.79 -57.90 -34.97
N GLU KA 65 3.97 -57.41 -35.33
CA GLU KA 65 4.35 -57.26 -36.73
C GLU KA 65 5.32 -58.35 -37.13
N LYS KA 66 5.00 -59.04 -38.23
CA LYS KA 66 5.78 -60.19 -38.65
C LYS KA 66 7.19 -59.77 -39.08
N ILE KA 67 8.19 -60.49 -38.59
CA ILE KA 67 9.58 -60.15 -38.89
C ILE KA 67 10.40 -61.34 -39.38
N ALA KA 68 9.98 -62.58 -39.10
CA ALA KA 68 10.74 -63.76 -39.46
C ALA KA 68 9.88 -64.69 -40.28
N CYS KA 69 10.49 -65.78 -40.72
CA CYS KA 69 9.82 -66.76 -41.57
C CYS KA 69 10.58 -68.07 -41.38
N TYR KA 70 9.88 -69.14 -41.00
CA TYR KA 70 10.54 -70.39 -40.75
C TYR KA 70 9.71 -71.51 -41.33
N VAL KA 71 10.32 -72.69 -41.45
CA VAL KA 71 9.60 -73.87 -41.92
C VAL KA 71 10.26 -75.09 -41.31
N THR KA 72 9.47 -76.13 -41.12
CA THR KA 72 9.89 -77.35 -40.41
C THR KA 72 9.69 -78.52 -41.36
N ILE KA 73 10.74 -78.96 -41.95
CA ILE KA 73 10.67 -80.03 -42.93
C ILE KA 73 11.05 -81.33 -42.26
N ARG KA 74 10.42 -82.41 -42.68
CA ARG KA 74 10.83 -83.75 -42.30
C ARG KA 74 10.47 -84.70 -43.42
N GLY KA 75 11.10 -85.87 -43.41
CA GLY KA 75 11.01 -86.80 -44.49
C GLY KA 75 12.27 -86.81 -45.33
N GLU KA 76 12.13 -87.30 -46.56
CA GLU KA 76 13.31 -87.36 -47.41
C GLU KA 76 13.77 -85.96 -47.85
N LYS KA 77 12.85 -85.01 -47.96
CA LYS KA 77 13.28 -83.64 -48.23
C LYS KA 77 14.24 -83.14 -47.17
N ALA KA 78 14.04 -83.56 -45.92
CA ALA KA 78 14.92 -83.11 -44.84
C ALA KA 78 16.34 -83.64 -45.00
N MET KA 79 16.48 -84.94 -45.31
CA MET KA 79 17.82 -85.50 -45.43
C MET KA 79 18.55 -84.94 -46.64
N GLN KA 80 17.87 -84.85 -47.78
CA GLN KA 80 18.45 -84.25 -48.97
C GLN KA 80 18.87 -82.81 -48.69
N LEU KA 81 17.99 -82.05 -48.05
CA LEU KA 81 18.26 -80.64 -47.79
C LEU KA 81 19.30 -80.46 -46.70
N LEU KA 82 19.32 -81.33 -45.70
CA LEU KA 82 20.30 -81.20 -44.63
C LEU KA 82 21.72 -81.36 -45.14
N GLU KA 83 21.98 -82.41 -45.92
CA GLU KA 83 23.36 -82.69 -46.32
C GLU KA 83 23.88 -81.63 -47.29
N SER KA 84 22.99 -81.00 -48.05
CA SER KA 84 23.42 -79.88 -48.88
C SER KA 84 23.89 -78.73 -48.02
N GLY KA 85 23.18 -78.44 -46.93
CA GLY KA 85 23.66 -77.45 -45.99
C GLY KA 85 25.01 -77.81 -45.40
N LEU KA 86 25.23 -79.09 -45.12
CA LEU KA 86 26.48 -79.51 -44.52
C LEU KA 86 27.64 -79.56 -45.52
N LYS KA 87 27.35 -79.79 -46.80
CA LYS KA 87 28.41 -79.63 -47.80
C LYS KA 87 28.93 -78.21 -47.81
N VAL KA 88 28.03 -77.23 -47.65
CA VAL KA 88 28.44 -75.83 -47.60
C VAL KA 88 29.40 -75.60 -46.45
N LYS KA 89 29.07 -76.11 -45.29
CA LYS KA 89 29.92 -76.05 -44.12
C LYS KA 89 31.10 -76.98 -44.22
N GLU KA 90 31.29 -77.66 -45.36
CA GLU KA 90 32.36 -78.63 -45.55
C GLU KA 90 32.26 -79.77 -44.55
N TYR KA 91 31.03 -80.11 -44.18
CA TYR KA 91 30.72 -81.23 -43.30
C TYR KA 91 31.48 -81.20 -41.97
N GLU KA 92 31.67 -80.01 -41.39
CA GLU KA 92 32.11 -79.92 -40.01
C GLU KA 92 31.49 -78.74 -39.27
N LEU KA 93 31.55 -78.85 -37.94
CA LEU KA 93 30.79 -78.01 -37.04
C LEU KA 93 31.69 -77.62 -35.87
N LEU KA 94 31.22 -76.64 -35.09
CA LEU KA 94 32.05 -76.00 -34.08
C LEU KA 94 32.17 -76.80 -32.80
N ARG KA 95 31.35 -77.85 -32.64
CA ARG KA 95 31.32 -78.78 -31.50
C ARG KA 95 30.73 -78.12 -30.27
N ARG KA 96 30.55 -76.82 -30.32
CA ARG KA 96 29.71 -76.08 -29.39
C ARG KA 96 28.32 -75.90 -29.99
N ASN KA 97 28.15 -76.30 -31.24
CA ASN KA 97 26.90 -76.23 -31.97
C ASN KA 97 25.85 -77.20 -31.45
N PHE KA 98 26.22 -78.13 -30.58
CA PHE KA 98 25.34 -79.22 -30.18
C PHE KA 98 24.64 -78.85 -28.90
N SER KA 99 23.31 -78.95 -28.89
CA SER KA 99 22.58 -78.64 -27.66
C SER KA 99 22.93 -79.66 -26.59
N ASP KA 100 22.78 -79.25 -25.34
CA ASP KA 100 22.97 -80.18 -24.24
C ASP KA 100 21.99 -81.34 -24.32
N THR KA 101 20.73 -81.07 -24.64
CA THR KA 101 19.78 -82.17 -24.73
C THR KA 101 20.08 -83.11 -25.89
N GLY KA 102 19.74 -82.72 -27.12
CA GLY KA 102 19.86 -83.68 -28.19
C GLY KA 102 20.11 -83.24 -29.62
N CYS KA 103 20.44 -81.99 -29.88
CA CYS KA 103 20.27 -81.51 -31.25
C CYS KA 103 21.18 -80.34 -31.55
N PHE KA 104 21.28 -80.01 -32.84
CA PHE KA 104 22.28 -79.06 -33.29
C PHE KA 104 21.78 -78.21 -34.44
N GLY KA 105 22.50 -77.11 -34.68
CA GLY KA 105 22.16 -76.19 -35.76
C GLY KA 105 23.39 -75.50 -36.32
N PHE KA 106 23.18 -74.85 -37.46
CA PHE KA 106 24.21 -74.08 -38.15
C PHE KA 106 23.53 -73.11 -39.11
N GLY KA 107 24.33 -72.25 -39.74
CA GLY KA 107 23.83 -71.28 -40.68
C GLY KA 107 24.70 -71.17 -41.91
N ILE KA 108 24.13 -70.58 -42.96
CA ILE KA 108 24.81 -70.45 -44.25
C ILE KA 108 24.48 -69.09 -44.86
N GLN KA 109 24.99 -68.88 -46.06
CA GLN KA 109 24.54 -67.80 -46.94
C GLN KA 109 23.90 -68.43 -48.17
N GLU KA 110 22.64 -68.07 -48.46
CA GLU KA 110 21.71 -68.89 -49.23
C GLU KA 110 22.28 -69.58 -50.45
N HIS KA 111 22.71 -68.80 -51.44
CA HIS KA 111 22.76 -69.29 -52.81
C HIS KA 111 23.68 -70.49 -52.99
N ILE KA 112 24.61 -70.71 -52.06
CA ILE KA 112 25.56 -71.80 -52.18
C ILE KA 112 24.87 -73.17 -52.17
N ASP KA 113 23.57 -73.23 -51.94
CA ASP KA 113 22.81 -74.46 -52.13
C ASP KA 113 22.54 -74.67 -53.62
N LEU KA 114 21.69 -75.63 -53.93
CA LEU KA 114 21.29 -75.91 -55.30
C LEU KA 114 19.92 -75.31 -55.58
N GLY KA 115 19.83 -74.49 -56.63
CA GLY KA 115 18.62 -73.81 -57.01
C GLY KA 115 18.89 -72.38 -57.43
N MET KA 116 18.47 -72.03 -58.65
CA MET KA 116 18.91 -70.81 -59.30
C MET KA 116 18.63 -69.56 -58.47
N LYS KA 117 19.40 -68.51 -58.73
CA LYS KA 117 19.41 -67.34 -57.86
C LYS KA 117 18.19 -66.45 -58.08
N TYR KA 118 18.05 -65.90 -59.29
CA TYR KA 118 17.06 -64.87 -59.58
C TYR KA 118 15.91 -65.36 -60.42
N ASP KA 119 15.35 -66.52 -60.07
CA ASP KA 119 14.01 -66.83 -60.53
C ASP KA 119 13.02 -65.71 -60.19
N PRO KA 120 12.97 -65.19 -58.96
CA PRO KA 120 12.23 -63.95 -58.70
C PRO KA 120 13.09 -62.70 -58.56
N SER KA 121 14.40 -62.78 -58.82
CA SER KA 121 15.35 -61.70 -58.52
C SER KA 121 15.37 -61.42 -57.03
N THR KA 122 15.60 -62.47 -56.25
CA THR KA 122 15.55 -62.45 -54.80
C THR KA 122 16.94 -62.63 -54.21
N GLY KA 123 17.29 -61.81 -53.22
CA GLY KA 123 18.66 -61.69 -52.77
C GLY KA 123 19.16 -62.89 -51.98
N ILE KA 124 20.39 -62.74 -51.50
CA ILE KA 124 21.07 -63.74 -50.67
C ILE KA 124 20.58 -63.65 -49.23
N TYR KA 125 19.53 -64.39 -48.91
CA TYR KA 125 19.07 -64.51 -47.54
C TYR KA 125 19.82 -65.64 -46.85
N GLY KA 126 20.70 -65.29 -45.91
CA GLY KA 126 21.18 -66.28 -44.97
C GLY KA 126 20.04 -66.88 -44.19
N MET KA 127 20.30 -68.04 -43.58
CA MET KA 127 19.21 -68.78 -42.97
C MET KA 127 19.74 -69.69 -41.89
N ASP KA 128 18.85 -70.11 -41.00
CA ASP KA 128 19.19 -70.92 -39.85
C ASP KA 128 18.73 -72.35 -40.09
N PHE KA 129 19.66 -73.27 -40.23
CA PHE KA 129 19.35 -74.69 -40.24
C PHE KA 129 19.50 -75.20 -38.81
N PHE KA 130 18.41 -75.65 -38.22
CA PHE KA 130 18.44 -76.29 -36.91
C PHE KA 130 17.72 -77.62 -37.01
N VAL KA 131 18.42 -78.68 -36.62
CA VAL KA 131 17.95 -80.05 -36.82
C VAL KA 131 17.91 -80.76 -35.48
N VAL KA 132 16.84 -81.51 -35.24
CA VAL KA 132 16.66 -82.20 -33.96
C VAL KA 132 16.56 -83.70 -34.20
N LEU KA 133 17.41 -84.45 -33.51
CA LEU KA 133 17.49 -85.89 -33.61
C LEU KA 133 16.51 -86.55 -32.64
N GLU KA 134 16.26 -87.83 -32.85
CA GLU KA 134 15.46 -88.61 -31.94
C GLU KA 134 15.78 -90.09 -32.11
N ARG KA 135 15.22 -90.90 -31.23
CA ARG KA 135 15.14 -92.33 -31.40
C ARG KA 135 13.68 -92.72 -31.59
N ALA KA 136 13.43 -94.01 -31.71
CA ALA KA 136 12.05 -94.49 -31.72
C ALA KA 136 11.42 -94.29 -30.35
N GLY KA 137 10.12 -94.09 -30.34
CA GLY KA 137 9.38 -93.97 -29.11
C GLY KA 137 9.27 -92.59 -28.52
N TYR KA 138 9.81 -91.56 -29.18
CA TYR KA 138 9.56 -90.21 -28.69
C TYR KA 138 8.09 -89.82 -28.77
N ARG KA 139 7.26 -90.69 -29.33
CA ARG KA 139 5.84 -90.40 -29.36
C ARG KA 139 5.27 -90.28 -27.95
N VAL KA 140 5.80 -91.04 -26.99
CA VAL KA 140 5.22 -91.13 -25.67
C VAL KA 140 5.24 -89.81 -24.92
N SER KA 141 6.01 -88.83 -25.37
CA SER KA 141 5.96 -87.49 -24.80
C SER KA 141 5.22 -86.52 -25.68
N ARG KA 142 4.61 -86.97 -26.77
CA ARG KA 142 3.95 -86.08 -27.70
C ARG KA 142 2.53 -86.50 -28.05
N ARG KA 143 2.13 -87.72 -27.75
CA ARG KA 143 0.76 -88.18 -27.93
C ARG KA 143 -0.15 -87.52 -26.91
N ARG KA 144 -1.45 -87.50 -27.20
CA ARG KA 144 -2.36 -86.80 -26.30
C ARG KA 144 -2.75 -87.67 -25.10
N ARG KA 145 -3.06 -88.93 -25.32
CA ARG KA 145 -3.40 -89.83 -24.22
C ARG KA 145 -2.14 -90.46 -23.64
N CYS KA 146 -1.99 -90.38 -22.32
CA CYS KA 146 -0.89 -91.00 -21.58
C CYS KA 146 0.47 -90.43 -22.01
N LYS KA 147 0.64 -89.12 -21.82
CA LYS KA 147 1.94 -88.51 -22.04
C LYS KA 147 2.90 -88.88 -20.93
N ALA KA 148 4.17 -89.00 -21.27
CA ALA KA 148 5.16 -89.42 -20.29
C ALA KA 148 6.56 -89.00 -20.74
N ARG KA 149 7.48 -88.96 -19.80
CA ARG KA 149 8.87 -88.67 -20.12
C ARG KA 149 9.50 -89.82 -20.87
N VAL KA 150 10.21 -89.50 -21.94
CA VAL KA 150 11.00 -90.52 -22.63
C VAL KA 150 12.12 -90.95 -21.69
N GLY KA 151 12.22 -92.26 -21.47
CA GLY KA 151 13.20 -92.75 -20.52
C GLY KA 151 14.60 -92.31 -20.89
N ILE KA 152 15.46 -92.25 -19.87
CA ILE KA 152 16.80 -91.70 -20.06
C ILE KA 152 17.56 -92.48 -21.12
N HIS KA 153 17.38 -93.80 -21.16
CA HIS KA 153 18.15 -94.62 -22.09
C HIS KA 153 17.70 -94.44 -23.53
N GLN KA 154 16.51 -93.95 -23.77
CA GLN KA 154 16.05 -93.74 -25.13
C GLN KA 154 16.31 -92.31 -25.60
N ARG KA 155 16.87 -91.47 -24.75
CA ARG KA 155 17.21 -90.10 -25.12
C ARG KA 155 18.56 -90.07 -25.83
N VAL KA 156 18.73 -89.03 -26.65
CA VAL KA 156 19.97 -88.78 -27.36
C VAL KA 156 20.70 -87.66 -26.65
N THR KA 157 21.92 -87.93 -26.22
CA THR KA 157 22.72 -86.91 -25.57
C THR KA 157 23.65 -86.25 -26.58
N LYS KA 158 24.24 -85.14 -26.17
CA LYS KA 158 25.20 -84.43 -27.01
C LYS KA 158 26.31 -85.37 -27.51
N GLU KA 159 26.72 -86.31 -26.67
CA GLU KA 159 27.76 -87.27 -27.07
C GLU KA 159 27.26 -88.18 -28.18
N ASP KA 160 26.01 -88.64 -28.11
CA ASP KA 160 25.46 -89.48 -29.16
C ASP KA 160 25.26 -88.70 -30.45
N ALA KA 161 24.89 -87.43 -30.36
CA ALA KA 161 24.82 -86.60 -31.56
C ALA KA 161 26.20 -86.36 -32.15
N MET KA 162 27.21 -86.14 -31.30
CA MET KA 162 28.57 -86.03 -31.80
C MET KA 162 28.97 -87.26 -32.60
N LYS KA 163 28.70 -88.45 -32.06
CA LYS KA 163 29.09 -89.66 -32.77
C LYS KA 163 28.25 -89.86 -34.02
N TRP KA 164 26.94 -89.61 -33.92
CA TRP KA 164 26.07 -89.75 -35.09
C TRP KA 164 26.59 -88.92 -36.25
N PHE KA 165 27.10 -87.71 -35.97
CA PHE KA 165 27.60 -86.84 -37.01
C PHE KA 165 28.85 -87.42 -37.66
N GLN KA 166 29.79 -87.89 -36.85
CA GLN KA 166 31.09 -88.27 -37.39
C GLN KA 166 31.14 -89.73 -37.83
N VAL KA 167 30.54 -90.65 -37.07
CA VAL KA 167 30.80 -92.06 -37.37
C VAL KA 167 30.13 -92.47 -38.66
N LYS KA 168 28.97 -91.91 -38.96
CA LYS KA 168 28.28 -92.18 -40.20
C LYS KA 168 27.72 -90.86 -40.71
N TYR KA 169 26.77 -90.95 -41.63
CA TYR KA 169 26.07 -89.83 -42.24
C TYR KA 169 26.99 -89.09 -43.21
N GLU KA 170 28.28 -89.40 -43.17
CA GLU KA 170 29.21 -88.78 -44.12
C GLU KA 170 30.10 -89.86 -44.73
N LYS LA 2 20.66 -63.07 70.08
CA LYS LA 2 20.28 -64.44 69.82
C LYS LA 2 21.29 -65.40 70.42
N THR LA 3 22.43 -64.87 70.84
CA THR LA 3 23.48 -65.66 71.46
C THR LA 3 23.23 -65.77 72.95
N ILE LA 4 23.17 -67.00 73.46
CA ILE LA 4 22.68 -67.24 74.81
C ILE LA 4 23.48 -66.43 75.83
N LEU LA 5 24.80 -66.52 75.77
CA LEU LA 5 25.64 -65.85 76.76
C LEU LA 5 26.90 -65.33 76.10
N ALA LA 6 27.15 -64.03 76.27
CA ALA LA 6 28.40 -63.40 75.84
C ALA LA 6 28.97 -62.68 77.04
N SER LA 7 30.22 -62.99 77.39
CA SER LA 7 30.81 -62.45 78.60
C SER LA 7 32.31 -62.24 78.42
N GLU LA 8 32.83 -61.25 79.12
CA GLU LA 8 34.25 -60.97 79.12
C GLU LA 8 34.69 -60.66 80.54
N THR LA 9 35.95 -60.94 80.85
CA THR LA 9 36.49 -60.70 82.18
C THR LA 9 37.73 -59.82 82.09
N MET LA 10 37.91 -59.00 83.10
CA MET LA 10 39.11 -58.18 83.23
C MET LA 10 39.69 -58.41 84.61
N GLU LA 11 41.01 -58.29 84.72
CA GLU LA 11 41.66 -58.39 86.01
C GLU LA 11 41.76 -57.00 86.64
N ILE LA 12 41.85 -56.98 87.98
CA ILE LA 12 41.89 -55.74 88.74
C ILE LA 12 43.17 -55.72 89.56
N PRO LA 13 44.07 -54.76 89.35
CA PRO LA 13 45.30 -54.71 90.14
C PRO LA 13 44.99 -54.53 91.62
N GLU LA 14 45.92 -54.99 92.46
CA GLU LA 14 45.65 -55.13 93.89
C GLU LA 14 45.96 -53.87 94.68
N GLU LA 15 46.52 -52.83 94.05
CA GLU LA 15 46.63 -51.54 94.72
C GLU LA 15 45.44 -50.62 94.45
N VAL LA 16 44.41 -51.09 93.73
CA VAL LA 16 43.17 -50.35 93.56
C VAL LA 16 41.99 -51.23 93.93
N THR LA 17 40.88 -50.59 94.29
CA THR LA 17 39.68 -51.28 94.73
C THR LA 17 38.48 -50.80 93.91
N VAL LA 18 37.70 -51.75 93.42
CA VAL LA 18 36.55 -51.48 92.55
C VAL LA 18 35.29 -51.86 93.30
N LYS LA 19 34.31 -50.95 93.31
CA LYS LA 19 33.11 -51.10 94.10
C LYS LA 19 31.92 -50.94 93.16
N VAL LA 20 31.53 -52.02 92.49
CA VAL LA 20 30.38 -51.95 91.60
C VAL LA 20 29.11 -52.10 92.42
N SER LA 21 28.26 -51.08 92.33
CA SER LA 21 26.90 -51.12 92.81
C SER LA 21 26.05 -51.16 91.54
N ALA LA 22 24.75 -50.84 91.67
CA ALA LA 22 23.73 -51.35 90.74
C ALA LA 22 24.26 -51.50 89.32
N LYS LA 23 24.71 -50.40 88.72
CA LYS LA 23 25.69 -50.42 87.64
C LYS LA 23 26.64 -49.25 87.77
N MET LA 24 26.88 -48.79 88.99
CA MET LA 24 27.80 -47.71 89.28
C MET LA 24 29.15 -48.33 89.64
N ILE LA 25 30.13 -48.21 88.75
CA ILE LA 25 31.47 -48.72 89.02
C ILE LA 25 32.31 -47.56 89.52
N SER LA 26 32.46 -47.48 90.83
CA SER LA 26 33.37 -46.56 91.47
C SER LA 26 34.73 -47.23 91.63
N VAL LA 27 35.79 -46.49 91.30
CA VAL LA 27 37.14 -47.03 91.34
C VAL LA 27 37.99 -46.11 92.20
N THR LA 28 38.75 -46.70 93.12
CA THR LA 28 39.56 -45.95 94.07
C THR LA 28 40.96 -46.51 94.10
N GLY LA 29 41.96 -45.63 94.19
CA GLY LA 29 43.35 -46.03 94.25
C GLY LA 29 44.23 -44.91 94.74
N PRO LA 30 45.55 -45.05 94.57
CA PRO LA 30 46.46 -44.03 95.12
C PRO LA 30 46.26 -42.62 94.57
N ARG LA 31 45.85 -42.46 93.31
CA ARG LA 31 45.76 -41.12 92.76
C ARG LA 31 44.46 -40.41 93.09
N GLY LA 32 43.36 -41.15 93.23
CA GLY LA 32 42.09 -40.54 93.51
C GLY LA 32 40.97 -41.55 93.34
N THR LA 33 39.76 -41.03 93.12
CA THR LA 33 38.58 -41.85 92.92
C THR LA 33 37.90 -41.42 91.62
N LEU LA 34 37.48 -42.40 90.83
CA LEU LA 34 36.76 -42.15 89.59
C LEU LA 34 35.48 -42.97 89.58
N THR LA 35 34.37 -42.34 89.22
CA THR LA 35 33.07 -43.01 89.18
C THR LA 35 32.47 -42.82 87.80
N ARG LA 36 31.64 -43.79 87.37
CA ARG LA 36 30.99 -43.68 86.07
C ARG LA 36 29.67 -44.44 86.09
N ASN LA 37 28.70 -43.90 85.35
CA ASN LA 37 27.35 -44.45 85.25
C ASN LA 37 27.27 -45.38 84.05
N PHE LA 38 26.89 -46.63 84.28
CA PHE LA 38 26.67 -47.62 83.23
C PHE LA 38 25.23 -48.14 83.22
N LYS LA 39 24.30 -47.38 83.78
CA LYS LA 39 22.91 -47.82 83.83
C LYS LA 39 22.30 -47.99 82.44
N HIS LA 40 22.91 -47.41 81.42
CA HIS LA 40 22.40 -47.46 80.06
C HIS LA 40 22.76 -48.74 79.31
N LEU LA 41 23.46 -49.68 79.92
CA LEU LA 41 24.00 -50.80 79.15
C LEU LA 41 23.17 -52.06 79.14
N ASN LA 42 22.41 -52.37 80.19
CA ASN LA 42 21.63 -53.60 80.25
C ASN LA 42 22.56 -54.82 80.22
N LEU LA 43 23.62 -54.76 81.01
CA LEU LA 43 24.57 -55.86 81.18
C LEU LA 43 24.51 -56.37 82.61
N ASP LA 44 25.37 -57.32 82.92
CA ASP LA 44 25.47 -57.90 84.25
C ASP LA 44 26.92 -57.83 84.70
N PHE LA 45 27.19 -57.05 85.74
CA PHE LA 45 28.54 -56.88 86.27
C PHE LA 45 28.66 -57.68 87.56
N GLN LA 46 29.80 -58.34 87.75
CA GLN LA 46 30.00 -59.10 88.98
C GLN LA 46 31.49 -59.19 89.30
N LEU LA 47 31.88 -58.75 90.49
CA LEU LA 47 33.24 -58.99 90.96
C LEU LA 47 33.36 -60.42 91.44
N GLN LA 48 34.41 -61.12 90.99
CA GLN LA 48 34.68 -62.47 91.44
C GLN LA 48 36.13 -62.59 91.89
N GLU LA 49 36.36 -63.54 92.81
CA GLU LA 49 37.62 -63.74 93.53
C GLU LA 49 37.89 -62.63 94.54
N GLY LA 50 36.87 -61.88 94.94
CA GLY LA 50 37.04 -60.83 95.90
C GLY LA 50 37.66 -59.57 95.32
N GLY LA 51 37.08 -59.07 94.25
CA GLY LA 51 37.45 -57.79 93.69
C GLY LA 51 38.61 -57.80 92.73
N ARG LA 52 39.25 -58.94 92.51
CA ARG LA 52 40.41 -59.00 91.63
C ARG LA 52 40.04 -59.25 90.18
N LYS LA 53 38.78 -59.55 89.88
CA LYS LA 53 38.28 -59.68 88.52
C LYS LA 53 36.88 -59.07 88.45
N LEU LA 54 36.59 -58.41 87.34
CA LEU LA 54 35.27 -57.83 87.08
C LEU LA 54 34.71 -58.47 85.82
N LYS LA 55 33.72 -59.33 85.97
CA LYS LA 55 33.23 -60.14 84.87
C LYS LA 55 31.85 -59.62 84.49
N VAL LA 56 31.68 -59.31 83.21
CA VAL LA 56 30.53 -58.61 82.68
C VAL LA 56 29.79 -59.54 81.73
N ASP LA 57 28.46 -59.45 81.70
CA ASP LA 57 27.64 -60.49 81.12
C ASP LA 57 26.53 -59.91 80.27
N ALA LA 58 26.26 -60.57 79.14
CA ALA LA 58 25.14 -60.24 78.29
C ALA LA 58 24.44 -61.54 77.92
N TRP LA 59 23.20 -61.68 78.39
CA TRP LA 59 22.39 -62.85 78.09
C TRP LA 59 21.49 -62.54 76.90
N PHE LA 60 21.53 -63.42 75.90
CA PHE LA 60 20.63 -63.34 74.76
C PHE LA 60 20.75 -62.00 74.04
N GLY LA 61 21.97 -61.50 73.93
CA GLY LA 61 22.21 -60.26 73.24
C GLY LA 61 22.34 -60.45 71.75
N THR LA 62 22.21 -59.34 71.02
CA THR LA 62 22.48 -59.30 69.60
C THR LA 62 23.92 -58.86 69.35
N ARG LA 63 24.26 -58.70 68.07
CA ARG LA 63 25.58 -58.18 67.74
C ARG LA 63 25.76 -56.76 68.25
N LYS LA 64 24.72 -55.93 68.14
CA LYS LA 64 24.81 -54.56 68.67
C LYS LA 64 24.98 -54.56 70.17
N THR LA 65 24.25 -55.42 70.88
CA THR LA 65 24.33 -55.44 72.33
C THR LA 65 25.61 -56.11 72.80
N MET LA 66 26.10 -57.12 72.08
CA MET LA 66 27.38 -57.72 72.43
C MET LA 66 28.54 -56.79 72.16
N ALA LA 67 28.32 -55.74 71.36
CA ALA LA 67 29.36 -54.74 71.16
C ALA LA 67 29.64 -53.93 72.41
N ALA LA 68 28.70 -53.90 73.35
CA ALA LA 68 28.86 -53.11 74.57
C ALA LA 68 29.81 -53.74 75.57
N ILE LA 69 30.01 -55.06 75.52
CA ILE LA 69 30.82 -55.73 76.52
C ILE LA 69 32.23 -55.15 76.54
N ARG LA 70 32.87 -55.07 75.38
CA ARG LA 70 34.26 -54.64 75.35
C ARG LA 70 34.40 -53.14 75.52
N THR LA 71 33.34 -52.37 75.23
CA THR LA 71 33.39 -50.94 75.53
C THR LA 71 33.39 -50.70 77.02
N ALA LA 72 32.51 -51.38 77.74
CA ALA LA 72 32.48 -51.26 79.19
C ALA LA 72 33.78 -51.78 79.78
N ILE LA 73 34.27 -52.91 79.25
CA ILE LA 73 35.57 -53.41 79.67
C ILE LA 73 36.66 -52.39 79.36
N SER LA 74 36.62 -51.81 78.15
CA SER LA 74 37.64 -50.84 77.78
C SER LA 74 37.56 -49.60 78.66
N HIS LA 75 36.35 -49.17 79.00
CA HIS LA 75 36.19 -48.02 79.86
C HIS LA 75 36.78 -48.28 81.23
N VAL LA 76 36.49 -49.43 81.81
CA VAL LA 76 36.92 -49.70 83.18
C VAL LA 76 38.45 -49.78 83.25
N GLN LA 77 39.11 -50.30 82.21
CA GLN LA 77 40.57 -50.16 82.15
C GLN LA 77 41.02 -48.72 82.30
N ASN LA 78 40.40 -47.81 81.54
CA ASN LA 78 40.80 -46.42 81.61
C ASN LA 78 40.54 -45.84 83.00
N LEU LA 79 39.50 -46.31 83.68
CA LEU LA 79 39.30 -45.92 85.07
C LEU LA 79 40.37 -46.50 85.98
N ILE LA 80 40.80 -47.74 85.74
CA ILE LA 80 41.89 -48.31 86.52
C ILE LA 80 43.17 -47.53 86.30
N THR LA 81 43.61 -47.41 85.05
CA THR LA 81 44.92 -46.83 84.77
C THR LA 81 44.95 -45.34 85.04
N GLY LA 82 43.80 -44.67 85.05
CA GLY LA 82 43.79 -43.28 85.44
C GLY LA 82 43.99 -43.06 86.91
N VAL LA 83 43.75 -44.09 87.73
CA VAL LA 83 43.84 -43.95 89.18
C VAL LA 83 45.19 -44.43 89.72
N THR LA 84 45.97 -45.14 88.92
CA THR LA 84 47.33 -45.49 89.30
C THR LA 84 48.35 -44.56 88.66
N LYS LA 85 48.40 -44.54 87.33
CA LYS LA 85 49.34 -43.72 86.57
C LYS LA 85 48.77 -42.38 86.17
N GLY LA 86 47.49 -42.33 85.78
CA GLY LA 86 46.90 -41.09 85.29
C GLY LA 86 47.11 -40.93 83.80
N PHE LA 87 46.53 -39.86 83.25
CA PHE LA 87 46.65 -39.58 81.83
C PHE LA 87 47.24 -38.20 81.60
N ARG LA 88 47.95 -38.09 80.48
CA ARG LA 88 48.64 -36.85 80.15
C ARG LA 88 48.68 -36.69 78.64
N TYR LA 89 47.95 -35.70 78.13
CA TYR LA 89 47.99 -35.32 76.73
C TYR LA 89 49.03 -34.23 76.52
N LYS LA 90 49.49 -34.10 75.29
CA LYS LA 90 50.50 -33.10 74.93
C LYS LA 90 50.08 -32.41 73.65
N MET LA 91 50.28 -31.09 73.59
CA MET LA 91 50.02 -30.35 72.37
C MET LA 91 51.19 -29.44 72.01
N ARG LA 92 51.56 -29.48 70.73
CA ARG LA 92 52.56 -28.60 70.15
C ARG LA 92 51.92 -27.31 69.65
N PHE LA 93 52.69 -26.24 69.65
CA PHE LA 93 52.27 -24.99 69.03
C PHE LA 93 52.86 -24.99 67.63
N VAL LA 94 52.02 -24.92 66.61
CA VAL LA 94 52.50 -24.96 65.24
C VAL LA 94 52.12 -23.63 64.59
N TYR LA 95 53.12 -22.87 64.17
CA TYR LA 95 52.84 -21.59 63.55
C TYR LA 95 53.91 -21.25 62.51
N ALA LA 96 53.49 -20.48 61.51
CA ALA LA 96 54.35 -20.11 60.39
C ALA LA 96 55.09 -18.80 60.65
N HIS LA 97 54.37 -17.73 60.92
CA HIS LA 97 54.99 -16.43 61.15
C HIS LA 97 54.70 -15.87 62.52
N PHE LA 98 53.43 -15.84 62.94
CA PHE LA 98 53.07 -15.22 64.20
C PHE LA 98 53.24 -16.20 65.35
N PRO LA 99 54.09 -15.90 66.33
CA PRO LA 99 54.09 -16.72 67.55
C PRO LA 99 52.76 -16.59 68.27
N ILE LA 100 52.33 -17.69 68.88
CA ILE LA 100 51.14 -17.69 69.72
C ILE LA 100 51.59 -17.64 71.17
N ASN LA 101 50.98 -16.77 71.95
CA ASN LA 101 51.43 -16.49 73.31
C ASN LA 101 50.45 -17.12 74.28
N ALA LA 102 50.73 -18.35 74.69
CA ALA LA 102 49.91 -19.04 75.66
C ALA LA 102 50.28 -18.59 77.07
N SER LA 103 49.26 -18.24 77.85
CA SER LA 103 49.44 -17.83 79.22
C SER LA 103 48.37 -18.48 80.07
N ILE LA 104 48.77 -18.95 81.26
CA ILE LA 104 47.86 -19.66 82.15
C ILE LA 104 46.84 -18.67 82.71
N THR LA 105 45.67 -19.18 83.10
CA THR LA 105 44.67 -18.34 83.73
C THR LA 105 44.84 -18.26 85.24
N ALA LA 106 44.79 -19.41 85.92
CA ALA LA 106 44.88 -19.41 87.37
C ALA LA 106 45.21 -20.80 87.87
N ALA LA 107 46.36 -20.96 88.53
CA ALA LA 107 46.74 -22.20 89.21
C ALA LA 107 46.63 -23.41 88.29
N ASN LA 108 47.01 -23.22 87.03
CA ASN LA 108 47.01 -24.28 86.02
C ASN LA 108 45.59 -24.77 85.69
N ARG LA 109 44.60 -23.90 85.81
CA ARG LA 109 43.22 -24.29 85.54
C ARG LA 109 42.65 -23.61 84.31
N GLY LA 110 43.49 -23.06 83.45
CA GLY LA 110 43.01 -22.47 82.21
C GLY LA 110 44.19 -21.93 81.42
N ILE LA 111 43.90 -21.62 80.15
CA ILE LA 111 44.90 -21.05 79.26
C ILE LA 111 44.30 -19.84 78.56
N GLU LA 112 45.18 -18.97 78.06
CA GLU LA 112 44.79 -17.72 77.43
C GLU LA 112 45.75 -17.51 76.28
N ILE LA 113 45.28 -17.76 75.06
CA ILE LA 113 46.15 -17.88 73.89
C ILE LA 113 46.02 -16.61 73.06
N ARG LA 114 47.15 -16.04 72.66
CA ARG LA 114 47.17 -14.73 72.04
C ARG LA 114 47.89 -14.79 70.70
N ASN LA 115 47.66 -13.75 69.90
CA ASN LA 115 48.40 -13.46 68.68
C ASN LA 115 48.27 -14.54 67.61
N PHE LA 116 47.43 -15.55 67.83
CA PHE LA 116 47.27 -16.61 66.85
C PHE LA 116 46.82 -16.04 65.52
N LEU LA 117 47.66 -16.23 64.49
CA LEU LA 117 47.47 -15.59 63.19
C LEU LA 117 47.38 -14.06 63.33
N GLY LA 118 48.09 -13.51 64.29
CA GLY LA 118 48.14 -12.08 64.46
C GLY LA 118 46.82 -11.43 64.82
N GLU LA 119 45.83 -12.23 65.20
CA GLU LA 119 44.55 -11.66 65.59
C GLU LA 119 44.65 -10.99 66.95
N LYS LA 120 43.94 -9.88 67.11
CA LYS LA 120 43.93 -9.20 68.39
C LYS LA 120 43.05 -9.89 69.42
N LYS LA 121 42.10 -10.71 68.97
CA LYS LA 121 41.19 -11.40 69.87
C LYS LA 121 41.95 -12.32 70.81
N VAL LA 122 41.41 -12.48 72.01
CA VAL LA 122 42.02 -13.30 73.05
C VAL LA 122 41.16 -14.55 73.23
N ARG LA 123 41.81 -15.71 73.27
CA ARG LA 123 41.10 -16.99 73.34
C ARG LA 123 41.11 -17.51 74.77
N LYS LA 124 39.91 -17.76 75.31
CA LYS LA 124 39.71 -18.18 76.69
C LYS LA 124 39.20 -19.61 76.73
N VAL LA 125 39.86 -20.48 77.48
CA VAL LA 125 39.32 -21.82 77.68
C VAL LA 125 39.74 -22.36 79.04
N ASP LA 126 38.76 -22.77 79.85
CA ASP LA 126 39.01 -23.33 81.17
C ASP LA 126 39.14 -24.84 81.09
N MET LA 127 39.87 -25.39 82.05
CA MET LA 127 40.04 -26.84 82.16
C MET LA 127 38.84 -27.46 82.87
N LEU LA 128 38.53 -28.70 82.49
CA LEU LA 128 37.48 -29.43 83.18
C LEU LA 128 38.00 -29.87 84.55
N ASP LA 129 37.13 -30.54 85.32
CA ASP LA 129 37.37 -30.71 86.75
C ASP LA 129 38.73 -31.33 87.05
N GLY LA 130 39.03 -32.45 86.43
CA GLY LA 130 40.25 -33.13 86.83
C GLY LA 130 41.53 -32.68 86.17
N VAL LA 131 41.49 -31.68 85.30
CA VAL LA 131 42.58 -31.41 84.37
C VAL LA 131 43.33 -30.18 84.84
N THR LA 132 44.66 -30.27 84.82
CA THR LA 132 45.54 -29.13 85.00
C THR LA 132 46.40 -28.97 83.76
N ILE LA 133 46.78 -27.73 83.47
CA ILE LA 133 47.52 -27.40 82.25
C ILE LA 133 48.80 -26.66 82.64
N LEU LA 134 49.91 -27.04 81.99
CA LEU LA 134 51.20 -26.46 82.30
C LEU LA 134 52.05 -26.37 81.04
N ARG LA 135 52.65 -25.21 80.81
CA ARG LA 135 53.53 -25.05 79.67
C ARG LA 135 54.78 -25.90 79.87
N SER LA 136 55.21 -26.57 78.80
CA SER LA 136 56.36 -27.43 78.92
C SER LA 136 57.61 -26.58 79.08
N GLU LA 137 58.40 -26.90 80.11
CA GLU LA 137 59.62 -26.18 80.41
C GLU LA 137 60.76 -26.52 79.46
N LYS LA 138 60.64 -27.64 78.75
CA LYS LA 138 61.79 -28.23 78.08
C LYS LA 138 61.67 -28.24 76.56
N VAL LA 139 60.47 -28.08 76.02
CA VAL LA 139 60.21 -28.22 74.60
C VAL LA 139 59.67 -26.90 74.06
N LYS LA 140 59.99 -26.62 72.79
CA LYS LA 140 59.92 -25.25 72.28
C LYS LA 140 58.56 -24.62 72.51
N ASP LA 141 57.49 -25.33 72.14
CA ASP LA 141 56.16 -24.76 72.27
C ASP LA 141 55.18 -25.91 72.53
N GLU LA 142 54.96 -26.20 73.80
CA GLU LA 142 54.14 -27.32 74.21
C GLU LA 142 53.24 -26.89 75.36
N ILE LA 143 52.08 -27.53 75.47
CA ILE LA 143 51.29 -27.48 76.68
C ILE LA 143 50.90 -28.89 77.06
N VAL LA 144 50.99 -29.19 78.35
CA VAL LA 144 50.92 -30.56 78.86
C VAL LA 144 49.74 -30.64 79.79
N LEU LA 145 48.81 -31.52 79.47
CA LEU LA 145 47.56 -31.68 80.18
C LEU LA 145 47.64 -32.99 80.94
N ASP LA 146 47.25 -32.97 82.21
CA ASP LA 146 47.33 -34.18 83.02
C ASP LA 146 46.14 -34.27 83.95
N GLY LA 147 45.66 -35.48 84.17
CA GLY LA 147 44.50 -35.69 85.03
C GLY LA 147 44.19 -37.16 85.15
N ASN LA 148 43.20 -37.44 85.99
CA ASN LA 148 42.82 -38.83 86.24
C ASN LA 148 41.92 -39.37 85.15
N ASP LA 149 40.94 -38.59 84.70
CA ASP LA 149 39.92 -39.05 83.77
C ASP LA 149 40.41 -38.83 82.35
N ILE LA 150 40.64 -39.92 81.62
CA ILE LA 150 41.12 -39.82 80.24
C ILE LA 150 40.17 -38.98 79.39
N GLU LA 151 38.87 -39.03 79.68
CA GLU LA 151 37.91 -38.30 78.86
C GLU LA 151 37.93 -36.80 79.14
N LEU LA 152 37.99 -36.42 80.41
CA LEU LA 152 38.08 -34.99 80.73
C LEU LA 152 39.37 -34.40 80.18
N VAL LA 153 40.45 -35.16 80.20
CA VAL LA 153 41.71 -34.68 79.64
C VAL LA 153 41.59 -34.53 78.13
N SER LA 154 40.89 -35.46 77.48
CA SER LA 154 40.76 -35.42 76.03
C SER LA 154 39.84 -34.30 75.56
N ARG LA 155 38.78 -34.01 76.31
CA ARG LA 155 37.93 -32.89 75.92
C ARG LA 155 38.67 -31.57 76.06
N SER LA 156 39.48 -31.43 77.11
CA SER LA 156 40.29 -30.22 77.26
C SER LA 156 41.27 -30.07 76.11
N ALA LA 157 41.90 -31.17 75.70
CA ALA LA 157 42.78 -31.10 74.55
C ALA LA 157 42.02 -30.71 73.29
N ALA LA 158 40.83 -31.28 73.10
CA ALA LA 158 40.02 -30.96 71.94
C ALA LA 158 39.47 -29.55 72.00
N LEU LA 159 39.17 -29.05 73.20
CA LEU LA 159 38.69 -27.68 73.32
C LEU LA 159 39.73 -26.70 72.78
N ILE LA 160 40.99 -26.88 73.15
CA ILE LA 160 42.04 -25.96 72.79
C ILE LA 160 42.36 -26.07 71.30
N ASN LA 161 42.15 -27.24 70.71
CA ASN LA 161 42.41 -27.41 69.29
C ASN LA 161 41.33 -26.72 68.44
N GLN LA 162 40.06 -26.92 68.78
CA GLN LA 162 39.00 -26.33 67.98
C GLN LA 162 38.74 -24.87 68.33
N LYS LA 163 39.44 -24.33 69.30
CA LYS LA 163 39.39 -22.90 69.54
C LYS LA 163 40.47 -22.16 68.78
N CYS LA 164 41.31 -22.87 68.03
CA CYS LA 164 42.32 -22.26 67.17
C CYS LA 164 42.13 -22.67 65.72
N HIS LA 165 40.88 -22.85 65.30
CA HIS LA 165 40.60 -23.14 63.90
C HIS LA 165 40.92 -21.92 63.04
N VAL LA 166 41.48 -22.18 61.88
CA VAL LA 166 41.76 -21.13 60.90
C VAL LA 166 40.56 -21.00 59.99
N LYS LA 167 40.01 -19.79 59.92
CA LYS LA 167 38.83 -19.53 59.10
C LYS LA 167 39.23 -18.74 57.88
N ASN LA 168 38.41 -18.83 56.84
CA ASN LA 168 38.50 -17.93 55.68
C ASN LA 168 39.68 -18.28 54.77
N LYS LA 169 40.58 -19.14 55.21
CA LYS LA 169 41.81 -19.37 54.45
C LYS LA 169 41.98 -20.83 54.11
N ASP LA 170 42.77 -21.08 53.07
CA ASP LA 170 43.12 -22.42 52.65
C ASP LA 170 43.94 -23.12 53.71
N ILE LA 171 43.33 -24.09 54.41
CA ILE LA 171 44.00 -24.73 55.54
C ILE LA 171 44.98 -25.80 55.11
N ARG LA 172 45.16 -26.02 53.82
CA ARG LA 172 46.23 -26.90 53.37
C ARG LA 172 47.57 -26.18 53.37
N LYS LA 173 47.56 -24.86 53.50
CA LYS LA 173 48.73 -24.01 53.59
C LYS LA 173 48.86 -23.29 54.92
N PHE LA 174 47.77 -22.73 55.44
CA PHE LA 174 47.78 -22.10 56.76
C PHE LA 174 47.53 -23.17 57.81
N LEU LA 175 48.58 -23.92 58.10
CA LEU LA 175 48.48 -25.06 59.00
C LEU LA 175 48.40 -24.66 60.47
N ASP LA 176 48.38 -23.37 60.76
CA ASP LA 176 48.61 -22.89 62.12
C ASP LA 176 47.56 -23.44 63.08
N GLY LA 177 47.99 -23.75 64.29
CA GLY LA 177 47.05 -24.19 65.31
C GLY LA 177 47.76 -24.86 66.47
N ILE LA 178 46.99 -25.60 67.25
CA ILE LA 178 47.47 -26.33 68.42
C ILE LA 178 46.96 -27.76 68.31
N TYR LA 179 47.88 -28.72 68.24
CA TYR LA 179 47.52 -30.09 67.89
C TYR LA 179 48.09 -31.05 68.91
N VAL LA 180 47.45 -32.22 69.01
CA VAL LA 180 47.83 -33.22 69.99
C VAL LA 180 49.03 -34.03 69.48
N SER LA 181 50.12 -33.99 70.23
CA SER LA 181 51.36 -34.67 69.81
C SER LA 181 51.47 -36.08 70.39
N ASP LA 182 51.50 -36.20 71.71
CA ASP LA 182 51.62 -37.49 72.39
C ASP LA 182 50.44 -37.67 73.32
N LYS LA 183 49.67 -38.72 73.10
CA LYS LA 183 48.37 -38.92 73.75
C LYS LA 183 48.44 -40.03 74.81
N GLY LA 184 49.62 -40.39 75.27
CA GLY LA 184 49.79 -41.52 76.16
C GLY LA 184 49.27 -41.28 77.57
N ALA LA 185 49.56 -42.24 78.44
CA ALA LA 185 48.99 -42.33 79.78
C ALA LA 185 50.05 -42.15 80.87
N ILE LA 186 50.31 -40.89 81.24
CA ILE LA 186 51.02 -40.54 82.48
C ILE LA 186 50.37 -39.28 83.07
N ASN MA 12 32.31 8.35 61.92
CA ASN MA 12 32.59 9.26 60.83
C ASN MA 12 31.84 10.58 61.06
N LYS MA 13 30.94 10.92 60.15
CA LYS MA 13 30.12 12.12 60.23
C LYS MA 13 28.75 11.78 60.80
N PHE MA 14 28.07 12.81 61.28
CA PHE MA 14 26.71 12.65 61.76
C PHE MA 14 25.72 12.87 60.63
N ARG MA 15 24.48 12.50 60.90
CA ARG MA 15 23.46 12.46 59.87
C ARG MA 15 22.79 13.83 59.81
N MET MA 16 22.59 14.33 58.59
CA MET MA 16 22.07 15.68 58.37
C MET MA 16 20.81 15.62 57.52
N SER MA 17 19.98 16.65 57.66
CA SER MA 17 18.79 16.76 56.82
C SER MA 17 19.19 16.73 55.35
N LEU MA 18 18.69 15.74 54.62
CA LEU MA 18 19.01 15.58 53.22
C LEU MA 18 18.23 16.59 52.41
N GLY MA 19 18.94 17.44 51.67
CA GLY MA 19 18.27 18.50 50.96
C GLY MA 19 17.92 18.18 49.52
N LEU MA 20 18.75 17.38 48.86
CA LEU MA 20 18.80 17.31 47.40
C LEU MA 20 18.44 15.93 46.90
N PRO MA 21 17.21 15.69 46.48
CA PRO MA 21 16.88 14.39 45.88
C PRO MA 21 17.48 14.25 44.50
N VAL MA 22 17.33 13.09 43.87
CA VAL MA 22 17.68 12.98 42.45
C VAL MA 22 16.75 13.87 41.64
N ALA MA 23 17.26 14.35 40.51
CA ALA MA 23 16.69 15.37 39.61
C ALA MA 23 16.88 16.78 40.14
N ALA MA 24 17.39 16.97 41.35
CA ALA MA 24 17.76 18.31 41.77
C ALA MA 24 18.94 18.80 40.95
N THR MA 25 18.89 20.07 40.57
CA THR MA 25 19.90 20.64 39.69
C THR MA 25 20.62 21.75 40.45
N VAL MA 26 21.94 21.63 40.52
CA VAL MA 26 22.76 22.34 41.50
C VAL MA 26 23.76 23.22 40.74
N ASN MA 27 24.25 24.25 41.43
CA ASN MA 27 25.31 25.07 40.88
C ASN MA 27 26.64 24.36 41.00
N CYS MA 28 27.58 24.74 40.14
CA CYS MA 28 28.89 24.11 40.08
C CYS MA 28 29.91 25.12 40.57
N ALA MA 29 30.50 24.85 41.74
CA ALA MA 29 31.44 25.76 42.38
C ALA MA 29 32.90 25.42 42.11
N ASP MA 30 33.32 25.29 40.86
CA ASP MA 30 34.75 25.20 40.58
C ASP MA 30 35.01 25.73 39.18
N ASN MA 31 36.31 25.88 38.87
CA ASN MA 31 36.75 26.49 37.61
C ASN MA 31 36.99 25.43 36.55
N THR MA 32 35.95 24.66 36.24
CA THR MA 32 36.09 23.58 35.29
C THR MA 32 35.38 23.87 33.97
N GLY MA 33 34.43 24.80 33.96
CA GLY MA 33 33.64 25.11 32.80
C GLY MA 33 32.22 24.62 32.88
N ALA MA 34 31.96 23.63 33.72
CA ALA MA 34 30.59 23.26 34.03
C ALA MA 34 29.91 24.40 34.79
N LYS MA 35 28.67 24.66 34.46
CA LYS MA 35 27.90 25.63 35.21
C LYS MA 35 26.92 24.99 36.17
N ASN MA 36 26.49 23.77 35.90
CA ASN MA 36 25.20 23.30 36.39
C ASN MA 36 25.21 21.79 36.44
N LEU MA 37 25.17 21.22 37.64
CA LEU MA 37 25.15 19.78 37.78
C LEU MA 37 23.73 19.27 38.06
N TYR MA 38 23.49 18.04 37.65
CA TYR MA 38 22.16 17.43 37.68
C TYR MA 38 22.29 16.09 38.38
N ILE MA 39 21.85 16.01 39.63
CA ILE MA 39 22.01 14.79 40.40
C ILE MA 39 21.17 13.68 39.81
N ILE MA 40 21.80 12.54 39.56
CA ILE MA 40 21.09 11.37 39.07
C ILE MA 40 21.11 10.21 40.06
N SER MA 41 22.02 10.20 41.03
CA SER MA 41 21.98 9.21 42.11
C SER MA 41 22.93 9.67 43.20
N VAL MA 42 22.88 8.97 44.32
CA VAL MA 42 23.69 9.28 45.50
C VAL MA 42 24.44 8.03 45.91
N LYS MA 43 25.75 8.15 46.10
CA LYS MA 43 26.54 7.02 46.56
C LYS MA 43 26.12 6.61 47.96
N GLY MA 44 26.01 5.32 48.19
CA GLY MA 44 25.67 4.78 49.48
C GLY MA 44 24.18 4.57 49.73
N ILE MA 45 23.30 4.99 48.82
CA ILE MA 45 21.87 4.87 49.06
C ILE MA 45 21.45 3.44 48.78
N LYS MA 46 21.22 2.67 49.84
CA LYS MA 46 20.43 1.45 49.76
C LYS MA 46 18.97 1.87 49.88
N GLY MA 47 18.21 1.65 48.83
CA GLY MA 47 16.95 2.34 48.67
C GLY MA 47 15.85 1.80 49.53
N ARG MA 48 14.65 2.25 49.21
CA ARG MA 48 13.40 1.84 49.83
C ARG MA 48 12.31 2.19 48.84
N LEU MA 49 11.35 1.30 48.65
CA LEU MA 49 10.35 1.47 47.62
C LEU MA 49 9.81 2.89 47.61
N ASN MA 50 9.88 3.53 46.46
CA ASN MA 50 9.30 4.83 46.12
C ASN MA 50 10.07 6.00 46.70
N ARG MA 51 11.10 5.79 47.50
CA ARG MA 51 11.84 6.87 48.12
C ARG MA 51 12.99 7.29 47.21
N LEU MA 52 13.05 8.57 46.91
CA LEU MA 52 14.10 9.11 46.05
C LEU MA 52 15.41 9.19 46.83
N PRO MA 53 16.51 8.74 46.25
CA PRO MA 53 17.82 8.97 46.88
C PRO MA 53 18.09 10.46 47.02
N SER MA 54 18.64 10.85 48.16
CA SER MA 54 18.86 12.26 48.47
C SER MA 54 20.28 12.47 48.94
N ALA MA 55 20.77 13.70 48.76
CA ALA MA 55 22.12 14.05 49.10
C ALA MA 55 22.14 15.22 50.09
N CYS MA 56 23.28 15.35 50.77
CA CYS MA 56 23.53 16.45 51.70
C CYS MA 56 25.01 16.82 51.59
N VAL MA 57 25.41 17.81 52.37
CA VAL MA 57 26.75 18.38 52.22
C VAL MA 57 27.80 17.35 52.60
N GLY MA 58 28.72 17.08 51.68
CA GLY MA 58 29.70 16.05 51.88
C GLY MA 58 29.34 14.72 51.28
N ASP MA 59 28.18 14.61 50.66
CA ASP MA 59 27.76 13.36 50.02
C ASP MA 59 28.26 13.35 48.58
N MET MA 60 28.83 12.24 48.17
CA MET MA 60 29.30 12.05 46.79
C MET MA 60 28.15 11.56 45.94
N VAL MA 61 28.00 12.17 44.76
CA VAL MA 61 26.83 11.94 43.91
C VAL MA 61 27.31 11.69 42.48
N MET MA 62 26.41 11.15 41.67
CA MET MA 62 26.62 11.02 40.24
C MET MA 62 25.77 12.08 39.55
N ALA MA 63 26.35 12.76 38.57
CA ALA MA 63 25.67 13.90 37.98
C ALA MA 63 26.04 14.05 36.51
N THR MA 64 25.18 14.73 35.78
CA THR MA 64 25.47 15.17 34.43
C THR MA 64 25.62 16.68 34.42
N VAL MA 65 26.23 17.19 33.36
CA VAL MA 65 26.40 18.62 33.17
C VAL MA 65 25.43 19.03 32.08
N LYS MA 66 24.51 19.92 32.42
CA LYS MA 66 23.46 20.32 31.50
C LYS MA 66 23.71 21.69 30.89
N LYS MA 67 24.62 22.46 31.47
CA LYS MA 67 25.09 23.72 30.91
C LYS MA 67 26.59 23.79 31.13
N GLY MA 68 27.32 24.16 30.11
CA GLY MA 68 28.76 24.27 30.24
C GLY MA 68 29.45 23.85 28.96
N LYS MA 69 30.71 23.48 29.12
CA LYS MA 69 31.56 23.18 27.98
C LYS MA 69 31.09 21.90 27.28
N PRO MA 70 31.31 21.80 25.97
CA PRO MA 70 30.90 20.59 25.25
C PRO MA 70 31.55 19.31 25.75
N ASP MA 71 32.82 19.36 26.15
CA ASP MA 71 33.56 18.15 26.49
C ASP MA 71 33.17 17.59 27.85
N LEU MA 72 32.40 18.33 28.65
CA LEU MA 72 31.94 17.84 29.93
C LEU MA 72 30.50 17.32 29.88
N ARG MA 73 29.74 17.66 28.85
CA ARG MA 73 28.35 17.26 28.80
C ARG MA 73 28.19 15.84 28.28
N LYS MA 74 27.00 15.29 28.51
CA LYS MA 74 26.61 13.97 28.03
C LYS MA 74 27.51 12.87 28.60
N LYS MA 75 27.97 13.07 29.83
CA LYS MA 75 28.77 12.10 30.56
C LYS MA 75 28.37 12.09 32.02
N VAL MA 76 28.31 10.91 32.61
CA VAL MA 76 28.08 10.77 34.04
C VAL MA 76 29.41 10.93 34.77
N MET MA 77 29.39 11.64 35.89
CA MET MA 77 30.64 11.90 36.59
C MET MA 77 30.37 12.13 38.07
N PRO MA 78 31.36 11.86 38.94
CA PRO MA 78 31.18 12.05 40.37
C PRO MA 78 31.38 13.49 40.82
N ALA MA 79 30.56 13.89 41.79
CA ALA MA 79 30.60 15.24 42.35
C ALA MA 79 30.41 15.14 43.86
N VAL MA 80 30.69 16.23 44.56
CA VAL MA 80 30.52 16.32 46.00
C VAL MA 80 29.73 17.56 46.31
N ILE MA 81 28.65 17.42 47.09
CA ILE MA 81 27.85 18.56 47.49
C ILE MA 81 28.60 19.40 48.51
N VAL MA 82 28.52 20.72 48.37
CA VAL MA 82 29.32 21.63 49.19
C VAL MA 82 28.40 22.65 49.86
N ARG MA 83 27.24 22.90 49.27
CA ARG MA 83 26.29 23.88 49.79
C ARG MA 83 24.87 23.38 49.60
N GLN MA 84 24.04 23.55 50.62
CA GLN MA 84 22.63 23.22 50.50
C GLN MA 84 21.78 24.29 51.14
N ARG MA 85 20.62 24.55 50.55
CA ARG MA 85 19.69 25.53 51.11
C ARG MA 85 18.89 24.94 52.25
N LYS MA 86 18.67 23.63 52.26
CA LYS MA 86 17.92 22.99 53.33
C LYS MA 86 18.61 23.19 54.66
N PRO MA 87 17.94 23.75 55.66
CA PRO MA 87 18.58 23.89 56.97
C PRO MA 87 18.90 22.55 57.58
N TRP MA 88 19.97 22.51 58.35
CA TRP MA 88 20.34 21.30 59.04
C TRP MA 88 20.88 21.65 60.42
N ARG MA 89 20.71 20.74 61.34
CA ARG MA 89 21.00 20.98 62.74
C ARG MA 89 22.45 20.63 63.02
N ARG MA 90 23.26 21.65 63.26
CA ARG MA 90 24.58 21.42 63.80
C ARG MA 90 24.44 20.82 65.20
N LYS MA 91 25.48 20.11 65.63
CA LYS MA 91 25.42 19.38 66.88
C LYS MA 91 25.84 20.25 68.07
N ASP MA 92 25.78 21.56 67.93
CA ASP MA 92 25.71 22.44 69.09
C ASP MA 92 24.33 23.06 69.23
N GLY MA 93 23.43 22.80 68.28
CA GLY MA 93 22.05 23.22 68.38
C GLY MA 93 21.60 24.14 67.27
N VAL MA 94 22.50 24.82 66.57
CA VAL MA 94 22.05 25.80 65.59
C VAL MA 94 21.57 25.10 64.33
N PHE MA 95 20.74 25.81 63.57
CA PHE MA 95 20.24 25.32 62.30
C PHE MA 95 20.83 26.23 61.23
N MET MA 96 21.85 25.72 60.54
CA MET MA 96 22.64 26.50 59.61
C MET MA 96 22.28 26.13 58.17
N TYR MA 97 22.28 27.12 57.28
CA TYR MA 97 21.96 26.87 55.88
C TYR MA 97 22.66 27.90 55.02
N PHE MA 98 22.69 27.62 53.71
CA PHE MA 98 23.38 28.42 52.72
C PHE MA 98 22.38 29.13 51.83
N GLU MA 99 22.91 30.04 51.00
CA GLU MA 99 22.08 30.76 50.07
C GLU MA 99 21.75 29.93 48.82
N ASP MA 100 22.61 28.99 48.45
CA ASP MA 100 22.40 28.21 47.24
C ASP MA 100 22.90 26.78 47.44
N ASN MA 101 22.63 25.95 46.45
CA ASN MA 101 23.13 24.58 46.38
C ASN MA 101 24.36 24.53 45.48
N ALA MA 102 25.40 23.85 45.92
CA ALA MA 102 26.62 23.82 45.11
C ALA MA 102 27.35 22.50 45.29
N GLY MA 103 28.11 22.12 44.26
CA GLY MA 103 28.99 20.97 44.32
C GLY MA 103 30.13 21.11 43.34
N VAL MA 104 31.13 20.23 43.48
CA VAL MA 104 32.35 20.29 42.70
C VAL MA 104 32.63 18.94 42.07
N ILE MA 105 33.28 18.96 40.91
CA ILE MA 105 33.54 17.74 40.15
C ILE MA 105 34.77 17.06 40.70
N VAL MA 106 34.66 15.75 40.95
CA VAL MA 106 35.76 14.99 41.52
C VAL MA 106 35.90 13.68 40.76
N ASN MA 107 36.96 12.95 41.08
CA ASN MA 107 37.14 11.57 40.65
C ASN MA 107 36.52 10.63 41.67
N PRO MA 108 36.46 9.34 41.36
CA PRO MA 108 36.05 8.37 42.38
C PRO MA 108 36.91 8.39 43.64
N LYS MA 109 38.16 8.81 43.53
CA LYS MA 109 39.02 8.96 44.71
C LYS MA 109 38.90 10.32 45.37
N GLY MA 110 38.03 11.18 44.88
CA GLY MA 110 37.80 12.48 45.48
C GLY MA 110 38.66 13.61 44.95
N GLU MA 111 39.60 13.33 44.05
CA GLU MA 111 40.43 14.39 43.48
C GLU MA 111 39.56 15.35 42.67
N MET MA 112 39.67 16.64 42.95
CA MET MA 112 38.92 17.63 42.18
C MET MA 112 39.43 17.72 40.74
N LYS MA 113 38.48 17.75 39.81
CA LYS MA 113 38.83 17.98 38.41
C LYS MA 113 39.33 19.41 38.20
N GLY MA 114 38.67 20.38 38.80
CA GLY MA 114 39.10 21.76 38.73
C GLY MA 114 40.20 22.06 39.72
N SER MA 115 40.48 23.35 39.87
CA SER MA 115 41.56 23.79 40.74
C SER MA 115 41.15 24.79 41.81
N ALA MA 116 40.01 25.46 41.65
CA ALA MA 116 39.59 26.48 42.60
C ALA MA 116 38.11 26.32 42.90
N ILE MA 117 37.72 26.81 44.07
CA ILE MA 117 36.34 26.78 44.53
C ILE MA 117 35.90 28.22 44.73
N THR MA 118 34.72 28.55 44.22
CA THR MA 118 34.17 29.91 44.35
C THR MA 118 33.08 29.88 45.41
N GLY MA 119 33.36 30.48 46.56
CA GLY MA 119 32.35 30.65 47.56
C GLY MA 119 32.62 29.87 48.82
N PRO MA 120 31.73 29.97 49.79
CA PRO MA 120 31.92 29.23 51.06
C PRO MA 120 31.71 27.74 50.87
N ILE MA 121 32.16 26.99 51.86
CA ILE MA 121 32.14 25.53 51.83
C ILE MA 121 31.66 25.03 53.17
N GLY MA 122 30.70 24.11 53.16
CA GLY MA 122 30.25 23.50 54.39
C GLY MA 122 31.36 22.78 55.12
N LYS MA 123 31.46 23.00 56.43
CA LYS MA 123 32.53 22.37 57.19
C LYS MA 123 32.38 20.85 57.22
N GLU MA 124 31.14 20.34 57.15
CA GLU MA 124 30.97 18.90 57.12
C GLU MA 124 31.58 18.28 55.87
N CYS MA 125 31.76 19.07 54.82
CA CYS MA 125 32.37 18.59 53.58
C CYS MA 125 33.88 18.67 53.62
N ALA MA 126 34.41 19.78 54.12
CA ALA MA 126 35.86 19.99 54.09
C ALA MA 126 36.58 18.96 54.94
N ASP MA 127 36.02 18.60 56.08
CA ASP MA 127 36.66 17.61 56.95
C ASP MA 127 36.53 16.19 56.40
N LEU MA 128 35.67 15.97 55.41
CA LEU MA 128 35.47 14.66 54.83
C LEU MA 128 36.15 14.49 53.48
N TRP MA 129 36.52 15.57 52.81
CA TRP MA 129 37.24 15.52 51.54
C TRP MA 129 38.45 16.46 51.60
N PRO MA 130 39.63 15.94 51.92
CA PRO MA 130 40.79 16.82 52.11
C PRO MA 130 41.25 17.56 50.86
N ARG MA 131 41.00 17.02 49.67
CA ARG MA 131 41.39 17.73 48.46
C ARG MA 131 40.49 18.91 48.17
N ILE MA 132 39.18 18.77 48.40
CA ILE MA 132 38.31 19.93 48.39
C ILE MA 132 38.68 20.90 49.50
N ALA MA 133 39.05 20.38 50.66
CA ALA MA 133 39.45 21.26 51.76
C ALA MA 133 40.60 22.16 51.34
N SER MA 134 41.57 21.60 50.62
CA SER MA 134 42.73 22.38 50.18
C SER MA 134 42.31 23.52 49.26
N ALA MA 135 41.43 23.24 48.31
CA ALA MA 135 41.04 24.24 47.33
C ALA MA 135 40.02 25.22 47.88
N ALA MA 136 39.51 25.01 49.09
CA ALA MA 136 38.45 25.82 49.64
C ALA MA 136 38.93 27.23 49.97
N ASN MA 137 38.03 28.20 49.82
CA ASN MA 137 38.36 29.56 50.23
C ASN MA 137 38.15 29.74 51.73
N ALA MA 138 36.89 29.70 52.16
CA ALA MA 138 36.56 29.88 53.57
C ALA MA 138 35.64 28.75 53.99
N ILE MA 139 36.11 27.92 54.91
CA ILE MA 139 35.39 26.74 55.36
C ILE MA 139 34.58 27.13 56.59
N VAL MA 140 33.26 27.03 56.49
CA VAL MA 140 32.41 27.53 57.55
C VAL MA 140 31.29 26.56 57.90
N GLY NA 2 -96.09 0.84 -35.87
CA GLY NA 2 -95.06 -0.14 -35.57
C GLY NA 2 -93.73 0.18 -36.19
N ALA NA 3 -93.07 1.19 -35.66
CA ALA NA 3 -91.79 1.63 -36.18
C ALA NA 3 -90.60 1.17 -35.34
N TYR NA 4 -90.84 0.68 -34.13
CA TYR NA 4 -89.73 0.32 -33.25
C TYR NA 4 -88.90 -0.83 -33.80
N LYS NA 5 -89.49 -1.67 -34.65
CA LYS NA 5 -88.73 -2.77 -35.23
C LYS NA 5 -87.64 -2.27 -36.15
N PHE NA 6 -87.92 -1.26 -36.97
CA PHE NA 6 -86.91 -0.72 -37.88
C PHE NA 6 -85.76 -0.08 -37.11
N VAL NA 7 -86.07 0.74 -36.11
CA VAL NA 7 -85.00 1.43 -35.39
C VAL NA 7 -84.12 0.44 -34.65
N SER NA 8 -84.70 -0.66 -34.18
CA SER NA 8 -83.93 -1.67 -33.47
C SER NA 8 -83.02 -2.44 -34.41
N GLU NA 9 -83.50 -2.78 -35.61
CA GLU NA 9 -82.65 -3.51 -36.56
C GLU NA 9 -81.46 -2.68 -37.01
N LEU NA 10 -81.67 -1.40 -37.30
CA LEU NA 10 -80.57 -0.55 -37.71
C LEU NA 10 -79.52 -0.44 -36.62
N TRP NA 11 -79.97 -0.44 -35.36
CA TRP NA 11 -79.03 -0.44 -34.25
C TRP NA 11 -78.31 -1.77 -34.11
N ARG NA 12 -78.83 -2.83 -34.71
CA ARG NA 12 -78.07 -4.08 -34.76
C ARG NA 12 -76.89 -3.95 -35.72
N ARG NA 13 -77.08 -3.20 -36.81
CA ARG NA 13 -76.06 -3.05 -37.84
C ARG NA 13 -75.14 -1.90 -37.47
N LYS NA 14 -74.23 -2.15 -36.51
CA LYS NA 14 -73.45 -1.05 -35.97
C LYS NA 14 -72.22 -0.71 -36.77
N GLN NA 15 -71.82 -1.55 -37.72
CA GLN NA 15 -70.69 -1.24 -38.57
C GLN NA 15 -71.11 -0.67 -39.92
N SER NA 16 -72.39 -0.46 -40.15
CA SER NA 16 -72.84 0.21 -41.36
C SER NA 16 -72.41 1.66 -41.33
N ASP NA 17 -72.20 2.23 -42.52
CA ASP NA 17 -71.77 3.62 -42.59
C ASP NA 17 -72.78 4.57 -41.99
N VAL NA 18 -74.08 4.23 -42.11
CA VAL NA 18 -75.12 5.09 -41.54
C VAL NA 18 -74.93 5.19 -40.03
N MET NA 19 -74.71 4.06 -39.38
CA MET NA 19 -74.55 4.08 -37.93
C MET NA 19 -73.17 4.59 -37.51
N ARG NA 20 -72.14 4.34 -38.31
CA ARG NA 20 -70.82 4.85 -37.93
C ARG NA 20 -70.77 6.36 -37.94
N PHE NA 21 -71.47 6.99 -38.89
CA PHE NA 21 -71.47 8.45 -38.92
C PHE NA 21 -72.28 9.02 -37.77
N VAL NA 22 -73.44 8.46 -37.48
CA VAL NA 22 -74.28 9.04 -36.45
C VAL NA 22 -73.62 8.89 -35.09
N GLN NA 23 -72.94 7.76 -34.88
CA GLN NA 23 -72.27 7.53 -33.60
C GLN NA 23 -70.97 8.30 -33.49
N ARG NA 24 -70.26 8.51 -34.59
CA ARG NA 24 -69.01 9.26 -34.51
C ARG NA 24 -69.25 10.69 -34.07
N VAL NA 25 -70.28 11.34 -34.61
CA VAL NA 25 -70.57 12.72 -34.24
C VAL NA 25 -71.11 12.79 -32.82
N ARG NA 26 -71.93 11.82 -32.41
CA ARG NA 26 -72.45 11.82 -31.05
C ARG NA 26 -71.35 11.62 -30.04
N CYS NA 27 -70.40 10.73 -30.34
CA CYS NA 27 -69.29 10.52 -29.43
C CYS NA 27 -68.45 11.78 -29.30
N TRP NA 28 -68.37 12.58 -30.36
CA TRP NA 28 -67.69 13.86 -30.23
C TRP NA 28 -68.36 14.73 -29.18
N GLU NA 29 -69.67 14.87 -29.30
CA GLU NA 29 -70.36 15.79 -28.40
C GLU NA 29 -70.31 15.30 -26.97
N TYR NA 30 -70.56 14.02 -26.75
CA TYR NA 30 -70.56 13.49 -25.39
C TYR NA 30 -69.26 13.81 -24.69
N ARG NA 31 -68.14 13.64 -25.41
CA ARG NA 31 -66.84 13.97 -24.86
C ARG NA 31 -66.72 15.44 -24.51
N GLN NA 32 -67.60 16.29 -25.06
CA GLN NA 32 -67.55 17.72 -24.80
C GLN NA 32 -68.44 18.15 -23.64
N GLN NA 33 -69.18 17.23 -23.05
CA GLN NA 33 -70.12 17.50 -21.96
C GLN NA 33 -69.60 16.92 -20.64
N PRO NA 34 -70.20 17.30 -19.51
CA PRO NA 34 -69.80 16.71 -18.23
C PRO NA 34 -70.04 15.22 -18.14
N ALA NA 35 -69.56 14.59 -17.07
CA ALA NA 35 -69.63 13.14 -16.97
C ALA NA 35 -71.01 12.65 -16.53
N ILE NA 36 -71.82 13.51 -15.92
CA ILE NA 36 -73.17 13.14 -15.48
C ILE NA 36 -74.11 14.26 -15.92
N VAL NA 37 -74.93 14.00 -16.93
CA VAL NA 37 -75.74 15.05 -17.54
C VAL NA 37 -77.19 14.60 -17.73
N ARG NA 38 -78.11 15.42 -17.26
CA ARG NA 38 -79.54 15.25 -17.56
C ARG NA 38 -79.80 15.41 -19.04
N ILE NA 39 -80.55 14.47 -19.63
CA ILE NA 39 -80.95 14.61 -21.02
C ILE NA 39 -82.47 14.53 -21.10
N THR NA 40 -83.03 15.18 -22.11
CA THR NA 40 -84.46 15.38 -22.20
C THR NA 40 -85.20 14.12 -22.61
N ARG NA 41 -84.70 13.39 -23.60
CA ARG NA 41 -85.37 12.22 -24.12
C ARG NA 41 -84.34 11.12 -24.32
N PRO NA 42 -84.77 9.86 -24.23
CA PRO NA 42 -83.86 8.76 -24.54
C PRO NA 42 -83.29 8.92 -25.94
N THR NA 43 -81.98 8.70 -26.08
CA THR NA 43 -81.42 8.68 -27.41
C THR NA 43 -81.65 7.34 -28.09
N ARG NA 44 -81.99 6.31 -27.33
CA ARG NA 44 -82.35 5.00 -27.84
C ARG NA 44 -83.71 4.66 -27.29
N PRO NA 45 -84.76 5.30 -27.80
CA PRO NA 45 -86.08 5.10 -27.19
C PRO NA 45 -86.53 3.65 -27.20
N ASP NA 46 -86.27 2.91 -28.28
CA ASP NA 46 -86.74 1.53 -28.34
C ASP NA 46 -86.01 0.64 -27.35
N ARG NA 47 -84.69 0.83 -27.19
CA ARG NA 47 -83.96 0.11 -26.16
C ARG NA 47 -84.46 0.49 -24.78
N ALA NA 48 -84.93 1.73 -24.63
CA ALA NA 48 -85.50 2.17 -23.37
C ALA NA 48 -86.86 1.54 -23.11
N ARG NA 49 -87.70 1.42 -24.16
CA ARG NA 49 -89.03 0.85 -24.00
C ARG NA 49 -88.94 -0.52 -23.35
N ARG NA 50 -88.07 -1.36 -23.90
CA ARG NA 50 -87.94 -2.73 -23.45
C ARG NA 50 -87.34 -2.83 -22.05
N LEU NA 51 -86.71 -1.77 -21.56
CA LEU NA 51 -86.18 -1.74 -20.22
C LEU NA 51 -87.12 -1.08 -19.22
N GLY NA 52 -88.36 -0.83 -19.60
CA GLY NA 52 -89.34 -0.34 -18.66
C GLY NA 52 -89.53 1.15 -18.63
N PHE NA 53 -88.84 1.90 -19.48
CA PHE NA 53 -89.02 3.33 -19.54
C PHE NA 53 -90.37 3.68 -20.15
N LYS NA 54 -91.04 4.66 -19.56
CA LYS NA 54 -92.26 5.22 -20.13
C LYS NA 54 -92.11 6.73 -20.24
N ALA NA 55 -92.84 7.32 -21.19
CA ALA NA 55 -92.87 8.77 -21.38
C ALA NA 55 -93.86 9.40 -20.38
N LYS NA 56 -93.57 9.22 -19.10
CA LYS NA 56 -94.40 9.71 -18.03
C LYS NA 56 -93.59 10.63 -17.13
N GLN NA 57 -94.26 11.55 -16.46
CA GLN NA 57 -93.57 12.43 -15.54
C GLN NA 57 -93.09 11.65 -14.34
N GLY NA 58 -91.84 11.89 -13.94
CA GLY NA 58 -91.18 11.12 -12.91
C GLY NA 58 -90.13 10.16 -13.43
N TYR NA 59 -90.15 9.86 -14.71
CA TYR NA 59 -89.10 9.10 -15.36
C TYR NA 59 -88.07 10.08 -15.88
N VAL NA 60 -86.82 9.96 -15.42
CA VAL NA 60 -85.78 10.85 -15.90
C VAL NA 60 -84.66 9.98 -16.44
N VAL NA 61 -83.98 10.49 -17.46
CA VAL NA 61 -82.90 9.78 -18.09
C VAL NA 61 -81.65 10.66 -17.99
N TYR NA 62 -80.54 10.06 -17.61
CA TYR NA 62 -79.29 10.77 -17.41
C TYR NA 62 -78.22 10.03 -18.21
N ARG NA 63 -77.22 10.76 -18.68
CA ARG NA 63 -76.12 10.13 -19.39
C ARG NA 63 -74.86 10.19 -18.53
N ILE NA 64 -74.23 9.05 -18.33
CA ILE NA 64 -73.08 8.90 -17.47
C ILE NA 64 -71.91 8.44 -18.33
N ARG NA 65 -70.73 8.97 -18.02
CA ARG NA 65 -69.49 8.58 -18.68
C ARG NA 65 -68.60 7.88 -17.67
N VAL NA 66 -68.10 6.72 -18.03
CA VAL NA 66 -67.18 5.99 -17.18
C VAL NA 66 -65.92 5.71 -17.98
N ARG NA 67 -64.81 5.54 -17.29
CA ARG NA 67 -63.57 5.25 -17.98
C ARG NA 67 -63.41 3.77 -18.26
N ARG NA 68 -62.65 3.48 -19.30
CA ARG NA 68 -62.42 2.13 -19.80
C ARG NA 68 -61.15 1.54 -19.19
N GLY NA 69 -60.97 0.25 -19.39
CA GLY NA 69 -59.82 -0.43 -18.85
C GLY NA 69 -60.09 -1.07 -17.52
N GLY NA 70 -59.04 -1.69 -16.98
CA GLY NA 70 -59.13 -2.46 -15.76
C GLY NA 70 -58.89 -1.63 -14.52
N ARG NA 71 -58.63 -2.34 -13.43
CA ARG NA 71 -58.45 -1.74 -12.12
C ARG NA 71 -57.03 -2.01 -11.64
N LYS NA 72 -56.16 -1.03 -11.78
CA LYS NA 72 -54.84 -1.11 -11.15
C LYS NA 72 -54.98 -1.08 -9.64
N ARG NA 73 -54.16 -1.86 -8.96
CA ARG NA 73 -54.24 -1.98 -7.51
C ARG NA 73 -53.86 -0.63 -6.92
N PRO NA 74 -54.71 0.00 -6.14
CA PRO NA 74 -54.39 1.36 -5.65
C PRO NA 74 -53.55 1.36 -4.38
N VAL NA 75 -52.26 1.06 -4.53
CA VAL NA 75 -51.33 0.93 -3.41
C VAL NA 75 -50.19 1.92 -3.65
N PRO NA 76 -49.47 2.30 -2.58
CA PRO NA 76 -48.61 3.50 -2.65
C PRO NA 76 -47.52 3.51 -3.71
N LYS NA 77 -46.89 2.41 -4.08
CA LYS NA 77 -46.03 2.53 -5.26
C LYS NA 77 -46.10 1.30 -6.14
N GLY NA 78 -47.14 0.51 -6.03
CA GLY NA 78 -47.04 -0.82 -6.54
C GLY NA 78 -46.33 -1.76 -5.61
N ILE NA 79 -46.12 -1.36 -4.36
CA ILE NA 79 -45.44 -2.18 -3.38
C ILE NA 79 -46.48 -2.96 -2.60
N VAL NA 80 -46.30 -4.27 -2.54
CA VAL NA 80 -47.14 -5.18 -1.78
C VAL NA 80 -46.28 -5.83 -0.72
N TYR NA 81 -46.75 -5.82 0.52
CA TYR NA 81 -46.07 -6.55 1.58
C TYR NA 81 -46.86 -7.85 1.77
N GLY NA 82 -46.46 -8.86 1.01
CA GLY NA 82 -47.16 -10.12 1.03
C GLY NA 82 -46.45 -11.12 0.16
N LYS NA 83 -47.02 -12.32 0.11
CA LYS NA 83 -46.45 -13.41 -0.63
C LYS NA 83 -46.53 -13.14 -2.13
N PRO NA 84 -45.64 -13.74 -2.93
CA PRO NA 84 -45.60 -13.44 -4.36
C PRO NA 84 -46.92 -13.66 -5.09
N LYS NA 85 -47.84 -14.43 -4.53
CA LYS NA 85 -49.11 -14.68 -5.21
C LYS NA 85 -49.96 -13.42 -5.29
N HIS NA 86 -49.78 -12.46 -4.38
CA HIS NA 86 -50.59 -11.25 -4.35
C HIS NA 86 -49.82 -10.01 -4.73
N GLN NA 87 -48.68 -10.15 -5.40
CA GLN NA 87 -47.86 -8.99 -5.69
C GLN NA 87 -48.18 -8.33 -7.03
N GLY NA 88 -49.18 -8.82 -7.75
CA GLY NA 88 -49.53 -8.20 -9.00
C GLY NA 88 -50.12 -6.81 -8.81
N ILE NA 89 -49.97 -5.98 -9.83
CA ILE NA 89 -50.53 -4.63 -9.78
C ILE NA 89 -51.44 -4.35 -10.97
N THR NA 90 -51.01 -4.66 -12.19
CA THR NA 90 -51.56 -3.99 -13.37
C THR NA 90 -52.24 -4.90 -14.40
N GLN NA 91 -52.68 -6.10 -14.05
CA GLN NA 91 -53.61 -6.77 -14.95
C GLN NA 91 -54.84 -7.26 -14.21
N LEU NA 92 -55.25 -6.56 -13.17
CA LEU NA 92 -56.34 -6.98 -12.34
C LEU NA 92 -57.63 -6.33 -12.82
N LYS NA 93 -58.75 -7.01 -12.59
CA LYS NA 93 -60.03 -6.57 -13.11
C LYS NA 93 -61.05 -6.41 -11.99
N PHE NA 94 -61.72 -5.26 -12.00
CA PHE NA 94 -62.83 -4.98 -11.11
C PHE NA 94 -63.94 -5.99 -11.34
N GLN NA 95 -64.61 -6.42 -10.27
CA GLN NA 95 -65.61 -7.47 -10.42
C GLN NA 95 -66.98 -6.95 -10.83
N ARG NA 96 -67.18 -5.65 -10.92
CA ARG NA 96 -68.43 -5.10 -11.42
C ARG NA 96 -68.23 -4.60 -12.83
N ASN NA 97 -69.22 -4.81 -13.68
CA ASN NA 97 -69.14 -4.34 -15.06
C ASN NA 97 -69.31 -2.82 -15.12
N LYS NA 98 -68.86 -2.23 -16.22
CA LYS NA 98 -68.89 -0.77 -16.33
C LYS NA 98 -70.31 -0.25 -16.32
N ARG NA 99 -71.26 -1.06 -16.80
CA ARG NA 99 -72.66 -0.69 -16.69
C ARG NA 99 -73.08 -0.50 -15.24
N SER NA 100 -72.62 -1.38 -14.36
CA SER NA 100 -72.91 -1.24 -12.94
C SER NA 100 -72.20 -0.04 -12.34
N VAL NA 101 -70.98 0.24 -12.79
CA VAL NA 101 -70.25 1.39 -12.26
C VAL NA 101 -70.97 2.68 -12.62
N ALA NA 102 -71.56 2.72 -13.81
CA ALA NA 102 -72.24 3.93 -14.26
C ALA NA 102 -73.52 4.17 -13.48
N GLU NA 103 -74.36 3.13 -13.32
CA GLU NA 103 -75.65 3.35 -12.67
C GLU NA 103 -75.49 3.78 -11.23
N GLU NA 104 -74.42 3.35 -10.55
CA GLU NA 104 -74.23 3.80 -9.18
C GLU NA 104 -73.62 5.20 -9.13
N ARG NA 105 -72.78 5.56 -10.11
CA ARG NA 105 -72.35 6.95 -10.21
C ARG NA 105 -73.53 7.88 -10.32
N ALA NA 106 -74.53 7.50 -11.13
CA ALA NA 106 -75.79 8.22 -11.16
C ALA NA 106 -76.54 8.09 -9.84
N GLY NA 107 -76.52 6.91 -9.24
CA GLY NA 107 -77.28 6.70 -8.03
C GLY NA 107 -76.82 7.54 -6.87
N ARG NA 108 -75.50 7.58 -6.65
CA ARG NA 108 -74.97 8.40 -5.56
C ARG NA 108 -75.26 9.88 -5.77
N ARG NA 109 -74.98 10.37 -6.97
CA ARG NA 109 -75.21 11.78 -7.27
C ARG NA 109 -76.68 12.13 -7.21
N LEU NA 110 -77.54 11.26 -7.74
CA LEU NA 110 -78.98 11.46 -7.77
C LEU NA 110 -79.65 10.81 -6.57
N GLY NA 111 -79.24 11.20 -5.37
CA GLY NA 111 -79.68 10.54 -4.16
C GLY NA 111 -81.17 10.51 -3.91
N GLY NA 112 -81.92 11.43 -4.51
CA GLY NA 112 -83.36 11.48 -4.34
C GLY NA 112 -84.17 10.62 -5.29
N LEU NA 113 -83.56 10.05 -6.31
CA LEU NA 113 -84.26 9.25 -7.31
C LEU NA 113 -83.82 7.81 -7.24
N ARG NA 114 -84.55 6.94 -7.95
CA ARG NA 114 -84.32 5.50 -7.89
C ARG NA 114 -83.98 4.95 -9.26
N VAL NA 115 -82.86 4.22 -9.34
CA VAL NA 115 -82.39 3.66 -10.61
C VAL NA 115 -83.29 2.52 -11.05
N LEU NA 116 -83.75 2.57 -12.29
CA LEU NA 116 -84.58 1.51 -12.84
C LEU NA 116 -83.81 0.53 -13.71
N ASN NA 117 -83.19 0.99 -14.80
CA ASN NA 117 -82.25 0.23 -15.64
C ASN NA 117 -81.26 1.19 -16.30
N SER NA 118 -80.49 0.66 -17.24
CA SER NA 118 -79.54 1.45 -18.00
C SER NA 118 -79.25 0.73 -19.32
N TYR NA 119 -78.65 1.45 -20.26
CA TYR NA 119 -78.35 0.86 -21.55
C TYR NA 119 -77.20 1.59 -22.23
N TRP NA 120 -76.35 0.82 -22.89
CA TRP NA 120 -75.21 1.32 -23.64
C TRP NA 120 -75.67 2.28 -24.74
N VAL NA 121 -74.93 3.36 -24.93
CA VAL NA 121 -75.17 4.25 -26.06
C VAL NA 121 -73.93 4.41 -26.95
N ASN NA 122 -72.76 4.53 -26.36
CA ASN NA 122 -71.57 4.80 -27.17
C ASN NA 122 -70.32 4.38 -26.41
N GLU NA 123 -69.19 4.46 -27.10
CA GLU NA 123 -67.88 4.20 -26.53
C GLU NA 123 -66.83 4.72 -27.48
N ASP NA 124 -65.65 4.99 -26.93
CA ASP NA 124 -64.43 5.17 -27.70
C ASP NA 124 -63.33 4.45 -26.91
N SER NA 125 -62.07 4.73 -27.24
CA SER NA 125 -60.98 4.02 -26.59
C SER NA 125 -60.85 4.38 -25.12
N THR NA 126 -61.31 5.55 -24.71
CA THR NA 126 -61.14 6.02 -23.35
C THR NA 126 -62.39 5.93 -22.49
N TYR NA 127 -63.57 6.16 -23.06
CA TYR NA 127 -64.78 6.24 -22.26
C TYR NA 127 -65.83 5.29 -22.79
N LYS NA 128 -66.77 4.94 -21.92
CA LYS NA 128 -68.02 4.31 -22.31
C LYS NA 128 -69.16 5.18 -21.79
N TYR NA 129 -70.25 5.22 -22.54
CA TYR NA 129 -71.37 6.09 -22.24
C TYR NA 129 -72.62 5.26 -22.03
N PHE NA 130 -73.29 5.50 -20.91
CA PHE NA 130 -74.50 4.78 -20.53
C PHE NA 130 -75.60 5.78 -20.26
N GLU NA 131 -76.83 5.39 -20.54
CA GLU NA 131 -78.00 6.18 -20.18
C GLU NA 131 -78.81 5.42 -19.16
N VAL NA 132 -79.08 6.08 -18.03
CA VAL NA 132 -79.71 5.43 -16.88
C VAL NA 132 -81.12 5.98 -16.75
N ILE NA 133 -82.08 5.08 -16.65
CA ILE NA 133 -83.47 5.44 -16.42
C ILE NA 133 -83.69 5.51 -14.91
N LEU NA 134 -84.00 6.70 -14.43
CA LEU NA 134 -84.26 6.98 -13.03
C LEU NA 134 -85.73 7.26 -12.86
N VAL NA 135 -86.20 7.21 -11.62
CA VAL NA 135 -87.62 7.34 -11.32
C VAL NA 135 -87.79 8.25 -10.10
N ASP NA 136 -88.75 9.17 -10.18
CA ASP NA 136 -89.17 10.00 -9.07
C ASP NA 136 -90.27 9.26 -8.31
N VAL NA 137 -89.92 8.59 -7.23
CA VAL NA 137 -90.89 7.79 -6.50
C VAL NA 137 -91.66 8.66 -5.51
N ALA NA 138 -91.47 9.97 -5.58
CA ALA NA 138 -92.31 10.90 -4.87
C ALA NA 138 -93.37 11.52 -5.77
N HIS NA 139 -93.24 11.35 -7.08
CA HIS NA 139 -94.18 11.92 -8.02
C HIS NA 139 -95.48 11.12 -8.01
N SER NA 140 -96.60 11.84 -7.96
CA SER NA 140 -97.89 11.18 -7.89
C SER NA 140 -98.21 10.41 -9.16
N ALA NA 141 -97.71 10.86 -10.31
CA ALA NA 141 -97.86 10.09 -11.54
C ALA NA 141 -97.12 8.76 -11.48
N VAL NA 142 -96.19 8.60 -10.54
CA VAL NA 142 -95.58 7.30 -10.31
C VAL NA 142 -96.33 6.50 -9.25
N ARG NA 143 -96.74 7.15 -8.16
CA ARG NA 143 -97.34 6.41 -7.06
C ARG NA 143 -98.67 5.79 -7.43
N ASN NA 144 -99.28 6.22 -8.53
CA ASN NA 144 -100.57 5.70 -8.96
C ASN NA 144 -100.46 4.77 -10.15
N ASP NA 145 -99.25 4.38 -10.54
CA ASP NA 145 -99.07 3.42 -11.61
C ASP NA 145 -98.85 2.05 -10.98
N PRO NA 146 -99.75 1.09 -11.19
CA PRO NA 146 -99.58 -0.22 -10.55
C PRO NA 146 -98.32 -0.94 -10.96
N ARG NA 147 -97.82 -0.69 -12.17
CA ARG NA 147 -96.67 -1.42 -12.67
C ARG NA 147 -95.35 -0.93 -12.09
N ILE NA 148 -95.33 0.24 -11.48
CA ILE NA 148 -94.09 0.81 -10.96
C ILE NA 148 -94.16 1.15 -9.47
N ASN NA 149 -95.31 0.95 -8.82
CA ASN NA 149 -95.39 1.18 -7.38
C ASN NA 149 -94.35 0.40 -6.61
N TRP NA 150 -93.97 -0.78 -7.09
CA TRP NA 150 -93.03 -1.61 -6.36
C TRP NA 150 -91.74 -0.86 -6.06
N LEU NA 151 -91.37 0.09 -6.91
CA LEU NA 151 -90.14 0.83 -6.71
C LEU NA 151 -90.24 1.86 -5.60
N CYS NA 152 -91.42 2.15 -5.09
CA CYS NA 152 -91.54 3.10 -3.99
C CYS NA 152 -91.36 2.45 -2.62
N LYS NA 153 -91.41 1.13 -2.52
CA LYS NA 153 -91.30 0.48 -1.23
C LYS NA 153 -89.89 0.64 -0.67
N PRO NA 154 -89.75 0.63 0.66
CA PRO NA 154 -88.45 0.87 1.26
C PRO NA 154 -87.40 -0.19 0.96
N VAL NA 155 -87.79 -1.33 0.40
CA VAL NA 155 -86.88 -2.46 0.25
C VAL NA 155 -86.13 -2.28 -1.06
N HIS NA 156 -86.37 -1.17 -1.75
CA HIS NA 156 -85.77 -0.95 -3.05
C HIS NA 156 -84.88 0.29 -3.07
N LYS NA 157 -84.59 0.85 -1.90
CA LYS NA 157 -83.66 1.97 -1.80
C LYS NA 157 -82.29 1.54 -2.30
N HIS NA 158 -81.68 2.36 -3.16
CA HIS NA 158 -80.35 2.12 -3.71
C HIS NA 158 -80.19 0.69 -4.22
N ARG NA 159 -81.02 0.33 -5.21
CA ARG NA 159 -80.92 -1.00 -5.79
C ARG NA 159 -79.57 -1.21 -6.45
N GLU NA 160 -79.01 -0.17 -7.07
CA GLU NA 160 -77.75 -0.33 -7.77
C GLU NA 160 -76.57 -0.55 -6.83
N LEU NA 161 -76.62 0.03 -5.63
CA LEU NA 161 -75.51 -0.16 -4.70
C LEU NA 161 -75.51 -1.54 -4.05
N ARG NA 162 -76.59 -2.28 -4.18
CA ARG NA 162 -76.69 -3.62 -3.63
C ARG NA 162 -76.66 -4.71 -4.68
N GLY NA 163 -76.42 -4.36 -5.95
CA GLY NA 163 -76.27 -5.35 -6.99
C GLY NA 163 -77.57 -5.92 -7.50
N LEU NA 164 -78.65 -5.15 -7.50
CA LEU NA 164 -79.97 -5.67 -7.78
C LEU NA 164 -80.58 -5.17 -9.08
N THR NA 165 -79.85 -4.44 -9.89
CA THR NA 165 -80.34 -4.05 -11.22
C THR NA 165 -79.98 -5.14 -12.21
N SER NA 166 -80.20 -4.89 -13.50
CA SER NA 166 -79.83 -5.89 -14.50
C SER NA 166 -78.34 -6.10 -14.54
N ALA NA 167 -77.55 -5.03 -14.50
CA ALA NA 167 -76.10 -5.18 -14.46
C ALA NA 167 -75.67 -5.89 -13.19
N GLY NA 168 -76.32 -5.58 -12.07
CA GLY NA 168 -76.01 -6.25 -10.83
C GLY NA 168 -76.31 -7.74 -10.90
N LYS NA 169 -77.45 -8.08 -11.49
CA LYS NA 169 -77.78 -9.49 -11.68
C LYS NA 169 -76.81 -10.18 -12.62
N LYS NA 170 -76.06 -9.42 -13.42
CA LYS NA 170 -75.11 -10.04 -14.33
C LYS NA 170 -73.81 -10.39 -13.62
N PHE NA 171 -73.16 -9.42 -12.99
CA PHE NA 171 -71.88 -9.69 -12.34
C PHE NA 171 -72.03 -10.49 -11.06
N ARG NA 172 -73.25 -10.72 -10.60
CA ARG NA 172 -73.51 -11.60 -9.48
C ARG NA 172 -73.75 -13.02 -9.92
N GLY NA 173 -73.62 -13.31 -11.21
CA GLY NA 173 -73.74 -14.67 -11.70
C GLY NA 173 -75.13 -15.21 -11.73
N LEU NA 174 -76.13 -14.35 -11.69
CA LEU NA 174 -77.53 -14.77 -11.63
C LEU NA 174 -78.19 -14.88 -12.99
N ARG NA 175 -77.46 -14.68 -14.08
CA ARG NA 175 -77.97 -14.91 -15.42
C ARG NA 175 -77.60 -16.34 -15.80
N GLY NA 176 -78.48 -17.27 -15.44
CA GLY NA 176 -78.21 -18.69 -15.54
C GLY NA 176 -78.78 -19.36 -14.32
N LYS NA 177 -78.99 -20.68 -14.41
CA LYS NA 177 -79.73 -21.29 -13.31
C LYS NA 177 -79.14 -22.55 -12.68
N GLY NA 178 -78.55 -23.43 -13.46
CA GLY NA 178 -78.32 -24.80 -13.02
C GLY NA 178 -77.04 -24.98 -12.25
N HIS NA 179 -76.45 -26.17 -12.38
CA HIS NA 179 -75.03 -26.26 -12.15
C HIS NA 179 -74.38 -25.30 -13.13
N ARG NA 180 -73.20 -24.80 -12.77
CA ARG NA 180 -72.50 -23.69 -13.37
C ARG NA 180 -72.97 -22.35 -12.77
N HIS NA 181 -74.04 -22.33 -11.99
CA HIS NA 181 -74.46 -21.12 -11.31
C HIS NA 181 -74.99 -21.35 -9.91
N HIS NA 182 -74.96 -22.58 -9.41
CA HIS NA 182 -75.62 -22.90 -8.15
C HIS NA 182 -75.00 -22.22 -6.95
N LYS NA 183 -73.72 -21.85 -7.01
CA LYS NA 183 -73.10 -21.22 -5.86
C LYS NA 183 -73.48 -19.76 -5.70
N ASN NA 184 -74.12 -19.17 -6.69
CA ASN NA 184 -74.44 -17.75 -6.64
C ASN NA 184 -75.78 -17.47 -5.98
N ARG NA 185 -76.54 -18.50 -5.63
CA ARG NA 185 -77.89 -18.36 -5.10
C ARG NA 185 -77.97 -18.98 -3.71
N PRO NA 186 -78.48 -18.27 -2.71
CA PRO NA 186 -78.97 -16.89 -2.65
C PRO NA 186 -77.89 -15.87 -2.92
N SER NA 187 -76.69 -16.15 -2.45
CA SER NA 187 -75.52 -15.32 -2.72
C SER NA 187 -74.30 -16.19 -2.58
N ARG NA 188 -73.19 -15.72 -3.15
CA ARG NA 188 -71.95 -16.50 -3.05
C ARG NA 188 -71.51 -16.61 -1.61
N ARG NA 189 -71.69 -15.54 -0.84
CA ARG NA 189 -71.31 -15.57 0.57
C ARG NA 189 -72.32 -16.32 1.42
N ALA NA 190 -73.61 -16.28 1.06
CA ALA NA 190 -74.59 -17.11 1.75
C ALA NA 190 -74.35 -18.58 1.49
N THR NA 191 -73.97 -18.93 0.26
CA THR NA 191 -73.60 -20.32 -0.04
C THR NA 191 -72.37 -20.74 0.75
N TRP NA 192 -71.37 -19.87 0.84
CA TRP NA 192 -70.17 -20.22 1.58
C TRP NA 192 -70.46 -20.43 3.06
N LYS NA 193 -71.28 -19.55 3.65
CA LYS NA 193 -71.61 -19.70 5.07
C LYS NA 193 -72.34 -21.02 5.32
N ARG NA 194 -73.28 -21.37 4.45
CA ARG NA 194 -74.03 -22.61 4.64
C ARG NA 194 -73.11 -23.81 4.59
N ASN NA 195 -72.15 -23.81 3.68
CA ASN NA 195 -71.22 -24.93 3.56
C ASN NA 195 -70.20 -24.94 4.68
N GLN NA 196 -70.04 -23.83 5.39
CA GLN NA 196 -69.12 -23.74 6.51
C GLN NA 196 -69.71 -24.23 7.81
N THR NA 197 -71.03 -24.21 7.93
CA THR NA 197 -71.66 -24.45 9.21
C THR NA 197 -71.41 -25.87 9.70
N VAL NA 198 -71.09 -25.96 10.98
CA VAL NA 198 -70.98 -27.24 11.67
C VAL NA 198 -72.29 -27.43 12.42
N SER NA 199 -73.06 -28.44 12.03
CA SER NA 199 -74.37 -28.69 12.62
C SER NA 199 -74.22 -29.77 13.68
N LEU NA 200 -74.29 -29.37 14.93
CA LEU NA 200 -74.19 -30.27 16.08
C LEU NA 200 -75.59 -30.41 16.66
N ARG NA 201 -76.29 -31.45 16.26
CA ARG NA 201 -77.67 -31.65 16.65
C ARG NA 201 -77.73 -32.15 18.09
N ARG NA 202 -78.92 -32.07 18.69
CA ARG NA 202 -79.04 -32.47 20.08
C ARG NA 202 -78.67 -33.92 20.27
N TYR NA 203 -79.27 -34.80 19.48
CA TYR NA 203 -78.98 -36.22 19.51
C TYR NA 203 -78.04 -36.53 18.36
N ARG NA 204 -76.76 -36.65 18.67
CA ARG NA 204 -75.73 -36.78 17.65
C ARG NA 204 -74.64 -37.73 18.13
N THR OA 2 -67.22 -38.45 31.42
CA THR OA 2 -67.28 -38.71 32.85
C THR OA 2 -65.94 -38.39 33.50
N THR OA 3 -65.80 -37.17 34.02
CA THR OA 3 -64.49 -36.72 34.49
C THR OA 3 -63.99 -37.55 35.67
N ARG OA 4 -64.89 -38.17 36.44
CA ARG OA 4 -64.43 -38.86 37.63
C ARG OA 4 -63.65 -40.13 37.31
N PHE OA 5 -63.88 -40.74 36.15
CA PHE OA 5 -63.11 -41.92 35.75
C PHE OA 5 -61.95 -41.62 34.83
N LYS OA 6 -61.79 -40.37 34.39
CA LYS OA 6 -60.61 -40.03 33.60
C LYS OA 6 -59.36 -40.25 34.41
N LYS OA 7 -58.31 -40.72 33.72
CA LYS OA 7 -57.10 -41.12 34.41
C LYS OA 7 -56.23 -39.95 34.82
N ASN OA 8 -56.47 -38.76 34.28
CA ASN OA 8 -55.70 -37.62 34.75
C ASN OA 8 -56.02 -37.30 36.21
N ARG OA 9 -57.18 -37.75 36.69
CA ARG OA 9 -57.55 -37.56 38.08
C ARG OA 9 -56.79 -38.45 39.02
N LYS OA 10 -56.18 -39.51 38.50
CA LYS OA 10 -55.34 -40.41 39.29
C LYS OA 10 -53.88 -40.00 39.27
N LYS OA 11 -53.48 -39.10 38.38
CA LYS OA 11 -52.11 -38.62 38.33
C LYS OA 11 -51.94 -37.28 39.02
N ARG OA 12 -53.00 -36.74 39.63
CA ARG OA 12 -52.87 -35.56 40.46
C ARG OA 12 -51.85 -35.81 41.56
N GLY OA 13 -50.92 -34.89 41.74
CA GLY OA 13 -49.83 -35.06 42.66
C GLY OA 13 -48.60 -35.68 42.05
N HIS OA 14 -48.69 -36.17 40.83
CA HIS OA 14 -47.55 -36.70 40.10
C HIS OA 14 -47.15 -35.66 39.07
N VAL OA 15 -45.86 -35.31 39.08
CA VAL OA 15 -45.42 -34.05 38.47
C VAL OA 15 -45.79 -33.98 37.00
N SER OA 16 -45.40 -35.00 36.24
CA SER OA 16 -45.39 -34.93 34.78
C SER OA 16 -46.73 -35.24 34.14
N ALA OA 17 -47.74 -35.63 34.91
CA ALA OA 17 -49.05 -36.05 34.38
C ALA OA 17 -48.92 -37.20 33.40
N GLY OA 18 -47.94 -38.08 33.61
CA GLY OA 18 -47.81 -39.28 32.84
C GLY OA 18 -47.03 -39.18 31.55
N HIS OA 19 -46.52 -38.00 31.20
CA HIS OA 19 -45.84 -37.79 29.94
C HIS OA 19 -44.33 -37.77 30.06
N GLY OA 20 -43.80 -38.08 31.22
CA GLY OA 20 -42.36 -38.22 31.29
C GLY OA 20 -41.66 -36.93 31.69
N ARG OA 21 -40.53 -37.10 32.35
CA ARG OA 21 -39.68 -35.99 32.73
C ARG OA 21 -38.70 -35.62 31.62
N VAL OA 22 -38.14 -36.61 30.93
CA VAL OA 22 -37.11 -36.36 29.94
C VAL OA 22 -37.74 -35.88 28.65
N GLY OA 23 -38.50 -36.73 27.99
CA GLY OA 23 -39.23 -36.33 26.82
C GLY OA 23 -40.57 -35.80 27.26
N LYS OA 24 -40.79 -34.51 27.13
CA LYS OA 24 -41.91 -33.87 27.77
C LYS OA 24 -43.17 -34.05 26.93
N HIS OA 25 -44.26 -33.40 27.34
CA HIS OA 25 -45.40 -33.18 26.47
C HIS OA 25 -45.20 -31.81 25.83
N ARG OA 26 -44.61 -31.81 24.65
CA ARG OA 26 -44.34 -30.60 23.89
C ARG OA 26 -45.45 -30.44 22.85
N LYS OA 27 -45.46 -29.29 22.19
CA LYS OA 27 -46.62 -28.88 21.40
C LYS OA 27 -46.90 -29.80 20.21
N HIS OA 28 -46.00 -29.84 19.23
CA HIS OA 28 -46.15 -30.68 18.04
C HIS OA 28 -44.80 -31.18 17.61
N PRO OA 29 -44.20 -32.09 18.38
CA PRO OA 29 -42.82 -32.50 18.11
C PRO OA 29 -42.63 -33.31 16.83
N GLY OA 30 -43.69 -33.81 16.20
CA GLY OA 30 -43.50 -34.50 14.94
C GLY OA 30 -44.04 -33.76 13.74
N GLY OA 31 -44.63 -32.59 13.94
CA GLY OA 31 -45.40 -31.92 12.91
C GLY OA 31 -46.88 -32.17 13.08
N ARG OA 32 -47.67 -31.40 12.33
CA ARG OA 32 -49.12 -31.47 12.47
C ARG OA 32 -49.72 -32.43 11.45
N GLY OA 33 -50.70 -33.19 11.91
CA GLY OA 33 -51.46 -34.07 11.04
C GLY OA 33 -50.58 -35.11 10.39
N ASN OA 34 -50.74 -35.26 9.08
CA ASN OA 34 -49.97 -36.19 8.28
C ASN OA 34 -48.75 -35.55 7.65
N ALA OA 35 -48.16 -34.56 8.32
CA ALA OA 35 -46.88 -34.03 7.88
C ALA OA 35 -45.86 -35.16 7.79
N GLY OA 36 -44.99 -35.07 6.78
CA GLY OA 36 -43.87 -35.99 6.70
C GLY OA 36 -44.23 -37.40 6.29
N GLY OA 37 -45.29 -37.56 5.50
CA GLY OA 37 -45.67 -38.88 5.06
C GLY OA 37 -44.60 -39.58 4.24
N MET OA 38 -43.79 -38.81 3.52
CA MET OA 38 -42.68 -39.35 2.78
C MET OA 38 -41.33 -39.00 3.37
N HIS OA 39 -41.29 -38.35 4.54
CA HIS OA 39 -40.00 -38.01 5.12
C HIS OA 39 -39.74 -38.69 6.46
N HIS OA 40 -40.48 -38.37 7.51
CA HIS OA 40 -40.18 -38.91 8.82
C HIS OA 40 -41.34 -39.74 9.35
N HIS OA 41 -42.36 -39.97 8.55
CA HIS OA 41 -43.36 -40.97 8.85
C HIS OA 41 -43.42 -42.01 7.73
N ARG OA 42 -42.33 -42.13 6.98
CA ARG OA 42 -42.33 -42.99 5.80
C ARG OA 42 -42.48 -44.45 6.18
N ILE OA 43 -41.85 -44.89 7.26
CA ILE OA 43 -42.02 -46.27 7.69
C ILE OA 43 -43.48 -46.53 8.05
N LEU OA 44 -44.10 -45.61 8.78
CA LEU OA 44 -45.47 -45.83 9.22
C LEU OA 44 -46.45 -45.84 8.04
N PHE OA 45 -46.27 -44.93 7.09
CA PHE OA 45 -47.16 -44.89 5.94
C PHE OA 45 -46.96 -46.09 5.05
N ASP OA 46 -45.73 -46.55 4.90
CA ASP OA 46 -45.45 -47.71 4.06
C ASP OA 46 -45.86 -49.01 4.73
N LYS OA 47 -45.84 -49.04 6.06
CA LYS OA 47 -46.13 -50.27 6.78
C LYS OA 47 -47.62 -50.49 6.91
N TYR OA 48 -48.36 -49.46 7.32
CA TYR OA 48 -49.77 -49.63 7.60
C TYR OA 48 -50.67 -49.13 6.49
N HIS OA 49 -50.18 -48.30 5.58
CA HIS OA 49 -51.04 -47.74 4.54
C HIS OA 49 -50.41 -47.85 3.16
N PRO OA 50 -49.95 -49.04 2.77
CA PRO OA 50 -49.34 -49.18 1.45
C PRO OA 50 -50.35 -48.88 0.35
N GLY OA 51 -49.88 -48.21 -0.70
CA GLY OA 51 -50.73 -47.69 -1.73
C GLY OA 51 -51.18 -46.25 -1.52
N TYR OA 52 -50.78 -45.62 -0.43
CA TYR OA 52 -51.31 -44.30 -0.08
C TYR OA 52 -50.95 -43.24 -1.11
N PHE OA 53 -49.71 -43.20 -1.56
CA PHE OA 53 -49.24 -42.15 -2.46
C PHE OA 53 -49.34 -42.60 -3.90
N GLY OA 54 -49.72 -41.69 -4.78
CA GLY OA 54 -49.68 -41.93 -6.20
C GLY OA 54 -51.07 -41.87 -6.83
N LYS OA 55 -51.07 -42.03 -8.15
CA LYS OA 55 -52.27 -41.87 -8.94
C LYS OA 55 -52.48 -43.13 -9.76
N VAL OA 56 -53.65 -43.76 -9.60
CA VAL OA 56 -53.98 -45.00 -10.27
C VAL OA 56 -55.32 -44.84 -10.97
N GLY OA 57 -55.44 -45.40 -12.15
CA GLY OA 57 -56.70 -45.44 -12.83
C GLY OA 57 -56.98 -44.15 -13.57
N MET OA 58 -58.24 -43.92 -13.87
CA MET OA 58 -58.62 -42.77 -14.65
C MET OA 58 -59.86 -42.08 -14.06
N ARG OA 59 -59.90 -40.77 -14.24
CA ARG OA 59 -60.89 -39.91 -13.63
C ARG OA 59 -62.25 -40.14 -14.27
N TYR OA 60 -63.30 -39.73 -13.57
CA TYR OA 60 -64.66 -39.94 -14.05
C TYR OA 60 -65.32 -38.60 -13.72
N PHE OA 61 -65.26 -37.62 -14.62
CA PHE OA 61 -65.88 -36.34 -14.28
C PHE OA 61 -67.37 -36.51 -14.04
N HIS OA 62 -67.86 -35.92 -12.93
CA HIS OA 62 -69.27 -35.91 -12.58
C HIS OA 62 -69.84 -37.33 -12.45
N LYS OA 63 -69.38 -38.03 -11.44
CA LYS OA 63 -69.86 -39.38 -11.18
C LYS OA 63 -71.17 -39.33 -10.41
N LEU OA 64 -72.17 -40.02 -10.93
CA LEU OA 64 -73.47 -40.12 -10.27
C LEU OA 64 -73.64 -41.56 -9.82
N SER OA 65 -73.89 -41.74 -8.52
CA SER OA 65 -73.95 -43.07 -7.94
C SER OA 65 -75.14 -43.87 -8.48
N ASN OA 66 -76.27 -43.21 -8.71
CA ASN OA 66 -77.47 -43.90 -9.18
C ASN OA 66 -77.23 -44.67 -10.46
N ARG OA 67 -76.36 -44.17 -11.33
CA ARG OA 67 -76.07 -44.89 -12.56
C ARG OA 67 -75.44 -46.25 -12.28
N PHE OA 68 -74.78 -46.40 -11.13
CA PHE OA 68 -74.02 -47.59 -10.79
C PHE OA 68 -74.75 -48.53 -9.85
N TYR OA 69 -76.00 -48.21 -9.49
CA TYR OA 69 -76.74 -48.96 -8.48
C TYR OA 69 -77.24 -50.30 -9.03
N THR OA 70 -76.74 -51.40 -8.46
CA THR OA 70 -77.20 -52.74 -8.78
C THR OA 70 -77.19 -53.58 -7.52
N PRO OA 71 -78.28 -53.55 -6.74
CA PRO OA 71 -78.38 -54.45 -5.58
C PRO OA 71 -78.43 -55.91 -6.01
N THR OA 72 -77.85 -56.77 -5.19
CA THR OA 72 -77.69 -58.18 -5.53
C THR OA 72 -78.14 -59.08 -4.39
N VAL OA 73 -78.70 -60.22 -4.78
CA VAL OA 73 -79.18 -61.23 -3.85
C VAL OA 73 -78.72 -62.58 -4.38
N ASN OA 74 -78.42 -63.49 -3.48
CA ASN OA 74 -78.05 -64.83 -3.91
C ASN OA 74 -79.29 -65.71 -4.03
N VAL OA 75 -79.10 -66.87 -4.66
CA VAL OA 75 -80.19 -67.83 -4.78
C VAL OA 75 -80.47 -68.49 -3.44
N GLU OA 76 -79.47 -68.59 -2.57
CA GLU OA 76 -79.69 -69.18 -1.25
C GLU OA 76 -80.73 -68.40 -0.45
N ARG OA 77 -81.02 -67.17 -0.82
CA ARG OA 77 -81.95 -66.35 -0.08
C ARG OA 77 -83.31 -66.20 -0.76
N LEU OA 78 -83.54 -66.91 -1.86
CA LEU OA 78 -84.78 -66.75 -2.62
C LEU OA 78 -85.98 -67.40 -1.95
N TRP OA 79 -85.78 -68.40 -1.10
CA TRP OA 79 -86.91 -69.11 -0.52
C TRP OA 79 -87.42 -68.48 0.77
N SER OA 80 -86.65 -67.63 1.43
CA SER OA 80 -87.22 -66.80 2.47
C SER OA 80 -88.22 -65.81 1.89
N MET OA 81 -88.13 -65.57 0.59
CA MET OA 81 -88.95 -64.62 -0.14
C MET OA 81 -90.32 -65.20 -0.41
N VAL OA 82 -90.44 -66.52 -0.35
CA VAL OA 82 -91.67 -67.25 -0.64
C VAL OA 82 -92.48 -67.38 0.64
N PRO OA 83 -93.73 -66.91 0.67
CA PRO OA 83 -94.58 -67.14 1.83
C PRO OA 83 -94.96 -68.60 1.96
N SER OA 84 -95.17 -69.03 3.21
CA SER OA 84 -95.30 -70.44 3.52
C SER OA 84 -96.52 -71.07 2.83
N ASP OA 85 -97.65 -70.39 2.86
CA ASP OA 85 -98.85 -70.97 2.27
C ASP OA 85 -98.67 -71.19 0.77
N LYS OA 86 -98.02 -70.24 0.10
CA LYS OA 86 -97.74 -70.39 -1.32
C LYS OA 86 -96.60 -71.36 -1.58
N ALA OA 87 -95.68 -71.50 -0.62
CA ALA OA 87 -94.69 -72.56 -0.68
C ALA OA 87 -95.32 -73.93 -0.54
N ALA OA 88 -96.56 -73.99 -0.03
CA ALA OA 88 -97.30 -75.25 0.03
C ALA OA 88 -98.06 -75.49 -1.27
N GLU OA 89 -98.76 -74.47 -1.76
CA GLU OA 89 -99.44 -74.59 -3.04
C GLU OA 89 -98.41 -74.79 -4.14
N ALA OA 90 -98.32 -76.02 -4.65
CA ALA OA 90 -97.37 -76.36 -5.70
C ALA OA 90 -97.61 -77.81 -6.11
N GLY OA 91 -97.14 -78.14 -7.29
CA GLY OA 91 -97.05 -79.52 -7.73
C GLY OA 91 -95.61 -79.83 -8.10
N GLY OA 92 -95.38 -80.95 -8.77
CA GLY OA 92 -94.05 -81.22 -9.28
C GLY OA 92 -93.63 -80.19 -10.32
N ASP OA 93 -94.53 -79.86 -11.23
CA ASP OA 93 -94.28 -78.87 -12.27
C ASP OA 93 -94.69 -77.46 -11.86
N LYS OA 94 -95.42 -77.30 -10.77
CA LYS OA 94 -95.94 -76.01 -10.37
C LYS OA 94 -95.01 -75.39 -9.34
N ALA OA 95 -94.51 -74.19 -9.63
CA ALA OA 95 -93.50 -73.53 -8.84
C ALA OA 95 -93.90 -72.09 -8.56
N PRO OA 96 -93.50 -71.54 -7.42
CA PRO OA 96 -93.72 -70.12 -7.18
C PRO OA 96 -92.79 -69.26 -8.01
N VAL OA 97 -93.22 -68.03 -8.26
CA VAL OA 97 -92.46 -67.09 -9.05
C VAL OA 97 -92.10 -65.88 -8.18
N VAL OA 98 -90.82 -65.55 -8.13
CA VAL OA 98 -90.31 -64.51 -7.25
C VAL OA 98 -89.76 -63.38 -8.09
N ASP OA 99 -90.46 -62.26 -8.13
CA ASP OA 99 -89.96 -61.02 -8.72
C ASP OA 99 -89.06 -60.32 -7.72
N VAL OA 100 -87.75 -60.58 -7.80
CA VAL OA 100 -86.81 -59.98 -6.88
C VAL OA 100 -86.82 -58.46 -6.98
N SER OA 101 -87.32 -57.92 -8.09
CA SER OA 101 -87.45 -56.47 -8.22
C SER OA 101 -88.41 -55.88 -7.21
N GLN OA 102 -89.41 -56.64 -6.77
CA GLN OA 102 -90.31 -56.15 -5.74
C GLN OA 102 -89.70 -56.20 -4.35
N PHE OA 103 -88.54 -56.83 -4.20
CA PHE OA 103 -87.81 -56.85 -2.95
C PHE OA 103 -86.57 -55.97 -2.98
N GLY OA 104 -86.40 -55.17 -4.02
CA GLY OA 104 -85.32 -54.22 -4.08
C GLY OA 104 -84.04 -54.73 -4.71
N TYR OA 105 -84.07 -55.85 -5.40
CA TYR OA 105 -82.87 -56.45 -5.99
C TYR OA 105 -82.91 -56.37 -7.51
N PHE OA 106 -81.74 -56.15 -8.10
CA PHE OA 106 -81.61 -56.06 -9.55
C PHE OA 106 -81.01 -57.33 -10.14
N LYS OA 107 -79.91 -57.81 -9.58
CA LYS OA 107 -79.22 -58.96 -10.08
C LYS OA 107 -79.35 -60.11 -9.10
N VAL OA 108 -79.25 -61.32 -9.62
CA VAL OA 108 -79.27 -62.55 -8.82
C VAL OA 108 -77.92 -63.24 -8.98
N LEU OA 109 -77.26 -63.52 -7.86
CA LEU OA 109 -75.99 -64.22 -7.85
C LEU OA 109 -76.18 -65.64 -7.34
N GLY OA 110 -75.15 -66.45 -7.51
CA GLY OA 110 -75.29 -67.89 -7.36
C GLY OA 110 -74.72 -68.54 -6.12
N LYS OA 111 -74.35 -67.78 -5.09
CA LYS OA 111 -73.83 -68.38 -3.88
C LYS OA 111 -74.91 -69.18 -3.16
N GLY OA 112 -74.51 -70.30 -2.56
CA GLY OA 112 -75.38 -71.10 -1.72
C GLY OA 112 -76.19 -72.13 -2.50
N MET OA 113 -76.86 -73.00 -1.75
CA MET OA 113 -77.65 -74.07 -2.31
C MET OA 113 -79.13 -73.70 -2.37
N LEU OA 114 -79.86 -74.45 -3.19
CA LEU OA 114 -81.29 -74.35 -3.38
C LEU OA 114 -81.96 -75.68 -3.11
N PRO OA 115 -83.17 -75.68 -2.55
CA PRO OA 115 -83.89 -76.94 -2.36
C PRO OA 115 -84.43 -77.45 -3.69
N GLU OA 116 -84.83 -78.73 -3.68
CA GLU OA 116 -85.26 -79.39 -4.91
C GLU OA 116 -86.47 -78.70 -5.54
N LYS OA 117 -87.24 -77.97 -4.76
CA LYS OA 117 -88.47 -77.40 -5.26
C LYS OA 117 -88.16 -76.42 -6.40
N PRO OA 118 -88.77 -76.57 -7.56
CA PRO OA 118 -88.56 -75.60 -8.63
C PRO OA 118 -89.05 -74.22 -8.24
N ILE OA 119 -88.45 -73.22 -8.87
CA ILE OA 119 -88.68 -71.81 -8.62
C ILE OA 119 -88.54 -71.08 -9.94
N VAL OA 120 -89.31 -70.01 -10.12
CA VAL OA 120 -89.14 -69.16 -11.28
C VAL OA 120 -88.69 -67.80 -10.80
N VAL OA 121 -87.40 -67.54 -10.98
CA VAL OA 121 -86.80 -66.27 -10.61
C VAL OA 121 -86.99 -65.32 -11.77
N LYS OA 122 -87.53 -64.14 -11.49
CA LYS OA 122 -87.80 -63.17 -12.53
C LYS OA 122 -87.03 -61.91 -12.15
N ALA OA 123 -85.93 -61.65 -12.86
CA ALA OA 123 -84.98 -60.62 -12.48
C ALA OA 123 -84.59 -59.77 -13.67
N LYS OA 124 -83.95 -58.64 -13.36
CA LYS OA 124 -83.34 -57.80 -14.39
C LYS OA 124 -82.01 -58.37 -14.87
N LEU OA 125 -81.23 -58.97 -13.96
CA LEU OA 125 -79.91 -59.47 -14.28
C LEU OA 125 -79.64 -60.73 -13.48
N ILE OA 126 -78.71 -61.55 -13.96
CA ILE OA 126 -78.40 -62.82 -13.32
C ILE OA 126 -77.02 -63.26 -13.80
N SER OA 127 -76.38 -64.12 -13.01
CA SER OA 127 -75.08 -64.64 -13.37
C SER OA 127 -75.22 -66.03 -14.01
N LYS OA 128 -74.10 -66.50 -14.57
CA LYS OA 128 -74.04 -67.85 -15.12
C LYS OA 128 -74.49 -68.89 -14.11
N ILE OA 129 -73.81 -68.96 -12.98
CA ILE OA 129 -74.03 -70.02 -12.01
C ILE OA 129 -75.43 -69.91 -11.41
N ALA OA 130 -75.91 -68.69 -11.21
CA ALA OA 130 -77.21 -68.52 -10.58
C ALA OA 130 -78.31 -69.18 -11.40
N GLU OA 131 -78.28 -68.99 -12.72
CA GLU OA 131 -79.24 -69.69 -13.57
C GLU OA 131 -78.91 -71.16 -13.70
N LYS OA 132 -77.62 -71.51 -13.68
CA LYS OA 132 -77.25 -72.91 -13.74
C LYS OA 132 -77.77 -73.67 -12.52
N LYS OA 133 -77.77 -73.02 -11.36
CA LYS OA 133 -78.30 -73.67 -10.15
C LYS OA 133 -79.82 -73.70 -10.15
N ILE OA 134 -80.46 -72.64 -10.65
CA ILE OA 134 -81.93 -72.62 -10.70
C ILE OA 134 -82.47 -73.66 -11.66
N LYS OA 135 -81.84 -73.81 -12.83
CA LYS OA 135 -82.27 -74.83 -13.77
C LYS OA 135 -82.08 -76.22 -13.18
N ALA OA 136 -80.94 -76.43 -12.50
CA ALA OA 136 -80.63 -77.71 -11.89
C ALA OA 136 -81.59 -78.07 -10.77
N ALA OA 137 -82.31 -77.10 -10.22
CA ALA OA 137 -83.40 -77.40 -9.30
C ALA OA 137 -84.69 -77.72 -10.02
N GLY OA 138 -84.74 -77.52 -11.33
CA GLY OA 138 -85.94 -77.76 -12.10
C GLY OA 138 -86.76 -76.52 -12.43
N GLY OA 139 -86.35 -75.35 -11.99
CA GLY OA 139 -87.05 -74.12 -12.27
C GLY OA 139 -86.53 -73.42 -13.51
N ALA OA 140 -86.96 -72.17 -13.68
CA ALA OA 140 -86.59 -71.38 -14.84
C ALA OA 140 -86.22 -69.98 -14.40
N VAL OA 141 -85.66 -69.21 -15.32
CA VAL OA 141 -85.34 -67.81 -15.11
C VAL OA 141 -86.11 -66.97 -16.12
N VAL OA 142 -86.58 -65.81 -15.69
CA VAL OA 142 -87.30 -64.88 -16.55
C VAL OA 142 -86.59 -63.53 -16.45
N LEU OA 143 -86.35 -62.91 -17.59
CA LEU OA 143 -85.75 -61.59 -17.66
C LEU OA 143 -86.85 -60.53 -17.81
N VAL OA 144 -86.71 -59.43 -17.08
CA VAL OA 144 -87.66 -58.32 -17.11
C VAL OA 144 -86.87 -57.01 -17.08
N ALA OA 145 -87.61 -55.91 -17.12
CA ALA OA 145 -87.00 -54.59 -17.03
C ALA OA 145 -87.82 -53.67 -16.13
N GLY PA 2 -32.95 -62.06 50.37
CA GLY PA 2 -33.18 -62.08 48.94
C GLY PA 2 -33.34 -63.46 48.39
N ILE PA 3 -34.29 -63.66 47.50
CA ILE PA 3 -34.49 -64.92 46.81
C ILE PA 3 -34.68 -64.64 45.32
N ASP PA 4 -33.96 -65.36 44.49
CA ASP PA 4 -33.94 -65.13 43.05
C ASP PA 4 -35.24 -65.61 42.43
N LEU PA 5 -36.16 -64.67 42.20
CA LEU PA 5 -37.46 -65.00 41.62
C LEU PA 5 -37.93 -63.82 40.78
N VAL PA 6 -38.81 -64.11 39.85
CA VAL PA 6 -39.38 -63.09 38.98
C VAL PA 6 -40.67 -62.58 39.62
N ALA PA 7 -40.69 -61.29 39.96
CA ALA PA 7 -41.84 -60.65 40.59
C ALA PA 7 -42.27 -61.38 41.86
N GLY PA 8 -41.29 -61.84 42.62
CA GLY PA 8 -41.59 -62.54 43.85
C GLY PA 8 -42.29 -63.86 43.68
N GLY PA 9 -42.22 -64.48 42.49
CA GLY PA 9 -42.89 -65.73 42.26
C GLY PA 9 -44.38 -65.62 42.07
N ARG PA 10 -44.92 -64.41 42.00
CA ARG PA 10 -46.35 -64.19 41.94
C ARG PA 10 -46.84 -64.24 40.50
N ASN PA 11 -48.10 -64.64 40.34
CA ASN PA 11 -48.72 -64.77 39.04
C ASN PA 11 -48.89 -63.41 38.37
N LYS PA 12 -48.43 -63.29 37.13
CA LYS PA 12 -48.61 -62.07 36.37
C LYS PA 12 -49.64 -62.19 35.25
N ARG PA 13 -50.12 -63.39 34.96
CA ARG PA 13 -51.22 -63.54 34.02
C ARG PA 13 -52.53 -63.14 34.69
N THR PA 14 -53.54 -62.92 33.87
CA THR PA 14 -54.85 -62.48 34.36
C THR PA 14 -55.94 -63.34 33.72
N LYS PA 15 -56.92 -63.72 34.54
CA LYS PA 15 -58.11 -64.39 34.05
C LYS PA 15 -59.31 -63.83 34.79
N ARG PA 16 -60.47 -63.89 34.13
CA ARG PA 16 -61.71 -63.47 34.75
C ARG PA 16 -62.13 -64.48 35.81
N THR PA 17 -62.15 -64.05 37.06
CA THR PA 17 -62.63 -64.89 38.15
C THR PA 17 -64.12 -64.69 38.41
N ALA PA 18 -64.74 -63.80 37.66
CA ALA PA 18 -66.14 -63.43 37.83
C ALA PA 18 -66.56 -62.65 36.60
N PRO PA 19 -67.86 -62.59 36.31
CA PRO PA 19 -68.30 -61.83 35.13
C PRO PA 19 -68.27 -60.34 35.41
N LYS PA 20 -68.23 -59.59 34.31
CA LYS PA 20 -68.15 -58.14 34.40
C LYS PA 20 -69.52 -57.51 34.58
N SER PA 21 -70.56 -58.08 33.98
CA SER PA 21 -71.88 -57.47 34.03
C SER PA 21 -72.49 -57.63 35.41
N ASP PA 22 -73.11 -56.56 35.89
CA ASP PA 22 -73.96 -56.64 37.08
C ASP PA 22 -75.42 -56.88 36.66
N ASP PA 23 -75.58 -58.00 35.97
CA ASP PA 23 -76.88 -58.51 35.54
C ASP PA 23 -77.32 -59.55 36.55
N VAL PA 24 -78.49 -59.34 37.16
CA VAL PA 24 -78.87 -60.11 38.34
C VAL PA 24 -79.08 -61.58 38.00
N TYR PA 25 -79.64 -61.86 36.82
CA TYR PA 25 -79.90 -63.25 36.47
C TYR PA 25 -78.62 -63.99 36.11
N LEU PA 26 -77.71 -63.33 35.40
CA LEU PA 26 -76.44 -63.98 35.14
C LEU PA 26 -75.67 -64.18 36.44
N LYS PA 27 -75.83 -63.27 37.40
CA LYS PA 27 -75.22 -63.47 38.71
C LYS PA 27 -75.80 -64.68 39.42
N LEU PA 28 -77.11 -64.90 39.29
CA LEU PA 28 -77.73 -66.08 39.89
C LEU PA 28 -77.25 -67.37 39.25
N LEU PA 29 -77.14 -67.37 37.91
CA LEU PA 29 -76.63 -68.56 37.22
C LEU PA 29 -75.23 -68.91 37.67
N VAL PA 30 -74.41 -67.90 37.98
CA VAL PA 30 -73.03 -68.15 38.38
C VAL PA 30 -72.98 -68.83 39.74
N LYS PA 31 -73.87 -68.43 40.65
CA LYS PA 31 -73.91 -69.08 41.95
C LYS PA 31 -74.29 -70.56 41.83
N LEU PA 32 -75.20 -70.88 40.93
CA LEU PA 32 -75.56 -72.28 40.70
C LEU PA 32 -74.34 -73.08 40.23
N TYR PA 33 -73.60 -72.56 39.27
CA TYR PA 33 -72.51 -73.32 38.70
C TYR PA 33 -71.26 -73.29 39.55
N ARG PA 34 -71.12 -72.32 40.45
CA ARG PA 34 -70.06 -72.45 41.45
C ARG PA 34 -70.36 -73.62 42.37
N PHE PA 35 -71.62 -73.79 42.75
CA PHE PA 35 -72.01 -74.94 43.55
C PHE PA 35 -71.85 -76.24 42.78
N LEU PA 36 -72.21 -76.25 41.51
CA LEU PA 36 -72.17 -77.49 40.73
C LEU PA 36 -70.74 -77.95 40.50
N VAL PA 37 -69.84 -77.02 40.14
CA VAL PA 37 -68.45 -77.41 39.97
C VAL PA 37 -67.88 -77.83 41.30
N ARG PA 38 -68.36 -77.23 42.39
CA ARG PA 38 -67.78 -77.49 43.70
C ARG PA 38 -68.12 -78.88 44.20
N ARG PA 39 -69.36 -79.33 44.02
CA ARG PA 39 -69.81 -80.56 44.63
C ARG PA 39 -69.86 -81.73 43.67
N THR PA 40 -70.10 -81.49 42.38
CA THR PA 40 -70.27 -82.57 41.42
C THR PA 40 -69.02 -82.89 40.62
N LYS PA 41 -68.05 -81.97 40.55
CA LYS PA 41 -66.78 -82.17 39.84
C LYS PA 41 -66.98 -82.55 38.38
N SER PA 42 -68.08 -82.12 37.78
CA SER PA 42 -68.27 -82.33 36.35
C SER PA 42 -67.30 -81.45 35.58
N GLN PA 43 -66.47 -82.07 34.74
CA GLN PA 43 -65.57 -81.29 33.91
C GLN PA 43 -66.37 -80.40 32.97
N PHE PA 44 -67.49 -80.90 32.48
CA PHE PA 44 -68.43 -80.06 31.73
C PHE PA 44 -68.84 -78.84 32.54
N ASN PA 45 -69.09 -79.03 33.83
CA ASN PA 45 -69.54 -77.92 34.66
C ASN PA 45 -68.44 -76.88 34.84
N ALA PA 46 -67.18 -77.32 34.89
CA ALA PA 46 -66.08 -76.37 34.98
C ALA PA 46 -65.97 -75.51 33.74
N VAL PA 47 -66.19 -76.09 32.56
CA VAL PA 47 -66.13 -75.32 31.32
C VAL PA 47 -67.26 -74.30 31.29
N ILE PA 48 -68.48 -74.71 31.67
CA ILE PA 48 -69.62 -73.82 31.59
C ILE PA 48 -69.43 -72.63 32.51
N LEU PA 49 -68.85 -72.86 33.69
CA LEU PA 49 -68.66 -71.76 34.63
C LEU PA 49 -67.76 -70.68 34.05
N LYS PA 50 -66.58 -71.06 33.55
CA LYS PA 50 -65.66 -70.02 33.10
C LYS PA 50 -66.16 -69.36 31.83
N ARG PA 51 -66.88 -70.07 30.98
CA ARG PA 51 -67.49 -69.42 29.82
C ARG PA 51 -68.57 -68.45 30.23
N LEU PA 52 -69.19 -68.65 31.39
CA LEU PA 52 -70.12 -67.67 31.88
C LEU PA 52 -69.42 -66.36 32.25
N PHE PA 53 -68.14 -66.45 32.62
CA PHE PA 53 -67.39 -65.25 32.95
C PHE PA 53 -66.77 -64.62 31.71
N MET PA 54 -67.51 -64.44 30.63
CA MET PA 54 -66.85 -64.06 29.39
C MET PA 54 -67.52 -62.87 28.75
N SER PA 55 -66.70 -62.11 28.05
CA SER PA 55 -67.14 -60.91 27.36
C SER PA 55 -67.89 -61.28 26.09
N LYS PA 56 -68.61 -60.31 25.55
CA LYS PA 56 -69.44 -60.54 24.39
C LYS PA 56 -68.65 -61.03 23.20
N THR PA 57 -67.39 -60.61 23.06
CA THR PA 57 -66.60 -61.02 21.91
C THR PA 57 -65.97 -62.39 22.08
N ASN PA 58 -65.87 -62.89 23.31
CA ASN PA 58 -65.39 -64.24 23.54
C ASN PA 58 -66.51 -65.25 23.54
N ARG PA 59 -67.74 -64.82 23.31
CA ARG PA 59 -68.91 -65.68 23.22
C ARG PA 59 -69.68 -65.34 21.95
N PRO PA 60 -69.11 -65.63 20.79
CA PRO PA 60 -69.74 -65.21 19.52
C PRO PA 60 -71.01 -65.99 19.26
N PRO PA 61 -71.92 -65.44 18.46
CA PRO PA 61 -73.18 -66.14 18.18
C PRO PA 61 -72.96 -67.35 17.28
N LEU PA 62 -73.90 -68.28 17.37
CA LEU PA 62 -73.95 -69.46 16.53
C LEU PA 62 -75.23 -69.45 15.72
N SER PA 63 -75.10 -69.58 14.40
CA SER PA 63 -76.25 -69.63 13.52
C SER PA 63 -76.92 -70.99 13.59
N MET PA 64 -78.20 -71.03 13.23
CA MET PA 64 -78.92 -72.29 13.23
C MET PA 64 -78.47 -73.21 12.11
N ARG PA 65 -77.97 -72.65 11.01
CA ARG PA 65 -77.39 -73.50 9.97
C ARG PA 65 -76.20 -74.28 10.50
N ARG PA 66 -75.28 -73.60 11.17
CA ARG PA 66 -74.11 -74.28 11.69
C ARG PA 66 -74.48 -75.22 12.84
N LEU PA 67 -75.49 -74.85 13.63
CA LEU PA 67 -75.94 -75.72 14.72
C LEU PA 67 -76.59 -76.98 14.17
N VAL PA 68 -77.39 -76.85 13.12
CA VAL PA 68 -78.05 -77.99 12.52
C VAL PA 68 -77.04 -78.96 11.94
N ARG PA 69 -75.98 -78.42 11.34
CA ARG PA 69 -74.90 -79.27 10.85
C ARG PA 69 -74.24 -80.02 12.00
N PHE PA 70 -73.99 -79.34 13.12
CA PHE PA 70 -73.25 -79.96 14.22
C PHE PA 70 -74.07 -80.97 15.00
N MET PA 71 -75.40 -80.87 14.92
CA MET PA 71 -76.27 -81.79 15.62
C MET PA 71 -76.64 -83.01 14.79
N GLU PA 72 -76.45 -82.96 13.48
CA GLU PA 72 -76.97 -83.95 12.55
C GLU PA 72 -76.61 -85.36 12.98
N GLY PA 73 -77.63 -86.18 13.18
CA GLY PA 73 -77.45 -87.55 13.64
C GLY PA 73 -77.32 -87.70 15.14
N LYS PA 74 -77.23 -86.61 15.89
CA LYS PA 74 -77.10 -86.68 17.33
C LYS PA 74 -78.30 -86.02 18.00
N GLU PA 75 -79.49 -86.36 17.53
CA GLU PA 75 -80.70 -85.71 18.02
C GLU PA 75 -81.26 -86.36 19.27
N ASP PA 76 -80.52 -87.29 19.87
CA ASP PA 76 -80.81 -87.77 21.21
C ASP PA 76 -80.01 -87.03 22.28
N LYS PA 77 -79.45 -85.87 21.96
CA LYS PA 77 -78.62 -85.10 22.87
C LYS PA 77 -79.04 -83.65 22.87
N ILE PA 78 -78.49 -82.88 23.80
CA ILE PA 78 -78.83 -81.48 23.98
C ILE PA 78 -77.65 -80.62 23.54
N ALA PA 79 -77.89 -79.71 22.61
CA ALA PA 79 -76.89 -78.75 22.20
C ALA PA 79 -76.73 -77.66 23.25
N VAL PA 80 -75.49 -77.35 23.60
CA VAL PA 80 -75.19 -76.41 24.67
C VAL PA 80 -74.28 -75.33 24.10
N ILE PA 81 -74.72 -74.09 24.16
CA ILE PA 81 -73.95 -72.94 23.67
C ILE PA 81 -74.05 -71.85 24.72
N VAL PA 82 -72.90 -71.38 25.20
CA VAL PA 82 -72.88 -70.27 26.16
C VAL PA 82 -72.89 -69.02 25.30
N GLY PA 83 -74.08 -68.62 24.87
CA GLY PA 83 -74.17 -67.52 23.93
C GLY PA 83 -75.53 -67.45 23.27
N THR PA 84 -75.53 -66.94 22.04
CA THR PA 84 -76.74 -66.61 21.33
C THR PA 84 -76.92 -67.50 20.12
N ILE PA 85 -78.15 -67.96 19.91
CA ILE PA 85 -78.53 -68.67 18.69
C ILE PA 85 -79.27 -67.71 17.79
N THR PA 86 -78.73 -67.45 16.60
CA THR PA 86 -79.37 -66.61 15.61
C THR PA 86 -79.98 -67.46 14.52
N ASP PA 87 -81.10 -66.98 13.98
CA ASP PA 87 -81.80 -67.68 12.94
C ASP PA 87 -81.06 -67.53 11.61
N ASP PA 88 -81.12 -68.57 10.78
CA ASP PA 88 -80.45 -68.57 9.48
C ASP PA 88 -81.48 -68.91 8.41
N GLN PA 89 -81.67 -67.99 7.46
CA GLN PA 89 -82.67 -68.16 6.41
C GLN PA 89 -82.23 -69.14 5.34
N ARG PA 90 -80.93 -69.38 5.21
CA ARG PA 90 -80.33 -70.22 4.18
C ARG PA 90 -80.55 -71.70 4.45
N VAL PA 91 -81.13 -72.06 5.56
CA VAL PA 91 -81.40 -73.45 5.89
C VAL PA 91 -82.88 -73.71 5.68
N TYR PA 92 -83.20 -74.93 5.28
CA TYR PA 92 -84.57 -75.39 5.13
C TYR PA 92 -84.90 -76.52 6.08
N GLU PA 93 -84.08 -77.57 6.09
CA GLU PA 93 -84.29 -78.70 6.99
C GLU PA 93 -83.69 -78.36 8.34
N ILE PA 94 -84.48 -78.44 9.40
CA ILE PA 94 -83.92 -78.45 10.75
C ILE PA 94 -84.58 -79.58 11.52
N PRO PA 95 -83.81 -80.43 12.19
CA PRO PA 95 -84.39 -81.51 12.97
C PRO PA 95 -84.96 -80.98 14.28
N ALA PA 96 -85.79 -81.80 14.91
CA ALA PA 96 -86.24 -81.49 16.26
C ALA PA 96 -85.07 -81.64 17.21
N MET PA 97 -84.68 -80.55 17.85
CA MET PA 97 -83.45 -80.53 18.63
C MET PA 97 -83.64 -79.70 19.89
N LYS PA 98 -82.88 -80.06 20.92
CA LYS PA 98 -82.99 -79.47 22.25
C LYS PA 98 -81.75 -78.63 22.48
N VAL PA 99 -81.91 -77.32 22.59
CA VAL PA 99 -80.80 -76.39 22.58
C VAL PA 99 -80.84 -75.57 23.86
N ALA PA 100 -79.72 -75.50 24.56
CA ALA PA 100 -79.57 -74.60 25.70
C ALA PA 100 -78.64 -73.46 25.33
N ALA PA 101 -79.06 -72.23 25.61
CA ALA PA 101 -78.27 -71.05 25.29
C ALA PA 101 -78.69 -69.92 26.21
N LEU PA 102 -77.82 -68.91 26.34
CA LEU PA 102 -78.16 -67.75 27.14
C LEU PA 102 -79.27 -66.94 26.49
N ARG PA 103 -79.23 -66.79 25.17
CA ARG PA 103 -80.27 -66.06 24.46
C ARG PA 103 -80.63 -66.78 23.18
N PHE PA 104 -81.88 -66.62 22.78
CA PHE PA 104 -82.36 -66.95 21.45
C PHE PA 104 -82.95 -65.70 20.85
N THR PA 105 -82.65 -65.43 19.59
CA THR PA 105 -83.40 -64.40 18.92
C THR PA 105 -84.84 -64.88 18.73
N GLU PA 106 -85.76 -63.94 18.52
CA GLU PA 106 -87.16 -64.31 18.40
C GLU PA 106 -87.38 -65.24 17.21
N THR PA 107 -86.76 -64.95 16.07
CA THR PA 107 -86.93 -65.81 14.91
C THR PA 107 -86.30 -67.18 15.12
N ALA PA 108 -85.16 -67.22 15.80
CA ALA PA 108 -84.53 -68.51 16.06
C ALA PA 108 -85.41 -69.38 16.94
N ARG PA 109 -85.88 -68.83 18.06
CA ARG PA 109 -86.64 -69.64 19.01
C ARG PA 109 -87.90 -70.18 18.36
N ALA PA 110 -88.58 -69.37 17.56
CA ALA PA 110 -89.75 -69.85 16.84
C ALA PA 110 -89.40 -70.97 15.88
N ARG PA 111 -88.28 -70.85 15.17
CA ARG PA 111 -87.87 -71.89 14.24
C ARG PA 111 -87.58 -73.20 14.96
N ILE PA 112 -86.89 -73.12 16.10
CA ILE PA 112 -86.58 -74.34 16.87
C ILE PA 112 -87.85 -74.96 17.42
N VAL PA 113 -88.72 -74.16 18.03
CA VAL PA 113 -89.93 -74.70 18.63
C VAL PA 113 -90.83 -75.29 17.56
N ASN PA 114 -90.99 -74.59 16.44
CA ASN PA 114 -91.88 -75.07 15.40
C ASN PA 114 -91.37 -76.33 14.74
N ALA PA 115 -90.09 -76.65 14.90
CA ALA PA 115 -89.59 -77.94 14.50
C ALA PA 115 -89.94 -79.04 15.50
N GLY PA 116 -90.48 -78.68 16.66
CA GLY PA 116 -90.64 -79.65 17.73
C GLY PA 116 -89.42 -79.82 18.60
N GLY PA 117 -88.64 -78.75 18.80
CA GLY PA 117 -87.52 -78.77 19.71
C GLY PA 117 -87.81 -78.00 20.99
N GLU PA 118 -86.74 -77.75 21.73
CA GLU PA 118 -86.82 -77.03 22.99
C GLU PA 118 -85.72 -75.98 23.07
N CYS PA 119 -86.07 -74.83 23.63
CA CYS PA 119 -85.13 -73.74 23.85
C CYS PA 119 -84.92 -73.63 25.36
N LEU PA 120 -83.89 -74.33 25.84
CA LEU PA 120 -83.63 -74.45 27.25
C LEU PA 120 -82.78 -73.29 27.73
N THR PA 121 -82.91 -72.97 29.01
CA THR PA 121 -81.99 -72.07 29.68
C THR PA 121 -80.96 -72.89 30.44
N PHE PA 122 -79.96 -72.20 31.01
CA PHE PA 122 -78.92 -72.93 31.73
C PHE PA 122 -79.36 -73.38 33.12
N ASP PA 123 -80.31 -72.71 33.74
CA ASP PA 123 -80.89 -73.28 34.96
C ASP PA 123 -81.63 -74.56 34.64
N GLN PA 124 -82.42 -74.57 33.56
CA GLN PA 124 -83.15 -75.75 33.15
C GLN PA 124 -82.21 -76.89 32.75
N LEU PA 125 -81.04 -76.54 32.20
CA LEU PA 125 -80.07 -77.56 31.82
C LEU PA 125 -79.55 -78.31 33.03
N ALA PA 126 -79.29 -77.60 34.13
CA ALA PA 126 -78.73 -78.25 35.30
C ALA PA 126 -79.72 -79.22 35.93
N LEU PA 127 -81.02 -78.96 35.77
CA LEU PA 127 -82.01 -79.96 36.14
C LEU PA 127 -81.87 -81.21 35.27
N ARG PA 128 -81.78 -81.01 33.96
CA ARG PA 128 -81.82 -82.11 33.02
C ARG PA 128 -80.47 -82.70 32.69
N ALA PA 129 -79.40 -82.08 33.17
CA ALA PA 129 -78.05 -82.61 33.01
C ALA PA 129 -77.13 -81.95 34.03
N PRO PA 130 -77.17 -82.40 35.28
CA PRO PA 130 -76.28 -81.82 36.30
C PRO PA 130 -74.80 -82.06 36.05
N LEU PA 131 -74.43 -83.07 35.28
CA LEU PA 131 -73.04 -83.33 34.94
C LEU PA 131 -72.75 -83.14 33.46
N GLY PA 132 -73.67 -82.53 32.73
CA GLY PA 132 -73.52 -82.39 31.30
C GLY PA 132 -73.53 -83.69 30.53
N GLN PA 133 -74.29 -84.68 31.00
CA GLN PA 133 -74.31 -85.96 30.32
C GLN PA 133 -75.22 -85.92 29.10
N ASN PA 134 -74.74 -86.48 28.00
CA ASN PA 134 -75.45 -86.48 26.72
C ASN PA 134 -75.64 -85.06 26.20
N THR PA 135 -74.54 -84.32 26.15
CA THR PA 135 -74.55 -82.93 25.70
C THR PA 135 -73.59 -82.76 24.54
N LEU PA 136 -73.89 -81.76 23.72
CA LEU PA 136 -72.99 -81.33 22.65
C LEU PA 136 -72.60 -79.89 22.94
N LEU PA 137 -71.41 -79.70 23.49
CA LEU PA 137 -70.94 -78.37 23.91
C LEU PA 137 -70.30 -77.68 22.71
N LEU PA 138 -70.83 -76.53 22.34
CA LEU PA 138 -70.45 -75.88 21.10
C LEU PA 138 -70.05 -74.42 21.35
N ARG PA 139 -69.03 -73.97 20.64
CA ARG PA 139 -68.72 -72.54 20.54
C ARG PA 139 -69.05 -72.03 19.15
N GLY PA 140 -69.10 -70.71 19.02
CA GLY PA 140 -69.22 -70.08 17.73
C GLY PA 140 -67.87 -69.64 17.22
N PRO PA 141 -67.84 -69.14 15.99
CA PRO PA 141 -66.55 -68.78 15.39
C PRO PA 141 -65.95 -67.52 15.99
N LYS PA 142 -64.88 -67.66 16.76
CA LYS PA 142 -64.34 -66.50 17.46
C LYS PA 142 -63.63 -65.55 16.52
N ASN PA 143 -62.93 -66.07 15.52
CA ASN PA 143 -62.12 -65.24 14.64
C ASN PA 143 -62.87 -64.79 13.41
N ALA PA 144 -64.19 -64.71 13.47
CA ALA PA 144 -65.01 -64.31 12.34
C ALA PA 144 -65.37 -62.83 12.36
N ARG PA 145 -64.94 -62.09 13.37
CA ARG PA 145 -65.26 -60.68 13.46
C ARG PA 145 -64.54 -59.87 12.39
N GLU PA 146 -65.10 -58.71 12.06
CA GLU PA 146 -64.45 -57.80 11.14
C GLU PA 146 -63.14 -57.27 11.71
N ALA PA 147 -63.11 -56.98 13.01
CA ALA PA 147 -61.90 -56.49 13.63
C ALA PA 147 -60.75 -57.47 13.47
N VAL PA 148 -61.04 -58.76 13.40
CA VAL PA 148 -59.98 -59.76 13.32
C VAL PA 148 -59.24 -59.67 11.99
N ARG PA 149 -59.89 -59.20 10.94
CA ARG PA 149 -59.21 -59.07 9.66
C ARG PA 149 -58.02 -58.13 9.76
N HIS PA 150 -58.11 -57.11 10.61
CA HIS PA 150 -57.05 -56.12 10.77
C HIS PA 150 -55.95 -56.59 11.68
N PHE PA 151 -56.06 -57.77 12.28
CA PHE PA 151 -55.06 -58.26 13.20
C PHE PA 151 -53.95 -59.00 12.45
N GLY PA 152 -52.83 -59.19 13.12
CA GLY PA 152 -51.74 -59.97 12.55
C GLY PA 152 -50.63 -59.10 11.98
N LYS PA 153 -49.91 -59.62 10.98
CA LYS PA 153 -48.82 -58.86 10.40
C LYS PA 153 -49.36 -57.63 9.69
N ALA PA 154 -48.51 -56.61 9.58
CA ALA PA 154 -48.93 -55.33 9.06
C ALA PA 154 -49.39 -55.46 7.61
N PRO PA 155 -50.29 -54.59 7.16
CA PRO PA 155 -50.79 -54.70 5.78
C PRO PA 155 -49.72 -54.59 4.73
N GLY PA 156 -48.65 -53.86 5.00
CA GLY PA 156 -47.64 -53.62 4.01
C GLY PA 156 -46.34 -54.38 4.17
N VAL PA 157 -46.41 -55.62 4.64
CA VAL PA 157 -45.25 -56.49 4.72
C VAL PA 157 -45.50 -57.67 3.80
N PRO PA 158 -44.45 -58.36 3.37
CA PRO PA 158 -44.65 -59.53 2.52
C PRO PA 158 -45.46 -60.62 3.19
N HIS PA 159 -46.27 -61.30 2.38
CA HIS PA 159 -47.07 -62.46 2.75
C HIS PA 159 -48.18 -62.17 3.74
N SER PA 160 -48.42 -60.91 4.07
CA SER PA 160 -49.53 -60.58 4.94
C SER PA 160 -50.75 -60.23 4.11
N HIS PA 161 -51.89 -60.75 4.51
CA HIS PA 161 -53.17 -60.41 3.88
C HIS PA 161 -54.05 -59.68 4.87
N THR PA 162 -53.45 -58.77 5.61
CA THR PA 162 -54.17 -58.01 6.62
C THR PA 162 -54.96 -56.87 5.99
N LYS PA 163 -56.15 -56.66 6.48
CA LYS PA 163 -57.01 -55.60 5.99
C LYS PA 163 -56.56 -54.26 6.54
N PRO PA 164 -56.29 -53.27 5.71
CA PRO PA 164 -55.88 -51.96 6.21
C PRO PA 164 -57.04 -51.11 6.67
N TYR PA 165 -56.78 -50.26 7.66
CA TYR PA 165 -57.75 -49.26 8.09
C TYR PA 165 -57.75 -48.13 7.07
N VAL PA 166 -58.84 -48.00 6.33
CA VAL PA 166 -58.96 -47.04 5.25
C VAL PA 166 -60.34 -46.42 5.35
N ARG PA 167 -60.46 -45.14 5.02
CA ARG PA 167 -61.75 -44.47 5.21
C ARG PA 167 -62.74 -44.73 4.09
N SER PA 168 -62.29 -45.16 2.92
CA SER PA 168 -63.19 -45.39 1.80
C SER PA 168 -62.61 -46.46 0.89
N LYS PA 169 -63.42 -46.91 -0.06
CA LYS PA 169 -62.94 -47.77 -1.12
C LYS PA 169 -63.13 -47.06 -2.45
N GLY PA 170 -62.45 -47.57 -3.47
CA GLY PA 170 -62.28 -46.88 -4.72
C GLY PA 170 -60.82 -46.80 -5.11
N ARG PA 171 -60.58 -46.25 -6.29
CA ARG PA 171 -59.23 -46.23 -6.84
C ARG PA 171 -58.32 -45.24 -6.14
N LYS PA 172 -58.86 -44.22 -5.48
CA LYS PA 172 -58.03 -43.19 -4.88
C LYS PA 172 -57.58 -43.53 -3.48
N PHE PA 173 -57.97 -44.68 -2.96
CA PHE PA 173 -57.75 -45.01 -1.56
C PHE PA 173 -56.90 -46.27 -1.47
N GLU PA 174 -55.61 -46.08 -1.25
CA GLU PA 174 -54.69 -47.15 -0.85
C GLU PA 174 -54.48 -48.18 -1.96
N LYS PA 175 -54.12 -47.69 -3.14
CA LYS PA 175 -53.90 -48.57 -4.28
C LYS PA 175 -52.61 -48.34 -5.03
N ALA PA 176 -51.92 -47.21 -4.87
CA ALA PA 176 -50.92 -46.90 -5.86
C ALA PA 176 -49.50 -47.34 -5.52
N ARG PA 177 -48.85 -46.69 -4.55
CA ARG PA 177 -47.43 -46.93 -4.31
C ARG PA 177 -47.28 -47.93 -3.18
N GLY PA 178 -46.81 -49.12 -3.50
CA GLY PA 178 -46.80 -50.21 -2.56
C GLY PA 178 -47.83 -51.26 -2.83
N ARG PA 179 -48.65 -51.11 -3.85
CA ARG PA 179 -49.66 -52.10 -4.16
C ARG PA 179 -49.61 -52.59 -5.60
N ARG PA 180 -48.68 -52.12 -6.41
CA ARG PA 180 -48.57 -52.58 -7.78
C ARG PA 180 -47.21 -52.21 -8.32
N ASN PA 181 -46.73 -52.98 -9.30
CA ASN PA 181 -45.37 -52.79 -9.78
C ASN PA 181 -45.21 -51.48 -10.54
N SER PA 182 -46.27 -50.99 -11.16
CA SER PA 182 -46.18 -49.78 -11.95
C SER PA 182 -46.01 -48.52 -11.11
N ARG PA 183 -46.20 -48.60 -9.79
CA ARG PA 183 -46.07 -47.44 -8.91
C ARG PA 183 -45.15 -47.83 -7.78
N GLY PA 184 -43.85 -47.76 -8.01
CA GLY PA 184 -42.94 -48.09 -6.94
C GLY PA 184 -42.72 -49.58 -6.85
N PHE PA 185 -43.47 -50.23 -5.95
CA PHE PA 185 -43.29 -51.64 -5.68
C PHE PA 185 -44.62 -52.27 -5.34
N LYS PA 186 -44.66 -53.59 -5.38
CA LYS PA 186 -45.84 -54.39 -5.09
C LYS PA 186 -45.72 -54.98 -3.70
N VAL PA 187 -46.08 -54.18 -2.70
CA VAL PA 187 -45.99 -54.49 -1.26
C VAL PA 187 -44.66 -55.16 -0.87
N GLN QA 7 16.34 -82.74 -8.14
CA GLN QA 7 16.71 -81.56 -8.91
C GLN QA 7 15.79 -80.43 -8.50
N LYS QA 8 14.64 -80.81 -7.93
CA LYS QA 8 13.64 -79.89 -7.43
C LYS QA 8 13.85 -79.62 -5.94
N THR QA 9 13.56 -78.39 -5.54
CA THR QA 9 13.88 -77.94 -4.20
C THR QA 9 12.96 -78.58 -3.17
N ARG QA 10 13.39 -78.53 -1.90
CA ARG QA 10 12.57 -79.04 -0.81
C ARG QA 10 11.25 -78.29 -0.71
N ALA QA 11 11.29 -76.96 -0.84
CA ALA QA 11 10.05 -76.20 -0.78
C ALA QA 11 9.12 -76.56 -1.92
N TYR QA 12 9.67 -76.93 -3.07
CA TYR QA 12 8.83 -77.31 -4.20
C TYR QA 12 7.96 -78.50 -3.86
N SER QA 13 8.55 -79.53 -3.24
CA SER QA 13 7.80 -80.72 -2.90
C SER QA 13 6.83 -80.47 -1.75
N LYS QA 14 7.21 -79.60 -0.80
CA LYS QA 14 6.33 -79.37 0.34
C LYS QA 14 5.05 -78.66 -0.07
N ARG QA 15 5.13 -77.75 -1.03
CA ARG QA 15 3.96 -77.02 -1.49
C ARG QA 15 3.24 -77.71 -2.63
N PHE QA 16 3.76 -78.83 -3.12
CA PHE QA 16 3.22 -79.46 -4.31
C PHE QA 16 1.89 -80.14 -4.00
N GLN QA 17 0.96 -80.03 -4.94
CA GLN QA 17 -0.29 -80.78 -4.91
C GLN QA 17 -0.33 -81.72 -6.08
N VAL QA 18 -0.66 -82.97 -5.81
CA VAL QA 18 -0.77 -83.95 -6.88
C VAL QA 18 -2.16 -83.86 -7.49
N LYS QA 19 -2.26 -84.27 -8.74
CA LYS QA 19 -3.54 -84.31 -9.41
C LYS QA 19 -4.18 -85.67 -9.18
N PHE QA 20 -5.48 -85.77 -9.50
CA PHE QA 20 -6.17 -87.04 -9.43
C PHE QA 20 -5.39 -88.08 -10.22
N LYS QA 21 -5.34 -89.31 -9.71
CA LYS QA 21 -4.41 -90.29 -10.27
C LYS QA 21 -4.64 -90.50 -11.75
N ARG QA 22 -5.89 -90.61 -12.17
CA ARG QA 22 -6.18 -90.83 -13.58
C ARG QA 22 -5.80 -89.63 -14.42
N ARG QA 23 -5.46 -88.49 -13.80
CA ARG QA 23 -4.93 -87.37 -14.56
C ARG QA 23 -3.43 -87.45 -14.71
N ARG QA 24 -2.70 -87.81 -13.64
CA ARG QA 24 -1.26 -88.00 -13.75
C ARG QA 24 -0.92 -89.06 -14.76
N GLN QA 25 -1.58 -90.22 -14.67
CA GLN QA 25 -1.39 -91.26 -15.65
C GLN QA 25 -1.94 -90.88 -17.01
N GLY QA 26 -2.79 -89.86 -17.08
CA GLY QA 26 -3.24 -89.32 -18.35
C GLY QA 26 -4.21 -90.22 -19.08
N LYS QA 27 -5.32 -90.59 -18.44
CA LYS QA 27 -6.32 -91.46 -19.06
C LYS QA 27 -7.76 -90.99 -18.93
N THR QA 28 -8.06 -90.05 -18.04
CA THR QA 28 -9.43 -89.61 -17.80
C THR QA 28 -9.50 -88.10 -17.89
N ASP QA 29 -10.55 -87.59 -18.52
CA ASP QA 29 -10.84 -86.16 -18.59
C ASP QA 29 -11.96 -85.87 -17.60
N TYR QA 30 -11.62 -85.25 -16.47
CA TYR QA 30 -12.58 -85.11 -15.38
C TYR QA 30 -13.62 -84.04 -15.62
N ARG QA 31 -13.32 -83.05 -16.46
CA ARG QA 31 -14.36 -82.10 -16.81
C ARG QA 31 -15.50 -82.82 -17.52
N ALA QA 32 -15.17 -83.72 -18.45
CA ALA QA 32 -16.20 -84.50 -19.12
C ALA QA 32 -16.78 -85.56 -18.20
N ARG QA 33 -15.96 -86.16 -17.32
CA ARG QA 33 -16.47 -87.19 -16.44
C ARG QA 33 -17.55 -86.67 -15.50
N LEU QA 34 -17.31 -85.52 -14.87
CA LEU QA 34 -18.33 -84.93 -14.02
C LEU QA 34 -19.61 -84.71 -14.80
N ARG QA 35 -19.49 -84.08 -15.96
CA ARG QA 35 -20.65 -83.74 -16.76
C ARG QA 35 -21.34 -84.96 -17.36
N LEU QA 36 -20.64 -86.10 -17.41
CA LEU QA 36 -21.27 -87.32 -17.89
C LEU QA 36 -21.99 -88.07 -16.76
N THR QA 37 -21.39 -88.13 -15.58
CA THR QA 37 -21.91 -88.98 -14.52
C THR QA 37 -22.91 -88.27 -13.62
N ASN QA 38 -22.94 -86.94 -13.61
CA ASN QA 38 -23.58 -86.20 -12.53
C ASN QA 38 -25.08 -86.16 -12.76
N GLN QA 39 -25.81 -86.94 -11.98
CA GLN QA 39 -27.26 -87.01 -12.09
C GLN QA 39 -27.91 -85.85 -11.35
N ASP QA 40 -29.09 -85.47 -11.82
CA ASP QA 40 -29.87 -84.46 -11.11
C ASP QA 40 -30.33 -84.99 -9.76
N LYS QA 41 -30.31 -84.12 -8.77
CA LYS QA 41 -30.55 -84.55 -7.40
C LYS QA 41 -31.97 -84.97 -7.15
N ASN QA 42 -32.93 -84.50 -7.96
CA ASN QA 42 -34.31 -84.92 -7.82
C ASN QA 42 -34.66 -86.11 -8.68
N LYS QA 43 -33.67 -86.95 -8.99
CA LYS QA 43 -33.90 -88.29 -9.51
C LYS QA 43 -33.41 -89.38 -8.56
N TYR QA 44 -32.47 -89.04 -7.68
CA TYR QA 44 -32.07 -89.68 -6.43
C TYR QA 44 -31.22 -90.95 -6.50
N ASN QA 45 -31.33 -91.72 -7.56
CA ASN QA 45 -30.45 -92.85 -7.78
C ASN QA 45 -30.45 -93.29 -9.22
N THR QA 46 -31.27 -92.67 -10.05
CA THR QA 46 -31.31 -93.02 -11.45
C THR QA 46 -29.91 -92.89 -12.02
N PRO QA 47 -29.25 -93.99 -12.32
CA PRO QA 47 -27.89 -93.90 -12.84
C PRO QA 47 -27.90 -93.33 -14.25
N LYS QA 48 -26.81 -92.64 -14.58
CA LYS QA 48 -26.54 -92.22 -15.95
C LYS QA 48 -25.60 -93.26 -16.54
N TYR QA 49 -26.09 -94.06 -17.46
CA TYR QA 49 -25.27 -95.08 -18.09
C TYR QA 49 -24.42 -94.46 -19.18
N ARG QA 50 -23.13 -94.77 -19.16
CA ARG QA 50 -22.23 -94.30 -20.20
C ARG QA 50 -21.96 -95.43 -21.17
N PHE QA 51 -22.06 -95.14 -22.47
CA PHE QA 51 -21.73 -96.07 -23.54
C PHE QA 51 -20.26 -95.84 -23.87
N VAL QA 52 -19.39 -96.51 -23.16
CA VAL QA 52 -17.96 -96.27 -23.27
C VAL QA 52 -17.43 -97.02 -24.49
N VAL QA 53 -16.71 -96.31 -25.36
CA VAL QA 53 -16.09 -96.89 -26.54
C VAL QA 53 -14.62 -96.50 -26.54
N ARG QA 54 -13.73 -97.48 -26.54
CA ARG QA 54 -12.30 -97.26 -26.49
C ARG QA 54 -11.60 -98.08 -27.55
N PHE QA 55 -10.45 -97.58 -28.02
CA PHE QA 55 -9.67 -98.25 -29.04
C PHE QA 55 -8.24 -98.42 -28.55
N THR QA 56 -7.77 -99.66 -28.51
CA THR QA 56 -6.34 -99.90 -28.41
C THR QA 56 -5.79 -99.99 -29.83
N ASN QA 57 -4.47 -100.11 -29.94
CA ASN QA 57 -3.86 -100.30 -31.25
C ASN QA 57 -4.31 -101.59 -31.91
N LYS QA 58 -4.75 -102.56 -31.12
CA LYS QA 58 -4.96 -103.91 -31.60
C LYS QA 58 -6.32 -104.48 -31.26
N ASP QA 59 -7.10 -103.83 -30.39
CA ASP QA 59 -8.42 -104.33 -30.01
C ASP QA 59 -9.41 -103.17 -30.00
N VAL QA 60 -10.66 -103.46 -29.64
CA VAL QA 60 -11.71 -102.46 -29.47
C VAL QA 60 -12.51 -102.84 -28.23
N THR QA 61 -12.55 -101.95 -27.25
CA THR QA 61 -13.28 -102.17 -26.00
C THR QA 61 -14.57 -101.36 -25.99
N ALA QA 62 -15.67 -102.00 -25.60
CA ALA QA 62 -16.96 -101.33 -25.49
C ALA QA 62 -17.65 -101.80 -24.23
N GLN QA 63 -18.35 -100.87 -23.57
CA GLN QA 63 -18.87 -101.12 -22.23
C GLN QA 63 -20.07 -100.21 -21.95
N ILE QA 64 -21.03 -100.74 -21.20
CA ILE QA 64 -22.11 -99.96 -20.61
C ILE QA 64 -21.87 -99.91 -19.12
N VAL QA 65 -21.63 -98.72 -18.59
CA VAL QA 65 -21.24 -98.56 -17.19
C VAL QA 65 -22.04 -97.44 -16.56
N TYR QA 66 -22.16 -97.49 -15.24
CA TYR QA 66 -22.76 -96.40 -14.49
C TYR QA 66 -22.01 -96.17 -13.20
N ALA QA 67 -22.20 -94.98 -12.64
CA ALA QA 67 -21.35 -94.46 -11.59
C ALA QA 67 -21.79 -94.92 -10.21
N THR QA 68 -20.80 -95.25 -9.37
CA THR QA 68 -21.03 -95.61 -7.98
C THR QA 68 -19.86 -95.08 -7.17
N ILE QA 69 -20.07 -94.86 -5.88
CA ILE QA 69 -19.03 -94.30 -5.03
C ILE QA 69 -17.84 -95.24 -4.95
N ALA QA 70 -18.09 -96.56 -4.96
CA ALA QA 70 -17.00 -97.51 -4.96
C ALA QA 70 -16.24 -97.54 -6.28
N GLY QA 71 -16.88 -97.14 -7.37
CA GLY QA 71 -16.27 -97.20 -8.67
C GLY QA 71 -17.32 -97.55 -9.70
N ASP QA 72 -17.00 -97.54 -10.97
CA ASP QA 72 -18.00 -97.84 -11.97
C ASP QA 72 -18.37 -99.32 -11.95
N ILE QA 73 -19.52 -99.64 -12.53
CA ILE QA 73 -20.06 -100.98 -12.57
C ILE QA 73 -20.47 -101.29 -14.00
N VAL QA 74 -20.00 -102.41 -14.52
CA VAL QA 74 -20.25 -102.75 -15.92
C VAL QA 74 -21.62 -103.42 -16.02
N MET QA 75 -22.46 -102.88 -16.91
CA MET QA 75 -23.72 -103.54 -17.27
C MET QA 75 -23.53 -104.62 -18.32
N ALA QA 76 -22.54 -104.44 -19.19
CA ALA QA 76 -22.23 -105.35 -20.28
C ALA QA 76 -20.94 -104.88 -20.93
N ALA QA 77 -20.10 -105.83 -21.33
CA ALA QA 77 -18.85 -105.50 -21.99
C ALA QA 77 -18.69 -106.36 -23.22
N ALA QA 78 -17.95 -105.82 -24.19
CA ALA QA 78 -17.71 -106.49 -25.46
C ALA QA 78 -16.35 -106.07 -25.97
N TYR QA 79 -15.78 -106.92 -26.81
CA TYR QA 79 -14.48 -106.66 -27.39
C TYR QA 79 -14.51 -107.09 -28.84
N SER QA 80 -13.62 -106.52 -29.63
CA SER QA 80 -13.53 -106.97 -31.01
C SER QA 80 -12.63 -108.19 -31.17
N HIS QA 81 -11.81 -108.53 -30.18
CA HIS QA 81 -11.01 -109.73 -30.36
C HIS QA 81 -11.85 -110.99 -30.24
N GLU QA 82 -13.09 -110.88 -29.79
CA GLU QA 82 -13.98 -112.01 -29.73
C GLU QA 82 -14.88 -112.11 -30.95
N LEU QA 83 -14.67 -111.25 -31.94
CA LEU QA 83 -15.34 -111.41 -33.22
C LEU QA 83 -14.99 -112.71 -33.92
N PRO QA 84 -13.73 -113.18 -33.94
CA PRO QA 84 -13.43 -114.47 -34.57
C PRO QA 84 -14.36 -115.60 -34.17
N ARG QA 85 -15.02 -115.49 -33.02
CA ARG QA 85 -16.11 -116.39 -32.69
C ARG QA 85 -17.22 -116.31 -33.72
N TYR QA 86 -17.57 -115.10 -34.15
CA TYR QA 86 -18.67 -114.89 -35.10
C TYR QA 86 -18.23 -114.89 -36.55
N GLY QA 87 -16.92 -114.98 -36.83
CA GLY QA 87 -16.49 -115.11 -38.21
C GLY QA 87 -15.40 -114.17 -38.67
N LEU QA 88 -15.42 -112.94 -38.19
CA LEU QA 88 -14.43 -111.96 -38.61
C LEU QA 88 -13.09 -112.28 -37.98
N GLU QA 89 -12.08 -112.50 -38.80
CA GLU QA 89 -10.75 -112.81 -38.29
C GLU QA 89 -9.77 -111.66 -38.36
N VAL QA 90 -9.91 -110.78 -39.35
CA VAL QA 90 -8.88 -109.78 -39.61
C VAL QA 90 -9.55 -108.42 -39.71
N GLY QA 91 -8.81 -107.38 -39.33
CA GLY QA 91 -9.32 -106.03 -39.36
C GLY QA 91 -10.19 -105.74 -38.16
N LEU QA 92 -9.66 -106.00 -36.98
CA LEU QA 92 -10.43 -105.90 -35.74
C LEU QA 92 -10.37 -104.52 -35.12
N THR QA 93 -9.69 -103.57 -35.74
CA THR QA 93 -9.64 -102.21 -35.21
C THR QA 93 -10.06 -101.18 -36.25
N ASN QA 94 -10.80 -101.57 -37.27
CA ASN QA 94 -11.18 -100.63 -38.31
C ASN QA 94 -12.64 -100.20 -38.09
N TYR QA 95 -13.12 -99.38 -39.01
CA TYR QA 95 -14.46 -98.80 -38.87
C TYR QA 95 -15.54 -99.88 -38.85
N ALA QA 96 -15.43 -100.85 -39.75
CA ALA QA 96 -16.45 -101.90 -39.82
C ALA QA 96 -16.49 -102.74 -38.56
N ALA QA 97 -15.32 -103.05 -37.99
CA ALA QA 97 -15.28 -103.81 -36.75
C ALA QA 97 -15.97 -103.05 -35.63
N ALA QA 98 -15.78 -101.73 -35.58
CA ALA QA 98 -16.42 -100.94 -34.55
C ALA QA 98 -17.93 -101.05 -34.63
N TYR QA 99 -18.47 -101.04 -35.85
CA TYR QA 99 -19.90 -101.28 -36.02
C TYR QA 99 -20.29 -102.65 -35.50
N CYS QA 100 -19.45 -103.67 -35.75
CA CYS QA 100 -19.74 -104.99 -35.23
C CYS QA 100 -19.63 -105.04 -33.71
N THR QA 101 -18.60 -104.40 -33.17
CA THR QA 101 -18.44 -104.36 -31.72
C THR QA 101 -19.54 -103.54 -31.07
N GLY QA 102 -19.92 -102.43 -31.69
CA GLY QA 102 -21.05 -101.67 -31.18
C GLY QA 102 -22.34 -102.45 -31.25
N LEU QA 103 -22.59 -103.11 -32.39
CA LEU QA 103 -23.81 -103.91 -32.54
C LEU QA 103 -23.85 -105.04 -31.53
N LEU QA 104 -22.70 -105.65 -31.26
CA LEU QA 104 -22.65 -106.71 -30.26
C LEU QA 104 -23.05 -106.20 -28.88
N LEU QA 105 -22.53 -105.04 -28.49
CA LEU QA 105 -22.83 -104.53 -27.16
C LEU QA 105 -24.31 -104.22 -27.00
N ALA QA 106 -24.91 -103.61 -28.02
CA ALA QA 106 -26.35 -103.34 -27.96
C ALA QA 106 -27.12 -104.63 -27.71
N ARG QA 107 -26.84 -105.66 -28.50
CA ARG QA 107 -27.63 -106.88 -28.41
C ARG QA 107 -27.44 -107.59 -27.07
N ARG QA 108 -26.23 -107.63 -26.52
CA ARG QA 108 -26.06 -108.27 -25.22
C ARG QA 108 -26.83 -107.58 -24.13
N VAL QA 109 -26.76 -106.25 -24.05
CA VAL QA 109 -27.43 -105.58 -22.94
C VAL QA 109 -28.94 -105.65 -23.13
N LEU QA 110 -29.42 -105.59 -24.36
CA LEU QA 110 -30.85 -105.63 -24.57
C LEU QA 110 -31.40 -107.01 -24.26
N LYS QA 111 -30.61 -108.04 -24.51
CA LYS QA 111 -30.96 -109.38 -24.04
C LYS QA 111 -30.78 -109.50 -22.54
N CYS QA 112 -29.75 -108.84 -21.99
CA CYS QA 112 -29.52 -108.89 -20.56
C CYS QA 112 -30.54 -108.08 -19.77
N ARG QA 113 -31.20 -107.12 -20.40
CA ARG QA 113 -32.26 -106.35 -19.76
C ARG QA 113 -33.64 -106.78 -20.25
N ASP QA 114 -33.72 -107.86 -21.02
CA ASP QA 114 -34.97 -108.54 -21.35
C ASP QA 114 -35.89 -107.64 -22.17
N LEU QA 115 -35.33 -107.00 -23.19
CA LEU QA 115 -36.14 -106.19 -24.08
C LEU QA 115 -35.66 -106.29 -25.54
N ASP QA 116 -34.72 -107.18 -25.85
CA ASP QA 116 -34.23 -107.33 -27.22
C ASP QA 116 -35.32 -107.79 -28.17
N GLN QA 117 -36.32 -108.52 -27.66
CA GLN QA 117 -37.46 -108.85 -28.52
C GLN QA 117 -38.20 -107.59 -28.95
N GLU QA 118 -38.41 -106.67 -28.00
CA GLU QA 118 -39.19 -105.47 -28.27
C GLU QA 118 -38.47 -104.52 -29.21
N TYR QA 119 -37.16 -104.36 -29.04
CA TYR QA 119 -36.36 -103.43 -29.82
C TYR QA 119 -35.29 -104.21 -30.58
N GLU QA 120 -35.63 -104.64 -31.79
CA GLU QA 120 -34.71 -105.40 -32.63
C GLU QA 120 -33.65 -104.52 -33.28
N GLY QA 121 -33.79 -103.20 -33.21
CA GLY QA 121 -32.95 -102.34 -34.02
C GLY QA 121 -33.40 -102.47 -35.46
N ASN QA 122 -32.47 -102.52 -36.39
CA ASN QA 122 -32.79 -102.97 -37.74
C ASN QA 122 -31.73 -103.95 -38.22
N VAL QA 123 -32.19 -104.97 -38.94
CA VAL QA 123 -31.34 -106.15 -39.17
C VAL QA 123 -30.34 -105.90 -40.27
N GLU QA 124 -30.78 -105.35 -41.39
CA GLU QA 124 -29.85 -104.95 -42.45
C GLU QA 124 -29.25 -103.60 -42.08
N ALA QA 125 -27.93 -103.57 -41.90
CA ALA QA 125 -27.27 -102.31 -41.57
C ALA QA 125 -27.48 -101.30 -42.70
N THR QA 126 -27.95 -100.11 -42.33
CA THR QA 126 -28.16 -99.03 -43.28
C THR QA 126 -27.26 -97.86 -42.95
N GLY QA 127 -26.86 -97.12 -43.98
CA GLY QA 127 -26.05 -95.93 -43.77
C GLY QA 127 -26.81 -94.76 -43.20
N GLU QA 128 -28.13 -94.78 -43.32
CA GLU QA 128 -28.94 -93.69 -42.77
C GLU QA 128 -28.74 -93.59 -41.26
N ASP QA 129 -28.77 -92.36 -40.75
CA ASP QA 129 -28.88 -92.16 -39.31
C ASP QA 129 -30.20 -92.73 -38.81
N PHE QA 130 -30.13 -93.52 -37.74
CA PHE QA 130 -31.29 -94.28 -37.24
C PHE QA 130 -31.57 -93.97 -35.78
N SER QA 131 -32.85 -93.91 -35.45
CA SER QA 131 -33.34 -93.77 -34.09
C SER QA 131 -34.52 -94.70 -33.90
N VAL QA 132 -34.50 -95.49 -32.83
CA VAL QA 132 -35.53 -96.50 -32.61
C VAL QA 132 -36.75 -95.85 -31.97
N GLU QA 133 -37.93 -96.33 -32.36
CA GLU QA 133 -39.17 -95.68 -31.99
C GLU QA 133 -39.55 -96.02 -30.56
N PRO QA 134 -40.27 -95.11 -29.87
CA PRO QA 134 -40.69 -95.33 -28.49
C PRO QA 134 -41.88 -96.29 -28.36
N ALA QA 135 -41.60 -97.60 -28.48
CA ALA QA 135 -42.62 -98.58 -28.83
C ALA QA 135 -43.95 -98.44 -28.10
N ASP QA 136 -43.99 -98.78 -26.81
CA ASP QA 136 -45.14 -98.52 -25.94
C ASP QA 136 -44.83 -99.08 -24.56
N GLU QA 137 -45.10 -98.27 -23.51
CA GLU QA 137 -45.05 -98.70 -22.12
C GLU QA 137 -43.63 -99.03 -21.69
N ARG QA 138 -42.71 -99.15 -22.64
CA ARG QA 138 -41.31 -99.46 -22.33
C ARG QA 138 -40.44 -98.79 -23.38
N ARG QA 139 -39.98 -97.59 -23.04
CA ARG QA 139 -39.07 -96.86 -23.92
C ARG QA 139 -37.71 -97.54 -24.00
N PRO QA 140 -36.98 -97.33 -25.10
CA PRO QA 140 -35.73 -98.05 -25.31
C PRO QA 140 -34.64 -97.62 -24.35
N PHE QA 141 -33.69 -98.54 -24.13
CA PHE QA 141 -32.62 -98.31 -23.17
C PHE QA 141 -31.77 -97.13 -23.62
N ARG QA 142 -31.37 -96.30 -22.67
CA ARG QA 142 -30.70 -95.04 -22.96
C ARG QA 142 -29.31 -95.01 -22.36
N ALA QA 143 -28.35 -94.55 -23.16
CA ALA QA 143 -26.96 -94.49 -22.76
C ALA QA 143 -26.32 -93.26 -23.39
N LEU QA 144 -25.20 -92.83 -22.83
CA LEU QA 144 -24.46 -91.67 -23.29
C LEU QA 144 -23.13 -92.11 -23.87
N LEU QA 145 -22.82 -91.63 -25.06
CA LEU QA 145 -21.56 -91.96 -25.69
C LEU QA 145 -20.42 -91.26 -24.97
N ASP QA 146 -19.45 -92.02 -24.50
CA ASP QA 146 -18.34 -91.49 -23.73
C ASP QA 146 -17.08 -91.73 -24.55
N VAL QA 147 -16.61 -90.70 -25.24
CA VAL QA 147 -15.58 -90.90 -26.25
C VAL QA 147 -14.17 -90.86 -25.66
N GLY QA 148 -13.98 -90.30 -24.48
CA GLY QA 148 -12.68 -90.32 -23.84
C GLY QA 148 -11.82 -89.15 -24.26
N LEU QA 149 -10.58 -89.43 -24.64
CA LEU QA 149 -9.62 -88.40 -24.99
C LEU QA 149 -9.46 -88.19 -26.48
N ILE QA 150 -9.94 -89.11 -27.32
CA ILE QA 150 -9.77 -88.99 -28.75
C ILE QA 150 -10.42 -87.72 -29.28
N ARG QA 151 -9.91 -87.23 -30.41
CA ARG QA 151 -10.57 -86.15 -31.11
C ARG QA 151 -11.82 -86.66 -31.80
N THR QA 152 -12.93 -85.94 -31.65
CA THR QA 152 -14.18 -86.28 -32.32
C THR QA 152 -14.13 -85.65 -33.71
N THR QA 153 -13.89 -86.49 -34.71
CA THR QA 153 -13.72 -86.05 -36.08
C THR QA 153 -14.72 -86.81 -36.94
N THR QA 154 -15.09 -86.22 -38.08
CA THR QA 154 -15.93 -86.94 -39.02
C THR QA 154 -15.22 -88.20 -39.49
N GLY QA 155 -15.94 -89.31 -39.50
CA GLY QA 155 -15.37 -90.57 -39.91
C GLY QA 155 -14.62 -91.31 -38.83
N ASN QA 156 -14.52 -90.75 -37.63
CA ASN QA 156 -13.85 -91.44 -36.54
C ASN QA 156 -14.56 -92.74 -36.26
N ARG QA 157 -13.78 -93.78 -35.93
CA ARG QA 157 -14.37 -95.10 -35.74
C ARG QA 157 -15.36 -95.14 -34.58
N VAL QA 158 -15.21 -94.25 -33.60
CA VAL QA 158 -16.13 -94.25 -32.47
C VAL QA 158 -17.55 -94.00 -32.96
N PHE QA 159 -17.69 -93.29 -34.06
CA PHE QA 159 -18.99 -93.06 -34.65
C PHE QA 159 -19.44 -94.21 -35.54
N GLY QA 160 -18.50 -95.07 -35.96
CA GLY QA 160 -18.90 -96.36 -36.47
C GLY QA 160 -19.51 -97.23 -35.40
N ALA QA 161 -18.90 -97.23 -34.21
CA ALA QA 161 -19.46 -97.96 -33.08
C ALA QA 161 -20.82 -97.40 -32.68
N LEU QA 162 -20.99 -96.09 -32.80
CA LEU QA 162 -22.25 -95.47 -32.44
C LEU QA 162 -23.40 -95.96 -33.32
N LYS QA 163 -23.16 -96.07 -34.62
CA LYS QA 163 -24.19 -96.55 -35.53
C LYS QA 163 -24.59 -97.99 -35.23
N GLY QA 164 -23.62 -98.84 -34.90
CA GLY QA 164 -23.96 -100.22 -34.57
C GLY QA 164 -24.90 -100.31 -33.38
N ALA QA 165 -24.59 -99.57 -32.32
CA ALA QA 165 -25.46 -99.57 -31.14
C ALA QA 165 -26.85 -99.03 -31.46
N LEU QA 166 -26.93 -98.00 -32.31
CA LEU QA 166 -28.23 -97.49 -32.72
C LEU QA 166 -29.02 -98.55 -33.49
N ASP QA 167 -28.35 -99.23 -34.42
CA ASP QA 167 -29.00 -100.31 -35.14
C ASP QA 167 -29.10 -101.59 -34.32
N GLY QA 168 -28.51 -101.62 -33.13
CA GLY QA 168 -28.74 -102.73 -32.24
C GLY QA 168 -29.99 -102.59 -31.41
N GLY QA 169 -30.52 -101.38 -31.28
CA GLY QA 169 -31.69 -101.12 -30.48
C GLY QA 169 -31.48 -100.25 -29.26
N LEU QA 170 -30.34 -99.58 -29.15
CA LEU QA 170 -30.12 -98.65 -28.05
C LEU QA 170 -30.51 -97.23 -28.46
N ASP QA 171 -31.00 -96.47 -27.50
CA ASP QA 171 -31.20 -95.04 -27.64
C ASP QA 171 -29.96 -94.32 -27.12
N ILE QA 172 -29.25 -93.65 -27.99
CA ILE QA 172 -28.09 -92.85 -27.61
C ILE QA 172 -28.28 -91.45 -28.18
N PRO QA 173 -28.23 -90.41 -27.36
CA PRO QA 173 -28.27 -89.05 -27.89
C PRO QA 173 -27.17 -88.82 -28.92
N HIS QA 174 -27.57 -88.37 -30.11
CA HIS QA 174 -26.59 -88.23 -31.17
C HIS QA 174 -27.08 -87.24 -32.21
N SER QA 175 -26.14 -86.80 -33.03
CA SER QA 175 -26.41 -86.12 -34.29
C SER QA 175 -25.51 -86.74 -35.36
N ASP QA 176 -25.92 -86.60 -36.62
CA ASP QA 176 -25.29 -87.34 -37.69
C ASP QA 176 -24.08 -86.64 -38.31
N LYS QA 177 -23.63 -85.52 -37.76
CA LYS QA 177 -22.57 -84.75 -38.40
C LYS QA 177 -21.19 -85.41 -38.34
N ARG QA 178 -20.97 -86.43 -37.53
CA ARG QA 178 -19.64 -87.04 -37.46
C ARG QA 178 -19.59 -88.43 -38.08
N PHE QA 179 -20.69 -88.93 -38.64
CA PHE QA 179 -20.65 -90.19 -39.34
C PHE QA 179 -19.79 -90.08 -40.59
N ALA QA 180 -19.16 -91.20 -40.96
CA ALA QA 180 -18.42 -91.24 -42.20
C ALA QA 180 -19.37 -90.97 -43.36
N GLY QA 181 -18.94 -90.15 -44.29
CA GLY QA 181 -19.76 -89.75 -45.41
C GLY QA 181 -20.40 -88.39 -45.28
N PHE QA 182 -20.48 -87.84 -44.08
CA PHE QA 182 -21.06 -86.52 -43.91
C PHE QA 182 -20.26 -85.47 -44.67
N LYS QA 183 -20.97 -84.53 -45.28
CA LYS QA 183 -20.37 -83.50 -46.12
C LYS QA 183 -20.32 -82.18 -45.33
N LYS QA 184 -19.12 -81.84 -44.85
CA LYS QA 184 -18.93 -80.63 -44.06
C LYS QA 184 -19.30 -79.37 -44.84
N ASP QA 185 -19.25 -79.43 -46.16
CA ASP QA 185 -19.58 -78.29 -46.99
C ASP QA 185 -21.00 -78.32 -47.53
N GLU QA 186 -21.67 -79.46 -47.46
CA GLU QA 186 -23.05 -79.59 -47.94
C GLU QA 186 -24.05 -79.78 -46.83
N LYS QA 187 -23.58 -80.03 -45.59
CA LYS QA 187 -24.44 -80.17 -44.41
C LYS QA 187 -25.51 -81.24 -44.61
N GLN QA 188 -25.09 -82.38 -45.15
CA GLN QA 188 -26.01 -83.48 -45.34
C GLN QA 188 -25.25 -84.80 -45.17
N LEU QA 189 -25.99 -85.85 -44.82
CA LEU QA 189 -25.40 -87.17 -44.71
C LEU QA 189 -25.38 -87.84 -46.07
N ASP QA 190 -24.32 -88.56 -46.36
CA ASP QA 190 -24.26 -89.43 -47.54
C ASP QA 190 -24.39 -90.86 -47.03
N ALA QA 191 -25.57 -91.44 -47.24
CA ALA QA 191 -25.84 -92.78 -46.75
C ALA QA 191 -25.02 -93.84 -47.48
N GLU QA 192 -24.73 -93.61 -48.76
CA GLU QA 192 -23.97 -94.60 -49.53
C GLU QA 192 -22.53 -94.70 -49.05
N ILE QA 193 -21.87 -93.56 -48.86
CA ILE QA 193 -20.51 -93.58 -48.33
C ILE QA 193 -20.52 -94.13 -46.91
N HIS QA 194 -21.55 -93.81 -46.14
CA HIS QA 194 -21.63 -94.36 -44.79
C HIS QA 194 -21.77 -95.87 -44.83
N ARG QA 195 -22.60 -96.38 -45.72
CA ARG QA 195 -22.79 -97.83 -45.79
C ARG QA 195 -21.53 -98.53 -46.25
N LYS QA 196 -20.80 -97.94 -47.20
CA LYS QA 196 -19.56 -98.56 -47.65
C LYS QA 196 -18.56 -98.68 -46.51
N TYR QA 197 -18.44 -97.63 -45.71
CA TYR QA 197 -17.56 -97.68 -44.55
C TYR QA 197 -18.04 -98.72 -43.55
N ILE QA 198 -19.36 -98.88 -43.42
CA ILE QA 198 -19.90 -99.85 -42.47
C ILE QA 198 -19.48 -101.26 -42.85
N TYR QA 199 -19.51 -101.57 -44.14
CA TYR QA 199 -19.13 -102.89 -44.65
C TYR QA 199 -17.66 -102.99 -45.01
N GLY QA 200 -16.83 -102.05 -44.58
CA GLY QA 200 -15.42 -102.12 -44.83
C GLY QA 200 -15.01 -101.86 -46.25
N GLY QA 201 -15.92 -101.34 -47.07
CA GLY QA 201 -15.60 -101.09 -48.46
C GLY QA 201 -14.50 -100.07 -48.66
N HIS QA 202 -14.22 -99.26 -47.65
CA HIS QA 202 -13.13 -98.31 -47.80
C HIS QA 202 -11.78 -99.02 -47.73
N VAL QA 203 -11.71 -100.14 -47.00
CA VAL QA 203 -10.53 -100.98 -47.07
C VAL QA 203 -10.46 -101.69 -48.41
N ALA QA 204 -11.60 -102.16 -48.91
CA ALA QA 204 -11.61 -102.89 -50.17
C ALA QA 204 -11.04 -102.07 -51.31
N ASP QA 205 -11.41 -100.78 -51.38
CA ASP QA 205 -10.87 -99.92 -52.43
C ASP QA 205 -9.35 -99.83 -52.34
N TYR QA 206 -8.81 -99.78 -51.14
CA TYR QA 206 -7.36 -99.69 -50.98
C TYR QA 206 -6.69 -101.04 -51.19
N MET QA 207 -7.43 -102.13 -51.05
CA MET QA 207 -6.88 -103.42 -51.46
C MET QA 207 -6.76 -103.49 -52.98
N LYS QA 208 -7.80 -103.06 -53.69
CA LYS QA 208 -7.72 -103.02 -55.15
C LYS QA 208 -6.64 -102.08 -55.62
N SER QA 209 -6.51 -100.92 -54.98
CA SER QA 209 -5.58 -99.91 -55.46
C SER QA 209 -4.13 -100.36 -55.32
N LEU QA 210 -3.81 -101.17 -54.33
CA LEU QA 210 -2.44 -101.64 -54.16
C LEU QA 210 -2.14 -102.81 -55.09
N ALA QA 211 -2.96 -103.85 -55.05
CA ALA QA 211 -2.67 -105.06 -55.81
C ALA QA 211 -2.54 -104.77 -57.29
N ASP QA 212 -3.10 -103.66 -57.76
CA ASP QA 212 -2.90 -103.28 -59.15
C ASP QA 212 -1.55 -102.61 -59.36
N GLU QA 213 -1.32 -101.48 -58.69
CA GLU QA 213 -0.16 -100.64 -58.95
C GLU QA 213 0.95 -100.84 -57.93
N GLU QA 214 0.86 -101.88 -57.14
CA GLU QA 214 1.80 -102.10 -56.06
C GLU QA 214 1.80 -103.58 -55.69
N PRO QA 215 2.55 -104.40 -56.41
CA PRO QA 215 2.51 -105.84 -56.16
C PRO QA 215 2.97 -106.22 -54.77
N GLU QA 216 3.86 -105.41 -54.18
CA GLU QA 216 4.44 -105.75 -52.89
C GLU QA 216 3.78 -105.02 -51.74
N LYS QA 217 3.38 -103.75 -51.94
CA LYS QA 217 2.61 -103.09 -50.91
C LYS QA 217 1.31 -103.84 -50.63
N TYR QA 218 0.67 -104.37 -51.67
CA TYR QA 218 -0.50 -105.20 -51.41
C TYR QA 218 -0.14 -106.47 -50.67
N GLN QA 219 1.08 -106.95 -50.80
CA GLN QA 219 1.47 -108.16 -50.08
C GLN QA 219 1.66 -107.88 -48.60
N SER QA 220 2.55 -106.95 -48.27
CA SER QA 220 2.85 -106.69 -46.87
C SER QA 220 1.68 -105.99 -46.17
N HIS QA 221 1.02 -105.07 -46.86
CA HIS QA 221 0.05 -104.24 -46.16
C HIS QA 221 -1.24 -104.96 -45.83
N PHE QA 222 -1.54 -106.06 -46.52
CA PHE QA 222 -2.73 -106.85 -46.27
C PHE QA 222 -2.40 -108.33 -46.15
N SER QA 223 -1.33 -108.64 -45.41
CA SER QA 223 -0.85 -110.02 -45.35
C SER QA 223 -1.86 -110.95 -44.70
N GLU QA 224 -2.46 -110.53 -43.58
CA GLU QA 224 -3.41 -111.40 -42.89
C GLU QA 224 -4.70 -111.59 -43.69
N TYR QA 225 -5.15 -110.55 -44.40
CA TYR QA 225 -6.26 -110.71 -45.33
C TYR QA 225 -5.95 -111.79 -46.36
N ILE QA 226 -4.76 -111.71 -46.95
CA ILE QA 226 -4.34 -112.66 -47.97
C ILE QA 226 -4.13 -114.04 -47.36
N LYS QA 227 -3.61 -114.08 -46.14
CA LYS QA 227 -3.36 -115.34 -45.45
C LYS QA 227 -4.62 -116.17 -45.34
N LYS QA 228 -5.76 -115.53 -45.12
CA LYS QA 228 -7.01 -116.21 -44.81
C LYS QA 228 -7.95 -116.29 -46.01
N GLY QA 229 -7.54 -115.82 -47.18
CA GLY QA 229 -8.36 -115.96 -48.36
C GLY QA 229 -9.51 -115.00 -48.44
N ILE QA 230 -9.33 -113.77 -47.96
CA ILE QA 230 -10.39 -112.77 -47.98
C ILE QA 230 -10.05 -111.72 -49.02
N GLU QA 231 -10.57 -111.89 -50.23
CA GLU QA 231 -10.36 -110.91 -51.29
C GLU QA 231 -11.20 -109.66 -51.03
N ALA QA 232 -10.80 -108.57 -51.69
CA ALA QA 232 -11.50 -107.30 -51.53
C ALA QA 232 -12.94 -107.37 -52.00
N ASP QA 233 -13.28 -108.31 -52.88
CA ASP QA 233 -14.65 -108.51 -53.31
C ASP QA 233 -15.41 -109.45 -52.40
N ASN QA 234 -14.92 -109.63 -51.17
CA ASN QA 234 -15.53 -110.48 -50.16
C ASN QA 234 -15.62 -109.73 -48.84
N MET QA 235 -16.06 -108.48 -48.91
CA MET QA 235 -16.31 -107.63 -47.75
C MET QA 235 -17.78 -107.61 -47.37
N GLU QA 236 -18.64 -107.19 -48.29
CA GLU QA 236 -20.07 -107.12 -48.03
C GLU QA 236 -20.61 -108.49 -47.63
N ALA QA 237 -20.22 -109.53 -48.36
CA ALA QA 237 -20.67 -110.87 -48.02
C ALA QA 237 -20.16 -111.29 -46.65
N LEU QA 238 -18.88 -111.03 -46.36
CA LEU QA 238 -18.29 -111.55 -45.13
C LEU QA 238 -18.77 -110.80 -43.91
N TYR QA 239 -18.95 -109.48 -44.01
CA TYR QA 239 -19.41 -108.71 -42.87
C TYR QA 239 -20.87 -109.00 -42.54
N LYS QA 240 -21.72 -109.12 -43.57
CA LYS QA 240 -23.14 -109.41 -43.31
C LYS QA 240 -23.31 -110.69 -42.49
N LYS QA 241 -22.50 -111.71 -42.78
CA LYS QA 241 -22.61 -112.93 -41.98
C LYS QA 241 -22.22 -112.69 -40.53
N VAL QA 242 -21.16 -111.92 -40.29
CA VAL QA 242 -20.76 -111.62 -38.92
C VAL QA 242 -21.85 -110.84 -38.20
N HIS QA 243 -22.51 -109.90 -38.90
CA HIS QA 243 -23.60 -109.15 -38.30
C HIS QA 243 -24.76 -110.06 -37.93
N ALA QA 244 -25.23 -110.86 -38.88
CA ALA QA 244 -26.37 -111.73 -38.60
C ALA QA 244 -26.05 -112.76 -37.53
N ALA QA 245 -24.80 -113.23 -37.49
CA ALA QA 245 -24.40 -114.17 -36.46
C ALA QA 245 -24.48 -113.55 -35.08
N ILE QA 246 -23.94 -112.33 -34.94
CA ILE QA 246 -23.99 -111.63 -33.66
C ILE QA 246 -25.43 -111.44 -33.22
N ARG QA 247 -26.31 -111.00 -34.12
CA ARG QA 247 -27.69 -110.76 -33.73
C ARG QA 247 -28.34 -112.04 -33.26
N ALA QA 248 -27.98 -113.18 -33.85
CA ALA QA 248 -28.62 -114.45 -33.54
C ALA QA 248 -28.07 -115.14 -32.29
N ASP QA 249 -26.94 -114.72 -31.74
CA ASP QA 249 -26.43 -115.26 -30.47
C ASP QA 249 -25.60 -114.21 -29.76
N PRO QA 250 -26.24 -113.25 -29.09
CA PRO QA 250 -25.49 -112.36 -28.22
C PRO QA 250 -25.25 -112.97 -26.84
N THR QA 251 -24.03 -113.37 -26.52
CA THR QA 251 -23.67 -113.75 -25.15
C THR QA 251 -22.17 -113.51 -24.89
N LYS QA 264 4.99 -118.77 -10.27
CA LYS QA 264 4.22 -117.61 -9.81
C LYS QA 264 5.04 -116.33 -9.67
N ARG QA 265 5.91 -116.25 -8.67
CA ARG QA 265 6.60 -114.98 -8.43
C ARG QA 265 7.55 -114.65 -9.56
N TYR QA 266 7.53 -113.39 -9.97
CA TYR QA 266 8.42 -112.86 -11.00
C TYR QA 266 8.95 -111.49 -10.66
N ASN QA 267 8.35 -110.76 -9.71
CA ASN QA 267 8.72 -109.45 -9.21
C ASN QA 267 9.43 -109.57 -7.87
N PRO QA 268 10.49 -108.82 -7.65
CA PRO QA 268 11.17 -108.85 -6.36
C PRO QA 268 10.22 -108.40 -5.26
N LYS QA 269 10.31 -109.04 -4.10
CA LYS QA 269 9.57 -108.52 -2.96
C LYS QA 269 10.33 -107.39 -2.29
N LYS QA 270 9.59 -106.53 -1.61
CA LYS QA 270 10.22 -105.51 -0.78
C LYS QA 270 11.06 -106.16 0.30
N LEU QA 271 12.21 -105.59 0.58
CA LEU QA 271 13.04 -106.10 1.65
C LEU QA 271 12.40 -105.81 2.99
N THR QA 272 12.50 -106.76 3.90
CA THR QA 272 12.00 -106.54 5.26
C THR QA 272 12.84 -105.49 5.96
N TYR QA 273 12.45 -105.17 7.20
CA TYR QA 273 13.22 -104.24 8.00
C TYR QA 273 14.61 -104.77 8.29
N GLU QA 274 14.74 -106.08 8.54
CA GLU QA 274 16.03 -106.64 8.92
C GLU QA 274 17.03 -106.58 7.76
N GLN QA 275 16.58 -106.92 6.56
CA GLN QA 275 17.50 -106.98 5.43
C GLN QA 275 17.92 -105.59 4.95
N ARG QA 276 17.06 -104.58 5.12
CA ARG QA 276 17.52 -103.22 4.87
C ARG QA 276 18.56 -102.80 5.91
N LYS QA 277 18.25 -103.03 7.19
CA LYS QA 277 19.24 -102.75 8.22
C LYS QA 277 20.44 -103.67 8.11
N ALA QA 278 20.25 -104.88 7.60
CA ALA QA 278 21.40 -105.75 7.36
C ALA QA 278 22.33 -105.15 6.31
N SER QA 279 21.78 -104.82 5.14
CA SER QA 279 22.60 -104.28 4.05
C SER QA 279 23.17 -102.91 4.41
N LEU QA 280 22.42 -102.13 5.17
CA LEU QA 280 22.88 -100.79 5.53
C LEU QA 280 24.09 -100.83 6.44
N VAL QA 281 24.14 -101.82 7.33
CA VAL QA 281 25.32 -102.01 8.18
C VAL QA 281 26.54 -102.32 7.33
N GLU QA 282 26.36 -103.15 6.30
CA GLU QA 282 27.46 -103.45 5.38
C GLU QA 282 27.95 -102.19 4.67
N ARG QA 283 27.02 -101.44 4.08
CA ARG QA 283 27.40 -100.21 3.39
C ARG QA 283 28.09 -99.23 4.33
N LEU QA 284 27.64 -99.17 5.58
CA LEU QA 284 28.30 -98.30 6.55
C LEU QA 284 29.71 -98.80 6.85
N ASN QA 285 29.84 -100.08 7.15
CA ASN QA 285 31.15 -100.65 7.43
C ASN QA 285 32.06 -100.52 6.22
N ALA QA 286 31.51 -100.75 5.03
CA ALA QA 286 32.31 -100.65 3.81
C ALA QA 286 32.84 -99.24 3.62
N LEU QA 287 31.97 -98.23 3.78
CA LEU QA 287 32.39 -96.85 3.54
C LEU QA 287 33.35 -96.37 4.61
N ASN QA 288 33.03 -96.60 5.88
CA ASN QA 288 33.93 -96.15 6.94
C ASN QA 288 35.31 -96.76 6.78
N SER QA 289 35.37 -98.04 6.45
CA SER QA 289 36.63 -98.72 6.18
C SER QA 289 37.23 -98.33 4.84
N SER QA 290 36.49 -97.64 3.98
CA SER QA 290 37.03 -97.24 2.68
C SER QA 290 37.97 -96.06 2.87
N ALA QA 291 39.23 -96.36 3.18
CA ALA QA 291 40.27 -95.34 3.34
C ALA QA 291 39.97 -94.37 4.47
N VAL RA 2 -52.40 37.81 67.78
CA VAL RA 2 -52.89 39.01 67.15
C VAL RA 2 -52.02 39.39 65.96
N SER RA 3 -52.16 38.64 64.88
CA SER RA 3 -51.41 38.95 63.67
C SER RA 3 -51.98 40.20 63.02
N LEU RA 4 -51.10 41.04 62.51
CA LEU RA 4 -51.49 42.27 61.85
C LEU RA 4 -51.09 42.28 60.39
N LYS RA 5 -51.22 41.14 59.72
CA LYS RA 5 -50.82 41.07 58.31
C LYS RA 5 -51.70 41.93 57.44
N LEU RA 6 -53.01 41.91 57.68
CA LEU RA 6 -53.92 42.75 56.92
C LEU RA 6 -53.63 44.23 57.15
N GLN RA 7 -52.91 44.57 58.21
CA GLN RA 7 -52.63 45.95 58.56
C GLN RA 7 -51.25 46.41 58.13
N LYS RA 8 -50.24 45.53 58.19
CA LYS RA 8 -48.94 45.84 57.61
C LYS RA 8 -49.07 46.08 56.10
N ARG RA 9 -49.78 45.19 55.41
CA ARG RA 9 -50.33 45.53 54.11
C ARG RA 9 -51.52 46.47 54.34
N LEU RA 10 -51.84 47.28 53.34
CA LEU RA 10 -52.77 48.41 53.45
C LEU RA 10 -52.17 49.57 54.21
N ALA RA 11 -51.06 49.35 54.89
CA ALA RA 11 -50.27 50.48 55.36
C ALA RA 11 -49.24 50.85 54.31
N SER RA 12 -48.61 49.83 53.72
CA SER RA 12 -47.73 50.06 52.58
C SER RA 12 -48.49 50.68 51.43
N SER RA 13 -49.69 50.20 51.17
CA SER RA 13 -50.45 50.70 50.03
C SER RA 13 -50.99 52.09 50.29
N VAL RA 14 -51.47 52.35 51.50
CA VAL RA 14 -52.01 53.69 51.79
C VAL RA 14 -50.89 54.72 51.86
N LEU RA 15 -49.82 54.41 52.55
CA LEU RA 15 -48.70 55.33 52.61
C LEU RA 15 -47.84 55.29 51.36
N LYS RA 16 -48.13 54.39 50.43
CA LYS RA 16 -47.46 54.34 49.13
C LYS RA 16 -45.94 54.17 49.31
N CYS RA 17 -45.57 53.17 50.11
CA CYS RA 17 -44.19 52.92 50.44
C CYS RA 17 -43.95 51.42 50.46
N GLY RA 18 -42.73 51.04 50.81
CA GLY RA 18 -42.40 49.64 50.94
C GLY RA 18 -42.88 49.07 52.27
N LYS RA 19 -43.16 47.77 52.27
CA LYS RA 19 -43.65 47.14 53.48
C LYS RA 19 -42.60 47.16 54.58
N GLY RA 20 -41.33 47.29 54.24
CA GLY RA 20 -40.29 47.42 55.23
C GLY RA 20 -40.11 48.81 55.78
N LYS RA 21 -40.90 49.78 55.33
CA LYS RA 21 -40.85 51.15 55.81
C LYS RA 21 -42.08 51.52 56.63
N VAL RA 22 -42.93 50.56 56.97
CA VAL RA 22 -44.14 50.78 57.74
C VAL RA 22 -43.86 50.51 59.20
N TRP RA 23 -44.24 51.43 60.07
CA TRP RA 23 -44.13 51.26 61.51
C TRP RA 23 -45.52 51.20 62.11
N LEU RA 24 -45.87 50.06 62.67
CA LEU RA 24 -47.07 49.89 63.47
C LEU RA 24 -46.66 49.89 64.93
N ASP RA 25 -47.31 50.70 65.74
CA ASP RA 25 -46.87 50.93 67.11
C ASP RA 25 -46.91 49.64 67.91
N PRO RA 26 -45.80 49.19 68.48
CA PRO RA 26 -45.78 47.90 69.19
C PRO RA 26 -46.50 47.91 70.51
N ASN RA 27 -47.04 49.03 70.97
CA ASN RA 27 -47.70 49.10 72.26
C ASN RA 27 -49.21 49.23 72.16
N GLU RA 28 -49.76 49.31 70.95
CA GLU RA 28 -51.22 49.35 70.75
C GLU RA 28 -51.63 48.43 69.61
N VAL RA 29 -51.20 47.17 69.66
CA VAL RA 29 -51.58 46.24 68.60
C VAL RA 29 -53.09 46.05 68.55
N ASN RA 30 -53.78 46.23 69.68
CA ASN RA 30 -55.23 46.02 69.70
C ASN RA 30 -55.97 47.09 68.92
N GLU RA 31 -55.59 48.36 69.08
CA GLU RA 31 -56.20 49.38 68.22
C GLU RA 31 -55.89 49.13 66.75
N ILE RA 32 -54.63 48.80 66.44
CA ILE RA 32 -54.30 48.49 65.05
C ILE RA 32 -55.12 47.29 64.58
N SER RA 33 -55.22 46.27 65.44
CA SER RA 33 -55.88 45.03 65.04
C SER RA 33 -57.37 45.20 64.81
N MET RA 34 -57.98 46.23 65.39
CA MET RA 34 -59.40 46.45 65.14
C MET RA 34 -59.66 47.16 63.81
N ALA RA 35 -58.70 47.90 63.29
CA ALA RA 35 -58.86 48.56 62.00
C ALA RA 35 -58.71 47.53 60.90
N ASN RA 36 -59.76 47.35 60.10
CA ASN RA 36 -59.81 46.32 59.08
C ASN RA 36 -60.11 46.92 57.72
N SER RA 37 -59.66 48.14 57.48
CA SER RA 37 -60.10 48.89 56.33
C SER RA 37 -59.05 49.92 55.96
N ARG RA 38 -59.08 50.35 54.70
CA ARG RA 38 -58.19 51.44 54.29
C ARG RA 38 -58.61 52.75 54.92
N GLN RA 39 -59.91 52.94 55.13
CA GLN RA 39 -60.37 54.10 55.87
C GLN RA 39 -59.83 54.09 57.29
N ASN RA 40 -59.98 52.96 57.98
CA ASN RA 40 -59.54 52.86 59.36
C ASN RA 40 -58.02 52.98 59.47
N ILE RA 41 -57.27 52.50 58.48
CA ILE RA 41 -55.82 52.65 58.50
C ILE RA 41 -55.44 54.12 58.37
N ARG RA 42 -56.10 54.85 57.48
CA ARG RA 42 -55.80 56.26 57.32
C ARG RA 42 -56.05 57.05 58.59
N LYS RA 43 -57.04 56.63 59.37
CA LYS RA 43 -57.27 57.26 60.67
C LYS RA 43 -56.11 57.01 61.62
N LEU RA 44 -55.58 55.79 61.64
CA LEU RA 44 -54.41 55.51 62.47
C LEU RA 44 -53.20 56.28 61.98
N VAL RA 45 -53.09 56.48 60.67
CA VAL RA 45 -52.01 57.29 60.12
C VAL RA 45 -52.04 58.68 60.72
N LYS RA 46 -53.23 59.28 60.76
CA LYS RA 46 -53.37 60.63 61.25
C LYS RA 46 -53.01 60.72 62.73
N ASP RA 47 -53.35 59.70 63.51
CA ASP RA 47 -53.13 59.73 64.94
C ASP RA 47 -51.71 59.38 65.34
N GLY RA 48 -50.81 59.14 64.39
CA GLY RA 48 -49.46 58.81 64.73
C GLY RA 48 -49.26 57.39 65.19
N PHE RA 49 -50.25 56.54 65.03
CA PHE RA 49 -50.13 55.15 65.41
C PHE RA 49 -49.45 54.33 64.34
N ILE RA 50 -49.43 54.85 63.11
CA ILE RA 50 -48.85 54.18 61.95
C ILE RA 50 -48.07 55.25 61.22
N ILE RA 51 -46.75 55.14 61.20
CA ILE RA 51 -45.92 56.14 60.55
C ILE RA 51 -45.18 55.50 59.41
N ARG RA 52 -44.40 56.31 58.71
CA ARG RA 52 -43.52 55.88 57.63
C ARG RA 52 -42.10 56.02 58.12
N LYS RA 53 -41.39 54.90 58.23
CA LYS RA 53 -40.01 55.02 58.66
C LYS RA 53 -39.23 55.79 57.60
N PRO RA 54 -38.25 56.58 58.02
CA PRO RA 54 -37.45 57.32 57.04
C PRO RA 54 -36.53 56.41 56.25
N GLN RA 55 -36.19 56.87 55.05
CA GLN RA 55 -35.35 56.08 54.17
C GLN RA 55 -33.96 55.89 54.78
N LYS RA 56 -33.37 54.73 54.52
CA LYS RA 56 -32.03 54.46 55.00
C LYS RA 56 -31.03 55.36 54.30
N ILE RA 57 -29.90 55.61 54.97
CA ILE RA 57 -29.00 56.68 54.58
C ILE RA 57 -28.01 56.18 53.54
N HIS RA 58 -27.95 56.85 52.40
CA HIS RA 58 -26.93 56.63 51.37
C HIS RA 58 -26.42 57.99 50.91
N SER RA 59 -25.38 58.49 51.59
CA SER RA 59 -24.83 59.80 51.30
C SER RA 59 -23.74 59.70 50.24
N ARG RA 60 -23.62 60.77 49.45
CA ARG RA 60 -22.57 60.88 48.45
C ARG RA 60 -21.47 61.83 48.86
N SER RA 61 -21.31 62.08 50.17
CA SER RA 61 -20.22 62.92 50.62
C SER RA 61 -18.88 62.32 50.24
N ARG RA 62 -18.71 61.02 50.46
CA ARG RA 62 -17.43 60.37 50.18
C ARG RA 62 -17.17 60.30 48.68
N ALA RA 63 -18.24 60.17 47.89
CA ALA RA 63 -18.10 60.26 46.44
C ALA RA 63 -17.79 61.69 46.02
N ARG RA 64 -18.44 62.66 46.65
CA ARG RA 64 -18.20 64.06 46.32
C ARG RA 64 -16.78 64.47 46.67
N ARG RA 65 -16.30 64.03 47.83
CA ARG RA 65 -14.91 64.30 48.19
C ARG RA 65 -13.96 63.65 47.22
N ALA RA 66 -14.29 62.44 46.78
CA ALA RA 66 -13.45 61.74 45.81
C ALA RA 66 -13.38 62.51 44.50
N HIS RA 67 -14.54 62.90 43.98
CA HIS RA 67 -14.58 63.61 42.70
C HIS RA 67 -13.93 64.97 42.84
N GLU RA 68 -14.00 65.57 44.03
CA GLU RA 68 -13.39 66.86 44.30
C GLU RA 68 -11.89 66.78 44.54
N ALA RA 69 -11.33 65.58 44.66
CA ALA RA 69 -9.88 65.40 44.67
C ALA RA 69 -9.36 64.89 43.34
N LYS RA 70 -10.23 64.34 42.50
CA LYS RA 70 -9.81 63.99 41.15
C LYS RA 70 -9.70 65.20 40.27
N GLN RA 71 -10.29 66.33 40.67
CA GLN RA 71 -10.07 67.57 39.95
C GLN RA 71 -8.62 68.02 40.08
N LYS RA 72 -7.96 67.67 41.18
CA LYS RA 72 -6.59 68.08 41.43
C LYS RA 72 -5.56 67.07 40.97
N GLY RA 73 -5.98 66.05 40.23
CA GLY RA 73 -5.04 65.10 39.70
C GLY RA 73 -4.57 64.04 40.67
N ARG RA 74 -5.25 63.88 41.80
CA ARG RA 74 -4.95 62.76 42.67
C ARG RA 74 -5.71 61.52 42.21
N HIS RA 75 -5.21 60.37 42.62
CA HIS RA 75 -5.82 59.07 42.34
C HIS RA 75 -5.84 58.74 40.87
N SER RA 76 -5.25 59.57 40.03
CA SER RA 76 -4.86 59.17 38.70
C SER RA 76 -3.48 58.51 38.80
N GLY RA 77 -2.81 58.34 37.69
CA GLY RA 77 -1.55 57.65 37.76
C GLY RA 77 -1.67 56.21 37.29
N TYR RA 78 -0.54 55.68 36.83
CA TYR RA 78 -0.59 54.45 36.05
C TYR RA 78 -1.18 53.30 36.84
N GLY RA 79 -1.04 53.30 38.15
CA GLY RA 79 -1.62 52.26 38.98
C GLY RA 79 -3.10 52.38 39.20
N LYS RA 80 -3.76 53.38 38.62
CA LYS RA 80 -5.22 53.50 38.68
C LYS RA 80 -5.86 53.40 37.31
N ARG RA 81 -5.08 53.39 36.24
CA ARG RA 81 -5.62 53.13 34.91
C ARG RA 81 -5.91 51.65 34.75
N ARG RA 82 -7.11 51.31 34.29
CA ARG RA 82 -7.40 49.93 33.95
C ARG RA 82 -7.98 49.77 32.57
N GLY RA 83 -8.47 50.82 31.96
CA GLY RA 83 -8.87 50.79 30.57
C GLY RA 83 -7.79 51.38 29.70
N THR RA 84 -7.80 50.98 28.44
CA THR RA 84 -6.87 51.51 27.46
C THR RA 84 -7.01 53.02 27.39
N ARG RA 85 -5.92 53.70 27.07
CA ARG RA 85 -5.99 55.15 26.83
C ARG RA 85 -7.09 55.48 25.83
N GLU RA 86 -7.24 54.65 24.81
CA GLU RA 86 -8.34 54.79 23.85
C GLU RA 86 -9.68 54.53 24.49
N ALA RA 87 -9.77 53.53 25.37
CA ALA RA 87 -11.04 53.23 26.05
C ALA RA 87 -11.42 54.34 27.01
N ARG RA 88 -10.43 54.93 27.68
CA ARG RA 88 -10.70 56.04 28.59
C ARG RA 88 -11.16 57.27 27.82
N LEU RA 89 -10.43 57.65 26.78
CA LEU RA 89 -10.83 58.77 25.93
C LEU RA 89 -10.43 58.50 24.48
N PRO RA 90 -11.41 58.30 23.59
CA PRO RA 90 -11.08 57.92 22.21
C PRO RA 90 -10.34 59.01 21.47
N THR RA 91 -9.37 58.58 20.66
CA THR RA 91 -8.69 59.53 19.78
C THR RA 91 -9.65 60.13 18.77
N LYS RA 92 -10.69 59.41 18.39
CA LYS RA 92 -11.68 59.98 17.49
C LYS RA 92 -12.39 61.15 18.13
N ILE RA 93 -12.66 61.07 19.43
CA ILE RA 93 -13.25 62.21 20.12
C ILE RA 93 -12.27 63.37 20.19
N LEU RA 94 -11.00 63.09 20.46
CA LEU RA 94 -10.01 64.17 20.48
C LEU RA 94 -9.92 64.86 19.13
N TRP RA 95 -9.87 64.07 18.06
CA TRP RA 95 -9.79 64.65 16.72
C TRP RA 95 -11.00 65.51 16.42
N MET RA 96 -12.19 65.04 16.79
CA MET RA 96 -13.43 65.75 16.50
C MET RA 96 -13.48 67.09 17.20
N ARG RA 97 -13.16 67.11 18.49
CA ARG RA 97 -13.14 68.36 19.23
C ARG RA 97 -12.09 69.30 18.68
N ARG RA 98 -10.89 68.80 18.39
CA ARG RA 98 -9.85 69.65 17.84
C ARG RA 98 -10.23 70.20 16.48
N MET RA 99 -10.93 69.41 15.67
CA MET RA 99 -11.36 69.90 14.37
C MET RA 99 -12.38 71.02 14.49
N ARG RA 100 -13.38 70.85 15.35
CA ARG RA 100 -14.41 71.88 15.46
C ARG RA 100 -13.84 73.16 16.06
N VAL RA 101 -12.91 73.04 17.01
CA VAL RA 101 -12.27 74.21 17.58
C VAL RA 101 -11.53 74.98 16.50
N LEU RA 102 -10.69 74.29 15.74
CA LEU RA 102 -9.88 74.97 14.73
C LEU RA 102 -10.72 75.44 13.55
N ARG RA 103 -11.75 74.67 13.19
CA ARG RA 103 -12.62 75.09 12.11
C ARG RA 103 -13.44 76.31 12.50
N ARG RA 104 -13.89 76.36 13.75
CA ARG RA 104 -14.70 77.49 14.20
C ARG RA 104 -13.85 78.74 14.33
N LEU RA 105 -12.59 78.58 14.74
CA LEU RA 105 -11.67 79.70 14.82
C LEU RA 105 -11.43 80.30 13.45
N LEU RA 106 -11.29 79.46 12.43
CA LEU RA 106 -11.12 79.97 11.08
C LEU RA 106 -12.34 80.76 10.64
N ARG RA 107 -13.54 80.27 10.96
CA ARG RA 107 -14.75 80.97 10.54
C ARG RA 107 -14.86 82.33 11.22
N LYS RA 108 -14.32 82.48 12.43
CA LYS RA 108 -14.40 83.78 13.08
C LYS RA 108 -13.30 84.72 12.61
N TYR RA 109 -12.17 84.19 12.14
CA TYR RA 109 -11.18 85.04 11.47
C TYR RA 109 -11.67 85.46 10.10
N ARG RA 110 -12.35 84.56 9.39
CA ARG RA 110 -12.81 84.87 8.05
C ARG RA 110 -13.93 85.92 8.08
N GLU RA 111 -14.82 85.84 9.06
CA GLU RA 111 -15.90 86.81 9.16
C GLU RA 111 -15.44 88.15 9.71
N ALA RA 112 -14.52 88.15 10.67
CA ALA RA 112 -13.95 89.41 11.15
C ALA RA 112 -13.06 90.08 10.13
N LYS RA 113 -12.96 89.52 8.92
CA LYS RA 113 -12.10 89.98 7.83
C LYS RA 113 -10.63 89.96 8.21
N LYS RA 114 -10.29 89.36 9.34
CA LYS RA 114 -8.88 89.21 9.67
C LYS RA 114 -8.17 88.37 8.63
N ILE RA 115 -8.91 87.54 7.91
CA ILE RA 115 -8.37 86.65 6.89
C ILE RA 115 -9.28 86.72 5.67
N ASP RA 116 -8.69 86.63 4.48
CA ASP RA 116 -9.43 86.58 3.24
C ASP RA 116 -9.90 85.16 2.96
N LYS RA 117 -10.67 84.99 1.89
CA LYS RA 117 -11.21 83.66 1.61
C LYS RA 117 -10.15 82.73 1.05
N HIS RA 118 -9.15 83.26 0.36
CA HIS RA 118 -8.07 82.42 -0.15
C HIS RA 118 -7.21 81.88 0.98
N MET RA 119 -6.87 82.71 1.96
CA MET RA 119 -6.05 82.17 3.03
C MET RA 119 -6.87 81.32 3.98
N TYR RA 120 -8.17 81.57 4.06
CA TYR RA 120 -9.05 80.69 4.79
C TYR RA 120 -9.07 79.29 4.18
N HIS RA 121 -9.14 79.21 2.85
CA HIS RA 121 -9.24 77.90 2.21
C HIS RA 121 -7.93 77.12 2.32
N ASP RA 122 -6.80 77.80 2.16
CA ASP RA 122 -5.51 77.14 2.37
C ASP RA 122 -5.38 76.64 3.79
N MET RA 123 -5.83 77.43 4.76
CA MET RA 123 -5.77 77.02 6.16
C MET RA 123 -6.69 75.84 6.44
N TYR RA 124 -7.87 75.84 5.84
CA TYR RA 124 -8.88 74.83 6.15
C TYR RA 124 -8.35 73.43 5.87
N LEU RA 125 -7.69 73.25 4.73
CA LEU RA 125 -7.16 71.95 4.35
C LEU RA 125 -5.89 71.61 5.12
N LYS RA 126 -5.15 72.61 5.59
CA LYS RA 126 -4.02 72.32 6.46
C LYS RA 126 -4.47 71.87 7.84
N VAL RA 127 -5.58 72.42 8.33
CA VAL RA 127 -6.19 71.91 9.55
C VAL RA 127 -6.61 70.47 9.37
N LYS RA 128 -7.31 70.19 8.27
CA LYS RA 128 -7.75 68.83 7.96
C LYS RA 128 -6.57 67.88 7.81
N GLY RA 129 -5.43 68.39 7.37
CA GLY RA 129 -4.23 67.60 7.15
C GLY RA 129 -3.30 67.44 8.33
N ASN RA 130 -3.70 67.90 9.52
CA ASN RA 130 -2.97 67.66 10.78
C ASN RA 130 -1.66 68.45 10.85
N MET RA 131 -1.72 69.73 10.50
CA MET RA 131 -0.54 70.57 10.68
C MET RA 131 -0.55 71.39 11.95
N PHE RA 132 -1.71 71.63 12.57
CA PHE RA 132 -1.77 72.45 13.79
C PHE RA 132 -2.42 71.65 14.90
N LYS RA 133 -1.71 71.50 16.01
CA LYS RA 133 -2.17 70.67 17.11
C LYS RA 133 -3.03 71.43 18.13
N ASN RA 134 -3.05 72.75 18.08
CA ASN RA 134 -3.89 73.53 18.99
C ASN RA 134 -4.11 74.89 18.35
N LYS RA 135 -5.00 75.68 18.98
CA LYS RA 135 -5.34 76.97 18.38
C LYS RA 135 -4.21 77.97 18.54
N ARG RA 136 -3.33 77.79 19.52
CA ARG RA 136 -2.21 78.70 19.69
C ARG RA 136 -1.31 78.69 18.47
N VAL RA 137 -0.97 77.50 17.97
CA VAL RA 137 -0.10 77.43 16.80
C VAL RA 137 -0.83 77.87 15.54
N LEU RA 138 -2.14 77.63 15.43
CA LEU RA 138 -2.85 78.05 14.24
C LEU RA 138 -2.93 79.57 14.15
N MET RA 139 -3.17 80.24 15.27
CA MET RA 139 -3.11 81.70 15.26
C MET RA 139 -1.72 82.19 14.90
N GLU RA 140 -0.68 81.58 15.48
CA GLU RA 140 0.67 82.03 15.17
C GLU RA 140 0.98 81.86 13.70
N SER RA 141 0.59 80.74 13.12
CA SER RA 141 0.83 80.53 11.70
C SER RA 141 0.06 81.55 10.86
N ILE RA 142 -1.16 81.91 11.29
CA ILE RA 142 -1.91 82.96 10.58
C ILE RA 142 -1.17 84.28 10.65
N HIS RA 143 -0.67 84.65 11.83
CA HIS RA 143 0.03 85.92 11.98
C HIS RA 143 1.28 85.98 11.12
N LYS RA 144 1.97 84.85 10.96
CA LYS RA 144 3.18 84.86 10.15
C LYS RA 144 2.84 84.82 8.68
N SER RA 145 1.75 84.16 8.31
CA SER RA 145 1.34 84.15 6.91
C SER RA 145 0.99 85.56 6.45
N LYS RA 146 0.34 86.34 7.30
CA LYS RA 146 0.00 87.70 6.92
C LYS RA 146 1.24 88.59 6.87
N ALA RA 147 2.12 88.47 7.85
CA ALA RA 147 3.30 89.32 7.90
C ALA RA 147 4.12 89.19 6.61
N GLU RA 148 4.29 87.96 6.13
CA GLU RA 148 5.00 87.77 4.88
C GLU RA 148 4.22 88.31 3.69
N LYS RA 149 2.92 88.04 3.61
CA LYS RA 149 2.14 88.59 2.49
C LYS RA 149 2.16 90.11 2.50
N ALA RA 150 2.12 90.72 3.67
CA ALA RA 150 2.19 92.17 3.74
C ALA RA 150 3.54 92.67 3.24
N ARG RA 151 4.64 92.03 3.68
CA ARG RA 151 5.96 92.39 3.18
C ARG RA 151 6.05 92.24 1.68
N GLU RA 152 5.58 91.11 1.15
CA GLU RA 152 5.61 90.90 -0.28
C GLU RA 152 4.78 91.96 -1.02
N LYS RA 153 3.61 92.30 -0.48
CA LYS RA 153 2.73 93.25 -1.16
C LYS RA 153 3.26 94.68 -1.09
N THR RA 154 3.74 95.11 0.07
CA THR RA 154 4.21 96.49 0.21
C THR RA 154 5.49 96.74 -0.55
N LEU RA 155 6.18 95.69 -1.00
CA LEU RA 155 7.22 95.84 -1.99
C LEU RA 155 6.72 95.61 -3.41
N SER RA 156 5.46 95.23 -3.58
CA SER RA 156 4.93 94.96 -4.91
C SER RA 156 4.34 96.22 -5.53
N ASP RA 157 3.23 96.71 -4.99
CA ASP RA 157 2.50 97.79 -5.64
C ASP RA 157 3.25 99.12 -5.58
N GLN RA 158 4.18 99.29 -4.66
CA GLN RA 158 5.01 100.49 -4.69
C GLN RA 158 5.92 100.47 -5.90
N PHE RA 159 6.39 99.28 -6.31
CA PHE RA 159 7.04 99.18 -7.61
C PHE RA 159 6.03 99.37 -8.73
N GLU RA 160 4.81 98.86 -8.53
CA GLU RA 160 3.77 99.00 -9.54
C GLU RA 160 3.41 100.46 -9.75
N ALA RA 161 3.25 101.21 -8.66
CA ALA RA 161 2.97 102.64 -8.78
C ALA RA 161 4.13 103.37 -9.42
N LYS RA 162 5.36 102.99 -9.06
CA LYS RA 162 6.53 103.58 -9.70
C LYS RA 162 6.56 103.29 -11.19
N ARG RA 163 6.09 102.09 -11.59
CA ARG RA 163 6.17 101.72 -13.00
C ARG RA 163 5.43 102.73 -13.86
N ALA RA 164 4.14 102.94 -13.56
CA ALA RA 164 3.30 103.79 -14.39
C ALA RA 164 3.80 105.22 -14.41
N LYS RA 165 4.20 105.75 -13.24
CA LYS RA 165 4.73 107.10 -13.18
C LYS RA 165 5.89 107.29 -14.16
N SER RA 166 6.82 106.32 -14.17
CA SER RA 166 7.95 106.37 -15.10
C SER RA 166 7.50 106.29 -16.55
N LYS RA 167 6.43 105.54 -16.83
CA LYS RA 167 5.84 105.57 -18.16
C LYS RA 167 5.10 106.88 -18.39
N ALA RA 168 4.30 107.29 -17.41
CA ALA RA 168 3.51 108.52 -17.55
C ALA RA 168 4.39 109.75 -17.70
N SER RA 169 5.65 109.66 -17.25
CA SER RA 169 6.58 110.77 -17.43
C SER RA 169 6.85 111.04 -18.91
N ARG RA 170 6.65 110.06 -19.79
CA ARG RA 170 6.93 110.28 -21.20
C ARG RA 170 6.06 111.39 -21.77
N GLU RA 171 4.76 111.38 -21.45
CA GLU RA 171 3.95 112.56 -21.60
C GLU RA 171 4.08 113.41 -20.34
N VAL SA 2 -62.87 -1.01 75.95
CA VAL SA 2 -63.74 -2.14 75.65
C VAL SA 2 -63.29 -3.31 76.54
N LYS SA 3 -62.48 -4.22 75.98
CA LYS SA 3 -61.89 -5.33 76.72
C LYS SA 3 -60.38 -5.20 76.71
N TYR SA 4 -59.75 -5.30 77.86
CA TYR SA 4 -58.30 -5.24 77.82
C TYR SA 4 -57.75 -6.66 77.74
N SER SA 5 -56.46 -6.77 77.46
CA SER SA 5 -55.87 -8.09 77.40
C SER SA 5 -55.95 -8.81 78.73
N THR SA 6 -56.14 -8.08 79.83
CA THR SA 6 -56.05 -8.63 81.17
C THR SA 6 -57.25 -8.17 81.99
N ASP SA 7 -57.71 -9.03 82.89
CA ASP SA 7 -58.65 -8.66 83.93
C ASP SA 7 -57.90 -8.09 85.14
N PRO SA 8 -58.36 -6.98 85.68
CA PRO SA 8 -57.78 -6.47 86.92
C PRO SA 8 -57.85 -7.54 88.01
N ALA SA 9 -56.75 -7.70 88.74
CA ALA SA 9 -56.68 -8.75 89.76
C ALA SA 9 -57.73 -8.52 90.84
N ASN SA 10 -57.88 -7.29 91.27
CA ASN SA 10 -59.01 -6.89 92.12
C ASN SA 10 -59.74 -5.76 91.40
N PRO SA 11 -60.81 -6.06 90.67
CA PRO SA 11 -61.45 -5.04 89.83
C PRO SA 11 -62.07 -3.89 90.59
N THR SA 12 -62.34 -4.04 91.89
CA THR SA 12 -63.00 -2.97 92.62
C THR SA 12 -62.04 -1.83 92.92
N LYS SA 13 -60.75 -2.11 93.03
CA LYS SA 13 -59.74 -1.10 93.33
C LYS SA 13 -58.86 -0.82 92.12
N SER SA 14 -59.44 -0.86 90.93
CA SER SA 14 -58.70 -0.65 89.70
C SER SA 14 -59.31 0.49 88.90
N ALA SA 15 -58.45 1.30 88.32
CA ALA SA 15 -58.84 2.30 87.34
C ALA SA 15 -58.04 2.04 86.06
N LYS SA 16 -58.62 2.41 84.93
CA LYS SA 16 -58.04 2.01 83.66
C LYS SA 16 -58.24 3.09 82.62
N ALA SA 17 -57.26 3.20 81.74
CA ALA SA 17 -57.27 4.18 80.66
C ALA SA 17 -56.78 3.54 79.39
N MET SA 18 -57.30 4.02 78.25
CA MET SA 18 -56.81 3.49 76.99
C MET SA 18 -56.93 4.57 75.92
N GLY SA 19 -56.15 4.39 74.86
CA GLY SA 19 -56.21 5.26 73.71
C GLY SA 19 -55.90 4.47 72.45
N ARG SA 20 -56.68 4.67 71.39
CA ARG SA 20 -56.50 3.92 70.17
C ARG SA 20 -56.09 4.83 69.02
N ASP SA 21 -55.20 4.31 68.17
CA ASP SA 21 -54.83 4.93 66.90
C ASP SA 21 -54.08 6.24 67.13
N LEU SA 22 -53.14 6.22 68.06
CA LEU SA 22 -52.40 7.40 68.45
C LEU SA 22 -51.15 7.55 67.62
N ARG SA 23 -50.98 8.72 67.01
CA ARG SA 23 -49.88 8.95 66.08
C ARG SA 23 -48.58 9.19 66.84
N VAL SA 24 -48.05 8.11 67.40
CA VAL SA 24 -46.72 8.10 67.99
C VAL SA 24 -46.08 6.77 67.61
N HIS SA 25 -44.75 6.76 67.56
CA HIS SA 25 -44.03 5.58 67.08
C HIS SA 25 -44.27 4.38 67.97
N PHE SA 26 -44.65 3.26 67.37
CA PHE SA 26 -44.95 2.06 68.15
C PHE SA 26 -43.72 1.56 68.89
N LYS SA 27 -42.56 1.56 68.22
CA LYS SA 27 -41.37 0.97 68.81
C LYS SA 27 -40.89 1.75 70.02
N ASN SA 28 -40.82 3.07 69.92
CA ASN SA 28 -40.43 3.87 71.07
C ASN SA 28 -41.46 3.78 72.17
N THR SA 29 -42.74 3.82 71.81
CA THR SA 29 -43.81 3.73 72.80
C THR SA 29 -43.80 2.39 73.51
N ARG SA 30 -43.44 1.32 72.78
CA ARG SA 30 -43.32 0.02 73.42
C ARG SA 30 -42.21 0.02 74.45
N GLU SA 31 -41.06 0.63 74.15
CA GLU SA 31 -39.96 0.65 75.12
C GLU SA 31 -40.32 1.49 76.34
N THR SA 32 -40.98 2.63 76.12
CA THR SA 32 -41.40 3.46 77.24
C THR SA 32 -42.29 2.70 78.20
N ALA SA 33 -43.32 2.05 77.67
CA ALA SA 33 -44.23 1.27 78.51
C ALA SA 33 -43.48 0.16 79.23
N PHE SA 34 -42.60 -0.54 78.52
CA PHE SA 34 -41.92 -1.69 79.13
C PHE SA 34 -41.11 -1.27 80.34
N ALA SA 35 -40.52 -0.09 80.32
CA ALA SA 35 -39.70 0.36 81.44
C ALA SA 35 -40.54 0.90 82.59
N LEU SA 36 -41.83 1.13 82.38
CA LEU SA 36 -42.71 1.66 83.40
C LEU SA 36 -43.42 0.58 84.21
N ARG SA 37 -43.44 -0.65 83.73
CA ARG SA 37 -44.31 -1.66 84.32
C ARG SA 37 -43.93 -1.96 85.76
N LYS SA 38 -44.96 -2.16 86.59
CA LYS SA 38 -44.96 -2.42 88.02
C LYS SA 38 -44.66 -1.18 88.85
N MET SA 39 -44.32 -0.04 88.25
CA MET SA 39 -44.04 1.13 89.07
C MET SA 39 -45.27 1.67 89.78
N SER SA 40 -45.02 2.19 90.98
CA SER SA 40 -46.03 3.02 91.63
C SER SA 40 -46.30 4.24 90.77
N LEU SA 41 -47.47 4.83 90.95
CA LEU SA 41 -47.83 5.93 90.06
C LEU SA 41 -46.94 7.14 90.29
N ASN SA 42 -46.73 7.52 91.55
CA ASN SA 42 -45.96 8.72 91.82
C ASN SA 42 -44.56 8.62 91.22
N LYS SA 43 -43.97 7.43 91.25
CA LYS SA 43 -42.70 7.23 90.57
C LYS SA 43 -42.88 7.27 89.06
N ALA SA 44 -44.00 6.76 88.56
CA ALA SA 44 -44.26 6.76 87.12
C ALA SA 44 -44.36 8.18 86.57
N LYS SA 45 -45.08 9.04 87.28
CA LYS SA 45 -45.21 10.42 86.81
C LYS SA 45 -43.88 11.14 86.83
N ARG SA 46 -43.09 10.96 87.89
CA ARG SA 46 -41.83 11.67 88.00
C ARG SA 46 -40.80 11.10 87.03
N TYR SA 47 -40.80 9.79 86.84
CA TYR SA 47 -39.87 9.18 85.90
C TYR SA 47 -40.08 9.71 84.49
N LEU SA 48 -41.34 9.77 84.05
CA LEU SA 48 -41.63 10.25 82.72
C LEU SA 48 -41.30 11.73 82.57
N GLU SA 49 -41.59 12.52 83.61
CA GLU SA 49 -41.29 13.95 83.56
C GLU SA 49 -39.78 14.17 83.47
N ASP SA 50 -39.00 13.31 84.11
CA ASP SA 50 -37.54 13.42 84.03
C ASP SA 50 -37.03 13.10 82.65
N VAL SA 51 -37.65 12.15 81.96
CA VAL SA 51 -37.27 11.89 80.57
C VAL SA 51 -37.59 13.09 79.70
N LEU SA 52 -38.72 13.74 79.94
CA LEU SA 52 -39.07 14.94 79.18
C LEU SA 52 -38.05 16.05 79.39
N ALA SA 53 -37.59 16.23 80.62
CA ALA SA 53 -36.53 17.17 80.91
C ALA SA 53 -35.15 16.60 80.66
N HIS SA 54 -35.09 15.45 79.99
CA HIS SA 54 -33.85 14.83 79.53
C HIS SA 54 -32.97 14.43 80.71
N LYS SA 55 -33.56 14.26 81.89
CA LYS SA 55 -32.83 13.93 83.11
C LYS SA 55 -32.75 12.44 83.39
N GLN SA 56 -33.76 11.67 83.00
CA GLN SA 56 -33.71 10.22 83.07
C GLN SA 56 -34.02 9.67 81.68
N ALA SA 57 -33.67 8.41 81.47
CA ALA SA 57 -33.71 7.81 80.15
C ALA SA 57 -34.63 6.60 80.16
N ILE SA 58 -34.93 6.12 78.95
CA ILE SA 58 -35.67 4.89 78.73
C ILE SA 58 -34.70 3.87 78.15
N PRO SA 59 -34.44 2.74 78.80
CA PRO SA 59 -33.66 1.69 78.15
C PRO SA 59 -34.37 1.14 76.93
N PHE SA 60 -33.60 0.85 75.88
CA PHE SA 60 -34.11 0.22 74.66
C PHE SA 60 -33.50 -1.17 74.59
N ARG SA 61 -34.36 -2.19 74.47
CA ARG SA 61 -33.89 -3.57 74.51
C ARG SA 61 -34.21 -4.36 73.25
N ARG SA 62 -35.46 -4.45 72.82
CA ARG SA 62 -35.71 -5.19 71.59
C ARG SA 62 -35.37 -4.36 70.36
N TYR SA 63 -35.85 -3.12 70.33
CA TYR SA 63 -35.69 -2.25 69.18
C TYR SA 63 -34.56 -1.28 69.50
N CYS SA 64 -33.34 -1.76 69.34
CA CYS SA 64 -32.19 -1.01 69.78
C CYS SA 64 -31.11 -0.89 68.73
N ARG SA 65 -31.27 -1.53 67.57
CA ARG SA 65 -30.20 -1.55 66.60
C ARG SA 65 -30.03 -0.17 65.98
N GLY SA 66 -29.11 0.61 66.54
CA GLY SA 66 -28.81 1.94 66.05
C GLY SA 66 -28.83 2.96 67.14
N VAL SA 67 -29.43 2.61 68.28
CA VAL SA 67 -29.58 3.55 69.38
C VAL SA 67 -28.23 3.81 70.02
N GLY SA 68 -28.00 5.07 70.40
CA GLY SA 68 -26.75 5.47 71.00
C GLY SA 68 -26.67 5.06 72.45
N ARG SA 69 -25.51 5.35 73.04
CA ARG SA 69 -25.21 4.93 74.39
C ARG SA 69 -25.08 6.14 75.30
N THR SA 70 -25.49 5.98 76.55
CA THR SA 70 -25.48 7.09 77.49
C THR SA 70 -25.24 6.57 78.90
N ALA SA 71 -24.82 7.49 79.77
CA ALA SA 71 -24.52 7.17 81.16
C ALA SA 71 -25.76 7.08 82.02
N GLN SA 72 -26.87 7.69 81.60
CA GLN SA 72 -28.04 7.78 82.47
C GLN SA 72 -28.71 6.43 82.67
N VAL SA 73 -28.66 5.54 81.69
CA VAL SA 73 -29.43 4.31 81.72
C VAL SA 73 -28.56 3.19 82.27
N LYS SA 74 -27.41 3.56 82.79
CA LYS SA 74 -26.45 2.59 83.31
C LYS SA 74 -27.01 1.74 84.45
N ASN SA 75 -27.85 2.32 85.31
CA ASN SA 75 -28.36 1.59 86.46
C ASN SA 75 -29.20 0.40 86.03
N ARG SA 76 -29.96 0.53 84.95
CA ARG SA 76 -30.83 -0.56 84.57
C ARG SA 76 -30.32 -1.34 83.36
N GLN SA 77 -29.80 -0.68 82.35
CA GLN SA 77 -29.25 -1.43 81.24
C GLN SA 77 -27.75 -1.20 81.19
N PRO SA 78 -26.94 -2.18 81.60
CA PRO SA 78 -25.49 -1.96 81.67
C PRO SA 78 -24.86 -1.54 80.37
N ASN SA 79 -25.31 -2.06 79.22
CA ASN SA 79 -24.68 -1.67 77.97
C ASN SA 79 -24.90 -0.20 77.61
N GLY SA 80 -25.62 0.55 78.43
CA GLY SA 80 -25.68 1.99 78.29
C GLY SA 80 -26.56 2.50 77.18
N GLN SA 81 -27.38 1.66 76.57
CA GLN SA 81 -28.07 2.01 75.35
C GLN SA 81 -29.49 2.44 75.70
N GLY SA 82 -29.85 3.67 75.38
CA GLY SA 82 -31.16 4.19 75.72
C GLY SA 82 -31.35 5.59 75.19
N ARG SA 83 -32.60 6.04 75.20
CA ARG SA 83 -32.96 7.31 74.61
C ARG SA 83 -33.91 8.07 75.53
N TRP SA 84 -34.45 9.17 75.02
CA TRP SA 84 -35.40 10.01 75.72
C TRP SA 84 -36.59 10.26 74.80
N PRO SA 85 -37.43 9.24 74.57
CA PRO SA 85 -38.53 9.45 73.63
C PRO SA 85 -39.53 10.43 74.20
N ALA SA 86 -39.50 11.66 73.67
CA ALA SA 86 -40.29 12.74 74.25
C ALA SA 86 -41.76 12.57 73.95
N LYS SA 87 -42.10 12.29 72.70
CA LYS SA 87 -43.50 12.20 72.31
C LYS SA 87 -44.16 10.99 72.95
N SER SA 88 -43.44 9.88 73.07
CA SER SA 88 -43.98 8.70 73.74
C SER SA 88 -44.29 9.00 75.20
N ALA SA 89 -43.40 9.70 75.89
CA ALA SA 89 -43.61 9.98 77.30
C ALA SA 89 -44.82 10.88 77.53
N LYS SA 90 -45.04 11.86 76.65
CA LYS SA 90 -46.17 12.75 76.82
C LYS SA 90 -47.50 12.00 76.65
N PHE SA 91 -47.58 11.12 75.65
CA PHE SA 91 -48.80 10.38 75.41
C PHE SA 91 -49.17 9.51 76.60
N VAL SA 92 -48.18 8.84 77.19
CA VAL SA 92 -48.46 7.98 78.33
C VAL SA 92 -48.86 8.82 79.55
N LEU SA 93 -48.23 9.98 79.72
CA LEU SA 93 -48.62 10.88 80.81
C LEU SA 93 -50.07 11.31 80.68
N ASP SA 94 -50.56 11.49 79.45
CA ASP SA 94 -51.96 11.81 79.25
C ASP SA 94 -52.85 10.71 79.81
N LEU SA 95 -52.61 9.46 79.42
CA LEU SA 95 -53.44 8.36 79.88
C LEU SA 95 -53.18 8.03 81.35
N LEU SA 96 -51.95 8.19 81.84
CA LEU SA 96 -51.70 7.98 83.26
C LEU SA 96 -52.51 8.95 84.11
N LYS SA 97 -52.55 10.23 83.70
CA LYS SA 97 -53.37 11.20 84.40
C LYS SA 97 -54.86 10.94 84.19
N ASN SA 98 -55.24 10.42 83.03
CA ASN SA 98 -56.64 10.07 82.82
C ASN SA 98 -57.08 8.94 83.73
N ALA SA 99 -56.24 7.91 83.88
CA ALA SA 99 -56.58 6.81 84.78
C ALA SA 99 -56.57 7.26 86.22
N GLU SA 100 -55.69 8.20 86.57
CA GLU SA 100 -55.70 8.77 87.91
C GLU SA 100 -57.00 9.49 88.19
N SER SA 101 -57.50 10.25 87.20
CA SER SA 101 -58.79 10.91 87.37
C SER SA 101 -59.91 9.90 87.51
N ASN SA 102 -59.85 8.81 86.74
CA ASN SA 102 -60.84 7.77 86.85
C ASN SA 102 -60.91 7.21 88.26
N ALA SA 103 -59.76 7.03 88.90
CA ALA SA 103 -59.72 6.47 90.24
C ALA SA 103 -60.36 7.40 91.25
N GLU SA 104 -60.11 8.70 91.13
CA GLU SA 104 -60.65 9.66 92.10
C GLU SA 104 -62.16 9.72 92.03
N VAL SA 105 -62.74 9.48 90.85
CA VAL SA 105 -64.18 9.36 90.75
C VAL SA 105 -64.65 8.18 91.58
N LYS SA 106 -64.04 7.01 91.38
CA LYS SA 106 -64.46 5.82 92.11
C LYS SA 106 -64.14 5.94 93.59
N GLY SA 107 -62.93 6.39 93.93
CA GLY SA 107 -62.57 6.59 95.32
C GLY SA 107 -61.31 5.87 95.78
N LEU SA 108 -60.45 5.48 94.84
CA LEU SA 108 -59.26 4.73 95.21
C LEU SA 108 -58.24 5.63 95.89
N ASP SA 109 -57.34 5.00 96.62
CA ASP SA 109 -56.23 5.71 97.26
C ASP SA 109 -55.20 6.04 96.20
N VAL SA 110 -55.16 7.32 95.80
CA VAL SA 110 -54.32 7.73 94.67
C VAL SA 110 -52.86 7.39 94.93
N ASP SA 111 -52.40 7.57 96.17
CA ASP SA 111 -51.02 7.28 96.50
C ASP SA 111 -50.75 5.80 96.69
N ALA SA 112 -51.78 4.96 96.69
CA ALA SA 112 -51.62 3.52 96.76
C ALA SA 112 -51.67 2.85 95.41
N LEU SA 113 -51.87 3.61 94.34
CA LEU SA 113 -52.00 3.05 93.01
C LEU SA 113 -50.63 2.73 92.42
N TYR SA 114 -50.61 1.72 91.55
CA TYR SA 114 -49.43 1.38 90.78
C TYR SA 114 -49.88 0.80 89.46
N ILE SA 115 -49.03 0.92 88.45
CA ILE SA 115 -49.38 0.42 87.11
C ILE SA 115 -49.44 -1.09 87.14
N SER SA 116 -50.65 -1.63 87.13
CA SER SA 116 -50.84 -3.08 87.17
C SER SA 116 -50.70 -3.71 85.80
N HIS SA 117 -50.87 -2.96 84.73
CA HIS SA 117 -50.90 -3.54 83.39
C HIS SA 117 -50.75 -2.41 82.39
N ILE SA 118 -49.71 -2.46 81.56
CA ILE SA 118 -49.50 -1.49 80.49
C ILE SA 118 -49.20 -2.26 79.21
N GLN SA 119 -49.96 -1.99 78.15
CA GLN SA 119 -49.87 -2.72 76.90
C GLN SA 119 -49.92 -1.77 75.70
N VAL SA 120 -49.06 -2.01 74.72
CA VAL SA 120 -49.02 -1.27 73.47
C VAL SA 120 -49.21 -2.26 72.32
N ASN SA 121 -50.09 -1.92 71.39
CA ASN SA 121 -50.33 -2.72 70.20
C ASN SA 121 -50.30 -1.84 68.97
N GLN SA 122 -49.97 -2.45 67.83
CA GLN SA 122 -49.90 -1.72 66.58
C GLN SA 122 -51.30 -1.46 66.04
N ALA SA 123 -51.47 -0.30 65.43
CA ALA SA 123 -52.72 0.13 64.84
C ALA SA 123 -52.60 0.10 63.32
N GLN SA 124 -53.66 0.53 62.64
CA GLN SA 124 -53.64 0.60 61.20
C GLN SA 124 -52.67 1.69 60.74
N LYS SA 125 -51.69 1.30 59.94
CA LYS SA 125 -50.66 2.23 59.47
C LYS SA 125 -51.24 3.22 58.46
N GLN SA 126 -50.80 4.47 58.58
CA GLN SA 126 -51.23 5.54 57.68
C GLN SA 126 -50.18 5.74 56.61
N ARG SA 127 -50.64 6.12 55.41
CA ARG SA 127 -49.81 6.10 54.22
C ARG SA 127 -49.46 7.50 53.75
N ARG SA 128 -48.17 7.71 53.50
CA ARG SA 128 -47.67 8.85 52.75
C ARG SA 128 -46.66 8.30 51.75
N ARG SA 129 -46.01 9.18 51.00
CA ARG SA 129 -45.09 8.69 49.99
C ARG SA 129 -43.95 9.67 49.79
N THR SA 130 -42.83 9.13 49.33
CA THR SA 130 -41.61 9.88 49.08
C THR SA 130 -41.12 9.57 47.68
N TYR SA 131 -40.22 10.41 47.19
CA TYR SA 131 -39.77 10.34 45.80
C TYR SA 131 -38.31 9.98 45.76
N ARG SA 132 -38.00 8.97 44.99
CA ARG SA 132 -36.65 8.44 44.90
C ARG SA 132 -36.09 8.76 43.53
N ALA SA 133 -34.80 8.50 43.37
CA ALA SA 133 -34.13 8.75 42.10
C ALA SA 133 -34.76 7.93 40.98
N HIS SA 134 -34.72 8.48 39.77
CA HIS SA 134 -35.15 7.81 38.56
C HIS SA 134 -36.67 7.67 38.48
N GLY SA 135 -37.38 8.67 38.99
CA GLY SA 135 -38.83 8.73 38.84
C GLY SA 135 -39.57 7.62 39.52
N ARG SA 136 -39.15 7.24 40.73
CA ARG SA 136 -39.78 6.17 41.47
C ARG SA 136 -40.40 6.70 42.74
N ILE SA 137 -41.47 6.06 43.18
CA ILE SA 137 -42.19 6.42 44.40
C ILE SA 137 -42.10 5.27 45.38
N ASN SA 138 -41.80 5.58 46.64
CA ASN SA 138 -41.70 4.63 47.73
C ASN SA 138 -42.65 5.04 48.85
N PRO SA 139 -43.12 4.09 49.63
CA PRO SA 139 -44.00 4.43 50.76
C PRO SA 139 -43.23 5.13 51.87
N TYR SA 140 -43.94 5.99 52.59
CA TYR SA 140 -43.38 6.78 53.68
C TYR SA 140 -44.44 6.74 54.78
N MET SA 141 -44.45 5.70 55.58
CA MET SA 141 -45.62 5.40 56.39
C MET SA 141 -45.34 5.61 57.87
N SER SA 142 -46.42 5.73 58.63
CA SER SA 142 -46.36 5.87 60.07
C SER SA 142 -46.77 4.56 60.74
N ASN SA 143 -46.43 4.44 62.02
CA ASN SA 143 -46.66 3.23 62.79
C ASN SA 143 -47.39 3.59 64.08
N PRO SA 144 -48.68 3.94 63.97
CA PRO SA 144 -49.43 4.32 65.18
C PRO SA 144 -49.71 3.12 66.07
N CYS SA 145 -50.05 3.41 67.32
CA CYS SA 145 -50.16 2.38 68.34
C CYS SA 145 -51.44 2.52 69.13
N HIS SA 146 -51.86 1.41 69.73
CA HIS SA 146 -52.91 1.37 70.73
C HIS SA 146 -52.24 1.23 72.10
N ILE SA 147 -52.70 1.99 73.08
CA ILE SA 147 -52.18 1.90 74.44
C ILE SA 147 -53.32 1.64 75.40
N GLU SA 148 -53.11 0.71 76.33
CA GLU SA 148 -54.07 0.47 77.40
C GLU SA 148 -53.32 0.24 78.69
N LEU SA 149 -53.83 0.82 79.77
CA LEU SA 149 -53.19 0.69 81.07
C LEU SA 149 -54.24 0.52 82.15
N ILE SA 150 -53.83 -0.13 83.24
CA ILE SA 150 -54.68 -0.33 84.42
C ILE SA 150 -53.84 -0.01 85.64
N LEU SA 151 -54.34 0.89 86.49
CA LEU SA 151 -53.76 1.12 87.80
C LEU SA 151 -54.54 0.30 88.82
N SER SA 152 -53.82 -0.29 89.76
CA SER SA 152 -54.47 -1.07 90.81
C SER SA 152 -53.95 -0.64 92.16
N GLU SA 153 -54.83 -0.64 93.15
CA GLU SA 153 -54.39 -0.39 94.52
C GLU SA 153 -53.53 -1.54 94.99
N LYS SA 154 -52.37 -1.21 95.53
CA LYS SA 154 -51.52 -2.22 96.13
C LYS SA 154 -52.19 -2.81 97.36
N GLU SA 155 -52.16 -4.12 97.46
CA GLU SA 155 -52.62 -4.85 98.64
C GLU SA 155 -51.42 -5.33 99.44
N GLU SA 156 -51.61 -5.43 100.75
CA GLU SA 156 -50.57 -5.98 101.61
C GLU SA 156 -50.42 -7.48 101.41
N ARG TA 37 -72.64 42.78 -30.78
CA ARG TA 37 -71.97 42.93 -29.49
C ARG TA 37 -70.62 43.64 -29.59
N THR TA 38 -70.37 44.56 -28.67
CA THR TA 38 -69.09 45.27 -28.62
C THR TA 38 -68.09 44.59 -27.70
N SER TA 39 -68.53 44.18 -26.51
CA SER TA 39 -67.65 43.45 -25.61
C SER TA 39 -67.45 42.03 -26.10
N VAL TA 40 -66.22 41.53 -25.97
CA VAL TA 40 -65.94 40.13 -26.30
C VAL TA 40 -66.44 39.17 -25.23
N THR TA 41 -66.80 39.67 -24.06
CA THR TA 41 -67.09 38.79 -22.92
C THR TA 41 -68.59 38.65 -22.74
N PHE TA 42 -69.04 37.41 -22.67
CA PHE TA 42 -70.45 37.09 -22.46
C PHE TA 42 -70.66 36.97 -20.95
N HIS TA 43 -71.46 37.87 -20.39
CA HIS TA 43 -71.78 37.75 -18.98
C HIS TA 43 -73.10 37.00 -18.80
N ARG TA 44 -73.49 36.79 -17.56
CA ARG TA 44 -74.73 36.08 -17.28
C ARG TA 44 -75.90 37.06 -17.41
N PRO TA 45 -76.84 36.82 -18.33
CA PRO TA 45 -77.99 37.72 -18.43
C PRO TA 45 -78.77 37.74 -17.12
N LYS TA 46 -79.29 38.91 -16.76
CA LYS TA 46 -80.00 39.04 -15.51
C LYS TA 46 -81.50 38.94 -15.72
N THR TA 47 -82.15 38.15 -14.87
CA THR TA 47 -83.54 37.78 -15.02
C THR TA 47 -84.29 38.10 -13.74
N LEU TA 48 -85.58 37.79 -13.76
CA LEU TA 48 -86.45 38.07 -12.63
C LEU TA 48 -86.41 36.92 -11.62
N SER TA 49 -86.29 37.28 -10.35
CA SER TA 49 -86.52 36.38 -9.23
C SER TA 49 -87.80 36.82 -8.55
N LYS TA 50 -88.74 35.90 -8.42
CA LYS TA 50 -89.99 36.18 -7.73
C LYS TA 50 -89.83 35.89 -6.25
N ALA TA 51 -90.51 36.67 -5.43
CA ALA TA 51 -90.42 36.51 -3.99
C ALA TA 51 -91.20 35.28 -3.52
N ARG TA 52 -90.96 34.89 -2.28
CA ARG TA 52 -91.69 33.77 -1.69
C ARG TA 52 -93.09 34.18 -1.26
N ASP TA 53 -94.06 33.32 -1.59
CA ASP TA 53 -95.40 33.41 -1.01
C ASP TA 53 -95.93 31.99 -0.88
N PRO TA 54 -95.55 31.31 0.20
CA PRO TA 54 -95.91 29.89 0.35
C PRO TA 54 -97.40 29.69 0.51
N LYS TA 55 -97.85 28.51 0.08
CA LYS TA 55 -99.25 28.17 0.14
C LYS TA 55 -99.70 27.72 1.51
N TYR TA 56 -98.77 27.59 2.47
CA TYR TA 56 -99.10 27.31 3.85
C TYR TA 56 -97.95 27.79 4.72
N PRO TA 57 -98.21 28.35 5.89
CA PRO TA 57 -97.13 28.82 6.74
C PRO TA 57 -96.38 27.64 7.36
N ARG TA 58 -95.05 27.74 7.36
CA ARG TA 58 -94.25 26.72 8.00
C ARG TA 58 -94.31 26.78 9.52
N ILE TA 59 -94.84 27.87 10.07
CA ILE TA 59 -94.96 28.05 11.52
C ILE TA 59 -96.31 28.71 11.77
N SER TA 60 -97.23 27.99 12.40
CA SER TA 60 -98.45 28.64 12.81
C SER TA 60 -98.32 29.28 14.18
N THR TA 61 -97.85 28.51 15.17
CA THR TA 61 -97.78 29.01 16.52
C THR TA 61 -96.89 30.25 16.55
N PRO TA 62 -97.34 31.34 17.17
CA PRO TA 62 -96.56 32.57 17.14
C PRO TA 62 -95.32 32.44 17.99
N GLY TA 63 -94.47 33.45 17.97
CA GLY TA 63 -93.35 33.42 18.89
C GLY TA 63 -93.69 34.10 20.18
N ARG TA 64 -93.60 33.39 21.29
CA ARG TA 64 -93.58 34.05 22.58
C ARG TA 64 -92.25 34.78 22.73
N ASN TA 65 -92.26 35.85 23.51
CA ASN TA 65 -91.02 36.56 23.83
C ASN TA 65 -90.45 35.89 25.07
N LYS TA 66 -89.59 34.90 24.87
CA LYS TA 66 -89.10 34.16 26.02
C LYS TA 66 -88.13 34.97 26.88
N LEU TA 67 -87.46 35.98 26.31
CA LEU TA 67 -86.67 36.91 27.12
C LEU TA 67 -87.45 38.18 27.46
N ASP TA 68 -88.54 38.00 28.19
CA ASP TA 68 -89.28 39.15 28.70
C ASP TA 68 -88.55 39.72 29.90
N GLN TA 69 -89.12 40.74 30.51
CA GLN TA 69 -88.41 41.48 31.56
C GLN TA 69 -88.10 40.60 32.78
N TYR TA 70 -89.01 39.70 33.16
CA TYR TA 70 -88.73 38.87 34.32
C TYR TA 70 -87.61 37.89 34.04
N GLN TA 71 -87.52 37.40 32.80
CA GLN TA 71 -86.35 36.62 32.42
C GLN TA 71 -85.11 37.49 32.38
N ILE TA 72 -85.25 38.72 31.92
CA ILE TA 72 -84.10 39.61 31.83
C ILE TA 72 -83.60 39.99 33.21
N LEU TA 73 -84.49 40.43 34.09
CA LEU TA 73 -84.11 40.82 35.45
C LEU TA 73 -84.54 39.71 36.39
N LYS TA 74 -83.59 38.90 36.83
CA LYS TA 74 -83.95 37.77 37.69
C LYS TA 74 -84.16 38.22 39.13
N TYR TA 75 -83.16 38.83 39.73
CA TYR TA 75 -83.23 39.24 41.12
C TYR TA 75 -82.10 40.19 41.48
N PRO TA 76 -82.36 41.18 42.31
CA PRO TA 76 -81.30 42.10 42.74
C PRO TA 76 -80.31 41.40 43.66
N LEU TA 77 -79.08 41.89 43.64
CA LEU TA 77 -78.02 41.29 44.45
C LEU TA 77 -77.87 42.09 45.74
N THR TA 78 -77.79 41.38 46.86
CA THR TA 78 -77.74 41.99 48.18
C THR TA 78 -76.42 41.79 48.89
N THR TA 79 -75.35 41.57 48.16
CA THR TA 79 -74.05 41.51 48.80
C THR TA 79 -73.70 42.87 49.37
N GLU TA 80 -72.93 42.87 50.46
CA GLU TA 80 -72.53 44.12 51.06
C GLU TA 80 -71.83 45.03 50.07
N SER TA 81 -71.10 44.46 49.13
CA SER TA 81 -70.49 45.25 48.06
C SER TA 81 -71.56 45.96 47.24
N ALA TA 82 -72.65 45.26 46.91
CA ALA TA 82 -73.72 45.90 46.17
C ALA TA 82 -74.40 47.00 46.99
N MET TA 83 -74.67 46.74 48.27
CA MET TA 83 -75.34 47.74 49.09
C MET TA 83 -74.53 49.01 49.20
N LYS TA 84 -73.20 48.92 49.10
CA LYS TA 84 -72.38 50.11 49.00
C LYS TA 84 -72.73 50.90 47.76
N LYS TA 85 -72.87 50.21 46.63
CA LYS TA 85 -73.02 50.87 45.34
C LYS TA 85 -74.30 51.70 45.30
N ILE TA 86 -75.29 51.34 46.13
CA ILE TA 86 -76.58 52.02 46.10
C ILE TA 86 -76.45 53.44 46.62
N GLU TA 87 -75.76 53.62 47.75
CA GLU TA 87 -75.58 54.95 48.31
C GLU TA 87 -74.45 55.69 47.63
N ASP TA 88 -73.26 55.08 47.58
CA ASP TA 88 -72.07 55.79 47.14
C ASP TA 88 -72.13 56.16 45.66
N ASN TA 89 -72.71 55.31 44.82
CA ASN TA 89 -72.61 55.51 43.39
C ASN TA 89 -73.99 55.53 42.72
N ASN TA 90 -75.07 55.61 43.49
CA ASN TA 90 -76.43 55.69 42.94
C ASN TA 90 -76.70 54.55 41.95
N THR TA 91 -76.41 53.34 42.40
CA THR TA 91 -76.28 52.20 41.50
C THR TA 91 -77.13 51.06 42.03
N LEU TA 92 -77.58 50.20 41.13
CA LEU TA 92 -78.30 48.99 41.50
C LEU TA 92 -77.68 47.80 40.80
N VAL TA 93 -77.58 46.70 41.54
CA VAL TA 93 -76.94 45.49 41.04
C VAL TA 93 -77.99 44.41 40.92
N PHE TA 94 -78.11 43.84 39.73
CA PHE TA 94 -79.02 42.74 39.45
C PHE TA 94 -78.24 41.54 38.93
N ILE TA 95 -78.81 40.36 39.10
CA ILE TA 95 -78.42 39.18 38.34
C ILE TA 95 -79.37 39.07 37.15
N VAL TA 96 -78.82 39.06 35.95
CA VAL TA 96 -79.61 39.13 34.74
C VAL TA 96 -79.38 37.87 33.93
N ASP TA 97 -80.17 37.72 32.88
CA ASP TA 97 -80.02 36.56 32.00
C ASP TA 97 -78.70 36.63 31.25
N LEU TA 98 -78.14 35.45 30.96
CA LEU TA 98 -76.87 35.41 30.23
C LEU TA 98 -77.03 35.83 28.77
N LYS TA 99 -78.26 35.84 28.25
CA LYS TA 99 -78.50 36.21 26.86
C LYS TA 99 -79.14 37.59 26.72
N ALA TA 100 -79.11 38.42 27.76
CA ALA TA 100 -79.60 39.78 27.70
C ALA TA 100 -78.44 40.74 27.52
N ASP TA 101 -78.60 41.68 26.60
CA ASP TA 101 -77.56 42.66 26.33
C ASP TA 101 -77.87 43.96 27.06
N LYS TA 102 -76.94 44.90 26.96
CA LYS TA 102 -77.08 46.16 27.70
C LYS TA 102 -78.33 46.92 27.27
N LYS TA 103 -78.73 46.80 26.01
CA LYS TA 103 -79.88 47.54 25.53
C LYS TA 103 -81.19 47.02 26.15
N LYS TA 104 -81.40 45.71 26.12
CA LYS TA 104 -82.62 45.14 26.69
C LYS TA 104 -82.67 45.34 28.19
N ILE TA 105 -81.52 45.33 28.86
CA ILE TA 105 -81.49 45.63 30.30
C ILE TA 105 -82.04 47.03 30.54
N LYS TA 106 -81.66 47.98 29.69
CA LYS TA 106 -82.16 49.34 29.84
C LYS TA 106 -83.67 49.39 29.64
N ALA TA 107 -84.17 48.70 28.61
CA ALA TA 107 -85.61 48.67 28.39
C ALA TA 107 -86.34 48.04 29.56
N ALA TA 108 -85.88 46.88 30.01
CA ALA TA 108 -86.62 46.13 31.01
C ALA TA 108 -86.67 46.84 32.35
N VAL TA 109 -85.65 47.63 32.67
CA VAL TA 109 -85.65 48.39 33.91
C VAL TA 109 -86.59 49.58 33.80
N LYS TA 110 -87.02 49.93 32.60
CA LYS TA 110 -88.01 51.00 32.53
C LYS TA 110 -89.42 50.44 32.63
N LYS TA 111 -89.69 49.29 32.00
CA LYS TA 111 -90.96 48.62 32.17
C LYS TA 111 -91.17 48.20 33.62
N MET TA 112 -90.17 47.55 34.21
CA MET TA 112 -90.22 47.19 35.62
C MET TA 112 -89.48 48.26 36.41
N TYR TA 113 -90.05 48.66 37.55
CA TYR TA 113 -89.48 49.66 38.44
C TYR TA 113 -89.62 51.09 37.92
N ASP TA 114 -90.10 51.26 36.68
CA ASP TA 114 -90.37 52.57 36.06
C ASP TA 114 -89.31 53.62 36.42
N ILE TA 115 -88.08 53.35 36.01
CA ILE TA 115 -86.94 54.23 36.23
C ILE TA 115 -86.10 54.30 34.96
N GLN TA 116 -84.98 55.02 35.04
CA GLN TA 116 -84.10 55.25 33.90
C GLN TA 116 -82.68 54.87 34.27
N ALA TA 117 -82.01 54.18 33.36
CA ALA TA 117 -80.61 53.83 33.54
C ALA TA 117 -79.76 54.80 32.74
N LYS TA 118 -78.92 55.57 33.45
CA LYS TA 118 -77.93 56.38 32.77
C LYS TA 118 -76.92 55.51 32.05
N LYS TA 119 -76.46 54.45 32.69
CA LYS TA 119 -75.42 53.60 32.16
C LYS TA 119 -75.59 52.21 32.73
N VAL TA 120 -75.34 51.20 31.90
CA VAL TA 120 -75.37 49.80 32.31
C VAL TA 120 -74.01 49.19 32.01
N ASN TA 121 -73.40 48.62 33.03
CA ASN TA 121 -72.15 47.90 32.89
C ASN TA 121 -72.40 46.46 33.27
N THR TA 122 -71.83 45.53 32.53
CA THR TA 122 -72.08 44.12 32.75
C THR TA 122 -70.79 43.35 32.87
N LEU TA 123 -70.88 42.22 33.55
CA LEU TA 123 -69.80 41.26 33.62
C LEU TA 123 -70.44 39.89 33.79
N ILE TA 124 -69.81 38.87 33.21
CA ILE TA 124 -70.23 37.51 33.45
C ILE TA 124 -69.42 36.97 34.62
N ARG TA 125 -70.11 36.62 35.70
CA ARG TA 125 -69.47 36.28 36.94
C ARG TA 125 -68.66 34.98 36.79
N PRO TA 126 -67.73 34.73 37.71
CA PRO TA 126 -66.89 33.54 37.56
C PRO TA 126 -67.64 32.24 37.64
N ASP TA 127 -68.86 32.22 38.19
CA ASP TA 127 -69.64 31.01 38.31
C ASP TA 127 -70.67 30.85 37.20
N GLY TA 128 -70.71 31.75 36.24
CA GLY TA 128 -71.52 31.57 35.05
C GLY TA 128 -72.67 32.53 34.88
N LYS TA 129 -73.07 33.27 35.91
CA LYS TA 129 -74.18 34.19 35.77
C LYS TA 129 -73.68 35.57 35.37
N LYS TA 130 -74.55 36.33 34.71
CA LYS TA 130 -74.24 37.70 34.35
C LYS TA 130 -74.75 38.64 35.43
N LYS TA 131 -73.96 39.66 35.72
CA LYS TA 131 -74.29 40.69 36.68
C LYS TA 131 -74.29 42.03 35.98
N ALA TA 132 -75.32 42.83 36.21
CA ALA TA 132 -75.43 44.13 35.59
C ALA TA 132 -75.44 45.21 36.66
N TYR TA 133 -74.52 46.16 36.54
CA TYR TA 133 -74.50 47.35 37.38
C TYR TA 133 -75.32 48.42 36.68
N VAL TA 134 -76.41 48.86 37.30
CA VAL TA 134 -77.29 49.85 36.70
C VAL TA 134 -77.06 51.17 37.42
N LYS TA 135 -76.73 52.21 36.67
CA LYS TA 135 -76.59 53.54 37.23
C LYS TA 135 -77.84 54.33 36.88
N LEU TA 136 -78.49 54.87 37.89
CA LEU TA 136 -79.72 55.61 37.65
C LEU TA 136 -79.41 57.02 37.21
N THR TA 137 -80.20 57.53 36.27
CA THR TA 137 -80.09 58.94 35.92
C THR TA 137 -80.41 59.77 37.15
N PRO TA 138 -79.81 60.95 37.31
CA PRO TA 138 -79.80 61.58 38.61
C PRO TA 138 -81.15 62.11 39.05
N ASP TA 139 -82.18 61.93 38.23
CA ASP TA 139 -83.54 62.20 38.67
C ASP TA 139 -83.94 61.25 39.78
N TYR TA 140 -83.97 59.96 39.48
CA TYR TA 140 -84.38 58.96 40.46
C TYR TA 140 -83.32 58.78 41.54
N ASP TA 141 -83.77 58.28 42.67
CA ASP TA 141 -82.95 58.03 43.84
C ASP TA 141 -82.81 56.53 44.02
N ALA TA 142 -81.58 56.03 44.05
CA ALA TA 142 -81.39 54.59 44.12
C ALA TA 142 -81.88 54.03 45.43
N LEU TA 143 -81.66 54.74 46.53
CA LEU TA 143 -82.12 54.29 47.83
C LEU TA 143 -83.63 54.15 47.87
N ASP TA 144 -84.35 55.12 47.32
CA ASP TA 144 -85.80 55.01 47.33
C ASP TA 144 -86.27 53.87 46.42
N VAL TA 145 -85.54 53.61 45.34
CA VAL TA 145 -85.85 52.45 44.51
C VAL TA 145 -85.52 51.17 45.25
N ALA TA 146 -84.44 51.18 46.02
CA ALA TA 146 -84.09 50.03 46.83
C ALA TA 146 -85.19 49.71 47.84
N ASN TA 147 -85.76 50.74 48.46
CA ASN TA 147 -86.80 50.52 49.46
C ASN TA 147 -88.08 49.95 48.85
N LYS TA 148 -88.49 50.46 47.69
CA LYS TA 148 -89.78 50.06 47.14
C LYS TA 148 -89.86 48.59 46.78
N ILE TA 149 -88.72 47.89 46.73
CA ILE TA 149 -88.71 46.46 46.47
C ILE TA 149 -88.24 45.69 47.70
N GLY TA 150 -87.28 46.21 48.43
CA GLY TA 150 -86.77 45.64 49.65
C GLY TA 150 -85.42 45.00 49.44
N ILE TA 151 -84.37 45.79 49.69
CA ILE TA 151 -83.00 45.28 49.67
C ILE TA 151 -82.17 45.77 50.85
N ILE TA 152 -82.54 46.87 51.47
CA ILE TA 152 -81.69 47.56 52.44
C ILE TA 152 -82.40 47.60 53.79
N LEU UA 3 28.16 33.84 80.56
CA LEU UA 3 28.62 32.74 79.71
C LEU UA 3 28.86 33.24 78.30
N LYS UA 4 29.15 32.31 77.38
CA LYS UA 4 29.47 32.66 76.00
C LYS UA 4 28.16 32.86 75.23
N THR UA 5 27.59 34.05 75.40
CA THR UA 5 26.40 34.41 74.66
C THR UA 5 26.78 34.76 73.22
N GLU UA 6 25.77 35.08 72.41
CA GLU UA 6 26.04 35.49 71.05
C GLU UA 6 24.91 36.44 70.65
N LEU UA 7 25.15 37.24 69.61
CA LEU UA 7 24.24 38.32 69.24
C LEU UA 7 23.52 38.00 67.94
N CYS UA 8 22.28 38.46 67.87
CA CYS UA 8 21.50 38.42 66.62
C CYS UA 8 22.00 39.51 65.69
N ARG UA 9 22.29 39.13 64.44
CA ARG UA 9 22.72 40.12 63.47
C ARG UA 9 21.59 41.07 63.10
N PHE UA 10 20.35 40.62 63.17
CA PHE UA 10 19.23 41.49 62.81
C PHE UA 10 18.80 42.37 63.98
N SER UA 11 18.28 41.76 65.04
CA SER UA 11 17.61 42.51 66.10
C SER UA 11 18.54 42.90 67.23
N GLY UA 12 19.76 42.40 67.25
CA GLY UA 12 20.69 42.79 68.28
C GLY UA 12 20.37 42.31 69.67
N GLN UA 13 19.77 41.15 69.82
CA GLN UA 13 19.54 40.58 71.14
C GLN UA 13 20.52 39.44 71.43
N LYS UA 14 20.64 39.11 72.70
CA LYS UA 14 21.48 37.99 73.12
C LYS UA 14 20.88 36.69 72.66
N ILE UA 15 21.73 35.79 72.20
CA ILE UA 15 21.34 34.46 71.78
C ILE UA 15 22.05 33.49 72.70
N TYR UA 16 21.30 32.67 73.39
CA TYR UA 16 21.87 31.75 74.35
C TYR UA 16 22.22 30.41 73.71
N PRO UA 17 23.10 29.65 74.35
CA PRO UA 17 23.61 28.41 73.74
C PRO UA 17 22.50 27.44 73.38
N GLY UA 18 22.71 26.73 72.27
CA GLY UA 18 21.73 25.77 71.81
C GLY UA 18 20.57 26.34 71.04
N LYS UA 19 20.65 27.57 70.57
CA LYS UA 19 19.56 28.20 69.86
C LYS UA 19 20.14 29.07 68.75
N GLY UA 20 19.26 29.55 67.88
CA GLY UA 20 19.66 30.47 66.84
C GLY UA 20 19.67 29.82 65.48
N ILE UA 21 19.68 30.67 64.46
CA ILE UA 21 19.66 30.24 63.06
C ILE UA 21 20.79 30.96 62.34
N ARG UA 22 21.68 30.18 61.72
CA ARG UA 22 22.91 30.70 61.14
C ARG UA 22 22.80 30.70 59.62
N PHE UA 23 22.73 31.89 59.04
CA PHE UA 23 22.66 32.04 57.59
C PHE UA 23 24.05 32.31 57.02
N ILE UA 24 24.34 31.69 55.89
CA ILE UA 24 25.57 31.92 55.14
C ILE UA 24 25.19 32.53 53.80
N ARG UA 25 25.69 33.74 53.53
CA ARG UA 25 25.38 34.42 52.28
C ARG UA 25 26.51 34.20 51.29
N SER UA 26 26.22 34.42 50.00
CA SER UA 26 27.16 34.07 48.94
C SER UA 26 28.52 34.73 49.12
N ASP UA 27 28.57 35.93 49.67
CA ASP UA 27 29.82 36.61 49.96
C ASP UA 27 30.48 36.10 51.21
N SER UA 28 30.05 34.95 51.72
CA SER UA 28 30.63 34.25 52.86
C SER UA 28 30.41 34.97 54.17
N GLN UA 29 29.53 35.97 54.21
CA GLN UA 29 29.19 36.64 55.45
C GLN UA 29 28.14 35.84 56.22
N VAL UA 30 28.41 35.65 57.51
CA VAL UA 30 27.58 34.82 58.37
C VAL UA 30 26.60 35.72 59.11
N PHE UA 31 25.31 35.43 58.98
CA PHE UA 31 24.27 36.11 59.73
C PHE UA 31 23.64 35.14 60.70
N LEU UA 32 23.66 35.47 61.99
CA LEU UA 32 23.04 34.61 63.00
C LEU UA 32 21.82 35.31 63.58
N PHE UA 33 20.67 34.66 63.44
CA PHE UA 33 19.39 35.19 63.88
C PHE UA 33 18.94 34.54 65.19
N ALA UA 34 18.22 35.32 65.99
CA ALA UA 34 17.74 34.83 67.28
C ALA UA 34 16.56 33.90 67.13
N ASN UA 35 15.63 34.22 66.23
CA ASN UA 35 14.47 33.36 66.01
C ASN UA 35 13.96 33.60 64.60
N SER UA 36 12.84 32.97 64.28
CA SER UA 36 12.36 32.98 62.91
C SER UA 36 11.68 34.30 62.53
N LYS UA 37 11.23 35.08 63.50
CA LYS UA 37 10.70 36.41 63.20
C LYS UA 37 11.77 37.28 62.56
N CYS UA 38 12.97 37.27 63.12
CA CYS UA 38 14.07 38.03 62.53
C CYS UA 38 14.40 37.51 61.14
N LYS UA 39 14.44 36.19 60.99
CA LYS UA 39 14.88 35.59 59.74
C LYS UA 39 13.96 35.96 58.59
N ARG UA 40 12.65 35.97 58.82
CA ARG UA 40 11.70 36.25 57.75
C ARG UA 40 11.67 37.73 57.37
N TYR UA 41 11.84 38.61 58.35
CA TYR UA 41 11.98 40.02 58.02
C TYR UA 41 13.27 40.28 57.26
N PHE UA 42 14.35 39.60 57.63
CA PHE UA 42 15.60 39.77 56.90
C PHE UA 42 15.45 39.38 55.44
N HIS UA 43 14.90 38.20 55.18
CA HIS UA 43 14.76 37.76 53.81
C HIS UA 43 13.70 38.54 53.05
N ASN UA 44 12.74 39.17 53.74
CA ASN UA 44 11.85 40.11 53.08
C ASN UA 44 12.52 41.44 52.78
N ARG UA 45 13.79 41.59 53.16
CA ARG UA 45 14.62 42.76 52.89
C ARG UA 45 14.18 43.97 53.68
N LEU UA 46 13.67 43.76 54.89
CA LEU UA 46 13.48 44.88 55.81
C LEU UA 46 14.81 45.30 56.41
N LYS UA 47 14.83 46.55 56.88
CA LYS UA 47 16.02 47.18 57.42
C LYS UA 47 15.87 47.28 58.93
N PRO UA 48 16.67 46.57 59.72
CA PRO UA 48 16.47 46.57 61.18
C PRO UA 48 16.62 47.94 61.82
N ALA UA 49 17.03 48.96 61.07
CA ALA UA 49 17.02 50.32 61.58
C ALA UA 49 15.64 50.97 61.51
N LYS UA 50 14.71 50.41 60.74
CA LYS UA 50 13.37 50.95 60.63
C LYS UA 50 12.34 50.18 61.45
N LEU UA 51 12.74 49.18 62.22
CA LEU UA 51 11.82 48.43 63.05
C LEU UA 51 12.05 48.83 64.50
N CYS UA 52 10.99 49.29 65.16
CA CYS UA 52 11.14 50.01 66.41
C CYS UA 52 11.73 49.14 67.53
N TRP UA 53 11.55 47.83 67.45
CA TRP UA 53 11.94 46.93 68.52
C TRP UA 53 13.35 46.39 68.37
N THR UA 54 14.15 46.95 67.48
CA THR UA 54 15.48 46.43 67.21
C THR UA 54 16.56 47.23 67.94
N ALA UA 55 17.70 46.57 68.14
CA ALA UA 55 18.81 47.22 68.83
C ALA UA 55 19.43 48.34 67.99
N MET UA 56 19.55 48.12 66.69
CA MET UA 56 20.06 49.17 65.80
C MET UA 56 19.16 50.40 65.82
N TYR UA 57 17.85 50.19 65.82
CA TYR UA 57 16.91 51.31 65.85
C TYR UA 57 17.06 52.12 67.12
N ARG UA 58 17.24 51.45 68.26
CA ARG UA 58 17.21 52.16 69.53
C ARG UA 58 18.43 53.04 69.73
N LYS UA 59 19.61 52.58 69.30
CA LYS UA 59 20.78 53.46 69.39
C LYS UA 59 20.69 54.59 68.38
N GLN UA 60 20.07 54.36 67.23
CA GLN UA 60 19.93 55.39 66.22
C GLN UA 60 18.98 56.50 66.65
N HIS UA 61 18.05 56.22 67.57
CA HIS UA 61 17.15 57.24 68.08
C HIS UA 61 17.38 57.55 69.54
N LYS UA 62 18.41 56.97 70.15
CA LYS UA 62 18.79 57.26 71.52
C LYS UA 62 17.57 57.08 72.44
N LYS UA 63 17.11 55.85 72.50
CA LYS UA 63 15.84 55.53 73.13
C LYS UA 63 16.12 55.01 74.52
N MET VA 1 -99.65 -25.25 41.67
CA MET VA 1 -98.66 -24.94 40.65
C MET VA 1 -99.24 -24.03 39.58
N LYS VA 2 -98.43 -23.08 39.13
CA LYS VA 2 -98.80 -22.07 38.16
C LYS VA 2 -99.10 -22.68 36.79
N ARG VA 3 -99.95 -21.98 36.03
CA ARG VA 3 -100.39 -22.40 34.71
C ARG VA 3 -100.12 -21.30 33.69
N ASN VA 4 -100.22 -20.06 34.14
CA ASN VA 4 -100.04 -18.93 33.25
C ASN VA 4 -98.57 -18.79 32.90
N PRO VA 5 -98.17 -18.99 31.65
CA PRO VA 5 -96.76 -18.86 31.30
C PRO VA 5 -96.38 -17.43 31.00
N ARG VA 6 -96.88 -16.52 31.81
CA ARG VA 6 -96.53 -15.13 31.74
C ARG VA 6 -96.24 -14.56 33.11
N VAL VA 7 -96.45 -15.33 34.15
CA VAL VA 7 -96.07 -14.98 35.51
C VAL VA 7 -94.80 -15.74 35.86
N THR VA 8 -93.87 -15.07 36.50
CA THR VA 8 -92.57 -15.63 36.79
C THR VA 8 -92.51 -16.31 38.16
N SER VA 9 -91.85 -17.45 38.19
CA SER VA 9 -91.66 -18.21 39.42
C SER VA 9 -90.22 -18.13 39.90
N SER VA 10 -89.50 -17.08 39.54
CA SER VA 10 -88.09 -16.94 39.85
C SER VA 10 -87.92 -16.04 41.06
N ARG VA 11 -87.11 -16.51 42.01
CA ARG VA 11 -86.87 -15.76 43.23
C ARG VA 11 -86.32 -14.37 42.92
N ARG VA 12 -85.46 -14.28 41.92
CA ARG VA 12 -84.80 -13.02 41.60
C ARG VA 12 -85.78 -11.96 41.08
N LYS VA 13 -86.67 -12.36 40.15
CA LYS VA 13 -87.62 -11.39 39.61
C LYS VA 13 -88.68 -11.00 40.62
N CYS VA 14 -89.22 -11.97 41.34
CA CYS VA 14 -90.29 -11.68 42.30
C CYS VA 14 -89.81 -10.75 43.39
N ARG VA 15 -88.55 -10.89 43.81
CA ARG VA 15 -87.99 -9.97 44.78
C ARG VA 15 -87.81 -8.58 44.19
N LYS VA 16 -87.31 -8.50 42.96
CA LYS VA 16 -87.13 -7.21 42.30
C LYS VA 16 -88.45 -6.48 42.21
N ALA VA 17 -89.50 -7.20 41.81
CA ALA VA 17 -90.82 -6.60 41.72
C ALA VA 17 -91.26 -6.04 43.06
N HIS VA 18 -91.07 -6.81 44.13
CA HIS VA 18 -91.46 -6.34 45.45
C HIS VA 18 -90.68 -5.10 45.86
N PHE VA 19 -89.35 -5.16 45.79
CA PHE VA 19 -88.55 -4.07 46.34
C PHE VA 19 -88.41 -2.88 45.41
N THR VA 20 -88.93 -2.95 44.19
CA THR VA 20 -88.91 -1.79 43.30
C THR VA 20 -90.30 -1.36 42.90
N ALA VA 21 -91.31 -1.79 43.65
CA ALA VA 21 -92.69 -1.44 43.32
C ALA VA 21 -92.90 0.06 43.51
N PRO VA 22 -93.72 0.69 42.68
CA PRO VA 22 -94.06 2.10 42.88
C PRO VA 22 -95.06 2.26 44.01
N SER VA 23 -95.35 3.52 44.33
CA SER VA 23 -96.21 3.82 45.46
C SER VA 23 -97.61 3.26 45.27
N SER VA 24 -98.14 3.33 44.05
CA SER VA 24 -99.47 2.79 43.80
C SER VA 24 -99.53 1.28 43.94
N VAL VA 25 -98.39 0.60 43.97
CA VAL VA 25 -98.33 -0.85 44.08
C VAL VA 25 -98.07 -1.24 45.53
N ARG VA 26 -97.37 -0.39 46.28
CA ARG VA 26 -97.14 -0.68 47.68
C ARG VA 26 -98.41 -0.57 48.50
N ARG VA 27 -99.41 0.17 48.01
CA ARG VA 27 -100.69 0.23 48.73
C ARG VA 27 -101.34 -1.15 48.82
N VAL VA 28 -101.24 -1.94 47.75
CA VAL VA 28 -101.77 -3.30 47.79
C VAL VA 28 -100.87 -4.21 48.61
N LEU VA 29 -99.55 -4.11 48.45
CA LEU VA 29 -98.64 -5.00 49.16
C LEU VA 29 -98.72 -4.78 50.67
N MET VA 30 -98.80 -3.53 51.10
CA MET VA 30 -98.94 -3.21 52.52
C MET VA 30 -100.40 -3.25 52.94
N SER VA 31 -100.99 -4.43 52.78
CA SER VA 31 -102.39 -4.65 53.08
C SER VA 31 -102.54 -5.35 54.43
N ALA VA 32 -103.64 -5.06 55.10
CA ALA VA 32 -103.93 -5.59 56.42
C ALA VA 32 -105.20 -6.42 56.39
N ALA VA 33 -105.44 -7.14 57.47
CA ALA VA 33 -106.60 -8.02 57.60
C ALA VA 33 -107.68 -7.34 58.41
N LEU VA 34 -108.92 -7.59 58.03
CA LEU VA 34 -110.04 -7.10 58.82
C LEU VA 34 -110.10 -7.89 60.12
N SER VA 35 -110.69 -7.27 61.14
CA SER VA 35 -110.90 -8.00 62.37
C SER VA 35 -111.99 -9.04 62.18
N SER VA 36 -112.14 -9.90 63.19
CA SER VA 36 -113.17 -10.93 63.12
C SER VA 36 -114.55 -10.30 62.99
N GLU VA 37 -114.80 -9.24 63.76
CA GLU VA 37 -116.09 -8.57 63.71
C GLU VA 37 -116.35 -7.95 62.35
N LEU VA 38 -115.34 -7.30 61.77
CA LEU VA 38 -115.53 -6.65 60.47
C LEU VA 38 -115.56 -7.65 59.33
N ARG VA 39 -114.73 -8.69 59.39
CA ARG VA 39 -114.80 -9.74 58.38
C ARG VA 39 -116.19 -10.35 58.34
N HIS VA 40 -116.79 -10.53 59.51
CA HIS VA 40 -118.16 -11.02 59.58
C HIS VA 40 -119.14 -10.03 58.99
N LYS VA 41 -118.89 -8.74 59.15
CA LYS VA 41 -119.85 -7.73 58.75
C LYS VA 41 -119.76 -7.39 57.26
N TYR VA 42 -118.55 -7.29 56.72
CA TYR VA 42 -118.37 -6.90 55.34
C TYR VA 42 -118.02 -8.05 54.40
N ASN VA 43 -117.79 -9.25 54.93
CA ASN VA 43 -117.49 -10.41 54.10
C ASN VA 43 -116.31 -10.14 53.19
N VAL VA 44 -115.25 -9.60 53.79
CA VAL VA 44 -113.96 -9.39 53.12
C VAL VA 44 -112.88 -9.78 54.11
N ARG VA 45 -111.82 -10.41 53.62
CA ARG VA 45 -110.78 -10.84 54.52
C ARG VA 45 -109.76 -9.75 54.82
N SER VA 46 -109.31 -9.03 53.80
CA SER VA 46 -108.19 -8.11 54.01
C SER VA 46 -108.32 -6.91 53.07
N ILE VA 47 -107.76 -5.79 53.49
CA ILE VA 47 -107.91 -4.52 52.77
C ILE VA 47 -106.59 -3.78 52.79
N PRO VA 48 -106.35 -2.93 51.77
CA PRO VA 48 -105.19 -2.04 51.82
C PRO VA 48 -105.38 -0.91 52.84
N ILE VA 49 -104.36 -0.70 53.67
CA ILE VA 49 -104.50 0.11 54.88
C ILE VA 49 -104.42 1.59 54.53
N ARG VA 50 -105.10 2.40 55.33
CA ARG VA 50 -105.41 3.80 55.08
C ARG VA 50 -104.90 4.67 56.23
N LYS VA 51 -104.96 5.98 56.02
CA LYS VA 51 -104.43 6.97 56.95
C LYS VA 51 -105.13 6.92 58.30
N ASP VA 52 -106.46 6.98 58.31
CA ASP VA 52 -107.19 7.22 59.53
C ASP VA 52 -107.80 5.95 60.10
N ASP VA 53 -107.36 4.78 59.62
CA ASP VA 53 -107.89 3.53 60.15
C ASP VA 53 -107.46 3.33 61.60
N GLU VA 54 -108.13 2.42 62.26
CA GLU VA 54 -107.82 2.00 63.62
C GLU VA 54 -107.36 0.55 63.57
N VAL VA 55 -106.26 0.24 64.24
CA VAL VA 55 -105.68 -1.09 64.17
C VAL VA 55 -105.47 -1.62 65.58
N GLN VA 56 -105.07 -2.89 65.63
CA GLN VA 56 -104.60 -3.53 66.85
C GLN VA 56 -103.45 -4.45 66.45
N VAL VA 57 -102.30 -4.27 67.08
CA VAL VA 57 -101.15 -5.12 66.82
C VAL VA 57 -101.43 -6.52 67.36
N VAL VA 58 -101.08 -7.53 66.57
CA VAL VA 58 -101.35 -8.92 66.92
C VAL VA 58 -100.12 -9.80 66.88
N ARG VA 59 -98.95 -9.28 66.53
CA ARG VA 59 -97.76 -10.11 66.58
C ARG VA 59 -96.54 -9.52 67.27
N GLY VA 60 -96.31 -8.23 67.16
CA GLY VA 60 -95.08 -7.68 67.68
C GLY VA 60 -94.92 -7.80 69.19
N THR VA 61 -93.83 -7.24 69.72
CA THR VA 61 -93.75 -7.07 71.16
C THR VA 61 -94.87 -6.17 71.66
N TYR VA 62 -95.47 -5.38 70.78
CA TYR VA 62 -96.61 -4.55 71.13
C TYR VA 62 -97.93 -5.25 70.89
N LYS VA 63 -97.94 -6.57 70.91
CA LYS VA 63 -99.18 -7.31 70.69
C LYS VA 63 -100.23 -6.91 71.72
N GLY VA 64 -101.44 -6.69 71.24
CA GLY VA 64 -102.50 -6.21 72.10
C GLY VA 64 -102.49 -4.72 72.37
N ARG VA 65 -101.77 -3.95 71.58
CA ARG VA 65 -101.80 -2.49 71.67
C ARG VA 65 -102.69 -1.97 70.54
N GLU VA 66 -103.75 -1.28 70.90
CA GLU VA 66 -104.60 -0.69 69.89
C GLU VA 66 -104.22 0.79 69.70
N GLY VA 67 -104.60 1.33 68.55
CA GLY VA 67 -104.36 2.73 68.28
C GLY VA 67 -104.86 3.10 66.90
N LYS VA 68 -104.63 4.36 66.55
CA LYS VA 68 -105.03 4.91 65.27
C LYS VA 68 -103.83 4.99 64.34
N VAL VA 69 -104.06 4.65 63.07
CA VAL VA 69 -103.02 4.85 62.07
C VAL VA 69 -102.75 6.35 61.95
N VAL VA 70 -101.50 6.75 62.08
CA VAL VA 70 -101.13 8.14 61.90
C VAL VA 70 -100.25 8.36 60.69
N GLN VA 71 -99.61 7.33 60.16
CA GLN VA 71 -98.76 7.46 58.99
C GLN VA 71 -98.59 6.12 58.32
N VAL VA 72 -98.85 6.06 57.01
CA VAL VA 72 -98.57 4.87 56.20
C VAL VA 72 -97.29 5.19 55.43
N TYR VA 73 -96.15 4.80 55.98
CA TYR VA 73 -94.91 5.40 55.53
C TYR VA 73 -94.41 4.43 54.48
N ARG VA 74 -94.93 4.51 53.26
CA ARG VA 74 -94.74 3.41 52.31
C ARG VA 74 -93.28 3.17 51.96
N ARG VA 75 -92.46 4.21 51.99
CA ARG VA 75 -91.08 4.08 51.55
C ARG VA 75 -90.29 3.12 52.42
N ARG VA 76 -90.75 2.84 53.63
CA ARG VA 76 -90.10 1.86 54.50
C ARG VA 76 -90.95 0.63 54.73
N TRP VA 77 -92.06 0.49 54.02
CA TRP VA 77 -93.00 -0.63 54.17
C TRP VA 77 -93.54 -0.72 55.58
N VAL VA 78 -94.00 0.41 56.13
CA VAL VA 78 -94.28 0.46 57.56
C VAL VA 78 -95.42 1.43 57.84
N ILE VA 79 -96.07 1.24 58.99
CA ILE VA 79 -97.04 2.18 59.51
C ILE VA 79 -96.66 2.53 60.94
N HIS VA 80 -96.88 3.79 61.32
CA HIS VA 80 -96.80 4.21 62.71
C HIS VA 80 -98.20 4.38 63.26
N VAL VA 81 -98.43 3.88 64.47
CA VAL VA 81 -99.72 3.93 65.13
C VAL VA 81 -99.60 4.80 66.36
N GLU VA 82 -100.65 5.56 66.65
CA GLU VA 82 -100.62 6.53 67.73
C GLU VA 82 -100.33 5.85 69.07
N ARG VA 83 -99.38 6.41 69.82
CA ARG VA 83 -98.86 5.95 71.11
C ARG VA 83 -98.08 4.65 71.07
N ILE VA 84 -97.85 4.04 69.89
CA ILE VA 84 -96.98 2.87 69.81
C ILE VA 84 -95.58 3.42 69.61
N THR VA 85 -94.91 3.71 70.73
CA THR VA 85 -93.67 4.47 70.71
C THR VA 85 -92.65 3.85 71.66
N ARG VA 86 -91.40 4.22 71.46
CA ARG VA 86 -90.39 4.06 72.48
C ARG VA 86 -89.66 5.37 72.63
N GLU VA 87 -88.83 5.46 73.67
CA GLU VA 87 -88.08 6.65 73.95
C GLU VA 87 -86.62 6.43 73.58
N LYS VA 88 -86.03 7.43 72.93
CA LYS VA 88 -84.62 7.39 72.61
C LYS VA 88 -83.80 7.51 73.89
N VAL VA 89 -82.47 7.45 73.73
CA VAL VA 89 -81.59 7.60 74.89
C VAL VA 89 -81.68 9.01 75.45
N ASN VA 90 -81.77 10.01 74.59
CA ASN VA 90 -81.86 11.40 75.05
C ASN VA 90 -83.19 11.70 75.74
N GLY VA 91 -84.18 10.83 75.63
CA GLY VA 91 -85.49 11.06 76.19
C GLY VA 91 -86.54 11.47 75.18
N SER VA 92 -86.17 11.77 73.95
CA SER VA 92 -87.17 12.07 72.94
C SER VA 92 -87.97 10.81 72.62
N THR VA 93 -89.14 11.02 72.05
CA THR VA 93 -90.06 9.94 71.72
C THR VA 93 -90.15 9.78 70.21
N VAL VA 94 -90.11 8.54 69.75
CA VAL VA 94 -90.19 8.21 68.34
C VAL VA 94 -91.26 7.15 68.16
N ASN VA 95 -91.85 7.12 66.97
CA ASN VA 95 -92.88 6.15 66.65
C ASN VA 95 -92.23 4.89 66.09
N VAL VA 96 -92.62 3.73 66.61
CA VAL VA 96 -92.00 2.48 66.18
C VAL VA 96 -92.75 1.93 64.98
N GLY VA 97 -92.08 1.08 64.22
CA GLY VA 97 -92.57 0.62 62.94
C GLY VA 97 -93.28 -0.71 63.01
N ILE VA 98 -94.40 -0.80 62.30
CA ILE VA 98 -95.24 -1.99 62.27
C ILE VA 98 -95.51 -2.35 60.82
N HIS VA 99 -95.41 -3.63 60.50
CA HIS VA 99 -95.76 -4.02 59.14
C HIS VA 99 -97.26 -4.30 59.07
N PRO VA 100 -97.93 -3.93 57.98
CA PRO VA 100 -99.39 -4.10 57.94
C PRO VA 100 -99.86 -5.52 58.08
N SER VA 101 -99.01 -6.51 57.83
CA SER VA 101 -99.42 -7.90 57.92
C SER VA 101 -99.36 -8.43 59.35
N LYS VA 102 -99.13 -7.57 60.33
CA LYS VA 102 -99.11 -7.97 61.72
C LYS VA 102 -100.08 -7.17 62.56
N VAL VA 103 -101.09 -6.57 61.94
CA VAL VA 103 -102.16 -5.88 62.64
C VAL VA 103 -103.49 -6.32 62.06
N ILE VA 104 -104.55 -6.05 62.81
CA ILE VA 104 -105.91 -6.20 62.33
C ILE VA 104 -106.58 -4.83 62.37
N VAL VA 105 -107.31 -4.52 61.31
CA VAL VA 105 -107.97 -3.23 61.18
C VAL VA 105 -109.28 -3.31 61.96
N THR VA 106 -109.26 -2.83 63.20
CA THR VA 106 -110.45 -2.93 64.04
C THR VA 106 -111.54 -1.93 63.67
N LYS VA 107 -111.20 -0.86 62.95
CA LYS VA 107 -112.18 0.13 62.56
C LYS VA 107 -111.77 0.73 61.22
N LEU VA 108 -112.76 1.03 60.38
CA LEU VA 108 -112.53 1.40 58.99
C LEU VA 108 -112.73 2.90 58.80
N LYS VA 109 -111.82 3.53 58.07
CA LYS VA 109 -112.00 4.92 57.62
C LYS VA 109 -112.75 4.86 56.30
N LEU VA 110 -114.07 4.97 56.37
CA LEU VA 110 -114.93 4.70 55.23
C LEU VA 110 -115.21 5.96 54.44
N ASP VA 111 -115.08 5.86 53.12
CA ASP VA 111 -115.32 6.94 52.19
C ASP VA 111 -116.18 6.40 51.06
N LYS VA 112 -116.46 7.25 50.09
CA LYS VA 112 -117.15 6.77 48.90
C LYS VA 112 -116.34 5.71 48.17
N ASP VA 113 -115.02 5.93 48.04
CA ASP VA 113 -114.17 4.97 47.36
C ASP VA 113 -114.01 3.69 48.17
N ARG VA 114 -113.96 3.81 49.49
CA ARG VA 114 -113.83 2.63 50.33
C ARG VA 114 -115.10 1.79 50.30
N LYS VA 115 -116.26 2.44 50.29
CA LYS VA 115 -117.52 1.71 50.22
C LYS VA 115 -117.64 0.95 48.91
N ALA VA 116 -117.25 1.57 47.80
CA ALA VA 116 -117.25 0.88 46.53
C ALA VA 116 -116.21 -0.23 46.51
N LEU VA 117 -115.06 0.00 47.15
CA LEU VA 117 -114.01 -1.02 47.15
C LEU VA 117 -114.43 -2.22 47.99
N LEU VA 118 -115.15 -1.99 49.09
CA LEU VA 118 -115.64 -3.11 49.87
C LEU VA 118 -116.68 -3.89 49.09
N ASP VA 119 -117.50 -3.18 48.31
CA ASP VA 119 -118.51 -3.86 47.50
C ASP VA 119 -117.86 -4.79 46.49
N ARG VA 120 -116.93 -4.27 45.69
CA ARG VA 120 -116.29 -5.08 44.66
C ARG VA 120 -115.61 -6.32 45.24
N LYS VA 121 -114.92 -6.15 46.37
CA LYS VA 121 -114.27 -7.30 47.01
C LYS VA 121 -115.32 -8.26 47.58
N ALA VA 122 -116.42 -7.73 48.11
CA ALA VA 122 -117.49 -8.58 48.65
C ALA VA 122 -118.24 -9.30 47.54
N ARG VA 123 -118.52 -8.61 46.44
CA ARG VA 123 -119.15 -9.28 45.31
C ARG VA 123 -118.33 -10.45 44.82
N GLY VA 124 -117.01 -10.34 44.91
CA GLY VA 124 -116.11 -11.40 44.51
C GLY VA 124 -116.16 -12.64 45.39
N ARG VA 125 -115.82 -12.50 46.68
CA ARG VA 125 -115.71 -13.66 47.56
C ARG VA 125 -116.97 -14.49 47.57
N ALA VA 126 -118.13 -13.86 47.36
CA ALA VA 126 -119.38 -14.60 47.22
C ALA VA 126 -119.52 -15.22 45.84
N ALA VA 127 -118.89 -14.64 44.83
CA ALA VA 127 -119.11 -15.10 43.46
C ALA VA 127 -118.45 -16.44 43.19
N ASP VA 128 -117.56 -16.89 44.06
CA ASP VA 128 -116.99 -18.22 43.95
C ASP VA 128 -117.62 -19.22 44.89
N LYS VA 129 -117.93 -18.80 46.10
CA LYS VA 129 -118.48 -19.72 47.08
C LYS VA 129 -119.87 -20.17 46.71
N ALA VA 130 -120.66 -19.27 46.10
CA ALA VA 130 -122.02 -19.57 45.68
C ALA VA 130 -122.02 -20.37 44.37
N THR WA 2 -92.26 -60.56 48.24
CA THR WA 2 -91.44 -61.51 47.48
C THR WA 2 -92.23 -62.25 46.40
N THR WA 3 -92.97 -61.52 45.58
CA THR WA 3 -93.68 -62.15 44.46
C THR WA 3 -92.72 -62.80 43.47
N VAL WA 4 -91.44 -62.42 43.50
CA VAL WA 4 -90.37 -63.09 42.77
C VAL WA 4 -89.56 -63.83 43.83
N PRO WA 5 -88.63 -64.71 43.48
CA PRO WA 5 -87.91 -65.47 44.52
C PRO WA 5 -87.10 -64.58 45.44
N GLY WA 6 -86.80 -65.13 46.61
CA GLY WA 6 -85.98 -64.42 47.58
C GLY WA 6 -84.55 -64.25 47.14
N SER WA 7 -83.98 -65.26 46.49
CA SER WA 7 -82.61 -65.14 45.98
C SER WA 7 -82.51 -64.00 44.98
N LEU WA 8 -83.51 -63.84 44.13
CA LEU WA 8 -83.54 -62.70 43.21
C LEU WA 8 -83.64 -61.39 43.98
N VAL WA 9 -84.56 -61.31 44.94
CA VAL WA 9 -84.77 -60.06 45.67
C VAL WA 9 -83.52 -59.64 46.41
N TRP WA 10 -82.79 -60.60 46.98
CA TRP WA 10 -81.56 -60.24 47.67
C TRP WA 10 -80.60 -59.56 46.71
N GLU WA 11 -80.59 -59.99 45.45
CA GLU WA 11 -79.70 -59.40 44.47
C GLU WA 11 -80.01 -57.93 44.26
N LEU WA 12 -81.28 -57.57 44.32
CA LEU WA 12 -81.73 -56.22 43.99
C LEU WA 12 -81.53 -55.25 45.16
N VAL WA 13 -81.72 -55.71 46.40
CA VAL WA 13 -81.76 -54.81 47.54
C VAL WA 13 -80.49 -54.88 48.36
N LYS WA 14 -79.49 -55.61 47.89
CA LYS WA 14 -78.27 -55.82 48.66
C LYS WA 14 -77.43 -54.56 48.76
N LYS WA 15 -77.25 -53.84 47.67
CA LYS WA 15 -76.33 -52.72 47.64
C LYS WA 15 -76.97 -51.40 48.02
N ASN WA 16 -78.30 -51.35 48.11
CA ASN WA 16 -79.02 -50.10 48.33
C ASN WA 16 -80.48 -50.40 48.67
N ASN WA 17 -80.95 -49.86 49.80
CA ASN WA 17 -82.37 -49.90 50.13
C ASN WA 17 -82.63 -48.96 51.29
N CYS WA 18 -83.92 -48.69 51.52
CA CYS WA 18 -84.30 -47.66 52.48
C CYS WA 18 -84.00 -48.02 53.93
N PHE WA 19 -83.71 -49.28 54.24
CA PHE WA 19 -83.48 -49.66 55.62
C PHE WA 19 -82.01 -49.77 56.00
N LEU WA 20 -81.12 -49.86 55.03
CA LEU WA 20 -79.70 -50.10 55.29
C LEU WA 20 -79.02 -48.77 55.61
N ILE WA 21 -78.59 -48.62 56.85
CA ILE WA 21 -77.83 -47.45 57.29
C ILE WA 21 -76.36 -47.84 57.28
N LYS WA 22 -75.59 -47.29 56.34
CA LYS WA 22 -74.18 -47.62 56.19
C LYS WA 22 -73.34 -46.40 56.53
N GLN WA 23 -72.29 -46.61 57.29
CA GLN WA 23 -71.43 -45.52 57.74
C GLN WA 23 -69.97 -45.82 57.48
N PHE WA 24 -69.18 -44.75 57.45
CA PHE WA 24 -67.73 -44.80 57.46
C PHE WA 24 -67.15 -45.34 56.17
N GLY WA 25 -67.84 -45.17 55.07
CA GLY WA 25 -67.25 -45.41 53.77
C GLY WA 25 -67.29 -46.84 53.29
N ASN WA 26 -66.57 -47.07 52.20
CA ASN WA 26 -66.48 -48.36 51.53
C ASN WA 26 -65.13 -49.01 51.75
N SER WA 27 -64.37 -48.53 52.73
CA SER WA 27 -63.07 -49.09 53.06
C SER WA 27 -63.24 -50.17 54.13
N ASN WA 28 -62.14 -50.58 54.78
CA ASN WA 28 -62.23 -51.57 55.85
C ASN WA 28 -62.76 -51.00 57.13
N ALA WA 29 -63.28 -49.78 57.09
CA ALA WA 29 -63.93 -49.14 58.22
C ALA WA 29 -65.44 -49.16 58.12
N LYS WA 30 -66.01 -49.82 57.12
CA LYS WA 30 -67.45 -49.73 56.89
C LYS WA 30 -68.22 -50.46 57.97
N VAL WA 31 -69.27 -49.81 58.47
CA VAL WA 31 -70.20 -50.38 59.44
C VAL WA 31 -71.59 -50.22 58.87
N GLN WA 32 -72.35 -51.30 58.81
CA GLN WA 32 -73.66 -51.28 58.17
C GLN WA 32 -74.66 -52.11 58.96
N PHE WA 33 -75.84 -51.54 59.18
CA PHE WA 33 -76.94 -52.15 59.92
C PHE WA 33 -78.21 -52.01 59.09
N SER WA 34 -79.23 -52.77 59.44
CA SER WA 34 -80.52 -52.69 58.75
C SER WA 34 -81.62 -52.50 59.79
N LYS WA 35 -82.42 -51.45 59.64
CA LYS WA 35 -83.37 -51.05 60.67
C LYS WA 35 -84.80 -51.49 60.38
N GLU WA 36 -84.98 -52.38 59.42
CA GLU WA 36 -86.28 -52.99 59.16
C GLU WA 36 -86.74 -53.81 60.37
N PRO WA 37 -88.05 -53.81 60.66
CA PRO WA 37 -88.51 -54.38 61.94
C PRO WA 37 -88.57 -55.90 62.01
N ASN WA 38 -88.58 -56.61 60.88
CA ASN WA 38 -88.55 -58.07 60.89
C ASN WA 38 -87.15 -58.62 60.64
N ASN WA 39 -86.12 -57.89 61.04
CA ASN WA 39 -84.74 -58.37 61.02
C ASN WA 39 -84.31 -58.49 62.48
N LEU WA 40 -83.96 -59.70 62.90
CA LEU WA 40 -83.81 -59.95 64.34
C LEU WA 40 -82.53 -59.32 64.90
N TYR WA 41 -81.40 -59.48 64.22
CA TYR WA 41 -80.15 -58.83 64.62
C TYR WA 41 -79.92 -57.49 63.95
N ASN WA 42 -80.85 -56.99 63.13
CA ASN WA 42 -80.63 -55.77 62.38
C ASN WA 42 -79.32 -55.84 61.60
N VAL WA 43 -79.10 -56.98 60.97
CA VAL WA 43 -77.90 -57.24 60.19
C VAL WA 43 -78.27 -57.22 58.73
N HIS WA 44 -77.46 -56.57 57.91
CA HIS WA 44 -77.68 -56.54 56.47
C HIS WA 44 -77.02 -57.78 55.88
N SER WA 45 -77.75 -58.89 55.94
CA SER WA 45 -77.40 -60.13 55.27
C SER WA 45 -78.67 -60.77 54.76
N TYR WA 46 -78.52 -61.72 53.86
CA TYR WA 46 -79.69 -62.39 53.29
C TYR WA 46 -80.29 -63.39 54.25
N LYS WA 47 -79.50 -63.91 55.19
CA LYS WA 47 -80.05 -64.74 56.27
C LYS WA 47 -81.03 -63.97 57.13
N PHE WA 48 -80.63 -62.78 57.57
CA PHE WA 48 -81.44 -61.99 58.48
C PHE WA 48 -82.34 -61.00 57.76
N SER WA 49 -82.15 -60.80 56.46
CA SER WA 49 -82.93 -59.83 55.72
C SER WA 49 -84.41 -60.03 55.97
N GLY WA 50 -85.06 -58.97 56.42
CA GLY WA 50 -86.49 -58.94 56.50
C GLY WA 50 -87.16 -58.60 55.19
N LEU WA 51 -86.37 -58.38 54.15
CA LEU WA 51 -86.89 -58.06 52.82
C LEU WA 51 -86.81 -59.24 51.86
N ALA WA 52 -85.68 -59.94 51.82
CA ALA WA 52 -85.44 -61.00 50.86
C ALA WA 52 -85.80 -62.38 51.38
N ASN WA 53 -86.75 -62.47 52.31
CA ASN WA 53 -87.25 -63.74 52.80
C ASN WA 53 -88.76 -63.72 52.87
N SER WA 54 -89.39 -64.83 52.48
CA SER WA 54 -90.81 -65.01 52.70
C SER WA 54 -91.11 -65.36 54.15
N LYS WA 55 -90.21 -66.09 54.79
CA LYS WA 55 -90.37 -66.52 56.18
C LYS WA 55 -89.41 -65.68 57.02
N THR WA 56 -89.97 -64.83 57.89
CA THR WA 56 -89.19 -63.97 58.75
C THR WA 56 -89.86 -63.91 60.11
N VAL WA 57 -89.06 -63.61 61.13
CA VAL WA 57 -89.53 -63.53 62.51
C VAL WA 57 -89.26 -62.14 63.05
N ALA WA 58 -90.22 -61.59 63.79
CA ALA WA 58 -90.09 -60.31 64.46
C ALA WA 58 -90.37 -60.47 65.95
N VAL WA 59 -89.54 -59.83 66.78
CA VAL WA 59 -89.68 -59.84 68.23
C VAL WA 59 -89.58 -58.39 68.68
N GLN WA 60 -90.71 -57.77 68.98
CA GLN WA 60 -90.70 -56.36 69.32
C GLN WA 60 -91.40 -56.08 70.62
N PRO WA 61 -90.90 -55.13 71.41
CA PRO WA 61 -91.68 -54.61 72.53
C PRO WA 61 -92.84 -53.81 71.99
N SER WA 62 -94.00 -53.99 72.62
CA SER WA 62 -95.21 -53.35 72.13
C SER WA 62 -95.13 -51.83 72.34
N ALA WA 63 -96.17 -51.14 71.89
CA ALA WA 63 -96.29 -49.71 72.12
C ALA WA 63 -96.59 -49.48 73.59
N GLY WA 64 -96.88 -48.24 73.98
CA GLY WA 64 -96.95 -47.92 75.39
C GLY WA 64 -97.89 -48.84 76.13
N GLU WA 65 -97.29 -49.78 76.85
CA GLU WA 65 -97.92 -50.88 77.55
C GLU WA 65 -96.80 -51.63 78.23
N ASP WA 66 -97.12 -52.31 79.32
CA ASP WA 66 -96.11 -52.92 80.18
C ASP WA 66 -96.06 -54.43 79.95
N LYS WA 67 -94.87 -54.91 79.59
CA LYS WA 67 -94.51 -56.31 79.60
C LYS WA 67 -95.12 -57.10 78.46
N ALA WA 68 -95.56 -56.44 77.39
CA ALA WA 68 -96.17 -57.10 76.25
C ALA WA 68 -95.16 -57.19 75.12
N VAL WA 69 -94.76 -58.42 74.79
CA VAL WA 69 -93.90 -58.68 73.65
C VAL WA 69 -94.77 -59.11 72.47
N VAL WA 70 -94.54 -58.51 71.31
CA VAL WA 70 -95.26 -58.86 70.09
C VAL WA 70 -94.37 -59.74 69.23
N LEU WA 71 -94.87 -60.91 68.86
CA LEU WA 71 -94.16 -61.83 67.98
C LEU WA 71 -94.93 -61.93 66.67
N SER WA 72 -94.24 -61.72 65.56
CA SER WA 72 -94.85 -61.70 64.24
C SER WA 72 -94.13 -62.66 63.32
N THR WA 73 -94.91 -63.38 62.51
CA THR WA 73 -94.37 -64.18 61.43
C THR WA 73 -95.24 -63.95 60.21
N THR WA 74 -94.63 -63.71 59.07
CA THR WA 74 -95.35 -63.50 57.84
C THR WA 74 -95.87 -64.83 57.31
N LYS WA 75 -96.62 -64.77 56.22
CA LYS WA 75 -97.29 -65.93 55.65
C LYS WA 75 -96.79 -66.16 54.24
N THR WA 76 -96.32 -67.38 53.96
CA THR WA 76 -95.69 -67.65 52.68
C THR WA 76 -96.61 -67.37 51.51
N LYS WA 77 -97.89 -67.70 51.63
CA LYS WA 77 -98.80 -67.62 50.50
C LYS WA 77 -99.55 -66.30 50.40
N LYS WA 78 -99.33 -65.37 51.33
CA LYS WA 78 -99.99 -64.08 51.31
C LYS WA 78 -99.05 -62.96 50.88
N GLN WA 79 -97.97 -63.31 50.18
CA GLN WA 79 -96.91 -62.36 49.85
C GLN WA 79 -97.42 -61.13 49.13
N ASN WA 80 -98.48 -61.27 48.33
CA ASN WA 80 -99.02 -60.17 47.54
C ASN WA 80 -100.18 -59.47 48.21
N THR WA 81 -100.45 -59.77 49.49
CA THR WA 81 -101.48 -59.08 50.26
C THR WA 81 -100.79 -58.43 51.44
N PRO WA 82 -100.28 -57.20 51.28
CA PRO WA 82 -99.44 -56.61 52.32
C PRO WA 82 -100.11 -56.49 53.67
N ALA WA 83 -101.40 -56.14 53.69
CA ALA WA 83 -102.09 -55.89 54.94
C ALA WA 83 -102.14 -57.14 55.81
N LYS WA 84 -102.48 -58.27 55.21
CA LYS WA 84 -102.70 -59.50 55.96
C LYS WA 84 -101.66 -60.53 55.60
N LEU WA 85 -100.43 -60.05 55.43
CA LEU WA 85 -99.26 -60.92 55.33
C LEU WA 85 -98.75 -61.34 56.69
N GLN WA 86 -98.96 -60.51 57.71
CA GLN WA 86 -98.29 -60.69 58.99
C GLN WA 86 -99.24 -61.37 59.97
N HIS WA 87 -98.72 -62.35 60.70
CA HIS WA 87 -99.44 -62.98 61.79
C HIS WA 87 -98.74 -62.60 63.08
N LYS WA 88 -99.32 -61.67 63.83
CA LYS WA 88 -98.72 -61.16 65.04
C LYS WA 88 -99.49 -61.65 66.26
N THR WA 89 -98.74 -61.86 67.35
CA THR WA 89 -99.28 -62.38 68.59
C THR WA 89 -98.77 -61.54 69.74
N LEU WA 90 -99.66 -61.16 70.64
CA LEU WA 90 -99.29 -60.35 71.80
C LEU WA 90 -99.17 -61.27 73.01
N MET WA 91 -97.97 -61.35 73.58
CA MET WA 91 -97.71 -62.20 74.73
C MET WA 91 -97.30 -61.33 75.92
N ARG WA 92 -98.09 -61.40 76.99
CA ARG WA 92 -97.72 -60.79 78.26
C ARG WA 92 -97.52 -61.84 79.35
N LYS WA 93 -97.24 -63.07 78.95
CA LYS WA 93 -96.99 -64.15 79.89
C LYS WA 93 -95.56 -64.04 80.43
N GLU WA 94 -95.09 -65.07 81.14
CA GLU WA 94 -93.76 -65.04 81.73
C GLU WA 94 -92.71 -65.44 80.70
N PHE WA 95 -91.46 -65.14 81.01
CA PHE WA 95 -90.40 -65.33 80.03
C PHE WA 95 -90.30 -66.77 79.55
N ARG WA 96 -90.19 -67.72 80.47
CA ARG WA 96 -89.99 -69.10 80.06
C ARG WA 96 -91.19 -69.62 79.30
N LYS WA 97 -92.37 -69.10 79.59
CA LYS WA 97 -93.55 -69.48 78.83
C LYS WA 97 -93.54 -68.86 77.44
N MET WA 98 -93.06 -67.61 77.32
CA MET WA 98 -92.94 -67.01 75.99
C MET WA 98 -91.78 -67.62 75.20
N ALA WA 99 -90.74 -68.10 75.87
CA ALA WA 99 -89.70 -68.82 75.17
C ALA WA 99 -90.26 -70.08 74.52
N LYS WA 100 -91.34 -70.63 75.08
CA LYS WA 100 -92.01 -71.76 74.46
C LYS WA 100 -92.79 -71.35 73.22
N SER WA 101 -93.49 -70.20 73.28
CA SER WA 101 -94.29 -69.76 72.14
C SER WA 101 -93.41 -69.44 70.94
N VAL WA 102 -92.26 -68.82 71.18
CA VAL WA 102 -91.33 -68.52 70.10
C VAL WA 102 -90.81 -69.79 69.45
N LYS WA 103 -90.46 -70.79 70.25
CA LYS WA 103 -90.04 -72.06 69.66
C LYS WA 103 -91.16 -72.72 68.87
N ASN WA 104 -92.38 -72.65 69.40
CA ASN WA 104 -93.51 -73.28 68.73
C ASN WA 104 -93.71 -72.73 67.33
N GLN WA 105 -93.47 -71.42 67.15
CA GLN WA 105 -93.74 -70.79 65.87
C GLN WA 105 -92.48 -70.49 65.04
N VAL WA 106 -91.29 -70.73 65.57
CA VAL WA 106 -90.09 -70.44 64.79
C VAL WA 106 -89.32 -71.72 64.50
N CYS WA 107 -89.37 -72.68 65.41
CA CYS WA 107 -88.53 -73.86 65.32
C CYS WA 107 -89.30 -75.15 65.06
N ASP WA 108 -90.28 -75.47 65.91
CA ASP WA 108 -90.87 -76.80 65.88
C ASP WA 108 -91.71 -77.06 64.64
N ASN WA 109 -92.18 -76.01 63.97
CA ASN WA 109 -92.97 -76.16 62.77
C ASN WA 109 -92.12 -76.08 61.51
N TYR WA 110 -90.81 -75.96 61.65
CA TYR WA 110 -89.87 -75.82 60.53
C TYR WA 110 -90.12 -74.52 59.76
N TYR WA 111 -90.63 -73.51 60.44
CA TYR WA 111 -90.82 -72.21 59.81
C TYR WA 111 -89.48 -71.63 59.40
N ARG WA 112 -88.69 -71.24 60.39
CA ARG WA 112 -87.31 -70.78 60.16
C ARG WA 112 -86.46 -71.37 61.27
N PRO WA 113 -86.12 -72.65 61.18
CA PRO WA 113 -85.14 -73.21 62.12
C PRO WA 113 -83.86 -72.41 62.16
N ASP WA 114 -83.63 -71.61 61.11
CA ASP WA 114 -82.55 -70.64 61.09
C ASP WA 114 -82.52 -69.82 62.36
N LEU WA 115 -83.62 -69.13 62.63
CA LEU WA 115 -83.66 -68.04 63.59
C LEU WA 115 -84.13 -68.52 64.95
N THR WA 116 -83.81 -69.76 65.30
CA THR WA 116 -84.09 -70.26 66.64
C THR WA 116 -83.29 -69.50 67.68
N LYS WA 117 -81.97 -69.54 67.55
CA LYS WA 117 -81.13 -68.77 68.47
C LYS WA 117 -81.41 -67.27 68.39
N PRO WA 118 -81.42 -66.63 67.21
CA PRO WA 118 -81.63 -65.18 67.19
C PRO WA 118 -82.94 -64.73 67.78
N ALA WA 119 -84.03 -65.48 67.52
CA ALA WA 119 -85.33 -65.05 68.06
C ALA WA 119 -85.34 -65.11 69.58
N LEU WA 120 -84.81 -66.17 70.16
CA LEU WA 120 -84.78 -66.27 71.61
C LEU WA 120 -83.90 -65.18 72.21
N ALA WA 121 -82.72 -64.97 71.63
CA ALA WA 121 -81.82 -63.93 72.11
C ALA WA 121 -82.44 -62.55 71.99
N ARG WA 122 -83.21 -62.31 70.94
CA ARG WA 122 -83.86 -61.01 70.84
C ARG WA 122 -85.02 -60.90 71.82
N LEU WA 123 -85.67 -62.01 72.11
CA LEU WA 123 -86.66 -62.03 73.19
C LEU WA 123 -86.01 -61.74 74.53
N SER WA 124 -84.86 -62.35 74.80
CA SER WA 124 -84.14 -62.08 76.05
C SER WA 124 -83.84 -60.59 76.18
N ALA WA 125 -83.35 -59.98 75.10
CA ALA WA 125 -83.01 -58.56 75.16
C ALA WA 125 -84.25 -57.67 75.20
N VAL WA 126 -85.27 -58.00 74.41
CA VAL WA 126 -86.50 -57.21 74.42
C VAL WA 126 -87.18 -57.29 75.78
N TYR WA 127 -87.28 -58.51 76.31
CA TYR WA 127 -87.97 -58.71 77.58
C TYR WA 127 -87.27 -57.98 78.71
N ARG WA 128 -85.94 -58.05 78.75
CA ARG WA 128 -85.20 -57.34 79.80
C ARG WA 128 -85.34 -55.83 79.69
N SER WA 129 -85.40 -55.30 78.46
CA SER WA 129 -85.61 -53.87 78.31
C SER WA 129 -86.96 -53.44 78.87
N LEU WA 130 -87.94 -54.35 78.88
CA LEU WA 130 -89.25 -54.01 79.42
C LEU WA 130 -89.22 -53.95 80.94
N GLN WA 131 -88.51 -54.88 81.59
CA GLN WA 131 -88.37 -54.80 83.04
C GLN WA 131 -87.68 -53.51 83.45
N VAL WA 132 -86.59 -53.18 82.79
CA VAL WA 132 -85.78 -52.04 83.19
C VAL WA 132 -86.52 -50.74 82.92
N SER WA 133 -87.28 -50.69 81.83
CA SER WA 133 -88.11 -49.53 81.58
C SER WA 133 -89.02 -49.27 82.76
N LYS WA 134 -89.68 -50.31 83.27
CA LYS WA 134 -90.58 -50.15 84.40
C LYS WA 134 -89.81 -50.05 85.72
N SER WA 135 -89.05 -51.07 86.07
CA SER WA 135 -88.39 -51.06 87.36
C SER WA 135 -87.38 -49.92 87.48
N GLY WA 136 -86.86 -49.44 86.36
CA GLY WA 136 -85.75 -48.51 86.39
C GLY WA 136 -84.41 -49.24 86.43
N ILE WA 137 -83.37 -48.49 86.11
CA ILE WA 137 -82.02 -49.07 86.12
C ILE WA 137 -81.67 -49.46 87.55
N LYS WA 138 -81.22 -50.69 87.73
CA LYS WA 138 -80.67 -51.15 88.99
C LYS WA 138 -79.23 -51.61 88.84
N LYS WA 139 -78.95 -52.46 87.87
CA LYS WA 139 -77.62 -53.01 87.72
C LYS WA 139 -76.86 -52.15 86.70
N LYS WA 140 -75.53 -52.30 86.66
CA LYS WA 140 -74.76 -51.65 85.63
C LYS WA 140 -74.19 -52.60 84.60
N ASN WA 141 -74.07 -53.88 84.94
CA ASN WA 141 -73.72 -54.96 84.03
C ASN WA 141 -72.30 -54.90 83.51
N ARG WA 142 -71.41 -54.13 84.14
CA ARG WA 142 -70.04 -54.11 83.65
C ARG WA 142 -69.19 -55.26 84.16
N GLN WA 143 -69.66 -56.04 85.12
CA GLN WA 143 -68.89 -57.16 85.65
C GLN WA 143 -68.95 -58.39 84.75
N SER XA 10 -14.39 69.69 -38.98
CA SER XA 10 -13.86 70.98 -38.57
C SER XA 10 -14.33 71.34 -37.16
N GLY XA 11 -14.57 70.32 -36.34
CA GLY XA 11 -14.95 70.58 -34.97
C GLY XA 11 -13.91 71.40 -34.23
N GLU XA 12 -12.63 71.04 -34.38
CA GLU XA 12 -11.56 71.86 -33.85
C GLU XA 12 -11.51 73.23 -34.51
N ASN XA 13 -12.03 73.36 -35.72
CA ASN XA 13 -12.13 74.67 -36.36
C ASN XA 13 -13.38 75.42 -35.89
N ILE XA 14 -14.19 74.81 -35.05
CA ILE XA 14 -15.16 75.56 -34.26
C ILE XA 14 -14.58 75.86 -32.88
N ASN XA 15 -13.67 75.03 -32.38
CA ASN XA 15 -12.98 75.31 -31.12
C ASN XA 15 -12.13 76.56 -31.21
N ASN XA 16 -11.30 76.68 -32.25
CA ASN XA 16 -10.40 77.83 -32.34
C ASN XA 16 -11.17 79.13 -32.37
N LYS XA 17 -12.25 79.19 -33.14
CA LYS XA 17 -13.07 80.39 -33.16
C LYS XA 17 -13.63 80.70 -31.78
N LEU XA 18 -14.10 79.67 -31.08
CA LEU XA 18 -14.68 79.86 -29.76
C LEU XA 18 -13.63 80.26 -28.73
N GLN XA 19 -12.41 79.71 -28.81
CA GLN XA 19 -11.33 80.14 -27.91
C GLN XA 19 -10.90 81.58 -28.20
N LEU XA 20 -11.06 82.01 -29.46
CA LEU XA 20 -10.91 83.41 -29.80
C LEU XA 20 -12.00 84.27 -29.17
N VAL XA 21 -13.23 83.75 -29.12
CA VAL XA 21 -14.34 84.49 -28.52
C VAL XA 21 -14.08 84.74 -27.05
N MET XA 22 -13.48 83.76 -26.36
CA MET XA 22 -13.33 83.85 -24.92
C MET XA 22 -12.38 84.98 -24.54
N LYS XA 23 -11.29 85.16 -25.28
CA LYS XA 23 -10.27 86.12 -24.87
C LYS XA 23 -10.71 87.56 -25.14
N SER XA 24 -11.46 87.80 -26.21
CA SER XA 24 -11.84 89.15 -26.60
C SER XA 24 -13.31 89.44 -26.38
N GLY XA 25 -14.18 88.52 -26.76
CA GLY XA 25 -15.60 88.79 -26.82
C GLY XA 25 -16.29 88.69 -25.49
N LYS XA 26 -17.61 88.88 -25.55
CA LYS XA 26 -18.46 88.88 -24.38
C LYS XA 26 -19.44 87.73 -24.49
N TYR XA 27 -19.76 87.09 -23.38
CA TYR XA 27 -20.56 85.87 -23.42
C TYR XA 27 -21.15 85.62 -22.04
N THR XA 28 -21.99 84.60 -21.95
CA THR XA 28 -22.50 84.10 -20.68
C THR XA 28 -22.51 82.58 -20.74
N LEU XA 29 -22.17 81.95 -19.63
CA LEU XA 29 -22.12 80.51 -19.52
C LEU XA 29 -23.33 80.03 -18.74
N GLY XA 30 -24.04 79.06 -19.28
CA GLY XA 30 -25.02 78.47 -18.39
C GLY XA 30 -26.45 78.70 -18.85
N TYR XA 31 -27.32 77.78 -18.43
CA TYR XA 31 -28.71 77.80 -18.85
C TYR XA 31 -29.47 79.00 -18.32
N LYS XA 32 -29.20 79.42 -17.09
CA LYS XA 32 -30.03 80.47 -16.51
C LYS XA 32 -29.74 81.84 -17.11
N THR XA 33 -28.51 82.09 -17.53
CA THR XA 33 -28.20 83.39 -18.12
C THR XA 33 -28.44 83.44 -19.62
N VAL XA 34 -28.41 82.30 -20.31
CA VAL XA 34 -28.69 82.33 -21.74
C VAL XA 34 -30.15 82.66 -21.98
N LEU XA 35 -31.06 82.18 -21.13
CA LEU XA 35 -32.47 82.56 -21.28
C LEU XA 35 -32.67 84.04 -21.05
N LYS XA 36 -31.81 84.68 -20.25
CA LYS XA 36 -31.88 86.12 -20.09
C LYS XA 36 -31.22 86.86 -21.24
N THR XA 37 -30.30 86.21 -21.95
CA THR XA 37 -29.79 86.81 -23.18
C THR XA 37 -30.80 86.65 -24.31
N LEU XA 38 -31.60 85.58 -24.28
CA LEU XA 38 -32.70 85.47 -25.23
C LEU XA 38 -33.81 86.46 -24.93
N ARG XA 39 -34.20 86.61 -23.66
CA ARG XA 39 -35.35 87.46 -23.35
C ARG XA 39 -35.05 88.92 -23.66
N SER XA 40 -33.84 89.36 -23.35
CA SER XA 40 -33.41 90.72 -23.67
C SER XA 40 -33.00 90.88 -25.12
N SER XA 41 -32.90 89.78 -25.87
CA SER XA 41 -32.49 89.75 -27.26
C SER XA 41 -31.06 90.19 -27.47
N LYS XA 42 -30.23 90.12 -26.45
CA LYS XA 42 -28.85 90.57 -26.52
C LYS XA 42 -27.88 89.48 -26.91
N GLY XA 43 -28.34 88.25 -27.14
CA GLY XA 43 -27.46 87.18 -27.58
C GLY XA 43 -27.50 87.04 -29.09
N LYS XA 44 -26.32 86.89 -29.68
CA LYS XA 44 -26.20 86.78 -31.13
C LYS XA 44 -25.96 85.36 -31.62
N LEU XA 45 -25.62 84.43 -30.73
CA LEU XA 45 -25.42 83.05 -31.11
C LEU XA 45 -25.59 82.18 -29.87
N ILE XA 46 -26.17 81.01 -30.06
CA ILE XA 46 -26.30 80.03 -28.99
C ILE XA 46 -25.50 78.79 -29.37
N ILE XA 47 -24.83 78.21 -28.38
CA ILE XA 47 -24.13 76.94 -28.54
C ILE XA 47 -24.70 75.98 -27.52
N LEU XA 48 -24.93 74.73 -27.94
CA LEU XA 48 -25.48 73.70 -27.08
C LEU XA 48 -24.64 72.43 -27.18
N ALA XA 49 -24.44 71.77 -26.04
CA ALA XA 49 -23.74 70.51 -26.01
C ALA XA 49 -24.68 69.35 -26.39
N ASN XA 50 -24.08 68.18 -26.66
CA ASN XA 50 -24.87 67.04 -27.10
C ASN XA 50 -25.72 66.47 -25.97
N ASN XA 51 -25.19 66.39 -24.77
CA ASN XA 51 -25.94 65.83 -23.66
C ASN XA 51 -26.70 66.89 -22.87
N CYS XA 52 -26.94 68.06 -23.45
CA CYS XA 52 -27.92 68.96 -22.88
C CYS XA 52 -29.26 68.24 -22.82
N PRO XA 53 -30.01 68.36 -21.73
CA PRO XA 53 -31.25 67.61 -21.60
C PRO XA 53 -32.18 67.92 -22.75
N PRO XA 54 -32.87 66.91 -23.29
CA PRO XA 54 -33.72 67.17 -24.45
C PRO XA 54 -34.81 68.19 -24.20
N LEU XA 55 -35.39 68.21 -22.99
CA LEU XA 55 -36.41 69.21 -22.71
C LEU XA 55 -35.81 70.59 -22.63
N ARG XA 56 -34.67 70.72 -21.96
CA ARG XA 56 -33.96 71.99 -21.91
C ARG XA 56 -33.53 72.40 -23.30
N LYS XA 57 -32.96 71.47 -24.06
CA LYS XA 57 -32.53 71.77 -25.42
C LYS XA 57 -33.71 72.17 -26.29
N SER XA 58 -34.84 71.48 -26.15
CA SER XA 58 -36.04 71.88 -26.88
C SER XA 58 -36.49 73.27 -26.47
N GLU XA 59 -36.38 73.58 -25.18
CA GLU XA 59 -36.86 74.86 -24.68
C GLU XA 59 -36.07 76.02 -25.27
N ILE XA 60 -34.76 75.87 -25.42
CA ILE XA 60 -33.96 76.96 -25.96
C ILE XA 60 -34.26 77.17 -27.43
N GLU XA 61 -34.31 76.08 -28.21
CA GLU XA 61 -34.56 76.23 -29.63
C GLU XA 61 -35.84 77.00 -29.87
N TYR XA 62 -36.79 76.89 -28.94
CA TYR XA 62 -38.05 77.61 -29.07
C TYR XA 62 -37.84 79.10 -28.85
N TYR XA 63 -37.13 79.48 -27.79
CA TYR XA 63 -36.84 80.89 -27.55
C TYR XA 63 -36.02 81.49 -28.66
N ALA XA 64 -35.00 80.78 -29.11
CA ALA XA 64 -34.16 81.25 -30.21
C ALA XA 64 -34.95 81.37 -31.49
N MET XA 65 -36.00 80.57 -31.66
CA MET XA 65 -36.86 80.68 -32.82
C MET XA 65 -37.74 81.93 -32.75
N LEU XA 66 -38.30 82.23 -31.58
CA LEU XA 66 -39.09 83.45 -31.45
C LEU XA 66 -38.25 84.70 -31.58
N ALA XA 67 -37.00 84.65 -31.14
CA ALA XA 67 -36.15 85.84 -31.14
C ALA XA 67 -35.35 86.02 -32.42
N LYS XA 68 -35.37 85.04 -33.32
CA LYS XA 68 -34.61 85.07 -34.58
C LYS XA 68 -33.10 84.99 -34.35
N ILE XA 69 -32.67 84.13 -33.42
CA ILE XA 69 -31.27 84.03 -33.03
C ILE XA 69 -30.73 82.64 -33.40
N SER XA 70 -29.53 82.62 -33.96
CA SER XA 70 -28.92 81.36 -34.40
C SER XA 70 -28.55 80.47 -33.22
N VAL XA 71 -28.56 79.17 -33.47
CA VAL XA 71 -28.18 78.16 -32.49
C VAL XA 71 -27.22 77.19 -33.14
N HIS XA 72 -26.11 76.88 -32.47
CA HIS XA 72 -25.14 75.92 -32.95
C HIS XA 72 -25.07 74.74 -32.00
N HIS XA 73 -25.10 73.53 -32.53
CA HIS XA 73 -24.95 72.33 -31.73
C HIS XA 73 -23.47 71.95 -31.71
N PHE XA 74 -22.85 72.05 -30.54
CA PHE XA 74 -21.47 71.62 -30.39
C PHE XA 74 -21.37 70.15 -30.76
N HIS XA 75 -20.15 69.69 -31.02
CA HIS XA 75 -19.96 68.30 -31.39
C HIS XA 75 -19.74 67.40 -30.19
N GLY XA 76 -19.67 67.94 -28.98
CA GLY XA 76 -19.22 67.16 -27.85
C GLY XA 76 -20.27 66.84 -26.79
N ASN XA 77 -20.19 67.53 -25.66
CA ASN XA 77 -21.04 67.32 -24.50
C ASN XA 77 -20.76 68.46 -23.54
N ASN XA 78 -21.41 68.46 -22.38
CA ASN XA 78 -21.26 69.61 -21.49
C ASN XA 78 -19.86 69.64 -20.87
N VAL XA 79 -19.26 68.47 -20.66
CA VAL XA 79 -17.88 68.41 -20.19
C VAL XA 79 -16.94 69.05 -21.20
N ASP XA 80 -17.09 68.66 -22.47
CA ASP XA 80 -16.16 69.12 -23.50
C ASP XA 80 -16.44 70.56 -23.92
N LEU XA 81 -17.71 70.99 -23.90
CA LEU XA 81 -18.01 72.38 -24.19
C LEU XA 81 -17.37 73.30 -23.17
N GLY XA 82 -17.36 72.89 -21.90
CA GLY XA 82 -16.69 73.68 -20.89
C GLY XA 82 -15.19 73.76 -21.10
N THR XA 83 -14.56 72.62 -21.39
CA THR XA 83 -13.11 72.61 -21.59
C THR XA 83 -12.72 73.39 -22.84
N ALA XA 84 -13.49 73.27 -23.91
CA ALA XA 84 -13.24 74.08 -25.09
C ALA XA 84 -13.47 75.56 -24.81
N CYS XA 85 -14.29 75.87 -23.81
CA CYS XA 85 -14.44 77.24 -23.35
C CYS XA 85 -13.31 77.66 -22.43
N GLY XA 86 -12.39 76.76 -22.10
CA GLY XA 86 -11.31 77.12 -21.22
C GLY XA 86 -11.71 77.18 -19.76
N LYS XA 87 -12.53 76.25 -19.30
CA LYS XA 87 -13.02 76.26 -17.93
C LYS XA 87 -12.82 74.89 -17.31
N TYR XA 88 -12.86 74.85 -15.99
CA TYR XA 88 -12.66 73.61 -15.24
C TYR XA 88 -13.97 73.01 -14.81
N TYR XA 89 -15.08 73.44 -15.41
CA TYR XA 89 -16.41 72.93 -15.12
C TYR XA 89 -17.13 72.67 -16.43
N ARG XA 90 -18.28 72.05 -16.34
CA ARG XA 90 -19.04 71.68 -17.53
C ARG XA 90 -20.03 72.77 -17.88
N VAL XA 91 -20.19 73.00 -19.19
CA VAL XA 91 -21.12 73.98 -19.72
C VAL XA 91 -21.99 73.28 -20.74
N CYS XA 92 -23.31 73.42 -20.60
CA CYS XA 92 -24.20 72.87 -21.61
C CYS XA 92 -24.83 73.94 -22.49
N CYS XA 93 -24.82 75.19 -22.05
CA CYS XA 93 -25.45 76.29 -22.76
C CYS XA 93 -24.50 77.46 -22.83
N LEU XA 94 -24.32 78.01 -24.01
CA LEU XA 94 -23.50 79.19 -24.24
C LEU XA 94 -24.26 80.21 -25.05
N SER XA 95 -24.15 81.48 -24.67
CA SER XA 95 -24.62 82.58 -25.48
C SER XA 95 -23.46 83.54 -25.73
N ILE XA 96 -23.34 83.99 -26.97
CA ILE XA 96 -22.26 84.86 -27.38
C ILE XA 96 -22.86 86.20 -27.75
N LEU XA 97 -22.51 87.24 -27.01
CA LEU XA 97 -23.05 88.57 -27.26
C LEU XA 97 -22.15 89.35 -28.23
N ASP XA 98 -20.90 89.54 -27.86
CA ASP XA 98 -19.89 90.15 -28.71
C ASP XA 98 -18.95 89.08 -29.20
N PRO XA 99 -18.84 88.82 -30.50
CA PRO XA 99 -17.78 87.93 -30.98
C PRO XA 99 -16.42 88.55 -30.90
N GLY XA 100 -16.32 89.85 -30.62
CA GLY XA 100 -15.04 90.50 -30.49
C GLY XA 100 -14.20 90.33 -31.74
N ASP XA 101 -12.94 89.97 -31.54
CA ASP XA 101 -12.00 89.75 -32.63
C ASP XA 101 -12.11 88.33 -33.18
N SER XA 102 -13.32 87.92 -33.54
CA SER XA 102 -13.56 86.55 -33.96
C SER XA 102 -14.65 86.50 -35.02
N ASP XA 103 -14.61 85.44 -35.83
CA ASP XA 103 -15.60 85.19 -36.86
C ASP XA 103 -16.54 84.05 -36.50
N ILE XA 104 -16.82 83.87 -35.20
CA ILE XA 104 -17.72 82.80 -34.78
C ILE XA 104 -19.09 82.96 -35.41
N ILE XA 105 -19.58 84.18 -35.53
CA ILE XA 105 -20.88 84.39 -36.16
C ILE XA 105 -20.75 84.60 -37.66
N SER XA 106 -19.54 84.83 -38.17
CA SER XA 106 -19.32 85.10 -39.59
C SER XA 106 -19.41 83.84 -40.44
N THR XA 107 -19.73 82.70 -39.85
CA THR XA 107 -19.94 81.47 -40.60
C THR XA 107 -21.42 81.07 -40.57
N GLU YA 14 -36.04 36.55 97.47
CA GLU YA 14 -34.82 37.30 97.77
C GLU YA 14 -34.31 38.03 96.54
N VAL YA 15 -34.37 39.35 96.57
CA VAL YA 15 -33.96 40.18 95.44
C VAL YA 15 -32.53 40.66 95.65
N VAL YA 16 -31.70 40.48 94.63
CA VAL YA 16 -30.32 40.95 94.64
C VAL YA 16 -29.98 41.47 93.25
N THR YA 17 -29.23 42.55 93.19
CA THR YA 17 -28.72 43.09 91.93
C THR YA 17 -27.22 43.25 92.04
N ARG YA 18 -26.48 42.61 91.13
CA ARG YA 18 -25.02 42.62 91.18
C ARG YA 18 -24.44 42.94 89.81
N GLU YA 19 -23.18 43.42 89.83
CA GLU YA 19 -22.45 43.85 88.63
C GLU YA 19 -21.37 42.81 88.35
N TYR YA 20 -21.31 42.33 87.11
CA TYR YA 20 -20.37 41.30 86.72
C TYR YA 20 -19.59 41.74 85.49
N THR YA 21 -18.36 41.23 85.36
CA THR YA 21 -17.61 41.28 84.12
C THR YA 21 -17.53 39.87 83.56
N VAL YA 22 -18.00 39.69 82.33
CA VAL YA 22 -18.06 38.40 81.69
C VAL YA 22 -17.01 38.37 80.58
N ASN YA 23 -16.08 37.43 80.66
CA ASN YA 23 -15.02 37.29 79.68
C ASN YA 23 -15.54 36.42 78.54
N LEU YA 24 -16.26 37.04 77.60
CA LEU YA 24 -16.80 36.31 76.47
C LEU YA 24 -15.72 35.79 75.54
N HIS YA 25 -14.50 36.31 75.65
CA HIS YA 25 -13.43 35.87 74.76
C HIS YA 25 -13.13 34.40 74.97
N LYS YA 26 -12.88 34.00 76.22
CA LYS YA 26 -12.48 32.62 76.48
C LYS YA 26 -13.62 31.64 76.27
N ARG YA 27 -14.87 32.10 76.37
CA ARG YA 27 -16.01 31.23 76.17
C ARG YA 27 -16.26 30.90 74.70
N LEU YA 28 -15.99 31.85 73.81
CA LEU YA 28 -16.29 31.70 72.40
C LEU YA 28 -15.05 31.36 71.59
N HIS YA 29 -13.94 31.07 72.23
CA HIS YA 29 -12.69 30.81 71.53
C HIS YA 29 -12.80 29.61 70.61
N GLY YA 30 -12.71 29.82 69.31
CA GLY YA 30 -12.77 28.76 68.35
C GLY YA 30 -14.13 28.44 67.79
N CYS YA 31 -15.11 29.30 68.00
CA CYS YA 31 -16.48 29.08 67.57
C CYS YA 31 -16.68 29.51 66.12
N THR YA 32 -17.52 28.76 65.40
CA THR YA 32 -17.81 29.06 64.01
C THR YA 32 -18.39 30.46 63.88
N PHE YA 33 -17.96 31.17 62.83
CA PHE YA 33 -18.30 32.58 62.67
C PHE YA 33 -19.80 32.80 62.65
N LYS YA 34 -20.54 31.98 61.89
CA LYS YA 34 -21.99 32.23 61.89
C LYS YA 34 -22.66 31.88 63.17
N LYS YA 35 -21.94 31.52 64.23
CA LYS YA 35 -22.57 31.16 65.48
C LYS YA 35 -22.09 32.00 66.65
N LYS YA 36 -21.03 32.81 66.49
CA LYS YA 36 -20.37 33.39 67.66
C LYS YA 36 -21.27 34.33 68.43
N ALA YA 37 -21.94 35.25 67.77
CA ALA YA 37 -22.78 36.18 68.51
C ALA YA 37 -24.05 35.47 68.98
N PRO YA 38 -24.64 34.57 68.20
CA PRO YA 38 -25.65 33.69 68.79
C PRO YA 38 -25.14 32.86 69.96
N ASN YA 39 -23.91 32.34 69.90
CA ASN YA 39 -23.40 31.62 71.05
C ASN YA 39 -23.02 32.56 72.19
N ALA YA 40 -22.77 33.83 71.88
CA ALA YA 40 -22.55 34.80 72.96
C ALA YA 40 -23.81 35.00 73.78
N ILE YA 41 -24.97 35.03 73.14
CA ILE YA 41 -26.22 35.11 73.89
C ILE YA 41 -26.38 33.90 74.80
N LYS YA 42 -26.05 32.71 74.31
CA LYS YA 42 -26.22 31.50 75.11
C LYS YA 42 -25.29 31.49 76.31
N GLU YA 43 -24.05 31.99 76.15
CA GLU YA 43 -23.14 32.02 77.28
C GLU YA 43 -23.51 33.11 78.28
N ILE YA 44 -24.11 34.22 77.84
CA ILE YA 44 -24.66 35.16 78.81
C ILE YA 44 -25.72 34.47 79.64
N ARG YA 45 -26.57 33.68 78.98
CA ARG YA 45 -27.65 33.00 79.68
C ARG YA 45 -27.12 31.92 80.62
N LYS YA 46 -26.15 31.12 80.17
CA LYS YA 46 -25.56 30.14 81.07
C LYS YA 46 -24.88 30.81 82.25
N PHE YA 47 -24.19 31.92 81.99
CA PHE YA 47 -23.50 32.65 83.05
C PHE YA 47 -24.47 33.04 84.15
N ALA YA 48 -25.60 33.63 83.78
CA ALA YA 48 -26.53 34.14 84.77
C ALA YA 48 -27.17 33.00 85.56
N GLN YA 49 -27.45 31.88 84.91
CA GLN YA 49 -28.08 30.76 85.59
C GLN YA 49 -27.19 30.26 86.73
N LYS YA 50 -25.90 30.11 86.46
CA LYS YA 50 -24.96 29.77 87.52
C LYS YA 50 -24.74 30.94 88.47
N ALA YA 51 -24.97 32.17 88.00
CA ALA YA 51 -24.70 33.34 88.82
C ALA YA 51 -25.76 33.53 89.90
N MET YA 52 -27.01 33.25 89.59
CA MET YA 52 -28.10 33.45 90.53
C MET YA 52 -28.83 32.17 90.89
N GLY YA 53 -28.40 31.01 90.37
CA GLY YA 53 -29.18 29.82 90.58
C GLY YA 53 -30.58 29.94 90.00
N THR YA 54 -30.69 30.57 88.85
CA THR YA 54 -31.97 30.82 88.20
C THR YA 54 -31.99 30.17 86.82
N ASN YA 55 -32.81 29.14 86.66
CA ASN YA 55 -33.01 28.60 85.32
C ASN YA 55 -33.86 29.51 84.44
N ASP YA 56 -34.21 30.71 84.84
CA ASP YA 56 -34.94 31.63 83.97
C ASP YA 56 -34.17 32.95 83.90
N VAL YA 57 -33.59 33.22 82.73
CA VAL YA 57 -32.77 34.41 82.52
C VAL YA 57 -33.35 35.17 81.35
N ARG YA 58 -33.62 36.45 81.54
CA ARG YA 58 -34.14 37.32 80.51
C ARG YA 58 -33.12 38.40 80.20
N ILE YA 59 -32.73 38.51 78.95
CA ILE YA 59 -31.69 39.43 78.52
C ILE YA 59 -32.34 40.69 77.97
N ASP YA 60 -31.93 41.85 78.49
CA ASP YA 60 -32.52 43.10 78.06
C ASP YA 60 -32.15 43.38 76.61
N VAL YA 61 -33.03 44.09 75.92
CA VAL YA 61 -32.82 44.31 74.49
C VAL YA 61 -31.59 45.18 74.25
N LYS YA 62 -31.25 46.08 75.17
CA LYS YA 62 -30.02 46.84 75.01
C LYS YA 62 -28.78 45.97 75.13
N LEU YA 63 -28.81 44.96 76.01
CA LEU YA 63 -27.70 44.03 76.07
C LEU YA 63 -27.57 43.24 74.78
N ASN YA 64 -28.70 42.86 74.19
CA ASN YA 64 -28.66 42.19 72.90
C ASN YA 64 -28.07 43.09 71.82
N LYS YA 65 -28.45 44.37 71.83
CA LYS YA 65 -27.89 45.29 70.86
C LYS YA 65 -26.38 45.41 71.00
N HIS YA 66 -25.88 45.44 72.24
CA HIS YA 66 -24.45 45.55 72.46
C HIS YA 66 -23.71 44.38 71.85
N ILE YA 67 -24.22 43.16 72.04
CA ILE YA 67 -23.52 41.98 71.57
C ILE YA 67 -23.53 41.89 70.04
N TRP YA 68 -24.49 42.50 69.38
CA TRP YA 68 -24.56 42.40 67.93
C TRP YA 68 -23.92 43.57 67.20
N SER YA 69 -23.38 44.55 67.93
CA SER YA 69 -23.00 45.81 67.30
C SER YA 69 -21.91 45.64 66.26
N SER YA 70 -20.99 44.69 66.46
CA SER YA 70 -19.93 44.41 65.49
C SER YA 70 -20.30 43.25 64.57
N GLY YA 71 -21.58 43.08 64.26
CA GLY YA 71 -22.01 42.04 63.35
C GLY YA 71 -22.22 40.70 64.01
N ILE YA 72 -21.94 39.62 63.30
CA ILE YA 72 -22.15 38.27 63.82
C ILE YA 72 -20.86 37.57 64.28
N ARG YA 73 -19.68 38.00 63.85
CA ARG YA 73 -18.47 37.27 64.21
C ARG YA 73 -17.51 38.03 65.12
N SER YA 74 -17.70 39.33 65.32
CA SER YA 74 -16.92 40.07 66.30
C SER YA 74 -17.83 40.38 67.47
N VAL YA 75 -17.52 39.81 68.61
CA VAL YA 75 -18.33 39.99 69.81
C VAL YA 75 -17.43 40.68 70.83
N PRO YA 76 -17.94 41.57 71.67
CA PRO YA 76 -17.08 42.21 72.66
C PRO YA 76 -16.33 41.17 73.50
N ARG YA 77 -15.07 41.43 73.74
CA ARG YA 77 -14.23 40.45 74.42
C ARG YA 77 -14.52 40.36 75.91
N ARG YA 78 -14.79 41.49 76.55
CA ARG YA 78 -15.40 41.49 77.86
C ARG YA 78 -16.63 42.38 77.86
N VAL YA 79 -17.57 42.05 78.73
CA VAL YA 79 -18.75 42.86 78.95
C VAL YA 79 -18.95 43.03 80.44
N ARG YA 80 -19.33 44.23 80.84
CA ARG YA 80 -19.84 44.51 82.17
C ARG YA 80 -21.36 44.52 82.09
N VAL YA 81 -22.01 43.58 82.77
CA VAL YA 81 -23.46 43.54 82.88
C VAL YA 81 -23.83 43.66 84.35
N ARG YA 82 -25.09 44.01 84.60
CA ARG YA 82 -25.68 43.81 85.91
C ARG YA 82 -26.77 42.76 85.81
N ILE YA 83 -26.78 41.85 86.78
CA ILE YA 83 -27.79 40.81 86.86
C ILE YA 83 -28.63 41.11 88.09
N ALA YA 84 -29.94 41.15 87.92
CA ALA YA 84 -30.85 41.48 89.01
C ALA YA 84 -31.83 40.33 89.18
N ARG YA 85 -31.75 39.64 90.31
CA ARG YA 85 -32.72 38.61 90.63
C ARG YA 85 -34.00 39.26 91.18
N LYS YA 86 -35.14 38.83 90.66
CA LYS YA 86 -36.42 39.42 91.03
C LYS YA 86 -37.47 38.36 91.27
N ARG YA 87 -38.72 38.78 91.43
CA ARG YA 87 -39.83 37.90 91.75
C ARG YA 87 -40.69 37.66 90.51
N ASN YA 88 -41.02 36.40 90.25
CA ASN YA 88 -42.12 36.09 89.33
C ASN YA 88 -43.43 36.40 90.06
N ASP YA 89 -43.77 37.69 90.10
CA ASP YA 89 -45.09 38.07 90.61
C ASP YA 89 -46.21 37.53 89.75
N GLU YA 90 -45.91 37.09 88.53
CA GLU YA 90 -46.89 36.41 87.72
C GLU YA 90 -47.22 35.06 88.35
N GLU YA 91 -48.46 34.92 88.82
CA GLU YA 91 -48.89 33.72 89.53
C GLU YA 91 -48.58 32.44 88.74
N ASP YA 92 -48.85 32.46 87.44
CA ASP YA 92 -48.60 31.32 86.58
C ASP YA 92 -47.15 31.35 86.12
N ALA YA 93 -46.32 30.51 86.73
CA ALA YA 93 -44.91 30.43 86.38
C ALA YA 93 -44.33 29.15 86.94
N LYS YA 94 -43.37 28.58 86.21
CA LYS YA 94 -42.68 27.39 86.71
C LYS YA 94 -41.96 27.69 88.01
N GLU YA 95 -41.26 28.82 88.08
CA GLU YA 95 -40.37 29.08 89.19
C GLU YA 95 -40.66 30.42 89.84
N GLU YA 96 -40.19 30.54 91.09
CA GLU YA 96 -40.48 31.70 91.92
C GLU YA 96 -39.85 32.97 91.36
N LEU YA 97 -38.63 32.87 90.83
CA LEU YA 97 -37.80 34.04 90.58
C LEU YA 97 -37.41 34.09 89.10
N TYR YA 98 -36.94 35.25 88.66
CA TYR YA 98 -36.33 35.37 87.35
C TYR YA 98 -35.14 36.31 87.45
N SER YA 99 -34.34 36.33 86.38
CA SER YA 99 -33.20 37.22 86.27
C SER YA 99 -33.38 38.18 85.11
N LEU YA 100 -32.86 39.38 85.27
CA LEU YA 100 -32.86 40.39 84.22
C LEU YA 100 -31.42 40.84 84.04
N VAL YA 101 -30.80 40.41 82.95
CA VAL YA 101 -29.43 40.78 82.64
C VAL YA 101 -29.45 41.99 81.72
N THR YA 102 -28.78 43.05 82.13
CA THR YA 102 -28.79 44.29 81.36
C THR YA 102 -27.35 44.77 81.19
N VAL YA 103 -27.18 45.69 80.24
CA VAL YA 103 -25.89 46.34 80.06
C VAL YA 103 -25.66 47.31 81.23
N ALA YA 104 -24.40 47.59 81.52
CA ALA YA 104 -24.02 48.36 82.68
C ALA YA 104 -23.04 49.46 82.30
N GLU YA 105 -23.28 50.67 82.79
CA GLU YA 105 -22.33 51.76 82.59
C GLU YA 105 -21.00 51.46 83.29
N VAL YA 106 -19.92 51.97 82.71
CA VAL YA 106 -18.55 51.61 83.08
C VAL YA 106 -17.64 52.84 83.21
N PRO YA 107 -16.75 52.88 84.20
CA PRO YA 107 -15.90 54.07 84.38
C PRO YA 107 -14.82 54.24 83.32
N GLN YA 108 -14.31 55.48 83.24
CA GLN YA 108 -13.23 55.81 82.31
C GLN YA 108 -11.93 55.11 82.65
N GLU YA 109 -11.78 54.62 83.89
CA GLU YA 109 -10.68 53.74 84.21
C GLU YA 109 -10.74 52.46 83.40
N GLY YA 110 -11.89 52.16 82.80
CA GLY YA 110 -12.06 50.96 82.04
C GLY YA 110 -12.51 49.82 82.93
N LEU YA 111 -12.19 48.61 82.48
CA LEU YA 111 -12.40 47.43 83.30
C LEU YA 111 -11.24 47.18 84.26
N LYS YA 112 -10.23 48.04 84.26
CA LYS YA 112 -9.16 47.96 85.25
C LYS YA 112 -9.72 47.86 86.66
N GLY YA 113 -9.44 46.75 87.32
CA GLY YA 113 -9.71 46.62 88.74
C GLY YA 113 -11.15 46.34 89.13
N LEU YA 114 -12.06 46.11 88.19
CA LEU YA 114 -13.45 45.84 88.55
C LEU YA 114 -13.63 44.36 88.88
N GLY YA 115 -13.89 44.06 90.14
CA GLY YA 115 -14.37 42.76 90.53
C GLY YA 115 -15.88 42.72 90.40
N THR YA 116 -16.49 41.83 91.16
CA THR YA 116 -17.95 41.75 91.21
C THR YA 116 -18.46 42.71 92.28
N LYS YA 117 -19.06 43.81 91.86
CA LYS YA 117 -19.66 44.73 92.81
C LYS YA 117 -21.13 44.40 93.02
N VAL YA 118 -21.64 44.75 94.19
CA VAL YA 118 -23.05 44.59 94.53
C VAL YA 118 -23.72 45.95 94.46
N VAL YA 119 -24.83 46.02 93.75
CA VAL YA 119 -25.52 47.30 93.58
C VAL YA 119 -26.33 47.59 94.82
N GLU YA 120 -26.29 48.85 95.26
CA GLU YA 120 -26.99 49.30 96.46
C GLU YA 120 -28.47 48.95 96.45
N ALA ZA 2 -72.40 -54.47 77.90
CA ALA ZA 2 -71.69 -53.70 78.91
C ALA ZA 2 -70.36 -54.36 79.25
N VAL ZA 3 -70.28 -55.67 79.08
CA VAL ZA 3 -69.01 -56.39 79.07
C VAL ZA 3 -68.65 -56.63 77.62
N PRO ZA 4 -67.48 -56.21 77.15
CA PRO ZA 4 -67.12 -56.39 75.74
C PRO ZA 4 -66.69 -57.82 75.44
N LEU ZA 5 -66.97 -58.24 74.21
CA LEU ZA 5 -66.60 -59.59 73.79
C LEU ZA 5 -65.11 -59.76 73.58
N LEU ZA 6 -64.40 -58.68 73.25
CA LEU ZA 6 -63.04 -58.81 72.78
C LEU ZA 6 -62.15 -59.42 73.86
N THR ZA 7 -61.51 -60.53 73.53
CA THR ZA 7 -60.69 -61.29 74.47
C THR ZA 7 -59.25 -61.37 74.00
N ARG ZA 8 -58.74 -60.28 73.46
CA ARG ZA 8 -57.43 -60.26 72.82
C ARG ZA 8 -56.90 -58.84 72.88
N LYS ZA 9 -55.65 -58.69 73.35
CA LYS ZA 9 -55.13 -57.36 73.54
C LYS ZA 9 -54.91 -56.65 72.21
N ILE ZA 10 -55.14 -55.34 72.21
CA ILE ZA 10 -55.02 -54.51 71.02
C ILE ZA 10 -53.56 -54.07 70.90
N VAL ZA 11 -52.90 -54.53 69.85
CA VAL ZA 11 -51.51 -54.16 69.57
C VAL ZA 11 -51.49 -53.14 68.46
N LYS ZA 12 -50.81 -52.02 68.69
CA LYS ZA 12 -50.57 -51.00 67.68
C LYS ZA 12 -49.11 -51.10 67.27
N LYS ZA 13 -48.83 -51.15 65.98
CA LYS ZA 13 -47.43 -51.17 65.58
C LYS ZA 13 -46.81 -49.78 65.56
N ARG ZA 14 -47.62 -48.73 65.61
CA ARG ZA 14 -47.14 -47.35 65.67
C ARG ZA 14 -48.27 -46.50 66.23
N VAL ZA 15 -47.94 -45.60 67.15
CA VAL ZA 15 -48.96 -44.70 67.70
C VAL ZA 15 -48.77 -43.30 67.16
N LYS ZA 16 -47.54 -42.92 66.87
CA LYS ZA 16 -47.29 -41.61 66.27
C LYS ZA 16 -47.93 -41.51 64.90
N HIS ZA 17 -48.23 -40.29 64.48
CA HIS ZA 17 -48.78 -40.09 63.15
C HIS ZA 17 -47.66 -39.99 62.12
N PHE ZA 18 -48.07 -40.10 60.86
CA PHE ZA 18 -47.15 -39.92 59.74
C PHE ZA 18 -47.32 -38.47 59.27
N LYS ZA 19 -46.60 -37.58 59.93
CA LYS ZA 19 -46.63 -36.17 59.56
C LYS ZA 19 -45.93 -35.98 58.22
N ARG ZA 20 -46.33 -34.94 57.49
CA ARG ZA 20 -45.71 -34.69 56.22
C ARG ZA 20 -44.28 -34.17 56.39
N ALA ZA 21 -43.40 -34.61 55.50
CA ALA ZA 21 -42.03 -34.12 55.52
C ALA ZA 21 -42.01 -32.61 55.28
N HIS ZA 22 -41.23 -31.92 56.09
CA HIS ZA 22 -40.97 -30.49 56.01
C HIS ZA 22 -42.18 -29.64 56.40
N SER ZA 23 -43.28 -30.24 56.85
CA SER ZA 23 -44.37 -29.43 57.35
C SER ZA 23 -44.01 -28.75 58.66
N ASP ZA 24 -42.94 -29.20 59.29
CA ASP ZA 24 -42.34 -28.53 60.44
C ASP ZA 24 -41.52 -27.32 60.05
N ARG ZA 25 -41.16 -27.19 58.78
CA ARG ZA 25 -40.29 -26.11 58.34
C ARG ZA 25 -41.06 -24.97 57.73
N TYR ZA 26 -42.19 -25.25 57.10
CA TYR ZA 26 -43.07 -24.24 56.55
C TYR ZA 26 -44.37 -24.21 57.34
N ILE ZA 27 -45.06 -23.07 57.25
CA ILE ZA 27 -46.32 -22.89 57.96
C ILE ZA 27 -47.51 -23.23 57.07
N GLY ZA 28 -47.46 -22.82 55.81
CA GLY ZA 28 -48.52 -23.13 54.89
C GLY ZA 28 -48.58 -24.57 54.45
N LEU ZA 29 -47.61 -25.40 54.84
CA LEU ZA 29 -47.69 -26.82 54.59
C LEU ZA 29 -48.58 -27.47 55.62
N LYS ZA 30 -49.51 -28.30 55.16
CA LYS ZA 30 -50.39 -29.01 56.08
C LYS ZA 30 -49.72 -30.29 56.56
N GLN ZA 31 -50.07 -30.69 57.77
CA GLN ZA 31 -49.46 -31.85 58.41
C GLN ZA 31 -49.96 -33.16 57.84
N SER ZA 32 -51.03 -33.15 57.04
CA SER ZA 32 -51.57 -34.36 56.44
C SER ZA 32 -50.56 -34.99 55.48
N TRP ZA 33 -50.56 -36.31 55.44
CA TRP ZA 33 -49.50 -37.01 54.73
C TRP ZA 33 -49.62 -36.86 53.22
N ARG ZA 34 -48.52 -36.42 52.61
CA ARG ZA 34 -48.35 -36.43 51.16
C ARG ZA 34 -47.07 -37.18 50.86
N ARG ZA 35 -47.12 -38.10 49.91
CA ARG ZA 35 -45.92 -38.86 49.58
C ARG ZA 35 -45.01 -38.03 48.68
N PRO ZA 36 -43.74 -37.87 49.04
CA PRO ZA 36 -42.83 -37.07 48.21
C PRO ZA 36 -42.58 -37.74 46.87
N LYS ZA 37 -42.66 -36.97 45.79
CA LYS ZA 37 -42.41 -37.47 44.45
C LYS ZA 37 -41.11 -36.93 43.87
N GLY ZA 38 -40.32 -36.20 44.65
CA GLY ZA 38 -39.15 -35.55 44.12
C GLY ZA 38 -38.10 -36.55 43.67
N ILE ZA 39 -37.30 -36.12 42.71
CA ILE ZA 39 -36.29 -37.02 42.16
C ILE ZA 39 -35.17 -37.27 43.16
N ASP ZA 40 -34.76 -36.24 43.90
CA ASP ZA 40 -33.67 -36.36 44.87
C ASP ZA 40 -34.18 -36.48 46.29
N SER ZA 41 -35.49 -36.65 46.48
CA SER ZA 41 -36.08 -36.65 47.82
C SER ZA 41 -35.51 -37.76 48.69
N ARG ZA 42 -34.80 -37.40 49.75
CA ARG ZA 42 -34.23 -38.44 50.59
C ARG ZA 42 -35.29 -39.10 51.47
N VAL ZA 43 -36.46 -38.49 51.63
CA VAL ZA 43 -37.57 -39.18 52.28
C VAL ZA 43 -38.10 -40.29 51.38
N ARG ZA 44 -38.26 -40.00 50.09
CA ARG ZA 44 -38.76 -40.99 49.16
C ARG ZA 44 -37.78 -42.15 49.02
N ARG ZA 45 -36.49 -41.85 49.02
CA ARG ZA 45 -35.44 -42.86 48.89
C ARG ZA 45 -35.14 -43.56 50.20
N LYS ZA 46 -35.75 -43.14 51.31
CA LYS ZA 46 -35.72 -43.86 52.59
C LYS ZA 46 -34.33 -43.89 53.22
N PHE ZA 47 -33.62 -42.77 53.23
CA PHE ZA 47 -32.37 -42.72 53.96
C PHE ZA 47 -32.65 -42.82 55.46
N LYS ZA 48 -31.69 -43.34 56.20
CA LYS ZA 48 -31.89 -43.43 57.64
C LYS ZA 48 -31.76 -42.05 58.28
N GLY ZA 49 -32.55 -41.84 59.32
CA GLY ZA 49 -32.60 -40.56 59.99
C GLY ZA 49 -33.59 -39.57 59.42
N CYS ZA 50 -34.32 -39.94 58.39
CA CYS ZA 50 -35.34 -39.10 57.77
C CYS ZA 50 -36.72 -39.60 58.15
N THR ZA 51 -37.71 -38.75 57.89
CA THR ZA 51 -39.09 -39.07 58.25
C THR ZA 51 -39.60 -40.28 57.47
N LEU ZA 52 -40.47 -41.03 58.11
CA LEU ZA 52 -40.92 -42.34 57.64
C LEU ZA 52 -42.14 -42.22 56.74
N MET ZA 53 -42.31 -43.21 55.86
CA MET ZA 53 -43.48 -43.20 55.01
C MET ZA 53 -44.42 -44.36 55.35
N PRO ZA 54 -45.73 -44.15 55.25
CA PRO ZA 54 -46.67 -45.22 55.59
C PRO ZA 54 -46.61 -46.38 54.60
N ASN ZA 55 -46.65 -47.58 55.15
CA ASN ZA 55 -46.64 -48.82 54.37
C ASN ZA 55 -47.81 -49.67 54.79
N ILE ZA 56 -48.15 -50.66 53.96
CA ILE ZA 56 -49.12 -51.65 54.38
C ILE ZA 56 -48.59 -52.51 55.51
N GLY ZA 57 -47.29 -52.56 55.71
CA GLY ZA 57 -46.73 -53.40 56.76
C GLY ZA 57 -47.11 -52.95 58.15
N TYR ZA 58 -47.41 -51.68 58.33
CA TYR ZA 58 -47.80 -51.16 59.63
C TYR ZA 58 -49.20 -51.57 60.03
N GLY ZA 59 -49.96 -52.17 59.12
CA GLY ZA 59 -51.36 -52.46 59.32
C GLY ZA 59 -51.68 -53.30 60.54
N SER ZA 60 -52.66 -52.85 61.31
CA SER ZA 60 -53.04 -53.48 62.56
C SER ZA 60 -53.86 -54.74 62.33
N ASP ZA 61 -53.68 -55.70 63.25
CA ASP ZA 61 -54.38 -56.98 63.25
C ASP ZA 61 -55.84 -56.84 62.87
N LYS ZA 62 -56.28 -57.66 61.93
CA LYS ZA 62 -57.65 -57.56 61.44
C LYS ZA 62 -58.67 -57.88 62.52
N LYS ZA 63 -58.26 -58.60 63.57
CA LYS ZA 63 -59.21 -58.97 64.60
C LYS ZA 63 -59.59 -57.77 65.48
N THR ZA 64 -58.60 -56.99 65.91
CA THR ZA 64 -58.84 -55.89 66.82
C THR ZA 64 -58.77 -54.53 66.12
N ARG ZA 65 -59.25 -54.47 64.89
CA ARG ZA 65 -59.20 -53.26 64.10
C ARG ZA 65 -60.47 -52.46 64.29
N HIS ZA 66 -60.33 -51.15 64.48
CA HIS ZA 66 -61.40 -50.19 64.72
C HIS ZA 66 -62.05 -50.31 66.09
N TYR ZA 67 -61.47 -51.11 66.99
CA TYR ZA 67 -61.94 -51.16 68.36
C TYR ZA 67 -61.36 -49.98 69.13
N LEU ZA 68 -62.22 -49.26 69.85
CA LEU ZA 68 -61.76 -48.19 70.71
C LEU ZA 68 -61.06 -48.78 71.94
N PRO ZA 69 -60.27 -47.97 72.68
CA PRO ZA 69 -59.68 -48.47 73.92
C PRO ZA 69 -60.70 -49.07 74.88
N ASN ZA 70 -61.97 -48.67 74.71
CA ASN ZA 70 -63.08 -49.29 75.42
C ASN ZA 70 -63.25 -50.76 75.08
N LYS ZA 71 -62.69 -51.20 73.96
CA LYS ZA 71 -62.86 -52.55 73.43
C LYS ZA 71 -64.25 -52.75 72.84
N PHE ZA 72 -64.84 -51.65 72.38
CA PHE ZA 72 -66.07 -51.62 71.62
C PHE ZA 72 -65.79 -50.92 70.29
N LYS ZA 73 -66.54 -51.26 69.25
CA LYS ZA 73 -66.47 -50.53 67.99
C LYS ZA 73 -67.61 -49.54 67.91
N LYS ZA 74 -67.33 -48.35 67.40
CA LYS ZA 74 -68.29 -47.26 67.49
C LYS ZA 74 -69.23 -47.24 66.30
N PHE ZA 75 -70.41 -46.67 66.53
CA PHE ZA 75 -71.42 -46.44 65.50
C PHE ZA 75 -72.16 -45.17 65.90
N VAL ZA 76 -72.10 -44.16 65.06
CA VAL ZA 76 -72.66 -42.85 65.40
C VAL ZA 76 -74.16 -42.86 65.14
N VAL ZA 77 -74.94 -42.42 66.13
CA VAL ZA 77 -76.39 -42.39 66.03
C VAL ZA 77 -76.86 -40.94 66.06
N HIS ZA 78 -78.01 -40.71 65.44
CA HIS ZA 78 -78.63 -39.39 65.42
C HIS ZA 78 -79.94 -39.31 66.17
N ASN ZA 79 -80.56 -40.43 66.49
CA ASN ZA 79 -81.86 -40.44 67.13
C ASN ZA 79 -82.04 -41.78 67.84
N VAL ZA 80 -83.16 -41.92 68.54
CA VAL ZA 80 -83.41 -43.13 69.31
C VAL ZA 80 -83.56 -44.34 68.40
N SER ZA 81 -84.16 -44.16 67.22
CA SER ZA 81 -84.35 -45.27 66.31
C SER ZA 81 -83.01 -45.89 65.93
N GLU ZA 82 -82.05 -45.04 65.54
CA GLU ZA 82 -80.74 -45.54 65.17
C GLU ZA 82 -80.03 -46.16 66.36
N LEU ZA 83 -80.35 -45.73 67.58
CA LEU ZA 83 -79.80 -46.38 68.76
C LEU ZA 83 -80.30 -47.81 68.92
N GLU ZA 84 -81.60 -48.03 68.68
CA GLU ZA 84 -82.21 -49.33 68.90
C GLU ZA 84 -81.70 -50.40 67.94
N LEU ZA 85 -80.97 -50.01 66.89
CA LEU ZA 85 -80.26 -50.97 66.06
C LEU ZA 85 -79.11 -51.64 66.77
N LEU ZA 86 -78.65 -51.12 67.91
CA LEU ZA 86 -77.55 -51.74 68.64
C LEU ZA 86 -78.03 -52.63 69.76
N MET ZA 87 -79.32 -52.97 69.79
CA MET ZA 87 -79.85 -53.78 70.89
C MET ZA 87 -79.15 -55.12 71.00
N MET ZA 88 -78.89 -55.77 69.87
CA MET ZA 88 -78.35 -57.12 69.87
C MET ZA 88 -76.85 -57.15 69.63
N HIS ZA 89 -76.21 -55.99 69.63
CA HIS ZA 89 -74.78 -55.90 69.42
C HIS ZA 89 -74.10 -55.21 70.58
N ASN ZA 90 -74.74 -55.21 71.75
CA ASN ZA 90 -74.33 -54.35 72.84
C ASN ZA 90 -72.96 -54.71 73.38
N ARG ZA 91 -72.48 -55.91 73.10
CA ARG ZA 91 -71.18 -56.31 73.61
C ARG ZA 91 -70.07 -56.15 72.58
N THR ZA 92 -70.38 -55.64 71.41
CA THR ZA 92 -69.39 -55.34 70.39
C THR ZA 92 -69.43 -53.90 69.94
N TYR ZA 93 -70.60 -53.29 69.88
CA TYR ZA 93 -70.76 -51.95 69.35
C TYR ZA 93 -71.18 -50.99 70.45
N CYS ZA 94 -70.59 -49.80 70.43
CA CYS ZA 94 -70.97 -48.72 71.32
C CYS ZA 94 -71.50 -47.57 70.48
N ALA ZA 95 -72.59 -46.97 70.94
CA ALA ZA 95 -73.17 -45.84 70.26
C ALA ZA 95 -72.41 -44.57 70.60
N GLU ZA 96 -72.56 -43.57 69.74
CA GLU ZA 96 -72.03 -42.26 70.07
C GLU ZA 96 -72.89 -41.21 69.39
N ILE ZA 97 -73.39 -40.27 70.18
CA ILE ZA 97 -74.31 -39.27 69.66
C ILE ZA 97 -73.58 -38.34 68.71
N ALA ZA 98 -74.22 -38.05 67.58
CA ALA ZA 98 -73.62 -37.19 66.59
C ALA ZA 98 -73.37 -35.79 67.15
N HIS ZA 99 -72.32 -35.15 66.65
CA HIS ZA 99 -71.84 -33.90 67.23
C HIS ZA 99 -72.86 -32.78 67.18
N ASN ZA 100 -73.85 -32.89 66.31
CA ASN ZA 100 -74.86 -31.86 66.12
C ASN ZA 100 -76.25 -32.27 66.59
N VAL ZA 101 -76.32 -33.23 67.50
CA VAL ZA 101 -77.58 -33.61 68.13
C VAL ZA 101 -77.78 -32.75 69.36
N SER ZA 102 -78.94 -32.12 69.46
CA SER ZA 102 -79.20 -31.12 70.48
C SER ZA 102 -79.30 -31.74 71.86
N THR ZA 103 -79.31 -30.89 72.88
CA THR ZA 103 -79.40 -31.36 74.26
C THR ZA 103 -80.70 -32.10 74.51
N LYS ZA 104 -81.81 -31.58 73.98
CA LYS ZA 104 -83.10 -32.25 74.16
C LYS ZA 104 -83.05 -33.67 73.62
N LYS ZA 105 -82.58 -33.83 72.39
CA LYS ZA 105 -82.57 -35.14 71.75
C LYS ZA 105 -81.63 -36.09 72.48
N ARG ZA 106 -80.51 -35.57 72.99
CA ARG ZA 106 -79.51 -36.41 73.66
C ARG ZA 106 -80.05 -37.01 74.93
N LYS ZA 107 -80.87 -36.27 75.67
CA LYS ZA 107 -81.47 -36.83 76.88
C LYS ZA 107 -82.30 -38.05 76.56
N ASP ZA 108 -83.00 -38.03 75.44
CA ASP ZA 108 -83.80 -39.18 75.04
C ASP ZA 108 -82.94 -40.38 74.70
N ILE ZA 109 -81.90 -40.16 73.90
CA ILE ZA 109 -81.02 -41.26 73.50
C ILE ZA 109 -80.38 -41.90 74.72
N VAL ZA 110 -79.95 -41.08 75.68
CA VAL ZA 110 -79.33 -41.59 76.90
C VAL ZA 110 -80.33 -42.39 77.74
N GLU ZA 111 -81.55 -41.88 77.89
CA GLU ZA 111 -82.58 -42.63 78.59
C GLU ZA 111 -82.84 -43.97 77.93
N ARG ZA 112 -82.98 -43.98 76.60
CA ARG ZA 112 -83.27 -45.21 75.90
C ARG ZA 112 -82.08 -46.14 75.87
N ALA ZA 113 -80.88 -45.59 75.69
CA ALA ZA 113 -79.68 -46.41 75.74
C ALA ZA 113 -79.48 -47.03 77.11
N ALA ZA 114 -80.03 -46.40 78.15
CA ALA ZA 114 -79.89 -46.95 79.49
C ALA ZA 114 -80.56 -48.31 79.60
N GLN ZA 115 -81.76 -48.43 79.04
CA GLN ZA 115 -82.52 -49.66 79.20
C GLN ZA 115 -81.95 -50.80 78.38
N LEU ZA 116 -81.52 -50.50 77.16
CA LEU ZA 116 -81.00 -51.50 76.24
C LEU ZA 116 -79.57 -51.90 76.56
N ASP ZA 117 -78.96 -51.24 77.55
CA ASP ZA 117 -77.59 -51.53 77.95
C ASP ZA 117 -76.63 -51.36 76.77
N ILE ZA 118 -76.56 -50.13 76.29
CA ILE ZA 118 -75.70 -49.78 75.17
C ILE ZA 118 -74.64 -48.81 75.66
N VAL ZA 119 -73.37 -49.18 75.47
CA VAL ZA 119 -72.28 -48.31 75.86
C VAL ZA 119 -72.30 -47.06 75.00
N VAL ZA 120 -72.31 -45.90 75.65
CA VAL ZA 120 -72.33 -44.61 74.96
C VAL ZA 120 -71.13 -43.81 75.43
N THR ZA 121 -70.33 -43.33 74.50
CA THR ZA 121 -69.04 -42.74 74.84
C THR ZA 121 -69.06 -41.22 74.96
N ASN ZA 122 -70.19 -40.56 74.72
CA ASN ZA 122 -70.30 -39.13 74.95
C ASN ZA 122 -71.59 -38.84 75.70
N LYS ZA 123 -71.82 -39.58 76.77
CA LYS ZA 123 -73.07 -39.53 77.51
C LYS ZA 123 -73.23 -38.25 78.31
N LEU ZA 124 -72.15 -37.56 78.65
CA LEU ZA 124 -72.23 -36.35 79.47
C LEU ZA 124 -72.18 -35.06 78.67
N ALA ZA 125 -72.02 -35.14 77.35
CA ALA ZA 125 -71.90 -33.92 76.56
C ALA ZA 125 -73.21 -33.16 76.50
N ARG ZA 126 -73.10 -31.83 76.49
CA ARG ZA 126 -74.25 -30.93 76.43
C ARG ZA 126 -75.16 -31.10 77.64
N LEU ZA 127 -74.57 -30.95 78.83
CA LEU ZA 127 -75.28 -31.02 80.11
C LEU ZA 127 -74.30 -30.95 81.26
N THR AB 2 -31.87 18.36 27.03
CA THR AB 2 -31.90 17.00 26.51
C THR AB 2 -33.31 16.47 26.57
N LYS AB 3 -33.51 15.26 26.05
CA LYS AB 3 -34.78 14.59 26.20
C LYS AB 3 -35.05 14.33 27.67
N GLY AB 4 -36.30 14.10 28.01
CA GLY AB 4 -36.60 13.90 29.40
C GLY AB 4 -36.96 15.20 30.08
N THR AB 5 -36.48 15.41 31.30
CA THR AB 5 -36.99 16.50 32.13
C THR AB 5 -36.80 17.85 31.47
N GLY AB 6 -35.63 18.08 30.86
CA GLY AB 6 -35.41 19.36 30.21
C GLY AB 6 -36.38 19.62 29.07
N SER AB 7 -36.73 18.58 28.32
CA SER AB 7 -37.58 18.76 27.15
C SER AB 7 -39.05 18.79 27.52
N PHE AB 8 -39.44 18.18 28.63
CA PHE AB 8 -40.83 18.25 29.06
C PHE AB 8 -41.20 19.62 29.58
N GLY AB 9 -40.23 20.49 29.83
CA GLY AB 9 -40.54 21.82 30.28
C GLY AB 9 -41.07 22.73 29.21
N LYS AB 10 -41.09 22.27 27.96
CA LYS AB 10 -41.44 23.11 26.83
C LYS AB 10 -42.80 22.77 26.25
N ARG AB 11 -43.68 22.16 27.04
CA ARG AB 11 -45.09 22.05 26.66
C ARG AB 11 -45.79 23.36 26.95
N ARG AB 12 -46.13 24.08 25.89
CA ARG AB 12 -46.82 25.36 25.99
C ARG AB 12 -47.89 25.55 24.93
N ASN AB 13 -47.95 24.70 23.92
CA ASN AB 13 -48.77 24.90 22.73
C ASN AB 13 -49.69 23.70 22.57
N LYS AB 14 -50.97 23.95 22.35
CA LYS AB 14 -51.96 22.87 22.32
C LYS AB 14 -52.09 22.32 20.90
N THR AB 15 -51.83 21.02 20.76
CA THR AB 15 -52.11 20.34 19.51
C THR AB 15 -53.60 20.12 19.34
N HIS AB 16 -54.29 19.80 20.42
CA HIS AB 16 -55.71 19.51 20.40
C HIS AB 16 -56.46 20.47 21.31
N THR AB 17 -57.72 20.72 20.98
CA THR AB 17 -58.61 21.45 21.85
C THR AB 17 -59.97 20.78 21.80
N LEU AB 18 -60.95 21.39 22.44
CA LEU AB 18 -62.27 20.77 22.53
C LEU AB 18 -62.95 20.75 21.16
N CYS AB 19 -63.72 19.69 20.93
CA CYS AB 19 -64.42 19.48 19.67
C CYS AB 19 -65.89 19.82 19.84
N ILE AB 20 -66.45 20.56 18.88
CA ILE AB 20 -67.85 20.97 19.06
C ILE AB 20 -68.79 19.78 18.97
N ARG AB 21 -68.46 18.77 18.17
CA ARG AB 21 -69.41 17.70 17.95
C ARG AB 21 -69.37 16.63 19.03
N CYS AB 22 -68.18 16.23 19.49
CA CYS AB 22 -68.12 15.18 20.49
C CYS AB 22 -67.73 15.66 21.87
N GLY AB 23 -67.18 16.86 22.00
CA GLY AB 23 -66.84 17.38 23.29
C GLY AB 23 -65.50 16.96 23.86
N ARG AB 24 -64.76 16.09 23.19
CA ARG AB 24 -63.46 15.63 23.68
C ARG AB 24 -62.34 16.54 23.21
N ARG AB 25 -61.25 16.57 23.98
CA ARG AB 25 -60.08 17.36 23.63
C ARG AB 25 -59.30 16.68 22.51
N SER AB 26 -59.98 16.49 21.37
CA SER AB 26 -59.38 15.78 20.25
C SER AB 26 -59.42 16.56 18.94
N PHE AB 27 -59.78 17.85 18.96
CA PHE AB 27 -59.77 18.64 17.74
C PHE AB 27 -58.36 19.13 17.43
N HIS AB 28 -57.77 18.57 16.38
CA HIS AB 28 -56.43 18.94 15.95
C HIS AB 28 -56.51 20.27 15.22
N LEU AB 29 -55.96 21.32 15.82
CA LEU AB 29 -56.12 22.67 15.29
C LEU AB 29 -55.54 22.82 13.89
N GLN AB 30 -54.29 22.42 13.69
CA GLN AB 30 -53.69 22.62 12.37
C GLN AB 30 -54.36 21.74 11.32
N LYS AB 31 -54.49 20.45 11.61
CA LYS AB 31 -55.18 19.56 10.68
C LYS AB 31 -56.66 19.86 10.62
N SER AB 32 -57.21 20.50 11.64
CA SER AB 32 -58.60 20.96 11.67
C SER AB 32 -59.60 19.81 11.56
N THR AB 33 -59.28 18.67 12.14
CA THR AB 33 -60.20 17.55 12.22
C THR AB 33 -60.07 16.91 13.59
N CYS AB 34 -61.19 16.39 14.08
CA CYS AB 34 -61.20 15.66 15.34
C CYS AB 34 -60.58 14.29 15.14
N SER AB 35 -59.70 13.90 16.04
CA SER AB 35 -59.16 12.55 15.96
C SER AB 35 -60.10 11.52 16.56
N SER AB 36 -61.13 11.93 17.27
CA SER AB 36 -62.05 10.98 17.89
C SER AB 36 -63.25 10.70 17.01
N CYS AB 37 -64.02 11.73 16.67
CA CYS AB 37 -65.27 11.57 15.93
C CYS AB 37 -65.14 11.85 14.45
N GLY AB 38 -64.05 12.47 14.01
CA GLY AB 38 -63.85 12.74 12.62
C GLY AB 38 -64.43 14.03 12.12
N TYR AB 39 -65.08 14.81 12.97
CA TYR AB 39 -65.53 16.13 12.59
C TYR AB 39 -64.37 16.89 11.94
N PRO AB 40 -64.59 17.59 10.82
CA PRO AB 40 -65.83 17.96 10.15
C PRO AB 40 -66.38 16.98 9.14
N ALA AB 41 -65.83 15.77 9.03
CA ALA AB 41 -66.41 14.77 8.16
C ALA AB 41 -67.86 14.49 8.57
N ALA AB 42 -68.74 14.38 7.59
CA ALA AB 42 -70.16 14.21 7.89
C ALA AB 42 -70.42 12.92 8.64
N ARG AB 43 -69.85 11.82 8.17
CA ARG AB 43 -69.95 10.57 8.90
C ARG AB 43 -69.00 10.58 10.10
N ILE AB 44 -69.31 9.74 11.08
CA ILE AB 44 -68.57 9.69 12.33
C ILE AB 44 -67.45 8.65 12.24
N ARG AB 45 -66.33 8.96 12.86
CA ARG AB 45 -65.16 8.09 12.84
C ARG AB 45 -65.35 6.95 13.82
N LYS AB 46 -65.40 5.73 13.33
CA LYS AB 46 -65.49 4.56 14.18
C LYS AB 46 -65.00 3.36 13.40
N TYR AB 47 -64.43 2.40 14.11
CA TYR AB 47 -63.77 1.28 13.48
C TYR AB 47 -64.18 -0.01 14.16
N ASN AB 48 -64.12 -1.11 13.41
CA ASN AB 48 -64.42 -2.42 13.97
C ASN AB 48 -63.20 -3.07 14.61
N TRP AB 49 -62.02 -2.50 14.46
CA TRP AB 49 -60.85 -3.03 15.14
C TRP AB 49 -60.74 -2.54 16.57
N SER AB 50 -61.67 -1.72 17.04
CA SER AB 50 -61.80 -1.35 18.45
C SER AB 50 -63.28 -1.43 18.81
N VAL AB 51 -63.73 -2.60 19.24
CA VAL AB 51 -65.13 -2.71 19.65
C VAL AB 51 -65.35 -1.97 20.95
N LYS AB 52 -64.32 -1.82 21.76
CA LYS AB 52 -64.45 -1.10 23.02
C LYS AB 52 -64.70 0.38 22.80
N ALA AB 53 -64.04 0.98 21.82
CA ALA AB 53 -64.29 2.38 21.51
C ALA AB 53 -65.68 2.59 20.95
N ILE AB 54 -66.20 1.59 20.22
CA ILE AB 54 -67.57 1.68 19.72
C ILE AB 54 -68.56 1.80 20.87
N ARG AB 55 -68.47 0.88 21.84
CA ARG AB 55 -69.45 0.86 22.91
C ARG AB 55 -69.34 2.03 23.86
N ARG AB 56 -68.25 2.79 23.82
CA ARG AB 56 -68.18 3.99 24.60
C ARG AB 56 -69.05 5.11 24.03
N LYS AB 57 -69.54 4.97 22.79
CA LYS AB 57 -70.22 6.09 22.17
C LYS AB 57 -71.40 5.69 21.28
N THR AB 58 -71.97 4.49 21.44
CA THR AB 58 -73.15 4.11 20.66
C THR AB 58 -74.42 4.71 21.22
N THR AB 59 -75.54 4.37 20.57
CA THR AB 59 -76.85 4.76 21.06
C THR AB 59 -77.10 4.13 22.42
N GLY AB 60 -77.71 4.90 23.31
CA GLY AB 60 -78.00 4.46 24.64
C GLY AB 60 -77.02 4.93 25.69
N THR AB 61 -75.82 5.35 25.29
CA THR AB 61 -74.85 5.90 26.23
C THR AB 61 -75.12 7.36 26.56
N GLY AB 62 -76.04 8.00 25.84
CA GLY AB 62 -76.52 9.33 26.18
C GLY AB 62 -77.94 9.30 26.67
N ARG AB 63 -78.69 10.37 26.38
CA ARG AB 63 -80.08 10.49 26.83
C ARG AB 63 -81.05 9.70 25.98
N MET AB 64 -80.82 9.64 24.67
CA MET AB 64 -81.88 9.35 23.69
C MET AB 64 -83.08 10.24 23.96
N ARG AB 65 -82.86 11.54 23.76
CA ARG AB 65 -83.90 12.52 24.00
C ARG AB 65 -85.18 12.16 23.28
N TYR AB 66 -85.08 11.73 22.02
CA TYR AB 66 -86.24 11.43 21.20
C TYR AB 66 -86.53 9.94 21.09
N MET AB 67 -85.51 9.11 20.86
CA MET AB 67 -85.78 7.69 20.66
C MET AB 67 -86.16 6.95 21.94
N ARG AB 68 -86.07 7.61 23.09
CA ARG AB 68 -86.58 7.00 24.31
C ARG AB 68 -88.07 6.74 24.23
N HIS AB 69 -88.82 7.58 23.52
CA HIS AB 69 -90.27 7.49 23.54
C HIS AB 69 -90.85 6.71 22.38
N VAL AB 70 -90.04 6.35 21.38
CA VAL AB 70 -90.57 5.59 20.24
C VAL AB 70 -91.15 4.24 20.65
N PRO AB 71 -90.54 3.48 21.57
CA PRO AB 71 -91.20 2.25 22.01
C PRO AB 71 -92.60 2.48 22.56
N ARG AB 72 -92.80 3.54 23.33
CA ARG AB 72 -94.14 3.81 23.85
C ARG AB 72 -95.08 4.23 22.75
N ARG AB 73 -94.59 4.93 21.74
CA ARG AB 73 -95.45 5.36 20.64
C ARG AB 73 -95.76 4.23 19.68
N PHE AB 74 -94.85 3.26 19.53
CA PHE AB 74 -95.14 2.09 18.70
C PHE AB 74 -96.31 1.30 19.25
N LYS AB 75 -96.24 0.92 20.53
CA LYS AB 75 -97.46 0.52 21.20
C LYS AB 75 -98.40 1.69 21.10
N SER AB 76 -99.68 1.40 20.87
CA SER AB 76 -100.69 2.40 20.56
C SER AB 76 -100.54 2.95 19.16
N ASN AB 77 -99.79 2.26 18.31
CA ASN AB 77 -99.64 2.53 16.88
C ASN AB 77 -99.64 4.02 16.55
N PHE AB 78 -98.80 4.76 17.28
CA PHE AB 78 -98.50 6.15 16.97
C PHE AB 78 -99.77 7.00 16.85
N ARG AB 79 -100.61 6.98 17.90
CA ARG AB 79 -101.87 7.70 17.80
C ARG AB 79 -101.62 9.20 17.86
N GLU AB 80 -102.34 9.96 17.06
CA GLU AB 80 -102.24 11.41 17.08
C GLU AB 80 -103.59 11.95 17.55
N GLY AB 81 -103.58 12.70 18.64
CA GLY AB 81 -104.81 13.12 19.29
C GLY AB 81 -105.75 13.96 18.44
N PRO BB 27 -55.43 31.50 31.02
CA PRO BB 27 -54.94 32.87 30.84
C PRO BB 27 -56.02 33.90 31.12
N SER BB 28 -55.66 35.18 31.16
CA SER BB 28 -56.67 36.22 31.28
C SER BB 28 -57.47 36.36 30.00
N HIS BB 29 -56.81 36.22 28.86
CA HIS BB 29 -57.50 36.10 27.57
C HIS BB 29 -58.04 34.69 27.48
N LYS BB 30 -59.36 34.54 27.58
CA LYS BB 30 -59.98 33.24 27.39
C LYS BB 30 -61.17 33.43 26.47
N THR BB 31 -61.74 32.32 26.01
CA THR BB 31 -62.98 32.38 25.26
C THR BB 31 -64.16 32.16 26.18
N PHE BB 32 -65.33 32.57 25.70
CA PHE BB 32 -66.56 32.38 26.46
C PHE BB 32 -66.84 30.91 26.69
N ARG BB 33 -66.55 30.07 25.70
CA ARG BB 33 -66.80 28.64 25.83
C ARG BB 33 -65.93 28.01 26.92
N ILE BB 34 -64.67 28.40 27.01
CA ILE BB 34 -63.81 27.88 28.07
C ILE BB 34 -64.21 28.47 29.42
N LYS BB 35 -64.59 29.74 29.45
CA LYS BB 35 -65.07 30.34 30.69
C LYS BB 35 -66.34 29.66 31.19
N GLN BB 36 -67.18 29.22 30.27
CA GLN BB 36 -68.42 28.56 30.67
C GLN BB 36 -68.15 27.22 31.32
N LYS BB 37 -67.24 26.43 30.73
CA LYS BB 37 -66.93 25.12 31.29
C LYS BB 37 -66.19 25.23 32.62
N LEU BB 38 -65.33 26.23 32.77
CA LEU BB 38 -64.64 26.42 34.04
C LEU BB 38 -65.61 26.77 35.14
N ALA BB 39 -66.65 27.54 34.80
CA ALA BB 39 -67.67 27.88 35.78
C ALA BB 39 -68.39 26.64 36.31
N LYS BB 40 -68.76 25.72 35.41
CA LYS BB 40 -69.44 24.52 35.83
C LYS BB 40 -68.56 23.64 36.70
N LYS BB 41 -67.26 23.58 36.39
CA LYS BB 41 -66.34 22.78 37.18
C LYS BB 41 -66.29 23.28 38.61
N GLN BB 42 -66.44 24.59 38.81
CA GLN BB 42 -66.45 25.14 40.17
C GLN BB 42 -67.71 24.74 40.92
N ARG BB 43 -68.86 24.80 40.28
CA ARG BB 43 -70.10 24.44 40.95
C ARG BB 43 -70.09 22.98 41.41
N GLN BB 44 -69.20 22.16 40.87
CA GLN BB 44 -69.15 20.75 41.19
C GLN BB 44 -68.13 20.42 42.28
N ASN BB 45 -67.28 21.37 42.70
CA ASN BB 45 -66.35 21.16 43.81
C ASN BB 45 -66.97 21.60 45.12
N ARG BB 46 -67.93 20.81 45.58
CA ARG BB 46 -68.56 21.11 46.86
C ARG BB 46 -68.83 19.80 47.57
N PRO BB 47 -68.68 19.76 48.89
CA PRO BB 47 -69.05 18.56 49.63
C PRO BB 47 -70.55 18.35 49.55
N ILE BB 48 -70.96 17.11 49.68
CA ILE BB 48 -72.37 16.76 49.57
C ILE BB 48 -73.15 17.39 50.72
N PRO BB 49 -74.41 17.75 50.52
CA PRO BB 49 -75.22 18.23 51.64
C PRO BB 49 -75.34 17.18 52.73
N TYR BB 50 -75.41 17.65 53.98
CA TYR BB 50 -75.44 16.72 55.10
C TYR BB 50 -76.70 15.87 55.10
N TRP BB 51 -77.83 16.44 54.65
CA TRP BB 51 -79.09 15.71 54.73
C TRP BB 51 -79.17 14.57 53.74
N ILE BB 52 -78.35 14.57 52.70
CA ILE BB 52 -78.27 13.43 51.79
C ILE BB 52 -77.88 12.18 52.55
N ARG BB 53 -77.02 12.32 53.55
CA ARG BB 53 -76.56 11.22 54.38
C ARG BB 53 -77.67 10.62 55.24
N MET BB 54 -78.82 11.27 55.36
CA MET BB 54 -79.89 10.80 56.23
C MET BB 54 -81.02 10.09 55.51
N ARG BB 55 -81.04 10.16 54.18
CA ARG BB 55 -82.17 9.62 53.43
C ARG BB 55 -82.27 8.10 53.57
N THR BB 56 -83.48 7.59 53.39
CA THR BB 56 -83.70 6.15 53.47
C THR BB 56 -82.93 5.44 52.38
N ASP BB 57 -82.27 4.34 52.74
CA ASP BB 57 -81.50 3.52 51.82
C ASP BB 57 -80.47 4.36 51.08
N ASN BB 58 -79.60 4.99 51.85
CA ASN BB 58 -78.55 5.83 51.30
C ASN BB 58 -77.20 5.14 51.43
N THR BB 59 -76.35 5.35 50.42
CA THR BB 59 -75.02 4.78 50.43
C THR BB 59 -73.93 5.76 50.05
N ILE BB 60 -74.26 7.02 49.76
CA ILE BB 60 -73.25 8.01 49.43
C ILE BB 60 -72.59 8.47 50.71
N ARG BB 61 -71.26 8.40 50.73
CA ARG BB 61 -70.45 8.76 51.89
C ARG BB 61 -69.85 10.15 51.75
N TYR BB 62 -69.26 10.42 50.59
CA TYR BB 62 -68.60 11.67 50.31
C TYR BB 62 -68.68 11.90 48.81
N ASN BB 63 -68.34 13.10 48.37
CA ASN BB 63 -68.21 13.34 46.95
C ASN BB 63 -66.96 12.63 46.46
N ALA BB 64 -67.14 11.63 45.60
CA ALA BB 64 -66.01 10.87 45.09
C ALA BB 64 -65.43 11.47 43.82
N LYS BB 65 -65.78 12.71 43.51
CA LYS BB 65 -65.30 13.36 42.31
C LYS BB 65 -64.69 14.73 42.60
N ARG BB 66 -64.41 15.06 43.85
CA ARG BB 66 -63.86 16.36 44.16
C ARG BB 66 -62.51 16.54 43.48
N ARG BB 67 -62.25 17.75 43.05
CA ARG BB 67 -61.07 18.06 42.27
C ARG BB 67 -60.30 19.19 42.93
N HIS BB 68 -58.97 19.12 42.88
CA HIS BB 68 -58.11 20.19 43.37
C HIS BB 68 -57.20 20.63 42.24
N TRP BB 69 -57.13 21.94 42.03
CA TRP BB 69 -56.45 22.51 40.87
C TRP BB 69 -54.98 22.09 40.80
N ARG BB 70 -54.37 21.75 41.91
CA ARG BB 70 -52.97 21.40 41.88
C ARG BB 70 -52.73 19.90 41.75
N ARG BB 71 -53.77 19.08 41.86
CA ARG BB 71 -53.58 17.64 41.84
C ARG BB 71 -54.06 16.98 40.56
N THR BB 72 -55.18 17.43 40.00
CA THR BB 72 -55.72 16.84 38.79
C THR BB 72 -56.10 17.95 37.84
N LYS BB 73 -55.50 17.96 36.67
CA LYS BB 73 -55.76 18.97 35.68
C LYS BB 73 -56.97 18.61 34.84
N LEU BB 74 -57.67 19.63 34.37
CA LEU BB 74 -58.91 19.43 33.63
C LEU BB 74 -58.67 18.93 32.22
N GLY BB 75 -57.50 19.17 31.64
CA GLY BB 75 -57.25 18.78 30.28
C GLY BB 75 -58.09 19.49 29.27
N PHE BB 76 -58.41 20.76 29.51
CA PHE BB 76 -59.19 21.58 28.59
C PHE BB 76 -59.16 23.05 28.99
N VAL CB 2 -18.53 -49.18 -26.22
CA VAL CB 2 -19.70 -50.00 -26.46
C VAL CB 2 -20.10 -49.95 -27.92
N ASN CB 3 -19.94 -51.07 -28.61
CA ASN CB 3 -20.43 -51.24 -29.96
C ASN CB 3 -21.54 -52.29 -29.96
N VAL CB 4 -22.60 -52.02 -30.71
CA VAL CB 4 -23.74 -52.91 -30.81
C VAL CB 4 -23.92 -53.34 -32.26
N PRO CB 5 -24.24 -54.60 -32.53
CA PRO CB 5 -24.49 -55.02 -33.91
C PRO CB 5 -25.71 -54.34 -34.49
N LYS CB 6 -25.71 -54.21 -35.81
CA LYS CB 6 -26.84 -53.58 -36.50
C LYS CB 6 -28.07 -54.48 -36.55
N THR CB 7 -27.90 -55.79 -36.49
CA THR CB 7 -29.02 -56.72 -36.42
C THR CB 7 -28.76 -57.76 -35.35
N LYS CB 8 -29.83 -58.38 -34.88
CA LYS CB 8 -29.79 -59.26 -33.73
C LYS CB 8 -30.97 -60.20 -33.76
N LYS CB 9 -30.75 -61.47 -33.42
CA LYS CB 9 -31.80 -62.47 -33.33
C LYS CB 9 -32.10 -62.72 -31.86
N THR CB 10 -33.30 -62.31 -31.42
CA THR CB 10 -33.77 -62.54 -30.08
C THR CB 10 -35.26 -62.86 -30.12
N TYR CB 11 -35.81 -63.19 -28.96
CA TYR CB 11 -37.22 -63.47 -28.84
C TYR CB 11 -38.05 -62.28 -29.29
N CYS CB 12 -39.14 -62.58 -29.98
CA CYS CB 12 -40.19 -61.61 -30.26
C CYS CB 12 -41.47 -62.13 -29.63
N LYS CB 13 -42.14 -61.28 -28.87
CA LYS CB 13 -43.31 -61.68 -28.09
C LYS CB 13 -44.62 -61.47 -28.82
N ASN CB 14 -44.60 -61.03 -30.07
CA ASN CB 14 -45.83 -60.84 -30.79
C ASN CB 14 -46.56 -62.17 -30.95
N LYS CB 15 -47.90 -62.10 -30.94
CA LYS CB 15 -48.69 -63.31 -31.09
C LYS CB 15 -48.54 -63.93 -32.47
N GLU CB 16 -48.04 -63.19 -33.44
CA GLU CB 16 -47.76 -63.77 -34.73
C GLU CB 16 -46.32 -64.29 -34.86
N CYS CB 17 -45.44 -63.98 -33.91
CA CYS CB 17 -44.08 -64.54 -33.94
C CYS CB 17 -43.83 -65.50 -32.79
N LYS CB 18 -43.87 -65.01 -31.56
CA LYS CB 18 -43.63 -65.76 -30.34
C LYS CB 18 -42.43 -66.72 -30.46
N LYS CB 19 -41.30 -66.23 -30.97
CA LYS CB 19 -40.08 -67.03 -31.13
C LYS CB 19 -38.94 -66.10 -31.50
N HIS CB 20 -37.72 -66.65 -31.49
CA HIS CB 20 -36.58 -65.89 -32.02
C HIS CB 20 -36.72 -65.60 -33.50
N THR CB 21 -36.54 -64.32 -33.83
CA THR CB 21 -36.53 -63.83 -35.20
C THR CB 21 -35.40 -62.82 -35.29
N LEU CB 22 -35.00 -62.51 -36.52
CA LEU CB 22 -34.02 -61.46 -36.73
C LEU CB 22 -34.64 -60.08 -36.50
N HIS CB 23 -33.93 -59.23 -35.77
CA HIS CB 23 -34.40 -57.91 -35.40
C HIS CB 23 -33.49 -56.83 -35.95
N LYS CB 24 -34.08 -55.66 -36.21
CA LYS CB 24 -33.33 -54.46 -36.59
C LYS CB 24 -33.09 -53.60 -35.36
N VAL CB 25 -31.87 -53.13 -35.19
CA VAL CB 25 -31.44 -52.46 -33.97
C VAL CB 25 -31.21 -50.98 -34.25
N THR CB 26 -32.02 -50.13 -33.63
CA THR CB 26 -31.87 -48.67 -33.65
C THR CB 26 -31.79 -48.18 -32.21
N GLN CB 27 -31.65 -46.87 -32.04
CA GLN CB 27 -31.57 -46.28 -30.72
C GLN CB 27 -32.79 -45.42 -30.42
N TYR CB 28 -33.31 -45.56 -29.21
CA TYR CB 28 -34.36 -44.69 -28.69
C TYR CB 28 -33.93 -43.25 -28.54
N LYS CB 29 -34.82 -42.34 -28.93
CA LYS CB 29 -34.74 -40.92 -28.60
C LYS CB 29 -36.10 -40.44 -28.16
N LYS CB 30 -36.13 -39.57 -27.15
CA LYS CB 30 -37.38 -39.11 -26.56
C LYS CB 30 -38.20 -38.31 -27.56
N GLY CB 31 -39.49 -38.64 -27.67
CA GLY CB 31 -40.37 -37.86 -28.50
C GLY CB 31 -40.59 -36.47 -27.94
N LYS CB 32 -40.75 -35.51 -28.84
CA LYS CB 32 -40.92 -34.13 -28.42
C LYS CB 32 -42.24 -33.97 -27.67
N ASP CB 33 -42.18 -33.21 -26.57
CA ASP CB 33 -43.32 -33.09 -25.68
C ASP CB 33 -44.50 -32.41 -26.36
N SER CB 34 -45.69 -32.95 -26.11
CA SER CB 34 -46.92 -32.39 -26.65
C SER CB 34 -47.46 -31.33 -25.71
N LEU CB 35 -47.98 -30.25 -26.29
CA LEU CB 35 -48.54 -29.18 -25.49
C LEU CB 35 -49.92 -29.52 -24.94
N SER CB 36 -50.53 -30.61 -25.40
CA SER CB 36 -51.87 -30.99 -25.01
C SER CB 36 -51.91 -32.17 -24.06
N ALA CB 37 -50.75 -32.60 -23.54
CA ALA CB 37 -50.74 -33.58 -22.47
C ALA CB 37 -51.33 -32.95 -21.21
N GLN CB 38 -52.12 -33.74 -20.48
CA GLN CB 38 -52.83 -33.21 -19.33
C GLN CB 38 -51.88 -32.61 -18.30
N GLY CB 39 -50.70 -33.20 -18.14
CA GLY CB 39 -49.71 -32.59 -17.27
C GLY CB 39 -49.24 -31.25 -17.77
N LYS CB 40 -49.02 -31.12 -19.08
CA LYS CB 40 -48.64 -29.83 -19.64
C LYS CB 40 -49.77 -28.82 -19.51
N ARG CB 41 -51.00 -29.24 -19.73
CA ARG CB 41 -52.14 -28.33 -19.60
C ARG CB 41 -52.27 -27.84 -18.17
N ARG CB 42 -52.27 -28.75 -17.20
CA ARG CB 42 -52.45 -28.37 -15.82
C ARG CB 42 -51.35 -27.41 -15.38
N TYR CB 43 -50.12 -27.66 -15.80
CA TYR CB 43 -48.99 -26.81 -15.45
C TYR CB 43 -49.11 -25.41 -16.08
N ASP CB 44 -49.48 -25.33 -17.35
CA ASP CB 44 -49.65 -24.03 -17.98
C ASP CB 44 -50.76 -23.23 -17.29
N ARG CB 45 -51.83 -23.89 -16.88
CA ARG CB 45 -52.85 -23.19 -16.12
C ARG CB 45 -52.32 -22.74 -14.78
N LYS CB 46 -51.52 -23.59 -14.13
CA LYS CB 46 -50.97 -23.24 -12.82
C LYS CB 46 -50.00 -22.07 -12.91
N GLN CB 47 -49.26 -21.96 -14.02
CA GLN CB 47 -48.29 -20.88 -14.18
C GLN CB 47 -48.92 -19.53 -14.48
N SER CB 48 -50.12 -19.51 -15.06
CA SER CB 48 -50.71 -18.24 -15.46
C SER CB 48 -50.94 -17.36 -14.26
N GLY CB 49 -50.76 -16.06 -14.44
CA GLY CB 49 -51.04 -15.12 -13.39
C GLY CB 49 -49.84 -14.89 -12.50
N TYR CB 50 -50.08 -14.57 -11.24
CA TYR CB 50 -49.00 -14.21 -10.33
C TYR CB 50 -48.66 -15.37 -9.42
N GLY CB 51 -47.54 -15.22 -8.72
CA GLY CB 51 -47.00 -16.28 -7.88
C GLY CB 51 -45.70 -16.84 -8.39
N GLY CB 52 -45.33 -16.54 -9.64
CA GLY CB 52 -44.05 -16.98 -10.15
C GLY CB 52 -44.01 -18.47 -10.43
N GLN CB 53 -42.80 -19.01 -10.41
CA GLN CB 53 -42.60 -20.43 -10.59
C GLN CB 53 -43.38 -21.20 -9.54
N THR CB 54 -44.15 -22.19 -9.98
CA THR CB 54 -45.03 -22.90 -9.07
C THR CB 54 -44.62 -24.34 -8.84
N LYS CB 55 -43.87 -24.93 -9.74
CA LYS CB 55 -43.34 -26.27 -9.58
C LYS CB 55 -41.84 -26.19 -9.37
N PRO CB 56 -41.23 -27.19 -8.74
CA PRO CB 56 -39.77 -27.17 -8.59
C PRO CB 56 -39.06 -27.30 -9.93
N VAL CB 57 -37.86 -26.75 -9.98
CA VAL CB 57 -36.97 -26.81 -11.14
C VAL CB 57 -35.67 -27.45 -10.68
N PHE CB 58 -35.36 -28.62 -11.22
CA PHE CB 58 -34.19 -29.36 -10.77
C PHE CB 58 -32.90 -28.67 -11.17
N HIS CB 59 -31.90 -28.73 -10.30
CA HIS CB 59 -30.60 -28.11 -10.55
C HIS CB 59 -29.43 -29.03 -10.33
N LYS CB 60 -29.57 -29.99 -9.43
CA LYS CB 60 -28.43 -30.72 -8.87
C LYS CB 60 -28.10 -31.97 -9.68
N LYS CB 61 -27.71 -31.76 -10.93
CA LYS CB 61 -27.32 -32.88 -11.79
C LYS CB 61 -26.05 -33.54 -11.29
N ALA CB 62 -26.04 -34.87 -11.28
CA ALA CB 62 -24.82 -35.60 -10.94
C ALA CB 62 -24.50 -36.68 -11.96
N LYS CB 63 -25.51 -37.26 -12.60
CA LYS CB 63 -25.25 -38.30 -13.59
C LYS CB 63 -24.61 -37.69 -14.82
N THR CB 64 -23.53 -38.30 -15.28
CA THR CB 64 -22.85 -37.88 -16.50
C THR CB 64 -23.13 -38.79 -17.68
N THR CB 65 -24.03 -39.75 -17.53
CA THR CB 65 -24.38 -40.69 -18.58
C THR CB 65 -25.90 -40.88 -18.57
N LYS CB 66 -26.38 -41.66 -19.52
CA LYS CB 66 -27.78 -42.08 -19.58
C LYS CB 66 -27.80 -43.54 -19.96
N LYS CB 67 -28.77 -44.28 -19.43
CA LYS CB 67 -28.96 -45.65 -19.89
C LYS CB 67 -29.48 -45.64 -21.32
N ILE CB 68 -28.74 -46.26 -22.22
CA ILE CB 68 -29.12 -46.29 -23.63
C ILE CB 68 -30.20 -47.33 -23.83
N VAL CB 69 -31.22 -46.99 -24.61
CA VAL CB 69 -32.31 -47.89 -24.94
C VAL CB 69 -32.15 -48.29 -26.39
N LEU CB 70 -32.34 -49.57 -26.68
CA LEU CB 70 -32.29 -50.11 -28.03
C LEU CB 70 -33.70 -50.46 -28.47
N LYS CB 71 -34.09 -50.00 -29.66
CA LYS CB 71 -35.39 -50.29 -30.24
C LYS CB 71 -35.24 -51.41 -31.25
N LEU CB 72 -35.68 -52.60 -30.91
CA LEU CB 72 -35.46 -53.80 -31.71
C LEU CB 72 -36.72 -54.08 -32.51
N GLN CB 73 -36.59 -54.05 -33.82
CA GLN CB 73 -37.71 -54.28 -34.73
C GLN CB 73 -37.49 -55.61 -35.42
N CYS CB 74 -38.32 -56.61 -35.12
CA CYS CB 74 -38.15 -57.87 -35.80
C CYS CB 74 -38.61 -57.74 -37.24
N GLN CB 75 -38.00 -58.55 -38.10
CA GLN CB 75 -38.25 -58.45 -39.53
C GLN CB 75 -39.30 -59.44 -40.02
N SER CB 76 -40.31 -59.73 -39.20
CA SER CB 76 -41.38 -60.61 -39.63
C SER CB 76 -42.75 -60.00 -39.39
N CYS CB 77 -42.90 -59.23 -38.31
CA CYS CB 77 -44.14 -58.52 -38.05
C CYS CB 77 -43.96 -57.02 -37.95
N LYS CB 78 -42.71 -56.54 -37.92
CA LYS CB 78 -42.41 -55.10 -37.90
C LYS CB 78 -42.94 -54.43 -36.64
N HIS CB 79 -42.84 -55.13 -35.51
CA HIS CB 79 -43.15 -54.60 -34.21
C HIS CB 79 -41.87 -54.44 -33.40
N TYR CB 80 -41.86 -53.46 -32.51
CA TYR CB 80 -40.67 -53.15 -31.75
C TYR CB 80 -40.72 -53.75 -30.36
N SER CB 81 -39.53 -54.00 -29.82
CA SER CB 81 -39.33 -54.15 -28.39
C SER CB 81 -38.19 -53.22 -28.01
N GLN CB 82 -38.09 -52.91 -26.73
CA GLN CB 82 -37.11 -51.95 -26.26
C GLN CB 82 -36.42 -52.48 -25.02
N ARG CB 83 -35.09 -52.42 -25.01
CA ARG CB 83 -34.31 -52.90 -23.89
C ARG CB 83 -33.19 -51.93 -23.59
N ALA CB 84 -33.00 -51.64 -22.30
CA ALA CB 84 -31.98 -50.71 -21.87
C ALA CB 84 -30.70 -51.46 -21.53
N ILE CB 85 -29.57 -50.84 -21.83
CA ILE CB 85 -28.27 -51.40 -21.51
C ILE CB 85 -27.59 -50.52 -20.47
N LYS CB 86 -26.47 -50.99 -19.94
CA LYS CB 86 -25.80 -50.29 -18.85
C LYS CB 86 -25.26 -48.94 -19.32
N ARG CB 87 -25.20 -48.01 -18.38
CA ARG CB 87 -24.81 -46.64 -18.68
C ARG CB 87 -23.45 -46.61 -19.33
N CYS CB 88 -23.33 -45.86 -20.42
CA CYS CB 88 -22.08 -45.78 -21.17
C CYS CB 88 -21.89 -44.37 -21.69
N LYS CB 89 -20.62 -43.93 -21.74
CA LYS CB 89 -20.34 -42.62 -22.30
C LYS CB 89 -20.29 -42.65 -23.81
N HIS CB 90 -19.52 -43.57 -24.38
CA HIS CB 90 -19.39 -43.69 -25.82
C HIS CB 90 -20.14 -44.92 -26.31
N PHE CB 91 -20.98 -44.72 -27.32
CA PHE CB 91 -21.88 -45.76 -27.81
C PHE CB 91 -21.87 -45.74 -29.32
N GLU CB 92 -22.09 -46.90 -29.93
CA GLU CB 92 -22.13 -47.00 -31.38
C GLU CB 92 -22.89 -48.24 -31.81
N ILE CB 93 -23.70 -48.09 -32.86
CA ILE CB 93 -24.40 -49.21 -33.49
C ILE CB 93 -23.74 -49.50 -34.83
N GLY CB 94 -23.46 -50.77 -35.08
CA GLY CB 94 -22.94 -51.18 -36.35
C GLY CB 94 -21.54 -50.66 -36.65
N GLY CB 95 -20.80 -50.30 -35.62
CA GLY CB 95 -19.46 -49.78 -35.81
C GLY CB 95 -18.52 -50.86 -36.27
N ASP CB 96 -17.29 -50.46 -36.53
CA ASP CB 96 -16.29 -51.39 -37.01
C ASP CB 96 -15.89 -52.38 -35.93
N LYS CB 97 -15.73 -53.63 -36.33
CA LYS CB 97 -15.57 -54.73 -35.41
C LYS CB 97 -14.17 -54.68 -34.80
N LYS CB 98 -14.00 -55.37 -33.67
CA LYS CB 98 -12.66 -55.52 -33.13
C LYS CB 98 -11.82 -56.35 -34.09
N GLY CB 99 -10.50 -56.16 -34.01
CA GLY CB 99 -9.57 -56.87 -34.86
C GLY CB 99 -9.51 -58.35 -34.55
N PRO DB 2 24.68 -60.62 89.92
CA PRO DB 2 24.26 -62.04 89.91
C PRO DB 2 22.75 -62.20 89.99
N PHE DB 3 22.23 -63.28 89.41
CA PHE DB 3 20.83 -63.67 89.50
C PHE DB 3 20.70 -64.85 90.43
N LYS DB 4 19.47 -65.17 90.80
CA LYS DB 4 19.22 -66.22 91.77
C LYS DB 4 18.30 -67.32 91.28
N ARG DB 5 18.00 -67.37 89.98
CA ARG DB 5 17.11 -68.38 89.42
C ARG DB 5 17.47 -68.54 87.95
N PHE DB 6 17.62 -69.77 87.51
CA PHE DB 6 18.06 -70.06 86.15
C PHE DB 6 17.20 -71.14 85.52
N VAL DB 7 16.99 -71.02 84.21
CA VAL DB 7 16.49 -72.13 83.43
C VAL DB 7 17.64 -73.08 83.17
N GLU DB 8 17.48 -74.32 83.56
CA GLU DB 8 18.56 -75.29 83.48
C GLU DB 8 17.99 -76.67 83.76
N ILE DB 9 18.86 -77.67 83.74
CA ILE DB 9 18.46 -79.05 83.97
C ILE DB 9 18.16 -79.24 85.45
N GLY DB 10 17.01 -79.83 85.74
CA GLY DB 10 16.64 -80.16 87.10
C GLY DB 10 15.92 -79.07 87.84
N ARG DB 11 15.87 -77.86 87.30
CA ARG DB 11 15.13 -76.78 87.94
C ARG DB 11 13.64 -77.09 87.92
N VAL DB 12 12.98 -76.90 89.05
CA VAL DB 12 11.54 -77.11 89.17
C VAL DB 12 10.87 -75.75 89.07
N ALA DB 13 9.84 -75.66 88.23
CA ALA DB 13 9.21 -74.39 87.91
C ALA DB 13 7.70 -74.50 88.04
N LEU DB 14 7.09 -73.47 88.61
CA LEU DB 14 5.65 -73.38 88.70
C LEU DB 14 5.06 -73.10 87.33
N VAL DB 15 3.88 -73.66 87.06
CA VAL DB 15 3.10 -73.33 85.87
C VAL DB 15 2.15 -72.20 86.28
N ASN DB 16 2.44 -70.98 85.83
CA ASN DB 16 1.77 -69.82 86.38
C ASN DB 16 0.68 -69.25 85.47
N TYR DB 17 0.24 -69.99 84.47
CA TYR DB 17 -0.84 -69.51 83.63
C TYR DB 17 -1.43 -70.70 82.88
N GLY DB 18 -2.72 -70.60 82.60
CA GLY DB 18 -3.43 -71.56 81.80
C GLY DB 18 -4.44 -72.37 82.60
N LYS DB 19 -4.88 -73.46 81.98
CA LYS DB 19 -5.78 -74.38 82.63
C LYS DB 19 -5.09 -75.20 83.69
N ASP DB 20 -3.76 -75.27 83.61
CA ASP DB 20 -2.98 -76.14 84.47
C ASP DB 20 -2.28 -75.35 85.58
N TYR DB 21 -2.90 -74.26 86.01
CA TYR DB 21 -2.29 -73.39 86.98
C TYR DB 21 -2.13 -74.07 88.33
N GLY DB 22 -0.92 -73.98 88.89
CA GLY DB 22 -0.67 -74.47 90.21
C GLY DB 22 0.15 -75.73 90.32
N ARG DB 23 0.74 -76.23 89.23
CA ARG DB 23 1.46 -77.50 89.30
C ARG DB 23 2.96 -77.26 89.23
N LEU DB 24 3.72 -78.12 89.90
CA LEU DB 24 5.17 -78.07 89.82
C LEU DB 24 5.62 -78.99 88.69
N VAL DB 25 6.51 -78.51 87.84
CA VAL DB 25 7.10 -79.34 86.81
C VAL DB 25 8.62 -79.20 86.89
N VAL DB 26 9.31 -80.15 86.30
CA VAL DB 26 10.76 -80.21 86.32
C VAL DB 26 11.25 -80.04 84.90
N ILE DB 27 12.11 -79.04 84.69
CA ILE DB 27 12.71 -78.81 83.39
C ILE DB 27 13.75 -79.89 83.15
N VAL DB 28 13.53 -80.68 82.11
CA VAL DB 28 14.39 -81.82 81.79
C VAL DB 28 15.19 -81.64 80.52
N ASP DB 29 14.86 -80.65 79.69
CA ASP DB 29 15.63 -80.25 78.52
C ASP DB 29 14.97 -79.01 77.93
N VAL DB 30 15.78 -78.14 77.36
CA VAL DB 30 15.30 -76.89 76.77
C VAL DB 30 15.35 -77.02 75.26
N VAL DB 31 14.24 -76.71 74.60
CA VAL DB 31 14.16 -76.90 73.16
C VAL DB 31 14.82 -75.73 72.43
N ASP DB 32 14.41 -74.52 72.74
CA ASP DB 32 14.98 -73.32 72.15
C ASP DB 32 14.96 -72.22 73.20
N GLN DB 33 15.14 -70.97 72.76
CA GLN DB 33 15.18 -69.87 73.72
C GLN DB 33 13.82 -69.57 74.34
N ASN DB 34 12.73 -70.09 73.78
CA ASN DB 34 11.39 -69.82 74.27
C ASN DB 34 10.69 -71.01 74.90
N ARG DB 35 11.00 -72.22 74.48
CA ARG DB 35 10.22 -73.40 74.82
C ARG DB 35 11.07 -74.35 75.64
N ALA DB 36 10.44 -74.93 76.65
CA ALA DB 36 11.09 -75.92 77.49
C ALA DB 36 10.40 -77.26 77.29
N LEU DB 37 11.07 -78.31 77.74
CA LEU DB 37 10.51 -79.65 77.85
C LEU DB 37 10.43 -79.98 79.33
N VAL DB 38 9.22 -80.18 79.84
CA VAL DB 38 8.97 -80.24 81.27
C VAL DB 38 8.31 -81.56 81.61
N ASP DB 39 8.77 -82.18 82.69
CA ASP DB 39 8.21 -83.45 83.12
C ASP DB 39 7.98 -83.41 84.62
N ALA DB 40 6.79 -83.86 85.02
CA ALA DB 40 6.34 -84.00 86.40
C ALA DB 40 5.77 -85.40 86.54
N PRO DB 41 5.81 -85.99 87.74
CA PRO DB 41 5.56 -87.43 87.84
C PRO DB 41 4.11 -87.81 87.57
N ASP DB 42 3.23 -86.83 87.43
CA ASP DB 42 1.81 -87.08 87.21
C ASP DB 42 1.39 -86.87 85.77
N MET DB 43 2.30 -86.50 84.89
CA MET DB 43 1.91 -86.00 83.57
C MET DB 43 2.86 -86.49 82.49
N VAL DB 44 2.40 -86.33 81.25
CA VAL DB 44 3.17 -86.76 80.08
C VAL DB 44 4.16 -85.67 79.71
N ARG DB 45 5.44 -86.05 79.64
CA ARG DB 45 6.50 -85.09 79.31
C ARG DB 45 6.21 -84.37 78.02
N CYS DB 46 6.17 -83.05 78.08
CA CYS DB 46 5.72 -82.24 76.98
C CYS DB 46 6.51 -80.94 76.97
N GLN DB 47 6.52 -80.28 75.82
CA GLN DB 47 7.20 -79.00 75.73
C GLN DB 47 6.24 -77.87 76.05
N MET DB 48 6.73 -76.90 76.83
CA MET DB 48 5.97 -75.73 77.23
C MET DB 48 6.80 -74.48 77.03
N ASN DB 49 6.11 -73.37 76.82
CA ASN DB 49 6.80 -72.09 76.67
C ASN DB 49 7.28 -71.58 78.03
N PHE DB 50 8.36 -70.80 77.98
CA PHE DB 50 8.89 -70.20 79.19
C PHE DB 50 8.02 -69.05 79.69
N LYS DB 51 7.12 -68.54 78.86
CA LYS DB 51 6.25 -67.47 79.30
C LYS DB 51 5.19 -67.96 80.27
N ARG DB 52 4.88 -69.25 80.25
CA ARG DB 52 3.83 -69.82 81.08
C ARG DB 52 4.37 -70.50 82.32
N LEU DB 53 5.60 -70.17 82.71
CA LEU DB 53 6.26 -70.81 83.84
C LEU DB 53 6.81 -69.76 84.78
N SER DB 54 7.24 -70.20 85.96
CA SER DB 54 7.91 -69.36 86.93
C SER DB 54 8.96 -70.20 87.65
N LEU DB 55 10.22 -69.82 87.54
CA LEU DB 55 11.28 -70.58 88.19
C LEU DB 55 11.18 -70.42 89.70
N THR DB 56 11.22 -71.54 90.41
CA THR DB 56 11.19 -71.57 91.85
C THR DB 56 12.61 -71.52 92.40
N ASP DB 57 12.77 -71.87 93.67
CA ASP DB 57 14.07 -71.90 94.30
C ASP DB 57 14.64 -73.30 94.42
N ILE DB 58 13.89 -74.32 94.04
CA ILE DB 58 14.27 -75.72 94.24
C ILE DB 58 14.95 -76.28 93.01
N LYS DB 59 15.92 -77.15 93.24
CA LYS DB 59 16.62 -77.87 92.19
C LYS DB 59 16.71 -79.34 92.58
N ILE DB 60 16.75 -80.21 91.58
CA ILE DB 60 17.06 -81.61 91.80
C ILE DB 60 18.18 -82.04 90.87
N ASP DB 61 18.84 -83.12 91.26
CA ASP DB 61 20.18 -83.51 90.80
C ASP DB 61 20.11 -84.67 89.81
N ILE DB 62 19.88 -84.34 88.55
CA ILE DB 62 19.52 -85.33 87.55
C ILE DB 62 20.37 -85.13 86.31
N LYS DB 63 20.18 -86.05 85.36
CA LYS DB 63 20.71 -85.98 84.03
C LYS DB 63 19.70 -85.28 83.13
N ARG DB 64 20.10 -85.03 81.89
CA ARG DB 64 19.13 -84.59 80.89
C ARG DB 64 18.19 -85.75 80.57
N ILE DB 65 16.93 -85.41 80.28
CA ILE DB 65 15.88 -86.38 79.94
C ILE DB 65 15.91 -87.61 80.84
N PRO DB 66 15.49 -87.50 82.10
CA PRO DB 66 15.48 -88.65 83.01
C PRO DB 66 14.52 -89.74 82.54
N LYS DB 67 14.53 -90.83 83.31
CA LYS DB 67 13.47 -91.83 83.25
C LYS DB 67 12.45 -91.51 84.34
N LYS DB 68 11.17 -91.79 84.06
CA LYS DB 68 10.11 -91.46 85.01
C LYS DB 68 10.41 -91.98 86.41
N ALA DB 69 10.90 -93.22 86.51
CA ALA DB 69 11.25 -93.75 87.83
C ALA DB 69 12.38 -92.95 88.45
N THR DB 70 13.40 -92.62 87.65
CA THR DB 70 14.49 -91.79 88.14
C THR DB 70 14.00 -90.40 88.51
N LEU DB 71 13.05 -89.85 87.73
CA LEU DB 71 12.48 -88.57 88.10
C LEU DB 71 11.73 -88.65 89.43
N ILE DB 72 10.84 -89.64 89.56
CA ILE DB 72 10.06 -89.78 90.78
C ILE DB 72 10.98 -89.93 91.97
N LYS DB 73 12.04 -90.70 91.82
CA LYS DB 73 13.02 -90.87 92.89
C LYS DB 73 13.62 -89.54 93.30
N ALA DB 74 14.21 -88.82 92.34
CA ALA DB 74 14.98 -87.63 92.66
C ALA DB 74 14.12 -86.52 93.23
N MET DB 75 12.84 -86.45 92.83
CA MET DB 75 11.92 -85.49 93.43
C MET DB 75 11.81 -85.72 94.94
N GLU DB 76 11.60 -86.97 95.35
CA GLU DB 76 11.44 -87.25 96.76
C GLU DB 76 12.76 -87.12 97.52
N GLU DB 77 13.88 -87.50 96.90
CA GLU DB 77 15.17 -87.42 97.58
C GLU DB 77 15.54 -85.99 97.92
N ALA DB 78 15.20 -85.04 97.05
CA ALA DB 78 15.32 -83.63 97.38
C ALA DB 78 14.12 -83.10 98.13
N ASP DB 79 13.05 -83.90 98.24
CA ASP DB 79 11.81 -83.49 98.90
C ASP DB 79 11.24 -82.22 98.28
N VAL DB 80 10.81 -82.36 97.03
CA VAL DB 80 10.33 -81.21 96.27
C VAL DB 80 8.99 -80.74 96.80
N LYS DB 81 8.04 -81.65 96.98
CA LYS DB 81 6.67 -81.25 97.28
C LYS DB 81 6.58 -80.51 98.61
N THR DB 82 7.11 -81.12 99.67
CA THR DB 82 6.91 -80.57 101.01
C THR DB 82 7.67 -79.26 101.18
N LYS DB 83 8.78 -79.08 100.46
CA LYS DB 83 9.45 -77.78 100.48
C LYS DB 83 8.60 -76.71 99.84
N TRP DB 84 7.99 -77.01 98.69
CA TRP DB 84 7.12 -76.05 98.05
C TRP DB 84 5.93 -75.72 98.94
N GLU DB 85 5.40 -76.72 99.63
CA GLU DB 85 4.16 -76.54 100.38
C GLU DB 85 4.38 -75.69 101.63
N ASN DB 86 5.56 -75.73 102.24
CA ASN DB 86 5.75 -75.01 103.49
C ASN DB 86 6.42 -73.66 103.35
N SER DB 87 7.08 -73.40 102.23
CA SER DB 87 7.63 -72.07 101.99
C SER DB 87 6.51 -71.08 101.69
N SER DB 88 6.81 -69.79 101.92
CA SER DB 88 5.78 -68.77 101.85
C SER DB 88 5.19 -68.65 100.47
N TRP DB 89 6.02 -68.73 99.43
CA TRP DB 89 5.52 -68.64 98.06
C TRP DB 89 4.55 -69.79 97.77
N GLY DB 90 4.96 -71.02 98.10
CA GLY DB 90 4.11 -72.15 97.80
C GLY DB 90 2.95 -72.36 98.73
N LYS DB 91 2.95 -71.69 99.87
CA LYS DB 91 1.84 -71.75 100.82
C LYS DB 91 0.77 -70.73 100.49
N LYS DB 92 1.16 -69.59 99.93
CA LYS DB 92 0.18 -68.62 99.46
C LYS DB 92 -0.79 -69.25 98.48
N LEU DB 93 -0.29 -70.10 97.59
CA LEU DB 93 -1.19 -70.78 96.66
C LEU DB 93 -2.16 -71.67 97.40
N ILE DB 94 -1.66 -72.46 98.35
CA ILE DB 94 -2.49 -73.45 99.02
C ILE DB 94 -3.56 -72.78 99.87
N VAL DB 95 -3.20 -71.74 100.61
CA VAL DB 95 -4.19 -71.07 101.44
C VAL DB 95 -5.26 -70.41 100.58
N GLN DB 96 -4.84 -69.76 99.50
CA GLN DB 96 -5.77 -69.05 98.63
C GLN DB 96 -6.80 -70.01 98.04
N LYS DB 97 -6.42 -71.28 97.86
CA LYS DB 97 -7.40 -72.31 97.55
C LYS DB 97 -8.32 -72.58 98.74
N LYS DB 98 -7.75 -72.75 99.93
CA LYS DB 98 -8.55 -73.08 101.09
C LYS DB 98 -9.52 -71.95 101.46
N ARG DB 99 -9.06 -70.70 101.36
CA ARG DB 99 -9.93 -69.58 101.67
C ARG DB 99 -11.12 -69.55 100.71
N ALA DB 100 -10.91 -70.02 99.49
CA ALA DB 100 -11.98 -70.12 98.52
C ALA DB 100 -13.02 -71.15 98.92
N ALA DB 101 -12.61 -72.20 99.64
CA ALA DB 101 -13.48 -73.32 99.96
C ALA DB 101 -14.16 -73.21 101.31
N LEU DB 102 -14.01 -72.09 102.01
CA LEU DB 102 -14.81 -71.86 103.20
C LEU DB 102 -16.26 -71.67 102.82
N ASN DB 103 -17.14 -72.50 103.37
CA ASN DB 103 -18.56 -72.30 103.19
C ASN DB 103 -19.03 -71.14 104.08
N ASP DB 104 -20.33 -70.85 104.05
CA ASP DB 104 -20.81 -69.65 104.71
C ASP DB 104 -20.64 -69.74 106.22
N PHE DB 105 -20.95 -70.89 106.80
CA PHE DB 105 -20.82 -71.05 108.25
C PHE DB 105 -19.36 -71.00 108.67
N ASP DB 106 -18.45 -71.56 107.87
CA ASP DB 106 -17.03 -71.43 108.15
C ASP DB 106 -16.58 -69.97 108.13
N ARG DB 107 -17.03 -69.21 107.12
CA ARG DB 107 -16.66 -67.80 107.06
C ARG DB 107 -17.19 -67.03 108.25
N PHE DB 108 -18.31 -67.48 108.83
CA PHE DB 108 -18.83 -66.84 110.03
C PHE DB 108 -17.96 -67.13 111.24
N LYS DB 109 -17.55 -68.38 111.42
CA LYS DB 109 -16.75 -68.73 112.58
C LYS DB 109 -15.34 -68.19 112.48
N VAL DB 110 -14.83 -68.00 111.27
CA VAL DB 110 -13.58 -67.24 111.11
C VAL DB 110 -13.83 -65.77 111.43
N MET DB 111 -14.97 -65.24 110.98
CA MET DB 111 -15.32 -63.86 111.27
C MET DB 111 -15.41 -63.63 112.77
N LEU DB 112 -15.90 -64.62 113.52
CA LEU DB 112 -15.87 -64.55 114.97
C LEU DB 112 -14.46 -64.58 115.50
N ALA DB 113 -13.61 -65.47 114.94
CA ALA DB 113 -12.28 -65.64 115.48
C ALA DB 113 -11.45 -64.36 115.39
N LYS DB 114 -11.46 -63.70 114.24
CA LYS DB 114 -10.59 -62.55 114.09
C LYS DB 114 -11.10 -61.33 114.84
N ILE DB 115 -12.40 -61.21 115.09
CA ILE DB 115 -12.88 -60.15 115.97
C ILE DB 115 -12.32 -60.32 117.38
N LYS DB 116 -12.32 -61.56 117.86
CA LYS DB 116 -11.69 -61.83 119.15
C LYS DB 116 -10.19 -61.60 119.10
N ARG DB 117 -9.54 -62.04 118.02
CA ARG DB 117 -8.11 -61.79 117.88
C ARG DB 117 -7.81 -60.32 117.69
N GLY DB 118 -8.67 -59.60 116.96
CA GLY DB 118 -8.47 -58.18 116.81
C GLY DB 118 -8.50 -57.43 118.12
N GLY DB 119 -9.42 -57.80 119.00
CA GLY DB 119 -9.44 -57.22 120.34
C GLY DB 119 -8.18 -57.54 121.12
N ALA DB 120 -7.72 -58.79 121.03
CA ALA DB 120 -6.52 -59.17 121.75
C ALA DB 120 -5.35 -58.26 121.36
N ILE DB 121 -5.18 -58.02 120.06
CA ILE DB 121 -4.05 -57.23 119.60
C ILE DB 121 -4.13 -55.81 120.15
N ARG DB 122 -5.29 -55.18 120.09
CA ARG DB 122 -5.37 -53.78 120.48
C ARG DB 122 -5.11 -53.61 121.97
N GLN DB 123 -5.72 -54.45 122.81
CA GLN DB 123 -5.46 -54.37 124.23
C GLN DB 123 -4.04 -54.81 124.58
N GLU DB 124 -3.50 -55.79 123.86
CA GLU DB 124 -2.07 -56.05 123.94
C GLU DB 124 -1.27 -54.84 123.49
N LEU DB 125 -1.66 -54.21 122.39
CA LEU DB 125 -0.85 -53.13 121.86
C LEU DB 125 -0.95 -51.88 122.72
N ALA DB 126 -2.09 -51.68 123.40
CA ALA DB 126 -2.20 -50.54 124.31
C ALA DB 126 -1.24 -50.67 125.48
N LYS DB 127 -1.11 -51.88 126.04
CA LYS DB 127 -0.25 -52.06 127.21
C LYS DB 127 1.22 -51.77 126.87
N LEU DB 128 1.68 -52.18 125.69
CA LEU DB 128 3.05 -51.84 125.29
C LEU DB 128 3.19 -50.35 125.04
N LYS DB 129 2.19 -49.73 124.40
CA LYS DB 129 2.27 -48.32 124.09
C LYS DB 129 2.35 -47.47 125.36
N LYS DB 130 1.67 -47.90 126.42
CA LYS DB 130 1.71 -47.14 127.67
C LYS DB 130 2.90 -47.55 128.55
N GLU DB 131 3.36 -48.79 128.45
CA GLU DB 131 4.52 -49.21 129.24
C GLU DB 131 5.79 -48.50 128.78
N VAL DB 132 6.05 -48.53 127.48
CA VAL DB 132 7.16 -47.81 126.90
C VAL DB 132 6.78 -46.34 126.76
N ALA DB 133 7.72 -45.44 127.02
CA ALA DB 133 7.45 -44.02 126.88
C ALA DB 133 8.26 -43.42 125.73
N VAL EB 2 -2.68 -81.50 71.53
CA VAL EB 2 -3.69 -80.73 70.82
C VAL EB 2 -3.55 -80.97 69.33
N ALA EB 3 -4.18 -80.09 68.56
CA ALA EB 3 -4.05 -80.16 67.10
C ALA EB 3 -2.74 -79.56 66.67
N PHE EB 4 -2.11 -80.18 65.67
CA PHE EB 4 -1.09 -79.53 64.89
C PHE EB 4 -1.74 -78.84 63.71
N ARG EB 5 -1.31 -77.62 63.43
CA ARG EB 5 -1.82 -76.89 62.28
C ARG EB 5 -1.55 -77.64 60.98
N PHE EB 6 -0.44 -78.36 60.91
CA PHE EB 6 -0.07 -79.11 59.71
C PHE EB 6 0.07 -80.59 60.02
N HIS EB 7 -0.19 -81.42 59.00
CA HIS EB 7 -0.15 -82.86 59.10
C HIS EB 7 0.59 -83.42 57.90
N GLN EB 8 1.32 -84.51 58.13
CA GLN EB 8 2.08 -85.18 57.08
C GLN EB 8 1.27 -86.35 56.55
N TYR EB 9 1.21 -86.48 55.22
CA TYR EB 9 0.35 -87.44 54.57
C TYR EB 9 1.13 -88.23 53.54
N GLN EB 10 0.87 -89.53 53.47
CA GLN EB 10 1.20 -90.27 52.26
C GLN EB 10 0.01 -90.21 51.33
N VAL EB 11 0.24 -89.81 50.10
CA VAL EB 11 -0.82 -89.82 49.09
C VAL EB 11 -0.35 -90.73 47.97
N VAL EB 12 -1.24 -91.62 47.53
CA VAL EB 12 -0.94 -92.63 46.54
C VAL EB 12 -1.91 -92.46 45.37
N GLY EB 13 -1.39 -92.48 44.15
CA GLY EB 13 -2.26 -92.28 43.02
C GLY EB 13 -1.60 -92.72 41.73
N ARG EB 14 -2.41 -92.79 40.69
CA ARG EB 14 -1.94 -93.25 39.39
C ARG EB 14 -2.87 -92.70 38.31
N ALA EB 15 -2.43 -92.84 37.07
CA ALA EB 15 -3.28 -92.53 35.94
C ALA EB 15 -4.45 -93.50 35.87
N LEU EB 16 -5.45 -93.13 35.10
CA LEU EB 16 -6.56 -94.04 34.86
C LEU EB 16 -6.12 -95.18 33.95
N PRO EB 17 -6.61 -96.39 34.18
CA PRO EB 17 -6.35 -97.48 33.24
C PRO EB 17 -6.95 -97.18 31.87
N THR EB 18 -6.10 -97.22 30.85
CA THR EB 18 -6.45 -96.92 29.47
C THR EB 18 -6.60 -98.23 28.69
N PRO EB 19 -7.10 -98.20 27.44
CA PRO EB 19 -7.24 -99.47 26.72
C PRO EB 19 -5.94 -100.19 26.46
N GLY EB 20 -4.82 -99.46 26.48
CA GLY EB 20 -3.53 -100.02 26.80
C GLY EB 20 -3.16 -99.64 28.22
N ASP EB 21 -2.18 -100.36 28.77
CA ASP EB 21 -1.66 -100.10 30.11
C ASP EB 21 -2.76 -100.27 31.17
N GLU EB 22 -3.25 -101.50 31.29
CA GLU EB 22 -4.18 -101.82 32.36
C GLU EB 22 -3.54 -101.70 33.73
N GLN EB 23 -2.22 -101.61 33.81
CA GLN EB 23 -1.50 -101.35 35.05
C GLN EB 23 -0.61 -100.13 34.84
N PRO EB 24 -1.18 -98.93 34.89
CA PRO EB 24 -0.34 -97.73 34.94
C PRO EB 24 0.46 -97.69 36.23
N LYS EB 25 1.47 -96.85 36.22
CA LYS EB 25 2.41 -96.82 37.33
C LYS EB 25 1.89 -95.99 38.49
N ILE EB 26 2.18 -96.44 39.70
CA ILE EB 26 1.67 -95.86 40.93
C ILE EB 26 2.73 -94.96 41.56
N TYR EB 27 2.31 -93.78 41.99
CA TYR EB 27 3.18 -92.76 42.58
C TYR EB 27 2.77 -92.48 44.02
N ARG EB 28 3.75 -92.11 44.84
CA ARG EB 28 3.50 -91.67 46.20
C ARG EB 28 4.30 -90.42 46.52
N MET EB 29 3.78 -89.63 47.46
CA MET EB 29 4.48 -88.49 48.02
C MET EB 29 4.22 -88.40 49.50
N LYS EB 30 5.07 -87.66 50.19
CA LYS EB 30 4.81 -87.22 51.55
C LYS EB 30 4.52 -85.73 51.49
N LEU EB 31 3.33 -85.34 51.87
CA LEU EB 31 2.84 -83.98 51.69
C LEU EB 31 2.49 -83.38 53.03
N TRP EB 32 2.60 -82.06 53.12
CA TRP EB 32 2.16 -81.29 54.27
C TRP EB 32 0.96 -80.43 53.92
N ALA EB 33 -0.08 -80.52 54.74
CA ALA EB 33 -1.29 -79.75 54.53
C ALA EB 33 -2.02 -79.68 55.86
N THR EB 34 -3.08 -78.88 55.90
CA THR EB 34 -3.86 -78.74 57.11
C THR EB 34 -5.04 -79.70 57.19
N ASN EB 35 -5.36 -80.44 56.14
CA ASN EB 35 -6.30 -81.54 56.23
C ASN EB 35 -6.14 -82.45 55.01
N GLU EB 36 -6.94 -83.51 54.96
CA GLU EB 36 -6.88 -84.47 53.86
C GLU EB 36 -7.25 -83.82 52.54
N VAL EB 37 -8.25 -82.94 52.55
CA VAL EB 37 -8.76 -82.35 51.32
C VAL EB 37 -7.70 -81.51 50.66
N ARG EB 38 -6.97 -80.72 51.46
CA ARG EB 38 -5.89 -79.91 50.93
C ARG EB 38 -4.67 -80.75 50.58
N ALA EB 39 -4.55 -81.92 51.21
CA ALA EB 39 -3.48 -82.86 50.86
C ALA EB 39 -3.72 -83.49 49.50
N LYS EB 40 -4.95 -83.89 49.23
CA LYS EB 40 -5.26 -84.48 47.93
C LYS EB 40 -5.10 -83.44 46.82
N SER EB 41 -5.51 -82.21 47.08
CA SER EB 41 -5.40 -81.15 46.08
C SER EB 41 -3.94 -80.88 45.73
N LYS EB 42 -3.06 -80.86 46.72
CA LYS EB 42 -1.65 -80.60 46.44
C LYS EB 42 -0.96 -81.79 45.78
N PHE EB 43 -1.43 -83.01 46.06
CA PHE EB 43 -0.94 -84.16 45.33
C PHE EB 43 -1.15 -83.98 43.83
N TRP EB 44 -2.34 -83.59 43.44
CA TRP EB 44 -2.63 -83.46 42.01
C TRP EB 44 -1.97 -82.23 41.40
N TYR EB 45 -1.42 -81.35 42.24
CA TYR EB 45 -0.59 -80.26 41.73
C TYR EB 45 0.74 -80.78 41.22
N PHE EB 46 1.48 -81.49 42.07
CA PHE EB 46 2.79 -82.00 41.69
C PHE EB 46 2.69 -83.03 40.59
N LEU EB 47 1.64 -83.86 40.60
CA LEU EB 47 1.56 -84.95 39.65
C LEU EB 47 1.10 -84.48 38.27
N ARG EB 48 0.52 -83.28 38.18
CA ARG EB 48 0.30 -82.68 36.88
C ARG EB 48 1.60 -82.10 36.31
N LYS EB 49 2.38 -81.43 37.14
CA LYS EB 49 3.55 -80.71 36.66
C LYS EB 49 4.85 -81.50 36.71
N LEU EB 50 4.91 -82.62 37.43
CA LEU EB 50 6.08 -83.49 37.38
C LEU EB 50 5.85 -84.70 36.48
N LYS EB 51 4.81 -85.47 36.73
CA LYS EB 51 4.60 -86.71 36.00
C LYS EB 51 3.50 -86.60 34.96
N LYS EB 52 2.98 -85.40 34.71
CA LYS EB 52 2.05 -85.16 33.62
C LYS EB 52 0.83 -86.09 33.69
N VAL EB 53 0.22 -86.15 34.87
CA VAL EB 53 -1.07 -86.81 35.05
C VAL EB 53 -2.00 -85.85 35.77
N LYS EB 54 -3.07 -85.45 35.12
CA LYS EB 54 -4.01 -84.53 35.74
C LYS EB 54 -5.02 -85.30 36.60
N LYS EB 55 -5.63 -84.58 37.54
CA LYS EB 55 -6.66 -85.17 38.39
C LYS EB 55 -7.79 -85.76 37.56
N SER EB 56 -8.11 -85.10 36.44
CA SER EB 56 -9.20 -85.59 35.60
C SER EB 56 -8.89 -86.98 35.05
N ASN EB 57 -7.71 -87.16 34.49
CA ASN EB 57 -7.30 -88.42 33.90
C ASN EB 57 -6.62 -89.33 34.91
N GLY EB 58 -6.80 -89.08 36.20
CA GLY EB 58 -6.13 -89.81 37.24
C GLY EB 58 -7.08 -90.48 38.21
N GLN EB 59 -6.49 -91.11 39.22
CA GLN EB 59 -7.23 -91.90 40.18
C GLN EB 59 -6.50 -91.87 41.52
N MET EB 60 -7.26 -91.72 42.59
CA MET EB 60 -6.73 -91.63 43.95
C MET EB 60 -6.84 -93.00 44.60
N LEU EB 61 -5.75 -93.47 45.18
CA LEU EB 61 -5.69 -94.82 45.72
C LEU EB 61 -5.75 -94.85 47.25
N ALA EB 62 -4.89 -94.12 47.93
CA ALA EB 62 -4.86 -94.16 49.38
C ALA EB 62 -4.23 -92.90 49.94
N ILE EB 63 -4.65 -92.53 51.14
CA ILE EB 63 -4.12 -91.37 51.84
C ILE EB 63 -4.10 -91.68 53.32
N ASN EB 64 -2.93 -91.53 53.93
CA ASN EB 64 -2.71 -91.90 55.32
C ASN EB 64 -1.97 -90.76 55.98
N GLU EB 65 -2.25 -90.54 57.26
CA GLU EB 65 -1.54 -89.52 58.02
C GLU EB 65 -0.33 -90.13 58.70
N ILE EB 66 0.80 -89.45 58.60
CA ILE EB 66 2.01 -89.86 59.29
C ILE EB 66 2.08 -89.10 60.60
N PHE EB 67 2.34 -89.82 61.69
CA PHE EB 67 2.47 -89.26 63.02
C PHE EB 67 3.89 -89.45 63.50
N GLU EB 68 4.26 -88.67 64.53
CA GLU EB 68 5.57 -88.79 65.13
C GLU EB 68 5.63 -90.02 66.04
N LYS EB 69 6.73 -90.76 65.95
CA LYS EB 69 6.88 -91.98 66.75
C LYS EB 69 7.10 -91.67 68.22
N ASN EB 70 7.99 -90.72 68.52
CA ASN EB 70 8.36 -90.35 69.89
C ASN EB 70 8.09 -88.86 70.08
N PRO EB 71 6.84 -88.47 70.31
CA PRO EB 71 6.57 -87.05 70.55
C PRO EB 71 7.18 -86.49 71.82
N THR EB 72 7.55 -87.31 72.79
CA THR EB 72 8.06 -86.79 74.05
C THR EB 72 9.53 -86.40 74.03
N THR EB 73 10.26 -86.67 72.96
CA THR EB 73 11.68 -86.34 72.88
C THR EB 73 11.90 -85.18 71.91
N ILE EB 74 13.08 -84.57 72.01
CA ILE EB 74 13.46 -83.44 71.18
C ILE EB 74 14.30 -83.93 70.02
N LYS EB 75 13.87 -83.63 68.80
CA LYS EB 75 14.63 -83.97 67.61
C LYS EB 75 15.06 -82.69 66.89
N ASN EB 76 16.25 -82.71 66.32
CA ASN EB 76 16.66 -81.68 65.40
C ASN EB 76 16.10 -81.99 64.02
N TYR EB 77 15.94 -80.95 63.21
CA TYR EB 77 15.34 -81.17 61.90
C TYR EB 77 15.99 -80.29 60.84
N GLY EB 78 16.06 -80.83 59.64
CA GLY EB 78 16.41 -80.06 58.45
C GLY EB 78 15.26 -80.08 57.46
N ILE EB 79 15.03 -78.95 56.81
CA ILE EB 79 14.00 -78.83 55.79
C ILE EB 79 14.64 -78.18 54.58
N TRP EB 80 14.55 -78.84 53.42
CA TRP EB 80 14.97 -78.28 52.16
C TRP EB 80 13.74 -77.78 51.41
N LEU EB 81 13.71 -76.48 51.15
CA LEU EB 81 12.50 -75.87 50.63
C LEU EB 81 12.84 -75.02 49.42
N ARG EB 82 11.89 -74.97 48.50
CA ARG EB 82 11.91 -74.12 47.32
C ARG EB 82 10.85 -73.04 47.51
N TYR EB 83 11.20 -71.80 47.23
CA TYR EB 83 10.24 -70.73 47.42
C TYR EB 83 10.37 -69.69 46.32
N GLN EB 84 9.36 -68.83 46.25
CA GLN EB 84 9.31 -67.73 45.29
C GLN EB 84 9.41 -66.41 46.04
N SER EB 85 10.28 -65.54 45.56
CA SER EB 85 10.43 -64.20 46.11
C SER EB 85 9.63 -63.21 45.27
N ARG EB 86 9.89 -61.93 45.45
CA ARG EB 86 9.25 -60.95 44.59
C ARG EB 86 9.89 -60.89 43.21
N THR EB 87 11.10 -61.43 43.05
CA THR EB 87 11.80 -61.34 41.77
C THR EB 87 12.42 -62.66 41.34
N GLY EB 88 11.89 -63.80 41.79
CA GLY EB 88 12.40 -65.05 41.27
C GLY EB 88 12.12 -66.21 42.22
N TYR EB 89 12.93 -67.26 42.06
CA TYR EB 89 12.79 -68.50 42.83
C TYR EB 89 14.12 -68.87 43.46
N HIS EB 90 14.05 -69.53 44.60
CA HIS EB 90 15.24 -69.78 45.38
C HIS EB 90 15.12 -71.12 46.08
N ASN EB 91 16.26 -71.64 46.51
CA ASN EB 91 16.34 -72.83 47.35
C ASN EB 91 16.88 -72.42 48.71
N MET EB 92 16.29 -72.93 49.78
CA MET EB 92 16.70 -72.54 51.12
C MET EB 92 16.67 -73.75 52.04
N TYR EB 93 17.64 -73.81 52.95
CA TYR EB 93 17.76 -74.90 53.92
C TYR EB 93 17.65 -74.35 55.32
N LYS EB 94 17.05 -75.14 56.22
CA LYS EB 94 16.71 -74.68 57.55
C LYS EB 94 16.95 -75.76 58.59
N GLU EB 95 17.26 -75.34 59.81
CA GLU EB 95 17.35 -76.21 60.97
C GLU EB 95 16.30 -75.81 62.00
N TYR EB 96 15.67 -76.80 62.62
CA TYR EB 96 14.67 -76.53 63.65
C TYR EB 96 14.75 -77.59 64.73
N ARG EB 97 14.32 -77.20 65.93
CA ARG EB 97 14.26 -78.11 67.06
C ARG EB 97 12.81 -78.19 67.51
N ASP EB 98 12.26 -79.41 67.52
CA ASP EB 98 10.89 -79.60 67.96
C ASP EB 98 10.74 -81.05 68.38
N THR EB 99 9.72 -81.29 69.20
CA THR EB 99 9.42 -82.65 69.62
C THR EB 99 8.71 -83.45 68.53
N THR EB 100 8.01 -82.79 67.61
CA THR EB 100 7.38 -83.47 66.49
C THR EB 100 7.79 -82.77 65.21
N LEU EB 101 7.85 -83.53 64.12
CA LEU EB 101 8.17 -82.91 62.83
C LEU EB 101 7.05 -82.01 62.35
N ASN EB 102 5.81 -82.26 62.79
CA ASN EB 102 4.74 -81.32 62.54
C ASN EB 102 5.07 -79.96 63.14
N GLY EB 103 5.56 -79.95 64.37
CA GLY EB 103 5.96 -78.70 64.98
C GLY EB 103 7.10 -78.03 64.24
N ALA EB 104 8.02 -78.81 63.71
CA ALA EB 104 9.14 -78.25 62.95
C ALA EB 104 8.65 -77.51 61.71
N VAL EB 105 7.67 -78.09 61.00
CA VAL EB 105 7.17 -77.47 59.77
C VAL EB 105 6.44 -76.17 60.09
N GLU EB 106 5.70 -76.13 61.20
CA GLU EB 106 4.91 -74.95 61.52
C GLU EB 106 5.82 -73.76 61.77
N GLN EB 107 6.94 -73.98 62.45
CA GLN EB 107 7.92 -72.92 62.62
C GLN EB 107 8.48 -72.47 61.28
N MET EB 108 8.73 -73.41 60.37
CA MET EB 108 9.34 -73.04 59.09
C MET EB 108 8.44 -72.08 58.32
N TYR EB 109 7.17 -72.43 58.14
CA TYR EB 109 6.26 -71.50 57.47
C TYR EB 109 6.24 -70.16 58.18
N THR EB 110 6.29 -70.17 59.51
CA THR EB 110 6.23 -68.93 60.25
C THR EB 110 7.46 -68.06 59.99
N GLU EB 111 8.65 -68.65 59.99
CA GLU EB 111 9.85 -67.85 59.77
C GLU EB 111 9.99 -67.43 58.33
N MET EB 112 9.40 -68.17 57.38
CA MET EB 112 9.39 -67.70 56.00
C MET EB 112 8.48 -66.49 55.84
N ALA EB 113 7.32 -66.52 56.48
CA ALA EB 113 6.43 -65.38 56.40
C ALA EB 113 6.99 -64.18 57.17
N SER EB 114 7.88 -64.43 58.13
CA SER EB 114 8.45 -63.35 58.94
C SER EB 114 9.72 -62.78 58.32
N ARG EB 115 10.73 -63.62 58.12
CA ARG EB 115 12.03 -63.14 57.67
C ARG EB 115 12.05 -62.82 56.19
N HIS EB 116 11.07 -63.29 55.41
CA HIS EB 116 11.14 -63.15 53.96
C HIS EB 116 9.81 -62.75 53.34
N ARG EB 117 8.75 -62.60 54.12
CA ARG EB 117 7.41 -62.28 53.63
C ARG EB 117 6.92 -63.27 52.59
N VAL EB 118 7.27 -64.54 52.75
CA VAL EB 118 6.85 -65.58 51.81
C VAL EB 118 5.61 -66.26 52.35
N ARG EB 119 4.62 -66.45 51.49
CA ARG EB 119 3.37 -67.07 51.87
C ARG EB 119 3.38 -68.56 51.56
N SER EB 120 2.52 -69.30 52.25
CA SER EB 120 2.45 -70.75 52.05
C SER EB 120 2.18 -71.18 50.62
N PRO EB 121 1.30 -70.53 49.84
CA PRO EB 121 1.14 -70.95 48.44
C PRO EB 121 2.39 -70.76 47.60
N CYS EB 122 3.46 -70.19 48.14
CA CYS EB 122 4.68 -69.97 47.39
C CYS EB 122 5.82 -70.88 47.80
N ILE EB 123 5.64 -71.78 48.76
CA ILE EB 123 6.72 -72.64 49.25
C ILE EB 123 6.45 -74.09 48.86
N GLN EB 124 7.47 -74.75 48.32
CA GLN EB 124 7.45 -76.18 48.07
C GLN EB 124 8.55 -76.82 48.90
N ILE EB 125 8.18 -77.81 49.71
CA ILE EB 125 9.15 -78.52 50.54
C ILE EB 125 9.73 -79.66 49.71
N ILE EB 126 11.02 -79.57 49.41
CA ILE EB 126 11.68 -80.64 48.67
C ILE EB 126 11.86 -81.86 49.56
N LYS EB 127 12.63 -81.70 50.64
CA LYS EB 127 13.08 -82.80 51.47
C LYS EB 127 12.99 -82.40 52.93
N THR EB 128 12.61 -83.34 53.78
CA THR EB 128 12.63 -83.16 55.22
C THR EB 128 13.50 -84.24 55.84
N ALA EB 129 14.09 -83.94 56.99
CA ALA EB 129 14.94 -84.93 57.63
C ALA EB 129 15.05 -84.64 59.11
N THR EB 130 15.46 -85.68 59.86
CA THR EB 130 15.88 -85.54 61.24
C THR EB 130 17.39 -85.59 61.25
N VAL EB 131 18.02 -84.42 61.18
CA VAL EB 131 19.47 -84.31 61.22
C VAL EB 131 19.88 -84.55 62.66
N ASN EB 132 20.57 -85.65 62.92
CA ASN EB 132 21.04 -85.88 64.28
C ASN EB 132 22.03 -84.79 64.65
N PHE EB 133 22.10 -84.48 65.93
CA PHE EB 133 23.13 -83.56 66.36
C PHE EB 133 24.50 -84.18 66.06
N LYS EB 134 25.53 -83.35 66.11
CA LYS EB 134 26.88 -83.58 65.59
C LYS EB 134 26.93 -83.33 64.09
N LEU EB 135 25.79 -83.11 63.43
CA LEU EB 135 25.77 -82.77 62.01
C LEU EB 135 24.87 -81.58 61.70
N CYS EB 136 24.29 -80.96 62.72
CA CYS EB 136 23.48 -79.77 62.51
C CYS EB 136 24.39 -78.62 62.07
N LYS EB 137 23.92 -77.84 61.10
CA LYS EB 137 24.72 -76.80 60.49
C LYS EB 137 24.51 -75.41 61.07
N ARG EB 138 23.25 -75.00 61.27
CA ARG EB 138 22.97 -73.64 61.70
C ARG EB 138 23.46 -73.40 63.12
N ASP EB 139 23.96 -72.19 63.37
CA ASP EB 139 24.55 -71.86 64.66
C ASP EB 139 23.49 -71.78 65.75
N ASN EB 140 22.28 -71.33 65.40
CA ASN EB 140 21.21 -71.25 66.39
C ASN EB 140 20.90 -72.62 66.97
N THR EB 141 20.86 -73.65 66.13
CA THR EB 141 20.53 -74.98 66.59
C THR EB 141 21.66 -75.59 67.40
N LYS EB 142 22.92 -75.23 67.10
CA LYS EB 142 24.05 -75.87 67.76
C LYS EB 142 24.24 -75.38 69.19
N GLN EB 143 23.94 -74.13 69.49
CA GLN EB 143 24.18 -73.63 70.85
C GLN EB 143 23.27 -74.30 71.87
N PHE EB 144 22.27 -75.04 71.44
CA PHE EB 144 21.41 -75.80 72.32
C PHE EB 144 21.85 -77.24 72.43
N HIS EB 145 22.87 -77.65 71.69
CA HIS EB 145 23.46 -78.98 71.83
C HIS EB 145 24.59 -78.91 72.85
N ASN EB 146 24.17 -78.69 74.10
CA ASN EB 146 25.10 -78.44 75.20
C ASN EB 146 24.41 -78.85 76.50
N SER EB 147 24.68 -80.05 76.98
CA SER EB 147 24.41 -80.31 78.39
C SER EB 147 25.12 -79.25 79.21
N LYS EB 148 24.61 -79.02 80.43
CA LYS EB 148 24.90 -77.91 81.36
C LYS EB 148 24.33 -76.61 80.81
N ILE EB 149 23.47 -76.67 79.79
CA ILE EB 149 22.71 -75.51 79.37
C ILE EB 149 22.13 -74.79 80.58
N LYS EB 150 22.36 -73.49 80.65
CA LYS EB 150 21.83 -72.67 81.74
C LYS EB 150 21.72 -71.24 81.24
N PHE EB 151 20.56 -70.62 81.46
CA PHE EB 151 20.39 -69.21 81.17
C PHE EB 151 19.22 -68.69 81.97
N PRO EB 152 19.18 -67.38 82.22
CA PRO EB 152 18.03 -66.79 82.90
C PRO EB 152 16.89 -66.51 81.93
N LEU EB 153 15.76 -66.13 82.48
CA LEU EB 153 14.64 -65.63 81.69
C LEU EB 153 14.73 -64.11 81.67
N VAL EB 154 15.23 -63.57 80.58
CA VAL EB 154 15.38 -62.11 80.50
C VAL EB 154 14.07 -61.41 80.16
N TYR EB 155 13.13 -62.08 79.53
CA TYR EB 155 11.80 -61.54 79.31
C TYR EB 155 10.78 -62.44 80.00
N GLN EB 156 9.91 -61.83 80.80
CA GLN EB 156 8.95 -62.58 81.61
C GLN EB 156 7.64 -61.82 81.68
N LYS EB 157 6.58 -62.45 81.22
CA LYS EB 157 5.27 -61.81 81.18
C LYS EB 157 4.70 -61.68 82.59
N VAL EB 158 4.19 -60.50 82.91
CA VAL EB 158 3.50 -60.26 84.17
C VAL EB 158 2.01 -60.29 83.86
N ARG EB 159 1.31 -61.28 84.39
CA ARG EB 159 -0.09 -61.47 84.05
C ARG EB 159 -0.74 -62.38 85.08
N PRO EB 160 -2.02 -62.19 85.38
CA PRO EB 160 -2.71 -63.05 86.33
C PRO EB 160 -2.85 -64.46 85.78
N PRO EB 161 -3.16 -65.44 86.62
CA PRO EB 161 -3.40 -66.79 86.10
C PRO EB 161 -4.56 -66.85 85.12
N THR EB 162 -5.61 -66.08 85.39
CA THR EB 162 -6.82 -66.03 84.57
C THR EB 162 -7.30 -64.59 84.54
N ARG EB 163 -8.20 -64.29 83.62
CA ARG EB 163 -8.72 -62.94 83.56
C ARG EB 163 -9.63 -62.63 84.75
N LYS EB 164 -10.08 -63.65 85.47
CA LYS EB 164 -10.92 -63.45 86.64
C LYS EB 164 -10.24 -62.51 87.64
N LEU EB 165 -8.92 -62.57 87.73
CA LEU EB 165 -8.16 -61.82 88.70
C LEU EB 165 -7.60 -60.53 88.14
N LYS EB 166 -8.01 -60.15 86.93
CA LYS EB 166 -7.64 -58.86 86.37
C LYS EB 166 -8.29 -57.73 87.14
N THR EB 167 -7.52 -56.67 87.36
CA THR EB 167 -7.99 -55.40 87.89
C THR EB 167 -7.60 -54.31 86.89
N THR EB 168 -7.96 -53.07 87.20
CA THR EB 168 -7.40 -51.95 86.47
C THR EB 168 -6.35 -51.22 87.27
N TYR EB 169 -6.52 -51.14 88.58
CA TYR EB 169 -5.63 -50.41 89.46
C TYR EB 169 -4.91 -51.38 90.39
N LYS EB 170 -3.74 -51.00 90.85
CA LYS EB 170 -3.02 -51.79 91.83
C LYS EB 170 -2.32 -50.88 92.81
N ALA EB 171 -2.14 -51.36 94.03
CA ALA EB 171 -1.53 -50.53 95.06
C ALA EB 171 -0.05 -50.30 94.79
N THR EB 172 0.68 -51.37 94.50
CA THR EB 172 2.12 -51.31 94.36
C THR EB 172 2.53 -51.67 92.95
N ARG EB 173 3.75 -51.30 92.60
CA ARG EB 173 4.28 -51.61 91.30
C ARG EB 173 4.62 -53.09 91.24
N PRO EB 174 4.59 -53.70 90.06
CA PRO EB 174 4.93 -55.12 89.97
C PRO EB 174 6.39 -55.34 90.31
N ASN EB 175 6.68 -56.48 90.92
CA ASN EB 175 7.99 -56.75 91.50
C ASN EB 175 8.68 -57.85 90.68
N LEU EB 176 9.71 -57.47 89.94
CA LEU EB 176 10.30 -58.31 88.91
C LEU EB 176 11.79 -58.51 89.15
N PHE EB 177 12.28 -59.72 88.88
CA PHE EB 177 13.70 -60.00 89.04
C PHE EB 177 14.05 -61.32 88.38
N MET EB 178 15.06 -61.29 87.53
CA MET EB 178 15.44 -62.42 86.69
C MET EB 178 16.81 -62.97 87.05
N GLY FB 19 -29.31 94.92 50.20
CA GLY FB 19 -30.29 93.92 50.54
C GLY FB 19 -30.24 93.52 52.01
N SER FB 20 -30.37 94.50 52.90
CA SER FB 20 -30.04 94.31 54.30
C SER FB 20 -31.03 93.39 55.01
N VAL FB 21 -31.02 92.11 54.62
CA VAL FB 21 -31.94 91.13 55.19
C VAL FB 21 -31.64 90.94 56.67
N SER FB 22 -32.62 90.39 57.38
CA SER FB 22 -32.46 90.20 58.82
C SER FB 22 -33.24 88.98 59.27
N PHE FB 23 -32.57 88.10 60.02
CA PHE FB 23 -33.15 86.83 60.45
C PHE FB 23 -33.43 86.89 61.95
N VAL FB 24 -34.57 86.37 62.37
CA VAL FB 24 -35.03 86.48 63.75
C VAL FB 24 -35.16 85.08 64.35
N ILE FB 25 -34.68 84.93 65.57
CA ILE FB 25 -34.96 83.76 66.39
C ILE FB 25 -35.95 84.18 67.47
N ASP FB 26 -37.09 83.50 67.52
CA ASP FB 26 -38.19 83.83 68.42
C ASP FB 26 -38.16 82.84 69.57
N CYS FB 27 -37.93 83.34 70.79
CA CYS FB 27 -37.73 82.47 71.93
C CYS FB 27 -38.72 82.77 73.05
N THR FB 28 -39.94 83.17 72.69
CA THR FB 28 -40.92 83.57 73.70
C THR FB 28 -41.16 82.47 74.72
N LYS FB 29 -41.51 81.27 74.25
CA LYS FB 29 -41.76 80.15 75.16
C LYS FB 29 -40.54 79.73 75.97
N PRO FB 30 -39.40 79.37 75.38
CA PRO FB 30 -38.31 78.82 76.20
C PRO FB 30 -37.77 79.79 77.23
N VAL FB 31 -37.94 81.10 77.03
CA VAL FB 31 -37.41 82.06 77.98
C VAL FB 31 -38.39 82.44 79.08
N GLU FB 32 -39.68 82.12 78.92
CA GLU FB 32 -40.61 82.39 80.01
C GLU FB 32 -40.76 81.18 80.93
N ASP FB 33 -40.52 79.97 80.42
CA ASP FB 33 -40.36 78.82 81.30
C ASP FB 33 -38.96 78.71 81.88
N LYS FB 34 -38.01 79.53 81.40
CA LYS FB 34 -36.67 79.61 81.96
C LYS FB 34 -35.93 78.27 81.87
N ILE FB 35 -35.87 77.73 80.66
CA ILE FB 35 -35.03 76.56 80.38
C ILE FB 35 -33.68 76.93 79.80
N MET FB 36 -33.52 78.15 79.30
CA MET FB 36 -32.23 78.58 78.79
C MET FB 36 -32.07 80.05 79.10
N GLU FB 37 -31.13 80.68 78.41
CA GLU FB 37 -30.86 82.10 78.47
C GLU FB 37 -30.71 82.60 77.05
N ILE FB 38 -31.00 83.89 76.85
CA ILE FB 38 -30.79 84.48 75.53
C ILE FB 38 -29.39 85.05 75.38
N ALA FB 39 -28.79 85.51 76.47
CA ALA FB 39 -27.41 85.98 76.40
C ALA FB 39 -26.48 84.86 75.95
N SER FB 40 -26.66 83.66 76.50
CA SER FB 40 -25.81 82.53 76.10
C SER FB 40 -25.97 82.24 74.62
N LEU FB 41 -27.19 82.34 74.10
CA LEU FB 41 -27.38 82.25 72.66
C LEU FB 41 -26.59 83.35 71.95
N GLU FB 42 -26.59 84.57 72.50
CA GLU FB 42 -26.07 85.71 71.76
C GLU FB 42 -24.60 85.53 71.46
N LYS FB 43 -23.80 85.14 72.46
CA LYS FB 43 -22.38 84.88 72.22
C LYS FB 43 -22.19 83.70 71.27
N PHE FB 44 -22.93 82.62 71.47
CA PHE FB 44 -22.75 81.45 70.62
C PHE FB 44 -22.96 81.80 69.16
N LEU FB 45 -24.00 82.58 68.85
CA LEU FB 45 -24.16 83.08 67.50
C LEU FB 45 -23.03 84.03 67.13
N GLN FB 46 -22.60 84.88 68.07
CA GLN FB 46 -21.51 85.80 67.79
C GLN FB 46 -20.19 85.07 67.59
N GLU FB 47 -20.04 83.90 68.22
CA GLU FB 47 -18.82 83.11 68.04
C GLU FB 47 -18.84 82.35 66.72
N ARG FB 48 -19.81 81.45 66.55
CA ARG FB 48 -19.72 80.40 65.56
C ARG FB 48 -19.88 80.90 64.13
N ILE FB 49 -20.57 82.02 63.91
CA ILE FB 49 -20.96 82.41 62.57
C ILE FB 49 -19.71 82.66 61.72
N LYS FB 50 -19.71 82.10 60.53
CA LYS FB 50 -18.65 82.30 59.54
C LYS FB 50 -19.20 83.16 58.42
N VAL FB 51 -18.52 84.23 58.09
CA VAL FB 51 -18.95 85.08 56.99
C VAL FB 51 -18.27 84.59 55.72
N ALA FB 52 -19.00 84.64 54.61
CA ALA FB 52 -18.59 84.05 53.33
C ALA FB 52 -17.11 84.26 53.08
N GLY FB 53 -16.42 83.16 52.77
CA GLY FB 53 -14.97 83.12 52.67
C GLY FB 53 -14.33 82.30 53.76
N GLY FB 54 -14.89 82.34 54.97
CA GLY FB 54 -14.56 81.35 55.98
C GLY FB 54 -13.62 81.79 57.08
N LYS FB 55 -14.18 82.10 58.25
CA LYS FB 55 -13.43 82.16 59.49
C LYS FB 55 -14.38 82.27 60.67
N ALA FB 56 -14.21 81.42 61.68
CA ALA FB 56 -15.05 81.46 62.87
C ALA FB 56 -14.56 82.53 63.83
N GLY FB 57 -15.48 83.34 64.33
CA GLY FB 57 -15.13 84.43 65.21
C GLY FB 57 -14.67 85.69 64.51
N ASN FB 58 -14.69 85.73 63.18
CA ASN FB 58 -14.38 86.94 62.42
C ASN FB 58 -15.69 87.56 61.96
N LEU FB 59 -16.36 88.21 62.90
CA LEU FB 59 -17.72 88.72 62.69
C LEU FB 59 -17.66 90.23 62.45
N GLY FB 60 -17.11 90.61 61.29
CA GLY FB 60 -16.68 91.98 61.07
C GLY FB 60 -17.63 92.99 60.46
N ASP FB 61 -18.77 93.24 61.10
CA ASP FB 61 -19.79 94.20 60.65
C ASP FB 61 -20.41 93.84 59.31
N SER FB 62 -19.96 92.76 58.70
CA SER FB 62 -20.71 92.22 57.57
C SER FB 62 -22.05 91.66 58.04
N VAL FB 63 -22.13 91.31 59.33
CA VAL FB 63 -23.32 90.74 59.92
C VAL FB 63 -23.40 91.21 61.37
N THR FB 64 -24.61 91.32 61.90
CA THR FB 64 -24.83 91.84 63.23
C THR FB 64 -25.81 90.93 63.96
N VAL FB 65 -25.68 90.86 65.27
CA VAL FB 65 -26.63 90.17 66.14
C VAL FB 65 -27.02 91.09 67.27
N THR FB 66 -28.32 91.21 67.52
CA THR FB 66 -28.86 92.02 68.59
C THR FB 66 -30.00 91.23 69.22
N ARG FB 67 -30.19 91.43 70.52
CA ARG FB 67 -31.21 90.72 71.27
C ARG FB 67 -32.09 91.72 72.00
N ASP FB 68 -33.37 91.37 72.13
CA ASP FB 68 -34.35 92.24 72.78
C ASP FB 68 -35.04 91.52 73.93
N LYS FB 69 -34.31 90.62 74.60
CA LYS FB 69 -34.71 89.98 75.84
C LYS FB 69 -35.78 88.92 75.61
N SER FB 70 -36.32 88.85 74.38
CA SER FB 70 -37.15 87.72 74.00
C SER FB 70 -36.96 87.27 72.55
N LYS FB 71 -36.15 87.97 71.76
CA LYS FB 71 -35.89 87.61 70.37
C LYS FB 71 -34.45 87.98 70.03
N VAL FB 72 -33.96 87.39 68.94
CA VAL FB 72 -32.67 87.75 68.38
C VAL FB 72 -32.86 88.15 66.92
N THR FB 73 -32.30 89.29 66.53
CA THR FB 73 -32.36 89.77 65.17
C THR FB 73 -30.96 89.81 64.58
N VAL FB 74 -30.79 89.17 63.43
CA VAL FB 74 -29.48 89.04 62.79
C VAL FB 74 -29.53 89.74 61.44
N THR FB 75 -28.78 90.83 61.30
CA THR FB 75 -28.73 91.57 60.06
C THR FB 75 -27.41 91.27 59.36
N SER FB 76 -27.45 91.25 58.03
CA SER FB 76 -26.21 91.04 57.27
C SER FB 76 -26.20 91.96 56.06
N ASP FB 77 -25.04 92.57 55.82
CA ASP FB 77 -24.88 93.51 54.72
C ASP FB 77 -24.71 92.82 53.37
N GLY FB 78 -24.27 91.58 53.34
CA GLY FB 78 -24.08 90.87 52.09
C GLY FB 78 -25.10 89.77 51.91
N ALA FB 79 -24.68 88.53 52.09
CA ALA FB 79 -25.57 87.39 51.98
C ALA FB 79 -25.43 86.51 53.20
N PHE FB 80 -26.55 85.93 53.62
CA PHE FB 80 -26.62 85.05 54.78
C PHE FB 80 -27.88 84.24 54.57
N SER FB 81 -27.88 82.99 55.05
CA SER FB 81 -28.94 82.04 54.74
C SER FB 81 -29.67 81.65 56.01
N LYS FB 82 -31.01 81.73 55.96
CA LYS FB 82 -31.83 81.38 57.10
C LYS FB 82 -31.58 79.95 57.55
N ARG FB 83 -31.37 79.04 56.60
CA ARG FB 83 -31.05 77.67 56.93
C ARG FB 83 -29.81 77.57 57.80
N TYR FB 84 -28.88 78.49 57.61
CA TYR FB 84 -27.64 78.46 58.37
C TYR FB 84 -27.86 78.74 59.85
N LEU FB 85 -28.80 79.63 60.19
CA LEU FB 85 -29.11 79.81 61.60
C LEU FB 85 -29.81 78.60 62.19
N LYS FB 86 -30.68 77.94 61.42
CA LYS FB 86 -31.28 76.70 61.92
C LYS FB 86 -30.22 75.68 62.26
N TYR FB 87 -29.19 75.58 61.43
CA TYR FB 87 -28.04 74.75 61.75
C TYR FB 87 -27.33 75.24 63.00
N LEU FB 88 -27.15 76.56 63.12
CA LEU FB 88 -26.44 77.09 64.27
C LEU FB 88 -27.25 76.94 65.56
N THR FB 89 -28.56 77.16 65.48
CA THR FB 89 -29.38 77.10 66.69
C THR FB 89 -29.57 75.67 67.16
N LYS FB 90 -29.65 74.73 66.23
CA LYS FB 90 -29.68 73.32 66.62
C LYS FB 90 -28.34 72.89 67.21
N LYS FB 91 -27.24 73.42 66.70
CA LYS FB 91 -25.95 73.19 67.36
C LYS FB 91 -25.96 73.76 68.77
N TYR FB 92 -26.54 74.95 68.94
CA TYR FB 92 -26.61 75.56 70.27
C TYR FB 92 -27.35 74.65 71.23
N LEU FB 93 -28.53 74.16 70.83
CA LEU FB 93 -29.38 73.41 71.75
C LEU FB 93 -28.73 72.09 72.16
N LYS FB 94 -28.02 71.45 71.24
CA LYS FB 94 -27.32 70.21 71.60
C LYS FB 94 -26.22 70.48 72.61
N LYS FB 95 -25.50 71.59 72.44
CA LYS FB 95 -24.41 71.89 73.36
C LYS FB 95 -24.92 72.10 74.77
N HIS FB 96 -25.92 72.96 74.94
CA HIS FB 96 -26.57 73.13 76.22
C HIS FB 96 -27.56 72.03 76.52
N ASN FB 97 -27.48 70.96 75.73
CA ASN FB 97 -27.94 69.64 76.10
C ASN FB 97 -29.45 69.60 76.31
N VAL FB 98 -30.22 70.31 75.50
CA VAL FB 98 -31.64 70.01 75.57
C VAL FB 98 -32.12 69.20 74.36
N ARG FB 99 -32.35 69.84 73.21
CA ARG FB 99 -32.87 69.18 72.01
C ARG FB 99 -34.07 68.28 72.24
N ASP FB 100 -34.51 68.13 73.48
CA ASP FB 100 -35.40 67.02 73.74
C ASP FB 100 -36.84 67.49 73.77
N TRP FB 101 -37.10 68.60 74.44
CA TRP FB 101 -38.40 69.25 74.37
C TRP FB 101 -38.47 70.28 73.27
N LEU FB 102 -37.46 71.12 73.12
CA LEU FB 102 -37.51 72.26 72.20
C LEU FB 102 -37.02 71.86 70.82
N ARG FB 103 -37.72 72.35 69.79
CA ARG FB 103 -37.44 72.05 68.40
C ARG FB 103 -37.59 73.33 67.59
N VAL FB 104 -36.71 73.51 66.60
CA VAL FB 104 -36.59 74.77 65.86
C VAL FB 104 -37.50 74.70 64.64
N ILE FB 105 -38.55 75.52 64.62
CA ILE FB 105 -39.60 75.40 63.62
C ILE FB 105 -39.97 76.79 63.13
N ALA FB 106 -40.41 76.88 61.88
CA ALA FB 106 -40.44 78.13 61.15
C ALA FB 106 -41.81 78.41 60.55
N ALA FB 107 -42.85 78.41 61.38
CA ALA FB 107 -44.21 78.55 60.86
C ALA FB 107 -44.44 79.93 60.22
N ASN FB 108 -44.39 80.98 61.02
CA ASN FB 108 -44.42 82.34 60.48
C ASN FB 108 -43.03 82.80 60.06
N LYS FB 109 -42.38 81.96 59.24
CA LYS FB 109 -41.01 82.20 58.79
C LYS FB 109 -40.90 83.40 57.87
N GLU FB 110 -41.97 83.76 57.17
CA GLU FB 110 -41.83 84.39 55.86
C GLU FB 110 -40.89 85.58 55.91
N ARG FB 111 -40.95 86.37 56.97
CA ARG FB 111 -39.93 87.39 57.19
C ARG FB 111 -38.87 86.89 58.17
N ASN FB 112 -38.32 85.72 57.84
CA ASN FB 112 -36.99 85.30 58.28
C ASN FB 112 -36.95 84.94 59.78
N VAL FB 113 -37.90 84.11 60.22
CA VAL FB 113 -38.12 83.82 61.64
C VAL FB 113 -38.04 82.32 61.88
N TYR FB 114 -37.34 81.94 62.95
CA TYR FB 114 -37.48 80.62 63.55
C TYR FB 114 -37.93 80.76 64.99
N GLU FB 115 -38.99 80.02 65.33
CA GLU FB 115 -39.54 80.00 66.67
C GLU FB 115 -39.13 78.71 67.36
N LEU FB 116 -38.52 78.82 68.54
CA LEU FB 116 -38.30 77.65 69.36
C LEU FB 116 -39.64 77.20 69.91
N ARG FB 117 -39.92 75.90 69.79
CA ARG FB 117 -41.21 75.37 70.17
C ARG FB 117 -41.06 74.00 70.79
N TYR FB 118 -41.90 73.72 71.77
CA TYR FB 118 -41.87 72.48 72.51
C TYR FB 118 -42.35 71.32 71.65
N PHE FB 119 -42.30 70.12 72.25
CA PHE FB 119 -43.05 68.98 71.76
C PHE FB 119 -42.48 68.47 70.44
N SER GB 4 -90.02 -42.15 -30.11
CA SER GB 4 -89.54 -43.42 -30.62
C SER GB 4 -90.39 -44.60 -30.14
N GLN GB 5 -90.11 -45.76 -30.70
CA GLN GB 5 -90.70 -47.00 -30.22
C GLN GB 5 -90.25 -47.23 -28.77
N PRO GB 6 -91.10 -47.80 -27.91
CA PRO GB 6 -90.69 -48.00 -26.50
C PRO GB 6 -89.50 -48.92 -26.32
N LYS GB 7 -89.03 -49.07 -25.09
CA LYS GB 7 -87.83 -49.84 -24.88
C LYS GB 7 -88.11 -51.32 -25.13
N SER GB 8 -87.06 -52.11 -25.14
CA SER GB 8 -87.16 -53.52 -25.54
C SER GB 8 -87.72 -54.41 -24.44
N GLY GB 9 -87.81 -53.93 -23.22
CA GLY GB 9 -88.18 -54.76 -22.10
C GLY GB 9 -87.02 -55.51 -21.46
N LEU GB 10 -85.80 -55.20 -21.83
CA LEU GB 10 -84.64 -55.90 -21.29
C LEU GB 10 -83.69 -54.87 -20.70
N PHE GB 11 -83.02 -55.25 -19.62
CA PHE GB 11 -82.19 -54.32 -18.88
C PHE GB 11 -80.91 -53.92 -19.61
N VAL GB 12 -80.57 -54.58 -20.71
CA VAL GB 12 -79.33 -54.32 -21.44
C VAL GB 12 -79.64 -54.24 -22.93
N GLY GB 13 -78.66 -53.76 -23.69
CA GLY GB 13 -78.75 -53.79 -25.13
C GLY GB 13 -79.35 -52.54 -25.74
N ILE GB 14 -79.59 -52.63 -27.05
CA ILE GB 14 -80.26 -51.54 -27.75
C ILE GB 14 -81.66 -51.38 -27.18
N ASN GB 15 -82.08 -50.13 -27.01
CA ASN GB 15 -83.43 -49.83 -26.55
C ASN GB 15 -83.74 -50.53 -25.23
N LYS GB 16 -82.75 -50.57 -24.35
CA LYS GB 16 -82.95 -51.16 -23.04
C LYS GB 16 -83.99 -50.35 -22.26
N GLY GB 17 -84.74 -51.03 -21.42
CA GLY GB 17 -85.58 -50.34 -20.48
C GLY GB 17 -86.94 -50.98 -20.38
N HIS GB 18 -87.86 -50.21 -19.81
CA HIS GB 18 -89.13 -50.70 -19.32
C HIS GB 18 -90.24 -50.35 -20.31
N VAL GB 19 -90.93 -51.36 -20.82
CA VAL GB 19 -91.93 -51.14 -21.86
C VAL GB 19 -93.11 -50.37 -21.29
N VAL GB 20 -93.56 -49.37 -22.03
CA VAL GB 20 -94.74 -48.60 -21.70
C VAL GB 20 -95.18 -47.93 -22.98
N THR GB 21 -96.49 -47.79 -23.16
CA THR GB 21 -97.00 -47.29 -24.43
C THR GB 21 -96.49 -45.88 -24.71
N LYS GB 22 -95.58 -45.73 -25.67
CA LYS GB 22 -95.15 -44.40 -26.05
C LYS GB 22 -96.29 -43.63 -26.72
N ARG GB 23 -96.16 -42.31 -26.72
CA ARG GB 23 -97.24 -41.40 -27.01
C ARG GB 23 -96.69 -40.22 -27.77
N GLU GB 24 -97.56 -39.50 -28.47
CA GLU GB 24 -97.15 -38.32 -29.24
C GLU GB 24 -97.58 -37.04 -28.56
N LEU GB 25 -96.66 -36.07 -28.51
CA LEU GB 25 -96.84 -34.84 -27.76
C LEU GB 25 -97.25 -33.73 -28.70
N PRO GB 26 -98.38 -33.05 -28.46
CA PRO GB 26 -98.79 -31.99 -29.37
C PRO GB 26 -97.74 -30.92 -29.46
N PRO GB 27 -97.68 -30.22 -30.59
CA PRO GB 27 -96.85 -29.02 -30.67
C PRO GB 27 -97.15 -28.05 -29.53
N ARG GB 28 -96.15 -27.51 -29.03
CA ARG GB 28 -96.10 -26.47 -28.02
C ARG GB 28 -95.73 -25.14 -28.66
N PRO GB 29 -96.27 -24.02 -28.20
CA PRO GB 29 -95.65 -22.75 -28.53
C PRO GB 29 -94.18 -22.85 -28.14
N SER GB 30 -93.32 -22.22 -28.93
CA SER GB 30 -91.87 -22.37 -28.87
C SER GB 30 -91.46 -23.69 -29.52
N ASP GB 31 -92.38 -24.42 -30.13
CA ASP GB 31 -92.01 -25.32 -31.21
C ASP GB 31 -92.08 -24.61 -32.54
N ARG GB 32 -92.43 -23.33 -32.52
CA ARG GB 32 -92.23 -22.41 -33.63
C ARG GB 32 -91.14 -21.41 -33.31
N LYS GB 33 -90.42 -21.62 -32.20
CA LYS GB 33 -89.38 -20.70 -31.77
C LYS GB 33 -88.26 -20.68 -32.81
N GLY GB 34 -87.93 -19.48 -33.28
CA GLY GB 34 -86.90 -19.31 -34.29
C GLY GB 34 -87.42 -19.31 -35.71
N LYS GB 35 -88.58 -19.89 -35.95
CA LYS GB 35 -89.26 -19.78 -37.25
C LYS GB 35 -89.34 -18.34 -37.69
N GLY GB 36 -88.64 -18.02 -38.78
CA GLY GB 36 -88.71 -16.69 -39.33
C GLY GB 36 -90.10 -16.37 -39.82
N THR GB 37 -90.46 -15.09 -39.74
CA THR GB 37 -91.80 -14.63 -40.04
C THR GB 37 -91.72 -13.48 -41.04
N LYS GB 38 -92.87 -13.18 -41.65
CA LYS GB 38 -92.91 -12.26 -42.79
C LYS GB 38 -92.47 -10.86 -42.40
N ARG GB 39 -93.23 -10.19 -41.54
CA ARG GB 39 -92.96 -8.77 -41.28
C ARG GB 39 -91.58 -8.55 -40.69
N VAL GB 40 -91.13 -9.46 -39.83
CA VAL GB 40 -89.79 -9.32 -39.28
C VAL GB 40 -88.76 -9.42 -40.38
N HIS GB 41 -88.91 -10.39 -41.27
CA HIS GB 41 -87.97 -10.51 -42.38
C HIS GB 41 -88.06 -9.31 -43.30
N PHE GB 42 -89.28 -8.81 -43.54
CA PHE GB 42 -89.45 -7.59 -44.32
C PHE GB 42 -88.62 -6.45 -43.75
N VAL GB 43 -88.74 -6.22 -42.44
CA VAL GB 43 -87.98 -5.16 -41.80
C VAL GB 43 -86.49 -5.41 -41.90
N ARG GB 44 -86.07 -6.66 -41.69
CA ARG GB 44 -84.65 -6.96 -41.64
C ARG GB 44 -84.03 -6.90 -43.03
N ASN GB 45 -84.75 -7.33 -44.06
CA ASN GB 45 -84.26 -7.09 -45.42
C ASN GB 45 -84.14 -5.61 -45.68
N LEU GB 46 -85.19 -4.84 -45.41
CA LEU GB 46 -85.16 -3.40 -45.72
C LEU GB 46 -83.96 -2.72 -45.09
N ILE GB 47 -83.66 -3.04 -43.83
CA ILE GB 47 -82.52 -2.40 -43.18
C ILE GB 47 -81.23 -2.73 -43.91
N ARG GB 48 -81.16 -3.89 -44.55
CA ARG GB 48 -79.93 -4.29 -45.21
C ARG GB 48 -79.55 -3.32 -46.32
N GLU GB 49 -80.50 -2.92 -47.17
CA GLU GB 49 -80.19 -1.91 -48.18
C GLU GB 49 -79.88 -0.56 -47.56
N VAL GB 50 -80.64 -0.14 -46.55
CA VAL GB 50 -80.37 1.14 -45.91
C VAL GB 50 -79.01 1.11 -45.23
N ALA GB 51 -78.74 0.04 -44.49
CA ALA GB 51 -77.52 0.00 -43.67
C ALA GB 51 -76.32 -0.38 -44.51
N GLY GB 52 -76.40 -1.51 -45.23
CA GLY GB 52 -75.31 -1.98 -46.05
C GLY GB 52 -74.73 -3.27 -45.52
N PHE GB 53 -73.40 -3.40 -45.63
CA PHE GB 53 -72.72 -4.61 -45.26
C PHE GB 53 -71.54 -4.26 -44.36
N ALA GB 54 -71.25 -5.14 -43.41
CA ALA GB 54 -70.06 -4.94 -42.61
C ALA GB 54 -68.83 -5.22 -43.45
N PRO GB 55 -67.68 -4.67 -43.08
CA PRO GB 55 -66.46 -4.93 -43.86
C PRO GB 55 -66.10 -6.39 -43.97
N TYR GB 56 -66.28 -7.20 -42.92
CA TYR GB 56 -65.99 -8.62 -43.08
C TYR GB 56 -67.02 -9.32 -43.96
N GLU GB 57 -68.28 -8.89 -43.89
CA GLU GB 57 -69.29 -9.44 -44.79
C GLU GB 57 -68.98 -9.09 -46.24
N LYS GB 58 -68.42 -7.89 -46.47
CA LYS GB 58 -67.92 -7.56 -47.81
C LYS GB 58 -66.74 -8.45 -48.19
N ARG GB 59 -65.81 -8.68 -47.27
CA ARG GB 59 -64.65 -9.49 -47.61
C ARG GB 59 -65.07 -10.92 -47.93
N ILE GB 60 -66.02 -11.47 -47.18
CA ILE GB 60 -66.40 -12.86 -47.38
C ILE GB 60 -66.93 -13.08 -48.78
N THR GB 61 -67.83 -12.20 -49.25
CA THR GB 61 -68.42 -12.40 -50.56
C THR GB 61 -67.39 -12.33 -51.66
N GLU GB 62 -66.40 -11.45 -51.49
CA GLU GB 62 -65.36 -11.31 -52.51
C GLU GB 62 -64.72 -12.66 -52.80
N LEU GB 63 -64.40 -13.41 -51.74
CA LEU GB 63 -63.81 -14.73 -51.89
C LEU GB 63 -64.84 -15.75 -52.37
N LEU GB 64 -66.09 -15.61 -51.93
CA LEU GB 64 -67.17 -16.38 -52.55
C LEU GB 64 -67.35 -16.02 -54.01
N LYS GB 65 -67.01 -14.79 -54.40
CA LYS GB 65 -67.09 -14.43 -55.80
C LYS GB 65 -65.93 -15.01 -56.60
N VAL GB 66 -64.73 -15.06 -56.00
CA VAL GB 66 -63.64 -15.75 -56.68
C VAL GB 66 -63.94 -17.23 -56.81
N GLY GB 67 -64.59 -17.82 -55.81
CA GLY GB 67 -64.79 -19.25 -55.73
C GLY GB 67 -64.12 -19.92 -54.56
N LYS GB 68 -63.53 -19.15 -53.65
CA LYS GB 68 -62.77 -19.70 -52.52
C LYS GB 68 -63.75 -19.98 -51.38
N ASP GB 69 -64.38 -21.15 -51.46
CA ASP GB 69 -65.35 -21.53 -50.44
C ASP GB 69 -64.69 -21.68 -49.07
N LYS GB 70 -63.49 -22.27 -49.03
CA LYS GB 70 -62.85 -22.53 -47.75
C LYS GB 70 -62.49 -21.25 -47.03
N ARG GB 71 -61.83 -20.33 -47.72
CA ARG GB 71 -61.40 -19.11 -47.04
C ARG GB 71 -62.59 -18.23 -46.68
N ALA GB 72 -63.65 -18.28 -47.48
CA ALA GB 72 -64.89 -17.59 -47.11
C ALA GB 72 -65.38 -18.07 -45.76
N LEU GB 73 -65.28 -19.37 -45.52
CA LEU GB 73 -65.58 -19.93 -44.20
C LEU GB 73 -64.50 -19.58 -43.18
N LYS GB 74 -63.24 -19.56 -43.60
CA LYS GB 74 -62.17 -19.42 -42.62
C LYS GB 74 -62.06 -17.98 -42.12
N VAL GB 75 -62.36 -17.01 -43.00
CA VAL GB 75 -62.43 -15.62 -42.54
C VAL GB 75 -63.64 -15.43 -41.64
N ALA GB 76 -64.76 -16.00 -42.03
CA ALA GB 76 -65.98 -15.86 -41.24
C ALA GB 76 -65.79 -16.39 -39.83
N LYS GB 77 -64.99 -17.45 -39.68
CA LYS GB 77 -64.86 -18.09 -38.38
C LYS GB 77 -64.03 -17.25 -37.43
N ARG GB 78 -62.89 -16.75 -37.89
CA ARG GB 78 -62.06 -15.89 -37.06
C ARG GB 78 -62.79 -14.61 -36.64
N LYS GB 79 -63.77 -14.19 -37.43
CA LYS GB 79 -64.56 -13.01 -37.05
C LYS GB 79 -65.66 -13.39 -36.06
N LEU GB 80 -66.57 -14.26 -36.47
CA LEU GB 80 -67.73 -14.60 -35.65
C LEU GB 80 -67.37 -15.47 -34.46
N GLY GB 81 -66.37 -16.33 -34.58
CA GLY GB 81 -65.95 -17.11 -33.43
C GLY GB 81 -66.11 -18.62 -33.52
N THR GB 82 -67.22 -19.12 -34.07
CA THR GB 82 -67.50 -20.54 -34.04
C THR GB 82 -67.78 -21.06 -35.44
N HIS GB 83 -67.49 -22.35 -35.64
CA HIS GB 83 -67.75 -22.99 -36.92
C HIS GB 83 -69.24 -22.99 -37.26
N LYS GB 84 -70.09 -23.16 -36.25
CA LYS GB 84 -71.52 -23.20 -36.50
C LYS GB 84 -72.04 -21.88 -37.05
N ARG GB 85 -71.62 -20.78 -36.45
CA ARG GB 85 -72.02 -19.47 -36.96
C ARG GB 85 -71.29 -19.12 -38.24
N ALA GB 86 -70.00 -19.47 -38.33
CA ALA GB 86 -69.22 -19.20 -39.54
C ALA GB 86 -69.76 -19.96 -40.73
N LYS GB 87 -70.12 -21.23 -40.52
CA LYS GB 87 -70.75 -21.96 -41.60
C LYS GB 87 -72.04 -21.31 -42.06
N LYS GB 88 -72.88 -20.87 -41.12
CA LYS GB 88 -74.16 -20.29 -41.51
C LYS GB 88 -73.98 -18.96 -42.22
N LYS GB 89 -73.07 -18.12 -41.73
CA LYS GB 89 -72.89 -16.80 -42.34
C LYS GB 89 -72.32 -16.90 -43.74
N ARG GB 90 -71.44 -17.88 -43.99
CA ARG GB 90 -70.99 -18.12 -45.35
C ARG GB 90 -72.15 -18.47 -46.25
N GLU GB 91 -73.04 -19.35 -45.79
CA GLU GB 91 -74.20 -19.71 -46.60
C GLU GB 91 -75.08 -18.49 -46.83
N GLU GB 92 -75.20 -17.63 -45.83
CA GLU GB 92 -75.99 -16.42 -45.98
C GLU GB 92 -75.37 -15.46 -46.99
N MET GB 93 -74.05 -15.32 -46.96
CA MET GB 93 -73.40 -14.47 -47.96
C MET GB 93 -73.52 -15.08 -49.35
N SER GB 94 -73.39 -16.40 -49.45
CA SER GB 94 -73.56 -17.07 -50.73
C SER GB 94 -74.96 -16.86 -51.26
N SER GB 95 -75.95 -16.85 -50.38
CA SER GB 95 -77.32 -16.60 -50.81
C SER GB 95 -77.46 -15.20 -51.37
N VAL GB 96 -76.99 -14.19 -50.63
CA VAL GB 96 -77.04 -12.82 -51.13
C VAL GB 96 -76.34 -12.72 -52.47
N LEU GB 97 -75.26 -13.47 -52.63
CA LEU GB 97 -74.50 -13.44 -53.88
C LEU GB 97 -75.32 -14.03 -55.03
N ARG GB 98 -76.16 -15.01 -54.75
CA ARG GB 98 -76.95 -15.64 -55.79
C ARG GB 98 -78.24 -14.90 -56.11
N LYS GB 99 -78.68 -13.98 -55.24
CA LYS GB 99 -79.82 -13.12 -55.54
C LYS GB 99 -79.42 -11.86 -56.29
N MET GB 100 -78.12 -11.57 -56.37
CA MET GB 100 -77.63 -10.39 -57.08
C MET GB 100 -76.98 -10.77 -58.40
N ARG GB 101 -75.94 -11.61 -58.37
CA ARG GB 101 -75.24 -12.00 -59.59
C ARG GB 101 -76.08 -12.87 -60.51
N SER GB 102 -77.28 -13.27 -60.07
CA SER GB 102 -78.22 -13.88 -61.01
C SER GB 102 -78.52 -12.94 -62.17
N ALA GB 103 -78.45 -11.63 -61.93
CA ALA GB 103 -78.66 -10.65 -62.99
C ALA GB 103 -77.77 -9.43 -62.79
N VAL HB 6 -105.31 28.54 41.73
CA VAL HB 6 -105.68 28.34 40.34
C VAL HB 6 -106.02 26.87 40.09
N LYS HB 7 -106.93 26.62 39.16
CA LYS HB 7 -107.36 25.27 38.83
C LYS HB 7 -107.41 25.12 37.32
N ALA HB 8 -107.14 23.90 36.85
CA ALA HB 8 -107.17 23.66 35.42
C ALA HB 8 -108.55 23.97 34.84
N GLY HB 9 -109.61 23.55 35.53
CA GLY HB 9 -110.95 23.79 35.03
C GLY HB 9 -111.29 25.26 34.95
N GLU HB 10 -110.99 26.01 36.02
CA GLU HB 10 -111.32 27.42 36.03
C GLU HB 10 -110.57 28.25 34.99
N LEU HB 11 -109.52 27.72 34.39
CA LEU HB 11 -108.86 28.45 33.31
C LEU HB 11 -109.40 28.09 31.93
N TRP HB 12 -109.65 26.81 31.69
CA TRP HB 12 -110.20 26.40 30.40
C TRP HB 12 -111.52 27.09 30.10
N ASN HB 13 -112.24 27.51 31.13
CA ASN HB 13 -113.45 28.30 30.98
C ASN HB 13 -113.18 29.77 31.28
N LYS HB 14 -112.49 30.43 30.35
CA LYS HB 14 -112.26 31.87 30.43
C LYS HB 14 -112.15 32.45 29.03
N SER HB 15 -111.73 33.72 28.99
CA SER HB 15 -111.49 34.47 27.77
C SER HB 15 -109.99 34.62 27.56
N LYS HB 16 -109.60 34.95 26.33
CA LYS HB 16 -108.17 35.04 26.01
C LYS HB 16 -107.48 36.08 26.87
N ASP HB 17 -108.07 37.28 26.97
CA ASP HB 17 -107.41 38.36 27.68
C ASP HB 17 -107.27 38.07 29.16
N ASP HB 18 -108.27 37.42 29.77
CA ASP HB 18 -108.18 37.12 31.18
C ASP HB 18 -107.04 36.15 31.49
N LEU HB 19 -106.85 35.14 30.63
CA LEU HB 19 -105.70 34.26 30.79
C LEU HB 19 -104.39 35.04 30.71
N THR HB 20 -104.34 36.07 29.86
CA THR HB 20 -103.13 36.86 29.74
C THR HB 20 -102.85 37.65 31.02
N LYS HB 21 -103.91 38.09 31.69
CA LYS HB 21 -103.74 38.81 32.96
C LYS HB 21 -103.03 37.93 33.99
N GLN HB 22 -103.55 36.72 34.20
CA GLN HB 22 -103.03 35.88 35.28
C GLN HB 22 -101.59 35.50 35.02
N LEU HB 23 -101.25 35.25 33.75
CA LEU HB 23 -99.86 35.09 33.39
C LEU HB 23 -99.04 36.28 33.86
N ALA HB 24 -99.57 37.49 33.63
CA ALA HB 24 -98.84 38.69 33.99
C ALA HB 24 -98.65 38.81 35.50
N GLU HB 25 -99.71 38.55 36.28
CA GLU HB 25 -99.61 38.79 37.71
C GLU HB 25 -98.92 37.64 38.43
N LEU HB 26 -99.20 36.39 38.05
CA LEU HB 26 -98.38 35.30 38.57
C LEU HB 26 -96.91 35.53 38.26
N LYS HB 27 -96.62 36.12 37.11
CA LYS HB 27 -95.23 36.46 36.78
C LYS HB 27 -94.67 37.49 37.74
N THR HB 28 -95.50 38.46 38.13
CA THR HB 28 -95.06 39.48 39.08
C THR HB 28 -94.87 38.89 40.48
N GLU HB 29 -95.79 38.02 40.92
CA GLU HB 29 -95.63 37.38 42.22
C GLU HB 29 -94.35 36.55 42.28
N LEU HB 30 -94.01 35.86 41.18
CA LEU HB 30 -92.78 35.09 41.16
C LEU HB 30 -91.56 36.00 41.29
N GLY HB 31 -91.60 37.16 40.66
CA GLY HB 31 -90.49 38.10 40.76
C GLY HB 31 -90.23 38.57 42.17
N GLN HB 32 -91.28 38.76 42.97
CA GLN HB 32 -91.11 39.20 44.35
C GLN HB 32 -90.62 38.07 45.25
N LEU HB 33 -91.00 36.83 44.94
CA LEU HB 33 -90.57 35.70 45.75
C LEU HB 33 -89.11 35.40 45.53
N ARG HB 34 -88.56 35.73 44.36
CA ARG HB 34 -87.13 35.60 44.15
C ARG HB 34 -86.37 36.47 45.14
N ILE HB 35 -86.95 37.59 45.53
CA ILE HB 35 -86.25 38.54 46.38
C ILE HB 35 -86.27 38.14 47.85
N GLN HB 36 -87.29 37.44 48.33
CA GLN HB 36 -87.18 36.94 49.70
C GLN HB 36 -86.03 35.97 49.81
N LYS HB 37 -85.96 35.01 48.87
CA LYS HB 37 -84.84 34.10 48.80
C LYS HB 37 -83.55 34.89 48.81
N VAL HB 38 -83.57 36.02 48.11
CA VAL HB 38 -82.44 36.93 48.08
C VAL HB 38 -82.19 37.50 49.47
N ALA HB 39 -83.24 37.99 50.14
CA ALA HB 39 -83.08 38.66 51.43
C ALA HB 39 -83.50 37.80 52.62
N SER HB 40 -84.78 37.42 52.70
CA SER HB 40 -85.35 36.79 53.89
C SER HB 40 -85.34 35.27 53.75
N SER HB 41 -86.13 34.59 54.57
CA SER HB 41 -86.20 33.13 54.54
C SER HB 41 -87.49 32.67 55.22
N GLY HB 42 -87.51 31.39 55.60
CA GLY HB 42 -88.50 30.78 56.48
C GLY HB 42 -89.70 30.05 55.90
N SER HB 43 -90.69 30.76 55.39
CA SER HB 43 -91.88 29.98 55.02
C SER HB 43 -92.35 30.25 53.61
N LYS HB 44 -92.38 31.50 53.18
CA LYS HB 44 -92.91 31.78 51.84
C LYS HB 44 -91.95 31.35 50.76
N LEU HB 45 -90.74 30.91 51.13
CA LEU HB 45 -89.83 30.27 50.20
C LEU HB 45 -90.43 29.05 49.53
N ASN HB 46 -91.59 28.60 49.97
CA ASN HB 46 -92.20 27.42 49.41
C ASN HB 46 -93.45 27.73 48.62
N ARG HB 47 -93.81 29.00 48.50
CA ARG HB 47 -94.78 29.41 47.49
C ARG HB 47 -94.19 29.47 46.10
N ILE HB 48 -92.85 29.48 45.97
CA ILE HB 48 -92.28 29.56 44.63
C ILE HB 48 -92.69 28.36 43.81
N HIS HB 49 -92.61 27.16 44.39
CA HIS HB 49 -92.98 25.96 43.66
C HIS HB 49 -94.44 26.01 43.24
N ASP HB 50 -95.33 26.52 44.10
CA ASP HB 50 -96.73 26.68 43.71
C ASP HB 50 -96.86 27.69 42.57
N ILE HB 51 -96.30 28.88 42.75
CA ILE HB 51 -96.43 29.92 41.74
C ILE HB 51 -95.78 29.49 40.45
N ARG HB 52 -94.62 28.86 40.53
CA ARG HB 52 -93.91 28.45 39.32
C ARG HB 52 -94.73 27.47 38.51
N LYS HB 53 -95.38 26.52 39.17
CA LYS HB 53 -96.26 25.61 38.45
C LYS HB 53 -97.56 26.26 38.03
N SER HB 54 -98.00 27.30 38.73
CA SER HB 54 -99.17 28.03 38.29
C SER HB 54 -98.92 28.69 36.94
N ILE HB 55 -97.77 29.33 36.77
CA ILE HB 55 -97.44 29.94 35.49
C ILE HB 55 -97.44 28.89 34.39
N ALA HB 56 -96.79 27.75 34.66
CA ALA HB 56 -96.71 26.68 33.67
C ALA HB 56 -98.09 26.17 33.30
N ARG HB 57 -98.98 26.03 34.29
CA ARG HB 57 -100.32 25.56 33.99
C ARG HB 57 -101.08 26.53 33.12
N VAL HB 58 -100.98 27.84 33.42
CA VAL HB 58 -101.64 28.84 32.59
C VAL HB 58 -101.05 28.86 31.18
N LEU HB 59 -99.72 28.78 31.09
CA LEU HB 59 -99.09 28.74 29.77
C LEU HB 59 -99.56 27.53 28.98
N THR HB 60 -99.74 26.39 29.64
CA THR HB 60 -100.30 25.22 28.97
C THR HB 60 -101.71 25.49 28.47
N VAL HB 61 -102.54 26.16 29.27
CA VAL HB 61 -103.92 26.40 28.90
C VAL HB 61 -104.02 27.28 27.66
N ILE HB 62 -103.33 28.42 27.66
CA ILE HB 62 -103.36 29.30 26.50
C ILE HB 62 -102.86 28.55 25.28
N ASN HB 63 -101.77 27.82 25.44
CA ASN HB 63 -101.16 27.11 24.32
C ASN HB 63 -102.04 25.98 23.83
N ALA HB 64 -102.52 25.13 24.73
CA ALA HB 64 -103.37 24.04 24.30
C ALA HB 64 -104.61 24.57 23.61
N LYS HB 65 -105.14 25.69 24.09
CA LYS HB 65 -106.28 26.32 23.43
C LYS HB 65 -105.94 26.79 22.03
N GLN HB 66 -104.78 27.41 21.86
CA GLN HB 66 -104.49 28.05 20.59
C GLN HB 66 -104.34 27.05 19.46
N ARG HB 67 -103.95 25.82 19.75
CA ARG HB 67 -103.88 24.82 18.70
C ARG HB 67 -105.26 24.31 18.31
N ALA HB 68 -106.17 24.20 19.27
CA ALA HB 68 -107.52 23.78 18.92
C ALA HB 68 -108.12 24.72 17.89
N GLN HB 69 -107.98 26.03 18.11
CA GLN HB 69 -108.38 27.00 17.09
C GLN HB 69 -107.52 26.88 15.85
N LEU HB 70 -106.20 26.77 16.02
CA LEU HB 70 -105.31 26.71 14.86
C LEU HB 70 -105.60 25.50 14.01
N ARG HB 71 -105.80 24.34 14.63
CA ARG HB 71 -106.23 23.18 13.85
C ARG HB 71 -107.58 23.43 13.22
N LEU HB 72 -108.52 24.04 13.95
CA LEU HB 72 -109.86 24.22 13.42
C LEU HB 72 -109.88 25.11 12.17
N PHE HB 73 -109.11 26.21 12.19
CA PHE HB 73 -109.04 27.08 11.03
C PHE HB 73 -108.47 26.36 9.82
N TYR HB 74 -107.40 25.59 10.02
CA TYR HB 74 -106.74 24.87 8.93
C TYR HB 74 -107.32 23.49 8.68
N LYS HB 75 -108.23 23.00 9.53
CA LYS HB 75 -108.80 21.68 9.36
C LYS HB 75 -109.98 21.71 8.41
N ASN HB 76 -109.99 22.66 7.49
CA ASN HB 76 -110.77 22.57 6.26
C ASN HB 76 -110.04 21.73 5.23
N LYS HB 77 -109.20 20.81 5.70
CA LYS HB 77 -108.31 20.03 4.86
C LYS HB 77 -107.49 20.95 3.96
N LYS HB 78 -107.13 22.11 4.51
CA LYS HB 78 -106.21 23.00 3.83
C LYS HB 78 -104.80 22.44 3.93
N TYR HB 79 -103.88 23.05 3.20
CA TYR HB 79 -102.48 22.72 3.39
C TYR HB 79 -102.11 22.90 4.85
N ALA HB 80 -101.44 21.94 5.40
CA ALA HB 80 -101.23 22.11 6.82
C ALA HB 80 -99.79 22.56 7.11
N PRO HB 81 -99.62 23.36 8.15
CA PRO HB 81 -98.28 23.75 8.58
C PRO HB 81 -97.47 22.58 9.11
N LEU HB 82 -96.15 22.74 9.05
CA LEU HB 82 -95.26 21.63 9.43
C LEU HB 82 -95.40 21.26 10.90
N ASP HB 83 -95.77 22.22 11.74
CA ASP HB 83 -95.94 22.01 13.17
C ASP HB 83 -97.30 21.38 13.51
N LEU HB 84 -98.22 21.28 12.56
CA LEU HB 84 -99.51 20.66 12.81
C LEU HB 84 -99.69 19.36 12.07
N ARG HB 85 -98.73 18.96 11.25
CA ARG HB 85 -98.80 17.71 10.52
C ARG HB 85 -98.44 16.55 11.43
N ALA HB 86 -98.90 15.36 11.06
CA ALA HB 86 -98.71 14.17 11.90
C ALA HB 86 -97.25 13.73 11.86
N LYS HB 87 -96.55 13.87 12.98
CA LYS HB 87 -95.23 13.30 13.14
C LYS HB 87 -95.36 11.92 13.73
N GLN HB 88 -95.15 10.89 12.93
CA GLN HB 88 -95.15 9.55 13.45
C GLN HB 88 -93.77 8.91 13.38
N THR HB 89 -93.27 8.71 12.17
CA THR HB 89 -91.89 8.33 11.87
C THR HB 89 -91.64 8.75 10.44
N ARG HB 90 -90.37 8.97 10.11
CA ARG HB 90 -90.06 9.30 8.73
C ARG HB 90 -90.52 8.21 7.79
N ALA HB 91 -90.34 6.95 8.19
CA ALA HB 91 -90.74 5.82 7.35
C ALA HB 91 -92.26 5.76 7.13
N ILE HB 92 -93.06 5.99 8.18
CA ILE HB 92 -94.51 5.90 8.02
C ILE HB 92 -95.03 6.98 7.07
N ARG HB 93 -94.53 8.20 7.18
CA ARG HB 93 -95.04 9.30 6.36
C ARG HB 93 -94.74 9.08 4.88
N ARG HB 94 -93.70 8.31 4.55
CA ARG HB 94 -93.33 8.09 3.17
C ARG HB 94 -93.94 6.83 2.57
N ARG HB 95 -94.78 6.12 3.31
CA ARG HB 95 -95.42 4.93 2.80
C ARG HB 95 -96.36 5.26 1.65
N LEU HB 96 -96.89 4.21 1.03
CA LEU HB 96 -97.96 4.37 0.07
C LEU HB 96 -99.29 4.26 0.79
N SER HB 97 -100.29 4.94 0.26
CA SER HB 97 -101.62 4.88 0.84
C SER HB 97 -102.26 3.53 0.55
N PRO HB 98 -103.26 3.13 1.34
CA PRO HB 98 -103.94 1.85 1.04
C PRO HB 98 -104.60 1.85 -0.31
N ASP HB 99 -105.06 3.00 -0.77
CA ASP HB 99 -105.61 3.03 -2.11
C ASP HB 99 -104.51 2.85 -3.13
N GLU HB 100 -103.32 3.41 -2.88
CA GLU HB 100 -102.20 3.21 -3.78
C GLU HB 100 -101.67 1.78 -3.74
N LYS HB 101 -101.57 1.19 -2.56
CA LYS HB 101 -101.14 -0.19 -2.47
C LYS HB 101 -102.15 -1.17 -3.01
N SER HB 102 -103.37 -0.70 -3.31
CA SER HB 102 -104.39 -1.57 -3.84
C SER HB 102 -104.57 -1.48 -5.35
N ARG HB 103 -104.06 -0.42 -6.00
CA ARG HB 103 -104.06 -0.40 -7.46
C ARG HB 103 -103.54 -1.70 -8.02
N VAL HB 104 -104.37 -2.38 -8.78
CA VAL HB 104 -104.04 -3.63 -9.43
C VAL HB 104 -104.20 -3.38 -10.92
N LEU HB 105 -103.58 -4.23 -11.72
CA LEU HB 105 -103.65 -4.05 -13.16
C LEU HB 105 -104.97 -4.59 -13.67
N GLU HB 106 -105.33 -4.19 -14.88
CA GLU HB 106 -106.61 -4.62 -15.43
C GLU HB 106 -106.67 -6.12 -15.57
N LYS HB 107 -105.63 -6.72 -16.13
CA LYS HB 107 -105.63 -8.17 -16.32
C LYS HB 107 -105.66 -8.90 -14.98
N THR HB 108 -104.91 -8.40 -14.00
CA THR HB 108 -104.80 -9.10 -12.73
C THR HB 108 -106.08 -8.98 -11.91
N LYS HB 109 -106.83 -7.88 -12.05
CA LYS HB 109 -108.08 -7.79 -11.33
C LYS HB 109 -109.23 -8.49 -12.04
N LYS HB 110 -109.14 -8.68 -13.36
CA LYS HB 110 -110.04 -9.60 -14.03
C LYS HB 110 -109.79 -11.03 -13.59
N ARG HB 111 -108.54 -11.33 -13.21
CA ARG HB 111 -108.22 -12.65 -12.67
C ARG HB 111 -108.91 -12.91 -11.35
N THR HB 112 -109.48 -11.89 -10.73
CA THR HB 112 -110.21 -12.08 -9.49
C THR HB 112 -111.71 -12.02 -9.68
N VAL HB 113 -112.20 -11.21 -10.62
CA VAL HB 113 -113.63 -11.23 -10.96
C VAL HB 113 -114.00 -12.59 -11.55
N HIS HB 114 -113.21 -13.06 -12.49
CA HIS HB 114 -113.30 -14.42 -12.99
C HIS HB 114 -112.22 -15.23 -12.30
N PHE HB 115 -112.58 -16.38 -11.77
CA PHE HB 115 -111.65 -17.29 -11.11
C PHE HB 115 -111.07 -16.76 -9.81
N PRO HB 116 -111.88 -16.49 -8.79
CA PRO HB 116 -111.32 -16.24 -7.46
C PRO HB 116 -110.98 -17.57 -6.79
N GLN HB 117 -110.32 -17.47 -5.64
CA GLN HB 117 -110.05 -18.65 -4.86
C GLN HB 117 -111.33 -19.08 -4.15
N ARG HB 118 -111.80 -20.29 -4.44
CA ARG HB 118 -113.11 -20.74 -4.04
C ARG HB 118 -113.06 -21.52 -2.73
N LYS HB 119 -114.18 -21.52 -2.02
CA LYS HB 119 -114.34 -22.33 -0.82
C LYS HB 119 -114.86 -23.71 -1.21
N PHE HB 120 -114.22 -24.76 -0.71
CA PHE HB 120 -114.56 -26.10 -1.11
C PHE HB 120 -114.24 -27.04 0.03
N ALA HB 121 -114.90 -28.20 0.02
CA ALA HB 121 -114.58 -29.28 0.92
C ALA HB 121 -114.51 -30.56 0.10
N ILE HB 122 -114.20 -31.66 0.75
CA ILE HB 122 -114.17 -32.95 0.08
C ILE HB 122 -115.00 -33.94 0.88
N LYS HB 123 -115.02 -35.18 0.40
CA LYS HB 123 -115.86 -36.26 0.93
C LYS HB 123 -117.34 -35.95 0.70
N ALA HB 124 -117.70 -35.91 -0.57
CA ALA HB 124 -119.08 -35.72 -0.99
C ALA HB 124 -119.23 -36.08 -2.46
N PRO IB 11 -91.49 -83.35 57.54
CA PRO IB 11 -91.58 -83.02 56.12
C PRO IB 11 -90.68 -83.91 55.29
N GLU IB 12 -91.08 -84.23 54.06
CA GLU IB 12 -90.26 -85.13 53.24
C GLU IB 12 -88.85 -84.58 53.09
N LYS IB 13 -88.73 -83.29 52.76
CA LYS IB 13 -87.41 -82.68 52.67
C LYS IB 13 -86.63 -82.85 53.96
N VAL IB 14 -87.32 -82.82 55.10
CA VAL IB 14 -86.64 -83.04 56.36
C VAL IB 14 -86.10 -84.47 56.45
N ILE IB 15 -86.99 -85.47 56.40
CA ILE IB 15 -86.51 -86.85 56.53
C ILE IB 15 -85.61 -87.21 55.37
N LEU IB 16 -85.93 -86.77 54.15
CA LEU IB 16 -85.08 -87.05 53.00
C LEU IB 16 -83.65 -86.59 53.27
N LYS IB 17 -83.51 -85.44 53.93
CA LYS IB 17 -82.17 -84.91 54.20
C LYS IB 17 -81.49 -85.66 55.34
N ARG IB 18 -82.22 -85.99 56.42
CA ARG IB 18 -81.57 -86.70 57.53
C ARG IB 18 -81.05 -88.07 57.10
N ARG IB 19 -81.84 -88.79 56.30
CA ARG IB 19 -81.46 -90.16 55.94
C ARG IB 19 -80.15 -90.20 55.18
N ARG IB 20 -79.95 -89.29 54.23
CA ARG IB 20 -78.69 -89.28 53.51
C ARG IB 20 -77.52 -88.97 54.44
N GLU IB 21 -77.72 -88.05 55.38
CA GLU IB 21 -76.68 -87.77 56.37
C GLU IB 21 -76.37 -89.00 57.20
N GLU IB 22 -77.40 -89.77 57.54
CA GLU IB 22 -77.16 -91.05 58.21
C GLU IB 22 -76.39 -92.01 57.32
N VAL IB 23 -76.76 -92.09 56.04
CA VAL IB 23 -75.96 -92.88 55.10
C VAL IB 23 -74.54 -92.35 55.04
N TRP IB 24 -74.40 -91.04 54.86
CA TRP IB 24 -73.07 -90.44 54.78
C TRP IB 24 -72.30 -90.65 56.07
N ALA IB 25 -72.95 -90.47 57.22
CA ALA IB 25 -72.27 -90.70 58.50
C ALA IB 25 -71.95 -92.18 58.68
N ALA IB 26 -72.84 -93.06 58.22
CA ALA IB 26 -72.53 -94.49 58.28
C ALA IB 26 -71.31 -94.81 57.45
N GLU IB 27 -71.21 -94.24 56.25
CA GLU IB 27 -70.09 -94.53 55.37
C GLU IB 27 -68.77 -94.08 55.97
N LYS IB 28 -68.75 -92.96 56.68
CA LYS IB 28 -67.50 -92.43 57.23
C LYS IB 28 -66.91 -93.36 58.27
N LYS IB 29 -67.73 -93.91 59.17
CA LYS IB 29 -67.19 -94.78 60.20
C LYS IB 29 -66.54 -96.02 59.61
N GLN IB 30 -67.12 -96.56 58.54
CA GLN IB 30 -66.49 -97.68 57.86
C GLN IB 30 -65.13 -97.30 57.31
N LYS IB 31 -65.01 -96.10 56.76
CA LYS IB 31 -63.71 -95.62 56.28
C LYS IB 31 -62.73 -95.47 57.44
N VAL IB 32 -63.19 -94.89 58.56
CA VAL IB 32 -62.31 -94.69 59.70
C VAL IB 32 -61.99 -96.04 60.35
N ALA IB 33 -62.96 -96.95 60.40
CA ALA IB 33 -62.67 -98.28 60.92
C ALA IB 33 -61.63 -98.98 60.06
N ALA IB 34 -61.74 -98.83 58.74
CA ALA IB 34 -60.73 -99.39 57.85
C ALA IB 34 -59.36 -98.76 58.08
N GLU IB 35 -59.33 -97.48 58.43
CA GLU IB 35 -58.06 -96.75 58.49
C GLU IB 35 -57.23 -97.14 59.71
N LYS IB 36 -57.86 -97.30 60.88
CA LYS IB 36 -57.10 -97.74 62.05
C LYS IB 36 -56.47 -99.10 61.80
N ILE IB 37 -57.17 -99.97 61.07
CA ILE IB 37 -56.59 -101.26 60.73
C ILE IB 37 -55.38 -101.07 59.82
N LYS IB 38 -55.53 -100.25 58.77
CA LYS IB 38 -54.40 -99.95 57.91
C LYS IB 38 -53.28 -99.24 58.66
N ALA IB 39 -53.62 -98.39 59.63
CA ALA IB 39 -52.60 -97.77 60.45
C ALA IB 39 -51.85 -98.81 61.27
N ALA IB 40 -52.57 -99.80 61.82
CA ALA IB 40 -51.92 -100.84 62.59
C ALA IB 40 -50.99 -101.67 61.72
N GLU IB 41 -51.44 -102.03 60.52
CA GLU IB 41 -50.56 -102.74 59.59
C GLU IB 41 -49.36 -101.88 59.23
N ASN IB 42 -49.59 -100.59 59.00
CA ASN IB 42 -48.50 -99.71 58.57
C ASN IB 42 -47.40 -99.61 59.61
N THR IB 43 -47.77 -99.45 60.88
CA THR IB 43 -46.74 -99.22 61.89
C THR IB 43 -45.83 -100.44 62.02
N LYS IB 44 -46.37 -101.64 61.88
CA LYS IB 44 -45.53 -102.84 61.83
C LYS IB 44 -44.69 -102.89 60.57
N VAL IB 45 -45.27 -102.52 59.43
CA VAL IB 45 -44.50 -102.48 58.20
C VAL IB 45 -43.39 -101.44 58.31
N ILE IB 46 -43.73 -100.26 58.81
CA ILE IB 46 -42.73 -99.21 58.99
C ILE IB 46 -41.67 -99.64 60.00
N TYR IB 47 -42.09 -100.29 61.09
CA TYR IB 47 -41.14 -100.80 62.06
C TYR IB 47 -40.22 -101.83 61.44
N ALA IB 48 -40.78 -102.70 60.60
CA ALA IB 48 -39.98 -103.74 59.96
C ALA IB 48 -38.93 -103.13 59.04
N ARG IB 49 -39.32 -102.16 58.22
CA ARG IB 49 -38.39 -101.53 57.30
C ARG IB 49 -37.25 -100.84 58.03
N ALA IB 50 -37.57 -100.11 59.10
CA ALA IB 50 -36.56 -99.32 59.78
C ALA IB 50 -35.49 -100.19 60.42
N GLU IB 51 -35.85 -101.40 60.87
CA GLU IB 51 -34.84 -102.27 61.48
C GLU IB 51 -33.77 -102.66 60.48
N GLN IB 52 -34.17 -103.11 59.29
CA GLN IB 52 -33.17 -103.51 58.31
C GLN IB 52 -32.36 -102.33 57.80
N TYR IB 53 -32.97 -101.15 57.67
CA TYR IB 53 -32.20 -99.97 57.29
C TYR IB 53 -31.17 -99.64 58.35
N ALA IB 54 -31.59 -99.61 59.61
CA ALA IB 54 -30.61 -99.47 60.69
C ALA IB 54 -29.62 -100.61 60.66
N GLY IB 55 -30.10 -101.81 60.35
CA GLY IB 55 -29.21 -102.96 60.32
C GLY IB 55 -28.12 -102.85 59.27
N GLU IB 56 -28.48 -102.41 58.06
CA GLU IB 56 -27.53 -102.58 56.97
C GLU IB 56 -26.51 -101.44 56.94
N TYR IB 57 -26.88 -100.25 57.45
CA TYR IB 57 -25.88 -99.19 57.60
C TYR IB 57 -24.73 -99.67 58.48
N GLU IB 58 -25.06 -100.34 59.58
CA GLU IB 58 -24.02 -100.86 60.47
C GLU IB 58 -23.16 -101.86 59.72
N ALA IB 59 -23.79 -102.71 58.91
CA ALA IB 59 -23.05 -103.68 58.11
C ALA IB 59 -22.16 -102.99 57.08
N GLN IB 60 -22.67 -101.95 56.41
CA GLN IB 60 -21.86 -101.24 55.43
C GLN IB 60 -20.63 -100.61 56.07
N ASP IB 61 -20.80 -99.98 57.23
CA ASP IB 61 -19.65 -99.42 57.93
C ASP IB 61 -18.65 -100.50 58.27
N LYS IB 62 -19.11 -101.63 58.81
CA LYS IB 62 -18.21 -102.69 59.21
C LYS IB 62 -17.55 -103.36 58.01
N GLU IB 63 -18.25 -103.41 56.88
CA GLU IB 63 -17.70 -104.10 55.72
C GLU IB 63 -16.52 -103.34 55.12
N LEU IB 64 -16.60 -102.01 55.06
CA LEU IB 64 -15.45 -101.23 54.59
C LEU IB 64 -14.25 -101.40 55.49
N VAL IB 65 -14.46 -101.37 56.80
CA VAL IB 65 -13.37 -101.62 57.73
C VAL IB 65 -12.78 -102.99 57.48
N GLN IB 66 -13.66 -103.98 57.26
CA GLN IB 66 -13.20 -105.33 56.99
C GLN IB 66 -12.40 -105.40 55.69
N LEU IB 67 -12.93 -104.80 54.61
CA LEU IB 67 -12.27 -104.89 53.31
C LEU IB 67 -10.89 -104.25 53.34
N LYS IB 68 -10.77 -103.06 53.93
CA LYS IB 68 -9.49 -102.40 54.00
C LYS IB 68 -8.48 -103.23 54.78
N ARG IB 69 -8.92 -103.87 55.85
CA ARG IB 69 -8.05 -104.71 56.64
C ARG IB 69 -7.55 -105.92 55.84
N GLU IB 70 -8.43 -106.54 55.07
CA GLU IB 70 -8.03 -107.71 54.28
C GLU IB 70 -6.96 -107.36 53.27
N ALA IB 71 -7.08 -106.21 52.60
CA ALA IB 71 -6.10 -105.84 51.59
C ALA IB 71 -4.73 -105.58 52.19
N ARG IB 72 -4.69 -104.94 53.37
CA ARG IB 72 -3.41 -104.59 53.96
C ARG IB 72 -2.58 -105.82 54.29
N MET IB 73 -3.22 -106.88 54.78
CA MET IB 73 -2.47 -108.11 55.05
C MET IB 73 -2.06 -108.83 53.78
N LYS IB 74 -2.67 -108.51 52.66
CA LYS IB 74 -2.32 -109.14 51.40
C LYS IB 74 -1.15 -108.45 50.70
N GLY IB 75 -0.78 -107.25 51.14
CA GLY IB 75 0.24 -106.47 50.49
C GLY IB 75 -0.26 -105.40 49.56
N GLY IB 76 -1.56 -105.32 49.33
CA GLY IB 76 -2.18 -104.29 48.52
C GLY IB 76 -2.88 -103.26 49.36
N PHE IB 77 -3.92 -102.67 48.78
CA PHE IB 77 -4.78 -101.75 49.52
C PHE IB 77 -6.08 -101.57 48.75
N TYR IB 78 -7.14 -101.32 49.50
CA TYR IB 78 -8.49 -101.28 48.96
C TYR IB 78 -8.86 -99.86 48.58
N VAL IB 79 -9.14 -99.64 47.30
CA VAL IB 79 -9.66 -98.35 46.86
C VAL IB 79 -11.16 -98.31 47.16
N SER IB 80 -11.57 -97.35 47.98
CA SER IB 80 -12.94 -97.27 48.43
C SER IB 80 -13.87 -96.87 47.29
N PRO IB 81 -15.15 -97.23 47.38
CA PRO IB 81 -16.11 -96.80 46.35
C PRO IB 81 -16.18 -95.29 46.26
N GLU IB 82 -16.32 -94.80 45.03
CA GLU IB 82 -16.33 -93.36 44.81
C GLU IB 82 -17.66 -92.78 45.27
N ALA IB 83 -17.60 -91.58 45.84
CA ALA IB 83 -18.76 -90.99 46.50
C ALA IB 83 -19.91 -90.79 45.52
N LYS IB 84 -21.14 -90.93 46.02
CA LYS IB 84 -22.33 -90.89 45.19
C LYS IB 84 -23.29 -89.77 45.52
N LEU IB 85 -23.27 -89.25 46.74
CA LEU IB 85 -24.21 -88.23 47.17
C LEU IB 85 -23.45 -87.00 47.62
N LEU IB 86 -23.83 -85.83 47.12
CA LEU IB 86 -23.31 -84.56 47.58
C LEU IB 86 -24.40 -83.76 48.28
N PHE IB 87 -24.04 -83.05 49.33
CA PHE IB 87 -24.87 -81.99 49.86
C PHE IB 87 -24.29 -80.66 49.46
N VAL IB 88 -25.10 -79.84 48.81
CA VAL IB 88 -24.65 -78.57 48.23
C VAL IB 88 -25.39 -77.44 48.92
N VAL IB 89 -24.65 -76.48 49.45
CA VAL IB 89 -25.21 -75.32 50.12
C VAL IB 89 -24.73 -74.06 49.40
N ARG IB 90 -25.65 -73.13 49.18
CA ARG IB 90 -25.29 -71.85 48.60
C ARG IB 90 -24.64 -70.96 49.66
N ILE IB 91 -23.55 -70.31 49.29
CA ILE IB 91 -22.81 -69.46 50.22
C ILE IB 91 -22.73 -68.01 49.78
N ARG IB 92 -23.20 -67.66 48.59
CA ARG IB 92 -23.08 -66.30 48.09
C ARG IB 92 -24.46 -65.74 47.81
N GLY IB 93 -24.61 -64.44 48.05
CA GLY IB 93 -25.86 -63.76 47.82
C GLY IB 93 -26.27 -63.71 46.36
N ILE IB 94 -27.31 -62.96 46.05
CA ILE IB 94 -27.93 -62.99 44.74
C ILE IB 94 -27.67 -61.74 43.92
N ASN IB 95 -26.87 -60.82 44.41
CA ASN IB 95 -26.56 -59.61 43.67
C ASN IB 95 -25.40 -59.84 42.71
N ALA IB 96 -25.47 -59.18 41.55
CA ALA IB 96 -24.35 -59.10 40.61
C ALA IB 96 -23.89 -60.50 40.17
N MET IB 97 -24.81 -61.21 39.51
CA MET IB 97 -24.61 -62.58 39.09
C MET IB 97 -24.50 -62.66 37.58
N HIS IB 98 -23.59 -63.51 37.12
CA HIS IB 98 -23.45 -63.72 35.69
C HIS IB 98 -24.61 -64.58 35.20
N PRO IB 99 -25.12 -64.32 33.99
CA PRO IB 99 -26.36 -65.02 33.57
C PRO IB 99 -26.24 -66.53 33.48
N LYS IB 100 -25.07 -67.07 33.14
CA LYS IB 100 -24.94 -68.52 33.11
C LYS IB 100 -24.85 -69.09 34.51
N THR IB 101 -24.16 -68.41 35.42
CA THR IB 101 -24.14 -68.83 36.82
C THR IB 101 -25.53 -68.74 37.42
N LYS IB 102 -26.29 -67.72 37.07
CA LYS IB 102 -27.64 -67.56 37.58
C LYS IB 102 -28.53 -68.73 37.18
N LYS IB 103 -28.42 -69.16 35.91
CA LYS IB 103 -29.30 -70.20 35.40
C LYS IB 103 -29.00 -71.55 36.03
N ILE IB 104 -27.72 -71.87 36.24
CA ILE IB 104 -27.36 -73.17 36.80
C ILE IB 104 -27.87 -73.30 38.21
N LEU IB 105 -27.76 -72.23 39.00
CA LEU IB 105 -28.22 -72.28 40.39
C LEU IB 105 -29.73 -72.42 40.47
N GLN IB 106 -30.46 -71.89 39.49
CA GLN IB 106 -31.88 -72.19 39.41
C GLN IB 106 -32.11 -73.68 39.16
N LEU IB 107 -31.36 -74.28 38.25
CA LEU IB 107 -31.49 -75.70 37.98
C LEU IB 107 -31.10 -76.54 39.18
N LEU IB 108 -30.15 -76.06 39.97
CA LEU IB 108 -29.76 -76.77 41.18
C LEU IB 108 -30.68 -76.48 42.35
N ARG IB 109 -31.72 -75.67 42.15
CA ARG IB 109 -32.69 -75.34 43.18
C ARG IB 109 -32.04 -74.59 44.35
N LEU IB 110 -31.07 -73.75 44.04
CA LEU IB 110 -30.34 -72.96 45.02
C LEU IB 110 -30.48 -71.49 44.63
N ARG IB 111 -31.57 -70.85 45.01
CA ARG IB 111 -31.81 -69.48 44.62
C ARG IB 111 -31.89 -68.55 45.82
N GLN IB 112 -31.24 -68.90 46.91
CA GLN IB 112 -31.15 -68.07 48.10
C GLN IB 112 -29.94 -68.54 48.90
N ILE IB 113 -29.27 -67.60 49.57
CA ILE IB 113 -28.08 -67.95 50.33
C ILE IB 113 -28.44 -68.91 51.45
N PHE IB 114 -27.54 -69.86 51.70
CA PHE IB 114 -27.71 -70.89 52.73
C PHE IB 114 -28.92 -71.79 52.47
N ASN IB 115 -29.30 -71.93 51.21
CA ASN IB 115 -30.17 -73.02 50.79
C ASN IB 115 -29.31 -74.23 50.48
N GLY IB 116 -29.80 -75.40 50.84
CA GLY IB 116 -29.08 -76.64 50.62
C GLY IB 116 -29.96 -77.67 49.95
N VAL IB 117 -29.37 -78.44 49.05
CA VAL IB 117 -30.05 -79.54 48.37
C VAL IB 117 -29.09 -80.72 48.29
N PHE IB 118 -29.62 -81.87 47.90
CA PHE IB 118 -28.85 -83.10 47.75
C PHE IB 118 -28.65 -83.39 46.27
N LEU IB 119 -27.45 -83.85 45.91
CA LEU IB 119 -27.11 -84.10 44.52
C LEU IB 119 -26.60 -85.52 44.30
N LYS IB 120 -26.88 -86.05 43.12
CA LYS IB 120 -26.20 -87.23 42.64
C LYS IB 120 -24.90 -86.85 41.97
N VAL IB 121 -23.87 -87.66 42.17
CA VAL IB 121 -22.63 -87.47 41.42
C VAL IB 121 -22.83 -87.99 40.01
N ASN IB 122 -22.37 -87.20 39.04
CA ASN IB 122 -22.45 -87.54 37.63
C ASN IB 122 -21.38 -86.73 36.91
N LYS IB 123 -20.97 -87.21 35.74
CA LYS IB 123 -20.16 -86.34 34.91
C LYS IB 123 -21.00 -85.15 34.45
N ALA IB 124 -22.30 -85.38 34.23
CA ALA IB 124 -23.23 -84.29 33.93
C ALA IB 124 -23.38 -83.35 35.12
N THR IB 125 -23.46 -83.89 36.33
CA THR IB 125 -23.64 -83.06 37.52
C THR IB 125 -22.35 -82.36 37.93
N ILE IB 126 -21.24 -83.09 37.99
CA ILE IB 126 -20.00 -82.50 38.49
C ILE IB 126 -19.58 -81.34 37.61
N ASN IB 127 -19.89 -81.42 36.32
CA ASN IB 127 -19.55 -80.33 35.42
C ASN IB 127 -20.52 -79.15 35.51
N MET IB 128 -21.63 -79.30 36.23
CA MET IB 128 -22.45 -78.13 36.55
C MET IB 128 -21.95 -77.42 37.80
N LEU IB 129 -21.44 -78.17 38.78
CA LEU IB 129 -20.88 -77.53 39.97
C LEU IB 129 -19.58 -76.83 39.67
N ARG IB 130 -18.83 -77.30 38.68
CA ARG IB 130 -17.58 -76.63 38.37
C ARG IB 130 -17.81 -75.22 37.85
N ARG IB 131 -18.97 -74.96 37.25
CA ARG IB 131 -19.27 -73.64 36.70
C ARG IB 131 -19.94 -72.71 37.69
N VAL IB 132 -20.34 -73.18 38.87
CA VAL IB 132 -20.92 -72.28 39.85
C VAL IB 132 -20.23 -72.46 41.19
N GLU IB 133 -19.02 -73.02 41.17
CA GLU IB 133 -18.38 -73.38 42.43
C GLU IB 133 -18.11 -72.20 43.36
N PRO IB 134 -17.74 -71.00 42.90
CA PRO IB 134 -17.52 -69.92 43.87
C PRO IB 134 -18.74 -69.56 44.67
N TYR IB 135 -19.92 -69.94 44.19
CA TYR IB 135 -21.19 -69.62 44.82
C TYR IB 135 -21.68 -70.68 45.78
N VAL IB 136 -21.11 -71.88 45.76
CA VAL IB 136 -21.62 -72.98 46.57
C VAL IB 136 -20.48 -73.63 47.32
N ALA IB 137 -20.81 -74.15 48.50
CA ALA IB 137 -20.00 -75.13 49.20
C ALA IB 137 -20.71 -76.46 49.14
N TYR IB 138 -19.93 -77.54 49.05
CA TYR IB 138 -20.52 -78.87 48.94
C TYR IB 138 -19.53 -79.91 49.41
N GLY IB 139 -20.06 -81.12 49.61
CA GLY IB 139 -19.26 -82.21 50.14
C GLY IB 139 -20.09 -83.48 50.21
N TYR IB 140 -19.59 -84.45 50.96
CA TYR IB 140 -20.22 -85.75 51.06
C TYR IB 140 -20.92 -85.87 52.40
N PRO IB 141 -22.24 -85.88 52.46
CA PRO IB 141 -22.94 -86.05 53.74
C PRO IB 141 -22.91 -87.51 54.21
N ASN IB 142 -23.08 -87.67 55.50
CA ASN IB 142 -23.09 -88.96 56.14
C ASN IB 142 -24.48 -89.25 56.71
N LEU IB 143 -24.60 -90.37 57.44
CA LEU IB 143 -25.91 -90.77 57.96
C LEU IB 143 -26.49 -89.73 58.91
N LYS IB 144 -25.70 -89.26 59.88
CA LYS IB 144 -26.23 -88.31 60.84
C LYS IB 144 -26.66 -87.02 60.17
N SER IB 145 -25.86 -86.52 59.25
CA SER IB 145 -26.20 -85.27 58.57
C SER IB 145 -27.43 -85.45 57.70
N VAL IB 146 -27.54 -86.56 56.98
CA VAL IB 146 -28.71 -86.75 56.13
C VAL IB 146 -29.97 -86.94 56.98
N ARG IB 147 -29.85 -87.63 58.12
CA ARG IB 147 -31.04 -87.86 58.94
C ARG IB 147 -31.52 -86.59 59.64
N GLU IB 148 -30.60 -85.85 60.28
CA GLU IB 148 -31.01 -84.68 61.05
C GLU IB 148 -31.55 -83.57 60.14
N LEU IB 149 -30.94 -83.37 58.98
CA LEU IB 149 -31.51 -82.44 58.01
C LEU IB 149 -32.95 -82.78 57.68
N ILE IB 150 -33.22 -84.04 57.39
CA ILE IB 150 -34.54 -84.40 56.86
C ILE IB 150 -35.61 -84.33 57.94
N TYR IB 151 -35.29 -84.77 59.16
CA TYR IB 151 -36.27 -84.68 60.24
C TYR IB 151 -36.48 -83.23 60.65
N LYS IB 152 -35.41 -82.55 61.02
CA LYS IB 152 -35.53 -81.22 61.60
C LYS IB 152 -36.03 -80.20 60.60
N ARG IB 153 -35.47 -80.21 59.39
CA ARG IB 153 -35.69 -79.13 58.44
C ARG IB 153 -36.31 -79.62 57.14
N GLY IB 154 -36.86 -80.82 57.14
CA GLY IB 154 -37.44 -81.39 55.94
C GLY IB 154 -38.87 -80.98 55.71
N TYR IB 155 -39.14 -80.45 54.53
CA TYR IB 155 -40.46 -80.02 54.12
C TYR IB 155 -40.78 -80.68 52.79
N GLY IB 156 -42.03 -81.04 52.59
CA GLY IB 156 -42.45 -81.69 51.37
C GLY IB 156 -43.05 -80.75 50.36
N LYS IB 157 -43.03 -81.17 49.12
CA LYS IB 157 -43.59 -80.43 47.99
C LYS IB 157 -44.88 -81.14 47.59
N LEU IB 158 -45.97 -80.81 48.26
CA LEU IB 158 -47.27 -81.36 47.95
C LEU IB 158 -48.07 -80.35 47.16
N ASN IB 159 -48.35 -80.67 45.90
CA ASN IB 159 -49.13 -79.81 45.02
C ASN IB 159 -48.54 -78.41 44.95
N LYS IB 160 -47.22 -78.34 44.78
CA LYS IB 160 -46.45 -77.11 44.62
C LYS IB 160 -46.33 -76.31 45.91
N GLN IB 161 -46.74 -76.88 47.05
CA GLN IB 161 -46.77 -76.18 48.32
C GLN IB 161 -45.79 -76.82 49.27
N ARG IB 162 -45.25 -76.01 50.19
CA ARG IB 162 -44.20 -76.45 51.11
C ARG IB 162 -44.84 -76.97 52.39
N ILE IB 163 -44.88 -78.29 52.54
CA ILE IB 163 -45.61 -78.95 53.63
C ILE IB 163 -44.59 -79.59 54.55
N PRO IB 164 -44.57 -79.26 55.84
CA PRO IB 164 -43.60 -79.86 56.76
C PRO IB 164 -43.82 -81.36 56.93
N LEU IB 165 -42.72 -82.10 56.99
CA LEU IB 165 -42.75 -83.55 57.11
C LEU IB 165 -42.87 -83.96 58.58
N ALA IB 166 -43.90 -83.43 59.22
CA ALA IB 166 -44.15 -83.70 60.64
C ALA IB 166 -44.56 -85.14 60.92
N ASN IB 167 -44.92 -85.90 59.90
CA ASN IB 167 -45.52 -87.20 60.06
C ASN IB 167 -45.30 -88.03 58.81
N ASN IB 168 -45.71 -89.29 58.87
CA ASN IB 168 -45.42 -90.23 57.80
C ASN IB 168 -46.43 -90.17 56.67
N LYS IB 169 -47.66 -89.74 56.96
CA LYS IB 169 -48.68 -89.71 55.91
C LYS IB 169 -48.32 -88.73 54.82
N VAL IB 170 -47.63 -87.64 55.15
CA VAL IB 170 -47.16 -86.71 54.14
C VAL IB 170 -46.23 -87.41 53.16
N ILE IB 171 -45.37 -88.28 53.65
CA ILE IB 171 -44.51 -89.05 52.74
C ILE IB 171 -45.33 -90.02 51.92
N GLU IB 172 -46.29 -90.71 52.55
CA GLU IB 172 -47.09 -91.70 51.82
C GLU IB 172 -47.84 -91.03 50.68
N GLU IB 173 -48.45 -89.89 50.94
CA GLU IB 173 -49.20 -89.21 49.88
C GLU IB 173 -48.25 -88.51 48.93
N GLY IB 174 -47.08 -88.09 49.41
CA GLY IB 174 -46.12 -87.47 48.52
C GLY IB 174 -45.50 -88.44 47.54
N LEU IB 175 -45.07 -89.60 48.01
CA LEU IB 175 -44.32 -90.51 47.16
C LEU IB 175 -45.08 -91.80 46.91
N GLY IB 176 -45.29 -92.64 47.91
CA GLY IB 176 -46.36 -93.61 47.87
C GLY IB 176 -46.26 -94.60 46.73
N LYS IB 177 -46.31 -94.06 45.51
CA LYS IB 177 -46.28 -94.86 44.30
C LYS IB 177 -44.95 -95.56 44.17
N HIS IB 178 -43.89 -94.92 44.64
CA HIS IB 178 -42.54 -95.43 44.59
C HIS IB 178 -42.20 -96.25 45.82
N ASN IB 179 -43.23 -96.72 46.53
CA ASN IB 179 -43.08 -97.54 47.73
C ASN IB 179 -42.23 -96.83 48.78
N ILE IB 180 -42.41 -95.52 48.89
CA ILE IB 180 -41.84 -94.73 49.97
C ILE IB 180 -42.99 -94.35 50.89
N ILE IB 181 -42.95 -94.86 52.11
CA ILE IB 181 -44.07 -94.77 53.04
C ILE IB 181 -43.74 -94.03 54.31
N CYS IB 182 -42.46 -93.97 54.71
CA CYS IB 182 -42.11 -93.39 55.98
C CYS IB 182 -40.90 -92.49 55.82
N ILE IB 183 -40.71 -91.62 56.81
CA ILE IB 183 -39.56 -90.72 56.80
C ILE IB 183 -38.26 -91.51 56.80
N GLU IB 184 -38.26 -92.71 57.41
CA GLU IB 184 -37.05 -93.48 57.50
C GLU IB 184 -36.68 -94.11 56.17
N ASP IB 185 -37.68 -94.50 55.37
CA ASP IB 185 -37.37 -94.95 54.03
C ASP IB 185 -37.08 -93.78 53.10
N LEU IB 186 -37.63 -92.60 53.39
CA LEU IB 186 -37.22 -91.40 52.66
C LEU IB 186 -35.75 -91.09 52.91
N VAL IB 187 -35.28 -91.24 54.15
CA VAL IB 187 -33.85 -91.11 54.43
C VAL IB 187 -33.06 -92.12 53.62
N HIS IB 188 -33.46 -93.39 53.67
CA HIS IB 188 -32.71 -94.44 53.00
C HIS IB 188 -32.65 -94.18 51.50
N GLU IB 189 -33.76 -93.72 50.93
CA GLU IB 189 -33.83 -93.49 49.50
C GLU IB 189 -32.81 -92.42 49.11
N ILE IB 190 -32.66 -91.39 49.94
CA ILE IB 190 -31.70 -90.32 49.66
C ILE IB 190 -30.28 -90.79 49.88
N LEU IB 191 -30.03 -91.46 51.00
CA LEU IB 191 -28.65 -91.68 51.41
C LEU IB 191 -27.96 -92.69 50.50
N THR IB 192 -28.50 -93.89 50.41
CA THR IB 192 -28.05 -94.87 49.44
C THR IB 192 -28.81 -94.59 48.17
N VAL IB 193 -28.20 -93.82 47.27
CA VAL IB 193 -28.89 -93.27 46.11
C VAL IB 193 -29.58 -94.40 45.37
N GLY IB 194 -30.91 -94.38 45.36
CA GLY IB 194 -31.68 -95.52 44.95
C GLY IB 194 -32.39 -95.32 43.64
N PRO IB 195 -33.16 -96.32 43.22
CA PRO IB 195 -33.85 -96.23 41.93
C PRO IB 195 -34.78 -95.04 41.82
N HIS IB 196 -35.33 -94.56 42.93
CA HIS IB 196 -36.20 -93.40 42.89
C HIS IB 196 -35.57 -92.19 43.58
N PHE IB 197 -34.26 -92.04 43.49
CA PHE IB 197 -33.63 -90.87 44.10
C PHE IB 197 -34.10 -89.58 43.42
N LYS IB 198 -34.36 -89.65 42.11
CA LYS IB 198 -34.89 -88.51 41.39
C LYS IB 198 -36.19 -88.02 42.02
N GLU IB 199 -37.11 -88.95 42.27
CA GLU IB 199 -38.43 -88.58 42.78
C GLU IB 199 -38.37 -88.17 44.25
N ALA IB 200 -37.63 -88.91 45.07
CA ALA IB 200 -37.56 -88.61 46.49
C ALA IB 200 -36.69 -87.41 46.80
N ASN IB 201 -35.86 -86.98 45.86
CA ASN IB 201 -35.07 -85.78 46.09
C ASN IB 201 -35.71 -84.53 45.53
N ASN IB 202 -36.46 -84.65 44.44
CA ASN IB 202 -37.29 -83.53 44.01
C ASN IB 202 -38.45 -83.31 44.97
N PHE IB 203 -38.89 -84.36 45.67
CA PHE IB 203 -39.99 -84.20 46.61
C PHE IB 203 -39.60 -83.25 47.74
N LEU IB 204 -38.37 -83.33 48.20
CA LEU IB 204 -37.92 -82.48 49.29
C LEU IB 204 -37.75 -81.06 48.80
N TRP IB 205 -38.42 -80.12 49.47
CA TRP IB 205 -38.23 -78.72 49.18
C TRP IB 205 -36.82 -78.32 49.60
N PRO IB 206 -36.21 -77.38 48.89
CA PRO IB 206 -34.86 -76.93 49.27
C PRO IB 206 -34.76 -76.57 50.74
N PHE IB 207 -33.71 -77.09 51.40
CA PHE IB 207 -33.54 -76.87 52.82
C PHE IB 207 -33.21 -75.41 53.10
N LYS IB 208 -33.76 -74.89 54.17
CA LYS IB 208 -33.56 -73.51 54.58
C LYS IB 208 -32.69 -73.58 55.83
N LEU IB 209 -31.43 -73.20 55.70
CA LEU IB 209 -30.49 -73.42 56.78
C LEU IB 209 -30.21 -72.13 57.54
N LYS IB 210 -29.84 -72.29 58.80
CA LYS IB 210 -29.36 -71.18 59.58
C LYS IB 210 -28.08 -70.60 58.99
N ALA IB 211 -27.84 -69.34 59.29
CA ALA IB 211 -26.49 -68.82 59.15
C ALA IB 211 -25.57 -69.57 60.10
N PRO IB 212 -24.38 -69.95 59.66
CA PRO IB 212 -23.57 -70.91 60.44
C PRO IB 212 -23.17 -70.37 61.80
N LEU IB 213 -23.58 -71.09 62.85
CA LEU IB 213 -23.18 -70.77 64.21
C LEU IB 213 -21.68 -70.93 64.36
N GLY IB 214 -21.01 -69.83 64.68
CA GLY IB 214 -19.57 -69.80 64.74
C GLY IB 214 -18.91 -69.13 63.58
N GLY IB 215 -19.63 -68.89 62.49
CA GLY IB 215 -19.13 -68.12 61.37
C GLY IB 215 -18.60 -68.99 60.25
N LEU IB 216 -18.12 -68.30 59.23
CA LEU IB 216 -17.38 -68.86 58.12
C LEU IB 216 -15.94 -68.35 58.15
N LYS IB 217 -15.09 -68.95 57.33
CA LYS IB 217 -13.85 -68.31 56.95
C LYS IB 217 -14.17 -67.33 55.83
N LYS IB 218 -13.15 -66.84 55.13
CA LYS IB 218 -13.40 -66.00 53.98
C LYS IB 218 -14.25 -66.73 52.93
N LYS IB 219 -15.46 -66.23 52.68
CA LYS IB 219 -16.33 -66.87 51.70
C LYS IB 219 -15.79 -66.76 50.29
N ARG IB 220 -14.90 -65.81 50.04
CA ARG IB 220 -14.43 -65.49 48.70
C ARG IB 220 -13.40 -66.46 48.15
N ASN IB 221 -12.96 -67.43 48.91
CA ASN IB 221 -11.89 -68.32 48.47
C ASN IB 221 -12.36 -69.76 48.45
N HIS IB 222 -11.60 -70.60 47.77
CA HIS IB 222 -11.89 -72.02 47.76
C HIS IB 222 -11.54 -72.63 49.10
N TYR IB 223 -12.25 -73.70 49.46
CA TYR IB 223 -11.95 -74.39 50.70
C TYR IB 223 -10.49 -74.82 50.79
N VAL IB 224 -9.88 -75.19 49.66
CA VAL IB 224 -8.47 -75.63 49.65
C VAL IB 224 -7.55 -74.50 50.07
N GLU IB 225 -7.79 -73.28 49.56
CA GLU IB 225 -7.00 -72.12 49.94
C GLU IB 225 -7.14 -71.76 51.41
N GLY IB 226 -8.16 -72.27 52.09
CA GLY IB 226 -8.53 -71.80 53.40
C GLY IB 226 -9.83 -71.02 53.43
N GLY IB 227 -10.48 -70.81 52.29
CA GLY IB 227 -11.75 -70.14 52.25
C GLY IB 227 -12.89 -71.10 52.53
N ASP IB 228 -14.01 -70.94 51.84
CA ASP IB 228 -15.14 -71.82 52.07
C ASP IB 228 -15.77 -72.40 50.82
N ALA IB 229 -15.48 -71.88 49.65
CA ALA IB 229 -16.13 -72.37 48.44
C ALA IB 229 -15.58 -73.75 48.05
N GLY IB 230 -16.34 -74.44 47.22
CA GLY IB 230 -15.85 -75.67 46.62
C GLY IB 230 -16.08 -76.92 47.45
N ASN IB 231 -15.32 -77.96 47.09
CA ASN IB 231 -15.43 -79.29 47.67
C ASN IB 231 -14.65 -79.39 48.97
N ARG IB 232 -15.32 -79.85 50.03
CA ARG IB 232 -14.73 -80.04 51.36
C ARG IB 232 -15.16 -81.41 51.89
N GLU IB 233 -14.88 -82.45 51.11
CA GLU IB 233 -15.68 -83.66 50.99
C GLU IB 233 -16.40 -84.15 52.23
N ASN IB 234 -15.68 -84.61 53.24
CA ASN IB 234 -16.33 -85.06 54.46
C ASN IB 234 -16.49 -83.96 55.48
N TYR IB 235 -15.76 -82.86 55.30
CA TYR IB 235 -15.85 -81.72 56.20
C TYR IB 235 -17.15 -80.94 56.02
N ILE IB 236 -17.95 -81.29 55.02
CA ILE IB 236 -19.29 -80.72 54.90
C ILE IB 236 -20.14 -81.10 56.10
N ASN IB 237 -19.83 -82.21 56.75
CA ASN IB 237 -20.62 -82.64 57.89
C ASN IB 237 -20.42 -81.72 59.08
N GLN IB 238 -19.19 -81.23 59.29
CA GLN IB 238 -18.97 -80.23 60.32
C GLN IB 238 -19.73 -78.94 60.04
N LEU IB 239 -19.87 -78.58 58.77
CA LEU IB 239 -20.61 -77.39 58.43
C LEU IB 239 -22.11 -77.61 58.54
N VAL IB 240 -22.58 -78.84 58.35
CA VAL IB 240 -24.00 -79.13 58.55
C VAL IB 240 -24.38 -78.96 60.01
N ARG IB 241 -23.53 -79.42 60.93
CA ARG IB 241 -23.82 -79.32 62.35
C ARG IB 241 -24.07 -77.88 62.76
N ARG IB 242 -23.41 -76.94 62.10
CA ARG IB 242 -23.39 -75.55 62.51
C ARG IB 242 -24.41 -74.69 61.78
N MET IB 243 -24.97 -75.17 60.67
CA MET IB 243 -26.09 -74.51 60.01
C MET IB 243 -27.42 -75.20 60.26
N ASN IB 244 -27.42 -76.35 60.91
CA ASN IB 244 -28.66 -77.07 61.17
C ASN IB 244 -29.19 -76.78 62.57
N SER JB 2 1.51 -14.09 40.62
CA SER JB 2 0.84 -13.28 41.63
C SER JB 2 1.71 -13.03 42.85
N HIS JB 3 3.02 -13.16 42.72
CA HIS JB 3 3.86 -12.53 43.71
C HIS JB 3 3.80 -11.02 43.55
N ARG JB 4 3.97 -10.30 44.65
CA ARG JB 4 4.06 -8.85 44.58
C ARG JB 4 5.26 -8.46 43.73
N LYS JB 5 5.09 -7.43 42.91
CA LYS JB 5 6.14 -7.06 41.97
C LYS JB 5 7.37 -6.54 42.69
N PHE JB 6 7.19 -5.60 43.60
CA PHE JB 6 8.29 -4.98 44.30
C PHE JB 6 8.02 -5.11 45.79
N GLU JB 7 9.07 -5.36 46.55
CA GLU JB 7 8.89 -5.64 47.97
C GLU JB 7 9.33 -4.43 48.80
N HIS JB 8 8.73 -4.31 49.97
CA HIS JB 8 9.07 -3.30 50.95
C HIS JB 8 8.66 -3.82 52.31
N PRO JB 9 9.34 -3.41 53.38
CA PRO JB 9 9.01 -3.94 54.70
C PRO JB 9 7.60 -3.57 55.12
N ARG JB 10 7.05 -4.38 56.01
CA ARG JB 10 5.70 -4.17 56.50
C ARG JB 10 5.58 -2.87 57.28
N HIS JB 11 4.44 -2.20 57.15
CA HIS JB 11 4.14 -1.03 57.97
C HIS JB 11 3.64 -1.44 59.34
N GLY JB 12 4.12 -0.76 60.36
CA GLY JB 12 3.66 -1.01 61.70
C GLY JB 12 4.24 -2.29 62.29
N SER JB 13 4.15 -2.39 63.60
CA SER JB 13 4.70 -3.52 64.33
C SER JB 13 3.56 -4.39 64.83
N LEU JB 14 3.68 -5.69 64.62
CA LEU JB 14 2.69 -6.61 65.13
C LEU JB 14 2.90 -6.92 66.60
N GLY JB 15 4.00 -6.46 67.19
CA GLY JB 15 4.36 -6.72 68.56
C GLY JB 15 3.73 -5.83 69.60
N PHE JB 16 2.98 -4.83 69.19
CA PHE JB 16 2.29 -3.93 70.11
C PHE JB 16 0.78 -4.01 69.93
N LEU JB 17 0.28 -5.15 69.62
CA LEU JB 17 -1.15 -5.39 69.47
C LEU JB 17 -1.73 -5.97 70.74
N PRO JB 18 -3.04 -5.80 70.99
CA PRO JB 18 -3.94 -4.92 70.26
C PRO JB 18 -3.62 -3.47 70.56
N ARG JB 19 -3.77 -2.60 69.57
CA ARG JB 19 -3.52 -1.18 69.78
C ARG JB 19 -4.81 -0.53 70.29
N LYS JB 20 -5.11 -0.88 71.53
CA LYS JB 20 -6.30 -0.48 72.26
C LYS JB 20 -5.92 0.50 73.35
N ARG JB 21 -6.93 1.11 73.96
CA ARG JB 21 -6.68 1.94 75.12
C ARG JB 21 -6.14 1.08 76.25
N CYS JB 22 -5.17 1.62 76.98
CA CYS JB 22 -4.62 0.91 78.12
C CYS JB 22 -5.69 0.75 79.20
N SER JB 23 -5.62 -0.36 79.91
CA SER JB 23 -6.55 -0.59 81.01
C SER JB 23 -6.10 0.08 82.30
N ARG JB 24 -5.03 0.85 82.25
CA ARG JB 24 -4.39 1.41 83.43
C ARG JB 24 -4.00 2.85 83.13
N HIS JB 25 -4.12 3.71 84.13
CA HIS JB 25 -3.60 5.06 84.00
C HIS JB 25 -2.18 5.13 84.55
N ARG JB 26 -1.96 4.57 85.72
CA ARG JB 26 -0.62 4.38 86.23
C ARG JB 26 0.07 3.29 85.44
N GLY JB 27 1.33 3.53 85.07
CA GLY JB 27 2.09 2.50 84.39
C GLY JB 27 2.38 1.34 85.31
N LYS JB 28 2.37 0.13 84.75
CA LYS JB 28 2.53 -1.10 85.50
C LYS JB 28 3.92 -1.67 85.28
N VAL JB 29 4.62 -1.99 86.38
CA VAL JB 29 5.93 -2.60 86.29
C VAL JB 29 5.72 -4.08 86.01
N LYS JB 30 5.98 -4.49 84.78
CA LYS JB 30 5.71 -5.87 84.39
C LYS JB 30 6.88 -6.79 84.62
N SER JB 31 8.00 -6.27 85.15
CA SER JB 31 9.11 -7.10 85.56
C SER JB 31 10.08 -6.31 86.42
N PHE JB 32 10.54 -6.89 87.51
CA PHE JB 32 11.51 -6.25 88.38
C PHE JB 32 12.90 -6.82 88.14
N PRO JB 33 13.94 -6.07 88.50
CA PRO JB 33 15.30 -6.60 88.33
C PRO JB 33 15.51 -7.88 89.13
N LYS JB 34 16.20 -8.83 88.51
CA LYS JB 34 16.51 -10.08 89.18
C LYS JB 34 17.29 -9.81 90.46
N ASP JB 35 16.93 -10.51 91.53
CA ASP JB 35 17.42 -10.22 92.86
C ASP JB 35 18.84 -10.75 93.08
N ASP JB 36 19.63 -10.01 93.87
CA ASP JB 36 21.03 -10.34 94.17
C ASP JB 36 21.24 -10.28 95.68
N GLN JB 37 21.13 -11.42 96.35
CA GLN JB 37 20.95 -11.43 97.79
C GLN JB 37 22.09 -10.75 98.52
N GLN JB 38 23.27 -10.62 97.91
CA GLN JB 38 24.37 -9.95 98.59
C GLN JB 38 24.26 -8.43 98.56
N LYS JB 39 23.39 -7.87 97.74
CA LYS JB 39 23.16 -6.44 97.79
C LYS JB 39 22.40 -6.07 99.07
N PRO JB 40 22.58 -4.86 99.58
CA PRO JB 40 21.72 -4.42 100.68
C PRO JB 40 20.32 -4.09 100.17
N CYS JB 41 19.37 -4.08 101.10
CA CYS JB 41 17.98 -3.88 100.74
C CYS JB 41 17.74 -2.50 100.14
N HIS JB 42 17.42 -2.46 98.86
CA HIS JB 42 17.09 -1.21 98.18
C HIS JB 42 15.71 -1.35 97.56
N LEU JB 43 15.20 -0.25 97.05
CA LEU JB 43 13.97 -0.24 96.28
C LEU JB 43 14.30 -0.18 94.79
N THR JB 44 13.29 -0.45 93.96
CA THR JB 44 13.51 -0.58 92.53
C THR JB 44 12.66 0.32 91.66
N ALA JB 45 11.82 1.19 92.22
CA ALA JB 45 10.96 2.00 91.36
C ALA JB 45 10.39 3.18 92.13
N PHE JB 46 9.98 4.20 91.37
CA PHE JB 46 9.23 5.35 91.87
C PHE JB 46 8.07 5.71 90.97
N LEU JB 47 7.28 6.66 91.46
CA LEU JB 47 6.22 7.32 90.72
C LEU JB 47 6.55 8.81 90.63
N GLY JB 48 6.82 9.29 89.43
CA GLY JB 48 7.09 10.68 89.19
C GLY JB 48 6.02 11.29 88.32
N TYR JB 49 6.19 12.58 88.06
CA TYR JB 49 5.26 13.33 87.25
C TYR JB 49 6.04 14.11 86.22
N LYS JB 50 5.80 13.83 84.94
CA LYS JB 50 6.46 14.54 83.86
C LYS JB 50 6.08 16.01 83.93
N ALA JB 51 7.06 16.87 84.21
CA ALA JB 51 6.81 18.30 84.32
C ALA JB 51 6.89 18.99 82.97
N GLY JB 52 7.97 18.77 82.24
CA GLY JB 52 8.13 19.39 80.94
C GLY JB 52 9.48 19.03 80.36
N MET JB 53 9.85 19.74 79.31
CA MET JB 53 11.15 19.57 78.72
C MET JB 53 11.88 20.91 78.58
N THR JB 54 13.18 20.79 78.41
CA THR JB 54 14.07 21.88 78.09
C THR JB 54 15.32 21.26 77.50
N HIS JB 55 16.35 22.06 77.27
CA HIS JB 55 17.58 21.54 76.70
C HIS JB 55 18.77 22.00 77.51
N ILE JB 56 19.79 21.17 77.51
CA ILE JB 56 21.08 21.52 78.07
C ILE JB 56 22.00 21.84 76.92
N VAL JB 57 23.18 22.34 77.26
CA VAL JB 57 24.36 22.21 76.43
C VAL JB 57 25.43 21.65 77.33
N ARG JB 58 26.04 20.55 76.92
CA ARG JB 58 27.13 19.97 77.68
C ARG JB 58 28.32 19.81 76.77
N GLU JB 59 29.44 19.41 77.35
CA GLU JB 59 30.65 19.09 76.61
C GLU JB 59 30.94 17.61 76.78
N VAL JB 60 31.34 16.99 75.69
CA VAL JB 60 31.47 15.53 75.59
C VAL JB 60 32.90 15.11 75.92
N GLU JB 61 33.01 13.92 76.51
CA GLU JB 61 34.27 13.18 76.55
C GLU JB 61 33.98 11.79 76.00
N LYS JB 62 34.53 11.50 74.82
CA LYS JB 62 34.26 10.26 74.12
C LYS JB 62 35.36 10.06 73.09
N PRO JB 63 36.53 9.60 73.50
CA PRO JB 63 37.67 9.55 72.56
C PRO JB 63 37.35 8.73 71.34
N GLY JB 64 37.67 9.28 70.17
CA GLY JB 64 37.35 8.66 68.91
C GLY JB 64 36.14 9.23 68.21
N SER JB 65 35.28 9.94 68.93
CA SER JB 65 34.09 10.55 68.36
C SER JB 65 34.40 11.96 67.90
N LYS JB 66 33.67 12.42 66.88
CA LYS JB 66 33.87 13.80 66.43
C LYS JB 66 33.44 14.80 67.48
N LEU JB 67 32.59 14.39 68.41
CA LEU JB 67 32.10 15.26 69.47
C LEU JB 67 33.10 15.38 70.60
N HIS JB 68 34.21 14.69 70.54
CA HIS JB 68 35.20 14.73 71.60
C HIS JB 68 35.74 16.14 71.79
N LYS JB 69 35.76 16.59 73.04
CA LYS JB 69 36.19 17.95 73.40
C LYS JB 69 35.33 19.00 72.70
N LYS JB 70 34.10 18.65 72.33
CA LYS JB 70 33.19 19.58 71.69
C LYS JB 70 31.92 19.72 72.53
N GLU JB 71 31.11 20.71 72.17
CA GLU JB 71 29.86 20.92 72.86
C GLU JB 71 28.77 20.08 72.21
N THR JB 72 27.65 19.93 72.89
CA THR JB 72 26.47 19.37 72.26
C THR JB 72 25.22 19.88 72.96
N CYS JB 73 24.15 20.01 72.20
CA CYS JB 73 22.85 20.42 72.71
C CYS JB 73 21.92 19.23 72.72
N GLU JB 74 21.21 19.03 73.83
CA GLU JB 74 20.37 17.86 73.99
C GLU JB 74 19.10 18.22 74.73
N ALA JB 75 17.98 17.71 74.23
CA ALA JB 75 16.71 17.83 74.92
C ALA JB 75 16.73 16.97 76.18
N VAL JB 76 16.07 17.44 77.23
CA VAL JB 76 15.93 16.69 78.46
C VAL JB 76 14.51 16.86 78.95
N THR JB 77 14.05 15.88 79.74
CA THR JB 77 12.75 15.95 80.37
C THR JB 77 12.94 15.99 81.87
N ILE JB 78 12.13 16.80 82.54
CA ILE JB 78 12.17 16.93 84.00
C ILE JB 78 10.99 16.16 84.56
N ILE JB 79 11.26 15.27 85.52
CA ILE JB 79 10.22 14.52 86.22
C ILE JB 79 10.28 14.94 87.68
N GLU JB 80 9.18 15.48 88.18
CA GLU JB 80 9.11 15.88 89.59
C GLU JB 80 8.85 14.65 90.43
N THR JB 81 9.73 14.37 91.39
CA THR JB 81 9.70 13.14 92.16
C THR JB 81 9.84 13.47 93.65
N PRO JB 82 8.78 13.97 94.27
CA PRO JB 82 8.79 14.16 95.72
C PRO JB 82 8.88 12.82 96.42
N PRO JB 83 9.19 12.81 97.72
CA PRO JB 83 9.43 11.54 98.41
C PRO JB 83 8.21 10.63 98.41
N LEU JB 84 8.46 9.33 98.32
CA LEU JB 84 7.41 8.35 98.50
C LEU JB 84 7.18 8.08 99.97
N VAL JB 85 5.96 7.68 100.31
CA VAL JB 85 5.62 7.29 101.68
C VAL JB 85 5.22 5.82 101.67
N ILE JB 86 5.92 5.02 102.47
CA ILE JB 86 5.68 3.59 102.55
C ILE JB 86 4.64 3.30 103.61
N VAL JB 87 3.52 2.71 103.20
CA VAL JB 87 2.40 2.44 104.09
C VAL JB 87 2.17 0.95 104.32
N GLY JB 88 2.81 0.08 103.55
CA GLY JB 88 2.47 -1.32 103.70
C GLY JB 88 3.57 -2.23 103.21
N LEU JB 89 3.35 -3.51 103.41
CA LEU JB 89 4.28 -4.56 103.03
C LEU JB 89 3.49 -5.75 102.54
N VAL JB 90 3.94 -6.36 101.44
CA VAL JB 90 3.26 -7.51 100.85
C VAL JB 90 4.30 -8.60 100.62
N ALA JB 91 3.93 -9.84 100.90
CA ALA JB 91 4.80 -10.98 100.75
C ALA JB 91 4.30 -11.89 99.65
N TYR JB 92 5.22 -12.54 98.95
CA TYR JB 92 4.88 -13.43 97.85
C TYR JB 92 5.50 -14.80 98.07
N VAL JB 93 4.83 -15.83 97.60
CA VAL JB 93 5.29 -17.19 97.78
C VAL JB 93 5.18 -17.93 96.45
N LYS JB 94 6.14 -18.80 96.17
CA LYS JB 94 6.20 -19.50 94.90
C LYS JB 94 5.26 -20.71 94.93
N THR JB 95 4.34 -20.77 93.98
CA THR JB 95 3.42 -21.88 93.84
C THR JB 95 3.57 -22.48 92.45
N PRO JB 96 3.07 -23.71 92.24
CA PRO JB 96 3.13 -24.29 90.90
C PRO JB 96 2.44 -23.47 89.81
N ARG JB 97 1.44 -22.66 90.15
CA ARG JB 97 0.82 -21.81 89.13
C ARG JB 97 1.57 -20.52 88.90
N GLY JB 98 2.19 -19.96 89.93
CA GLY JB 98 3.02 -18.79 89.77
C GLY JB 98 3.44 -18.17 91.09
N LEU JB 99 3.36 -16.85 91.19
CA LEU JB 99 3.58 -16.14 92.44
C LEU JB 99 2.23 -15.81 93.04
N ARG JB 100 2.15 -15.85 94.36
CA ARG JB 100 0.91 -15.65 95.08
C ARG JB 100 1.15 -14.76 96.28
N THR JB 101 0.22 -13.84 96.55
CA THR JB 101 0.32 -13.03 97.76
C THR JB 101 0.00 -13.88 98.98
N LEU JB 102 0.94 -13.94 99.92
CA LEU JB 102 0.71 -14.71 101.14
C LEU JB 102 -0.06 -13.90 102.16
N ASN JB 103 0.45 -12.74 102.52
CA ASN JB 103 -0.22 -11.84 103.46
C ASN JB 103 0.35 -10.45 103.26
N SER JB 104 -0.10 -9.52 104.09
CA SER JB 104 0.25 -8.12 103.95
C SER JB 104 -0.05 -7.39 105.24
N VAL JB 105 0.80 -6.42 105.58
CA VAL JB 105 0.59 -5.61 106.78
C VAL JB 105 0.63 -4.14 106.40
N TRP JB 106 -0.37 -3.39 106.85
CA TRP JB 106 -0.45 -1.97 106.60
C TRP JB 106 0.04 -1.15 107.80
N ALA JB 107 0.44 0.08 107.52
CA ALA JB 107 0.83 1.00 108.57
C ALA JB 107 -0.40 1.44 109.37
N GLN JB 108 -0.14 1.98 110.56
CA GLN JB 108 -1.24 2.42 111.40
C GLN JB 108 -1.88 3.69 110.85
N HIS JB 109 -1.07 4.64 110.42
CA HIS JB 109 -1.55 5.94 110.01
C HIS JB 109 -1.43 6.07 108.50
N LEU JB 110 -2.56 6.31 107.84
CA LEU JB 110 -2.62 6.50 106.41
C LEU JB 110 -3.17 7.89 106.16
N SER JB 111 -2.53 8.65 105.29
CA SER JB 111 -2.99 10.01 105.08
C SER JB 111 -4.33 10.00 104.33
N GLU JB 112 -5.01 11.14 104.38
CA GLU JB 112 -6.23 11.29 103.61
C GLU JB 112 -5.98 11.04 102.14
N ASP JB 113 -4.81 11.41 101.63
CA ASP JB 113 -4.54 11.26 100.21
C ASP JB 113 -4.55 9.81 99.78
N VAL JB 114 -3.80 8.95 100.49
CA VAL JB 114 -3.72 7.56 100.11
C VAL JB 114 -5.04 6.84 100.38
N ARG JB 115 -5.79 7.28 101.40
CA ARG JB 115 -7.12 6.69 101.65
C ARG JB 115 -8.14 7.12 100.61
N ARG JB 116 -7.93 8.26 99.95
CA ARG JB 116 -8.79 8.62 98.83
C ARG JB 116 -8.69 7.60 97.71
N ARG JB 117 -7.60 6.84 97.66
CA ARG JB 117 -7.36 5.92 96.56
C ARG JB 117 -8.41 4.81 96.55
N PHE JB 118 -9.01 4.52 97.69
CA PHE JB 118 -9.94 3.42 97.88
C PHE JB 118 -11.39 3.79 97.66
N TYR JB 119 -11.68 5.02 97.26
CA TYR JB 119 -13.05 5.49 97.10
C TYR JB 119 -13.25 6.03 95.70
N LYS JB 120 -14.47 5.92 95.21
CA LYS JB 120 -14.85 6.55 93.96
C LYS JB 120 -15.69 7.80 94.15
N ASN JB 121 -16.19 8.04 95.37
CA ASN JB 121 -16.66 9.37 95.75
C ASN JB 121 -16.30 9.51 97.23
N TRP JB 122 -15.13 10.10 97.48
CA TRP JB 122 -14.63 10.29 98.84
C TRP JB 122 -15.58 11.13 99.66
N CYS JB 123 -16.07 12.22 99.10
CA CYS JB 123 -16.68 13.27 99.90
C CYS JB 123 -17.95 12.80 100.57
N LYS JB 124 -18.79 12.03 99.87
CA LYS JB 124 -20.05 11.63 100.45
C LYS JB 124 -19.99 10.28 101.14
N SER JB 125 -18.81 9.67 101.20
CA SER JB 125 -18.63 8.47 101.99
C SER JB 125 -18.44 8.83 103.47
N LYS JB 126 -18.30 7.80 104.29
CA LYS JB 126 -18.01 7.99 105.71
C LYS JB 126 -16.52 7.93 106.02
N LYS JB 127 -15.68 7.63 105.03
CA LYS JB 127 -14.24 7.56 105.23
C LYS JB 127 -13.86 6.49 106.25
N LYS JB 128 -14.50 5.33 106.16
CA LYS JB 128 -14.26 4.26 107.12
C LYS JB 128 -13.10 3.34 106.74
N ALA JB 129 -12.53 3.47 105.56
CA ALA JB 129 -11.49 2.55 105.15
C ALA JB 129 -10.35 2.53 106.14
N PHE JB 130 -9.99 1.33 106.60
CA PHE JB 130 -8.96 1.07 107.60
C PHE JB 130 -9.23 1.68 108.96
N THR JB 131 -10.45 2.15 109.23
CA THR JB 131 -10.75 2.66 110.56
C THR JB 131 -10.83 1.57 111.61
N LYS JB 132 -11.09 0.32 111.20
CA LYS JB 132 -11.05 -0.79 112.15
C LYS JB 132 -9.74 -1.56 112.11
N TYR JB 133 -9.06 -1.60 110.97
CA TYR JB 133 -7.75 -2.21 110.95
C TYR JB 133 -6.77 -1.39 111.78
N ALA JB 134 -7.06 -0.11 111.97
CA ALA JB 134 -6.21 0.76 112.77
C ALA JB 134 -6.18 0.32 114.23
N LEU JB 135 -7.30 -0.18 114.74
CA LEU JB 135 -7.38 -0.58 116.13
C LEU JB 135 -6.53 -1.80 116.46
N LYS JB 136 -6.00 -2.49 115.44
CA LYS JB 136 -5.07 -3.57 115.70
C LYS JB 136 -3.76 -3.08 116.28
N TYR JB 137 -3.53 -1.78 116.28
CA TYR JB 137 -2.29 -1.21 116.77
C TYR JB 137 -2.40 -0.72 118.20
N ASP JB 138 -3.57 -0.86 118.83
CA ASP JB 138 -3.79 -0.32 120.17
C ASP JB 138 -4.19 -1.37 121.19
N SER JB 139 -4.26 -2.64 120.82
CA SER JB 139 -4.52 -3.71 121.77
C SER JB 139 -3.45 -4.78 121.62
N ASP JB 140 -2.98 -5.33 122.75
CA ASP JB 140 -1.88 -6.28 122.72
C ASP JB 140 -2.22 -7.54 121.93
N SER JB 141 -3.50 -7.92 121.90
CA SER JB 141 -3.88 -9.02 121.02
C SER JB 141 -3.80 -8.61 119.57
N GLY JB 142 -4.12 -7.35 119.28
CA GLY JB 142 -3.98 -6.86 117.92
C GLY JB 142 -2.54 -6.69 117.49
N LYS JB 143 -1.73 -6.09 118.37
CA LYS JB 143 -0.29 -5.99 118.09
C LYS JB 143 0.30 -7.37 117.88
N LYS JB 144 -0.21 -8.37 118.59
CA LYS JB 144 0.30 -9.72 118.45
C LYS JB 144 0.10 -10.24 117.03
N GLU JB 145 -1.08 -9.99 116.46
CA GLU JB 145 -1.34 -10.42 115.09
C GLU JB 145 -0.38 -9.76 114.12
N ILE JB 146 -0.28 -8.43 114.19
CA ILE JB 146 0.55 -7.69 113.25
C ILE JB 146 1.99 -8.17 113.34
N GLN JB 147 2.46 -8.43 114.55
CA GLN JB 147 3.81 -8.97 114.71
C GLN JB 147 3.89 -10.39 114.17
N LEU JB 148 2.83 -11.17 114.36
CA LEU JB 148 2.82 -12.54 113.87
C LEU JB 148 2.79 -12.60 112.36
N GLN JB 149 2.10 -11.65 111.72
CA GLN JB 149 2.10 -11.57 110.26
C GLN JB 149 3.50 -11.28 109.72
N LEU JB 150 4.27 -10.45 110.42
CA LEU JB 150 5.65 -10.21 110.00
C LEU JB 150 6.46 -11.50 110.07
N GLU JB 151 6.26 -12.30 111.11
CA GLU JB 151 6.96 -13.56 111.23
C GLU JB 151 6.65 -14.47 110.06
N LYS JB 152 5.39 -14.50 109.63
CA LYS JB 152 4.99 -15.35 108.52
C LYS JB 152 5.67 -14.94 107.22
N MET JB 153 5.78 -13.63 106.96
CA MET JB 153 6.52 -13.20 105.77
C MET JB 153 7.96 -13.62 105.84
N LYS JB 154 8.61 -13.38 106.98
CA LYS JB 154 9.99 -13.81 107.17
C LYS JB 154 10.13 -15.31 107.02
N LYS JB 155 9.07 -16.05 107.33
CA LYS JB 155 9.18 -17.50 107.38
C LYS JB 155 9.05 -18.12 106.00
N TYR JB 156 8.15 -17.60 105.15
CA TYR JB 156 7.83 -18.28 103.91
C TYR JB 156 8.04 -17.46 102.64
N ALA JB 157 8.13 -16.14 102.73
CA ALA JB 157 8.13 -15.32 101.51
C ALA JB 157 9.36 -15.62 100.65
N THR JB 158 9.15 -15.59 99.34
CA THR JB 158 10.25 -15.58 98.40
C THR JB 158 10.49 -14.22 97.78
N ILE JB 159 9.56 -13.28 97.97
CA ILE JB 159 9.65 -11.94 97.41
C ILE JB 159 8.87 -11.01 98.33
N VAL JB 160 9.43 -9.83 98.59
CA VAL JB 160 8.79 -8.85 99.46
C VAL JB 160 8.66 -7.53 98.71
N ARG JB 161 7.49 -6.91 98.81
CA ARG JB 161 7.23 -5.63 98.18
C ARG JB 161 6.67 -4.64 99.19
N VAL JB 162 6.98 -3.36 99.00
CA VAL JB 162 6.42 -2.30 99.83
C VAL JB 162 5.29 -1.64 99.07
N ILE JB 163 4.28 -1.20 99.80
CA ILE JB 163 3.23 -0.37 99.25
C ILE JB 163 3.61 1.08 99.52
N ALA JB 164 3.62 1.91 98.49
CA ALA JB 164 3.99 3.31 98.60
C ALA JB 164 3.00 4.16 97.83
N HIS JB 165 2.76 5.37 98.32
CA HIS JB 165 1.90 6.32 97.63
C HIS JB 165 2.65 7.61 97.40
N THR JB 166 2.20 8.37 96.42
CA THR JB 166 2.80 9.67 96.14
C THR JB 166 2.19 10.73 97.02
N GLN JB 167 2.95 11.81 97.20
CA GLN JB 167 2.45 12.99 97.91
C GLN JB 167 1.90 13.97 96.89
N ILE JB 168 0.79 13.53 96.30
CA ILE JB 168 0.15 14.26 95.22
C ILE JB 168 -0.17 15.69 95.61
N ARG JB 169 -0.35 15.94 96.91
CA ARG JB 169 -0.76 17.26 97.37
C ARG JB 169 0.33 18.30 97.20
N LYS JB 170 1.58 17.87 97.06
CA LYS JB 170 2.69 18.80 96.95
C LYS JB 170 2.90 19.30 95.53
N MET JB 171 2.09 18.86 94.58
CA MET JB 171 2.11 19.38 93.22
C MET JB 171 0.76 20.05 92.99
N LYS JB 172 0.70 21.33 93.34
CA LYS JB 172 -0.54 22.07 93.24
C LYS JB 172 -0.99 22.21 91.78
N GLY JB 173 -0.04 22.19 90.85
CA GLY JB 173 -0.41 22.21 89.45
C GLY JB 173 -1.23 21.01 89.03
N LEU JB 174 -1.02 19.87 89.69
CA LEU JB 174 -1.89 18.72 89.52
C LEU JB 174 -3.13 18.96 90.35
N LYS JB 175 -4.27 19.12 89.71
CA LYS JB 175 -5.46 19.39 90.50
C LYS JB 175 -5.97 18.08 91.08
N GLN JB 176 -5.10 17.36 91.78
CA GLN JB 176 -5.40 16.01 92.25
C GLN JB 176 -5.08 15.92 93.74
N LYS JB 177 -5.98 15.28 94.48
CA LYS JB 177 -5.80 14.99 95.89
C LYS JB 177 -5.65 13.51 96.16
N LYS JB 178 -6.12 12.69 95.23
CA LYS JB 178 -6.16 11.23 95.30
C LYS JB 178 -4.81 10.70 94.86
N ALA JB 179 -4.00 10.25 95.82
CA ALA JB 179 -2.63 9.83 95.54
C ALA JB 179 -2.60 8.55 94.72
N HIS JB 180 -1.46 8.31 94.09
CA HIS JB 180 -1.23 7.09 93.33
C HIS JB 180 -0.49 6.09 94.20
N LEU JB 181 -0.86 4.83 94.09
CA LEU JB 181 -0.36 3.80 94.99
C LEU JB 181 0.14 2.62 94.19
N MET JB 182 1.27 2.03 94.60
CA MET JB 182 1.81 0.91 93.85
C MET JB 182 2.59 0.00 94.81
N GLU JB 183 3.03 -1.14 94.27
CA GLU JB 183 3.93 -2.06 94.97
C GLU JB 183 5.32 -1.93 94.38
N ILE JB 184 6.32 -1.80 95.23
CA ILE JB 184 7.70 -1.69 94.78
C ILE JB 184 8.52 -2.78 95.45
N GLN JB 185 9.20 -3.58 94.64
CA GLN JB 185 9.88 -4.75 95.15
C GLN JB 185 11.17 -4.35 95.85
N ILE JB 186 11.47 -5.03 96.95
CA ILE JB 186 12.74 -4.87 97.65
C ILE JB 186 13.71 -5.93 97.14
N ASN JB 187 14.81 -5.50 96.57
CA ASN JB 187 15.84 -6.42 96.14
C ASN JB 187 17.01 -6.40 97.12
N GLY JB 188 17.78 -7.47 97.12
CA GLY JB 188 18.91 -7.56 98.01
C GLY JB 188 18.52 -8.05 99.39
N GLY JB 189 19.53 -8.52 100.13
CA GLY JB 189 19.33 -9.04 101.47
C GLY JB 189 18.46 -10.28 101.48
N THR JB 190 18.38 -10.94 102.64
CA THR JB 190 17.51 -12.10 102.77
C THR JB 190 16.07 -11.66 102.89
N ILE JB 191 15.16 -12.63 102.99
CA ILE JB 191 13.77 -12.28 103.25
C ILE JB 191 13.63 -11.69 104.64
N ALA JB 192 14.41 -12.20 105.59
CA ALA JB 192 14.44 -11.58 106.91
C ALA JB 192 14.98 -10.16 106.85
N ASP JB 193 16.03 -9.94 106.04
CA ASP JB 193 16.49 -8.57 105.82
C ASP JB 193 15.42 -7.72 105.13
N LYS JB 194 14.74 -8.27 104.12
CA LYS JB 194 13.76 -7.48 103.38
C LYS JB 194 12.58 -7.07 104.25
N VAL JB 195 12.09 -7.98 105.08
CA VAL JB 195 10.95 -7.63 105.92
C VAL JB 195 11.35 -6.58 106.95
N ASP JB 196 12.54 -6.70 107.54
CA ASP JB 196 12.99 -5.68 108.45
C ASP JB 196 13.16 -4.33 107.75
N TYR JB 197 13.70 -4.33 106.53
CA TYR JB 197 13.89 -3.08 105.82
C TYR JB 197 12.55 -2.38 105.54
N GLY JB 198 11.54 -3.15 105.15
CA GLY JB 198 10.27 -2.54 104.78
C GLY JB 198 9.47 -2.06 105.98
N TYR JB 199 9.26 -2.94 106.96
CA TYR JB 199 8.48 -2.56 108.13
C TYR JB 199 9.17 -1.47 108.93
N LYS JB 200 10.48 -1.60 109.17
CA LYS JB 200 11.20 -0.56 109.89
C LYS JB 200 10.93 0.82 109.35
N PHE JB 201 10.51 0.93 108.11
CA PHE JB 201 10.55 2.21 107.43
C PHE JB 201 9.14 2.64 107.02
N PHE JB 202 8.13 2.11 107.72
CA PHE JB 202 6.72 2.45 107.54
C PHE JB 202 6.45 3.89 107.94
N GLU JB 203 5.45 4.48 107.28
CA GLU JB 203 4.96 5.85 107.54
C GLU JB 203 5.99 6.91 107.21
N LYS JB 204 7.13 6.54 106.66
CA LYS JB 204 8.24 7.45 106.45
C LYS JB 204 8.37 7.76 104.96
N GLU JB 205 9.32 8.63 104.63
CA GLU JB 205 9.52 9.11 103.28
C GLU JB 205 10.79 8.56 102.66
N VAL JB 206 10.72 8.22 101.38
CA VAL JB 206 11.86 7.77 100.57
C VAL JB 206 12.17 8.89 99.57
N PRO JB 207 13.34 9.48 99.60
CA PRO JB 207 13.73 10.39 98.52
C PRO JB 207 14.07 9.57 97.28
N VAL JB 208 14.23 10.28 96.15
CA VAL JB 208 14.66 9.58 94.94
C VAL JB 208 16.13 9.22 95.01
N GLU JB 209 16.90 9.86 95.88
CA GLU JB 209 18.33 9.58 95.97
C GLU JB 209 18.60 8.16 96.45
N ALA JB 210 17.80 7.66 97.38
CA ALA JB 210 18.06 6.34 97.94
C ALA JB 210 17.88 5.22 96.93
N VAL JB 211 17.28 5.47 95.78
CA VAL JB 211 17.07 4.45 94.75
C VAL JB 211 17.89 4.72 93.50
N PHE JB 212 17.71 5.89 92.90
CA PHE JB 212 18.41 6.21 91.67
C PHE JB 212 19.60 7.10 91.94
N GLN JB 213 20.63 6.96 91.12
CA GLN JB 213 21.86 7.72 91.23
C GLN JB 213 22.05 8.60 89.99
N LYS JB 214 23.23 9.19 89.89
CA LYS JB 214 23.57 10.02 88.75
C LYS JB 214 24.19 9.17 87.65
N ASP JB 215 23.86 9.51 86.41
CA ASP JB 215 24.42 8.88 85.21
C ASP JB 215 24.04 7.41 85.08
N GLU JB 216 23.03 6.94 85.78
CA GLU JB 216 22.58 5.57 85.59
C GLU JB 216 21.44 5.54 84.59
N MET JB 217 21.26 4.37 83.96
CA MET JB 217 20.22 4.16 82.96
C MET JB 217 18.97 3.59 83.62
N VAL JB 218 17.81 4.17 83.30
CA VAL JB 218 16.55 3.74 83.88
C VAL JB 218 15.51 3.57 82.78
N ASP JB 219 14.57 2.66 83.02
CA ASP JB 219 13.43 2.51 82.15
C ASP JB 219 12.32 3.41 82.66
N ILE JB 220 11.53 3.93 81.74
CA ILE JB 220 10.38 4.75 82.08
C ILE JB 220 9.14 4.09 81.52
N ILE JB 221 8.14 3.92 82.36
CA ILE JB 221 6.91 3.22 82.03
C ILE JB 221 5.75 4.19 82.22
N GLY JB 222 4.77 4.10 81.33
CA GLY JB 222 3.63 4.99 81.40
C GLY JB 222 2.74 4.78 80.20
N VAL JB 223 1.69 5.58 80.14
CA VAL JB 223 0.70 5.49 79.07
C VAL JB 223 0.88 6.70 78.16
N THR JB 224 0.92 6.45 76.85
CA THR JB 224 1.19 7.50 75.88
C THR JB 224 -0.01 8.44 75.71
N LYS JB 225 0.22 9.53 74.98
CA LYS JB 225 -0.83 10.51 74.73
C LYS JB 225 -1.95 9.94 73.90
N GLY JB 226 -3.19 10.33 74.21
CA GLY JB 226 -4.34 9.81 73.51
C GLY JB 226 -4.75 10.70 72.36
N LYS JB 227 -5.06 10.09 71.23
CA LYS JB 227 -5.37 10.82 70.01
C LYS JB 227 -6.70 10.41 69.39
N GLY JB 228 -7.49 9.62 70.09
CA GLY JB 228 -8.80 9.29 69.60
C GLY JB 228 -8.74 8.25 68.51
N TYR JB 229 -9.77 8.27 67.69
CA TYR JB 229 -9.94 7.24 66.68
C TYR JB 229 -9.18 7.71 65.45
N GLU JB 230 -8.24 6.91 64.96
CA GLU JB 230 -7.35 7.34 63.88
C GLU JB 230 -7.38 6.37 62.70
N GLY JB 231 -7.32 6.93 61.49
CA GLY JB 231 -7.26 6.14 60.29
C GLY JB 231 -5.90 5.51 60.05
N VAL JB 232 -5.81 4.73 58.97
CA VAL JB 232 -4.65 3.85 58.77
C VAL JB 232 -3.39 4.64 58.45
N VAL JB 233 -3.50 5.80 57.81
CA VAL JB 233 -2.31 6.52 57.40
C VAL JB 233 -1.51 7.01 58.61
N THR JB 234 -2.19 7.55 59.61
CA THR JB 234 -1.46 7.99 60.79
C THR JB 234 -1.29 6.90 61.81
N ARG JB 235 -2.30 6.04 61.97
CA ARG JB 235 -2.24 4.99 62.99
C ARG JB 235 -1.16 3.97 62.67
N TRP JB 236 -1.01 3.61 61.40
CA TRP JB 236 -0.09 2.55 61.00
C TRP JB 236 1.04 3.02 60.12
N GLY JB 237 0.90 4.16 59.47
CA GLY JB 237 1.97 4.69 58.67
C GLY JB 237 1.99 4.24 57.23
N VAL JB 238 0.87 3.76 56.71
CA VAL JB 238 0.86 3.31 55.33
C VAL JB 238 0.81 4.52 54.40
N THR JB 239 1.19 4.30 53.15
CA THR JB 239 1.27 5.38 52.19
C THR JB 239 -0.10 5.80 51.70
N ARG JB 240 -0.22 7.04 51.24
CA ARG JB 240 -1.47 7.52 50.67
C ARG JB 240 -1.61 7.05 49.23
N LEU JB 241 -2.82 7.00 48.79
CA LEU JB 241 -3.12 6.59 47.43
C LEU JB 241 -3.11 7.80 46.50
N PRO JB 242 -3.05 7.57 45.18
CA PRO JB 242 -3.09 8.69 44.23
C PRO JB 242 -4.25 9.66 44.45
N ARG JB 243 -4.09 10.88 43.93
CA ARG JB 243 -5.09 11.93 44.16
C ARG JB 243 -6.44 11.58 43.55
N LYS JB 244 -6.44 10.89 42.41
CA LYS JB 244 -7.65 10.73 41.62
C LYS JB 244 -8.45 9.48 41.99
N THR JB 245 -8.28 8.96 43.19
CA THR JB 245 -9.01 7.77 43.63
C THR JB 245 -10.45 8.13 43.99
N HIS JB 246 -11.38 7.31 43.52
CA HIS JB 246 -12.77 7.43 43.93
C HIS JB 246 -12.94 6.88 45.33
N ARG JB 247 -13.64 7.63 46.18
CA ARG JB 247 -14.03 7.30 47.54
C ARG JB 247 -12.94 7.52 48.57
N GLY JB 248 -11.83 8.16 48.23
CA GLY JB 248 -10.88 8.52 49.27
C GLY JB 248 -9.47 8.00 49.15
N LEU JB 249 -8.52 8.79 49.62
CA LEU JB 249 -7.10 8.49 49.49
C LEU JB 249 -6.57 7.72 50.68
N ARG JB 250 -7.01 8.06 51.89
CA ARG JB 250 -6.34 7.64 53.11
C ARG JB 250 -6.86 6.27 53.56
N LYS JB 251 -6.49 5.25 52.80
CA LYS JB 251 -6.89 3.90 53.14
C LYS JB 251 -5.85 2.90 52.60
N VAL JB 252 -6.08 1.64 52.91
CA VAL JB 252 -5.32 0.52 52.35
C VAL JB 252 -6.13 -0.04 51.19
N ALA JB 253 -5.52 -0.09 50.02
CA ALA JB 253 -6.27 -0.47 48.81
C ALA JB 253 -6.79 -1.90 48.90
N CYS JB 254 -5.92 -2.86 49.18
CA CYS JB 254 -6.32 -4.26 49.26
C CYS JB 254 -6.05 -4.79 50.66
N ILE JB 255 -7.10 -5.28 51.32
CA ILE JB 255 -6.99 -5.78 52.69
C ILE JB 255 -6.83 -7.28 52.74
N GLY JB 256 -6.54 -7.92 51.63
CA GLY JB 256 -6.30 -9.35 51.63
C GLY JB 256 -6.63 -9.98 50.31
N ALA JB 257 -6.11 -11.18 50.10
CA ALA JB 257 -6.40 -11.94 48.91
C ALA JB 257 -7.77 -12.61 49.03
N TRP JB 258 -8.19 -13.23 47.93
CA TRP JB 258 -9.43 -13.98 47.94
C TRP JB 258 -9.38 -15.12 48.95
N HIS JB 259 -8.26 -15.84 49.02
CA HIS JB 259 -8.07 -16.88 50.01
C HIS JB 259 -6.83 -16.62 50.84
N PRO JB 260 -6.89 -16.75 52.17
CA PRO JB 260 -8.06 -17.15 52.96
C PRO JB 260 -9.18 -16.12 52.89
N ALA JB 261 -10.43 -16.58 52.92
CA ALA JB 261 -11.56 -15.70 52.67
C ALA JB 261 -11.92 -14.92 53.93
N ARG JB 262 -10.92 -14.27 54.51
CA ARG JB 262 -11.02 -13.60 55.79
C ARG JB 262 -10.03 -12.46 55.77
N VAL JB 263 -10.26 -11.48 56.62
CA VAL JB 263 -9.30 -10.41 56.82
C VAL JB 263 -8.37 -10.84 57.93
N SER JB 264 -7.08 -10.71 57.70
CA SER JB 264 -6.08 -11.18 58.64
C SER JB 264 -5.80 -10.12 59.71
N TYR JB 265 -5.35 -10.59 60.87
CA TYR JB 265 -4.97 -9.67 61.94
C TYR JB 265 -3.77 -8.82 61.58
N THR JB 266 -3.02 -9.18 60.55
CA THR JB 266 -1.84 -8.45 60.13
C THR JB 266 -2.15 -7.22 59.28
N VAL JB 267 -3.35 -7.05 58.81
CA VAL JB 267 -3.64 -5.94 57.92
C VAL JB 267 -3.94 -4.70 58.76
N ALA JB 268 -3.60 -3.53 58.24
CA ALA JB 268 -3.77 -2.28 58.97
C ALA JB 268 -5.23 -1.82 58.92
N ARG JB 269 -5.78 -1.50 60.09
CA ARG JB 269 -7.14 -1.00 60.21
C ARG JB 269 -7.14 0.30 61.01
N ALA JB 270 -8.28 0.99 60.97
CA ALA JB 270 -8.48 2.24 61.69
C ALA JB 270 -9.06 1.97 63.08
N GLY JB 271 -8.70 2.80 64.03
CA GLY JB 271 -9.13 2.59 65.41
C GLY JB 271 -8.44 3.52 66.36
N GLN JB 272 -8.33 3.08 67.62
CA GLN JB 272 -7.67 3.87 68.66
C GLN JB 272 -6.20 4.11 68.33
N ASN JB 273 -5.77 5.34 68.55
CA ASN JB 273 -4.38 5.73 68.42
C ASN JB 273 -4.00 6.44 69.72
N GLY JB 274 -2.89 6.03 70.31
CA GLY JB 274 -2.45 6.63 71.55
C GLY JB 274 -3.14 6.06 72.76
N TYR JB 275 -2.73 6.56 73.92
CA TYR JB 275 -3.15 6.03 75.22
C TYR JB 275 -2.88 4.53 75.30
N HIS JB 276 -1.65 4.15 75.03
CA HIS JB 276 -1.18 2.78 75.08
C HIS JB 276 -0.13 2.65 76.16
N HIS JB 277 -0.05 1.47 76.77
CA HIS JB 277 1.02 1.19 77.72
C HIS JB 277 2.33 1.00 76.97
N ARG JB 278 3.41 1.58 77.50
CA ARG JB 278 4.74 1.42 76.91
C ARG JB 278 5.81 1.39 77.98
N THR JB 279 6.82 0.57 77.76
CA THR JB 279 8.06 0.55 78.54
C THR JB 279 9.19 0.99 77.63
N GLU JB 280 9.97 1.98 78.06
CA GLU JB 280 10.97 2.61 77.21
C GLU JB 280 12.32 2.55 77.93
N MET JB 281 13.33 1.97 77.30
CA MET JB 281 14.55 1.58 77.99
C MET JB 281 15.70 2.59 77.85
N ASN JB 282 16.60 2.53 78.84
CA ASN JB 282 17.93 3.14 78.81
C ASN JB 282 17.88 4.67 78.71
N LYS JB 283 16.86 5.28 79.32
CA LYS JB 283 16.83 6.73 79.44
C LYS JB 283 17.82 7.15 80.52
N LYS JB 284 18.84 7.89 80.12
CA LYS JB 284 19.93 8.20 81.03
C LYS JB 284 19.58 9.36 81.95
N ILE JB 285 20.16 9.34 83.14
CA ILE JB 285 19.91 10.35 84.15
C ILE JB 285 21.04 11.37 84.12
N TYR JB 286 20.68 12.62 83.89
CA TYR JB 286 21.67 13.69 83.75
C TYR JB 286 21.88 14.49 85.01
N LYS JB 287 20.87 14.60 85.87
CA LYS JB 287 21.00 15.45 87.04
C LYS JB 287 19.87 15.14 88.02
N MET JB 288 20.23 15.03 89.29
CA MET JB 288 19.27 14.84 90.36
C MET JB 288 19.11 16.15 91.12
N GLY JB 289 17.88 16.60 91.29
CA GLY JB 289 17.65 17.86 91.95
C GLY JB 289 16.93 17.72 93.27
N LYS JB 290 17.62 18.02 94.36
CA LYS JB 290 17.09 17.80 95.70
C LYS JB 290 16.84 19.15 96.35
N SER JB 291 15.64 19.33 96.89
CA SER JB 291 15.27 20.61 97.49
C SER JB 291 16.11 20.89 98.72
N GLY JB 292 16.82 22.01 98.70
CA GLY JB 292 17.67 22.41 99.80
C GLY JB 292 19.16 22.37 99.52
N GLN JB 293 19.57 21.92 98.33
CA GLN JB 293 20.96 21.95 97.94
C GLN JB 293 21.13 22.66 96.60
N GLU JB 294 22.37 23.06 96.35
CA GLU JB 294 22.72 23.73 95.10
C GLU JB 294 22.38 22.88 93.89
N SER JB 295 22.35 21.56 94.04
CA SER JB 295 22.01 20.76 92.88
C SER JB 295 20.56 20.92 92.46
N HIS JB 296 19.73 21.60 93.25
CA HIS JB 296 18.35 21.80 92.83
C HIS JB 296 18.24 22.86 91.74
N GLU JB 297 18.91 24.00 91.90
CA GLU JB 297 18.73 25.05 90.91
C GLU JB 297 19.47 24.69 89.62
N ALA JB 298 19.34 25.57 88.63
CA ALA JB 298 19.90 25.32 87.30
C ALA JB 298 21.24 26.02 87.09
N CYS JB 299 22.08 26.09 88.12
CA CYS JB 299 23.37 26.74 88.04
C CYS JB 299 24.46 25.68 87.89
N THR JB 300 25.25 25.77 86.84
CA THR JB 300 26.29 24.79 86.59
C THR JB 300 27.60 25.28 87.21
N GLU JB 301 28.68 24.58 86.95
CA GLU JB 301 29.99 25.07 87.36
C GLU JB 301 30.54 26.11 86.41
N PHE JB 302 29.99 26.17 85.20
CA PHE JB 302 30.40 27.13 84.18
C PHE JB 302 29.47 28.33 84.11
N ASP JB 303 28.19 28.17 84.44
CA ASP JB 303 27.21 29.24 84.42
C ASP JB 303 26.67 29.41 85.83
N ARG JB 304 26.84 30.60 86.40
CA ARG JB 304 26.52 30.84 87.80
C ARG JB 304 25.29 31.72 87.99
N THR JB 305 24.58 32.04 86.92
CA THR JB 305 23.39 32.86 87.03
C THR JB 305 22.35 32.17 87.89
N GLU JB 306 21.98 32.79 89.00
CA GLU JB 306 21.07 32.16 89.96
C GLU JB 306 19.67 32.10 89.36
N LYS JB 307 19.20 30.89 89.08
CA LYS JB 307 17.89 30.67 88.50
C LYS JB 307 17.40 29.30 88.93
N ASP JB 308 16.08 29.13 88.92
CA ASP JB 308 15.49 27.84 89.24
C ASP JB 308 15.24 27.03 87.99
N ILE JB 309 14.99 25.73 88.18
CA ILE JB 309 14.80 24.83 87.05
C ILE JB 309 13.57 25.21 86.26
N THR JB 310 12.60 25.83 86.90
CA THR JB 310 11.36 26.15 86.22
C THR JB 310 11.58 27.26 85.20
N PRO JB 311 11.20 27.07 83.94
CA PRO JB 311 11.29 28.15 82.97
C PRO JB 311 10.37 29.29 83.32
N MET JB 312 10.65 30.46 82.73
CA MET JB 312 9.86 31.64 83.00
C MET JB 312 8.41 31.43 82.57
N GLY JB 313 7.49 31.85 83.43
CA GLY JB 313 6.09 31.56 83.22
C GLY JB 313 5.65 30.19 83.65
N GLY JB 314 6.54 29.41 84.25
CA GLY JB 314 6.23 28.08 84.69
C GLY JB 314 6.29 27.07 83.55
N PHE JB 315 6.41 25.82 83.92
CA PHE JB 315 6.27 24.77 82.92
C PHE JB 315 4.86 24.83 82.33
N PRO JB 316 4.74 24.92 81.01
CA PRO JB 316 3.41 25.00 80.41
C PRO JB 316 2.58 23.79 80.77
N HIS JB 317 1.29 24.04 81.05
CA HIS JB 317 0.34 23.02 81.47
C HIS JB 317 0.83 22.20 82.65
N TYR JB 318 1.82 22.66 83.39
CA TYR JB 318 2.19 21.94 84.59
C TYR JB 318 2.15 22.79 85.84
N GLY JB 319 2.87 23.92 85.86
CA GLY JB 319 3.11 24.67 87.07
C GLY JB 319 4.59 24.82 87.36
N VAL JB 320 4.92 24.88 88.65
CA VAL JB 320 6.27 25.18 89.12
C VAL JB 320 6.82 23.97 89.86
N VAL JB 321 8.02 23.57 89.51
CA VAL JB 321 8.68 22.45 90.18
C VAL JB 321 9.29 22.97 91.48
N LYS JB 322 8.69 22.59 92.61
CA LYS JB 322 9.17 23.05 93.91
C LYS JB 322 9.91 21.99 94.69
N GLY JB 323 9.75 20.70 94.37
CA GLY JB 323 10.30 19.61 95.13
C GLY JB 323 11.48 18.96 94.45
N ASP JB 324 11.77 17.74 94.88
CA ASP JB 324 12.80 16.96 94.22
C ASP JB 324 12.39 16.66 92.79
N TYR JB 325 13.36 16.59 91.90
CA TYR JB 325 13.08 16.29 90.51
C TYR JB 325 14.24 15.53 89.92
N LEU JB 326 14.06 15.14 88.66
CA LEU JB 326 14.99 14.25 88.02
C LEU JB 326 15.10 14.63 86.56
N MET JB 327 16.32 14.67 86.03
CA MET JB 327 16.55 15.14 84.66
C MET JB 327 17.00 13.97 83.80
N ILE JB 328 16.16 13.58 82.85
CA ILE JB 328 16.43 12.45 81.96
C ILE JB 328 16.80 12.98 80.59
N LYS JB 329 17.72 12.28 79.95
CA LYS JB 329 18.07 12.59 78.56
C LYS JB 329 16.95 12.14 77.63
N GLY JB 330 16.57 13.02 76.71
CA GLY JB 330 15.57 12.68 75.71
C GLY JB 330 14.15 12.94 76.14
N CYS JB 331 13.22 12.27 75.47
CA CYS JB 331 11.80 12.52 75.65
C CYS JB 331 11.17 11.43 76.50
N CYS JB 332 10.00 11.74 77.05
CA CYS JB 332 9.34 10.89 78.01
C CYS JB 332 7.93 10.56 77.54
N VAL JB 333 7.53 9.30 77.72
CA VAL JB 333 6.17 8.90 77.42
C VAL JB 333 5.18 9.78 78.15
N GLY JB 334 4.02 9.99 77.54
CA GLY JB 334 2.93 10.69 78.18
C GLY JB 334 2.90 12.18 77.90
N PRO JB 335 1.77 12.80 78.18
CA PRO JB 335 1.67 14.26 78.14
C PRO JB 335 2.28 14.86 79.42
N LYS JB 336 2.18 16.17 79.53
CA LYS JB 336 2.52 16.79 80.80
C LYS JB 336 1.51 16.36 81.85
N LYS JB 337 1.94 16.38 83.11
CA LYS JB 337 1.19 15.99 84.30
C LYS JB 337 0.99 14.50 84.46
N ARG JB 338 1.48 13.66 83.55
CA ARG JB 338 1.17 12.24 83.63
C ARG JB 338 2.10 11.57 84.63
N VAL JB 339 1.55 10.63 85.39
CA VAL JB 339 2.36 9.86 86.33
C VAL JB 339 3.17 8.83 85.55
N VAL JB 340 4.45 8.76 85.85
CA VAL JB 340 5.35 7.87 85.12
C VAL JB 340 5.97 6.93 86.13
N THR JB 341 6.29 5.73 85.68
CA THR JB 341 6.91 4.72 86.52
C THR JB 341 8.39 4.65 86.13
N LEU JB 342 9.25 5.05 87.03
CA LEU JB 342 10.69 4.87 86.85
C LEU JB 342 11.06 3.52 87.43
N ARG JB 343 11.73 2.70 86.63
CA ARG JB 343 12.13 1.37 87.07
C ARG JB 343 13.61 1.17 86.82
N GLN JB 344 14.28 0.52 87.77
CA GLN JB 344 15.67 0.14 87.58
C GLN JB 344 15.83 -0.78 86.38
N SER JB 345 16.95 -0.65 85.70
CA SER JB 345 17.19 -1.45 84.51
C SER JB 345 17.26 -2.93 84.85
N LEU JB 346 16.68 -3.77 83.98
CA LEU JB 346 16.84 -5.21 84.10
C LEU JB 346 18.17 -5.69 83.55
N LEU JB 347 18.75 -4.95 82.62
CA LEU JB 347 19.97 -5.38 81.97
C LEU JB 347 21.20 -4.97 82.77
N LYS JB 348 22.32 -5.50 82.34
CA LYS JB 348 23.61 -5.03 82.80
C LYS JB 348 24.04 -3.87 81.92
N GLN JB 349 24.35 -2.74 82.53
CA GLN JB 349 24.84 -1.58 81.80
C GLN JB 349 26.37 -1.63 81.79
N THR JB 350 26.93 -1.80 80.61
CA THR JB 350 28.37 -1.94 80.45
C THR JB 350 28.94 -1.07 79.34
N SER JB 351 28.12 -0.61 78.40
CA SER JB 351 28.59 0.14 77.25
C SER JB 351 29.10 1.52 77.66
N ARG JB 352 29.86 2.13 76.76
CA ARG JB 352 30.50 3.40 77.06
C ARG JB 352 29.48 4.51 77.26
N LEU JB 353 28.33 4.47 76.57
CA LEU JB 353 27.28 5.44 76.87
C LEU JB 353 26.82 5.31 78.31
N ALA JB 354 26.60 4.08 78.77
CA ALA JB 354 26.04 3.88 80.10
C ALA JB 354 26.96 4.41 81.18
N LEU JB 355 28.26 4.18 81.05
CA LEU JB 355 29.22 4.61 82.05
C LEU JB 355 29.57 6.08 81.94
N GLU JB 356 29.16 6.75 80.87
CA GLU JB 356 29.63 8.10 80.60
C GLU JB 356 29.23 9.06 81.72
N GLU JB 357 30.14 9.97 82.03
CA GLU JB 357 29.94 10.98 83.08
C GLU JB 357 29.45 12.27 82.45
N ILE JB 358 28.42 12.87 83.03
CA ILE JB 358 27.76 14.04 82.45
C ILE JB 358 28.11 15.28 83.28
N LYS JB 359 28.56 16.33 82.59
CA LYS JB 359 28.83 17.63 83.18
C LYS JB 359 28.11 18.69 82.37
N LEU JB 360 27.05 19.23 82.93
CA LEU JB 360 26.27 20.26 82.25
C LEU JB 360 27.02 21.58 82.24
N LYS JB 361 26.81 22.36 81.18
CA LYS JB 361 27.31 23.72 81.16
C LYS JB 361 26.21 24.77 81.17
N PHE JB 362 25.01 24.45 80.70
CA PHE JB 362 23.96 25.45 80.64
C PHE JB 362 22.62 24.74 80.59
N ILE JB 363 21.64 25.28 81.30
CA ILE JB 363 20.28 24.78 81.29
C ILE JB 363 19.36 25.90 80.88
N ASP JB 364 18.60 25.69 79.82
CA ASP JB 364 17.76 26.74 79.28
C ASP JB 364 16.52 26.89 80.16
N THR JB 365 16.36 28.07 80.76
CA THR JB 365 15.17 28.36 81.54
C THR JB 365 14.39 29.52 80.94
N SER JB 366 14.64 29.82 79.68
CA SER JB 366 13.83 30.76 78.94
C SER JB 366 12.45 30.16 78.70
N SER JB 367 11.49 31.04 78.45
CA SER JB 367 10.09 30.65 78.41
C SER JB 367 9.80 29.69 77.27
N LYS JB 368 8.95 28.69 77.53
CA LYS JB 368 8.54 27.73 76.52
C LYS JB 368 7.23 28.12 75.84
N PHE JB 369 6.66 29.27 76.19
CA PHE JB 369 5.73 29.97 75.32
C PHE JB 369 6.46 30.92 74.41
N GLY JB 370 6.08 30.93 73.15
CA GLY JB 370 6.73 31.84 72.28
C GLY JB 370 8.23 31.60 72.25
N HIS JB 371 8.88 32.56 71.63
CA HIS JB 371 10.33 32.48 71.44
C HIS JB 371 10.96 33.17 72.64
N GLY JB 372 11.25 32.39 73.67
CA GLY JB 372 11.86 32.90 74.88
C GLY JB 372 13.20 33.52 74.63
N ARG JB 373 13.49 34.64 75.27
CA ARG JB 373 14.71 35.37 75.00
C ARG JB 373 15.43 35.86 76.26
N PHE JB 374 14.90 35.62 77.44
CA PHE JB 374 15.59 35.86 78.69
C PHE JB 374 15.67 34.59 79.51
N GLN JB 375 16.69 34.51 80.36
CA GLN JB 375 16.83 33.34 81.22
C GLN JB 375 16.18 33.52 82.58
N THR JB 376 16.06 34.76 83.06
CA THR JB 376 15.39 35.05 84.32
C THR JB 376 14.49 36.27 84.14
N THR JB 377 13.59 36.46 85.09
CA THR JB 377 12.67 37.60 85.04
C THR JB 377 13.39 38.91 85.32
N ASP JB 378 14.37 38.90 86.22
CA ASP JB 378 15.12 40.13 86.47
C ASP JB 378 16.00 40.50 85.29
N GLU JB 379 16.55 39.51 84.59
CA GLU JB 379 17.21 39.78 83.32
C GLU JB 379 16.27 40.51 82.37
N LYS JB 380 15.03 40.04 82.27
CA LYS JB 380 14.02 40.73 81.48
C LYS JB 380 13.71 42.12 82.05
N GLN JB 381 13.45 42.21 83.35
CA GLN JB 381 13.02 43.48 83.91
C GLN JB 381 14.13 44.52 83.82
N LYS JB 382 15.38 44.12 84.02
CA LYS JB 382 16.48 45.07 83.97
C LYS JB 382 16.83 45.44 82.53
N PHE JB 383 16.57 44.55 81.58
CA PHE JB 383 16.69 44.90 80.17
C PHE JB 383 15.77 46.05 79.80
N TYR JB 384 14.49 45.93 80.14
CA TYR JB 384 13.51 46.93 79.70
C TYR JB 384 13.54 48.18 80.58
N GLY JB 385 13.30 48.03 81.88
CA GLY JB 385 13.31 49.19 82.75
C GLY JB 385 13.13 48.88 84.23
N THR KB 4 -102.09 -72.98 30.79
CA THR KB 4 -103.25 -72.11 30.66
C THR KB 4 -103.83 -71.73 32.01
N ALA KB 5 -103.20 -70.77 32.67
CA ALA KB 5 -103.69 -70.23 33.93
C ALA KB 5 -102.86 -69.01 34.30
N ARG KB 6 -103.53 -67.99 34.82
CA ARG KB 6 -102.87 -66.80 35.34
C ARG KB 6 -103.75 -66.23 36.44
N PRO KB 7 -103.15 -65.75 37.52
CA PRO KB 7 -103.94 -65.24 38.64
C PRO KB 7 -104.74 -64.01 38.23
N LEU KB 8 -105.80 -63.75 38.99
CA LEU KB 8 -106.66 -62.60 38.79
C LEU KB 8 -106.40 -61.58 39.89
N VAL KB 9 -106.07 -60.36 39.50
CA VAL KB 9 -105.82 -59.30 40.46
C VAL KB 9 -107.15 -58.75 40.97
N SER KB 10 -107.35 -58.80 42.27
CA SER KB 10 -108.57 -58.28 42.86
C SER KB 10 -108.63 -56.78 42.71
N VAL KB 11 -109.76 -56.27 42.23
CA VAL KB 11 -110.01 -54.85 42.15
C VAL KB 11 -110.61 -54.39 43.46
N LYS KB 12 -110.10 -53.28 43.99
CA LYS KB 12 -110.52 -52.78 45.29
C LYS KB 12 -111.66 -51.79 45.11
N ALA KB 13 -112.82 -52.09 45.68
CA ALA KB 13 -114.00 -51.24 45.57
C ALA KB 13 -113.81 -49.97 46.41
N LEU KB 14 -114.71 -49.03 46.21
CA LEU KB 14 -114.69 -47.79 46.97
C LEU KB 14 -116.10 -47.46 47.46
N ASP KB 15 -116.16 -46.72 48.55
CA ASP KB 15 -117.46 -46.37 49.11
C ASP KB 15 -118.26 -45.55 48.11
N GLY KB 16 -119.57 -45.79 48.08
CA GLY KB 16 -120.42 -45.20 47.09
C GLY KB 16 -120.56 -45.98 45.81
N ASP KB 17 -119.93 -47.15 45.71
CA ASP KB 17 -120.02 -47.97 44.52
C ASP KB 17 -121.24 -48.88 44.58
N MET KB 18 -121.80 -49.15 43.40
CA MET KB 18 -122.82 -50.18 43.29
C MET KB 18 -122.16 -51.55 43.33
N ALA KB 19 -122.69 -52.42 44.18
CA ALA KB 19 -122.13 -53.76 44.29
C ALA KB 19 -122.33 -54.51 43.00
N THR KB 20 -121.22 -54.93 42.39
CA THR KB 20 -121.23 -55.53 41.07
C THR KB 20 -120.64 -56.93 41.12
N ASP KB 21 -121.16 -57.81 40.26
CA ASP KB 21 -120.62 -59.16 40.14
C ASP KB 21 -119.39 -59.12 39.23
N ALA KB 22 -118.34 -58.48 39.74
CA ALA KB 22 -117.07 -58.37 39.04
C ALA KB 22 -116.06 -59.37 39.59
N ALA KB 23 -114.98 -59.57 38.84
CA ALA KB 23 -113.93 -60.50 39.21
C ALA KB 23 -112.58 -59.88 38.88
N GLY KB 24 -111.52 -60.58 39.31
CA GLY KB 24 -110.18 -60.03 39.18
C GLY KB 24 -109.71 -59.96 37.75
N VAL KB 25 -108.88 -58.97 37.48
CA VAL KB 25 -108.25 -58.83 36.16
C VAL KB 25 -107.04 -59.76 36.09
N PRO KB 26 -106.90 -60.57 35.05
CA PRO KB 26 -105.71 -61.42 34.92
C PRO KB 26 -104.44 -60.57 34.87
N MET KB 27 -103.36 -61.14 35.40
CA MET KB 27 -102.11 -60.40 35.50
C MET KB 27 -101.55 -60.13 34.11
N PRO KB 28 -101.20 -58.89 33.80
CA PRO KB 28 -100.59 -58.61 32.50
C PRO KB 28 -99.23 -59.29 32.37
N HIS KB 29 -98.87 -59.62 31.13
CA HIS KB 29 -97.61 -60.30 30.89
C HIS KB 29 -96.42 -59.42 31.25
N VAL KB 30 -96.55 -58.10 31.08
CA VAL KB 30 -95.44 -57.21 31.39
C VAL KB 30 -95.14 -57.21 32.88
N MET KB 31 -96.15 -57.34 33.71
CA MET KB 31 -95.93 -57.36 35.16
C MET KB 31 -95.22 -58.58 35.60
N LYS KB 32 -94.79 -59.38 34.64
CA LYS KB 32 -94.04 -60.60 34.90
C LYS KB 32 -92.71 -60.61 34.15
N ALA KB 33 -92.27 -59.47 33.64
CA ALA KB 33 -91.06 -59.30 32.86
C ALA KB 33 -89.81 -59.32 33.76
N PRO KB 34 -88.63 -59.58 33.20
CA PRO KB 34 -87.44 -59.68 34.04
C PRO KB 34 -87.08 -58.36 34.71
N ILE KB 35 -86.56 -58.46 35.92
CA ILE KB 35 -86.17 -57.30 36.71
C ILE KB 35 -84.70 -57.03 36.40
N ARG KB 36 -84.41 -55.88 35.79
CA ARG KB 36 -83.06 -55.57 35.32
C ARG KB 36 -82.61 -54.22 35.83
N PRO KB 37 -81.96 -54.18 37.01
CA PRO KB 37 -81.56 -52.88 37.57
C PRO KB 37 -80.37 -52.24 36.87
N ASP KB 38 -79.50 -53.03 36.23
CA ASP KB 38 -78.43 -52.43 35.44
C ASP KB 38 -78.99 -51.65 34.26
N VAL KB 39 -79.96 -52.23 33.56
CA VAL KB 39 -80.57 -51.54 32.42
C VAL KB 39 -81.30 -50.29 32.89
N ILE KB 40 -81.95 -50.35 34.05
CA ILE KB 40 -82.71 -49.19 34.53
C ILE KB 40 -81.79 -48.00 34.74
N THR KB 41 -80.69 -48.20 35.47
CA THR KB 41 -79.85 -47.07 35.82
C THR KB 41 -79.13 -46.52 34.61
N PHE KB 42 -78.78 -47.40 33.66
CA PHE KB 42 -78.21 -46.92 32.41
C PHE KB 42 -79.21 -46.04 31.66
N VAL KB 43 -80.41 -46.54 31.45
CA VAL KB 43 -81.42 -45.77 30.72
C VAL KB 43 -81.87 -44.57 31.53
N HIS KB 44 -81.95 -44.70 32.86
CA HIS KB 44 -82.36 -43.56 33.67
C HIS KB 44 -81.35 -42.43 33.59
N ARG KB 45 -80.06 -42.76 33.62
CA ARG KB 45 -79.05 -41.71 33.47
C ARG KB 45 -79.22 -40.98 32.14
N LEU KB 46 -79.26 -41.72 31.04
CA LEU KB 46 -79.26 -41.10 29.73
C LEU KB 46 -80.54 -40.34 29.45
N VAL KB 47 -81.68 -40.88 29.89
CA VAL KB 47 -82.94 -40.19 29.64
C VAL KB 47 -83.03 -38.91 30.47
N SER KB 48 -82.53 -38.96 31.70
CA SER KB 48 -82.65 -37.81 32.59
C SER KB 48 -81.92 -36.59 32.06
N CYS KB 49 -80.85 -36.77 31.29
CA CYS KB 49 -80.08 -35.62 30.83
C CYS KB 49 -80.71 -34.93 29.64
N ASN KB 50 -81.82 -35.43 29.11
CA ASN KB 50 -82.43 -34.88 27.92
C ASN KB 50 -83.37 -33.71 28.21
N SER KB 51 -83.52 -33.32 29.47
CA SER KB 51 -84.31 -32.15 29.83
C SER KB 51 -83.45 -30.95 30.17
N ARG KB 52 -82.14 -31.05 29.96
CA ARG KB 52 -81.20 -30.03 30.41
C ARG KB 52 -81.12 -28.85 29.45
N GLN KB 53 -80.84 -27.69 30.01
CA GLN KB 53 -80.47 -26.44 29.37
C GLN KB 53 -78.96 -26.24 29.43
N PRO KB 54 -78.37 -25.74 28.35
CA PRO KB 54 -76.93 -25.52 28.34
C PRO KB 54 -76.50 -24.33 29.18
N TYR KB 55 -75.25 -24.37 29.61
CA TYR KB 55 -74.60 -23.28 30.31
C TYR KB 55 -73.19 -23.13 29.78
N ALA KB 56 -72.71 -21.89 29.82
CA ALA KB 56 -71.41 -21.56 29.27
C ALA KB 56 -71.04 -20.16 29.73
N VAL KB 57 -69.74 -19.90 29.79
CA VAL KB 57 -69.27 -18.55 30.06
C VAL KB 57 -69.40 -17.72 28.80
N SER KB 58 -69.29 -16.41 28.93
CA SER KB 58 -69.26 -15.53 27.78
C SER KB 58 -68.04 -15.84 26.92
N ARG KB 59 -68.22 -15.82 25.59
CA ARG KB 59 -67.12 -16.15 24.70
C ARG KB 59 -65.97 -15.16 24.84
N LYS KB 60 -66.28 -13.90 25.13
CA LYS KB 60 -65.29 -12.84 25.16
C LYS KB 60 -64.69 -12.61 26.54
N ALA KB 61 -65.13 -13.35 27.55
CA ALA KB 61 -64.76 -13.07 28.93
C ALA KB 61 -63.29 -13.34 29.18
N GLY KB 62 -62.64 -12.40 29.84
CA GLY KB 62 -61.21 -12.48 30.07
C GLY KB 62 -60.36 -12.02 28.92
N HIS KB 63 -60.96 -11.59 27.83
CA HIS KB 63 -60.23 -11.23 26.62
C HIS KB 63 -60.67 -9.86 26.13
N GLN KB 64 -60.94 -8.95 27.05
CA GLN KB 64 -61.35 -7.59 26.73
C GLN KB 64 -60.32 -6.57 27.19
N THR KB 65 -59.05 -6.94 27.09
CA THR KB 65 -57.93 -6.07 27.41
C THR KB 65 -56.90 -6.15 26.30
N SER KB 66 -56.16 -5.06 26.11
CA SER KB 66 -55.10 -5.04 25.11
C SER KB 66 -53.77 -5.46 25.69
N ALA KB 67 -53.79 -6.29 26.72
CA ALA KB 67 -52.59 -6.63 27.47
C ALA KB 67 -51.58 -7.34 26.58
N GLU KB 68 -50.32 -7.24 26.98
CA GLU KB 68 -49.19 -7.69 26.19
C GLU KB 68 -48.02 -7.94 27.13
N SER KB 69 -47.24 -8.97 26.82
CA SER KB 69 -46.19 -9.40 27.73
C SER KB 69 -45.03 -8.41 27.74
N TRP KB 70 -44.59 -8.04 28.95
CA TRP KB 70 -43.44 -7.18 29.10
C TRP KB 70 -42.17 -7.82 28.54
N GLY KB 71 -42.16 -9.14 28.39
CA GLY KB 71 -40.97 -9.84 28.02
C GLY KB 71 -40.11 -10.11 29.25
N THR KB 72 -38.88 -10.51 28.99
CA THR KB 72 -37.93 -10.77 30.05
C THR KB 72 -36.97 -9.59 30.17
N GLY KB 73 -36.29 -9.52 31.30
CA GLY KB 73 -35.36 -8.46 31.58
C GLY KB 73 -35.84 -7.45 32.60
N ARG KB 74 -37.01 -7.66 33.19
CA ARG KB 74 -37.61 -6.71 34.11
C ARG KB 74 -37.92 -7.34 35.46
N ALA KB 75 -37.36 -8.52 35.73
CA ALA KB 75 -37.46 -9.20 37.01
C ALA KB 75 -38.87 -9.61 37.38
N VAL KB 76 -39.76 -9.72 36.39
CA VAL KB 76 -41.12 -10.20 36.59
C VAL KB 76 -41.37 -11.33 35.60
N SER KB 77 -42.34 -12.18 35.94
CA SER KB 77 -42.70 -13.28 35.06
C SER KB 77 -43.20 -12.75 33.72
N ARG KB 78 -43.31 -13.65 32.75
CA ARG KB 78 -43.56 -13.28 31.37
C ARG KB 78 -45.04 -13.30 31.01
N ILE KB 79 -45.93 -13.26 31.99
CA ILE KB 79 -47.38 -13.24 31.77
C ILE KB 79 -47.76 -11.94 31.05
N PRO KB 80 -48.73 -11.94 30.16
CA PRO KB 80 -49.20 -10.67 29.60
C PRO KB 80 -49.71 -9.73 30.67
N ARG KB 81 -49.44 -8.45 30.51
CA ARG KB 81 -49.73 -7.45 31.53
C ARG KB 81 -50.48 -6.29 30.92
N VAL KB 82 -51.30 -5.62 31.75
CA VAL KB 82 -52.07 -4.48 31.29
C VAL KB 82 -51.16 -3.27 31.25
N GLY KB 83 -51.08 -2.63 30.09
CA GLY KB 83 -50.25 -1.46 29.90
C GLY KB 83 -50.94 -0.19 30.35
N GLY KB 84 -50.37 0.93 29.93
CA GLY KB 84 -50.92 2.23 30.31
C GLY KB 84 -50.43 2.66 31.68
N GLY KB 85 -51.27 3.46 32.34
CA GLY KB 85 -50.93 3.94 33.66
C GLY KB 85 -52.10 4.72 34.23
N GLY KB 86 -51.91 5.21 35.45
CA GLY KB 86 -52.89 6.04 36.10
C GLY KB 86 -53.93 5.31 36.92
N THR KB 87 -53.89 3.99 36.94
CA THR KB 87 -54.86 3.21 37.69
C THR KB 87 -54.15 1.96 38.21
N HIS KB 88 -54.74 1.34 39.23
CA HIS KB 88 -54.15 0.13 39.78
C HIS KB 88 -54.14 -1.01 38.79
N ARG KB 89 -55.00 -0.97 37.77
CA ARG KB 89 -55.06 -2.04 36.79
C ARG KB 89 -53.78 -2.13 35.98
N ALA KB 90 -53.08 -1.01 35.78
CA ALA KB 90 -51.90 -1.01 34.93
C ALA KB 90 -50.80 -1.89 35.52
N GLY KB 91 -50.19 -2.71 34.67
CA GLY KB 91 -49.13 -3.60 35.08
C GLY KB 91 -49.57 -4.92 35.67
N GLN KB 92 -50.88 -5.17 35.74
CA GLN KB 92 -51.41 -6.40 36.31
C GLN KB 92 -51.57 -7.47 35.25
N GLY KB 93 -51.57 -8.72 35.69
CA GLY KB 93 -51.60 -9.84 34.77
C GLY KB 93 -52.94 -10.00 34.09
N ALA KB 94 -52.91 -10.63 32.91
CA ALA KB 94 -54.11 -10.79 32.11
C ALA KB 94 -54.03 -12.06 31.26
N PHE KB 95 -55.20 -12.51 30.81
CA PHE KB 95 -55.39 -13.58 29.84
C PHE KB 95 -55.07 -14.97 30.35
N GLY KB 96 -54.48 -15.11 31.51
CA GLY KB 96 -54.06 -16.42 31.96
C GLY KB 96 -55.08 -17.03 32.88
N ASN KB 97 -55.16 -18.35 32.87
CA ASN KB 97 -56.12 -18.97 33.78
C ASN KB 97 -55.68 -18.88 35.22
N MET KB 98 -54.42 -18.56 35.46
CA MET KB 98 -53.95 -18.31 36.81
C MET KB 98 -54.11 -16.86 37.23
N CYS KB 99 -54.32 -15.96 36.28
CA CYS KB 99 -54.44 -14.54 36.60
C CYS KB 99 -55.83 -14.21 37.12
N ARG KB 100 -55.89 -13.21 37.99
CA ARG KB 100 -57.15 -12.66 38.42
C ARG KB 100 -57.69 -11.81 37.30
N GLY KB 101 -58.94 -12.03 36.93
CA GLY KB 101 -59.52 -11.39 35.77
C GLY KB 101 -59.24 -12.06 34.44
N GLY KB 102 -58.53 -13.19 34.42
CA GLY KB 102 -58.27 -13.90 33.18
C GLY KB 102 -59.42 -14.79 32.78
N ARG KB 103 -59.25 -15.51 31.67
CA ARG KB 103 -60.30 -16.44 31.30
C ARG KB 103 -59.99 -17.80 31.90
N MET KB 104 -61.02 -18.61 32.08
CA MET KB 104 -60.87 -19.92 32.69
C MET KB 104 -60.16 -20.88 31.73
N PHE KB 105 -59.55 -21.92 32.29
CA PHE KB 105 -59.03 -22.99 31.46
C PHE KB 105 -60.17 -23.72 30.77
N ALA KB 106 -60.04 -23.90 29.47
CA ALA KB 106 -61.02 -24.59 28.65
C ALA KB 106 -62.42 -24.05 28.92
N PRO KB 107 -62.72 -22.83 28.51
CA PRO KB 107 -64.03 -22.25 28.83
C PRO KB 107 -65.15 -23.14 28.34
N THR KB 108 -66.18 -23.26 29.16
CA THR KB 108 -67.32 -24.09 28.80
C THR KB 108 -68.03 -23.51 27.58
N ARG KB 109 -68.47 -24.40 26.70
CA ARG KB 109 -69.13 -24.02 25.47
C ARG KB 109 -70.51 -24.66 25.42
N ILE KB 110 -71.42 -24.05 24.66
CA ILE KB 110 -72.77 -24.59 24.54
C ILE KB 110 -72.85 -25.82 23.67
N TRP KB 111 -71.83 -26.12 22.88
CA TRP KB 111 -71.80 -27.35 22.08
C TRP KB 111 -71.15 -28.51 22.81
N ARG KB 112 -71.22 -28.54 24.14
CA ARG KB 112 -71.13 -29.77 24.88
C ARG KB 112 -72.25 -30.72 24.45
N LYS KB 113 -72.10 -32.00 24.78
CA LYS KB 113 -73.13 -33.02 24.51
C LYS KB 113 -74.12 -33.06 25.66
N TRP KB 114 -75.14 -32.20 25.62
CA TRP KB 114 -76.11 -32.21 26.71
C TRP KB 114 -77.04 -33.42 26.65
N HIS KB 115 -77.55 -33.75 25.48
CA HIS KB 115 -78.58 -34.76 25.34
C HIS KB 115 -77.98 -36.04 24.76
N ARG KB 116 -78.25 -37.17 25.40
CA ARG KB 116 -77.71 -38.46 24.97
C ARG KB 116 -78.85 -39.35 24.48
N ARG KB 117 -78.59 -40.10 23.43
CA ARG KB 117 -79.60 -40.95 22.83
C ARG KB 117 -79.53 -42.39 23.35
N VAL KB 118 -80.70 -42.98 23.54
CA VAL KB 118 -80.87 -44.39 23.90
C VAL KB 118 -81.72 -45.04 22.82
N ASN KB 119 -81.40 -46.29 22.49
CA ASN KB 119 -82.15 -47.01 21.49
C ASN KB 119 -83.63 -47.07 21.86
N VAL KB 120 -84.49 -46.97 20.85
CA VAL KB 120 -85.92 -47.07 21.08
C VAL KB 120 -86.26 -48.37 21.79
N ARG KB 121 -85.61 -49.47 21.40
CA ARG KB 121 -85.91 -50.75 22.01
C ARG KB 121 -85.39 -50.85 23.43
N LEU KB 122 -84.21 -50.30 23.70
CA LEU KB 122 -83.69 -50.34 25.05
C LEU KB 122 -84.54 -49.52 26.02
N ARG KB 123 -85.10 -48.41 25.54
CA ARG KB 123 -86.05 -47.67 26.36
C ARG KB 123 -87.25 -48.52 26.74
N ARG KB 124 -87.80 -49.25 25.77
CA ARG KB 124 -88.96 -50.07 26.02
C ARG KB 124 -88.64 -51.23 26.95
N VAL KB 125 -87.45 -51.82 26.81
CA VAL KB 125 -87.07 -52.91 27.69
C VAL KB 125 -87.01 -52.43 29.14
N ALA KB 126 -86.42 -51.25 29.36
CA ALA KB 126 -86.28 -50.74 30.72
C ALA KB 126 -87.63 -50.39 31.33
N VAL KB 127 -88.55 -49.86 30.53
CA VAL KB 127 -89.88 -49.60 31.07
C VAL KB 127 -90.55 -50.90 31.50
N ALA KB 128 -90.38 -51.97 30.71
CA ALA KB 128 -90.95 -53.25 31.08
C ALA KB 128 -90.42 -53.74 32.42
N SER KB 129 -89.10 -53.63 32.62
CA SER KB 129 -88.53 -54.06 33.90
C SER KB 129 -89.05 -53.22 35.05
N ALA KB 130 -89.18 -51.92 34.85
CA ALA KB 130 -89.69 -51.04 35.89
C ALA KB 130 -91.13 -51.39 36.26
N LEU KB 131 -91.96 -51.68 35.26
CA LEU KB 131 -93.35 -52.03 35.55
C LEU KB 131 -93.44 -53.29 36.39
N ALA KB 132 -92.67 -54.30 36.05
CA ALA KB 132 -92.70 -55.55 36.79
C ALA KB 132 -92.38 -55.31 38.26
N ALA KB 133 -91.32 -54.53 38.53
CA ALA KB 133 -90.90 -54.28 39.90
C ALA KB 133 -91.97 -53.54 40.71
N THR KB 134 -92.82 -52.76 40.05
CA THR KB 134 -93.94 -52.13 40.75
C THR KB 134 -94.91 -53.14 41.34
N ALA KB 135 -94.86 -54.39 40.90
CA ALA KB 135 -95.80 -55.41 41.37
C ALA KB 135 -95.22 -56.30 42.45
N VAL KB 136 -94.01 -56.01 42.92
CA VAL KB 136 -93.34 -56.82 43.94
C VAL KB 136 -93.36 -56.03 45.25
N PRO KB 137 -94.06 -56.51 46.28
CA PRO KB 137 -94.12 -55.75 47.53
C PRO KB 137 -92.78 -55.52 48.21
N ALA KB 138 -91.86 -56.47 48.13
CA ALA KB 138 -90.58 -56.31 48.81
C ALA KB 138 -89.78 -55.18 48.20
N ILE KB 139 -89.89 -54.97 46.89
CA ILE KB 139 -89.12 -53.94 46.24
C ILE KB 139 -89.77 -52.58 46.40
N VAL KB 140 -91.11 -52.53 46.38
CA VAL KB 140 -91.81 -51.28 46.66
C VAL KB 140 -91.60 -50.85 48.09
N THR KB 141 -91.50 -51.80 49.02
CA THR KB 141 -91.10 -51.49 50.39
C THR KB 141 -89.69 -50.93 50.42
N ALA KB 142 -88.74 -51.66 49.82
CA ALA KB 142 -87.33 -51.31 49.96
C ALA KB 142 -87.02 -49.96 49.34
N ARG KB 143 -87.83 -49.51 48.40
CA ARG KB 143 -87.61 -48.21 47.79
C ARG KB 143 -88.21 -47.08 48.62
N GLY KB 144 -88.83 -47.39 49.75
CA GLY KB 144 -89.16 -46.40 50.73
C GLY KB 144 -90.64 -46.06 50.87
N HIS KB 145 -91.52 -46.80 50.22
CA HIS KB 145 -92.94 -46.49 50.31
C HIS KB 145 -93.55 -47.23 51.48
N ARG KB 146 -94.33 -46.51 52.27
CA ARG KB 146 -95.04 -47.12 53.38
C ARG KB 146 -96.23 -47.91 52.84
N ILE KB 147 -96.03 -49.20 52.56
CA ILE KB 147 -97.11 -50.05 52.09
C ILE KB 147 -97.30 -51.17 53.10
N GLU KB 148 -98.16 -50.94 54.07
CA GLU KB 148 -98.32 -51.88 55.15
C GLU KB 148 -99.78 -52.13 55.48
N SER KB 149 -100.69 -51.25 55.04
CA SER KB 149 -102.12 -51.50 55.13
C SER KB 149 -102.77 -51.64 53.76
N VAL KB 150 -101.97 -51.72 52.69
CA VAL KB 150 -102.53 -51.91 51.35
C VAL KB 150 -103.03 -53.34 51.21
N PRO KB 151 -104.20 -53.57 50.63
CA PRO KB 151 -104.73 -54.93 50.53
C PRO KB 151 -103.96 -55.90 49.63
N GLU KB 152 -103.55 -55.47 48.44
CA GLU KB 152 -103.00 -56.39 47.45
C GLU KB 152 -102.07 -55.65 46.51
N PHE KB 153 -101.05 -56.36 46.02
CA PHE KB 153 -100.18 -55.89 44.96
C PHE KB 153 -100.26 -56.81 43.76
N PRO KB 154 -100.53 -56.29 42.55
CA PRO KB 154 -100.71 -54.87 42.24
C PRO KB 154 -101.97 -54.28 42.85
N LEU KB 155 -101.95 -52.98 43.11
CA LEU KB 155 -103.04 -52.29 43.77
C LEU KB 155 -103.93 -51.66 42.70
N VAL KB 156 -105.04 -52.33 42.40
CA VAL KB 156 -105.98 -51.89 41.38
C VAL KB 156 -107.24 -51.42 42.07
N VAL KB 157 -107.68 -50.21 41.77
CA VAL KB 157 -108.85 -49.61 42.36
C VAL KB 157 -109.87 -49.45 41.26
N SER KB 158 -111.15 -49.44 41.64
CA SER KB 158 -112.21 -49.46 40.65
C SER KB 158 -112.20 -48.20 39.80
N ASP KB 159 -112.99 -48.22 38.73
CA ASP KB 159 -113.08 -47.07 37.84
C ASP KB 159 -113.82 -45.90 38.47
N SER KB 160 -114.54 -46.11 39.57
CA SER KB 160 -115.26 -45.00 40.17
C SER KB 160 -114.33 -43.91 40.65
N ALA KB 161 -113.06 -44.25 40.91
CA ALA KB 161 -112.08 -43.23 41.24
C ALA KB 161 -111.92 -42.24 40.10
N GLU KB 162 -112.08 -42.70 38.86
CA GLU KB 162 -111.86 -41.86 37.68
C GLU KB 162 -112.58 -40.52 37.76
N GLY KB 163 -113.82 -40.53 38.21
CA GLY KB 163 -114.65 -39.34 38.12
C GLY KB 163 -114.50 -38.35 39.24
N ILE KB 164 -113.60 -38.61 40.19
CA ILE KB 164 -113.47 -37.72 41.33
C ILE KB 164 -112.85 -36.39 40.90
N GLU KB 165 -113.05 -35.39 41.74
CA GLU KB 165 -112.91 -33.99 41.37
C GLU KB 165 -112.00 -33.20 42.29
N LYS KB 166 -112.07 -33.42 43.59
CA LYS KB 166 -111.48 -32.54 44.58
C LYS KB 166 -110.27 -33.22 45.22
N THR KB 167 -109.36 -32.39 45.73
CA THR KB 167 -108.29 -32.93 46.55
C THR KB 167 -108.85 -33.63 47.79
N ALA KB 168 -109.93 -33.10 48.36
CA ALA KB 168 -110.59 -33.78 49.46
C ALA KB 168 -111.15 -35.14 49.03
N GLN KB 169 -111.77 -35.20 47.84
CA GLN KB 169 -112.23 -36.48 47.34
C GLN KB 169 -111.07 -37.44 47.14
N ALA KB 170 -109.95 -36.95 46.63
CA ALA KB 170 -108.78 -37.79 46.44
C ALA KB 170 -108.24 -38.32 47.76
N ILE KB 171 -108.35 -37.52 48.82
CA ILE KB 171 -107.86 -37.94 50.13
C ILE KB 171 -108.66 -39.14 50.65
N LYS KB 172 -109.97 -39.13 50.49
CA LYS KB 172 -110.76 -40.28 50.92
C LYS KB 172 -110.35 -41.54 50.18
N VAL KB 173 -110.12 -41.44 48.87
CA VAL KB 173 -109.75 -42.61 48.08
C VAL KB 173 -108.45 -43.22 48.60
N LEU KB 174 -107.46 -42.37 48.88
CA LEU KB 174 -106.21 -42.86 49.44
C LEU KB 174 -106.42 -43.47 50.82
N LYS KB 175 -107.39 -42.96 51.58
CA LYS KB 175 -107.66 -43.55 52.88
C LYS KB 175 -108.31 -44.92 52.75
N GLN KB 176 -109.22 -45.09 51.80
CA GLN KB 176 -109.89 -46.36 51.64
C GLN KB 176 -108.96 -47.45 51.14
N LEU KB 177 -107.93 -47.06 50.39
CA LEU KB 177 -106.82 -47.94 50.11
C LEU KB 177 -105.93 -47.96 51.35
N GLY KB 178 -104.72 -48.47 51.22
CA GLY KB 178 -103.76 -48.27 52.29
C GLY KB 178 -102.76 -47.21 51.87
N ALA KB 179 -103.21 -46.29 51.02
CA ALA KB 179 -102.31 -45.39 50.31
C ALA KB 179 -102.07 -44.08 51.02
N TYR KB 180 -102.97 -43.62 51.89
CA TYR KB 180 -102.82 -42.29 52.45
C TYR KB 180 -101.58 -42.15 53.34
N ALA KB 181 -101.11 -43.25 53.94
CA ALA KB 181 -99.94 -43.16 54.78
C ALA KB 181 -98.72 -42.76 53.98
N ASP KB 182 -98.57 -43.31 52.76
CA ASP KB 182 -97.42 -42.95 51.94
C ASP KB 182 -97.50 -41.50 51.50
N ALA KB 183 -98.71 -41.02 51.20
CA ALA KB 183 -98.87 -39.61 50.89
C ALA KB 183 -98.59 -38.74 52.10
N GLU KB 184 -98.84 -39.26 53.30
CA GLU KB 184 -98.50 -38.51 54.51
C GLU KB 184 -97.02 -38.23 54.58
N LYS KB 185 -96.21 -39.25 54.34
CA LYS KB 185 -94.76 -39.12 54.46
C LYS KB 185 -94.22 -38.08 53.48
N ALA KB 186 -94.75 -38.06 52.27
CA ALA KB 186 -94.33 -37.07 51.27
C ALA KB 186 -94.58 -35.64 51.75
N LYS KB 187 -95.77 -35.38 52.28
CA LYS KB 187 -96.08 -34.01 52.70
C LYS KB 187 -95.27 -33.62 53.93
N ASP KB 188 -95.06 -34.57 54.83
CA ASP KB 188 -94.37 -34.27 56.09
C ASP KB 188 -92.89 -34.02 55.83
N SER KB 189 -92.35 -34.58 54.75
CA SER KB 189 -90.92 -34.53 54.48
C SER KB 189 -90.47 -33.28 53.75
N VAL KB 190 -91.37 -32.35 53.46
CA VAL KB 190 -91.03 -31.18 52.66
C VAL KB 190 -90.22 -30.21 53.49
N GLY KB 191 -89.08 -29.79 52.96
CA GLY KB 191 -88.22 -28.82 53.58
C GLY KB 191 -87.45 -28.09 52.51
N ILE KB 192 -86.63 -27.14 52.94
CA ILE KB 192 -85.83 -26.36 52.00
C ILE KB 192 -84.57 -27.13 51.64
N ARG KB 193 -84.22 -27.07 50.37
CA ARG KB 193 -83.10 -27.79 49.80
C ARG KB 193 -81.78 -27.25 50.33
N PRO KB 194 -80.95 -28.06 50.96
CA PRO KB 194 -79.63 -27.56 51.39
C PRO KB 194 -78.75 -27.25 50.20
N GLY KB 195 -77.93 -26.22 50.33
CA GLY KB 195 -76.95 -25.89 49.33
C GLY KB 195 -77.35 -24.76 48.40
N LYS KB 196 -76.71 -24.76 47.24
CA LYS KB 196 -76.89 -23.66 46.29
C LYS KB 196 -78.23 -23.69 45.59
N GLY KB 197 -78.86 -24.85 45.52
CA GLY KB 197 -80.09 -24.97 44.74
C GLY KB 197 -81.24 -24.14 45.27
N LYS KB 198 -81.22 -23.81 46.57
CA LYS KB 198 -82.32 -23.04 47.14
C LYS KB 198 -82.34 -21.60 46.64
N MET KB 199 -81.30 -21.15 45.95
CA MET KB 199 -81.31 -19.86 45.30
C MET KB 199 -81.24 -19.97 43.78
N ARG KB 200 -81.34 -21.18 43.25
CA ARG KB 200 -81.38 -21.44 41.83
C ARG KB 200 -82.76 -21.94 41.39
N ASN KB 201 -83.82 -21.46 42.05
CA ASN KB 201 -85.21 -21.76 41.72
C ASN KB 201 -85.57 -23.23 41.96
N ARG KB 202 -84.96 -23.85 42.95
CA ARG KB 202 -85.24 -25.24 43.33
C ARG KB 202 -85.35 -25.34 44.85
N ARG KB 203 -86.19 -24.48 45.44
CA ARG KB 203 -86.07 -24.22 46.86
C ARG KB 203 -86.59 -25.35 47.74
N TYR KB 204 -87.58 -26.11 47.31
CA TYR KB 204 -88.20 -27.12 48.17
C TYR KB 204 -88.05 -28.51 47.57
N ILE KB 205 -87.81 -29.49 48.44
CA ILE KB 205 -87.69 -30.89 48.07
C ILE KB 205 -88.56 -31.71 49.00
N ASN KB 206 -88.83 -32.95 48.57
CA ASN KB 206 -89.75 -33.82 49.30
C ASN KB 206 -89.40 -35.27 48.99
N ARG KB 207 -90.16 -36.18 49.57
CA ARG KB 207 -90.07 -37.59 49.23
C ARG KB 207 -91.07 -37.90 48.12
N LYS KB 208 -91.01 -39.14 47.63
CA LYS KB 208 -91.94 -39.58 46.61
C LYS KB 208 -93.12 -40.29 47.26
N GLY KB 209 -94.30 -40.01 46.77
CA GLY KB 209 -95.48 -40.71 47.22
C GLY KB 209 -95.83 -41.80 46.23
N PRO KB 210 -97.10 -42.15 46.14
CA PRO KB 210 -97.54 -43.09 45.12
C PRO KB 210 -97.73 -42.42 43.77
N LEU KB 211 -97.81 -43.25 42.74
CA LEU KB 211 -98.09 -42.82 41.38
C LEU KB 211 -99.44 -43.38 40.97
N ILE KB 212 -100.35 -42.50 40.57
CA ILE KB 212 -101.68 -42.90 40.12
C ILE KB 212 -101.64 -43.03 38.60
N VAL KB 213 -102.07 -44.18 38.09
CA VAL KB 213 -102.14 -44.41 36.66
C VAL KB 213 -103.60 -44.51 36.26
N TYR KB 214 -104.03 -43.67 35.34
CA TYR KB 214 -105.39 -43.72 34.83
C TYR KB 214 -105.37 -44.16 33.38
N GLY KB 215 -106.48 -44.72 32.93
CA GLY KB 215 -106.56 -45.26 31.60
C GLY KB 215 -107.27 -44.39 30.61
N THR KB 216 -108.42 -43.88 30.99
CA THR KB 216 -109.26 -43.15 30.04
C THR KB 216 -108.75 -41.72 29.93
N GLU KB 217 -108.47 -41.30 28.70
CA GLU KB 217 -108.06 -39.93 28.44
C GLU KB 217 -109.19 -38.97 28.81
N GLY KB 218 -108.80 -37.78 29.28
CA GLY KB 218 -109.78 -36.75 29.54
C GLY KB 218 -110.47 -36.83 30.88
N SER KB 219 -109.86 -37.49 31.85
CA SER KB 219 -110.47 -37.68 33.16
C SER KB 219 -110.27 -36.44 34.02
N LYS KB 220 -110.61 -36.58 35.30
CA LYS KB 220 -110.53 -35.47 36.25
C LYS KB 220 -109.62 -35.76 37.42
N ILE KB 221 -109.22 -37.01 37.64
CA ILE KB 221 -108.29 -37.32 38.73
C ILE KB 221 -106.94 -36.69 38.49
N VAL KB 222 -106.66 -36.23 37.28
CA VAL KB 222 -105.49 -35.41 37.06
C VAL KB 222 -105.53 -34.20 38.00
N LYS KB 223 -106.71 -33.62 38.16
CA LYS KB 223 -106.87 -32.37 38.88
C LYS KB 223 -107.23 -32.56 40.35
N ALA KB 224 -107.57 -33.77 40.77
CA ALA KB 224 -107.80 -34.03 42.18
C ALA KB 224 -106.52 -34.33 42.94
N PHE KB 225 -105.48 -34.80 42.26
CA PHE KB 225 -104.28 -35.28 42.93
C PHE KB 225 -103.10 -34.34 42.81
N ARG KB 226 -103.19 -33.29 42.01
CA ARG KB 226 -102.00 -32.51 41.68
C ARG KB 226 -101.53 -31.63 42.82
N ASN KB 227 -102.42 -31.20 43.71
CA ASN KB 227 -102.00 -30.40 44.85
C ASN KB 227 -101.25 -31.19 45.89
N LEU KB 228 -101.28 -32.50 45.82
CA LEU KB 228 -100.69 -33.32 46.85
C LEU KB 228 -99.20 -33.46 46.57
N PRO KB 229 -98.32 -33.00 47.46
CA PRO KB 229 -96.90 -33.23 47.25
C PRO KB 229 -96.59 -34.72 47.24
N GLY KB 230 -95.65 -35.10 46.37
CA GLY KB 230 -95.25 -36.49 46.23
C GLY KB 230 -96.08 -37.33 45.29
N VAL KB 231 -97.33 -36.95 45.07
CA VAL KB 231 -98.28 -37.76 44.32
C VAL KB 231 -98.26 -37.35 42.85
N ASP KB 232 -98.08 -38.33 41.98
CA ASP KB 232 -98.03 -38.12 40.54
C ASP KB 232 -99.16 -38.88 39.87
N VAL KB 233 -99.60 -38.36 38.74
CA VAL KB 233 -100.64 -38.98 37.92
C VAL KB 233 -100.04 -39.28 36.56
N ALA KB 234 -100.41 -40.42 35.98
CA ALA KB 234 -99.96 -40.78 34.65
C ALA KB 234 -101.12 -41.36 33.85
N ASN KB 235 -101.04 -41.18 32.54
CA ASN KB 235 -101.92 -41.85 31.60
C ASN KB 235 -101.29 -43.19 31.21
N VAL KB 236 -102.14 -44.14 30.85
CA VAL KB 236 -101.66 -45.52 30.71
C VAL KB 236 -100.79 -45.68 29.47
N GLU KB 237 -101.16 -45.06 28.35
CA GLU KB 237 -100.37 -45.27 27.13
C GLU KB 237 -98.96 -44.71 27.22
N ARG KB 238 -98.75 -43.62 27.94
CA ARG KB 238 -97.48 -42.89 27.82
C ARG KB 238 -96.69 -42.84 29.12
N LEU KB 239 -96.48 -43.99 29.74
CA LEU KB 239 -95.74 -44.04 31.00
C LEU KB 239 -94.29 -43.63 30.81
N ASN KB 240 -93.70 -43.12 31.89
CA ASN KB 240 -92.34 -42.57 31.89
C ASN KB 240 -91.46 -43.34 32.86
N LEU KB 241 -90.25 -43.67 32.43
CA LEU KB 241 -89.31 -44.34 33.31
C LEU KB 241 -88.89 -43.45 34.48
N LEU KB 242 -88.92 -42.13 34.29
CA LEU KB 242 -88.51 -41.24 35.38
C LEU KB 242 -89.48 -41.29 36.54
N ASP KB 243 -90.73 -41.70 36.31
CA ASP KB 243 -91.69 -41.91 37.38
C ASP KB 243 -91.66 -43.33 37.93
N LEU KB 244 -91.56 -44.32 37.05
CA LEU KB 244 -91.64 -45.71 37.48
C LEU KB 244 -90.41 -46.14 38.26
N ALA KB 245 -89.30 -45.44 38.11
CA ALA KB 245 -88.08 -45.76 38.84
C ALA KB 245 -87.34 -44.45 39.13
N PRO KB 246 -87.90 -43.60 39.96
CA PRO KB 246 -87.29 -42.29 40.18
C PRO KB 246 -86.02 -42.41 41.00
N GLY KB 247 -85.01 -41.66 40.57
CA GLY KB 247 -83.68 -41.78 41.13
C GLY KB 247 -82.91 -42.96 40.60
N GLY KB 248 -83.44 -43.67 39.60
CA GLY KB 248 -82.84 -44.88 39.14
C GLY KB 248 -83.08 -46.08 40.02
N HIS KB 249 -83.91 -45.95 41.04
CA HIS KB 249 -84.18 -47.05 41.96
C HIS KB 249 -85.52 -47.68 41.64
N LEU KB 250 -85.55 -49.00 41.63
CA LEU KB 250 -86.74 -49.76 41.26
C LEU KB 250 -87.77 -49.73 42.38
N GLY KB 251 -89.04 -49.80 41.99
CA GLY KB 251 -90.10 -50.03 42.95
C GLY KB 251 -91.06 -48.90 43.26
N ARG KB 252 -91.46 -48.11 42.27
CA ARG KB 252 -92.41 -47.05 42.55
C ARG KB 252 -93.77 -47.62 42.95
N PHE KB 253 -94.38 -47.00 43.94
CA PHE KB 253 -95.68 -47.42 44.43
C PHE KB 253 -96.75 -46.89 43.47
N VAL KB 254 -97.46 -47.81 42.82
CA VAL KB 254 -98.41 -47.45 41.78
C VAL KB 254 -99.80 -47.88 42.17
N ILE KB 255 -100.77 -46.98 42.02
CA ILE KB 255 -102.18 -47.29 42.19
C ILE KB 255 -102.80 -47.30 40.81
N TRP KB 256 -103.22 -48.48 40.36
CA TRP KB 256 -103.78 -48.65 39.03
C TRP KB 256 -105.28 -48.49 39.10
N THR KB 257 -105.84 -47.75 38.15
CA THR KB 257 -107.27 -47.79 37.95
C THR KB 257 -107.65 -49.03 37.14
N GLU KB 258 -108.86 -49.53 37.36
CA GLU KB 258 -109.32 -50.70 36.62
C GLU KB 258 -109.38 -50.41 35.12
N SER KB 259 -109.66 -49.17 34.76
CA SER KB 259 -109.63 -48.78 33.35
C SER KB 259 -108.23 -48.94 32.77
N ALA KB 260 -107.20 -48.63 33.57
CA ALA KB 260 -105.82 -48.61 33.08
C ALA KB 260 -105.17 -49.97 33.19
N PHE KB 261 -105.45 -50.71 34.27
CA PHE KB 261 -104.81 -52.00 34.46
C PHE KB 261 -105.18 -52.98 33.36
N LYS KB 262 -106.35 -52.82 32.76
CA LYS KB 262 -106.76 -53.71 31.69
C LYS KB 262 -106.17 -53.33 30.34
N LYS KB 263 -105.69 -52.09 30.18
CA LYS KB 263 -105.03 -51.71 28.95
C LYS KB 263 -103.58 -52.14 28.89
N LEU KB 264 -102.99 -52.59 29.99
CA LEU KB 264 -101.57 -52.94 29.98
C LEU KB 264 -101.27 -54.03 28.96
N ASP KB 265 -102.07 -55.09 28.92
CA ASP KB 265 -101.84 -56.15 27.96
C ASP KB 265 -101.96 -55.64 26.53
N GLU KB 266 -102.82 -54.65 26.30
CA GLU KB 266 -102.87 -54.01 25.00
C GLU KB 266 -101.58 -53.26 24.69
N VAL KB 267 -101.02 -52.56 25.68
CA VAL KB 267 -99.90 -51.68 25.40
C VAL KB 267 -98.61 -52.48 25.20
N TYR KB 268 -98.35 -53.47 26.04
CA TYR KB 268 -97.08 -54.18 25.98
C TYR KB 268 -97.17 -55.58 25.39
N GLY KB 269 -98.37 -56.14 25.25
CA GLY KB 269 -98.45 -57.45 24.64
C GLY KB 269 -97.79 -58.53 25.47
N SER KB 270 -97.29 -59.57 24.80
CA SER KB 270 -96.83 -60.79 25.46
C SER KB 270 -95.57 -61.27 24.76
N PHE KB 271 -95.18 -62.51 25.07
CA PHE KB 271 -94.09 -63.18 24.36
C PHE KB 271 -94.61 -63.74 23.04
N GLU KB 272 -95.04 -62.82 22.20
CA GLU KB 272 -95.56 -63.20 20.90
C GLU KB 272 -95.35 -62.01 19.97
N ALA KB 273 -95.05 -62.30 18.71
CA ALA KB 273 -94.71 -61.24 17.78
C ALA KB 273 -95.95 -60.43 17.40
N SER KB 274 -95.75 -59.11 17.32
CA SER KB 274 -96.77 -58.16 16.85
C SER KB 274 -98.04 -58.22 17.70
N SER KB 275 -97.87 -58.40 19.01
CA SER KB 275 -98.99 -58.34 19.93
C SER KB 275 -99.11 -56.99 20.62
N SER KB 276 -98.00 -56.30 20.82
CA SER KB 276 -98.03 -55.01 21.47
C SER KB 276 -98.68 -53.96 20.56
N LYS KB 277 -99.20 -52.92 21.21
CA LYS KB 277 -99.54 -51.71 20.48
C LYS KB 277 -98.28 -51.09 19.88
N LYS KB 278 -97.15 -51.24 20.56
CA LYS KB 278 -95.86 -50.80 20.05
C LYS KB 278 -95.45 -51.66 18.86
N LYS KB 279 -94.76 -51.06 17.90
CA LYS KB 279 -94.33 -51.77 16.72
C LYS KB 279 -92.88 -52.23 16.87
N GLY KB 280 -92.59 -53.42 16.35
CA GLY KB 280 -91.25 -53.94 16.42
C GLY KB 280 -90.79 -54.32 17.81
N PHE KB 281 -91.72 -54.63 18.72
CA PHE KB 281 -91.40 -54.86 20.12
C PHE KB 281 -92.00 -56.16 20.60
N VAL KB 282 -91.22 -56.89 21.38
CA VAL KB 282 -91.65 -58.10 22.07
C VAL KB 282 -91.06 -58.06 23.47
N LEU KB 283 -91.82 -58.50 24.47
CA LEU KB 283 -91.36 -58.41 25.84
C LEU KB 283 -90.06 -59.19 26.02
N PRO KB 284 -89.13 -58.70 26.83
CA PRO KB 284 -87.83 -59.37 26.97
C PRO KB 284 -87.93 -60.65 27.76
N ARG KB 285 -87.15 -61.64 27.36
CA ARG KB 285 -87.14 -62.90 28.08
C ARG KB 285 -85.90 -62.99 28.98
N PRO KB 286 -86.01 -63.59 30.16
CA PRO KB 286 -84.84 -63.65 31.06
C PRO KB 286 -83.85 -64.73 30.67
N LYS KB 287 -82.64 -64.61 31.23
CA LYS KB 287 -81.60 -65.61 31.04
C LYS KB 287 -81.79 -66.83 31.92
N MET KB 288 -82.75 -66.80 32.84
CA MET KB 288 -82.93 -67.85 33.83
C MET KB 288 -84.43 -67.96 34.09
N THR KB 289 -85.04 -69.06 33.62
CA THR KB 289 -86.49 -69.16 33.62
C THR KB 289 -87.07 -69.10 35.03
N ASN KB 290 -86.48 -69.84 35.97
CA ASN KB 290 -86.87 -69.74 37.37
C ASN KB 290 -85.63 -69.40 38.18
N ALA KB 291 -85.69 -68.29 38.90
CA ALA KB 291 -84.53 -67.76 39.59
C ALA KB 291 -84.31 -68.36 40.97
N ASP KB 292 -85.15 -69.31 41.39
CA ASP KB 292 -85.03 -69.86 42.73
C ASP KB 292 -83.82 -70.77 42.86
N LEU KB 293 -82.71 -70.22 43.34
CA LEU KB 293 -81.55 -71.07 43.59
C LEU KB 293 -81.85 -72.12 44.65
N GLY KB 294 -82.79 -71.83 45.54
CA GLY KB 294 -83.21 -72.85 46.48
C GLY KB 294 -83.77 -74.07 45.79
N ARG KB 295 -84.67 -73.87 44.84
CA ARG KB 295 -85.34 -75.00 44.21
C ARG KB 295 -84.37 -75.80 43.35
N LEU KB 296 -83.55 -75.10 42.56
CA LEU KB 296 -82.59 -75.78 41.70
C LEU KB 296 -81.51 -76.49 42.49
N ILE KB 297 -80.93 -75.82 43.49
CA ILE KB 297 -79.81 -76.44 44.19
C ILE KB 297 -80.26 -77.63 45.02
N ASN KB 298 -81.49 -77.60 45.52
CA ASN KB 298 -82.00 -78.66 46.38
C ASN KB 298 -83.04 -79.52 45.70
N SER KB 299 -83.06 -79.54 44.38
CA SER KB 299 -83.90 -80.49 43.67
C SER KB 299 -83.30 -81.89 43.75
N ASP KB 300 -84.13 -82.90 43.48
CA ASP KB 300 -83.65 -84.28 43.49
C ASP KB 300 -82.61 -84.51 42.41
N GLU KB 301 -82.77 -83.85 41.25
CA GLU KB 301 -81.87 -84.07 40.13
C GLU KB 301 -80.44 -83.71 40.49
N VAL KB 302 -80.23 -82.57 41.14
CA VAL KB 302 -78.88 -82.12 41.42
C VAL KB 302 -78.30 -82.84 42.62
N GLN KB 303 -79.12 -83.15 43.62
CA GLN KB 303 -78.60 -83.82 44.82
C GLN KB 303 -78.37 -85.29 44.61
N SER KB 304 -78.88 -85.87 43.53
CA SER KB 304 -78.57 -87.25 43.22
C SER KB 304 -77.14 -87.44 42.80
N VAL KB 305 -76.45 -86.37 42.44
CA VAL KB 305 -75.10 -86.47 41.87
C VAL KB 305 -74.03 -85.82 42.73
N VAL KB 306 -74.39 -85.07 43.78
CA VAL KB 306 -73.37 -84.42 44.57
C VAL KB 306 -72.61 -85.45 45.38
N LYS KB 307 -71.41 -85.09 45.74
CA LYS KB 307 -70.57 -85.91 46.59
C LYS KB 307 -70.87 -85.62 48.05
N PRO KB 308 -70.43 -86.49 48.96
CA PRO KB 308 -70.61 -86.22 50.39
C PRO KB 308 -70.13 -84.84 50.81
N ILE KB 309 -71.03 -84.05 51.39
CA ILE KB 309 -70.70 -82.72 51.90
C ILE KB 309 -69.52 -82.86 52.84
N ASN KB 310 -68.68 -81.83 52.89
CA ASN KB 310 -67.47 -81.87 53.71
C ASN KB 310 -67.48 -80.63 54.59
N LYS KB 311 -67.77 -80.83 55.88
CA LYS KB 311 -67.73 -79.77 56.88
C LYS KB 311 -66.40 -79.74 57.63
N GLU KB 312 -65.41 -80.51 57.22
CA GLU KB 312 -64.13 -80.51 57.91
C GLU KB 312 -63.36 -79.22 57.65
N VAL KB 313 -62.85 -78.64 58.73
CA VAL KB 313 -61.88 -77.56 58.65
C VAL KB 313 -60.59 -78.08 59.26
N LYS KB 314 -59.65 -78.48 58.42
CA LYS KB 314 -58.35 -78.95 58.89
C LYS KB 314 -57.36 -77.81 58.81
N ARG KB 315 -56.49 -77.71 59.81
CA ARG KB 315 -55.55 -76.62 59.93
C ARG KB 315 -54.13 -77.16 60.00
N ARG KB 316 -53.18 -76.27 59.86
CA ARG KB 316 -51.79 -76.62 60.10
C ARG KB 316 -51.67 -77.07 61.55
N GLU KB 317 -50.89 -78.11 61.80
CA GLU KB 317 -50.65 -78.54 63.17
C GLU KB 317 -49.34 -77.96 63.68
N ALA KB 318 -49.35 -77.51 64.94
CA ALA KB 318 -48.15 -76.97 65.56
C ALA KB 318 -46.99 -77.96 65.47
N ARG KB 319 -45.77 -77.45 65.56
CA ARG KB 319 -44.59 -78.27 65.44
C ARG KB 319 -44.29 -78.98 66.75
N LYS KB 320 -43.93 -80.25 66.66
CA LYS KB 320 -43.45 -81.01 67.80
C LYS KB 320 -42.00 -81.36 67.53
N ASN KB 321 -41.14 -81.14 68.51
CA ASN KB 321 -39.70 -81.32 68.34
C ASN KB 321 -39.43 -82.69 67.74
N PRO KB 322 -38.97 -82.76 66.49
CA PRO KB 322 -38.87 -84.04 65.80
C PRO KB 322 -37.69 -84.89 66.23
N LEU KB 323 -36.80 -84.39 67.08
CA LEU KB 323 -35.62 -85.13 67.48
C LEU KB 323 -35.58 -85.44 68.96
N LYS KB 324 -36.18 -84.61 69.81
CA LYS KB 324 -36.21 -84.82 71.25
C LYS KB 324 -37.62 -84.58 71.81
N ASN KB 325 -38.62 -85.24 71.25
CA ASN KB 325 -39.96 -85.23 71.84
C ASN KB 325 -40.52 -86.63 71.65
N ALA KB 326 -40.80 -87.31 72.76
CA ALA KB 326 -41.07 -88.74 72.73
C ALA KB 326 -42.20 -89.10 71.78
N ALA KB 327 -43.37 -88.48 71.96
CA ALA KB 327 -44.52 -88.80 71.13
C ALA KB 327 -44.37 -88.29 69.71
N ALA KB 328 -43.35 -87.49 69.44
CA ALA KB 328 -43.08 -87.02 68.08
C ALA KB 328 -42.06 -87.89 67.37
N VAL KB 329 -40.98 -88.30 68.04
CA VAL KB 329 -40.05 -89.22 67.41
C VAL KB 329 -40.72 -90.55 67.11
N LEU KB 330 -41.47 -91.10 68.06
CA LEU KB 330 -42.01 -92.44 67.89
C LEU KB 330 -43.04 -92.48 66.78
N LYS KB 331 -43.93 -91.50 66.71
CA LYS KB 331 -44.94 -91.49 65.65
C LYS KB 331 -44.30 -91.24 64.28
N LEU KB 332 -43.05 -90.77 64.26
CA LEU KB 332 -42.28 -90.71 63.03
C LEU KB 332 -41.60 -92.02 62.73
N ASN KB 333 -40.79 -92.50 63.66
CA ASN KB 333 -39.96 -93.69 63.47
C ASN KB 333 -40.25 -94.61 64.65
N PRO KB 334 -41.20 -95.53 64.51
CA PRO KB 334 -41.52 -96.42 65.63
C PRO KB 334 -40.36 -97.28 66.08
N TYR KB 335 -39.41 -97.57 65.19
CA TYR KB 335 -38.26 -98.37 65.56
C TYR KB 335 -37.27 -97.62 66.43
N PHE KB 336 -37.44 -96.31 66.59
CA PHE KB 336 -36.47 -95.52 67.34
C PHE KB 336 -36.41 -96.00 68.79
N GLY KB 337 -37.55 -96.37 69.36
CA GLY KB 337 -37.55 -96.84 70.74
C GLY KB 337 -36.67 -98.05 70.94
N THR KB 338 -36.76 -99.01 70.02
CA THR KB 338 -35.91 -100.20 70.10
C THR KB 338 -34.46 -99.86 69.90
N ALA KB 339 -34.16 -99.04 68.89
CA ALA KB 339 -32.78 -98.75 68.54
C ALA KB 339 -32.06 -98.06 69.69
N ARG KB 340 -32.73 -97.12 70.35
CA ARG KB 340 -32.18 -96.55 71.57
C ARG KB 340 -31.91 -97.61 72.61
N ARG KB 341 -32.91 -98.43 72.91
CA ARG KB 341 -32.82 -99.38 74.02
C ARG KB 341 -31.74 -100.42 73.79
N MET KB 342 -31.43 -100.76 72.53
CA MET KB 342 -30.40 -101.75 72.26
C MET KB 342 -29.04 -101.30 72.81
N ALA KB 343 -28.60 -100.10 72.41
CA ALA KB 343 -27.31 -99.62 72.90
C ALA KB 343 -27.40 -99.13 74.33
N VAL KB 344 -28.56 -98.60 74.73
CA VAL KB 344 -28.78 -98.31 76.15
C VAL KB 344 -28.60 -99.58 76.97
N LEU KB 345 -29.10 -100.71 76.45
CA LEU KB 345 -28.86 -101.98 77.10
C LEU KB 345 -27.37 -102.36 77.01
N ALA KB 346 -26.74 -102.15 75.85
CA ALA KB 346 -25.34 -102.51 75.72
C ALA KB 346 -24.45 -101.66 76.62
N GLU KB 347 -24.82 -100.40 76.82
CA GLU KB 347 -24.05 -99.52 77.70
C GLU KB 347 -24.03 -100.05 79.13
N ALA KB 348 -25.13 -100.69 79.55
CA ALA KB 348 -25.14 -101.36 80.85
C ALA KB 348 -24.06 -102.43 80.91
N ALA KB 349 -23.99 -103.27 79.87
CA ALA KB 349 -22.98 -104.31 79.84
C ALA KB 349 -21.57 -103.72 79.80
N ARG KB 350 -21.38 -102.66 79.00
CA ARG KB 350 -20.05 -102.10 78.82
C ARG KB 350 -19.51 -101.51 80.11
N VAL KB 351 -20.34 -100.76 80.84
CA VAL KB 351 -19.86 -100.10 82.05
C VAL KB 351 -19.64 -101.10 83.17
N LYS KB 352 -20.61 -101.99 83.39
CA LYS KB 352 -20.47 -102.99 84.44
C LYS KB 352 -19.32 -103.94 84.16
N ALA KB 353 -18.89 -104.03 82.89
CA ALA KB 353 -17.83 -104.95 82.51
C ALA KB 353 -16.54 -104.67 83.27
N ARG KB 354 -16.14 -103.41 83.34
CA ARG KB 354 -14.95 -103.01 84.09
C ARG KB 354 -15.25 -102.63 85.53
N LYS KB 355 -16.53 -102.44 85.88
CA LYS KB 355 -16.87 -102.20 87.28
C LYS KB 355 -16.55 -103.42 88.13
N GLU KB 356 -16.94 -104.61 87.66
CA GLU KB 356 -16.68 -105.85 88.38
C GLU KB 356 -15.82 -106.80 87.56
N LYS KB 357 -15.05 -106.27 86.61
CA LYS KB 357 -13.88 -106.94 86.05
C LYS KB 357 -14.22 -108.26 85.38
N ILE KB 358 -15.42 -108.34 84.79
CA ILE KB 358 -15.75 -109.43 83.89
C ILE KB 358 -14.75 -109.40 82.73
N ASN KB 359 -14.63 -110.53 82.03
CA ASN KB 359 -13.51 -110.75 81.13
C ASN KB 359 -13.59 -109.82 79.93
N SER KB 360 -13.43 -108.53 80.19
CA SER KB 360 -13.69 -107.49 79.20
C SER KB 360 -12.73 -107.58 78.03
N LYS KB 361 -13.27 -107.45 76.83
CA LYS KB 361 -12.49 -107.51 75.59
C LYS KB 361 -11.59 -108.74 75.57
N ARG KB 362 -12.16 -109.89 75.91
CA ARG KB 362 -11.46 -111.16 75.85
C ARG KB 362 -11.06 -111.50 74.41
N THR KB 363 -10.40 -112.64 74.23
CA THR KB 363 -9.65 -112.90 73.01
C THR KB 363 -10.52 -112.84 71.76
N LYS KB 364 -10.28 -111.83 70.92
CA LYS KB 364 -10.92 -111.74 69.61
C LYS KB 364 -10.32 -112.70 68.61
N LEU KB 365 -9.06 -113.09 68.78
CA LEU KB 365 -8.34 -113.87 67.79
C LEU KB 365 -7.02 -114.35 68.42
N SER KB 366 -6.30 -115.19 67.67
CA SER KB 366 -5.15 -115.92 68.19
C SER KB 366 -3.83 -115.18 67.98
N ALA KB 367 -2.76 -115.79 68.49
CA ALA KB 367 -1.44 -115.15 68.48
C ALA KB 367 -0.86 -115.05 67.08
N GLU KB 368 -0.91 -116.13 66.30
CA GLU KB 368 -0.31 -116.09 64.97
C GLU KB 368 -0.98 -115.06 64.08
N GLU KB 369 -2.30 -114.94 64.15
CA GLU KB 369 -2.95 -113.82 63.47
C GLU KB 369 -2.48 -112.50 64.05
N ALA KB 370 -2.34 -112.41 65.37
CA ALA KB 370 -1.79 -111.20 65.98
C ALA KB 370 -0.36 -110.95 65.51
N SER KB 371 0.34 -112.01 65.12
CA SER KB 371 1.64 -111.83 64.50
C SER KB 371 1.51 -111.19 63.11
N LYS KB 372 0.77 -111.85 62.22
CA LYS KB 372 0.66 -111.33 60.85
C LYS KB 372 -0.07 -109.99 60.82
N ILE KB 373 -1.03 -109.78 61.71
CA ILE KB 373 -1.72 -108.50 61.77
C ILE KB 373 -0.74 -107.38 62.10
N LYS KB 374 0.05 -107.56 63.15
CA LYS KB 374 0.98 -106.50 63.54
C LYS KB 374 2.17 -106.41 62.60
N ALA KB 375 2.55 -107.53 61.98
CA ALA KB 375 3.60 -107.48 60.98
C ALA KB 375 3.14 -106.73 59.74
N ALA KB 376 1.89 -106.94 59.32
CA ALA KB 376 1.40 -106.31 58.09
C ALA KB 376 1.30 -104.80 58.23
N GLY KB 377 0.69 -104.32 59.32
CA GLY KB 377 0.55 -102.88 59.50
C GLY KB 377 1.90 -102.20 59.63
N LYS KB 378 2.85 -102.87 60.27
CA LYS KB 378 4.18 -102.32 60.43
C LYS KB 378 4.91 -102.26 59.10
N ALA KB 379 4.70 -103.27 58.24
CA ALA KB 379 5.25 -103.23 56.89
C ALA KB 379 4.69 -102.06 56.10
N TRP KB 380 3.39 -101.81 56.24
CA TRP KB 380 2.78 -100.62 55.65
C TRP KB 380 3.36 -99.35 56.25
N TYR KB 381 3.95 -99.43 57.43
CA TYR KB 381 4.53 -98.23 58.04
C TYR KB 381 5.81 -97.80 57.32
N GLN KB 382 6.70 -98.75 57.02
CA GLN KB 382 7.89 -98.37 56.26
C GLN KB 382 7.52 -97.76 54.93
N THR KB 383 6.48 -98.29 54.28
CA THR KB 383 6.03 -97.69 53.03
C THR KB 383 5.67 -96.23 53.24
N MET KB 384 4.94 -95.91 54.30
CA MET KB 384 4.46 -94.54 54.46
C MET KB 384 5.62 -93.56 54.63
N ILE KB 385 6.59 -93.90 55.47
CA ILE KB 385 7.61 -92.92 55.84
C ILE KB 385 8.85 -93.08 54.98
N SER KB 386 8.78 -93.93 53.96
CA SER KB 386 9.92 -94.15 53.08
C SER KB 386 10.36 -92.86 52.41
N ASP KB 387 11.66 -92.66 52.31
CA ASP KB 387 12.22 -91.49 51.66
C ASP KB 387 12.59 -91.81 50.22
N SER KB 388 12.44 -90.80 49.37
CA SER KB 388 13.11 -90.84 48.08
C SER KB 388 14.61 -90.67 48.29
N ASP KB 389 15.38 -91.30 47.42
CA ASP KB 389 16.83 -91.21 47.53
C ASP KB 389 17.36 -89.85 47.11
N TYR KB 390 16.68 -89.17 46.19
CA TYR KB 390 17.05 -87.88 45.62
C TYR KB 390 18.30 -87.95 44.75
N THR KB 391 18.74 -89.14 44.36
CA THR KB 391 19.92 -89.24 43.52
C THR KB 391 19.62 -88.97 42.06
N GLU KB 392 18.43 -88.43 41.75
CA GLU KB 392 18.14 -87.98 40.40
C GLU KB 392 18.83 -86.65 40.08
N PHE KB 393 19.00 -85.79 41.08
CA PHE KB 393 19.44 -84.41 40.86
C PHE KB 393 20.96 -84.37 41.08
N ASP KB 394 21.73 -84.46 40.00
CA ASP KB 394 23.18 -84.37 40.14
C ASP KB 394 23.62 -83.01 40.64
N VAL KB 395 23.01 -81.95 40.13
CA VAL KB 395 23.46 -80.60 40.47
C VAL KB 395 23.34 -80.36 41.97
N PHE KB 396 22.19 -80.71 42.54
CA PHE KB 396 21.83 -80.36 43.90
C PHE KB 396 22.14 -81.48 44.89
N SER KB 397 22.86 -82.51 44.46
CA SER KB 397 23.14 -83.64 45.33
C SER KB 397 23.83 -83.20 46.61
N LYS KB 398 24.79 -82.28 46.50
CA LYS KB 398 25.49 -81.84 47.70
C LYS KB 398 24.58 -81.00 48.59
N TRP KB 399 23.85 -80.06 48.00
CA TRP KB 399 22.96 -79.22 48.79
C TRP KB 399 21.88 -80.05 49.48
N LEU KB 400 21.34 -81.04 48.78
CA LEU KB 400 20.32 -81.89 49.37
C LEU KB 400 20.87 -82.78 50.47
N GLY KB 401 22.19 -82.95 50.54
CA GLY KB 401 22.79 -83.84 51.50
C GLY KB 401 22.85 -85.30 51.09
N VAL KB 402 22.56 -85.61 49.84
CA VAL KB 402 22.58 -87.00 49.38
C VAL KB 402 23.40 -87.15 48.12
N VAL LB 2 -10.72 -52.50 76.52
CA VAL LB 2 -10.90 -51.71 77.73
C VAL LB 2 -12.37 -51.42 77.96
N SER LB 3 -12.89 -51.96 79.06
CA SER LB 3 -14.29 -51.78 79.43
C SER LB 3 -14.45 -50.83 80.60
N GLY LB 4 -13.61 -50.94 81.60
CA GLY LB 4 -13.70 -50.09 82.78
C GLY LB 4 -13.39 -50.90 84.02
N SER LB 5 -12.92 -50.20 85.05
CA SER LB 5 -12.54 -50.87 86.29
C SER LB 5 -13.73 -51.54 86.96
N GLY LB 6 -14.88 -50.88 86.99
CA GLY LB 6 -16.02 -51.40 87.72
C GLY LB 6 -15.99 -51.14 89.20
N VAL LB 7 -15.28 -50.11 89.63
CA VAL LB 7 -15.02 -49.85 91.04
C VAL LB 7 -15.99 -48.79 91.55
N CYS LB 8 -16.25 -48.83 92.85
CA CYS LB 8 -17.15 -47.91 93.53
C CYS LB 8 -16.41 -46.87 94.37
N ALA LB 9 -15.14 -46.61 94.08
CA ALA LB 9 -14.41 -45.58 94.82
C ALA LB 9 -15.00 -44.21 94.55
N LYS LB 10 -14.89 -43.33 95.55
CA LYS LB 10 -15.30 -41.95 95.34
C LYS LB 10 -14.45 -41.28 94.26
N ARG LB 11 -13.15 -41.51 94.31
CA ARG LB 11 -12.25 -41.10 93.27
C ARG LB 11 -11.12 -42.11 93.26
N VAL LB 12 -10.34 -42.11 92.19
CA VAL LB 12 -9.14 -42.93 92.13
C VAL LB 12 -7.99 -41.99 91.83
N VAL LB 13 -7.05 -41.92 92.74
CA VAL LB 13 -5.84 -41.14 92.53
C VAL LB 13 -4.82 -42.05 91.89
N VAL LB 14 -4.24 -41.61 90.78
CA VAL LB 14 -3.28 -42.40 90.03
C VAL LB 14 -1.96 -41.66 90.04
N ASP LB 15 -0.91 -42.33 90.46
CA ASP LB 15 0.44 -41.77 90.41
C ASP LB 15 1.01 -42.11 89.05
N ALA LB 16 0.97 -41.16 88.14
CA ALA LB 16 1.31 -41.38 86.76
C ALA LB 16 2.78 -41.51 86.51
N ARG LB 17 3.66 -41.53 87.51
CA ARG LB 17 5.08 -41.64 87.23
C ARG LB 17 5.41 -42.95 86.51
N HIS LB 18 6.27 -42.84 85.49
CA HIS LB 18 6.66 -43.96 84.62
C HIS LB 18 5.47 -44.75 84.09
N HIS LB 19 4.42 -44.03 83.71
CA HIS LB 19 3.37 -44.58 82.87
C HIS LB 19 3.60 -44.11 81.44
N MET LB 20 2.92 -44.75 80.49
CA MET LB 20 2.97 -44.34 79.10
C MET LB 20 1.80 -43.41 78.80
N LEU LB 21 2.09 -42.25 78.21
CA LEU LB 21 1.07 -41.22 78.06
C LEU LB 21 -0.15 -41.77 77.31
N GLY LB 22 0.08 -42.37 76.15
CA GLY LB 22 -1.02 -42.84 75.35
C GLY LB 22 -1.79 -43.98 75.99
N ARG LB 23 -1.08 -44.95 76.56
CA ARG LB 23 -1.75 -46.05 77.22
C ARG LB 23 -2.46 -45.59 78.49
N LEU LB 24 -1.80 -44.74 79.28
CA LEU LB 24 -2.45 -44.20 80.46
C LEU LB 24 -3.66 -43.36 80.09
N ALA LB 25 -3.54 -42.51 79.07
CA ALA LB 25 -4.67 -41.68 78.67
C ALA LB 25 -5.84 -42.53 78.20
N SER LB 26 -5.55 -43.62 77.49
CA SER LB 26 -6.64 -44.47 77.00
C SER LB 26 -7.38 -45.15 78.13
N ILE LB 27 -6.65 -45.64 79.14
CA ILE LB 27 -7.29 -46.25 80.30
C ILE LB 27 -8.12 -45.22 81.05
N VAL LB 28 -7.54 -44.04 81.29
CA VAL LB 28 -8.24 -43.00 82.04
C VAL LB 28 -9.47 -42.50 81.29
N ALA LB 29 -9.38 -42.42 79.97
CA ALA LB 29 -10.51 -41.89 79.19
C ALA LB 29 -11.75 -42.76 79.32
N LYS LB 30 -11.58 -44.08 79.23
CA LYS LB 30 -12.74 -44.96 79.35
C LYS LB 30 -13.33 -44.92 80.75
N GLU LB 31 -12.49 -44.72 81.76
CA GLU LB 31 -12.98 -44.59 83.12
C GLU LB 31 -13.84 -43.35 83.29
N LEU LB 32 -13.41 -42.23 82.70
CA LEU LB 32 -14.20 -41.01 82.79
C LEU LB 32 -15.54 -41.17 82.09
N LEU LB 33 -15.54 -41.82 80.93
CA LEU LB 33 -16.79 -42.06 80.22
C LEU LB 33 -17.70 -42.96 81.03
N ASN LB 34 -17.14 -43.91 81.76
CA ASN LB 34 -17.89 -44.83 82.59
C ASN LB 34 -18.33 -44.21 83.90
N GLY LB 35 -18.23 -42.90 84.05
CA GLY LB 35 -18.78 -42.20 85.19
C GLY LB 35 -17.85 -42.07 86.37
N GLN LB 36 -16.63 -42.59 86.27
CA GLN LB 36 -15.69 -42.56 87.37
C GLN LB 36 -14.95 -41.22 87.39
N ARG LB 37 -14.52 -40.82 88.58
CA ARG LB 37 -13.67 -39.65 88.75
C ARG LB 37 -12.23 -40.07 89.00
N VAL LB 38 -11.30 -39.45 88.27
CA VAL LB 38 -9.90 -39.80 88.30
C VAL LB 38 -9.11 -38.56 88.66
N VAL LB 39 -8.18 -38.71 89.59
CA VAL LB 39 -7.13 -37.73 89.87
C VAL LB 39 -5.82 -38.34 89.39
N VAL LB 40 -5.08 -37.60 88.58
CA VAL LB 40 -3.76 -38.05 88.13
C VAL LB 40 -2.75 -37.04 88.63
N VAL LB 41 -1.77 -37.52 89.39
CA VAL LB 41 -0.73 -36.68 89.97
C VAL LB 41 0.60 -37.09 89.39
N ARG LB 42 1.59 -36.21 89.56
CA ARG LB 42 2.96 -36.42 89.05
C ARG LB 42 2.98 -36.63 87.54
N CYS LB 43 2.26 -35.76 86.82
CA CYS LB 43 2.28 -35.83 85.36
C CYS LB 43 3.62 -35.41 84.77
N GLU LB 44 4.44 -34.66 85.51
CA GLU LB 44 5.79 -34.36 85.04
C GLU LB 44 6.61 -35.63 84.85
N GLU LB 45 6.20 -36.74 85.47
CA GLU LB 45 6.92 -37.99 85.44
C GLU LB 45 6.36 -38.99 84.43
N ILE LB 46 5.39 -38.59 83.63
CA ILE LB 46 4.87 -39.47 82.59
C ILE LB 46 5.93 -39.69 81.52
N CYS LB 47 6.02 -40.91 81.01
CA CYS LB 47 7.02 -41.29 80.03
C CYS LB 47 6.41 -41.36 78.64
N MET LB 48 7.25 -41.12 77.63
CA MET LB 48 6.84 -41.17 76.23
C MET LB 48 7.86 -41.93 75.42
N SER LB 49 7.41 -42.91 74.66
CA SER LB 49 8.33 -43.72 73.88
C SER LB 49 8.80 -42.96 72.64
N GLY LB 50 9.99 -43.31 72.17
CA GLY LB 50 10.69 -42.46 71.24
C GLY LB 50 11.32 -41.34 72.04
N GLY LB 51 12.55 -40.98 71.74
CA GLY LB 51 13.32 -40.14 72.63
C GLY LB 51 12.78 -38.73 72.73
N LEU LB 52 13.54 -37.88 73.42
CA LEU LB 52 13.21 -36.47 73.49
C LEU LB 52 13.20 -35.83 72.11
N VAL LB 53 14.15 -36.19 71.24
CA VAL LB 53 14.28 -35.52 69.96
C VAL LB 53 13.04 -35.74 69.11
N ARG LB 54 12.58 -36.99 69.00
CA ARG LB 54 11.35 -37.24 68.25
C ARG LB 54 10.19 -36.49 68.87
N GLN LB 55 10.11 -36.48 70.19
CA GLN LB 55 8.96 -35.83 70.84
C GLN LB 55 9.04 -34.32 70.74
N LYS LB 56 10.25 -33.75 70.80
CA LYS LB 56 10.37 -32.32 70.55
C LYS LB 56 9.91 -31.97 69.15
N MET LB 57 10.37 -32.72 68.15
CA MET LB 57 9.97 -32.45 66.77
C MET LB 57 8.47 -32.55 66.60
N LYS LB 58 7.87 -33.56 67.21
CA LYS LB 58 6.41 -33.70 67.14
C LYS LB 58 5.73 -32.50 67.75
N TYR LB 59 6.25 -31.99 68.86
CA TYR LB 59 5.61 -30.85 69.50
C TYR LB 59 5.81 -29.56 68.73
N LEU LB 60 6.97 -29.37 68.11
CA LEU LB 60 7.17 -28.15 67.33
C LEU LB 60 6.43 -28.16 66.01
N ARG LB 61 6.14 -29.33 65.43
CA ARG LB 61 5.15 -29.36 64.36
C ARG LB 61 3.78 -28.93 64.87
N PHE LB 62 3.49 -29.20 66.14
CA PHE LB 62 2.23 -28.79 66.72
C PHE LB 62 2.15 -27.27 66.87
N LEU LB 63 3.27 -26.63 67.25
CA LEU LB 63 3.30 -25.18 67.35
C LEU LB 63 3.07 -24.49 66.02
N ARG LB 64 3.36 -25.16 64.92
CA ARG LB 64 3.14 -24.54 63.60
C ARG LB 64 1.65 -24.35 63.32
N LYS LB 65 0.78 -25.19 63.87
CA LYS LB 65 -0.63 -25.14 63.51
C LYS LB 65 -1.30 -23.97 64.22
N ARG LB 66 -1.72 -22.97 63.46
CA ARG LB 66 -2.41 -21.84 64.04
C ARG LB 66 -3.27 -21.19 62.96
N MET LB 67 -4.42 -20.66 63.37
CA MET LB 67 -5.31 -20.01 62.42
C MET LB 67 -4.63 -18.76 61.88
N ASN LB 68 -4.43 -18.71 60.56
CA ASN LB 68 -3.54 -17.71 59.98
C ASN LB 68 -4.06 -16.30 60.22
N THR LB 69 -5.37 -16.11 60.17
CA THR LB 69 -5.97 -14.79 60.28
C THR LB 69 -6.27 -14.36 61.70
N LYS LB 70 -6.21 -15.27 62.66
CA LYS LB 70 -6.46 -14.99 64.07
C LYS LB 70 -5.86 -16.07 64.94
N PRO LB 71 -4.56 -15.98 65.27
CA PRO LB 71 -3.92 -17.07 66.02
C PRO LB 71 -4.51 -17.32 67.40
N SER LB 72 -5.11 -16.31 68.03
CA SER LB 72 -5.73 -16.52 69.34
C SER LB 72 -6.91 -17.47 69.26
N HIS LB 73 -7.59 -17.51 68.11
CA HIS LB 73 -8.66 -18.47 67.86
C HIS LB 73 -8.10 -19.85 67.56
N GLY LB 74 -6.87 -19.92 67.08
CA GLY LB 74 -6.28 -21.14 66.59
C GLY LB 74 -6.04 -22.17 67.67
N PRO LB 75 -5.39 -23.27 67.30
CA PRO LB 75 -5.08 -24.29 68.29
C PRO LB 75 -4.29 -23.69 69.44
N ILE LB 76 -4.59 -24.14 70.65
CA ILE LB 76 -4.01 -23.58 71.85
C ILE LB 76 -2.97 -24.56 72.37
N HIS LB 77 -1.72 -24.14 72.36
CA HIS LB 77 -0.60 -25.03 72.64
C HIS LB 77 -0.20 -24.85 74.10
N PHE LB 78 -0.50 -25.85 74.91
CA PHE LB 78 -0.19 -25.81 76.32
C PHE LB 78 1.21 -26.34 76.59
N ARG LB 79 1.87 -25.77 77.59
CA ARG LB 79 3.21 -26.17 77.93
C ARG LB 79 3.31 -27.03 79.18
N ALA LB 80 2.43 -26.81 80.15
CA ALA LB 80 2.50 -27.56 81.40
C ALA LB 80 2.13 -29.02 81.18
N PRO LB 81 2.83 -29.95 81.83
CA PRO LB 81 2.54 -31.37 81.62
C PRO LB 81 1.12 -31.77 81.96
N ALA LB 82 0.53 -31.17 82.99
CA ALA LB 82 -0.84 -31.51 83.34
C ALA LB 82 -1.79 -31.16 82.21
N LYS LB 83 -1.53 -30.06 81.51
CA LYS LB 83 -2.35 -29.69 80.37
C LYS LB 83 -2.02 -30.52 79.15
N ILE LB 84 -0.77 -30.97 79.01
CA ILE LB 84 -0.45 -31.93 77.96
C ILE LB 84 -1.23 -33.20 78.15
N LEU LB 85 -1.31 -33.68 79.39
CA LEU LB 85 -2.08 -34.90 79.67
C LEU LB 85 -3.56 -34.68 79.39
N TRP LB 86 -4.09 -33.52 79.76
CA TRP LB 86 -5.53 -33.29 79.61
C TRP LB 86 -5.92 -33.24 78.14
N ARG LB 87 -5.08 -32.66 77.29
CA ARG LB 87 -5.42 -32.59 75.87
C ARG LB 87 -5.26 -33.94 75.19
N THR LB 88 -4.28 -34.74 75.63
CA THR LB 88 -4.16 -36.11 75.12
C THR LB 88 -5.39 -36.93 75.47
N ILE LB 89 -5.89 -36.79 76.70
CA ILE LB 89 -7.12 -37.46 77.10
C ILE LB 89 -8.30 -36.93 76.29
N ARG LB 90 -8.36 -35.61 76.11
CA ARG LB 90 -9.45 -35.00 75.36
C ARG LB 90 -9.48 -35.53 73.93
N GLY LB 91 -8.31 -35.84 73.38
CA GLY LB 91 -8.25 -36.45 72.07
C GLY LB 91 -8.92 -37.81 72.02
N MET LB 92 -8.96 -38.51 73.14
CA MET LB 92 -9.50 -39.87 73.19
C MET LB 92 -10.94 -39.90 73.67
N ILE LB 93 -11.55 -38.74 73.89
CA ILE LB 93 -12.93 -38.61 74.35
C ILE LB 93 -13.70 -37.87 73.26
N PRO LB 94 -15.00 -38.11 73.10
CA PRO LB 94 -15.78 -37.18 72.28
C PRO LB 94 -16.08 -35.93 73.10
N HIS LB 95 -15.34 -34.85 72.91
CA HIS LB 95 -15.43 -33.74 73.85
C HIS LB 95 -16.37 -32.65 73.39
N LYS LB 96 -16.98 -32.80 72.22
CA LYS LB 96 -17.93 -31.83 71.71
C LYS LB 96 -19.37 -32.23 71.97
N THR LB 97 -19.58 -33.27 72.77
CA THR LB 97 -20.92 -33.66 73.20
C THR LB 97 -21.07 -33.35 74.68
N ALA LB 98 -22.34 -33.30 75.11
CA ALA LB 98 -22.61 -33.12 76.54
C ALA LB 98 -21.99 -34.23 77.36
N ARG LB 99 -22.06 -35.47 76.85
CA ARG LB 99 -21.51 -36.61 77.58
C ARG LB 99 -20.00 -36.49 77.73
N GLY LB 100 -19.32 -36.05 76.68
CA GLY LB 100 -17.87 -35.91 76.77
C GLY LB 100 -17.42 -34.72 77.58
N GLU LB 101 -18.20 -33.64 77.55
CA GLU LB 101 -17.95 -32.52 78.46
C GLU LB 101 -18.04 -32.97 79.91
N ALA LB 102 -19.07 -33.77 80.23
CA ALA LB 102 -19.20 -34.27 81.59
C ALA LB 102 -18.04 -35.18 81.97
N ALA LB 103 -17.57 -35.99 81.02
CA ALA LB 103 -16.45 -36.87 81.29
C ALA LB 103 -15.20 -36.07 81.67
N LEU LB 104 -14.90 -35.03 80.89
CA LEU LB 104 -13.70 -34.25 81.16
C LEU LB 104 -13.77 -33.50 82.48
N ALA LB 105 -14.99 -33.19 82.93
CA ALA LB 105 -15.15 -32.57 84.24
C ALA LB 105 -14.66 -33.48 85.35
N ARG LB 106 -14.82 -34.79 85.20
CA ARG LB 106 -14.40 -35.72 86.23
C ARG LB 106 -12.94 -35.88 86.29
N LEU LB 107 -12.12 -35.20 85.49
CA LEU LB 107 -10.68 -35.41 85.52
C LEU LB 107 -9.98 -34.21 86.13
N LYS LB 108 -9.07 -34.49 87.05
CA LYS LB 108 -8.15 -33.51 87.59
C LYS LB 108 -6.74 -34.02 87.37
N ALA LB 109 -5.86 -33.16 86.88
CA ALA LB 109 -4.49 -33.54 86.61
C ALA LB 109 -3.55 -32.49 87.20
N TYR LB 110 -2.49 -32.96 87.85
CA TYR LB 110 -1.59 -32.06 88.57
C TYR LB 110 -0.16 -32.42 88.26
N GLU LB 111 0.71 -31.41 88.33
CA GLU LB 111 2.14 -31.65 88.42
C GLU LB 111 2.51 -31.80 89.89
N GLY LB 112 3.19 -32.88 90.21
CA GLY LB 112 3.48 -33.13 91.59
C GLY LB 112 2.26 -33.64 92.34
N VAL LB 113 2.40 -33.68 93.66
CA VAL LB 113 1.39 -34.28 94.50
C VAL LB 113 0.90 -33.23 95.49
N PRO LB 114 -0.08 -32.43 95.12
CA PRO LB 114 -0.56 -31.38 96.02
C PRO LB 114 -1.48 -31.95 97.08
N PRO LB 115 -1.76 -31.19 98.14
CA PRO LB 115 -2.78 -31.64 99.09
C PRO LB 115 -4.16 -31.60 98.47
N PRO LB 116 -5.06 -32.49 98.88
CA PRO LB 116 -4.87 -33.48 99.94
C PRO LB 116 -4.34 -34.83 99.47
N TYR LB 117 -3.75 -34.85 98.28
CA TYR LB 117 -3.47 -36.13 97.63
C TYR LB 117 -2.17 -36.75 98.07
N ASP LB 118 -1.37 -36.03 98.86
CA ASP LB 118 -0.13 -36.59 99.38
C ASP LB 118 -0.37 -37.56 100.52
N ARG LB 119 -1.39 -37.35 101.35
CA ARG LB 119 -1.76 -38.30 102.39
C ARG LB 119 -2.85 -39.26 101.93
N THR LB 120 -2.92 -39.54 100.63
CA THR LB 120 -3.88 -40.47 100.04
C THR LB 120 -3.11 -41.59 99.36
N LYS LB 121 -3.71 -42.77 99.28
CA LYS LB 121 -3.05 -43.88 98.60
C LYS LB 121 -3.12 -43.69 97.09
N ARG LB 122 -1.99 -43.87 96.42
CA ARG LB 122 -1.86 -43.59 95.00
C ARG LB 122 -1.69 -44.89 94.22
N MET LB 123 -2.67 -45.21 93.38
CA MET LB 123 -2.76 -46.46 92.65
C MET LB 123 -1.92 -46.38 91.37
N VAL LB 124 -1.55 -47.54 90.84
CA VAL LB 124 -0.83 -47.61 89.57
C VAL LB 124 -1.59 -48.49 88.61
N ILE LB 125 -1.50 -48.16 87.33
CA ILE LB 125 -2.23 -48.87 86.28
C ILE LB 125 -1.24 -49.79 85.57
N PRO LB 126 -1.29 -51.10 85.81
CA PRO LB 126 -0.27 -51.99 85.22
C PRO LB 126 -0.27 -52.01 83.72
N ASP LB 127 -1.40 -51.79 83.07
CA ASP LB 127 -1.44 -51.87 81.61
C ASP LB 127 -0.62 -50.78 80.94
N ALA LB 128 -0.19 -49.75 81.66
CA ALA LB 128 0.54 -48.64 81.06
C ALA LB 128 1.90 -48.41 81.67
N LEU LB 129 2.37 -49.28 82.54
CA LEU LB 129 3.66 -49.07 83.19
C LEU LB 129 4.81 -49.31 82.23
N LYS LB 130 5.86 -48.48 82.37
CA LYS LB 130 6.98 -48.53 81.45
C LYS LB 130 7.71 -49.86 81.52
N VAL LB 131 7.81 -50.43 82.72
CA VAL LB 131 8.53 -51.68 82.88
C VAL LB 131 7.88 -52.79 82.08
N LEU LB 132 6.55 -52.74 81.94
CA LEU LB 132 5.82 -53.80 81.25
C LEU LB 132 5.50 -53.48 79.81
N ARG LB 133 5.65 -52.23 79.38
CA ARG LB 133 5.24 -51.83 78.05
C ARG LB 133 6.39 -51.42 77.15
N LEU LB 134 7.59 -51.30 77.68
CA LEU LB 134 8.73 -50.84 76.91
C LEU LB 134 9.90 -51.77 77.16
N GLN LB 135 10.68 -51.99 76.12
CA GLN LB 135 11.77 -52.95 76.17
C GLN LB 135 13.05 -52.21 76.56
N PRO LB 136 13.71 -52.58 77.65
CA PRO LB 136 14.83 -51.76 78.14
C PRO LB 136 15.93 -51.57 77.13
N GLY LB 137 16.07 -50.36 76.61
CA GLY LB 137 16.98 -50.10 75.54
C GLY LB 137 16.29 -49.48 74.34
N HIS LB 138 15.08 -48.98 74.56
CA HIS LB 138 14.34 -48.24 73.55
C HIS LB 138 14.07 -46.84 74.08
N ARG LB 139 14.33 -45.84 73.25
CA ARG LB 139 14.40 -44.47 73.74
C ARG LB 139 13.08 -44.00 74.30
N TYR LB 140 13.16 -43.20 75.35
CA TYR LB 140 11.99 -42.57 75.93
C TYR LB 140 12.41 -41.30 76.65
N CYS LB 141 11.43 -40.44 76.90
CA CYS LB 141 11.65 -39.20 77.62
C CYS LB 141 10.53 -39.04 78.65
N LEU LB 142 10.71 -38.07 79.54
CA LEU LB 142 9.73 -37.78 80.56
C LEU LB 142 8.93 -36.56 80.09
N LEU LB 143 7.63 -36.58 80.35
CA LEU LB 143 6.79 -35.46 79.93
C LEU LB 143 7.21 -34.16 80.61
N GLY LB 144 7.84 -34.25 81.78
CA GLY LB 144 8.43 -33.06 82.37
C GLY LB 144 9.58 -32.53 81.55
N GLN LB 145 10.38 -33.42 80.96
CA GLN LB 145 11.53 -33.00 80.17
C GLN LB 145 11.10 -32.30 78.89
N LEU LB 146 10.04 -32.79 78.25
CA LEU LB 146 9.54 -32.14 77.05
C LEU LB 146 9.07 -30.73 77.34
N SER LB 147 8.30 -30.56 78.42
CA SER LB 147 7.74 -29.26 78.75
C SER LB 147 8.84 -28.24 79.04
N LYS LB 148 9.86 -28.64 79.77
CA LYS LB 148 11.00 -27.77 80.06
C LYS LB 148 11.55 -27.17 78.77
N GLU LB 149 11.68 -27.97 77.73
CA GLU LB 149 12.29 -27.53 76.49
C GLU LB 149 11.32 -26.87 75.52
N VAL LB 150 10.02 -26.83 75.82
CA VAL LB 150 9.08 -26.14 74.95
C VAL LB 150 8.44 -24.93 75.61
N GLY LB 151 8.87 -24.57 76.82
CA GLY LB 151 8.47 -23.30 77.39
C GLY LB 151 7.63 -23.35 78.64
N TRP LB 152 7.74 -24.42 79.42
CA TRP LB 152 7.09 -24.50 80.71
C TRP LB 152 8.08 -23.99 81.75
N ASN LB 153 7.71 -22.90 82.43
CA ASN LB 153 8.62 -22.18 83.31
C ASN LB 153 8.34 -22.46 84.78
N TYR LB 154 7.79 -23.62 85.10
CA TYR LB 154 7.52 -23.99 86.48
C TYR LB 154 8.12 -25.35 86.80
N ALA LB 155 9.14 -25.75 86.06
CA ALA LB 155 9.79 -27.02 86.36
C ALA LB 155 10.45 -26.98 87.72
N ASP LB 156 11.22 -25.92 87.98
CA ASP LB 156 12.02 -25.86 89.21
C ASP LB 156 11.15 -25.78 90.45
N THR LB 157 10.06 -25.03 90.39
CA THR LB 157 9.18 -24.93 91.55
C THR LB 157 8.52 -26.26 91.85
N ILE LB 158 8.16 -27.01 90.83
CA ILE LB 158 7.67 -28.37 91.05
C ILE LB 158 8.75 -29.24 91.65
N ARG LB 159 10.00 -29.02 91.25
CA ARG LB 159 11.08 -29.82 91.84
C ARG LB 159 11.34 -29.44 93.30
N GLU LB 160 11.32 -28.14 93.62
CA GLU LB 160 11.52 -27.73 95.01
C GLU LB 160 10.48 -28.34 95.92
N LEU LB 161 9.22 -28.30 95.47
CA LEU LB 161 8.11 -28.75 96.29
C LEU LB 161 8.15 -30.25 96.52
N GLU LB 162 8.59 -31.01 95.52
CA GLU LB 162 8.58 -32.46 95.65
C GLU LB 162 9.63 -32.93 96.64
N GLU LB 163 10.81 -32.29 96.65
CA GLU LB 163 11.83 -32.69 97.61
C GLU LB 163 11.34 -32.50 99.03
N LYS LB 164 10.71 -31.36 99.31
CA LYS LB 164 10.18 -31.15 100.65
C LYS LB 164 9.09 -32.15 100.98
N ARG LB 165 8.27 -32.51 100.00
CA ARG LB 165 7.23 -33.51 100.25
C ARG LB 165 7.85 -34.89 100.47
N LYS LB 166 8.78 -35.28 99.61
CA LYS LB 166 9.36 -36.61 99.72
C LYS LB 166 10.09 -36.78 101.03
N GLU LB 167 10.79 -35.74 101.49
CA GLU LB 167 11.40 -35.78 102.81
C GLU LB 167 10.34 -35.89 103.89
N LYS LB 168 9.28 -35.10 103.78
CA LYS LB 168 8.19 -35.13 104.76
C LYS LB 168 7.50 -36.49 104.77
N ALA LB 169 7.48 -37.18 103.64
CA ALA LB 169 6.86 -38.51 103.57
C ALA LB 169 7.75 -39.59 104.14
N LYS LB 170 9.08 -39.41 104.10
CA LYS LB 170 9.98 -40.46 104.52
C LYS LB 170 10.04 -40.58 106.05
N VAL LB 171 9.99 -39.46 106.76
CA VAL LB 171 9.92 -39.54 108.21
C VAL LB 171 8.64 -40.25 108.64
N SER LB 172 7.55 -40.00 107.92
CA SER LB 172 6.32 -40.77 108.13
C SER LB 172 6.54 -42.25 107.84
N TYR LB 173 7.35 -42.59 106.83
CA TYR LB 173 7.72 -43.97 106.60
C TYR LB 173 8.38 -44.57 107.83
N ASP LB 174 9.32 -43.83 108.42
CA ASP LB 174 10.03 -44.33 109.58
C ASP LB 174 9.11 -44.43 110.79
N ARG LB 175 8.22 -43.47 110.97
CA ARG LB 175 7.31 -43.49 112.11
C ARG LB 175 6.39 -44.71 112.06
N ARG LB 176 5.88 -45.05 110.87
CA ARG LB 176 5.10 -46.28 110.71
C ARG LB 176 5.96 -47.51 110.81
N LYS LB 177 7.25 -47.39 110.46
CA LYS LB 177 8.16 -48.52 110.56
C LYS LB 177 8.30 -48.98 112.01
N GLN LB 178 8.45 -48.03 112.93
CA GLN LB 178 8.49 -48.37 114.35
C GLN LB 178 7.15 -48.93 114.80
N LEU LB 179 6.05 -48.27 114.43
CA LEU LB 179 4.73 -48.71 114.89
C LEU LB 179 4.39 -50.08 114.34
N ALA LB 180 4.90 -50.41 113.16
CA ALA LB 180 4.65 -51.75 112.63
C ALA LB 180 5.34 -52.81 113.46
N LYS LB 181 6.53 -52.52 113.97
CA LYS LB 181 7.28 -53.57 114.68
C LYS LB 181 6.67 -53.87 116.03
N LEU LB 182 6.31 -52.84 116.81
CA LEU LB 182 5.71 -53.11 118.10
C LEU LB 182 4.35 -53.79 117.94
N ARG LB 183 3.62 -53.47 116.88
CA ARG LB 183 2.37 -54.18 116.63
C ARG LB 183 2.63 -55.65 116.31
N VAL LB 184 3.73 -55.93 115.61
CA VAL LB 184 4.05 -57.32 115.27
C VAL LB 184 4.33 -58.12 116.54
N LYS LB 185 5.15 -57.57 117.44
CA LYS LB 185 5.42 -58.26 118.68
C LYS LB 185 4.14 -58.42 119.50
N ALA LB 186 3.21 -57.47 119.37
CA ALA LB 186 1.90 -57.62 119.97
C ALA LB 186 1.16 -58.82 119.38
N GLU LB 187 1.27 -58.98 118.06
CA GLU LB 187 0.60 -60.10 117.38
C GLU LB 187 0.96 -61.41 118.03
N LYS LB 188 2.25 -61.66 118.21
CA LYS LB 188 2.68 -62.88 118.88
C LYS LB 188 2.15 -62.93 120.31
N ALA LB 189 2.36 -61.86 121.07
CA ALA LB 189 2.05 -61.88 122.49
C ALA LB 189 0.56 -62.13 122.74
N ALA LB 190 -0.31 -61.58 121.88
CA ALA LB 190 -1.73 -61.88 122.00
C ALA LB 190 -2.04 -63.29 121.50
N GLU LB 191 -1.41 -63.70 120.41
CA GLU LB 191 -1.72 -64.99 119.80
C GLU LB 191 -1.16 -66.16 120.61
N GLU LB 192 -0.31 -65.90 121.60
CA GLU LB 192 0.01 -66.94 122.58
C GLU LB 192 -0.94 -66.91 123.77
N LYS LB 193 -1.49 -65.73 124.09
CA LYS LB 193 -2.52 -65.65 125.12
C LYS LB 193 -3.76 -66.45 124.72
N LEU LB 194 -4.10 -66.45 123.44
CA LEU LB 194 -5.18 -67.27 122.92
C LEU LB 194 -4.57 -68.50 122.27
N GLY LB 195 -4.92 -69.67 122.77
CA GLY LB 195 -4.27 -70.89 122.33
C GLY LB 195 -5.05 -71.60 121.24
N THR LB 196 -5.73 -72.68 121.60
CA THR LB 196 -6.62 -73.35 120.66
C THR LB 196 -7.75 -72.45 120.20
N GLN LB 197 -8.03 -71.38 120.93
CA GLN LB 197 -9.20 -70.56 120.65
C GLN LB 197 -9.09 -69.89 119.29
N LEU LB 198 -7.90 -69.84 118.71
CA LEU LB 198 -7.69 -69.31 117.36
C LEU LB 198 -7.36 -70.41 116.34
N GLU LB 199 -7.74 -71.65 116.63
CA GLU LB 199 -7.34 -72.77 115.78
C GLU LB 199 -7.93 -72.68 114.38
N ILE LB 200 -9.04 -71.98 114.23
CA ILE LB 200 -9.76 -71.98 112.96
C ILE LB 200 -9.00 -71.17 111.93
N LEU LB 201 -8.06 -70.33 112.39
CA LEU LB 201 -7.32 -69.42 111.51
C LEU LB 201 -6.03 -70.02 110.98
N ALA LB 202 -5.52 -71.07 111.61
CA ALA LB 202 -4.25 -71.65 111.20
C ALA LB 202 -4.21 -72.09 109.73
N PRO LB 203 -5.22 -72.76 109.17
CA PRO LB 203 -5.12 -73.20 107.78
C PRO LB 203 -5.47 -72.15 106.74
N ILE LB 204 -5.82 -70.93 107.13
CA ILE LB 204 -6.18 -69.90 106.15
C ILE LB 204 -5.37 -68.63 106.34
N LYS LB 205 -4.11 -68.78 106.78
CA LYS LB 205 -3.26 -67.63 107.11
C LYS LB 205 -2.01 -67.63 106.25
N TYR LB 206 -1.61 -66.42 105.82
CA TYR LB 206 -0.36 -66.21 105.09
C TYR LB 206 0.00 -64.73 105.04
N THR MB 2 0.54 57.29 4.86
CA THR MB 2 1.55 56.26 4.62
C THR MB 2 0.91 55.11 3.84
N LYS MB 3 1.66 54.55 2.90
CA LYS MB 3 1.24 53.32 2.22
C LYS MB 3 0.89 52.26 3.26
N ARG MB 4 -0.37 51.86 3.30
CA ARG MB 4 -0.83 50.95 4.35
C ARG MB 4 -0.62 49.50 3.99
N THR MB 5 -0.83 49.12 2.73
CA THR MB 5 -0.56 47.78 2.25
C THR MB 5 0.39 47.82 1.06
N LYS MB 6 1.28 46.84 0.99
CA LYS MB 6 2.21 46.74 -0.12
C LYS MB 6 1.50 46.31 -1.40
N LYS MB 7 0.65 45.30 -1.32
CA LYS MB 7 0.03 44.71 -2.50
C LYS MB 7 -1.48 44.56 -2.40
N ALA MB 8 -2.00 44.25 -1.22
CA ALA MB 8 -3.37 43.75 -1.10
C ALA MB 8 -4.38 44.79 -1.55
N GLY MB 9 -4.29 46.01 -1.04
CA GLY MB 9 -5.25 47.02 -1.42
C GLY MB 9 -6.63 46.68 -0.90
N ILE MB 10 -7.60 46.64 -1.81
CA ILE MB 10 -8.99 46.41 -1.39
C ILE MB 10 -9.17 45.02 -0.79
N VAL MB 11 -8.43 44.03 -1.25
CA VAL MB 11 -8.65 42.67 -0.75
C VAL MB 11 -8.02 42.44 0.60
N GLY MB 12 -7.47 43.47 1.24
CA GLY MB 12 -6.90 43.33 2.57
C GLY MB 12 -7.93 43.09 3.63
N LYS MB 13 -9.19 43.36 3.34
CA LYS MB 13 -10.28 43.08 4.27
C LYS MB 13 -10.47 41.60 4.52
N TYR MB 14 -9.94 40.75 3.64
CA TYR MB 14 -10.08 39.30 3.77
C TYR MB 14 -9.02 38.67 4.64
N GLY MB 15 -8.06 39.44 5.13
CA GLY MB 15 -7.04 38.86 5.98
C GLY MB 15 -6.23 37.83 5.24
N THR MB 16 -5.97 36.71 5.92
CA THR MB 16 -5.15 35.64 5.38
C THR MB 16 -5.97 34.52 4.76
N ARG MB 17 -7.26 34.75 4.54
CA ARG MB 17 -8.18 33.71 4.12
C ARG MB 17 -8.23 33.58 2.61
N TYR MB 18 -8.71 32.42 2.16
CA TYR MB 18 -9.20 32.07 0.84
C TYR MB 18 -8.11 31.84 -0.20
N GLY MB 19 -6.85 32.09 0.08
CA GLY MB 19 -5.81 31.84 -0.90
C GLY MB 19 -5.48 33.07 -1.71
N ALA MB 20 -4.20 33.29 -1.97
CA ALA MB 20 -3.77 34.51 -2.64
C ALA MB 20 -4.35 34.61 -4.04
N SER MB 21 -4.44 33.48 -4.74
CA SER MB 21 -4.85 33.50 -6.13
C SER MB 21 -6.34 33.84 -6.27
N LEU MB 22 -7.16 33.42 -5.32
CA LEU MB 22 -8.57 33.84 -5.33
C LEU MB 22 -8.72 35.30 -4.94
N ARG MB 23 -7.92 35.77 -3.98
CA ARG MB 23 -7.94 37.19 -3.64
C ARG MB 23 -7.43 38.05 -4.79
N LYS MB 24 -6.35 37.60 -5.44
CA LYS MB 24 -5.81 38.29 -6.60
C LYS MB 24 -6.76 38.28 -7.78
N GLN MB 25 -7.79 37.44 -7.72
CA GLN MB 25 -8.78 37.29 -8.78
C GLN MB 25 -10.06 38.05 -8.48
N ILE MB 26 -10.43 38.16 -7.22
CA ILE MB 26 -11.57 38.98 -6.84
C ILE MB 26 -11.22 40.45 -6.80
N LYS MB 27 -9.94 40.79 -6.85
CA LYS MB 27 -9.53 42.18 -6.74
C LYS MB 27 -10.07 43.02 -7.89
N LYS MB 28 -10.05 42.49 -9.11
CA LYS MB 28 -10.51 43.24 -10.26
C LYS MB 28 -11.99 43.60 -10.13
N MET MB 29 -12.77 42.67 -9.60
CA MET MB 29 -14.21 42.85 -9.52
C MET MB 29 -14.60 43.73 -8.35
N GLU MB 30 -13.90 43.60 -7.22
CA GLU MB 30 -14.12 44.50 -6.08
C GLU MB 30 -13.78 45.94 -6.43
N VAL MB 31 -12.73 46.16 -7.22
CA VAL MB 31 -12.38 47.52 -7.60
C VAL MB 31 -13.40 48.08 -8.56
N SER MB 32 -13.85 47.28 -9.52
CA SER MB 32 -14.76 47.80 -10.55
C SER MB 32 -16.14 48.10 -9.99
N GLN MB 33 -16.67 47.25 -9.10
CA GLN MB 33 -18.05 47.44 -8.68
C GLN MB 33 -18.22 48.58 -7.69
N HIS MB 34 -17.14 49.04 -7.06
CA HIS MB 34 -17.21 50.11 -6.08
C HIS MB 34 -16.80 51.46 -6.65
N SER MB 35 -16.60 51.54 -7.96
CA SER MB 35 -16.01 52.73 -8.57
C SER MB 35 -17.08 53.78 -8.85
N LYS MB 36 -16.61 54.95 -9.25
CA LYS MB 36 -17.48 55.97 -9.82
C LYS MB 36 -17.34 55.93 -11.32
N TYR MB 37 -18.46 55.93 -12.03
CA TYR MB 37 -18.45 55.83 -13.48
C TYR MB 37 -18.99 57.11 -14.10
N PHE MB 38 -18.48 57.41 -15.29
CA PHE MB 38 -18.90 58.60 -15.99
C PHE MB 38 -20.35 58.44 -16.43
N CYS MB 39 -21.19 59.42 -16.12
CA CYS MB 39 -22.58 59.39 -16.54
C CYS MB 39 -22.70 60.13 -17.85
N GLU MB 40 -23.24 59.47 -18.86
CA GLU MB 40 -23.31 60.07 -20.18
C GLU MB 40 -24.37 61.16 -20.28
N PHE MB 41 -25.39 61.13 -19.44
CA PHE MB 41 -26.47 62.10 -19.59
C PHE MB 41 -26.15 63.43 -18.93
N CYS MB 42 -25.85 63.42 -17.63
CA CYS MB 42 -25.52 64.65 -16.95
C CYS MB 42 -24.04 64.99 -17.01
N GLY MB 43 -23.18 64.03 -17.38
CA GLY MB 43 -21.77 64.30 -17.59
C GLY MB 43 -20.89 64.25 -16.38
N LYS MB 44 -21.31 63.60 -15.30
CA LYS MB 44 -20.53 63.53 -14.08
C LYS MB 44 -20.00 62.12 -13.84
N PHE MB 45 -19.04 62.02 -12.92
CA PHE MB 45 -18.62 60.74 -12.38
C PHE MB 45 -19.42 60.47 -11.11
N ALA MB 46 -20.67 60.07 -11.31
CA ALA MB 46 -21.58 59.92 -10.19
C ALA MB 46 -22.39 58.62 -10.25
N VAL MB 47 -22.00 57.67 -11.10
CA VAL MB 47 -22.73 56.42 -11.24
C VAL MB 47 -22.11 55.37 -10.31
N LYS MB 48 -22.93 54.78 -9.46
CA LYS MB 48 -22.51 53.66 -8.63
C LYS MB 48 -23.48 52.50 -8.81
N ARG MB 49 -23.00 51.30 -8.53
CA ARG MB 49 -23.86 50.13 -8.57
C ARG MB 49 -24.88 50.17 -7.45
N LYS MB 50 -26.11 49.83 -7.77
CA LYS MB 50 -27.14 49.64 -6.76
C LYS MB 50 -27.42 48.18 -6.48
N ALA MB 51 -27.53 47.38 -7.52
CA ALA MB 51 -27.54 45.93 -7.43
C ALA MB 51 -26.83 45.42 -8.65
N VAL MB 52 -26.47 44.14 -8.63
CA VAL MB 52 -25.77 43.51 -9.74
C VAL MB 52 -26.52 43.81 -11.04
N GLY MB 53 -25.83 44.43 -11.98
CA GLY MB 53 -26.40 44.79 -13.25
C GLY MB 53 -27.17 46.09 -13.30
N ILE MB 54 -27.29 46.80 -12.19
CA ILE MB 54 -28.04 48.04 -12.12
C ILE MB 54 -27.10 49.15 -11.71
N TRP MB 55 -27.11 50.25 -12.47
CA TRP MB 55 -26.17 51.34 -12.27
C TRP MB 55 -26.95 52.64 -12.33
N GLY MB 56 -26.98 53.37 -11.23
CA GLY MB 56 -27.74 54.60 -11.12
C GLY MB 56 -26.85 55.80 -10.85
N CYS MB 57 -27.24 56.94 -11.39
CA CYS MB 57 -26.53 58.19 -11.20
C CYS MB 57 -27.14 58.97 -10.05
N LYS MB 58 -26.30 59.40 -9.11
CA LYS MB 58 -26.76 60.21 -7.99
C LYS MB 58 -27.13 61.64 -8.36
N ASP MB 59 -26.73 62.13 -9.54
CA ASP MB 59 -27.00 63.51 -9.88
C ASP MB 59 -28.29 63.66 -10.67
N CYS MB 60 -28.40 63.03 -11.85
CA CYS MB 60 -29.54 63.25 -12.71
C CYS MB 60 -30.63 62.21 -12.55
N GLY MB 61 -30.42 61.18 -11.73
CA GLY MB 61 -31.49 60.28 -11.39
C GLY MB 61 -31.74 59.11 -12.31
N LYS MB 62 -31.05 59.03 -13.45
CA LYS MB 62 -31.26 57.92 -14.35
C LYS MB 62 -30.62 56.64 -13.84
N VAL MB 63 -31.31 55.53 -14.06
CA VAL MB 63 -30.83 54.21 -13.69
C VAL MB 63 -30.68 53.39 -14.95
N LYS MB 64 -29.50 52.81 -15.15
CA LYS MB 64 -29.15 52.13 -16.37
C LYS MB 64 -28.74 50.69 -16.08
N ALA MB 65 -29.15 49.77 -16.94
CA ALA MB 65 -28.81 48.36 -16.80
C ALA MB 65 -27.45 48.07 -17.39
N GLY MB 66 -26.58 47.41 -16.63
CA GLY MB 66 -25.23 47.19 -17.10
C GLY MB 66 -24.65 45.83 -16.79
N GLY MB 67 -23.34 45.75 -16.72
CA GLY MB 67 -22.71 44.50 -16.38
C GLY MB 67 -22.83 44.21 -14.91
N ALA MB 68 -22.40 43.01 -14.53
CA ALA MB 68 -22.48 42.63 -13.12
C ALA MB 68 -21.62 43.54 -12.26
N TYR MB 69 -20.38 43.77 -12.67
CA TYR MB 69 -19.42 44.47 -11.84
C TYR MB 69 -18.80 45.67 -12.51
N THR MB 70 -19.05 45.89 -13.79
CA THR MB 70 -18.67 47.10 -14.49
C THR MB 70 -19.91 47.68 -15.14
N MET MB 71 -19.94 49.00 -15.29
CA MET MB 71 -21.11 49.64 -15.89
C MET MB 71 -21.34 49.14 -17.31
N ASN MB 72 -20.29 49.09 -18.12
CA ASN MB 72 -20.38 48.63 -19.49
C ASN MB 72 -19.43 47.47 -19.68
N THR MB 73 -19.94 46.38 -20.24
CA THR MB 73 -19.10 45.23 -20.54
C THR MB 73 -18.59 45.31 -21.96
N ALA MB 74 -17.39 44.78 -22.18
CA ALA MB 74 -16.78 44.81 -23.50
C ALA MB 74 -17.69 44.22 -24.56
N SER MB 75 -18.40 43.15 -24.21
CA SER MB 75 -19.33 42.54 -25.17
C SER MB 75 -20.45 43.49 -25.52
N ALA MB 76 -20.94 44.25 -24.54
CA ALA MB 76 -22.11 45.12 -24.77
C ALA MB 76 -21.81 46.19 -25.81
N VAL MB 77 -20.63 46.79 -25.77
CA VAL MB 77 -20.31 47.80 -26.78
C VAL MB 77 -20.21 47.16 -28.16
N THR MB 78 -19.59 45.97 -28.24
CA THR MB 78 -19.58 45.22 -29.49
C THR MB 78 -20.99 44.95 -29.97
N VAL MB 79 -21.88 44.57 -29.06
CA VAL MB 79 -23.30 44.39 -29.37
C VAL MB 79 -23.89 45.66 -29.95
N ARG MB 80 -23.68 46.79 -29.27
CA ARG MB 80 -24.30 48.04 -29.72
C ARG MB 80 -23.75 48.46 -31.07
N SER MB 81 -22.46 48.28 -31.30
CA SER MB 81 -21.87 48.60 -32.60
C SER MB 81 -22.36 47.64 -33.67
N THR MB 82 -22.51 46.36 -33.33
CA THR MB 82 -23.02 45.39 -34.29
C THR MB 82 -24.44 45.73 -34.70
N ILE MB 83 -25.27 46.10 -33.73
CA ILE MB 83 -26.63 46.53 -34.04
C ILE MB 83 -26.60 47.78 -34.90
N ARG MB 84 -25.69 48.71 -34.60
CA ARG MB 84 -25.60 49.92 -35.40
C ARG MB 84 -25.27 49.59 -36.85
N ARG MB 85 -24.25 48.76 -37.09
CA ARG MB 85 -23.87 48.42 -38.44
C ARG MB 85 -25.02 47.74 -39.18
N LEU MB 86 -25.70 46.82 -38.52
CA LEU MB 86 -26.84 46.14 -39.13
C LEU MB 86 -27.95 47.12 -39.48
N ARG MB 87 -28.18 48.12 -38.63
CA ARG MB 87 -29.32 48.99 -38.86
C ARG MB 87 -29.15 49.84 -40.12
N GLU MB 88 -28.03 50.54 -40.26
CA GLU MB 88 -27.85 51.35 -41.47
C GLU MB 88 -27.51 50.54 -42.72
N GLN MB 89 -27.18 49.26 -42.62
CA GLN MB 89 -27.10 48.53 -43.87
C GLN MB 89 -28.47 48.09 -44.36
N THR MB 90 -29.47 48.03 -43.48
CA THR MB 90 -30.85 47.89 -43.91
C THR MB 90 -31.58 49.22 -44.04
N GLU MB 91 -31.04 50.29 -43.48
CA GLU MB 91 -31.80 51.54 -43.41
C GLU MB 91 -31.92 52.20 -44.78
N ALA MB 92 -30.87 52.11 -45.59
CA ALA MB 92 -30.88 52.65 -46.94
C ALA MB 92 -32.06 52.12 -47.76
N GLY NB 2 14.37 -32.74 19.74
CA GLY NB 2 14.76 -34.05 19.23
C GLY NB 2 13.77 -35.11 19.60
N ARG NB 3 14.26 -36.19 20.19
CA ARG NB 3 13.38 -37.25 20.66
C ARG NB 3 12.63 -36.81 21.91
N ARG NB 4 11.45 -37.39 22.09
CA ARG NB 4 10.74 -37.31 23.34
C ARG NB 4 11.51 -38.06 24.41
N PRO NB 5 11.25 -37.78 25.68
CA PRO NB 5 11.76 -38.68 26.73
C PRO NB 5 11.24 -40.08 26.48
N ALA NB 6 12.09 -41.07 26.75
CA ALA NB 6 11.73 -42.44 26.37
C ALA NB 6 10.50 -42.95 27.10
N ARG NB 7 10.12 -42.33 28.22
CA ARG NB 7 9.01 -42.84 29.01
C ARG NB 7 7.70 -42.81 28.25
N CYS NB 8 7.61 -42.01 27.19
CA CYS NB 8 6.40 -42.00 26.38
C CYS NB 8 6.19 -43.34 25.70
N TYR NB 9 7.27 -44.08 25.45
CA TYR NB 9 7.21 -45.26 24.59
C TYR NB 9 7.76 -46.49 25.30
N ARG NB 10 7.79 -46.51 26.62
CA ARG NB 10 8.38 -47.63 27.32
C ARG NB 10 7.50 -48.87 27.23
N GLN NB 11 6.24 -48.76 27.59
CA GLN NB 11 5.37 -49.92 27.72
C GLN NB 11 4.93 -50.42 26.36
N ILE NB 12 4.88 -51.73 26.19
CA ILE NB 12 4.35 -52.32 24.96
C ILE NB 12 2.82 -52.19 25.01
N LYS NB 13 2.27 -51.42 24.10
CA LYS NB 13 0.87 -51.05 24.15
C LYS NB 13 0.12 -51.27 22.85
N ASN NB 14 0.81 -51.37 21.72
CA ASN NB 14 0.17 -51.55 20.43
C ASN NB 14 0.59 -52.88 19.82
N LYS NB 15 -0.23 -53.33 18.88
CA LYS NB 15 0.14 -54.45 18.04
C LYS NB 15 1.35 -54.05 17.21
N PRO NB 16 2.16 -55.01 16.77
CA PRO NB 16 3.38 -54.65 16.03
C PRO NB 16 3.04 -53.84 14.80
N TYR NB 17 3.86 -52.82 14.54
CA TYR NB 17 3.66 -51.87 13.46
C TYR NB 17 4.94 -51.79 12.65
N PRO NB 18 5.24 -52.81 11.86
CA PRO NB 18 6.48 -52.81 11.08
C PRO NB 18 6.35 -51.94 9.85
N LYS NB 19 7.51 -51.59 9.29
CA LYS NB 19 7.51 -50.98 7.97
C LYS NB 19 7.04 -51.98 6.94
N SER NB 20 6.36 -51.49 5.92
CA SER NB 20 5.69 -52.37 4.97
C SER NB 20 5.23 -51.51 3.80
N ARG NB 21 4.48 -52.12 2.89
CA ARG NB 21 3.82 -51.37 1.84
C ARG NB 21 2.74 -50.46 2.39
N TYR NB 22 2.38 -50.61 3.67
CA TYR NB 22 1.43 -49.76 4.35
C TYR NB 22 2.12 -48.69 5.19
N CYS NB 23 3.13 -49.07 5.95
CA CYS NB 23 3.92 -48.14 6.74
C CYS NB 23 5.16 -47.78 5.94
N ARG NB 24 5.19 -46.55 5.42
CA ARG NB 24 6.33 -46.06 4.67
C ARG NB 24 6.63 -44.65 5.12
N GLY NB 25 7.76 -44.13 4.67
CA GLY NB 25 8.23 -42.87 5.20
C GLY NB 25 8.76 -42.99 6.61
N VAL NB 26 9.26 -44.18 6.95
CA VAL NB 26 9.87 -44.45 8.25
C VAL NB 26 11.27 -43.84 8.23
N PRO NB 27 11.78 -43.36 9.34
CA PRO NB 27 13.21 -43.03 9.41
C PRO NB 27 14.07 -44.27 9.47
N ASP NB 28 15.38 -44.10 9.50
CA ASP NB 28 16.31 -45.23 9.56
C ASP NB 28 16.75 -45.49 10.99
N PRO NB 29 16.92 -46.74 11.37
CA PRO NB 29 17.22 -47.05 12.77
C PRO NB 29 18.63 -46.62 13.15
N LYS NB 30 18.78 -46.25 14.42
CA LYS NB 30 20.08 -45.81 14.90
C LYS NB 30 21.10 -46.92 14.80
N ILE NB 31 20.74 -48.13 15.22
CA ILE NB 31 21.66 -49.25 15.16
C ILE NB 31 21.63 -49.87 13.76
N ARG NB 32 22.81 -50.10 13.19
CA ARG NB 32 22.90 -50.72 11.87
C ARG NB 32 24.02 -51.74 11.80
N ILE NB 33 24.68 -52.04 12.92
CA ILE NB 33 25.71 -53.08 13.00
C ILE NB 33 25.45 -53.88 14.25
N TYR NB 34 25.38 -55.21 14.12
CA TYR NB 34 24.99 -56.04 15.24
C TYR NB 34 26.08 -56.97 15.76
N ASP NB 35 26.99 -57.41 14.92
CA ASP NB 35 28.09 -58.26 15.36
C ASP NB 35 29.38 -57.47 15.24
N VAL NB 36 29.95 -57.09 16.38
CA VAL NB 36 31.16 -56.29 16.39
C VAL NB 36 32.25 -57.06 17.12
N GLY NB 37 33.47 -56.57 17.01
CA GLY NB 37 34.61 -57.31 17.49
C GLY NB 37 35.05 -58.29 16.43
N MET NB 38 35.30 -59.53 16.80
CA MET NB 38 35.69 -60.54 15.81
C MET NB 38 34.57 -61.54 15.59
N LYS NB 39 34.03 -61.52 14.39
CA LYS NB 39 33.07 -62.51 13.91
C LYS NB 39 33.68 -63.42 12.87
N LYS NB 40 35.00 -63.63 12.97
CA LYS NB 40 35.74 -64.57 12.13
C LYS NB 40 36.29 -65.76 12.89
N LYS NB 41 36.26 -65.73 14.22
CA LYS NB 41 36.84 -66.82 14.98
C LYS NB 41 35.93 -68.03 14.87
N GLY NB 42 36.46 -69.19 15.26
CA GLY NB 42 35.75 -70.45 15.15
C GLY NB 42 35.08 -70.86 16.44
N VAL NB 43 34.37 -71.98 16.36
CA VAL NB 43 33.58 -72.44 17.49
C VAL NB 43 34.47 -72.84 18.65
N ASP NB 44 35.58 -73.51 18.37
CA ASP NB 44 36.35 -74.12 19.43
C ASP NB 44 37.19 -73.08 20.19
N GLU NB 45 37.33 -71.88 19.63
CA GLU NB 45 38.21 -70.88 20.23
C GLU NB 45 37.57 -70.20 21.45
N PHE NB 46 36.43 -69.55 21.25
CA PHE NB 46 35.72 -68.84 22.31
C PHE NB 46 34.61 -69.71 22.89
N PRO NB 47 34.85 -70.46 23.95
CA PRO NB 47 33.80 -71.32 24.49
C PRO NB 47 32.91 -70.70 25.57
N SER NB 48 33.45 -69.79 26.37
CA SER NB 48 32.65 -69.20 27.44
C SER NB 48 31.81 -68.07 26.88
N CYS NB 49 30.54 -68.05 27.28
CA CYS NB 49 29.57 -67.10 26.78
C CYS NB 49 28.85 -66.45 27.94
N VAL NB 50 28.63 -65.15 27.85
CA VAL NB 50 27.87 -64.40 28.84
C VAL NB 50 26.77 -63.62 28.13
N HIS NB 51 25.58 -63.59 28.74
CA HIS NB 51 24.43 -62.93 28.16
C HIS NB 51 23.93 -61.83 29.07
N LEU NB 52 23.33 -60.80 28.47
CA LEU NB 52 22.58 -59.78 29.19
C LEU NB 52 21.11 -59.94 28.80
N VAL NB 53 20.27 -60.27 29.78
CA VAL NB 53 18.94 -60.79 29.53
C VAL NB 53 17.90 -59.82 30.08
N SER NB 54 16.87 -59.55 29.28
CA SER NB 54 15.82 -58.67 29.74
C SER NB 54 14.93 -59.41 30.73
N TRP NB 55 14.34 -58.64 31.63
CA TRP NB 55 13.67 -59.25 32.76
C TRP NB 55 12.29 -58.64 32.99
N GLU NB 56 11.88 -57.70 32.14
CA GLU NB 56 10.53 -57.19 32.11
C GLU NB 56 10.15 -56.85 30.67
N LYS NB 57 8.88 -57.01 30.34
CA LYS NB 57 8.40 -56.73 28.99
C LYS NB 57 8.41 -55.24 28.74
N GLU NB 58 9.09 -54.80 27.68
CA GLU NB 58 9.10 -53.37 27.35
C GLU NB 58 9.69 -53.16 25.97
N ASN NB 59 9.58 -51.93 25.50
CA ASN NB 59 10.27 -51.47 24.31
C ASN NB 59 11.68 -51.04 24.64
N VAL NB 60 12.58 -51.21 23.67
CA VAL NB 60 13.93 -50.68 23.73
C VAL NB 60 14.19 -49.90 22.46
N SER NB 61 14.49 -48.62 22.59
CA SER NB 61 14.62 -47.78 21.41
C SER NB 61 15.86 -48.16 20.63
N SER NB 62 15.86 -47.81 19.34
CA SER NB 62 17.02 -48.09 18.51
C SER NB 62 18.24 -47.32 19.00
N GLU NB 63 18.04 -46.07 19.46
CA GLU NB 63 19.14 -45.27 20.00
C GLU NB 63 19.73 -45.91 21.25
N ALA NB 64 18.88 -46.38 22.15
CA ALA NB 64 19.38 -47.01 23.37
C ALA NB 64 20.18 -48.25 23.03
N LEU NB 65 19.77 -48.95 22.00
CA LEU NB 65 20.42 -50.21 21.64
C LEU NB 65 21.75 -49.96 20.95
N GLU NB 66 21.84 -48.87 20.17
CA GLU NB 66 23.12 -48.40 19.66
C GLU NB 66 24.05 -47.96 20.77
N ALA NB 67 23.52 -47.22 21.75
CA ALA NB 67 24.36 -46.73 22.84
C ALA NB 67 24.93 -47.88 23.64
N ALA NB 68 24.13 -48.93 23.87
CA ALA NB 68 24.59 -50.08 24.61
C ALA NB 68 25.70 -50.81 23.86
N ARG NB 69 25.55 -50.93 22.53
CA ARG NB 69 26.57 -51.60 21.73
C ARG NB 69 27.92 -50.92 21.89
N ILE NB 70 27.95 -49.59 21.79
CA ILE NB 70 29.20 -48.86 21.87
C ILE NB 70 29.80 -48.94 23.26
N ALA NB 71 28.96 -48.81 24.29
CA ALA NB 71 29.47 -48.90 25.66
C ALA NB 71 30.13 -50.24 25.90
N CYS NB 72 29.49 -51.32 25.45
CA CYS NB 72 30.10 -52.64 25.60
C CYS NB 72 31.34 -52.79 24.74
N ASN NB 73 31.30 -52.25 23.52
CA ASN NB 73 32.43 -52.41 22.61
C ASN NB 73 33.67 -51.69 23.13
N LYS NB 74 33.53 -50.42 23.50
CA LYS NB 74 34.69 -49.63 23.90
C LYS NB 74 35.35 -50.21 25.14
N TYR NB 75 34.57 -50.65 26.12
CA TYR NB 75 35.14 -51.27 27.30
C TYR NB 75 35.88 -52.55 26.96
N MET NB 76 35.20 -53.46 26.27
CA MET NB 76 35.79 -54.79 26.08
C MET NB 76 37.04 -54.70 25.23
N THR NB 77 37.10 -53.71 24.35
CA THR NB 77 38.33 -53.46 23.59
C THR NB 77 39.50 -53.09 24.49
N LYS NB 78 39.30 -52.14 25.42
CA LYS NB 78 40.44 -51.54 26.11
C LYS NB 78 41.15 -52.54 27.00
N ASN NB 79 40.41 -53.34 27.76
CA ASN NB 79 41.06 -54.23 28.71
C ASN NB 79 41.72 -55.43 28.01
N ALA NB 80 40.95 -56.20 27.27
CA ALA NB 80 41.44 -57.46 26.71
C ALA NB 80 41.84 -57.37 25.25
N GLY NB 81 41.85 -56.20 24.64
CA GLY NB 81 42.22 -56.16 23.24
C GLY NB 81 41.04 -56.41 22.33
N LYS NB 82 41.11 -55.83 21.13
CA LYS NB 82 39.97 -55.86 20.22
C LYS NB 82 39.73 -57.23 19.63
N ASP NB 83 40.61 -58.20 19.86
CA ASP NB 83 40.49 -59.52 19.26
C ASP NB 83 40.17 -60.59 20.28
N ALA NB 84 39.73 -60.20 21.47
CA ALA NB 84 39.50 -61.14 22.55
C ALA NB 84 38.04 -61.51 22.72
N PHE NB 85 37.14 -60.94 21.92
CA PHE NB 85 35.72 -61.08 22.21
C PHE NB 85 34.94 -61.03 20.91
N HIS NB 86 33.69 -61.49 20.98
CA HIS NB 86 32.73 -61.32 19.91
C HIS NB 86 31.42 -60.84 20.51
N LEU NB 87 31.01 -59.61 20.18
CA LEU NB 87 29.77 -59.05 20.70
C LEU NB 87 28.70 -59.18 19.62
N ARG NB 88 27.56 -59.75 20.00
CA ARG NB 88 26.42 -59.87 19.10
C ARG NB 88 25.20 -59.29 19.77
N VAL NB 89 24.54 -58.36 19.10
CA VAL NB 89 23.26 -57.83 19.56
C VAL NB 89 22.16 -58.80 19.12
N ARG NB 90 21.34 -59.22 20.08
CA ARG NB 90 20.33 -60.25 19.85
C ARG NB 90 18.94 -59.71 19.62
N VAL NB 91 18.75 -58.40 19.58
CA VAL NB 91 17.43 -57.82 19.38
C VAL NB 91 17.50 -56.81 18.24
N HIS NB 92 16.48 -56.83 17.38
CA HIS NB 92 16.42 -55.98 16.21
C HIS NB 92 15.23 -55.04 16.34
N PRO NB 93 15.40 -53.77 16.04
CA PRO NB 93 14.29 -52.81 16.13
C PRO NB 93 13.36 -52.88 14.93
N TYR NB 94 12.34 -53.72 14.98
CA TYR NB 94 11.41 -53.89 13.87
C TYR NB 94 10.09 -53.16 14.06
N HIS NB 95 9.91 -52.44 15.16
CA HIS NB 95 8.65 -51.80 15.49
C HIS NB 95 8.76 -50.29 15.29
N VAL NB 96 7.79 -49.72 14.63
CA VAL NB 96 7.76 -48.28 14.37
C VAL NB 96 6.95 -47.60 15.45
N LEU NB 97 7.36 -46.39 15.82
CA LEU NB 97 6.62 -45.55 16.75
C LEU NB 97 6.08 -44.33 16.01
N ARG NB 98 4.93 -43.85 16.45
CA ARG NB 98 4.27 -42.71 15.82
C ARG NB 98 4.22 -41.52 16.77
N ILE NB 99 4.05 -40.34 16.19
CA ILE NB 99 3.96 -39.09 16.93
C ILE NB 99 2.89 -38.23 16.30
N ASN NB 100 2.10 -37.56 17.13
CA ASN NB 100 0.95 -36.77 16.70
C ASN NB 100 1.26 -35.28 16.85
N LYS NB 101 1.91 -34.70 15.85
CA LYS NB 101 2.29 -33.30 15.95
C LYS NB 101 1.37 -32.39 15.13
N GLN NB 112 -5.23 -24.84 18.46
CA GLN NB 112 -5.84 -24.97 17.14
C GLN NB 112 -6.28 -26.40 16.85
N THR NB 113 -5.43 -27.18 16.20
CA THR NB 113 -5.75 -28.57 15.96
C THR NB 113 -5.62 -29.36 17.26
N GLY NB 114 -6.53 -30.30 17.48
CA GLY NB 114 -6.54 -31.09 18.69
C GLY NB 114 -6.49 -32.57 18.39
N MET NB 115 -7.50 -33.31 18.82
CA MET NB 115 -7.56 -34.73 18.56
C MET NB 115 -8.32 -35.07 17.27
N ARG NB 116 -8.58 -34.09 16.42
CA ARG NB 116 -9.07 -34.39 15.08
C ARG NB 116 -8.00 -35.12 14.27
N GLY NB 117 -8.38 -36.27 13.70
CA GLY NB 117 -7.49 -37.02 12.83
C GLY NB 117 -6.12 -37.22 13.42
N ALA NB 118 -6.03 -38.00 14.49
CA ALA NB 118 -4.87 -38.01 15.37
C ALA NB 118 -3.88 -39.11 15.08
N PHE NB 119 -4.06 -39.87 14.00
CA PHE NB 119 -3.12 -40.95 13.70
C PHE NB 119 -1.74 -40.37 13.43
N GLY NB 120 -0.76 -40.81 14.21
CA GLY NB 120 0.54 -40.21 14.14
C GLY NB 120 1.35 -40.66 12.95
N LYS NB 121 2.24 -39.79 12.52
CA LYS NB 121 3.25 -40.14 11.53
C LYS NB 121 4.42 -40.81 12.24
N PRO NB 122 5.19 -41.61 11.51
CA PRO NB 122 6.27 -42.38 12.16
C PRO NB 122 7.32 -41.49 12.80
N LEU NB 123 7.82 -41.94 13.95
CA LEU NB 123 8.79 -41.22 14.77
C LEU NB 123 10.16 -41.86 14.75
N GLY NB 124 10.22 -43.12 15.14
CA GLY NB 124 11.47 -43.82 15.26
C GLY NB 124 11.20 -45.29 15.32
N THR NB 125 12.21 -46.04 15.74
CA THR NB 125 12.14 -47.48 15.68
C THR NB 125 12.53 -48.03 17.04
N CYS NB 126 12.00 -49.19 17.38
CA CYS NB 126 12.27 -49.78 18.67
C CYS NB 126 12.11 -51.29 18.57
N ALA NB 127 12.58 -51.97 19.60
CA ALA NB 127 12.54 -53.43 19.65
C ALA NB 127 11.64 -53.87 20.79
N ARG NB 128 10.80 -54.85 20.52
CA ARG NB 128 9.86 -55.38 21.50
C ARG NB 128 10.54 -56.53 22.22
N VAL NB 129 10.78 -56.36 23.51
CA VAL NB 129 11.55 -57.31 24.30
C VAL NB 129 10.63 -57.87 25.37
N ASP NB 130 10.92 -59.10 25.82
CA ASP NB 130 10.08 -59.78 26.78
C ASP NB 130 10.93 -60.37 27.90
N ILE NB 131 10.25 -60.88 28.94
CA ILE NB 131 10.94 -61.44 30.09
C ILE NB 131 11.75 -62.65 29.65
N GLY NB 132 13.00 -62.73 30.12
CA GLY NB 132 13.86 -63.84 29.79
C GLY NB 132 14.42 -63.82 28.39
N GLN NB 133 14.48 -62.65 27.77
CA GLN NB 133 14.93 -62.52 26.40
C GLN NB 133 16.32 -61.93 26.38
N VAL NB 134 17.18 -62.49 25.54
CA VAL NB 134 18.57 -62.03 25.49
C VAL NB 134 18.64 -60.72 24.74
N LEU NB 135 19.32 -59.74 25.32
CA LEU NB 135 19.59 -58.46 24.68
C LEU NB 135 20.95 -58.44 24.01
N LEU NB 136 22.00 -58.81 24.73
CA LEU NB 136 23.33 -58.88 24.20
C LEU NB 136 23.96 -60.21 24.58
N SER NB 137 24.78 -60.74 23.70
CA SER NB 137 25.53 -61.95 23.99
C SER NB 137 26.98 -61.70 23.62
N VAL NB 138 27.88 -62.23 24.44
CA VAL NB 138 29.32 -62.13 24.21
C VAL NB 138 29.92 -63.51 24.41
N ARG NB 139 30.77 -63.92 23.48
CA ARG NB 139 31.56 -65.14 23.61
C ARG NB 139 33.03 -64.78 23.63
N CYS NB 140 33.78 -65.43 24.51
CA CYS NB 140 35.20 -65.13 24.66
C CYS NB 140 35.87 -66.33 25.31
N LYS NB 141 37.16 -66.20 25.55
CA LYS NB 141 37.87 -67.21 26.33
C LYS NB 141 37.47 -67.10 27.80
N GLU NB 142 37.65 -68.20 28.52
CA GLU NB 142 37.31 -68.22 29.94
C GLU NB 142 38.12 -67.21 30.73
N SER NB 143 39.35 -66.93 30.29
CA SER NB 143 40.22 -66.04 31.05
C SER NB 143 39.71 -64.60 31.02
N ASN NB 144 39.17 -64.17 29.88
CA ASN NB 144 38.71 -62.81 29.69
C ASN NB 144 37.25 -62.62 30.11
N ALA NB 145 36.70 -63.57 30.88
CA ALA NB 145 35.31 -63.49 31.28
C ALA NB 145 35.03 -62.28 32.17
N VAL NB 146 36.03 -61.79 32.88
CA VAL NB 146 35.83 -60.65 33.76
C VAL NB 146 35.49 -59.41 32.95
N HIS NB 147 36.28 -59.13 31.91
CA HIS NB 147 35.95 -58.01 31.04
C HIS NB 147 34.63 -58.25 30.31
N ALA NB 148 34.22 -59.51 30.16
CA ALA NB 148 32.88 -59.79 29.70
C ALA NB 148 31.84 -59.37 30.73
N ASP NB 149 32.06 -59.73 32.00
CA ASP NB 149 31.07 -59.43 33.03
C ASP NB 149 30.87 -57.93 33.18
N GLU NB 150 31.96 -57.17 33.25
CA GLU NB 150 31.83 -55.74 33.49
C GLU NB 150 31.32 -55.01 32.26
N ALA NB 151 31.74 -55.42 31.07
CA ALA NB 151 31.33 -54.72 29.85
C ALA NB 151 29.81 -54.74 29.70
N LEU NB 152 29.19 -55.89 29.97
CA LEU NB 152 27.74 -55.94 29.90
C LEU NB 152 27.10 -55.13 31.03
N ARG NB 153 27.66 -55.22 32.23
CA ARG NB 153 27.11 -54.45 33.34
C ARG NB 153 27.24 -52.96 33.06
N ARG NB 154 28.37 -52.55 32.50
CA ARG NB 154 28.49 -51.16 32.07
C ARG NB 154 27.50 -50.84 30.96
N ALA NB 155 27.09 -51.84 30.19
CA ALA NB 155 26.07 -51.62 29.18
C ALA NB 155 24.67 -51.63 29.77
N LYS NB 156 24.50 -52.19 30.97
CA LYS NB 156 23.16 -52.31 31.55
C LYS NB 156 22.52 -50.96 31.75
N PHE NB 157 23.31 -49.95 32.09
CA PHE NB 157 22.86 -48.60 32.37
C PHE NB 157 22.50 -47.86 31.16
N LYS NB 158 22.48 -48.47 29.98
CA LYS NB 158 21.94 -47.82 28.80
C LYS NB 158 20.51 -48.25 28.49
N PHE NB 159 20.02 -49.27 29.12
CA PHE NB 159 18.73 -49.90 28.97
C PHE NB 159 17.76 -49.40 30.04
N PRO NB 160 16.49 -49.26 29.70
CA PRO NB 160 15.51 -48.78 30.69
C PRO NB 160 15.17 -49.74 31.81
N GLY NB 161 14.80 -50.98 31.48
CA GLY NB 161 14.16 -51.83 32.45
C GLY NB 161 15.05 -52.52 33.47
N ARG NB 162 14.75 -53.80 33.74
CA ARG NB 162 15.57 -54.65 34.59
C ARG NB 162 16.29 -55.68 33.73
N GLN NB 163 17.59 -55.84 33.96
CA GLN NB 163 18.38 -56.81 33.20
C GLN NB 163 19.29 -57.61 34.12
N LYS NB 164 19.57 -58.84 33.70
CA LYS NB 164 20.44 -59.75 34.43
C LYS NB 164 21.60 -60.15 33.55
N ILE NB 165 22.66 -60.65 34.18
CA ILE NB 165 23.85 -61.11 33.49
C ILE NB 165 23.99 -62.58 33.80
N ILE NB 166 23.56 -63.43 32.87
CA ILE NB 166 23.54 -64.87 33.06
C ILE NB 166 24.56 -65.49 32.14
N ARG NB 167 25.47 -66.26 32.73
CA ARG NB 167 26.52 -66.94 32.00
C ARG NB 167 25.95 -68.18 31.34
N SER NB 168 26.22 -68.35 30.07
CA SER NB 168 25.57 -69.41 29.30
C SER NB 168 26.03 -70.77 29.79
N ARG NB 169 25.10 -71.72 29.85
CA ARG NB 169 25.49 -73.10 30.10
C ARG NB 169 26.00 -73.76 28.83
N LYS NB 170 25.86 -73.11 27.69
CA LYS NB 170 26.24 -73.66 26.40
C LYS NB 170 27.62 -73.19 25.98
N TRP NB 171 28.08 -73.70 24.84
CA TRP NB 171 29.41 -73.45 24.31
C TRP NB 171 29.34 -72.36 23.25
N GLY NB 172 30.21 -71.36 23.38
CA GLY NB 172 30.32 -70.34 22.35
C GLY NB 172 28.98 -69.69 22.10
N PHE NB 173 28.58 -69.64 20.83
CA PHE NB 173 27.24 -69.21 20.43
C PHE NB 173 26.54 -70.36 19.76
N THR NB 174 26.64 -71.55 20.34
CA THR NB 174 26.14 -72.78 19.75
C THR NB 174 25.18 -73.45 20.72
N LYS NB 175 24.35 -74.34 20.19
CA LYS NB 175 23.24 -74.90 20.94
C LYS NB 175 23.64 -76.13 21.76
N PHE NB 176 24.93 -76.34 21.99
CA PHE NB 176 25.42 -77.51 22.72
C PHE NB 176 25.97 -77.07 24.07
N ASN NB 177 25.61 -77.79 25.12
CA ASN NB 177 26.31 -77.66 26.39
C ASN NB 177 27.81 -77.80 26.18
N ARG NB 178 28.58 -77.12 27.04
CA ARG NB 178 30.01 -77.37 27.05
C ARG NB 178 30.31 -78.84 27.32
N ALA NB 179 29.51 -79.48 28.17
CA ALA NB 179 29.65 -80.91 28.39
C ALA NB 179 29.37 -81.70 27.12
N ASP NB 180 28.27 -81.39 26.43
CA ASP NB 180 27.87 -82.16 25.26
C ASP NB 180 28.74 -81.87 24.05
N TYR NB 181 29.16 -80.62 23.87
CA TYR NB 181 29.98 -80.29 22.71
C TYR NB 181 31.33 -81.00 22.75
N ILE NB 182 31.96 -81.04 23.93
CA ILE NB 182 33.26 -81.70 24.07
C ILE NB 182 33.13 -83.19 23.83
N LYS NB 183 32.13 -83.82 24.42
CA LYS NB 183 31.89 -85.24 24.16
C LYS NB 183 31.72 -85.50 22.68
N TYR NB 184 30.88 -84.73 22.00
CA TYR NB 184 30.62 -84.94 20.59
C TYR NB 184 31.79 -84.51 19.72
N LYS NB 185 32.60 -83.57 20.20
CA LYS NB 185 33.81 -83.23 19.46
C LYS NB 185 34.82 -84.37 19.50
N SER NB 186 35.09 -84.91 20.69
CA SER NB 186 36.11 -85.95 20.82
C SER NB 186 35.69 -87.23 20.12
N GLU NB 187 34.38 -87.45 20.00
CA GLU NB 187 33.85 -88.59 19.26
C GLU NB 187 33.76 -88.32 17.78
N GLY NB 188 34.14 -87.14 17.33
CA GLY NB 188 34.17 -86.83 15.91
C GLY NB 188 32.83 -86.69 15.26
N ARG NB 189 31.77 -86.46 16.03
CA ARG NB 189 30.42 -86.38 15.51
C ARG NB 189 29.96 -84.95 15.19
N ILE NB 190 30.75 -83.93 15.48
CA ILE NB 190 30.38 -82.55 15.19
C ILE NB 190 31.36 -81.99 14.18
N VAL NB 191 30.83 -81.55 13.03
CA VAL NB 191 31.65 -80.86 12.03
C VAL NB 191 31.53 -79.35 12.23
N PRO NB 192 32.64 -78.63 12.18
CA PRO NB 192 32.59 -77.17 12.38
C PRO NB 192 31.94 -76.48 11.19
N ASP NB 193 31.51 -75.25 11.45
CA ASP NB 193 30.92 -74.39 10.42
C ASP NB 193 31.58 -73.02 10.39
N GLY NB 194 32.07 -72.56 11.53
CA GLY NB 194 32.37 -71.15 11.67
C GLY NB 194 31.99 -70.69 13.05
N VAL NB 195 31.04 -69.75 13.15
CA VAL NB 195 30.48 -69.42 14.44
C VAL NB 195 29.60 -70.56 14.97
N ASN NB 196 29.07 -71.41 14.09
CA ASN NB 196 28.17 -72.48 14.48
C ASN NB 196 28.85 -73.84 14.35
N ALA NB 197 28.23 -74.84 14.98
CA ALA NB 197 28.65 -76.22 14.91
C ALA NB 197 27.49 -77.07 14.41
N LYS NB 198 27.83 -78.14 13.68
CA LYS NB 198 26.85 -78.97 13.00
C LYS NB 198 27.04 -80.43 13.43
N LEU NB 199 26.20 -80.89 14.33
CA LEU NB 199 26.23 -82.30 14.74
C LEU NB 199 25.77 -83.20 13.59
N LEU NB 200 26.39 -84.37 13.48
CA LEU NB 200 26.07 -85.35 12.45
C LEU NB 200 25.13 -86.43 12.97
N GLY NB 201 24.23 -86.88 12.09
CA GLY NB 201 23.24 -87.85 12.46
C GLY NB 201 23.33 -89.14 11.66
N VAL NB 202 22.19 -89.83 11.58
CA VAL NB 202 22.11 -91.15 10.99
C VAL NB 202 21.35 -91.09 9.67
N HIS NB 203 21.33 -89.95 9.01
CA HIS NB 203 20.49 -89.79 7.84
C HIS NB 203 21.25 -89.16 6.70
N GLY NB 204 20.68 -89.27 5.50
CA GLY NB 204 21.30 -88.80 4.29
C GLY NB 204 21.71 -89.95 3.39
N PRO NB 205 22.23 -89.65 2.20
CA PRO NB 205 22.82 -90.70 1.37
C PRO NB 205 24.25 -91.04 1.79
N ILE NB 206 24.52 -92.35 1.88
CA ILE NB 206 25.72 -92.81 2.55
C ILE NB 206 26.96 -92.21 1.91
N ALA NB 207 26.98 -92.13 0.57
CA ALA NB 207 28.14 -91.66 -0.15
C ALA NB 207 28.49 -90.21 0.15
N LYS NB 208 27.53 -89.40 0.61
CA LYS NB 208 27.83 -88.01 0.92
C LYS NB 208 28.78 -87.87 2.10
N ARG NB 209 28.93 -88.90 2.91
CA ARG NB 209 29.78 -88.82 4.08
C ARG NB 209 31.24 -89.12 3.71
N ALA NB 210 32.15 -88.39 4.35
CA ALA NB 210 33.54 -88.78 4.32
C ALA NB 210 33.72 -90.06 5.14
N PRO NB 211 34.75 -90.87 4.87
CA PRO NB 211 34.80 -92.18 5.47
C PRO NB 211 35.12 -92.22 6.96
N GLY NB 212 35.52 -91.11 7.56
CA GLY NB 212 35.59 -91.02 9.00
C GLY NB 212 34.35 -90.44 9.65
N GLN NB 213 33.33 -90.10 8.86
CA GLN NB 213 32.17 -89.36 9.34
C GLN NB 213 30.86 -90.11 9.24
N ALA NB 214 30.84 -91.35 8.75
CA ALA NB 214 29.61 -92.11 8.67
C ALA NB 214 29.37 -92.82 9.99
N ILE NB 215 28.17 -92.66 10.53
CA ILE NB 215 27.83 -93.14 11.87
C ILE NB 215 26.39 -93.61 11.91
N LEU NB 216 26.08 -94.39 12.94
CA LEU NB 216 24.80 -95.06 13.08
C LEU NB 216 24.21 -94.86 14.47
N MET OB 1 23.87 19.52 -29.56
CA MET OB 1 24.01 20.95 -29.32
C MET OB 1 24.58 21.07 -27.93
N ARG OB 2 25.88 20.80 -27.81
CA ARG OB 2 26.40 20.44 -26.50
C ARG OB 2 26.19 21.56 -25.50
N ALA OB 3 26.51 22.80 -25.87
CA ALA OB 3 26.42 23.91 -24.93
C ALA OB 3 24.98 24.13 -24.50
N LYS OB 4 24.05 24.02 -25.44
CA LYS OB 4 22.65 24.17 -25.13
C LYS OB 4 22.16 23.09 -24.18
N TRP OB 5 22.58 21.85 -24.41
CA TRP OB 5 22.17 20.77 -23.52
C TRP OB 5 22.87 20.85 -22.17
N LYS OB 6 24.09 21.39 -22.14
CA LYS OB 6 24.76 21.64 -20.88
C LYS OB 6 23.99 22.68 -20.06
N LYS OB 7 23.43 23.68 -20.73
CA LYS OB 7 22.57 24.65 -20.06
C LYS OB 7 21.32 23.97 -19.51
N LYS OB 8 20.81 22.97 -20.21
CA LYS OB 8 19.69 22.19 -19.69
C LYS OB 8 20.10 21.36 -18.48
N ARG OB 9 21.27 20.74 -18.50
CA ARG OB 9 21.72 19.98 -17.34
C ARG OB 9 21.88 20.86 -16.10
N MET OB 10 22.36 22.08 -16.27
CA MET OB 10 22.37 23.02 -15.15
C MET OB 10 20.96 23.41 -14.73
N ARG OB 11 20.08 23.63 -15.70
CA ARG OB 11 18.72 24.04 -15.38
C ARG OB 11 18.00 23.00 -14.54
N ARG OB 12 18.12 21.72 -14.93
CA ARG OB 12 17.52 20.65 -14.14
C ARG OB 12 18.16 20.54 -12.77
N LEU OB 13 19.48 20.57 -12.72
CA LEU OB 13 20.19 20.40 -11.46
C LEU OB 13 19.82 21.50 -10.49
N LYS OB 14 19.75 22.74 -10.97
CA LYS OB 14 19.50 23.87 -10.10
C LYS OB 14 18.07 23.83 -9.56
N ARG OB 15 17.13 23.37 -10.38
CA ARG OB 15 15.75 23.19 -9.92
C ARG OB 15 15.68 22.21 -8.78
N LYS OB 16 16.43 21.12 -8.88
CA LYS OB 16 16.42 20.11 -7.83
C LYS OB 16 17.09 20.63 -6.56
N ARG OB 17 18.10 21.49 -6.71
CA ARG OB 17 18.72 22.09 -5.53
C ARG OB 17 17.74 22.99 -4.79
N ARG OB 18 16.89 23.72 -5.52
CA ARG OB 18 15.87 24.54 -4.86
C ARG OB 18 14.82 23.70 -4.16
N LYS OB 19 14.44 22.57 -4.75
CA LYS OB 19 13.44 21.72 -4.12
C LYS OB 19 13.93 21.17 -2.79
N MET OB 20 15.21 20.80 -2.72
CA MET OB 20 15.80 20.33 -1.48
C MET OB 20 15.73 21.39 -0.39
N ARG OB 21 16.00 22.64 -0.75
CA ARG OB 21 16.06 23.70 0.26
C ARG OB 21 14.68 24.05 0.79
N GLN OB 22 13.64 23.93 -0.03
CA GLN OB 22 12.29 24.14 0.50
C GLN OB 22 11.95 23.08 1.53
N ARG OB 23 12.33 21.83 1.29
CA ARG OB 23 12.04 20.78 2.25
C ARG OB 23 12.71 21.05 3.59
N SER OB 24 13.99 21.47 3.56
CA SER OB 24 14.72 21.71 4.79
C SER OB 24 14.20 22.91 5.55
N LYS OB 25 13.85 23.98 4.83
CA LYS OB 25 13.25 25.22 5.34
C LYS OB 25 13.01 25.29 6.84
N ILE PB 77 61.12 -22.40 57.93
CA ILE PB 77 61.03 -21.93 59.31
C ILE PB 77 59.90 -22.68 60.02
N ILE PB 78 58.95 -23.19 59.25
CA ILE PB 78 57.92 -24.06 59.81
C ILE PB 78 58.52 -25.46 59.94
N GLU PB 79 58.59 -25.95 61.17
CA GLU PB 79 59.36 -27.16 61.45
C GLU PB 79 58.74 -28.35 60.70
N PRO PB 80 59.56 -29.15 60.01
CA PRO PB 80 58.99 -30.21 59.17
C PRO PB 80 58.15 -31.23 59.91
N SER PB 81 58.56 -31.66 61.12
CA SER PB 81 57.78 -32.66 61.83
C SER PB 81 56.50 -32.06 62.41
N LEU PB 82 56.58 -30.85 62.95
CA LEU PB 82 55.35 -30.13 63.28
C LEU PB 82 54.52 -29.85 62.05
N GLN PB 83 55.17 -29.63 60.91
CA GLN PB 83 54.42 -29.49 59.67
C GLN PB 83 53.74 -30.81 59.32
N ALA PB 84 54.40 -31.93 59.58
CA ALA PB 84 53.75 -33.22 59.42
C ALA PB 84 52.58 -33.39 60.38
N LEU PB 85 52.75 -32.93 61.62
CA LEU PB 85 51.71 -33.06 62.62
C LEU PB 85 50.43 -32.35 62.19
N ALA PB 86 50.55 -31.08 61.82
CA ALA PB 86 49.39 -30.32 61.41
C ALA PB 86 48.75 -30.89 60.15
N ARG PB 87 49.54 -31.63 59.37
CA ARG PB 87 49.02 -32.19 58.13
C ARG PB 87 48.00 -33.30 58.40
N LYS PB 88 48.19 -34.08 59.47
CA LYS PB 88 47.27 -35.17 59.77
C LYS PB 88 45.85 -34.65 59.97
N TYR PB 89 45.69 -33.43 60.44
CA TYR PB 89 44.39 -32.86 60.75
C TYR PB 89 43.81 -32.05 59.61
N ASN PB 90 44.66 -31.46 58.77
CA ASN PB 90 44.18 -30.62 57.68
C ASN PB 90 44.34 -31.24 56.31
N GLN PB 91 45.24 -32.21 56.15
CA GLN PB 91 45.57 -32.75 54.83
C GLN PB 91 45.17 -34.21 54.68
N GLU PB 92 45.73 -35.10 55.50
CA GLU PB 92 45.60 -36.54 55.26
C GLU PB 92 44.19 -36.98 55.63
N LYS PB 93 43.26 -36.82 54.69
CA LYS PB 93 41.87 -37.13 54.95
C LYS PB 93 41.18 -37.49 53.64
N MET PB 94 40.04 -38.15 53.77
CA MET PB 94 39.24 -38.57 52.64
C MET PB 94 38.04 -37.64 52.51
N ILE PB 95 37.57 -37.45 51.28
CA ILE PB 95 36.41 -36.61 51.02
C ILE PB 95 35.35 -37.47 50.36
N CYS PB 96 34.12 -37.36 50.85
CA CYS PB 96 33.00 -37.98 50.16
C CYS PB 96 32.77 -37.26 48.85
N ARG PB 97 32.66 -38.02 47.76
CA ARG PB 97 32.37 -37.39 46.48
C ARG PB 97 30.94 -36.87 46.38
N LYS PB 98 30.07 -37.21 47.32
CA LYS PB 98 28.67 -36.84 47.23
C LYS PB 98 28.30 -35.71 48.17
N CYS PB 99 28.70 -35.79 49.44
CA CYS PB 99 28.32 -34.80 50.42
C CYS PB 99 29.46 -33.91 50.88
N TYR PB 100 30.68 -34.15 50.40
CA TYR PB 100 31.86 -33.32 50.65
C TYR PB 100 32.38 -33.44 52.08
N ALA PB 101 31.91 -34.41 52.85
CA ALA PB 101 32.31 -34.53 54.25
C ALA PB 101 33.76 -34.96 54.37
N ARG PB 102 34.39 -34.58 55.47
CA ARG PB 102 35.82 -34.78 55.70
C ARG PB 102 36.03 -36.01 56.58
N LEU PB 103 36.67 -37.04 56.02
CA LEU PB 103 36.71 -38.38 56.58
C LEU PB 103 38.13 -38.78 56.94
N HIS PB 104 38.25 -39.80 57.79
CA HIS PB 104 39.56 -40.30 58.19
C HIS PB 104 40.24 -40.98 57.00
N PRO PB 105 41.56 -41.18 57.08
CA PRO PB 105 42.24 -41.79 55.93
C PRO PB 105 41.75 -43.17 55.60
N ARG PB 106 41.58 -44.03 56.61
CA ARG PB 106 41.23 -45.43 56.37
C ARG PB 106 39.73 -45.59 56.46
N ALA PB 107 39.05 -44.96 55.51
CA ALA PB 107 37.60 -44.88 55.48
C ALA PB 107 37.12 -45.43 54.16
N VAL PB 108 36.15 -46.33 54.20
CA VAL PB 108 35.56 -46.90 53.00
C VAL PB 108 34.12 -46.47 52.77
N ASN PB 109 33.44 -45.98 53.80
CA ASN PB 109 32.09 -45.44 53.65
C ASN PB 109 31.98 -44.10 54.36
N CYS PB 110 31.14 -43.22 53.80
CA CYS PB 110 30.83 -41.97 54.46
C CYS PB 110 30.01 -42.22 55.71
N ARG PB 111 30.13 -41.30 56.66
CA ARG PB 111 29.44 -41.42 57.94
C ARG PB 111 28.13 -40.64 57.98
N LYS PB 112 27.74 -39.98 56.91
CA LYS PB 112 26.60 -39.09 56.91
C LYS PB 112 25.35 -39.80 56.40
N LYS PB 113 24.22 -39.48 57.01
CA LYS PB 113 22.96 -40.10 56.63
C LYS PB 113 22.40 -39.53 55.33
N LYS PB 114 22.82 -38.32 54.93
CA LYS PB 114 22.18 -37.68 53.79
C LYS PB 114 22.78 -38.12 52.46
N CYS PB 115 23.87 -38.88 52.48
CA CYS PB 115 24.43 -39.46 51.28
C CYS PB 115 24.37 -40.98 51.31
N GLY PB 116 23.54 -41.54 52.19
CA GLY PB 116 23.36 -42.98 52.24
C GLY PB 116 24.62 -43.76 52.53
N HIS PB 117 25.49 -43.20 53.36
CA HIS PB 117 26.74 -43.87 53.75
C HIS PB 117 27.53 -44.35 52.54
N SER PB 118 27.66 -43.48 51.54
CA SER PB 118 28.20 -43.88 50.25
C SER PB 118 29.63 -44.35 50.36
N ASN PB 119 30.00 -45.28 49.47
CA ASN PB 119 31.36 -45.78 49.37
C ASN PB 119 32.11 -45.17 48.19
N GLN PB 120 31.78 -43.95 47.84
CA GLN PB 120 32.44 -43.25 46.75
C GLN PB 120 33.19 -42.08 47.34
N LEU PB 121 34.47 -42.30 47.61
CA LEU PB 121 35.29 -41.33 48.31
C LEU PB 121 36.53 -41.09 47.46
N ARG PB 122 37.21 -39.99 47.75
CA ARG PB 122 38.44 -39.63 47.08
C ARG PB 122 39.42 -39.09 48.10
N PRO PB 123 40.71 -39.07 47.77
CA PRO PB 123 41.68 -38.39 48.64
C PRO PB 123 41.46 -36.90 48.65
N LYS PB 124 41.85 -36.26 49.73
CA LYS PB 124 41.87 -34.81 49.79
C LYS PB 124 43.01 -34.28 48.95
N LYS PB 125 42.72 -33.31 48.09
CA LYS PB 125 43.71 -32.84 47.12
C LYS PB 125 44.83 -32.09 47.82
N LYS PB 126 46.04 -32.25 47.31
CA LYS PB 126 47.23 -31.65 47.90
C LYS PB 126 47.60 -30.36 47.18
N ILE PB 127 48.33 -29.49 47.88
CA ILE PB 127 48.98 -28.34 47.26
C ILE PB 127 50.27 -28.79 46.58
N VAL QB 2 -48.11 -38.06 14.16
CA VAL QB 2 -48.95 -39.18 13.81
C VAL QB 2 -48.23 -40.44 14.25
N LYS QB 3 -48.98 -41.48 14.60
CA LYS QB 3 -48.37 -42.65 15.21
C LYS QB 3 -49.32 -43.81 14.91
N HIS QB 4 -49.31 -44.84 15.76
CA HIS QB 4 -49.76 -46.23 15.54
C HIS QB 4 -50.82 -46.49 14.47
N ASN QB 5 -50.83 -47.70 13.92
CA ASN QB 5 -51.77 -48.15 12.91
C ASN QB 5 -53.17 -47.62 13.22
N ASN QB 6 -53.49 -46.47 12.64
CA ASN QB 6 -54.80 -45.86 12.76
C ASN QB 6 -55.23 -45.48 11.35
N VAL QB 7 -56.43 -44.97 11.22
CA VAL QB 7 -56.85 -44.46 9.93
C VAL QB 7 -56.19 -43.11 9.69
N ILE QB 8 -56.01 -42.75 8.42
CA ILE QB 8 -55.41 -41.46 8.08
C ILE QB 8 -56.34 -40.35 8.51
N PRO QB 9 -55.92 -39.48 9.42
CA PRO QB 9 -56.83 -38.44 9.91
C PRO QB 9 -57.08 -37.38 8.85
N ASN QB 10 -58.34 -36.94 8.76
CA ASN QB 10 -58.75 -36.03 7.70
C ASN QB 10 -59.81 -35.02 8.15
N GLY QB 11 -59.80 -34.63 9.42
CA GLY QB 11 -60.80 -33.69 9.90
C GLY QB 11 -60.59 -32.28 9.34
N HIS QB 12 -61.67 -31.68 8.88
CA HIS QB 12 -61.67 -30.35 8.26
C HIS QB 12 -61.91 -29.24 9.28
N PHE QB 13 -60.97 -29.07 10.21
CA PHE QB 13 -61.13 -28.09 11.29
C PHE QB 13 -60.03 -27.04 11.30
N LYS QB 14 -59.58 -26.61 10.13
CA LYS QB 14 -58.49 -25.66 10.04
C LYS QB 14 -58.96 -24.23 9.81
N LYS QB 15 -60.25 -23.99 9.61
CA LYS QB 15 -60.75 -22.63 9.49
C LYS QB 15 -61.19 -22.13 10.86
N HIS QB 16 -61.92 -21.02 10.89
CA HIS QB 16 -62.51 -20.50 12.12
C HIS QB 16 -63.87 -21.13 12.36
N TRP QB 17 -63.86 -22.47 12.43
CA TRP QB 17 -65.10 -23.23 12.46
C TRP QB 17 -65.93 -22.93 13.70
N GLN QB 18 -65.32 -22.51 14.80
CA GLN QB 18 -66.09 -22.25 15.99
C GLN QB 18 -67.02 -21.05 15.86
N ASN QB 19 -66.86 -20.25 14.82
CA ASN QB 19 -67.76 -19.14 14.55
C ASN QB 19 -68.98 -19.53 13.75
N TYR QB 20 -69.04 -20.77 13.25
CA TYR QB 20 -70.17 -21.21 12.45
C TYR QB 20 -70.76 -22.49 13.02
N VAL QB 21 -70.61 -22.69 14.33
CA VAL QB 21 -71.24 -23.83 14.97
C VAL QB 21 -72.74 -23.59 15.05
N LYS QB 22 -73.50 -24.53 14.53
CA LYS QB 22 -74.96 -24.47 14.61
C LYS QB 22 -75.41 -25.53 15.61
N THR QB 23 -75.96 -25.08 16.73
CA THR QB 23 -76.54 -25.98 17.71
C THR QB 23 -78.05 -25.98 17.54
N TRP QB 24 -78.69 -26.99 18.12
CA TRP QB 24 -80.09 -27.27 17.83
C TRP QB 24 -80.99 -27.12 19.04
N PHE QB 25 -80.62 -26.27 20.00
CA PHE QB 25 -81.42 -26.12 21.21
C PHE QB 25 -82.80 -25.59 20.92
N ASN QB 26 -83.02 -25.01 19.75
CA ASN QB 26 -84.30 -24.47 19.37
C ASN QB 26 -85.13 -25.46 18.54
N GLN QB 27 -84.71 -26.72 18.53
CA GLN QB 27 -85.48 -27.74 17.79
C GLN QB 27 -86.85 -27.97 18.39
N PRO QB 28 -87.02 -28.16 19.71
CA PRO QB 28 -88.38 -28.28 20.24
C PRO QB 28 -89.24 -27.06 20.01
N ALA QB 29 -88.66 -25.87 20.03
CA ALA QB 29 -89.43 -24.66 19.75
C ALA QB 29 -89.78 -24.56 18.28
N ARG QB 30 -88.94 -25.10 17.40
CA ARG QB 30 -89.27 -25.11 15.98
C ARG QB 30 -90.51 -25.94 15.72
N LYS QB 31 -90.61 -27.10 16.38
CA LYS QB 31 -91.78 -27.95 16.25
C LYS QB 31 -93.03 -27.24 16.72
N GLN QB 32 -92.95 -26.50 17.82
CA GLN QB 32 -94.13 -25.81 18.33
C GLN QB 32 -94.57 -24.67 17.41
N ARG QB 33 -93.62 -23.90 16.88
CA ARG QB 33 -93.98 -22.80 16.00
C ARG QB 33 -94.62 -23.32 14.72
N ARG QB 34 -94.09 -24.41 14.18
CA ARG QB 34 -94.68 -25.01 12.99
C ARG QB 34 -96.05 -25.61 13.28
N ARG QB 35 -96.23 -26.16 14.48
CA ARG QB 35 -97.53 -26.68 14.86
C ARG QB 35 -98.58 -25.57 14.98
N ILE QB 36 -98.22 -24.47 15.63
CA ILE QB 36 -99.11 -23.32 15.71
C ILE QB 36 -99.35 -22.75 14.33
N ALA QB 37 -98.32 -22.72 13.50
CA ALA QB 37 -98.50 -22.23 12.14
C ALA QB 37 -99.46 -23.11 11.36
N ARG QB 38 -99.33 -24.43 11.49
CA ARG QB 38 -100.26 -25.34 10.83
C ARG QB 38 -101.67 -25.18 11.38
N GLN QB 39 -101.79 -25.09 12.71
CA GLN QB 39 -103.10 -24.95 13.33
C GLN QB 39 -103.76 -23.64 12.96
N LYS QB 40 -103.01 -22.55 12.97
CA LYS QB 40 -103.58 -21.27 12.56
C LYS QB 40 -103.95 -21.28 11.09
N LYS QB 41 -103.13 -21.94 10.26
CA LYS QB 41 -103.47 -22.05 8.85
C LYS QB 41 -104.73 -22.87 8.65
N ALA QB 42 -104.93 -23.90 9.46
CA ALA QB 42 -106.09 -24.77 9.28
C ALA QB 42 -107.40 -24.00 9.45
N VAL QB 43 -107.45 -23.10 10.43
CA VAL QB 43 -108.67 -22.34 10.67
C VAL QB 43 -108.93 -21.36 9.53
N LYS QB 44 -107.89 -20.69 9.06
CA LYS QB 44 -108.06 -19.69 8.00
C LYS QB 44 -108.36 -20.30 6.65
N ILE QB 45 -108.25 -21.62 6.49
CA ILE QB 45 -108.63 -22.29 5.26
C ILE QB 45 -109.82 -23.20 5.45
N PHE QB 46 -110.38 -23.29 6.65
CA PHE QB 46 -111.48 -24.19 6.89
C PHE QB 46 -112.64 -23.82 5.97
N PRO QB 47 -113.27 -24.80 5.29
CA PRO QB 47 -113.13 -26.25 5.40
C PRO QB 47 -112.15 -26.93 4.44
N ARG QB 48 -111.31 -26.17 3.73
CA ARG QB 48 -110.40 -26.78 2.78
C ARG QB 48 -109.42 -27.73 3.49
N PRO QB 49 -109.02 -28.81 2.82
CA PRO QB 49 -108.18 -29.80 3.48
C PRO QB 49 -106.80 -29.26 3.82
N THR QB 50 -106.24 -29.77 4.91
CA THR QB 50 -105.00 -29.22 5.45
C THR QB 50 -103.75 -29.76 4.78
N SER QB 51 -103.88 -30.81 3.96
CA SER QB 51 -102.72 -31.33 3.23
C SER QB 51 -102.36 -30.45 2.06
N GLY QB 52 -103.33 -29.75 1.49
CA GLY QB 52 -103.09 -28.87 0.38
C GLY QB 52 -103.81 -29.32 -0.88
N PRO QB 53 -103.38 -28.80 -2.02
CA PRO QB 53 -104.01 -29.17 -3.28
C PRO QB 53 -103.58 -30.56 -3.75
N LEU QB 54 -104.38 -31.11 -4.64
CA LEU QB 54 -104.11 -32.44 -5.18
C LEU QB 54 -102.86 -32.46 -6.05
N ARG QB 55 -102.00 -33.47 -5.82
CA ARG QB 55 -100.76 -33.78 -6.49
C ARG QB 55 -100.90 -35.05 -7.32
N PRO QB 56 -100.38 -35.09 -8.54
CA PRO QB 56 -100.46 -36.29 -9.36
C PRO QB 56 -99.37 -37.31 -9.07
N ILE QB 57 -99.61 -38.52 -9.58
CA ILE QB 57 -98.65 -39.61 -9.53
C ILE QB 57 -97.56 -39.38 -10.57
N VAL QB 58 -96.30 -39.47 -10.16
CA VAL QB 58 -95.20 -39.48 -11.10
C VAL QB 58 -94.24 -40.59 -10.71
N GLN QB 59 -93.58 -41.16 -11.71
CA GLN QB 59 -92.41 -42.00 -11.48
C GLN QB 59 -91.20 -41.14 -11.19
N CYS QB 60 -90.35 -41.61 -10.27
CA CYS QB 60 -89.13 -40.90 -9.95
C CYS QB 60 -88.13 -41.03 -11.09
N GLN QB 61 -87.10 -40.20 -11.07
CA GLN QB 61 -86.05 -40.24 -12.08
C GLN QB 61 -85.02 -41.31 -11.73
N THR QB 62 -83.99 -41.43 -12.57
CA THR QB 62 -82.72 -42.08 -12.23
C THR QB 62 -82.81 -43.52 -11.80
N ARG QB 63 -82.79 -44.44 -12.78
CA ARG QB 63 -82.60 -45.88 -12.55
C ARG QB 63 -82.90 -46.32 -11.12
N LYS QB 64 -82.16 -45.80 -10.14
CA LYS QB 64 -82.33 -46.24 -8.76
C LYS QB 64 -83.77 -46.10 -8.28
N TYR QB 65 -84.53 -45.15 -8.80
CA TYR QB 65 -85.85 -44.89 -8.26
C TYR QB 65 -86.98 -44.97 -9.26
N ASN QB 66 -86.73 -45.28 -10.54
CA ASN QB 66 -87.82 -45.21 -11.50
C ASN QB 66 -88.91 -46.24 -11.25
N MET QB 67 -88.66 -47.21 -10.38
CA MET QB 67 -89.69 -48.16 -10.02
C MET QB 67 -90.57 -47.69 -8.86
N LYS QB 68 -90.41 -46.46 -8.41
CA LYS QB 68 -91.16 -45.92 -7.27
C LYS QB 68 -91.98 -44.70 -7.68
N ALA QB 69 -93.23 -44.66 -7.26
CA ALA QB 69 -94.13 -43.56 -7.56
C ALA QB 69 -94.19 -42.60 -6.39
N ARG QB 70 -94.28 -41.32 -6.70
CA ARG QB 70 -94.33 -40.28 -5.68
C ARG QB 70 -95.21 -39.16 -6.20
N ALA QB 71 -95.49 -38.20 -5.32
CA ALA QB 71 -96.28 -37.04 -5.70
C ALA QB 71 -95.46 -36.08 -6.55
N GLY QB 72 -96.05 -35.60 -7.65
CA GLY QB 72 -95.43 -34.58 -8.47
C GLY QB 72 -95.99 -33.20 -8.17
N ARG QB 73 -95.43 -32.21 -8.86
CA ARG QB 73 -95.83 -30.83 -8.60
C ARG QB 73 -97.29 -30.61 -8.98
N GLY QB 74 -97.67 -30.96 -10.19
CA GLY QB 74 -99.01 -30.64 -10.64
C GLY QB 74 -99.38 -31.40 -11.89
N PHE QB 75 -100.66 -31.36 -12.21
CA PHE QB 75 -101.17 -32.03 -13.39
C PHE QB 75 -100.77 -31.28 -14.66
N THR QB 76 -100.53 -32.03 -15.73
CA THR QB 76 -100.23 -31.42 -17.00
C THR QB 76 -101.48 -30.82 -17.61
N LEU QB 77 -101.30 -30.07 -18.69
CA LEU QB 77 -102.44 -29.43 -19.35
C LEU QB 77 -103.34 -30.46 -20.00
N GLU QB 78 -102.75 -31.53 -20.55
CA GLU QB 78 -103.53 -32.57 -21.19
C GLU QB 78 -104.34 -33.37 -20.18
N GLU QB 79 -103.74 -33.68 -19.03
CA GLU QB 79 -104.47 -34.36 -17.98
C GLU QB 79 -105.64 -33.52 -17.52
N LEU QB 80 -105.43 -32.21 -17.37
CA LEU QB 80 -106.52 -31.33 -16.98
C LEU QB 80 -107.59 -31.26 -18.06
N LYS QB 81 -107.19 -31.21 -19.33
CA LYS QB 81 -108.19 -31.02 -20.38
C LYS QB 81 -108.94 -32.32 -20.65
N SER QB 82 -108.27 -33.46 -20.55
CA SER QB 82 -108.94 -34.74 -20.77
C SER QB 82 -110.01 -34.98 -19.72
N ALA QB 83 -109.72 -34.66 -18.45
CA ALA QB 83 -110.73 -34.73 -17.41
C ALA QB 83 -111.69 -33.56 -17.46
N GLY QB 84 -111.50 -32.62 -18.37
CA GLY QB 84 -112.43 -31.52 -18.54
C GLY QB 84 -112.47 -30.54 -17.40
N ILE QB 85 -111.31 -30.21 -16.83
CA ILE QB 85 -111.16 -29.20 -15.81
C ILE QB 85 -110.42 -28.02 -16.45
N PRO QB 86 -111.06 -26.87 -16.62
CA PRO QB 86 -110.42 -25.78 -17.36
C PRO QB 86 -109.13 -25.32 -16.71
N LYS QB 87 -108.22 -24.82 -17.55
CA LYS QB 87 -106.87 -24.49 -17.12
C LYS QB 87 -106.86 -23.51 -15.96
N LYS QB 88 -107.65 -22.45 -16.05
CA LYS QB 88 -107.60 -21.37 -15.08
C LYS QB 88 -108.57 -21.57 -13.93
N LEU QB 89 -109.28 -22.68 -13.89
CA LEU QB 89 -110.19 -22.97 -12.79
C LEU QB 89 -109.59 -23.92 -11.77
N ALA QB 90 -108.62 -24.73 -12.17
CA ALA QB 90 -108.12 -25.80 -11.30
C ALA QB 90 -107.49 -25.29 -10.02
N PRO QB 91 -106.55 -24.34 -10.02
CA PRO QB 91 -106.01 -23.87 -8.74
C PRO QB 91 -107.07 -23.25 -7.83
N THR QB 92 -108.16 -22.75 -8.40
CA THR QB 92 -109.21 -22.15 -7.58
C THR QB 92 -110.08 -23.16 -6.87
N ILE QB 93 -110.07 -24.42 -7.29
CA ILE QB 93 -110.86 -25.47 -6.68
C ILE QB 93 -110.02 -26.52 -5.98
N GLY QB 94 -108.72 -26.33 -5.89
CA GLY QB 94 -107.87 -27.20 -5.11
C GLY QB 94 -106.98 -28.15 -5.88
N ILE QB 95 -106.70 -27.88 -7.15
CA ILE QB 95 -105.92 -28.77 -8.00
C ILE QB 95 -104.72 -28.00 -8.53
N SER QB 96 -103.52 -28.48 -8.22
CA SER QB 96 -102.32 -27.83 -8.71
C SER QB 96 -102.10 -28.10 -10.19
N VAL QB 97 -101.37 -27.21 -10.84
CA VAL QB 97 -101.09 -27.28 -12.26
C VAL QB 97 -99.59 -27.24 -12.46
N ASP QB 98 -99.12 -27.86 -13.54
CA ASP QB 98 -97.72 -27.83 -13.90
C ASP QB 98 -97.65 -27.69 -15.43
N HIS QB 99 -97.42 -26.47 -15.90
CA HIS QB 99 -97.29 -26.22 -17.32
C HIS QB 99 -96.01 -26.79 -17.91
N ARG QB 100 -95.16 -27.42 -17.12
CA ARG QB 100 -93.88 -27.89 -17.61
C ARG QB 100 -93.81 -29.40 -17.82
N ARG QB 101 -94.60 -30.18 -17.10
CA ARG QB 101 -94.45 -31.62 -17.14
C ARG QB 101 -95.03 -32.20 -18.43
N LYS QB 102 -94.50 -33.35 -18.85
CA LYS QB 102 -94.84 -33.96 -20.11
C LYS QB 102 -95.46 -35.34 -19.90
N ASN QB 103 -96.13 -35.83 -20.94
CA ASN QB 103 -96.78 -37.13 -20.96
C ASN QB 103 -96.16 -37.93 -22.10
N ARG QB 104 -95.16 -38.73 -21.79
CA ARG QB 104 -94.51 -39.53 -22.81
C ARG QB 104 -95.05 -40.94 -22.90
N SER QB 105 -95.69 -41.43 -21.85
CA SER QB 105 -96.15 -42.80 -21.76
C SER QB 105 -97.62 -42.79 -21.37
N LEU QB 106 -98.42 -43.57 -22.09
CA LEU QB 106 -99.87 -43.48 -21.97
C LEU QB 106 -100.35 -43.84 -20.56
N GLU QB 107 -99.76 -44.85 -19.95
CA GLU QB 107 -100.27 -45.34 -18.67
C GLU QB 107 -100.21 -44.24 -17.60
N GLY QB 108 -99.10 -43.52 -17.53
CA GLY QB 108 -99.02 -42.41 -16.60
C GLY QB 108 -100.12 -41.39 -16.81
N MET QB 109 -100.40 -41.05 -18.06
CA MET QB 109 -101.46 -40.09 -18.33
C MET QB 109 -102.81 -40.62 -17.86
N GLN QB 110 -103.10 -41.90 -18.11
CA GLN QB 110 -104.37 -42.48 -17.69
C GLN QB 110 -104.52 -42.46 -16.18
N SER QB 111 -103.45 -42.78 -15.45
CA SER QB 111 -103.53 -42.86 -14.00
C SER QB 111 -103.91 -41.51 -13.40
N ASN QB 112 -103.29 -40.44 -13.88
CA ASN QB 112 -103.53 -39.13 -13.31
C ASN QB 112 -104.87 -38.56 -13.73
N ILE QB 113 -105.39 -38.97 -14.90
CA ILE QB 113 -106.75 -38.58 -15.27
C ILE QB 113 -107.77 -39.14 -14.29
N GLN QB 114 -107.60 -40.40 -13.89
CA GLN QB 114 -108.55 -41.01 -12.97
C GLN QB 114 -108.53 -40.33 -11.61
N ARG QB 115 -107.38 -39.81 -11.19
CA ARG QB 115 -107.33 -39.06 -9.93
C ARG QB 115 -108.20 -37.83 -9.99
N LEU QB 116 -108.16 -37.11 -11.11
CA LEU QB 116 -108.95 -35.89 -11.24
C LEU QB 116 -110.43 -36.19 -11.16
N LYS QB 117 -110.90 -37.27 -11.80
CA LYS QB 117 -112.29 -37.65 -11.67
C LYS QB 117 -112.59 -38.15 -10.26
N THR QB 118 -111.66 -38.89 -9.66
CA THR QB 118 -111.86 -39.32 -8.29
C THR QB 118 -111.92 -38.13 -7.35
N TYR QB 119 -111.05 -37.14 -7.57
CA TYR QB 119 -111.12 -35.91 -6.79
C TYR QB 119 -112.39 -35.15 -7.09
N LYS QB 120 -112.76 -35.05 -8.36
CA LYS QB 120 -113.98 -34.32 -8.73
C LYS QB 120 -115.20 -34.98 -8.12
N ALA QB 121 -115.19 -36.31 -8.03
CA ALA QB 121 -116.34 -37.03 -7.49
C ALA QB 121 -116.59 -36.66 -6.04
N LYS QB 122 -115.53 -36.62 -5.23
CA LYS QB 122 -115.66 -36.35 -3.81
C LYS QB 122 -115.41 -34.89 -3.46
N LEU QB 123 -115.32 -34.01 -4.45
CA LEU QB 123 -115.20 -32.58 -4.23
C LEU QB 123 -116.57 -31.94 -4.12
N VAL QB 124 -116.71 -31.00 -3.19
CA VAL QB 124 -117.91 -30.20 -3.06
C VAL QB 124 -117.51 -28.73 -3.02
N ILE QB 125 -118.31 -27.88 -3.64
CA ILE QB 125 -118.00 -26.47 -3.80
C ILE QB 125 -119.17 -25.64 -3.28
N PHE QB 126 -118.87 -24.69 -2.41
CA PHE QB 126 -119.88 -23.76 -1.93
C PHE QB 126 -120.15 -22.69 -2.98
N PRO QB 127 -121.34 -22.09 -2.95
CA PRO QB 127 -121.65 -21.00 -3.88
C PRO QB 127 -120.80 -19.78 -3.59
N ARG QB 128 -120.69 -18.91 -4.59
CA ARG QB 128 -119.99 -17.65 -4.40
C ARG QB 128 -120.83 -16.61 -3.68
N ARG QB 129 -122.13 -16.82 -3.55
CA ARG QB 129 -122.99 -15.94 -2.77
C ARG QB 129 -123.97 -16.84 -2.03
N ALA QB 130 -125.04 -16.27 -1.49
CA ALA QB 130 -125.90 -16.98 -0.54
C ALA QB 130 -126.81 -17.98 -1.24
N ARG QB 131 -127.67 -17.50 -2.13
CA ARG QB 131 -128.74 -18.31 -2.68
C ARG QB 131 -128.55 -18.64 -4.15
N LYS QB 132 -127.86 -17.80 -4.91
CA LYS QB 132 -127.57 -18.10 -6.30
C LYS QB 132 -126.76 -19.38 -6.41
N VAL QB 133 -127.23 -20.31 -7.24
CA VAL QB 133 -126.50 -21.53 -7.53
C VAL QB 133 -126.18 -21.50 -9.01
N LYS QB 134 -124.92 -21.27 -9.33
CA LYS QB 134 -124.42 -21.26 -10.69
C LYS QB 134 -123.84 -22.63 -11.02
N ALA QB 135 -123.16 -22.72 -12.15
CA ALA QB 135 -122.54 -23.99 -12.52
C ALA QB 135 -121.51 -24.40 -11.48
N GLY QB 136 -121.41 -25.69 -11.23
CA GLY QB 136 -120.35 -26.22 -10.38
C GLY QB 136 -120.63 -26.14 -8.90
N ASP QB 137 -121.71 -25.50 -8.48
CA ASP QB 137 -122.04 -25.41 -7.07
C ASP QB 137 -122.68 -26.72 -6.61
N SER QB 138 -123.27 -26.72 -5.42
CA SER QB 138 -123.74 -27.96 -4.82
C SER QB 138 -125.03 -27.72 -4.05
N THR QB 139 -125.66 -28.81 -3.68
CA THR QB 139 -126.90 -28.83 -2.94
C THR QB 139 -126.66 -28.42 -1.48
N PRO QB 140 -127.62 -27.73 -0.86
CA PRO QB 140 -127.45 -27.39 0.55
C PRO QB 140 -127.21 -28.58 1.44
N GLU QB 141 -127.82 -29.73 1.14
CA GLU QB 141 -127.55 -30.93 1.92
C GLU QB 141 -126.06 -31.28 1.88
N GLU QB 142 -125.46 -31.15 0.70
CA GLU QB 142 -124.04 -31.43 0.55
C GLU QB 142 -123.18 -30.48 1.38
N LEU QB 143 -123.58 -29.20 1.43
CA LEU QB 143 -122.75 -28.20 2.09
C LEU QB 143 -122.88 -28.20 3.61
N ALA QB 144 -123.83 -28.94 4.16
CA ALA QB 144 -123.86 -29.12 5.61
C ALA QB 144 -123.08 -30.34 6.05
N ASN QB 145 -123.03 -31.38 5.24
CA ASN QB 145 -122.26 -32.59 5.51
C ASN QB 145 -120.75 -32.38 5.34
N ALA QB 146 -120.31 -31.14 5.09
CA ALA QB 146 -118.95 -30.87 4.68
C ALA QB 146 -118.11 -30.50 5.89
N THR QB 147 -116.97 -31.15 6.03
CA THR QB 147 -116.04 -30.95 7.13
C THR QB 147 -114.65 -30.69 6.56
N GLN QB 148 -113.72 -30.35 7.44
CA GLN QB 148 -112.33 -30.15 7.04
C GLN QB 148 -111.61 -31.49 7.14
N VAL QB 149 -111.48 -32.18 6.01
CA VAL QB 149 -110.73 -33.42 5.98
C VAL QB 149 -109.26 -33.13 6.22
N GLN QB 150 -108.59 -34.03 6.95
CA GLN QB 150 -107.24 -33.83 7.41
C GLN QB 150 -106.42 -35.07 7.11
N GLY QB 151 -105.14 -34.87 6.81
CA GLY QB 151 -104.26 -35.98 6.49
C GLY QB 151 -104.03 -36.15 5.01
N ASP QB 152 -103.86 -37.37 4.54
CA ASP QB 152 -103.68 -37.66 3.11
C ASP QB 152 -104.95 -38.32 2.60
N TYR QB 153 -105.88 -37.48 2.11
CA TYR QB 153 -107.14 -37.89 1.54
C TYR QB 153 -107.02 -38.62 0.21
N MET QB 154 -105.82 -38.66 -0.39
CA MET QB 154 -105.57 -39.50 -1.57
C MET QB 154 -104.16 -40.00 -1.50
N PRO QB 155 -103.95 -41.15 -0.87
CA PRO QB 155 -102.59 -41.65 -0.68
C PRO QB 155 -101.99 -42.19 -1.96
N ILE QB 156 -100.67 -42.16 -2.01
CA ILE QB 156 -99.90 -42.61 -3.16
C ILE QB 156 -99.12 -43.84 -2.75
N ALA QB 157 -99.41 -44.97 -3.39
CA ALA QB 157 -98.64 -46.19 -3.12
C ALA QB 157 -97.32 -46.10 -3.85
N ARG QB 158 -96.22 -46.25 -3.11
CA ARG QB 158 -94.92 -45.98 -3.67
C ARG QB 158 -94.58 -46.94 -4.80
N GLY QB 159 -95.05 -48.17 -4.75
CA GLY QB 159 -94.67 -49.10 -5.80
C GLY QB 159 -95.45 -50.38 -5.75
N GLU QB 160 -95.01 -51.33 -6.57
CA GLU QB 160 -95.73 -52.58 -6.79
C GLU QB 160 -95.74 -53.45 -5.55
N LYS QB 161 -96.93 -53.91 -5.16
CA LYS QB 161 -97.05 -54.80 -4.02
C LYS QB 161 -96.40 -56.16 -4.31
N ARG QB 162 -95.78 -56.74 -3.30
CA ARG QB 162 -95.10 -58.02 -3.45
C ARG QB 162 -96.11 -59.13 -3.62
N SER QB 163 -96.04 -59.83 -4.74
CA SER QB 163 -96.86 -60.99 -5.01
C SER QB 163 -95.98 -62.13 -5.48
N VAL QB 164 -96.14 -63.31 -4.89
CA VAL QB 164 -95.38 -64.49 -5.27
C VAL QB 164 -96.40 -65.52 -5.76
N GLU QB 165 -96.73 -65.50 -7.04
CA GLU QB 165 -97.76 -66.42 -7.53
C GLU QB 165 -97.16 -67.79 -7.76
N VAL QB 166 -98.02 -68.75 -8.11
CA VAL QB 166 -97.61 -70.11 -8.47
C VAL QB 166 -98.10 -70.38 -9.87
N VAL QB 167 -97.18 -70.81 -10.74
CA VAL QB 167 -97.48 -71.18 -12.11
C VAL QB 167 -96.83 -72.53 -12.38
N LYS QB 168 -96.98 -73.02 -13.60
CA LYS QB 168 -96.37 -74.28 -13.99
C LYS QB 168 -95.17 -73.98 -14.88
N VAL QB 169 -94.04 -74.61 -14.58
CA VAL QB 169 -92.80 -74.38 -15.30
C VAL QB 169 -92.84 -75.19 -16.60
N THR QB 170 -92.93 -74.49 -17.73
CA THR QB 170 -93.15 -75.15 -19.01
C THR QB 170 -91.84 -75.36 -19.74
N GLU QB 171 -91.91 -76.20 -20.77
CA GLU QB 171 -90.68 -76.63 -21.44
C GLU QB 171 -89.96 -75.47 -22.10
N GLU QB 172 -90.70 -74.52 -22.69
CA GLU QB 172 -90.06 -73.34 -23.25
C GLU QB 172 -89.36 -72.54 -22.17
N MET QB 173 -89.98 -72.39 -20.99
CA MET QB 173 -89.37 -71.65 -19.91
C MET QB 173 -88.04 -72.27 -19.51
N LYS QB 174 -87.96 -73.59 -19.46
CA LYS QB 174 -86.73 -74.25 -19.02
C LYS QB 174 -85.63 -74.18 -20.08
N GLU QB 175 -86.01 -74.05 -21.35
CA GLU QB 175 -85.01 -73.97 -22.41
C GLU QB 175 -84.39 -72.58 -22.52
N PHE QB 176 -85.14 -71.55 -22.15
CA PHE QB 176 -84.68 -70.17 -22.32
C PHE QB 176 -83.38 -69.94 -21.55
N LYS QB 177 -82.38 -69.35 -22.22
CA LYS QB 177 -81.08 -69.04 -21.62
C LYS QB 177 -81.11 -67.58 -21.19
N ALA QB 178 -81.30 -67.33 -19.90
CA ALA QB 178 -81.32 -65.95 -19.43
C ALA QB 178 -79.96 -65.31 -19.56
N TYR QB 179 -78.91 -66.02 -19.14
CA TYR QB 179 -77.56 -65.47 -19.26
C TYR QB 179 -77.13 -65.34 -20.71
N GLY QB 180 -77.48 -66.31 -21.55
CA GLY QB 180 -77.15 -66.19 -22.96
C GLY QB 180 -77.81 -64.99 -23.61
N LYS QB 181 -79.03 -64.69 -23.22
CA LYS QB 181 -79.72 -63.54 -23.77
C LYS QB 181 -79.02 -62.25 -23.41
N LEU QB 182 -78.57 -62.13 -22.17
CA LEU QB 182 -77.94 -60.90 -21.73
C LEU QB 182 -76.62 -60.65 -22.46
N ARG QB 183 -75.80 -61.70 -22.62
CA ARG QB 183 -74.51 -61.55 -23.26
C ARG QB 183 -74.64 -61.24 -24.75
N VAL QB 184 -75.60 -61.86 -25.44
CA VAL QB 184 -75.79 -61.55 -26.85
C VAL QB 184 -76.37 -60.14 -27.03
N GLU QB 185 -77.22 -59.70 -26.11
CA GLU QB 185 -77.75 -58.35 -26.21
C GLU QB 185 -76.71 -57.30 -25.87
N ARG QB 186 -75.83 -57.60 -24.91
CA ARG QB 186 -74.69 -56.71 -24.69
C ARG QB 186 -73.79 -56.69 -25.92
N MET QB 187 -73.62 -57.85 -26.56
CA MET QB 187 -72.78 -57.92 -27.75
C MET QB 187 -73.30 -57.00 -28.84
N ASN QB 188 -74.60 -57.04 -29.09
CA ASN QB 188 -75.16 -56.23 -30.18
C ASN QB 188 -74.92 -54.75 -29.92
N GLN QB 189 -75.04 -54.33 -28.66
CA GLN QB 189 -74.86 -52.92 -28.33
C GLN QB 189 -73.48 -52.43 -28.71
N ARG QB 190 -72.46 -53.21 -28.40
CA ARG QB 190 -71.11 -52.73 -28.66
C ARG QB 190 -70.70 -52.89 -30.13
N GLN QB 191 -71.36 -53.75 -30.88
CA GLN QB 191 -71.08 -53.89 -32.30
C GLN QB 191 -71.95 -52.97 -33.14
N LEU QB 192 -72.77 -52.14 -32.51
CA LEU QB 192 -73.72 -51.32 -33.26
C LEU QB 192 -73.01 -50.40 -34.24
N GLY QB 193 -71.95 -49.75 -33.79
CA GLY QB 193 -71.22 -48.85 -34.68
C GLY QB 193 -70.52 -49.58 -35.81
N ALA QB 194 -69.75 -50.62 -35.46
CA ALA QB 194 -69.02 -51.36 -36.48
C ALA QB 194 -69.96 -52.00 -37.48
N ARG QB 195 -71.10 -52.52 -37.03
CA ARG QB 195 -72.08 -53.06 -37.97
C ARG QB 195 -72.64 -51.97 -38.86
N GLN QB 196 -73.04 -50.85 -38.26
CA GLN QB 196 -73.61 -49.76 -39.06
C GLN QB 196 -72.58 -49.16 -40.00
N LYS QB 197 -71.32 -49.09 -39.57
CA LYS QB 197 -70.27 -48.58 -40.43
C LYS QB 197 -70.04 -49.50 -41.63
N LYS QB 198 -69.88 -50.80 -41.37
CA LYS QB 198 -69.74 -51.75 -42.47
C LYS QB 198 -70.94 -51.68 -43.40
N ALA QB 199 -72.14 -51.54 -42.82
CA ALA QB 199 -73.31 -51.30 -43.65
C ALA QB 199 -73.19 -49.98 -44.38
N ALA QB 200 -72.88 -48.90 -43.66
CA ALA QB 200 -72.88 -47.58 -44.27
C ALA QB 200 -71.91 -47.52 -45.44
N GLU QB 201 -70.69 -48.04 -45.25
CA GLU QB 201 -69.73 -48.08 -46.34
C GLU QB 201 -70.18 -48.97 -47.49
N ALA QB 202 -71.12 -49.89 -47.23
CA ALA QB 202 -71.64 -50.69 -48.32
C ALA QB 202 -72.32 -49.81 -49.36
N GLU QB 203 -73.20 -48.92 -48.94
CA GLU QB 203 -73.89 -48.11 -49.95
C GLU QB 203 -72.97 -47.03 -50.51
N LYS QB 204 -71.91 -46.69 -49.79
CA LYS QB 204 -70.93 -45.74 -50.32
C LYS QB 204 -70.13 -46.37 -51.46
N GLU QB 205 -69.66 -47.61 -51.28
CA GLU QB 205 -68.89 -48.31 -52.30
C GLU QB 205 -69.75 -49.29 -53.11
N GLU QB 206 -70.30 -50.31 -52.45
CA GLU QB 206 -71.13 -51.30 -53.12
C GLU QB 206 -72.38 -50.63 -53.73
N SER RB 5 -32.96 -89.75 81.36
CA SER RB 5 -34.20 -90.49 81.57
C SER RB 5 -35.40 -89.70 81.12
N LYS RB 6 -35.21 -88.41 80.82
CA LYS RB 6 -36.30 -87.61 80.28
C LYS RB 6 -36.88 -88.26 79.04
N MET RB 7 -36.01 -88.64 78.11
CA MET RB 7 -36.47 -89.31 76.90
C MET RB 7 -36.85 -90.75 77.19
N ALA RB 8 -36.12 -91.43 78.09
CA ALA RB 8 -36.47 -92.80 78.42
C ALA RB 8 -37.85 -92.89 79.05
N LEU RB 9 -38.17 -91.99 79.97
CA LEU RB 9 -39.52 -91.93 80.52
C LEU RB 9 -40.54 -91.61 79.44
N GLY RB 10 -40.21 -90.66 78.55
CA GLY RB 10 -41.11 -90.31 77.49
C GLY RB 10 -41.43 -91.47 76.58
N ILE RB 11 -40.41 -92.26 76.24
CA ILE RB 11 -40.64 -93.46 75.43
C ILE RB 11 -41.56 -94.42 76.15
N LYS RB 12 -41.33 -94.62 77.45
CA LYS RB 12 -42.18 -95.53 78.21
C LYS RB 12 -43.63 -95.06 78.22
N ARG RB 13 -43.85 -93.75 78.36
CA ARG RB 13 -45.21 -93.24 78.53
C ARG RB 13 -46.07 -93.53 77.31
N ALA RB 14 -45.53 -93.33 76.11
CA ALA RB 14 -46.33 -93.44 74.90
C ALA RB 14 -46.48 -94.87 74.41
N SER RB 15 -45.87 -95.83 75.09
CA SER RB 15 -46.05 -97.23 74.74
C SER RB 15 -47.52 -97.59 74.80
N ARG RB 16 -47.99 -98.25 73.75
CA ARG RB 16 -49.40 -98.61 73.64
C ARG RB 16 -49.83 -99.51 74.80
N SER RB 17 -48.98 -100.48 75.14
CA SER RB 17 -49.28 -101.35 76.28
C SER RB 17 -49.32 -100.54 77.57
N HIS RB 18 -48.31 -99.72 77.81
CA HIS RB 18 -48.15 -99.14 79.13
C HIS RB 18 -49.19 -98.06 79.40
N THR RB 19 -49.67 -97.38 78.37
CA THR RB 19 -50.74 -96.41 78.58
C THR RB 19 -52.05 -97.10 78.95
N TYR RB 20 -52.26 -98.31 78.44
CA TYR RB 20 -53.39 -99.12 78.87
C TYR RB 20 -53.27 -99.46 80.35
N HIS RB 21 -52.10 -99.91 80.78
CA HIS RB 21 -51.84 -100.13 82.20
C HIS RB 21 -52.05 -98.86 83.00
N ARG RB 22 -51.49 -97.76 82.54
CA ARG RB 22 -51.53 -96.51 83.28
C ARG RB 22 -52.95 -96.02 83.48
N ARG RB 23 -53.74 -96.00 82.41
CA ARG RB 23 -55.08 -95.46 82.49
C ARG RB 23 -55.99 -96.36 83.31
N GLY RB 24 -55.73 -97.66 83.27
CA GLY RB 24 -56.50 -98.60 84.05
C GLY RB 24 -57.76 -99.03 83.36
N LEU RB 25 -57.67 -99.37 82.07
CA LEU RB 25 -58.83 -99.91 81.38
C LEU RB 25 -59.14 -101.33 81.84
N TRP RB 26 -58.11 -102.09 82.22
CA TRP RB 26 -58.32 -103.18 83.16
C TRP RB 26 -58.76 -102.59 84.49
N ALA RB 27 -59.65 -103.30 85.18
CA ALA RB 27 -60.40 -102.87 86.36
C ALA RB 27 -61.54 -101.92 85.99
N ILE RB 28 -61.60 -101.43 84.76
CA ILE RB 28 -62.85 -100.93 84.20
C ILE RB 28 -63.45 -101.96 83.25
N LYS RB 29 -62.63 -102.87 82.73
CA LYS RB 29 -63.12 -104.11 82.14
C LYS RB 29 -63.75 -105.04 83.16
N ALA RB 30 -63.58 -104.75 84.46
CA ALA RB 30 -64.13 -105.60 85.51
C ALA RB 30 -65.60 -105.29 85.81
N LYS RB 31 -65.88 -104.07 86.28
CA LYS RB 31 -67.21 -103.72 86.75
C LYS RB 31 -68.27 -104.13 85.75
N HIS RB 32 -68.18 -103.58 84.54
CA HIS RB 32 -69.27 -103.68 83.59
C HIS RB 32 -69.10 -104.85 82.64
N GLY RB 33 -68.82 -106.01 83.23
CA GLY RB 33 -68.71 -107.30 82.57
C GLY RB 33 -67.74 -107.28 81.40
N GLY RB 34 -67.97 -108.23 80.49
CA GLY RB 34 -67.10 -108.37 79.34
C GLY RB 34 -67.25 -107.28 78.30
N ALA RB 35 -67.12 -106.02 78.72
CA ALA RB 35 -67.20 -104.90 77.80
C ALA RB 35 -66.56 -103.69 78.46
N LEU RB 36 -66.41 -102.64 77.68
CA LEU RB 36 -66.01 -101.34 78.19
C LEU RB 36 -67.22 -100.41 78.25
N PRO RB 37 -67.41 -99.74 79.38
CA PRO RB 37 -68.65 -98.99 79.62
C PRO RB 37 -69.03 -98.06 78.48
N LYS RB 38 -70.32 -97.72 78.43
CA LYS RB 38 -70.88 -96.65 77.62
C LYS RB 38 -70.98 -95.35 78.43
N ALA RB 39 -71.79 -94.42 77.96
CA ALA RB 39 -71.96 -93.12 78.60
C ALA RB 39 -73.42 -92.69 78.48
N GLU RB 40 -73.67 -91.41 78.72
CA GLU RB 40 -75.00 -90.82 78.54
C GLU RB 40 -74.82 -89.38 78.07
N LYS RB 41 -75.92 -88.63 78.04
CA LYS RB 41 -75.94 -87.28 77.47
C LYS RB 41 -76.48 -86.25 78.46
N PRO RB 42 -75.59 -85.51 79.13
CA PRO RB 42 -76.04 -84.44 80.02
C PRO RB 42 -76.55 -83.21 79.28
N ALA RB 43 -76.78 -82.13 80.05
CA ALA RB 43 -77.17 -80.79 79.58
C ALA RB 43 -78.65 -80.71 79.21
N ALA RB 44 -79.46 -81.68 79.64
CA ALA RB 44 -80.91 -81.61 79.47
C ALA RB 44 -81.48 -80.68 80.54
N VAL RB 45 -81.20 -79.39 80.34
CA VAL RB 45 -81.61 -78.38 81.30
C VAL RB 45 -83.06 -77.98 81.07
N ALA RB 46 -83.39 -77.63 79.83
CA ALA RB 46 -84.71 -77.16 79.43
C ALA RB 46 -85.15 -75.91 80.20
N GLU RB 47 -84.20 -75.17 80.77
CA GLU RB 47 -84.52 -73.98 81.58
C GLU RB 47 -83.46 -72.90 81.36
N PRO RB 48 -83.34 -72.36 80.15
CA PRO RB 48 -82.49 -71.18 79.96
C PRO RB 48 -83.15 -69.95 80.60
N LYS RB 49 -82.46 -69.34 81.55
CA LYS RB 49 -82.96 -68.08 82.08
C LYS RB 49 -82.69 -66.93 81.13
N PHE RB 50 -81.55 -66.97 80.44
CA PHE RB 50 -81.14 -65.96 79.50
C PHE RB 50 -80.75 -66.63 78.19
N TYR RB 51 -80.64 -65.82 77.15
CA TYR RB 51 -80.21 -66.28 75.83
C TYR RB 51 -79.18 -65.28 75.31
N PRO RB 52 -77.90 -65.60 75.38
CA PRO RB 52 -76.89 -64.64 74.92
C PRO RB 52 -76.85 -64.58 73.41
N ALA RB 53 -76.61 -63.38 72.89
CA ALA RB 53 -76.47 -63.20 71.44
C ALA RB 53 -75.10 -63.60 70.94
N ASP RB 54 -74.06 -63.49 71.77
CA ASP RB 54 -72.77 -64.06 71.38
C ASP RB 54 -72.87 -65.58 71.36
N ASP RB 55 -72.12 -66.20 70.46
CA ASP RB 55 -72.12 -67.66 70.43
C ASP RB 55 -71.45 -68.14 71.71
N VAL RB 56 -72.29 -68.63 72.63
CA VAL RB 56 -71.86 -68.83 74.00
C VAL RB 56 -70.76 -69.89 74.07
N LYS RB 57 -69.92 -69.78 75.11
CA LYS RB 57 -68.89 -70.78 75.37
C LYS RB 57 -68.64 -70.81 76.87
N PRO RB 58 -68.91 -71.92 77.54
CA PRO RB 58 -69.15 -71.89 78.98
C PRO RB 58 -67.87 -71.90 79.79
N ARG RB 59 -68.04 -71.97 81.10
CA ARG RB 59 -66.95 -71.77 82.04
C ARG RB 59 -66.01 -72.97 82.06
N THR RB 60 -64.71 -72.70 82.20
CA THR RB 60 -63.70 -73.76 82.20
C THR RB 60 -63.38 -74.18 83.62
N VAL RB 61 -63.68 -75.45 83.94
CA VAL RB 61 -63.09 -76.08 85.11
C VAL RB 61 -62.08 -77.07 84.54
N SER RB 62 -60.84 -76.62 84.40
CA SER RB 62 -59.89 -77.31 83.55
C SER RB 62 -59.59 -78.71 84.07
N THR RB 63 -59.53 -79.66 83.14
CA THR RB 63 -59.10 -81.00 83.47
C THR RB 63 -57.58 -81.14 83.44
N ARG RB 64 -56.86 -80.15 82.90
CA ARG RB 64 -55.42 -80.22 82.88
C ARG RB 64 -54.87 -80.17 84.30
N LYS RB 65 -53.82 -80.94 84.52
CA LYS RB 65 -53.33 -81.27 85.85
C LYS RB 65 -51.85 -80.92 85.85
N PRO RB 66 -51.51 -79.65 86.10
CA PRO RB 66 -50.11 -79.24 86.03
C PRO RB 66 -49.23 -79.99 87.03
N HIS RB 67 -48.02 -80.31 86.61
CA HIS RB 67 -47.09 -81.04 87.44
C HIS RB 67 -46.68 -80.20 88.65
N PRO RB 68 -46.45 -80.84 89.80
CA PRO RB 68 -46.00 -80.09 90.98
C PRO RB 68 -44.62 -79.50 90.77
N THR RB 69 -44.42 -78.31 91.35
CA THR RB 69 -43.13 -77.65 91.27
C THR RB 69 -42.03 -78.49 91.93
N LYS RB 70 -40.85 -78.42 91.34
CA LYS RB 70 -39.69 -79.18 91.80
C LYS RB 70 -38.99 -78.46 92.95
N LEU RB 71 -38.49 -79.23 93.90
CA LEU RB 71 -37.62 -78.72 94.96
C LEU RB 71 -36.16 -78.84 94.57
N ARG RB 72 -35.41 -77.74 94.73
CA ARG RB 72 -33.99 -77.76 94.41
C ARG RB 72 -33.28 -78.80 95.25
N SER RB 73 -32.33 -79.51 94.63
CA SER RB 73 -31.79 -80.71 95.25
C SER RB 73 -31.16 -80.47 96.61
N THR RB 74 -30.58 -79.29 96.82
CA THR RB 74 -29.86 -79.01 98.06
C THR RB 74 -30.74 -78.42 99.15
N ILE RB 75 -32.05 -78.29 98.91
CA ILE RB 75 -32.99 -77.84 99.94
C ILE RB 75 -33.49 -79.10 100.63
N THR RB 76 -32.77 -79.55 101.65
CA THR RB 76 -33.14 -80.77 102.37
C THR RB 76 -33.43 -80.44 103.83
N PRO RB 77 -34.47 -81.04 104.43
CA PRO RB 77 -34.92 -80.55 105.75
C PRO RB 77 -33.82 -80.48 106.78
N GLY RB 78 -33.82 -79.38 107.54
CA GLY RB 78 -32.78 -79.05 108.48
C GLY RB 78 -31.74 -78.10 107.96
N THR RB 79 -31.67 -77.90 106.65
CA THR RB 79 -30.68 -77.00 106.06
C THR RB 79 -31.03 -75.55 106.38
N VAL RB 80 -30.01 -74.73 106.60
CA VAL RB 80 -30.23 -73.32 106.86
C VAL RB 80 -30.32 -72.56 105.53
N LEU RB 81 -31.38 -71.77 105.38
CA LEU RB 81 -31.58 -70.95 104.20
C LEU RB 81 -31.28 -69.49 104.51
N ILE RB 82 -30.82 -68.77 103.48
CA ILE RB 82 -30.72 -67.32 103.54
C ILE RB 82 -31.86 -66.73 102.73
N LEU RB 83 -32.61 -65.81 103.34
CA LEU RB 83 -33.65 -65.10 102.63
C LEU RB 83 -33.03 -63.95 101.84
N LEU RB 84 -33.33 -63.88 100.55
CA LEU RB 84 -32.72 -62.88 99.69
C LEU RB 84 -33.56 -61.62 99.55
N ALA RB 85 -34.82 -61.63 99.96
CA ALA RB 85 -35.67 -60.46 99.74
C ALA RB 85 -36.70 -60.37 100.87
N GLY RB 86 -37.61 -59.42 100.73
CA GLY RB 86 -38.64 -59.20 101.71
C GLY RB 86 -38.09 -58.51 102.94
N ARG RB 87 -38.98 -58.32 103.93
CA ARG RB 87 -38.58 -57.64 105.14
C ARG RB 87 -37.58 -58.43 105.97
N TYR RB 88 -37.36 -59.71 105.68
CA TYR RB 88 -36.37 -60.52 106.39
C TYR RB 88 -35.16 -60.81 105.51
N MET RB 89 -34.91 -59.94 104.55
CA MET RB 89 -33.76 -60.12 103.67
C MET RB 89 -32.49 -60.22 104.49
N GLY RB 90 -31.67 -61.20 104.17
CA GLY RB 90 -30.45 -61.46 104.88
C GLY RB 90 -30.59 -62.40 106.07
N LYS RB 91 -31.80 -62.60 106.56
CA LYS RB 91 -31.99 -63.45 107.72
C LYS RB 91 -31.69 -64.91 107.39
N ARG RB 92 -31.03 -65.58 108.30
CA ARG RB 92 -30.73 -67.00 108.16
C ARG RB 92 -31.76 -67.79 108.96
N VAL RB 93 -32.44 -68.72 108.29
CA VAL RB 93 -33.57 -69.43 108.85
C VAL RB 93 -33.39 -70.93 108.63
N VAL RB 94 -34.30 -71.71 109.21
CA VAL RB 94 -34.28 -73.17 109.12
C VAL RB 94 -35.35 -73.64 108.14
N PHE RB 95 -34.98 -74.57 107.28
CA PHE RB 95 -35.91 -75.16 106.31
C PHE RB 95 -36.59 -76.38 106.93
N LEU RB 96 -37.92 -76.34 106.98
CA LEU RB 96 -38.70 -77.43 107.58
C LEU RB 96 -39.19 -78.41 106.53
N LYS RB 97 -40.08 -77.98 105.64
CA LYS RB 97 -40.60 -78.85 104.59
C LYS RB 97 -41.14 -78.00 103.47
N GLN RB 98 -41.32 -78.64 102.32
CA GLN RB 98 -42.07 -78.03 101.22
C GLN RB 98 -43.56 -78.22 101.43
N LEU RB 99 -44.32 -77.18 101.10
CA LEU RB 99 -45.76 -77.21 101.24
C LEU RB 99 -46.42 -77.72 99.96
N GLN RB 100 -47.75 -77.77 99.97
CA GLN RB 100 -48.50 -78.33 98.86
C GLN RB 100 -48.45 -77.44 97.63
N SER RB 101 -48.43 -76.12 97.83
CA SER RB 101 -48.30 -75.21 96.70
C SER RB 101 -46.88 -75.10 96.20
N GLY RB 102 -45.92 -75.69 96.89
CA GLY RB 102 -44.53 -75.62 96.51
C GLY RB 102 -43.71 -74.66 97.33
N LEU RB 103 -44.35 -73.78 98.08
CA LEU RB 103 -43.63 -72.85 98.93
C LEU RB 103 -42.97 -73.60 100.08
N LEU RB 104 -41.80 -73.12 100.48
CA LEU RB 104 -41.01 -73.76 101.54
C LEU RB 104 -41.45 -73.25 102.90
N LEU RB 105 -41.64 -74.16 103.84
CA LEU RB 105 -42.00 -73.80 105.20
C LEU RB 105 -40.74 -73.62 106.02
N ILE RB 106 -40.59 -72.45 106.64
CA ILE RB 106 -39.36 -72.10 107.34
C ILE RB 106 -39.69 -71.51 108.70
N THR RB 107 -38.69 -71.55 109.58
CA THR RB 107 -38.78 -70.97 110.90
C THR RB 107 -37.48 -70.22 111.17
N GLY RB 108 -37.58 -69.13 111.93
CA GLY RB 108 -36.42 -68.36 112.29
C GLY RB 108 -35.29 -69.18 112.90
N PRO RB 109 -35.48 -69.70 114.12
CA PRO RB 109 -36.65 -69.61 114.99
C PRO RB 109 -36.88 -68.24 115.60
N PHE RB 110 -38.16 -67.96 115.90
CA PHE RB 110 -38.58 -66.62 116.29
C PHE RB 110 -37.91 -66.17 117.58
N LYS RB 111 -37.54 -67.11 118.45
CA LYS RB 111 -36.78 -66.76 119.64
C LYS RB 111 -35.44 -66.15 119.27
N ILE RB 112 -34.84 -66.61 118.17
CA ILE RB 112 -33.48 -66.24 117.81
C ILE RB 112 -33.51 -65.06 116.85
N ASN RB 113 -34.10 -65.27 115.68
CA ASN RB 113 -34.12 -64.27 114.63
C ASN RB 113 -35.20 -63.22 114.80
N GLY RB 114 -36.35 -63.61 115.32
CA GLY RB 114 -37.54 -62.83 115.14
C GLY RB 114 -38.33 -63.18 113.90
N VAL RB 115 -37.95 -64.23 113.19
CA VAL RB 115 -38.67 -64.67 112.00
C VAL RB 115 -39.62 -65.80 112.40
N PRO RB 116 -40.92 -65.62 112.24
CA PRO RB 116 -41.89 -66.64 112.64
C PRO RB 116 -41.98 -67.73 111.57
N ILE RB 117 -42.89 -68.69 111.80
CA ILE RB 117 -43.21 -69.67 110.76
C ILE RB 117 -43.83 -68.95 109.58
N ARG RB 118 -43.27 -69.16 108.40
CA ARG RB 118 -43.85 -68.52 107.23
C ARG RB 118 -43.44 -69.25 105.95
N ARG RB 119 -44.20 -68.99 104.90
CA ARG RB 119 -43.91 -69.47 103.57
C ARG RB 119 -42.85 -68.58 102.92
N VAL RB 120 -41.94 -69.19 102.18
CA VAL RB 120 -41.02 -68.44 101.33
C VAL RB 120 -40.92 -69.15 99.99
N ASN RB 121 -41.03 -68.39 98.91
CA ASN RB 121 -40.90 -68.96 97.58
C ASN RB 121 -39.46 -69.39 97.35
N GLN RB 122 -39.28 -70.59 96.80
CA GLN RB 122 -37.96 -71.18 96.63
C GLN RB 122 -37.04 -70.29 95.82
N ALA RB 123 -37.60 -69.44 94.96
CA ALA RB 123 -36.78 -68.57 94.12
C ALA RB 123 -35.93 -67.63 94.96
N TYR RB 124 -36.47 -67.10 96.05
CA TYR RB 124 -35.84 -66.05 96.83
C TYR RB 124 -34.95 -66.58 97.94
N VAL RB 125 -34.34 -67.74 97.74
CA VAL RB 125 -33.59 -68.44 98.77
C VAL RB 125 -32.29 -68.98 98.18
N ILE RB 126 -31.20 -68.87 98.95
CA ILE RB 126 -29.96 -69.59 98.67
C ILE RB 126 -29.69 -70.55 99.82
N ALA RB 127 -29.57 -71.83 99.49
CA ALA RB 127 -29.35 -72.85 100.49
C ALA RB 127 -27.90 -72.89 100.91
N THR RB 128 -27.67 -72.91 102.22
CA THR RB 128 -26.34 -73.09 102.75
C THR RB 128 -26.04 -74.58 102.93
N SER RB 129 -24.77 -74.88 103.22
CA SER RB 129 -24.36 -76.26 103.39
C SER RB 129 -24.70 -76.83 104.76
N THR RB 130 -24.80 -75.99 105.78
CA THR RB 130 -24.96 -76.50 107.13
C THR RB 130 -26.32 -77.14 107.32
N LYS RB 131 -26.37 -78.12 108.23
CA LYS RB 131 -27.53 -78.97 108.44
C LYS RB 131 -27.92 -78.96 109.92
N VAL RB 132 -29.19 -78.70 110.19
CA VAL RB 132 -29.79 -78.94 111.50
C VAL RB 132 -30.51 -80.27 111.40
N ASP RB 133 -30.72 -80.94 112.52
CA ASP RB 133 -31.52 -82.16 112.55
C ASP RB 133 -32.91 -81.84 113.07
N ILE RB 134 -33.94 -82.06 112.25
CA ILE RB 134 -35.31 -81.77 112.59
C ILE RB 134 -36.22 -82.99 112.47
N SER RB 135 -35.65 -84.18 112.28
CA SER RB 135 -36.48 -85.36 112.11
C SER RB 135 -37.06 -85.89 113.42
N LYS RB 136 -37.02 -85.11 114.49
CA LYS RB 136 -37.95 -85.23 115.62
C LYS RB 136 -38.75 -83.96 115.87
N VAL RB 137 -38.88 -83.09 114.90
CA VAL RB 137 -39.82 -81.98 114.99
C VAL RB 137 -41.09 -82.37 114.25
N ASN RB 138 -42.23 -81.93 114.77
CA ASN RB 138 -43.54 -82.30 114.24
C ASN RB 138 -44.12 -81.09 113.54
N VAL RB 139 -44.44 -81.23 112.26
CA VAL RB 139 -44.78 -80.10 111.39
C VAL RB 139 -46.12 -80.26 110.69
N GLN RB 140 -46.80 -81.40 110.84
CA GLN RB 140 -48.04 -81.63 110.12
C GLN RB 140 -49.14 -80.67 110.53
N LYS RB 141 -49.04 -80.06 111.70
CA LYS RB 141 -50.02 -79.04 112.10
C LYS RB 141 -50.03 -77.88 111.12
N PHE RB 142 -48.94 -77.69 110.38
CA PHE RB 142 -48.86 -76.63 109.39
C PHE RB 142 -49.27 -77.14 108.02
N ASP RB 143 -49.97 -76.29 107.28
CA ASP RB 143 -50.35 -76.55 105.92
C ASP RB 143 -50.56 -75.20 105.27
N ASP RB 144 -50.84 -75.22 103.98
CA ASP RB 144 -50.92 -73.95 103.26
C ASP RB 144 -52.08 -73.09 103.80
N LYS RB 145 -53.20 -73.71 104.18
CA LYS RB 145 -54.35 -72.93 104.66
C LYS RB 145 -54.05 -72.24 105.99
N TYR RB 146 -53.10 -72.75 106.77
CA TYR RB 146 -52.64 -72.04 107.95
C TYR RB 146 -52.28 -70.60 107.61
N PHE RB 147 -51.61 -70.40 106.48
CA PHE RB 147 -51.21 -69.09 106.03
C PHE RB 147 -52.25 -68.41 105.15
N ALA RB 148 -53.39 -69.07 104.92
CA ALA RB 148 -54.42 -68.49 104.06
C ALA RB 148 -54.87 -67.15 104.60
N ARG RB 149 -54.89 -66.15 103.73
CA ARG RB 149 -54.97 -64.78 104.20
C ARG RB 149 -56.38 -64.44 104.70
N GLU RB 150 -57.41 -64.93 104.02
CA GLU RB 150 -58.78 -64.55 104.33
C GLU RB 150 -58.88 -63.02 104.37
N LYS RB 151 -58.37 -62.40 103.30
CA LYS RB 151 -58.33 -60.96 103.25
C LYS RB 151 -59.73 -60.37 103.17
N LYS RB 152 -59.88 -59.22 103.82
CA LYS RB 152 -61.09 -58.45 103.87
C LYS RB 152 -61.09 -57.41 102.77
N THR RB 153 -61.99 -56.45 102.90
CA THR RB 153 -62.40 -55.54 101.83
C THR RB 153 -61.35 -54.44 101.62
N ARG RB 154 -61.72 -53.44 100.82
CA ARG RB 154 -60.87 -52.30 100.52
C ARG RB 154 -61.30 -51.03 101.24
N ALA RB 155 -62.29 -51.12 102.14
CA ALA RB 155 -62.94 -49.93 102.68
C ALA RB 155 -62.10 -49.20 103.72
N LYS RB 156 -61.17 -49.89 104.38
CA LYS RB 156 -60.41 -49.28 105.48
C LYS RB 156 -59.16 -48.60 104.95
N LYS RB 157 -59.37 -47.47 104.27
CA LYS RB 157 -58.27 -46.62 103.86
C LYS RB 157 -57.54 -46.11 105.09
N THR RB 158 -56.25 -46.43 105.20
CA THR RB 158 -55.49 -46.00 106.37
C THR RB 158 -55.41 -44.48 106.40
N GLU RB 159 -56.12 -43.86 107.35
CA GLU RB 159 -56.24 -42.42 107.45
C GLU RB 159 -55.70 -41.96 108.81
N GLY RB 160 -55.42 -40.66 108.91
CA GLY RB 160 -54.81 -40.06 110.09
C GLY RB 160 -55.35 -40.55 111.42
N GLU RB 161 -56.66 -40.83 111.49
CA GLU RB 161 -57.21 -41.44 112.69
C GLU RB 161 -56.73 -42.88 112.86
N LEU RB 162 -56.50 -43.57 111.74
CA LEU RB 162 -56.25 -45.01 111.76
C LEU RB 162 -54.76 -45.35 111.78
N PHE RB 163 -53.88 -44.40 111.44
CA PHE RB 163 -52.46 -44.67 111.25
C PHE RB 163 -51.84 -45.39 112.45
N GLU RB 164 -51.80 -44.73 113.61
CA GLU RB 164 -51.15 -45.31 114.78
C GLU RB 164 -52.10 -46.08 115.67
N SER RB 165 -53.42 -45.90 115.53
CA SER RB 165 -54.35 -46.71 116.31
C SER RB 165 -54.23 -48.19 115.95
N ASP RB 166 -54.05 -48.50 114.66
CA ASP RB 166 -53.79 -49.87 114.26
C ASP RB 166 -52.57 -50.42 115.00
N LYS RB 167 -51.52 -49.61 115.13
CA LYS RB 167 -50.37 -50.01 115.93
C LYS RB 167 -50.74 -50.08 117.40
N GLU RB 168 -51.52 -49.12 117.89
CA GLU RB 168 -51.97 -49.08 119.27
C GLU RB 168 -53.14 -50.02 119.55
N ALA RB 169 -53.73 -50.61 118.53
CA ALA RB 169 -54.62 -51.75 118.69
C ALA RB 169 -53.81 -53.03 118.53
N THR RB 170 -54.45 -54.17 118.80
CA THR RB 170 -53.75 -55.46 118.78
C THR RB 170 -54.49 -56.54 118.01
N LYS RB 171 -55.60 -56.23 117.34
CA LYS RB 171 -56.37 -57.28 116.70
C LYS RB 171 -55.63 -57.76 115.45
N ASN RB 172 -54.82 -58.78 115.67
CA ASN RB 172 -53.76 -59.20 114.78
C ASN RB 172 -53.57 -60.70 115.00
N LEU RB 173 -52.34 -61.17 114.81
CA LEU RB 173 -51.92 -62.52 115.09
C LEU RB 173 -52.65 -63.09 116.30
N PRO RB 174 -53.41 -64.16 116.13
CA PRO RB 174 -54.25 -64.66 117.22
C PRO RB 174 -53.49 -65.62 118.13
N ASP RB 175 -54.14 -65.93 119.26
CA ASP RB 175 -53.44 -66.57 120.37
C ASP RB 175 -52.88 -67.93 119.98
N PHE RB 176 -53.60 -68.68 119.15
CA PHE RB 176 -53.13 -70.04 118.84
C PHE RB 176 -51.85 -70.01 118.01
N LYS RB 177 -51.71 -69.04 117.10
CA LYS RB 177 -50.48 -68.97 116.32
C LYS RB 177 -49.26 -68.65 117.17
N LYS RB 178 -49.37 -67.74 118.13
CA LYS RB 178 -48.22 -67.49 118.98
C LYS RB 178 -47.93 -68.66 119.89
N ASP RB 179 -48.97 -69.42 120.28
CA ASP RB 179 -48.72 -70.64 121.03
C ASP RB 179 -48.05 -71.69 120.17
N ASP RB 180 -48.41 -71.75 118.89
CA ASP RB 180 -47.75 -72.64 117.96
C ASP RB 180 -46.26 -72.37 117.93
N GLN RB 181 -45.88 -71.10 117.72
CA GLN RB 181 -44.48 -70.74 117.59
C GLN RB 181 -43.63 -71.26 118.74
N LYS RB 182 -44.14 -71.17 119.96
CA LYS RB 182 -43.38 -71.64 121.11
C LYS RB 182 -43.15 -73.14 121.05
N VAL RB 183 -44.10 -73.88 120.49
CA VAL RB 183 -43.97 -75.34 120.38
C VAL RB 183 -42.78 -75.70 119.50
N ILE RB 184 -42.69 -75.13 118.31
CA ILE RB 184 -41.69 -75.56 117.35
C ILE RB 184 -40.31 -75.07 117.75
N ASP RB 185 -40.19 -73.78 118.06
CA ASP RB 185 -38.85 -73.26 118.32
C ASP RB 185 -38.28 -73.86 119.59
N ALA RB 186 -39.13 -74.24 120.54
CA ALA RB 186 -38.64 -74.96 121.71
C ALA RB 186 -37.99 -76.27 121.30
N GLU RB 187 -38.62 -77.02 120.39
CA GLU RB 187 -38.01 -78.26 119.91
C GLU RB 187 -36.77 -77.96 119.07
N LEU RB 188 -36.83 -76.92 118.24
CA LEU RB 188 -35.74 -76.63 117.32
C LEU RB 188 -34.45 -76.29 118.06
N ILE RB 189 -34.54 -75.51 119.13
CA ILE RB 189 -33.35 -74.96 119.75
C ILE RB 189 -32.48 -76.06 120.35
N LYS RB 190 -33.07 -77.19 120.75
CA LYS RB 190 -32.27 -78.26 121.34
C LYS RB 190 -31.19 -78.74 120.39
N ALA RB 191 -31.57 -79.05 119.15
CA ALA RB 191 -30.57 -79.47 118.18
C ALA RB 191 -29.71 -78.30 117.74
N ILE RB 192 -30.26 -77.08 117.78
CA ILE RB 192 -29.46 -75.90 117.50
C ILE RB 192 -28.46 -75.67 118.62
N ASP RB 193 -28.88 -75.84 119.88
CA ASP RB 193 -27.95 -75.69 120.99
C ASP RB 193 -26.85 -76.75 120.98
N ALA RB 194 -27.05 -77.86 120.28
CA ALA RB 194 -25.99 -78.84 120.16
C ALA RB 194 -24.79 -78.27 119.40
N VAL RB 195 -25.05 -77.72 118.22
CA VAL RB 195 -23.99 -77.24 117.32
C VAL RB 195 -23.41 -75.95 117.87
N PRO RB 196 -22.10 -75.90 118.09
CA PRO RB 196 -21.49 -74.64 118.54
C PRO RB 196 -21.69 -73.52 117.54
N ASP RB 197 -21.96 -72.32 118.05
CA ASP RB 197 -22.11 -71.09 117.29
C ASP RB 197 -23.31 -71.10 116.37
N LEU RB 198 -24.05 -72.20 116.29
CA LEU RB 198 -25.20 -72.22 115.41
C LEU RB 198 -26.28 -71.24 115.88
N LYS RB 199 -26.34 -70.98 117.19
CA LYS RB 199 -27.29 -69.99 117.69
C LYS RB 199 -26.90 -68.58 117.24
N ASN RB 200 -25.62 -68.25 117.34
CA ASN RB 200 -25.16 -66.95 116.87
C ASN RB 200 -25.37 -66.80 115.37
N TYR RB 201 -25.12 -67.87 114.63
CA TYR RB 201 -25.20 -67.83 113.17
C TYR RB 201 -26.58 -67.42 112.72
N LEU RB 202 -27.63 -67.98 113.32
CA LEU RB 202 -28.98 -67.66 112.90
C LEU RB 202 -29.36 -66.24 113.30
N GLY RB 203 -28.89 -65.76 114.45
CA GLY RB 203 -29.22 -64.42 114.89
C GLY RB 203 -28.61 -63.32 114.04
N ALA RB 204 -27.58 -63.62 113.28
CA ALA RB 204 -26.96 -62.66 112.38
C ALA RB 204 -27.56 -62.74 110.99
N ARG RB 205 -27.33 -61.68 110.21
CA ARG RB 205 -27.75 -61.63 108.83
C ARG RB 205 -26.56 -61.79 107.90
N PHE RB 206 -26.83 -62.35 106.72
CA PHE RB 206 -25.84 -62.40 105.66
C PHE RB 206 -25.65 -61.02 105.06
N SER RB 207 -24.41 -60.72 104.66
CA SER RB 207 -24.13 -59.42 104.08
C SER RB 207 -22.98 -59.52 103.10
N LEU RB 208 -23.03 -58.69 102.07
CA LEU RB 208 -21.93 -58.57 101.11
C LEU RB 208 -21.01 -57.44 101.56
N ARG RB 209 -19.96 -57.80 102.29
CA ARG RB 209 -18.83 -56.92 102.54
C ARG RB 209 -18.06 -56.72 101.24
N ASP RB 210 -17.32 -55.62 101.15
CA ASP RB 210 -16.66 -55.30 99.89
C ASP RB 210 -15.73 -56.40 99.46
N GLY RB 211 -15.77 -56.72 98.16
CA GLY RB 211 -14.93 -57.75 97.60
C GLY RB 211 -15.47 -59.15 97.69
N ASP RB 212 -16.71 -59.32 98.13
CA ASP RB 212 -17.33 -60.64 98.15
C ASP RB 212 -18.02 -60.89 96.81
N LYS RB 213 -17.59 -61.93 96.11
CA LYS RB 213 -18.06 -62.21 94.76
C LYS RB 213 -18.98 -63.41 94.76
N PRO RB 214 -20.30 -63.24 94.63
CA PRO RB 214 -21.22 -64.38 94.78
C PRO RB 214 -20.86 -65.57 93.91
N HIS RB 215 -20.52 -65.35 92.65
CA HIS RB 215 -20.18 -66.45 91.76
C HIS RB 215 -18.94 -67.21 92.21
N GLU RB 216 -18.15 -66.64 93.11
CA GLU RB 216 -17.02 -67.38 93.68
C GLU RB 216 -17.39 -68.02 95.00
N MET RB 217 -18.05 -67.28 95.87
CA MET RB 217 -18.41 -67.69 97.22
C MET RB 217 -19.21 -68.98 97.25
N THR RB 218 -18.62 -70.05 97.77
CA THR RB 218 -19.37 -71.25 98.08
C THR RB 218 -20.15 -71.07 99.38
N PHE RB 219 -21.34 -71.65 99.43
CA PHE RB 219 -22.20 -71.48 100.58
C PHE RB 219 -22.33 -72.77 101.39
N VAL SB 2 -16.64 -44.67 109.33
CA VAL SB 2 -17.30 -45.89 108.94
C VAL SB 2 -17.55 -46.79 110.14
N LYS SB 3 -16.70 -46.70 111.14
CA LYS SB 3 -17.07 -47.11 112.48
C LYS SB 3 -18.22 -46.25 112.95
N GLY SB 4 -19.32 -46.88 113.36
CA GLY SB 4 -20.50 -46.14 113.72
C GLY SB 4 -21.11 -45.38 112.56
N ARG SB 5 -21.16 -46.01 111.39
CA ARG SB 5 -21.77 -45.41 110.23
C ARG SB 5 -23.30 -45.44 110.35
N THR SB 6 -23.96 -44.71 109.47
CA THR SB 6 -25.41 -44.79 109.32
C THR SB 6 -25.73 -45.08 107.87
N GLY SB 7 -26.60 -46.06 107.65
CA GLY SB 7 -27.01 -46.40 106.30
C GLY SB 7 -27.66 -47.76 106.30
N GLN SB 8 -28.18 -48.13 105.14
CA GLN SB 8 -28.81 -49.43 105.01
C GLN SB 8 -27.75 -50.50 105.29
N ARG SB 9 -28.14 -51.55 105.98
CA ARG SB 9 -27.09 -52.28 106.69
C ARG SB 9 -27.13 -53.80 106.53
N VAL SB 10 -27.72 -54.28 105.45
CA VAL SB 10 -27.34 -55.53 104.82
C VAL SB 10 -27.21 -55.24 103.33
N ARG SB 11 -26.16 -55.76 102.70
CA ARG SB 11 -26.03 -55.62 101.25
C ARG SB 11 -26.27 -56.98 100.62
N LEU SB 12 -27.44 -57.15 100.01
CA LEU SB 12 -27.79 -58.40 99.34
C LEU SB 12 -27.71 -58.26 97.82
N TYR SB 13 -27.13 -57.18 97.34
CA TYR SB 13 -27.00 -56.90 95.92
C TYR SB 13 -25.55 -56.55 95.59
N VAL SB 14 -25.24 -56.58 94.30
CA VAL SB 14 -23.92 -56.27 93.78
C VAL SB 14 -24.04 -55.05 92.88
N ARG SB 15 -23.08 -54.14 92.98
CA ARG SB 15 -23.15 -52.91 92.23
C ARG SB 15 -22.88 -53.15 90.74
N GLY SB 16 -23.62 -52.44 89.89
CA GLY SB 16 -23.36 -52.49 88.47
C GLY SB 16 -23.50 -51.11 87.87
N THR SB 17 -22.79 -50.89 86.77
CA THR SB 17 -22.82 -49.60 86.10
C THR SB 17 -23.27 -49.74 84.66
N ILE SB 18 -23.97 -48.74 84.19
CA ILE SB 18 -24.55 -48.72 82.85
C ILE SB 18 -23.52 -48.14 81.89
N LEU SB 19 -23.27 -48.85 80.80
CA LEU SB 19 -22.27 -48.44 79.84
C LEU SB 19 -22.83 -47.85 78.56
N GLY SB 20 -24.13 -47.96 78.33
CA GLY SB 20 -24.74 -47.54 77.10
C GLY SB 20 -25.65 -48.63 76.57
N TYR SB 21 -25.99 -48.53 75.29
CA TYR SB 21 -26.84 -49.50 74.64
C TYR SB 21 -26.04 -50.43 73.74
N LYS SB 22 -26.73 -51.45 73.23
CA LYS SB 22 -26.15 -52.32 72.22
C LYS SB 22 -25.91 -51.51 70.95
N ARG SB 23 -24.69 -51.55 70.43
CA ARG SB 23 -24.26 -50.57 69.45
C ARG SB 23 -23.56 -51.25 68.29
N SER SB 24 -23.68 -50.64 67.13
CA SER SB 24 -22.67 -50.70 66.09
C SER SB 24 -22.10 -49.30 65.98
N LYS SB 25 -21.14 -49.15 65.09
CA LYS SB 25 -20.48 -47.85 64.98
C LYS SB 25 -21.37 -46.81 64.30
N SER SB 26 -22.53 -47.20 63.79
CA SER SB 26 -23.46 -46.25 63.19
C SER SB 26 -24.91 -46.47 63.60
N ASN SB 27 -25.20 -47.43 64.46
CA ASN SB 27 -26.56 -47.76 64.85
C ASN SB 27 -26.60 -48.04 66.34
N GLN SB 28 -27.76 -47.84 66.94
CA GLN SB 28 -27.94 -47.98 68.38
C GLN SB 28 -29.26 -48.67 68.65
N TYR SB 29 -29.27 -49.56 69.65
CA TYR SB 29 -30.44 -50.36 69.97
C TYR SB 29 -30.75 -50.21 71.45
N GLU SB 30 -31.68 -49.31 71.77
CA GLU SB 30 -32.04 -48.98 73.14
C GLU SB 30 -32.72 -50.12 73.87
N THR SB 31 -33.20 -51.14 73.17
CA THR SB 31 -33.92 -52.22 73.82
C THR SB 31 -33.02 -53.02 74.75
N ALA SB 32 -31.73 -53.10 74.45
CA ALA SB 32 -30.76 -53.81 75.30
C ALA SB 32 -29.67 -52.86 75.74
N SER SB 33 -29.48 -52.73 77.04
CA SER SB 33 -28.41 -51.92 77.59
C SER SB 33 -27.25 -52.81 77.98
N LEU SB 34 -26.08 -52.20 78.13
CA LEU SB 34 -24.88 -52.90 78.55
C LEU SB 34 -24.57 -52.52 79.98
N VAL SB 35 -24.25 -53.51 80.80
CA VAL SB 35 -24.05 -53.30 82.23
C VAL SB 35 -22.74 -53.96 82.64
N GLN SB 36 -21.89 -53.19 83.29
CA GLN SB 36 -20.70 -53.72 83.95
C GLN SB 36 -21.07 -54.12 85.37
N ILE SB 37 -20.69 -55.32 85.76
CA ILE SB 37 -20.99 -55.84 87.09
C ILE SB 37 -19.71 -55.89 87.91
N GLU SB 38 -19.79 -55.38 89.13
CA GLU SB 38 -18.64 -55.36 90.02
C GLU SB 38 -18.09 -56.77 90.23
N GLY SB 39 -16.83 -56.98 89.84
CA GLY SB 39 -16.12 -58.18 90.20
C GLY SB 39 -16.15 -59.31 89.21
N VAL SB 40 -16.96 -59.23 88.17
CA VAL SB 40 -16.93 -60.25 87.12
C VAL SB 40 -15.88 -59.85 86.09
N ASN SB 41 -15.12 -60.82 85.62
CA ASN SB 41 -13.98 -60.48 84.78
C ASN SB 41 -13.78 -61.47 83.64
N THR SB 42 -14.73 -62.39 83.42
CA THR SB 42 -14.66 -63.32 82.30
C THR SB 42 -16.08 -63.58 81.83
N ARG SB 43 -16.19 -64.03 80.58
CA ARG SB 43 -17.47 -64.39 79.99
C ARG SB 43 -18.09 -65.60 80.66
N GLU SB 44 -17.30 -66.45 81.28
CA GLU SB 44 -17.84 -67.61 81.99
C GLU SB 44 -18.33 -67.27 83.39
N ASP SB 45 -17.85 -66.18 83.97
CA ASP SB 45 -18.28 -65.78 85.30
C ASP SB 45 -19.67 -65.18 85.31
N VAL SB 46 -20.15 -64.72 84.16
CA VAL SB 46 -21.44 -64.05 84.08
C VAL SB 46 -22.56 -65.01 83.73
N ALA SB 47 -22.27 -66.28 83.52
CA ALA SB 47 -23.32 -67.29 83.45
C ALA SB 47 -24.02 -67.44 84.79
N TRP SB 48 -23.34 -67.08 85.88
CA TRP SB 48 -23.93 -67.19 87.20
C TRP SB 48 -25.07 -66.20 87.36
N TYR SB 49 -24.98 -65.04 86.71
CA TYR SB 49 -25.95 -63.96 86.82
C TYR SB 49 -27.04 -64.00 85.77
N GLY SB 50 -26.96 -64.89 84.79
CA GLY SB 50 -27.99 -65.00 83.78
C GLY SB 50 -29.37 -65.13 84.39
N GLY SB 51 -30.22 -64.13 84.18
CA GLY SB 51 -31.57 -64.14 84.67
C GLY SB 51 -31.81 -63.33 85.92
N LYS SB 52 -30.77 -62.93 86.63
CA LYS SB 52 -30.94 -62.24 87.91
C LYS SB 52 -31.55 -60.87 87.69
N ARG SB 53 -32.43 -60.46 88.60
CA ARG SB 53 -33.12 -59.19 88.44
C ARG SB 53 -32.21 -58.02 88.79
N MET SB 54 -32.50 -56.88 88.17
CA MET SB 54 -31.75 -55.66 88.39
C MET SB 54 -32.72 -54.50 88.57
N ALA SB 55 -32.26 -53.48 89.27
CA ALA SB 55 -33.08 -52.32 89.58
C ALA SB 55 -32.27 -51.07 89.33
N TYR SB 56 -32.76 -50.21 88.45
CA TYR SB 56 -32.22 -48.88 88.31
C TYR SB 56 -33.05 -47.95 89.18
N VAL SB 57 -32.47 -47.46 90.27
CA VAL SB 57 -33.16 -46.65 91.25
C VAL SB 57 -32.67 -45.22 91.11
N TYR SB 58 -33.59 -44.30 90.90
CA TYR SB 58 -33.28 -42.90 90.69
C TYR SB 58 -34.28 -42.07 91.46
N LYS SB 59 -34.05 -40.76 91.51
CA LYS SB 59 -34.97 -39.85 92.20
C LYS SB 59 -35.54 -38.84 91.22
N ALA SB 60 -36.86 -38.74 91.21
CA ALA SB 60 -37.61 -37.80 90.41
C ALA SB 60 -37.81 -36.52 91.19
N LYS SB 61 -38.35 -35.51 90.51
CA LYS SB 61 -38.42 -34.19 91.12
C LYS SB 61 -39.62 -34.03 92.04
N THR SB 62 -40.70 -34.76 91.82
CA THR SB 62 -41.90 -34.65 92.62
C THR SB 62 -42.21 -35.98 93.30
N LYS SB 63 -42.89 -35.93 94.44
CA LYS SB 63 -43.25 -37.15 95.15
C LYS SB 63 -44.43 -37.86 94.50
N SER SB 64 -44.36 -39.18 94.49
CA SER SB 64 -45.44 -40.04 94.05
C SER SB 64 -45.45 -41.24 94.98
N ASN SB 65 -46.60 -41.49 95.61
CA ASN SB 65 -46.73 -42.48 96.67
C ASN SB 65 -45.80 -42.19 97.84
N GLY SB 66 -45.59 -40.91 98.14
CA GLY SB 66 -44.87 -40.53 99.34
C GLY SB 66 -43.37 -40.61 99.25
N THR SB 67 -42.80 -40.83 98.08
CA THR SB 67 -41.35 -40.86 97.93
C THR SB 67 -40.97 -40.18 96.63
N HIS SB 68 -39.76 -39.64 96.61
CA HIS SB 68 -39.18 -39.18 95.36
C HIS SB 68 -38.47 -40.29 94.60
N TYR SB 69 -38.23 -41.44 95.23
CA TYR SB 69 -37.55 -42.53 94.57
C TYR SB 69 -38.42 -43.20 93.51
N ARG SB 70 -37.81 -43.47 92.37
CA ARG SB 70 -38.39 -44.25 91.28
C ARG SB 70 -37.47 -45.42 90.98
N CYS SB 71 -38.06 -46.53 90.55
CA CYS SB 71 -37.28 -47.72 90.25
C CYS SB 71 -37.85 -48.38 89.00
N ILE SB 72 -36.96 -48.78 88.09
CA ILE SB 72 -37.32 -49.61 86.95
C ILE SB 72 -36.51 -50.88 87.03
N TRP SB 73 -37.18 -52.01 86.85
CA TRP SB 73 -36.58 -53.32 87.06
C TRP SB 73 -36.14 -53.92 85.73
N GLY SB 74 -35.23 -54.87 85.83
CA GLY SB 74 -34.74 -55.53 84.64
C GLY SB 74 -34.32 -56.93 84.98
N LYS SB 75 -33.59 -57.54 84.05
CA LYS SB 75 -32.95 -58.83 84.26
C LYS SB 75 -31.71 -58.91 83.40
N VAL SB 76 -30.77 -59.75 83.81
CA VAL SB 76 -29.61 -60.01 82.99
C VAL SB 76 -29.95 -61.09 81.98
N SER SB 77 -29.65 -60.85 80.72
CA SER SB 77 -30.03 -61.77 79.65
C SER SB 77 -28.90 -62.71 79.24
N ARG SB 78 -27.76 -62.16 78.85
CA ARG SB 78 -26.71 -62.94 78.22
C ARG SB 78 -25.41 -62.17 78.33
N PRO SB 79 -24.26 -62.84 78.24
CA PRO SB 79 -22.98 -62.13 78.24
C PRO SB 79 -22.80 -61.31 76.98
N HIS SB 80 -21.88 -60.35 77.05
CA HIS SB 80 -21.56 -59.48 75.94
C HIS SB 80 -20.04 -59.33 75.87
N GLY SB 81 -19.42 -59.95 74.87
CA GLY SB 81 -17.98 -59.89 74.79
C GLY SB 81 -17.33 -60.97 75.64
N ASN SB 82 -16.05 -60.77 75.92
CA ASN SB 82 -15.27 -61.75 76.66
C ASN SB 82 -15.02 -61.38 78.11
N THR SB 83 -15.01 -60.10 78.45
CA THR SB 83 -14.49 -59.63 79.72
C THR SB 83 -15.52 -59.58 80.84
N GLY SB 84 -16.78 -59.89 80.56
CA GLY SB 84 -17.76 -59.97 81.63
C GLY SB 84 -18.80 -58.88 81.63
N VAL SB 85 -19.11 -58.34 80.49
CA VAL SB 85 -20.17 -57.35 80.35
C VAL SB 85 -21.43 -58.08 79.93
N VAL SB 86 -22.58 -57.64 80.43
CA VAL SB 86 -23.83 -58.34 80.18
C VAL SB 86 -24.79 -57.45 79.42
N ARG SB 87 -25.68 -58.08 78.66
CA ARG SB 87 -26.78 -57.37 78.02
C ARG SB 87 -27.97 -57.39 78.96
N ALA SB 88 -28.51 -56.21 79.23
CA ALA SB 88 -29.56 -56.05 80.22
C ALA SB 88 -30.83 -55.59 79.53
N LYS SB 89 -31.96 -56.16 79.92
CA LYS SB 89 -33.24 -55.76 79.37
C LYS SB 89 -34.16 -55.34 80.51
N PHE SB 90 -34.77 -54.18 80.36
CA PHE SB 90 -35.68 -53.59 81.34
C PHE SB 90 -37.08 -53.50 80.75
N THR SB 91 -38.05 -53.27 81.63
CA THR SB 91 -39.42 -53.11 81.17
C THR SB 91 -39.53 -51.95 80.20
N SER SB 92 -38.84 -50.85 80.50
CA SER SB 92 -38.69 -49.75 79.57
C SER SB 92 -37.22 -49.57 79.25
N ASN SB 93 -36.93 -49.07 78.05
CA ASN SB 93 -35.56 -48.75 77.69
C ASN SB 93 -34.98 -47.75 78.68
N LEU SB 94 -33.74 -48.00 79.10
CA LEU SB 94 -33.12 -47.14 80.10
C LEU SB 94 -32.98 -45.71 79.56
N PRO SB 95 -32.98 -44.72 80.44
CA PRO SB 95 -32.70 -43.35 80.00
C PRO SB 95 -31.32 -43.25 79.38
N ALA SB 96 -31.19 -42.40 78.37
CA ALA SB 96 -29.89 -42.14 77.80
C ALA SB 96 -28.98 -41.45 78.80
N GLU SB 97 -29.55 -40.69 79.72
CA GLU SB 97 -28.78 -40.08 80.79
C GLU SB 97 -28.45 -41.06 81.90
N ALA SB 98 -29.03 -42.26 81.87
CA ALA SB 98 -28.71 -43.24 82.89
C ALA SB 98 -27.33 -43.84 82.74
N MET SB 99 -26.63 -43.61 81.63
CA MET SB 99 -25.35 -44.26 81.41
C MET SB 99 -24.25 -43.57 82.19
N GLY SB 100 -23.36 -44.39 82.77
CA GLY SB 100 -22.42 -43.92 83.76
C GLY SB 100 -22.95 -43.93 85.17
N LYS SB 101 -24.21 -44.32 85.36
CA LYS SB 101 -24.81 -44.41 86.68
C LYS SB 101 -24.73 -45.85 87.17
N LYS SB 102 -25.37 -46.10 88.31
CA LYS SB 102 -25.29 -47.38 88.98
C LYS SB 102 -26.62 -48.10 88.95
N VAL SB 103 -26.54 -49.42 88.93
CA VAL SB 103 -27.70 -50.31 88.97
C VAL SB 103 -27.43 -51.31 90.08
N ARG SB 104 -28.49 -51.87 90.64
CA ARG SB 104 -28.38 -52.85 91.70
C ARG SB 104 -28.69 -54.23 91.13
N VAL SB 105 -27.72 -55.12 91.18
CA VAL SB 105 -27.88 -56.48 90.66
C VAL SB 105 -28.19 -57.40 91.83
N PHE SB 106 -29.38 -57.98 91.81
CA PHE SB 106 -29.91 -58.77 92.90
C PHE SB 106 -29.72 -60.25 92.63
N MET SB 107 -29.92 -61.04 93.67
CA MET SB 107 -29.77 -62.48 93.59
C MET SB 107 -31.11 -63.21 93.51
N TYR SB 108 -32.22 -62.48 93.38
CA TYR SB 108 -33.58 -62.99 93.59
C TYR SB 108 -33.90 -64.25 92.80
N PRO SB 109 -33.95 -64.23 91.46
CA PRO SB 109 -34.43 -65.48 90.84
C PRO SB 109 -33.30 -66.51 90.88
N SER SB 110 -33.10 -67.06 92.07
CA SER SB 110 -31.93 -67.84 92.39
C SER SB 110 -32.05 -69.28 91.89
N SER SB 111 -30.90 -69.89 91.67
CA SER SB 111 -30.83 -71.26 91.20
C SER SB 111 -30.00 -72.12 92.12
N PRO TB 2 -59.87 74.08 28.40
CA PRO TB 2 -59.19 73.74 27.16
C PRO TB 2 -59.64 74.52 25.95
N LYS TB 3 -60.06 75.76 26.14
CA LYS TB 3 -60.19 76.71 25.04
C LYS TB 3 -60.35 78.09 25.66
N GLN TB 4 -59.32 78.91 25.58
CA GLN TB 4 -59.32 80.18 26.30
C GLN TB 4 -59.94 81.27 25.45
N ILE TB 5 -60.77 82.07 26.07
CA ILE TB 5 -61.35 83.25 25.44
C ILE TB 5 -60.44 84.42 25.78
N HIS TB 6 -60.44 85.45 24.92
CA HIS TB 6 -59.50 86.56 25.10
C HIS TB 6 -60.18 87.89 25.41
N GLU TB 7 -61.47 88.02 25.11
CA GLU TB 7 -62.15 89.30 25.21
C GLU TB 7 -63.47 89.11 25.97
N ILE TB 8 -63.84 90.14 26.72
CA ILE TB 8 -65.14 90.12 27.38
C ILE TB 8 -66.27 90.06 26.36
N LYS TB 9 -66.08 90.70 25.21
CA LYS TB 9 -67.10 90.79 24.19
C LYS TB 9 -67.63 89.43 23.77
N ASP TB 10 -66.77 88.60 23.20
CA ASP TB 10 -67.20 87.28 22.73
C ASP TB 10 -67.45 86.30 23.87
N PHE TB 11 -66.79 86.48 25.02
CA PHE TB 11 -67.09 85.63 26.17
C PHE TB 11 -68.52 85.82 26.63
N LEU TB 12 -68.99 87.06 26.69
CA LEU TB 12 -70.39 87.30 27.02
C LEU TB 12 -71.30 86.58 26.03
N LEU TB 13 -70.99 86.68 24.74
CA LEU TB 13 -71.81 86.01 23.73
C LEU TB 13 -71.82 84.51 23.94
N THR TB 14 -70.67 83.94 24.31
CA THR TB 14 -70.58 82.49 24.48
C THR TB 14 -71.06 82.02 25.85
N ALA TB 15 -71.00 82.88 26.87
CA ALA TB 15 -71.72 82.57 28.08
C ALA TB 15 -73.22 82.79 27.93
N ARG TB 16 -73.63 83.54 26.92
CA ARG TB 16 -75.02 83.67 26.53
C ARG TB 16 -75.33 82.70 25.39
N ARG TB 17 -75.25 81.41 25.69
CA ARG TB 17 -75.60 80.39 24.73
C ARG TB 17 -76.44 79.33 25.40
N LYS TB 18 -77.26 78.65 24.61
CA LYS TB 18 -77.82 77.39 25.08
C LYS TB 18 -76.68 76.45 25.49
N ASP TB 19 -76.95 75.65 26.51
CA ASP TB 19 -76.08 74.60 27.02
C ASP TB 19 -74.82 75.20 27.64
N ALA TB 20 -74.77 76.50 27.85
CA ALA TB 20 -73.84 77.03 28.83
C ALA TB 20 -74.37 76.59 30.18
N ARG TB 21 -73.73 75.59 30.78
CA ARG TB 21 -74.29 75.01 31.99
C ARG TB 21 -74.01 75.89 33.20
N SER TB 22 -72.78 76.35 33.36
CA SER TB 22 -72.39 77.08 34.55
C SER TB 22 -71.37 78.13 34.16
N VAL TB 23 -71.04 78.97 35.12
CA VAL TB 23 -69.84 79.80 35.07
C VAL TB 23 -69.09 79.60 36.38
N ARG TB 24 -67.80 79.30 36.28
CA ARG TB 24 -66.95 79.20 37.45
C ARG TB 24 -66.08 80.44 37.56
N ILE TB 25 -65.87 80.92 38.78
CA ILE TB 25 -65.04 82.09 39.04
C ILE TB 25 -63.95 81.68 40.01
N LYS TB 26 -62.74 81.54 39.50
CA LYS TB 26 -61.56 81.21 40.28
C LYS TB 26 -60.80 82.52 40.49
N ARG TB 27 -60.94 83.11 41.66
CA ARG TB 27 -60.06 84.22 42.02
C ARG TB 27 -58.70 83.67 42.41
N THR TB 28 -57.66 84.19 41.78
CA THR TB 28 -56.31 83.68 41.89
C THR TB 28 -55.36 84.77 42.37
N LYS TB 29 -54.07 84.47 42.33
CA LYS TB 29 -53.06 85.50 42.47
C LYS TB 29 -53.02 86.30 41.17
N ASP TB 30 -52.98 87.62 41.28
CA ASP TB 30 -52.71 88.50 40.15
C ASP TB 30 -53.85 88.56 39.14
N ALA TB 31 -54.84 87.67 39.25
CA ALA TB 31 -55.87 87.60 38.22
C ALA TB 31 -57.12 86.91 38.75
N VAL TB 32 -58.17 86.96 37.94
CA VAL TB 32 -59.41 86.22 38.15
C VAL TB 32 -59.66 85.44 36.87
N LYS TB 33 -60.17 84.21 37.01
CA LYS TB 33 -60.54 83.39 35.86
C LYS TB 33 -62.05 83.18 35.79
N PHE TB 34 -62.62 83.41 34.61
CA PHE TB 34 -64.03 83.17 34.32
C PHE TB 34 -64.13 82.00 33.35
N LYS TB 35 -64.66 80.87 33.82
CA LYS TB 35 -64.78 79.66 33.03
C LYS TB 35 -66.26 79.34 32.82
N VAL TB 36 -66.65 79.11 31.57
CA VAL TB 36 -68.03 78.80 31.23
C VAL TB 36 -68.08 77.37 30.68
N ARG TB 37 -68.97 76.57 31.26
CA ARG TB 37 -69.06 75.14 30.93
C ARG TB 37 -70.06 74.96 29.81
N CYS TB 38 -69.58 74.72 28.61
CA CYS TB 38 -70.42 74.48 27.47
C CYS TB 38 -70.40 72.98 27.15
N SER TB 39 -71.10 72.62 26.07
CA SER TB 39 -71.20 71.20 25.72
C SER TB 39 -69.83 70.61 25.45
N ARG TB 40 -69.17 71.10 24.41
CA ARG TB 40 -67.93 70.49 23.96
C ARG TB 40 -66.72 71.02 24.72
N TYR TB 41 -66.70 72.30 25.06
CA TYR TB 41 -65.51 72.91 25.63
C TYR TB 41 -65.81 73.70 26.90
N LEU TB 42 -64.75 73.86 27.68
CA LEU TB 42 -64.72 74.75 28.84
C LEU TB 42 -63.93 75.99 28.44
N TYR TB 43 -64.62 77.12 28.31
CA TYR TB 43 -64.00 78.36 27.85
C TYR TB 43 -63.53 79.17 29.06
N THR TB 44 -62.44 79.92 28.89
CA THR TB 44 -61.83 80.66 29.98
C THR TB 44 -61.52 82.09 29.56
N LEU TB 45 -61.93 83.08 30.36
CA LEU TB 45 -61.28 84.38 30.37
C LEU TB 45 -60.45 84.55 31.62
N CYS TB 46 -59.36 85.29 31.47
CA CYS TB 46 -58.59 85.80 32.60
C CYS TB 46 -58.76 87.31 32.62
N VAL TB 47 -59.39 87.82 33.68
CA VAL TB 47 -59.65 89.24 33.84
C VAL TB 47 -58.63 89.80 34.82
N PHE TB 48 -58.20 91.03 34.57
CA PHE TB 48 -57.10 91.64 35.29
C PHE TB 48 -57.50 92.85 36.12
N ASP TB 49 -58.61 93.51 35.80
CA ASP TB 49 -59.14 94.60 36.60
C ASP TB 49 -60.34 94.09 37.38
N ALA TB 50 -60.30 94.25 38.70
CA ALA TB 50 -61.42 93.82 39.53
C ALA TB 50 -62.66 94.63 39.21
N ASP TB 51 -62.47 95.87 38.77
CA ASP TB 51 -63.60 96.68 38.33
C ASP TB 51 -64.21 96.09 37.08
N LYS TB 52 -63.35 95.75 36.10
CA LYS TB 52 -63.80 94.98 34.94
C LYS TB 52 -64.20 93.56 35.33
N ALA TB 53 -63.70 93.05 36.46
CA ALA TB 53 -64.17 91.75 36.92
C ALA TB 53 -65.60 91.85 37.43
N ASN TB 54 -65.91 92.86 38.25
CA ASN TB 54 -67.28 93.05 38.71
C ASN TB 54 -68.21 93.36 37.55
N LYS TB 55 -67.75 94.17 36.60
CA LYS TB 55 -68.59 94.50 35.46
C LYS TB 55 -68.95 93.24 34.68
N LEU TB 56 -68.01 92.32 34.52
CA LEU TB 56 -68.30 91.08 33.83
C LEU TB 56 -69.34 90.26 34.58
N LYS TB 57 -69.21 90.15 35.90
CA LYS TB 57 -70.10 89.32 36.69
C LYS TB 57 -71.56 89.70 36.45
N GLN TB 58 -71.85 91.00 36.49
CA GLN TB 58 -73.23 91.45 36.40
C GLN TB 58 -73.85 91.09 35.05
N SER TB 59 -73.10 91.22 33.97
CA SER TB 59 -73.63 90.89 32.66
C SER TB 59 -73.86 89.40 32.46
N LEU TB 60 -73.37 88.55 33.35
CA LEU TB 60 -73.65 87.13 33.25
C LEU TB 60 -75.14 86.90 33.47
N PRO TB 61 -75.87 86.36 32.51
CA PRO TB 61 -77.35 86.49 32.51
C PRO TB 61 -77.99 85.60 33.56
N PRO TB 62 -78.78 86.19 34.45
CA PRO TB 62 -79.41 85.42 35.53
C PRO TB 62 -80.02 84.11 35.06
N GLY TB 63 -79.76 83.05 35.84
CA GLY TB 63 -80.07 81.68 35.48
C GLY TB 63 -78.83 80.83 35.29
N LEU TB 64 -77.76 81.42 34.77
CA LEU TB 64 -76.52 80.71 34.47
C LEU TB 64 -75.76 80.45 35.76
N SER TB 65 -75.76 79.20 36.20
CA SER TB 65 -75.20 78.81 37.49
C SER TB 65 -73.79 79.34 37.71
N VAL TB 66 -73.64 80.26 38.67
CA VAL TB 66 -72.34 80.84 38.99
C VAL TB 66 -71.83 80.23 40.27
N GLN TB 67 -70.65 79.64 40.21
CA GLN TB 67 -69.97 79.09 41.37
C GLN TB 67 -68.78 79.99 41.69
N GLU TB 68 -68.49 80.14 42.99
CA GLU TB 68 -67.44 81.03 43.45
C GLU TB 68 -66.16 80.29 43.83
N VAL TB 69 -65.95 79.09 43.30
CA VAL TB 69 -64.73 78.37 43.58
C VAL TB 69 -64.41 77.40 42.44
N ALA UB 2 -21.69 -33.16 22.03
CA ALA UB 2 -22.06 -32.84 20.67
C ALA UB 2 -21.71 -33.98 19.70
N LYS UB 3 -20.93 -34.95 20.18
CA LYS UB 3 -20.47 -36.04 19.33
C LYS UB 3 -21.60 -37.06 19.24
N SER UB 4 -22.35 -37.00 18.13
CA SER UB 4 -23.71 -37.53 18.05
C SER UB 4 -23.80 -38.96 17.58
N LYS UB 5 -22.71 -39.58 17.14
CA LYS UB 5 -22.73 -40.98 16.75
C LYS UB 5 -22.38 -41.84 17.96
N ASN UB 6 -23.23 -42.80 18.27
CA ASN UB 6 -22.93 -43.76 19.31
C ASN UB 6 -23.55 -45.09 18.95
N HIS UB 7 -22.77 -46.15 19.08
CA HIS UB 7 -23.18 -47.53 18.89
C HIS UB 7 -22.74 -48.37 20.06
N THR UB 8 -23.60 -49.27 20.50
CA THR UB 8 -23.18 -50.31 21.42
C THR UB 8 -24.18 -51.44 21.41
N ALA UB 9 -23.69 -52.64 21.75
CA ALA UB 9 -24.53 -53.79 22.01
C ALA UB 9 -24.74 -54.01 23.50
N HIS UB 10 -24.38 -53.03 24.31
CA HIS UB 10 -24.61 -53.10 25.74
C HIS UB 10 -26.10 -53.20 26.03
N ASN UB 11 -26.47 -54.11 26.92
CA ASN UB 11 -27.83 -54.35 27.40
C ASN UB 11 -28.68 -55.12 26.39
N GLN UB 12 -28.19 -55.40 25.18
CA GLN UB 12 -29.07 -55.97 24.17
C GLN UB 12 -29.34 -57.46 24.39
N SER UB 13 -28.35 -58.22 24.86
CA SER UB 13 -28.66 -59.60 25.18
C SER UB 13 -29.58 -59.69 26.37
N TYR UB 14 -29.50 -58.74 27.30
CA TYR UB 14 -30.45 -58.69 28.40
C TYR UB 14 -31.87 -58.45 27.90
N LYS UB 15 -32.03 -57.50 26.98
CA LYS UB 15 -33.37 -57.26 26.43
C LYS UB 15 -33.87 -58.46 25.65
N ALA UB 16 -32.99 -59.13 24.92
CA ALA UB 16 -33.40 -60.27 24.12
C ALA UB 16 -33.95 -61.39 24.98
N HIS UB 17 -33.34 -61.64 26.13
CA HIS UB 17 -33.70 -62.76 26.98
C HIS UB 17 -34.81 -62.44 27.96
N ARG UB 18 -35.37 -61.23 27.95
CA ARG UB 18 -36.48 -60.93 28.84
C ARG UB 18 -37.67 -61.81 28.54
N ASN UB 19 -38.09 -61.83 27.28
CA ASN UB 19 -39.16 -62.68 26.80
C ASN UB 19 -38.60 -63.86 26.01
N GLY UB 20 -37.46 -64.37 26.47
CA GLY UB 20 -36.86 -65.56 25.93
C GLY UB 20 -36.34 -65.36 24.52
N ILE UB 21 -35.50 -66.29 24.07
CA ILE UB 21 -35.16 -66.38 22.66
C ILE UB 21 -36.15 -67.38 22.08
N LYS UB 22 -37.28 -66.85 21.59
CA LYS UB 22 -38.36 -67.71 21.13
C LYS UB 22 -37.94 -68.56 19.95
N LYS UB 23 -38.29 -69.83 20.00
CA LYS UB 23 -38.21 -70.71 18.86
C LYS UB 23 -39.61 -70.92 18.27
N PRO UB 24 -39.75 -71.02 16.96
CA PRO UB 24 -41.09 -71.24 16.40
C PRO UB 24 -41.61 -72.63 16.70
N LYS UB 25 -42.94 -72.74 16.78
CA LYS UB 25 -43.58 -73.97 17.18
C LYS UB 25 -43.37 -75.05 16.12
N ARG UB 26 -42.96 -76.23 16.56
CA ARG UB 26 -42.70 -77.32 15.63
C ARG UB 26 -44.03 -77.89 15.15
N GLN UB 27 -44.18 -78.05 13.84
CA GLN UB 27 -45.48 -78.35 13.26
C GLN UB 27 -45.48 -79.66 12.49
N ARG UB 28 -46.49 -80.46 12.75
CA ARG UB 28 -46.84 -81.57 11.89
C ARG UB 28 -47.36 -81.04 10.57
N GLN UB 29 -47.00 -81.70 9.46
CA GLN UB 29 -47.33 -81.23 8.11
C GLN UB 29 -46.73 -79.85 7.86
N ALA UB 30 -45.40 -79.84 7.72
CA ALA UB 30 -44.68 -78.62 7.39
C ALA UB 30 -45.14 -78.03 6.06
N SER UB 31 -44.79 -76.76 5.84
CA SER UB 31 -45.26 -76.02 4.69
C SER UB 31 -44.46 -76.36 3.44
N THR UB 32 -45.15 -76.48 2.31
CA THR UB 32 -44.51 -76.80 1.04
C THR UB 32 -44.26 -75.59 0.17
N LYS UB 33 -44.60 -74.39 0.64
CA LYS UB 33 -44.38 -73.19 -0.17
C LYS UB 33 -42.91 -73.02 -0.50
N GLY UB 34 -42.62 -72.89 -1.78
CA GLY UB 34 -41.26 -72.70 -2.25
C GLY UB 34 -40.58 -73.95 -2.74
N MET UB 35 -41.25 -75.09 -2.73
CA MET UB 35 -40.67 -76.33 -3.23
C MET UB 35 -40.76 -76.36 -4.75
N ASP UB 36 -40.33 -77.47 -5.33
CA ASP UB 36 -40.26 -77.58 -6.77
C ASP UB 36 -41.67 -77.63 -7.35
N PRO UB 37 -42.07 -76.69 -8.19
CA PRO UB 37 -43.45 -76.68 -8.68
C PRO UB 37 -43.84 -77.94 -9.43
N LYS UB 38 -42.91 -78.54 -10.18
CA LYS UB 38 -43.20 -79.81 -10.84
C LYS UB 38 -43.55 -80.89 -9.84
N PHE UB 39 -42.77 -80.98 -8.76
CA PHE UB 39 -43.07 -81.93 -7.71
C PHE UB 39 -44.42 -81.66 -7.06
N LEU UB 40 -44.76 -80.39 -6.89
CA LEU UB 40 -45.99 -80.04 -6.18
C LEU UB 40 -47.23 -80.27 -7.02
N ARG UB 41 -47.17 -80.03 -8.33
CA ARG UB 41 -48.32 -80.35 -9.18
C ARG UB 41 -48.65 -81.84 -9.08
N ASN UB 42 -47.63 -82.67 -9.21
CA ASN UB 42 -47.85 -84.11 -9.17
C ASN UB 42 -48.44 -84.56 -7.84
N LEU UB 43 -47.90 -84.05 -6.74
CA LEU UB 43 -48.46 -84.37 -5.44
C LEU UB 43 -49.92 -83.97 -5.34
N ARG UB 44 -50.27 -82.82 -5.91
CA ARG UB 44 -51.67 -82.42 -5.96
C ARG UB 44 -52.49 -83.36 -6.82
N TYR UB 45 -51.95 -83.78 -7.96
CA TYR UB 45 -52.68 -84.66 -8.85
C TYR UB 45 -52.82 -86.07 -8.26
N SER UB 46 -51.80 -86.56 -7.58
CA SER UB 46 -51.90 -87.86 -6.95
C SER UB 46 -53.02 -87.87 -5.92
N ARG UB 47 -53.12 -86.79 -5.13
CA ARG UB 47 -54.16 -86.70 -4.11
C ARG UB 47 -55.54 -86.49 -4.73
N LYS UB 48 -55.61 -85.88 -5.92
CA LYS UB 48 -56.89 -85.69 -6.57
C LYS UB 48 -57.53 -87.03 -6.93
N HIS UB 49 -56.72 -87.98 -7.37
CA HIS UB 49 -57.23 -89.25 -7.86
C HIS UB 49 -57.12 -90.40 -6.86
N ASN UB 50 -56.84 -90.11 -5.61
CA ASN UB 50 -56.85 -91.17 -4.60
C ASN UB 50 -58.25 -91.76 -4.49
N VAL UB 51 -58.32 -93.02 -4.11
CA VAL UB 51 -59.61 -93.68 -3.97
C VAL UB 51 -60.11 -93.60 -2.54
N VAL VB 2 -36.27 55.81 42.00
CA VAL VB 2 -36.09 56.02 40.57
C VAL VB 2 -37.26 55.40 39.80
N GLN VB 3 -37.95 54.47 40.45
CA GLN VB 3 -39.23 53.96 39.97
C GLN VB 3 -39.17 53.42 38.54
N ARG VB 4 -38.70 52.19 38.41
CA ARG VB 4 -38.89 51.43 37.18
C ARG VB 4 -40.33 51.51 36.68
N LEU VB 5 -40.57 51.28 35.39
CA LEU VB 5 -41.90 51.40 34.81
C LEU VB 5 -42.43 50.06 34.32
N THR VB 6 -43.68 50.06 33.89
CA THR VB 6 -44.35 48.90 33.34
C THR VB 6 -45.27 49.32 32.20
N TYR VB 7 -45.53 48.39 31.29
CA TYR VB 7 -46.51 48.63 30.25
C TYR VB 7 -47.91 48.75 30.83
N ARG VB 8 -48.78 49.43 30.10
CA ARG VB 8 -50.16 49.66 30.53
C ARG VB 8 -51.18 48.94 29.67
N LYS VB 9 -50.75 48.31 28.59
CA LYS VB 9 -51.55 47.39 27.80
C LYS VB 9 -51.10 45.97 28.10
N ARG VB 10 -51.80 44.99 27.54
CA ARG VB 10 -51.36 43.62 27.69
C ARG VB 10 -50.49 43.15 26.53
N HIS VB 11 -50.13 44.05 25.62
CA HIS VB 11 -49.11 43.79 24.60
C HIS VB 11 -47.74 43.99 25.24
N SER VB 12 -46.97 42.90 25.35
CA SER VB 12 -45.79 42.86 26.19
C SER VB 12 -44.48 42.80 25.44
N TYR VB 13 -44.49 42.89 24.12
CA TYR VB 13 -43.27 42.84 23.34
C TYR VB 13 -42.94 44.21 22.76
N ALA VB 14 -41.67 44.43 22.49
CA ALA VB 14 -41.17 45.73 22.04
C ALA VB 14 -41.14 45.83 20.52
N THR VB 15 -42.31 45.66 19.91
CA THR VB 15 -42.47 45.87 18.48
C THR VB 15 -42.51 47.37 18.16
N LYS VB 16 -42.52 47.69 16.87
CA LYS VB 16 -42.67 49.08 16.45
C LYS VB 16 -44.02 49.64 16.82
N SER VB 17 -45.03 48.80 16.97
CA SER VB 17 -46.35 49.27 17.33
C SER VB 17 -46.47 49.56 18.83
N ASN VB 18 -45.55 49.03 19.62
CA ASN VB 18 -45.63 49.16 21.07
C ASN VB 18 -44.73 50.28 21.59
N GLN VB 19 -44.85 51.47 21.01
CA GLN VB 19 -43.94 52.57 21.28
C GLN VB 19 -44.33 53.31 22.55
N THR VB 20 -43.36 53.56 23.42
CA THR VB 20 -43.61 54.22 24.70
C THR VB 20 -42.79 55.50 24.82
N ARG VB 21 -43.32 56.44 25.59
CA ARG VB 21 -42.65 57.66 25.98
C ARG VB 21 -42.79 57.82 27.49
N VAL VB 22 -41.73 58.25 28.16
CA VAL VB 22 -41.77 58.49 29.60
C VAL VB 22 -42.23 59.91 29.86
N VAL VB 23 -43.27 60.07 30.67
CA VAL VB 23 -43.77 61.39 31.05
C VAL VB 23 -43.87 61.47 32.56
N LYS VB 24 -43.79 62.68 33.09
CA LYS VB 24 -43.93 62.94 34.52
C LYS VB 24 -45.25 63.66 34.72
N THR VB 25 -46.19 63.02 35.42
CA THR VB 25 -47.55 63.50 35.57
C THR VB 25 -47.67 64.41 36.77
N PRO VB 26 -48.78 65.14 36.91
CA PRO VB 26 -48.93 65.99 38.11
C PRO VB 26 -48.85 65.24 39.41
N GLY VB 27 -49.21 63.97 39.43
CA GLY VB 27 -49.18 63.23 40.67
C GLY VB 27 -47.80 62.88 41.17
N GLY VB 28 -46.77 63.48 40.58
CA GLY VB 28 -45.41 63.15 40.93
C GLY VB 28 -44.89 61.87 40.33
N LYS VB 29 -45.67 61.23 39.47
CA LYS VB 29 -45.35 59.93 38.92
C LYS VB 29 -44.59 60.04 37.61
N LEU VB 30 -43.82 59.02 37.30
CA LEU VB 30 -43.39 58.72 35.95
C LEU VB 30 -44.25 57.59 35.42
N VAL VB 31 -44.74 57.73 34.19
CA VAL VB 31 -45.49 56.67 33.53
C VAL VB 31 -45.04 56.58 32.09
N TYR VB 32 -45.31 55.43 31.48
CA TYR VB 32 -45.29 55.32 30.03
C TYR VB 32 -46.57 55.87 29.41
N GLN VB 33 -46.42 56.46 28.24
CA GLN VB 33 -47.54 56.77 27.37
C GLN VB 33 -47.18 56.29 25.98
N TYR VB 34 -48.16 55.81 25.24
CA TYR VB 34 -47.88 55.24 23.94
C TYR VB 34 -47.97 56.29 22.86
N THR VB 35 -47.11 56.14 21.86
CA THR VB 35 -46.94 57.14 20.81
C THR VB 35 -47.25 56.53 19.45
N LYS VB 36 -47.46 57.41 18.48
CA LYS VB 36 -47.51 57.00 17.09
C LYS VB 36 -46.16 56.52 16.62
N LYS VB 37 -46.17 55.68 15.60
CA LYS VB 37 -44.95 55.34 14.90
C LYS VB 37 -44.87 56.19 13.62
N ARG VB 38 -43.67 56.67 13.33
CA ARG VB 38 -43.50 57.75 12.36
C ARG VB 38 -43.81 57.34 10.93
N ALA VB 39 -44.41 58.27 10.20
CA ALA VB 39 -44.76 58.10 8.80
C ALA VB 39 -43.99 59.09 7.95
N SER VB 40 -43.77 58.74 6.69
CA SER VB 40 -42.81 59.43 5.85
C SER VB 40 -43.35 60.70 5.21
N GLY VB 41 -44.66 60.91 5.20
CA GLY VB 41 -45.25 62.01 4.46
C GLY VB 41 -45.41 61.66 2.99
N PRO VB 42 -46.05 62.54 2.23
CA PRO VB 42 -46.31 62.25 0.81
C PRO VB 42 -45.12 62.60 -0.07
N LYS VB 43 -44.96 61.84 -1.14
CA LYS VB 43 -43.81 61.97 -2.02
C LYS VB 43 -44.24 62.13 -3.46
N CYS VB 44 -43.44 62.90 -4.20
CA CYS VB 44 -43.63 63.05 -5.63
C CYS VB 44 -42.99 61.87 -6.34
N PRO VB 45 -43.73 61.12 -7.17
CA PRO VB 45 -43.11 59.99 -7.88
C PRO VB 45 -42.03 60.40 -8.86
N VAL VB 46 -42.16 61.58 -9.49
CA VAL VB 46 -41.25 61.97 -10.56
C VAL VB 46 -39.83 62.13 -10.04
N THR VB 47 -39.67 62.76 -8.89
CA THR VB 47 -38.36 63.00 -8.34
C THR VB 47 -38.11 62.34 -6.99
N GLY VB 48 -39.13 61.77 -6.36
CA GLY VB 48 -38.98 61.14 -5.07
C GLY VB 48 -38.99 62.06 -3.89
N LYS VB 49 -38.94 63.37 -4.11
CA LYS VB 49 -38.75 64.34 -3.05
C LYS VB 49 -40.03 64.54 -2.24
N LYS VB 50 -39.88 65.17 -1.08
CA LYS VB 50 -41.02 65.41 -0.22
C LYS VB 50 -42.00 66.36 -0.88
N ILE VB 51 -43.25 66.25 -0.46
CA ILE VB 51 -44.28 67.21 -0.83
C ILE VB 51 -44.32 68.27 0.25
N GLN VB 52 -44.28 69.53 -0.15
CA GLN VB 52 -44.20 70.62 0.81
C GLN VB 52 -45.59 70.98 1.32
N GLY VB 53 -45.62 71.62 2.47
CA GLY VB 53 -46.87 72.14 2.98
C GLY VB 53 -47.83 71.13 3.55
N ILE VB 54 -47.40 69.89 3.75
CA ILE VB 54 -48.27 68.85 4.29
C ILE VB 54 -47.59 68.16 5.46
N PRO VB 55 -48.27 67.99 6.60
CA PRO VB 55 -47.62 67.36 7.74
C PRO VB 55 -47.39 65.87 7.52
N HIS VB 56 -46.45 65.33 8.28
CA HIS VB 56 -46.08 63.92 8.19
C HIS VB 56 -46.84 63.16 9.27
N LEU VB 57 -47.97 62.58 8.89
CA LEU VB 57 -48.84 61.91 9.85
C LEU VB 57 -49.16 60.49 9.42
N ARG VB 58 -49.65 59.74 10.39
CA ARG VB 58 -50.06 58.36 10.18
C ARG VB 58 -51.38 58.33 9.41
N PRO VB 59 -51.50 57.46 8.39
CA PRO VB 59 -52.47 57.71 7.30
C PRO VB 59 -53.89 57.97 7.72
N THR VB 60 -54.37 57.40 8.81
CA THR VB 60 -55.73 57.72 9.24
C THR VB 60 -55.83 59.11 9.84
N GLU VB 61 -54.71 59.70 10.26
CA GLU VB 61 -54.70 61.03 10.84
C GLU VB 61 -54.93 62.12 9.79
N TYR VB 62 -54.90 61.77 8.51
CA TYR VB 62 -55.22 62.72 7.46
C TYR VB 62 -56.70 62.76 7.10
N LYS VB 63 -57.55 62.01 7.79
CA LYS VB 63 -58.95 61.93 7.38
C LYS VB 63 -59.62 63.30 7.44
N ARG VB 64 -60.53 63.53 6.49
CA ARG VB 64 -61.21 64.81 6.36
C ARG VB 64 -61.82 65.26 7.68
N SER VB 65 -62.42 64.34 8.42
CA SER VB 65 -63.01 64.68 9.70
C SER VB 65 -61.98 65.03 10.76
N ARG VB 66 -60.70 64.78 10.52
CA ARG VB 66 -59.69 64.95 11.55
C ARG VB 66 -58.65 66.00 11.26
N LEU VB 67 -58.54 66.45 10.01
CA LEU VB 67 -57.53 67.43 9.66
C LEU VB 67 -58.17 68.47 8.76
N SER VB 68 -57.82 69.73 8.97
CA SER VB 68 -58.43 70.80 8.20
C SER VB 68 -57.93 70.78 6.76
N ARG VB 69 -58.80 71.23 5.84
CA ARG VB 69 -58.53 71.07 4.41
C ARG VB 69 -57.33 71.87 3.94
N ASN VB 70 -56.93 72.91 4.67
CA ASN VB 70 -55.73 73.63 4.29
C ASN VB 70 -54.46 72.84 4.61
N ARG VB 71 -54.53 71.91 5.56
CA ARG VB 71 -53.39 71.05 5.84
C ARG VB 71 -53.31 69.86 4.91
N ARG VB 72 -54.33 69.63 4.10
CA ARG VB 72 -54.40 68.47 3.24
C ARG VB 72 -54.16 68.77 1.77
N THR VB 73 -54.11 70.04 1.38
CA THR VB 73 -54.08 70.40 -0.02
C THR VB 73 -53.07 71.51 -0.28
N VAL VB 74 -52.56 71.54 -1.51
CA VAL VB 74 -51.68 72.58 -2.00
C VAL VB 74 -52.33 73.20 -3.23
N ASN VB 75 -52.34 74.53 -3.29
CA ASN VB 75 -53.13 75.26 -4.29
C ASN VB 75 -52.31 75.47 -5.55
N ARG VB 76 -52.18 74.40 -6.32
CA ARG VB 76 -51.57 74.39 -7.64
C ARG VB 76 -52.13 73.17 -8.37
N PRO VB 77 -52.13 73.18 -9.69
CA PRO VB 77 -52.46 71.94 -10.42
C PRO VB 77 -51.56 70.79 -10.00
N TYR VB 78 -52.17 69.61 -9.86
CA TYR VB 78 -51.48 68.40 -9.41
C TYR VB 78 -50.92 68.56 -8.01
N GLY VB 79 -51.57 69.39 -7.19
CA GLY VB 79 -50.98 69.79 -5.93
C GLY VB 79 -51.03 68.70 -4.88
N GLY VB 80 -49.93 68.54 -4.17
CA GLY VB 80 -49.79 67.48 -3.19
C GLY VB 80 -49.56 66.13 -3.80
N VAL VB 81 -49.59 66.03 -5.12
CA VAL VB 81 -49.30 64.82 -5.85
C VAL VB 81 -47.97 64.94 -6.57
N LEU VB 82 -47.75 66.08 -7.21
CA LEU VB 82 -46.50 66.40 -7.88
C LEU VB 82 -45.91 67.68 -7.30
N SER VB 83 -44.59 67.69 -7.12
CA SER VB 83 -43.92 68.88 -6.66
C SER VB 83 -43.91 69.95 -7.74
N GLY VB 84 -43.59 71.17 -7.35
CA GLY VB 84 -43.60 72.30 -8.24
C GLY VB 84 -42.77 72.13 -9.50
N PRO VB 85 -41.51 71.72 -9.37
CA PRO VB 85 -40.70 71.50 -10.58
C PRO VB 85 -41.28 70.49 -11.54
N ALA VB 86 -41.88 69.42 -11.02
CA ALA VB 86 -42.43 68.39 -11.89
C ALA VB 86 -43.60 68.94 -12.69
N VAL VB 87 -44.39 69.84 -12.10
CA VAL VB 87 -45.47 70.49 -12.82
C VAL VB 87 -44.91 71.38 -13.94
N ARG VB 88 -43.88 72.17 -13.61
CA ARG VB 88 -43.28 73.05 -14.60
C ARG VB 88 -42.70 72.26 -15.76
N GLU VB 89 -42.05 71.13 -15.48
CA GLU VB 89 -41.51 70.31 -16.56
C GLU VB 89 -42.61 69.73 -17.43
N ARG VB 90 -43.70 69.27 -16.82
CA ARG VB 90 -44.80 68.69 -17.59
C ARG VB 90 -45.46 69.72 -18.48
N ILE VB 91 -45.60 70.96 -18.00
CA ILE VB 91 -46.22 72.01 -18.80
C ILE VB 91 -45.37 72.30 -20.04
N ILE VB 92 -44.07 72.53 -19.83
CA ILE VB 92 -43.19 72.84 -20.96
C ILE VB 92 -43.18 71.69 -21.95
N ARG VB 93 -43.04 70.46 -21.45
CA ARG VB 93 -43.02 69.30 -22.34
C ARG VB 93 -44.35 69.16 -23.08
N ALA VB 94 -45.47 69.37 -22.39
CA ALA VB 94 -46.75 69.33 -23.08
C ALA VB 94 -46.82 70.39 -24.16
N PHE VB 95 -46.41 71.62 -23.83
CA PHE VB 95 -46.48 72.70 -24.79
C PHE VB 95 -45.55 72.46 -25.96
N LEU VB 96 -44.28 72.18 -25.67
CA LEU VB 96 -43.29 72.04 -26.74
C LEU VB 96 -43.63 70.89 -27.67
N VAL VB 97 -44.02 69.75 -27.11
CA VAL VB 97 -44.28 68.58 -27.94
C VAL VB 97 -45.49 68.80 -28.82
N GLU VB 98 -46.51 69.48 -28.30
CA GLU VB 98 -47.64 69.87 -29.14
C GLU VB 98 -47.20 70.84 -30.24
N GLU VB 99 -46.37 71.82 -29.90
CA GLU VB 99 -45.80 72.69 -30.92
C GLU VB 99 -44.95 71.92 -31.91
N GLN VB 100 -44.38 70.79 -31.51
CA GLN VB 100 -43.64 69.96 -32.45
C GLN VB 100 -44.57 69.15 -33.34
N LYS VB 101 -45.80 68.89 -32.86
CA LYS VB 101 -46.77 68.13 -33.65
C LYS VB 101 -47.16 68.88 -34.91
N ILE VB 102 -47.27 70.21 -34.84
CA ILE VB 102 -47.59 70.98 -36.03
C ILE VB 102 -46.42 71.01 -36.99
N VAL VB 103 -45.20 71.24 -36.49
CA VAL VB 103 -44.07 71.46 -37.37
C VAL VB 103 -43.63 70.16 -38.03
N LYS VB 104 -44.07 69.01 -37.51
CA LYS VB 104 -44.01 67.77 -38.27
C LYS VB 104 -45.15 67.68 -39.28
N LYS VB 105 -46.32 68.18 -38.91
CA LYS VB 105 -47.42 68.21 -39.86
C LYS VB 105 -47.23 69.29 -40.90
N VAL VB 106 -46.35 70.27 -40.66
CA VAL VB 106 -45.99 71.21 -41.72
C VAL VB 106 -45.27 70.48 -42.84
N LEU VB 107 -44.61 69.38 -42.51
CA LEU VB 107 -43.87 68.64 -43.53
C LEU VB 107 -44.79 67.87 -44.45
N LYS VB 108 -46.01 67.57 -44.03
CA LYS VB 108 -46.95 66.84 -44.86
C LYS VB 108 -47.36 67.73 -46.02
N ILE VB 109 -46.74 67.49 -47.18
CA ILE VB 109 -46.94 68.30 -48.36
C ILE VB 109 -47.06 67.39 -49.59
N MET AC 1 36.15 -25.96 2.00
CA MET AC 1 36.91 -25.42 0.87
C MET AC 1 36.96 -26.42 -0.29
N SER AC 2 37.53 -27.58 -0.03
CA SER AC 2 37.61 -28.69 -0.99
C SER AC 2 38.05 -29.93 -0.22
N ASP AC 3 38.45 -30.95 -0.96
CA ASP AC 3 39.14 -32.12 -0.40
C ASP AC 3 40.65 -31.93 -0.62
N SER AC 4 41.28 -31.20 0.31
CA SER AC 4 42.74 -31.19 0.45
C SER AC 4 43.13 -32.43 1.26
N HIS AC 5 43.18 -33.55 0.56
CA HIS AC 5 43.17 -34.84 1.23
C HIS AC 5 44.52 -35.09 1.90
N GLU AC 6 44.49 -35.79 3.04
CA GLU AC 6 45.71 -36.05 3.79
C GLU AC 6 46.75 -36.81 2.98
N THR AC 7 46.33 -37.53 1.93
CA THR AC 7 47.29 -38.29 1.12
C THR AC 7 48.29 -37.37 0.43
N ASP AC 8 47.82 -36.22 -0.07
CA ASP AC 8 48.74 -35.25 -0.66
C ASP AC 8 48.61 -33.88 0.01
N LYS AC 9 48.13 -33.86 1.25
CA LYS AC 9 47.98 -32.61 1.99
C LYS AC 9 49.28 -31.82 2.00
N ASN AC 10 50.38 -32.48 2.37
CA ASN AC 10 51.69 -31.86 2.31
C ASN AC 10 52.06 -31.45 0.88
N ILE AC 11 51.87 -32.34 -0.09
CA ILE AC 11 52.26 -32.00 -1.46
C ILE AC 11 51.47 -30.79 -1.94
N GLU AC 12 50.15 -30.78 -1.71
CA GLU AC 12 49.34 -29.64 -2.11
C GLU AC 12 49.60 -28.38 -1.28
N MET AC 13 50.13 -28.50 -0.05
CA MET AC 13 50.38 -27.30 0.75
C MET AC 13 51.76 -26.71 0.51
N TRP AC 14 52.71 -27.51 0.04
CA TRP AC 14 54.09 -27.05 -0.12
C TRP AC 14 54.49 -26.91 -1.58
N LYS AC 15 54.42 -27.99 -2.36
CA LYS AC 15 55.12 -28.03 -3.63
C LYS AC 15 54.41 -27.20 -4.70
N ILE AC 16 53.08 -27.12 -4.67
CA ILE AC 16 52.42 -26.23 -5.63
C ILE AC 16 52.71 -24.78 -5.29
N LYS AC 17 52.78 -24.45 -4.00
CA LYS AC 17 53.26 -23.13 -3.62
C LYS AC 17 54.72 -22.92 -4.01
N LYS AC 18 55.49 -24.01 -4.10
CA LYS AC 18 56.85 -23.87 -4.61
C LYS AC 18 56.81 -23.41 -6.07
N LEU AC 19 55.95 -24.04 -6.87
CA LEU AC 19 55.81 -23.63 -8.26
C LEU AC 19 55.24 -22.22 -8.37
N ILE AC 20 54.41 -21.82 -7.40
CA ILE AC 20 53.94 -20.44 -7.38
C ILE AC 20 55.09 -19.48 -7.09
N LYS AC 21 55.89 -19.76 -6.07
CA LYS AC 21 56.98 -18.82 -5.79
C LYS AC 21 58.15 -19.01 -6.73
N GLY AC 22 58.20 -20.11 -7.49
CA GLY AC 22 59.21 -20.23 -8.52
C GLY AC 22 58.95 -19.25 -9.64
N LEU AC 23 57.67 -19.06 -9.96
CA LEU AC 23 57.29 -18.12 -11.00
C LEU AC 23 57.53 -16.68 -10.55
N GLU AC 24 57.56 -16.44 -9.25
CA GLU AC 24 57.78 -15.09 -8.73
C GLU AC 24 59.08 -14.51 -9.27
N SER AC 25 60.11 -15.35 -9.42
CA SER AC 25 61.37 -14.91 -10.02
C SER AC 25 61.46 -15.40 -11.46
N ALA AC 26 60.62 -14.81 -12.30
CA ALA AC 26 60.64 -15.06 -13.74
C ALA AC 26 60.58 -13.72 -14.46
N ARG AC 27 61.56 -13.44 -15.31
CA ARG AC 27 61.68 -12.16 -15.97
C ARG AC 27 61.50 -12.33 -17.47
N GLY AC 28 60.61 -11.52 -18.05
CA GLY AC 28 60.35 -11.49 -19.46
C GLY AC 28 61.00 -10.32 -20.16
N ASN AC 29 60.35 -9.84 -21.21
CA ASN AC 29 60.81 -8.69 -21.99
C ASN AC 29 59.64 -7.78 -22.26
N GLY AC 30 59.89 -6.47 -22.22
CA GLY AC 30 58.88 -5.49 -22.55
C GLY AC 30 57.57 -5.70 -21.84
N THR AC 31 56.53 -6.02 -22.59
CA THR AC 31 55.19 -6.27 -22.06
C THR AC 31 54.65 -7.56 -22.64
N SER AC 32 55.54 -8.52 -22.86
CA SER AC 32 55.19 -9.75 -23.55
C SER AC 32 54.49 -10.75 -22.67
N MET AC 33 54.66 -10.68 -21.36
CA MET AC 33 54.20 -11.73 -20.47
C MET AC 33 52.82 -11.39 -19.91
N ILE AC 34 51.96 -12.39 -19.83
CA ILE AC 34 50.55 -12.20 -19.53
C ILE AC 34 50.21 -12.95 -18.25
N SER AC 35 49.71 -12.23 -17.27
CA SER AC 35 49.03 -12.82 -16.12
C SER AC 35 47.53 -12.73 -16.35
N LEU AC 36 46.83 -13.85 -16.22
CA LEU AC 36 45.38 -13.89 -16.39
C LEU AC 36 44.79 -14.75 -15.27
N ILE AC 37 44.36 -14.10 -14.19
CA ILE AC 37 43.75 -14.77 -13.07
C ILE AC 37 42.23 -14.70 -13.22
N MET AC 38 41.58 -15.84 -13.09
CA MET AC 38 40.18 -16.02 -13.47
C MET AC 38 39.41 -16.60 -12.29
N PRO AC 39 38.62 -15.80 -11.58
CA PRO AC 39 37.96 -16.30 -10.39
C PRO AC 39 36.86 -17.27 -10.75
N PRO AC 40 36.35 -18.03 -9.78
CA PRO AC 40 35.24 -18.95 -10.07
C PRO AC 40 34.11 -18.20 -10.75
N ARG AC 41 33.33 -18.93 -11.55
CA ARG AC 41 32.15 -18.44 -12.23
C ARG AC 41 32.44 -17.56 -13.46
N ASP AC 42 33.69 -17.16 -13.71
CA ASP AC 42 33.93 -16.39 -14.92
C ASP AC 42 34.04 -17.33 -16.12
N GLN AC 43 33.15 -17.12 -17.09
CA GLN AC 43 32.97 -18.10 -18.16
C GLN AC 43 34.03 -17.94 -19.25
N VAL AC 44 34.50 -19.08 -19.74
CA VAL AC 44 35.59 -19.09 -20.71
C VAL AC 44 35.17 -18.48 -22.04
N SER AC 45 33.87 -18.52 -22.36
CA SER AC 45 33.41 -17.95 -23.61
C SER AC 45 33.74 -16.46 -23.69
N ARG AC 46 33.40 -15.72 -22.65
CA ARG AC 46 33.64 -14.28 -22.63
C ARG AC 46 35.12 -13.95 -22.56
N VAL AC 47 35.87 -14.75 -21.80
CA VAL AC 47 37.30 -14.47 -21.65
C VAL AC 47 38.02 -14.59 -22.99
N THR AC 48 37.67 -15.59 -23.78
CA THR AC 48 38.34 -15.78 -25.06
C THR AC 48 37.96 -14.71 -26.07
N LYS AC 49 36.76 -14.14 -25.95
CA LYS AC 49 36.47 -12.91 -26.70
C LYS AC 49 37.38 -11.79 -26.26
N MET AC 50 37.61 -11.67 -24.95
CA MET AC 50 38.42 -10.59 -24.42
C MET AC 50 39.86 -10.72 -24.91
N LEU AC 51 40.34 -11.94 -25.06
CA LEU AC 51 41.68 -12.17 -25.59
C LEU AC 51 41.75 -11.86 -27.07
N GLY AC 52 40.67 -12.12 -27.80
CA GLY AC 52 40.64 -11.77 -29.20
C GLY AC 52 40.77 -10.29 -29.43
N ASP AC 53 40.23 -9.48 -28.52
CA ASP AC 53 40.36 -8.03 -28.63
C ASP AC 53 41.75 -7.56 -28.24
N GLU AC 54 42.35 -8.20 -27.24
CA GLU AC 54 43.72 -7.86 -26.87
C GLU AC 54 44.68 -8.17 -28.01
N TYR AC 55 44.41 -9.24 -28.76
CA TYR AC 55 45.22 -9.55 -29.93
C TYR AC 55 45.06 -8.47 -30.99
N GLY AC 56 43.83 -8.02 -31.24
CA GLY AC 56 43.63 -6.91 -32.14
C GLY AC 56 44.24 -5.63 -31.63
N THR AC 57 44.23 -5.43 -30.32
CA THR AC 57 44.92 -4.29 -29.73
C THR AC 57 46.42 -4.44 -29.84
N ALA AC 58 46.94 -5.66 -29.68
CA ALA AC 58 48.39 -5.84 -29.71
C ALA AC 58 48.96 -5.76 -31.12
N SER AC 59 48.12 -5.89 -32.15
CA SER AC 59 48.63 -5.71 -33.51
C SER AC 59 48.72 -4.24 -33.88
N ASN AC 60 49.23 -3.43 -32.94
CA ASN AC 60 49.56 -2.04 -33.17
C ASN AC 60 50.85 -1.65 -32.47
N ILE AC 61 51.38 -2.50 -31.59
CA ILE AC 61 52.67 -2.25 -30.99
C ILE AC 61 53.71 -2.15 -32.09
N LYS AC 62 54.40 -1.02 -32.16
CA LYS AC 62 55.29 -0.71 -33.26
C LYS AC 62 56.75 -0.97 -32.91
N SER AC 63 57.00 -2.02 -32.12
CA SER AC 63 58.35 -2.37 -31.72
C SER AC 63 58.89 -3.64 -32.37
N ARG AC 64 58.02 -4.51 -32.88
CA ARG AC 64 58.42 -5.71 -33.63
C ARG AC 64 59.08 -6.77 -32.74
N VAL AC 65 59.48 -6.40 -31.53
CA VAL AC 65 60.17 -7.32 -30.64
C VAL AC 65 59.24 -7.82 -29.55
N ASN AC 66 58.57 -6.90 -28.85
CA ASN AC 66 57.53 -7.31 -27.92
C ASN AC 66 56.19 -7.47 -28.62
N ARG AC 67 56.01 -6.85 -29.79
CA ARG AC 67 54.78 -7.10 -30.55
C ARG AC 67 54.68 -8.55 -30.97
N GLN AC 68 55.78 -9.12 -31.46
CA GLN AC 68 55.74 -10.50 -31.91
C GLN AC 68 55.69 -11.45 -30.73
N SER AC 69 56.28 -11.06 -29.61
CA SER AC 69 56.19 -11.89 -28.42
C SER AC 69 54.79 -11.84 -27.82
N VAL AC 70 54.20 -10.64 -27.71
CA VAL AC 70 52.90 -10.56 -27.06
C VAL AC 70 51.85 -11.26 -27.89
N LEU AC 71 51.97 -11.22 -29.21
CA LEU AC 71 51.08 -12.03 -30.04
C LEU AC 71 51.33 -13.51 -29.82
N GLY AC 72 52.59 -13.89 -29.61
CA GLY AC 72 52.89 -15.26 -29.20
C GLY AC 72 52.22 -15.62 -27.90
N ALA AC 73 52.36 -14.76 -26.89
CA ALA AC 73 51.75 -15.04 -25.58
C ALA AC 73 50.23 -14.99 -25.64
N ILE AC 74 49.63 -14.05 -26.38
CA ILE AC 74 48.18 -14.00 -26.46
C ILE AC 74 47.63 -15.25 -27.14
N THR AC 75 48.24 -15.66 -28.25
CA THR AC 75 47.69 -16.78 -29.01
C THR AC 75 47.74 -18.07 -28.22
N SER AC 76 48.84 -18.31 -27.50
CA SER AC 76 48.94 -19.53 -26.70
C SER AC 76 47.87 -19.57 -25.63
N ALA AC 77 47.63 -18.44 -24.95
CA ALA AC 77 46.59 -18.41 -23.95
C ALA AC 77 45.22 -18.71 -24.56
N GLN AC 78 44.93 -18.10 -25.71
CA GLN AC 78 43.65 -18.35 -26.37
C GLN AC 78 43.54 -19.78 -26.89
N GLN AC 79 44.67 -20.47 -27.06
CA GLN AC 79 44.63 -21.89 -27.40
C GLN AC 79 44.45 -22.76 -26.17
N ARG AC 80 45.11 -22.41 -25.07
CA ARG AC 80 44.99 -23.21 -23.86
C ARG AC 80 43.59 -23.11 -23.27
N LEU AC 81 42.95 -21.95 -23.39
CA LEU AC 81 41.60 -21.80 -22.86
C LEU AC 81 40.59 -22.69 -23.58
N LYS AC 82 40.79 -22.94 -24.87
CA LYS AC 82 39.78 -23.71 -25.58
C LYS AC 82 39.82 -25.19 -25.21
N LEU AC 83 40.76 -25.62 -24.37
CA LEU AC 83 40.69 -26.94 -23.76
C LEU AC 83 39.66 -27.04 -22.66
N TYR AC 84 39.23 -25.92 -22.09
CA TYR AC 84 38.35 -25.91 -20.93
C TYR AC 84 36.91 -25.76 -21.38
N ASN AC 85 36.08 -26.74 -21.03
CA ASN AC 85 34.65 -26.60 -21.25
C ASN AC 85 34.08 -25.48 -20.41
N ARG AC 86 34.55 -25.35 -19.17
CA ARG AC 86 34.16 -24.27 -18.27
C ARG AC 86 35.26 -24.11 -17.24
N VAL AC 87 35.30 -22.93 -16.62
CA VAL AC 87 36.26 -22.70 -15.55
C VAL AC 87 35.93 -23.63 -14.39
N PRO AC 88 36.91 -24.29 -13.79
CA PRO AC 88 36.62 -25.24 -12.71
C PRO AC 88 36.03 -24.53 -11.51
N PRO AC 89 35.35 -25.24 -10.61
CA PRO AC 89 34.68 -24.56 -9.50
C PRO AC 89 35.65 -24.08 -8.45
N ASN AC 90 36.78 -23.58 -8.90
CA ASN AC 90 37.76 -23.06 -7.95
C ASN AC 90 38.52 -21.90 -8.59
N GLY AC 91 38.08 -21.39 -9.74
CA GLY AC 91 38.81 -20.39 -10.47
C GLY AC 91 39.80 -21.00 -11.46
N LEU AC 92 40.64 -20.15 -12.00
CA LEU AC 92 41.64 -20.57 -12.98
C LEU AC 92 42.72 -19.52 -13.09
N VAL AC 93 43.98 -19.93 -12.95
CA VAL AC 93 45.14 -19.07 -13.13
C VAL AC 93 45.88 -19.51 -14.39
N LEU AC 94 46.22 -18.54 -15.23
CA LEU AC 94 46.78 -18.78 -16.56
C LEU AC 94 47.94 -17.82 -16.77
N TYR AC 95 49.14 -18.36 -16.94
CA TYR AC 95 50.30 -17.57 -17.30
C TYR AC 95 50.73 -17.95 -18.71
N THR AC 96 51.17 -16.96 -19.48
CA THR AC 96 51.75 -17.22 -20.79
C THR AC 96 52.73 -16.12 -21.12
N GLY AC 97 53.93 -16.50 -21.53
CA GLY AC 97 54.93 -15.51 -21.89
C GLY AC 97 56.15 -16.17 -22.47
N THR AC 98 57.23 -15.39 -22.53
CA THR AC 98 58.56 -15.88 -22.85
C THR AC 98 59.48 -15.43 -21.73
N ILE AC 99 60.35 -16.34 -21.28
CA ILE AC 99 61.21 -16.10 -20.12
C ILE AC 99 62.66 -16.01 -20.59
N VAL AC 100 63.40 -15.06 -20.02
CA VAL AC 100 64.80 -14.90 -20.40
C VAL AC 100 65.63 -16.10 -19.96
N THR AC 101 65.24 -16.77 -18.86
CA THR AC 101 65.92 -17.92 -18.26
C THR AC 101 67.31 -17.60 -17.75
N ASP AC 102 67.65 -16.31 -17.63
CA ASP AC 102 68.81 -15.83 -16.89
C ASP AC 102 70.11 -16.15 -17.64
N ASP AC 103 70.02 -16.98 -18.68
CA ASP AC 103 71.18 -17.39 -19.44
C ASP AC 103 70.98 -17.14 -20.93
N GLY AC 104 70.13 -16.17 -21.26
CA GLY AC 104 69.91 -15.80 -22.65
C GLY AC 104 69.32 -16.92 -23.48
N LYS AC 105 68.37 -17.68 -22.91
CA LYS AC 105 67.59 -18.66 -23.65
C LYS AC 105 66.13 -18.23 -23.59
N GLU AC 106 65.52 -18.07 -24.76
CA GLU AC 106 64.18 -17.49 -24.88
C GLU AC 106 63.21 -18.61 -25.25
N LYS AC 107 62.68 -19.28 -24.25
CA LYS AC 107 61.71 -20.35 -24.47
C LYS AC 107 60.35 -19.90 -23.96
N LYS AC 108 59.33 -20.04 -24.81
CA LYS AC 108 57.98 -19.73 -24.38
C LYS AC 108 57.58 -20.68 -23.27
N VAL AC 109 56.72 -20.20 -22.38
CA VAL AC 109 56.18 -21.03 -21.32
C VAL AC 109 54.70 -20.70 -21.17
N THR AC 110 53.88 -21.72 -21.05
CA THR AC 110 52.54 -21.54 -20.54
C THR AC 110 52.38 -22.37 -19.27
N ILE AC 111 51.67 -21.81 -18.31
CA ILE AC 111 51.33 -22.50 -17.07
C ILE AC 111 49.89 -22.15 -16.74
N ASP AC 112 48.99 -23.11 -16.85
CA ASP AC 112 47.65 -22.99 -16.31
C ASP AC 112 47.46 -24.05 -15.23
N PHE AC 113 46.79 -23.67 -14.15
CA PHE AC 113 46.39 -24.67 -13.17
C PHE AC 113 45.19 -24.16 -12.39
N GLU AC 114 44.42 -25.10 -11.87
CA GLU AC 114 43.36 -24.77 -10.95
C GLU AC 114 43.95 -24.60 -9.56
N PRO AC 115 43.82 -23.45 -8.93
CA PRO AC 115 44.28 -23.32 -7.55
C PRO AC 115 43.35 -24.09 -6.64
N PHE AC 116 43.81 -24.32 -5.42
CA PHE AC 116 42.92 -24.74 -4.35
C PHE AC 116 42.39 -23.48 -3.67
N LYS AC 117 41.33 -23.65 -2.87
CA LYS AC 117 40.85 -22.53 -2.06
C LYS AC 117 40.37 -21.39 -2.93
N PRO AC 118 39.14 -21.46 -3.47
CA PRO AC 118 38.70 -20.50 -4.51
C PRO AC 118 39.11 -19.06 -4.33
N ILE AC 119 39.35 -18.41 -5.46
CA ILE AC 119 39.84 -17.05 -5.49
C ILE AC 119 38.64 -16.12 -5.64
N ASN AC 120 38.89 -14.83 -5.46
CA ASN AC 120 37.83 -13.87 -5.72
C ASN AC 120 38.34 -12.77 -6.65
N ALA AC 121 39.64 -12.48 -6.58
CA ALA AC 121 40.22 -11.44 -7.40
C ALA AC 121 40.44 -11.93 -8.82
N SER AC 122 40.25 -11.03 -9.78
CA SER AC 122 40.59 -11.28 -11.18
C SER AC 122 41.75 -10.39 -11.58
N LEU AC 123 42.39 -10.73 -12.70
CA LEU AC 123 43.60 -10.01 -13.08
C LEU AC 123 43.93 -10.33 -14.53
N TYR AC 124 44.07 -9.28 -15.34
CA TYR AC 124 44.68 -9.39 -16.66
C TYR AC 124 45.71 -8.29 -16.77
N LEU AC 125 46.95 -8.65 -17.05
CA LEU AC 125 48.03 -7.67 -16.99
C LEU AC 125 49.20 -8.13 -17.82
N CYS AC 126 49.59 -7.33 -18.80
CA CYS AC 126 50.74 -7.61 -19.65
C CYS AC 126 51.91 -6.81 -19.13
N ASP AC 127 53.01 -7.52 -18.81
CA ASP AC 127 54.11 -6.94 -18.07
C ASP AC 127 55.39 -7.67 -18.48
N ASN AC 128 56.49 -7.31 -17.83
CA ASN AC 128 57.74 -8.03 -18.01
C ASN AC 128 58.00 -9.04 -16.90
N LYS AC 129 57.08 -9.18 -15.95
CA LYS AC 129 57.23 -10.15 -14.89
C LYS AC 129 55.87 -10.78 -14.62
N PHE AC 130 55.91 -11.98 -14.05
CA PHE AC 130 54.67 -12.64 -13.68
C PHE AC 130 54.16 -12.06 -12.36
N HIS AC 131 52.85 -11.86 -12.30
CA HIS AC 131 52.23 -11.10 -11.22
C HIS AC 131 51.49 -12.07 -10.30
N THR AC 132 52.05 -12.30 -9.12
CA THR AC 132 51.46 -13.22 -8.16
C THR AC 132 51.54 -12.57 -6.79
N GLU AC 133 50.55 -11.74 -6.50
CA GLU AC 133 50.32 -11.17 -5.19
C GLU AC 133 48.97 -11.59 -4.64
N ALA AC 134 47.91 -11.45 -5.45
CA ALA AC 134 46.61 -11.96 -5.07
C ALA AC 134 46.63 -13.47 -4.92
N LEU AC 135 47.33 -14.16 -5.81
CA LEU AC 135 47.49 -15.61 -5.67
C LEU AC 135 48.33 -15.94 -4.45
N SER AC 136 49.42 -15.21 -4.22
CA SER AC 136 50.31 -15.52 -3.10
C SER AC 136 49.60 -15.37 -1.76
N GLU AC 137 48.84 -14.29 -1.59
CA GLU AC 137 48.22 -14.03 -0.30
C GLU AC 137 47.17 -15.07 0.04
N LEU AC 138 46.63 -15.74 -0.98
CA LEU AC 138 45.69 -16.82 -0.74
C LEU AC 138 46.40 -18.12 -0.35
N LEU AC 139 47.67 -18.30 -0.76
CA LEU AC 139 48.46 -19.41 -0.24
C LEU AC 139 48.70 -19.30 1.26
N GLU AC 140 48.79 -18.08 1.78
CA GLU AC 140 49.11 -17.89 3.18
C GLU AC 140 47.87 -17.77 4.07
N SER AC 141 46.75 -17.32 3.53
CA SER AC 141 45.53 -17.23 4.32
C SER AC 141 44.95 -18.62 4.55
N ASP AC 142 44.66 -18.94 5.80
CA ASP AC 142 44.09 -20.24 6.13
C ASP AC 142 42.97 -20.16 7.15
N ASP AC 143 42.72 -19.01 7.75
CA ASP AC 143 41.63 -18.88 8.70
C ASP AC 143 40.29 -18.95 7.96
N LYS AC 144 39.27 -19.38 8.69
CA LYS AC 144 37.94 -19.55 8.13
C LYS AC 144 36.96 -18.98 9.14
N PHE AC 145 36.27 -17.92 8.77
CA PHE AC 145 35.34 -17.26 9.68
C PHE AC 145 33.91 -17.61 9.30
N GLY AC 146 33.14 -18.05 10.29
CA GLY AC 146 31.74 -18.32 10.08
C GLY AC 146 30.92 -17.08 10.35
N PHE AC 147 29.85 -16.92 9.58
CA PHE AC 147 28.94 -15.80 9.69
C PHE AC 147 27.53 -16.33 9.83
N ILE AC 148 26.81 -15.85 10.82
CA ILE AC 148 25.38 -16.10 10.95
C ILE AC 148 24.69 -14.76 10.79
N ILE AC 149 23.89 -14.63 9.73
CA ILE AC 149 23.07 -13.45 9.50
C ILE AC 149 21.66 -13.86 9.87
N MET AC 150 21.20 -13.43 11.04
CA MET AC 150 19.93 -13.87 11.60
C MET AC 150 19.00 -12.68 11.80
N ASP AC 151 17.78 -12.78 11.28
CA ASP AC 151 16.75 -11.84 11.64
C ASP AC 151 15.42 -12.57 11.69
N GLY AC 152 14.33 -11.81 11.71
CA GLY AC 152 13.02 -12.42 11.84
C GLY AC 152 12.53 -13.09 10.58
N ASN AC 153 13.25 -12.95 9.48
CA ASN AC 153 12.83 -13.51 8.21
C ASN AC 153 13.67 -14.71 7.79
N GLY AC 154 14.36 -15.34 8.72
CA GLY AC 154 15.25 -16.44 8.43
C GLY AC 154 16.71 -16.05 8.59
N THR AC 155 17.56 -17.06 8.57
CA THR AC 155 18.97 -16.82 8.79
C THR AC 155 19.80 -17.51 7.72
N LEU AC 156 20.96 -16.93 7.47
CA LEU AC 156 21.92 -17.42 6.49
C LEU AC 156 23.22 -17.73 7.20
N PHE AC 157 23.70 -18.96 7.05
CA PHE AC 157 25.02 -19.36 7.51
C PHE AC 157 26.00 -19.26 6.35
N GLY AC 158 27.14 -18.64 6.59
CA GLY AC 158 28.12 -18.46 5.55
C GLY AC 158 29.53 -18.47 6.13
N THR AC 159 30.50 -18.46 5.24
CA THR AC 159 31.88 -18.44 5.69
C THR AC 159 32.73 -17.60 4.75
N LEU AC 160 33.67 -16.88 5.35
CA LEU AC 160 34.65 -16.10 4.61
C LEU AC 160 36.03 -16.49 5.12
N SER AC 161 36.89 -16.97 4.23
CA SER AC 161 38.19 -17.49 4.68
C SER AC 161 39.18 -16.35 4.90
N GLY AC 162 39.62 -15.73 3.82
CA GLY AC 162 40.26 -14.43 3.87
C GLY AC 162 39.47 -13.57 2.93
N ASN AC 163 38.86 -14.24 1.96
CA ASN AC 163 37.91 -13.66 1.03
C ASN AC 163 36.97 -14.78 0.60
N THR AC 164 36.36 -14.61 -0.57
CA THR AC 164 35.47 -15.60 -1.20
C THR AC 164 34.38 -16.10 -0.24
N ARG AC 165 33.56 -15.15 0.17
CA ARG AC 165 32.27 -15.39 0.79
C ARG AC 165 31.48 -16.48 0.07
N GLU AC 166 31.08 -17.52 0.82
CA GLU AC 166 30.19 -18.54 0.29
C GLU AC 166 29.10 -18.85 1.30
N VAL AC 167 27.97 -19.34 0.80
CA VAL AC 167 26.76 -19.50 1.59
C VAL AC 167 26.60 -20.98 1.94
N LEU AC 168 26.77 -21.31 3.22
CA LEU AC 168 26.70 -22.70 3.64
C LEU AC 168 25.26 -23.20 3.69
N HIS AC 169 24.33 -22.34 4.09
CA HIS AC 169 22.94 -22.72 4.25
C HIS AC 169 22.10 -21.46 4.49
N LYS AC 170 20.86 -21.51 4.04
CA LYS AC 170 19.91 -20.48 4.43
C LYS AC 170 18.52 -21.08 4.44
N PHE AC 171 17.66 -20.55 5.30
CA PHE AC 171 16.30 -20.99 5.43
C PHE AC 171 15.44 -19.84 5.93
N SER AC 172 14.15 -19.96 5.71
CA SER AC 172 13.22 -18.91 6.07
C SER AC 172 12.33 -19.35 7.22
N VAL AC 173 11.54 -18.40 7.72
CA VAL AC 173 10.68 -18.62 8.87
C VAL AC 173 9.53 -17.65 8.76
N ASP AC 174 8.39 -18.04 9.31
CA ASP AC 174 7.20 -17.20 9.38
C ASP AC 174 6.66 -17.16 10.81
N LEU AC 175 7.22 -16.26 11.59
CA LEU AC 175 6.77 -16.06 12.95
C LEU AC 175 5.41 -15.37 12.97
N PRO AC 176 4.56 -15.71 13.94
CA PRO AC 176 3.30 -14.96 14.10
C PRO AC 176 3.60 -13.52 14.49
N LYS AC 177 2.73 -12.61 14.06
CA LYS AC 177 3.05 -11.21 14.27
C LYS AC 177 2.59 -10.75 15.64
N LYS AC 178 3.15 -9.62 16.07
CA LYS AC 178 2.79 -9.03 17.34
C LYS AC 178 1.51 -8.21 17.22
N HIS AC 179 0.60 -8.41 18.16
CA HIS AC 179 -0.55 -7.53 18.33
C HIS AC 179 -1.08 -7.75 19.74
N GLY AC 180 -2.01 -6.87 20.14
CA GLY AC 180 -2.66 -7.00 21.43
C GLY AC 180 -4.08 -7.49 21.39
N ARG AC 181 -4.54 -8.05 20.28
CA ARG AC 181 -5.93 -8.40 20.12
C ARG AC 181 -6.21 -9.78 20.71
N GLY AC 182 -7.47 -10.02 21.04
CA GLY AC 182 -7.88 -11.35 21.42
C GLY AC 182 -8.64 -11.49 22.72
N GLY AC 183 -8.98 -10.38 23.36
CA GLY AC 183 -9.81 -10.47 24.55
C GLY AC 183 -9.16 -11.25 25.67
N GLN AC 184 -9.91 -12.23 26.22
CA GLN AC 184 -9.43 -13.02 27.34
C GLN AC 184 -8.28 -13.94 26.97
N SER AC 185 -8.01 -14.13 25.68
CA SER AC 185 -6.94 -15.00 25.24
C SER AC 185 -5.72 -14.23 24.78
N ALA AC 186 -5.64 -12.94 25.10
CA ALA AC 186 -4.51 -12.13 24.66
C ALA AC 186 -3.20 -12.62 25.27
N LEU AC 187 -3.18 -12.91 26.56
CA LEU AC 187 -1.98 -13.48 27.16
C LEU AC 187 -1.65 -14.83 26.55
N ARG AC 188 -2.68 -15.64 26.27
CA ARG AC 188 -2.47 -16.91 25.60
C ARG AC 188 -1.83 -16.71 24.23
N PHE AC 189 -2.40 -15.82 23.42
CA PHE AC 189 -1.83 -15.56 22.11
C PHE AC 189 -0.43 -14.98 22.23
N ALA AC 190 -0.24 -14.07 23.19
CA ALA AC 190 1.05 -13.41 23.32
C ALA AC 190 2.15 -14.40 23.65
N ARG AC 191 1.88 -15.32 24.58
CA ARG AC 191 2.91 -16.29 24.88
C ARG AC 191 2.90 -17.50 23.96
N LEU AC 192 1.87 -17.64 23.11
CA LEU AC 192 1.99 -18.54 21.96
C LEU AC 192 2.92 -17.94 20.91
N ARG AC 193 2.93 -16.62 20.78
CA ARG AC 193 3.92 -15.98 19.92
C ARG AC 193 5.34 -16.19 20.44
N MET AC 194 5.54 -16.06 21.74
CA MET AC 194 6.89 -16.14 22.29
C MET AC 194 7.51 -17.52 22.13
N GLU AC 195 6.71 -18.58 22.30
CA GLU AC 195 7.28 -19.91 22.14
C GLU AC 195 7.70 -20.18 20.71
N LYS AC 196 6.97 -19.66 19.72
CA LYS AC 196 7.36 -19.85 18.33
C LYS AC 196 8.65 -19.10 18.02
N ARG AC 197 8.82 -17.91 18.61
CA ARG AC 197 10.13 -17.25 18.54
C ARG AC 197 11.20 -18.09 19.21
N HIS AC 198 10.86 -18.72 20.34
CA HIS AC 198 11.81 -19.58 21.03
C HIS AC 198 12.24 -20.76 20.19
N ASN AC 199 11.28 -21.41 19.52
CA ASN AC 199 11.63 -22.55 18.69
C ASN AC 199 12.49 -22.13 17.51
N TYR AC 200 12.29 -20.90 17.03
CA TYR AC 200 13.10 -20.40 15.92
C TYR AC 200 14.55 -20.19 16.33
N VAL AC 201 14.80 -19.64 17.52
CA VAL AC 201 16.17 -19.55 17.97
C VAL AC 201 16.72 -20.95 18.27
N ARG AC 202 15.85 -21.88 18.63
CA ARG AC 202 16.28 -23.26 18.85
C ARG AC 202 16.73 -23.90 17.53
N LYS AC 203 15.94 -23.73 16.48
CA LYS AC 203 16.31 -24.27 15.18
C LYS AC 203 17.61 -23.64 14.68
N THR AC 204 17.85 -22.38 15.01
CA THR AC 204 19.02 -21.69 14.48
C THR AC 204 20.30 -22.19 15.15
N ALA AC 205 20.26 -22.38 16.47
CA ALA AC 205 21.47 -22.79 17.17
C ALA AC 205 21.81 -24.25 16.91
N GLU AC 206 20.81 -25.09 16.71
CA GLU AC 206 21.07 -26.48 16.36
C GLU AC 206 21.77 -26.58 15.02
N LEU AC 207 21.34 -25.79 14.03
CA LEU AC 207 22.03 -25.79 12.74
C LEU AC 207 23.47 -25.31 12.89
N ALA AC 208 23.72 -24.38 13.83
CA ALA AC 208 25.06 -23.83 13.97
C ALA AC 208 26.04 -24.90 14.40
N THR AC 209 25.65 -25.75 15.35
CA THR AC 209 26.51 -26.86 15.75
C THR AC 209 26.79 -27.78 14.58
N GLN AC 210 25.75 -28.15 13.84
CA GLN AC 210 25.92 -29.03 12.71
C GLN AC 210 26.79 -28.42 11.64
N PHE AC 211 26.80 -27.10 11.52
CA PHE AC 211 27.54 -26.48 10.43
C PHE AC 211 28.93 -26.00 10.83
N PHE AC 212 29.10 -25.52 12.07
CA PHE AC 212 30.33 -24.88 12.46
C PHE AC 212 31.12 -25.69 13.48
N ILE AC 213 30.86 -27.00 13.59
CA ILE AC 213 31.63 -27.89 14.45
C ILE AC 213 32.20 -29.02 13.61
N ASN AC 214 33.47 -29.29 13.79
CA ASN AC 214 34.04 -30.51 13.25
C ASN AC 214 33.52 -31.69 14.05
N PRO AC 215 32.74 -32.59 13.44
CA PRO AC 215 32.33 -33.80 14.18
C PRO AC 215 33.51 -34.65 14.57
N ALA AC 216 34.56 -34.65 13.75
CA ALA AC 216 35.68 -35.56 13.95
C ALA AC 216 36.49 -35.17 15.18
N THR AC 217 36.84 -33.90 15.32
CA THR AC 217 37.51 -33.46 16.52
C THR AC 217 36.48 -32.93 17.51
N SER AC 218 36.95 -32.29 18.58
CA SER AC 218 36.09 -31.70 19.59
C SER AC 218 36.09 -30.18 19.52
N GLN AC 219 36.42 -29.62 18.38
CA GLN AC 219 36.62 -28.18 18.24
C GLN AC 219 35.97 -27.70 16.95
N PRO AC 220 35.55 -26.43 16.90
CA PRO AC 220 34.83 -25.92 15.73
C PRO AC 220 35.74 -25.82 14.51
N ASN AC 221 35.10 -25.63 13.35
CA ASN AC 221 35.83 -25.49 12.10
C ASN AC 221 35.80 -24.08 11.53
N VAL AC 222 35.41 -23.08 12.31
CA VAL AC 222 35.54 -21.68 11.92
C VAL AC 222 36.28 -20.94 13.02
N ALA AC 223 37.34 -20.22 12.64
CA ALA AC 223 38.24 -19.61 13.62
C ALA AC 223 37.51 -18.60 14.48
N GLY AC 224 36.68 -17.76 13.85
CA GLY AC 224 35.85 -16.83 14.59
C GLY AC 224 34.42 -16.93 14.08
N LEU AC 225 33.54 -16.22 14.76
CA LEU AC 225 32.12 -16.25 14.43
C LEU AC 225 31.57 -14.84 14.52
N ILE AC 226 30.77 -14.44 13.55
CA ILE AC 226 30.19 -13.10 13.48
C ILE AC 226 28.67 -13.25 13.38
N LEU AC 227 27.94 -12.71 14.36
CA LEU AC 227 26.49 -12.73 14.34
C LEU AC 227 25.99 -11.35 13.91
N ALA AC 228 25.30 -11.29 12.79
CA ALA AC 228 24.72 -10.05 12.30
C ALA AC 228 23.21 -10.20 12.19
N GLY AC 229 22.53 -9.06 12.11
CA GLY AC 229 21.09 -9.04 11.96
C GLY AC 229 20.51 -7.73 12.44
N SER AC 230 19.18 -7.65 12.34
CA SER AC 230 18.43 -6.49 12.82
C SER AC 230 17.38 -6.94 13.82
N ALA AC 231 17.15 -6.11 14.85
CA ALA AC 231 16.05 -6.28 15.79
C ALA AC 231 16.17 -7.55 16.63
N ASP AC 232 17.33 -7.70 17.29
CA ASP AC 232 17.57 -8.47 18.50
C ASP AC 232 17.28 -9.97 18.52
N PHE AC 233 17.10 -10.66 17.40
CA PHE AC 233 17.35 -12.12 17.45
C PHE AC 233 18.82 -12.44 17.63
N LYS AC 234 19.71 -11.73 16.93
CA LYS AC 234 21.11 -12.10 16.96
C LYS AC 234 21.68 -12.03 18.37
N THR AC 235 21.32 -11.00 19.12
CA THR AC 235 21.73 -10.94 20.51
C THR AC 235 21.00 -11.96 21.35
N GLU AC 236 19.78 -12.32 20.97
CA GLU AC 236 19.09 -13.40 21.68
C GLU AC 236 19.80 -14.73 21.48
N LEU AC 237 20.26 -15.00 20.27
CA LEU AC 237 21.08 -16.19 20.04
C LEU AC 237 22.36 -16.16 20.85
N SER AC 238 23.02 -15.00 20.87
CA SER AC 238 24.32 -14.88 21.52
C SER AC 238 24.22 -15.25 23.01
N GLN AC 239 23.17 -14.79 23.68
CA GLN AC 239 22.99 -15.04 25.09
C GLN AC 239 22.27 -16.35 25.39
N SER AC 240 21.79 -17.05 24.37
CA SER AC 240 20.94 -18.20 24.60
C SER AC 240 21.74 -19.36 25.16
N ASP AC 241 21.16 -20.04 26.17
CA ASP AC 241 21.81 -21.18 26.77
C ASP AC 241 21.76 -22.42 25.88
N MET AC 242 20.97 -22.41 24.84
CA MET AC 242 21.01 -23.48 23.85
C MET AC 242 21.96 -23.17 22.70
N PHE AC 243 22.61 -22.02 22.73
CA PHE AC 243 23.76 -21.79 21.86
C PHE AC 243 24.97 -22.54 22.39
N ASP AC 244 25.66 -23.24 21.49
CA ASP AC 244 26.76 -24.12 21.89
C ASP AC 244 27.87 -23.33 22.57
N GLN AC 245 28.38 -23.87 23.69
CA GLN AC 245 29.47 -23.24 24.43
C GLN AC 245 30.83 -23.44 23.78
N ARG AC 246 30.95 -24.37 22.83
CA ARG AC 246 32.15 -24.43 22.01
C ARG AC 246 32.15 -23.34 20.94
N LEU AC 247 30.97 -22.92 20.48
CA LEU AC 247 30.87 -21.79 19.57
C LEU AC 247 30.57 -20.48 20.27
N GLN AC 248 30.16 -20.53 21.55
CA GLN AC 248 29.90 -19.30 22.27
C GLN AC 248 31.18 -18.53 22.55
N CYS AC 249 32.28 -19.25 22.75
CA CYS AC 249 33.56 -18.65 23.07
C CYS AC 249 34.24 -18.02 21.87
N LYS AC 250 33.88 -18.42 20.65
CA LYS AC 250 34.52 -17.90 19.45
C LYS AC 250 33.86 -16.62 18.91
N ILE AC 251 32.66 -16.25 19.37
CA ILE AC 251 32.00 -15.05 18.86
C ILE AC 251 32.89 -13.85 19.14
N LEU AC 252 33.30 -13.15 18.09
CA LEU AC 252 34.16 -11.99 18.27
C LEU AC 252 33.54 -10.69 17.76
N ASN AC 253 32.34 -10.74 17.21
CA ASN AC 253 31.54 -9.55 16.99
C ASN AC 253 30.07 -9.93 16.91
N VAL AC 254 29.22 -9.03 17.41
CA VAL AC 254 27.80 -9.04 17.16
C VAL AC 254 27.45 -7.67 16.61
N VAL AC 255 27.01 -7.62 15.37
CA VAL AC 255 26.99 -6.37 14.62
C VAL AC 255 25.63 -6.18 13.98
N ASP AC 256 25.21 -4.92 13.86
CA ASP AC 256 23.89 -4.56 13.34
C ASP AC 256 23.97 -4.31 11.84
N VAL AC 257 23.04 -4.88 11.08
CA VAL AC 257 22.96 -4.68 9.64
C VAL AC 257 21.51 -4.42 9.26
N SER AC 258 21.31 -3.95 8.03
CA SER AC 258 20.01 -3.90 7.40
C SER AC 258 19.93 -4.91 6.25
N TYR AC 259 18.70 -5.25 5.89
CA TYR AC 259 18.33 -6.15 4.78
C TYR AC 259 18.64 -7.63 4.96
N GLY AC 260 19.43 -8.02 5.95
CA GLY AC 260 19.70 -9.44 6.15
C GLY AC 260 20.11 -10.20 4.91
N GLY AC 261 20.01 -11.53 4.94
CA GLY AC 261 20.30 -12.35 3.77
C GLY AC 261 21.73 -12.20 3.29
N GLU AC 262 21.92 -12.39 1.97
CA GLU AC 262 23.25 -12.16 1.39
C GLU AC 262 23.59 -10.68 1.34
N SER AC 263 22.58 -9.81 1.24
CA SER AC 263 22.84 -8.38 1.35
C SER AC 263 23.48 -8.04 2.69
N GLY AC 264 22.92 -8.57 3.77
CA GLY AC 264 23.50 -8.36 5.08
C GLY AC 264 24.80 -9.12 5.26
N PHE AC 265 24.99 -10.19 4.49
CA PHE AC 265 26.26 -10.92 4.52
C PHE AC 265 27.39 -10.00 4.11
N ASN AC 266 27.23 -9.27 3.01
CA ASN AC 266 28.22 -8.28 2.61
C ASN AC 266 28.38 -7.19 3.65
N GLN AC 267 27.26 -6.72 4.20
CA GLN AC 267 27.30 -5.64 5.18
C GLN AC 267 28.03 -6.08 6.43
N ALA AC 268 27.79 -7.31 6.87
CA ALA AC 268 28.52 -7.85 8.01
C ALA AC 268 30.01 -7.90 7.73
N ILE AC 269 30.38 -8.28 6.51
CA ILE AC 269 31.79 -8.39 6.16
C ILE AC 269 32.48 -7.04 6.28
N GLU AC 270 31.87 -6.01 5.70
CA GLU AC 270 32.55 -4.71 5.64
C GLU AC 270 32.52 -3.99 6.98
N LEU AC 271 31.67 -4.39 7.92
CA LEU AC 271 31.67 -3.79 9.24
C LEU AC 271 32.55 -4.50 10.23
N SER AC 272 32.97 -5.73 9.96
CA SER AC 272 33.87 -6.45 10.87
C SER AC 272 35.27 -6.57 10.33
N ALA AC 273 35.58 -5.98 9.17
CA ALA AC 273 36.90 -6.10 8.59
C ALA AC 273 37.99 -5.63 9.55
N GLU AC 274 37.68 -4.65 10.39
CA GLU AC 274 38.68 -4.12 11.30
C GLU AC 274 39.12 -5.17 12.32
N ILE AC 275 38.16 -5.88 12.91
CA ILE AC 275 38.52 -6.86 13.93
C ILE AC 275 39.09 -8.14 13.31
N LEU AC 276 38.71 -8.45 12.08
CA LEU AC 276 39.36 -9.55 11.38
C LEU AC 276 40.74 -9.18 10.89
N ALA AC 277 41.06 -7.89 10.89
CA ALA AC 277 42.46 -7.50 10.73
C ALA AC 277 43.22 -7.76 12.02
N ASN AC 278 42.57 -7.50 13.15
CA ASN AC 278 43.16 -7.70 14.47
C ASN AC 278 42.89 -9.09 15.02
N VAL AC 279 42.25 -9.97 14.27
CA VAL AC 279 41.95 -11.30 14.80
C VAL AC 279 43.22 -12.06 15.09
N LYS AC 280 44.19 -11.98 14.18
CA LYS AC 280 45.45 -12.66 14.41
C LYS AC 280 46.25 -11.95 15.50
N PHE AC 281 46.39 -10.62 15.43
CA PHE AC 281 47.36 -9.95 16.29
C PHE AC 281 47.04 -10.16 17.75
N ILE AC 282 45.75 -10.25 18.10
CA ILE AC 282 45.36 -10.62 19.45
C ILE AC 282 45.63 -12.09 19.73
N GLN AC 283 45.89 -12.89 18.69
CA GLN AC 283 46.34 -14.27 18.92
C GLN AC 283 47.85 -14.36 19.15
N GLU AC 284 48.66 -13.47 18.55
CA GLU AC 284 50.09 -13.52 18.83
C GLU AC 284 50.46 -12.76 20.10
N LYS AC 285 49.62 -11.82 20.55
CA LYS AC 285 49.84 -11.19 21.84
C LYS AC 285 49.86 -12.22 22.96
N LYS AC 286 48.91 -13.15 22.93
CA LYS AC 286 48.79 -14.14 23.99
C LYS AC 286 50.05 -15.01 24.09
N LEU AC 287 50.74 -15.22 22.97
CA LEU AC 287 51.87 -16.14 22.95
C LEU AC 287 53.15 -15.51 23.49
N ILE AC 288 53.55 -14.37 22.92
CA ILE AC 288 54.83 -13.77 23.33
C ILE AC 288 54.78 -13.31 24.77
N GLY AC 289 53.64 -12.76 25.20
CA GLY AC 289 53.49 -12.39 26.58
C GLY AC 289 53.57 -13.58 27.52
N LYS AC 290 52.91 -14.68 27.15
CA LYS AC 290 53.05 -15.91 27.93
C LYS AC 290 54.48 -16.40 27.90
N TYR AC 291 55.23 -16.08 26.85
CA TYR AC 291 56.64 -16.44 26.76
C TYR AC 291 57.50 -15.53 27.64
N PHE AC 292 57.16 -14.25 27.71
CA PHE AC 292 58.00 -13.26 28.39
C PHE AC 292 57.75 -13.20 29.89
N GLU AC 293 56.72 -13.88 30.39
CA GLU AC 293 56.44 -13.85 31.82
C GLU AC 293 57.28 -14.86 32.60
N GLU AC 294 58.05 -15.70 31.93
CA GLU AC 294 59.12 -16.47 32.58
C GLU AC 294 60.39 -15.67 32.80
N ILE AC 295 60.46 -14.43 32.32
CA ILE AC 295 61.57 -13.55 32.72
C ILE AC 295 61.60 -13.41 34.23
N SER AC 296 60.43 -13.28 34.85
CA SER AC 296 60.34 -13.09 36.29
C SER AC 296 60.97 -14.26 37.04
N GLN AC 297 60.66 -15.48 36.64
CA GLN AC 297 60.96 -16.65 37.45
C GLN AC 297 62.14 -17.46 36.97
N ASP AC 298 62.36 -17.52 35.66
CA ASP AC 298 63.37 -18.40 35.06
C ASP AC 298 63.08 -19.85 35.45
N THR AC 299 61.91 -20.32 35.02
CA THR AC 299 61.47 -21.68 35.26
C THR AC 299 62.15 -22.69 34.36
N GLY AC 300 62.92 -22.23 33.38
CA GLY AC 300 63.74 -23.13 32.59
C GLY AC 300 63.20 -23.41 31.22
N LYS AC 301 61.88 -23.61 31.11
CA LYS AC 301 61.29 -23.82 29.79
C LYS AC 301 61.53 -22.61 28.90
N TYR AC 302 61.83 -21.48 29.50
CA TYR AC 302 62.21 -20.28 28.78
C TYR AC 302 63.51 -20.48 28.00
N VAL AC 303 63.48 -20.24 26.69
CA VAL AC 303 64.66 -20.39 25.85
C VAL AC 303 64.67 -19.30 24.78
N PHE AC 304 65.82 -18.64 24.61
CA PHE AC 304 66.02 -17.77 23.45
C PHE AC 304 67.47 -17.88 22.99
N GLY AC 305 67.78 -17.14 21.94
CA GLY AC 305 69.09 -17.09 21.33
C GLY AC 305 69.13 -17.88 20.03
N VAL AC 306 70.11 -17.55 19.19
CA VAL AC 306 70.21 -18.21 17.89
C VAL AC 306 70.66 -19.67 18.04
N ASP AC 307 71.86 -19.90 18.58
CA ASP AC 307 72.36 -21.26 18.67
C ASP AC 307 71.72 -22.01 19.84
N ASP AC 308 71.32 -21.28 20.88
CA ASP AC 308 70.58 -21.87 21.99
C ASP AC 308 69.26 -22.49 21.52
N THR AC 309 68.55 -21.78 20.63
CA THR AC 309 67.28 -22.31 20.14
C THR AC 309 67.44 -23.18 18.91
N LEU AC 310 68.55 -23.06 18.19
CA LEU AC 310 68.82 -23.92 17.05
C LEU AC 310 69.51 -25.20 17.49
N LYS AC 311 69.75 -25.36 18.78
CA LYS AC 311 70.17 -26.64 19.34
C LYS AC 311 69.24 -27.16 20.42
N ALA AC 312 68.43 -26.31 21.06
CA ALA AC 312 67.38 -26.84 21.91
C ALA AC 312 66.28 -27.52 21.10
N LEU AC 313 66.36 -27.46 19.77
CA LEU AC 313 65.53 -28.24 18.88
C LEU AC 313 65.97 -29.69 18.76
N GLU AC 314 67.14 -30.05 19.30
CA GLU AC 314 67.81 -31.27 18.91
C GLU AC 314 66.98 -32.51 19.25
N MET AC 315 66.36 -32.52 20.43
CA MET AC 315 65.62 -33.69 20.89
C MET AC 315 64.21 -33.53 20.27
N GLY AC 316 63.24 -34.35 20.67
CA GLY AC 316 61.86 -34.03 20.40
C GLY AC 316 61.54 -32.57 20.63
N ALA AC 317 60.65 -32.06 19.79
CA ALA AC 317 60.47 -30.63 19.60
C ALA AC 317 60.22 -29.87 20.90
N VAL AC 318 60.69 -28.61 20.92
CA VAL AC 318 60.26 -27.67 21.93
C VAL AC 318 58.74 -27.55 21.89
N GLU AC 319 58.14 -27.26 23.06
CA GLU AC 319 56.69 -27.13 23.15
C GLU AC 319 56.15 -26.09 22.18
N THR AC 320 56.79 -24.93 22.14
CA THR AC 320 56.40 -23.85 21.24
C THR AC 320 57.66 -23.26 20.64
N LEU AC 321 57.53 -22.72 19.44
CA LEU AC 321 58.67 -22.12 18.74
C LEU AC 321 58.19 -20.82 18.12
N MET AC 322 58.86 -19.72 18.44
CA MET AC 322 58.44 -18.39 18.02
C MET AC 322 59.54 -17.75 17.21
N VAL AC 323 59.20 -17.31 16.00
CA VAL AC 323 60.14 -16.70 15.08
C VAL AC 323 59.50 -15.46 14.48
N TRP AC 324 60.30 -14.42 14.27
CA TRP AC 324 59.81 -13.16 13.70
C TRP AC 324 59.33 -13.34 12.27
N GLU AC 325 58.84 -12.26 11.66
CA GLU AC 325 58.45 -12.35 10.26
C GLU AC 325 59.67 -12.50 9.36
N ASN AC 326 60.65 -11.63 9.53
CA ASN AC 326 61.92 -11.72 8.84
C ASN AC 326 62.93 -12.46 9.71
N LEU AC 327 63.91 -13.06 9.04
CA LEU AC 327 65.16 -13.47 9.69
C LEU AC 327 66.30 -13.37 8.70
N ASP AC 328 67.36 -12.67 9.12
CA ASP AC 328 68.60 -12.59 8.38
C ASP AC 328 69.64 -13.63 8.79
N VAL AC 329 69.54 -14.19 10.00
CA VAL AC 329 70.46 -15.26 10.39
C VAL AC 329 70.15 -16.49 9.53
N ASN AC 330 71.18 -17.07 8.94
CA ASN AC 330 71.05 -17.98 7.82
C ASN AC 330 71.76 -19.30 8.10
N ARG AC 331 71.12 -20.39 7.68
CA ARG AC 331 71.70 -21.73 7.80
C ARG AC 331 72.45 -22.10 6.52
N PHE AC 332 73.75 -22.35 6.64
CA PHE AC 332 74.56 -22.84 5.54
C PHE AC 332 74.76 -24.35 5.68
N VAL AC 333 74.83 -25.04 4.54
CA VAL AC 333 75.40 -26.38 4.49
C VAL AC 333 76.80 -26.27 3.90
N LEU AC 334 77.74 -27.07 4.42
CA LEU AC 334 79.14 -26.93 4.05
C LEU AC 334 79.77 -28.31 3.84
N LYS AC 335 79.67 -28.81 2.61
CA LYS AC 335 80.48 -29.95 2.19
C LYS AC 335 81.87 -29.44 1.86
N HIS AC 336 82.89 -30.19 2.26
CA HIS AC 336 84.24 -29.66 2.31
C HIS AC 336 84.91 -29.70 0.93
N SER AC 337 86.09 -29.10 0.87
CA SER AC 337 87.06 -29.32 -0.21
C SER AC 337 88.00 -30.48 0.11
N ALA AC 338 87.41 -31.61 0.48
CA ALA AC 338 88.13 -32.84 0.79
C ALA AC 338 87.09 -33.96 0.85
N THR AC 339 87.50 -35.11 1.39
CA THR AC 339 86.60 -36.26 1.45
C THR AC 339 85.40 -35.96 2.34
N GLY AC 340 84.23 -35.76 1.73
CA GLY AC 340 83.00 -35.55 2.48
C GLY AC 340 83.11 -34.39 3.45
N GLU AC 341 82.96 -34.71 4.74
CA GLU AC 341 83.08 -33.78 5.86
C GLU AC 341 82.06 -32.64 5.72
N ILE AC 342 80.79 -33.05 5.84
CA ILE AC 342 79.67 -32.12 5.90
C ILE AC 342 79.79 -31.22 7.14
N ILE AC 343 79.35 -29.97 6.99
CA ILE AC 343 79.34 -29.01 8.09
C ILE AC 343 78.02 -28.24 8.09
N ILE AC 344 77.52 -27.95 9.29
CA ILE AC 344 76.31 -27.17 9.49
C ILE AC 344 76.69 -25.87 10.20
N LYS AC 345 76.34 -24.74 9.61
CA LYS AC 345 76.59 -23.43 10.19
C LYS AC 345 75.32 -22.58 10.16
N HIS AC 346 75.17 -21.73 11.16
CA HIS AC 346 74.09 -20.75 11.28
C HIS AC 346 74.76 -19.38 11.31
N LEU AC 347 75.00 -18.79 10.14
CA LEU AC 347 75.82 -17.60 10.02
C LEU AC 347 74.99 -16.32 9.92
N ASN AC 348 75.66 -15.20 10.16
CA ASN AC 348 75.11 -13.85 10.11
C ASN AC 348 75.34 -13.25 8.72
N LYS AC 349 75.20 -11.93 8.59
CA LYS AC 349 75.49 -11.19 7.37
C LYS AC 349 76.95 -10.76 7.27
N GLU AC 350 77.76 -10.99 8.31
CA GLU AC 350 79.15 -10.52 8.27
C GLU AC 350 79.94 -11.25 7.19
N GLY AC 351 79.68 -12.53 7.00
CA GLY AC 351 80.24 -13.25 5.88
C GLY AC 351 79.19 -14.05 5.13
N GLU AC 352 77.97 -13.52 5.08
CA GLU AC 352 76.90 -14.23 4.37
C GLU AC 352 77.17 -14.29 2.88
N ALA AC 353 77.69 -13.20 2.30
CA ALA AC 353 77.97 -13.22 0.86
C ALA AC 353 79.25 -13.98 0.57
N ASP AC 354 80.39 -13.47 1.03
CA ASP AC 354 81.68 -14.07 0.75
C ASP AC 354 82.73 -13.47 1.67
N GLN AC 355 83.77 -14.26 1.97
CA GLN AC 355 84.80 -13.87 2.91
C GLN AC 355 86.11 -14.60 2.61
N SER AC 356 87.22 -13.94 2.92
CA SER AC 356 88.53 -14.59 2.81
C SER AC 356 88.75 -15.61 3.91
N ASN AC 357 88.08 -15.45 5.05
CA ASN AC 357 88.14 -16.40 6.16
C ASN AC 357 87.09 -17.51 6.07
N PHE AC 358 86.70 -17.90 4.85
CA PHE AC 358 86.04 -19.18 4.65
C PHE AC 358 87.06 -20.31 4.70
N ARG AC 359 87.73 -20.40 5.85
CA ARG AC 359 88.88 -21.28 6.04
C ARG AC 359 88.58 -22.24 7.17
N ASP AC 360 88.54 -23.54 6.84
CA ASP AC 360 88.31 -24.71 7.70
C ASP AC 360 89.43 -25.07 8.68
N PRO AC 361 90.69 -24.67 8.43
CA PRO AC 361 91.81 -25.62 8.53
C PRO AC 361 91.86 -26.53 9.76
N SER AC 362 91.77 -27.83 9.51
CA SER AC 362 92.28 -28.84 10.44
C SER AC 362 93.04 -29.95 9.76
N THR AC 363 92.82 -30.20 8.48
CA THR AC 363 93.46 -31.27 7.72
C THR AC 363 94.21 -30.70 6.51
N ASN AC 364 94.82 -29.53 6.69
CA ASN AC 364 95.51 -28.81 5.61
C ASN AC 364 94.56 -28.47 4.45
N ALA AC 365 93.39 -27.93 4.78
CA ALA AC 365 92.41 -27.57 3.75
C ALA AC 365 91.42 -26.55 4.29
N GLU AC 366 90.70 -25.91 3.35
CA GLU AC 366 89.81 -24.79 3.62
C GLU AC 366 88.32 -25.20 3.64
N LEU AC 367 87.45 -24.19 3.70
CA LEU AC 367 86.00 -24.33 3.65
C LEU AC 367 85.49 -24.17 2.22
N GLU AC 368 84.59 -25.06 1.80
CA GLU AC 368 83.80 -24.85 0.59
C GLU AC 368 82.40 -24.43 1.02
N VAL AC 369 81.96 -23.29 0.52
CA VAL AC 369 80.64 -22.79 0.88
C VAL AC 369 79.69 -23.03 -0.28
N GLN AC 370 79.02 -24.18 -0.26
CA GLN AC 370 78.04 -24.57 -1.26
C GLN AC 370 76.73 -23.84 -0.97
N GLU AC 371 75.66 -24.18 -1.69
CA GLU AC 371 74.42 -23.41 -1.60
C GLU AC 371 73.88 -23.44 -0.17
N LYS AC 372 73.13 -22.39 0.17
CA LYS AC 372 72.63 -22.19 1.52
C LYS AC 372 71.18 -22.65 1.61
N THR AC 373 70.59 -22.50 2.79
CA THR AC 373 69.16 -22.63 2.99
C THR AC 373 68.63 -21.32 3.56
N SER AC 374 67.35 -21.30 3.90
CA SER AC 374 66.76 -20.21 4.67
C SER AC 374 66.34 -20.75 6.03
N LEU AC 375 66.73 -20.04 7.09
CA LEU AC 375 66.48 -20.55 8.43
C LEU AC 375 64.99 -20.61 8.74
N LEU AC 376 64.25 -19.55 8.40
CA LEU AC 376 62.81 -19.60 8.55
C LEU AC 376 62.21 -20.71 7.68
N GLU AC 377 62.74 -20.87 6.46
CA GLU AC 377 62.33 -22.00 5.64
C GLU AC 377 62.72 -23.33 6.27
N TRP AC 378 63.83 -23.38 7.03
CA TRP AC 378 64.20 -24.61 7.69
C TRP AC 378 63.26 -24.92 8.84
N PHE AC 379 62.95 -23.91 9.66
CA PHE AC 379 61.87 -24.09 10.63
C PHE AC 379 60.54 -24.36 9.94
N ALA AC 380 60.41 -24.01 8.66
CA ALA AC 380 59.19 -24.30 7.94
C ALA AC 380 59.15 -25.77 7.52
N ASN AC 381 60.03 -26.15 6.57
CA ASN AC 381 59.98 -27.51 6.04
C ASN AC 381 60.24 -28.53 7.14
N GLU AC 382 61.35 -28.36 7.86
CA GLU AC 382 61.77 -29.34 8.84
C GLU AC 382 61.27 -28.97 10.24
N TYR AC 383 59.95 -28.83 10.35
CA TYR AC 383 59.31 -28.70 11.65
C TYR AC 383 58.77 -30.04 12.14
N LYS AC 384 59.04 -31.12 11.41
CA LYS AC 384 58.52 -32.44 11.77
C LYS AC 384 59.23 -32.94 13.01
N LYS AC 385 58.64 -32.66 14.17
CA LYS AC 385 59.20 -32.96 15.48
C LYS AC 385 60.60 -32.36 15.67
N PHE AC 386 60.98 -31.41 14.82
CA PHE AC 386 62.16 -30.56 15.03
C PHE AC 386 61.61 -29.14 15.23
N GLY AC 387 61.31 -28.81 16.48
CA GLY AC 387 60.77 -27.51 16.80
C GLY AC 387 59.32 -27.31 16.38
N CYS AC 388 58.42 -28.08 16.97
CA CYS AC 388 57.00 -27.98 16.67
C CYS AC 388 56.42 -26.65 17.14
N THR AC 389 55.13 -26.49 16.86
CA THR AC 389 54.40 -25.26 17.16
C THR AC 389 55.07 -24.08 16.45
N LEU AC 390 55.06 -24.17 15.13
CA LEU AC 390 55.54 -23.08 14.30
C LEU AC 390 54.65 -21.86 14.50
N GLU AC 391 55.27 -20.74 14.90
CA GLU AC 391 54.55 -19.50 15.15
C GLU AC 391 55.34 -18.36 14.53
N PHE AC 392 54.66 -17.52 13.77
CA PHE AC 392 55.27 -16.34 13.15
C PHE AC 392 54.60 -15.10 13.72
N VAL AC 393 55.41 -14.12 14.12
CA VAL AC 393 54.92 -12.99 14.90
C VAL AC 393 55.16 -11.69 14.13
N THR AC 394 54.46 -10.65 14.56
CA THR AC 394 54.69 -9.30 14.10
C THR AC 394 54.90 -8.42 15.32
N ASN AC 395 55.87 -7.52 15.25
CA ASN AC 395 56.25 -6.69 16.40
C ASN AC 395 55.42 -5.41 16.37
N LYS AC 396 54.43 -5.34 17.25
CA LYS AC 396 53.65 -4.12 17.40
C LYS AC 396 53.71 -3.53 18.80
N SER AC 397 53.36 -4.32 19.80
CA SER AC 397 53.23 -3.81 21.17
C SER AC 397 54.64 -3.74 21.76
N GLN AC 398 54.73 -3.44 23.07
CA GLN AC 398 56.06 -3.31 23.68
C GLN AC 398 56.83 -4.62 23.61
N GLU AC 399 56.38 -5.63 24.36
CA GLU AC 399 57.03 -6.93 24.31
C GLU AC 399 56.78 -7.63 22.99
N GLY AC 400 55.77 -7.19 22.23
CA GLY AC 400 55.65 -7.64 20.85
C GLY AC 400 56.87 -7.28 20.04
N SER AC 401 57.40 -6.07 20.24
CA SER AC 401 58.63 -5.68 19.57
C SER AC 401 59.85 -6.23 20.29
N GLN AC 402 59.81 -6.31 21.61
CA GLN AC 402 61.00 -6.66 22.40
C GLN AC 402 61.43 -8.10 22.19
N PHE AC 403 60.52 -8.97 21.75
CA PHE AC 403 60.89 -10.36 21.46
C PHE AC 403 62.08 -10.43 20.52
N CYS AC 404 62.13 -9.53 19.54
CA CYS AC 404 63.21 -9.50 18.57
C CYS AC 404 64.17 -8.35 18.75
N ARG AC 405 63.70 -7.22 19.29
CA ARG AC 405 64.60 -6.11 19.57
C ARG AC 405 65.50 -6.37 20.77
N GLY AC 406 65.18 -7.35 21.61
CA GLY AC 406 66.04 -7.61 22.75
C GLY AC 406 66.94 -8.83 22.64
N PHE AC 407 66.39 -9.95 22.19
CA PHE AC 407 67.05 -11.25 22.25
C PHE AC 407 67.24 -11.85 20.85
N GLY AC 408 67.45 -10.99 19.85
CA GLY AC 408 67.57 -11.46 18.48
C GLY AC 408 66.24 -11.53 17.73
N GLY AC 409 65.34 -12.38 18.21
CA GLY AC 409 64.08 -12.60 17.51
C GLY AC 409 63.60 -14.02 17.53
N ILE AC 410 64.27 -14.88 18.29
CA ILE AC 410 63.95 -16.30 18.32
C ILE AC 410 63.56 -16.67 19.74
N GLY AC 411 62.60 -17.59 19.87
CA GLY AC 411 62.20 -18.01 21.21
C GLY AC 411 61.41 -19.29 21.16
N GLY AC 412 60.99 -19.73 22.33
CA GLY AC 412 60.22 -20.95 22.44
C GLY AC 412 60.02 -21.37 23.89
N ILE AC 413 59.37 -22.51 24.03
CA ILE AC 413 59.15 -23.17 25.31
C ILE AC 413 59.45 -24.66 25.10
N LEU AC 414 60.17 -25.27 26.03
CA LEU AC 414 60.59 -26.66 25.91
C LEU AC 414 59.66 -27.58 26.69
N ARG AC 415 59.60 -28.85 26.26
CA ARG AC 415 58.43 -29.68 26.56
C ARG AC 415 58.44 -30.24 27.99
N TYR AC 416 59.39 -31.10 28.32
CA TYR AC 416 59.44 -31.73 29.63
C TYR AC 416 60.89 -31.72 30.08
N GLN AC 417 61.22 -32.55 31.07
CA GLN AC 417 62.51 -32.44 31.74
C GLN AC 417 63.66 -32.72 30.78
N LEU AC 418 64.23 -31.63 30.27
CA LEU AC 418 65.39 -31.63 29.39
C LEU AC 418 66.27 -30.51 29.96
N ASP AC 419 67.31 -30.90 30.70
CA ASP AC 419 68.35 -30.03 31.24
C ASP AC 419 67.78 -28.65 31.59
N ILE AC 420 66.70 -28.64 32.36
CA ILE AC 420 65.86 -27.46 32.52
C ILE AC 420 66.63 -26.31 33.15
N ARG AC 421 67.81 -26.58 33.72
CA ARG AC 421 68.68 -25.52 34.22
C ARG AC 421 69.01 -24.51 33.13
N SER AC 422 69.31 -25.01 31.93
CA SER AC 422 69.27 -24.27 30.67
C SER AC 422 69.74 -25.23 29.59
N PHE AC 423 69.57 -24.83 28.33
CA PHE AC 423 70.41 -25.35 27.28
C PHE AC 423 71.66 -24.46 27.23
N ASP AC 424 72.52 -24.64 26.23
CA ASP AC 424 73.84 -24.00 26.25
C ASP AC 424 73.71 -22.52 26.59
N ASP AC 425 74.25 -22.16 27.74
CA ASP AC 425 73.76 -21.08 28.58
C ASP AC 425 73.93 -19.72 27.91
N LEU AC 426 73.40 -18.71 28.60
CA LEU AC 426 73.41 -17.33 28.16
C LEU AC 426 73.81 -16.47 29.36
N ASP AC 427 73.72 -15.15 29.17
CA ASP AC 427 73.80 -14.19 30.27
C ASP AC 427 73.05 -12.94 29.82
N ASP AC 428 72.69 -12.11 30.79
CA ASP AC 428 72.06 -10.84 30.46
C ASP AC 428 73.01 -10.03 29.58
N ASP AC 429 72.43 -9.34 28.59
CA ASP AC 429 73.24 -8.77 27.51
C ASP AC 429 74.26 -7.77 28.03
N GLU AC 430 73.85 -6.89 28.94
CA GLU AC 430 74.71 -5.83 29.45
C GLU AC 430 74.42 -5.64 30.93
N GLY AC 431 75.03 -4.61 31.53
CA GLY AC 431 74.69 -4.20 32.87
C GLY AC 431 75.40 -4.96 33.98
N VAL AC 432 75.12 -6.25 34.09
CA VAL AC 432 75.70 -7.12 35.10
C VAL AC 432 76.18 -8.39 34.42
N TYR AC 433 77.40 -8.82 34.78
CA TYR AC 433 78.03 -9.99 34.18
C TYR AC 433 77.80 -11.21 35.04
N GLU AC 434 77.91 -12.38 34.39
CA GLU AC 434 77.65 -13.65 35.07
C GLU AC 434 78.57 -13.82 36.27
N ASP AC 435 78.05 -14.46 37.30
CA ASP AC 435 78.70 -14.54 38.60
C ASP AC 435 79.78 -15.63 38.61
N SER AC 436 80.21 -16.01 39.82
CA SER AC 436 81.09 -17.15 40.04
C SER AC 436 80.49 -18.03 41.13
N ASP AC 437 80.87 -19.30 41.12
CA ASP AC 437 80.43 -20.21 42.18
C ASP AC 437 81.07 -19.88 43.51
P 1MG BC 9 17.52 -27.54 -19.93
OP1 1MG BC 9 18.67 -27.23 -19.01
OP2 1MG BC 9 16.46 -26.51 -20.19
O5' 1MG BC 9 18.13 -28.01 -21.33
C5' 1MG BC 9 19.25 -28.88 -21.40
C4' 1MG BC 9 20.37 -28.29 -22.23
O4' 1MG BC 9 20.00 -28.34 -23.64
C3' 1MG BC 9 20.70 -26.82 -21.94
O3' 1MG BC 9 22.10 -26.65 -22.07
C2' 1MG BC 9 20.00 -26.10 -23.08
O2' 1MG BC 9 20.53 -24.82 -23.38
C1' 1MG BC 9 20.20 -27.08 -24.22
N9 1MG BC 9 19.28 -26.91 -25.34
C8 1MG BC 9 18.35 -25.93 -25.29
N7 1MG BC 9 17.65 -25.98 -26.43
C5 1MG BC 9 18.14 -26.96 -27.17
C6 1MG BC 9 17.77 -27.49 -28.55
O6 1MG BC 9 16.89 -27.00 -29.17
N1 1MG BC 9 18.49 -28.59 -29.11
CM1 1MG BC 9 18.11 -29.09 -30.42
C2 1MG BC 9 19.55 -29.19 -28.38
N2 1MG BC 9 20.28 -30.30 -28.94
N3 1MG BC 9 19.91 -28.69 -27.06
C4 1MG BC 9 19.16 -27.54 -26.49
P 2MG BC 10 23.09 -27.20 -20.93
OP1 2MG BC 10 23.80 -28.40 -21.51
OP2 2MG BC 10 22.30 -27.35 -19.66
O5' 2MG BC 10 24.15 -26.03 -20.73
C5' 2MG BC 10 24.45 -25.51 -19.44
C4' 2MG BC 10 24.64 -24.02 -19.48
O4' 2MG BC 10 25.10 -23.62 -20.80
C3' 2MG BC 10 23.40 -23.17 -19.25
O3' 2MG BC 10 23.11 -23.01 -17.88
C2' 2MG BC 10 23.73 -21.86 -19.96
O2' 2MG BC 10 24.53 -21.04 -19.14
C1' 2MG BC 10 24.59 -22.35 -21.13
N9 2MG BC 10 23.84 -22.45 -22.40
C8 2MG BC 10 23.70 -23.52 -23.18
N7 2MG BC 10 22.95 -23.14 -24.23
C5 2MG BC 10 22.65 -21.85 -24.10
C6 2MG BC 10 21.84 -20.90 -24.98
O6 2MG BC 10 21.34 -21.28 -25.98
N1 2MG BC 10 21.66 -19.54 -24.60
C2 2MG BC 10 22.27 -19.07 -23.38
N2 2MG BC 10 22.10 -17.68 -22.98
CM2 2MG BC 10 22.72 -17.23 -21.74
N3 2MG BC 10 23.04 -19.99 -22.55
C4 2MG BC 10 23.22 -21.41 -22.95
P 2MG BC 25 23.30 -14.16 -29.56
OP1 2MG BC 25 24.12 -12.89 -29.65
OP2 2MG BC 25 22.94 -14.91 -30.81
O5' 2MG BC 25 24.05 -15.17 -28.60
C5' 2MG BC 25 24.45 -14.79 -27.31
C4' 2MG BC 25 24.90 -15.97 -26.49
O4' 2MG BC 25 23.80 -16.90 -26.30
C3' 2MG BC 25 25.99 -16.84 -27.09
O3' 2MG BC 25 27.28 -16.28 -26.99
C2' 2MG BC 25 25.81 -18.13 -26.33
O2' 2MG BC 25 26.24 -17.97 -24.98
C1' 2MG BC 25 24.29 -18.22 -26.31
N9 2MG BC 25 23.81 -18.88 -27.53
C8 2MG BC 25 23.07 -18.38 -28.54
N7 2MG BC 25 22.88 -19.40 -29.43
C5 2MG BC 25 23.49 -20.47 -28.96
C6 2MG BC 25 23.62 -21.89 -29.51
O6 2MG BC 25 23.12 -22.17 -30.55
N1 2MG BC 25 24.34 -22.88 -28.78
C2 2MG BC 25 24.94 -22.52 -27.52
N2 2MG BC 25 25.70 -23.48 -26.74
CM2 2MG BC 25 26.27 -23.03 -25.48
N3 2MG BC 25 24.82 -21.18 -27.00
C4 2MG BC 25 24.07 -20.15 -27.76
N1 PSU BC 27 29.88 -20.91 -32.64
C2 PSU BC 27 29.29 -21.09 -33.87
N3 PSU BC 27 29.55 -22.21 -34.60
C4 PSU BC 27 30.40 -23.16 -34.10
C5 PSU BC 27 31.00 -22.97 -32.88
C6 PSU BC 27 30.72 -21.83 -32.14
O2 PSU BC 27 28.53 -20.26 -34.31
O4 PSU BC 27 30.62 -24.16 -34.78
C1' PSU BC 27 31.93 -24.00 -32.32
C2' PSU BC 27 33.31 -23.91 -32.98
O2' PSU BC 27 33.87 -25.21 -32.98
C3' PSU BC 27 34.04 -23.02 -32.00
C4' PSU BC 27 33.51 -23.49 -30.66
O3' PSU BC 27 35.44 -23.12 -32.10
O4' PSU BC 27 32.12 -23.80 -30.93
C5' PSU BC 27 33.58 -22.51 -29.53
O5' PSU BC 27 33.05 -21.26 -29.90
P PSU BC 27 32.96 -20.05 -28.87
OP1 PSU BC 27 34.30 -20.12 -28.28
OP2 PSU BC 27 32.49 -18.83 -29.55
P MIA BC 36 33.94 -10.61 -34.15
OP1 MIA BC 36 33.78 -11.82 -33.26
OP2 MIA BC 36 34.43 -10.77 -35.54
O5' MIA BC 36 32.54 -9.87 -34.23
C5' MIA BC 36 31.80 -9.64 -33.06
C4' MIA BC 36 31.30 -8.22 -32.96
O4' MIA BC 36 32.10 -7.30 -33.74
C3' MIA BC 36 29.92 -7.95 -33.49
O3' MIA BC 36 28.88 -8.55 -32.73
C2' MIA BC 36 29.91 -6.43 -33.49
O2' MIA BC 36 29.76 -5.94 -32.16
C1' MIA BC 36 31.34 -6.13 -33.96
N9 MIA BC 36 31.33 -5.79 -35.40
C8 MIA BC 36 32.28 -6.51 -35.97
N7 MIA BC 36 32.22 -6.21 -37.27
C5 MIA BC 36 31.24 -5.31 -37.47
C6 MIA BC 36 30.70 -4.63 -38.60
N6 MIA BC 36 31.63 -5.23 -39.57
N1 MIA BC 36 29.70 -3.78 -38.47
C2 MIA BC 36 29.15 -3.56 -37.25
N3 MIA BC 36 29.66 -4.22 -36.17
C4 MIA BC 36 30.69 -5.07 -36.31
S10 MIA BC 36 27.76 -2.38 -37.16
C11 MIA BC 36 26.43 -2.79 -38.36
C12 MIA BC 36 31.64 -4.79 -40.95
C13 MIA BC 36 30.23 -4.21 -41.30
C14 MIA BC 36 30.01 -2.97 -41.74
C15 MIA BC 36 31.14 -2.01 -41.98
C16 MIA BC 36 28.58 -2.54 -42.01
P G7M BC 45 25.11 -33.16 -24.93
OP1 G7M BC 45 25.26 -32.49 -23.61
OP2 G7M BC 45 25.93 -34.38 -25.23
O5' G7M BC 45 23.58 -33.51 -25.15
C5' G7M BC 45 22.83 -34.22 -24.17
C4' G7M BC 45 22.17 -33.28 -23.19
O4' G7M BC 45 21.36 -32.32 -23.89
C3' G7M BC 45 21.24 -33.95 -22.19
O3' G7M BC 45 21.24 -33.23 -20.97
C2' G7M BC 45 19.88 -33.84 -22.88
O2' G7M BC 45 18.78 -33.90 -22.00
C1' G7M BC 45 20.00 -32.47 -23.54
N9 G7M BC 45 19.21 -32.32 -24.76
C8 G7M BC 45 19.36 -33.10 -25.83
N7 G7M BC 45 18.48 -32.66 -26.77
CN7 G7M BC 45 18.35 -33.28 -28.07
C5 G7M BC 45 17.81 -31.62 -26.24
C6 G7M BC 45 16.70 -30.73 -26.81
O6 G7M BC 45 16.31 -30.92 -27.91
N1 G7M BC 45 16.15 -29.66 -26.02
C2 G7M BC 45 16.65 -29.44 -24.68
N2 G7M BC 45 16.10 -28.33 -23.85
N3 G7M BC 45 17.71 -30.30 -24.15
C4 G7M BC 45 18.27 -31.40 -24.99
P H2U BC 46 21.52 -34.03 -19.61
OP1 H2U BC 46 22.78 -33.48 -18.96
OP2 H2U BC 46 21.45 -35.47 -20.02
O5' H2U BC 46 20.27 -33.66 -18.69
C5' H2U BC 46 20.09 -34.26 -17.42
C4' H2U BC 46 20.73 -35.62 -17.33
O4' H2U BC 46 21.62 -35.67 -16.20
C3' H2U BC 46 19.80 -36.81 -17.12
O3' H2U BC 46 19.23 -37.28 -18.33
C1' H2U BC 46 21.85 -37.02 -15.87
C2' H2U BC 46 20.69 -37.85 -16.44
O2' H2U BC 46 21.21 -38.77 -17.38
N1 H2U BC 46 21.94 -37.11 -14.39
C2 H2U BC 46 22.16 -38.42 -13.73
O2 H2U BC 46 22.25 -39.41 -14.37
N3 H2U BC 46 22.25 -38.50 -12.25
C4 H2U BC 46 22.15 -37.29 -11.44
O4 H2U BC 46 22.21 -37.34 -10.26
C5 H2U BC 46 21.93 -35.98 -12.12
C6 H2U BC 46 21.84 -35.91 -13.60
P 5MC BC 47 17.85 -36.67 -18.91
OP1 5MC BC 47 16.98 -37.84 -19.34
OP2 5MC BC 47 18.17 -35.58 -19.90
O5' 5MC BC 47 17.13 -35.99 -17.65
C5' 5MC BC 47 15.71 -35.99 -17.56
C4' 5MC BC 47 15.13 -34.59 -17.61
O4' 5MC BC 47 15.04 -34.17 -18.99
C3' 5MC BC 47 13.72 -34.46 -17.04
O3' 5MC BC 47 13.53 -33.14 -16.54
C2' 5MC BC 47 12.85 -34.66 -18.27
O2' 5MC BC 47 11.56 -34.08 -18.17
C1' 5MC BC 47 13.68 -34.00 -19.37
N1 5MC BC 47 13.51 -34.64 -20.68
C2 5MC BC 47 12.67 -34.05 -21.75
O2 5MC BC 47 12.10 -33.02 -21.55
N3 5MC BC 47 12.52 -34.74 -23.06
C4 5MC BC 47 13.20 -36.01 -23.30
N4 5MC BC 47 13.07 -36.68 -24.56
C5 5MC BC 47 14.05 -36.60 -22.23
C6 5MC BC 47 14.19 -35.91 -20.92
CM5 5MC BC 47 14.78 -37.95 -22.47
P 5MC BC 48 12.64 -32.91 -15.23
OP1 5MC BC 48 12.12 -34.26 -14.78
OP2 5MC BC 48 11.68 -31.79 -15.50
O5' 5MC BC 48 13.71 -32.42 -14.15
C5' 5MC BC 48 14.96 -33.07 -14.04
C4' 5MC BC 48 15.43 -33.18 -12.62
O4' 5MC BC 48 14.60 -32.32 -11.78
C3' 5MC BC 48 15.32 -34.55 -11.98
O3' 5MC BC 48 16.43 -35.38 -12.29
C2' 5MC BC 48 15.20 -34.23 -10.51
O2' 5MC BC 48 16.46 -33.90 -9.96
C1' 5MC BC 48 14.36 -32.95 -10.55
N1 5MC BC 48 12.91 -33.21 -10.44
C2 5MC BC 48 12.32 -33.97 -9.31
O2 5MC BC 48 13.01 -34.40 -8.43
N3 5MC BC 48 10.85 -34.20 -9.25
C4 5MC BC 48 9.97 -33.69 -10.30
N4 5MC BC 48 8.55 -33.92 -10.24
C5 5MC BC 48 10.55 -32.93 -11.43
C6 5MC BC 48 12.02 -32.70 -11.49
CM5 5MC BC 48 9.62 -32.37 -12.55
N1 PSU BC 54 4.49 -50.04 -19.26
C2 PSU BC 54 5.35 -48.97 -19.29
N3 PSU BC 54 4.88 -47.71 -19.62
C4 PSU BC 54 3.54 -47.55 -19.92
C5 PSU BC 54 2.67 -48.64 -19.88
C6 PSU BC 54 3.18 -49.88 -19.54
O2 PSU BC 54 6.53 -49.12 -19.02
O4 PSU BC 54 3.11 -46.44 -20.21
C1' PSU BC 54 1.21 -48.45 -20.19
C2' PSU BC 54 0.83 -48.89 -21.61
O2' PSU BC 54 -0.14 -47.99 -22.11
C3' PSU BC 54 0.23 -50.27 -21.35
C4' PSU BC 54 -0.41 -50.12 -19.99
O3' PSU BC 54 -0.71 -50.68 -22.34
O4' PSU BC 54 0.45 -49.20 -19.28
C5' PSU BC 54 -0.53 -51.41 -19.20
O5' PSU BC 54 0.75 -51.94 -18.89
P PSU BC 54 0.93 -53.14 -17.86
OP1 PSU BC 54 -0.02 -54.20 -18.21
OP2 PSU BC 54 2.37 -53.45 -17.75
P 1MA BC 57 7.60 -46.31 -22.53
OP1 1MA BC 57 9.05 -46.24 -22.11
OP2 1MA BC 57 6.61 -47.03 -21.64
O5' 1MA BC 57 7.06 -44.83 -22.74
C5' 1MA BC 57 7.57 -44.02 -23.80
C4' 1MA BC 57 7.66 -42.57 -23.39
O4' 1MA BC 57 6.35 -42.13 -22.92
C3' 1MA BC 57 8.64 -42.29 -22.25
O3' 1MA BC 57 9.24 -41.01 -22.44
C2' 1MA BC 57 7.75 -42.27 -21.02
O2' 1MA BC 57 8.26 -41.50 -19.94
C1' 1MA BC 57 6.44 -41.70 -21.56
N9 1MA BC 57 5.27 -42.20 -20.86
C8 1MA BC 57 4.84 -43.15 -20.01
N7 1MA BC 57 3.52 -42.95 -19.80
C5 1MA BC 57 3.15 -41.89 -20.51
C6 1MA BC 57 1.78 -41.21 -20.66
N6 1MA BC 57 0.79 -41.66 -20.04
N1 1MA BC 57 1.64 -40.07 -21.50
CM1 1MA BC 57 0.33 -39.43 -21.63
C2 1MA BC 57 2.79 -39.56 -22.19
N3 1MA BC 57 4.10 -40.23 -22.06
C4 1MA BC 57 4.24 -41.41 -21.18
MG MG DC . 61.36 34.25 -56.11
MG MG EC . 42.75 80.12 -5.78
MG MG FC . 60.38 88.71 37.50
MG MG GC . 58.24 59.19 18.71
MG MG HC . 47.09 48.03 14.32
MG MG IC . 58.69 49.36 34.66
MG MG JC . 53.44 42.46 29.16
MG MG KC . 52.13 45.58 14.45
MG MG LC . 50.07 58.77 29.52
MG MG MC . 46.70 55.30 35.01
MG MG NC . 32.88 26.76 -42.20
MG MG OC . 15.97 39.19 -36.08
MG MG PC . 19.51 62.02 -27.56
MG MG QC . 23.71 46.25 -31.55
MG MG RC . 20.87 38.67 -24.37
MG MG SC . 25.70 40.60 -28.61
MG MG TC . 34.14 36.73 -29.23
MG MG UC . 34.02 31.53 -30.85
MG MG VC . 40.67 27.98 -37.41
MG MG WC . 47.96 18.11 -33.12
MG MG XC . 45.48 24.88 -31.33
MG MG YC . 39.36 35.07 -17.85
MG MG ZC . 45.26 39.63 -18.21
MG MG AD . 45.79 43.27 -24.47
MG MG BD . 35.90 6.59 -37.25
MG MG CD . 28.15 20.98 -39.53
MG MG DD . 30.77 22.19 -43.58
MG MG ED . 32.09 -10.97 -64.11
MG MG FD . 40.10 -8.85 -56.80
MG MG GD . -17.57 7.60 -53.05
MG MG HD . 25.57 79.71 27.15
MG MG ID . 21.63 76.59 23.54
MG MG JD . 6.43 49.30 -51.82
MG MG KD . -2.52 38.88 -52.39
MG MG LD . 3.60 69.79 -42.83
MG MG MD . 24.17 67.65 -39.42
MG MG ND . 14.84 52.47 -43.12
MG MG OD . 13.71 60.23 -58.45
MG MG PD . 20.72 58.34 -54.36
MG MG QD . 81.71 22.53 -9.79
MG MG RD . 73.18 19.82 -12.15
MG MG SD . 70.67 20.92 -18.77
MG MG TD . 78.09 15.75 -15.49
MG MG UD . 75.11 28.81 -26.02
MG MG VD . 57.46 36.00 -13.79
MG MG WD . 58.11 51.45 -19.41
MG MG XD . 21.85 66.16 -18.07
MG MG YD . 31.83 59.79 -39.02
MG MG ZD . 20.49 74.75 -39.31
MG MG AE . 57.89 61.38 26.48
MG MG BE . 63.32 44.46 27.62
MG MG CE . 78.30 -22.63 -35.55
MG MG DE . 75.56 -32.87 -38.09
MG MG EE . 65.28 -34.20 -50.52
MG MG FE . 61.81 -24.80 -54.93
MG MG GE . 71.23 -32.49 -41.17
MG MG HE . 59.61 -26.99 -44.56
MG MG IE . 40.97 -28.48 -61.15
MG MG JE . 53.03 -18.70 -56.34
MG MG KE . 63.42 -31.23 -63.90
MG MG LE . 44.41 -43.76 -77.11
MG MG ME . 42.02 -46.26 -65.99
MG MG NE . 46.32 -33.96 -68.18
MG MG OE . 56.00 -0.73 -76.65
MG MG PE . 58.20 39.99 -51.71
MG MG QE . 59.96 31.30 -58.73
MG MG RE . 38.74 0.06 -72.67
MG MG SE . 49.67 -2.83 -56.15
MG MG TE . 67.22 -0.84 -46.25
MG MG UE . 63.87 -0.82 -43.28
MG MG VE . 72.36 -7.77 -46.06
MG MG WE . 55.87 20.39 -31.99
MG MG XE . 33.40 0.59 -27.30
MG MG YE . 34.85 4.77 -26.90
MG MG ZE . 7.12 8.53 -29.46
MG MG AF . 11.53 12.41 -29.28
MG MG BF . 22.94 16.06 -34.42
MG MG CF . 25.00 15.24 -37.82
MG MG DF . 28.02 11.36 -36.10
MG MG EF . 54.42 19.56 -21.97
MG MG FF . 48.33 39.12 -15.20
MG MG GF . 65.33 24.61 -10.42
MG MG HF . 70.40 26.50 -20.05
MG MG IF . 68.13 74.89 28.28
MG MG JF . 26.63 -39.57 -73.98
ZN ZN KF . 78.42 -15.45 -53.55
ZN ZN LF . 14.16 20.94 -48.86
MG MG MF . -11.03 -71.18 6.74
MG MG NF . -31.08 23.25 3.14
MG MG OF . -19.78 2.61 -1.07
MG MG PF . 41.49 -39.11 67.57
MG MG QF . 7.66 3.59 42.87
MG MG RF . -41.65 -58.02 -1.89
ZN ZN SF . -42.24 -60.37 -34.49
MG MG TF . 9.81 -11.67 45.67
ZN ZN UF . -26.29 61.50 -14.41
MG MG VF . -27.70 -41.22 21.00
MG MG WF . -51.04 73.00 2.91
MG MG XF . -48.49 22.11 15.54
MG MG YF . -42.95 22.83 15.77
MG MG ZF . -20.52 33.06 27.58
MG MG AG . -22.57 21.46 32.85
MG MG BG . -23.18 7.44 47.07
MG MG CG . -18.46 0.76 52.73
MG MG DG . -24.76 5.06 61.30
MG MG EG . -30.31 8.40 61.33
MG MG FG . -45.70 17.27 59.12
MG MG GG . -54.43 33.94 50.23
MG MG HG . -55.31 42.74 36.64
MG MG IG . -58.65 43.74 34.78
MG MG JG . -67.51 43.68 29.21
MG MG KG . -66.19 58.94 34.82
MG MG LG . -49.17 74.48 30.94
MG MG MG . -45.73 68.91 21.58
MG MG NG . -27.56 14.26 51.40
MG MG OG . -17.29 11.13 36.51
MG MG PG . -12.71 8.76 39.13
MG MG QG . 7.94 5.16 37.62
MG MG RG . 16.21 -26.48 51.41
MG MG SG . 6.47 -32.68 31.91
MG MG TG . 9.79 -31.79 28.86
MG MG UG . -14.34 -25.53 30.06
MG MG VG . -13.11 -28.24 15.08
MG MG WG . -18.64 -26.71 44.46
MG MG XG . -22.85 -21.29 50.38
MG MG YG . -22.56 -11.16 40.07
MG MG ZG . -17.39 -11.75 43.29
MG MG AH . -13.48 -7.79 44.46
MG MG BH . -17.38 -8.14 50.13
MG MG CH . -12.98 -24.40 54.66
MG MG DH . -18.57 -31.35 62.71
MG MG EH . -42.70 -38.59 76.70
MG MG FH . -32.07 -58.97 65.20
MG MG GH . -15.10 -51.12 73.84
MG MG HH . -22.25 -66.83 69.82
MG MG IH . -38.91 -75.15 78.58
MG MG JH . 8.67 -99.87 68.78
MG MG KH . -38.97 -61.23 51.53
MG MG LH . -55.58 -63.83 45.44
MG MG MH . -82.09 -50.67 6.33
MG MG NH . -70.69 -43.40 4.17
MG MG OH . -86.12 -9.92 -6.94
MG MG PH . -86.91 -9.45 -1.73
MG MG QH . -65.59 -7.15 7.79
MG MG RH . -39.23 12.73 37.13
MG MG SH . -48.66 14.63 32.74
MG MG TH . -47.77 20.52 38.06
MG MG UH . -59.94 36.95 9.39
MG MG VH . -50.85 44.25 16.72
MG MG WH . -54.13 41.81 15.51
MG MG XH . -42.41 38.59 38.47
MG MG YH . -40.37 26.20 21.51
MG MG ZH . -28.78 55.12 3.57
MG MG AI . -43.66 44.78 8.71
MG MG BI . -38.12 33.54 12.74
MG MG CI . -31.96 47.45 24.59
MG MG DI . -32.13 45.17 29.82
MG MG EI . -21.36 46.91 37.30
MG MG FI . -15.24 56.51 35.78
MG MG GI . -8.97 55.85 14.19
MG MG HI . -28.55 79.53 0.79
MG MG II . -61.47 83.74 0.68
MG MG JI . -46.55 52.88 -1.33
MG MG KI . -41.66 19.14 -16.64
MG MG LI . -49.18 -13.01 -17.18
MG MG MI . -56.25 -18.38 -16.91
MG MG NI . -61.45 -18.65 -15.87
MG MG OI . -61.80 -9.70 -5.39
MG MG PI . -50.40 -7.40 2.23
MG MG QI . -61.27 -23.21 -0.30
MG MG RI . -56.07 -31.97 22.49
MG MG SI . -51.60 -21.74 25.29
MG MG TI . -48.21 -15.42 23.11
MG MG UI . -33.19 -30.04 27.38
MG MG VI . -41.57 -31.68 33.38
MG MG WI . -44.37 -42.59 39.62
MG MG XI . -56.79 -23.30 47.01
MG MG YI . -50.05 -21.21 48.18
MG MG ZI . -59.09 -26.35 38.01
MG MG AJ . -23.94 -31.45 32.65
MG MG BJ . -19.58 -29.84 30.24
MG MG CJ . -34.07 -36.33 24.46
MG MG DJ . -32.46 -39.88 33.94
MG MG EJ . -31.36 -39.60 41.26
MG MG FJ . -44.75 -30.07 43.18
MG MG GJ . -34.14 -15.92 44.42
MG MG HJ . -24.82 -18.40 38.99
MG MG IJ . -29.92 -17.61 28.59
MG MG JJ . -32.24 -22.57 33.40
MG MG KJ . -21.18 -18.45 31.53
MG MG LJ . 14.49 -50.48 45.03
MG MG MJ . 20.04 -55.58 52.98
MG MG NJ . 4.19 -16.70 72.97
MG MG OJ . 5.45 8.88 63.86
MG MG PJ . 4.23 25.99 66.14
MG MG QJ . 7.87 28.14 64.03
MG MG RJ . -9.66 26.07 65.06
MG MG SJ . -0.01 57.63 69.62
MG MG TJ . 7.43 54.84 70.85
MG MG UJ . 0.65 61.24 33.63
MG MG VJ . -57.91 -73.07 8.90
MG MG WJ . -32.35 -73.40 -18.57
MG MG XJ . -14.29 -83.11 -24.28
MG MG YJ . -11.42 -75.96 -22.68
MG MG ZJ . -14.47 -64.46 -19.25
MG MG AK . -22.02 -65.21 -12.74
MG MG BK . -9.28 -62.53 10.64
MG MG CK . -15.52 -63.39 13.45
MG MG DK . -20.69 -78.69 20.22
MG MG EK . 0.50 -63.62 17.25
MG MG FK . 3.65 -73.13 14.10
MG MG GK . 9.85 -66.46 5.94
MG MG HK . -41.30 -37.65 23.01
MG MG IK . -40.10 -43.44 19.87
MG MG JK . -35.89 -12.79 6.44
MG MG KK . -30.58 -11.94 5.71
MG MG LK . -34.90 -7.74 -1.38
MG MG MK . -40.40 -19.51 8.64
MG MG NK . -43.95 -23.72 7.87
MG MG OK . -43.31 -25.11 12.70
MG MG PK . -23.25 -27.87 11.94
MG MG QK . -32.69 -29.88 12.51
MG MG RK . -30.49 -40.45 2.91
MG MG SK . -35.01 -35.82 2.45
MG MG TK . -34.11 -57.52 -1.74
MG MG UK . -42.36 -48.15 19.89
MG MG VK . -48.70 -41.61 29.56
MG MG WK . -31.55 -13.58 -10.16
MG MG XK . -29.68 0.44 -2.22
MG MG YK . -5.93 4.20 -2.54
MG MG ZK . -11.87 -2.67 -4.84
MG MG AL . -22.16 3.14 10.97
MG MG BL . -21.65 7.63 7.98
MG MG CL . -15.76 1.56 16.91
MG MG DL . -17.55 -7.94 12.41
MG MG EL . -15.85 4.29 8.27
MG MG FL . -15.62 17.07 5.01
MG MG GL . -23.50 11.58 23.16
MG MG HL . -36.74 10.47 21.56
MG MG IL . -21.41 -2.86 62.56
MG MG JL . -21.31 -14.40 71.15
MG MG KL . -41.58 -14.82 78.79
MG MG LL . -35.28 -34.98 69.39
MG MG ML . -72.68 -10.09 65.96
MG MG NL . -73.51 -12.98 70.41
MG MG OL . -66.84 -7.96 62.45
MG MG PL . -51.78 -15.72 64.45
MG MG QL . -78.27 -12.22 61.18
MG MG RL . -36.69 -43.93 -13.36
MG MG SL . -49.21 -40.97 -18.21
MG MG TL . -33.90 -6.21 -34.10
MG MG UL . -45.36 -14.61 -34.04
MG MG VL . -28.70 -14.39 43.63
MG MG WL . -34.24 -9.22 41.96
MG MG XL . -18.95 14.69 24.76
MG MG YL . -15.12 -0.78 -22.15
MG MG ZL . -11.46 -1.13 -20.22
MG MG AM . -5.70 9.73 -13.16
MG MG BM . -14.87 11.16 -10.31
MG MG CM . -9.44 3.48 26.65
MG MG DM . 5.97 6.17 29.39
MG MG EM . 8.75 9.67 34.02
MG MG FM . 9.76 11.09 27.43
MG MG GM . 4.43 31.72 17.52
MG MG HM . 6.65 13.37 34.17
MG MG IM . 7.00 23.00 48.61
MG MG JM . -4.67 21.14 33.51
MG MG KM . 10.57 9.41 10.12
MG MG LM . 7.72 2.58 3.58
MG MG MM . 9.00 4.65 -8.31
MG MG NM . -15.28 34.99 14.81
MG MG OM . -13.70 34.53 19.45
MG MG PM . -10.77 21.12 18.06
MG MG QM . -11.35 21.76 11.08
MG MG RM . -20.58 17.91 -0.33
MG MG SM . -91.55 -18.58 52.52
MG MG TM . -105.63 -14.67 46.87
MG MG UM . -105.62 -15.08 50.32
MG MG VM . -97.81 -21.03 65.59
MG MG WM . -42.82 -13.59 6.53
MG MG XM . -55.75 -19.41 12.53
MG MG YM . -69.54 -25.78 38.51
MG MG ZM . -63.99 -13.37 34.66
MG MG AN . -65.72 -8.31 39.60
MG MG BN . -62.76 -6.45 37.47
MG MG CN . 0.67 -9.53 42.37
MG MG DN . 6.32 26.18 73.07
MG MG EN . -15.46 -62.62 58.20
MG MG FN . -9.51 -2.76 12.78
MG MG GN . -44.06 24.20 18.89
MG MG HN . -37.46 30.32 15.35
MG MG IN . -41.24 27.40 13.94
MG MG JN . -20.96 36.09 25.91
MG MG KN . -20.19 19.43 33.86
MG MG LN . -19.35 20.25 30.69
MG MG MN . -32.79 10.68 65.79
MG MG NN . -38.29 49.54 20.13
MG MG ON . -61.21 -80.78 12.33
MG MG PN . -43.44 -37.22 21.05
MG MG QN . -29.58 -47.31 2.13
MG MG RN . -27.43 -44.63 6.02
MG MG SN . -24.41 -53.22 9.88
MG MG TN . -2.86 0.38 -4.77
MG MG UN . -0.63 -0.77 -3.54
MG MG VN . -20.89 21.28 -4.42
MG MG WN . -15.45 -64.14 18.68
MG MG XN . -70.97 -36.44 -22.54
MG MG YN . -15.57 -60.35 43.63
MG MG ZN . 32.30 -16.47 -36.43
MG MG AO . 34.55 -11.40 -37.38
MG MG BO . -11.56 -9.29 15.73
#